data_7VEA
#
_entry.id   7VEA
#
_cell.length_a   1.00
_cell.length_b   1.00
_cell.length_c   1.00
_cell.angle_alpha   90.00
_cell.angle_beta   90.00
_cell.angle_gamma   90.00
#
_symmetry.space_group_name_H-M   'P 1'
#
loop_
_entity.id
_entity.type
_entity.pdbx_description
1 polymer 'Allophycocyanin alpha chain'
2 polymer 'Allophycocyanin beta chain'
3 polymer 'Phycobiliprotein ApcE'
4 polymer 'Phycobilisome core component'
5 polymer 'Phycobilisome 7.8 kDa linker polypeptide, allophycocyanin-associated, core'
6 non-polymer PHYCOCYANOBILIN
#
loop_
_entity_poly.entity_id
_entity_poly.type
_entity_poly.pdbx_seq_one_letter_code
_entity_poly.pdbx_strand_id
1 'polypeptide(L)'
;MSVVTKSIVNADAEARYLSPGELDRIKNFVSTGERRLRIAQTLTENRERIVKQAGDQLFQKRPDVVSPGGNAYGEEMTAT
CLRDLDYYLRLVTYGIVAGDVTPIEEIGLVGVREMYNSLGTPIPAVAEGIRAMKNVACSLLSAEDAAEAGSYFDFVIGAM
Q
;
aA,aC,aE,aG,aI,aK,aO,aQ,bM,bO,bQ,bS,bU,bW,cA,cC,cE,cG,cI,cK,dA,dC,dE,dG,dI,dK,dO,dQ,eM,eO,eQ,eS,eU,eW,fA,fC,fE,fG,fI,fK
2 'polypeptide(L)'
;MQDAITAVINASDVQGKYLDTAAMEKLKAYFATGELRVRAASVISANAANIVKEAVAKSLLYSDITRPGG(MEN)MYTTR
RYAACIRDLDYYLRYATYAMLAGDPSILDERVLNGLKETYNSLGVPIAATVQAIQAMKEVTASLVGADAGKEMGIYFDYI
CSGLS
;
aB,aD,aF,aH,aJ,aL,aN,aP,bN,bP,bR,bT,bV,bX,cB,cD,cF,cH,cJ,cL,dB,dD,dF,dH,dJ,dL,dN,dP,eN,eP,eR,eT,eV,eX,fB,fD,fF,fH,fJ,fL
3 'polypeptide(L)'
;MVVKASGGSSVARPQLYQTVPVSTIIQAEQQDRFLNRGELDELAVYLRSGAKRLEIATTLTRNADIIVSRAANRIFVGGS
PMAFLSRPQTEEAPQFTTGARGEAIDIKEAMKLGTATYVDTRGGFLEGLRSIFSASSGGAPVGFKPINIARYGPARMEKS
LRDLDWFLRYTTYAIVAGDPNILAVNTRGLREIIEAACSSDATIAALQEMRRAALSYFEKDAEAKGIVETYFDVLINEFI
APAPSDKVRQRNSTDLQGLQLPQIYFNAAERRPKFVMKPGLSAAEKNEVVKAAYRQIFERDISRAYGLGISDLESKVKNG
SISMKEFIRQLAKSPLYRKNFYEPYINSRALELAFRHILGRGPSSREEVQTYFAIISKGGLPALVDALVDSKEYSDYFGE
ETVPYLRGLGQEAQECRNWGAQQDLFKYSAPFRKVPQFITTFAAQDQPLPDQHPYGSGNDPLEIQFGAIFPKEKKNPSAR
PQPFNKDTRRILIARGPGINNQVSNPGARGLTPGTLGPKVFKLDQLPSINARIGKRSIATGTDSVKFAESSTQRVIRAAY
LQVFGRDVYEGQRQKVAEIKLENGEISVREFVRILAKSNLFRSLYWTPLYVTKAIEYIHRRLLGRPTYGRQEMNAYFDIA
SKKGLYGLVDAIIDSQEYSEAFGEDTVPYERYITPQGLALRSLRVGTIGETGVPPEKEETPRFVELGAVTELRTEPAIQF
RANQGVSKRREQTKVFKLTDLNDKQNLQLVIQAAYRQVFERDVAPYIVRDEFTALESKLSNGEITLKEFIEALGCSELYQ
KEFYTPYPNTKVIELGTKHFLGRAPLDQAEIRRYNQILATQGLKAFVQALVSSAEYAQAFGEDTVPYRRFPTLPAANFPN
TEKLHNQLTKQSDAIVVPSFAPVKPRLDNTKLPLLSRAIAEQEAKARQADPSKPRFIELGRSFRNGDGQSVEVGVGTTRR
RPARIFRMTVGAPSAEVELVINAIYCQVMDVFSGQVPSQFRRPDLESRLRNGEITVREFVRTLASSEIYRNRFYTPYPNT
KVIEFLFRHLLGRAPATQAEIRQYNKILADQGLKTAVETMVNSPEYSRYFGEDVVPYKRFPTLPAGNYIGSVKADADLVK
QSWSSLSPSLVGIQPSHRD
;
aM,dM
4 'polypeptide(L)'
;MRDAVTTLIKNYDSTGRYLDRDAVDRLRSYFNSGAARVKAAAVINANAAAIVKEAASALFTEQPELIQPGG(MEN)AYTT
RRYATCLRDMDYYLRYASYAIVAGDVDVLNERVLEGLRETYNSLGVPIGPTVRGIQIMKEIVRDRVAAAGIEDTGIVEQP
FDYMCRQLSEVNI
;
aR,dR
5 'polypeptide(L)' MRMFKITACVPSQTRIRTQRELQNTYFTKLVPYENWFREQQRIQKMGGKIVKVELFTGKPGVNTGLA aS,bY,cM,dS,eY,fM
#
# COMPACT_ATOMS: atom_id res chain seq x y z
N SER A 2 -56.06 27.54 16.12
CA SER A 2 -54.76 27.43 16.78
C SER A 2 -53.82 26.51 16.03
N VAL A 3 -52.53 26.62 16.36
CA VAL A 3 -51.54 25.69 15.82
C VAL A 3 -51.91 24.26 16.19
N VAL A 4 -52.36 24.06 17.43
CA VAL A 4 -52.68 22.71 17.90
C VAL A 4 -53.84 22.13 17.10
N THR A 5 -54.92 22.90 16.93
CA THR A 5 -56.09 22.35 16.26
C THR A 5 -55.84 22.16 14.76
N LYS A 6 -55.08 23.06 14.13
CA LYS A 6 -54.78 22.88 12.72
C LYS A 6 -53.95 21.62 12.49
N SER A 7 -52.93 21.41 13.33
CA SER A 7 -52.12 20.20 13.19
C SER A 7 -52.94 18.95 13.44
N ILE A 8 -53.81 18.99 14.46
CA ILE A 8 -54.65 17.83 14.76
C ILE A 8 -55.59 17.53 13.61
N VAL A 9 -56.15 18.56 12.99
CA VAL A 9 -57.11 18.35 11.91
C VAL A 9 -56.45 17.73 10.70
N ASN A 10 -55.28 18.24 10.31
CA ASN A 10 -54.57 17.65 9.17
C ASN A 10 -54.15 16.22 9.47
N ALA A 11 -53.66 15.97 10.69
CA ALA A 11 -53.35 14.61 11.09
C ALA A 11 -54.59 13.73 11.06
N ASP A 12 -55.74 14.30 11.42
CA ASP A 12 -56.99 13.54 11.37
C ASP A 12 -57.34 13.13 9.94
N ALA A 13 -57.07 14.02 8.98
CA ALA A 13 -57.27 13.65 7.58
C ALA A 13 -56.47 12.42 7.22
N GLU A 14 -55.23 12.33 7.68
CA GLU A 14 -54.46 11.11 7.48
C GLU A 14 -54.91 9.98 8.41
N ALA A 15 -55.62 10.30 9.49
CA ALA A 15 -55.99 9.41 10.59
C ALA A 15 -54.77 8.94 11.38
N ARG A 16 -53.57 9.37 11.02
CA ARG A 16 -52.38 9.00 11.76
C ARG A 16 -52.30 9.78 13.06
N TYR A 17 -51.70 9.14 14.07
CA TYR A 17 -51.34 9.88 15.27
C TYR A 17 -50.36 10.98 14.90
N LEU A 18 -50.41 12.07 15.65
CA LEU A 18 -49.66 13.27 15.30
C LEU A 18 -48.21 12.94 15.02
N SER A 19 -47.75 13.34 13.84
CA SER A 19 -46.40 13.04 13.39
C SER A 19 -45.38 13.73 14.28
N PRO A 20 -44.15 13.21 14.35
CA PRO A 20 -43.14 13.86 15.21
C PRO A 20 -42.90 15.31 14.84
N GLY A 21 -42.92 15.64 13.55
CA GLY A 21 -42.75 17.04 13.15
C GLY A 21 -43.91 17.90 13.60
N GLU A 22 -45.13 17.40 13.49
CA GLU A 22 -46.29 18.15 13.97
C GLU A 22 -46.22 18.37 15.47
N LEU A 23 -45.83 17.33 16.22
CA LEU A 23 -45.67 17.47 17.65
C LEU A 23 -44.58 18.48 18.00
N ASP A 24 -43.49 18.48 17.22
CA ASP A 24 -42.46 19.48 17.43
C ASP A 24 -42.98 20.88 17.17
N ARG A 25 -43.85 21.04 16.17
CA ARG A 25 -44.48 22.33 15.92
C ARG A 25 -45.32 22.76 17.13
N ILE A 26 -46.06 21.82 17.72
CA ILE A 26 -46.81 22.12 18.93
C ILE A 26 -45.87 22.54 20.04
N LYS A 27 -44.72 21.86 20.15
CA LYS A 27 -43.73 22.21 21.16
C LYS A 27 -43.24 23.64 20.97
N ASN A 28 -42.93 24.02 19.72
CA ASN A 28 -42.45 25.37 19.45
C ASN A 28 -43.50 26.42 19.80
N PHE A 29 -44.74 26.20 19.37
CA PHE A 29 -45.80 27.16 19.63
C PHE A 29 -46.07 27.30 21.12
N VAL A 30 -46.19 26.17 21.82
CA VAL A 30 -46.45 26.21 23.25
C VAL A 30 -45.31 26.90 23.99
N SER A 31 -44.08 26.69 23.52
CA SER A 31 -42.93 27.32 24.18
C SER A 31 -42.94 28.84 24.01
N THR A 32 -43.33 29.34 22.84
CA THR A 32 -43.34 30.77 22.57
C THR A 32 -44.66 31.44 22.95
N GLY A 33 -45.57 30.70 23.60
CA GLY A 33 -46.88 31.26 23.92
C GLY A 33 -46.82 32.50 24.78
N GLU A 34 -45.88 32.55 25.74
CA GLU A 34 -45.83 33.68 26.66
C GLU A 34 -45.53 34.97 25.90
N ARG A 35 -44.60 34.92 24.94
CA ARG A 35 -44.31 36.09 24.12
C ARG A 35 -45.54 36.50 23.32
N ARG A 36 -46.28 35.52 22.80
CA ARG A 36 -47.53 35.84 22.11
C ARG A 36 -48.50 36.56 23.03
N LEU A 37 -48.62 36.09 24.27
CA LEU A 37 -49.48 36.74 25.25
C LEU A 37 -49.07 38.19 25.45
N ARG A 38 -47.76 38.45 25.50
CA ARG A 38 -47.29 39.81 25.69
C ARG A 38 -47.69 40.71 24.53
N ILE A 39 -47.57 40.21 23.29
CA ILE A 39 -47.96 41.01 22.13
C ILE A 39 -49.43 41.39 22.21
N ALA A 40 -50.29 40.39 22.48
CA ALA A 40 -51.72 40.66 22.60
C ALA A 40 -51.99 41.64 23.73
N GLN A 41 -51.25 41.51 24.83
CA GLN A 41 -51.47 42.39 25.98
C GLN A 41 -51.19 43.84 25.63
N THR A 42 -50.09 44.10 24.92
CA THR A 42 -49.77 45.48 24.56
C THR A 42 -50.85 46.07 23.66
N LEU A 43 -51.29 45.31 22.65
CA LEU A 43 -52.28 45.84 21.73
C LEU A 43 -53.60 46.13 22.44
N THR A 44 -54.04 45.24 23.32
CA THR A 44 -55.29 45.49 24.03
C THR A 44 -55.14 46.59 25.07
N GLU A 45 -53.94 46.75 25.65
CA GLU A 45 -53.74 47.82 26.62
C GLU A 45 -53.86 49.18 25.98
N ASN A 46 -53.33 49.34 24.76
CA ASN A 46 -53.48 50.59 24.02
C ASN A 46 -54.55 50.50 22.94
N ARG A 47 -55.61 49.72 23.18
CA ARG A 47 -56.64 49.52 22.17
C ARG A 47 -57.31 50.83 21.78
N GLU A 48 -57.56 51.71 22.74
CA GLU A 48 -58.25 52.96 22.43
C GLU A 48 -57.42 53.83 21.50
N ARG A 49 -56.14 54.03 21.83
CA ARG A 49 -55.29 54.91 21.04
C ARG A 49 -55.11 54.37 19.62
N ILE A 50 -54.87 53.06 19.49
CA ILE A 50 -54.65 52.47 18.17
C ILE A 50 -55.87 52.67 17.29
N VAL A 51 -57.05 52.39 17.82
CA VAL A 51 -58.27 52.44 17.02
C VAL A 51 -58.55 53.87 16.57
N LYS A 52 -58.47 54.83 17.49
CA LYS A 52 -58.79 56.21 17.13
C LYS A 52 -57.79 56.75 16.12
N GLN A 53 -56.51 56.45 16.28
CA GLN A 53 -55.52 56.91 15.32
C GLN A 53 -55.78 56.31 13.95
N ALA A 54 -56.18 55.04 13.91
CA ALA A 54 -56.53 54.42 12.64
C ALA A 54 -57.71 55.14 11.98
N GLY A 55 -58.68 55.57 12.78
CA GLY A 55 -59.78 56.35 12.22
C GLY A 55 -59.31 57.65 11.61
N ASP A 56 -58.42 58.35 12.30
CA ASP A 56 -57.88 59.59 11.76
C ASP A 56 -57.18 59.36 10.43
N GLN A 57 -56.31 58.35 10.37
CA GLN A 57 -55.53 58.11 9.17
C GLN A 57 -56.41 57.60 8.02
N LEU A 58 -57.37 56.73 8.31
CA LEU A 58 -58.24 56.20 7.27
C LEU A 58 -59.09 57.30 6.65
N PHE A 59 -59.68 58.17 7.48
CA PHE A 59 -60.45 59.27 6.94
C PHE A 59 -59.59 60.21 6.14
N GLN A 60 -58.32 60.36 6.54
CA GLN A 60 -57.45 61.28 5.82
C GLN A 60 -57.04 60.72 4.46
N LYS A 61 -56.78 59.42 4.38
CA LYS A 61 -56.51 58.81 3.08
C LYS A 61 -57.75 58.85 2.20
N ARG A 62 -58.92 58.55 2.78
CA ARG A 62 -60.17 58.45 2.03
C ARG A 62 -61.17 59.40 2.68
N PRO A 63 -61.10 60.70 2.36
CA PRO A 63 -62.12 61.63 2.87
C PRO A 63 -63.50 61.35 2.33
N ASP A 64 -63.63 60.64 1.20
CA ASP A 64 -64.92 60.45 0.58
C ASP A 64 -65.84 59.57 1.42
N VAL A 65 -65.28 58.62 2.18
CA VAL A 65 -66.12 57.79 3.03
C VAL A 65 -66.72 58.61 4.16
N VAL A 66 -66.00 59.63 4.64
CA VAL A 66 -66.46 60.46 5.74
C VAL A 66 -67.07 61.77 5.26
N SER A 67 -67.02 62.03 3.95
CA SER A 67 -67.67 63.20 3.38
C SER A 67 -69.19 63.03 3.41
N PRO A 68 -69.95 64.12 3.27
CA PRO A 68 -71.40 63.99 3.22
C PRO A 68 -71.83 63.10 2.06
N GLY A 69 -72.86 62.29 2.30
CA GLY A 69 -73.25 61.28 1.35
C GLY A 69 -72.45 60.00 1.43
N GLY A 70 -71.53 59.89 2.39
CA GLY A 70 -70.80 58.67 2.62
C GLY A 70 -71.32 57.93 3.85
N ASN A 71 -70.87 56.68 3.98
CA ASN A 71 -71.37 55.84 5.05
C ASN A 71 -71.03 56.41 6.43
N ALA A 72 -69.82 56.95 6.59
CA ALA A 72 -69.40 57.50 7.87
C ALA A 72 -69.60 59.01 7.91
N TYR A 73 -70.86 59.43 7.79
CA TYR A 73 -71.21 60.84 7.94
C TYR A 73 -72.07 61.01 9.19
N GLY A 74 -71.69 61.95 10.04
CA GLY A 74 -72.30 62.09 11.35
C GLY A 74 -71.51 61.36 12.42
N GLU A 75 -71.63 61.83 13.65
CA GLU A 75 -70.85 61.24 14.74
C GLU A 75 -71.24 59.78 14.94
N GLU A 76 -72.54 59.47 14.90
CA GLU A 76 -72.98 58.10 15.15
C GLU A 76 -72.43 57.15 14.10
N MET A 77 -72.52 57.54 12.82
CA MET A 77 -71.99 56.70 11.74
C MET A 77 -70.48 56.55 11.84
N THR A 78 -69.77 57.64 12.13
CA THR A 78 -68.32 57.56 12.32
C THR A 78 -67.97 56.65 13.48
N ALA A 79 -68.74 56.72 14.56
CA ALA A 79 -68.48 55.86 15.71
C ALA A 79 -68.67 54.39 15.37
N THR A 80 -69.70 54.08 14.58
CA THR A 80 -69.88 52.68 14.17
C THR A 80 -68.73 52.21 13.30
N CYS A 81 -68.20 53.08 12.44
CA CYS A 81 -67.04 52.68 11.65
C CYS A 81 -65.86 52.36 12.55
N LEU A 82 -65.62 53.20 13.55
CA LEU A 82 -64.52 52.93 14.47
C LEU A 82 -64.80 51.71 15.33
N ARG A 83 -66.08 51.40 15.60
CA ARG A 83 -66.40 50.18 16.32
C ARG A 83 -66.00 48.95 15.51
N ASP A 84 -66.23 48.99 14.19
CA ASP A 84 -65.80 47.89 13.35
C ASP A 84 -64.28 47.72 13.40
N LEU A 85 -63.54 48.83 13.35
CA LEU A 85 -62.10 48.74 13.49
C LEU A 85 -61.72 48.13 14.83
N ASP A 86 -62.44 48.49 15.89
CA ASP A 86 -62.17 47.93 17.21
C ASP A 86 -62.45 46.43 17.23
N TYR A 87 -63.53 46.00 16.58
CA TYR A 87 -63.84 44.58 16.50
C TYR A 87 -62.70 43.81 15.83
N TYR A 88 -62.17 44.35 14.73
CA TYR A 88 -61.10 43.65 14.04
C TYR A 88 -59.80 43.66 14.82
N LEU A 89 -59.54 44.71 15.61
CA LEU A 89 -58.37 44.69 16.49
C LEU A 89 -58.52 43.60 17.54
N ARG A 90 -59.72 43.44 18.10
CA ARG A 90 -59.96 42.35 19.04
C ARG A 90 -59.71 41.00 18.38
N LEU A 91 -60.17 40.85 17.13
CA LEU A 91 -59.94 39.60 16.40
C LEU A 91 -58.45 39.38 16.17
N VAL A 92 -57.71 40.44 15.89
CA VAL A 92 -56.27 40.30 15.64
C VAL A 92 -55.56 39.83 16.91
N THR A 93 -55.94 40.36 18.07
CA THR A 93 -55.35 39.88 19.31
C THR A 93 -55.68 38.40 19.53
N TYR A 94 -56.92 38.00 19.25
CA TYR A 94 -57.28 36.59 19.32
C TYR A 94 -56.38 35.75 18.42
N GLY A 95 -56.17 36.21 17.19
CA GLY A 95 -55.36 35.45 16.25
C GLY A 95 -53.91 35.37 16.67
N ILE A 96 -53.37 36.44 17.26
CA ILE A 96 -52.02 36.41 17.77
C ILE A 96 -51.88 35.35 18.86
N VAL A 97 -52.82 35.34 19.81
CA VAL A 97 -52.75 34.39 20.91
C VAL A 97 -52.87 32.96 20.38
N ALA A 98 -53.82 32.73 19.49
CA ALA A 98 -54.01 31.39 18.94
C ALA A 98 -52.80 30.95 18.14
N GLY A 99 -52.07 31.88 17.54
CA GLY A 99 -50.97 31.53 16.67
C GLY A 99 -51.37 31.13 15.28
N ASP A 100 -52.67 31.14 14.98
CA ASP A 100 -53.18 30.84 13.65
C ASP A 100 -54.26 31.84 13.31
N VAL A 101 -54.60 31.92 12.02
CA VAL A 101 -55.60 32.88 11.56
C VAL A 101 -56.99 32.27 11.49
N THR A 102 -57.15 31.00 11.90
CA THR A 102 -58.49 30.42 11.90
C THR A 102 -59.47 31.16 12.81
N PRO A 103 -59.11 31.69 13.99
CA PRO A 103 -60.12 32.45 14.74
C PRO A 103 -60.52 33.75 14.06
N ILE A 104 -59.57 34.50 13.50
CA ILE A 104 -59.92 35.73 12.80
C ILE A 104 -60.86 35.44 11.65
N GLU A 105 -60.54 34.42 10.85
CA GLU A 105 -61.38 34.06 9.72
C GLU A 105 -62.79 33.72 10.17
N GLU A 106 -62.91 32.87 11.20
CA GLU A 106 -64.24 32.44 11.63
C GLU A 106 -65.08 33.61 12.11
N ILE A 107 -64.52 34.45 12.98
CA ILE A 107 -65.35 35.46 13.63
C ILE A 107 -65.74 36.57 12.66
N GLY A 108 -64.81 37.04 11.83
CA GLY A 108 -65.10 38.27 11.11
C GLY A 108 -64.94 38.31 9.61
N LEU A 109 -64.19 37.37 9.02
CA LEU A 109 -63.79 37.52 7.64
C LEU A 109 -64.60 36.68 6.65
N VAL A 110 -65.35 35.68 7.13
CA VAL A 110 -66.17 34.86 6.24
C VAL A 110 -67.44 35.64 5.91
N GLY A 111 -67.66 35.88 4.62
CA GLY A 111 -68.83 36.63 4.19
C GLY A 111 -68.80 38.11 4.47
N VAL A 112 -67.60 38.67 4.66
CA VAL A 112 -67.50 40.09 5.00
C VAL A 112 -67.98 40.95 3.83
N ARG A 113 -67.76 40.50 2.59
CA ARG A 113 -68.21 41.29 1.45
C ARG A 113 -69.74 41.37 1.42
N GLU A 114 -70.42 40.27 1.71
CA GLU A 114 -71.87 40.29 1.81
C GLU A 114 -72.32 41.30 2.87
N MET A 115 -71.78 41.19 4.09
CA MET A 115 -72.21 42.06 5.17
C MET A 115 -71.99 43.53 4.84
N TYR A 116 -70.79 43.86 4.35
CA TYR A 116 -70.42 45.25 4.23
C TYR A 116 -71.14 45.94 3.08
N ASN A 117 -71.27 45.29 1.93
CA ASN A 117 -72.01 45.93 0.85
C ASN A 117 -73.49 46.01 1.16
N SER A 118 -74.03 45.06 1.93
CA SER A 118 -75.40 45.21 2.42
C SER A 118 -75.52 46.46 3.28
N LEU A 119 -74.54 46.67 4.18
CA LEU A 119 -74.52 47.90 4.96
C LEU A 119 -74.28 49.13 4.11
N GLY A 120 -73.76 48.96 2.89
CA GLY A 120 -73.37 50.06 2.04
C GLY A 120 -71.94 50.50 2.23
N THR A 121 -71.25 49.98 3.24
CA THR A 121 -69.90 50.40 3.54
C THR A 121 -68.92 49.94 2.45
N PRO A 122 -67.95 50.77 2.09
CA PRO A 122 -66.96 50.37 1.07
C PRO A 122 -65.87 49.47 1.66
N ILE A 123 -65.82 48.23 1.16
CA ILE A 123 -64.83 47.27 1.65
C ILE A 123 -63.39 47.73 1.41
N PRO A 124 -63.02 48.29 0.25
CA PRO A 124 -61.64 48.77 0.11
C PRO A 124 -61.26 49.81 1.14
N ALA A 125 -62.20 50.67 1.51
CA ALA A 125 -61.92 51.63 2.58
C ALA A 125 -61.70 50.93 3.91
N VAL A 126 -62.46 49.86 4.17
CA VAL A 126 -62.20 49.07 5.37
C VAL A 126 -60.79 48.50 5.33
N ALA A 127 -60.34 48.08 4.15
CA ALA A 127 -58.98 47.55 4.02
C ALA A 127 -57.94 48.62 4.36
N GLU A 128 -58.16 49.85 3.88
CA GLU A 128 -57.25 50.94 4.24
C GLU A 128 -57.22 51.17 5.74
N GLY A 129 -58.40 51.09 6.39
CA GLY A 129 -58.44 51.27 7.83
C GLY A 129 -57.67 50.19 8.58
N ILE A 130 -57.79 48.94 8.14
CA ILE A 130 -57.05 47.85 8.77
C ILE A 130 -55.55 48.03 8.53
N ARG A 131 -55.18 48.53 7.36
CA ARG A 131 -53.78 48.84 7.09
C ARG A 131 -53.26 49.90 8.06
N ALA A 132 -54.07 50.92 8.33
CA ALA A 132 -53.71 51.92 9.33
C ALA A 132 -53.56 51.29 10.71
N MET A 133 -54.46 50.37 11.06
CA MET A 133 -54.32 49.66 12.33
C MET A 133 -53.02 48.89 12.38
N LYS A 134 -52.63 48.24 11.28
CA LYS A 134 -51.37 47.52 11.24
C LYS A 134 -50.20 48.45 11.52
N ASN A 135 -50.16 49.60 10.84
CA ASN A 135 -49.04 50.52 11.01
C ASN A 135 -48.96 51.04 12.44
N VAL A 136 -50.10 51.43 13.02
CA VAL A 136 -50.09 51.98 14.37
C VAL A 136 -49.66 50.92 15.38
N ALA A 137 -50.25 49.71 15.29
CA ALA A 137 -49.91 48.65 16.22
C ALA A 137 -48.44 48.25 16.08
N CYS A 138 -47.94 48.17 14.85
CA CYS A 138 -46.55 47.81 14.64
C CYS A 138 -45.61 48.86 15.23
N SER A 139 -45.98 50.14 15.12
CA SER A 139 -45.16 51.18 15.72
C SER A 139 -45.09 51.02 17.23
N LEU A 140 -46.20 50.66 17.86
CA LEU A 140 -46.19 50.42 19.30
C LEU A 140 -45.36 49.19 19.65
N LEU A 141 -45.39 48.16 18.81
CA LEU A 141 -44.76 46.89 19.12
C LEU A 141 -43.26 46.94 18.87
N SER A 142 -42.54 46.04 19.53
CA SER A 142 -41.13 45.84 19.27
C SER A 142 -40.94 45.22 17.89
N ALA A 143 -39.71 45.31 17.38
CA ALA A 143 -39.43 44.88 16.02
C ALA A 143 -39.74 43.40 15.82
N GLU A 144 -39.30 42.56 16.75
CA GLU A 144 -39.59 41.13 16.66
C GLU A 144 -41.09 40.88 16.76
N ASP A 145 -41.76 41.54 17.69
CA ASP A 145 -43.21 41.38 17.83
C ASP A 145 -43.95 41.95 16.63
N ALA A 146 -43.48 43.08 16.10
CA ALA A 146 -44.18 43.73 15.00
C ALA A 146 -44.21 42.86 13.75
N ALA A 147 -43.20 42.01 13.56
CA ALA A 147 -43.17 41.16 12.38
C ALA A 147 -44.33 40.18 12.37
N GLU A 148 -44.62 39.56 13.51
CA GLU A 148 -45.71 38.58 13.56
C GLU A 148 -47.07 39.26 13.48
N ALA A 149 -47.26 40.35 14.23
CA ALA A 149 -48.53 41.07 14.19
C ALA A 149 -48.83 41.58 12.79
N GLY A 150 -47.81 41.95 12.03
CA GLY A 150 -48.03 42.35 10.65
C GLY A 150 -48.64 41.24 9.82
N SER A 151 -48.21 40.00 10.05
CA SER A 151 -48.79 38.86 9.34
C SER A 151 -50.26 38.69 9.68
N TYR A 152 -50.61 38.81 10.96
CA TYR A 152 -52.01 38.63 11.34
C TYR A 152 -52.89 39.74 10.77
N PHE A 153 -52.40 40.98 10.79
CA PHE A 153 -53.13 42.06 10.11
C PHE A 153 -53.20 41.81 8.62
N ASP A 154 -52.14 41.23 8.05
CA ASP A 154 -52.07 41.08 6.60
C ASP A 154 -53.10 40.10 6.08
N PHE A 155 -53.46 39.07 6.86
CA PHE A 155 -54.54 38.20 6.39
C PHE A 155 -55.83 38.99 6.27
N VAL A 156 -56.11 39.86 7.23
CA VAL A 156 -57.35 40.63 7.18
C VAL A 156 -57.37 41.51 5.94
N ILE A 157 -56.31 42.27 5.70
CA ILE A 157 -56.31 43.17 4.55
C ILE A 157 -56.33 42.38 3.24
N GLY A 158 -55.64 41.23 3.20
CA GLY A 158 -55.64 40.42 2.00
C GLY A 158 -57.01 39.89 1.67
N ALA A 159 -57.76 39.46 2.69
CA ALA A 159 -59.14 39.04 2.47
C ALA A 159 -59.99 40.21 2.00
N MET A 160 -59.77 41.40 2.56
CA MET A 160 -60.61 42.56 2.22
C MET A 160 -60.50 42.91 0.75
N GLN A 161 -59.27 43.08 0.24
CA GLN A 161 -58.97 43.46 -1.15
C GLN A 161 -60.11 44.09 -1.95
N MET B 1 -63.14 22.30 14.78
CA MET B 1 -62.50 21.72 15.95
C MET B 1 -61.99 22.83 16.86
N GLN B 2 -62.10 22.61 18.18
CA GLN B 2 -61.76 23.62 19.17
C GLN B 2 -60.64 23.13 20.06
N ASP B 3 -59.53 23.87 20.08
CA ASP B 3 -58.48 23.73 21.07
C ASP B 3 -58.94 24.36 22.38
N ALA B 4 -58.15 24.17 23.45
CA ALA B 4 -58.43 24.89 24.69
C ALA B 4 -58.18 26.38 24.51
N ILE B 5 -57.15 26.74 23.74
CA ILE B 5 -56.93 28.14 23.38
C ILE B 5 -58.10 28.67 22.58
N THR B 6 -58.61 27.85 21.65
CA THR B 6 -59.78 28.25 20.88
C THR B 6 -60.99 28.46 21.79
N ALA B 7 -61.17 27.60 22.78
CA ALA B 7 -62.27 27.76 23.71
C ALA B 7 -62.13 29.06 24.50
N VAL B 8 -60.92 29.37 24.95
CA VAL B 8 -60.69 30.60 25.71
C VAL B 8 -61.04 31.82 24.89
N ILE B 9 -60.52 31.89 23.66
CA ILE B 9 -60.76 33.07 22.83
C ILE B 9 -62.23 33.15 22.42
N ASN B 10 -62.87 32.00 22.19
CA ASN B 10 -64.30 32.01 21.86
C ASN B 10 -65.12 32.55 23.02
N ALA B 11 -64.81 32.13 24.24
CA ALA B 11 -65.56 32.61 25.40
C ALA B 11 -65.38 34.12 25.57
N SER B 12 -64.16 34.61 25.37
CA SER B 12 -63.93 36.06 25.42
C SER B 12 -64.74 36.77 24.34
N ASP B 13 -64.84 36.17 23.14
CA ASP B 13 -65.66 36.74 22.08
C ASP B 13 -67.13 36.78 22.47
N VAL B 14 -67.62 35.72 23.10
CA VAL B 14 -69.01 35.70 23.56
C VAL B 14 -69.26 36.85 24.52
N GLN B 15 -68.31 37.10 25.43
CA GLN B 15 -68.36 38.31 26.23
C GLN B 15 -68.15 39.57 25.41
N GLY B 16 -67.66 39.44 24.17
CA GLY B 16 -67.40 40.62 23.36
C GLY B 16 -66.27 41.48 23.86
N LYS B 17 -65.39 40.90 24.67
CA LYS B 17 -64.29 41.63 25.30
C LYS B 17 -62.97 41.05 24.84
N TYR B 18 -61.95 41.89 24.82
CA TYR B 18 -60.59 41.44 24.56
C TYR B 18 -60.19 40.38 25.59
N LEU B 19 -59.19 39.57 25.22
CA LEU B 19 -58.67 38.59 26.16
C LEU B 19 -58.08 39.30 27.38
N ASP B 20 -58.51 38.86 28.56
CA ASP B 20 -58.17 39.51 29.82
C ASP B 20 -57.18 38.65 30.62
N THR B 21 -56.77 39.18 31.76
CA THR B 21 -55.69 38.56 32.54
C THR B 21 -56.07 37.19 33.06
N ALA B 22 -57.30 37.02 33.52
CA ALA B 22 -57.74 35.71 33.97
C ALA B 22 -57.71 34.69 32.83
N ALA B 23 -58.17 35.11 31.65
CA ALA B 23 -58.07 34.25 30.47
C ALA B 23 -56.61 33.96 30.13
N MET B 24 -55.72 34.94 30.32
CA MET B 24 -54.30 34.70 30.09
C MET B 24 -53.78 33.63 31.04
N GLU B 25 -54.22 33.64 32.30
CA GLU B 25 -53.79 32.62 33.24
C GLU B 25 -54.27 31.24 32.80
N LYS B 26 -55.52 31.15 32.31
CA LYS B 26 -56.00 29.88 31.77
C LYS B 26 -55.15 29.44 30.58
N LEU B 27 -54.81 30.37 29.68
CA LEU B 27 -53.97 30.04 28.54
C LEU B 27 -52.59 29.58 28.98
N LYS B 28 -52.00 30.26 29.97
CA LYS B 28 -50.70 29.84 30.48
C LYS B 28 -50.77 28.42 31.03
N ALA B 29 -51.86 28.10 31.73
CA ALA B 29 -52.02 26.74 32.24
C ALA B 29 -52.09 25.73 31.11
N TYR B 30 -52.81 26.05 30.04
CA TYR B 30 -52.87 25.12 28.92
C TYR B 30 -51.49 24.92 28.29
N PHE B 31 -50.75 26.01 28.11
CA PHE B 31 -49.39 25.88 27.57
C PHE B 31 -48.55 24.95 28.44
N ALA B 32 -48.62 25.14 29.75
CA ALA B 32 -47.82 24.34 30.67
C ALA B 32 -48.14 22.85 30.54
N THR B 33 -49.42 22.49 30.61
CA THR B 33 -49.78 21.08 30.52
C THR B 33 -49.66 20.55 29.10
N GLY B 34 -49.73 21.41 28.09
CA GLY B 34 -49.49 20.96 26.74
C GLY B 34 -48.09 20.45 26.51
N GLU B 35 -47.11 21.05 27.20
CA GLU B 35 -45.74 20.55 27.12
C GLU B 35 -45.69 19.07 27.50
N LEU B 36 -46.34 18.73 28.61
CA LEU B 36 -46.42 17.33 29.03
C LEU B 36 -47.08 16.48 27.94
N ARG B 37 -48.17 16.98 27.37
CA ARG B 37 -48.95 16.17 26.44
C ARG B 37 -48.22 15.92 25.13
N VAL B 38 -47.29 16.80 24.73
CA VAL B 38 -46.64 16.64 23.43
C VAL B 38 -45.91 15.30 23.37
N ARG B 39 -45.00 15.06 24.32
CA ARG B 39 -44.26 13.81 24.30
C ARG B 39 -45.12 12.63 24.77
N ALA B 40 -46.12 12.88 25.60
CA ALA B 40 -47.06 11.80 25.94
C ALA B 40 -47.77 11.31 24.69
N ALA B 41 -48.17 12.24 23.81
CA ALA B 41 -48.79 11.86 22.55
C ALA B 41 -47.83 11.07 21.68
N SER B 42 -46.55 11.45 21.68
CA SER B 42 -45.55 10.66 20.97
C SER B 42 -45.50 9.24 21.50
N VAL B 43 -45.56 9.10 22.83
CA VAL B 43 -45.50 7.77 23.44
C VAL B 43 -46.69 6.92 23.00
N ILE B 44 -47.89 7.51 23.02
CA ILE B 44 -49.09 6.79 22.57
C ILE B 44 -48.96 6.40 21.11
N SER B 45 -48.44 7.32 20.29
CA SER B 45 -48.32 7.05 18.85
C SER B 45 -47.43 5.85 18.58
N ALA B 46 -46.28 5.76 19.26
CA ALA B 46 -45.34 4.68 18.99
C ALA B 46 -45.93 3.33 19.35
N ASN B 47 -46.65 3.25 20.46
CA ASN B 47 -47.20 1.98 20.95
C ASN B 47 -48.72 1.91 20.77
N ALA B 48 -49.26 2.58 19.75
CA ALA B 48 -50.68 2.47 19.48
C ALA B 48 -51.07 1.03 19.21
N ALA B 49 -50.30 0.34 18.37
CA ALA B 49 -50.57 -1.06 18.08
C ALA B 49 -50.43 -1.92 19.33
N ASN B 50 -49.42 -1.62 20.16
CA ASN B 50 -49.23 -2.39 21.39
C ASN B 50 -50.39 -2.19 22.35
N ILE B 51 -50.89 -0.96 22.49
CA ILE B 51 -52.03 -0.70 23.35
C ILE B 51 -53.25 -1.48 22.86
N VAL B 52 -53.50 -1.44 21.55
CA VAL B 52 -54.64 -2.15 20.99
C VAL B 52 -54.48 -3.65 21.20
N LYS B 53 -53.30 -4.19 20.92
CA LYS B 53 -53.08 -5.63 21.06
C LYS B 53 -53.23 -6.08 22.50
N GLU B 54 -52.67 -5.30 23.44
CA GLU B 54 -52.78 -5.66 24.86
C GLU B 54 -54.23 -5.61 25.31
N ALA B 55 -54.99 -4.61 24.87
CA ALA B 55 -56.39 -4.53 25.24
C ALA B 55 -57.20 -5.68 24.65
N VAL B 56 -56.91 -6.06 23.39
CA VAL B 56 -57.58 -7.20 22.79
C VAL B 56 -57.28 -8.47 23.57
N ALA B 57 -56.04 -8.61 24.03
CA ALA B 57 -55.69 -9.77 24.85
C ALA B 57 -56.39 -9.73 26.20
N LYS B 58 -56.44 -8.55 26.84
CA LYS B 58 -57.02 -8.47 28.18
C LYS B 58 -58.53 -8.72 28.16
N SER B 59 -59.23 -8.12 27.20
CA SER B 59 -60.67 -8.32 27.07
C SER B 59 -61.01 -8.58 25.61
N LEU B 60 -62.07 -9.36 25.40
CA LEU B 60 -62.54 -9.76 24.07
C LEU B 60 -61.49 -10.59 23.34
N LEU B 61 -60.83 -11.49 24.08
CA LEU B 61 -59.93 -12.48 23.52
C LEU B 61 -60.49 -13.87 23.75
N TYR B 62 -60.45 -14.70 22.71
CA TYR B 62 -61.08 -16.03 22.74
C TYR B 62 -62.55 -15.92 23.16
N SER B 63 -63.23 -14.93 22.58
CA SER B 63 -64.62 -14.64 22.91
C SER B 63 -65.55 -15.25 21.87
N ASP B 64 -66.86 -15.21 22.18
CA ASP B 64 -67.85 -15.77 21.28
C ASP B 64 -67.91 -15.01 19.97
N ILE B 65 -67.55 -13.72 19.97
CA ILE B 65 -67.67 -12.91 18.76
C ILE B 65 -66.75 -13.43 17.67
N THR B 66 -65.52 -13.81 18.04
CA THR B 66 -64.57 -14.31 17.04
C THR B 66 -65.00 -15.65 16.48
N ARG B 67 -65.62 -16.49 17.31
CA ARG B 67 -66.08 -17.79 16.87
C ARG B 67 -67.22 -17.63 15.86
N PRO B 68 -67.45 -18.63 15.00
CA PRO B 68 -68.43 -18.47 13.92
C PRO B 68 -69.81 -18.09 14.45
N GLY B 69 -70.44 -17.15 13.75
CA GLY B 69 -71.75 -16.66 14.15
C GLY B 69 -71.73 -15.59 15.23
N GLY B 70 -70.55 -15.09 15.61
CA GLY B 70 -70.45 -14.10 16.67
C GLY B 70 -70.26 -12.68 16.19
N MET B 72 -67.89 -11.11 14.77
CA MET B 72 -66.48 -10.75 14.54
C MET B 72 -65.81 -11.85 13.72
N TYR B 73 -66.55 -12.93 13.50
CA TYR B 73 -66.09 -14.03 12.67
C TYR B 73 -65.91 -13.55 11.23
N THR B 74 -65.05 -14.28 10.50
CA THR B 74 -64.52 -13.94 9.18
C THR B 74 -63.42 -12.88 9.29
N THR B 75 -62.46 -12.95 8.38
CA THR B 75 -61.28 -12.08 8.46
C THR B 75 -61.67 -10.61 8.34
N ARG B 76 -62.62 -10.31 7.47
CA ARG B 76 -63.08 -8.93 7.31
C ARG B 76 -63.57 -8.37 8.64
N ARG B 77 -64.43 -9.12 9.33
CA ARG B 77 -64.98 -8.65 10.60
C ARG B 77 -63.90 -8.50 11.66
N TYR B 78 -62.98 -9.47 11.76
CA TYR B 78 -61.91 -9.35 12.75
C TYR B 78 -61.08 -8.11 12.52
N ALA B 79 -60.73 -7.84 11.26
CA ALA B 79 -59.94 -6.65 10.95
C ALA B 79 -60.71 -5.38 11.31
N ALA B 80 -62.02 -5.38 11.08
CA ALA B 80 -62.82 -4.20 11.35
C ALA B 80 -62.79 -3.82 12.83
N CYS B 81 -62.86 -4.81 13.73
CA CYS B 81 -62.87 -4.46 15.15
C CYS B 81 -61.58 -3.79 15.57
N ILE B 82 -60.44 -4.31 15.10
CA ILE B 82 -59.16 -3.69 15.42
C ILE B 82 -59.12 -2.26 14.90
N ARG B 83 -59.65 -2.05 13.69
CA ARG B 83 -59.64 -0.71 13.11
C ARG B 83 -60.42 0.27 13.97
N ASP B 84 -61.56 -0.15 14.51
CA ASP B 84 -62.34 0.74 15.36
C ASP B 84 -61.59 1.08 16.65
N LEU B 85 -60.90 0.09 17.24
CA LEU B 85 -60.10 0.36 18.42
C LEU B 85 -59.01 1.37 18.11
N ASP B 86 -58.37 1.24 16.93
CA ASP B 86 -57.37 2.21 16.52
C ASP B 86 -57.96 3.60 16.42
N TYR B 87 -59.16 3.72 15.85
CA TYR B 87 -59.80 5.02 15.73
C TYR B 87 -60.05 5.65 17.09
N TYR B 88 -60.54 4.86 18.05
CA TYR B 88 -60.80 5.40 19.38
C TYR B 88 -59.53 5.94 20.01
N LEU B 89 -58.44 5.19 19.91
CA LEU B 89 -57.18 5.64 20.49
C LEU B 89 -56.62 6.83 19.74
N ARG B 90 -56.82 6.89 18.42
CA ARG B 90 -56.33 8.04 17.64
C ARG B 90 -57.06 9.31 18.05
N TYR B 91 -58.38 9.26 18.16
CA TYR B 91 -59.13 10.43 18.57
C TYR B 91 -58.86 10.78 20.03
N ALA B 92 -58.57 9.77 20.86
CA ALA B 92 -58.16 10.06 22.24
C ALA B 92 -56.84 10.83 22.27
N THR B 93 -55.90 10.45 21.40
CA THR B 93 -54.65 11.20 21.28
C THR B 93 -54.91 12.63 20.85
N TYR B 94 -55.79 12.81 19.86
CA TYR B 94 -56.14 14.16 19.41
C TYR B 94 -56.73 14.98 20.56
N ALA B 95 -57.63 14.37 21.34
CA ALA B 95 -58.25 15.08 22.44
C ALA B 95 -57.23 15.44 23.51
N MET B 96 -56.29 14.53 23.79
CA MET B 96 -55.24 14.83 24.77
C MET B 96 -54.43 16.03 24.35
N LEU B 97 -54.01 16.05 23.08
CA LEU B 97 -53.23 17.19 22.59
C LEU B 97 -54.03 18.47 22.64
N ALA B 98 -55.29 18.42 22.22
CA ALA B 98 -56.10 19.63 22.14
C ALA B 98 -56.45 20.18 23.52
N GLY B 99 -56.67 19.30 24.50
CA GLY B 99 -57.17 19.75 25.78
C GLY B 99 -58.67 19.95 25.83
N ASP B 100 -59.38 19.55 24.80
CA ASP B 100 -60.83 19.65 24.69
C ASP B 100 -61.41 18.33 24.24
N PRO B 101 -62.67 18.04 24.59
CA PRO B 101 -63.36 16.87 24.04
C PRO B 101 -64.05 17.12 22.70
N SER B 102 -63.77 18.25 22.07
CA SER B 102 -64.59 18.69 20.93
C SER B 102 -64.50 17.73 19.76
N ILE B 103 -63.30 17.26 19.42
CA ILE B 103 -63.16 16.40 18.25
C ILE B 103 -63.78 15.03 18.52
N LEU B 104 -63.66 14.53 19.75
CA LEU B 104 -64.36 13.31 20.12
C LEU B 104 -65.86 13.48 19.88
N ASP B 105 -66.42 14.60 20.34
CA ASP B 105 -67.83 14.88 20.11
C ASP B 105 -68.13 15.01 18.63
N GLU B 106 -67.27 15.69 17.89
CA GLU B 106 -67.57 16.05 16.51
C GLU B 106 -67.58 14.83 15.59
N ARG B 107 -66.61 13.93 15.74
CA ARG B 107 -66.45 12.85 14.78
C ARG B 107 -66.69 11.46 15.33
N VAL B 108 -66.79 11.30 16.64
CA VAL B 108 -66.98 9.97 17.21
C VAL B 108 -68.31 9.89 17.95
N LEU B 109 -68.49 10.73 18.96
CA LEU B 109 -69.62 10.60 19.87
C LEU B 109 -70.96 10.71 19.13
N ASN B 110 -71.00 11.44 18.02
CA ASN B 110 -72.25 11.70 17.33
C ASN B 110 -72.56 10.55 16.38
N GLY B 111 -73.59 9.77 16.71
CA GLY B 111 -74.10 8.73 15.83
C GLY B 111 -73.48 7.36 16.01
N LEU B 112 -72.32 7.27 16.68
CA LEU B 112 -71.63 5.99 16.79
C LEU B 112 -72.46 4.97 17.55
N LYS B 113 -73.11 5.39 18.63
CA LYS B 113 -73.93 4.46 19.41
C LYS B 113 -75.08 3.92 18.56
N GLU B 114 -75.72 4.79 17.77
CA GLU B 114 -76.80 4.35 16.91
C GLU B 114 -76.31 3.37 15.85
N THR B 115 -75.17 3.68 15.22
CA THR B 115 -74.65 2.78 14.20
C THR B 115 -74.24 1.43 14.78
N TYR B 116 -73.66 1.44 15.99
CA TYR B 116 -73.32 0.19 16.65
C TYR B 116 -74.57 -0.60 17.02
N ASN B 117 -75.64 0.10 17.43
CA ASN B 117 -76.91 -0.58 17.68
C ASN B 117 -77.44 -1.23 16.41
N SER B 118 -77.31 -0.53 15.27
CA SER B 118 -77.74 -1.09 14.00
C SER B 118 -76.88 -2.27 13.60
N LEU B 119 -75.57 -2.18 13.81
CA LEU B 119 -74.66 -3.26 13.46
C LEU B 119 -74.86 -4.49 14.34
N GLY B 120 -75.22 -4.29 15.60
CA GLY B 120 -75.24 -5.36 16.58
C GLY B 120 -74.02 -5.39 17.46
N VAL B 121 -73.09 -4.46 17.30
CA VAL B 121 -71.87 -4.42 18.12
C VAL B 121 -72.24 -4.15 19.57
N PRO B 122 -71.72 -4.91 20.54
CA PRO B 122 -72.03 -4.65 21.95
C PRO B 122 -71.29 -3.43 22.46
N ILE B 123 -72.02 -2.34 22.68
CA ILE B 123 -71.40 -1.11 23.15
C ILE B 123 -70.82 -1.29 24.55
N ALA B 124 -71.47 -2.10 25.39
CA ALA B 124 -70.95 -2.34 26.73
C ALA B 124 -69.60 -3.06 26.67
N ALA B 125 -69.48 -4.05 25.78
CA ALA B 125 -68.20 -4.73 25.63
C ALA B 125 -67.12 -3.78 25.14
N THR B 126 -67.45 -2.89 24.20
CA THR B 126 -66.47 -1.90 23.76
C THR B 126 -66.11 -0.94 24.88
N VAL B 127 -67.09 -0.58 25.72
CA VAL B 127 -66.82 0.33 26.84
C VAL B 127 -65.87 -0.32 27.83
N GLN B 128 -66.09 -1.60 28.15
CA GLN B 128 -65.14 -2.32 28.99
C GLN B 128 -63.77 -2.38 28.34
N ALA B 129 -63.74 -2.55 27.01
CA ALA B 129 -62.47 -2.53 26.29
C ALA B 129 -61.79 -1.17 26.39
N ILE B 130 -62.58 -0.09 26.32
CA ILE B 130 -62.02 1.25 26.46
C ILE B 130 -61.46 1.46 27.86
N GLN B 131 -62.13 0.92 28.88
CA GLN B 131 -61.60 0.99 30.23
C GLN B 131 -60.28 0.21 30.34
N ALA B 132 -60.22 -0.97 29.72
CA ALA B 132 -58.97 -1.72 29.69
C ALA B 132 -57.88 -0.96 28.95
N MET B 133 -58.23 -0.34 27.82
CA MET B 133 -57.29 0.51 27.11
C MET B 133 -56.86 1.68 27.99
N LYS B 134 -57.80 2.24 28.75
CA LYS B 134 -57.48 3.35 29.65
C LYS B 134 -56.41 2.92 30.64
N GLU B 135 -56.57 1.75 31.24
CA GLU B 135 -55.59 1.26 32.20
C GLU B 135 -54.24 1.03 31.53
N VAL B 136 -54.24 0.36 30.37
CA VAL B 136 -53.00 0.03 29.69
C VAL B 136 -52.25 1.29 29.26
N THR B 137 -52.96 2.21 28.59
CA THR B 137 -52.30 3.41 28.09
C THR B 137 -51.95 4.37 29.23
N ALA B 138 -52.71 4.33 30.33
CA ALA B 138 -52.34 5.13 31.49
C ALA B 138 -51.02 4.65 32.07
N SER B 139 -50.81 3.33 32.09
CA SER B 139 -49.52 2.79 32.49
C SER B 139 -48.43 3.25 31.52
N LEU B 140 -48.71 3.20 30.23
CA LEU B 140 -47.69 3.53 29.23
C LEU B 140 -47.28 5.00 29.31
N VAL B 141 -48.26 5.91 29.45
CA VAL B 141 -47.93 7.33 29.51
C VAL B 141 -47.49 7.76 30.91
N GLY B 142 -47.86 7.00 31.94
CA GLY B 142 -47.64 7.43 33.30
C GLY B 142 -48.90 8.03 33.91
N ALA B 143 -48.95 8.04 35.25
CA ALA B 143 -50.13 8.54 35.93
C ALA B 143 -50.32 10.03 35.71
N ASP B 144 -49.24 10.79 35.58
CA ASP B 144 -49.34 12.25 35.49
C ASP B 144 -50.20 12.68 34.30
N ALA B 145 -49.92 12.13 33.12
CA ALA B 145 -50.74 12.40 31.95
C ALA B 145 -51.86 11.39 31.77
N GLY B 146 -51.81 10.27 32.50
CA GLY B 146 -52.87 9.28 32.40
C GLY B 146 -54.21 9.78 32.90
N LYS B 147 -54.19 10.64 33.91
CA LYS B 147 -55.44 11.23 34.39
C LYS B 147 -56.12 12.05 33.31
N GLU B 148 -55.32 12.80 32.54
CA GLU B 148 -55.88 13.59 31.44
C GLU B 148 -56.44 12.68 30.35
N MET B 149 -55.68 11.65 29.96
CA MET B 149 -56.20 10.67 29.01
C MET B 149 -57.47 10.00 29.54
N GLY B 150 -57.55 9.80 30.85
CA GLY B 150 -58.70 9.12 31.42
C GLY B 150 -60.00 9.86 31.18
N ILE B 151 -59.98 11.19 31.26
CA ILE B 151 -61.22 11.94 31.07
C ILE B 151 -61.73 11.77 29.64
N TYR B 152 -60.82 11.68 28.67
CA TYR B 152 -61.26 11.51 27.29
C TYR B 152 -61.74 10.09 27.03
N PHE B 153 -61.10 9.09 27.64
CA PHE B 153 -61.61 7.73 27.52
C PHE B 153 -62.97 7.59 28.19
N ASP B 154 -63.16 8.26 29.34
CA ASP B 154 -64.49 8.29 29.97
C ASP B 154 -65.51 8.94 29.05
N TYR B 155 -65.11 10.02 28.38
CA TYR B 155 -66.01 10.69 27.43
C TYR B 155 -66.41 9.76 26.30
N ILE B 156 -65.46 8.99 25.77
CA ILE B 156 -65.77 8.01 24.73
C ILE B 156 -66.73 6.95 25.25
N CYS B 157 -66.50 6.48 26.48
CA CYS B 157 -67.40 5.48 27.07
C CYS B 157 -68.81 6.03 27.20
N SER B 158 -68.95 7.27 27.67
CA SER B 158 -70.28 7.87 27.80
C SER B 158 -70.95 8.02 26.45
N GLY B 159 -70.17 8.39 25.42
CA GLY B 159 -70.74 8.50 24.09
C GLY B 159 -71.25 7.19 23.55
N LEU B 160 -70.51 6.11 23.79
CA LEU B 160 -70.95 4.76 23.43
C LEU B 160 -71.78 4.15 24.54
N SER B 161 -72.78 4.90 25.01
CA SER B 161 -73.65 4.46 26.09
C SER B 161 -74.90 5.32 26.15
N VAL C 3 -69.79 -18.39 -10.94
CA VAL C 3 -69.61 -17.91 -12.30
C VAL C 3 -70.90 -17.27 -12.81
N VAL C 4 -72.03 -17.87 -12.46
CA VAL C 4 -73.33 -17.35 -12.91
C VAL C 4 -73.55 -15.94 -12.39
N THR C 5 -73.33 -15.74 -11.09
CA THR C 5 -73.52 -14.41 -10.51
C THR C 5 -72.52 -13.41 -11.07
N LYS C 6 -71.26 -13.82 -11.21
CA LYS C 6 -70.24 -12.92 -11.75
C LYS C 6 -70.60 -12.48 -13.16
N SER C 7 -71.08 -13.41 -14.00
CA SER C 7 -71.56 -13.04 -15.32
C SER C 7 -72.77 -12.12 -15.23
N ILE C 8 -73.66 -12.39 -14.28
CA ILE C 8 -74.91 -11.62 -14.17
C ILE C 8 -74.63 -10.15 -13.91
N VAL C 9 -73.56 -9.85 -13.15
CA VAL C 9 -73.32 -8.48 -12.71
C VAL C 9 -73.18 -7.55 -13.92
N ASN C 10 -72.33 -7.91 -14.88
CA ASN C 10 -72.05 -7.01 -15.99
C ASN C 10 -73.30 -6.78 -16.83
N ALA C 11 -74.07 -7.84 -17.10
CA ALA C 11 -75.26 -7.70 -17.92
C ALA C 11 -76.33 -6.85 -17.22
N ASP C 12 -76.70 -7.24 -16.00
CA ASP C 12 -77.71 -6.49 -15.26
C ASP C 12 -77.28 -5.05 -15.05
N ALA C 13 -75.97 -4.81 -14.88
CA ALA C 13 -75.48 -3.45 -14.75
C ALA C 13 -75.72 -2.65 -16.02
N GLU C 14 -75.45 -3.25 -17.18
CA GLU C 14 -75.67 -2.56 -18.45
C GLU C 14 -77.14 -2.47 -18.81
N ALA C 15 -78.03 -3.08 -18.02
CA ALA C 15 -79.46 -3.16 -18.32
C ALA C 15 -79.69 -3.98 -19.58
N ARG C 16 -79.21 -5.22 -19.57
CA ARG C 16 -79.36 -6.14 -20.67
C ARG C 16 -79.38 -7.56 -20.13
N TYR C 17 -80.16 -8.42 -20.78
CA TYR C 17 -80.09 -9.84 -20.49
C TYR C 17 -78.72 -10.37 -20.88
N LEU C 18 -78.31 -11.48 -20.26
CA LEU C 18 -77.08 -12.13 -20.69
C LEU C 18 -77.19 -12.51 -22.15
N SER C 19 -76.17 -12.18 -22.93
CA SER C 19 -76.22 -12.42 -24.36
C SER C 19 -76.18 -13.90 -24.67
N PRO C 20 -76.29 -14.26 -25.96
CA PRO C 20 -76.10 -15.66 -26.34
C PRO C 20 -74.80 -16.22 -25.83
N GLY C 21 -73.71 -15.46 -25.94
CA GLY C 21 -72.42 -15.95 -25.48
C GLY C 21 -72.35 -16.14 -23.99
N GLU C 22 -72.86 -15.18 -23.22
CA GLU C 22 -72.78 -15.27 -21.76
C GLU C 22 -73.64 -16.42 -21.23
N LEU C 23 -74.87 -16.56 -21.74
CA LEU C 23 -75.70 -17.70 -21.36
C LEU C 23 -74.99 -19.01 -21.72
N ASP C 24 -74.34 -19.06 -22.88
CA ASP C 24 -73.65 -20.27 -23.29
C ASP C 24 -72.49 -20.60 -22.36
N ARG C 25 -71.77 -19.57 -21.90
CA ARG C 25 -70.67 -19.81 -20.97
C ARG C 25 -71.17 -20.44 -19.67
N ILE C 26 -72.30 -19.95 -19.16
CA ILE C 26 -72.90 -20.56 -17.98
C ILE C 26 -73.28 -22.00 -18.27
N LYS C 27 -73.80 -22.27 -19.48
CA LYS C 27 -74.13 -23.63 -19.86
C LYS C 27 -72.92 -24.55 -19.77
N ASN C 28 -71.76 -24.08 -20.23
CA ASN C 28 -70.55 -24.89 -20.16
C ASN C 28 -70.13 -25.15 -18.71
N PHE C 29 -70.29 -24.15 -17.85
CA PHE C 29 -69.98 -24.33 -16.43
C PHE C 29 -70.78 -25.49 -15.85
N VAL C 30 -72.02 -25.67 -16.30
CA VAL C 30 -72.83 -26.80 -15.86
C VAL C 30 -72.15 -28.11 -16.17
N SER C 31 -71.45 -28.19 -17.31
CA SER C 31 -70.74 -29.41 -17.67
C SER C 31 -69.45 -29.58 -16.89
N THR C 32 -68.82 -28.49 -16.45
CA THR C 32 -67.61 -28.61 -15.65
C THR C 32 -67.90 -29.07 -14.23
N GLY C 33 -69.15 -28.99 -13.78
CA GLY C 33 -69.45 -29.27 -12.38
C GLY C 33 -69.13 -30.68 -11.93
N GLU C 34 -69.21 -31.66 -12.83
CA GLU C 34 -69.04 -33.06 -12.43
C GLU C 34 -67.62 -33.34 -11.93
N ARG C 35 -66.61 -32.78 -12.60
CA ARG C 35 -65.24 -32.89 -12.12
C ARG C 35 -65.10 -32.27 -10.74
N ARG C 36 -65.77 -31.14 -10.52
CA ARG C 36 -65.74 -30.50 -9.20
C ARG C 36 -66.34 -31.41 -8.13
N LEU C 37 -67.39 -32.16 -8.49
CA LEU C 37 -67.98 -33.10 -7.55
C LEU C 37 -66.95 -34.13 -7.09
N ARG C 38 -66.19 -34.68 -8.03
CA ARG C 38 -65.18 -35.66 -7.67
C ARG C 38 -64.11 -35.05 -6.78
N ILE C 39 -63.67 -33.83 -7.10
CA ILE C 39 -62.68 -33.15 -6.28
C ILE C 39 -63.19 -32.97 -4.85
N ALA C 40 -64.44 -32.51 -4.72
CA ALA C 40 -65.00 -32.22 -3.41
C ALA C 40 -65.09 -33.47 -2.55
N GLN C 41 -65.53 -34.59 -3.13
CA GLN C 41 -65.61 -35.83 -2.37
C GLN C 41 -64.23 -36.27 -1.89
N THR C 42 -63.22 -36.19 -2.77
CA THR C 42 -61.87 -36.61 -2.39
C THR C 42 -61.34 -35.77 -1.24
N LEU C 43 -61.48 -34.44 -1.33
CA LEU C 43 -60.97 -33.56 -0.28
C LEU C 43 -61.73 -33.74 1.02
N THR C 44 -63.04 -34.02 0.95
CA THR C 44 -63.80 -34.30 2.17
C THR C 44 -63.28 -35.56 2.84
N GLU C 45 -62.92 -36.57 2.05
CA GLU C 45 -62.39 -37.81 2.62
C GLU C 45 -61.06 -37.57 3.33
N ASN C 46 -60.16 -36.79 2.73
CA ASN C 46 -58.80 -36.65 3.24
C ASN C 46 -58.55 -35.30 3.92
N ARG C 47 -59.61 -34.60 4.33
CA ARG C 47 -59.44 -33.24 4.84
C ARG C 47 -58.55 -33.22 6.09
N GLU C 48 -58.86 -34.06 7.07
CA GLU C 48 -58.05 -34.10 8.28
C GLU C 48 -56.63 -34.57 7.97
N ARG C 49 -56.49 -35.57 7.09
CA ARG C 49 -55.18 -36.11 6.77
C ARG C 49 -54.29 -35.04 6.16
N ILE C 50 -54.80 -34.32 5.16
CA ILE C 50 -54.00 -33.32 4.47
C ILE C 50 -53.55 -32.23 5.43
N VAL C 51 -54.49 -31.71 6.23
CA VAL C 51 -54.18 -30.57 7.09
C VAL C 51 -53.25 -30.97 8.22
N LYS C 52 -53.51 -32.11 8.87
CA LYS C 52 -52.67 -32.52 10.01
C LYS C 52 -51.28 -32.92 9.54
N GLN C 53 -51.18 -33.64 8.43
CA GLN C 53 -49.89 -33.92 7.82
C GLN C 53 -49.15 -32.61 7.52
N ALA C 54 -49.85 -31.67 6.89
CA ALA C 54 -49.24 -30.38 6.57
C ALA C 54 -48.95 -29.55 7.82
N GLY C 55 -49.67 -29.80 8.91
CA GLY C 55 -49.33 -29.13 10.16
C GLY C 55 -47.95 -29.54 10.65
N ASP C 56 -47.69 -30.85 10.69
CA ASP C 56 -46.35 -31.32 11.03
C ASP C 56 -45.32 -30.83 10.02
N GLN C 57 -45.69 -30.87 8.73
CA GLN C 57 -44.77 -30.44 7.68
C GLN C 57 -44.44 -28.95 7.79
N LEU C 58 -45.45 -28.13 8.05
CA LEU C 58 -45.22 -26.69 8.22
C LEU C 58 -44.31 -26.42 9.41
N PHE C 59 -44.55 -27.10 10.53
CA PHE C 59 -43.71 -26.92 11.70
C PHE C 59 -42.27 -27.31 11.39
N GLN C 60 -42.07 -28.43 10.70
CA GLN C 60 -40.72 -28.84 10.32
C GLN C 60 -40.08 -27.81 9.39
N LYS C 61 -40.87 -27.25 8.47
CA LYS C 61 -40.32 -26.29 7.52
C LYS C 61 -39.78 -25.06 8.22
N ARG C 62 -40.57 -24.43 9.07
CA ARG C 62 -40.17 -23.23 9.80
C ARG C 62 -40.49 -23.39 11.27
N PRO C 63 -39.64 -24.13 12.02
CA PRO C 63 -39.96 -24.45 13.41
C PRO C 63 -39.74 -23.30 14.39
N ASP C 64 -39.24 -22.15 13.94
CA ASP C 64 -39.13 -21.02 14.87
C ASP C 64 -40.51 -20.60 15.36
N VAL C 65 -41.56 -20.93 14.63
CA VAL C 65 -42.92 -20.72 15.14
C VAL C 65 -43.15 -21.55 16.40
N VAL C 66 -42.87 -22.85 16.33
CA VAL C 66 -43.19 -23.75 17.43
C VAL C 66 -42.17 -23.69 18.56
N SER C 67 -40.99 -23.13 18.32
CA SER C 67 -40.02 -22.98 19.39
C SER C 67 -40.54 -21.99 20.43
N PRO C 68 -40.24 -22.22 21.70
CA PRO C 68 -40.57 -21.21 22.72
C PRO C 68 -39.88 -19.91 22.39
N GLY C 69 -40.58 -18.80 22.63
CA GLY C 69 -40.18 -17.55 22.03
C GLY C 69 -40.64 -17.40 20.60
N GLY C 70 -41.65 -18.18 20.20
CA GLY C 70 -42.20 -18.08 18.86
C GLY C 70 -43.72 -18.09 18.92
N ASN C 71 -44.33 -17.85 17.75
CA ASN C 71 -45.77 -17.68 17.68
C ASN C 71 -46.52 -18.98 17.98
N ALA C 72 -46.08 -20.09 17.38
CA ALA C 72 -46.84 -21.33 17.47
C ALA C 72 -46.59 -22.12 18.75
N TYR C 73 -45.62 -21.71 19.56
CA TYR C 73 -45.30 -22.47 20.78
C TYR C 73 -46.48 -22.49 21.73
N GLY C 74 -46.65 -23.62 22.40
CA GLY C 74 -47.77 -23.87 23.29
C GLY C 74 -48.71 -24.86 22.63
N GLU C 75 -49.23 -25.80 23.43
CA GLU C 75 -50.14 -26.80 22.87
C GLU C 75 -51.44 -26.16 22.40
N GLU C 76 -51.99 -25.24 23.20
CA GLU C 76 -53.19 -24.53 22.77
C GLU C 76 -52.91 -23.70 21.52
N MET C 77 -51.75 -23.07 21.45
CA MET C 77 -51.38 -22.30 20.27
C MET C 77 -51.21 -23.21 19.05
N THR C 78 -50.63 -24.40 19.25
CA THR C 78 -50.52 -25.35 18.15
C THR C 78 -51.88 -25.78 17.66
N ALA C 79 -52.81 -26.02 18.59
CA ALA C 79 -54.18 -26.35 18.19
C ALA C 79 -54.83 -25.21 17.43
N THR C 80 -54.59 -23.97 17.87
CA THR C 80 -55.14 -22.81 17.16
C THR C 80 -54.58 -22.71 15.76
N CYS C 81 -53.26 -22.91 15.59
CA CYS C 81 -52.71 -22.84 14.25
C CYS C 81 -53.24 -23.95 13.38
N LEU C 82 -53.36 -25.17 13.92
CA LEU C 82 -53.90 -26.27 13.14
C LEU C 82 -55.33 -25.96 12.72
N ARG C 83 -56.13 -25.38 13.61
CA ARG C 83 -57.50 -25.02 13.27
C ARG C 83 -57.54 -23.99 12.15
N ASP C 84 -56.60 -23.03 12.18
CA ASP C 84 -56.56 -22.02 11.11
C ASP C 84 -56.19 -22.64 9.77
N LEU C 85 -55.20 -23.55 9.77
CA LEU C 85 -54.84 -24.23 8.53
C LEU C 85 -56.03 -24.99 7.97
N ASP C 86 -56.77 -25.69 8.84
CA ASP C 86 -57.96 -26.40 8.40
C ASP C 86 -59.04 -25.44 7.91
N TYR C 87 -59.15 -24.26 8.54
CA TYR C 87 -60.15 -23.29 8.12
C TYR C 87 -59.91 -22.84 6.69
N TYR C 88 -58.65 -22.53 6.35
CA TYR C 88 -58.33 -22.19 4.98
C TYR C 88 -58.60 -23.36 4.04
N LEU C 89 -58.39 -24.59 4.51
CA LEU C 89 -58.69 -25.76 3.68
C LEU C 89 -60.18 -25.87 3.40
N ARG C 90 -61.02 -25.59 4.41
CA ARG C 90 -62.46 -25.58 4.18
C ARG C 90 -62.85 -24.56 3.13
N LEU C 91 -62.25 -23.37 3.21
CA LEU C 91 -62.46 -22.38 2.18
C LEU C 91 -61.95 -22.86 0.82
N VAL C 92 -60.90 -23.67 0.81
CA VAL C 92 -60.38 -24.20 -0.46
C VAL C 92 -61.43 -25.07 -1.14
N THR C 93 -62.06 -25.96 -0.36
CA THR C 93 -63.11 -26.79 -0.93
C THR C 93 -64.27 -25.93 -1.43
N TYR C 94 -64.65 -24.91 -0.66
CA TYR C 94 -65.69 -23.99 -1.12
C TYR C 94 -65.30 -23.34 -2.44
N GLY C 95 -64.05 -22.90 -2.56
CA GLY C 95 -63.62 -22.21 -3.77
C GLY C 95 -63.60 -23.11 -4.99
N ILE C 96 -63.13 -24.34 -4.84
CA ILE C 96 -63.15 -25.29 -5.94
C ILE C 96 -64.58 -25.53 -6.40
N VAL C 97 -65.50 -25.70 -5.45
CA VAL C 97 -66.90 -25.90 -5.79
C VAL C 97 -67.45 -24.67 -6.52
N ALA C 98 -67.14 -23.48 -6.02
CA ALA C 98 -67.69 -22.26 -6.61
C ALA C 98 -67.19 -22.03 -8.03
N GLY C 99 -65.97 -22.44 -8.34
CA GLY C 99 -65.42 -22.23 -9.66
C GLY C 99 -64.80 -20.86 -9.87
N ASP C 100 -64.94 -19.95 -8.91
CA ASP C 100 -64.22 -18.69 -8.88
C ASP C 100 -63.76 -18.46 -7.45
N VAL C 101 -62.83 -17.52 -7.27
CA VAL C 101 -62.19 -17.32 -5.97
C VAL C 101 -63.07 -16.53 -5.00
N THR C 102 -64.29 -16.19 -5.38
CA THR C 102 -65.13 -15.32 -4.57
C THR C 102 -65.42 -15.83 -3.16
N PRO C 103 -65.78 -17.10 -2.93
CA PRO C 103 -66.10 -17.50 -1.55
C PRO C 103 -64.94 -17.35 -0.59
N ILE C 104 -63.76 -17.82 -0.98
CA ILE C 104 -62.55 -17.60 -0.17
C ILE C 104 -62.31 -16.12 0.01
N GLU C 105 -62.45 -15.35 -1.07
CA GLU C 105 -62.17 -13.92 -1.01
C GLU C 105 -63.04 -13.23 0.04
N GLU C 106 -64.34 -13.53 0.02
CA GLU C 106 -65.25 -12.86 0.94
C GLU C 106 -65.00 -13.28 2.39
N ILE C 107 -64.81 -14.57 2.64
CA ILE C 107 -64.75 -15.06 4.01
C ILE C 107 -63.37 -14.87 4.61
N GLY C 108 -62.33 -15.37 3.93
CA GLY C 108 -61.03 -15.48 4.57
C GLY C 108 -59.87 -14.58 4.17
N LEU C 109 -59.66 -14.34 2.88
CA LEU C 109 -58.42 -13.70 2.45
C LEU C 109 -58.52 -12.18 2.33
N VAL C 110 -59.70 -11.60 2.54
CA VAL C 110 -59.83 -10.15 2.61
C VAL C 110 -59.43 -9.69 4.00
N GLY C 111 -58.42 -8.83 4.07
CA GLY C 111 -57.89 -8.40 5.35
C GLY C 111 -56.98 -9.40 6.04
N VAL C 112 -56.46 -10.37 5.29
CA VAL C 112 -55.70 -11.45 5.92
C VAL C 112 -54.39 -10.92 6.51
N ARG C 113 -53.71 -10.01 5.80
CA ARG C 113 -52.47 -9.45 6.32
C ARG C 113 -52.72 -8.70 7.62
N GLU C 114 -53.73 -7.82 7.63
CA GLU C 114 -54.05 -7.07 8.84
C GLU C 114 -54.44 -8.00 9.97
N MET C 115 -55.25 -9.02 9.68
CA MET C 115 -55.74 -9.89 10.73
C MET C 115 -54.60 -10.67 11.38
N TYR C 116 -53.72 -11.27 10.57
CA TYR C 116 -52.67 -12.09 11.15
C TYR C 116 -51.59 -11.24 11.81
N ASN C 117 -51.30 -10.06 11.26
CA ASN C 117 -50.34 -9.17 11.94
C ASN C 117 -50.89 -8.71 13.28
N SER C 118 -52.18 -8.41 13.35
CA SER C 118 -52.78 -8.07 14.63
C SER C 118 -52.85 -9.29 15.56
N LEU C 119 -53.07 -10.48 14.99
CA LEU C 119 -53.05 -11.70 15.78
C LEU C 119 -51.67 -12.03 16.32
N GLY C 120 -50.62 -11.48 15.73
CA GLY C 120 -49.28 -11.80 16.13
C GLY C 120 -48.67 -13.00 15.43
N THR C 121 -49.18 -13.36 14.26
CA THR C 121 -48.68 -14.49 13.48
C THR C 121 -47.97 -13.99 12.24
N PRO C 122 -46.80 -14.51 11.91
CA PRO C 122 -46.16 -14.13 10.65
C PRO C 122 -46.98 -14.59 9.46
N ILE C 123 -47.13 -13.72 8.47
CA ILE C 123 -48.00 -13.96 7.32
C ILE C 123 -47.48 -15.13 6.49
N PRO C 124 -46.18 -15.17 6.21
CA PRO C 124 -45.66 -16.23 5.32
C PRO C 124 -45.86 -17.63 5.86
N ALA C 125 -45.94 -17.79 7.18
CA ALA C 125 -45.96 -19.12 7.76
C ALA C 125 -47.28 -19.84 7.47
N VAL C 126 -48.41 -19.16 7.62
CA VAL C 126 -49.69 -19.77 7.27
C VAL C 126 -49.72 -20.14 5.80
N ALA C 127 -49.13 -19.29 4.96
CA ALA C 127 -48.99 -19.61 3.55
C ALA C 127 -48.16 -20.86 3.34
N GLU C 128 -47.15 -21.08 4.19
CA GLU C 128 -46.34 -22.29 4.08
C GLU C 128 -47.19 -23.53 4.36
N GLY C 129 -48.07 -23.46 5.34
CA GLY C 129 -49.00 -24.56 5.56
C GLY C 129 -49.80 -24.88 4.32
N ILE C 130 -50.34 -23.83 3.68
CA ILE C 130 -51.05 -24.04 2.42
C ILE C 130 -50.12 -24.56 1.33
N ARG C 131 -48.85 -24.11 1.35
CA ARG C 131 -47.90 -24.50 0.32
C ARG C 131 -47.78 -26.01 0.21
N ALA C 132 -47.54 -26.69 1.34
CA ALA C 132 -47.44 -28.14 1.31
C ALA C 132 -48.80 -28.83 1.24
N MET C 133 -49.86 -28.18 1.72
CA MET C 133 -51.20 -28.75 1.61
C MET C 133 -51.56 -29.00 0.16
N LYS C 134 -51.11 -28.13 -0.74
CA LYS C 134 -51.41 -28.30 -2.17
C LYS C 134 -50.96 -29.67 -2.66
N ASN C 135 -49.71 -30.03 -2.41
CA ASN C 135 -49.17 -31.28 -2.94
C ASN C 135 -49.77 -32.49 -2.26
N VAL C 136 -50.12 -32.39 -0.97
CA VAL C 136 -50.80 -33.51 -0.31
C VAL C 136 -52.10 -33.82 -1.02
N ALA C 137 -52.95 -32.81 -1.22
CA ALA C 137 -54.20 -33.02 -1.93
C ALA C 137 -53.95 -33.40 -3.38
N CYS C 138 -52.89 -32.86 -3.99
CA CYS C 138 -52.58 -33.17 -5.38
C CYS C 138 -52.28 -34.64 -5.56
N SER C 139 -51.52 -35.24 -4.63
CA SER C 139 -51.24 -36.66 -4.69
C SER C 139 -52.52 -37.48 -4.51
N LEU C 140 -53.39 -37.07 -3.59
CA LEU C 140 -54.62 -37.81 -3.36
C LEU C 140 -55.56 -37.74 -4.57
N LEU C 141 -55.64 -36.58 -5.21
CA LEU C 141 -56.60 -36.34 -6.27
C LEU C 141 -56.15 -36.98 -7.59
N SER C 142 -57.11 -37.14 -8.50
CA SER C 142 -56.79 -37.52 -9.86
C SER C 142 -55.97 -36.42 -10.53
N ALA C 143 -55.30 -36.78 -11.63
CA ALA C 143 -54.37 -35.85 -12.28
C ALA C 143 -55.07 -34.55 -12.64
N GLU C 144 -56.20 -34.64 -13.35
CA GLU C 144 -56.91 -33.43 -13.75
C GLU C 144 -57.60 -32.78 -12.56
N ASP C 145 -58.14 -33.58 -11.64
CA ASP C 145 -58.74 -33.03 -10.43
C ASP C 145 -57.71 -32.27 -9.61
N ALA C 146 -56.52 -32.85 -9.43
CA ALA C 146 -55.45 -32.15 -8.73
C ALA C 146 -55.03 -30.89 -9.47
N ALA C 147 -54.99 -30.96 -10.80
CA ALA C 147 -54.63 -29.78 -11.59
C ALA C 147 -55.65 -28.66 -11.40
N GLU C 148 -56.93 -29.02 -11.28
CA GLU C 148 -57.96 -28.00 -11.08
C GLU C 148 -57.85 -27.37 -9.70
N ALA C 149 -57.61 -28.19 -8.67
CA ALA C 149 -57.54 -27.66 -7.30
C ALA C 149 -56.28 -26.85 -7.05
N GLY C 150 -55.22 -27.07 -7.83
CA GLY C 150 -53.94 -26.44 -7.55
C GLY C 150 -53.98 -24.92 -7.60
N SER C 151 -54.62 -24.33 -8.61
CA SER C 151 -54.65 -22.87 -8.69
C SER C 151 -55.33 -22.25 -7.47
N TYR C 152 -56.35 -22.90 -6.92
CA TYR C 152 -56.99 -22.37 -5.72
C TYR C 152 -56.04 -22.39 -4.53
N PHE C 153 -55.28 -23.47 -4.36
CA PHE C 153 -54.26 -23.52 -3.33
C PHE C 153 -53.24 -22.41 -3.53
N ASP C 154 -52.72 -22.28 -4.75
CA ASP C 154 -51.68 -21.30 -5.02
C ASP C 154 -52.20 -19.87 -4.89
N PHE C 155 -53.48 -19.65 -5.20
CA PHE C 155 -54.05 -18.31 -5.06
C PHE C 155 -54.21 -17.92 -3.60
N VAL C 156 -54.60 -18.88 -2.74
CA VAL C 156 -54.60 -18.63 -1.31
C VAL C 156 -53.19 -18.28 -0.84
N ILE C 157 -52.21 -19.05 -1.30
CA ILE C 157 -50.81 -18.80 -0.93
C ILE C 157 -50.39 -17.42 -1.42
N GLY C 158 -50.76 -17.07 -2.66
CA GLY C 158 -50.37 -15.77 -3.19
C GLY C 158 -51.00 -14.61 -2.45
N ALA C 159 -52.29 -14.75 -2.10
CA ALA C 159 -52.95 -13.71 -1.33
C ALA C 159 -52.28 -13.51 0.02
N MET C 160 -51.94 -14.61 0.70
CA MET C 160 -51.25 -14.51 1.97
C MET C 160 -49.86 -13.90 1.80
N GLN C 161 -49.12 -14.33 0.78
CA GLN C 161 -47.77 -13.84 0.54
C GLN C 161 -47.76 -12.80 -0.58
N GLN D 2 -75.93 -12.85 -5.64
CA GLN D 2 -75.60 -14.19 -5.16
C GLN D 2 -76.22 -15.26 -6.05
N ASP D 3 -76.04 -16.52 -5.66
CA ASP D 3 -76.61 -17.64 -6.39
C ASP D 3 -76.82 -18.79 -5.41
N ALA D 4 -77.48 -19.85 -5.89
CA ALA D 4 -77.77 -20.99 -5.02
C ALA D 4 -76.49 -21.66 -4.54
N ILE D 5 -75.49 -21.77 -5.41
CA ILE D 5 -74.22 -22.38 -5.02
C ILE D 5 -73.55 -21.53 -3.93
N THR D 6 -73.54 -20.21 -4.11
CA THR D 6 -72.95 -19.34 -3.10
C THR D 6 -73.73 -19.42 -1.79
N ALA D 7 -75.06 -19.51 -1.86
CA ALA D 7 -75.85 -19.65 -0.65
C ALA D 7 -75.56 -20.95 0.07
N VAL D 8 -75.36 -22.04 -0.68
CA VAL D 8 -75.06 -23.32 -0.06
C VAL D 8 -73.73 -23.26 0.68
N ILE D 9 -72.70 -22.73 0.02
CA ILE D 9 -71.39 -22.66 0.66
C ILE D 9 -71.41 -21.64 1.80
N ASN D 10 -72.21 -20.58 1.68
CA ASN D 10 -72.35 -19.64 2.79
C ASN D 10 -73.02 -20.30 3.99
N ALA D 11 -74.01 -21.16 3.76
CA ALA D 11 -74.61 -21.91 4.86
C ALA D 11 -73.60 -22.82 5.51
N SER D 12 -72.74 -23.46 4.71
CA SER D 12 -71.64 -24.25 5.28
C SER D 12 -70.74 -23.37 6.14
N ASP D 13 -70.46 -22.15 5.66
CA ASP D 13 -69.64 -21.22 6.44
C ASP D 13 -70.31 -20.85 7.76
N VAL D 14 -71.62 -20.65 7.73
CA VAL D 14 -72.37 -20.37 8.96
C VAL D 14 -72.22 -21.52 9.94
N GLN D 15 -72.32 -22.76 9.44
CA GLN D 15 -72.07 -23.92 10.29
C GLN D 15 -70.65 -23.93 10.81
N GLY D 16 -69.71 -23.39 10.05
CA GLY D 16 -68.30 -23.57 10.36
C GLY D 16 -67.78 -24.93 9.98
N LYS D 17 -68.50 -25.66 9.11
CA LYS D 17 -68.16 -27.01 8.72
C LYS D 17 -68.09 -27.10 7.21
N TYR D 18 -67.27 -28.03 6.73
CA TYR D 18 -67.18 -28.28 5.29
C TYR D 18 -68.56 -28.62 4.73
N LEU D 19 -68.72 -28.39 3.42
CA LEU D 19 -69.99 -28.68 2.77
C LEU D 19 -70.33 -30.16 2.89
N ASP D 20 -71.56 -30.43 3.31
CA ASP D 20 -72.02 -31.78 3.61
C ASP D 20 -72.42 -32.52 2.33
N THR D 21 -72.51 -33.84 2.43
CA THR D 21 -72.94 -34.65 1.29
C THR D 21 -74.37 -34.31 0.89
N ALA D 22 -75.23 -34.02 1.86
CA ALA D 22 -76.58 -33.57 1.54
C ALA D 22 -76.55 -32.26 0.76
N ALA D 23 -75.69 -31.33 1.18
CA ALA D 23 -75.51 -30.09 0.42
C ALA D 23 -75.01 -30.38 -0.98
N MET D 24 -74.11 -31.36 -1.12
CA MET D 24 -73.64 -31.75 -2.45
C MET D 24 -74.80 -32.24 -3.32
N GLU D 25 -75.71 -33.02 -2.72
CA GLU D 25 -76.85 -33.53 -3.48
C GLU D 25 -77.73 -32.39 -3.96
N LYS D 26 -77.99 -31.39 -3.11
CA LYS D 26 -78.77 -30.24 -3.54
C LYS D 26 -78.06 -29.48 -4.66
N LEU D 27 -76.75 -29.29 -4.53
CA LEU D 27 -75.98 -28.63 -5.57
C LEU D 27 -76.03 -29.43 -6.88
N LYS D 28 -75.91 -30.75 -6.78
CA LYS D 28 -75.95 -31.60 -7.97
C LYS D 28 -77.28 -31.45 -8.70
N ALA D 29 -78.38 -31.39 -7.95
CA ALA D 29 -79.69 -31.19 -8.58
C ALA D 29 -79.72 -29.88 -9.34
N TYR D 30 -79.21 -28.81 -8.74
CA TYR D 30 -79.18 -27.52 -9.43
C TYR D 30 -78.32 -27.60 -10.68
N PHE D 31 -77.14 -28.22 -10.58
CA PHE D 31 -76.26 -28.32 -11.73
C PHE D 31 -76.91 -29.10 -12.86
N ALA D 32 -77.61 -30.19 -12.52
CA ALA D 32 -78.21 -31.03 -13.55
C ALA D 32 -79.30 -30.30 -14.32
N THR D 33 -80.17 -29.56 -13.62
CA THR D 33 -81.26 -28.85 -14.28
C THR D 33 -80.88 -27.43 -14.69
N GLY D 34 -79.64 -27.01 -14.42
CA GLY D 34 -79.24 -25.65 -14.74
C GLY D 34 -79.24 -25.34 -16.22
N GLU D 35 -78.89 -26.32 -17.06
CA GLU D 35 -78.87 -26.07 -18.50
C GLU D 35 -80.27 -25.74 -19.01
N LEU D 36 -81.28 -26.45 -18.51
CA LEU D 36 -82.66 -26.11 -18.86
C LEU D 36 -83.00 -24.70 -18.41
N ARG D 37 -82.56 -24.31 -17.21
CA ARG D 37 -82.82 -22.96 -16.74
C ARG D 37 -82.18 -21.91 -17.64
N VAL D 38 -80.94 -22.16 -18.09
CA VAL D 38 -80.25 -21.21 -18.96
C VAL D 38 -81.02 -21.02 -20.26
N ARG D 39 -81.44 -22.14 -20.87
CA ARG D 39 -82.19 -22.04 -22.12
C ARG D 39 -83.52 -21.33 -21.92
N ALA D 40 -84.16 -21.56 -20.77
CA ALA D 40 -85.41 -20.85 -20.46
C ALA D 40 -85.17 -19.34 -20.42
N ALA D 41 -84.07 -18.91 -19.80
CA ALA D 41 -83.74 -17.49 -19.77
C ALA D 41 -83.58 -16.94 -21.18
N SER D 42 -82.96 -17.72 -22.08
CA SER D 42 -82.78 -17.25 -23.45
C SER D 42 -84.13 -17.00 -24.12
N VAL D 43 -85.07 -17.95 -24.00
CA VAL D 43 -86.35 -17.82 -24.67
C VAL D 43 -87.09 -16.58 -24.18
N ILE D 44 -87.18 -16.41 -22.86
CA ILE D 44 -87.94 -15.27 -22.35
C ILE D 44 -87.19 -13.97 -22.60
N SER D 45 -85.87 -14.01 -22.70
CA SER D 45 -85.12 -12.80 -23.04
C SER D 45 -85.52 -12.28 -24.42
N ALA D 46 -85.64 -13.18 -25.39
CA ALA D 46 -86.07 -12.76 -26.72
C ALA D 46 -87.54 -12.33 -26.71
N ASN D 47 -88.37 -13.01 -25.93
CA ASN D 47 -89.82 -12.78 -25.94
C ASN D 47 -90.28 -11.86 -24.81
N ALA D 48 -89.39 -11.04 -24.25
CA ALA D 48 -89.74 -10.27 -23.06
C ALA D 48 -90.86 -9.27 -23.35
N ALA D 49 -90.79 -8.58 -24.50
CA ALA D 49 -91.78 -7.56 -24.79
C ALA D 49 -93.18 -8.14 -24.90
N ASN D 50 -93.31 -9.32 -25.52
CA ASN D 50 -94.63 -9.93 -25.68
C ASN D 50 -95.22 -10.33 -24.32
N ILE D 51 -94.38 -10.83 -23.41
CA ILE D 51 -94.85 -11.21 -22.08
C ILE D 51 -95.45 -9.99 -21.38
N VAL D 52 -94.72 -8.89 -21.37
CA VAL D 52 -95.20 -7.67 -20.71
C VAL D 52 -96.47 -7.16 -21.38
N LYS D 53 -96.49 -7.17 -22.71
CA LYS D 53 -97.67 -6.70 -23.45
C LYS D 53 -98.91 -7.48 -23.06
N GLU D 54 -98.83 -8.81 -23.10
CA GLU D 54 -99.98 -9.63 -22.75
C GLU D 54 -100.42 -9.38 -21.32
N ALA D 55 -99.46 -9.21 -20.40
CA ALA D 55 -99.82 -9.03 -19.00
C ALA D 55 -100.51 -7.71 -18.74
N VAL D 56 -100.04 -6.63 -19.38
CA VAL D 56 -100.70 -5.33 -19.19
C VAL D 56 -102.14 -5.41 -19.68
N ALA D 57 -102.35 -6.05 -20.82
CA ALA D 57 -103.73 -6.27 -21.28
C ALA D 57 -104.49 -7.14 -20.30
N LYS D 58 -103.83 -8.15 -19.73
CA LYS D 58 -104.52 -9.11 -18.88
C LYS D 58 -105.07 -8.46 -17.61
N SER D 59 -104.31 -7.54 -17.03
CA SER D 59 -104.64 -7.04 -15.70
C SER D 59 -104.94 -5.55 -15.62
N LEU D 60 -104.34 -4.72 -16.47
CA LEU D 60 -104.39 -3.28 -16.25
C LEU D 60 -105.13 -2.50 -17.34
N LEU D 61 -105.10 -2.94 -18.59
CA LEU D 61 -105.71 -2.17 -19.66
C LEU D 61 -107.23 -2.14 -19.51
N TYR D 62 -107.83 -1.04 -19.97
CA TYR D 62 -109.27 -0.82 -19.90
C TYR D 62 -109.79 -0.97 -18.47
N SER D 63 -109.06 -0.37 -17.53
CA SER D 63 -109.41 -0.43 -16.12
C SER D 63 -109.29 0.95 -15.50
N ASP D 64 -109.66 1.04 -14.22
CA ASP D 64 -109.53 2.31 -13.50
C ASP D 64 -108.08 2.75 -13.37
N ILE D 65 -107.15 1.80 -13.37
CA ILE D 65 -105.74 2.13 -13.23
C ILE D 65 -105.28 2.99 -14.41
N THR D 66 -105.65 2.60 -15.63
CA THR D 66 -105.34 3.41 -16.80
C THR D 66 -106.25 4.64 -16.90
N ARG D 67 -107.47 4.55 -16.38
CA ARG D 67 -108.38 5.69 -16.43
C ARG D 67 -107.92 6.78 -15.47
N PRO D 68 -108.29 8.04 -15.74
CA PRO D 68 -107.85 9.15 -14.90
C PRO D 68 -108.02 8.90 -13.41
N GLY D 69 -107.02 9.32 -12.64
CA GLY D 69 -107.01 9.10 -11.21
C GLY D 69 -106.50 7.75 -10.77
N GLY D 70 -106.03 6.93 -11.69
CA GLY D 70 -105.56 5.59 -11.34
C GLY D 70 -104.05 5.43 -11.35
N MET D 72 -101.76 5.45 -13.27
CA MET D 72 -101.15 5.04 -14.54
C MET D 72 -101.77 5.89 -15.65
N TYR D 73 -102.60 6.85 -15.25
CA TYR D 73 -103.45 7.61 -16.16
C TYR D 73 -102.71 8.84 -16.70
N THR D 74 -101.58 8.58 -17.32
CA THR D 74 -100.72 9.60 -17.90
C THR D 74 -99.77 8.86 -18.82
N THR D 75 -99.37 9.52 -19.91
CA THR D 75 -98.42 8.87 -20.81
C THR D 75 -97.13 8.53 -20.08
N ARG D 76 -96.61 9.47 -19.28
CA ARG D 76 -95.42 9.20 -18.48
C ARG D 76 -95.70 8.09 -17.45
N ARG D 77 -96.87 8.12 -16.82
CA ARG D 77 -97.19 7.13 -15.80
C ARG D 77 -97.25 5.73 -16.40
N TYR D 78 -97.92 5.60 -17.54
CA TYR D 78 -98.00 4.30 -18.22
C TYR D 78 -96.62 3.82 -18.61
N ALA D 79 -95.78 4.71 -19.16
CA ALA D 79 -94.44 4.32 -19.57
C ALA D 79 -93.61 3.84 -18.39
N ALA D 80 -93.73 4.52 -17.25
CA ALA D 80 -93.00 4.10 -16.07
C ALA D 80 -93.47 2.74 -15.58
N CYS D 81 -94.78 2.49 -15.61
CA CYS D 81 -95.28 1.21 -15.13
C CYS D 81 -94.78 0.06 -15.99
N ILE D 82 -94.84 0.20 -17.32
CA ILE D 82 -94.37 -0.88 -18.18
C ILE D 82 -92.87 -1.06 -18.04
N ARG D 83 -92.12 0.03 -17.81
CA ARG D 83 -90.70 -0.09 -17.55
C ARG D 83 -90.45 -0.94 -16.31
N ASP D 84 -91.23 -0.72 -15.25
CA ASP D 84 -91.10 -1.52 -14.04
C ASP D 84 -91.38 -2.99 -14.34
N LEU D 85 -92.37 -3.26 -15.19
CA LEU D 85 -92.68 -4.64 -15.56
C LEU D 85 -91.49 -5.31 -16.24
N ASP D 86 -90.83 -4.59 -17.15
CA ASP D 86 -89.66 -5.15 -17.81
C ASP D 86 -88.55 -5.47 -16.81
N TYR D 87 -88.32 -4.56 -15.86
CA TYR D 87 -87.26 -4.81 -14.88
C TYR D 87 -87.62 -5.96 -13.95
N TYR D 88 -88.90 -6.08 -13.58
CA TYR D 88 -89.34 -7.25 -12.84
C TYR D 88 -89.00 -8.53 -13.58
N LEU D 89 -89.30 -8.57 -14.88
CA LEU D 89 -89.01 -9.77 -15.67
C LEU D 89 -87.51 -10.03 -15.75
N ARG D 90 -86.72 -8.97 -15.98
CA ARG D 90 -85.27 -9.14 -16.05
C ARG D 90 -84.74 -9.75 -14.77
N TYR D 91 -85.08 -9.17 -13.62
CA TYR D 91 -84.56 -9.69 -12.36
C TYR D 91 -85.12 -11.08 -12.06
N ALA D 92 -86.35 -11.35 -12.48
CA ALA D 92 -86.93 -12.67 -12.25
C ALA D 92 -86.15 -13.75 -13.01
N THR D 93 -85.85 -13.50 -14.28
CA THR D 93 -85.10 -14.50 -15.05
C THR D 93 -83.65 -14.57 -14.58
N TYR D 94 -83.07 -13.45 -14.13
CA TYR D 94 -81.74 -13.49 -13.56
C TYR D 94 -81.71 -14.32 -12.29
N ALA D 95 -82.74 -14.17 -11.45
CA ALA D 95 -82.82 -14.96 -10.23
C ALA D 95 -83.01 -16.44 -10.54
N MET D 96 -83.80 -16.75 -11.57
CA MET D 96 -83.93 -18.14 -12.01
C MET D 96 -82.58 -18.69 -12.48
N LEU D 97 -81.84 -17.89 -13.24
CA LEU D 97 -80.52 -18.31 -13.69
C LEU D 97 -79.60 -18.59 -12.52
N ALA D 98 -79.53 -17.67 -11.56
CA ALA D 98 -78.61 -17.82 -10.44
C ALA D 98 -79.02 -18.94 -9.49
N GLY D 99 -80.32 -19.16 -9.32
CA GLY D 99 -80.81 -20.13 -8.37
C GLY D 99 -81.04 -19.61 -6.98
N ASP D 100 -80.73 -18.33 -6.72
CA ASP D 100 -80.97 -17.74 -5.42
C ASP D 100 -81.94 -16.58 -5.54
N PRO D 101 -82.97 -16.53 -4.70
CA PRO D 101 -83.81 -15.32 -4.63
C PRO D 101 -83.15 -14.16 -3.91
N SER D 102 -81.93 -14.35 -3.40
CA SER D 102 -81.22 -13.25 -2.75
C SER D 102 -80.88 -12.15 -3.74
N ILE D 103 -80.52 -12.52 -4.97
CA ILE D 103 -80.24 -11.50 -5.99
C ILE D 103 -81.50 -10.70 -6.28
N LEU D 104 -82.65 -11.38 -6.36
CA LEU D 104 -83.93 -10.68 -6.52
C LEU D 104 -84.22 -9.81 -5.31
N ASP D 105 -84.01 -10.34 -4.10
CA ASP D 105 -84.33 -9.59 -2.89
C ASP D 105 -83.46 -8.35 -2.76
N GLU D 106 -82.18 -8.46 -3.08
CA GLU D 106 -81.26 -7.34 -2.92
C GLU D 106 -81.49 -6.27 -3.98
N ARG D 107 -81.85 -6.66 -5.20
CA ARG D 107 -81.96 -5.67 -6.26
C ARG D 107 -83.37 -5.15 -6.47
N VAL D 108 -84.39 -5.99 -6.27
CA VAL D 108 -85.77 -5.59 -6.52
C VAL D 108 -86.47 -5.13 -5.24
N LEU D 109 -86.24 -5.83 -4.13
CA LEU D 109 -87.04 -5.63 -2.92
C LEU D 109 -86.31 -4.81 -1.85
N ASN D 110 -85.36 -3.96 -2.25
CA ASN D 110 -84.62 -3.13 -1.29
C ASN D 110 -85.23 -1.73 -1.29
N GLY D 111 -86.30 -1.57 -0.52
CA GLY D 111 -86.99 -0.31 -0.39
C GLY D 111 -88.02 -0.02 -1.47
N LEU D 112 -88.22 -0.94 -2.41
CA LEU D 112 -89.18 -0.71 -3.49
C LEU D 112 -90.59 -0.52 -2.93
N LYS D 113 -90.96 -1.31 -1.94
CA LYS D 113 -92.28 -1.17 -1.35
C LYS D 113 -92.47 0.22 -0.77
N GLU D 114 -91.43 0.78 -0.14
CA GLU D 114 -91.52 2.13 0.40
C GLU D 114 -91.70 3.17 -0.70
N THR D 115 -90.98 3.01 -1.81
CA THR D 115 -91.16 3.95 -2.92
C THR D 115 -92.57 3.88 -3.48
N TYR D 116 -93.11 2.67 -3.65
CA TYR D 116 -94.48 2.52 -4.12
C TYR D 116 -95.47 3.15 -3.15
N ASN D 117 -95.27 2.93 -1.85
CA ASN D 117 -96.16 3.51 -0.85
C ASN D 117 -96.12 5.03 -0.89
N SER D 118 -94.93 5.61 -1.03
CA SER D 118 -94.80 7.07 -1.09
C SER D 118 -95.49 7.64 -2.32
N LEU D 119 -95.32 6.99 -3.47
CA LEU D 119 -95.92 7.51 -4.70
C LEU D 119 -97.38 7.11 -4.87
N GLY D 120 -97.93 6.27 -3.99
CA GLY D 120 -99.31 5.87 -4.10
C GLY D 120 -99.59 4.72 -5.03
N VAL D 121 -98.56 4.08 -5.58
CA VAL D 121 -98.76 2.95 -6.48
C VAL D 121 -99.43 1.81 -5.72
N PRO D 122 -100.50 1.21 -6.25
CA PRO D 122 -101.21 0.14 -5.52
C PRO D 122 -100.50 -1.19 -5.61
N ILE D 123 -99.95 -1.64 -4.48
CA ILE D 123 -99.14 -2.87 -4.47
C ILE D 123 -100.00 -4.08 -4.82
N ALA D 124 -101.26 -4.11 -4.37
CA ALA D 124 -102.13 -5.24 -4.66
C ALA D 124 -102.39 -5.37 -6.15
N ALA D 125 -102.63 -4.24 -6.83
CA ALA D 125 -102.81 -4.27 -8.28
C ALA D 125 -101.55 -4.75 -8.99
N THR D 126 -100.38 -4.31 -8.53
CA THR D 126 -99.14 -4.79 -9.13
C THR D 126 -98.98 -6.29 -8.93
N VAL D 127 -99.41 -6.79 -7.77
CA VAL D 127 -99.32 -8.23 -7.50
C VAL D 127 -100.18 -9.01 -8.48
N GLN D 128 -101.41 -8.55 -8.71
CA GLN D 128 -102.26 -9.22 -9.70
C GLN D 128 -101.64 -9.14 -11.09
N ALA D 129 -101.06 -7.99 -11.44
CA ALA D 129 -100.47 -7.83 -12.76
C ALA D 129 -99.28 -8.75 -12.97
N ILE D 130 -98.39 -8.86 -11.97
CA ILE D 130 -97.27 -9.77 -12.12
C ILE D 130 -97.70 -11.22 -11.96
N GLN D 131 -98.86 -11.47 -11.34
CA GLN D 131 -99.44 -12.80 -11.43
C GLN D 131 -99.82 -13.14 -12.86
N ALA D 132 -100.38 -12.17 -13.58
CA ALA D 132 -100.65 -12.36 -15.01
C ALA D 132 -99.34 -12.55 -15.78
N MET D 133 -98.31 -11.79 -15.44
CA MET D 133 -96.99 -12.02 -16.02
C MET D 133 -96.50 -13.44 -15.73
N LYS D 134 -96.72 -13.90 -14.50
CA LYS D 134 -96.29 -15.25 -14.12
C LYS D 134 -96.98 -16.30 -14.99
N GLU D 135 -98.28 -16.15 -15.21
CA GLU D 135 -99.01 -17.09 -16.05
C GLU D 135 -98.47 -17.06 -17.48
N VAL D 136 -98.27 -15.87 -18.04
CA VAL D 136 -97.82 -15.75 -19.42
C VAL D 136 -96.42 -16.33 -19.58
N THR D 137 -95.50 -15.96 -18.68
CA THR D 137 -94.13 -16.42 -18.81
C THR D 137 -94.02 -17.92 -18.53
N ALA D 138 -94.85 -18.46 -17.64
CA ALA D 138 -94.87 -19.90 -17.43
C ALA D 138 -95.35 -20.63 -18.69
N SER D 139 -96.36 -20.07 -19.36
CA SER D 139 -96.83 -20.64 -20.61
C SER D 139 -95.70 -20.66 -21.65
N LEU D 140 -94.92 -19.59 -21.72
CA LEU D 140 -93.84 -19.52 -22.71
C LEU D 140 -92.74 -20.53 -22.38
N VAL D 141 -92.35 -20.64 -21.12
CA VAL D 141 -91.21 -21.49 -20.78
C VAL D 141 -91.58 -22.96 -20.77
N GLY D 142 -92.82 -23.30 -20.45
CA GLY D 142 -93.23 -24.66 -20.22
C GLY D 142 -93.58 -24.91 -18.76
N ALA D 143 -94.17 -26.07 -18.52
CA ALA D 143 -94.69 -26.38 -17.18
C ALA D 143 -93.57 -26.55 -16.17
N ASP D 144 -92.55 -27.36 -16.50
CA ASP D 144 -91.46 -27.59 -15.56
C ASP D 144 -90.70 -26.32 -15.29
N ALA D 145 -90.36 -25.57 -16.36
CA ALA D 145 -89.71 -24.28 -16.17
C ALA D 145 -90.68 -23.26 -15.58
N GLY D 146 -91.97 -23.41 -15.85
CA GLY D 146 -92.95 -22.49 -15.29
C GLY D 146 -93.04 -22.56 -13.78
N LYS D 147 -92.76 -23.74 -13.21
CA LYS D 147 -92.73 -23.85 -11.76
C LYS D 147 -91.64 -22.95 -11.17
N GLU D 148 -90.47 -22.90 -11.82
CA GLU D 148 -89.39 -22.06 -11.34
C GLU D 148 -89.65 -20.58 -11.61
N MET D 149 -90.08 -20.25 -12.82
CA MET D 149 -90.53 -18.89 -13.09
C MET D 149 -91.61 -18.49 -12.09
N GLY D 150 -92.45 -19.45 -11.72
CA GLY D 150 -93.47 -19.19 -10.72
C GLY D 150 -92.90 -18.82 -9.37
N ILE D 151 -91.89 -19.58 -8.90
CA ILE D 151 -91.39 -19.33 -7.55
C ILE D 151 -90.74 -17.96 -7.45
N TYR D 152 -90.04 -17.53 -8.51
CA TYR D 152 -89.38 -16.23 -8.41
C TYR D 152 -90.37 -15.09 -8.58
N PHE D 153 -91.36 -15.24 -9.46
CA PHE D 153 -92.42 -14.23 -9.53
C PHE D 153 -93.21 -14.18 -8.23
N ASP D 154 -93.44 -15.34 -7.60
CA ASP D 154 -94.14 -15.37 -6.32
C ASP D 154 -93.31 -14.70 -5.23
N TYR D 155 -91.99 -14.88 -5.26
CA TYR D 155 -91.12 -14.15 -4.34
C TYR D 155 -91.30 -12.65 -4.51
N ILE D 156 -91.38 -12.18 -5.75
CA ILE D 156 -91.64 -10.77 -6.00
C ILE D 156 -92.99 -10.38 -5.43
N CYS D 157 -94.01 -11.21 -5.63
CA CYS D 157 -95.35 -10.90 -5.13
C CYS D 157 -95.33 -10.75 -3.61
N SER D 158 -94.69 -11.68 -2.92
CA SER D 158 -94.61 -11.60 -1.46
C SER D 158 -93.89 -10.33 -1.02
N GLY D 159 -92.82 -9.96 -1.72
CA GLY D 159 -92.13 -8.73 -1.40
C GLY D 159 -92.97 -7.49 -1.66
N LEU D 160 -93.68 -7.47 -2.79
CA LEU D 160 -94.48 -6.29 -3.13
C LEU D 160 -95.59 -6.06 -2.10
N SER D 161 -96.22 -7.14 -1.64
CA SER D 161 -97.24 -7.02 -0.62
C SER D 161 -96.63 -6.57 0.71
N SER E 2 -98.72 26.71 -16.07
CA SER E 2 -98.88 27.92 -16.86
C SER E 2 -97.53 28.50 -17.25
N VAL E 3 -97.55 29.51 -18.13
CA VAL E 3 -96.34 30.25 -18.45
C VAL E 3 -95.75 30.87 -17.19
N VAL E 4 -96.62 31.40 -16.32
CA VAL E 4 -96.16 32.00 -15.07
C VAL E 4 -95.45 30.95 -14.21
N THR E 5 -96.04 29.76 -14.10
CA THR E 5 -95.45 28.72 -13.26
C THR E 5 -94.10 28.26 -13.80
N LYS E 6 -94.02 28.03 -15.11
CA LYS E 6 -92.75 27.66 -15.72
C LYS E 6 -91.70 28.74 -15.51
N SER E 7 -92.09 30.00 -15.72
CA SER E 7 -91.16 31.10 -15.56
C SER E 7 -90.67 31.22 -14.12
N ILE E 8 -91.58 31.05 -13.16
CA ILE E 8 -91.20 31.18 -11.75
C ILE E 8 -90.21 30.08 -11.36
N VAL E 9 -90.46 28.85 -11.79
CA VAL E 9 -89.54 27.76 -11.48
C VAL E 9 -88.17 28.03 -12.08
N ASN E 10 -88.16 28.45 -13.35
CA ASN E 10 -86.89 28.72 -14.02
C ASN E 10 -86.11 29.84 -13.33
N ALA E 11 -86.82 30.89 -12.89
CA ALA E 11 -86.15 31.96 -12.16
C ALA E 11 -85.67 31.50 -10.79
N ASP E 12 -86.43 30.60 -10.15
CA ASP E 12 -86.02 30.09 -8.85
C ASP E 12 -84.69 29.36 -8.94
N ALA E 13 -84.49 28.60 -10.03
CA ALA E 13 -83.24 27.86 -10.19
C ALA E 13 -82.04 28.79 -10.21
N GLU E 14 -82.15 29.91 -10.92
CA GLU E 14 -81.07 30.89 -10.97
C GLU E 14 -81.09 31.84 -9.77
N ALA E 15 -82.08 31.73 -8.88
CA ALA E 15 -82.23 32.61 -7.73
C ALA E 15 -82.31 34.07 -8.17
N ARG E 16 -83.13 34.33 -9.18
CA ARG E 16 -83.31 35.66 -9.72
C ARG E 16 -84.78 36.03 -9.66
N TYR E 17 -85.05 37.28 -9.25
CA TYR E 17 -86.38 37.83 -9.44
C TYR E 17 -86.70 37.87 -10.93
N LEU E 18 -87.99 37.76 -11.26
CA LEU E 18 -88.38 37.56 -12.65
C LEU E 18 -87.82 38.66 -13.54
N SER E 19 -87.14 38.25 -14.60
CA SER E 19 -86.46 39.18 -15.49
C SER E 19 -87.47 39.98 -16.30
N PRO E 20 -87.05 41.13 -16.85
CA PRO E 20 -88.01 41.96 -17.62
C PRO E 20 -88.69 41.21 -18.75
N GLY E 21 -87.96 40.37 -19.48
CA GLY E 21 -88.58 39.66 -20.59
C GLY E 21 -89.62 38.66 -20.14
N GLU E 22 -89.34 37.92 -19.07
CA GLU E 22 -90.32 36.97 -18.55
C GLU E 22 -91.51 37.68 -17.96
N LEU E 23 -91.28 38.83 -17.30
CA LEU E 23 -92.39 39.67 -16.85
C LEU E 23 -93.27 40.08 -18.03
N ASP E 24 -92.64 40.45 -19.14
CA ASP E 24 -93.41 40.81 -20.33
C ASP E 24 -94.21 39.62 -20.85
N ARG E 25 -93.63 38.43 -20.84
CA ARG E 25 -94.32 37.25 -21.34
C ARG E 25 -95.56 36.94 -20.51
N ILE E 26 -95.44 36.98 -19.19
CA ILE E 26 -96.60 36.72 -18.35
C ILE E 26 -97.60 37.87 -18.46
N LYS E 27 -97.11 39.09 -18.68
CA LYS E 27 -98.01 40.22 -18.90
C LYS E 27 -98.86 39.99 -20.14
N ASN E 28 -98.25 39.49 -21.21
CA ASN E 28 -98.99 39.22 -22.44
C ASN E 28 -99.94 38.03 -22.27
N PHE E 29 -99.53 37.03 -21.49
CA PHE E 29 -100.44 35.92 -21.18
C PHE E 29 -101.68 36.42 -20.47
N VAL E 30 -101.50 37.32 -19.49
CA VAL E 30 -102.63 37.98 -18.84
C VAL E 30 -103.47 38.74 -19.87
N SER E 31 -102.80 39.45 -20.79
CA SER E 31 -103.52 40.27 -21.76
C SER E 31 -104.37 39.43 -22.70
N THR E 32 -103.84 38.28 -23.13
CA THR E 32 -104.52 37.43 -24.11
C THR E 32 -105.41 36.38 -23.46
N GLY E 33 -105.62 36.45 -22.15
CA GLY E 33 -106.42 35.45 -21.47
C GLY E 33 -107.82 35.29 -22.04
N GLU E 34 -108.47 36.41 -22.37
CA GLU E 34 -109.84 36.33 -22.90
C GLU E 34 -109.87 35.54 -24.20
N ARG E 35 -108.94 35.82 -25.10
CA ARG E 35 -108.89 35.07 -26.36
C ARG E 35 -108.61 33.60 -26.10
N ARG E 36 -107.74 33.30 -25.15
CA ARG E 36 -107.45 31.91 -24.82
C ARG E 36 -108.71 31.18 -24.37
N LEU E 37 -109.46 31.77 -23.45
CA LEU E 37 -110.67 31.13 -22.96
C LEU E 37 -111.70 30.98 -24.07
N ARG E 38 -111.80 31.98 -24.95
CA ARG E 38 -112.73 31.90 -26.08
C ARG E 38 -112.37 30.76 -27.01
N ILE E 39 -111.08 30.60 -27.33
CA ILE E 39 -110.64 29.51 -28.20
C ILE E 39 -110.97 28.17 -27.58
N ALA E 40 -110.69 28.03 -26.28
CA ALA E 40 -111.00 26.78 -25.59
C ALA E 40 -112.49 26.49 -25.63
N GLN E 41 -113.32 27.51 -25.43
CA GLN E 41 -114.77 27.29 -25.40
C GLN E 41 -115.29 26.82 -26.76
N THR E 42 -114.84 27.44 -27.85
CA THR E 42 -115.36 27.05 -29.16
C THR E 42 -114.89 25.64 -29.54
N LEU E 43 -113.63 25.32 -29.27
CA LEU E 43 -113.15 23.97 -29.55
C LEU E 43 -113.87 22.95 -28.68
N THR E 44 -114.14 23.31 -27.41
CA THR E 44 -114.90 22.42 -26.53
C THR E 44 -116.31 22.20 -27.04
N GLU E 45 -116.94 23.26 -27.59
CA GLU E 45 -118.25 23.11 -28.20
C GLU E 45 -118.22 22.07 -29.31
N ASN E 46 -117.15 22.07 -30.11
CA ASN E 46 -117.02 21.17 -31.25
C ASN E 46 -116.17 19.95 -30.93
N ARG E 47 -115.99 19.62 -29.64
CA ARG E 47 -115.01 18.59 -29.27
C ARG E 47 -115.36 17.24 -29.88
N GLU E 48 -116.62 16.84 -29.84
CA GLU E 48 -117.01 15.56 -30.42
C GLU E 48 -116.88 15.57 -31.93
N ARG E 49 -117.33 16.66 -32.57
CA ARG E 49 -117.29 16.76 -34.03
C ARG E 49 -115.86 16.68 -34.55
N ILE E 50 -114.95 17.44 -33.93
CA ILE E 50 -113.56 17.46 -34.40
C ILE E 50 -112.96 16.06 -34.37
N VAL E 51 -113.13 15.37 -33.24
CA VAL E 51 -112.52 14.05 -33.08
C VAL E 51 -113.09 13.06 -34.09
N LYS E 52 -114.41 13.04 -34.24
CA LYS E 52 -115.03 12.02 -35.08
C LYS E 52 -114.68 12.20 -36.55
N GLN E 53 -114.80 13.44 -37.07
CA GLN E 53 -114.50 13.64 -38.48
C GLN E 53 -113.01 13.53 -38.76
N ALA E 54 -112.16 13.94 -37.82
CA ALA E 54 -110.73 13.76 -38.00
C ALA E 54 -110.35 12.28 -37.97
N GLY E 55 -111.03 11.50 -37.13
CA GLY E 55 -110.81 10.06 -37.14
C GLY E 55 -111.18 9.45 -38.47
N ASP E 56 -112.29 9.90 -39.05
CA ASP E 56 -112.65 9.44 -40.39
C ASP E 56 -111.56 9.79 -41.40
N GLN E 57 -110.99 10.99 -41.29
CA GLN E 57 -109.92 11.39 -42.19
C GLN E 57 -108.69 10.52 -41.99
N LEU E 58 -108.37 10.18 -40.74
CA LEU E 58 -107.22 9.31 -40.47
C LEU E 58 -107.41 7.94 -41.12
N PHE E 59 -108.59 7.33 -40.93
CA PHE E 59 -108.86 6.03 -41.53
C PHE E 59 -108.81 6.12 -43.05
N GLN E 60 -109.38 7.18 -43.62
CA GLN E 60 -109.41 7.34 -45.06
C GLN E 60 -108.01 7.46 -45.65
N LYS E 61 -107.13 8.24 -45.00
CA LYS E 61 -105.77 8.38 -45.50
C LYS E 61 -104.99 7.08 -45.37
N ARG E 62 -105.15 6.37 -44.25
CA ARG E 62 -104.40 5.15 -43.98
C ARG E 62 -105.38 3.98 -43.90
N PRO E 63 -105.60 3.27 -45.02
CA PRO E 63 -106.49 2.09 -44.96
C PRO E 63 -105.93 0.95 -44.14
N ASP E 64 -104.61 0.83 -44.02
CA ASP E 64 -104.02 -0.26 -43.25
C ASP E 64 -104.41 -0.20 -41.78
N VAL E 65 -104.81 0.98 -41.29
CA VAL E 65 -105.19 1.12 -39.89
C VAL E 65 -106.40 0.24 -39.59
N VAL E 66 -107.39 0.21 -40.49
CA VAL E 66 -108.60 -0.57 -40.29
C VAL E 66 -108.57 -1.90 -41.05
N SER E 67 -107.51 -2.16 -41.81
CA SER E 67 -107.36 -3.44 -42.48
C SER E 67 -106.99 -4.52 -41.47
N PRO E 68 -107.14 -5.79 -41.83
CA PRO E 68 -106.67 -6.86 -40.94
C PRO E 68 -105.18 -6.70 -40.66
N GLY E 69 -104.81 -6.92 -39.40
CA GLY E 69 -103.47 -6.63 -38.94
C GLY E 69 -103.26 -5.23 -38.42
N GLY E 70 -104.23 -4.34 -38.62
CA GLY E 70 -104.15 -3.02 -38.03
C GLY E 70 -104.66 -3.00 -36.60
N ASN E 71 -104.10 -2.09 -35.81
CA ASN E 71 -104.43 -2.05 -34.39
C ASN E 71 -105.90 -1.69 -34.18
N ALA E 72 -106.45 -0.80 -35.01
CA ALA E 72 -107.84 -0.41 -34.91
C ALA E 72 -108.69 -1.32 -35.80
N TYR E 73 -108.81 -2.57 -35.37
CA TYR E 73 -109.63 -3.56 -36.05
C TYR E 73 -110.75 -3.99 -35.12
N GLY E 74 -111.97 -3.93 -35.60
CA GLY E 74 -113.14 -4.10 -34.76
C GLY E 74 -113.67 -2.76 -34.29
N GLU E 75 -114.98 -2.72 -34.05
CA GLU E 75 -115.61 -1.45 -33.68
C GLU E 75 -115.08 -0.95 -32.34
N GLU E 76 -114.78 -1.87 -31.41
CA GLU E 76 -114.27 -1.44 -30.10
C GLU E 76 -112.88 -0.81 -30.24
N MET E 77 -112.01 -1.39 -31.07
CA MET E 77 -110.68 -0.83 -31.26
C MET E 77 -110.74 0.49 -32.01
N THR E 78 -111.64 0.60 -32.98
CA THR E 78 -111.87 1.88 -33.65
C THR E 78 -112.29 2.94 -32.64
N ALA E 79 -113.13 2.56 -31.67
CA ALA E 79 -113.52 3.48 -30.62
C ALA E 79 -112.32 3.92 -29.78
N THR E 80 -111.41 2.99 -29.48
CA THR E 80 -110.22 3.36 -28.72
C THR E 80 -109.37 4.36 -29.48
N CYS E 81 -109.22 4.17 -30.80
CA CYS E 81 -108.42 5.12 -31.57
C CYS E 81 -109.04 6.50 -31.56
N LEU E 82 -110.35 6.58 -31.76
CA LEU E 82 -111.03 7.88 -31.69
C LEU E 82 -110.86 8.49 -30.30
N ARG E 83 -110.89 7.66 -29.26
CA ARG E 83 -110.72 8.18 -27.91
C ARG E 83 -109.34 8.80 -27.72
N ASP E 84 -108.30 8.19 -28.31
CA ASP E 84 -106.97 8.76 -28.22
C ASP E 84 -106.93 10.14 -28.87
N LEU E 85 -107.56 10.29 -30.03
CA LEU E 85 -107.68 11.62 -30.64
C LEU E 85 -108.36 12.59 -29.70
N ASP E 86 -109.42 12.15 -29.02
CA ASP E 86 -110.12 13.02 -28.07
C ASP E 86 -109.23 13.39 -26.89
N TYR E 87 -108.43 12.44 -26.40
CA TYR E 87 -107.53 12.74 -25.30
C TYR E 87 -106.57 13.85 -25.67
N TYR E 88 -105.98 13.77 -26.86
CA TYR E 88 -105.02 14.79 -27.26
C TYR E 88 -105.69 16.15 -27.46
N LEU E 89 -106.93 16.17 -27.96
CA LEU E 89 -107.64 17.44 -28.08
C LEU E 89 -107.89 18.05 -26.71
N ARG E 90 -108.26 17.22 -25.73
CA ARG E 90 -108.45 17.72 -24.37
C ARG E 90 -107.17 18.34 -23.83
N LEU E 91 -106.04 17.67 -24.05
CA LEU E 91 -104.76 18.21 -23.60
C LEU E 91 -104.41 19.49 -24.36
N VAL E 92 -104.71 19.55 -25.65
CA VAL E 92 -104.38 20.74 -26.43
C VAL E 92 -105.18 21.95 -25.93
N THR E 93 -106.46 21.74 -25.60
CA THR E 93 -107.24 22.84 -25.03
C THR E 93 -106.68 23.29 -23.69
N TYR E 94 -106.28 22.32 -22.85
CA TYR E 94 -105.58 22.68 -21.61
C TYR E 94 -104.36 23.54 -21.91
N GLY E 95 -103.55 23.13 -22.90
CA GLY E 95 -102.34 23.86 -23.20
C GLY E 95 -102.60 25.24 -23.79
N ILE E 96 -103.64 25.36 -24.62
CA ILE E 96 -104.01 26.65 -25.16
C ILE E 96 -104.41 27.59 -24.03
N VAL E 97 -105.21 27.10 -23.09
CA VAL E 97 -105.58 27.90 -21.92
C VAL E 97 -104.34 28.31 -21.13
N ALA E 98 -103.42 27.36 -20.92
CA ALA E 98 -102.24 27.63 -20.14
C ALA E 98 -101.30 28.63 -20.82
N GLY E 99 -101.28 28.63 -22.16
CA GLY E 99 -100.29 29.39 -22.89
C GLY E 99 -98.94 28.73 -22.96
N ASP E 100 -98.79 27.55 -22.35
CA ASP E 100 -97.54 26.83 -22.25
C ASP E 100 -97.81 25.37 -22.59
N VAL E 101 -96.77 24.67 -23.06
CA VAL E 101 -96.92 23.25 -23.35
C VAL E 101 -96.66 22.37 -22.15
N THR E 102 -96.41 22.96 -20.97
CA THR E 102 -96.15 22.15 -19.77
C THR E 102 -97.27 21.18 -19.47
N PRO E 103 -98.56 21.55 -19.49
CA PRO E 103 -99.59 20.51 -19.35
C PRO E 103 -99.51 19.48 -20.45
N ILE E 104 -99.49 19.89 -21.72
CA ILE E 104 -99.49 18.94 -22.82
C ILE E 104 -98.37 17.92 -22.64
N GLU E 105 -97.16 18.40 -22.34
CA GLU E 105 -96.01 17.53 -22.17
C GLU E 105 -96.24 16.52 -21.05
N GLU E 106 -96.59 17.00 -19.86
CA GLU E 106 -96.67 16.10 -18.71
C GLU E 106 -97.77 15.07 -18.88
N ILE E 107 -98.98 15.51 -19.26
CA ILE E 107 -100.11 14.59 -19.31
C ILE E 107 -99.91 13.51 -20.36
N GLY E 108 -99.56 13.90 -21.58
CA GLY E 108 -99.77 12.96 -22.65
C GLY E 108 -98.72 12.82 -23.73
N LEU E 109 -97.53 13.34 -23.50
CA LEU E 109 -96.49 13.30 -24.53
C LEU E 109 -95.19 12.63 -24.09
N VAL E 110 -94.84 12.69 -22.81
CA VAL E 110 -93.58 12.15 -22.34
C VAL E 110 -93.69 10.63 -22.24
N GLY E 111 -92.88 9.91 -23.01
CA GLY E 111 -92.98 8.47 -23.07
C GLY E 111 -94.06 7.96 -23.99
N VAL E 112 -94.55 8.79 -24.92
CA VAL E 112 -95.60 8.35 -25.83
C VAL E 112 -95.10 7.24 -26.73
N ARG E 113 -93.83 7.33 -27.16
CA ARG E 113 -93.24 6.26 -27.95
C ARG E 113 -93.23 4.96 -27.17
N GLU E 114 -92.83 5.01 -25.90
CA GLU E 114 -92.75 3.80 -25.09
C GLU E 114 -94.13 3.20 -24.85
N MET E 115 -95.10 4.04 -24.47
CA MET E 115 -96.45 3.53 -24.19
C MET E 115 -97.06 2.88 -25.42
N TYR E 116 -97.01 3.57 -26.56
CA TYR E 116 -97.61 3.03 -27.77
C TYR E 116 -96.82 1.84 -28.31
N ASN E 117 -95.51 1.81 -28.10
CA ASN E 117 -94.73 0.63 -28.47
C ASN E 117 -95.17 -0.59 -27.68
N SER E 118 -95.40 -0.44 -26.37
CA SER E 118 -95.90 -1.54 -25.57
C SER E 118 -97.28 -1.97 -26.05
N LEU E 119 -98.15 -1.00 -26.35
CA LEU E 119 -99.49 -1.31 -26.84
C LEU E 119 -99.47 -1.94 -28.22
N GLY E 120 -98.39 -1.74 -28.99
CA GLY E 120 -98.34 -2.17 -30.37
C GLY E 120 -98.83 -1.14 -31.37
N THR E 121 -99.31 0.01 -30.90
CA THR E 121 -99.87 1.03 -31.76
C THR E 121 -98.77 1.71 -32.59
N PRO E 122 -99.08 2.10 -33.84
CA PRO E 122 -98.12 2.91 -34.62
C PRO E 122 -98.22 4.39 -34.31
N ILE E 123 -97.16 4.92 -33.69
CA ILE E 123 -97.10 6.37 -33.44
C ILE E 123 -97.17 7.18 -34.73
N PRO E 124 -96.52 6.81 -35.84
CA PRO E 124 -96.69 7.60 -37.06
C PRO E 124 -98.15 7.73 -37.50
N ALA E 125 -98.93 6.67 -37.35
CA ALA E 125 -100.34 6.74 -37.67
C ALA E 125 -101.06 7.71 -36.73
N VAL E 126 -100.69 7.71 -35.45
CA VAL E 126 -101.22 8.71 -34.53
C VAL E 126 -100.88 10.11 -35.01
N ALA E 127 -99.67 10.30 -35.54
CA ALA E 127 -99.26 11.61 -36.02
C ALA E 127 -100.17 12.10 -37.14
N GLU E 128 -100.49 11.23 -38.10
CA GLU E 128 -101.39 11.61 -39.17
C GLU E 128 -102.76 11.98 -38.64
N GLY E 129 -103.25 11.22 -37.65
CA GLY E 129 -104.55 11.53 -37.06
C GLY E 129 -104.57 12.90 -36.41
N ILE E 130 -103.52 13.25 -35.67
CA ILE E 130 -103.47 14.55 -35.02
C ILE E 130 -103.35 15.66 -36.05
N ARG E 131 -102.65 15.40 -37.16
CA ARG E 131 -102.60 16.39 -38.24
C ARG E 131 -103.99 16.67 -38.79
N ALA E 132 -104.78 15.62 -38.99
CA ALA E 132 -106.17 15.80 -39.43
C ALA E 132 -106.97 16.59 -38.40
N MET E 133 -106.77 16.31 -37.11
CA MET E 133 -107.44 17.08 -36.07
C MET E 133 -107.05 18.55 -36.15
N LYS E 134 -105.78 18.83 -36.41
CA LYS E 134 -105.32 20.21 -36.51
C LYS E 134 -106.07 20.96 -37.60
N ASN E 135 -106.20 20.34 -38.78
CA ASN E 135 -106.91 21.00 -39.87
C ASN E 135 -108.37 21.22 -39.53
N VAL E 136 -109.04 20.21 -38.95
CA VAL E 136 -110.46 20.32 -38.63
C VAL E 136 -110.67 21.43 -37.60
N ALA E 137 -109.86 21.43 -36.55
CA ALA E 137 -109.98 22.46 -35.51
C ALA E 137 -109.70 23.85 -36.08
N CYS E 138 -108.74 23.95 -37.00
CA CYS E 138 -108.44 25.24 -37.62
C CYS E 138 -109.66 25.76 -38.38
N SER E 139 -110.36 24.87 -39.11
CA SER E 139 -111.53 25.31 -39.86
C SER E 139 -112.63 25.78 -38.93
N LEU E 140 -112.89 25.05 -37.84
CA LEU E 140 -113.96 25.44 -36.92
C LEU E 140 -113.60 26.69 -36.14
N LEU E 141 -112.33 26.85 -35.79
CA LEU E 141 -111.85 28.01 -35.06
C LEU E 141 -111.70 29.21 -36.00
N SER E 142 -111.74 30.41 -35.42
CA SER E 142 -111.52 31.61 -36.20
C SER E 142 -110.11 31.61 -36.78
N ALA E 143 -109.97 32.12 -38.00
CA ALA E 143 -108.73 31.95 -38.75
C ALA E 143 -107.55 32.58 -38.03
N GLU E 144 -107.72 33.80 -37.52
CA GLU E 144 -106.63 34.45 -36.79
C GLU E 144 -106.28 33.69 -35.52
N ASP E 145 -107.30 33.25 -34.77
CA ASP E 145 -107.05 32.45 -33.58
C ASP E 145 -106.50 31.08 -33.95
N ALA E 146 -106.96 30.51 -35.07
CA ALA E 146 -106.51 29.18 -35.47
C ALA E 146 -105.02 29.14 -35.75
N ALA E 147 -104.43 30.28 -36.15
CA ALA E 147 -102.99 30.32 -36.40
C ALA E 147 -102.22 30.01 -35.13
N GLU E 148 -102.64 30.57 -34.00
CA GLU E 148 -101.99 30.28 -32.73
C GLU E 148 -102.20 28.83 -32.31
N ALA E 149 -103.41 28.30 -32.50
CA ALA E 149 -103.70 26.93 -32.09
C ALA E 149 -102.94 25.92 -32.93
N GLY E 150 -102.70 26.22 -34.20
CA GLY E 150 -101.95 25.31 -35.04
C GLY E 150 -100.53 25.07 -34.54
N SER E 151 -99.93 26.07 -33.93
CA SER E 151 -98.58 25.92 -33.39
C SER E 151 -98.55 24.86 -32.30
N TYR E 152 -99.56 24.85 -31.42
CA TYR E 152 -99.60 23.86 -30.34
C TYR E 152 -99.89 22.46 -30.88
N PHE E 153 -100.80 22.35 -31.86
CA PHE E 153 -100.98 21.07 -32.54
C PHE E 153 -99.68 20.62 -33.19
N ASP E 154 -98.93 21.57 -33.77
CA ASP E 154 -97.65 21.23 -34.40
C ASP E 154 -96.69 20.63 -33.39
N PHE E 155 -96.66 21.18 -32.18
CA PHE E 155 -95.79 20.64 -31.15
C PHE E 155 -96.14 19.19 -30.84
N VAL E 156 -97.43 18.88 -30.72
CA VAL E 156 -97.83 17.51 -30.40
C VAL E 156 -97.40 16.56 -31.51
N ILE E 157 -97.67 16.92 -32.77
CA ILE E 157 -97.34 16.02 -33.87
C ILE E 157 -95.82 15.89 -34.01
N GLY E 158 -95.07 16.96 -33.75
CA GLY E 158 -93.63 16.86 -33.80
C GLY E 158 -93.09 15.91 -32.75
N ALA E 159 -93.63 15.97 -31.52
CA ALA E 159 -93.18 15.07 -30.47
C ALA E 159 -93.46 13.61 -30.83
N MET E 160 -94.59 13.35 -31.49
CA MET E 160 -94.87 12.00 -31.95
C MET E 160 -93.83 11.57 -32.98
N GLN E 161 -93.21 10.42 -32.74
CA GLN E 161 -92.26 9.80 -33.67
C GLN E 161 -91.77 8.46 -33.11
N GLN F 2 -96.67 25.02 -7.33
CA GLN F 2 -97.68 25.22 -8.36
C GLN F 2 -98.30 26.61 -8.27
N ASP F 3 -99.52 26.77 -8.77
CA ASP F 3 -100.17 28.07 -8.83
C ASP F 3 -101.67 27.87 -8.87
N ALA F 4 -102.40 28.99 -8.84
CA ALA F 4 -103.85 28.93 -8.93
C ALA F 4 -104.30 28.37 -10.27
N ILE F 5 -103.65 28.82 -11.35
CA ILE F 5 -103.98 28.31 -12.68
C ILE F 5 -103.69 26.82 -12.78
N THR F 6 -102.54 26.40 -12.23
CA THR F 6 -102.19 24.98 -12.24
C THR F 6 -103.19 24.16 -11.43
N ALA F 7 -103.65 24.69 -10.30
CA ALA F 7 -104.65 23.99 -9.50
C ALA F 7 -105.96 23.86 -10.28
N VAL F 8 -106.36 24.92 -10.98
CA VAL F 8 -107.60 24.87 -11.76
C VAL F 8 -107.52 23.79 -12.82
N ILE F 9 -106.44 23.78 -13.61
CA ILE F 9 -106.32 22.77 -14.66
C ILE F 9 -106.12 21.39 -14.04
N ASN F 10 -105.59 21.32 -12.83
CA ASN F 10 -105.46 20.04 -12.14
C ASN F 10 -106.83 19.47 -11.81
N ALA F 11 -107.76 20.31 -11.36
CA ALA F 11 -109.13 19.85 -11.14
C ALA F 11 -109.77 19.39 -12.44
N SER F 12 -109.55 20.14 -13.53
CA SER F 12 -110.06 19.73 -14.83
C SER F 12 -109.50 18.36 -15.22
N ASP F 13 -108.23 18.12 -14.92
CA ASP F 13 -107.60 16.84 -15.24
C ASP F 13 -108.17 15.72 -14.37
N VAL F 14 -108.50 16.01 -13.11
CA VAL F 14 -109.15 15.02 -12.27
C VAL F 14 -110.47 14.59 -12.90
N GLN F 15 -111.26 15.55 -13.37
CA GLN F 15 -112.50 15.23 -14.06
C GLN F 15 -112.23 14.49 -15.36
N GLY F 16 -111.11 14.76 -16.02
CA GLY F 16 -110.91 14.25 -17.36
C GLY F 16 -111.82 14.89 -18.38
N LYS F 17 -112.27 16.11 -18.09
CA LYS F 17 -113.23 16.82 -18.93
C LYS F 17 -112.67 18.19 -19.29
N TYR F 18 -113.16 18.72 -20.41
CA TYR F 18 -112.72 20.03 -20.87
C TYR F 18 -113.10 21.11 -19.84
N LEU F 19 -112.35 22.20 -19.86
CA LEU F 19 -112.51 23.25 -18.85
C LEU F 19 -113.92 23.81 -18.86
N ASP F 20 -114.48 23.99 -17.66
CA ASP F 20 -115.82 24.54 -17.48
C ASP F 20 -115.75 26.05 -17.23
N THR F 21 -116.91 26.70 -17.37
CA THR F 21 -116.92 28.16 -17.37
C THR F 21 -116.69 28.74 -15.97
N ALA F 22 -117.08 28.02 -14.92
CA ALA F 22 -116.86 28.52 -13.57
C ALA F 22 -115.37 28.63 -13.26
N ALA F 23 -114.61 27.58 -13.60
CA ALA F 23 -113.16 27.64 -13.47
C ALA F 23 -112.61 28.78 -14.32
N MET F 24 -113.16 28.97 -15.51
CA MET F 24 -112.75 30.09 -16.36
C MET F 24 -112.95 31.43 -15.65
N GLU F 25 -114.03 31.55 -14.88
CA GLU F 25 -114.28 32.78 -14.14
C GLU F 25 -113.18 33.05 -13.12
N LYS F 26 -112.76 32.01 -12.40
CA LYS F 26 -111.62 32.18 -11.50
C LYS F 26 -110.37 32.59 -12.26
N LEU F 27 -110.14 31.98 -13.43
CA LEU F 27 -108.97 32.33 -14.24
C LEU F 27 -109.05 33.77 -14.73
N LYS F 28 -110.26 34.22 -15.11
CA LYS F 28 -110.43 35.61 -15.54
C LYS F 28 -110.08 36.57 -14.41
N ALA F 29 -110.52 36.27 -13.19
CA ALA F 29 -110.13 37.08 -12.05
C ALA F 29 -108.62 37.05 -11.84
N TYR F 30 -107.99 35.90 -12.08
CA TYR F 30 -106.55 35.79 -11.95
C TYR F 30 -105.83 36.72 -12.92
N PHE F 31 -106.27 36.73 -14.18
CA PHE F 31 -105.68 37.64 -15.16
C PHE F 31 -105.89 39.10 -14.74
N ALA F 32 -107.10 39.42 -14.28
CA ALA F 32 -107.43 40.80 -13.93
C ALA F 32 -106.50 41.32 -12.84
N THR F 33 -106.24 40.53 -11.80
CA THR F 33 -105.26 40.93 -10.80
C THR F 33 -103.83 40.76 -11.30
N GLY F 34 -103.63 39.93 -12.33
CA GLY F 34 -102.28 39.61 -12.79
C GLY F 34 -101.54 40.79 -13.39
N GLU F 35 -102.26 41.70 -14.07
CA GLU F 35 -101.59 42.86 -14.65
C GLU F 35 -100.85 43.67 -13.59
N LEU F 36 -101.56 44.04 -12.52
CA LEU F 36 -100.91 44.76 -11.42
C LEU F 36 -99.85 43.91 -10.75
N ARG F 37 -100.07 42.60 -10.67
CA ARG F 37 -99.08 41.73 -10.05
C ARG F 37 -97.75 41.77 -10.80
N VAL F 38 -97.80 41.74 -12.13
CA VAL F 38 -96.56 41.76 -12.92
C VAL F 38 -95.81 43.07 -12.67
N ARG F 39 -96.53 44.19 -12.71
CA ARG F 39 -95.88 45.48 -12.48
C ARG F 39 -95.25 45.54 -11.09
N ALA F 40 -95.96 45.07 -10.07
CA ALA F 40 -95.42 45.09 -8.72
C ALA F 40 -94.20 44.20 -8.60
N ALA F 41 -94.21 43.04 -9.28
CA ALA F 41 -93.06 42.16 -9.24
C ALA F 41 -91.81 42.83 -9.81
N SER F 42 -91.98 43.59 -10.90
CA SER F 42 -90.85 44.32 -11.45
C SER F 42 -90.34 45.36 -10.45
N VAL F 43 -91.25 46.02 -9.74
CA VAL F 43 -90.84 46.99 -8.73
C VAL F 43 -90.02 46.31 -7.64
N ILE F 44 -90.48 45.16 -7.17
CA ILE F 44 -89.77 44.44 -6.12
C ILE F 44 -88.41 43.98 -6.60
N SER F 45 -88.32 43.56 -7.87
CA SER F 45 -87.08 43.05 -8.42
C SER F 45 -85.97 44.09 -8.34
N ALA F 46 -86.27 45.33 -8.75
CA ALA F 46 -85.27 46.38 -8.71
C ALA F 46 -84.96 46.80 -7.28
N ASN F 47 -85.94 46.76 -6.39
CA ASN F 47 -85.81 47.28 -5.04
C ASN F 47 -85.60 46.18 -4.00
N ALA F 48 -85.28 44.96 -4.42
CA ALA F 48 -85.15 43.86 -3.46
C ALA F 48 -84.06 44.15 -2.44
N ALA F 49 -82.89 44.59 -2.90
CA ALA F 49 -81.82 44.93 -1.99
C ALA F 49 -82.20 46.09 -1.08
N ASN F 50 -82.90 47.08 -1.63
CA ASN F 50 -83.33 48.22 -0.83
C ASN F 50 -84.30 47.79 0.26
N ILE F 51 -85.25 46.92 -0.08
CA ILE F 51 -86.23 46.45 0.90
C ILE F 51 -85.52 45.74 2.05
N VAL F 52 -84.61 44.83 1.72
CA VAL F 52 -83.89 44.11 2.76
C VAL F 52 -83.04 45.06 3.58
N LYS F 53 -82.36 46.01 2.91
CA LYS F 53 -81.49 46.94 3.61
C LYS F 53 -82.28 47.75 4.64
N GLU F 54 -83.40 48.34 4.23
CA GLU F 54 -84.23 49.10 5.15
C GLU F 54 -84.75 48.22 6.28
N ALA F 55 -85.13 46.98 5.95
CA ALA F 55 -85.70 46.10 6.96
C ALA F 55 -84.69 45.76 8.05
N VAL F 56 -83.46 45.43 7.66
CA VAL F 56 -82.45 45.14 8.66
C VAL F 56 -82.15 46.38 9.49
N ALA F 57 -82.09 47.54 8.83
CA ALA F 57 -81.80 48.78 9.56
C ALA F 57 -82.87 49.07 10.60
N LYS F 58 -84.14 48.85 10.26
CA LYS F 58 -85.22 49.18 11.18
C LYS F 58 -85.39 48.11 12.26
N SER F 59 -85.51 46.85 11.85
CA SER F 59 -85.96 45.81 12.77
C SER F 59 -84.85 45.21 13.61
N LEU F 60 -83.66 44.99 13.03
CA LEU F 60 -82.63 44.20 13.68
C LEU F 60 -81.33 44.93 13.96
N LEU F 61 -81.02 46.00 13.23
CA LEU F 61 -79.71 46.63 13.36
C LEU F 61 -79.59 47.42 14.67
N TYR F 62 -78.35 47.62 15.08
CA TYR F 62 -78.02 48.35 16.32
C TYR F 62 -78.79 47.80 17.51
N SER F 63 -78.87 46.48 17.60
CA SER F 63 -79.55 45.80 18.69
C SER F 63 -78.60 44.81 19.31
N ASP F 64 -79.05 44.19 20.42
CA ASP F 64 -78.29 43.11 21.02
C ASP F 64 -78.18 41.91 20.10
N ILE F 65 -79.09 41.79 19.12
CA ILE F 65 -79.03 40.68 18.17
C ILE F 65 -77.77 40.76 17.32
N THR F 66 -77.32 41.97 16.99
CA THR F 66 -76.12 42.18 16.21
C THR F 66 -74.90 42.46 17.08
N ARG F 67 -74.95 42.09 18.35
CA ARG F 67 -73.91 42.35 19.33
C ARG F 67 -73.58 41.06 20.04
N PRO F 68 -72.38 40.97 20.69
CA PRO F 68 -71.88 39.68 21.20
C PRO F 68 -72.91 38.76 21.81
N GLY F 69 -72.95 37.52 21.33
CA GLY F 69 -73.98 36.58 21.73
C GLY F 69 -75.36 36.99 21.26
N GLY F 70 -75.50 37.29 19.97
CA GLY F 70 -76.76 37.82 19.48
C GLY F 70 -77.50 37.03 18.41
N MET F 72 -76.77 37.01 15.47
CA MET F 72 -76.42 37.69 14.22
C MET F 72 -75.12 38.45 14.44
N TYR F 73 -74.32 37.95 15.38
CA TYR F 73 -73.07 38.63 15.71
C TYR F 73 -71.99 38.37 14.67
N THR F 74 -71.68 37.09 14.45
CA THR F 74 -70.62 36.73 13.51
C THR F 74 -70.94 37.26 12.12
N THR F 75 -69.90 37.64 11.39
CA THR F 75 -70.10 38.10 10.02
C THR F 75 -70.71 37.01 9.16
N ARG F 76 -70.28 35.75 9.38
CA ARG F 76 -70.95 34.62 8.76
C ARG F 76 -72.44 34.64 9.08
N ARG F 77 -72.78 34.87 10.35
CA ARG F 77 -74.18 34.86 10.76
C ARG F 77 -74.96 36.03 10.17
N TYR F 78 -74.34 37.22 10.10
CA TYR F 78 -75.02 38.35 9.50
C TYR F 78 -75.31 38.11 8.02
N ALA F 79 -74.34 37.55 7.30
CA ALA F 79 -74.57 37.20 5.91
C ALA F 79 -75.69 36.19 5.78
N ALA F 80 -75.74 35.21 6.69
CA ALA F 80 -76.82 34.24 6.66
C ALA F 80 -78.17 34.90 6.93
N CYS F 81 -78.23 35.83 7.87
CA CYS F 81 -79.52 36.44 8.19
C CYS F 81 -80.05 37.27 7.04
N ILE F 82 -79.20 38.11 6.45
CA ILE F 82 -79.67 38.89 5.31
C ILE F 82 -79.98 37.97 4.14
N ARG F 83 -79.27 36.85 4.02
CA ARG F 83 -79.59 35.87 2.99
C ARG F 83 -81.00 35.33 3.17
N ASP F 84 -81.38 35.03 4.41
CA ASP F 84 -82.73 34.52 4.66
C ASP F 84 -83.78 35.57 4.36
N LEU F 85 -83.51 36.83 4.70
CA LEU F 85 -84.44 37.90 4.35
C LEU F 85 -84.62 37.99 2.85
N ASP F 86 -83.52 37.84 2.10
CA ASP F 86 -83.61 37.78 0.65
C ASP F 86 -84.48 36.62 0.19
N TYR F 87 -84.29 35.44 0.80
CA TYR F 87 -85.09 34.28 0.44
C TYR F 87 -86.57 34.54 0.67
N TYR F 88 -86.91 35.09 1.83
CA TYR F 88 -88.31 35.37 2.13
C TYR F 88 -88.92 36.30 1.11
N LEU F 89 -88.19 37.38 0.77
CA LEU F 89 -88.72 38.35 -0.19
C LEU F 89 -88.91 37.71 -1.56
N ARG F 90 -87.91 36.96 -2.02
CA ARG F 90 -87.97 36.41 -3.38
C ARG F 90 -89.07 35.36 -3.51
N TYR F 91 -89.20 34.49 -2.50
CA TYR F 91 -90.25 33.48 -2.57
C TYR F 91 -91.63 34.08 -2.36
N ALA F 92 -91.73 35.15 -1.55
CA ALA F 92 -93.00 35.86 -1.42
C ALA F 92 -93.39 36.50 -2.75
N THR F 93 -92.42 37.07 -3.46
CA THR F 93 -92.71 37.62 -4.78
C THR F 93 -93.12 36.53 -5.76
N TYR F 94 -92.45 35.37 -5.70
CA TYR F 94 -92.87 34.24 -6.51
C TYR F 94 -94.32 33.87 -6.23
N ALA F 95 -94.68 33.82 -4.93
CA ALA F 95 -96.04 33.46 -4.56
C ALA F 95 -97.04 34.52 -5.02
N MET F 96 -96.67 35.79 -4.95
CA MET F 96 -97.56 36.85 -5.42
C MET F 96 -97.83 36.71 -6.92
N LEU F 97 -96.78 36.44 -7.70
CA LEU F 97 -96.97 36.21 -9.12
C LEU F 97 -97.81 34.97 -9.36
N ALA F 98 -97.59 33.92 -8.58
CA ALA F 98 -98.32 32.67 -8.78
C ALA F 98 -99.80 32.82 -8.43
N GLY F 99 -100.13 33.68 -7.47
CA GLY F 99 -101.47 33.71 -6.95
C GLY F 99 -101.80 32.59 -5.99
N ASP F 100 -100.80 31.83 -5.55
CA ASP F 100 -100.97 30.75 -4.61
C ASP F 100 -99.77 30.71 -3.68
N PRO F 101 -99.96 30.23 -2.44
CA PRO F 101 -98.84 30.03 -1.52
C PRO F 101 -98.19 28.65 -1.59
N SER F 102 -98.51 27.86 -2.62
CA SER F 102 -98.04 26.49 -2.70
C SER F 102 -96.52 26.41 -2.80
N ILE F 103 -95.91 27.34 -3.54
CA ILE F 103 -94.46 27.37 -3.63
C ILE F 103 -93.84 27.61 -2.26
N LEU F 104 -94.44 28.48 -1.46
CA LEU F 104 -93.99 28.69 -0.10
C LEU F 104 -94.07 27.40 0.70
N ASP F 105 -95.19 26.67 0.58
CA ASP F 105 -95.30 25.35 1.20
C ASP F 105 -94.16 24.46 0.77
N GLU F 106 -93.88 24.44 -0.54
CA GLU F 106 -92.94 23.48 -1.10
C GLU F 106 -91.53 23.70 -0.56
N ARG F 107 -91.08 24.95 -0.46
CA ARG F 107 -89.69 25.23 -0.12
C ARG F 107 -89.53 25.96 1.20
N VAL F 108 -90.14 27.14 1.36
CA VAL F 108 -89.80 27.99 2.48
C VAL F 108 -90.38 27.46 3.79
N LEU F 109 -91.65 27.08 3.77
CA LEU F 109 -92.35 26.80 5.02
C LEU F 109 -91.93 25.48 5.63
N ASN F 110 -91.79 24.43 4.82
CA ASN F 110 -91.54 23.10 5.37
C ASN F 110 -90.16 23.05 6.01
N GLY F 111 -90.10 22.51 7.22
CA GLY F 111 -88.83 22.33 7.91
C GLY F 111 -88.09 23.63 8.14
N LEU F 112 -88.81 24.71 8.42
CA LEU F 112 -88.19 26.00 8.71
C LEU F 112 -88.20 26.33 10.19
N LYS F 113 -89.36 26.15 10.85
CA LYS F 113 -89.44 26.40 12.27
C LYS F 113 -88.56 25.45 13.06
N GLU F 114 -88.54 24.17 12.68
CA GLU F 114 -87.72 23.20 13.40
C GLU F 114 -86.25 23.55 13.30
N THR F 115 -85.77 23.86 12.09
CA THR F 115 -84.37 24.20 11.92
C THR F 115 -84.02 25.49 12.65
N TYR F 116 -84.89 26.49 12.58
CA TYR F 116 -84.62 27.75 13.28
C TYR F 116 -84.55 27.55 14.79
N ASN F 117 -85.48 26.76 15.34
CA ASN F 117 -85.43 26.45 16.76
C ASN F 117 -84.16 25.68 17.12
N SER F 118 -83.78 24.71 16.28
CA SER F 118 -82.59 23.93 16.54
C SER F 118 -81.34 24.79 16.50
N LEU F 119 -81.26 25.71 15.53
CA LEU F 119 -80.09 26.58 15.43
C LEU F 119 -80.03 27.57 16.59
N GLY F 120 -81.18 28.00 17.10
CA GLY F 120 -81.24 29.11 18.02
C GLY F 120 -81.58 30.44 17.37
N VAL F 121 -81.93 30.43 16.09
CA VAL F 121 -82.37 31.65 15.41
C VAL F 121 -83.68 32.13 16.05
N PRO F 122 -83.79 33.39 16.45
CA PRO F 122 -85.02 33.88 17.09
C PRO F 122 -86.12 34.11 16.06
N ILE F 123 -87.15 33.24 16.08
CA ILE F 123 -88.25 33.35 15.14
C ILE F 123 -89.02 34.64 15.38
N ALA F 124 -89.08 35.12 16.62
CA ALA F 124 -89.75 36.38 16.90
C ALA F 124 -89.06 37.54 16.20
N ALA F 125 -87.72 37.57 16.25
CA ALA F 125 -86.99 38.62 15.55
C ALA F 125 -87.18 38.53 14.04
N THR F 126 -87.20 37.31 13.49
CA THR F 126 -87.47 37.16 12.07
C THR F 126 -88.86 37.67 11.72
N VAL F 127 -89.85 37.41 12.58
CA VAL F 127 -91.20 37.89 12.33
C VAL F 127 -91.23 39.41 12.32
N GLN F 128 -90.55 40.05 13.27
CA GLN F 128 -90.47 41.50 13.29
C GLN F 128 -89.82 42.03 12.02
N ALA F 129 -88.73 41.38 11.58
CA ALA F 129 -88.02 41.84 10.39
C ALA F 129 -88.86 41.65 9.14
N ILE F 130 -89.56 40.52 9.02
CA ILE F 130 -90.36 40.30 7.81
C ILE F 130 -91.56 41.23 7.79
N GLN F 131 -92.08 41.62 8.96
CA GLN F 131 -93.11 42.66 8.99
C GLN F 131 -92.54 44.00 8.56
N ALA F 132 -91.29 44.30 8.93
CA ALA F 132 -90.65 45.52 8.44
C ALA F 132 -90.48 45.49 6.93
N MET F 133 -90.06 44.34 6.39
CA MET F 133 -90.01 44.17 4.95
C MET F 133 -91.38 44.38 4.33
N LYS F 134 -92.43 43.87 4.98
CA LYS F 134 -93.78 44.03 4.47
C LYS F 134 -94.19 45.50 4.42
N GLU F 135 -93.82 46.28 5.43
CA GLU F 135 -94.13 47.70 5.43
C GLU F 135 -93.46 48.42 4.28
N VAL F 136 -92.16 48.15 4.07
CA VAL F 136 -91.44 48.76 2.96
C VAL F 136 -92.04 48.31 1.64
N THR F 137 -92.37 47.03 1.53
CA THR F 137 -92.96 46.49 0.30
C THR F 137 -94.30 47.16 0.00
N ALA F 138 -95.14 47.33 1.02
CA ALA F 138 -96.42 47.98 0.82
C ALA F 138 -96.24 49.40 0.29
N SER F 139 -95.28 50.14 0.85
CA SER F 139 -95.02 51.49 0.36
C SER F 139 -94.58 51.47 -1.10
N LEU F 140 -93.69 50.55 -1.46
CA LEU F 140 -93.09 50.56 -2.80
C LEU F 140 -94.10 50.16 -3.87
N VAL F 141 -94.83 49.06 -3.64
CA VAL F 141 -95.72 48.53 -4.67
C VAL F 141 -97.17 49.00 -4.50
N GLY F 142 -97.45 49.80 -3.48
CA GLY F 142 -98.80 50.24 -3.23
C GLY F 142 -99.54 49.33 -2.27
N ALA F 143 -100.61 49.89 -1.69
CA ALA F 143 -101.37 49.17 -0.67
C ALA F 143 -102.11 47.97 -1.25
N ASP F 144 -102.73 48.13 -2.42
CA ASP F 144 -103.48 47.03 -3.02
C ASP F 144 -102.58 45.84 -3.28
N ALA F 145 -101.46 46.06 -3.96
CA ALA F 145 -100.48 44.99 -4.13
C ALA F 145 -99.91 44.57 -2.78
N GLY F 146 -99.74 45.54 -1.87
CA GLY F 146 -99.29 45.21 -0.52
C GLY F 146 -100.25 44.28 0.20
N LYS F 147 -101.55 44.40 -0.08
CA LYS F 147 -102.52 43.48 0.51
C LYS F 147 -102.23 42.05 0.07
N GLU F 148 -101.91 41.85 -1.22
CA GLU F 148 -101.53 40.52 -1.71
C GLU F 148 -100.25 40.04 -1.06
N MET F 149 -99.15 40.79 -1.27
CA MET F 149 -97.90 40.49 -0.60
C MET F 149 -98.11 40.28 0.89
N GLY F 150 -99.06 41.02 1.47
CA GLY F 150 -99.36 40.86 2.88
C GLY F 150 -99.87 39.47 3.22
N ILE F 151 -100.75 38.91 2.39
CA ILE F 151 -101.28 37.58 2.69
C ILE F 151 -100.15 36.55 2.66
N TYR F 152 -99.21 36.70 1.73
CA TYR F 152 -98.13 35.73 1.69
C TYR F 152 -97.13 35.96 2.81
N PHE F 153 -96.82 37.22 3.13
CA PHE F 153 -95.96 37.53 4.27
C PHE F 153 -96.54 36.98 5.56
N ASP F 154 -97.84 37.22 5.79
CA ASP F 154 -98.48 36.76 7.01
C ASP F 154 -98.57 35.24 7.05
N TYR F 155 -98.75 34.60 5.89
CA TYR F 155 -98.72 33.15 5.84
C TYR F 155 -97.34 32.62 6.25
N ILE F 156 -96.28 33.29 5.81
CA ILE F 156 -94.93 32.91 6.23
C ILE F 156 -94.76 33.13 7.72
N CYS F 157 -95.32 34.23 8.24
CA CYS F 157 -95.28 34.45 9.68
C CYS F 157 -96.00 33.34 10.43
N SER F 158 -97.13 32.88 9.90
CA SER F 158 -97.83 31.75 10.49
C SER F 158 -96.96 30.49 10.46
N GLY F 159 -96.24 30.29 9.34
CA GLY F 159 -95.35 29.14 9.26
C GLY F 159 -94.26 29.17 10.31
N LEU F 160 -93.69 30.36 10.54
CA LEU F 160 -92.75 30.53 11.64
C LEU F 160 -93.41 30.24 12.98
N SER F 161 -94.67 30.66 13.13
CA SER F 161 -95.42 30.39 14.34
C SER F 161 -96.05 29.00 14.29
N SER G 2 -66.15 -12.52 -34.87
CA SER G 2 -65.79 -13.89 -34.52
C SER G 2 -65.79 -14.10 -33.02
N VAL G 3 -65.87 -15.38 -32.61
CA VAL G 3 -65.69 -15.69 -31.20
C VAL G 3 -64.30 -15.28 -30.74
N VAL G 4 -63.32 -15.34 -31.65
CA VAL G 4 -61.96 -14.97 -31.30
C VAL G 4 -61.89 -13.50 -30.91
N THR G 5 -62.45 -12.62 -31.76
CA THR G 5 -62.35 -11.19 -31.45
C THR G 5 -63.21 -10.81 -30.26
N LYS G 6 -64.36 -11.47 -30.07
CA LYS G 6 -65.16 -11.14 -28.90
C LYS G 6 -64.46 -11.56 -27.62
N SER G 7 -63.73 -12.67 -27.64
CA SER G 7 -62.91 -13.05 -26.50
C SER G 7 -61.79 -12.05 -26.28
N ILE G 8 -61.10 -11.67 -27.36
CA ILE G 8 -59.98 -10.73 -27.25
C ILE G 8 -60.46 -9.38 -26.73
N VAL G 9 -61.59 -8.91 -27.24
CA VAL G 9 -62.09 -7.59 -26.86
C VAL G 9 -62.42 -7.55 -25.38
N ASN G 10 -63.15 -8.55 -24.89
CA ASN G 10 -63.52 -8.55 -23.48
C ASN G 10 -62.33 -8.83 -22.57
N ALA G 11 -61.26 -9.44 -23.09
CA ALA G 11 -60.05 -9.60 -22.29
C ALA G 11 -59.19 -8.34 -22.33
N ASP G 12 -59.17 -7.66 -23.48
CA ASP G 12 -58.43 -6.41 -23.60
C ASP G 12 -58.98 -5.36 -22.65
N ALA G 13 -60.30 -5.36 -22.46
CA ALA G 13 -60.91 -4.41 -21.52
C ALA G 13 -60.31 -4.55 -20.13
N GLU G 14 -60.09 -5.79 -19.68
CA GLU G 14 -59.50 -6.04 -18.37
C GLU G 14 -57.98 -6.13 -18.41
N ALA G 15 -57.36 -6.01 -19.59
CA ALA G 15 -55.91 -6.03 -19.75
C ALA G 15 -55.31 -7.33 -19.23
N ARG G 16 -55.80 -8.43 -19.77
CA ARG G 16 -55.31 -9.75 -19.43
C ARG G 16 -55.02 -10.52 -20.71
N TYR G 17 -54.05 -11.43 -20.62
CA TYR G 17 -53.92 -12.43 -21.67
C TYR G 17 -55.16 -13.31 -21.66
N LEU G 18 -55.55 -13.80 -22.84
CA LEU G 18 -56.76 -14.62 -22.95
C LEU G 18 -56.75 -15.73 -21.93
N SER G 19 -57.75 -15.72 -21.05
CA SER G 19 -57.80 -16.66 -19.95
C SER G 19 -58.07 -18.08 -20.46
N PRO G 20 -57.71 -19.10 -19.68
CA PRO G 20 -57.79 -20.48 -20.19
C PRO G 20 -59.16 -20.88 -20.68
N GLY G 21 -60.22 -20.41 -20.03
CA GLY G 21 -61.56 -20.73 -20.50
C GLY G 21 -61.85 -20.16 -21.87
N GLU G 22 -61.45 -18.90 -22.11
CA GLU G 22 -61.63 -18.29 -23.42
C GLU G 22 -60.82 -19.03 -24.48
N LEU G 23 -59.59 -19.42 -24.13
CA LEU G 23 -58.77 -20.18 -25.07
C LEU G 23 -59.42 -21.51 -25.40
N ASP G 24 -60.00 -22.17 -24.41
CA ASP G 24 -60.71 -23.43 -24.67
C ASP G 24 -61.91 -23.20 -25.58
N ARG G 25 -62.62 -22.09 -25.39
CA ARG G 25 -63.76 -21.78 -26.24
C ARG G 25 -63.33 -21.64 -27.69
N ILE G 26 -62.22 -20.94 -27.93
CA ILE G 26 -61.72 -20.80 -29.30
C ILE G 26 -61.29 -22.15 -29.84
N LYS G 27 -60.71 -23.00 -29.00
CA LYS G 27 -60.29 -24.33 -29.43
C LYS G 27 -61.48 -25.13 -29.94
N ASN G 28 -62.57 -25.13 -29.18
CA ASN G 28 -63.77 -25.85 -29.61
C ASN G 28 -64.34 -25.26 -30.89
N PHE G 29 -64.37 -23.93 -30.98
CA PHE G 29 -64.94 -23.27 -32.15
C PHE G 29 -64.16 -23.62 -33.41
N VAL G 30 -62.83 -23.58 -33.35
CA VAL G 30 -62.05 -23.90 -34.54
C VAL G 30 -62.20 -25.36 -34.90
N SER G 31 -62.36 -26.25 -33.91
CA SER G 31 -62.51 -27.66 -34.23
C SER G 31 -63.83 -27.93 -34.96
N THR G 32 -64.92 -27.28 -34.53
CA THR G 32 -66.22 -27.49 -35.15
C THR G 32 -66.51 -26.51 -36.28
N GLY G 33 -65.50 -25.76 -36.72
CA GLY G 33 -65.70 -24.86 -37.84
C GLY G 33 -66.16 -25.55 -39.10
N GLU G 34 -65.72 -26.79 -39.34
CA GLU G 34 -66.15 -27.52 -40.53
C GLU G 34 -67.66 -27.72 -40.53
N ARG G 35 -68.23 -28.11 -39.38
CA ARG G 35 -69.67 -28.23 -39.27
C ARG G 35 -70.35 -26.89 -39.52
N ARG G 36 -69.80 -25.81 -38.96
CA ARG G 36 -70.40 -24.49 -39.15
C ARG G 36 -70.43 -24.12 -40.63
N LEU G 37 -69.33 -24.35 -41.34
CA LEU G 37 -69.28 -24.02 -42.76
C LEU G 37 -70.31 -24.82 -43.54
N ARG G 38 -70.53 -26.07 -43.15
CA ARG G 38 -71.57 -26.86 -43.81
C ARG G 38 -72.95 -26.26 -43.60
N ILE G 39 -73.25 -25.83 -42.37
CA ILE G 39 -74.56 -25.26 -42.09
C ILE G 39 -74.79 -24.02 -42.95
N ALA G 40 -73.80 -23.14 -43.01
CA ALA G 40 -73.90 -21.96 -43.85
C ALA G 40 -73.99 -22.32 -45.32
N GLN G 41 -73.31 -23.39 -45.74
CA GLN G 41 -73.39 -23.82 -47.13
C GLN G 41 -74.81 -24.21 -47.50
N THR G 42 -75.50 -24.96 -46.64
CA THR G 42 -76.85 -25.39 -46.94
C THR G 42 -77.80 -24.19 -47.03
N LEU G 43 -77.71 -23.28 -46.07
CA LEU G 43 -78.57 -22.10 -46.11
C LEU G 43 -78.29 -21.25 -47.34
N THR G 44 -77.01 -21.09 -47.69
CA THR G 44 -76.64 -20.35 -48.89
C THR G 44 -77.22 -21.00 -50.14
N GLU G 45 -77.14 -22.34 -50.23
CA GLU G 45 -77.65 -23.03 -51.41
C GLU G 45 -79.16 -22.88 -51.53
N ASN G 46 -79.88 -22.90 -50.41
CA ASN G 46 -81.34 -22.83 -50.43
C ASN G 46 -81.85 -21.41 -50.20
N ARG G 47 -81.02 -20.40 -50.40
CA ARG G 47 -81.41 -19.03 -50.04
C ARG G 47 -82.65 -18.57 -50.82
N GLU G 48 -82.74 -18.93 -52.11
CA GLU G 48 -83.89 -18.51 -52.91
C GLU G 48 -85.19 -19.06 -52.33
N ARG G 49 -85.21 -20.36 -52.03
CA ARG G 49 -86.42 -20.98 -51.48
C ARG G 49 -86.75 -20.42 -50.11
N ILE G 50 -85.74 -20.23 -49.26
CA ILE G 50 -85.98 -19.72 -47.91
C ILE G 50 -86.66 -18.36 -47.99
N VAL G 51 -86.13 -17.47 -48.81
CA VAL G 51 -86.68 -16.12 -48.90
C VAL G 51 -88.10 -16.16 -49.47
N LYS G 52 -88.31 -16.94 -50.53
CA LYS G 52 -89.62 -16.97 -51.17
C LYS G 52 -90.68 -17.52 -50.22
N GLN G 53 -90.43 -18.69 -49.63
CA GLN G 53 -91.40 -19.29 -48.73
C GLN G 53 -91.64 -18.42 -47.50
N ALA G 54 -90.57 -17.89 -46.90
CA ALA G 54 -90.72 -17.05 -45.71
C ALA G 54 -91.46 -15.76 -46.03
N GLY G 55 -91.19 -15.16 -47.18
CA GLY G 55 -91.91 -13.95 -47.57
C GLY G 55 -93.40 -14.19 -47.70
N ASP G 56 -93.78 -15.29 -48.36
CA ASP G 56 -95.20 -15.63 -48.47
C ASP G 56 -95.83 -15.80 -47.11
N GLN G 57 -95.13 -16.49 -46.19
CA GLN G 57 -95.68 -16.68 -44.85
C GLN G 57 -95.83 -15.36 -44.12
N LEU G 58 -94.85 -14.47 -44.23
CA LEU G 58 -94.93 -13.19 -43.54
C LEU G 58 -96.10 -12.36 -44.06
N PHE G 59 -96.26 -12.30 -45.38
CA PHE G 59 -97.35 -11.52 -45.94
C PHE G 59 -98.69 -12.10 -45.56
N GLN G 60 -98.80 -13.43 -45.54
CA GLN G 60 -100.05 -14.05 -45.13
C GLN G 60 -100.38 -13.76 -43.67
N LYS G 61 -99.39 -13.85 -42.78
CA LYS G 61 -99.67 -13.61 -41.36
C LYS G 61 -99.95 -12.14 -41.07
N ARG G 62 -99.29 -11.23 -41.79
CA ARG G 62 -99.45 -9.79 -41.57
C ARG G 62 -99.80 -9.15 -42.90
N PRO G 63 -101.05 -9.30 -43.36
CA PRO G 63 -101.43 -8.76 -44.67
C PRO G 63 -101.40 -7.24 -44.72
N ASP G 64 -101.39 -6.55 -43.58
CA ASP G 64 -101.45 -5.10 -43.59
C ASP G 64 -100.25 -4.49 -44.30
N VAL G 65 -99.08 -5.12 -44.21
CA VAL G 65 -97.89 -4.55 -44.83
C VAL G 65 -98.01 -4.56 -46.35
N VAL G 66 -98.65 -5.59 -46.91
CA VAL G 66 -98.83 -5.68 -48.36
C VAL G 66 -100.11 -4.99 -48.82
N SER G 67 -100.99 -4.60 -47.90
CA SER G 67 -102.15 -3.80 -48.23
C SER G 67 -101.74 -2.37 -48.53
N PRO G 68 -102.60 -1.60 -49.19
CA PRO G 68 -102.28 -0.19 -49.44
C PRO G 68 -102.12 0.57 -48.14
N GLY G 69 -101.25 1.58 -48.16
CA GLY G 69 -100.94 2.32 -46.96
C GLY G 69 -99.88 1.69 -46.09
N GLY G 70 -99.29 0.57 -46.52
CA GLY G 70 -98.18 -0.02 -45.82
C GLY G 70 -96.87 0.25 -46.54
N ASN G 71 -95.77 -0.14 -45.89
CA ASN G 71 -94.45 0.13 -46.45
C ASN G 71 -94.27 -0.57 -47.80
N ALA G 72 -94.67 -1.83 -47.89
CA ALA G 72 -94.50 -2.62 -49.11
C ALA G 72 -95.84 -2.76 -49.81
N TYR G 73 -96.18 -1.76 -50.63
CA TYR G 73 -97.33 -1.85 -51.53
C TYR G 73 -96.84 -1.71 -52.96
N GLY G 74 -97.20 -2.66 -53.80
CA GLY G 74 -96.67 -2.73 -55.15
C GLY G 74 -95.44 -3.61 -55.23
N GLU G 75 -95.19 -4.10 -56.44
CA GLU G 75 -94.09 -5.06 -56.62
C GLU G 75 -92.74 -4.42 -56.33
N GLU G 76 -92.60 -3.11 -56.60
CA GLU G 76 -91.33 -2.44 -56.34
C GLU G 76 -90.98 -2.48 -54.85
N MET G 77 -91.91 -2.03 -54.01
CA MET G 77 -91.65 -2.01 -52.57
C MET G 77 -91.61 -3.41 -51.99
N THR G 78 -92.46 -4.31 -52.48
CA THR G 78 -92.47 -5.68 -51.99
C THR G 78 -91.15 -6.38 -52.31
N ALA G 79 -90.59 -6.10 -53.50
CA ALA G 79 -89.29 -6.67 -53.85
C ALA G 79 -88.21 -6.19 -52.89
N THR G 80 -88.22 -4.90 -52.54
CA THR G 80 -87.22 -4.41 -51.60
C THR G 80 -87.40 -5.05 -50.23
N CYS G 81 -88.64 -5.29 -49.80
CA CYS G 81 -88.83 -5.95 -48.52
C CYS G 81 -88.26 -7.37 -48.55
N LEU G 82 -88.49 -8.09 -49.65
CA LEU G 82 -87.94 -9.43 -49.77
C LEU G 82 -86.42 -9.39 -49.78
N ARG G 83 -85.83 -8.35 -50.39
CA ARG G 83 -84.38 -8.22 -50.37
C ARG G 83 -83.87 -8.03 -48.94
N ASP G 84 -84.58 -7.25 -48.14
CA ASP G 84 -84.17 -7.07 -46.74
C ASP G 84 -84.19 -8.39 -46.00
N LEU G 85 -85.20 -9.21 -46.24
CA LEU G 85 -85.21 -10.55 -45.66
C LEU G 85 -84.01 -11.36 -46.13
N ASP G 86 -83.63 -11.20 -47.41
CA ASP G 86 -82.42 -11.86 -47.89
C ASP G 86 -81.18 -11.35 -47.15
N TYR G 87 -81.10 -10.03 -46.94
CA TYR G 87 -79.99 -9.46 -46.18
C TYR G 87 -79.83 -10.16 -44.85
N TYR G 88 -80.93 -10.29 -44.10
CA TYR G 88 -80.82 -10.83 -42.76
C TYR G 88 -80.50 -12.33 -42.78
N LEU G 89 -80.95 -13.04 -43.81
CA LEU G 89 -80.46 -14.41 -43.98
C LEU G 89 -78.96 -14.43 -44.17
N ARG G 90 -78.44 -13.53 -45.01
CA ARG G 90 -77.00 -13.47 -45.25
C ARG G 90 -76.25 -13.15 -43.97
N LEU G 91 -76.75 -12.19 -43.19
CA LEU G 91 -76.10 -11.85 -41.94
C LEU G 91 -76.12 -13.02 -40.96
N VAL G 92 -77.18 -13.82 -40.99
CA VAL G 92 -77.21 -15.00 -40.12
C VAL G 92 -76.17 -16.02 -40.57
N THR G 93 -75.96 -16.18 -41.88
CA THR G 93 -74.91 -17.07 -42.33
C THR G 93 -73.54 -16.59 -41.87
N TYR G 94 -73.28 -15.29 -41.99
CA TYR G 94 -72.04 -14.74 -41.47
C TYR G 94 -71.91 -15.00 -39.97
N GLY G 95 -73.02 -14.90 -39.24
CA GLY G 95 -72.98 -15.15 -37.82
C GLY G 95 -72.64 -16.59 -37.49
N ILE G 96 -73.21 -17.54 -38.24
CA ILE G 96 -72.90 -18.94 -38.01
C ILE G 96 -71.42 -19.21 -38.23
N VAL G 97 -70.87 -18.69 -39.32
CA VAL G 97 -69.46 -18.93 -39.63
C VAL G 97 -68.57 -18.25 -38.59
N ALA G 98 -68.89 -17.02 -38.20
CA ALA G 98 -68.08 -16.32 -37.22
C ALA G 98 -68.12 -16.97 -35.85
N GLY G 99 -69.24 -17.62 -35.52
CA GLY G 99 -69.41 -18.21 -34.21
C GLY G 99 -69.90 -17.26 -33.14
N ASP G 100 -70.13 -16.00 -33.49
CA ASP G 100 -70.65 -15.02 -32.55
C ASP G 100 -71.63 -14.12 -33.29
N VAL G 101 -72.37 -13.32 -32.51
CA VAL G 101 -73.32 -12.37 -33.10
C VAL G 101 -72.67 -11.08 -33.55
N THR G 102 -71.34 -10.98 -33.45
CA THR G 102 -70.67 -9.73 -33.80
C THR G 102 -70.91 -9.29 -35.23
N PRO G 103 -70.77 -10.13 -36.26
CA PRO G 103 -71.10 -9.67 -37.62
C PRO G 103 -72.54 -9.21 -37.74
N ILE G 104 -73.47 -9.94 -37.12
CA ILE G 104 -74.88 -9.55 -37.16
C ILE G 104 -75.07 -8.19 -36.52
N GLU G 105 -74.49 -8.00 -35.34
CA GLU G 105 -74.67 -6.75 -34.61
C GLU G 105 -74.15 -5.56 -35.39
N GLU G 106 -72.90 -5.63 -35.85
CA GLU G 106 -72.30 -4.45 -36.46
C GLU G 106 -72.91 -4.16 -37.83
N ILE G 107 -73.14 -5.19 -38.64
CA ILE G 107 -73.64 -4.95 -39.98
C ILE G 107 -75.10 -4.52 -39.96
N GLY G 108 -75.94 -5.24 -39.21
CA GLY G 108 -77.36 -5.03 -39.40
C GLY G 108 -78.31 -5.11 -38.21
N LEU G 109 -77.81 -4.99 -36.99
CA LEU G 109 -78.69 -4.87 -35.83
C LEU G 109 -78.51 -3.57 -35.07
N VAL G 110 -77.54 -2.74 -35.44
CA VAL G 110 -77.27 -1.48 -34.76
C VAL G 110 -77.92 -0.36 -35.57
N GLY G 111 -78.84 0.36 -34.94
CA GLY G 111 -79.59 1.39 -35.61
C GLY G 111 -80.75 0.91 -36.43
N VAL G 112 -81.18 -0.34 -36.25
CA VAL G 112 -82.30 -0.87 -37.02
C VAL G 112 -83.57 -0.08 -36.74
N ARG G 113 -83.83 0.20 -35.47
CA ARG G 113 -85.00 1.00 -35.12
C ARG G 113 -84.98 2.31 -35.87
N GLU G 114 -83.85 3.02 -35.83
CA GLU G 114 -83.78 4.34 -36.46
C GLU G 114 -83.94 4.24 -37.98
N MET G 115 -83.26 3.28 -38.61
CA MET G 115 -83.33 3.17 -40.06
C MET G 115 -84.75 2.84 -40.52
N TYR G 116 -85.34 1.79 -39.94
CA TYR G 116 -86.66 1.37 -40.39
C TYR G 116 -87.74 2.36 -40.00
N ASN G 117 -87.62 3.00 -38.83
CA ASN G 117 -88.57 4.05 -38.47
C ASN G 117 -88.49 5.21 -39.43
N SER G 118 -87.29 5.59 -39.85
CA SER G 118 -87.13 6.64 -40.84
C SER G 118 -87.38 6.15 -42.27
N LEU G 119 -87.69 4.87 -42.44
CA LEU G 119 -88.14 4.36 -43.72
C LEU G 119 -89.65 4.14 -43.78
N GLY G 120 -90.33 4.20 -42.64
CA GLY G 120 -91.76 4.00 -42.62
C GLY G 120 -92.17 2.54 -42.67
N THR G 121 -91.47 1.68 -41.93
CA THR G 121 -91.64 0.25 -41.95
C THR G 121 -91.94 -0.28 -40.55
N PRO G 122 -92.88 -1.21 -40.41
CA PRO G 122 -93.20 -1.78 -39.09
C PRO G 122 -92.13 -2.76 -38.61
N ILE G 123 -91.34 -2.33 -37.63
CA ILE G 123 -90.29 -3.20 -37.08
C ILE G 123 -90.84 -4.48 -36.48
N PRO G 124 -91.98 -4.51 -35.78
CA PRO G 124 -92.49 -5.81 -35.31
C PRO G 124 -92.77 -6.77 -36.46
N ALA G 125 -93.26 -6.25 -37.59
CA ALA G 125 -93.48 -7.09 -38.75
C ALA G 125 -92.16 -7.66 -39.28
N VAL G 126 -91.11 -6.85 -39.28
CA VAL G 126 -89.79 -7.35 -39.68
C VAL G 126 -89.38 -8.50 -38.78
N ALA G 127 -89.62 -8.35 -37.48
CA ALA G 127 -89.27 -9.42 -36.54
C ALA G 127 -90.00 -10.71 -36.88
N GLU G 128 -91.29 -10.62 -37.19
CA GLU G 128 -92.03 -11.82 -37.55
C GLU G 128 -91.50 -12.43 -38.83
N GLY G 129 -91.07 -11.60 -39.78
CA GLY G 129 -90.47 -12.14 -41.00
C GLY G 129 -89.26 -12.99 -40.70
N ILE G 130 -88.41 -12.55 -39.78
CA ILE G 130 -87.24 -13.34 -39.40
C ILE G 130 -87.69 -14.61 -38.67
N ARG G 131 -88.77 -14.53 -37.88
CA ARG G 131 -89.30 -15.73 -37.25
C ARG G 131 -89.71 -16.75 -38.30
N ALA G 132 -90.37 -16.30 -39.37
CA ALA G 132 -90.75 -17.21 -40.45
C ALA G 132 -89.52 -17.83 -41.08
N MET G 133 -88.47 -17.04 -41.31
CA MET G 133 -87.24 -17.59 -41.87
C MET G 133 -86.64 -18.63 -40.95
N LYS G 134 -86.77 -18.43 -39.63
CA LYS G 134 -86.25 -19.41 -38.68
C LYS G 134 -86.97 -20.75 -38.83
N ASN G 135 -88.29 -20.72 -39.00
CA ASN G 135 -89.04 -21.96 -39.19
C ASN G 135 -88.60 -22.67 -40.47
N VAL G 136 -88.46 -21.91 -41.57
CA VAL G 136 -88.02 -22.50 -42.83
C VAL G 136 -86.63 -23.10 -42.67
N ALA G 137 -85.75 -22.40 -41.96
CA ALA G 137 -84.39 -22.90 -41.74
C ALA G 137 -84.42 -24.19 -40.94
N CYS G 138 -85.31 -24.29 -39.95
CA CYS G 138 -85.44 -25.53 -39.19
C CYS G 138 -85.77 -26.69 -40.11
N SER G 139 -86.65 -26.46 -41.10
CA SER G 139 -86.97 -27.52 -42.05
C SER G 139 -85.73 -27.94 -42.84
N LEU G 140 -84.92 -26.97 -43.24
CA LEU G 140 -83.80 -27.26 -44.14
C LEU G 140 -82.53 -27.69 -43.41
N LEU G 141 -82.52 -27.71 -42.08
CA LEU G 141 -81.32 -28.09 -41.33
C LEU G 141 -81.60 -29.31 -40.47
N SER G 142 -80.54 -30.06 -40.18
CA SER G 142 -80.64 -31.15 -39.23
C SER G 142 -80.84 -30.60 -37.82
N ALA G 143 -81.40 -31.44 -36.94
CA ALA G 143 -81.89 -30.98 -35.65
C ALA G 143 -80.79 -30.32 -34.82
N GLU G 144 -79.64 -30.97 -34.69
CA GLU G 144 -78.56 -30.40 -33.90
C GLU G 144 -78.03 -29.12 -34.53
N ASP G 145 -77.84 -29.12 -35.86
CA ASP G 145 -77.42 -27.91 -36.54
C ASP G 145 -78.47 -26.82 -36.45
N ALA G 146 -79.76 -27.19 -36.64
CA ALA G 146 -80.82 -26.20 -36.66
C ALA G 146 -80.94 -25.47 -35.33
N ALA G 147 -80.68 -26.16 -34.22
CA ALA G 147 -80.70 -25.48 -32.93
C ALA G 147 -79.65 -24.39 -32.86
N GLU G 148 -78.45 -24.67 -33.37
CA GLU G 148 -77.38 -23.68 -33.34
C GLU G 148 -77.69 -22.49 -34.23
N ALA G 149 -78.14 -22.75 -35.47
CA ALA G 149 -78.51 -21.65 -36.37
C ALA G 149 -79.72 -20.90 -35.85
N GLY G 150 -80.63 -21.59 -35.18
CA GLY G 150 -81.77 -20.91 -34.58
C GLY G 150 -81.36 -19.86 -33.57
N SER G 151 -80.21 -20.06 -32.91
CA SER G 151 -79.72 -19.06 -31.96
C SER G 151 -79.43 -17.74 -32.64
N TYR G 152 -78.81 -17.77 -33.83
CA TYR G 152 -78.52 -16.54 -34.54
C TYR G 152 -79.80 -15.89 -35.05
N PHE G 153 -80.75 -16.69 -35.55
CA PHE G 153 -82.05 -16.13 -35.89
C PHE G 153 -82.71 -15.48 -34.67
N ASP G 154 -82.60 -16.14 -33.51
CA ASP G 154 -83.20 -15.61 -32.30
C ASP G 154 -82.56 -14.29 -31.89
N PHE G 155 -81.24 -14.15 -32.09
CA PHE G 155 -80.61 -12.87 -31.77
C PHE G 155 -81.13 -11.77 -32.66
N VAL G 156 -81.32 -12.05 -33.94
CA VAL G 156 -81.86 -11.04 -34.85
C VAL G 156 -83.24 -10.58 -34.37
N ILE G 157 -84.13 -11.53 -34.09
CA ILE G 157 -85.47 -11.13 -33.64
C ILE G 157 -85.40 -10.47 -32.27
N GLY G 158 -84.44 -10.86 -31.43
CA GLY G 158 -84.34 -10.26 -30.11
C GLY G 158 -84.04 -8.77 -30.15
N ALA G 159 -83.08 -8.38 -30.98
CA ALA G 159 -82.81 -6.96 -31.14
C ALA G 159 -83.93 -6.25 -31.91
N MET G 160 -84.54 -6.95 -32.87
CA MET G 160 -85.62 -6.35 -33.65
C MET G 160 -86.81 -6.00 -32.79
N GLN G 161 -87.18 -6.88 -31.87
CA GLN G 161 -88.33 -6.67 -31.01
C GLN G 161 -87.98 -6.91 -29.55
N MET H 1 -61.21 -4.67 -33.80
CA MET H 1 -60.17 -5.64 -34.11
C MET H 1 -60.67 -6.68 -35.10
N GLN H 2 -60.30 -6.54 -36.35
CA GLN H 2 -60.67 -7.53 -37.35
C GLN H 2 -59.72 -8.71 -37.28
N ASP H 3 -60.29 -9.91 -37.18
CA ASP H 3 -59.52 -11.14 -37.24
C ASP H 3 -59.57 -11.67 -38.67
N ALA H 4 -59.03 -12.88 -38.87
CA ALA H 4 -59.09 -13.48 -40.21
C ALA H 4 -60.53 -13.77 -40.61
N ILE H 5 -61.31 -14.35 -39.70
CA ILE H 5 -62.69 -14.71 -40.01
C ILE H 5 -63.53 -13.46 -40.20
N THR H 6 -63.38 -12.48 -39.32
CA THR H 6 -64.13 -11.24 -39.45
C THR H 6 -63.74 -10.50 -40.73
N ALA H 7 -62.46 -10.53 -41.08
CA ALA H 7 -62.02 -9.89 -42.32
C ALA H 7 -62.62 -10.58 -43.54
N VAL H 8 -62.64 -11.91 -43.56
CA VAL H 8 -63.17 -12.65 -44.70
C VAL H 8 -64.66 -12.36 -44.85
N ILE H 9 -65.42 -12.45 -43.76
CA ILE H 9 -66.85 -12.21 -43.85
C ILE H 9 -67.12 -10.76 -44.20
N ASN H 10 -66.30 -9.83 -43.72
CA ASN H 10 -66.47 -8.43 -44.07
C ASN H 10 -66.26 -8.19 -45.56
N ALA H 11 -65.21 -8.78 -46.14
CA ALA H 11 -64.95 -8.59 -47.56
C ALA H 11 -66.09 -9.15 -48.40
N SER H 12 -66.56 -10.34 -48.06
CA SER H 12 -67.70 -10.90 -48.75
C SER H 12 -68.93 -10.02 -48.59
N ASP H 13 -69.10 -9.44 -47.40
CA ASP H 13 -70.23 -8.56 -47.16
C ASP H 13 -70.15 -7.30 -48.02
N VAL H 14 -68.95 -6.74 -48.16
CA VAL H 14 -68.80 -5.53 -48.97
C VAL H 14 -69.23 -5.80 -50.41
N GLN H 15 -68.79 -6.93 -50.96
CA GLN H 15 -69.27 -7.32 -52.28
C GLN H 15 -70.78 -7.58 -52.27
N GLY H 16 -71.32 -7.97 -51.12
CA GLY H 16 -72.73 -8.20 -50.95
C GLY H 16 -73.16 -9.66 -51.09
N LYS H 17 -72.30 -10.49 -51.66
CA LYS H 17 -72.67 -11.87 -51.94
C LYS H 17 -72.52 -12.74 -50.69
N TYR H 18 -73.32 -13.81 -50.65
CA TYR H 18 -73.17 -14.81 -49.61
C TYR H 18 -71.77 -15.42 -49.67
N LEU H 19 -71.39 -16.12 -48.61
CA LEU H 19 -70.05 -16.68 -48.52
C LEU H 19 -69.78 -17.64 -49.67
N ASP H 20 -68.70 -17.39 -50.39
CA ASP H 20 -68.32 -18.18 -51.55
C ASP H 20 -67.48 -19.38 -51.12
N THR H 21 -67.36 -20.35 -52.03
CA THR H 21 -66.53 -21.52 -51.75
C THR H 21 -65.07 -21.13 -51.58
N ALA H 22 -64.60 -20.17 -52.37
CA ALA H 22 -63.22 -19.70 -52.20
C ALA H 22 -63.02 -19.06 -50.82
N ALA H 23 -63.98 -18.25 -50.38
CA ALA H 23 -63.93 -17.71 -49.04
C ALA H 23 -63.94 -18.83 -48.01
N MET H 24 -64.71 -19.88 -48.27
CA MET H 24 -64.71 -21.03 -47.38
C MET H 24 -63.32 -21.68 -47.32
N GLU H 25 -62.61 -21.70 -48.44
CA GLU H 25 -61.26 -22.23 -48.43
C GLU H 25 -60.36 -21.43 -47.51
N LYS H 26 -60.44 -20.10 -47.59
CA LYS H 26 -59.62 -19.26 -46.71
C LYS H 26 -59.99 -19.49 -45.25
N LEU H 27 -61.29 -19.56 -44.95
CA LEU H 27 -61.72 -19.78 -43.57
C LEU H 27 -61.24 -21.14 -43.07
N LYS H 28 -61.30 -22.17 -43.93
CA LYS H 28 -60.78 -23.48 -43.55
C LYS H 28 -59.31 -23.41 -43.22
N ALA H 29 -58.55 -22.60 -43.97
CA ALA H 29 -57.12 -22.45 -43.68
C ALA H 29 -56.89 -21.88 -42.30
N TYR H 30 -57.62 -20.83 -41.94
CA TYR H 30 -57.45 -20.25 -40.61
C TYR H 30 -57.85 -21.24 -39.53
N PHE H 31 -58.95 -21.97 -39.74
CA PHE H 31 -59.34 -23.00 -38.79
C PHE H 31 -58.25 -24.05 -38.64
N ALA H 32 -57.54 -24.35 -39.72
CA ALA H 32 -56.45 -25.31 -39.64
C ALA H 32 -55.33 -24.83 -38.72
N THR H 33 -54.95 -23.55 -38.86
CA THR H 33 -53.90 -23.01 -38.01
C THR H 33 -54.38 -22.70 -36.60
N GLY H 34 -55.67 -22.90 -36.32
CA GLY H 34 -56.20 -22.59 -35.00
C GLY H 34 -55.49 -23.33 -33.87
N GLU H 35 -55.11 -24.59 -34.11
CA GLU H 35 -54.49 -25.37 -33.04
C GLU H 35 -53.17 -24.76 -32.59
N LEU H 36 -52.28 -24.47 -33.54
CA LEU H 36 -51.00 -23.87 -33.16
C LEU H 36 -51.21 -22.51 -32.51
N ARG H 37 -52.13 -21.72 -33.04
CA ARG H 37 -52.36 -20.38 -32.52
C ARG H 37 -52.84 -20.42 -31.07
N VAL H 38 -53.83 -21.26 -30.78
CA VAL H 38 -54.37 -21.33 -29.43
C VAL H 38 -53.33 -21.90 -28.46
N ARG H 39 -52.60 -22.93 -28.88
CA ARG H 39 -51.59 -23.52 -28.01
C ARG H 39 -50.52 -22.50 -27.66
N ALA H 40 -50.05 -21.75 -28.66
CA ALA H 40 -49.03 -20.74 -28.42
C ALA H 40 -49.54 -19.66 -27.49
N ALA H 41 -50.80 -19.25 -27.64
CA ALA H 41 -51.35 -18.22 -26.77
C ALA H 41 -51.36 -18.69 -25.33
N SER H 42 -51.71 -19.95 -25.09
CA SER H 42 -51.69 -20.47 -23.73
C SER H 42 -50.27 -20.47 -23.16
N VAL H 43 -49.29 -20.84 -23.98
CA VAL H 43 -47.90 -20.84 -23.52
C VAL H 43 -47.46 -19.42 -23.16
N ILE H 44 -47.77 -18.46 -24.03
CA ILE H 44 -47.33 -17.08 -23.79
C ILE H 44 -47.97 -16.54 -22.52
N SER H 45 -49.26 -16.81 -22.32
CA SER H 45 -49.96 -16.28 -21.15
C SER H 45 -49.33 -16.79 -19.86
N ALA H 46 -48.99 -18.07 -19.81
CA ALA H 46 -48.42 -18.64 -18.59
C ALA H 46 -47.02 -18.10 -18.33
N ASN H 47 -46.22 -17.93 -19.37
CA ASN H 47 -44.81 -17.56 -19.23
C ASN H 47 -44.57 -16.08 -19.48
N ALA H 48 -45.61 -15.25 -19.47
CA ALA H 48 -45.47 -13.86 -19.90
C ALA H 48 -44.43 -13.12 -19.07
N ALA H 49 -44.49 -13.29 -17.74
CA ALA H 49 -43.52 -12.62 -16.88
C ALA H 49 -42.11 -13.06 -17.20
N ASN H 50 -41.91 -14.36 -17.46
CA ASN H 50 -40.57 -14.85 -17.73
C ASN H 50 -40.07 -14.39 -19.09
N ILE H 51 -40.94 -14.29 -20.09
CA ILE H 51 -40.54 -13.73 -21.38
C ILE H 51 -39.96 -12.35 -21.18
N VAL H 52 -40.68 -11.50 -20.45
CA VAL H 52 -40.24 -10.13 -20.27
C VAL H 52 -38.99 -10.07 -19.39
N LYS H 53 -38.92 -10.91 -18.36
CA LYS H 53 -37.74 -10.92 -17.50
C LYS H 53 -36.49 -11.28 -18.29
N GLU H 54 -36.57 -12.31 -19.15
CA GLU H 54 -35.42 -12.69 -19.95
C GLU H 54 -35.06 -11.61 -20.96
N ALA H 55 -36.05 -10.98 -21.58
CA ALA H 55 -35.75 -9.95 -22.57
C ALA H 55 -35.11 -8.73 -21.92
N VAL H 56 -35.63 -8.30 -20.77
CA VAL H 56 -35.04 -7.17 -20.06
C VAL H 56 -33.60 -7.49 -19.67
N ALA H 57 -33.36 -8.70 -19.17
CA ALA H 57 -32.01 -9.09 -18.78
C ALA H 57 -31.08 -9.11 -19.98
N LYS H 58 -31.54 -9.64 -21.11
CA LYS H 58 -30.68 -9.77 -22.28
C LYS H 58 -30.31 -8.40 -22.86
N SER H 59 -31.27 -7.49 -22.95
CA SER H 59 -31.06 -6.25 -23.71
C SER H 59 -30.86 -5.03 -22.83
N LEU H 60 -31.73 -4.81 -21.85
CA LEU H 60 -31.77 -3.52 -21.17
C LEU H 60 -30.97 -3.47 -19.87
N LEU H 61 -30.90 -4.55 -19.11
CA LEU H 61 -30.25 -4.49 -17.80
C LEU H 61 -28.75 -4.28 -17.93
N TYR H 62 -28.18 -3.65 -16.90
CA TYR H 62 -26.74 -3.42 -16.79
C TYR H 62 -26.20 -2.67 -18.00
N SER H 63 -26.96 -1.70 -18.48
CA SER H 63 -26.55 -0.79 -19.54
C SER H 63 -26.67 0.65 -19.02
N ASP H 64 -26.44 1.61 -19.91
CA ASP H 64 -26.62 3.00 -19.53
C ASP H 64 -28.08 3.33 -19.25
N ILE H 65 -28.99 2.67 -19.96
CA ILE H 65 -30.42 2.96 -19.84
C ILE H 65 -30.88 2.78 -18.41
N THR H 66 -30.42 1.72 -17.76
CA THR H 66 -30.81 1.36 -16.41
C THR H 66 -29.93 2.03 -15.35
N ARG H 67 -28.97 2.84 -15.77
CA ARG H 67 -28.11 3.59 -14.86
C ARG H 67 -28.44 5.08 -14.91
N PRO H 68 -28.03 5.85 -13.90
CA PRO H 68 -28.58 7.20 -13.70
C PRO H 68 -28.66 8.05 -14.96
N GLY H 69 -29.84 8.58 -15.22
CA GLY H 69 -30.08 9.44 -16.35
C GLY H 69 -30.39 8.72 -17.65
N GLY H 70 -30.66 7.42 -17.60
CA GLY H 70 -30.79 6.64 -18.83
C GLY H 70 -32.19 6.35 -19.33
N MET H 72 -34.46 4.50 -17.84
CA MET H 72 -35.04 3.33 -17.18
C MET H 72 -34.50 3.34 -15.76
N TYR H 73 -33.99 4.50 -15.35
CA TYR H 73 -33.31 4.62 -14.08
C TYR H 73 -34.29 4.62 -12.91
N THR H 74 -35.13 5.64 -12.86
CA THR H 74 -36.09 5.79 -11.77
C THR H 74 -36.93 4.53 -11.64
N THR H 75 -37.28 4.17 -10.40
CA THR H 75 -38.10 2.99 -10.19
C THR H 75 -39.43 3.12 -10.93
N ARG H 76 -40.02 4.31 -10.92
CA ARG H 76 -41.19 4.58 -11.76
C ARG H 76 -40.93 4.18 -13.19
N ARG H 77 -39.82 4.67 -13.76
CA ARG H 77 -39.57 4.44 -15.18
C ARG H 77 -39.25 2.99 -15.47
N TYR H 78 -38.57 2.29 -14.57
CA TYR H 78 -38.31 0.88 -14.79
C TYR H 78 -39.63 0.11 -14.85
N ALA H 79 -40.53 0.35 -13.90
CA ALA H 79 -41.81 -0.35 -13.90
C ALA H 79 -42.61 -0.01 -15.14
N ALA H 80 -42.54 1.25 -15.59
CA ALA H 80 -43.24 1.63 -16.81
C ALA H 80 -42.65 0.90 -18.02
N CYS H 81 -41.33 0.75 -18.07
CA CYS H 81 -40.75 0.06 -19.22
C CYS H 81 -41.15 -1.40 -19.28
N ILE H 82 -41.14 -2.08 -18.14
CA ILE H 82 -41.55 -3.49 -18.16
C ILE H 82 -43.03 -3.59 -18.50
N ARG H 83 -43.84 -2.62 -18.08
CA ARG H 83 -45.24 -2.62 -18.44
C ARG H 83 -45.41 -2.48 -19.96
N ASP H 84 -44.58 -1.63 -20.58
CA ASP H 84 -44.66 -1.48 -22.03
C ASP H 84 -44.28 -2.76 -22.75
N LEU H 85 -43.25 -3.46 -22.26
CA LEU H 85 -42.90 -4.73 -22.87
C LEU H 85 -44.05 -5.72 -22.73
N ASP H 86 -44.76 -5.68 -21.60
CA ASP H 86 -45.96 -6.50 -21.45
C ASP H 86 -47.02 -6.13 -22.47
N TYR H 87 -47.18 -4.82 -22.73
CA TYR H 87 -48.12 -4.37 -23.75
C TYR H 87 -47.82 -5.03 -25.09
N TYR H 88 -46.58 -4.94 -25.53
CA TYR H 88 -46.23 -5.47 -26.85
C TYR H 88 -46.44 -6.96 -26.91
N LEU H 89 -46.09 -7.67 -25.84
CA LEU H 89 -46.30 -9.12 -25.82
C LEU H 89 -47.79 -9.45 -25.86
N ARG H 90 -48.60 -8.75 -25.06
CA ARG H 90 -50.02 -9.08 -24.98
C ARG H 90 -50.71 -8.84 -26.32
N TYR H 91 -50.43 -7.71 -26.95
CA TYR H 91 -51.11 -7.40 -28.20
C TYR H 91 -50.55 -8.22 -29.36
N ALA H 92 -49.28 -8.59 -29.31
CA ALA H 92 -48.77 -9.54 -30.30
C ALA H 92 -49.46 -10.88 -30.16
N THR H 93 -49.72 -11.32 -28.93
CA THR H 93 -50.45 -12.56 -28.71
C THR H 93 -51.89 -12.45 -29.22
N TYR H 94 -52.55 -11.32 -28.95
CA TYR H 94 -53.86 -11.08 -29.51
C TYR H 94 -53.81 -11.17 -31.04
N ALA H 95 -52.79 -10.55 -31.64
CA ALA H 95 -52.67 -10.56 -33.09
C ALA H 95 -52.45 -11.98 -33.61
N MET H 96 -51.65 -12.77 -32.90
CA MET H 96 -51.43 -14.15 -33.34
C MET H 96 -52.72 -14.96 -33.29
N LEU H 97 -53.48 -14.83 -32.20
CA LEU H 97 -54.75 -15.53 -32.12
C LEU H 97 -55.68 -15.10 -33.24
N ALA H 98 -55.73 -13.80 -33.52
CA ALA H 98 -56.63 -13.31 -34.55
C ALA H 98 -56.16 -13.69 -35.95
N GLY H 99 -54.84 -13.74 -36.17
CA GLY H 99 -54.32 -13.90 -37.50
C GLY H 99 -54.30 -12.63 -38.31
N ASP H 100 -54.28 -11.47 -37.66
CA ASP H 100 -54.47 -10.19 -38.31
C ASP H 100 -53.70 -9.11 -37.56
N PRO H 101 -52.98 -8.23 -38.26
CA PRO H 101 -52.27 -7.13 -37.60
C PRO H 101 -53.13 -5.92 -37.28
N SER H 102 -54.44 -6.02 -37.49
CA SER H 102 -55.31 -4.86 -37.31
C SER H 102 -55.30 -4.37 -35.87
N ILE H 103 -55.26 -5.28 -34.91
CA ILE H 103 -55.26 -4.84 -33.51
C ILE H 103 -53.99 -4.06 -33.20
N LEU H 104 -52.86 -4.48 -33.74
CA LEU H 104 -51.62 -3.73 -33.56
C LEU H 104 -51.76 -2.33 -34.14
N ASP H 105 -52.21 -2.23 -35.39
CA ASP H 105 -52.37 -0.94 -36.03
C ASP H 105 -53.31 -0.04 -35.24
N GLU H 106 -54.45 -0.58 -34.83
CA GLU H 106 -55.52 0.24 -34.29
C GLU H 106 -55.22 0.71 -32.87
N ARG H 107 -54.72 -0.18 -32.02
CA ARG H 107 -54.57 0.14 -30.61
C ARG H 107 -53.14 0.41 -30.19
N VAL H 108 -52.17 -0.29 -30.77
CA VAL H 108 -50.81 -0.27 -30.24
C VAL H 108 -49.97 0.78 -30.92
N LEU H 109 -49.95 0.80 -32.24
CA LEU H 109 -49.00 1.63 -32.96
C LEU H 109 -49.53 3.02 -33.29
N ASN H 110 -50.77 3.34 -32.95
CA ASN H 110 -51.33 4.62 -33.34
C ASN H 110 -50.84 5.69 -32.37
N GLY H 111 -49.95 6.56 -32.84
CA GLY H 111 -49.40 7.58 -31.98
C GLY H 111 -48.37 7.08 -31.00
N LEU H 112 -47.91 5.84 -31.15
CA LEU H 112 -46.87 5.32 -30.26
C LEU H 112 -45.57 6.09 -30.43
N LYS H 113 -45.20 6.38 -31.68
CA LYS H 113 -44.00 7.16 -31.94
C LYS H 113 -44.11 8.54 -31.32
N GLU H 114 -45.30 9.15 -31.38
CA GLU H 114 -45.45 10.50 -30.84
C GLU H 114 -45.43 10.50 -29.32
N THR H 115 -46.08 9.53 -28.68
CA THR H 115 -46.02 9.46 -27.22
C THR H 115 -44.60 9.22 -26.74
N TYR H 116 -43.89 8.28 -27.37
CA TYR H 116 -42.53 7.98 -26.96
C TYR H 116 -41.61 9.18 -27.17
N ASN H 117 -41.74 9.84 -28.32
CA ASN H 117 -40.90 11.01 -28.57
C ASN H 117 -41.22 12.15 -27.64
N SER H 118 -42.48 12.25 -27.19
CA SER H 118 -42.83 13.29 -26.22
C SER H 118 -42.30 12.95 -24.84
N LEU H 119 -42.37 11.68 -24.45
CA LEU H 119 -41.92 11.28 -23.12
C LEU H 119 -40.41 11.27 -23.01
N GLY H 120 -39.71 11.10 -24.13
CA GLY H 120 -38.27 10.93 -24.10
C GLY H 120 -37.81 9.49 -24.08
N VAL H 121 -38.67 8.55 -24.45
CA VAL H 121 -38.33 7.13 -24.41
C VAL H 121 -37.47 6.79 -25.62
N PRO H 122 -36.32 6.14 -25.44
CA PRO H 122 -35.52 5.71 -26.58
C PRO H 122 -36.23 4.67 -27.43
N ILE H 123 -36.62 5.05 -28.64
CA ILE H 123 -37.35 4.13 -29.50
C ILE H 123 -36.42 3.08 -30.08
N ALA H 124 -35.14 3.40 -30.26
CA ALA H 124 -34.19 2.40 -30.73
C ALA H 124 -34.06 1.26 -29.72
N ALA H 125 -33.92 1.61 -28.45
CA ALA H 125 -33.79 0.57 -27.42
C ALA H 125 -35.08 -0.22 -27.28
N THR H 126 -36.23 0.44 -27.42
CA THR H 126 -37.49 -0.31 -27.37
C THR H 126 -37.57 -1.31 -28.51
N VAL H 127 -37.09 -0.92 -29.69
CA VAL H 127 -37.05 -1.86 -30.81
C VAL H 127 -36.14 -3.04 -30.49
N GLN H 128 -34.96 -2.77 -29.93
CA GLN H 128 -34.03 -3.86 -29.61
C GLN H 128 -34.63 -4.79 -28.56
N ALA H 129 -35.29 -4.24 -27.55
CA ALA H 129 -35.89 -5.07 -26.51
C ALA H 129 -37.05 -5.88 -27.04
N ILE H 130 -37.83 -5.32 -27.96
CA ILE H 130 -38.89 -6.10 -28.60
C ILE H 130 -38.30 -7.24 -29.40
N GLN H 131 -37.13 -7.02 -30.02
CA GLN H 131 -36.45 -8.11 -30.69
C GLN H 131 -36.03 -9.20 -29.71
N ALA H 132 -35.54 -8.81 -28.54
CA ALA H 132 -35.20 -9.79 -27.51
C ALA H 132 -36.43 -10.58 -27.09
N MET H 133 -37.57 -9.90 -26.92
CA MET H 133 -38.80 -10.60 -26.62
C MET H 133 -39.19 -11.55 -27.74
N LYS H 134 -38.98 -11.12 -29.00
CA LYS H 134 -39.29 -11.97 -30.13
C LYS H 134 -38.48 -13.26 -30.08
N GLU H 135 -37.19 -13.15 -29.75
CA GLU H 135 -36.35 -14.34 -29.69
C GLU H 135 -36.75 -15.26 -28.54
N VAL H 136 -36.99 -14.69 -27.35
CA VAL H 136 -37.41 -15.52 -26.22
C VAL H 136 -38.75 -16.18 -26.50
N THR H 137 -39.69 -15.43 -27.05
CA THR H 137 -41.00 -16.00 -27.39
C THR H 137 -40.87 -17.11 -28.41
N ALA H 138 -40.04 -16.90 -29.43
CA ALA H 138 -39.84 -17.94 -30.44
C ALA H 138 -39.33 -19.22 -29.81
N SER H 139 -38.41 -19.11 -28.85
CA SER H 139 -37.93 -20.29 -28.15
C SER H 139 -39.06 -20.98 -27.39
N LEU H 140 -39.89 -20.20 -26.70
CA LEU H 140 -40.90 -20.81 -25.84
C LEU H 140 -41.99 -21.51 -26.64
N VAL H 141 -42.47 -20.91 -27.74
CA VAL H 141 -43.59 -21.47 -28.46
C VAL H 141 -43.18 -22.30 -29.67
N GLY H 142 -41.89 -22.35 -29.99
CA GLY H 142 -41.42 -23.19 -31.08
C GLY H 142 -41.52 -22.51 -32.43
N ALA H 143 -40.85 -23.13 -33.41
CA ALA H 143 -40.68 -22.50 -34.72
C ALA H 143 -42.00 -22.23 -35.41
N ASP H 144 -43.00 -23.09 -35.18
CA ASP H 144 -44.30 -22.87 -35.81
C ASP H 144 -44.90 -21.54 -35.39
N ALA H 145 -45.03 -21.32 -34.08
CA ALA H 145 -45.60 -20.08 -33.59
C ALA H 145 -44.59 -18.94 -33.64
N GLY H 146 -43.32 -19.22 -33.42
CA GLY H 146 -42.31 -18.19 -33.47
C GLY H 146 -42.24 -17.49 -34.81
N LYS H 147 -42.51 -18.23 -35.89
CA LYS H 147 -42.58 -17.61 -37.20
C LYS H 147 -43.69 -16.57 -37.26
N GLU H 148 -44.86 -16.89 -36.71
CA GLU H 148 -45.99 -15.95 -36.75
C GLU H 148 -45.83 -14.85 -35.71
N MET H 149 -45.51 -15.21 -34.46
CA MET H 149 -45.20 -14.20 -33.47
C MET H 149 -44.07 -13.29 -33.95
N GLY H 150 -43.20 -13.82 -34.79
CA GLY H 150 -42.18 -12.99 -35.41
C GLY H 150 -42.76 -11.91 -36.30
N ILE H 151 -43.74 -12.27 -37.14
CA ILE H 151 -44.29 -11.27 -38.06
C ILE H 151 -45.00 -10.17 -37.29
N TYR H 152 -45.68 -10.53 -36.20
CA TYR H 152 -46.40 -9.49 -35.45
C TYR H 152 -45.45 -8.66 -34.60
N PHE H 153 -44.42 -9.28 -34.01
CA PHE H 153 -43.40 -8.51 -33.30
C PHE H 153 -42.68 -7.56 -34.26
N ASP H 154 -42.37 -8.04 -35.47
CA ASP H 154 -41.68 -7.19 -36.42
C ASP H 154 -42.59 -6.10 -36.95
N TYR H 155 -43.89 -6.35 -37.03
CA TYR H 155 -44.84 -5.28 -37.33
C TYR H 155 -44.70 -4.15 -36.32
N ILE H 156 -44.66 -4.49 -35.03
CA ILE H 156 -44.49 -3.48 -33.99
C ILE H 156 -43.18 -2.74 -34.19
N CYS H 157 -42.09 -3.47 -34.43
CA CYS H 157 -40.79 -2.81 -34.56
C CYS H 157 -40.75 -1.88 -35.76
N SER H 158 -41.31 -2.32 -36.89
CA SER H 158 -41.30 -1.49 -38.09
C SER H 158 -42.07 -0.19 -37.85
N GLY H 159 -43.25 -0.29 -37.23
CA GLY H 159 -44.01 0.92 -36.94
C GLY H 159 -43.32 1.80 -35.92
N LEU H 160 -42.77 1.18 -34.86
CA LEU H 160 -42.18 1.95 -33.77
C LEU H 160 -40.91 2.68 -34.22
N SER H 161 -40.18 2.14 -35.18
CA SER H 161 -38.97 2.79 -35.65
C SER H 161 -39.28 4.11 -36.34
N SER I 2 -40.38 19.10 -2.21
CA SER I 2 -39.94 19.85 -1.04
C SER I 2 -41.13 20.21 -0.16
N VAL I 3 -40.94 21.23 0.68
CA VAL I 3 -42.06 21.79 1.43
C VAL I 3 -42.52 23.04 0.70
N VAL I 4 -41.58 23.71 0.03
CA VAL I 4 -41.94 24.83 -0.82
C VAL I 4 -42.85 24.35 -1.96
N THR I 5 -42.51 23.23 -2.58
CA THR I 5 -43.36 22.69 -3.64
C THR I 5 -44.71 22.23 -3.11
N LYS I 6 -44.73 21.57 -1.94
CA LYS I 6 -46.00 21.14 -1.37
C LYS I 6 -46.92 22.34 -1.15
N SER I 7 -46.37 23.40 -0.56
CA SER I 7 -47.15 24.62 -0.35
C SER I 7 -47.64 25.18 -1.66
N ILE I 8 -46.75 25.27 -2.66
CA ILE I 8 -47.11 25.91 -3.92
C ILE I 8 -48.12 25.07 -4.70
N VAL I 9 -47.99 23.75 -4.65
CA VAL I 9 -48.96 22.88 -5.33
C VAL I 9 -50.34 23.06 -4.72
N ASN I 10 -50.42 23.04 -3.39
CA ASN I 10 -51.71 23.21 -2.73
C ASN I 10 -52.30 24.59 -3.02
N ALA I 11 -51.46 25.62 -3.06
CA ALA I 11 -51.94 26.95 -3.40
C ALA I 11 -52.42 27.01 -4.85
N ASP I 12 -51.68 26.40 -5.77
CA ASP I 12 -52.04 26.47 -7.19
C ASP I 12 -53.38 25.80 -7.44
N ALA I 13 -53.65 24.69 -6.75
CA ALA I 13 -54.89 23.98 -6.98
C ALA I 13 -56.10 24.87 -6.69
N GLU I 14 -56.03 25.66 -5.64
CA GLU I 14 -57.13 26.54 -5.26
C GLU I 14 -57.05 27.92 -5.88
N ALA I 15 -55.99 28.22 -6.64
CA ALA I 15 -55.79 29.52 -7.25
C ALA I 15 -55.83 30.63 -6.20
N ARG I 16 -54.93 30.51 -5.23
CA ARG I 16 -54.80 31.49 -4.16
C ARG I 16 -53.32 31.67 -3.86
N TYR I 17 -52.94 32.91 -3.55
CA TYR I 17 -51.60 33.13 -3.01
C TYR I 17 -51.44 32.28 -1.76
N LEU I 18 -50.20 31.90 -1.46
CA LEU I 18 -49.93 31.08 -0.30
C LEU I 18 -50.58 31.68 0.94
N SER I 19 -51.36 30.87 1.64
CA SER I 19 -52.00 31.32 2.86
C SER I 19 -50.94 31.58 3.92
N PRO I 20 -51.26 32.37 4.94
CA PRO I 20 -50.25 32.62 5.99
C PRO I 20 -49.77 31.35 6.66
N GLY I 21 -50.63 30.35 6.83
CA GLY I 21 -50.18 29.08 7.38
C GLY I 21 -49.20 28.38 6.48
N GLU I 22 -49.47 28.35 5.18
CA GLU I 22 -48.53 27.78 4.22
C GLU I 22 -47.19 28.48 4.31
N LEU I 23 -47.20 29.81 4.31
CA LEU I 23 -45.96 30.57 4.42
C LEU I 23 -45.25 30.32 5.73
N ASP I 24 -46.02 30.09 6.81
CA ASP I 24 -45.39 29.72 8.08
C ASP I 24 -44.59 28.44 7.95
N ARG I 25 -45.15 27.44 7.28
CA ARG I 25 -44.45 26.19 7.09
C ARG I 25 -43.16 26.39 6.30
N ILE I 26 -43.22 27.24 5.26
CA ILE I 26 -42.02 27.49 4.47
C ILE I 26 -40.95 28.18 5.31
N LYS I 27 -41.37 29.13 6.16
CA LYS I 27 -40.40 29.82 7.00
C LYS I 27 -39.74 28.86 7.98
N ASN I 28 -40.51 27.93 8.56
CA ASN I 28 -39.93 26.93 9.44
C ASN I 28 -38.91 26.08 8.70
N PHE I 29 -39.28 25.62 7.50
CA PHE I 29 -38.41 24.74 6.73
C PHE I 29 -37.11 25.43 6.36
N VAL I 30 -37.17 26.67 5.90
CA VAL I 30 -35.94 27.37 5.51
C VAL I 30 -35.10 27.69 6.74
N SER I 31 -35.71 27.92 7.90
CA SER I 31 -34.93 28.17 9.10
C SER I 31 -34.22 26.90 9.57
N THR I 32 -34.88 25.75 9.43
CA THR I 32 -34.32 24.46 9.84
C THR I 32 -33.41 23.85 8.78
N GLY I 33 -33.25 24.52 7.64
CA GLY I 33 -32.50 23.93 6.54
C GLY I 33 -31.06 23.62 6.89
N GLU I 34 -30.43 24.46 7.71
CA GLU I 34 -29.02 24.24 8.02
C GLU I 34 -28.80 22.92 8.75
N ARG I 35 -29.64 22.62 9.74
CA ARG I 35 -29.53 21.34 10.43
C ARG I 35 -29.88 20.19 9.50
N ARG I 36 -30.85 20.39 8.60
CA ARG I 36 -31.19 19.35 7.64
C ARG I 36 -29.99 19.00 6.79
N LEU I 37 -29.31 20.02 6.26
CA LEU I 37 -28.14 19.78 5.42
C LEU I 37 -27.04 19.08 6.21
N ARG I 38 -26.89 19.41 7.49
CA ARG I 38 -25.87 18.74 8.30
C ARG I 38 -26.17 17.26 8.45
N ILE I 39 -27.44 16.92 8.74
CA ILE I 39 -27.81 15.52 8.89
C ILE I 39 -27.53 14.75 7.61
N ALA I 40 -27.98 15.32 6.48
CA ALA I 40 -27.70 14.69 5.20
C ALA I 40 -26.21 14.56 4.96
N GLN I 41 -25.44 15.57 5.37
CA GLN I 41 -24.00 15.52 5.12
C GLN I 41 -23.33 14.40 5.90
N THR I 42 -23.76 14.16 7.14
CA THR I 42 -23.19 13.03 7.88
C THR I 42 -23.47 11.73 7.15
N LEU I 43 -24.69 11.55 6.65
CA LEU I 43 -25.00 10.32 5.93
C LEU I 43 -24.14 10.18 4.67
N THR I 44 -24.00 11.27 3.90
CA THR I 44 -23.19 11.17 2.68
C THR I 44 -21.73 10.91 3.00
N GLU I 45 -21.19 11.59 4.01
CA GLU I 45 -19.78 11.40 4.35
C GLU I 45 -19.50 9.98 4.80
N ASN I 46 -20.41 9.40 5.58
CA ASN I 46 -20.29 8.02 6.04
C ASN I 46 -21.03 7.05 5.14
N ARG I 47 -21.16 7.37 3.85
CA ARG I 47 -21.94 6.54 2.94
C ARG I 47 -21.38 5.12 2.81
N GLU I 48 -20.08 4.94 3.04
CA GLU I 48 -19.51 3.60 2.90
C GLU I 48 -19.76 2.76 4.14
N ARG I 49 -19.60 3.35 5.32
CA ARG I 49 -19.82 2.62 6.56
C ARG I 49 -21.26 2.12 6.66
N ILE I 50 -22.22 2.99 6.38
CA ILE I 50 -23.62 2.62 6.52
C ILE I 50 -23.94 1.44 5.62
N VAL I 51 -23.54 1.52 4.35
CA VAL I 51 -23.86 0.45 3.40
C VAL I 51 -23.16 -0.84 3.80
N LYS I 52 -21.88 -0.76 4.17
CA LYS I 52 -21.14 -1.99 4.48
C LYS I 52 -21.70 -2.69 5.71
N GLN I 53 -21.86 -1.96 6.82
CA GLN I 53 -22.36 -2.59 8.04
C GLN I 53 -23.80 -3.05 7.88
N ALA I 54 -24.65 -2.24 7.23
CA ALA I 54 -26.02 -2.66 7.01
C ALA I 54 -26.11 -3.84 6.07
N GLY I 55 -25.22 -3.92 5.08
CA GLY I 55 -25.18 -5.09 4.24
C GLY I 55 -24.86 -6.35 5.02
N ASP I 56 -23.89 -6.27 5.93
CA ASP I 56 -23.58 -7.42 6.77
C ASP I 56 -24.78 -7.81 7.62
N GLN I 57 -25.48 -6.83 8.21
CA GLN I 57 -26.64 -7.14 9.03
C GLN I 57 -27.74 -7.78 8.21
N LEU I 58 -27.99 -7.27 7.01
CA LEU I 58 -28.99 -7.87 6.15
C LEU I 58 -28.63 -9.29 5.80
N PHE I 59 -27.36 -9.54 5.48
CA PHE I 59 -26.95 -10.88 5.07
C PHE I 59 -27.01 -11.86 6.24
N GLN I 60 -26.70 -11.40 7.45
CA GLN I 60 -26.89 -12.23 8.62
C GLN I 60 -28.36 -12.58 8.83
N LYS I 61 -29.22 -11.56 8.84
CA LYS I 61 -30.62 -11.79 9.21
C LYS I 61 -31.37 -12.56 8.12
N ARG I 62 -30.98 -12.41 6.87
CA ARG I 62 -31.62 -13.10 5.75
C ARG I 62 -30.53 -13.80 4.96
N PRO I 63 -30.00 -14.92 5.47
CA PRO I 63 -28.90 -15.59 4.78
C PRO I 63 -29.28 -16.19 3.45
N ASP I 64 -30.58 -16.40 3.20
CA ASP I 64 -30.99 -17.10 1.99
C ASP I 64 -30.64 -16.31 0.73
N VAL I 65 -30.70 -14.97 0.80
CA VAL I 65 -30.44 -14.18 -0.40
C VAL I 65 -28.99 -14.31 -0.85
N VAL I 66 -28.06 -14.45 0.09
CA VAL I 66 -26.65 -14.55 -0.27
C VAL I 66 -26.19 -15.98 -0.47
N SER I 67 -26.95 -16.96 0.01
CA SER I 67 -26.60 -18.35 -0.15
C SER I 67 -26.61 -18.71 -1.64
N PRO I 68 -25.87 -19.73 -2.04
CA PRO I 68 -25.98 -20.22 -3.41
C PRO I 68 -27.41 -20.61 -3.73
N GLY I 69 -27.84 -20.26 -4.94
CA GLY I 69 -29.22 -20.38 -5.32
C GLY I 69 -30.07 -19.19 -4.93
N GLY I 70 -29.51 -18.23 -4.19
CA GLY I 70 -30.23 -17.02 -3.86
C GLY I 70 -30.01 -15.92 -4.87
N ASN I 71 -30.75 -14.83 -4.70
CA ASN I 71 -30.69 -13.74 -5.67
C ASN I 71 -29.31 -13.09 -5.67
N ALA I 72 -28.76 -12.81 -4.49
CA ALA I 72 -27.46 -12.17 -4.37
C ALA I 72 -26.38 -13.20 -4.03
N TYR I 73 -26.06 -14.06 -5.00
CA TYR I 73 -25.01 -15.05 -4.83
C TYR I 73 -23.78 -14.66 -5.63
N GLY I 74 -22.62 -14.71 -4.98
CA GLY I 74 -21.39 -14.25 -5.57
C GLY I 74 -21.18 -12.76 -5.35
N GLU I 75 -19.92 -12.34 -5.46
CA GLU I 75 -19.63 -10.93 -5.29
C GLU I 75 -20.20 -10.11 -6.44
N GLU I 76 -20.34 -10.72 -7.62
CA GLU I 76 -20.88 -9.99 -8.77
C GLU I 76 -22.28 -9.48 -8.50
N MET I 77 -23.13 -10.32 -7.93
CA MET I 77 -24.51 -9.95 -7.65
C MET I 77 -24.69 -9.33 -6.27
N THR I 78 -23.90 -9.75 -5.28
CA THR I 78 -23.93 -9.07 -4.00
C THR I 78 -23.52 -7.62 -4.15
N ALA I 79 -22.66 -7.32 -5.12
CA ALA I 79 -22.32 -5.93 -5.40
C ALA I 79 -23.54 -5.14 -5.82
N THR I 80 -24.38 -5.73 -6.68
CA THR I 80 -25.60 -5.04 -7.09
C THR I 80 -26.55 -4.85 -5.92
N CYS I 81 -26.67 -5.84 -5.04
CA CYS I 81 -27.54 -5.65 -3.88
C CYS I 81 -27.05 -4.52 -3.00
N LEU I 82 -25.75 -4.49 -2.72
CA LEU I 82 -25.22 -3.39 -1.91
C LEU I 82 -25.34 -2.06 -2.63
N ARG I 83 -25.27 -2.07 -3.96
CA ARG I 83 -25.48 -0.84 -4.71
C ARG I 83 -26.88 -0.30 -4.50
N ASP I 84 -27.88 -1.19 -4.49
CA ASP I 84 -29.25 -0.75 -4.25
C ASP I 84 -29.40 -0.16 -2.86
N LEU I 85 -28.73 -0.75 -1.87
CA LEU I 85 -28.73 -0.15 -0.54
C LEU I 85 -28.12 1.24 -0.58
N ASP I 86 -27.07 1.42 -1.38
CA ASP I 86 -26.50 2.76 -1.54
C ASP I 86 -27.48 3.69 -2.23
N TYR I 87 -28.22 3.19 -3.22
CA TYR I 87 -29.25 4.01 -3.87
C TYR I 87 -30.23 4.56 -2.86
N TYR I 88 -30.71 3.70 -1.96
CA TYR I 88 -31.74 4.15 -1.03
C TYR I 88 -31.18 5.05 0.05
N LEU I 89 -29.91 4.87 0.42
CA LEU I 89 -29.28 5.85 1.29
C LEU I 89 -29.23 7.21 0.61
N ARG I 90 -28.88 7.23 -0.68
CA ARG I 90 -28.82 8.49 -1.42
C ARG I 90 -30.20 9.14 -1.49
N LEU I 91 -31.25 8.35 -1.73
CA LEU I 91 -32.60 8.90 -1.74
C LEU I 91 -32.96 9.49 -0.39
N VAL I 92 -32.55 8.81 0.69
CA VAL I 92 -32.87 9.30 2.03
C VAL I 92 -32.17 10.63 2.29
N THR I 93 -30.92 10.77 1.84
CA THR I 93 -30.24 12.05 2.00
C THR I 93 -30.95 13.15 1.21
N TYR I 94 -31.40 12.84 -0.01
CA TYR I 94 -32.23 13.79 -0.74
C TYR I 94 -33.45 14.18 0.07
N GLY I 95 -34.11 13.21 0.68
CA GLY I 95 -35.31 13.51 1.44
C GLY I 95 -35.03 14.38 2.65
N ILE I 96 -33.91 14.14 3.34
CA ILE I 96 -33.56 14.95 4.50
C ILE I 96 -33.36 16.39 4.08
N VAL I 97 -32.64 16.61 2.98
CA VAL I 97 -32.43 17.97 2.51
C VAL I 97 -33.74 18.61 2.07
N ALA I 98 -34.57 17.85 1.35
CA ALA I 98 -35.77 18.44 0.75
C ALA I 98 -36.85 18.72 1.79
N GLY I 99 -36.87 17.96 2.88
CA GLY I 99 -37.89 18.13 3.89
C GLY I 99 -39.17 17.37 3.63
N ASP I 100 -39.21 16.53 2.60
CA ASP I 100 -40.39 15.77 2.25
C ASP I 100 -39.95 14.41 1.74
N VAL I 101 -40.90 13.46 1.72
CA VAL I 101 -40.61 12.13 1.18
C VAL I 101 -40.88 12.06 -0.32
N THR I 102 -41.31 13.16 -0.93
CA THR I 102 -41.54 13.15 -2.37
C THR I 102 -40.30 12.81 -3.19
N PRO I 103 -39.10 13.32 -2.88
CA PRO I 103 -37.92 12.84 -3.61
C PRO I 103 -37.75 11.34 -3.55
N ILE I 104 -37.88 10.76 -2.36
CA ILE I 104 -37.74 9.31 -2.20
C ILE I 104 -38.82 8.60 -3.01
N GLU I 105 -40.06 9.05 -2.87
CA GLU I 105 -41.17 8.33 -3.49
C GLU I 105 -41.11 8.39 -5.00
N GLU I 106 -40.77 9.56 -5.55
CA GLU I 106 -40.66 9.67 -7.00
C GLU I 106 -39.52 8.82 -7.52
N ILE I 107 -38.32 8.94 -6.92
CA ILE I 107 -37.16 8.29 -7.51
C ILE I 107 -37.20 6.79 -7.29
N GLY I 108 -37.58 6.34 -6.10
CA GLY I 108 -37.38 4.93 -5.80
C GLY I 108 -38.39 4.19 -4.94
N LEU I 109 -39.64 4.66 -4.88
CA LEU I 109 -40.66 3.93 -4.13
C LEU I 109 -41.95 3.70 -4.88
N VAL I 110 -42.18 4.37 -6.01
CA VAL I 110 -43.36 4.14 -6.83
C VAL I 110 -43.01 3.02 -7.81
N GLY I 111 -43.56 1.83 -7.56
CA GLY I 111 -43.31 0.71 -8.42
C GLY I 111 -42.12 -0.16 -8.04
N VAL I 112 -41.65 -0.07 -6.79
CA VAL I 112 -40.61 -1.00 -6.34
C VAL I 112 -41.13 -2.42 -6.42
N ARG I 113 -42.40 -2.62 -6.09
CA ARG I 113 -42.96 -3.96 -6.17
C ARG I 113 -42.86 -4.51 -7.58
N GLU I 114 -43.20 -3.70 -8.58
CA GLU I 114 -43.09 -4.14 -9.97
C GLU I 114 -41.64 -4.39 -10.36
N MET I 115 -40.75 -3.44 -10.06
CA MET I 115 -39.36 -3.57 -10.51
C MET I 115 -38.69 -4.77 -9.89
N TYR I 116 -38.77 -4.90 -8.56
CA TYR I 116 -38.11 -6.02 -7.90
C TYR I 116 -38.77 -7.35 -8.23
N ASN I 117 -40.09 -7.38 -8.41
CA ASN I 117 -40.74 -8.61 -8.83
C ASN I 117 -40.38 -8.99 -10.27
N SER I 118 -39.91 -8.04 -11.07
CA SER I 118 -39.41 -8.39 -12.40
C SER I 118 -37.97 -8.89 -12.32
N LEU I 119 -37.17 -8.33 -11.42
CA LEU I 119 -35.80 -8.79 -11.23
C LEU I 119 -35.72 -10.07 -10.42
N GLY I 120 -36.82 -10.50 -9.81
CA GLY I 120 -36.84 -11.69 -8.98
C GLY I 120 -36.48 -11.45 -7.53
N THR I 121 -36.05 -10.25 -7.18
CA THR I 121 -35.54 -9.98 -5.84
C THR I 121 -36.65 -10.10 -4.80
N PRO I 122 -36.32 -10.59 -3.58
CA PRO I 122 -37.30 -10.61 -2.49
C PRO I 122 -37.42 -9.27 -1.79
N ILE I 123 -38.58 -8.63 -1.96
CA ILE I 123 -38.78 -7.29 -1.40
C ILE I 123 -38.71 -7.27 0.13
N PRO I 124 -39.28 -8.22 0.88
CA PRO I 124 -39.11 -8.17 2.34
C PRO I 124 -37.66 -8.15 2.76
N ALA I 125 -36.80 -8.86 2.04
CA ALA I 125 -35.37 -8.81 2.35
C ALA I 125 -34.80 -7.42 2.08
N VAL I 126 -35.23 -6.76 1.01
CA VAL I 126 -34.81 -5.38 0.78
C VAL I 126 -35.22 -4.51 1.94
N ALA I 127 -36.43 -4.73 2.47
CA ALA I 127 -36.91 -3.94 3.61
C ALA I 127 -36.01 -4.15 4.82
N GLU I 128 -35.58 -5.38 5.05
CA GLU I 128 -34.65 -5.63 6.15
C GLU I 128 -33.35 -4.86 5.96
N GLY I 129 -32.86 -4.80 4.73
CA GLY I 129 -31.65 -4.05 4.47
C GLY I 129 -31.78 -2.59 4.84
N ILE I 130 -32.91 -1.97 4.47
CA ILE I 130 -33.09 -0.56 4.77
C ILE I 130 -33.23 -0.35 6.27
N ARG I 131 -33.89 -1.28 6.97
CA ARG I 131 -33.99 -1.16 8.42
C ARG I 131 -32.61 -1.22 9.07
N ALA I 132 -31.75 -2.10 8.56
CA ALA I 132 -30.38 -2.14 9.06
C ALA I 132 -29.66 -0.83 8.81
N MET I 133 -29.85 -0.23 7.64
CA MET I 133 -29.26 1.08 7.37
C MET I 133 -29.76 2.11 8.36
N LYS I 134 -31.05 2.04 8.72
CA LYS I 134 -31.61 2.98 9.67
C LYS I 134 -30.92 2.87 11.02
N ASN I 135 -30.70 1.65 11.50
CA ASN I 135 -30.04 1.45 12.78
C ASN I 135 -28.61 1.96 12.76
N VAL I 136 -27.87 1.64 11.69
CA VAL I 136 -26.48 2.09 11.59
C VAL I 136 -26.42 3.60 11.53
N ALA I 137 -27.31 4.22 10.77
CA ALA I 137 -27.33 5.68 10.68
C ALA I 137 -27.62 6.31 12.02
N CYS I 138 -28.49 5.68 12.82
CA CYS I 138 -28.78 6.21 14.15
C CYS I 138 -27.53 6.17 15.03
N SER I 139 -26.70 5.14 14.87
CA SER I 139 -25.44 5.13 15.61
C SER I 139 -24.59 6.34 15.24
N LEU I 140 -24.50 6.65 13.94
CA LEU I 140 -23.66 7.76 13.52
C LEU I 140 -24.21 9.10 13.97
N LEU I 141 -25.53 9.26 13.93
CA LEU I 141 -26.16 10.56 14.15
C LEU I 141 -26.50 10.78 15.62
N SER I 142 -26.61 12.06 15.99
CA SER I 142 -27.10 12.42 17.31
C SER I 142 -28.59 12.13 17.43
N ALA I 143 -29.04 11.96 18.67
CA ALA I 143 -30.38 11.42 18.92
C ALA I 143 -31.46 12.31 18.31
N GLU I 144 -31.37 13.63 18.53
CA GLU I 144 -32.37 14.53 17.97
C GLU I 144 -32.35 14.49 16.46
N ASP I 145 -31.15 14.55 15.87
CA ASP I 145 -31.04 14.46 14.42
C ASP I 145 -31.44 13.07 13.91
N ALA I 146 -31.06 12.02 14.64
CA ALA I 146 -31.37 10.66 14.20
C ALA I 146 -32.87 10.44 14.09
N ALA I 147 -33.65 11.05 14.99
CA ALA I 147 -35.11 10.93 14.89
C ALA I 147 -35.62 11.50 13.58
N GLU I 148 -35.09 12.65 13.15
CA GLU I 148 -35.53 13.27 11.92
C GLU I 148 -35.18 12.42 10.70
N ALA I 149 -33.93 11.93 10.65
CA ALA I 149 -33.53 11.07 9.54
C ALA I 149 -34.23 9.73 9.61
N GLY I 150 -34.50 9.23 10.82
CA GLY I 150 -35.19 7.96 10.95
C GLY I 150 -36.57 7.97 10.32
N SER I 151 -37.24 9.12 10.32
CA SER I 151 -38.56 9.21 9.70
C SER I 151 -38.50 8.88 8.23
N TYR I 152 -37.50 9.41 7.53
CA TYR I 152 -37.37 9.13 6.10
C TYR I 152 -37.02 7.66 5.85
N PHE I 153 -36.12 7.10 6.66
CA PHE I 153 -35.86 5.67 6.56
C PHE I 153 -37.13 4.86 6.80
N ASP I 154 -37.94 5.29 7.77
CA ASP I 154 -39.18 4.58 8.08
C ASP I 154 -40.16 4.62 6.91
N PHE I 155 -40.24 5.76 6.22
CA PHE I 155 -41.09 5.82 5.04
C PHE I 155 -40.67 4.79 4.00
N VAL I 156 -39.36 4.64 3.80
CA VAL I 156 -38.87 3.70 2.80
C VAL I 156 -39.25 2.27 3.17
N ILE I 157 -39.03 1.88 4.43
CA ILE I 157 -39.31 0.50 4.82
C ILE I 157 -40.80 0.22 4.74
N GLY I 158 -41.63 1.20 5.13
CA GLY I 158 -43.07 1.02 5.02
C GLY I 158 -43.51 0.83 3.58
N ALA I 159 -42.94 1.60 2.66
CA ALA I 159 -43.31 1.48 1.26
C ALA I 159 -42.97 0.10 0.72
N MET I 160 -41.85 -0.47 1.13
CA MET I 160 -41.47 -1.80 0.67
C MET I 160 -42.02 -2.92 1.53
N GLN I 161 -42.96 -2.62 2.41
CA GLN I 161 -43.70 -3.68 3.09
C GLN I 161 -45.14 -3.72 2.61
N MET J 1 -44.05 20.85 -11.25
CA MET J 1 -43.62 21.86 -10.30
C MET J 1 -42.35 21.42 -9.55
N GLN J 2 -41.30 22.23 -9.65
CA GLN J 2 -39.98 21.85 -9.15
C GLN J 2 -39.27 23.07 -8.60
N ASP J 3 -38.90 23.05 -7.33
CA ASP J 3 -38.22 24.18 -6.70
C ASP J 3 -36.77 24.24 -7.16
N ALA J 4 -36.03 25.16 -6.52
CA ALA J 4 -34.58 25.11 -6.58
C ALA J 4 -34.03 23.94 -5.77
N ILE J 5 -34.66 23.64 -4.63
CA ILE J 5 -34.23 22.50 -3.83
C ILE J 5 -34.47 21.20 -4.58
N THR J 6 -35.67 21.04 -5.12
CA THR J 6 -35.95 19.84 -5.92
C THR J 6 -35.09 19.82 -7.17
N ALA J 7 -34.81 20.98 -7.76
CA ALA J 7 -33.94 21.01 -8.93
C ALA J 7 -32.53 20.54 -8.58
N VAL J 8 -32.00 21.01 -7.45
CA VAL J 8 -30.64 20.62 -7.06
C VAL J 8 -30.57 19.11 -6.82
N ILE J 9 -31.51 18.58 -6.04
CA ILE J 9 -31.47 17.16 -5.73
C ILE J 9 -31.72 16.33 -6.99
N ASN J 10 -32.58 16.81 -7.89
CA ASN J 10 -32.87 16.05 -9.10
C ASN J 10 -31.68 16.03 -10.05
N ALA J 11 -30.94 17.14 -10.15
CA ALA J 11 -29.73 17.14 -10.96
C ALA J 11 -28.71 16.16 -10.41
N SER J 12 -28.51 16.15 -9.09
CA SER J 12 -27.60 15.19 -8.49
C SER J 12 -28.10 13.77 -8.71
N ASP J 13 -29.41 13.56 -8.66
CA ASP J 13 -29.96 12.23 -8.91
C ASP J 13 -29.67 11.77 -10.34
N VAL J 14 -29.86 12.65 -11.31
CA VAL J 14 -29.58 12.30 -12.70
C VAL J 14 -28.13 11.87 -12.84
N GLN J 15 -27.22 12.57 -12.18
CA GLN J 15 -25.82 12.18 -12.20
C GLN J 15 -25.52 11.00 -11.27
N GLY J 16 -26.49 10.54 -10.48
CA GLY J 16 -26.25 9.44 -9.59
C GLY J 16 -25.25 9.73 -8.49
N LYS J 17 -25.16 10.99 -8.08
CA LYS J 17 -24.20 11.42 -7.07
C LYS J 17 -24.95 11.85 -5.82
N TYR J 18 -24.39 11.53 -4.65
CA TYR J 18 -24.85 12.15 -3.43
C TYR J 18 -24.67 13.65 -3.53
N LEU J 19 -25.49 14.39 -2.80
CA LEU J 19 -25.38 15.85 -2.80
C LEU J 19 -23.96 16.28 -2.45
N ASP J 20 -23.25 16.85 -3.42
CA ASP J 20 -21.84 17.16 -3.24
C ASP J 20 -21.68 18.55 -2.65
N THR J 21 -20.42 19.00 -2.52
CA THR J 21 -20.15 20.28 -1.88
C THR J 21 -20.69 21.45 -2.70
N ALA J 22 -20.60 21.37 -4.03
CA ALA J 22 -21.06 22.46 -4.88
C ALA J 22 -22.58 22.58 -4.84
N ALA J 23 -23.30 21.47 -5.02
CA ALA J 23 -24.74 21.52 -4.96
C ALA J 23 -25.23 21.90 -3.57
N MET J 24 -24.53 21.43 -2.54
CA MET J 24 -24.88 21.84 -1.19
C MET J 24 -24.68 23.33 -0.97
N GLU J 25 -23.70 23.92 -1.66
CA GLU J 25 -23.57 25.37 -1.63
C GLU J 25 -24.78 26.05 -2.28
N LYS J 26 -25.25 25.50 -3.40
CA LYS J 26 -26.47 26.02 -4.01
C LYS J 26 -27.63 25.99 -3.02
N LEU J 27 -27.80 24.86 -2.35
CA LEU J 27 -28.88 24.73 -1.38
C LEU J 27 -28.73 25.72 -0.23
N LYS J 28 -27.50 25.89 0.26
CA LYS J 28 -27.28 26.86 1.33
C LYS J 28 -27.69 28.25 0.89
N ALA J 29 -27.40 28.62 -0.35
CA ALA J 29 -27.80 29.94 -0.85
C ALA J 29 -29.32 30.07 -0.85
N TYR J 30 -30.03 29.06 -1.35
CA TYR J 30 -31.49 29.14 -1.40
C TYR J 30 -32.07 29.23 0.01
N PHE J 31 -31.60 28.38 0.92
CA PHE J 31 -32.10 28.41 2.28
C PHE J 31 -31.87 29.77 2.93
N ALA J 32 -30.71 30.38 2.67
CA ALA J 32 -30.42 31.68 3.25
C ALA J 32 -31.35 32.76 2.72
N THR J 33 -31.62 32.77 1.42
CA THR J 33 -32.45 33.82 0.83
C THR J 33 -33.94 33.52 0.95
N GLY J 34 -34.31 32.38 1.53
CA GLY J 34 -35.71 32.02 1.65
C GLY J 34 -36.53 33.01 2.46
N GLU J 35 -35.92 33.62 3.49
CA GLU J 35 -36.67 34.56 4.33
C GLU J 35 -37.12 35.76 3.52
N LEU J 36 -36.22 36.33 2.71
CA LEU J 36 -36.61 37.43 1.83
C LEU J 36 -37.70 37.01 0.87
N ARG J 37 -37.56 35.83 0.27
CA ARG J 37 -38.58 35.36 -0.67
C ARG J 37 -39.93 35.24 0.01
N VAL J 38 -39.98 34.69 1.21
CA VAL J 38 -41.25 34.48 1.90
C VAL J 38 -41.92 35.80 2.22
N ARG J 39 -41.16 36.76 2.74
CA ARG J 39 -41.75 38.04 3.10
C ARG J 39 -42.30 38.75 1.87
N ALA J 40 -41.55 38.72 0.77
CA ALA J 40 -42.05 39.35 -0.46
C ALA J 40 -43.32 38.68 -0.95
N ALA J 41 -43.41 37.36 -0.79
CA ALA J 41 -44.63 36.66 -1.19
C ALA J 41 -45.82 37.14 -0.37
N SER J 42 -45.62 37.36 0.93
CA SER J 42 -46.70 37.91 1.74
C SER J 42 -47.10 39.31 1.26
N VAL J 43 -46.12 40.12 0.90
CA VAL J 43 -46.41 41.49 0.46
C VAL J 43 -47.24 41.48 -0.81
N ILE J 44 -46.83 40.68 -1.81
CA ILE J 44 -47.57 40.64 -3.06
C ILE J 44 -48.96 40.04 -2.84
N SER J 45 -49.06 39.05 -1.95
CA SER J 45 -50.36 38.44 -1.66
C SER J 45 -51.34 39.48 -1.13
N ALA J 46 -50.87 40.35 -0.23
CA ALA J 46 -51.77 41.34 0.35
C ALA J 46 -52.14 42.42 -0.66
N ASN J 47 -51.20 42.84 -1.49
CA ASN J 47 -51.40 43.97 -2.39
C ASN J 47 -51.65 43.55 -3.83
N ALA J 48 -52.20 42.35 -4.04
CA ALA J 48 -52.39 41.85 -5.40
C ALA J 48 -53.32 42.76 -6.20
N ALA J 49 -54.45 43.15 -5.60
CA ALA J 49 -55.40 44.00 -6.31
C ALA J 49 -54.77 45.34 -6.65
N ASN J 50 -54.00 45.92 -5.73
CA ASN J 50 -53.37 47.20 -5.99
C ASN J 50 -52.31 47.10 -7.08
N ILE J 51 -51.52 46.03 -7.07
CA ILE J 51 -50.50 45.87 -8.10
C ILE J 51 -51.14 45.79 -9.48
N VAL J 52 -52.19 44.98 -9.61
CA VAL J 52 -52.88 44.87 -10.90
C VAL J 52 -53.51 46.20 -11.27
N LYS J 53 -54.14 46.88 -10.30
CA LYS J 53 -54.79 48.15 -10.59
C LYS J 53 -53.79 49.15 -11.15
N GLU J 54 -52.66 49.34 -10.47
CA GLU J 54 -51.70 50.34 -10.89
C GLU J 54 -51.10 50.00 -12.24
N ALA J 55 -50.86 48.71 -12.50
CA ALA J 55 -50.31 48.32 -13.79
C ALA J 55 -51.30 48.59 -14.91
N VAL J 56 -52.56 48.21 -14.72
CA VAL J 56 -53.59 48.47 -15.73
C VAL J 56 -53.70 49.96 -15.99
N ALA J 57 -53.56 50.78 -14.95
CA ALA J 57 -53.60 52.22 -15.12
C ALA J 57 -52.38 52.73 -15.88
N LYS J 58 -51.19 52.24 -15.53
CA LYS J 58 -49.97 52.82 -16.09
C LYS J 58 -49.80 52.49 -17.56
N SER J 59 -50.35 51.37 -18.04
CA SER J 59 -50.07 50.95 -19.40
C SER J 59 -51.30 50.70 -20.27
N LEU J 60 -52.47 50.44 -19.70
CA LEU J 60 -53.59 49.95 -20.49
C LEU J 60 -54.80 50.86 -20.50
N LEU J 61 -55.11 51.55 -19.41
CA LEU J 61 -56.30 52.37 -19.37
C LEU J 61 -56.15 53.60 -20.25
N TYR J 62 -57.29 54.21 -20.58
CA TYR J 62 -57.35 55.44 -21.36
C TYR J 62 -56.58 55.30 -22.67
N SER J 63 -56.92 54.26 -23.43
CA SER J 63 -56.22 53.99 -24.68
C SER J 63 -57.14 53.23 -25.62
N ASP J 64 -56.59 52.90 -26.80
CA ASP J 64 -57.35 52.18 -27.82
C ASP J 64 -57.88 50.85 -27.28
N ILE J 65 -57.09 50.18 -26.45
CA ILE J 65 -57.44 48.84 -25.99
C ILE J 65 -58.76 48.87 -25.21
N THR J 66 -58.96 49.90 -24.40
CA THR J 66 -60.20 50.01 -23.63
C THR J 66 -61.32 50.68 -24.40
N ARG J 67 -61.02 51.49 -25.40
CA ARG J 67 -62.06 52.15 -26.17
C ARG J 67 -62.74 51.16 -27.10
N PRO J 68 -63.96 51.46 -27.57
CA PRO J 68 -64.70 50.50 -28.38
C PRO J 68 -63.93 50.11 -29.64
N GLY J 69 -64.09 48.86 -30.03
CA GLY J 69 -63.30 48.31 -31.11
C GLY J 69 -61.93 47.84 -30.70
N GLY J 70 -61.59 47.92 -29.41
CA GLY J 70 -60.34 47.39 -28.92
C GLY J 70 -60.62 46.12 -28.13
N MET J 72 -59.88 45.12 -24.85
CA MET J 72 -60.39 45.24 -23.49
C MET J 72 -61.76 45.89 -23.43
N TYR J 73 -62.23 46.46 -24.54
CA TYR J 73 -63.57 47.00 -24.55
C TYR J 73 -64.59 45.91 -24.30
N THR J 74 -65.70 46.30 -23.66
CA THR J 74 -66.71 45.42 -23.05
C THR J 74 -66.23 44.97 -21.69
N THR J 75 -67.13 44.99 -20.71
CA THR J 75 -66.77 44.62 -19.35
C THR J 75 -66.30 43.18 -19.28
N ARG J 76 -66.92 42.29 -20.05
CA ARG J 76 -66.44 40.93 -20.19
C ARG J 76 -64.94 40.89 -20.45
N ARG J 77 -64.51 41.54 -21.53
CA ARG J 77 -63.12 41.50 -21.95
C ARG J 77 -62.21 42.16 -20.91
N TYR J 78 -62.64 43.28 -20.33
CA TYR J 78 -61.81 43.95 -19.34
C TYR J 78 -61.62 43.08 -18.11
N ALA J 79 -62.68 42.42 -17.66
CA ALA J 79 -62.56 41.53 -16.50
C ALA J 79 -61.62 40.38 -16.81
N ALA J 80 -61.67 39.86 -18.04
CA ALA J 80 -60.73 38.83 -18.44
C ALA J 80 -59.29 39.34 -18.37
N CYS J 81 -59.06 40.58 -18.81
CA CYS J 81 -57.68 41.08 -18.80
C CYS J 81 -57.15 41.19 -17.38
N ILE J 82 -57.94 41.74 -16.46
CA ILE J 82 -57.44 41.86 -15.10
C ILE J 82 -57.28 40.48 -14.47
N ARG J 83 -58.13 39.53 -14.83
CA ARG J 83 -57.96 38.16 -14.34
C ARG J 83 -56.64 37.58 -14.80
N ASP J 84 -56.32 37.74 -16.09
CA ASP J 84 -55.08 37.19 -16.60
C ASP J 84 -53.87 37.88 -16.01
N LEU J 85 -53.96 39.20 -15.77
CA LEU J 85 -52.86 39.90 -15.12
C LEU J 85 -52.64 39.38 -13.71
N ASP J 86 -53.70 39.10 -12.97
CA ASP J 86 -53.52 38.53 -11.65
C ASP J 86 -52.93 37.13 -11.74
N TYR J 87 -53.33 36.35 -12.75
CA TYR J 87 -52.75 35.03 -12.93
C TYR J 87 -51.24 35.13 -13.13
N TYR J 88 -50.81 36.08 -13.98
CA TYR J 88 -49.39 36.28 -14.19
C TYR J 88 -48.69 36.69 -12.90
N LEU J 89 -49.35 37.51 -12.08
CA LEU J 89 -48.76 37.93 -10.82
C LEU J 89 -48.69 36.78 -9.83
N ARG J 90 -49.79 36.02 -9.70
CA ARG J 90 -49.84 34.94 -8.71
C ARG J 90 -48.82 33.86 -9.03
N TYR J 91 -48.72 33.47 -10.30
CA TYR J 91 -47.75 32.45 -10.67
C TYR J 91 -46.32 32.97 -10.56
N ALA J 92 -46.10 34.25 -10.82
CA ALA J 92 -44.77 34.82 -10.59
C ALA J 92 -44.40 34.74 -9.12
N THR J 93 -45.36 34.96 -8.23
CA THR J 93 -45.07 34.86 -6.80
C THR J 93 -44.78 33.41 -6.40
N TYR J 94 -45.56 32.46 -6.93
CA TYR J 94 -45.23 31.05 -6.72
C TYR J 94 -43.79 30.78 -7.13
N ALA J 95 -43.41 31.28 -8.31
CA ALA J 95 -42.08 31.02 -8.83
C ALA J 95 -41.00 31.66 -7.97
N MET J 96 -41.25 32.86 -7.45
CA MET J 96 -40.27 33.48 -6.55
C MET J 96 -40.07 32.64 -5.31
N LEU J 97 -41.16 32.18 -4.70
CA LEU J 97 -41.05 31.33 -3.52
C LEU J 97 -40.24 30.08 -3.82
N ALA J 98 -40.55 29.40 -4.91
CA ALA J 98 -39.87 28.17 -5.26
C ALA J 98 -38.41 28.40 -5.61
N GLY J 99 -38.13 29.46 -6.37
CA GLY J 99 -36.81 29.70 -6.88
C GLY J 99 -36.57 29.17 -8.28
N ASP J 100 -37.62 28.75 -8.98
CA ASP J 100 -37.49 28.13 -10.29
C ASP J 100 -38.64 28.58 -11.19
N PRO J 101 -38.37 28.77 -12.48
CA PRO J 101 -39.43 29.17 -13.41
C PRO J 101 -40.25 28.01 -13.95
N SER J 102 -40.05 26.80 -13.42
CA SER J 102 -40.74 25.63 -13.95
C SER J 102 -42.25 25.73 -13.73
N ILE J 103 -42.68 26.31 -12.62
CA ILE J 103 -44.11 26.47 -12.39
C ILE J 103 -44.72 27.34 -13.48
N LEU J 104 -44.03 28.41 -13.86
CA LEU J 104 -44.52 29.26 -14.95
C LEU J 104 -44.57 28.48 -16.26
N ASP J 105 -43.52 27.72 -16.56
CA ASP J 105 -43.50 26.94 -17.79
C ASP J 105 -44.66 25.97 -17.85
N GLU J 106 -44.85 25.18 -16.80
CA GLU J 106 -45.80 24.09 -16.87
C GLU J 106 -47.25 24.59 -16.81
N ARG J 107 -47.51 25.56 -15.94
CA ARG J 107 -48.89 25.97 -15.68
C ARG J 107 -49.33 27.18 -16.49
N VAL J 108 -48.45 28.16 -16.72
CA VAL J 108 -48.86 29.38 -17.41
C VAL J 108 -48.49 29.31 -18.88
N LEU J 109 -47.20 29.27 -19.17
CA LEU J 109 -46.71 29.47 -20.53
C LEU J 109 -46.96 28.30 -21.45
N ASN J 110 -47.60 27.22 -20.98
CA ASN J 110 -47.74 26.01 -21.78
C ASN J 110 -48.84 26.17 -22.84
N GLY J 111 -48.59 27.09 -23.78
CA GLY J 111 -49.51 27.35 -24.87
C GLY J 111 -50.04 28.76 -24.90
N LEU J 112 -49.58 29.62 -23.97
CA LEU J 112 -50.17 30.95 -23.82
C LEU J 112 -50.12 31.74 -25.12
N LYS J 113 -48.97 31.72 -25.78
CA LYS J 113 -48.84 32.48 -27.04
C LYS J 113 -49.86 32.01 -28.06
N GLU J 114 -50.08 30.70 -28.15
CA GLU J 114 -51.08 30.18 -29.08
C GLU J 114 -52.49 30.62 -28.69
N THR J 115 -52.81 30.60 -27.39
CA THR J 115 -54.14 31.02 -26.96
C THR J 115 -54.39 32.48 -27.28
N TYR J 116 -53.41 33.34 -26.98
CA TYR J 116 -53.59 34.76 -27.26
C TYR J 116 -53.66 35.04 -28.75
N ASN J 117 -52.90 34.28 -29.55
CA ASN J 117 -53.02 34.43 -30.99
C ASN J 117 -54.36 33.93 -31.50
N SER J 118 -54.95 32.94 -30.83
CA SER J 118 -56.27 32.45 -31.25
C SER J 118 -57.36 33.47 -30.93
N LEU J 119 -57.31 34.07 -29.75
CA LEU J 119 -58.36 35.01 -29.36
C LEU J 119 -58.15 36.41 -29.90
N GLY J 120 -56.96 36.73 -30.38
CA GLY J 120 -56.66 38.08 -30.83
C GLY J 120 -56.14 39.01 -29.76
N VAL J 121 -55.81 38.48 -28.59
CA VAL J 121 -55.30 39.31 -27.48
C VAL J 121 -53.97 39.94 -27.90
N PRO J 122 -53.76 41.23 -27.66
CA PRO J 122 -52.49 41.85 -28.07
C PRO J 122 -51.31 41.44 -27.21
N ILE J 123 -50.37 40.71 -27.81
CA ILE J 123 -49.22 40.22 -27.08
C ILE J 123 -48.35 41.38 -26.59
N ALA J 124 -48.21 42.41 -27.41
CA ALA J 124 -47.41 43.56 -27.02
C ALA J 124 -48.00 44.27 -25.81
N ALA J 125 -49.32 44.46 -25.81
CA ALA J 125 -49.96 45.13 -24.69
C ALA J 125 -49.88 44.29 -23.42
N THR J 126 -50.02 42.97 -23.55
CA THR J 126 -49.85 42.11 -22.38
C THR J 126 -48.44 42.22 -21.82
N VAL J 127 -47.45 42.27 -22.70
CA VAL J 127 -46.07 42.44 -22.25
C VAL J 127 -45.90 43.77 -21.52
N GLN J 128 -46.50 44.84 -22.06
CA GLN J 128 -46.43 46.13 -21.39
C GLN J 128 -47.06 46.07 -20.01
N ALA J 129 -48.21 45.40 -19.89
CA ALA J 129 -48.86 45.31 -18.60
C ALA J 129 -48.02 44.55 -17.59
N ILE J 130 -47.41 43.44 -18.02
CA ILE J 130 -46.62 42.64 -17.10
C ILE J 130 -45.37 43.41 -16.66
N GLN J 131 -44.77 44.17 -17.58
CA GLN J 131 -43.64 45.00 -17.18
C GLN J 131 -44.08 46.12 -16.24
N ALA J 132 -45.30 46.64 -16.41
CA ALA J 132 -45.82 47.60 -15.45
C ALA J 132 -46.00 46.98 -14.08
N MET J 133 -46.52 45.75 -14.02
CA MET J 133 -46.61 45.05 -12.74
C MET J 133 -45.24 44.86 -12.13
N LYS J 134 -44.24 44.56 -12.97
CA LYS J 134 -42.88 44.41 -12.49
C LYS J 134 -42.41 45.66 -11.76
N GLU J 135 -42.65 46.83 -12.35
CA GLU J 135 -42.28 48.08 -11.70
C GLU J 135 -43.02 48.26 -10.37
N VAL J 136 -44.34 48.09 -10.39
CA VAL J 136 -45.13 48.36 -9.18
C VAL J 136 -44.75 47.41 -8.06
N THR J 137 -44.62 46.12 -8.37
CA THR J 137 -44.29 45.15 -7.32
C THR J 137 -42.86 45.36 -6.82
N ALA J 138 -41.96 45.85 -7.66
CA ALA J 138 -40.63 46.18 -7.18
C ALA J 138 -40.71 47.26 -6.11
N SER J 139 -41.55 48.27 -6.33
CA SER J 139 -41.73 49.30 -5.32
C SER J 139 -42.28 48.71 -4.02
N LEU J 140 -43.28 47.85 -4.12
CA LEU J 140 -43.93 47.35 -2.92
C LEU J 140 -43.01 46.43 -2.12
N VAL J 141 -42.37 45.47 -2.78
CA VAL J 141 -41.58 44.47 -2.08
C VAL J 141 -40.15 44.92 -1.82
N GLY J 142 -39.73 46.07 -2.35
CA GLY J 142 -38.37 46.52 -2.20
C GLY J 142 -37.48 46.01 -3.32
N ALA J 143 -36.29 46.61 -3.41
CA ALA J 143 -35.38 46.28 -4.51
C ALA J 143 -34.80 44.89 -4.37
N ASP J 144 -34.45 44.48 -3.13
CA ASP J 144 -33.74 43.22 -2.94
C ASP J 144 -34.55 42.04 -3.44
N ALA J 145 -35.80 41.94 -3.00
CA ALA J 145 -36.70 40.94 -3.56
C ALA J 145 -37.35 41.38 -4.86
N GLY J 146 -37.23 42.65 -5.21
CA GLY J 146 -37.73 43.10 -6.50
C GLY J 146 -36.95 42.53 -7.67
N LYS J 147 -35.62 42.45 -7.52
CA LYS J 147 -34.81 41.81 -8.55
C LYS J 147 -35.16 40.34 -8.68
N GLU J 148 -35.30 39.64 -7.56
CA GLU J 148 -35.63 38.22 -7.59
C GLU J 148 -36.98 37.99 -8.26
N MET J 149 -37.96 38.84 -7.96
CA MET J 149 -39.23 38.78 -8.68
C MET J 149 -39.06 39.13 -10.16
N GLY J 150 -38.25 40.14 -10.44
CA GLY J 150 -38.14 40.63 -11.79
C GLY J 150 -37.72 39.59 -12.79
N ILE J 151 -36.86 38.65 -12.37
CA ILE J 151 -36.41 37.62 -13.30
C ILE J 151 -37.58 36.75 -13.74
N TYR J 152 -38.52 36.47 -12.83
CA TYR J 152 -39.66 35.63 -13.19
C TYR J 152 -40.70 36.41 -13.99
N PHE J 153 -40.89 37.69 -13.67
CA PHE J 153 -41.75 38.52 -14.50
C PHE J 153 -41.19 38.64 -15.93
N ASP J 154 -39.88 38.81 -16.04
CA ASP J 154 -39.25 38.82 -17.36
C ASP J 154 -39.41 37.49 -18.07
N TYR J 155 -39.42 36.38 -17.31
CA TYR J 155 -39.65 35.08 -17.92
C TYR J 155 -41.02 35.03 -18.59
N ILE J 156 -42.06 35.50 -17.90
CA ILE J 156 -43.39 35.51 -18.48
C ILE J 156 -43.43 36.39 -19.72
N CYS J 157 -42.80 37.58 -19.63
CA CYS J 157 -42.78 38.49 -20.77
C CYS J 157 -42.15 37.82 -21.99
N SER J 158 -41.01 37.16 -21.79
CA SER J 158 -40.34 36.49 -22.89
C SER J 158 -41.21 35.40 -23.50
N GLY J 159 -41.87 34.62 -22.64
CA GLY J 159 -42.71 33.55 -23.15
C GLY J 159 -43.86 34.06 -24.00
N LEU J 160 -44.54 35.12 -23.54
CA LEU J 160 -45.65 35.67 -24.30
C LEU J 160 -45.19 36.34 -25.59
N SER J 161 -43.99 36.89 -25.60
CA SER J 161 -43.46 37.56 -26.78
C SER J 161 -43.46 36.64 -28.00
N SER K 2 -81.28 38.88 -27.91
CA SER K 2 -82.60 38.94 -28.50
C SER K 2 -83.47 37.77 -28.05
N VAL K 3 -84.78 37.92 -28.22
CA VAL K 3 -85.69 36.81 -27.93
C VAL K 3 -85.38 35.64 -28.83
N VAL K 4 -85.11 35.90 -30.11
CA VAL K 4 -84.83 34.83 -31.05
C VAL K 4 -83.57 34.08 -30.64
N THR K 5 -82.52 34.79 -30.24
CA THR K 5 -81.28 34.10 -29.89
C THR K 5 -81.40 33.34 -28.57
N LYS K 6 -82.12 33.89 -27.59
CA LYS K 6 -82.30 33.16 -26.35
C LYS K 6 -83.12 31.89 -26.57
N SER K 7 -84.16 31.99 -27.39
CA SER K 7 -84.96 30.81 -27.71
C SER K 7 -84.13 29.76 -28.43
N ILE K 8 -83.34 30.19 -29.42
CA ILE K 8 -82.51 29.26 -30.16
C ILE K 8 -81.48 28.61 -29.24
N VAL K 9 -80.92 29.38 -28.31
CA VAL K 9 -79.89 28.84 -27.42
C VAL K 9 -80.47 27.75 -26.54
N ASN K 10 -81.64 27.99 -25.95
CA ASN K 10 -82.27 26.97 -25.13
C ASN K 10 -82.63 25.74 -25.95
N ALA K 11 -83.21 25.95 -27.13
CA ALA K 11 -83.58 24.83 -27.99
C ALA K 11 -82.35 24.06 -28.45
N ASP K 12 -81.28 24.79 -28.77
CA ASP K 12 -80.04 24.16 -29.20
C ASP K 12 -79.44 23.29 -28.09
N ALA K 13 -79.44 23.80 -26.86
CA ALA K 13 -78.91 23.03 -25.73
C ALA K 13 -79.81 21.87 -25.35
N GLU K 14 -81.03 21.80 -25.86
CA GLU K 14 -81.91 20.68 -25.56
C GLU K 14 -82.27 19.88 -26.80
N ALA K 15 -81.61 20.12 -27.93
CA ALA K 15 -81.81 19.36 -29.17
C ALA K 15 -83.30 19.28 -29.52
N ARG K 16 -83.88 20.45 -29.76
CA ARG K 16 -85.32 20.60 -29.81
C ARG K 16 -85.66 21.63 -30.86
N TYR K 17 -86.41 21.25 -31.88
CA TYR K 17 -86.99 22.25 -32.77
C TYR K 17 -87.81 23.22 -31.93
N LEU K 18 -87.68 24.51 -32.23
CA LEU K 18 -88.17 25.55 -31.34
C LEU K 18 -89.61 25.29 -30.94
N SER K 19 -89.87 25.32 -29.63
CA SER K 19 -91.16 24.95 -29.11
C SER K 19 -92.22 25.96 -29.56
N PRO K 20 -93.49 25.56 -29.60
CA PRO K 20 -94.53 26.49 -30.06
C PRO K 20 -94.63 27.73 -29.20
N GLY K 21 -94.44 27.61 -27.88
CA GLY K 21 -94.47 28.77 -27.03
C GLY K 21 -93.34 29.74 -27.32
N GLU K 22 -92.13 29.21 -27.53
CA GLU K 22 -91.01 30.07 -27.89
C GLU K 22 -91.25 30.75 -29.23
N LEU K 23 -91.83 30.02 -30.19
CA LEU K 23 -92.19 30.62 -31.47
C LEU K 23 -93.20 31.74 -31.28
N ASP K 24 -94.18 31.54 -30.39
CA ASP K 24 -95.15 32.59 -30.10
C ASP K 24 -94.49 33.82 -29.51
N ARG K 25 -93.52 33.62 -28.62
CA ARG K 25 -92.79 34.76 -28.05
C ARG K 25 -92.08 35.55 -29.14
N ILE K 26 -91.46 34.85 -30.09
CA ILE K 26 -90.80 35.52 -31.19
C ILE K 26 -91.81 36.27 -32.06
N LYS K 27 -93.00 35.69 -32.24
CA LYS K 27 -94.03 36.34 -33.04
C LYS K 27 -94.45 37.67 -32.44
N ASN K 28 -94.73 37.68 -31.13
CA ASN K 28 -95.10 38.93 -30.47
C ASN K 28 -94.00 39.96 -30.58
N PHE K 29 -92.75 39.52 -30.42
CA PHE K 29 -91.63 40.45 -30.46
C PHE K 29 -91.46 41.08 -31.83
N VAL K 30 -91.57 40.30 -32.91
CA VAL K 30 -91.39 40.90 -34.23
C VAL K 30 -92.51 41.88 -34.53
N SER K 31 -93.72 41.62 -34.02
CA SER K 31 -94.80 42.59 -34.24
C SER K 31 -94.52 43.90 -33.51
N THR K 32 -94.07 43.84 -32.26
CA THR K 32 -93.84 45.07 -31.51
C THR K 32 -92.61 45.84 -31.98
N GLY K 33 -91.83 45.27 -32.90
CA GLY K 33 -90.66 45.92 -33.45
C GLY K 33 -90.75 47.41 -33.76
N GLU K 34 -91.84 47.86 -34.39
CA GLU K 34 -91.98 49.27 -34.72
C GLU K 34 -91.94 50.14 -33.45
N ARG K 35 -92.71 49.77 -32.44
CA ARG K 35 -92.71 50.52 -31.19
C ARG K 35 -91.33 50.48 -30.54
N ARG K 36 -90.68 49.31 -30.57
CA ARG K 36 -89.35 49.19 -29.99
C ARG K 36 -88.38 50.18 -30.62
N LEU K 37 -88.33 50.22 -31.95
CA LEU K 37 -87.40 51.10 -32.64
C LEU K 37 -87.72 52.56 -32.37
N ARG K 38 -89.01 52.90 -32.27
CA ARG K 38 -89.38 54.28 -31.96
C ARG K 38 -88.86 54.70 -30.58
N ILE K 39 -89.01 53.83 -29.58
CA ILE K 39 -88.53 54.13 -28.24
C ILE K 39 -87.02 54.34 -28.26
N ALA K 40 -86.30 53.45 -28.96
CA ALA K 40 -84.86 53.59 -29.05
C ALA K 40 -84.47 54.90 -29.71
N GLN K 41 -85.20 55.29 -30.76
CA GLN K 41 -84.88 56.52 -31.46
C GLN K 41 -85.01 57.73 -30.55
N THR K 42 -86.09 57.80 -29.77
CA THR K 42 -86.24 58.94 -28.86
C THR K 42 -85.10 58.98 -27.84
N LEU K 43 -84.74 57.82 -27.29
CA LEU K 43 -83.71 57.79 -26.26
C LEU K 43 -82.36 58.23 -26.82
N THR K 44 -81.99 57.73 -28.00
CA THR K 44 -80.70 58.13 -28.56
C THR K 44 -80.70 59.60 -28.98
N GLU K 45 -81.85 60.11 -29.44
CA GLU K 45 -81.93 61.52 -29.81
C GLU K 45 -81.75 62.41 -28.58
N ASN K 46 -82.29 62.00 -27.44
CA ASN K 46 -82.20 62.78 -26.21
C ASN K 46 -81.05 62.31 -25.32
N ARG K 47 -80.08 61.58 -25.87
CA ARG K 47 -79.02 61.02 -25.05
C ARG K 47 -78.23 62.10 -24.32
N GLU K 48 -78.01 63.25 -24.97
CA GLU K 48 -77.26 64.31 -24.32
C GLU K 48 -77.99 64.82 -23.09
N ARG K 49 -79.29 65.09 -23.22
CA ARG K 49 -80.07 65.58 -22.09
C ARG K 49 -80.14 64.55 -20.98
N ILE K 50 -80.36 63.28 -21.33
CA ILE K 50 -80.48 62.23 -20.32
C ILE K 50 -79.21 62.14 -19.49
N VAL K 51 -78.06 62.06 -20.16
CA VAL K 51 -76.80 61.92 -19.44
C VAL K 51 -76.52 63.14 -18.57
N LYS K 52 -76.73 64.34 -19.12
CA LYS K 52 -76.42 65.55 -18.37
C LYS K 52 -77.27 65.66 -17.11
N GLN K 53 -78.60 65.54 -17.26
CA GLN K 53 -79.48 65.67 -16.10
C GLN K 53 -79.23 64.57 -15.09
N ALA K 54 -79.07 63.32 -15.56
CA ALA K 54 -78.86 62.21 -14.64
C ALA K 54 -77.52 62.34 -13.92
N GLY K 55 -76.50 62.83 -14.61
CA GLY K 55 -75.22 63.06 -13.97
C GLY K 55 -75.32 64.08 -12.85
N ASP K 56 -76.04 65.16 -13.08
CA ASP K 56 -76.29 66.13 -12.02
C ASP K 56 -76.96 65.45 -10.83
N GLN K 57 -77.96 64.61 -11.10
CA GLN K 57 -78.66 63.92 -10.02
C GLN K 57 -77.71 62.98 -9.27
N LEU K 58 -76.85 62.27 -9.99
CA LEU K 58 -75.93 61.34 -9.33
C LEU K 58 -75.02 62.09 -8.37
N PHE K 59 -74.41 63.19 -8.84
CA PHE K 59 -73.49 63.93 -7.98
C PHE K 59 -74.22 64.55 -6.81
N GLN K 60 -75.45 65.03 -7.03
CA GLN K 60 -76.23 65.62 -5.95
C GLN K 60 -76.60 64.58 -4.90
N LYS K 61 -77.04 63.40 -5.33
CA LYS K 61 -77.44 62.36 -4.38
C LYS K 61 -76.24 61.79 -3.65
N ARG K 62 -75.10 61.67 -4.32
CA ARG K 62 -73.87 61.10 -3.74
C ARG K 62 -72.76 62.12 -3.92
N PRO K 63 -72.66 63.10 -3.02
CA PRO K 63 -71.56 64.07 -3.11
C PRO K 63 -70.19 63.44 -2.93
N ASP K 64 -70.11 62.29 -2.25
CA ASP K 64 -68.81 61.70 -1.96
C ASP K 64 -68.05 61.31 -3.22
N VAL K 65 -68.78 60.93 -4.27
CA VAL K 65 -68.10 60.52 -5.50
C VAL K 65 -67.37 61.69 -6.15
N VAL K 66 -67.88 62.91 -5.97
CA VAL K 66 -67.22 64.11 -6.49
C VAL K 66 -66.40 64.82 -5.42
N SER K 67 -66.52 64.41 -4.16
CA SER K 67 -65.68 64.95 -3.11
C SER K 67 -64.25 64.47 -3.30
N PRO K 68 -63.27 65.15 -2.72
CA PRO K 68 -61.90 64.64 -2.76
C PRO K 68 -61.81 63.26 -2.14
N GLY K 69 -61.04 62.39 -2.78
CA GLY K 69 -60.99 61.00 -2.41
C GLY K 69 -62.01 60.12 -3.09
N GLY K 70 -62.97 60.71 -3.81
CA GLY K 70 -63.94 59.94 -4.55
C GLY K 70 -63.45 59.63 -5.95
N ASN K 71 -64.10 58.65 -6.57
CA ASN K 71 -63.65 58.18 -7.88
C ASN K 71 -63.71 59.30 -8.91
N ALA K 72 -64.84 60.01 -8.98
CA ALA K 72 -65.03 61.07 -9.96
C ALA K 72 -64.73 62.43 -9.34
N TYR K 73 -63.47 62.61 -8.99
CA TYR K 73 -62.98 63.89 -8.49
C TYR K 73 -62.11 64.53 -9.55
N GLY K 74 -62.43 65.76 -9.92
CA GLY K 74 -61.76 66.42 -11.02
C GLY K 74 -62.55 66.30 -12.32
N GLU K 75 -62.27 67.24 -13.23
CA GLU K 75 -63.05 67.33 -14.45
C GLU K 75 -62.91 66.08 -15.31
N GLU K 76 -61.69 65.57 -15.48
CA GLU K 76 -61.48 64.41 -16.34
C GLU K 76 -62.14 63.17 -15.75
N MET K 77 -62.01 62.95 -14.45
CA MET K 77 -62.65 61.79 -13.83
C MET K 77 -64.16 61.89 -13.94
N THR K 78 -64.71 63.08 -13.71
CA THR K 78 -66.14 63.28 -13.88
C THR K 78 -66.55 63.04 -15.32
N ALA K 79 -65.72 63.45 -16.28
CA ALA K 79 -66.02 63.21 -17.68
C ALA K 79 -66.10 61.72 -17.98
N THR K 80 -65.17 60.93 -17.45
CA THR K 80 -65.23 59.49 -17.66
C THR K 80 -66.47 58.89 -17.01
N CYS K 81 -66.86 59.41 -15.83
CA CYS K 81 -68.08 58.90 -15.21
C CYS K 81 -69.28 59.17 -16.10
N LEU K 82 -69.37 60.37 -16.66
CA LEU K 82 -70.46 60.68 -17.58
C LEU K 82 -70.39 59.81 -18.82
N ARG K 83 -69.18 59.51 -19.29
CA ARG K 83 -69.03 58.63 -20.44
C ARG K 83 -69.53 57.22 -20.12
N ASP K 84 -69.27 56.74 -18.91
CA ASP K 84 -69.81 55.45 -18.50
C ASP K 84 -71.33 55.46 -18.50
N LEU K 85 -71.93 56.54 -18.01
CA LEU K 85 -73.37 56.67 -18.07
C LEU K 85 -73.86 56.67 -19.51
N ASP K 86 -73.11 57.31 -20.40
CA ASP K 86 -73.46 57.27 -21.82
C ASP K 86 -73.36 55.86 -22.38
N TYR K 87 -72.31 55.13 -21.98
CA TYR K 87 -72.19 53.73 -22.39
C TYR K 87 -73.40 52.93 -21.97
N TYR K 88 -73.82 53.08 -20.72
CA TYR K 88 -74.94 52.28 -20.22
C TYR K 88 -76.24 52.65 -20.91
N LEU K 89 -76.43 53.93 -21.24
CA LEU K 89 -77.60 54.30 -22.02
C LEU K 89 -77.57 53.65 -23.39
N ARG K 90 -76.41 53.64 -24.04
CA ARG K 90 -76.30 52.97 -25.33
C ARG K 90 -76.66 51.51 -25.21
N LEU K 91 -76.21 50.86 -24.13
CA LEU K 91 -76.56 49.46 -23.91
C LEU K 91 -78.06 49.29 -23.70
N VAL K 92 -78.69 50.22 -23.00
CA VAL K 92 -80.13 50.10 -22.76
C VAL K 92 -80.91 50.25 -24.05
N THR K 93 -80.47 51.16 -24.94
CA THR K 93 -81.12 51.25 -26.25
C THR K 93 -80.97 49.95 -27.02
N TYR K 94 -79.78 49.36 -26.99
CA TYR K 94 -79.57 48.06 -27.62
C TYR K 94 -80.54 47.03 -27.07
N GLY K 95 -80.67 46.98 -25.75
CA GLY K 95 -81.55 46.00 -25.13
C GLY K 95 -83.00 46.21 -25.51
N ILE K 96 -83.45 47.46 -25.56
CA ILE K 96 -84.83 47.76 -25.94
C ILE K 96 -85.11 47.25 -27.35
N VAL K 97 -84.19 47.52 -28.28
CA VAL K 97 -84.37 47.07 -29.65
C VAL K 97 -84.40 45.54 -29.71
N ALA K 98 -83.48 44.90 -29.00
CA ALA K 98 -83.38 43.45 -29.07
C ALA K 98 -84.60 42.77 -28.44
N GLY K 99 -85.26 43.43 -27.49
CA GLY K 99 -86.33 42.80 -26.76
C GLY K 99 -85.87 41.83 -25.70
N ASP K 100 -84.57 41.72 -25.48
CA ASP K 100 -84.00 40.87 -24.46
C ASP K 100 -82.89 41.65 -23.78
N VAL K 101 -82.57 41.26 -22.54
CA VAL K 101 -81.50 41.93 -21.82
C VAL K 101 -80.14 41.33 -22.13
N THR K 102 -80.08 40.24 -22.89
CA THR K 102 -78.80 39.60 -23.14
C THR K 102 -77.78 40.47 -23.89
N PRO K 103 -78.16 41.38 -24.81
CA PRO K 103 -77.12 42.28 -25.33
C PRO K 103 -76.52 43.16 -24.25
N ILE K 104 -77.33 43.64 -23.32
CA ILE K 104 -76.81 44.42 -22.20
C ILE K 104 -75.89 43.57 -21.34
N GLU K 105 -76.31 42.33 -21.07
CA GLU K 105 -75.50 41.45 -20.22
C GLU K 105 -74.16 41.15 -20.88
N GLU K 106 -74.18 40.74 -22.15
CA GLU K 106 -72.94 40.43 -22.84
C GLU K 106 -72.01 41.64 -22.87
N ILE K 107 -72.56 42.81 -23.18
CA ILE K 107 -71.77 44.02 -23.32
C ILE K 107 -72.02 44.87 -22.07
N GLY K 108 -71.13 44.76 -21.09
CA GLY K 108 -71.04 45.71 -20.01
C GLY K 108 -71.60 45.27 -18.67
N LEU K 109 -72.40 44.20 -18.62
CA LEU K 109 -73.01 43.80 -17.37
C LEU K 109 -72.40 42.55 -16.75
N VAL K 110 -71.65 41.76 -17.52
CA VAL K 110 -71.04 40.54 -17.00
C VAL K 110 -69.62 40.87 -16.57
N GLY K 111 -69.34 40.68 -15.29
CA GLY K 111 -68.07 41.11 -14.72
C GLY K 111 -68.02 42.57 -14.36
N VAL K 112 -69.16 43.26 -14.32
CA VAL K 112 -69.15 44.69 -14.02
C VAL K 112 -68.62 44.93 -12.61
N ARG K 113 -68.96 44.04 -11.67
CA ARG K 113 -68.39 44.13 -10.33
C ARG K 113 -66.88 44.05 -10.39
N GLU K 114 -66.35 43.08 -11.13
CA GLU K 114 -64.90 42.92 -11.23
C GLU K 114 -64.26 44.18 -11.81
N MET K 115 -64.80 44.69 -12.93
CA MET K 115 -64.19 45.83 -13.59
C MET K 115 -64.21 47.05 -12.70
N TYR K 116 -65.36 47.37 -12.12
CA TYR K 116 -65.47 48.58 -11.31
C TYR K 116 -64.71 48.45 -10.00
N ASN K 117 -64.68 47.26 -9.41
CA ASN K 117 -63.87 47.05 -8.22
C ASN K 117 -62.40 47.30 -8.51
N SER K 118 -61.93 46.85 -9.67
CA SER K 118 -60.56 47.14 -10.07
C SER K 118 -60.34 48.64 -10.24
N LEU K 119 -61.26 49.30 -10.94
CA LEU K 119 -61.11 50.73 -11.19
C LEU K 119 -61.21 51.57 -9.92
N GLY K 120 -61.76 51.01 -8.85
CA GLY K 120 -62.01 51.77 -7.64
C GLY K 120 -63.38 52.40 -7.57
N THR K 121 -64.18 52.27 -8.62
CA THR K 121 -65.50 52.88 -8.66
C THR K 121 -66.44 52.18 -7.68
N PRO K 122 -67.36 52.92 -7.03
CA PRO K 122 -68.40 52.25 -6.23
C PRO K 122 -69.60 51.82 -7.06
N ILE K 123 -69.84 50.51 -7.08
CA ILE K 123 -70.93 49.95 -7.89
C ILE K 123 -72.30 50.51 -7.51
N PRO K 124 -72.68 50.58 -6.23
CA PRO K 124 -74.00 51.15 -5.91
C PRO K 124 -74.16 52.59 -6.36
N ALA K 125 -73.08 53.39 -6.34
CA ALA K 125 -73.17 54.76 -6.84
C ALA K 125 -73.45 54.77 -8.34
N VAL K 126 -72.80 53.90 -9.10
CA VAL K 126 -73.11 53.79 -10.52
C VAL K 126 -74.57 53.41 -10.72
N ALA K 127 -75.08 52.52 -9.86
CA ALA K 127 -76.48 52.16 -9.93
C ALA K 127 -77.38 53.37 -9.69
N GLU K 128 -76.98 54.25 -8.78
CA GLU K 128 -77.73 55.49 -8.57
C GLU K 128 -77.79 56.29 -9.87
N GLY K 129 -76.67 56.38 -10.59
CA GLY K 129 -76.66 57.12 -11.83
C GLY K 129 -77.60 56.53 -12.86
N ILE K 130 -77.61 55.20 -12.99
CA ILE K 130 -78.52 54.58 -13.96
C ILE K 130 -79.96 54.76 -13.53
N ARG K 131 -80.23 54.75 -12.22
CA ARG K 131 -81.59 55.04 -11.75
C ARG K 131 -82.01 56.44 -12.13
N ALA K 132 -81.11 57.41 -12.00
CA ALA K 132 -81.40 58.78 -12.43
C ALA K 132 -81.66 58.84 -13.92
N MET K 133 -80.89 58.09 -14.72
CA MET K 133 -81.14 58.04 -16.15
C MET K 133 -82.53 57.48 -16.44
N LYS K 134 -82.96 56.48 -15.65
CA LYS K 134 -84.29 55.93 -15.83
C LYS K 134 -85.36 57.00 -15.58
N ASN K 135 -85.17 57.82 -14.55
CA ASN K 135 -86.13 58.87 -14.25
C ASN K 135 -86.22 59.86 -15.41
N VAL K 136 -85.07 60.32 -15.91
CA VAL K 136 -85.06 61.28 -17.00
C VAL K 136 -85.70 60.69 -18.25
N ALA K 137 -85.37 59.43 -18.56
CA ALA K 137 -85.96 58.77 -19.72
C ALA K 137 -87.46 58.61 -19.57
N CYS K 138 -87.92 58.30 -18.36
CA CYS K 138 -89.35 58.19 -18.11
C CYS K 138 -90.05 59.52 -18.39
N SER K 139 -89.42 60.62 -18.02
CA SER K 139 -90.00 61.93 -18.33
C SER K 139 -90.06 62.15 -19.84
N LEU K 140 -89.06 61.67 -20.57
CA LEU K 140 -89.02 61.87 -22.01
C LEU K 140 -89.88 60.87 -22.78
N LEU K 141 -90.43 59.87 -22.11
CA LEU K 141 -91.22 58.83 -22.77
C LEU K 141 -92.66 58.86 -22.31
N SER K 142 -93.55 58.32 -23.15
CA SER K 142 -94.93 58.11 -22.78
C SER K 142 -95.04 56.98 -21.75
N ALA K 143 -96.20 56.91 -21.11
CA ALA K 143 -96.38 55.95 -20.02
C ALA K 143 -96.20 54.51 -20.51
N GLU K 144 -96.82 54.17 -21.64
CA GLU K 144 -96.67 52.82 -22.17
C GLU K 144 -95.24 52.55 -22.60
N ASP K 145 -94.57 53.55 -23.18
CA ASP K 145 -93.18 53.38 -23.56
C ASP K 145 -92.27 53.29 -22.35
N ALA K 146 -92.49 54.17 -21.35
CA ALA K 146 -91.59 54.22 -20.20
C ALA K 146 -91.62 52.93 -19.41
N ALA K 147 -92.77 52.25 -19.36
CA ALA K 147 -92.85 50.99 -18.63
C ALA K 147 -91.92 49.95 -19.25
N GLU K 148 -91.90 49.85 -20.58
CA GLU K 148 -91.04 48.88 -21.23
C GLU K 148 -89.58 49.27 -21.13
N ALA K 149 -89.25 50.52 -21.44
CA ALA K 149 -87.86 50.97 -21.36
C ALA K 149 -87.36 50.96 -19.92
N GLY K 150 -88.23 51.32 -18.98
CA GLY K 150 -87.85 51.31 -17.59
C GLY K 150 -87.45 49.93 -17.10
N SER K 151 -88.05 48.88 -17.66
CA SER K 151 -87.69 47.52 -17.26
C SER K 151 -86.25 47.21 -17.60
N TYR K 152 -85.78 47.67 -18.77
CA TYR K 152 -84.37 47.47 -19.12
C TYR K 152 -83.46 48.28 -18.22
N PHE K 153 -83.81 49.53 -17.93
CA PHE K 153 -83.07 50.28 -16.91
C PHE K 153 -83.07 49.54 -15.58
N ASP K 154 -84.20 48.94 -15.22
CA ASP K 154 -84.31 48.23 -13.96
C ASP K 154 -83.39 47.02 -13.91
N PHE K 155 -83.27 46.29 -15.01
CA PHE K 155 -82.34 45.17 -15.03
C PHE K 155 -80.91 45.66 -14.83
N VAL K 156 -80.55 46.78 -15.48
CA VAL K 156 -79.19 47.28 -15.35
C VAL K 156 -78.89 47.63 -13.89
N ILE K 157 -79.81 48.35 -13.24
CA ILE K 157 -79.56 48.72 -11.85
C ILE K 157 -79.61 47.49 -10.95
N GLY K 158 -80.47 46.52 -11.26
CA GLY K 158 -80.56 45.33 -10.44
C GLY K 158 -79.29 44.48 -10.51
N ALA K 159 -78.75 44.30 -11.71
CA ALA K 159 -77.50 43.56 -11.84
C ALA K 159 -76.35 44.32 -11.20
N MET K 160 -76.37 45.65 -11.29
CA MET K 160 -75.33 46.48 -10.71
C MET K 160 -75.68 46.97 -9.31
N GLN K 161 -76.58 46.28 -8.62
CA GLN K 161 -77.01 46.70 -7.29
C GLN K 161 -75.94 46.44 -6.24
N MET L 1 -73.06 32.77 -32.67
CA MET L 1 -74.43 32.79 -32.19
C MET L 1 -74.99 34.22 -32.24
N GLN L 2 -74.92 34.82 -33.42
CA GLN L 2 -75.52 36.12 -33.68
C GLN L 2 -76.75 35.93 -34.54
N ASP L 3 -77.88 36.48 -34.10
CA ASP L 3 -79.02 36.63 -34.98
C ASP L 3 -78.89 37.97 -35.70
N ALA L 4 -79.85 38.28 -36.57
CA ALA L 4 -79.76 39.51 -37.34
C ALA L 4 -79.81 40.73 -36.44
N ILE L 5 -80.69 40.73 -35.45
CA ILE L 5 -80.79 41.85 -34.52
C ILE L 5 -79.50 42.01 -33.75
N THR L 6 -78.97 40.91 -33.22
CA THR L 6 -77.73 40.95 -32.47
C THR L 6 -76.57 41.39 -33.35
N ALA L 7 -76.55 40.95 -34.60
CA ALA L 7 -75.48 41.35 -35.51
C ALA L 7 -75.52 42.85 -35.77
N VAL L 8 -76.71 43.40 -36.00
CA VAL L 8 -76.83 44.84 -36.24
C VAL L 8 -76.34 45.62 -35.04
N ILE L 9 -76.82 45.26 -33.85
CA ILE L 9 -76.42 46.01 -32.65
C ILE L 9 -74.94 45.77 -32.34
N ASN L 10 -74.41 44.59 -32.64
CA ASN L 10 -73.00 44.32 -32.36
C ASN L 10 -72.10 45.17 -33.23
N ALA L 11 -72.42 45.33 -34.51
CA ALA L 11 -71.63 46.20 -35.36
C ALA L 11 -71.65 47.63 -34.83
N SER L 12 -72.83 48.11 -34.43
CA SER L 12 -72.91 49.43 -33.83
C SER L 12 -72.07 49.51 -32.57
N ASP L 13 -72.09 48.45 -31.76
CA ASP L 13 -71.35 48.45 -30.49
C ASP L 13 -69.86 48.53 -30.73
N VAL L 14 -69.34 47.77 -31.69
CA VAL L 14 -67.91 47.82 -31.99
C VAL L 14 -67.52 49.23 -32.42
N GLN L 15 -68.33 49.86 -33.27
CA GLN L 15 -68.05 51.24 -33.65
C GLN L 15 -68.25 52.22 -32.50
N GLY L 16 -68.97 51.83 -31.45
CA GLY L 16 -69.21 52.71 -30.34
C GLY L 16 -70.31 53.72 -30.55
N LYS L 17 -71.23 53.46 -31.46
CA LYS L 17 -72.28 54.40 -31.82
C LYS L 17 -73.64 53.87 -31.38
N TYR L 18 -74.51 54.79 -30.93
CA TYR L 18 -75.92 54.45 -30.78
C TYR L 18 -76.49 54.02 -32.13
N LEU L 19 -77.57 53.27 -32.07
CA LEU L 19 -78.16 52.70 -33.28
C LEU L 19 -78.49 53.79 -34.29
N ASP L 20 -77.90 53.68 -35.48
CA ASP L 20 -78.10 54.65 -36.55
C ASP L 20 -79.43 54.37 -37.26
N THR L 21 -79.87 55.36 -38.04
CA THR L 21 -81.14 55.21 -38.76
C THR L 21 -81.06 54.11 -39.82
N ALA L 22 -79.90 53.96 -40.47
CA ALA L 22 -79.74 52.86 -41.42
C ALA L 22 -79.81 51.52 -40.70
N ALA L 23 -79.20 51.42 -39.52
CA ALA L 23 -79.31 50.21 -38.72
C ALA L 23 -80.76 49.95 -38.32
N MET L 24 -81.50 51.02 -38.02
CA MET L 24 -82.92 50.87 -37.73
C MET L 24 -83.66 50.28 -38.93
N GLU L 25 -83.28 50.70 -40.14
CA GLU L 25 -83.92 50.16 -41.34
C GLU L 25 -83.63 48.67 -41.48
N LYS L 26 -82.40 48.24 -41.21
CA LYS L 26 -82.08 46.83 -41.26
C LYS L 26 -82.87 46.04 -40.23
N LEU L 27 -82.97 46.57 -39.01
CA LEU L 27 -83.77 45.92 -37.98
C LEU L 27 -85.24 45.84 -38.39
N LYS L 28 -85.76 46.92 -38.97
CA LYS L 28 -87.13 46.90 -39.48
C LYS L 28 -87.32 45.78 -40.50
N ALA L 29 -86.32 45.55 -41.34
CA ALA L 29 -86.42 44.50 -42.35
C ALA L 29 -86.56 43.13 -41.69
N TYR L 30 -85.74 42.86 -40.67
CA TYR L 30 -85.88 41.58 -39.97
C TYR L 30 -87.26 41.44 -39.35
N PHE L 31 -87.70 42.46 -38.63
CA PHE L 31 -89.03 42.41 -38.02
C PHE L 31 -90.11 42.21 -39.07
N ALA L 32 -89.92 42.80 -40.25
CA ALA L 32 -90.92 42.67 -41.31
C ALA L 32 -91.05 41.23 -41.80
N THR L 33 -89.93 40.53 -41.98
CA THR L 33 -89.97 39.16 -42.46
C THR L 33 -90.21 38.15 -41.34
N GLY L 34 -90.32 38.61 -40.09
CA GLY L 34 -90.38 37.70 -38.96
C GLY L 34 -91.55 36.73 -39.02
N GLU L 35 -92.72 37.20 -39.43
CA GLU L 35 -93.91 36.34 -39.40
C GLU L 35 -93.75 35.13 -40.31
N LEU L 36 -93.31 35.35 -41.55
CA LEU L 36 -93.13 34.25 -42.48
C LEU L 36 -92.03 33.31 -41.99
N ARG L 37 -90.97 33.86 -41.41
CA ARG L 37 -89.90 33.01 -40.89
C ARG L 37 -90.41 32.11 -39.77
N VAL L 38 -91.17 32.66 -38.83
CA VAL L 38 -91.66 31.87 -37.70
C VAL L 38 -92.64 30.80 -38.19
N ARG L 39 -93.52 31.17 -39.13
CA ARG L 39 -94.49 30.21 -39.65
C ARG L 39 -93.78 29.03 -40.31
N ALA L 40 -92.79 29.32 -41.14
CA ALA L 40 -92.05 28.24 -41.81
C ALA L 40 -91.32 27.37 -40.79
N ALA L 41 -90.77 27.98 -39.74
CA ALA L 41 -90.08 27.22 -38.71
C ALA L 41 -91.00 26.22 -38.05
N SER L 42 -92.22 26.62 -37.73
CA SER L 42 -93.17 25.69 -37.12
C SER L 42 -93.55 24.59 -38.10
N VAL L 43 -93.69 24.91 -39.38
CA VAL L 43 -94.01 23.90 -40.39
C VAL L 43 -92.91 22.86 -40.46
N ILE L 44 -91.64 23.31 -40.47
CA ILE L 44 -90.52 22.38 -40.51
C ILE L 44 -90.47 21.56 -39.24
N SER L 45 -90.80 22.17 -38.09
CA SER L 45 -90.84 21.42 -36.85
C SER L 45 -91.82 20.27 -36.92
N ALA L 46 -93.01 20.52 -37.49
CA ALA L 46 -94.01 19.46 -37.61
C ALA L 46 -93.58 18.39 -38.59
N ASN L 47 -92.96 18.77 -39.70
CA ASN L 47 -92.61 17.84 -40.77
C ASN L 47 -91.14 17.44 -40.75
N ALA L 48 -90.47 17.57 -39.60
CA ALA L 48 -89.01 17.41 -39.56
C ALA L 48 -88.59 16.01 -40.01
N ALA L 49 -89.20 14.98 -39.43
CA ALA L 49 -88.84 13.62 -39.81
C ALA L 49 -89.16 13.35 -41.28
N ASN L 50 -90.30 13.85 -41.75
CA ASN L 50 -90.71 13.60 -43.13
C ASN L 50 -89.77 14.28 -44.12
N ILE L 51 -89.32 15.50 -43.81
CA ILE L 51 -88.40 16.19 -44.70
C ILE L 51 -87.16 15.35 -44.93
N VAL L 52 -86.57 14.84 -43.85
CA VAL L 52 -85.37 14.02 -43.96
C VAL L 52 -85.67 12.72 -44.71
N LYS L 53 -86.80 12.09 -44.39
CA LYS L 53 -87.14 10.84 -45.06
C LYS L 53 -87.29 11.03 -46.57
N GLU L 54 -87.99 12.10 -46.97
CA GLU L 54 -88.18 12.37 -48.39
C GLU L 54 -86.85 12.67 -49.06
N ALA L 55 -85.98 13.43 -48.40
CA ALA L 55 -84.69 13.76 -48.99
C ALA L 55 -83.84 12.50 -49.18
N VAL L 56 -83.83 11.61 -48.19
CA VAL L 56 -83.08 10.37 -48.32
C VAL L 56 -83.63 9.54 -49.48
N ALA L 57 -84.96 9.46 -49.59
CA ALA L 57 -85.56 8.71 -50.69
C ALA L 57 -85.23 9.35 -52.03
N LYS L 58 -85.23 10.68 -52.08
CA LYS L 58 -85.07 11.37 -53.36
C LYS L 58 -83.63 11.31 -53.87
N SER L 59 -82.65 11.31 -52.96
CA SER L 59 -81.26 11.47 -53.37
C SER L 59 -80.34 10.31 -53.03
N LEU L 60 -80.64 9.54 -51.99
CA LEU L 60 -79.67 8.57 -51.49
C LEU L 60 -80.12 7.12 -51.62
N LEU L 61 -81.40 6.83 -51.44
CA LEU L 61 -81.86 5.46 -51.53
C LEU L 61 -81.75 4.93 -52.95
N TYR L 62 -81.66 3.60 -53.07
CA TYR L 62 -81.59 2.91 -54.35
C TYR L 62 -80.48 3.50 -55.22
N SER L 63 -79.30 3.63 -54.61
CA SER L 63 -78.15 4.23 -55.25
C SER L 63 -76.91 3.50 -54.77
N ASP L 64 -75.76 3.87 -55.35
CA ASP L 64 -74.49 3.28 -54.94
C ASP L 64 -74.23 3.49 -53.46
N ILE L 65 -74.69 4.62 -52.91
CA ILE L 65 -74.36 5.00 -51.54
C ILE L 65 -74.95 4.01 -50.55
N THR L 66 -76.17 3.56 -50.79
CA THR L 66 -76.83 2.66 -49.85
C THR L 66 -76.74 1.19 -50.23
N ARG L 67 -76.36 0.88 -51.46
CA ARG L 67 -76.12 -0.50 -51.82
C ARG L 67 -74.78 -0.97 -51.24
N PRO L 68 -74.57 -2.28 -51.12
CA PRO L 68 -73.42 -2.78 -50.35
C PRO L 68 -72.09 -2.16 -50.78
N GLY L 69 -71.29 -1.78 -49.79
CA GLY L 69 -70.01 -1.16 -50.05
C GLY L 69 -70.06 0.31 -50.36
N GLY L 70 -71.16 1.00 -50.03
CA GLY L 70 -71.33 2.37 -50.45
C GLY L 70 -71.24 3.45 -49.39
N MET L 72 -73.21 3.94 -46.81
CA MET L 72 -74.45 4.13 -46.08
C MET L 72 -75.11 2.78 -45.94
N TYR L 73 -74.37 1.76 -46.39
CA TYR L 73 -74.94 0.42 -46.55
C TYR L 73 -75.29 -0.20 -45.20
N THR L 74 -74.32 -0.31 -44.31
CA THR L 74 -74.59 -0.96 -43.02
C THR L 74 -75.60 -0.15 -42.24
N THR L 75 -76.37 -0.85 -41.39
CA THR L 75 -77.48 -0.22 -40.71
C THR L 75 -77.00 0.88 -39.77
N ARG L 76 -75.87 0.67 -39.10
CA ARG L 76 -75.32 1.73 -38.27
C ARG L 76 -75.00 2.96 -39.09
N ARG L 77 -74.52 2.77 -40.32
CA ARG L 77 -74.19 3.91 -41.16
C ARG L 77 -75.45 4.63 -41.65
N TYR L 78 -76.51 3.89 -41.96
CA TYR L 78 -77.74 4.54 -42.36
C TYR L 78 -78.29 5.39 -41.23
N ALA L 79 -78.30 4.85 -40.01
CA ALA L 79 -78.77 5.63 -38.86
C ALA L 79 -77.91 6.87 -38.65
N ALA L 80 -76.60 6.74 -38.81
CA ALA L 80 -75.72 7.90 -38.67
C ALA L 80 -76.02 8.95 -39.74
N CYS L 81 -76.26 8.52 -40.97
CA CYS L 81 -76.50 9.50 -42.03
C CYS L 81 -77.78 10.29 -41.78
N ILE L 82 -78.87 9.60 -41.40
CA ILE L 82 -80.09 10.33 -41.17
C ILE L 82 -79.97 11.22 -39.94
N ARG L 83 -79.16 10.82 -38.96
CA ARG L 83 -78.91 11.69 -37.82
C ARG L 83 -78.26 12.99 -38.28
N ASP L 84 -77.29 12.91 -39.19
CA ASP L 84 -76.64 14.11 -39.68
C ASP L 84 -77.61 14.98 -40.49
N LEU L 85 -78.47 14.36 -41.29
CA LEU L 85 -79.45 15.14 -42.03
C LEU L 85 -80.41 15.85 -41.08
N ASP L 86 -80.79 15.16 -39.99
CA ASP L 86 -81.60 15.81 -38.96
C ASP L 86 -80.87 17.00 -38.38
N TYR L 87 -79.56 16.86 -38.14
CA TYR L 87 -78.76 17.95 -37.62
C TYR L 87 -78.74 19.14 -38.58
N TYR L 88 -78.56 18.86 -39.87
CA TYR L 88 -78.55 19.93 -40.86
C TYR L 88 -79.87 20.67 -40.89
N LEU L 89 -80.98 19.93 -40.92
CA LEU L 89 -82.29 20.57 -41.00
C LEU L 89 -82.57 21.40 -39.76
N ARG L 90 -82.23 20.89 -38.58
CA ARG L 90 -82.51 21.62 -37.36
C ARG L 90 -81.72 22.92 -37.31
N TYR L 91 -80.44 22.89 -37.69
CA TYR L 91 -79.66 24.12 -37.64
C TYR L 91 -80.02 25.07 -38.77
N ALA L 92 -80.48 24.54 -39.91
CA ALA L 92 -81.02 25.42 -40.95
C ALA L 92 -82.27 26.13 -40.46
N THR L 93 -83.13 25.44 -39.72
CA THR L 93 -84.32 26.06 -39.16
C THR L 93 -83.93 27.13 -38.14
N TYR L 94 -82.97 26.84 -37.27
CA TYR L 94 -82.47 27.86 -36.35
C TYR L 94 -81.96 29.07 -37.11
N ALA L 95 -81.22 28.83 -38.19
CA ALA L 95 -80.67 29.93 -38.98
C ALA L 95 -81.77 30.75 -39.63
N MET L 96 -82.85 30.10 -40.11
CA MET L 96 -83.95 30.87 -40.68
C MET L 96 -84.61 31.74 -39.64
N LEU L 97 -84.86 31.20 -38.45
CA LEU L 97 -85.45 32.00 -37.38
C LEU L 97 -84.57 33.19 -37.04
N ALA L 98 -83.26 32.96 -36.91
CA ALA L 98 -82.36 34.03 -36.50
C ALA L 98 -82.11 35.03 -37.61
N GLY L 99 -82.19 34.59 -38.87
CA GLY L 99 -81.82 35.41 -39.99
C GLY L 99 -80.34 35.44 -40.30
N ASP L 100 -79.53 34.66 -39.61
CA ASP L 100 -78.08 34.68 -39.75
C ASP L 100 -77.56 33.26 -39.89
N PRO L 101 -76.65 32.99 -40.84
CA PRO L 101 -75.97 31.70 -40.91
C PRO L 101 -74.83 31.52 -39.91
N SER L 102 -74.69 32.42 -38.93
CA SER L 102 -73.60 32.28 -37.96
C SER L 102 -73.75 31.02 -37.12
N ILE L 103 -74.99 30.63 -36.81
CA ILE L 103 -75.20 29.40 -36.06
C ILE L 103 -74.68 28.20 -36.86
N LEU L 104 -74.93 28.20 -38.17
CA LEU L 104 -74.38 27.16 -39.02
C LEU L 104 -72.86 27.16 -38.98
N ASP L 105 -72.25 28.34 -39.02
CA ASP L 105 -70.80 28.44 -38.89
C ASP L 105 -70.32 27.77 -37.62
N GLU L 106 -70.82 28.22 -36.47
CA GLU L 106 -70.23 27.83 -35.20
C GLU L 106 -70.57 26.39 -34.83
N ARG L 107 -71.80 25.97 -35.08
CA ARG L 107 -72.29 24.70 -34.55
C ARG L 107 -72.26 23.56 -35.55
N VAL L 108 -72.01 23.84 -36.83
CA VAL L 108 -72.01 22.77 -37.82
C VAL L 108 -70.71 22.75 -38.60
N LEU L 109 -70.31 23.89 -39.14
CA LEU L 109 -69.28 23.93 -40.17
C LEU L 109 -67.88 24.26 -39.65
N ASN L 110 -67.70 24.40 -38.34
CA ASN L 110 -66.38 24.79 -37.84
C ASN L 110 -65.35 23.67 -37.98
N GLY L 111 -65.78 22.42 -38.08
CA GLY L 111 -64.83 21.33 -38.30
C GLY L 111 -65.39 20.20 -39.14
N LEU L 112 -66.53 20.44 -39.79
CA LEU L 112 -67.28 19.35 -40.40
C LEU L 112 -66.52 18.72 -41.55
N LYS L 113 -65.88 19.51 -42.40
CA LYS L 113 -65.21 18.93 -43.55
C LYS L 113 -64.08 18.01 -43.13
N GLU L 114 -63.32 18.40 -42.10
CA GLU L 114 -62.27 17.51 -41.63
C GLU L 114 -62.83 16.23 -41.07
N THR L 115 -63.91 16.30 -40.29
CA THR L 115 -64.49 15.07 -39.76
C THR L 115 -65.01 14.18 -40.88
N TYR L 116 -65.70 14.76 -41.87
CA TYR L 116 -66.22 13.95 -42.96
C TYR L 116 -65.10 13.35 -43.80
N ASN L 117 -64.06 14.14 -44.10
CA ASN L 117 -62.93 13.61 -44.87
C ASN L 117 -62.24 12.49 -44.11
N SER L 118 -62.07 12.65 -42.80
CA SER L 118 -61.43 11.62 -42.00
C SER L 118 -62.28 10.36 -41.94
N LEU L 119 -63.59 10.51 -41.73
CA LEU L 119 -64.45 9.34 -41.61
C LEU L 119 -64.58 8.60 -42.94
N GLY L 120 -64.47 9.30 -44.05
CA GLY L 120 -64.72 8.71 -45.35
C GLY L 120 -66.07 9.00 -45.93
N VAL L 121 -66.85 9.86 -45.30
CA VAL L 121 -68.19 10.23 -45.79
C VAL L 121 -68.05 10.95 -47.13
N PRO L 122 -68.80 10.56 -48.16
CA PRO L 122 -68.69 11.27 -49.45
C PRO L 122 -69.33 12.64 -49.43
N ILE L 123 -68.49 13.69 -49.52
CA ILE L 123 -68.97 15.06 -49.43
C ILE L 123 -69.99 15.34 -50.52
N ALA L 124 -69.72 14.89 -51.74
CA ALA L 124 -70.61 15.18 -52.86
C ALA L 124 -71.98 14.58 -52.64
N ALA L 125 -72.04 13.34 -52.14
CA ALA L 125 -73.33 12.72 -51.88
C ALA L 125 -74.10 13.45 -50.79
N THR L 126 -73.42 13.88 -49.72
CA THR L 126 -74.09 14.66 -48.70
C THR L 126 -74.65 15.96 -49.28
N VAL L 127 -73.88 16.59 -50.17
CA VAL L 127 -74.33 17.83 -50.78
C VAL L 127 -75.57 17.59 -51.64
N GLN L 128 -75.59 16.48 -52.38
CA GLN L 128 -76.79 16.11 -53.11
C GLN L 128 -77.99 15.99 -52.17
N ALA L 129 -77.80 15.31 -51.05
CA ALA L 129 -78.91 15.11 -50.11
C ALA L 129 -79.38 16.42 -49.51
N ILE L 130 -78.45 17.31 -49.16
CA ILE L 130 -78.83 18.59 -48.59
C ILE L 130 -79.59 19.42 -49.61
N GLN L 131 -79.17 19.36 -50.88
CA GLN L 131 -79.90 20.05 -51.94
C GLN L 131 -81.32 19.49 -52.07
N ALA L 132 -81.47 18.17 -52.01
CA ALA L 132 -82.80 17.58 -52.06
C ALA L 132 -83.64 18.02 -50.87
N MET L 133 -83.02 18.15 -49.70
CA MET L 133 -83.73 18.65 -48.53
C MET L 133 -84.21 20.07 -48.77
N LYS L 134 -83.43 20.86 -49.50
CA LYS L 134 -83.86 22.22 -49.84
C LYS L 134 -85.14 22.18 -50.69
N GLU L 135 -85.19 21.30 -51.68
CA GLU L 135 -86.37 21.19 -52.53
C GLU L 135 -87.59 20.80 -51.70
N VAL L 136 -87.45 19.76 -50.86
CA VAL L 136 -88.58 19.30 -50.06
C VAL L 136 -89.04 20.40 -49.11
N THR L 137 -88.10 21.07 -48.45
CA THR L 137 -88.45 22.12 -47.51
C THR L 137 -89.18 23.27 -48.19
N ALA L 138 -88.74 23.65 -49.40
CA ALA L 138 -89.42 24.71 -50.12
C ALA L 138 -90.87 24.34 -50.38
N SER L 139 -91.13 23.10 -50.78
CA SER L 139 -92.51 22.69 -51.00
C SER L 139 -93.33 22.75 -49.71
N LEU L 140 -92.76 22.27 -48.60
CA LEU L 140 -93.55 22.17 -47.37
C LEU L 140 -93.86 23.54 -46.78
N VAL L 141 -92.88 24.44 -46.77
CA VAL L 141 -93.07 25.75 -46.14
C VAL L 141 -93.59 26.81 -47.10
N GLY L 142 -93.67 26.52 -48.38
CA GLY L 142 -94.06 27.55 -49.31
C GLY L 142 -92.86 28.20 -49.96
N ALA L 143 -93.05 28.70 -51.18
CA ALA L 143 -91.94 29.21 -51.97
C ALA L 143 -91.31 30.45 -51.34
N ASP L 144 -92.13 31.36 -50.81
CA ASP L 144 -91.61 32.62 -50.29
C ASP L 144 -90.64 32.37 -49.14
N ALA L 145 -91.03 31.53 -48.18
CA ALA L 145 -90.09 31.12 -47.15
C ALA L 145 -89.05 30.15 -47.67
N GLY L 146 -89.34 29.46 -48.77
CA GLY L 146 -88.37 28.53 -49.33
C GLY L 146 -87.10 29.20 -49.80
N LYS L 147 -87.20 30.43 -50.28
CA LYS L 147 -85.99 31.17 -50.66
C LYS L 147 -85.13 31.44 -49.44
N GLU L 148 -85.75 31.71 -48.29
CA GLU L 148 -84.99 31.96 -47.07
C GLU L 148 -84.29 30.69 -46.60
N MET L 149 -85.02 29.57 -46.54
CA MET L 149 -84.40 28.31 -46.19
C MET L 149 -83.30 27.94 -47.17
N GLY L 150 -83.48 28.30 -48.45
CA GLY L 150 -82.51 27.93 -49.46
C GLY L 150 -81.14 28.52 -49.22
N ILE L 151 -81.08 29.77 -48.75
CA ILE L 151 -79.79 30.41 -48.55
C ILE L 151 -79.01 29.70 -47.44
N TYR L 152 -79.70 29.22 -46.41
CA TYR L 152 -79.00 28.57 -45.31
C TYR L 152 -78.59 27.15 -45.68
N PHE L 153 -79.41 26.45 -46.46
CA PHE L 153 -78.97 25.17 -47.00
C PHE L 153 -77.76 25.35 -47.91
N ASP L 154 -77.75 26.42 -48.72
CA ASP L 154 -76.60 26.71 -49.55
C ASP L 154 -75.37 27.04 -48.72
N TYR L 155 -75.57 27.70 -47.58
CA TYR L 155 -74.45 27.97 -46.69
C TYR L 155 -73.83 26.67 -46.19
N ILE L 156 -74.67 25.71 -45.79
CA ILE L 156 -74.16 24.41 -45.36
C ILE L 156 -73.38 23.75 -46.50
N CYS L 157 -73.94 23.80 -47.71
CA CYS L 157 -73.27 23.15 -48.83
C CYS L 157 -71.93 23.80 -49.15
N SER L 158 -71.88 25.14 -49.10
CA SER L 158 -70.62 25.83 -49.39
C SER L 158 -69.56 25.50 -48.36
N GLY L 159 -69.92 25.48 -47.08
CA GLY L 159 -68.95 25.13 -46.05
C GLY L 159 -68.52 23.68 -46.12
N LEU L 160 -69.47 22.78 -46.39
CA LEU L 160 -69.16 21.35 -46.43
C LEU L 160 -68.28 21.01 -47.63
N SER L 161 -68.54 21.64 -48.77
CA SER L 161 -67.78 21.39 -49.99
C SER L 161 -66.36 21.94 -49.89
N VAL M 2 -54.96 1.30 -42.57
CA VAL M 2 -53.51 1.43 -42.55
C VAL M 2 -53.04 2.22 -43.77
N VAL M 3 -53.98 2.55 -44.65
CA VAL M 3 -53.69 3.38 -45.81
C VAL M 3 -53.98 4.82 -45.42
N LYS M 4 -52.92 5.55 -45.06
CA LYS M 4 -53.08 6.95 -44.68
C LYS M 4 -53.42 7.79 -45.90
N ALA M 5 -54.16 8.88 -45.66
CA ALA M 5 -54.75 9.65 -46.73
C ALA M 5 -53.81 10.72 -47.26
N SER M 6 -54.28 11.49 -48.22
CA SER M 6 -53.48 12.48 -48.93
C SER M 6 -54.18 13.83 -48.86
N GLY M 7 -53.73 14.69 -47.96
CA GLY M 7 -54.41 15.96 -47.77
C GLY M 7 -55.83 15.72 -47.32
N GLY M 8 -56.78 16.37 -47.99
CA GLY M 8 -58.19 16.19 -47.69
C GLY M 8 -59.01 16.24 -48.97
N SER M 9 -60.08 15.46 -48.97
CA SER M 9 -60.94 15.34 -50.14
C SER M 9 -61.93 16.48 -50.17
N SER M 10 -61.81 17.35 -51.18
CA SER M 10 -62.77 18.40 -51.43
C SER M 10 -63.48 18.12 -52.74
N VAL M 11 -64.80 18.25 -52.75
CA VAL M 11 -65.58 17.85 -53.92
C VAL M 11 -65.10 18.60 -55.14
N ALA M 12 -64.83 17.85 -56.21
CA ALA M 12 -64.32 18.41 -57.46
C ALA M 12 -65.35 18.17 -58.54
N ARG M 13 -65.62 19.20 -59.34
CA ARG M 13 -66.69 19.18 -60.32
C ARG M 13 -66.09 19.33 -61.71
N PRO M 14 -65.74 18.22 -62.37
CA PRO M 14 -65.25 18.32 -63.75
C PRO M 14 -66.39 18.62 -64.71
N GLN M 15 -66.04 19.29 -65.81
CA GLN M 15 -67.04 19.78 -66.75
C GLN M 15 -67.43 18.66 -67.71
N LEU M 16 -68.69 18.21 -67.62
CA LEU M 16 -69.15 17.10 -68.45
C LEU M 16 -69.11 17.47 -69.93
N TYR M 17 -69.54 18.67 -70.28
CA TYR M 17 -69.53 19.12 -71.66
C TYR M 17 -69.38 20.63 -71.69
N GLN M 18 -68.91 21.13 -72.82
CA GLN M 18 -68.79 22.56 -73.02
C GLN M 18 -70.04 23.11 -73.70
N THR M 19 -70.40 24.33 -73.35
CA THR M 19 -71.45 25.09 -74.02
C THR M 19 -70.93 26.49 -74.29
N VAL M 20 -71.63 27.21 -75.16
CA VAL M 20 -71.21 28.58 -75.49
C VAL M 20 -71.27 29.51 -74.28
N PRO M 21 -72.35 29.53 -73.47
CA PRO M 21 -72.35 30.38 -72.28
C PRO M 21 -71.14 30.16 -71.39
N VAL M 22 -70.93 28.92 -70.94
CA VAL M 22 -69.82 28.64 -70.04
C VAL M 22 -68.49 28.95 -70.71
N SER M 23 -68.34 28.57 -71.99
CA SER M 23 -67.05 28.72 -72.64
C SER M 23 -66.63 30.18 -72.70
N THR M 24 -67.54 31.06 -73.11
CA THR M 24 -67.22 32.49 -73.16
C THR M 24 -66.88 33.02 -71.78
N ILE M 25 -67.68 32.68 -70.78
CA ILE M 25 -67.44 33.17 -69.43
C ILE M 25 -66.15 32.58 -68.87
N ILE M 26 -65.87 31.31 -69.17
CA ILE M 26 -64.68 30.65 -68.65
C ILE M 26 -63.42 31.36 -69.12
N GLN M 27 -63.33 31.62 -70.43
CA GLN M 27 -62.13 32.28 -70.94
C GLN M 27 -62.01 33.69 -70.39
N ALA M 28 -63.13 34.41 -70.24
CA ALA M 28 -63.07 35.74 -69.66
C ALA M 28 -62.55 35.69 -68.23
N GLU M 29 -63.04 34.74 -67.44
CA GLU M 29 -62.60 34.62 -66.05
C GLU M 29 -61.11 34.34 -65.98
N GLN M 30 -60.61 33.42 -66.82
CA GLN M 30 -59.22 33.04 -66.74
C GLN M 30 -58.28 34.12 -67.25
N GLN M 31 -58.76 35.03 -68.08
CA GLN M 31 -57.96 36.18 -68.50
C GLN M 31 -58.30 37.43 -67.70
N ASP M 32 -59.11 37.28 -66.64
CA ASP M 32 -59.40 38.33 -65.65
C ASP M 32 -59.94 39.62 -66.27
N ARG M 33 -60.79 39.51 -67.28
CA ARG M 33 -61.34 40.70 -67.91
C ARG M 33 -62.84 40.57 -68.09
N PHE M 34 -63.59 41.60 -67.67
CA PHE M 34 -65.02 41.67 -67.95
C PHE M 34 -65.27 41.24 -69.38
N LEU M 35 -66.33 40.46 -69.59
CA LEU M 35 -66.56 39.86 -70.90
C LEU M 35 -66.42 40.90 -71.99
N ASN M 36 -65.44 40.70 -72.85
CA ASN M 36 -65.13 41.66 -73.91
C ASN M 36 -66.37 41.91 -74.75
N ARG M 37 -66.50 43.14 -75.25
CA ARG M 37 -67.73 43.53 -75.94
C ARG M 37 -68.06 42.57 -77.09
N GLY M 38 -67.05 42.20 -77.88
CA GLY M 38 -67.29 41.28 -78.98
C GLY M 38 -67.73 39.90 -78.51
N GLU M 39 -67.04 39.37 -77.50
CA GLU M 39 -67.43 38.07 -76.95
C GLU M 39 -68.82 38.14 -76.33
N LEU M 40 -69.12 39.25 -75.67
CA LEU M 40 -70.45 39.48 -75.12
C LEU M 40 -71.49 39.47 -76.24
N ASP M 41 -71.16 40.08 -77.38
CA ASP M 41 -72.06 40.04 -78.52
C ASP M 41 -72.20 38.63 -79.10
N GLU M 42 -71.13 37.83 -79.05
CA GLU M 42 -71.23 36.44 -79.48
C GLU M 42 -72.21 35.66 -78.62
N LEU M 43 -72.07 35.79 -77.30
CA LEU M 43 -73.06 35.20 -76.40
C LEU M 43 -74.45 35.75 -76.69
N ALA M 44 -74.52 37.04 -77.06
CA ALA M 44 -75.81 37.65 -77.38
C ALA M 44 -76.41 37.09 -78.66
N VAL M 45 -75.56 36.76 -79.64
CA VAL M 45 -76.04 36.07 -80.83
C VAL M 45 -76.75 34.79 -80.42
N TYR M 46 -76.11 34.00 -79.58
CA TYR M 46 -76.72 32.78 -79.08
C TYR M 46 -77.99 33.07 -78.30
N LEU M 47 -77.99 34.13 -77.48
CA LEU M 47 -79.11 34.40 -76.58
C LEU M 47 -80.31 34.99 -77.30
N ARG M 48 -80.07 35.87 -78.29
CA ARG M 48 -81.17 36.32 -79.13
C ARG M 48 -81.77 35.15 -79.89
N SER M 49 -80.93 34.20 -80.29
CA SER M 49 -81.39 32.91 -80.77
C SER M 49 -81.78 32.07 -79.56
N GLY M 50 -81.97 30.76 -79.74
CA GLY M 50 -82.31 29.89 -78.65
C GLY M 50 -83.79 29.61 -78.52
N ALA M 51 -84.64 30.59 -78.84
CA ALA M 51 -86.05 30.27 -79.05
C ALA M 51 -86.19 29.25 -80.17
N LYS M 52 -85.43 29.44 -81.25
CA LYS M 52 -85.37 28.44 -82.30
C LYS M 52 -84.80 27.13 -81.79
N ARG M 53 -83.77 27.19 -80.93
CA ARG M 53 -83.17 25.97 -80.40
C ARG M 53 -84.16 25.18 -79.57
N LEU M 54 -84.93 25.85 -78.71
CA LEU M 54 -85.98 25.18 -77.96
C LEU M 54 -87.07 24.66 -78.89
N GLU M 55 -87.39 25.40 -79.95
CA GLU M 55 -88.37 24.94 -80.91
C GLU M 55 -87.91 23.65 -81.58
N ILE M 56 -86.67 23.62 -82.06
CA ILE M 56 -86.13 22.40 -82.65
C ILE M 56 -86.18 21.26 -81.64
N ALA M 57 -85.87 21.56 -80.38
CA ALA M 57 -85.89 20.54 -79.34
C ALA M 57 -87.29 19.97 -79.15
N THR M 58 -88.30 20.85 -79.09
CA THR M 58 -89.66 20.39 -78.89
C THR M 58 -90.13 19.51 -80.05
N THR M 59 -89.85 19.94 -81.28
CA THR M 59 -90.26 19.14 -82.43
C THR M 59 -89.53 17.81 -82.48
N LEU M 60 -88.22 17.81 -82.19
CA LEU M 60 -87.46 16.58 -82.17
C LEU M 60 -88.01 15.61 -81.13
N THR M 61 -88.32 16.11 -79.94
CA THR M 61 -88.90 15.26 -78.92
C THR M 61 -90.26 14.72 -79.34
N ARG M 62 -91.09 15.56 -79.98
CA ARG M 62 -92.43 15.13 -80.37
C ARG M 62 -92.38 14.00 -81.39
N ASN M 63 -91.50 14.10 -82.38
CA ASN M 63 -91.38 13.05 -83.39
C ASN M 63 -90.24 12.09 -83.10
N ALA M 64 -89.78 12.02 -81.85
CA ALA M 64 -88.63 11.20 -81.51
C ALA M 64 -88.87 9.72 -81.80
N ASP M 65 -90.05 9.21 -81.44
CA ASP M 65 -90.34 7.80 -81.65
C ASP M 65 -90.29 7.45 -83.14
N ILE M 66 -90.82 8.33 -83.99
CA ILE M 66 -90.78 8.09 -85.43
C ILE M 66 -89.34 8.08 -85.92
N ILE M 67 -88.52 9.01 -85.43
CA ILE M 67 -87.12 9.06 -85.84
C ILE M 67 -86.43 7.74 -85.55
N VAL M 68 -86.59 7.25 -84.32
CA VAL M 68 -85.92 6.02 -83.91
C VAL M 68 -86.45 4.84 -84.72
N SER M 69 -87.76 4.75 -84.90
CA SER M 69 -88.34 3.60 -85.59
C SER M 69 -87.89 3.52 -87.04
N ARG M 70 -87.83 4.66 -87.72
CA ARG M 70 -87.35 4.68 -89.10
C ARG M 70 -85.90 4.21 -89.18
N ALA M 71 -85.05 4.73 -88.30
CA ALA M 71 -83.65 4.31 -88.30
C ALA M 71 -83.51 2.85 -87.93
N ALA M 72 -84.34 2.38 -86.99
CA ALA M 72 -84.26 0.98 -86.56
C ALA M 72 -84.62 0.04 -87.70
N ASN M 73 -85.65 0.38 -88.48
CA ASN M 73 -85.97 -0.42 -89.65
C ASN M 73 -84.81 -0.44 -90.64
N ARG M 74 -84.17 0.71 -90.84
CA ARG M 74 -83.01 0.76 -91.74
C ARG M 74 -81.91 -0.19 -91.28
N ILE M 75 -81.65 -0.23 -89.97
CA ILE M 75 -80.51 -0.98 -89.44
C ILE M 75 -80.91 -2.40 -89.04
N PHE M 76 -82.15 -2.78 -89.33
CA PHE M 76 -82.65 -4.09 -88.91
C PHE M 76 -81.99 -5.19 -89.74
N VAL M 77 -80.68 -5.39 -89.55
CA VAL M 77 -79.90 -6.36 -90.30
C VAL M 77 -79.51 -7.49 -89.35
N GLY M 78 -79.91 -8.71 -89.72
CA GLY M 78 -79.67 -9.83 -88.84
C GLY M 78 -80.48 -9.80 -87.57
N GLY M 79 -81.58 -9.05 -87.54
CA GLY M 79 -82.39 -8.92 -86.35
C GLY M 79 -82.91 -10.25 -85.84
N SER M 80 -82.70 -10.51 -84.56
CA SER M 80 -83.07 -11.78 -83.93
C SER M 80 -82.59 -12.99 -84.74
N PRO M 154 -81.29 -9.68 -79.36
CA PRO M 154 -82.10 -9.72 -78.13
C PRO M 154 -81.58 -8.78 -77.06
N ALA M 155 -80.61 -9.24 -76.26
CA ALA M 155 -79.93 -8.35 -75.34
C ALA M 155 -79.21 -7.23 -76.11
N ARG M 156 -78.50 -7.59 -77.17
CA ARG M 156 -77.90 -6.58 -78.04
C ARG M 156 -78.96 -5.69 -78.67
N MET M 157 -80.17 -6.23 -78.88
CA MET M 157 -81.27 -5.42 -79.40
C MET M 157 -81.64 -4.32 -78.41
N GLU M 158 -81.81 -4.68 -77.13
CA GLU M 158 -82.07 -3.68 -76.12
C GLU M 158 -80.99 -2.61 -76.13
N LYS M 159 -79.73 -3.04 -76.27
CA LYS M 159 -78.63 -2.10 -76.33
C LYS M 159 -78.72 -1.18 -77.52
N SER M 160 -79.00 -1.73 -78.71
CA SER M 160 -79.01 -0.93 -79.93
C SER M 160 -80.15 0.08 -79.93
N LEU M 161 -81.35 -0.36 -79.54
CA LEU M 161 -82.47 0.55 -79.49
C LEU M 161 -82.23 1.66 -78.47
N ARG M 162 -81.76 1.29 -77.28
CA ARG M 162 -81.51 2.29 -76.24
C ARG M 162 -80.43 3.27 -76.67
N ASP M 163 -79.36 2.77 -77.29
CA ASP M 163 -78.28 3.65 -77.72
C ASP M 163 -78.71 4.58 -78.85
N LEU M 164 -79.59 4.10 -79.74
CA LEU M 164 -80.16 4.98 -80.75
C LEU M 164 -80.95 6.11 -80.10
N ASP M 165 -81.76 5.77 -79.09
CA ASP M 165 -82.45 6.80 -78.33
C ASP M 165 -81.46 7.78 -77.72
N TRP M 166 -80.36 7.26 -77.17
CA TRP M 166 -79.37 8.10 -76.53
C TRP M 166 -78.72 9.05 -77.52
N PHE M 167 -78.41 8.57 -78.73
CA PHE M 167 -77.91 9.44 -79.78
C PHE M 167 -78.83 10.63 -80.00
N LEU M 168 -80.12 10.35 -80.17
CA LEU M 168 -81.07 11.44 -80.42
C LEU M 168 -81.19 12.35 -79.22
N ARG M 169 -81.20 11.79 -78.02
CA ARG M 169 -81.37 12.62 -76.83
C ARG M 169 -80.21 13.59 -76.66
N TYR M 170 -78.98 13.11 -76.89
CA TYR M 170 -77.84 14.01 -76.81
C TYR M 170 -77.85 15.02 -77.95
N THR M 171 -78.43 14.67 -79.09
CA THR M 171 -78.60 15.66 -80.14
C THR M 171 -79.57 16.76 -79.71
N THR M 172 -80.65 16.39 -79.03
CA THR M 172 -81.56 17.38 -78.46
C THR M 172 -80.85 18.24 -77.43
N TYR M 173 -80.06 17.61 -76.56
CA TYR M 173 -79.31 18.37 -75.57
C TYR M 173 -78.31 19.32 -76.24
N ALA M 174 -77.68 18.86 -77.31
CA ALA M 174 -76.69 19.68 -78.01
C ALA M 174 -77.33 20.89 -78.66
N ILE M 175 -78.49 20.72 -79.31
CA ILE M 175 -79.13 21.87 -79.94
C ILE M 175 -79.58 22.87 -78.89
N VAL M 176 -80.03 22.38 -77.73
CA VAL M 176 -80.35 23.29 -76.64
C VAL M 176 -79.09 24.00 -76.16
N ALA M 177 -77.97 23.28 -76.11
CA ALA M 177 -76.70 23.84 -75.72
C ALA M 177 -76.12 24.69 -76.85
N GLY M 178 -75.10 25.47 -76.50
CA GLY M 178 -74.50 26.36 -77.48
C GLY M 178 -73.67 25.66 -78.53
N ASP M 179 -73.07 24.52 -78.18
CA ASP M 179 -72.10 23.85 -79.03
C ASP M 179 -72.38 22.35 -79.04
N PRO M 180 -71.90 21.63 -80.06
CA PRO M 180 -72.11 20.18 -80.10
C PRO M 180 -71.04 19.41 -79.36
N ASN M 181 -70.28 20.11 -78.50
CA ASN M 181 -69.18 19.46 -77.80
C ASN M 181 -69.64 18.26 -76.99
N ILE M 182 -70.88 18.29 -76.49
CA ILE M 182 -71.40 17.14 -75.75
C ILE M 182 -71.39 15.91 -76.65
N LEU M 183 -71.89 16.04 -77.88
CA LEU M 183 -71.89 14.92 -78.82
C LEU M 183 -70.46 14.53 -79.17
N ALA M 184 -69.60 15.50 -79.46
CA ALA M 184 -68.26 15.20 -79.93
C ALA M 184 -67.48 14.41 -78.89
N VAL M 185 -67.41 14.93 -77.65
CA VAL M 185 -66.61 14.26 -76.64
C VAL M 185 -67.26 12.96 -76.19
N ASN M 186 -68.58 12.87 -76.22
CA ASN M 186 -69.25 11.69 -75.71
C ASN M 186 -69.50 10.64 -76.79
N THR M 187 -69.01 10.83 -78.02
CA THR M 187 -69.07 9.79 -79.02
C THR M 187 -67.77 9.58 -79.79
N ARG M 188 -66.68 10.25 -79.43
CA ARG M 188 -65.47 10.16 -80.24
C ARG M 188 -64.90 8.75 -80.27
N GLY M 189 -64.85 8.08 -79.13
CA GLY M 189 -64.30 6.74 -79.05
C GLY M 189 -65.31 5.61 -79.08
N LEU M 190 -66.58 5.93 -79.33
CA LEU M 190 -67.63 4.92 -79.21
C LEU M 190 -67.43 3.78 -80.19
N ARG M 191 -67.02 4.09 -81.42
CA ARG M 191 -66.95 3.07 -82.45
C ARG M 191 -66.00 1.95 -82.06
N GLU M 192 -64.82 2.31 -81.55
CA GLU M 192 -63.87 1.30 -81.09
C GLU M 192 -64.43 0.51 -79.91
N ILE M 193 -65.15 1.18 -79.02
CA ILE M 193 -65.69 0.49 -77.85
C ILE M 193 -66.74 -0.53 -78.23
N ILE M 194 -67.65 -0.18 -79.15
CA ILE M 194 -68.77 -1.05 -79.50
C ILE M 194 -68.52 -1.82 -80.79
N GLU M 195 -67.29 -1.78 -81.31
CA GLU M 195 -67.03 -2.39 -82.61
C GLU M 195 -67.26 -3.90 -82.60
N ALA M 196 -66.82 -4.58 -81.53
CA ALA M 196 -66.84 -6.04 -81.54
C ALA M 196 -68.26 -6.58 -81.53
N ALA M 197 -69.11 -6.09 -80.61
CA ALA M 197 -70.42 -6.69 -80.41
C ALA M 197 -71.30 -6.54 -81.64
N CYS M 198 -71.23 -5.40 -82.32
CA CYS M 198 -72.10 -5.13 -83.47
C CYS M 198 -71.33 -4.32 -84.50
N SER M 199 -71.83 -4.36 -85.73
CA SER M 199 -71.10 -3.79 -86.86
C SER M 199 -71.09 -2.25 -86.82
N SER M 200 -69.89 -1.68 -86.89
CA SER M 200 -69.76 -0.23 -86.93
C SER M 200 -70.44 0.36 -88.15
N ASP M 201 -70.32 -0.31 -89.30
CA ASP M 201 -70.96 0.18 -90.52
C ASP M 201 -72.47 0.22 -90.36
N ALA M 202 -73.03 -0.79 -89.68
CA ALA M 202 -74.47 -0.78 -89.40
C ALA M 202 -74.85 0.46 -88.60
N THR M 203 -74.07 0.77 -87.57
CA THR M 203 -74.31 2.00 -86.80
C THR M 203 -74.27 3.22 -87.69
N ILE M 204 -73.26 3.31 -88.55
CA ILE M 204 -73.05 4.50 -89.36
C ILE M 204 -74.25 4.71 -90.29
N ALA M 205 -74.71 3.65 -90.93
CA ALA M 205 -75.86 3.76 -91.84
C ALA M 205 -77.11 4.19 -91.09
N ALA M 206 -77.34 3.62 -89.89
CA ALA M 206 -78.50 4.02 -89.12
C ALA M 206 -78.43 5.48 -88.70
N LEU M 207 -77.22 5.96 -88.41
CA LEU M 207 -77.06 7.38 -88.10
C LEU M 207 -77.45 8.25 -89.28
N GLN M 208 -77.08 7.83 -90.49
CA GLN M 208 -77.53 8.56 -91.68
C GLN M 208 -79.05 8.55 -91.76
N GLU M 209 -79.69 7.42 -91.46
CA GLU M 209 -81.14 7.32 -91.54
C GLU M 209 -81.81 8.29 -90.57
N MET M 210 -81.31 8.34 -89.33
CA MET M 210 -81.86 9.29 -88.36
C MET M 210 -81.66 10.72 -88.83
N ARG M 211 -80.51 11.02 -89.44
CA ARG M 211 -80.30 12.35 -89.97
C ARG M 211 -81.32 12.71 -91.03
N ARG M 212 -81.64 11.75 -91.91
CA ARG M 212 -82.58 12.03 -93.00
C ARG M 212 -83.98 12.29 -92.46
N ALA M 213 -84.43 11.51 -91.48
CA ALA M 213 -85.74 11.73 -90.90
C ALA M 213 -85.80 13.05 -90.15
N ALA M 214 -84.75 13.37 -89.38
CA ALA M 214 -84.70 14.65 -88.68
C ALA M 214 -84.66 15.80 -89.66
N LEU M 215 -83.94 15.63 -90.78
CA LEU M 215 -83.96 16.65 -91.83
C LEU M 215 -85.33 16.77 -92.46
N SER M 216 -86.09 15.68 -92.53
CA SER M 216 -87.41 15.72 -93.15
C SER M 216 -88.36 16.62 -92.37
N TYR M 217 -88.42 16.46 -91.05
CA TYR M 217 -89.36 17.23 -90.26
C TYR M 217 -89.06 18.72 -90.30
N PHE M 218 -87.78 19.09 -90.38
CA PHE M 218 -87.37 20.49 -90.42
C PHE M 218 -86.97 20.94 -91.82
N GLU M 219 -87.30 20.17 -92.85
CA GLU M 219 -86.88 20.51 -94.21
C GLU M 219 -87.48 21.83 -94.68
N LYS M 220 -88.59 22.27 -94.10
CA LYS M 220 -89.23 23.49 -94.54
C LYS M 220 -88.41 24.72 -94.17
N ASP M 221 -87.79 24.73 -92.99
CA ASP M 221 -87.15 25.92 -92.45
C ASP M 221 -85.64 25.86 -92.63
N ALA M 222 -85.07 26.93 -93.19
CA ALA M 222 -83.65 26.95 -93.49
C ALA M 222 -82.81 26.97 -92.21
N GLU M 223 -83.14 27.83 -91.26
CA GLU M 223 -82.35 27.94 -90.04
C GLU M 223 -82.40 26.64 -89.24
N ALA M 224 -83.60 26.11 -89.02
CA ALA M 224 -83.74 24.88 -88.26
C ALA M 224 -83.06 23.71 -88.96
N LYS M 225 -83.24 23.61 -90.28
CA LYS M 225 -82.58 22.53 -91.03
C LYS M 225 -81.07 22.65 -90.93
N GLY M 226 -80.54 23.87 -91.05
CA GLY M 226 -79.10 24.04 -90.97
C GLY M 226 -78.53 23.60 -89.63
N ILE M 227 -79.17 24.03 -88.53
CA ILE M 227 -78.64 23.69 -87.21
C ILE M 227 -78.71 22.19 -86.98
N VAL M 228 -79.87 21.58 -87.23
CA VAL M 228 -80.02 20.15 -86.93
C VAL M 228 -79.12 19.32 -87.84
N GLU M 229 -78.99 19.73 -89.11
CA GLU M 229 -78.11 19.00 -90.03
C GLU M 229 -76.66 19.08 -89.58
N THR M 230 -76.21 20.27 -89.20
CA THR M 230 -74.82 20.43 -88.78
C THR M 230 -74.50 19.58 -87.56
N TYR M 231 -75.39 19.57 -86.57
CA TYR M 231 -75.09 18.84 -85.34
C TYR M 231 -75.11 17.33 -85.58
N PHE M 232 -76.11 16.82 -86.30
CA PHE M 232 -76.09 15.40 -86.65
C PHE M 232 -74.87 15.06 -87.50
N ASP M 233 -74.44 15.97 -88.37
CA ASP M 233 -73.24 15.75 -89.17
C ASP M 233 -72.02 15.57 -88.28
N VAL M 234 -71.92 16.37 -87.22
CA VAL M 234 -70.83 16.19 -86.26
C VAL M 234 -70.89 14.79 -85.68
N LEU M 235 -72.08 14.34 -85.30
CA LEU M 235 -72.22 13.00 -84.72
C LEU M 235 -71.70 11.93 -85.67
N ILE M 236 -72.12 12.00 -86.94
CA ILE M 236 -71.71 11.00 -87.92
C ILE M 236 -70.21 11.05 -88.13
N ASN M 237 -69.66 12.25 -88.31
CA ASN M 237 -68.23 12.39 -88.56
C ASN M 237 -67.40 11.86 -87.39
N GLU M 238 -67.80 12.18 -86.16
CA GLU M 238 -67.03 11.75 -85.00
C GLU M 238 -67.05 10.23 -84.86
N PHE M 239 -68.20 9.61 -85.09
CA PHE M 239 -68.25 8.15 -85.02
C PHE M 239 -67.31 7.53 -86.04
N ILE M 240 -67.25 8.09 -87.25
CA ILE M 240 -66.40 7.53 -88.28
C ILE M 240 -64.92 7.81 -87.99
N ALA M 241 -64.62 8.95 -87.38
CA ALA M 241 -63.23 9.37 -87.21
C ALA M 241 -62.47 8.37 -86.33
N PRO M 242 -61.19 8.12 -86.62
CA PRO M 242 -60.44 7.16 -85.82
C PRO M 242 -60.34 7.61 -84.37
N ALA M 243 -60.47 6.66 -83.46
CA ALA M 243 -60.44 6.98 -82.04
C ALA M 243 -59.05 7.49 -81.66
N PRO M 244 -58.96 8.54 -80.85
CA PRO M 244 -57.66 9.10 -80.49
C PRO M 244 -56.99 8.31 -79.39
N SER M 245 -55.67 8.45 -79.32
CA SER M 245 -54.90 7.81 -78.27
C SER M 245 -54.99 8.63 -76.98
N ASP M 246 -54.84 7.94 -75.85
CA ASP M 246 -54.90 8.60 -74.57
C ASP M 246 -53.73 9.57 -74.40
N LYS M 247 -53.93 10.58 -73.55
CA LYS M 247 -52.91 11.58 -73.29
C LYS M 247 -51.92 11.05 -72.25
N VAL M 248 -51.20 10.00 -72.65
CA VAL M 248 -50.32 9.26 -71.76
C VAL M 248 -49.31 10.21 -71.12
N ARG M 249 -49.30 10.22 -69.80
CA ARG M 249 -48.39 11.04 -69.01
C ARG M 249 -47.23 10.14 -68.60
N GLN M 250 -46.14 10.22 -69.34
CA GLN M 250 -44.90 9.55 -69.01
C GLN M 250 -44.09 10.48 -68.13
N ARG M 251 -43.93 10.12 -66.86
CA ARG M 251 -43.12 10.91 -65.96
C ARG M 251 -41.65 10.71 -66.28
N ASN M 252 -40.89 11.80 -66.25
CA ASN M 252 -39.47 11.70 -66.61
C ASN M 252 -38.69 10.91 -65.58
N SER M 253 -39.04 11.02 -64.31
CA SER M 253 -38.24 10.47 -63.23
C SER M 253 -38.79 9.13 -62.75
N THR M 254 -37.96 8.44 -61.97
CA THR M 254 -38.27 7.09 -61.50
C THR M 254 -39.38 7.11 -60.46
N ASP M 255 -39.27 7.98 -59.46
CA ASP M 255 -40.17 7.97 -58.31
C ASP M 255 -41.62 8.19 -58.73
N LEU M 256 -41.84 9.03 -59.74
CA LEU M 256 -43.19 9.38 -60.13
C LEU M 256 -43.86 8.21 -60.84
N GLN M 257 -45.19 8.26 -60.92
CA GLN M 257 -45.97 7.20 -61.54
C GLN M 257 -46.66 7.72 -62.80
N GLY M 258 -46.60 6.92 -63.86
CA GLY M 258 -47.21 7.30 -65.12
C GLY M 258 -48.70 7.01 -65.16
N LEU M 259 -49.43 7.85 -65.90
CA LEU M 259 -50.89 7.81 -65.90
C LEU M 259 -51.41 8.23 -67.27
N GLN M 260 -52.51 7.63 -67.71
CA GLN M 260 -53.01 7.85 -69.08
C GLN M 260 -54.47 8.28 -69.09
N LEU M 261 -54.71 9.58 -69.12
CA LEU M 261 -56.08 10.09 -69.23
C LEU M 261 -56.66 9.76 -70.60
N PRO M 262 -57.92 9.30 -70.66
CA PRO M 262 -58.56 9.11 -71.96
C PRO M 262 -58.82 10.46 -72.63
N GLN M 263 -58.63 10.48 -73.95
CA GLN M 263 -58.58 11.76 -74.67
C GLN M 263 -59.91 12.50 -74.62
N ILE M 264 -61.03 11.77 -74.67
CA ILE M 264 -62.34 12.41 -74.71
C ILE M 264 -62.55 13.24 -73.44
N TYR M 265 -62.03 12.76 -72.31
CA TYR M 265 -62.16 13.49 -71.07
C TYR M 265 -61.47 14.84 -71.15
N PHE M 266 -60.24 14.87 -71.68
CA PHE M 266 -59.52 16.14 -71.79
C PHE M 266 -60.27 17.10 -72.70
N ASN M 267 -60.83 16.60 -73.80
CA ASN M 267 -61.59 17.47 -74.69
C ASN M 267 -62.78 18.09 -73.96
N ALA M 268 -63.48 17.30 -73.13
CA ALA M 268 -64.61 17.84 -72.39
C ALA M 268 -64.17 18.86 -71.35
N ALA M 269 -62.97 18.71 -70.81
CA ALA M 269 -62.52 19.59 -69.74
C ALA M 269 -62.42 21.03 -70.21
N GLU M 270 -62.73 21.95 -69.30
CA GLU M 270 -62.54 23.37 -69.58
C GLU M 270 -61.09 23.62 -69.97
N ARG M 271 -60.88 24.53 -70.92
CA ARG M 271 -59.57 24.72 -71.52
C ARG M 271 -58.97 26.03 -71.03
N ARG M 272 -57.81 25.94 -70.39
CA ARG M 272 -57.09 27.11 -69.94
C ARG M 272 -56.59 27.90 -71.16
N PRO M 273 -56.55 29.24 -71.05
CA PRO M 273 -55.95 30.00 -72.15
C PRO M 273 -54.45 29.80 -72.15
N LYS M 274 -53.96 28.98 -73.08
CA LYS M 274 -52.55 28.60 -73.09
C LYS M 274 -51.77 29.69 -73.80
N PHE M 275 -51.48 30.75 -73.05
CA PHE M 275 -50.75 31.89 -73.60
C PHE M 275 -49.39 31.47 -74.13
N VAL M 276 -49.04 31.96 -75.31
CA VAL M 276 -47.74 31.75 -75.92
C VAL M 276 -47.17 33.09 -76.33
N MET M 277 -45.89 33.31 -76.07
CA MET M 277 -45.22 34.54 -76.48
C MET M 277 -44.54 34.32 -77.83
N LYS M 278 -45.38 34.15 -78.85
CA LYS M 278 -44.89 33.94 -80.20
C LYS M 278 -44.30 35.23 -80.76
N PRO M 279 -43.34 35.13 -81.67
CA PRO M 279 -42.82 36.34 -82.32
C PRO M 279 -43.87 36.97 -83.22
N GLY M 280 -43.78 38.30 -83.34
CA GLY M 280 -44.72 39.02 -84.20
C GLY M 280 -46.17 38.91 -83.77
N LEU M 281 -46.41 38.87 -82.46
CA LEU M 281 -47.77 38.89 -81.96
C LEU M 281 -48.36 40.29 -82.04
N SER M 282 -49.68 40.36 -81.89
CA SER M 282 -50.35 41.65 -81.78
C SER M 282 -49.86 42.39 -80.55
N ALA M 283 -49.92 43.72 -80.59
CA ALA M 283 -49.44 44.52 -79.48
C ALA M 283 -50.21 44.21 -78.21
N ALA M 284 -51.54 44.17 -78.31
CA ALA M 284 -52.35 43.80 -77.15
C ALA M 284 -52.01 42.40 -76.66
N GLU M 285 -51.70 41.48 -77.58
CA GLU M 285 -51.36 40.12 -77.19
C GLU M 285 -50.05 40.09 -76.41
N LYS M 286 -49.05 40.87 -76.83
CA LYS M 286 -47.80 40.89 -76.08
C LYS M 286 -48.02 41.38 -74.65
N ASN M 287 -48.81 42.44 -74.48
CA ASN M 287 -49.10 42.92 -73.13
C ASN M 287 -49.90 41.88 -72.35
N GLU M 288 -50.84 41.20 -73.01
CA GLU M 288 -51.66 40.20 -72.33
C GLU M 288 -50.82 39.01 -71.87
N VAL M 289 -49.86 38.58 -72.68
CA VAL M 289 -49.00 37.47 -72.29
C VAL M 289 -48.19 37.85 -71.06
N VAL M 290 -47.66 39.06 -71.02
CA VAL M 290 -46.97 39.54 -69.83
C VAL M 290 -47.90 39.50 -68.62
N LYS M 291 -49.16 39.92 -68.81
CA LYS M 291 -50.12 39.89 -67.71
C LYS M 291 -50.34 38.47 -67.21
N ALA M 292 -50.45 37.50 -68.13
CA ALA M 292 -50.67 36.13 -67.72
C ALA M 292 -49.51 35.59 -66.91
N ALA M 293 -48.28 35.95 -67.29
CA ALA M 293 -47.13 35.54 -66.50
C ALA M 293 -47.17 36.13 -65.10
N TYR M 294 -47.52 37.41 -64.99
CA TYR M 294 -47.66 38.01 -63.67
C TYR M 294 -48.71 37.28 -62.86
N ARG M 295 -49.82 36.90 -63.48
CA ARG M 295 -50.90 36.23 -62.77
C ARG M 295 -50.46 34.88 -62.24
N GLN M 296 -49.77 34.09 -63.05
CA GLN M 296 -49.37 32.76 -62.61
C GLN M 296 -48.29 32.83 -61.55
N ILE M 297 -47.20 33.54 -61.83
CA ILE M 297 -46.06 33.55 -60.92
C ILE M 297 -46.45 34.17 -59.59
N PHE M 298 -47.16 35.30 -59.61
CA PHE M 298 -47.48 36.01 -58.39
C PHE M 298 -48.88 35.70 -57.86
N GLU M 299 -49.57 34.72 -58.43
CA GLU M 299 -50.86 34.23 -57.98
C GLU M 299 -51.98 35.24 -58.21
N ARG M 300 -51.67 36.43 -58.70
CA ARG M 300 -52.63 37.49 -58.94
C ARG M 300 -51.99 38.47 -59.92
N ASP M 301 -52.81 39.37 -60.46
CA ASP M 301 -52.27 40.38 -61.37
C ASP M 301 -51.85 41.57 -60.51
N ILE M 302 -50.61 41.51 -60.01
CA ILE M 302 -50.09 42.58 -59.18
C ILE M 302 -49.99 43.88 -59.99
N SER M 303 -49.66 43.77 -61.28
CA SER M 303 -49.60 44.96 -62.12
C SER M 303 -50.95 45.65 -62.21
N ARG M 304 -52.02 44.86 -62.40
CA ARG M 304 -53.35 45.45 -62.51
C ARG M 304 -53.79 46.08 -61.20
N ALA M 305 -53.55 45.42 -60.07
CA ALA M 305 -54.12 45.85 -58.81
C ALA M 305 -53.24 46.86 -58.07
N TYR M 306 -52.02 46.47 -57.73
CA TYR M 306 -51.12 47.37 -57.01
C TYR M 306 -50.27 48.23 -57.92
N GLY M 307 -50.08 47.83 -59.17
CA GLY M 307 -49.12 48.47 -60.03
C GLY M 307 -47.70 47.98 -59.86
N LEU M 308 -47.46 47.06 -58.93
CA LEU M 308 -46.14 46.46 -58.79
C LEU M 308 -45.81 45.61 -60.00
N GLY M 309 -44.53 45.64 -60.40
CA GLY M 309 -44.08 44.82 -61.51
C GLY M 309 -42.65 45.13 -61.83
N ILE M 310 -42.07 44.28 -62.68
CA ILE M 310 -40.68 44.44 -63.13
C ILE M 310 -40.74 44.95 -64.57
N SER M 311 -40.59 46.27 -64.71
CA SER M 311 -40.77 46.92 -66.01
C SER M 311 -39.72 46.46 -67.01
N ASP M 312 -38.47 46.34 -66.58
CA ASP M 312 -37.40 45.97 -67.51
C ASP M 312 -37.63 44.58 -68.09
N LEU M 313 -38.01 43.62 -67.24
CA LEU M 313 -38.25 42.27 -67.73
C LEU M 313 -39.44 42.22 -68.68
N GLU M 314 -40.52 42.91 -68.35
CA GLU M 314 -41.68 42.92 -69.23
C GLU M 314 -41.31 43.46 -70.60
N SER M 315 -40.56 44.58 -70.62
CA SER M 315 -40.14 45.15 -71.89
C SER M 315 -39.22 44.20 -72.65
N LYS M 316 -38.33 43.50 -71.92
CA LYS M 316 -37.38 42.62 -72.58
C LYS M 316 -38.09 41.48 -73.30
N VAL M 317 -39.06 40.84 -72.65
CA VAL M 317 -39.71 39.71 -73.31
C VAL M 317 -40.70 40.20 -74.36
N LYS M 318 -41.24 41.41 -74.21
CA LYS M 318 -42.05 42.00 -75.29
C LYS M 318 -41.18 42.26 -76.51
N ASN M 319 -39.97 42.76 -76.29
CA ASN M 319 -39.02 42.95 -77.37
C ASN M 319 -38.56 41.63 -77.96
N GLY M 320 -38.59 40.56 -77.17
CA GLY M 320 -38.03 39.29 -77.57
C GLY M 320 -36.59 39.09 -77.15
N SER M 321 -36.01 40.03 -76.40
CA SER M 321 -34.60 39.93 -76.02
C SER M 321 -34.35 38.70 -75.15
N ILE M 322 -35.33 38.32 -74.32
CA ILE M 322 -35.23 37.14 -73.48
C ILE M 322 -36.45 36.26 -73.73
N SER M 323 -36.26 34.96 -73.52
CA SER M 323 -37.36 34.03 -73.69
C SER M 323 -38.36 34.17 -72.54
N MET M 324 -39.54 33.56 -72.73
CA MET M 324 -40.51 33.53 -71.65
C MET M 324 -40.02 32.67 -70.49
N LYS M 325 -39.27 31.61 -70.78
CA LYS M 325 -38.65 30.85 -69.69
C LYS M 325 -37.70 31.73 -68.90
N GLU M 326 -36.92 32.57 -69.59
CA GLU M 326 -36.06 33.52 -68.90
C GLU M 326 -36.89 34.54 -68.13
N PHE M 327 -38.00 34.98 -68.70
CA PHE M 327 -38.87 35.91 -68.00
C PHE M 327 -39.40 35.30 -66.70
N ILE M 328 -39.82 34.04 -66.76
CA ILE M 328 -40.30 33.36 -65.56
C ILE M 328 -39.18 33.22 -64.54
N ARG M 329 -38.00 32.82 -65.00
CA ARG M 329 -36.87 32.66 -64.08
C ARG M 329 -36.57 33.97 -63.37
N GLN M 330 -36.43 35.06 -64.13
CA GLN M 330 -36.12 36.35 -63.54
C GLN M 330 -37.25 36.83 -62.64
N LEU M 331 -38.50 36.61 -63.07
CA LEU M 331 -39.64 37.04 -62.27
C LEU M 331 -39.70 36.30 -60.95
N ALA M 332 -39.39 35.00 -60.96
CA ALA M 332 -39.50 34.21 -59.74
C ALA M 332 -38.36 34.51 -58.77
N LYS M 333 -37.17 34.79 -59.28
CA LYS M 333 -36.07 35.15 -58.40
C LYS M 333 -35.99 36.65 -58.15
N SER M 334 -36.95 37.41 -58.66
CA SER M 334 -37.01 38.83 -58.40
C SER M 334 -37.37 39.09 -56.94
N PRO M 335 -37.05 40.28 -56.41
CA PRO M 335 -37.43 40.58 -55.02
C PRO M 335 -38.92 40.58 -54.77
N LEU M 336 -39.75 40.75 -55.80
CA LEU M 336 -41.19 40.69 -55.59
C LEU M 336 -41.63 39.31 -55.13
N TYR M 337 -41.17 38.26 -55.82
CA TYR M 337 -41.50 36.91 -55.41
C TYR M 337 -40.84 36.56 -54.07
N ARG M 338 -39.60 37.00 -53.88
CA ARG M 338 -38.90 36.74 -52.63
C ARG M 338 -39.65 37.32 -51.44
N LYS M 339 -40.25 38.50 -51.61
CA LYS M 339 -41.04 39.09 -50.55
C LYS M 339 -42.41 38.44 -50.43
N ASN M 340 -42.99 37.99 -51.53
CA ASN M 340 -44.37 37.54 -51.52
C ASN M 340 -44.55 36.07 -51.19
N PHE M 341 -43.58 35.21 -51.55
CA PHE M 341 -43.82 33.77 -51.44
C PHE M 341 -42.64 32.96 -50.91
N TYR M 342 -41.48 33.55 -50.67
CA TYR M 342 -40.38 32.86 -50.00
C TYR M 342 -40.14 33.38 -48.60
N GLU M 343 -40.14 34.71 -48.43
CA GLU M 343 -40.06 35.29 -47.10
C GLU M 343 -41.22 34.91 -46.18
N PRO M 344 -42.48 34.88 -46.61
CA PRO M 344 -43.57 34.66 -45.65
C PRO M 344 -43.58 33.28 -45.01
N TYR M 345 -42.87 32.30 -45.58
CA TYR M 345 -43.11 30.91 -45.20
C TYR M 345 -41.83 30.21 -44.77
N ILE M 346 -42.05 29.14 -44.00
CA ILE M 346 -41.03 28.12 -43.80
C ILE M 346 -40.63 27.55 -45.16
N ASN M 347 -39.42 27.01 -45.23
CA ASN M 347 -38.85 26.60 -46.51
C ASN M 347 -39.69 25.52 -47.19
N SER M 348 -40.25 24.59 -46.41
CA SER M 348 -41.02 23.51 -46.99
C SER M 348 -42.27 24.04 -47.69
N ARG M 349 -43.01 24.93 -47.02
CA ARG M 349 -44.18 25.52 -47.65
C ARG M 349 -43.79 26.36 -48.85
N ALA M 350 -42.65 27.06 -48.76
CA ALA M 350 -42.18 27.84 -49.91
C ALA M 350 -41.93 26.94 -51.11
N LEU M 351 -41.36 25.76 -50.88
CA LEU M 351 -41.15 24.81 -51.96
C LEU M 351 -42.46 24.43 -52.63
N GLU M 352 -43.48 24.10 -51.82
CA GLU M 352 -44.75 23.67 -52.39
C GLU M 352 -45.39 24.78 -53.21
N LEU M 353 -45.34 26.01 -52.70
CA LEU M 353 -45.86 27.14 -53.48
C LEU M 353 -45.08 27.34 -54.76
N ALA M 354 -43.76 27.14 -54.71
CA ALA M 354 -42.94 27.30 -55.90
C ALA M 354 -43.33 26.30 -56.97
N PHE M 355 -43.59 25.05 -56.59
CA PHE M 355 -44.07 24.06 -57.56
C PHE M 355 -45.35 24.54 -58.22
N ARG M 356 -46.28 25.08 -57.44
CA ARG M 356 -47.52 25.58 -58.01
C ARG M 356 -47.25 26.69 -59.02
N HIS M 357 -46.47 27.69 -58.63
CA HIS M 357 -46.36 28.90 -59.44
C HIS M 357 -45.52 28.66 -60.70
N ILE M 358 -44.39 27.99 -60.55
CA ILE M 358 -43.40 27.97 -61.62
C ILE M 358 -43.52 26.72 -62.48
N LEU M 359 -44.03 25.63 -61.90
CA LEU M 359 -44.13 24.37 -62.61
C LEU M 359 -45.58 23.98 -62.92
N GLY M 360 -46.54 24.61 -62.28
CA GLY M 360 -47.93 24.33 -62.58
C GLY M 360 -48.49 23.06 -61.99
N ARG M 361 -47.90 22.55 -60.91
CA ARG M 361 -48.44 21.39 -60.22
C ARG M 361 -47.86 21.36 -58.80
N GLY M 362 -48.30 20.38 -58.02
CA GLY M 362 -47.79 20.19 -56.68
C GLY M 362 -46.87 18.99 -56.63
N PRO M 363 -45.97 18.97 -55.64
CA PRO M 363 -45.02 17.85 -55.54
C PRO M 363 -45.76 16.52 -55.47
N SER M 364 -45.22 15.53 -56.17
CA SER M 364 -45.92 14.26 -56.35
C SER M 364 -45.44 13.16 -55.42
N SER M 365 -44.22 13.25 -54.88
CA SER M 365 -43.70 12.17 -54.06
C SER M 365 -42.66 12.69 -53.09
N ARG M 366 -42.37 11.87 -52.08
CA ARG M 366 -41.35 12.21 -51.10
C ARG M 366 -39.99 12.41 -51.73
N GLU M 367 -39.71 11.69 -52.82
CA GLU M 367 -38.43 11.90 -53.49
C GLU M 367 -38.35 13.31 -54.08
N GLU M 368 -39.46 13.81 -54.63
CA GLU M 368 -39.49 15.18 -55.10
C GLU M 368 -39.26 16.15 -53.95
N VAL M 369 -39.96 15.95 -52.83
CA VAL M 369 -39.80 16.87 -51.71
C VAL M 369 -38.40 16.79 -51.14
N GLN M 370 -37.85 15.57 -51.01
CA GLN M 370 -36.47 15.43 -50.53
C GLN M 370 -35.49 16.16 -51.44
N THR M 371 -35.59 15.90 -52.74
CA THR M 371 -34.68 16.52 -53.70
C THR M 371 -34.72 18.04 -53.61
N TYR M 372 -35.91 18.61 -53.69
CA TYR M 372 -35.99 20.06 -53.79
C TYR M 372 -35.89 20.75 -52.44
N PHE M 373 -36.20 20.07 -51.34
CA PHE M 373 -35.90 20.65 -50.03
C PHE M 373 -34.39 20.75 -49.84
N ALA M 374 -33.65 19.75 -50.30
CA ALA M 374 -32.20 19.85 -50.28
C ALA M 374 -31.72 21.00 -51.14
N ILE M 375 -32.35 21.19 -52.31
CA ILE M 375 -31.95 22.29 -53.19
C ILE M 375 -32.18 23.63 -52.52
N ILE M 376 -33.37 23.83 -51.95
CA ILE M 376 -33.67 25.11 -51.32
C ILE M 376 -32.82 25.29 -50.07
N SER M 377 -32.39 24.19 -49.46
CA SER M 377 -31.50 24.30 -48.31
C SER M 377 -30.10 24.75 -48.73
N LYS M 378 -29.62 24.24 -49.87
CA LYS M 378 -28.25 24.49 -50.28
C LYS M 378 -28.09 25.82 -51.03
N GLY M 379 -29.15 26.31 -51.66
CA GLY M 379 -28.99 27.55 -52.40
C GLY M 379 -30.10 28.58 -52.23
N GLY M 380 -31.19 28.19 -51.58
CA GLY M 380 -32.28 29.12 -51.37
C GLY M 380 -33.13 29.33 -52.61
N LEU M 381 -33.90 30.42 -52.58
CA LEU M 381 -34.84 30.70 -53.67
C LEU M 381 -34.18 30.81 -55.03
N PRO M 382 -33.04 31.48 -55.22
CA PRO M 382 -32.40 31.46 -56.54
C PRO M 382 -32.14 30.03 -57.02
N ALA M 383 -31.69 29.16 -56.12
CA ALA M 383 -31.39 27.79 -56.52
C ALA M 383 -32.65 27.03 -56.88
N LEU M 384 -33.70 27.14 -56.06
CA LEU M 384 -34.93 26.40 -56.35
C LEU M 384 -35.56 26.87 -57.64
N VAL M 385 -35.56 28.19 -57.88
CA VAL M 385 -36.08 28.72 -59.13
C VAL M 385 -35.32 28.14 -60.31
N ASP M 386 -33.99 28.14 -60.22
CA ASP M 386 -33.18 27.57 -61.29
C ASP M 386 -33.50 26.10 -61.51
N ALA M 387 -33.61 25.33 -60.41
CA ALA M 387 -33.84 23.90 -60.54
C ALA M 387 -35.18 23.61 -61.20
N LEU M 388 -36.23 24.35 -60.80
CA LEU M 388 -37.55 24.06 -61.32
C LEU M 388 -37.68 24.45 -62.79
N VAL M 389 -37.14 25.62 -63.17
CA VAL M 389 -37.21 26.00 -64.58
C VAL M 389 -36.29 25.12 -65.42
N ASP M 390 -35.11 24.78 -64.89
CA ASP M 390 -34.20 23.90 -65.61
C ASP M 390 -34.80 22.52 -65.83
N SER M 391 -35.68 22.09 -64.92
CA SER M 391 -36.21 20.74 -64.96
C SER M 391 -36.75 20.42 -66.34
N LYS M 392 -36.54 19.16 -66.76
CA LYS M 392 -37.11 18.72 -68.03
C LYS M 392 -38.62 18.89 -68.04
N GLU M 393 -39.26 18.73 -66.88
CA GLU M 393 -40.72 18.86 -66.81
C GLU M 393 -41.16 20.23 -67.30
N TYR M 394 -40.46 21.29 -66.89
CA TYR M 394 -40.79 22.62 -67.38
C TYR M 394 -40.68 22.67 -68.90
N SER M 395 -39.56 22.22 -69.44
CA SER M 395 -39.36 22.31 -70.89
C SER M 395 -40.38 21.49 -71.65
N ASP M 396 -40.73 20.32 -71.13
CA ASP M 396 -41.68 19.45 -71.83
C ASP M 396 -43.08 20.06 -71.87
N TYR M 397 -43.55 20.64 -70.77
CA TYR M 397 -44.91 21.16 -70.77
C TYR M 397 -44.99 22.63 -71.11
N PHE M 398 -44.10 23.44 -70.56
CA PHE M 398 -44.02 24.87 -70.88
C PHE M 398 -42.73 25.08 -71.67
N GLY M 399 -42.85 25.21 -72.99
CA GLY M 399 -41.68 25.48 -73.80
C GLY M 399 -41.02 26.81 -73.45
N GLU M 400 -39.98 27.19 -74.19
CA GLU M 400 -39.31 28.45 -73.88
C GLU M 400 -40.21 29.65 -74.14
N GLU M 401 -41.20 29.52 -75.03
CA GLU M 401 -42.14 30.61 -75.29
C GLU M 401 -43.35 30.57 -74.37
N THR M 402 -43.81 29.39 -73.98
CA THR M 402 -45.06 29.26 -73.25
C THR M 402 -44.94 29.82 -71.85
N VAL M 403 -46.05 30.34 -71.34
CA VAL M 403 -46.17 30.81 -69.96
C VAL M 403 -46.77 29.68 -69.13
N PRO M 404 -46.23 29.39 -67.94
CA PRO M 404 -46.73 28.25 -67.16
C PRO M 404 -48.22 28.34 -66.88
N TYR M 405 -48.90 27.21 -67.02
CA TYR M 405 -50.34 27.11 -66.79
C TYR M 405 -50.62 25.95 -65.84
N LEU M 406 -51.54 26.16 -64.92
CA LEU M 406 -51.89 25.11 -63.97
C LEU M 406 -52.50 23.91 -64.68
N ARG M 407 -52.08 22.72 -64.30
CA ARG M 407 -52.55 21.47 -64.90
C ARG M 407 -53.41 20.74 -63.89
N GLY M 408 -54.72 20.77 -64.09
CA GLY M 408 -55.68 20.28 -63.13
C GLY M 408 -56.27 18.94 -63.48
N LEU M 409 -57.50 18.71 -63.01
CA LEU M 409 -58.13 17.40 -63.15
C LEU M 409 -58.35 17.04 -64.61
N GLY M 410 -58.81 17.99 -65.42
CA GLY M 410 -59.12 17.71 -66.80
C GLY M 410 -57.97 17.96 -67.76
N GLN M 411 -57.14 18.93 -67.43
CA GLN M 411 -56.02 19.29 -68.31
C GLN M 411 -55.05 18.12 -68.45
N GLU M 412 -54.80 17.41 -67.36
CA GLU M 412 -53.77 16.38 -67.31
C GLU M 412 -54.26 15.26 -66.41
N ALA M 413 -53.84 14.04 -66.71
CA ALA M 413 -54.21 12.91 -65.86
C ALA M 413 -53.67 13.10 -64.45
N GLN M 414 -54.45 12.68 -63.46
CA GLN M 414 -54.13 12.98 -62.08
C GLN M 414 -53.88 11.71 -61.28
N GLU M 415 -53.21 11.90 -60.15
CA GLU M 415 -52.72 10.81 -59.33
C GLU M 415 -53.37 10.80 -57.96
N CYS M 416 -53.49 9.57 -57.45
CA CYS M 416 -54.13 9.24 -56.19
C CYS M 416 -53.32 9.66 -54.97
N ARG M 417 -52.02 9.91 -55.12
CA ARG M 417 -51.11 10.03 -53.98
C ARG M 417 -51.12 11.40 -53.33
N ASN M 418 -51.40 12.45 -54.10
CA ASN M 418 -51.35 13.82 -53.58
C ASN M 418 -52.64 14.57 -53.89
N TRP M 419 -53.76 13.86 -53.87
CA TRP M 419 -55.01 14.44 -54.35
C TRP M 419 -55.41 15.66 -53.52
N GLY M 420 -55.60 15.47 -52.22
CA GLY M 420 -56.06 16.56 -51.39
C GLY M 420 -55.09 17.73 -51.35
N ALA M 421 -53.80 17.44 -51.29
CA ALA M 421 -52.80 18.50 -51.28
C ALA M 421 -52.84 19.30 -52.57
N GLN M 422 -52.96 18.61 -53.72
CA GLN M 422 -53.05 19.32 -54.99
C GLN M 422 -54.34 20.13 -55.07
N GLN M 423 -55.44 19.56 -54.56
CA GLN M 423 -56.71 20.27 -54.55
C GLN M 423 -56.59 21.57 -53.79
N ASP M 424 -55.89 21.56 -52.64
CA ASP M 424 -55.73 22.76 -51.85
C ASP M 424 -54.71 23.72 -52.45
N LEU M 425 -53.67 23.20 -53.11
CA LEU M 425 -52.68 24.08 -53.72
C LEU M 425 -53.29 24.87 -54.87
N PHE M 426 -54.14 24.25 -55.67
CA PHE M 426 -54.80 24.92 -56.79
C PHE M 426 -56.00 25.74 -56.32
N LYS M 427 -55.75 26.64 -55.38
CA LYS M 427 -56.79 27.52 -54.87
C LYS M 427 -56.18 28.87 -54.53
N TYR M 428 -56.98 29.92 -54.61
CA TYR M 428 -56.46 31.23 -54.24
C TYR M 428 -56.32 31.38 -52.74
N SER M 429 -56.83 30.44 -51.95
CA SER M 429 -56.60 30.39 -50.52
C SER M 429 -55.33 29.62 -50.16
N ALA M 430 -54.66 29.02 -51.14
CA ALA M 430 -53.46 28.24 -50.88
C ALA M 430 -52.35 29.02 -50.18
N PRO M 431 -52.05 30.28 -50.52
CA PRO M 431 -50.95 30.97 -49.83
C PRO M 431 -51.16 31.11 -48.34
N PHE M 432 -52.38 30.91 -47.84
CA PHE M 432 -52.65 31.20 -46.44
C PHE M 432 -52.51 29.99 -45.52
N ARG M 433 -52.33 28.79 -46.07
CA ARG M 433 -51.76 27.72 -45.28
C ARG M 433 -50.28 27.99 -45.13
N LYS M 434 -49.79 28.00 -43.89
CA LYS M 434 -48.36 28.10 -43.65
C LYS M 434 -47.79 26.82 -43.08
N VAL M 435 -48.63 25.85 -42.75
CA VAL M 435 -48.19 24.49 -42.45
C VAL M 435 -47.92 23.77 -43.77
N PRO M 436 -46.76 23.13 -43.93
CA PRO M 436 -46.44 22.54 -45.24
C PRO M 436 -47.16 21.23 -45.51
N GLN M 437 -48.19 21.30 -46.36
CA GLN M 437 -49.12 20.18 -46.48
C GLN M 437 -48.54 19.02 -47.27
N PHE M 438 -47.79 19.28 -48.33
CA PHE M 438 -47.30 18.19 -49.16
C PHE M 438 -46.30 17.33 -48.40
N ILE M 439 -45.34 17.95 -47.71
CA ILE M 439 -44.36 17.15 -46.97
C ILE M 439 -45.04 16.41 -45.82
N THR M 440 -45.94 17.07 -45.08
CA THR M 440 -46.60 16.37 -43.99
C THR M 440 -47.42 15.20 -44.50
N THR M 441 -48.12 15.39 -45.63
CA THR M 441 -48.94 14.31 -46.19
C THR M 441 -48.07 13.14 -46.65
N PHE M 442 -47.04 13.43 -47.44
CA PHE M 442 -46.19 12.37 -47.96
C PHE M 442 -45.44 11.65 -46.85
N ALA M 443 -44.95 12.41 -45.87
CA ALA M 443 -44.26 11.78 -44.74
C ALA M 443 -45.20 10.92 -43.93
N ALA M 444 -46.41 11.42 -43.66
CA ALA M 444 -47.36 10.66 -42.86
C ALA M 444 -47.78 9.38 -43.54
N GLN M 445 -47.77 9.36 -44.88
CA GLN M 445 -48.19 8.16 -45.61
C GLN M 445 -47.31 6.96 -45.28
N ASP M 446 -46.06 7.20 -44.86
CA ASP M 446 -45.16 6.11 -44.51
C ASP M 446 -45.21 5.75 -43.03
N GLN M 447 -45.78 6.60 -42.19
CA GLN M 447 -45.85 6.39 -40.75
C GLN M 447 -47.14 5.65 -40.39
N PRO M 448 -47.21 5.10 -39.16
CA PRO M 448 -48.50 4.61 -38.66
C PRO M 448 -49.41 5.77 -38.29
N LEU M 449 -50.57 5.47 -37.71
CA LEU M 449 -51.54 6.52 -37.41
C LEU M 449 -50.98 7.49 -36.37
N PRO M 450 -51.45 8.75 -36.39
CA PRO M 450 -50.97 9.73 -35.40
C PRO M 450 -51.80 9.72 -34.13
N ASP M 451 -51.53 10.68 -33.25
CA ASP M 451 -52.22 10.77 -31.96
C ASP M 451 -53.42 11.72 -32.00
N GLN M 452 -53.82 12.21 -33.16
CA GLN M 452 -54.89 13.18 -33.24
C GLN M 452 -56.24 12.52 -32.93
N HIS M 453 -57.21 13.36 -32.60
CA HIS M 453 -58.57 12.89 -32.40
C HIS M 453 -59.04 12.20 -33.67
N PRO M 454 -59.80 11.11 -33.56
CA PRO M 454 -60.19 10.38 -34.79
C PRO M 454 -60.87 11.26 -35.81
N TYR M 455 -61.70 12.18 -35.35
CA TYR M 455 -62.45 13.03 -36.28
C TYR M 455 -61.52 14.00 -37.00
N GLY M 456 -60.54 14.56 -36.30
CA GLY M 456 -59.57 15.40 -36.96
C GLY M 456 -58.63 16.06 -35.97
N SER M 457 -57.56 16.62 -36.54
CA SER M 457 -56.60 17.35 -35.71
C SER M 457 -57.26 18.52 -35.01
N GLY M 458 -58.17 19.20 -35.70
CA GLY M 458 -58.83 20.35 -35.11
C GLY M 458 -59.61 20.03 -33.86
N ASN M 459 -60.12 18.80 -33.74
CA ASN M 459 -60.91 18.47 -32.57
C ASN M 459 -60.08 18.35 -31.30
N ASP M 460 -58.78 18.60 -31.37
CA ASP M 460 -57.93 18.55 -30.19
C ASP M 460 -57.81 19.94 -29.58
N PRO M 461 -58.31 20.16 -28.37
CA PRO M 461 -58.11 21.45 -27.72
C PRO M 461 -56.68 21.59 -27.23
N LEU M 462 -56.26 22.84 -27.06
CA LEU M 462 -55.05 23.09 -26.28
C LEU M 462 -55.27 22.58 -24.87
N GLU M 463 -54.35 21.74 -24.39
CA GLU M 463 -54.42 21.23 -23.03
C GLU M 463 -53.86 22.31 -22.10
N ILE M 464 -54.67 23.34 -21.88
CA ILE M 464 -54.29 24.44 -21.00
C ILE M 464 -55.21 24.47 -19.80
N GLN M 465 -54.95 25.41 -18.89
CA GLN M 465 -55.67 25.48 -17.62
C GLN M 465 -57.17 25.69 -17.85
N PHE M 466 -57.52 26.58 -18.77
CA PHE M 466 -58.90 26.82 -19.15
C PHE M 466 -58.89 27.47 -20.52
N GLY M 467 -60.03 27.38 -21.22
CA GLY M 467 -60.15 28.18 -22.43
C GLY M 467 -60.82 27.56 -23.65
N ALA M 468 -60.73 26.25 -23.83
CA ALA M 468 -61.32 25.57 -24.99
C ALA M 468 -60.82 26.18 -26.30
N ILE M 469 -59.49 26.26 -26.44
CA ILE M 469 -58.87 26.92 -27.58
C ILE M 469 -58.67 25.85 -28.66
N PHE M 470 -59.67 25.68 -29.51
CA PHE M 470 -59.59 24.73 -30.61
C PHE M 470 -59.09 25.41 -31.87
N PRO M 471 -58.31 24.72 -32.70
CA PRO M 471 -58.00 25.25 -34.03
C PRO M 471 -59.26 25.43 -34.86
N LYS M 472 -59.34 26.55 -35.55
CA LYS M 472 -60.47 26.84 -36.42
C LYS M 472 -60.16 26.36 -37.83
N GLU M 473 -61.15 25.72 -38.46
CA GLU M 473 -60.91 25.09 -39.75
C GLU M 473 -60.57 26.11 -40.84
N LYS M 474 -61.06 27.34 -40.73
CA LYS M 474 -60.91 28.31 -41.79
C LYS M 474 -59.93 29.44 -41.49
N LYS M 475 -59.76 29.83 -40.23
CA LYS M 475 -58.99 31.04 -39.94
C LYS M 475 -57.56 30.93 -40.46
N ASN M 476 -56.85 29.89 -40.07
CA ASN M 476 -55.55 29.58 -40.67
C ASN M 476 -55.63 28.13 -41.14
N PRO M 477 -55.89 27.92 -42.43
CA PRO M 477 -56.16 26.55 -42.91
C PRO M 477 -55.06 25.57 -42.53
N SER M 478 -55.44 24.59 -41.72
CA SER M 478 -54.52 23.53 -41.32
C SER M 478 -55.37 22.34 -40.90
N ALA M 479 -55.24 21.23 -41.61
CA ALA M 479 -56.01 20.05 -41.31
C ALA M 479 -55.29 18.85 -41.89
N ARG M 480 -55.20 17.78 -41.11
CA ARG M 480 -54.54 16.55 -41.52
C ARG M 480 -55.55 15.42 -41.36
N PRO M 481 -56.50 15.31 -42.29
CA PRO M 481 -57.52 14.27 -42.16
C PRO M 481 -56.94 12.90 -42.41
N GLN M 482 -56.71 12.15 -41.34
CA GLN M 482 -56.19 10.80 -41.44
C GLN M 482 -57.28 9.81 -41.06
N PRO M 483 -57.42 8.71 -41.79
CA PRO M 483 -58.59 7.83 -41.62
C PRO M 483 -58.45 6.98 -40.38
N PHE M 484 -59.38 7.16 -39.44
CA PHE M 484 -59.38 6.43 -38.18
C PHE M 484 -60.53 5.43 -38.17
N ASN M 485 -60.23 4.20 -37.72
CA ASN M 485 -61.16 3.10 -37.77
C ASN M 485 -62.28 3.31 -36.75
N LYS M 486 -63.22 2.36 -36.71
CA LYS M 486 -64.39 2.49 -35.85
C LYS M 486 -64.00 2.48 -34.37
N ASP M 487 -63.08 1.60 -33.99
CA ASP M 487 -62.82 1.37 -32.57
C ASP M 487 -61.34 1.48 -32.23
N THR M 488 -60.65 2.49 -32.78
CA THR M 488 -59.28 2.72 -32.38
C THR M 488 -59.23 3.27 -30.97
N ARG M 489 -58.02 3.35 -30.42
CA ARG M 489 -57.82 3.92 -29.09
C ARG M 489 -56.60 4.81 -29.07
N ARG M 490 -56.78 6.03 -28.59
CA ARG M 490 -55.67 6.94 -28.39
C ARG M 490 -54.76 6.43 -27.30
N ILE M 491 -53.47 6.68 -27.44
CA ILE M 491 -52.50 6.38 -26.40
C ILE M 491 -52.45 7.60 -25.49
N LEU M 492 -53.06 7.49 -24.32
CA LEU M 492 -53.20 8.62 -23.41
C LEU M 492 -52.18 8.50 -22.29
N ILE M 493 -51.21 9.40 -22.28
CA ILE M 493 -50.28 9.50 -21.16
C ILE M 493 -51.05 9.85 -19.90
N ALA M 494 -50.62 9.30 -18.78
CA ALA M 494 -51.30 9.48 -17.50
C ALA M 494 -50.63 10.59 -16.71
N ARG M 495 -51.42 11.58 -16.32
CA ARG M 495 -50.93 12.64 -15.45
C ARG M 495 -50.78 12.06 -14.04
N GLY M 496 -49.74 11.25 -13.86
CA GLY M 496 -49.52 10.50 -12.66
C GLY M 496 -48.45 9.45 -12.91
N PRO M 497 -48.47 8.35 -12.17
CA PRO M 497 -47.53 7.26 -12.44
C PRO M 497 -48.05 6.34 -13.55
N GLY M 498 -47.17 6.02 -14.49
CA GLY M 498 -47.56 5.19 -15.63
C GLY M 498 -47.87 3.76 -15.28
N ILE M 499 -47.45 3.31 -14.10
CA ILE M 499 -47.89 2.01 -13.61
C ILE M 499 -49.38 2.02 -13.37
N ASN M 500 -49.91 3.15 -12.90
CA ASN M 500 -51.34 3.34 -12.72
C ASN M 500 -51.91 3.94 -14.00
N ASN M 501 -52.25 3.08 -14.94
CA ASN M 501 -52.87 3.50 -16.18
C ASN M 501 -54.06 2.61 -16.47
N GLN M 502 -55.20 3.23 -16.79
CA GLN M 502 -56.44 2.50 -16.99
C GLN M 502 -56.34 1.48 -18.12
N VAL M 503 -55.38 1.65 -19.03
CA VAL M 503 -55.18 0.66 -20.09
C VAL M 503 -54.54 -0.60 -19.52
N SER M 504 -53.61 -0.46 -18.58
CA SER M 504 -52.83 -1.57 -18.05
C SER M 504 -53.25 -2.00 -16.65
N ASN M 505 -53.61 -1.05 -15.79
CA ASN M 505 -54.06 -1.33 -14.43
C ASN M 505 -55.50 -0.86 -14.30
N PRO M 506 -56.43 -1.51 -15.03
CA PRO M 506 -57.80 -1.00 -15.04
C PRO M 506 -58.45 -0.98 -13.67
N GLY M 507 -58.06 -1.89 -12.80
CA GLY M 507 -58.61 -1.88 -11.45
C GLY M 507 -58.27 -0.63 -10.68
N ALA M 508 -57.01 -0.18 -10.77
CA ALA M 508 -56.53 0.94 -9.98
C ALA M 508 -56.94 2.27 -10.61
N ARG M 509 -58.25 2.42 -10.80
CA ARG M 509 -58.85 3.72 -11.07
C ARG M 509 -59.38 4.24 -9.74
N GLY M 510 -58.77 5.30 -9.24
CA GLY M 510 -59.07 5.83 -7.92
C GLY M 510 -57.87 5.87 -6.99
N LEU M 511 -56.87 5.02 -7.22
CA LEU M 511 -55.58 5.23 -6.56
C LEU M 511 -55.09 6.62 -6.91
N THR M 512 -54.79 7.41 -5.90
CA THR M 512 -54.54 8.83 -6.13
C THR M 512 -53.33 9.00 -7.05
N PRO M 513 -53.33 10.00 -7.92
CA PRO M 513 -52.12 10.29 -8.70
C PRO M 513 -50.92 10.54 -7.81
N GLY M 514 -51.11 11.21 -6.69
CA GLY M 514 -50.02 11.49 -5.79
C GLY M 514 -49.25 12.73 -6.21
N THR M 515 -48.03 12.83 -5.69
CA THR M 515 -47.17 13.95 -6.01
C THR M 515 -46.82 14.02 -7.49
N LEU M 516 -47.01 12.93 -8.23
CA LEU M 516 -46.73 12.88 -9.65
C LEU M 516 -47.89 13.39 -10.50
N GLY M 517 -49.00 13.78 -9.88
CA GLY M 517 -50.14 14.24 -10.63
C GLY M 517 -50.82 15.44 -9.99
N PRO M 518 -52.03 15.74 -10.43
CA PRO M 518 -52.76 16.89 -9.88
C PRO M 518 -53.20 16.60 -8.45
N LYS M 519 -53.55 17.67 -7.73
CA LYS M 519 -54.14 17.48 -6.43
C LYS M 519 -55.55 16.92 -6.57
N VAL M 520 -55.93 16.06 -5.65
CA VAL M 520 -57.24 15.41 -5.66
C VAL M 520 -58.02 15.96 -4.47
N PHE M 521 -59.10 16.68 -4.74
CA PHE M 521 -59.95 17.25 -3.71
C PHE M 521 -61.08 16.28 -3.39
N LYS M 522 -61.22 15.94 -2.12
CA LYS M 522 -62.29 15.05 -1.66
C LYS M 522 -62.99 15.69 -0.48
N LEU M 523 -64.31 15.53 -0.42
CA LEU M 523 -65.12 16.15 0.62
C LEU M 523 -65.28 15.21 1.80
N ASP M 524 -64.95 15.71 2.99
CA ASP M 524 -65.09 14.95 4.22
C ASP M 524 -65.87 15.75 5.24
N GLN M 525 -66.62 15.04 6.08
CA GLN M 525 -67.48 15.68 7.07
C GLN M 525 -67.87 14.71 8.18
N GLN M 553 -66.55 22.56 1.67
CA GLN M 553 -65.60 23.48 2.27
C GLN M 553 -64.84 24.25 1.19
N ARG M 554 -63.71 23.67 0.75
CA ARG M 554 -63.00 24.13 -0.44
C ARG M 554 -63.27 23.27 -1.66
N VAL M 555 -63.92 22.11 -1.46
CA VAL M 555 -64.35 21.29 -2.58
C VAL M 555 -65.21 22.10 -3.54
N ILE M 556 -65.99 23.05 -3.01
CA ILE M 556 -66.79 23.92 -3.86
C ILE M 556 -65.89 24.73 -4.79
N ARG M 557 -64.86 25.35 -4.22
CA ARG M 557 -63.92 26.12 -5.03
C ARG M 557 -63.26 25.24 -6.09
N ALA M 558 -62.86 24.04 -5.69
CA ALA M 558 -62.23 23.12 -6.64
C ALA M 558 -63.20 22.73 -7.75
N ALA M 559 -64.46 22.49 -7.40
CA ALA M 559 -65.44 22.10 -8.42
C ALA M 559 -65.61 23.21 -9.46
N TYR M 560 -65.65 24.47 -9.02
CA TYR M 560 -65.67 25.57 -9.97
C TYR M 560 -64.41 25.58 -10.82
N LEU M 561 -63.24 25.48 -10.18
CA LEU M 561 -61.97 25.55 -10.88
C LEU M 561 -61.72 24.38 -11.81
N GLN M 562 -62.53 23.31 -11.72
CA GLN M 562 -62.39 22.17 -12.61
C GLN M 562 -63.49 22.08 -13.65
N VAL M 563 -64.74 22.35 -13.28
CA VAL M 563 -65.83 22.30 -14.26
C VAL M 563 -65.68 23.44 -15.27
N PHE M 564 -65.30 24.63 -14.80
CA PHE M 564 -65.07 25.75 -15.70
C PHE M 564 -63.58 25.93 -16.03
N GLY M 565 -62.74 26.03 -15.02
CA GLY M 565 -61.31 26.15 -15.21
C GLY M 565 -60.75 27.35 -14.49
N ARG M 566 -61.52 28.42 -14.50
CA ARG M 566 -61.22 29.64 -13.75
C ARG M 566 -62.23 29.80 -12.64
N ASP M 567 -61.87 30.59 -11.63
CA ASP M 567 -62.88 30.98 -10.66
C ASP M 567 -63.85 31.93 -11.33
N VAL M 568 -65.13 31.57 -11.32
CA VAL M 568 -66.11 32.32 -12.11
C VAL M 568 -66.33 33.71 -11.51
N TYR M 569 -66.85 34.59 -12.34
CA TYR M 569 -67.05 35.98 -11.93
C TYR M 569 -68.08 36.05 -10.80
N GLU M 570 -68.10 37.21 -10.13
CA GLU M 570 -68.84 37.32 -8.87
C GLU M 570 -70.34 37.11 -9.06
N GLY M 571 -70.91 37.68 -10.13
CA GLY M 571 -72.31 37.43 -10.40
C GLY M 571 -72.58 36.03 -10.92
N GLN M 572 -71.58 35.41 -11.54
CA GLN M 572 -71.77 34.11 -12.17
C GLN M 572 -71.77 32.95 -11.19
N ARG M 573 -71.33 33.17 -9.96
CA ARG M 573 -71.36 32.10 -8.96
C ARG M 573 -72.78 31.62 -8.76
N GLN M 574 -72.95 30.30 -8.77
CA GLN M 574 -74.25 29.75 -8.42
C GLN M 574 -74.58 30.00 -6.96
N LYS M 575 -73.57 30.26 -6.13
CA LYS M 575 -73.73 30.63 -4.72
C LYS M 575 -74.54 29.59 -3.97
N VAL M 576 -75.11 29.98 -2.82
CA VAL M 576 -75.79 29.03 -1.96
C VAL M 576 -77.01 28.41 -2.62
N ALA M 577 -77.51 29.01 -3.70
CA ALA M 577 -78.67 28.45 -4.39
C ALA M 577 -78.36 27.05 -4.91
N GLU M 578 -77.16 26.85 -5.43
CA GLU M 578 -76.69 25.52 -5.81
C GLU M 578 -75.76 24.91 -4.78
N ILE M 579 -75.16 25.72 -3.92
CA ILE M 579 -74.26 25.20 -2.87
C ILE M 579 -75.14 24.91 -1.66
N LYS M 580 -75.80 23.76 -1.72
CA LYS M 580 -76.32 23.10 -0.54
C LYS M 580 -75.37 22.03 -0.05
N LEU M 581 -74.22 21.90 -0.71
CA LEU M 581 -73.21 20.93 -0.33
C LEU M 581 -72.68 21.20 1.07
N GLU M 582 -72.50 22.47 1.41
CA GLU M 582 -72.06 22.82 2.76
C GLU M 582 -73.04 22.29 3.81
N ASN M 583 -74.33 22.31 3.49
CA ASN M 583 -75.32 21.71 4.38
C ASN M 583 -75.27 20.19 4.32
N GLY M 584 -74.94 19.62 3.17
CA GLY M 584 -74.88 18.18 3.02
C GLY M 584 -76.06 17.54 2.32
N GLU M 585 -76.96 18.33 1.75
CA GLU M 585 -78.10 17.75 1.04
C GLU M 585 -77.65 17.01 -0.21
N ILE M 586 -76.68 17.56 -0.94
CA ILE M 586 -76.28 17.04 -2.24
C ILE M 586 -74.80 16.65 -2.20
N SER M 587 -74.47 15.56 -2.90
CA SER M 587 -73.09 15.11 -3.00
C SER M 587 -72.35 15.90 -4.08
N VAL M 588 -71.02 15.70 -4.11
CA VAL M 588 -70.19 16.47 -5.03
C VAL M 588 -70.47 16.06 -6.48
N ARG M 589 -70.83 14.80 -6.70
CA ARG M 589 -71.24 14.39 -8.04
C ARG M 589 -72.42 15.22 -8.52
N GLU M 590 -73.40 15.45 -7.64
CA GLU M 590 -74.53 16.28 -8.03
C GLU M 590 -74.14 17.75 -8.13
N PHE M 591 -73.18 18.21 -7.32
CA PHE M 591 -72.75 19.60 -7.45
C PHE M 591 -72.11 19.86 -8.80
N VAL M 592 -71.26 18.95 -9.27
CA VAL M 592 -70.66 19.16 -10.59
C VAL M 592 -71.71 19.00 -11.68
N ARG M 593 -72.72 18.15 -11.46
CA ARG M 593 -73.80 18.07 -12.45
C ARG M 593 -74.56 19.38 -12.53
N ILE M 594 -74.81 20.02 -11.39
CA ILE M 594 -75.47 21.32 -11.37
C ILE M 594 -74.62 22.34 -12.12
N LEU M 595 -73.33 22.40 -11.80
CA LEU M 595 -72.46 23.36 -12.47
C LEU M 595 -72.36 23.08 -13.96
N ALA M 596 -72.33 21.80 -14.33
CA ALA M 596 -72.19 21.45 -15.75
C ALA M 596 -73.44 21.80 -16.55
N LYS M 597 -74.62 21.67 -15.94
CA LYS M 597 -75.84 22.05 -16.65
C LYS M 597 -76.14 23.53 -16.55
N SER M 598 -75.45 24.27 -15.67
CA SER M 598 -75.73 25.68 -15.48
C SER M 598 -75.57 26.44 -16.79
N ASN M 599 -76.24 27.59 -16.86
CA ASN M 599 -76.21 28.37 -18.09
C ASN M 599 -74.83 28.93 -18.37
N LEU M 600 -74.05 29.22 -17.34
CA LEU M 600 -72.69 29.72 -17.55
C LEU M 600 -71.85 28.70 -18.29
N PHE M 601 -71.87 27.44 -17.83
CA PHE M 601 -71.10 26.39 -18.49
C PHE M 601 -71.56 26.21 -19.92
N ARG M 602 -72.86 26.21 -20.16
CA ARG M 602 -73.38 26.06 -21.51
C ARG M 602 -72.85 27.16 -22.42
N SER M 603 -72.93 28.41 -21.97
CA SER M 603 -72.49 29.52 -22.80
C SER M 603 -70.99 29.44 -23.07
N LEU M 604 -70.22 28.96 -22.10
CA LEU M 604 -68.78 28.91 -22.27
C LEU M 604 -68.34 27.77 -23.19
N TYR M 605 -68.92 26.57 -23.02
CA TYR M 605 -68.35 25.38 -23.64
C TYR M 605 -69.33 24.55 -24.45
N TRP M 606 -70.56 25.00 -24.65
CA TRP M 606 -71.46 24.31 -25.56
C TRP M 606 -71.96 25.20 -26.68
N THR M 607 -72.49 26.38 -26.35
CA THR M 607 -73.04 27.25 -27.38
C THR M 607 -72.03 27.72 -28.42
N PRO M 608 -70.80 28.09 -28.08
CA PRO M 608 -69.89 28.64 -29.10
C PRO M 608 -68.99 27.63 -29.80
N LEU M 609 -69.14 26.33 -29.55
CA LEU M 609 -68.24 25.32 -30.07
C LEU M 609 -69.00 24.34 -30.96
N TYR M 610 -68.42 24.03 -32.11
CA TYR M 610 -68.90 22.93 -32.94
C TYR M 610 -69.09 21.68 -32.11
N VAL M 611 -70.09 20.87 -32.46
CA VAL M 611 -70.65 19.89 -31.53
C VAL M 611 -69.56 18.96 -30.99
N THR M 612 -68.86 18.25 -31.89
CA THR M 612 -67.90 17.27 -31.43
C THR M 612 -66.74 17.92 -30.68
N LYS M 613 -66.36 19.14 -31.06
CA LYS M 613 -65.38 19.86 -30.26
C LYS M 613 -65.90 20.11 -28.85
N ALA M 614 -67.18 20.45 -28.73
CA ALA M 614 -67.78 20.66 -27.41
C ALA M 614 -67.85 19.36 -26.63
N ILE M 615 -68.23 18.25 -27.29
CA ILE M 615 -68.28 16.96 -26.62
C ILE M 615 -66.91 16.61 -26.07
N GLU M 616 -65.86 16.87 -26.85
CA GLU M 616 -64.50 16.60 -26.38
C GLU M 616 -64.17 17.45 -25.17
N TYR M 617 -64.43 18.75 -25.23
CA TYR M 617 -64.00 19.62 -24.13
C TYR M 617 -64.76 19.28 -22.85
N ILE M 618 -66.05 18.98 -22.96
CA ILE M 618 -66.82 18.60 -21.79
C ILE M 618 -66.31 17.29 -21.22
N HIS M 619 -65.96 16.33 -22.08
CA HIS M 619 -65.41 15.07 -21.58
C HIS M 619 -64.12 15.30 -20.82
N ARG M 620 -63.27 16.20 -21.31
CA ARG M 620 -62.01 16.49 -20.63
C ARG M 620 -62.23 17.26 -19.34
N ARG M 621 -63.25 18.12 -19.27
CA ARG M 621 -63.48 18.86 -18.04
C ARG M 621 -64.16 18.01 -16.98
N LEU M 622 -65.11 17.16 -17.36
CA LEU M 622 -65.91 16.40 -16.40
C LEU M 622 -65.23 15.08 -16.04
N LEU M 623 -64.99 14.22 -17.01
CA LEU M 623 -64.03 13.15 -16.78
C LEU M 623 -62.63 13.74 -16.85
N GLY M 624 -61.67 13.02 -16.29
CA GLY M 624 -60.33 13.56 -16.34
C GLY M 624 -59.63 13.44 -17.66
N ARG M 625 -60.19 12.67 -18.60
CA ARG M 625 -59.37 12.21 -19.70
C ARG M 625 -59.92 12.66 -21.06
N PRO M 626 -59.05 12.90 -22.03
CA PRO M 626 -59.51 13.05 -23.41
C PRO M 626 -60.20 11.78 -23.88
N THR M 627 -61.11 11.95 -24.82
CA THR M 627 -61.87 10.82 -25.34
C THR M 627 -60.94 9.82 -26.00
N TYR M 628 -61.18 8.53 -25.73
CA TYR M 628 -60.31 7.48 -26.26
C TYR M 628 -60.42 7.38 -27.77
N GLY M 629 -61.61 7.08 -28.28
CA GLY M 629 -61.77 6.91 -29.70
C GLY M 629 -63.19 7.13 -30.17
N ARG M 630 -63.50 6.58 -31.35
CA ARG M 630 -64.82 6.75 -31.92
C ARG M 630 -65.86 5.91 -31.18
N GLN M 631 -65.43 4.83 -30.54
CA GLN M 631 -66.37 4.05 -29.72
C GLN M 631 -67.02 4.93 -28.66
N GLU M 632 -66.28 5.90 -28.13
CA GLU M 632 -66.83 6.82 -27.16
C GLU M 632 -67.46 8.05 -27.80
N MET M 633 -66.85 8.60 -28.86
CA MET M 633 -67.39 9.81 -29.45
C MET M 633 -68.78 9.57 -30.05
N ASN M 634 -68.94 8.49 -30.81
CA ASN M 634 -70.24 8.20 -31.40
C ASN M 634 -71.28 7.93 -30.34
N ALA M 635 -70.89 7.25 -29.26
CA ALA M 635 -71.82 6.94 -28.18
C ALA M 635 -72.22 8.20 -27.41
N TYR M 636 -71.31 9.15 -27.26
CA TYR M 636 -71.63 10.43 -26.65
C TYR M 636 -72.17 11.45 -27.65
N PHE M 637 -72.23 11.09 -28.92
CA PHE M 637 -72.74 11.94 -29.99
C PHE M 637 -74.20 11.65 -30.28
N ASP M 638 -74.60 10.38 -30.25
CA ASP M 638 -76.02 10.04 -30.33
C ASP M 638 -76.78 10.64 -29.16
N ILE M 639 -76.21 10.56 -27.97
CA ILE M 639 -76.82 11.16 -26.78
C ILE M 639 -77.02 12.65 -26.99
N ALA M 640 -75.99 13.33 -27.52
CA ALA M 640 -76.08 14.77 -27.71
C ALA M 640 -77.12 15.12 -28.77
N SER M 641 -77.17 14.35 -29.86
CA SER M 641 -78.13 14.65 -30.91
C SER M 641 -79.57 14.52 -30.43
N LYS M 642 -79.82 13.62 -29.48
CA LYS M 642 -81.18 13.39 -29.02
C LYS M 642 -81.52 14.06 -27.70
N LYS M 643 -80.53 14.53 -26.94
CA LYS M 643 -80.81 15.15 -25.65
C LYS M 643 -80.04 16.42 -25.35
N GLY M 644 -79.03 16.79 -26.14
CA GLY M 644 -78.36 18.05 -25.94
C GLY M 644 -77.37 18.06 -24.79
N LEU M 645 -76.97 19.26 -24.40
CA LEU M 645 -75.93 19.42 -23.39
C LEU M 645 -76.30 18.73 -22.09
N TYR M 646 -77.55 18.86 -21.67
CA TYR M 646 -77.97 18.25 -20.41
C TYR M 646 -77.89 16.73 -20.49
N GLY M 647 -78.31 16.15 -21.61
CA GLY M 647 -78.20 14.71 -21.77
C GLY M 647 -76.76 14.24 -21.84
N LEU M 648 -75.92 14.94 -22.60
CA LEU M 648 -74.51 14.57 -22.69
C LEU M 648 -73.82 14.69 -21.34
N VAL M 649 -74.12 15.76 -20.59
CA VAL M 649 -73.52 15.94 -19.28
C VAL M 649 -73.90 14.81 -18.34
N ASP M 650 -75.18 14.43 -18.32
CA ASP M 650 -75.55 13.34 -17.43
C ASP M 650 -74.96 12.01 -17.90
N ALA M 651 -74.83 11.80 -19.20
CA ALA M 651 -74.19 10.57 -19.68
C ALA M 651 -72.76 10.48 -19.17
N ILE M 652 -72.01 11.58 -19.27
CA ILE M 652 -70.62 11.58 -18.81
C ILE M 652 -70.56 11.38 -17.31
N ILE M 653 -71.38 12.12 -16.55
CA ILE M 653 -71.28 12.08 -15.10
C ILE M 653 -71.87 10.79 -14.53
N ASP M 654 -72.85 10.19 -15.22
CA ASP M 654 -73.38 8.90 -14.81
C ASP M 654 -72.54 7.73 -15.28
N SER M 655 -71.58 7.97 -16.18
CA SER M 655 -70.80 6.88 -16.75
C SER M 655 -70.15 6.04 -15.66
N GLN M 656 -69.87 4.78 -15.98
CA GLN M 656 -69.21 3.91 -15.02
C GLN M 656 -67.84 4.45 -14.64
N GLU M 657 -67.18 5.17 -15.54
CA GLU M 657 -65.83 5.64 -15.27
C GLU M 657 -65.83 6.80 -14.27
N TYR M 658 -66.84 7.67 -14.32
CA TYR M 658 -66.90 8.74 -13.34
C TYR M 658 -67.10 8.19 -11.93
N SER M 659 -67.87 7.11 -11.80
CA SER M 659 -68.04 6.51 -10.50
C SER M 659 -66.81 5.71 -10.08
N GLU M 660 -66.14 5.07 -11.05
CA GLU M 660 -64.96 4.27 -10.71
C GLU M 660 -63.80 5.17 -10.29
N ALA M 661 -63.54 6.23 -11.05
CA ALA M 661 -62.57 7.25 -10.68
C ALA M 661 -63.32 8.56 -10.52
N PHE M 662 -63.04 9.25 -9.41
CA PHE M 662 -63.75 10.39 -8.82
C PHE M 662 -64.93 9.97 -7.96
N GLY M 663 -65.29 8.70 -7.90
CA GLY M 663 -66.41 8.24 -7.10
C GLY M 663 -67.64 9.12 -7.14
N GLU M 664 -68.28 9.32 -5.98
CA GLU M 664 -69.37 10.27 -5.84
C GLU M 664 -69.08 11.27 -4.73
N ASP M 665 -67.82 11.36 -4.31
CA ASP M 665 -67.40 12.26 -3.24
C ASP M 665 -66.27 13.17 -3.66
N THR M 666 -65.62 12.92 -4.79
CA THR M 666 -64.39 13.57 -5.19
C THR M 666 -64.64 14.54 -6.33
N VAL M 667 -64.04 15.72 -6.23
CA VAL M 667 -64.06 16.65 -7.36
C VAL M 667 -63.27 16.03 -8.50
N PRO M 668 -63.73 16.14 -9.75
CA PRO M 668 -62.96 15.58 -10.86
C PRO M 668 -61.60 16.26 -10.99
N TYR M 669 -60.64 15.52 -11.53
CA TYR M 669 -59.30 16.04 -11.72
C TYR M 669 -58.72 15.45 -12.99
N GLU M 670 -57.76 16.16 -13.57
CA GLU M 670 -57.13 15.76 -14.82
C GLU M 670 -56.41 14.43 -14.65
N ARG M 671 -56.94 13.37 -15.25
CA ARG M 671 -56.37 12.03 -15.10
C ARG M 671 -55.52 11.58 -16.27
N TYR M 672 -55.65 12.21 -17.43
CA TYR M 672 -54.85 11.85 -18.59
C TYR M 672 -54.67 13.09 -19.45
N ILE M 673 -53.61 13.06 -20.27
CA ILE M 673 -53.37 14.11 -21.25
C ILE M 673 -52.87 13.48 -22.54
N THR M 674 -53.23 14.09 -23.65
CA THR M 674 -52.75 13.64 -24.95
C THR M 674 -51.27 13.99 -25.11
N PRO M 675 -50.52 13.21 -25.88
CA PRO M 675 -49.06 13.41 -25.95
C PRO M 675 -48.64 14.79 -26.42
N GLN M 676 -49.44 15.49 -27.20
CA GLN M 676 -49.08 16.85 -27.57
C GLN M 676 -49.54 17.88 -26.55
N GLY M 677 -50.16 17.44 -25.45
CA GLY M 677 -50.35 18.30 -24.31
C GLY M 677 -49.16 18.16 -23.39
N LEU M 678 -48.64 16.94 -23.29
CA LEU M 678 -47.39 16.74 -22.58
C LEU M 678 -46.23 17.39 -23.34
N ALA M 679 -46.32 17.46 -24.67
CA ALA M 679 -45.31 18.19 -25.43
C ALA M 679 -45.28 19.66 -25.05
N LEU M 680 -46.46 20.27 -24.88
CA LEU M 680 -46.51 21.68 -24.54
C LEU M 680 -45.98 21.93 -23.14
N ARG M 681 -46.42 21.14 -22.16
CA ARG M 681 -45.98 21.36 -20.78
C ARG M 681 -44.50 21.04 -20.61
N SER M 682 -44.08 19.86 -21.06
CA SER M 682 -42.89 19.22 -20.53
C SER M 682 -41.65 19.38 -21.39
N LEU M 683 -41.74 20.08 -22.53
CA LEU M 683 -40.59 20.22 -23.41
C LEU M 683 -40.16 21.66 -23.60
N ARG M 684 -40.75 22.59 -22.87
CA ARG M 684 -40.20 23.94 -22.82
C ARG M 684 -38.93 23.92 -21.98
N VAL M 685 -38.01 24.82 -22.34
CA VAL M 685 -36.81 24.99 -21.52
C VAL M 685 -37.23 25.35 -20.11
N GLY M 686 -36.66 24.67 -19.12
CA GLY M 686 -37.09 24.79 -17.75
C GLY M 686 -37.92 23.62 -17.27
N THR M 687 -38.59 22.91 -18.18
CA THR M 687 -39.27 21.67 -17.86
C THR M 687 -38.68 20.45 -18.55
N ILE M 688 -37.96 20.63 -19.66
CA ILE M 688 -37.38 19.48 -20.33
C ILE M 688 -36.31 18.83 -19.46
N GLY M 689 -35.55 19.64 -18.72
CA GLY M 689 -34.48 19.12 -17.90
C GLY M 689 -33.50 18.28 -18.68
N GLU M 690 -33.50 16.98 -18.44
CA GLU M 690 -32.67 16.03 -19.18
C GLU M 690 -33.45 15.20 -20.18
N THR M 691 -34.77 15.41 -20.29
CA THR M 691 -35.63 14.53 -21.06
C THR M 691 -35.32 14.66 -22.55
N GLY M 692 -34.67 13.64 -23.10
CA GLY M 692 -34.47 13.57 -24.53
C GLY M 692 -33.11 13.08 -24.99
N VAL M 693 -32.06 13.42 -24.25
CA VAL M 693 -30.72 12.88 -24.52
C VAL M 693 -30.06 12.54 -23.20
N PRO M 694 -29.22 11.51 -23.19
CA PRO M 694 -28.47 11.17 -21.97
C PRO M 694 -27.58 12.33 -21.57
N PRO M 695 -27.50 12.63 -20.28
CA PRO M 695 -26.82 13.85 -19.84
C PRO M 695 -25.31 13.70 -19.88
N GLU M 696 -24.63 14.85 -19.83
CA GLU M 696 -23.19 14.89 -19.68
C GLU M 696 -22.78 14.21 -18.38
N LYS M 697 -21.73 13.39 -18.45
CA LYS M 697 -21.36 12.57 -17.30
C LYS M 697 -20.73 13.41 -16.19
N GLU M 698 -19.90 14.39 -16.56
CA GLU M 698 -19.28 15.32 -15.61
C GLU M 698 -18.51 14.58 -14.50
N GLU M 699 -17.59 13.74 -14.93
CA GLU M 699 -16.69 13.06 -14.00
C GLU M 699 -15.40 13.87 -13.85
N THR M 700 -14.67 13.60 -12.78
CA THR M 700 -13.37 14.22 -12.69
C THR M 700 -12.36 13.49 -13.56
N PRO M 701 -11.39 14.20 -14.13
CA PRO M 701 -10.30 13.52 -14.84
C PRO M 701 -9.41 12.79 -13.86
N ARG M 702 -8.70 11.80 -14.37
CA ARG M 702 -7.82 11.01 -13.51
C ARG M 702 -6.67 11.85 -12.97
N PHE M 703 -6.17 12.82 -13.76
CA PHE M 703 -5.00 13.57 -13.31
C PHE M 703 -5.30 14.42 -12.08
N VAL M 704 -6.56 14.83 -11.90
CA VAL M 704 -6.94 15.53 -10.69
C VAL M 704 -6.77 14.62 -9.48
N GLU M 705 -7.26 13.39 -9.59
CA GLU M 705 -7.23 12.46 -8.46
C GLU M 705 -5.81 12.05 -8.13
N LEU M 706 -4.95 11.89 -9.15
CA LEU M 706 -3.60 11.38 -8.90
C LEU M 706 -2.78 12.35 -8.05
N GLY M 707 -2.93 13.64 -8.27
CA GLY M 707 -2.14 14.62 -7.57
C GLY M 707 -2.86 15.35 -6.45
N ALA M 708 -3.97 14.80 -5.99
CA ALA M 708 -4.75 15.42 -4.93
C ALA M 708 -4.43 14.77 -3.60
N VAL M 709 -4.03 15.58 -2.63
CA VAL M 709 -3.94 15.13 -1.26
C VAL M 709 -5.33 15.12 -0.65
N THR M 710 -5.72 13.99 -0.07
CA THR M 710 -7.07 13.83 0.46
C THR M 710 -7.12 13.93 1.97
N GLU M 711 -5.98 13.90 2.65
CA GLU M 711 -5.95 14.27 4.06
C GLU M 711 -6.38 15.72 4.20
N LEU M 712 -7.28 15.97 5.16
CA LEU M 712 -7.76 17.34 5.41
C LEU M 712 -6.82 17.98 6.42
N ARG M 713 -5.68 18.45 5.91
CA ARG M 713 -4.66 19.01 6.77
C ARG M 713 -5.14 20.31 7.40
N THR M 714 -4.72 20.54 8.63
CA THR M 714 -5.10 21.71 9.42
C THR M 714 -3.85 22.47 9.83
N GLU M 715 -4.04 23.55 10.59
CA GLU M 715 -2.96 24.49 10.87
C GLU M 715 -1.70 23.85 11.44
N PRO M 716 -1.77 22.98 12.47
CA PRO M 716 -0.52 22.36 12.94
C PRO M 716 0.18 21.58 11.85
N ALA M 717 -0.57 20.80 11.08
CA ALA M 717 0.02 20.01 10.00
C ALA M 717 0.61 20.90 8.92
N ILE M 718 -0.09 21.97 8.54
CA ILE M 718 0.40 22.84 7.49
C ILE M 718 1.62 23.60 7.96
N GLN M 719 1.61 24.09 9.21
CA GLN M 719 2.77 24.76 9.76
C GLN M 719 4.00 23.84 9.75
N PHE M 720 3.80 22.57 10.03
CA PHE M 720 4.92 21.64 10.04
C PHE M 720 5.30 21.20 8.63
N ARG M 721 4.32 20.75 7.85
CA ARG M 721 4.58 20.22 6.51
C ARG M 721 5.07 21.29 5.54
N ALA M 722 4.87 22.57 5.84
CA ALA M 722 5.42 23.61 4.99
C ALA M 722 6.85 23.96 5.36
N ASN M 723 7.21 23.80 6.63
CA ASN M 723 8.56 24.12 7.10
C ASN M 723 9.38 22.86 7.36
N GLN M 724 9.00 21.74 6.77
CA GLN M 724 9.82 20.54 6.79
C GLN M 724 11.03 20.71 5.87
N GLY M 725 12.13 20.08 6.24
CA GLY M 725 13.33 20.06 5.42
C GLY M 725 14.44 20.92 6.02
N VAL M 726 15.52 21.04 5.24
CA VAL M 726 16.63 21.89 5.66
C VAL M 726 16.13 23.30 5.90
N SER M 727 16.88 24.05 6.71
CA SER M 727 16.48 25.40 7.06
C SER M 727 16.35 26.26 5.80
N LYS M 728 15.32 27.11 5.79
CA LYS M 728 15.13 27.99 4.65
C LYS M 728 16.24 29.01 4.51
N ARG M 729 17.02 29.25 5.56
CA ARG M 729 18.14 30.16 5.42
C ARG M 729 19.22 29.62 4.49
N ARG M 730 19.02 28.45 3.90
CA ARG M 730 19.93 28.01 2.85
C ARG M 730 19.73 28.82 1.57
N GLU M 731 18.50 29.25 1.30
CA GLU M 731 18.21 30.08 0.15
C GLU M 731 17.76 31.48 0.52
N GLN M 732 17.49 31.76 1.80
CA GLN M 732 17.13 33.09 2.26
C GLN M 732 18.35 33.86 2.78
N THR M 733 19.51 33.63 2.20
CA THR M 733 20.73 34.30 2.61
C THR M 733 21.33 35.06 1.43
N LYS M 734 22.42 35.77 1.71
CA LYS M 734 23.17 36.47 0.68
C LYS M 734 24.65 36.18 0.85
N VAL M 735 25.38 36.19 -0.26
CA VAL M 735 26.81 35.95 -0.27
C VAL M 735 27.49 37.16 -0.89
N PHE M 736 28.57 37.62 -0.26
CA PHE M 736 29.24 38.85 -0.64
C PHE M 736 30.57 38.54 -1.33
N LYS M 737 30.87 39.28 -2.39
CA LYS M 737 32.10 39.09 -3.15
C LYS M 737 32.76 40.42 -3.42
N LEU M 738 34.10 40.43 -3.35
CA LEU M 738 34.89 41.60 -3.74
C LEU M 738 35.17 41.55 -5.24
N THR M 739 34.09 41.61 -6.01
CA THR M 739 34.19 41.47 -7.45
C THR M 739 35.00 42.60 -8.07
N ASP M 740 34.71 43.84 -7.66
CA ASP M 740 35.41 45.01 -8.17
C ASP M 740 35.88 45.84 -6.99
N LEU M 741 37.20 45.99 -6.86
CA LEU M 741 37.74 46.88 -5.84
C LEU M 741 37.28 48.32 -6.03
N ASN M 742 36.91 48.69 -7.24
CA ASN M 742 36.56 50.08 -7.53
C ASN M 742 35.16 50.45 -7.07
N ASP M 743 34.24 49.49 -6.94
CA ASP M 743 32.87 49.79 -6.55
C ASP M 743 32.83 49.92 -5.02
N LYS M 744 32.88 51.16 -4.55
CA LYS M 744 33.06 51.42 -3.12
C LYS M 744 31.83 51.09 -2.29
N GLN M 745 30.63 51.24 -2.86
CA GLN M 745 29.42 50.84 -2.15
C GLN M 745 29.48 49.37 -1.78
N ASN M 746 29.75 48.50 -2.75
CA ASN M 746 29.86 47.08 -2.46
C ASN M 746 31.00 46.81 -1.50
N LEU M 747 32.11 47.53 -1.64
CA LEU M 747 33.25 47.27 -0.76
C LEU M 747 32.90 47.52 0.70
N GLN M 748 32.16 48.58 0.99
CA GLN M 748 31.71 48.80 2.37
C GLN M 748 30.81 47.67 2.83
N LEU M 749 29.90 47.21 1.96
CA LEU M 749 29.03 46.11 2.34
C LEU M 749 29.82 44.86 2.66
N VAL M 750 30.83 44.55 1.84
CA VAL M 750 31.58 43.32 2.03
C VAL M 750 32.47 43.41 3.26
N ILE M 751 33.03 44.59 3.54
CA ILE M 751 33.81 44.78 4.76
C ILE M 751 32.94 44.54 5.99
N GLN M 752 31.75 45.15 6.01
CA GLN M 752 30.83 44.95 7.13
C GLN M 752 30.42 43.50 7.24
N ALA M 753 30.18 42.85 6.11
CA ALA M 753 29.77 41.45 6.13
C ALA M 753 30.86 40.57 6.74
N ALA M 754 32.12 40.87 6.43
CA ALA M 754 33.21 40.12 7.05
C ALA M 754 33.19 40.27 8.57
N TYR M 755 32.88 41.47 9.06
CA TYR M 755 32.70 41.64 10.50
C TYR M 755 31.58 40.75 11.00
N ARG M 756 30.45 40.72 10.29
CA ARG M 756 29.28 39.98 10.76
C ARG M 756 29.58 38.49 10.83
N GLN M 757 30.30 37.95 9.86
CA GLN M 757 30.61 36.52 9.91
C GLN M 757 31.69 36.20 10.92
N VAL M 758 32.77 36.99 10.95
CA VAL M 758 33.92 36.64 11.76
C VAL M 758 33.64 36.89 13.24
N PHE M 759 33.08 38.04 13.57
CA PHE M 759 32.84 38.40 14.96
C PHE M 759 31.41 38.13 15.42
N GLU M 760 30.56 37.63 14.52
CA GLU M 760 29.17 37.20 14.78
C GLU M 760 28.20 38.35 14.97
N ARG M 761 28.69 39.60 14.99
CA ARG M 761 27.85 40.76 15.18
C ARG M 761 28.60 41.99 14.69
N ASP M 762 27.87 43.07 14.46
CA ASP M 762 28.53 44.33 14.14
C ASP M 762 29.33 44.79 15.34
N VAL M 763 30.52 45.30 15.09
CA VAL M 763 31.52 45.46 16.14
C VAL M 763 31.49 46.85 16.76
N ALA M 764 30.49 47.67 16.43
CA ALA M 764 30.45 49.01 17.00
C ALA M 764 30.36 48.96 18.52
N PRO M 765 29.45 48.21 19.15
CA PRO M 765 29.68 47.80 20.52
C PRO M 765 30.83 46.81 20.54
N TYR M 766 31.58 46.82 21.64
CA TYR M 766 32.72 45.93 21.92
C TYR M 766 34.02 46.35 21.27
N ILE M 767 34.14 47.55 20.68
CA ILE M 767 35.44 48.10 20.29
C ILE M 767 35.50 49.55 20.73
N VAL M 768 36.65 49.96 21.27
CA VAL M 768 36.85 51.34 21.69
C VAL M 768 36.81 52.26 20.48
N ARG M 769 37.72 52.04 19.54
CA ARG M 769 37.76 52.69 18.24
C ARG M 769 37.71 51.59 17.19
N ASP M 770 37.42 51.95 15.94
CA ASP M 770 37.56 50.95 14.89
C ASP M 770 39.05 50.67 14.70
N GLU M 771 39.43 49.41 14.89
CA GLU M 771 40.82 49.00 14.92
C GLU M 771 41.20 48.20 13.67
N PHE M 772 40.52 48.48 12.56
CA PHE M 772 40.78 47.78 11.30
C PHE M 772 41.00 48.80 10.21
N THR M 773 42.14 48.72 9.54
CA THR M 773 42.37 49.51 8.34
C THR M 773 41.95 48.65 7.15
N ALA M 774 40.78 48.96 6.61
CA ALA M 774 40.27 48.29 5.43
C ALA M 774 40.79 48.91 4.15
N LEU M 775 41.62 49.95 4.26
CA LEU M 775 42.13 50.63 3.08
C LEU M 775 43.01 49.72 2.25
N GLU M 776 43.75 48.81 2.88
CA GLU M 776 44.56 47.88 2.11
C GLU M 776 43.69 46.95 1.26
N SER M 777 42.52 46.57 1.76
CA SER M 777 41.61 45.78 0.96
C SER M 777 40.87 46.63 -0.07
N LYS M 778 40.65 47.91 0.22
CA LYS M 778 39.85 48.78 -0.64
C LYS M 778 40.75 49.55 -1.58
N LEU M 779 40.59 49.31 -2.89
CA LEU M 779 41.38 49.98 -3.93
C LEU M 779 42.88 49.80 -3.71
N SER M 780 43.26 48.64 -3.17
CA SER M 780 44.67 48.34 -2.96
C SER M 780 44.84 46.83 -2.97
N ASN M 781 46.07 46.39 -3.21
CA ASN M 781 46.38 44.97 -3.32
C ASN M 781 47.00 44.40 -2.05
N GLY M 782 47.18 45.21 -1.00
CA GLY M 782 47.79 44.70 0.21
C GLY M 782 46.96 43.61 0.86
N GLU M 783 45.66 43.84 1.00
CA GLU M 783 44.72 42.84 1.46
C GLU M 783 43.60 42.68 0.46
N ILE M 784 43.94 42.74 -0.83
CA ILE M 784 42.95 42.51 -1.88
C ILE M 784 42.32 41.14 -1.69
N THR M 785 43.13 40.15 -1.40
CA THR M 785 42.62 38.85 -1.01
C THR M 785 41.76 39.01 0.24
N LEU M 786 40.44 38.84 0.11
CA LEU M 786 39.61 38.69 1.29
C LEU M 786 40.07 37.49 2.10
N LYS M 787 40.61 36.48 1.43
CA LYS M 787 41.32 35.40 2.09
C LYS M 787 42.41 35.92 3.03
N GLU M 788 42.85 37.16 2.84
CA GLU M 788 43.77 37.80 3.78
C GLU M 788 43.07 38.73 4.75
N PHE M 789 42.03 39.44 4.30
CA PHE M 789 41.32 40.34 5.20
C PHE M 789 40.62 39.57 6.32
N ILE M 790 39.96 38.47 5.97
CA ILE M 790 39.33 37.61 6.97
C ILE M 790 40.38 37.07 7.93
N GLU M 791 41.51 36.62 7.39
CA GLU M 791 42.58 36.09 8.24
C GLU M 791 43.16 37.17 9.15
N ALA M 792 43.34 38.38 8.62
CA ALA M 792 43.87 39.47 9.43
C ALA M 792 42.94 39.77 10.60
N LEU M 793 41.64 39.86 10.32
CA LEU M 793 40.67 40.03 11.40
C LEU M 793 40.77 38.89 12.40
N GLY M 794 40.99 37.66 11.91
CA GLY M 794 41.11 36.53 12.81
C GLY M 794 42.32 36.65 13.73
N CYS M 795 43.45 37.09 13.19
CA CYS M 795 44.63 37.27 14.03
C CYS M 795 44.40 38.34 15.10
N SER M 796 43.59 39.36 14.79
CA SER M 796 43.46 40.56 15.60
C SER M 796 43.10 40.29 17.06
N GLU M 797 43.31 41.30 17.91
CA GLU M 797 42.98 41.18 19.32
C GLU M 797 41.49 40.96 19.53
N LEU M 798 40.65 41.60 18.72
CA LEU M 798 39.21 41.52 18.93
C LEU M 798 38.72 40.08 18.84
N TYR M 799 39.18 39.33 17.84
CA TYR M 799 38.84 37.92 17.79
C TYR M 799 39.39 37.18 19.01
N GLN M 800 40.60 37.52 19.43
CA GLN M 800 41.20 36.87 20.59
C GLN M 800 40.34 37.10 21.83
N LYS M 801 40.02 38.36 22.11
CA LYS M 801 39.19 38.67 23.28
C LYS M 801 37.82 38.01 23.19
N GLU M 802 37.28 37.89 21.98
CA GLU M 802 35.91 37.44 21.84
C GLU M 802 35.77 35.93 21.87
N PHE M 803 36.75 35.19 21.33
CA PHE M 803 36.57 33.76 21.12
C PHE M 803 37.73 32.88 21.56
N TYR M 804 38.93 33.42 21.75
CA TYR M 804 40.02 32.61 22.27
C TYR M 804 40.19 32.78 23.78
N THR M 805 40.20 34.03 24.24
CA THR M 805 40.29 34.28 25.68
C THR M 805 39.20 33.61 26.50
N PRO M 806 37.92 33.57 26.09
CA PRO M 806 36.89 33.06 26.98
C PRO M 806 36.54 31.57 26.89
N TYR M 807 37.10 30.80 25.97
CA TYR M 807 36.61 29.43 25.80
C TYR M 807 37.78 28.45 25.74
N PRO M 808 37.54 27.18 26.09
CA PRO M 808 38.60 26.18 25.96
C PRO M 808 38.90 25.94 24.49
N ASN M 809 40.09 25.41 24.22
CA ASN M 809 40.53 25.25 22.84
C ASN M 809 39.54 24.44 22.03
N THR M 810 38.84 23.49 22.67
CA THR M 810 37.83 22.72 21.96
C THR M 810 36.74 23.62 21.40
N LYS M 811 36.23 24.53 22.23
CA LYS M 811 35.23 25.47 21.77
C LYS M 811 35.82 26.49 20.81
N VAL M 812 37.09 26.82 20.97
CA VAL M 812 37.75 27.70 20.01
C VAL M 812 37.72 27.07 18.62
N ILE M 813 37.97 25.78 18.54
CA ILE M 813 37.99 25.10 17.25
C ILE M 813 36.59 25.09 16.63
N GLU M 814 35.57 24.74 17.42
CA GLU M 814 34.23 24.70 16.85
C GLU M 814 33.80 26.08 16.38
N LEU M 815 34.08 27.12 17.19
CA LEU M 815 33.74 28.48 16.79
C LEU M 815 34.57 28.94 15.60
N GLY M 816 35.84 28.52 15.55
CA GLY M 816 36.70 28.93 14.44
C GLY M 816 36.22 28.37 13.12
N THR M 817 35.85 27.09 13.09
CA THR M 817 35.31 26.53 11.86
C THR M 817 33.97 27.14 11.51
N LYS M 818 33.18 27.54 12.50
CA LYS M 818 31.95 28.26 12.21
C LYS M 818 32.25 29.64 11.63
N HIS M 819 33.27 30.32 12.16
CA HIS M 819 33.52 31.70 11.78
C HIS M 819 34.27 31.82 10.47
N PHE M 820 35.06 30.83 10.10
CA PHE M 820 35.87 30.91 8.90
C PHE M 820 35.51 29.89 7.84
N LEU M 821 35.24 28.65 8.22
CA LEU M 821 34.90 27.61 7.26
C LEU M 821 33.40 27.38 7.12
N GLY M 822 32.59 28.00 7.96
CA GLY M 822 31.15 27.88 7.82
C GLY M 822 30.57 26.56 8.24
N ARG M 823 31.32 25.71 8.94
CA ARG M 823 30.83 24.40 9.34
C ARG M 823 31.41 24.06 10.71
N ALA M 824 31.02 22.90 11.22
CA ALA M 824 31.55 22.32 12.45
C ALA M 824 32.75 21.45 12.12
N PRO M 825 33.58 21.12 13.10
CA PRO M 825 34.72 20.23 12.84
C PRO M 825 34.27 18.93 12.18
N LEU M 826 34.93 18.58 11.07
CA LEU M 826 34.49 17.46 10.26
C LEU M 826 34.57 16.15 11.05
N ASP M 827 35.71 15.89 11.66
CA ASP M 827 35.88 14.66 12.43
C ASP M 827 37.02 14.86 13.42
N GLN M 828 37.32 13.81 14.17
CA GLN M 828 38.36 13.90 15.19
C GLN M 828 39.71 14.24 14.58
N ALA M 829 39.92 13.90 13.31
CA ALA M 829 41.19 14.23 12.67
C ALA M 829 41.42 15.74 12.67
N GLU M 830 40.40 16.51 12.29
CA GLU M 830 40.54 17.96 12.33
C GLU M 830 40.59 18.47 13.77
N ILE M 831 39.86 17.83 14.68
CA ILE M 831 39.97 18.20 16.08
C ILE M 831 41.41 18.10 16.54
N ARG M 832 42.07 16.98 16.20
CA ARG M 832 43.44 16.76 16.63
C ARG M 832 44.41 17.73 15.98
N ARG M 833 44.30 17.90 14.65
CA ARG M 833 45.21 18.79 13.95
C ARG M 833 45.12 20.20 14.49
N TYR M 834 43.92 20.73 14.60
CA TYR M 834 43.76 22.09 15.09
C TYR M 834 44.10 22.21 16.57
N ASN M 835 43.96 21.12 17.34
CA ASN M 835 44.39 21.20 18.73
C ASN M 835 45.90 21.24 18.85
N GLN M 836 46.60 20.46 18.00
CA GLN M 836 48.05 20.58 17.93
C GLN M 836 48.46 22.02 17.68
N ILE M 837 47.83 22.65 16.68
CA ILE M 837 48.19 24.01 16.31
C ILE M 837 47.87 24.98 17.44
N LEU M 838 46.69 24.84 18.05
CA LEU M 838 46.34 25.71 19.16
C LEU M 838 47.21 25.44 20.39
N ALA M 839 47.71 24.20 20.52
CA ALA M 839 48.55 23.86 21.67
C ALA M 839 49.93 24.49 21.56
N THR M 840 50.53 24.43 20.38
CA THR M 840 51.94 24.74 20.23
C THR M 840 52.20 26.05 19.52
N GLN M 841 51.23 26.60 18.79
CA GLN M 841 51.45 27.78 17.98
C GLN M 841 50.43 28.89 18.20
N GLY M 842 49.30 28.62 18.83
CA GLY M 842 48.40 29.68 19.21
C GLY M 842 47.36 30.06 18.17
N LEU M 843 46.65 31.14 18.51
CA LEU M 843 45.47 31.54 17.75
C LEU M 843 45.84 31.99 16.34
N LYS M 844 46.92 32.75 16.19
CA LYS M 844 47.29 33.24 14.87
C LYS M 844 47.52 32.09 13.91
N ALA M 845 48.25 31.06 14.36
CA ALA M 845 48.50 29.91 13.51
C ALA M 845 47.24 29.13 13.23
N PHE M 846 46.35 28.99 14.22
CA PHE M 846 45.13 28.23 14.02
C PHE M 846 44.22 28.90 12.99
N VAL M 847 44.03 30.22 13.13
CA VAL M 847 43.22 30.95 12.17
C VAL M 847 43.86 30.89 10.78
N GLN M 848 45.18 31.05 10.74
CA GLN M 848 45.91 30.96 9.49
C GLN M 848 45.71 29.60 8.84
N ALA M 849 45.72 28.53 9.65
CA ALA M 849 45.53 27.19 9.11
C ALA M 849 44.13 27.01 8.55
N LEU M 850 43.11 27.49 9.25
CA LEU M 850 41.74 27.38 8.75
C LEU M 850 41.61 28.08 7.41
N VAL M 851 42.08 29.32 7.32
CA VAL M 851 41.89 30.11 6.11
C VAL M 851 42.75 29.58 4.98
N SER M 852 43.99 29.17 5.28
CA SER M 852 44.84 28.60 4.25
C SER M 852 44.32 27.25 3.74
N SER M 853 43.53 26.55 4.55
CA SER M 853 43.08 25.21 4.20
C SER M 853 42.46 25.18 2.81
N ALA M 854 42.66 24.06 2.11
CA ALA M 854 42.08 23.90 0.79
C ALA M 854 40.55 23.95 0.85
N GLU M 855 39.96 23.71 2.02
CA GLU M 855 38.51 23.80 2.15
C GLU M 855 38.04 25.25 2.01
N TYR M 856 38.70 26.17 2.69
CA TYR M 856 38.36 27.58 2.53
C TYR M 856 38.47 27.98 1.06
N ALA M 857 39.59 27.65 0.42
CA ALA M 857 39.81 28.08 -0.94
C ALA M 857 38.78 27.48 -1.88
N GLN M 858 38.53 26.17 -1.77
CA GLN M 858 37.62 25.52 -2.70
C GLN M 858 36.20 26.04 -2.55
N ALA M 859 35.70 26.13 -1.31
CA ALA M 859 34.31 26.53 -1.11
C ALA M 859 34.13 28.03 -1.21
N PHE M 860 34.77 28.77 -0.31
CA PHE M 860 34.54 30.21 -0.23
C PHE M 860 35.34 30.96 -1.28
N GLY M 861 36.65 30.72 -1.34
CA GLY M 861 37.48 31.31 -2.37
C GLY M 861 38.12 32.62 -1.95
N GLU M 862 38.99 33.11 -2.82
CA GLU M 862 39.76 34.31 -2.53
C GLU M 862 38.86 35.53 -2.33
N ASP M 863 37.72 35.57 -3.00
CA ASP M 863 36.93 36.79 -3.05
C ASP M 863 35.49 36.57 -2.60
N THR M 864 35.30 35.90 -1.47
CA THR M 864 33.96 35.70 -0.93
C THR M 864 34.04 35.70 0.59
N VAL M 865 33.26 36.57 1.22
CA VAL M 865 33.14 36.50 2.68
C VAL M 865 32.53 35.15 3.05
N PRO M 866 33.14 34.39 3.95
CA PRO M 866 32.62 33.06 4.26
C PRO M 866 31.19 33.14 4.76
N TYR M 867 30.39 32.15 4.36
CA TYR M 867 28.97 32.16 4.66
C TYR M 867 28.57 30.87 5.37
N ARG M 868 27.43 30.93 6.06
CA ARG M 868 26.85 29.77 6.73
C ARG M 868 26.62 28.68 5.71
N ARG M 869 27.38 27.59 5.80
CA ARG M 869 27.28 26.50 4.86
C ARG M 869 26.46 25.37 5.45
N PHE M 870 25.63 24.75 4.62
CA PHE M 870 24.84 23.62 5.04
C PHE M 870 25.49 22.35 4.49
N PRO M 871 26.44 21.77 5.21
CA PRO M 871 27.16 20.63 4.67
C PRO M 871 26.28 19.40 4.56
N THR M 872 26.62 18.52 3.63
CA THR M 872 25.89 17.26 3.51
C THR M 872 26.78 16.03 3.64
N LEU M 873 27.90 15.97 2.90
CA LEU M 873 28.58 14.68 2.74
C LEU M 873 29.17 14.14 4.03
N PRO M 874 30.01 14.88 4.77
CA PRO M 874 30.49 14.34 6.04
C PRO M 874 29.30 14.06 6.95
N ALA M 875 29.30 12.89 7.57
CA ALA M 875 28.04 12.32 8.01
C ALA M 875 27.51 12.98 9.28
N ALA M 876 28.37 13.19 10.28
CA ALA M 876 27.95 13.88 11.48
C ALA M 876 28.03 15.39 11.34
N ASN M 877 28.56 15.88 10.23
CA ASN M 877 28.86 17.30 10.12
C ASN M 877 27.60 18.15 10.05
N PHE M 878 26.59 17.72 9.27
CA PHE M 878 25.39 18.53 9.16
C PHE M 878 24.64 18.71 10.48
N PRO M 879 24.33 17.66 11.24
CA PRO M 879 23.66 17.89 12.52
C PRO M 879 24.48 18.75 13.46
N ASN M 880 25.80 18.54 13.51
CA ASN M 880 26.64 19.36 14.34
C ASN M 880 26.61 20.82 13.89
N THR M 881 26.65 21.04 12.57
CA THR M 881 26.70 22.40 12.05
C THR M 881 25.42 23.16 12.39
N GLU M 882 24.27 22.51 12.26
CA GLU M 882 23.02 23.17 12.61
C GLU M 882 23.00 23.53 14.09
N LYS M 883 23.52 22.65 14.94
CA LYS M 883 23.55 22.97 16.37
C LYS M 883 24.46 24.17 16.64
N LEU M 884 25.58 24.28 15.92
CA LEU M 884 26.46 25.43 16.10
C LEU M 884 25.77 26.72 15.66
N HIS M 885 25.14 26.70 14.49
CA HIS M 885 24.61 27.93 13.91
C HIS M 885 23.31 28.38 14.57
N ASN M 886 22.52 27.45 15.11
CA ASN M 886 21.27 27.84 15.76
C ASN M 886 21.54 28.63 17.03
N GLN M 887 22.59 28.27 17.76
CA GLN M 887 22.97 29.04 18.94
C GLN M 887 23.29 30.48 18.56
N LEU M 888 22.75 31.43 19.30
CA LEU M 888 23.21 32.79 19.18
C LEU M 888 24.54 32.95 19.90
N THR M 889 25.14 34.13 19.72
CA THR M 889 26.44 34.40 20.31
C THR M 889 26.34 34.41 21.83
N LYS M 890 27.34 33.84 22.49
CA LYS M 890 27.46 33.83 23.95
C LYS M 890 26.24 33.19 24.61
N GLN M 891 25.56 32.30 23.88
CA GLN M 891 24.41 31.58 24.43
C GLN M 891 24.83 30.65 25.56
N SER M 892 25.95 29.96 25.40
CA SER M 892 26.30 28.87 26.29
C SER M 892 27.80 28.79 26.47
N ASP M 893 28.22 28.05 27.49
CA ASP M 893 29.61 27.67 27.67
C ASP M 893 29.89 26.25 27.21
N ALA M 894 28.87 25.53 26.74
CA ALA M 894 29.03 24.14 26.35
C ALA M 894 29.56 24.03 24.93
N ILE M 895 30.24 22.92 24.66
CA ILE M 895 30.82 22.65 23.36
C ILE M 895 29.88 21.68 22.64
N VAL M 896 29.25 22.15 21.57
CA VAL M 896 28.30 21.32 20.83
C VAL M 896 28.99 20.09 20.27
N VAL M 897 30.17 20.27 19.69
CA VAL M 897 30.97 19.16 19.18
C VAL M 897 32.14 18.96 20.14
N PRO M 898 31.95 18.25 21.25
CA PRO M 898 33.07 18.11 22.21
C PRO M 898 34.24 17.35 21.61
N SER M 899 33.97 16.19 21.02
CA SER M 899 34.91 15.38 20.27
C SER M 899 34.10 14.21 19.73
N PHE M 900 34.62 13.57 18.70
CA PHE M 900 33.90 12.49 18.05
C PHE M 900 34.26 11.17 18.73
N ALA M 901 33.27 10.55 19.34
CA ALA M 901 33.49 9.35 20.13
C ALA M 901 33.69 8.14 19.22
N PRO M 902 34.74 7.35 19.43
CA PRO M 902 34.85 6.07 18.74
C PRO M 902 33.76 5.12 19.22
N VAL M 903 33.41 4.17 18.37
CA VAL M 903 32.36 3.20 18.68
C VAL M 903 32.90 1.80 18.50
N LYS M 904 32.59 0.92 19.44
CA LYS M 904 32.90 -0.50 19.31
C LYS M 904 31.78 -1.19 18.55
N PRO M 905 32.05 -1.77 17.38
CA PRO M 905 30.96 -2.36 16.60
C PRO M 905 30.29 -3.50 17.34
N ARG M 906 28.96 -3.58 17.20
CA ARG M 906 28.22 -4.64 17.87
C ARG M 906 28.36 -5.97 17.13
N LEU M 907 28.41 -5.94 15.81
CA LEU M 907 28.39 -7.15 14.99
C LEU M 907 29.82 -7.61 14.75
N ASP M 908 30.21 -8.72 15.39
CA ASP M 908 31.54 -9.26 15.25
C ASP M 908 31.70 -9.95 13.90
N ASN M 909 32.72 -9.57 13.15
CA ASN M 909 33.00 -10.26 11.90
C ASN M 909 33.60 -11.63 12.21
N THR M 910 33.84 -12.40 11.15
CA THR M 910 34.13 -13.84 11.20
C THR M 910 32.92 -14.60 11.73
N LYS M 911 31.82 -13.88 11.97
CA LYS M 911 30.49 -14.45 11.99
C LYS M 911 29.68 -14.03 10.77
N LEU M 912 30.15 -13.01 10.05
CA LEU M 912 29.45 -12.52 8.88
C LEU M 912 29.44 -13.60 7.79
N PRO M 913 28.44 -13.59 6.91
CA PRO M 913 28.21 -14.76 6.04
C PRO M 913 29.41 -15.17 5.19
N LEU M 914 30.14 -14.22 4.61
CA LEU M 914 31.19 -14.60 3.66
C LEU M 914 32.38 -15.22 4.39
N LEU M 915 32.90 -14.55 5.41
CA LEU M 915 34.01 -15.11 6.17
C LEU M 915 33.62 -16.44 6.82
N SER M 916 32.37 -16.57 7.26
CA SER M 916 31.95 -17.80 7.93
C SER M 916 32.02 -18.98 6.98
N ARG M 917 31.55 -18.80 5.75
CA ARG M 917 31.72 -19.83 4.73
C ARG M 917 33.20 -20.17 4.54
N ALA M 918 34.04 -19.14 4.41
CA ALA M 918 35.45 -19.37 4.15
C ALA M 918 36.15 -20.04 5.32
N ILE M 919 35.81 -19.63 6.55
CA ILE M 919 36.41 -20.25 7.73
C ILE M 919 36.03 -21.72 7.80
N ALA M 920 34.76 -22.02 7.51
CA ALA M 920 34.33 -23.42 7.45
C ALA M 920 35.14 -24.18 6.41
N GLU M 921 35.31 -23.60 5.22
CA GLU M 921 36.01 -24.31 4.16
C GLU M 921 37.46 -24.58 4.52
N GLN M 922 38.17 -23.56 5.01
CA GLN M 922 39.59 -23.76 5.31
C GLN M 922 39.76 -24.81 6.41
N GLU M 923 38.92 -24.75 7.44
CA GLU M 923 39.01 -25.73 8.52
C GLU M 923 38.71 -27.14 8.01
N ALA M 924 37.58 -27.30 7.32
CA ALA M 924 37.17 -28.63 6.88
C ALA M 924 38.14 -29.21 5.86
N LYS M 925 38.57 -28.41 4.90
CA LYS M 925 39.51 -28.92 3.90
C LYS M 925 40.86 -29.28 4.52
N ALA M 926 41.29 -28.53 5.54
CA ALA M 926 42.52 -28.90 6.23
C ALA M 926 42.38 -30.25 6.91
N ARG M 927 41.25 -30.50 7.58
CA ARG M 927 41.06 -31.80 8.23
C ARG M 927 40.93 -32.92 7.21
N GLN M 928 40.43 -32.62 6.01
CA GLN M 928 40.26 -33.62 4.97
C GLN M 928 41.62 -34.01 4.38
N ALA M 929 41.58 -34.95 3.44
CA ALA M 929 42.79 -35.42 2.78
C ALA M 929 43.41 -34.31 1.93
N ASP M 930 44.73 -34.36 1.78
CA ASP M 930 45.47 -33.31 1.10
C ASP M 930 45.89 -33.75 -0.29
N PRO M 931 45.55 -33.01 -1.33
CA PRO M 931 46.00 -33.35 -2.67
C PRO M 931 47.50 -33.17 -2.84
N SER M 932 48.07 -33.98 -3.73
CA SER M 932 49.49 -33.87 -4.13
C SER M 932 50.42 -34.00 -2.91
N LYS M 933 50.41 -35.21 -2.34
CA LYS M 933 51.30 -35.54 -1.23
C LYS M 933 51.45 -37.05 -1.17
N PRO M 934 52.65 -37.58 -0.87
CA PRO M 934 52.82 -39.04 -0.84
C PRO M 934 52.19 -39.72 0.37
N ARG M 935 52.39 -39.17 1.56
CA ARG M 935 51.89 -39.76 2.80
C ARG M 935 50.66 -38.98 3.25
N PHE M 936 49.53 -39.67 3.34
CA PHE M 936 48.31 -39.07 3.87
C PHE M 936 47.63 -39.90 4.94
N ILE M 937 47.88 -41.21 4.99
CA ILE M 937 47.32 -42.02 6.06
C ILE M 937 48.09 -41.86 7.36
N GLU M 938 49.34 -41.40 7.30
CA GLU M 938 50.12 -41.23 8.53
C GLU M 938 49.58 -40.09 9.38
N LEU M 939 49.19 -38.98 8.75
CA LEU M 939 48.80 -37.79 9.49
C LEU M 939 47.57 -38.06 10.35
N GLY M 940 47.58 -37.52 11.56
CA GLY M 940 46.48 -37.69 12.50
C GLY M 940 45.20 -36.99 12.05
N VAL M 953 43.76 -33.90 21.40
CA VAL M 953 43.83 -34.81 22.54
C VAL M 953 44.11 -36.22 22.06
N GLY M 954 45.40 -36.57 22.03
CA GLY M 954 45.80 -37.92 21.67
C GLY M 954 46.55 -38.58 22.80
N VAL M 955 46.13 -39.78 23.18
CA VAL M 955 46.78 -40.47 24.29
C VAL M 955 48.14 -40.96 23.85
N GLY M 956 49.16 -40.68 24.67
CA GLY M 956 50.50 -41.16 24.40
C GLY M 956 50.62 -42.63 24.73
N THR M 957 51.80 -43.19 24.42
CA THR M 957 52.00 -44.62 24.65
C THR M 957 51.89 -44.99 26.12
N THR M 958 52.03 -44.02 27.04
CA THR M 958 51.93 -44.29 28.47
C THR M 958 50.46 -44.18 28.89
N ARG M 959 49.72 -45.23 28.57
CA ARG M 959 48.29 -45.34 28.84
C ARG M 959 48.00 -46.72 29.44
N ARG M 960 48.67 -47.01 30.58
CA ARG M 960 48.77 -48.31 31.24
C ARG M 960 49.80 -49.22 30.57
N ARG M 961 50.92 -48.63 30.15
CA ARG M 961 52.07 -49.37 29.60
C ARG M 961 52.99 -49.94 30.68
N PRO M 962 53.29 -49.17 31.73
CA PRO M 962 54.40 -49.53 32.63
C PRO M 962 54.04 -50.33 33.88
N ALA M 963 52.84 -50.91 33.97
CA ALA M 963 52.46 -51.63 35.18
C ALA M 963 53.35 -52.85 35.44
N ARG M 964 53.93 -53.42 34.39
CA ARG M 964 54.76 -54.61 34.53
C ARG M 964 56.02 -54.32 35.34
N ILE M 965 56.75 -55.38 35.68
CA ILE M 965 57.92 -55.26 36.55
C ILE M 965 58.96 -56.31 36.19
N PHE M 966 60.18 -56.08 36.64
CA PHE M 966 61.31 -56.98 36.40
C PHE M 966 61.10 -58.30 37.14
N ARG M 967 61.41 -59.41 36.46
CA ARG M 967 61.20 -60.74 36.99
C ARG M 967 62.51 -61.32 37.51
N MET M 968 62.48 -61.86 38.73
CA MET M 968 63.66 -62.37 39.40
C MET M 968 63.61 -63.89 39.43
N THR M 969 64.68 -64.52 38.91
CA THR M 969 64.76 -65.97 38.81
C THR M 969 66.09 -66.45 39.37
N VAL M 970 66.08 -67.65 39.94
CA VAL M 970 67.28 -68.21 40.55
C VAL M 970 68.22 -68.72 39.46
N GLY M 971 69.49 -68.85 39.81
CA GLY M 971 70.50 -69.28 38.87
C GLY M 971 71.75 -69.83 39.54
N ALA M 972 72.87 -69.74 38.83
CA ALA M 972 74.14 -70.21 39.36
C ALA M 972 74.59 -69.32 40.51
N PRO M 973 75.31 -69.88 41.49
CA PRO M 973 75.65 -69.10 42.69
C PRO M 973 76.52 -67.89 42.37
N SER M 974 76.04 -66.72 42.78
CA SER M 974 76.77 -65.47 42.64
C SER M 974 76.22 -64.49 43.66
N ALA M 975 76.84 -63.32 43.75
CA ALA M 975 76.31 -62.28 44.62
C ALA M 975 74.92 -61.85 44.22
N GLU M 976 74.54 -62.08 42.96
CA GLU M 976 73.19 -61.78 42.49
C GLU M 976 72.14 -62.68 43.15
N VAL M 977 72.56 -63.81 43.72
CA VAL M 977 71.63 -64.68 44.42
C VAL M 977 71.01 -63.93 45.60
N GLU M 978 71.79 -63.09 46.28
CA GLU M 978 71.20 -62.31 47.36
C GLU M 978 70.27 -61.22 46.82
N LEU M 979 70.50 -60.74 45.59
CA LEU M 979 69.51 -59.85 44.99
C LEU M 979 68.19 -60.56 44.78
N VAL M 980 68.24 -61.81 44.33
CA VAL M 980 67.03 -62.63 44.26
C VAL M 980 66.42 -62.81 45.64
N ILE M 981 67.26 -63.06 46.64
CA ILE M 981 66.80 -63.19 48.02
C ILE M 981 66.10 -61.91 48.46
N ASN M 982 66.71 -60.76 48.17
CA ASN M 982 66.10 -59.48 48.51
C ASN M 982 64.74 -59.34 47.86
N ALA M 983 64.62 -59.77 46.60
CA ALA M 983 63.34 -59.68 45.91
C ALA M 983 62.27 -60.54 46.60
N ILE M 984 62.65 -61.73 47.03
CA ILE M 984 61.69 -62.61 47.70
C ILE M 984 61.17 -61.95 48.96
N TYR M 985 62.07 -61.40 49.78
CA TYR M 985 61.63 -60.65 50.96
C TYR M 985 60.80 -59.44 50.55
N CYS M 986 61.24 -58.73 49.51
CA CYS M 986 60.59 -57.48 49.12
C CYS M 986 59.16 -57.67 48.66
N GLN M 987 58.84 -58.83 48.09
CA GLN M 987 57.50 -59.04 47.57
C GLN M 987 56.63 -59.87 48.51
N VAL M 988 57.13 -61.01 48.98
CA VAL M 988 56.33 -61.84 49.90
C VAL M 988 56.02 -61.06 51.16
N MET M 989 57.02 -60.39 51.73
CA MET M 989 56.78 -59.40 52.78
C MET M 989 56.80 -58.02 52.14
N ASP M 990 55.97 -57.12 52.66
CA ASP M 990 55.82 -55.80 52.06
C ASP M 990 56.80 -54.83 52.72
N VAL M 991 58.07 -54.95 52.33
CA VAL M 991 59.06 -53.93 52.69
C VAL M 991 58.95 -52.84 51.63
N PHE M 992 58.41 -51.69 52.02
CA PHE M 992 57.99 -50.68 51.05
C PHE M 992 59.16 -50.18 50.21
N SER M 993 60.26 -49.79 50.87
CA SER M 993 61.39 -49.23 50.14
C SER M 993 61.96 -50.24 49.16
N GLY M 994 62.03 -51.51 49.55
CA GLY M 994 62.73 -52.51 48.78
C GLY M 994 64.22 -52.49 48.97
N GLN M 995 64.76 -51.51 49.69
CA GLN M 995 66.17 -51.45 50.04
C GLN M 995 66.40 -51.78 51.50
N VAL M 996 65.36 -52.10 52.26
CA VAL M 996 65.50 -52.39 53.69
C VAL M 996 64.82 -53.71 54.02
N PRO M 997 65.51 -54.84 53.94
CA PRO M 997 65.05 -56.05 54.63
C PRO M 997 65.40 -55.93 56.11
N SER M 998 64.39 -55.67 56.93
CA SER M 998 64.65 -55.41 58.33
C SER M 998 65.06 -56.70 59.04
N GLN M 999 65.37 -56.57 60.33
CA GLN M 999 65.93 -57.63 61.16
C GLN M 999 65.22 -58.97 60.97
N PHE M 1000 63.90 -58.94 60.79
CA PHE M 1000 63.08 -60.14 60.91
C PHE M 1000 63.45 -61.23 59.91
N ARG M 1001 64.18 -60.89 58.85
CA ARG M 1001 64.50 -61.82 57.77
C ARG M 1001 65.05 -63.14 58.30
N ARG M 1002 64.77 -64.23 57.57
CA ARG M 1002 65.15 -65.59 57.95
C ARG M 1002 66.46 -66.01 57.28
N PRO M 1003 67.59 -65.90 57.98
CA PRO M 1003 68.88 -66.21 57.34
C PRO M 1003 69.07 -67.69 57.08
N ASP M 1004 68.46 -68.56 57.88
CA ASP M 1004 68.57 -69.99 57.58
C ASP M 1004 67.89 -70.34 56.26
N LEU M 1005 66.74 -69.73 55.99
CA LEU M 1005 66.11 -69.89 54.69
C LEU M 1005 67.01 -69.37 53.58
N GLU M 1006 67.65 -68.22 53.81
CA GLU M 1006 68.60 -67.70 52.83
C GLU M 1006 69.74 -68.67 52.60
N SER M 1007 70.24 -69.30 53.67
CA SER M 1007 71.34 -70.25 53.54
C SER M 1007 70.92 -71.47 52.73
N ARG M 1008 69.72 -72.00 52.97
CA ARG M 1008 69.25 -73.13 52.19
C ARG M 1008 69.15 -72.76 50.72
N LEU M 1009 68.57 -71.59 50.43
CA LEU M 1009 68.42 -71.16 49.05
C LEU M 1009 69.76 -70.98 48.37
N ARG M 1010 70.73 -70.39 49.07
CA ARG M 1010 72.07 -70.23 48.51
C ARG M 1010 72.69 -71.58 48.20
N ASN M 1011 72.56 -72.54 49.12
CA ASN M 1011 73.10 -73.87 48.89
C ASN M 1011 72.42 -74.55 47.70
N GLY M 1012 71.15 -74.23 47.46
CA GLY M 1012 70.36 -74.90 46.46
C GLY M 1012 69.43 -75.96 46.99
N GLU M 1013 69.50 -76.24 48.31
CA GLU M 1013 68.62 -77.25 48.90
C GLU M 1013 67.16 -76.82 48.87
N ILE M 1014 66.90 -75.53 49.03
CA ILE M 1014 65.54 -75.00 49.07
C ILE M 1014 65.27 -74.26 47.76
N THR M 1015 64.21 -74.64 47.08
CA THR M 1015 63.77 -73.90 45.90
C THR M 1015 63.05 -72.62 46.31
N VAL M 1016 62.95 -71.69 45.37
CA VAL M 1016 62.34 -70.39 45.66
C VAL M 1016 60.89 -70.57 46.12
N ARG M 1017 60.19 -71.54 45.53
CA ARG M 1017 58.83 -71.85 45.95
C ARG M 1017 58.78 -72.23 47.43
N GLU M 1018 59.67 -73.14 47.85
CA GLU M 1018 59.72 -73.54 49.25
C GLU M 1018 60.14 -72.38 50.14
N PHE M 1019 61.07 -71.55 49.66
CA PHE M 1019 61.45 -70.35 50.40
C PHE M 1019 60.23 -69.48 50.67
N VAL M 1020 59.38 -69.30 49.67
CA VAL M 1020 58.17 -68.50 49.84
C VAL M 1020 57.24 -69.14 50.86
N ARG M 1021 57.08 -70.46 50.80
CA ARG M 1021 56.18 -71.11 51.75
C ARG M 1021 56.67 -70.96 53.18
N THR M 1022 57.97 -71.15 53.41
CA THR M 1022 58.50 -70.98 54.76
C THR M 1022 58.34 -69.54 55.23
N LEU M 1023 58.64 -68.58 54.36
CA LEU M 1023 58.52 -67.17 54.73
C LEU M 1023 57.08 -66.80 55.06
N ALA M 1024 56.13 -67.31 54.28
CA ALA M 1024 54.72 -67.03 54.55
C ALA M 1024 54.25 -67.71 55.83
N SER M 1025 54.72 -68.93 56.09
CA SER M 1025 54.30 -69.65 57.28
C SER M 1025 54.86 -69.02 58.55
N SER M 1026 56.06 -68.45 58.47
CA SER M 1026 56.77 -67.98 59.66
C SER M 1026 55.95 -66.95 60.43
N GLU M 1027 56.29 -66.79 61.71
CA GLU M 1027 55.65 -65.79 62.55
C GLU M 1027 55.91 -64.38 62.06
N ILE M 1028 56.98 -64.18 61.28
CA ILE M 1028 57.26 -62.85 60.74
C ILE M 1028 56.11 -62.37 59.87
N TYR M 1029 55.69 -63.20 58.92
CA TYR M 1029 54.56 -62.85 58.08
C TYR M 1029 53.27 -62.73 58.89
N ARG M 1030 53.09 -63.64 59.86
CA ARG M 1030 51.89 -63.60 60.69
C ARG M 1030 51.78 -62.28 61.43
N ASN M 1031 52.85 -61.86 62.10
CA ASN M 1031 52.81 -60.64 62.90
C ASN M 1031 52.56 -59.42 62.03
N ARG M 1032 53.19 -59.36 60.86
CA ARG M 1032 53.00 -58.18 60.03
C ARG M 1032 51.64 -58.19 59.32
N PHE M 1033 51.07 -59.36 59.02
CA PHE M 1033 49.84 -59.41 58.25
C PHE M 1033 48.69 -60.14 58.93
N TYR M 1034 48.91 -61.35 59.46
CA TYR M 1034 47.77 -62.17 59.88
C TYR M 1034 47.11 -61.62 61.13
N THR M 1035 47.85 -61.53 62.24
CA THR M 1035 47.24 -61.12 63.50
C THR M 1035 46.63 -59.73 63.45
N PRO M 1036 47.30 -58.68 62.93
CA PRO M 1036 46.66 -57.35 62.95
C PRO M 1036 45.46 -57.24 62.03
N TYR M 1037 45.61 -57.62 60.77
CA TYR M 1037 44.52 -57.45 59.82
C TYR M 1037 43.51 -58.59 59.95
N PRO M 1038 42.22 -58.30 59.72
CA PRO M 1038 41.21 -59.34 59.83
C PRO M 1038 41.40 -60.43 58.79
N ASN M 1039 40.94 -61.64 59.12
CA ASN M 1039 41.12 -62.78 58.23
C ASN M 1039 40.56 -62.51 56.84
N THR M 1040 39.46 -61.76 56.76
CA THR M 1040 38.89 -61.40 55.47
C THR M 1040 39.91 -60.67 54.62
N LYS M 1041 40.59 -59.68 55.20
CA LYS M 1041 41.65 -58.98 54.48
C LYS M 1041 42.90 -59.84 54.34
N VAL M 1042 43.09 -60.81 55.23
CA VAL M 1042 44.27 -61.67 55.15
C VAL M 1042 44.24 -62.50 53.87
N ILE M 1043 43.05 -62.93 53.45
CA ILE M 1043 42.94 -63.67 52.19
C ILE M 1043 43.44 -62.80 51.03
N GLU M 1044 43.01 -61.54 51.00
CA GLU M 1044 43.47 -60.64 49.95
C GLU M 1044 44.96 -60.39 50.07
N PHE M 1045 45.47 -60.27 51.30
CA PHE M 1045 46.91 -60.10 51.49
C PHE M 1045 47.69 -61.29 50.95
N LEU M 1046 47.18 -62.51 51.18
CA LEU M 1046 47.83 -63.70 50.63
C LEU M 1046 47.85 -63.66 49.11
N PHE M 1047 46.71 -63.32 48.49
CA PHE M 1047 46.66 -63.27 47.04
C PHE M 1047 47.62 -62.22 46.50
N ARG M 1048 47.66 -61.05 47.12
CA ARG M 1048 48.53 -59.98 46.64
C ARG M 1048 50.01 -60.34 46.81
N HIS M 1049 50.37 -60.85 47.99
CA HIS M 1049 51.78 -61.08 48.29
C HIS M 1049 52.32 -62.31 47.56
N LEU M 1050 51.54 -63.39 47.50
CA LEU M 1050 52.06 -64.66 46.99
C LEU M 1050 51.82 -64.82 45.50
N LEU M 1051 50.56 -64.79 45.06
CA LEU M 1051 50.26 -64.93 43.64
C LEU M 1051 50.59 -63.65 42.87
N GLY M 1052 50.53 -62.50 43.53
CA GLY M 1052 50.79 -61.24 42.89
C GLY M 1052 49.57 -60.49 42.41
N ARG M 1053 48.37 -61.02 42.60
CA ARG M 1053 47.15 -60.43 42.10
C ARG M 1053 46.13 -60.32 43.21
N ALA M 1054 45.17 -59.42 43.01
CA ALA M 1054 44.05 -59.31 43.93
C ALA M 1054 43.16 -60.54 43.82
N PRO M 1055 42.42 -60.89 44.88
CA PRO M 1055 41.49 -62.03 44.78
C PRO M 1055 40.47 -61.80 43.67
N ALA M 1056 40.39 -62.75 42.76
CA ALA M 1056 39.55 -62.58 41.59
C ALA M 1056 38.07 -62.58 41.94
N THR M 1057 37.63 -63.50 42.80
CA THR M 1057 36.21 -63.67 43.06
C THR M 1057 35.94 -64.01 44.52
N GLN M 1058 34.69 -63.78 44.92
CA GLN M 1058 34.23 -64.16 46.25
C GLN M 1058 34.41 -65.66 46.48
N ALA M 1059 34.32 -66.47 45.43
CA ALA M 1059 34.48 -67.91 45.57
C ALA M 1059 35.89 -68.26 46.03
N GLU M 1060 36.91 -67.62 45.45
CA GLU M 1060 38.26 -67.79 45.94
C GLU M 1060 38.37 -67.41 47.41
N ILE M 1061 37.75 -66.29 47.78
CA ILE M 1061 37.73 -65.87 49.18
C ILE M 1061 37.09 -66.95 50.04
N ARG M 1062 36.02 -67.56 49.54
CA ARG M 1062 35.28 -68.56 50.31
C ARG M 1062 36.15 -69.77 50.64
N GLN M 1063 36.83 -70.31 49.62
CA GLN M 1063 37.71 -71.45 49.85
C GLN M 1063 38.75 -71.13 50.91
N TYR M 1064 39.48 -70.03 50.73
CA TYR M 1064 40.52 -69.71 51.69
C TYR M 1064 39.95 -69.32 53.04
N ASN M 1065 38.70 -68.86 53.10
CA ASN M 1065 38.15 -68.45 54.39
C ASN M 1065 37.90 -69.65 55.29
N LYS M 1066 37.35 -70.74 54.76
CA LYS M 1066 37.19 -71.90 55.62
C LYS M 1066 38.54 -72.51 55.97
N ILE M 1067 39.51 -72.46 55.06
CA ILE M 1067 40.85 -72.92 55.41
C ILE M 1067 41.39 -72.12 56.58
N LEU M 1068 41.24 -70.79 56.53
CA LEU M 1068 41.71 -69.95 57.63
C LEU M 1068 40.94 -70.23 58.91
N ALA M 1069 39.63 -70.41 58.81
CA ALA M 1069 38.80 -70.55 60.00
C ALA M 1069 39.09 -71.84 60.75
N ASP M 1070 39.32 -72.94 60.03
CA ASP M 1070 39.51 -74.24 60.65
C ASP M 1070 40.94 -74.75 60.52
N GLN M 1071 41.45 -74.87 59.29
CA GLN M 1071 42.76 -75.48 59.08
C GLN M 1071 43.88 -74.60 59.62
N GLY M 1072 43.83 -73.31 59.33
CA GLY M 1072 44.80 -72.36 59.86
C GLY M 1072 45.54 -71.60 58.76
N LEU M 1073 46.24 -70.57 59.21
CA LEU M 1073 46.98 -69.70 58.29
C LEU M 1073 48.07 -70.45 57.55
N LYS M 1074 48.82 -71.30 58.26
CA LYS M 1074 49.89 -72.06 57.62
C LYS M 1074 49.32 -72.96 56.52
N THR M 1075 48.17 -73.58 56.79
CA THR M 1075 47.51 -74.37 55.76
C THR M 1075 47.13 -73.51 54.56
N ALA M 1076 46.62 -72.30 54.82
CA ALA M 1076 46.20 -71.42 53.72
C ALA M 1076 47.37 -71.01 52.85
N VAL M 1077 48.48 -70.58 53.47
CA VAL M 1077 49.64 -70.17 52.68
C VAL M 1077 50.21 -71.35 51.92
N GLU M 1078 50.19 -72.54 52.53
CA GLU M 1078 50.66 -73.73 51.85
C GLU M 1078 49.80 -74.05 50.63
N THR M 1079 48.48 -73.91 50.76
CA THR M 1079 47.59 -74.20 49.64
C THR M 1079 47.85 -73.24 48.49
N MET M 1080 48.04 -71.95 48.78
CA MET M 1080 48.29 -71.00 47.70
C MET M 1080 49.65 -71.25 47.06
N VAL M 1081 50.66 -71.58 47.86
CA VAL M 1081 51.98 -71.89 47.30
C VAL M 1081 51.90 -73.12 46.40
N ASN M 1082 51.11 -74.12 46.80
CA ASN M 1082 50.92 -75.32 46.01
C ASN M 1082 49.89 -75.14 44.90
N SER M 1083 49.21 -73.99 44.85
CA SER M 1083 48.14 -73.81 43.88
C SER M 1083 48.69 -73.83 42.45
N PRO M 1084 47.89 -74.29 41.48
CA PRO M 1084 48.39 -74.38 40.10
C PRO M 1084 48.80 -73.04 39.51
N GLU M 1085 48.13 -71.95 39.89
CA GLU M 1085 48.46 -70.65 39.31
C GLU M 1085 49.90 -70.25 39.61
N TYR M 1086 50.34 -70.47 40.85
CA TYR M 1086 51.70 -70.14 41.22
C TYR M 1086 52.71 -70.89 40.35
N SER M 1087 52.38 -72.12 39.98
CA SER M 1087 53.33 -72.96 39.24
C SER M 1087 53.66 -72.38 37.88
N ARG M 1088 52.73 -71.67 37.26
CA ARG M 1088 52.94 -71.12 35.92
C ARG M 1088 53.08 -69.62 35.93
N TYR M 1089 52.07 -68.90 36.42
CA TYR M 1089 52.14 -67.44 36.47
C TYR M 1089 53.36 -66.97 37.25
N PHE M 1090 53.42 -67.33 38.54
CA PHE M 1090 54.60 -66.98 39.34
C PHE M 1090 55.80 -67.83 38.93
N GLY M 1091 55.56 -69.04 38.44
CA GLY M 1091 56.63 -69.92 38.04
C GLY M 1091 57.17 -70.74 39.20
N GLU M 1092 58.04 -71.69 38.85
CA GLU M 1092 58.77 -72.49 39.82
C GLU M 1092 60.23 -72.07 39.80
N ASP M 1093 60.80 -71.88 40.99
CA ASP M 1093 62.13 -71.32 41.20
C ASP M 1093 62.24 -69.88 40.73
N VAL M 1094 61.12 -69.21 40.51
CA VAL M 1094 61.07 -67.80 40.11
C VAL M 1094 60.48 -67.00 41.25
N VAL M 1095 61.15 -65.92 41.63
CA VAL M 1095 60.67 -65.07 42.71
C VAL M 1095 59.34 -64.46 42.28
N PRO M 1096 58.26 -64.64 43.04
CA PRO M 1096 56.96 -64.12 42.62
C PRO M 1096 56.99 -62.61 42.46
N TYR M 1097 56.29 -62.14 41.43
CA TYR M 1097 56.26 -60.72 41.10
C TYR M 1097 54.82 -60.28 40.93
N LYS M 1098 54.58 -58.98 41.13
CA LYS M 1098 53.24 -58.44 40.98
C LYS M 1098 52.74 -58.65 39.56
N ARG M 1099 51.54 -59.20 39.43
CA ARG M 1099 50.96 -59.52 38.14
C ARG M 1099 49.56 -58.95 38.06
N PHE M 1100 49.25 -58.31 36.93
CA PHE M 1100 47.91 -57.78 36.70
C PHE M 1100 47.18 -58.71 35.76
N PRO M 1101 46.18 -59.45 36.23
CA PRO M 1101 45.55 -60.48 35.38
C PRO M 1101 44.42 -59.92 34.53
N THR M 1102 44.56 -60.01 33.20
CA THR M 1102 43.54 -59.44 32.33
C THR M 1102 42.33 -60.35 32.18
N LEU M 1103 42.55 -61.66 32.01
CA LEU M 1103 41.45 -62.57 31.74
C LEU M 1103 40.43 -62.66 32.87
N PRO M 1104 40.81 -62.79 34.15
CA PRO M 1104 39.79 -62.90 35.20
C PRO M 1104 38.92 -61.65 35.25
N ALA M 1105 37.65 -61.86 35.60
CA ALA M 1105 36.65 -60.80 35.54
C ALA M 1105 36.99 -59.66 36.49
N GLY M 1106 37.15 -58.46 35.93
CA GLY M 1106 37.41 -57.27 36.72
C GLY M 1106 38.71 -57.32 37.48
N ASN M 1107 39.60 -58.24 37.12
CA ASN M 1107 40.81 -58.40 37.89
C ASN M 1107 41.84 -57.31 37.59
N TYR M 1108 41.82 -56.72 36.39
CA TYR M 1108 42.74 -55.62 36.15
C TYR M 1108 42.41 -54.43 37.04
N ILE M 1109 41.14 -54.04 37.07
CA ILE M 1109 40.75 -52.91 37.91
C ILE M 1109 40.89 -53.28 39.38
N GLY M 1110 40.56 -54.51 39.74
CA GLY M 1110 40.72 -54.94 41.12
C GLY M 1110 42.18 -55.01 41.54
N SER M 1111 43.04 -55.55 40.69
CA SER M 1111 44.46 -55.60 40.98
C SER M 1111 45.06 -54.21 41.07
N VAL M 1112 44.67 -53.32 40.16
CA VAL M 1112 45.16 -51.94 40.21
C VAL M 1112 44.72 -51.27 41.50
N LYS M 1113 43.45 -51.45 41.89
CA LYS M 1113 42.96 -50.83 43.12
C LYS M 1113 43.64 -51.41 44.35
N ALA M 1114 43.76 -52.73 44.41
CA ALA M 1114 44.40 -53.36 45.58
C ALA M 1114 45.87 -52.98 45.67
N ASP M 1115 46.58 -52.97 44.54
CA ASP M 1115 47.96 -52.53 44.53
C ASP M 1115 48.08 -51.06 44.88
N ALA M 1116 47.11 -50.25 44.44
CA ALA M 1116 47.07 -48.85 44.87
C ALA M 1116 46.88 -48.74 46.37
N ASP M 1117 46.16 -49.69 46.97
CA ASP M 1117 46.00 -49.69 48.41
C ASP M 1117 47.30 -50.08 49.07
N LEU M 1118 48.10 -49.08 49.42
CA LEU M 1118 49.28 -49.33 50.24
C LEU M 1118 48.84 -49.79 51.63
N VAL M 1119 49.72 -50.53 52.29
CA VAL M 1119 49.41 -51.10 53.59
C VAL M 1119 49.08 -49.99 54.58
N LYS M 1120 47.92 -50.07 55.19
CA LYS M 1120 47.46 -49.14 56.22
C LYS M 1120 47.38 -49.88 57.55
N GLN M 1121 47.27 -49.12 58.64
CA GLN M 1121 47.33 -49.65 60.00
C GLN M 1121 48.70 -50.27 60.26
N SER M 1122 48.94 -50.77 61.47
CA SER M 1122 50.25 -51.31 61.80
C SER M 1122 50.12 -52.26 62.98
N TRP M 1123 51.16 -53.07 63.18
CA TRP M 1123 51.32 -53.77 64.45
C TRP M 1123 51.56 -52.72 65.53
N SER M 1124 50.65 -52.63 66.49
CA SER M 1124 50.53 -51.43 67.32
C SER M 1124 50.84 -51.74 68.78
N SER M 1125 51.86 -51.06 69.31
CA SER M 1125 52.06 -50.86 70.73
C SER M 1125 52.41 -49.40 70.92
N LEU M 1126 51.84 -48.77 71.96
CA LEU M 1126 52.00 -47.34 72.18
C LEU M 1126 51.54 -46.54 70.95
N SER M 1127 50.23 -46.63 70.70
CA SER M 1127 49.65 -46.06 69.51
C SER M 1127 49.83 -44.53 69.50
N PRO M 1128 50.02 -43.94 68.33
CA PRO M 1128 50.40 -42.52 68.26
C PRO M 1128 49.25 -41.58 68.59
N SER M 1129 49.62 -40.41 69.12
CA SER M 1129 48.67 -39.34 69.34
C SER M 1129 48.39 -38.61 68.02
N LEU M 1130 47.27 -37.89 67.99
CA LEU M 1130 46.81 -37.30 66.74
C LEU M 1130 47.63 -36.09 66.30
N VAL M 1131 48.14 -35.31 67.25
CA VAL M 1131 48.76 -34.03 66.95
C VAL M 1131 50.25 -34.07 67.30
N GLY M 1132 51.06 -33.53 66.41
CA GLY M 1132 52.49 -33.39 66.67
C GLY M 1132 53.02 -32.12 66.04
N ILE M 1133 54.09 -31.59 66.61
CA ILE M 1133 54.70 -30.35 66.13
C ILE M 1133 55.53 -30.62 64.88
N MET N 1 -67.92 24.41 -63.89
CA MET N 1 -68.81 25.56 -63.87
C MET N 1 -70.07 25.27 -64.69
N GLN N 2 -71.22 25.69 -64.19
CA GLN N 2 -72.51 25.37 -64.80
C GLN N 2 -73.29 26.65 -65.06
N ASP N 3 -73.74 26.82 -66.29
CA ASP N 3 -74.78 27.82 -66.56
C ASP N 3 -76.14 27.15 -66.41
N ALA N 4 -77.19 27.98 -66.46
CA ALA N 4 -78.54 27.46 -66.25
C ALA N 4 -78.87 26.37 -67.25
N ILE N 5 -78.41 26.52 -68.49
CA ILE N 5 -78.63 25.50 -69.50
C ILE N 5 -77.94 24.20 -69.11
N THR N 6 -76.70 24.30 -68.62
CA THR N 6 -75.97 23.10 -68.19
C THR N 6 -76.70 22.40 -67.05
N ALA N 7 -77.20 23.17 -66.08
CA ALA N 7 -77.92 22.57 -64.95
C ALA N 7 -79.19 21.88 -65.41
N VAL N 8 -79.97 22.55 -66.27
CA VAL N 8 -81.22 21.97 -66.75
C VAL N 8 -80.95 20.70 -67.53
N ILE N 9 -79.99 20.75 -68.45
CA ILE N 9 -79.68 19.59 -69.28
C ILE N 9 -79.19 18.44 -68.41
N ASN N 10 -78.34 18.73 -67.43
CA ASN N 10 -77.77 17.66 -66.60
C ASN N 10 -78.84 17.02 -65.73
N ALA N 11 -79.76 17.80 -65.18
CA ALA N 11 -80.85 17.22 -64.41
C ALA N 11 -81.69 16.29 -65.28
N SER N 12 -82.05 16.76 -66.47
CA SER N 12 -82.79 15.91 -67.40
C SER N 12 -82.00 14.68 -67.77
N ASP N 13 -80.68 14.84 -67.97
CA ASP N 13 -79.84 13.72 -68.37
C ASP N 13 -79.77 12.65 -67.29
N VAL N 14 -79.62 13.06 -66.02
CA VAL N 14 -79.58 12.08 -64.94
C VAL N 14 -80.89 11.30 -64.90
N GLN N 15 -82.01 12.00 -65.01
CA GLN N 15 -83.30 11.30 -65.01
C GLN N 15 -83.44 10.42 -66.24
N GLY N 16 -82.76 10.76 -67.34
CA GLY N 16 -82.85 10.03 -68.58
C GLY N 16 -83.92 10.53 -69.53
N LYS N 17 -84.86 11.32 -69.04
CA LYS N 17 -85.95 11.80 -69.87
C LYS N 17 -85.46 12.87 -70.84
N TYR N 18 -86.08 12.93 -72.01
CA TYR N 18 -85.89 14.06 -72.91
C TYR N 18 -86.35 15.34 -72.23
N LEU N 19 -85.80 16.46 -72.69
CA LEU N 19 -86.08 17.75 -72.09
C LEU N 19 -87.59 17.99 -72.02
N ASP N 20 -88.10 18.08 -70.79
CA ASP N 20 -89.52 18.21 -70.54
C ASP N 20 -89.98 19.65 -70.76
N THR N 21 -91.30 19.83 -70.84
CA THR N 21 -91.85 21.15 -71.14
C THR N 21 -91.57 22.15 -70.02
N ALA N 22 -91.58 21.68 -68.76
CA ALA N 22 -91.22 22.56 -67.65
C ALA N 22 -89.77 23.01 -67.75
N ALA N 23 -88.88 22.07 -68.10
CA ALA N 23 -87.49 22.43 -68.34
C ALA N 23 -87.38 23.43 -69.49
N MET N 24 -88.19 23.23 -70.53
CA MET N 24 -88.21 24.19 -71.64
C MET N 24 -88.58 25.58 -71.14
N GLU N 25 -89.54 25.66 -70.21
CA GLU N 25 -89.95 26.95 -69.69
C GLU N 25 -88.81 27.64 -68.95
N LYS N 26 -88.06 26.89 -68.13
CA LYS N 26 -86.91 27.48 -67.45
C LYS N 26 -85.90 28.00 -68.46
N LEU N 27 -85.53 27.16 -69.44
CA LEU N 27 -84.58 27.59 -70.46
C LEU N 27 -85.10 28.79 -71.24
N LYS N 28 -86.40 28.79 -71.55
CA LYS N 28 -87.00 29.87 -72.32
C LYS N 28 -86.90 31.19 -71.56
N ALA N 29 -87.11 31.16 -70.25
CA ALA N 29 -86.96 32.36 -69.45
C ALA N 29 -85.52 32.90 -69.52
N TYR N 30 -84.54 32.01 -69.41
CA TYR N 30 -83.15 32.44 -69.50
C TYR N 30 -82.86 33.05 -70.87
N PHE N 31 -83.27 32.37 -71.95
CA PHE N 31 -83.07 32.91 -73.28
C PHE N 31 -83.79 34.24 -73.45
N ALA N 32 -85.01 34.35 -72.92
CA ALA N 32 -85.79 35.58 -73.08
C ALA N 32 -85.09 36.76 -72.42
N THR N 33 -84.49 36.56 -71.25
CA THR N 33 -83.76 37.64 -70.59
C THR N 33 -82.36 37.81 -71.15
N GLY N 34 -81.97 37.04 -72.15
CA GLY N 34 -80.62 37.12 -72.68
C GLY N 34 -80.23 38.53 -73.11
N GLU N 35 -81.15 39.24 -73.79
CA GLU N 35 -80.83 40.60 -74.21
C GLU N 35 -80.58 41.51 -73.03
N LEU N 36 -81.41 41.40 -71.98
CA LEU N 36 -81.22 42.22 -70.79
C LEU N 36 -79.90 41.89 -70.11
N ARG N 37 -79.57 40.61 -70.02
CA ARG N 37 -78.33 40.19 -69.35
C ARG N 37 -77.11 40.74 -70.07
N VAL N 38 -77.08 40.61 -71.40
CA VAL N 38 -75.94 41.10 -72.17
C VAL N 38 -75.83 42.61 -72.06
N ARG N 39 -76.96 43.31 -72.19
CA ARG N 39 -76.98 44.76 -72.09
C ARG N 39 -76.44 45.23 -70.75
N ALA N 40 -76.95 44.64 -69.66
CA ALA N 40 -76.48 45.01 -68.33
C ALA N 40 -75.01 44.72 -68.16
N ALA N 41 -74.53 43.60 -68.73
CA ALA N 41 -73.12 43.25 -68.60
C ALA N 41 -72.23 44.31 -69.25
N SER N 42 -72.63 44.82 -70.41
CA SER N 42 -71.87 45.89 -71.03
C SER N 42 -71.87 47.15 -70.17
N VAL N 43 -73.01 47.45 -69.54
CA VAL N 43 -73.08 48.60 -68.63
C VAL N 43 -72.11 48.40 -67.48
N ILE N 44 -72.06 47.19 -66.92
CA ILE N 44 -71.14 46.91 -65.81
C ILE N 44 -69.70 47.12 -66.27
N SER N 45 -69.37 46.60 -67.45
CA SER N 45 -68.00 46.71 -67.93
C SER N 45 -67.57 48.16 -68.07
N ALA N 46 -68.47 49.01 -68.58
CA ALA N 46 -68.12 50.41 -68.76
C ALA N 46 -68.01 51.15 -67.43
N ASN N 47 -68.95 50.89 -66.51
CA ASN N 47 -69.07 51.69 -65.30
C ASN N 47 -68.50 51.00 -64.06
N ALA N 48 -67.76 49.91 -64.23
CA ALA N 48 -67.34 49.11 -63.08
C ALA N 48 -66.46 49.91 -62.13
N ALA N 49 -65.53 50.70 -62.67
CA ALA N 49 -64.62 51.44 -61.82
C ALA N 49 -65.38 52.43 -60.93
N ASN N 50 -66.33 53.16 -61.51
CA ASN N 50 -67.08 54.14 -60.71
C ASN N 50 -68.06 53.46 -59.77
N ILE N 51 -68.60 52.30 -60.15
CA ILE N 51 -69.44 51.55 -59.23
C ILE N 51 -68.67 51.28 -57.94
N VAL N 52 -67.44 50.82 -58.07
CA VAL N 52 -66.59 50.56 -56.91
C VAL N 52 -66.30 51.85 -56.17
N LYS N 53 -65.96 52.92 -56.90
CA LYS N 53 -65.65 54.19 -56.25
C LYS N 53 -66.81 54.65 -55.38
N GLU N 54 -68.02 54.63 -55.94
CA GLU N 54 -69.19 55.08 -55.19
C GLU N 54 -69.46 54.18 -53.99
N ALA N 55 -69.32 52.87 -54.15
CA ALA N 55 -69.62 51.96 -53.05
C ALA N 55 -68.65 52.14 -51.90
N VAL N 56 -67.35 52.24 -52.20
CA VAL N 56 -66.36 52.46 -51.15
C VAL N 56 -66.65 53.77 -50.44
N ALA N 57 -66.96 54.83 -51.20
CA ALA N 57 -67.29 56.11 -50.60
C ALA N 57 -68.55 56.00 -49.74
N LYS N 58 -69.52 55.20 -50.19
CA LYS N 58 -70.77 55.08 -49.46
C LYS N 58 -70.56 54.49 -48.07
N SER N 59 -69.78 53.41 -47.97
CA SER N 59 -69.66 52.70 -46.70
C SER N 59 -68.25 52.74 -46.13
N LEU N 60 -67.25 52.26 -46.87
CA LEU N 60 -65.95 51.98 -46.26
C LEU N 60 -65.14 53.26 -46.02
N LEU N 61 -65.22 54.23 -46.92
CA LEU N 61 -64.42 55.44 -46.79
C LEU N 61 -64.91 56.29 -45.62
N TYR N 62 -64.00 57.12 -45.11
CA TYR N 62 -64.27 57.99 -43.97
C TYR N 62 -64.85 57.19 -42.81
N SER N 63 -64.18 56.10 -42.47
CA SER N 63 -64.67 55.18 -41.45
C SER N 63 -63.50 54.64 -40.66
N ASP N 64 -63.82 53.88 -39.61
CA ASP N 64 -62.78 53.25 -38.81
C ASP N 64 -61.94 52.30 -39.66
N ILE N 65 -62.53 51.73 -40.70
CA ILE N 65 -61.82 50.79 -41.56
C ILE N 65 -60.61 51.46 -42.19
N THR N 66 -60.75 52.72 -42.60
CA THR N 66 -59.63 53.47 -43.15
C THR N 66 -58.78 54.18 -42.10
N ARG N 67 -59.21 54.18 -40.84
CA ARG N 67 -58.37 54.73 -39.79
C ARG N 67 -57.12 53.88 -39.59
N PRO N 68 -56.06 54.44 -39.03
CA PRO N 68 -54.85 53.64 -38.77
C PRO N 68 -55.16 52.43 -37.92
N GLY N 69 -54.63 51.28 -38.36
CA GLY N 69 -54.93 50.03 -37.70
C GLY N 69 -56.33 49.51 -37.95
N GLY N 70 -57.00 49.98 -39.00
CA GLY N 70 -58.38 49.60 -39.26
C GLY N 70 -58.56 48.55 -40.34
N MET N 72 -57.79 48.75 -43.63
CA MET N 72 -57.71 49.26 -44.99
C MET N 72 -56.86 50.51 -44.94
N TYR N 73 -56.14 50.65 -43.83
CA TYR N 73 -55.30 51.82 -43.61
C TYR N 73 -54.21 51.91 -44.67
N THR N 74 -53.32 50.93 -44.70
CA THR N 74 -52.17 50.96 -45.59
C THR N 74 -52.61 51.13 -47.05
N THR N 75 -51.76 51.81 -47.83
CA THR N 75 -52.05 51.96 -49.25
C THR N 75 -52.14 50.61 -49.94
N ARG N 76 -51.26 49.68 -49.58
CA ARG N 76 -51.38 48.30 -50.01
C ARG N 76 -52.79 47.79 -49.77
N ARG N 77 -53.24 47.90 -48.53
CA ARG N 77 -54.52 47.32 -48.14
C ARG N 77 -55.67 47.99 -48.88
N TYR N 78 -55.60 49.31 -49.06
CA TYR N 78 -56.64 50.02 -49.79
C TYR N 78 -56.72 49.54 -51.23
N ALA N 79 -55.56 49.44 -51.89
CA ALA N 79 -55.55 48.98 -53.27
C ALA N 79 -56.10 47.57 -53.38
N ALA N 80 -55.71 46.69 -52.45
CA ALA N 80 -56.22 45.34 -52.47
C ALA N 80 -57.72 45.31 -52.21
N CYS N 81 -58.22 46.16 -51.30
CA CYS N 81 -59.64 46.14 -51.00
C CYS N 81 -60.47 46.54 -52.22
N ILE N 82 -60.05 47.60 -52.91
CA ILE N 82 -60.81 47.99 -54.09
C ILE N 82 -60.68 46.92 -55.17
N ARG N 83 -59.54 46.23 -55.23
CA ARG N 83 -59.42 45.11 -56.16
C ARG N 83 -60.45 44.03 -55.85
N ASP N 84 -60.60 43.69 -54.57
CA ASP N 84 -61.53 42.62 -54.21
C ASP N 84 -62.96 43.02 -54.53
N LEU N 85 -63.31 44.28 -54.32
CA LEU N 85 -64.62 44.75 -54.75
C LEU N 85 -64.77 44.63 -56.26
N ASP N 86 -63.69 44.90 -57.00
CA ASP N 86 -63.70 44.66 -58.44
C ASP N 86 -63.93 43.18 -58.75
N TYR N 87 -63.26 42.30 -57.99
CA TYR N 87 -63.47 40.87 -58.17
C TYR N 87 -64.94 40.48 -57.99
N TYR N 88 -65.54 40.95 -56.90
CA TYR N 88 -66.93 40.61 -56.64
C TYR N 88 -67.83 41.12 -57.76
N LEU N 89 -67.59 42.34 -58.23
CA LEU N 89 -68.37 42.87 -59.34
C LEU N 89 -68.17 42.03 -60.59
N ARG N 90 -66.92 41.67 -60.88
CA ARG N 90 -66.61 40.92 -62.10
C ARG N 90 -67.25 39.55 -62.08
N TYR N 91 -67.15 38.85 -60.96
CA TYR N 91 -67.73 37.52 -60.88
C TYR N 91 -69.25 37.56 -60.73
N ALA N 92 -69.79 38.65 -60.17
CA ALA N 92 -71.23 38.83 -60.20
C ALA N 92 -71.72 39.04 -61.63
N THR N 93 -70.96 39.76 -62.44
CA THR N 93 -71.29 39.90 -63.84
C THR N 93 -71.24 38.56 -64.55
N TYR N 94 -70.21 37.76 -64.28
CA TYR N 94 -70.15 36.41 -64.84
C TYR N 94 -71.35 35.58 -64.42
N ALA N 95 -71.71 35.66 -63.13
CA ALA N 95 -72.84 34.88 -62.63
C ALA N 95 -74.14 35.32 -63.27
N MET N 96 -74.31 36.63 -63.49
CA MET N 96 -75.51 37.12 -64.16
C MET N 96 -75.59 36.61 -65.58
N LEU N 97 -74.47 36.68 -66.31
CA LEU N 97 -74.46 36.21 -67.70
C LEU N 97 -74.83 34.73 -67.78
N ALA N 98 -74.21 33.91 -66.92
CA ALA N 98 -74.48 32.48 -66.96
C ALA N 98 -75.88 32.16 -66.44
N GLY N 99 -76.38 32.95 -65.50
CA GLY N 99 -77.68 32.67 -64.92
C GLY N 99 -77.69 31.67 -63.79
N ASP N 100 -76.52 31.26 -63.31
CA ASP N 100 -76.37 30.29 -62.24
C ASP N 100 -75.26 30.75 -61.31
N PRO N 101 -75.36 30.46 -60.00
CA PRO N 101 -74.33 30.90 -59.06
C PRO N 101 -73.10 30.02 -58.99
N SER N 102 -72.95 29.06 -59.90
CA SER N 102 -71.85 28.11 -59.80
C SER N 102 -70.49 28.78 -59.96
N ILE N 103 -70.41 29.84 -60.76
CA ILE N 103 -69.15 30.58 -60.88
C ILE N 103 -68.74 31.11 -59.52
N LEU N 104 -69.69 31.69 -58.79
CA LEU N 104 -69.39 32.23 -57.48
C LEU N 104 -68.92 31.15 -56.53
N ASP N 105 -69.58 29.99 -56.53
CA ASP N 105 -69.17 28.93 -55.62
C ASP N 105 -67.83 28.32 -56.02
N GLU N 106 -67.59 28.14 -57.33
CA GLU N 106 -66.38 27.47 -57.76
C GLU N 106 -65.15 28.36 -57.59
N ARG N 107 -65.24 29.63 -57.97
CA ARG N 107 -64.06 30.50 -57.99
C ARG N 107 -64.00 31.47 -56.83
N VAL N 108 -65.13 31.96 -56.33
CA VAL N 108 -65.09 33.07 -55.38
C VAL N 108 -65.26 32.58 -53.95
N LEU N 109 -66.05 31.53 -53.76
CA LEU N 109 -66.45 31.11 -52.42
C LEU N 109 -65.88 29.76 -52.00
N ASN N 110 -64.88 29.24 -52.70
CA ASN N 110 -64.19 28.05 -52.25
C ASN N 110 -62.89 28.36 -51.54
N GLY N 111 -62.57 29.64 -51.34
CA GLY N 111 -61.46 30.02 -50.50
C GLY N 111 -61.66 31.33 -49.76
N LEU N 112 -62.87 31.89 -49.83
CA LEU N 112 -63.07 33.27 -49.41
C LEU N 112 -62.95 33.41 -47.89
N LYS N 113 -63.64 32.56 -47.14
CA LYS N 113 -63.54 32.68 -45.69
C LYS N 113 -62.15 32.33 -45.21
N GLU N 114 -61.48 31.38 -45.85
CA GLU N 114 -60.11 31.07 -45.48
C GLU N 114 -59.20 32.28 -45.67
N THR N 115 -59.26 32.91 -46.85
CA THR N 115 -58.41 34.06 -47.12
C THR N 115 -58.72 35.21 -46.17
N TYR N 116 -59.99 35.55 -46.03
CA TYR N 116 -60.34 36.73 -45.25
C TYR N 116 -60.10 36.51 -43.76
N ASN N 117 -60.42 35.32 -43.24
CA ASN N 117 -60.15 35.06 -41.84
C ASN N 117 -58.65 35.01 -41.57
N SER N 118 -57.86 34.52 -42.52
CA SER N 118 -56.42 34.49 -42.33
C SER N 118 -55.83 35.89 -42.35
N LEU N 119 -56.29 36.73 -43.27
CA LEU N 119 -55.76 38.07 -43.37
C LEU N 119 -56.26 38.98 -42.26
N GLY N 120 -57.40 38.66 -41.66
CA GLY N 120 -58.05 39.56 -40.73
C GLY N 120 -59.01 40.53 -41.37
N VAL N 121 -59.33 40.35 -42.64
CA VAL N 121 -60.25 41.25 -43.35
C VAL N 121 -61.60 41.23 -42.66
N PRO N 122 -62.19 42.39 -42.36
CA PRO N 122 -63.48 42.42 -41.63
C PRO N 122 -64.63 42.05 -42.54
N ILE N 123 -65.24 40.89 -42.28
CA ILE N 123 -66.30 40.37 -43.14
C ILE N 123 -67.50 41.29 -43.14
N ALA N 124 -67.85 41.86 -41.98
CA ALA N 124 -69.00 42.74 -41.90
C ALA N 124 -68.84 43.95 -42.81
N ALA N 125 -67.66 44.56 -42.80
CA ALA N 125 -67.43 45.72 -43.66
C ALA N 125 -67.48 45.33 -45.13
N THR N 126 -66.92 44.17 -45.50
CA THR N 126 -67.01 43.72 -46.88
C THR N 126 -68.46 43.51 -47.28
N VAL N 127 -69.27 42.95 -46.39
CA VAL N 127 -70.68 42.72 -46.68
C VAL N 127 -71.39 44.04 -46.94
N GLN N 128 -71.14 45.05 -46.09
CA GLN N 128 -71.73 46.36 -46.31
C GLN N 128 -71.31 46.93 -47.66
N ALA N 129 -70.04 46.78 -48.02
CA ALA N 129 -69.56 47.31 -49.29
C ALA N 129 -70.24 46.61 -50.47
N ILE N 130 -70.40 45.30 -50.40
CA ILE N 130 -71.01 44.58 -51.52
C ILE N 130 -72.48 44.93 -51.65
N GLN N 131 -73.18 45.12 -50.52
CA GLN N 131 -74.55 45.61 -50.58
C GLN N 131 -74.62 46.97 -51.23
N ALA N 132 -73.68 47.86 -50.88
CA ALA N 132 -73.64 49.18 -51.50
C ALA N 132 -73.40 49.07 -53.00
N MET N 133 -72.49 48.17 -53.40
CA MET N 133 -72.28 47.93 -54.83
C MET N 133 -73.56 47.49 -55.50
N LYS N 134 -74.35 46.65 -54.83
CA LYS N 134 -75.61 46.19 -55.40
C LYS N 134 -76.53 47.37 -55.70
N GLU N 135 -76.64 48.30 -54.75
CA GLU N 135 -77.52 49.46 -54.96
C GLU N 135 -77.03 50.33 -56.10
N VAL N 136 -75.73 50.64 -56.13
CA VAL N 136 -75.19 51.49 -57.19
C VAL N 136 -75.37 50.83 -58.55
N THR N 137 -75.05 49.54 -58.63
CA THR N 137 -75.19 48.81 -59.89
C THR N 137 -76.64 48.79 -60.34
N ALA N 138 -77.58 48.55 -59.42
CA ALA N 138 -78.98 48.52 -59.78
C ALA N 138 -79.43 49.85 -60.38
N SER N 139 -78.94 50.97 -59.81
CA SER N 139 -79.27 52.26 -60.39
C SER N 139 -78.76 52.38 -61.82
N LEU N 140 -77.52 51.93 -62.07
CA LEU N 140 -76.94 52.10 -63.39
C LEU N 140 -77.61 51.20 -64.43
N VAL N 141 -77.92 49.95 -64.06
CA VAL N 141 -78.43 48.99 -65.05
C VAL N 141 -79.95 48.92 -65.11
N GLY N 142 -80.66 49.59 -64.21
CA GLY N 142 -82.10 49.51 -64.18
C GLY N 142 -82.61 48.42 -63.24
N ALA N 143 -83.92 48.43 -63.05
CA ALA N 143 -84.52 47.58 -62.03
C ALA N 143 -84.46 46.11 -62.39
N ASP N 144 -84.78 45.76 -63.64
CA ASP N 144 -84.79 44.36 -64.03
C ASP N 144 -83.42 43.73 -63.87
N ALA N 145 -82.38 44.42 -64.35
CA ALA N 145 -81.03 43.92 -64.16
C ALA N 145 -80.56 44.13 -62.73
N GLY N 146 -81.11 45.12 -62.03
CA GLY N 146 -80.79 45.29 -60.62
C GLY N 146 -81.27 44.13 -59.78
N LYS N 147 -82.42 43.55 -60.13
CA LYS N 147 -82.89 42.35 -59.45
C LYS N 147 -81.98 41.16 -59.74
N GLU N 148 -81.65 40.93 -61.01
CA GLU N 148 -80.83 39.77 -61.36
C GLU N 148 -79.44 39.87 -60.75
N MET N 149 -78.72 40.97 -61.02
CA MET N 149 -77.42 41.17 -60.40
C MET N 149 -77.52 41.15 -58.89
N GLY N 150 -78.67 41.57 -58.35
CA GLY N 150 -78.84 41.63 -56.91
C GLY N 150 -78.78 40.27 -56.24
N ILE N 151 -79.37 39.25 -56.88
CA ILE N 151 -79.38 37.93 -56.28
C ILE N 151 -77.96 37.38 -56.17
N TYR N 152 -77.11 37.69 -57.15
CA TYR N 152 -75.75 37.19 -57.13
C TYR N 152 -74.89 37.97 -56.15
N PHE N 153 -75.10 39.28 -56.04
CA PHE N 153 -74.46 40.04 -54.96
C PHE N 153 -74.85 39.48 -53.60
N ASP N 154 -76.14 39.15 -53.43
CA ASP N 154 -76.59 38.56 -52.17
C ASP N 154 -75.93 37.21 -51.93
N TYR N 155 -75.74 36.43 -52.98
CA TYR N 155 -75.03 35.16 -52.85
C TYR N 155 -73.66 35.36 -52.24
N ILE N 156 -72.91 36.32 -52.78
CA ILE N 156 -71.57 36.60 -52.26
C ILE N 156 -71.65 37.10 -50.81
N CYS N 157 -72.63 37.96 -50.51
CA CYS N 157 -72.76 38.49 -49.16
C CYS N 157 -72.99 37.38 -48.14
N SER N 158 -73.98 36.52 -48.41
CA SER N 158 -74.28 35.44 -47.48
C SER N 158 -73.12 34.45 -47.36
N GLY N 159 -72.47 34.15 -48.47
CA GLY N 159 -71.32 33.25 -48.41
C GLY N 159 -70.21 33.82 -47.55
N LEU N 160 -69.94 35.12 -47.67
CA LEU N 160 -68.93 35.76 -46.83
C LEU N 160 -69.33 35.71 -45.36
N SER N 161 -70.60 35.94 -45.07
CA SER N 161 -71.10 35.90 -43.69
C SER N 161 -70.87 34.53 -43.07
N SER O 2 -35.42 48.54 -43.20
CA SER O 2 -34.13 48.94 -42.64
C SER O 2 -32.98 48.33 -43.41
N VAL O 3 -31.77 48.84 -43.16
CA VAL O 3 -30.58 48.23 -43.74
C VAL O 3 -30.43 46.80 -43.22
N VAL O 4 -30.71 46.60 -41.93
CA VAL O 4 -30.59 45.27 -41.33
C VAL O 4 -31.55 44.30 -42.02
N THR O 5 -32.81 44.70 -42.17
CA THR O 5 -33.78 43.82 -42.81
C THR O 5 -33.44 43.55 -44.26
N LYS O 6 -32.99 44.58 -44.98
CA LYS O 6 -32.62 44.40 -46.38
C LYS O 6 -31.52 43.35 -46.51
N SER O 7 -30.47 43.48 -45.69
CA SER O 7 -29.37 42.53 -45.75
C SER O 7 -29.83 41.13 -45.40
N ILE O 8 -30.63 41.00 -44.34
CA ILE O 8 -31.03 39.68 -43.87
C ILE O 8 -31.98 39.02 -44.86
N VAL O 9 -32.87 39.79 -45.48
CA VAL O 9 -33.79 39.22 -46.47
C VAL O 9 -33.00 38.66 -47.65
N ASN O 10 -32.07 39.46 -48.19
CA ASN O 10 -31.30 39.01 -49.33
C ASN O 10 -30.47 37.77 -48.98
N ALA O 11 -29.80 37.81 -47.83
CA ALA O 11 -28.96 36.68 -47.43
C ALA O 11 -29.78 35.45 -47.11
N ASP O 12 -30.97 35.63 -46.54
CA ASP O 12 -31.85 34.48 -46.28
C ASP O 12 -32.26 33.81 -47.59
N ALA O 13 -32.57 34.61 -48.61
CA ALA O 13 -32.89 34.03 -49.91
C ALA O 13 -31.70 33.27 -50.49
N GLU O 14 -30.49 33.73 -50.23
CA GLU O 14 -29.30 33.01 -50.70
C GLU O 14 -28.85 31.94 -49.72
N ALA O 15 -29.57 31.74 -48.61
CA ALA O 15 -29.26 30.70 -47.63
C ALA O 15 -27.83 30.80 -47.13
N ARG O 16 -27.41 32.02 -46.83
CA ARG O 16 -26.01 32.33 -46.56
C ARG O 16 -25.92 33.21 -45.33
N TYR O 17 -25.08 32.82 -44.37
CA TYR O 17 -24.73 33.71 -43.28
C TYR O 17 -24.27 35.04 -43.84
N LEU O 18 -24.60 36.13 -43.15
CA LEU O 18 -24.45 37.46 -43.72
C LEU O 18 -23.04 37.67 -44.23
N SER O 19 -22.94 38.13 -45.48
CA SER O 19 -21.65 38.34 -46.11
C SER O 19 -20.86 39.37 -45.32
N PRO O 20 -19.52 39.24 -45.28
CA PRO O 20 -18.72 40.18 -44.48
C PRO O 20 -18.97 41.63 -44.85
N GLY O 21 -19.13 41.93 -46.14
CA GLY O 21 -19.43 43.29 -46.55
C GLY O 21 -20.76 43.78 -46.00
N GLU O 22 -21.78 42.92 -46.03
CA GLU O 22 -23.08 43.31 -45.50
C GLU O 22 -23.01 43.55 -43.99
N LEU O 23 -22.21 42.74 -43.29
CA LEU O 23 -22.00 42.99 -41.87
C LEU O 23 -21.36 44.35 -41.64
N ASP O 24 -20.40 44.73 -42.48
CA ASP O 24 -19.83 46.07 -42.37
C ASP O 24 -20.88 47.13 -42.68
N ARG O 25 -21.77 46.87 -43.63
CA ARG O 25 -22.81 47.84 -43.98
C ARG O 25 -23.73 48.11 -42.80
N ILE O 26 -24.15 47.07 -42.08
CA ILE O 26 -25.00 47.30 -40.92
C ILE O 26 -24.21 47.96 -39.80
N LYS O 27 -22.90 47.69 -39.71
CA LYS O 27 -22.07 48.38 -38.74
C LYS O 27 -22.08 49.89 -39.01
N ASN O 28 -21.95 50.28 -40.27
CA ASN O 28 -22.02 51.70 -40.61
C ASN O 28 -23.40 52.27 -40.32
N PHE O 29 -24.45 51.48 -40.55
CA PHE O 29 -25.80 51.94 -40.27
C PHE O 29 -25.99 52.23 -38.78
N VAL O 30 -25.47 51.37 -37.91
CA VAL O 30 -25.63 51.61 -36.48
C VAL O 30 -24.84 52.85 -36.05
N SER O 31 -23.68 53.10 -36.64
CA SER O 31 -22.95 54.32 -36.30
C SER O 31 -23.71 55.56 -36.75
N THR O 32 -24.30 55.53 -37.95
CA THR O 32 -25.01 56.66 -38.52
C THR O 32 -26.40 56.85 -37.89
N GLY O 33 -26.85 55.90 -37.07
CA GLY O 33 -28.22 55.95 -36.57
C GLY O 33 -28.54 57.20 -35.78
N GLU O 34 -27.59 57.69 -34.99
CA GLU O 34 -27.86 58.87 -34.17
C GLU O 34 -28.17 60.09 -35.04
N ARG O 35 -27.41 60.28 -36.12
CA ARG O 35 -27.70 61.36 -37.04
C ARG O 35 -29.08 61.21 -37.65
N ARG O 36 -29.45 59.98 -38.02
CA ARG O 36 -30.78 59.75 -38.58
C ARG O 36 -31.86 60.13 -37.56
N LEU O 37 -31.68 59.74 -36.31
CA LEU O 37 -32.67 60.04 -35.28
C LEU O 37 -32.80 61.55 -35.08
N ARG O 38 -31.68 62.27 -35.14
CA ARG O 38 -31.72 63.72 -35.01
C ARG O 38 -32.52 64.35 -36.15
N ILE O 39 -32.30 63.87 -37.38
CA ILE O 39 -33.04 64.40 -38.53
C ILE O 39 -34.53 64.15 -38.36
N ALA O 40 -34.90 62.95 -37.92
CA ALA O 40 -36.31 62.66 -37.68
C ALA O 40 -36.85 63.55 -36.56
N GLN O 41 -36.04 63.82 -35.54
CA GLN O 41 -36.48 64.63 -34.41
C GLN O 41 -36.83 66.05 -34.86
N THR O 42 -35.96 66.67 -35.66
CA THR O 42 -36.26 68.04 -36.09
C THR O 42 -37.47 68.08 -37.02
N LEU O 43 -37.59 67.12 -37.94
CA LEU O 43 -38.72 67.12 -38.85
C LEU O 43 -40.04 66.91 -38.10
N THR O 44 -40.05 65.98 -37.14
CA THR O 44 -41.29 65.72 -36.41
C THR O 44 -41.62 66.83 -35.43
N GLU O 45 -40.59 67.51 -34.89
CA GLU O 45 -40.87 68.64 -34.01
C GLU O 45 -41.48 69.80 -34.77
N ASN O 46 -41.03 70.03 -36.00
CA ASN O 46 -41.58 71.08 -36.85
C ASN O 46 -42.64 70.55 -37.81
N ARG O 47 -43.28 69.42 -37.49
CA ARG O 47 -44.20 68.81 -38.43
C ARG O 47 -45.37 69.73 -38.76
N GLU O 48 -45.90 70.45 -37.76
CA GLU O 48 -47.03 71.32 -38.03
C GLU O 48 -46.65 72.45 -38.97
N ARG O 49 -45.48 73.06 -38.77
CA ARG O 49 -45.00 74.09 -39.69
C ARG O 49 -44.85 73.53 -41.09
N ILE O 50 -44.19 72.38 -41.22
CA ILE O 50 -43.88 71.83 -42.53
C ILE O 50 -45.16 71.56 -43.31
N VAL O 51 -46.09 70.84 -42.69
CA VAL O 51 -47.35 70.51 -43.38
C VAL O 51 -48.13 71.77 -43.71
N LYS O 52 -48.22 72.70 -42.75
CA LYS O 52 -49.08 73.87 -42.94
C LYS O 52 -48.57 74.75 -44.09
N GLN O 53 -47.30 75.14 -44.05
CA GLN O 53 -46.82 76.06 -45.07
C GLN O 53 -46.65 75.37 -46.42
N ALA O 54 -46.25 74.09 -46.42
CA ALA O 54 -46.15 73.37 -47.69
C ALA O 54 -47.52 73.12 -48.30
N GLY O 55 -48.54 72.89 -47.47
CA GLY O 55 -49.89 72.77 -47.99
C GLY O 55 -50.38 74.06 -48.61
N ASP O 56 -50.08 75.19 -47.96
CA ASP O 56 -50.40 76.48 -48.56
C ASP O 56 -49.72 76.62 -49.92
N GLN O 57 -48.45 76.20 -50.01
CA GLN O 57 -47.75 76.27 -51.28
C GLN O 57 -48.41 75.39 -52.34
N LEU O 58 -48.84 74.18 -51.95
CA LEU O 58 -49.47 73.28 -52.90
C LEU O 58 -50.75 73.90 -53.47
N PHE O 59 -51.59 74.43 -52.60
CA PHE O 59 -52.85 75.02 -53.06
C PHE O 59 -52.61 76.27 -53.89
N GLN O 60 -51.59 77.07 -53.52
CA GLN O 60 -51.25 78.25 -54.30
C GLN O 60 -50.75 77.86 -55.69
N LYS O 61 -49.90 76.83 -55.77
CA LYS O 61 -49.34 76.43 -57.06
C LYS O 61 -50.42 75.84 -57.97
N ARG O 62 -51.35 75.06 -57.41
CA ARG O 62 -52.44 74.46 -58.19
C ARG O 62 -53.76 74.81 -57.52
N PRO O 63 -54.29 76.01 -57.79
CA PRO O 63 -55.59 76.38 -57.21
C PRO O 63 -56.75 75.60 -57.79
N ASP O 64 -56.65 75.12 -59.04
CA ASP O 64 -57.72 74.31 -59.63
C ASP O 64 -57.99 73.08 -58.77
N VAL O 65 -56.95 72.55 -58.13
CA VAL O 65 -57.07 71.38 -57.29
C VAL O 65 -57.94 71.67 -56.08
N VAL O 66 -57.84 72.87 -55.52
CA VAL O 66 -58.64 73.28 -54.38
C VAL O 66 -59.89 74.07 -54.80
N SER O 67 -60.01 74.41 -56.08
CA SER O 67 -61.18 75.10 -56.57
C SER O 67 -62.41 74.20 -56.52
N PRO O 68 -63.61 74.78 -56.59
CA PRO O 68 -64.81 73.93 -56.68
C PRO O 68 -64.74 73.02 -57.90
N GLY O 69 -65.15 71.77 -57.71
CA GLY O 69 -64.97 70.74 -58.70
C GLY O 69 -63.69 69.94 -58.54
N GLY O 70 -62.71 70.46 -57.82
CA GLY O 70 -61.52 69.69 -57.49
C GLY O 70 -61.79 68.73 -56.36
N ASN O 71 -60.85 67.79 -56.20
CA ASN O 71 -61.04 66.75 -55.18
C ASN O 71 -61.09 67.36 -53.78
N ALA O 72 -60.25 68.37 -53.52
CA ALA O 72 -60.28 69.09 -52.26
C ALA O 72 -61.12 70.35 -52.39
N TYR O 73 -62.41 70.13 -52.63
CA TYR O 73 -63.39 71.20 -52.72
C TYR O 73 -64.24 71.19 -51.46
N GLY O 74 -64.23 72.30 -50.73
CA GLY O 74 -64.92 72.37 -49.46
C GLY O 74 -63.99 72.14 -48.28
N GLU O 75 -64.45 72.57 -47.11
CA GLU O 75 -63.62 72.54 -45.91
C GLU O 75 -63.21 71.11 -45.56
N GLU O 76 -64.17 70.18 -45.59
CA GLU O 76 -63.88 68.81 -45.19
C GLU O 76 -62.82 68.18 -46.10
N MET O 77 -63.04 68.25 -47.41
CA MET O 77 -62.15 67.57 -48.35
C MET O 77 -60.76 68.20 -48.33
N THR O 78 -60.68 69.53 -48.24
CA THR O 78 -59.36 70.16 -48.22
C THR O 78 -58.61 69.80 -46.95
N ALA O 79 -59.31 69.65 -45.82
CA ALA O 79 -58.66 69.22 -44.60
C ALA O 79 -58.08 67.81 -44.74
N THR O 80 -58.84 66.90 -45.36
CA THR O 80 -58.32 65.56 -45.55
C THR O 80 -57.12 65.55 -46.48
N CYS O 81 -57.11 66.41 -47.50
CA CYS O 81 -55.91 66.49 -48.35
C CYS O 81 -54.71 66.91 -47.53
N LEU O 82 -54.87 67.88 -46.64
CA LEU O 82 -53.78 68.26 -45.75
C LEU O 82 -53.35 67.08 -44.88
N ARG O 83 -54.32 66.27 -44.45
CA ARG O 83 -53.98 65.10 -43.64
C ARG O 83 -53.13 64.11 -44.41
N ASP O 84 -53.41 63.95 -45.71
CA ASP O 84 -52.56 63.08 -46.53
C ASP O 84 -51.13 63.59 -46.57
N LEU O 85 -50.95 64.91 -46.69
CA LEU O 85 -49.61 65.48 -46.64
C LEU O 85 -48.96 65.17 -45.30
N ASP O 86 -49.72 65.26 -44.21
CA ASP O 86 -49.19 64.92 -42.89
C ASP O 86 -48.79 63.46 -42.82
N TYR O 87 -49.62 62.57 -43.38
CA TYR O 87 -49.29 61.15 -43.42
C TYR O 87 -47.96 60.91 -44.11
N TYR O 88 -47.73 61.56 -45.25
CA TYR O 88 -46.51 61.30 -45.99
C TYR O 88 -45.28 61.88 -45.29
N LEU O 89 -45.44 62.97 -44.55
CA LEU O 89 -44.33 63.41 -43.71
C LEU O 89 -43.99 62.38 -42.65
N ARG O 90 -45.02 61.82 -42.00
CA ARG O 90 -44.78 60.79 -40.99
C ARG O 90 -44.05 59.60 -41.57
N LEU O 91 -44.47 59.15 -42.76
CA LEU O 91 -43.80 58.03 -43.39
C LEU O 91 -42.37 58.37 -43.74
N VAL O 92 -42.11 59.62 -44.14
CA VAL O 92 -40.74 60.01 -44.44
C VAL O 92 -39.88 59.96 -43.19
N THR O 93 -40.42 60.36 -42.04
CA THR O 93 -39.66 60.23 -40.79
C THR O 93 -39.36 58.78 -40.49
N TYR O 94 -40.33 57.89 -40.71
CA TYR O 94 -40.08 56.46 -40.55
C TYR O 94 -38.95 56.00 -41.47
N GLY O 95 -38.96 56.46 -42.72
CA GLY O 95 -37.91 56.07 -43.65
C GLY O 95 -36.54 56.58 -43.24
N ILE O 96 -36.49 57.81 -42.72
CA ILE O 96 -35.22 58.38 -42.28
C ILE O 96 -34.64 57.57 -41.13
N VAL O 97 -35.48 57.20 -40.17
CA VAL O 97 -35.00 56.39 -39.05
C VAL O 97 -34.55 55.02 -39.55
N ALA O 98 -35.33 54.41 -40.44
CA ALA O 98 -34.97 53.08 -40.92
C ALA O 98 -33.70 53.09 -41.74
N GLY O 99 -33.38 54.22 -42.37
CA GLY O 99 -32.23 54.28 -43.23
C GLY O 99 -32.44 53.74 -44.62
N ASP O 100 -33.65 53.28 -44.93
CA ASP O 100 -33.99 52.81 -46.26
C ASP O 100 -35.46 53.10 -46.51
N VAL O 101 -35.84 53.10 -47.79
CA VAL O 101 -37.21 53.42 -48.14
C VAL O 101 -38.19 52.37 -47.63
N THR O 102 -37.70 51.21 -47.23
CA THR O 102 -38.50 50.03 -46.88
C THR O 102 -39.79 50.39 -46.14
N PRO O 103 -39.75 51.12 -45.01
CA PRO O 103 -41.02 51.44 -44.34
C PRO O 103 -41.95 52.31 -45.16
N ILE O 104 -41.43 53.34 -45.83
CA ILE O 104 -42.30 54.20 -46.61
C ILE O 104 -42.83 53.45 -47.82
N GLU O 105 -42.00 52.62 -48.43
CA GLU O 105 -42.38 51.82 -49.59
C GLU O 105 -43.32 50.68 -49.24
N GLU O 106 -43.60 50.46 -47.95
CA GLU O 106 -44.67 49.56 -47.55
C GLU O 106 -45.93 50.32 -47.13
N ILE O 107 -45.82 51.18 -46.12
CA ILE O 107 -46.99 51.85 -45.57
C ILE O 107 -47.67 52.70 -46.64
N GLY O 108 -46.88 53.41 -47.43
CA GLY O 108 -47.39 54.05 -48.62
C GLY O 108 -46.65 53.55 -49.83
N LEU O 109 -46.77 54.25 -50.95
CA LEU O 109 -45.98 54.07 -52.16
C LEU O 109 -46.22 52.74 -52.86
N VAL O 110 -47.10 51.88 -52.36
CA VAL O 110 -47.50 50.68 -53.06
C VAL O 110 -48.99 50.79 -53.37
N GLY O 111 -49.33 50.83 -54.65
CA GLY O 111 -50.71 51.04 -55.02
C GLY O 111 -51.24 52.41 -54.72
N VAL O 112 -50.36 53.39 -54.50
CA VAL O 112 -50.82 54.77 -54.34
C VAL O 112 -51.52 55.24 -55.61
N ARG O 113 -50.98 54.85 -56.77
CA ARG O 113 -51.64 55.16 -58.02
C ARG O 113 -53.06 54.59 -58.04
N GLU O 114 -53.21 53.32 -57.63
CA GLU O 114 -54.53 52.72 -57.62
C GLU O 114 -55.46 53.44 -56.64
N MET O 115 -55.00 53.63 -55.40
CA MET O 115 -55.86 54.26 -54.40
C MET O 115 -56.28 55.67 -54.83
N TYR O 116 -55.31 56.50 -55.21
CA TYR O 116 -55.62 57.89 -55.53
C TYR O 116 -56.41 58.00 -56.82
N ASN O 117 -55.97 57.31 -57.87
CA ASN O 117 -56.68 57.40 -59.15
C ASN O 117 -58.13 56.99 -58.99
N SER O 118 -58.40 55.96 -58.20
CA SER O 118 -59.78 55.60 -57.90
C SER O 118 -60.43 56.66 -57.01
N LEU O 119 -59.67 57.24 -56.09
CA LEU O 119 -60.19 58.30 -55.24
C LEU O 119 -60.59 59.54 -56.02
N GLY O 120 -60.06 59.69 -57.24
CA GLY O 120 -60.35 60.83 -58.09
C GLY O 120 -59.27 61.89 -58.10
N THR O 121 -58.35 61.87 -57.13
CA THR O 121 -57.35 62.90 -56.97
C THR O 121 -56.33 62.85 -58.12
N PRO O 122 -55.74 64.01 -58.49
CA PRO O 122 -54.59 64.00 -59.39
C PRO O 122 -53.29 63.70 -58.66
N ILE O 123 -52.69 62.55 -58.97
CA ILE O 123 -51.46 62.12 -58.31
C ILE O 123 -50.28 63.03 -58.68
N PRO O 124 -50.20 63.63 -59.88
CA PRO O 124 -49.12 64.63 -60.07
C PRO O 124 -49.24 65.81 -59.11
N ALA O 125 -50.47 66.23 -58.80
CA ALA O 125 -50.65 67.30 -57.83
C ALA O 125 -50.18 66.87 -56.44
N VAL O 126 -50.46 65.62 -56.07
CA VAL O 126 -49.95 65.10 -54.80
C VAL O 126 -48.42 65.17 -54.79
N ALA O 127 -47.80 64.81 -55.92
CA ALA O 127 -46.35 64.87 -56.01
C ALA O 127 -45.84 66.29 -55.80
N GLU O 128 -46.54 67.28 -56.38
CA GLU O 128 -46.15 68.66 -56.18
C GLU O 128 -46.22 69.05 -54.71
N GLY O 129 -47.25 68.56 -54.00
CA GLY O 129 -47.35 68.85 -52.57
C GLY O 129 -46.17 68.31 -51.79
N ILE O 130 -45.76 67.08 -52.08
CA ILE O 130 -44.61 66.51 -51.38
C ILE O 130 -43.33 67.25 -51.77
N ARG O 131 -43.24 67.73 -53.01
CA ARG O 131 -42.09 68.56 -53.40
C ARG O 131 -42.02 69.81 -52.54
N ALA O 132 -43.16 70.46 -52.30
CA ALA O 132 -43.17 71.64 -51.45
C ALA O 132 -42.72 71.30 -50.04
N MET O 133 -43.16 70.16 -49.51
CA MET O 133 -42.70 69.72 -48.19
C MET O 133 -41.19 69.50 -48.20
N LYS O 134 -40.65 68.97 -49.30
CA LYS O 134 -39.21 68.76 -49.39
C LYS O 134 -38.45 70.07 -49.32
N ASN O 135 -38.96 71.12 -49.99
CA ASN O 135 -38.31 72.42 -49.93
C ASN O 135 -38.31 72.98 -48.52
N VAL O 136 -39.46 72.91 -47.83
CA VAL O 136 -39.55 73.41 -46.47
C VAL O 136 -38.60 72.63 -45.56
N ALA O 137 -38.56 71.31 -45.71
CA ALA O 137 -37.66 70.50 -44.90
C ALA O 137 -36.20 70.87 -45.16
N CYS O 138 -35.86 71.14 -46.43
CA CYS O 138 -34.50 71.56 -46.74
C CYS O 138 -34.13 72.83 -45.99
N SER O 139 -35.07 73.77 -45.89
CA SER O 139 -34.80 74.98 -45.13
C SER O 139 -34.57 74.66 -43.65
N LEU O 140 -35.31 73.68 -43.12
CA LEU O 140 -35.18 73.35 -41.70
C LEU O 140 -34.00 72.43 -41.40
N LEU O 141 -33.29 71.94 -42.41
CA LEU O 141 -32.20 70.99 -42.21
C LEU O 141 -30.86 71.58 -42.65
N SER O 142 -29.80 71.09 -42.02
CA SER O 142 -28.44 71.41 -42.45
C SER O 142 -28.13 70.70 -43.76
N ALA O 143 -27.07 71.16 -44.42
CA ALA O 143 -26.85 70.82 -45.83
C ALA O 143 -26.70 69.32 -46.04
N GLU O 144 -25.80 68.68 -45.29
CA GLU O 144 -25.62 67.24 -45.47
C GLU O 144 -26.81 66.46 -44.96
N ASP O 145 -27.35 66.85 -43.81
CA ASP O 145 -28.56 66.22 -43.30
C ASP O 145 -29.69 66.34 -44.31
N ALA O 146 -29.84 67.51 -44.93
CA ALA O 146 -30.93 67.72 -45.89
C ALA O 146 -30.79 66.80 -47.09
N ALA O 147 -29.56 66.42 -47.46
CA ALA O 147 -29.38 65.54 -48.61
C ALA O 147 -30.04 64.19 -48.40
N GLU O 148 -29.86 63.59 -47.22
CA GLU O 148 -30.44 62.29 -46.94
C GLU O 148 -31.97 62.37 -46.89
N ALA O 149 -32.50 63.30 -46.10
CA ALA O 149 -33.94 63.51 -46.06
C ALA O 149 -34.48 63.85 -47.45
N GLY O 150 -33.69 64.58 -48.23
CA GLY O 150 -34.05 64.82 -49.62
C GLY O 150 -34.18 63.53 -50.40
N SER O 151 -33.31 62.55 -50.12
CA SER O 151 -33.40 61.27 -50.81
C SER O 151 -34.72 60.58 -50.53
N TYR O 152 -35.15 60.57 -49.27
CA TYR O 152 -36.40 59.88 -48.94
C TYR O 152 -37.60 60.62 -49.52
N PHE O 153 -37.63 61.95 -49.41
CA PHE O 153 -38.69 62.71 -50.08
C PHE O 153 -38.68 62.46 -51.58
N ASP O 154 -37.49 62.39 -52.16
CA ASP O 154 -37.35 62.17 -53.60
C ASP O 154 -37.92 60.83 -54.00
N PHE O 155 -37.69 59.79 -53.19
CA PHE O 155 -38.27 58.49 -53.48
C PHE O 155 -39.78 58.58 -53.50
N VAL O 156 -40.36 59.34 -52.57
CA VAL O 156 -41.82 59.49 -52.53
C VAL O 156 -42.32 60.14 -53.80
N ILE O 157 -41.71 61.26 -54.20
CA ILE O 157 -42.21 61.97 -55.37
C ILE O 157 -42.00 61.17 -56.63
N GLY O 158 -40.91 60.41 -56.71
CA GLY O 158 -40.69 59.56 -57.86
C GLY O 158 -41.72 58.46 -57.96
N ALA O 159 -42.09 57.86 -56.82
CA ALA O 159 -43.17 56.88 -56.82
C ALA O 159 -44.49 57.53 -57.23
N MET O 160 -44.72 58.76 -56.79
CA MET O 160 -45.93 59.47 -57.18
C MET O 160 -45.99 59.67 -58.69
N GLN O 161 -44.87 60.04 -59.30
CA GLN O 161 -44.82 60.27 -60.73
C GLN O 161 -44.80 58.95 -61.50
N MET P 1 -40.25 39.73 -41.99
CA MET P 1 -39.38 40.07 -40.86
C MET P 1 -39.55 41.53 -40.42
N GLN P 2 -39.57 41.72 -39.11
CA GLN P 2 -39.41 43.04 -38.50
C GLN P 2 -38.12 43.02 -37.69
N ASP P 3 -37.20 43.93 -38.01
CA ASP P 3 -36.11 44.18 -37.07
C ASP P 3 -36.61 45.13 -35.99
N ALA P 4 -35.76 45.48 -35.04
CA ALA P 4 -36.19 46.35 -33.95
C ALA P 4 -36.64 47.71 -34.49
N ILE P 5 -35.92 48.24 -35.48
CA ILE P 5 -36.30 49.51 -36.08
C ILE P 5 -37.69 49.41 -36.70
N THR P 6 -37.91 48.37 -37.50
CA THR P 6 -39.20 48.21 -38.18
C THR P 6 -40.32 47.97 -37.18
N ALA P 7 -40.05 47.22 -36.11
CA ALA P 7 -41.07 46.98 -35.10
C ALA P 7 -41.47 48.28 -34.40
N VAL P 8 -40.49 49.11 -34.03
CA VAL P 8 -40.80 50.37 -33.39
C VAL P 8 -41.65 51.25 -34.30
N ILE P 9 -41.21 51.40 -35.56
CA ILE P 9 -41.91 52.29 -36.47
C ILE P 9 -43.29 51.74 -36.81
N ASN P 10 -43.43 50.41 -36.92
CA ASN P 10 -44.74 49.84 -37.24
C ASN P 10 -45.69 49.96 -36.06
N ALA P 11 -45.18 49.79 -34.84
CA ALA P 11 -46.02 50.00 -33.67
C ALA P 11 -46.53 51.43 -33.61
N SER P 12 -45.66 52.40 -33.89
CA SER P 12 -46.10 53.78 -33.96
C SER P 12 -47.08 54.00 -35.11
N ASP P 13 -46.83 53.33 -36.25
CA ASP P 13 -47.67 53.52 -37.43
C ASP P 13 -49.09 53.01 -37.17
N VAL P 14 -49.22 51.90 -36.44
CA VAL P 14 -50.55 51.35 -36.17
C VAL P 14 -51.40 52.36 -35.40
N GLN P 15 -50.81 52.98 -34.37
CA GLN P 15 -51.51 54.05 -33.67
C GLN P 15 -51.74 55.25 -34.57
N GLY P 16 -50.83 55.49 -35.51
CA GLY P 16 -50.89 56.65 -36.37
C GLY P 16 -50.01 57.81 -35.93
N LYS P 17 -49.19 57.62 -34.91
CA LYS P 17 -48.42 58.70 -34.31
C LYS P 17 -47.02 58.75 -34.89
N TYR P 18 -46.50 59.97 -35.05
CA TYR P 18 -45.09 60.14 -35.36
C TYR P 18 -44.23 59.49 -34.28
N LEU P 19 -42.98 59.23 -34.63
CA LEU P 19 -42.06 58.58 -33.70
C LEU P 19 -41.91 59.43 -32.43
N ASP P 20 -42.33 58.85 -31.31
CA ASP P 20 -42.30 59.54 -30.03
C ASP P 20 -40.89 59.53 -29.45
N THR P 21 -40.69 60.31 -28.39
CA THR P 21 -39.39 60.35 -27.74
C THR P 21 -39.09 59.03 -27.04
N ALA P 22 -40.10 58.37 -26.49
CA ALA P 22 -39.90 57.05 -25.90
C ALA P 22 -39.51 56.03 -26.97
N ALA P 23 -40.18 56.07 -28.12
CA ALA P 23 -39.80 55.20 -29.22
C ALA P 23 -38.38 55.49 -29.68
N MET P 24 -37.99 56.75 -29.68
CA MET P 24 -36.61 57.10 -30.00
C MET P 24 -35.64 56.47 -29.02
N GLU P 25 -36.02 56.37 -27.75
CA GLU P 25 -35.15 55.70 -26.79
C GLU P 25 -35.00 54.22 -27.12
N LYS P 26 -36.09 53.56 -27.52
CA LYS P 26 -36.00 52.17 -27.97
C LYS P 26 -35.03 52.04 -29.14
N LEU P 27 -35.18 52.90 -30.15
CA LEU P 27 -34.32 52.82 -31.32
C LEU P 27 -32.86 53.10 -30.94
N LYS P 28 -32.64 54.05 -30.04
CA LYS P 28 -31.28 54.36 -29.61
C LYS P 28 -30.65 53.15 -28.92
N ALA P 29 -31.43 52.42 -28.13
CA ALA P 29 -30.90 51.21 -27.50
C ALA P 29 -30.48 50.19 -28.53
N TYR P 30 -31.27 49.99 -29.58
CA TYR P 30 -30.89 49.06 -30.63
C TYR P 30 -29.59 49.49 -31.29
N PHE P 31 -29.48 50.78 -31.63
CA PHE P 31 -28.26 51.28 -32.24
C PHE P 31 -27.06 51.10 -31.32
N ALA P 32 -27.27 51.23 -30.01
CA ALA P 32 -26.18 51.01 -29.06
C ALA P 32 -25.72 49.55 -29.07
N THR P 33 -26.67 48.61 -29.14
CA THR P 33 -26.33 47.19 -29.18
C THR P 33 -25.75 46.76 -30.53
N GLY P 34 -25.80 47.64 -31.53
CA GLY P 34 -25.45 47.22 -32.89
C GLY P 34 -24.05 46.66 -33.02
N GLU P 35 -23.06 47.31 -32.40
CA GLU P 35 -21.68 46.87 -32.59
C GLU P 35 -21.47 45.46 -32.06
N LEU P 36 -21.86 45.21 -30.81
CA LEU P 36 -21.66 43.88 -30.24
C LEU P 36 -22.41 42.83 -31.04
N ARG P 37 -23.58 43.18 -31.55
CA ARG P 37 -24.36 42.22 -32.32
C ARG P 37 -23.66 41.86 -33.64
N VAL P 38 -23.19 42.87 -34.38
CA VAL P 38 -22.54 42.59 -35.65
C VAL P 38 -21.27 41.77 -35.43
N ARG P 39 -20.49 42.11 -34.41
CA ARG P 39 -19.29 41.36 -34.10
C ARG P 39 -19.62 39.90 -33.81
N ALA P 40 -20.65 39.66 -33.01
CA ALA P 40 -21.04 38.29 -32.68
C ALA P 40 -21.52 37.56 -33.93
N ALA P 41 -22.23 38.24 -34.82
CA ALA P 41 -22.70 37.61 -36.04
C ALA P 41 -21.54 37.13 -36.90
N SER P 42 -20.48 37.94 -36.98
CA SER P 42 -19.31 37.51 -37.73
C SER P 42 -18.65 36.31 -37.07
N VAL P 43 -18.63 36.27 -35.74
CA VAL P 43 -18.05 35.14 -35.03
C VAL P 43 -18.80 33.85 -35.39
N ILE P 44 -20.12 33.90 -35.30
CA ILE P 44 -20.92 32.71 -35.61
C ILE P 44 -20.78 32.34 -37.08
N SER P 45 -20.66 33.35 -37.96
CA SER P 45 -20.57 33.08 -39.39
C SER P 45 -19.35 32.22 -39.72
N ALA P 46 -18.20 32.53 -39.10
CA ALA P 46 -16.99 31.76 -39.37
C ALA P 46 -16.96 30.42 -38.63
N ASN P 47 -17.57 30.35 -37.45
CA ASN P 47 -17.51 29.17 -36.61
C ASN P 47 -18.81 28.36 -36.64
N ALA P 48 -19.63 28.54 -37.68
CA ALA P 48 -20.93 27.87 -37.72
C ALA P 48 -20.77 26.36 -37.71
N ALA P 49 -19.89 25.84 -38.56
CA ALA P 49 -19.71 24.40 -38.65
C ALA P 49 -19.19 23.81 -37.34
N ASN P 50 -18.28 24.52 -36.68
CA ASN P 50 -17.77 24.05 -35.40
C ASN P 50 -18.86 24.03 -34.34
N ILE P 51 -19.74 25.02 -34.34
CA ILE P 51 -20.83 25.05 -33.37
C ILE P 51 -21.71 23.82 -33.54
N VAL P 52 -22.08 23.52 -34.78
CA VAL P 52 -22.92 22.34 -35.03
C VAL P 52 -22.17 21.07 -34.64
N LYS P 53 -20.89 20.98 -35.01
CA LYS P 53 -20.10 19.80 -34.67
C LYS P 53 -20.07 19.57 -33.17
N GLU P 54 -19.75 20.61 -32.41
CA GLU P 54 -19.67 20.48 -30.95
C GLU P 54 -21.02 20.11 -30.35
N ALA P 55 -22.09 20.75 -30.82
CA ALA P 55 -23.41 20.49 -30.25
C ALA P 55 -23.86 19.06 -30.53
N VAL P 56 -23.70 18.60 -31.77
CA VAL P 56 -24.09 17.23 -32.08
C VAL P 56 -23.26 16.24 -31.27
N ALA P 57 -22.01 16.56 -31.00
CA ALA P 57 -21.19 15.71 -30.13
C ALA P 57 -21.71 15.74 -28.70
N LYS P 58 -22.00 16.93 -28.17
CA LYS P 58 -22.37 17.07 -26.77
C LYS P 58 -23.66 16.32 -26.45
N SER P 59 -24.65 16.41 -27.35
CA SER P 59 -25.97 15.89 -27.05
C SER P 59 -26.35 14.69 -27.92
N LEU P 60 -26.34 14.85 -29.24
CA LEU P 60 -27.02 13.89 -30.11
C LEU P 60 -26.24 12.59 -30.28
N LEU P 61 -24.92 12.68 -30.41
CA LEU P 61 -24.14 11.50 -30.77
C LEU P 61 -24.00 10.55 -29.58
N TYR P 62 -23.72 9.29 -29.90
CA TYR P 62 -23.57 8.22 -28.91
C TYR P 62 -24.79 8.14 -28.01
N SER P 63 -25.96 8.04 -28.63
CA SER P 63 -27.20 7.89 -27.89
C SER P 63 -28.09 6.94 -28.68
N ASP P 64 -29.34 6.81 -28.26
CA ASP P 64 -30.28 5.97 -29.00
C ASP P 64 -30.72 6.62 -30.30
N ILE P 65 -30.44 7.91 -30.49
CA ILE P 65 -30.84 8.57 -31.73
C ILE P 65 -30.04 8.01 -32.90
N THR P 66 -28.76 7.74 -32.70
CA THR P 66 -27.88 7.31 -33.78
C THR P 66 -27.71 5.80 -33.87
N ARG P 67 -28.19 5.03 -32.90
CA ARG P 67 -28.20 3.60 -33.04
C ARG P 67 -29.24 3.19 -34.09
N PRO P 68 -29.11 2.00 -34.67
CA PRO P 68 -30.05 1.59 -35.73
C PRO P 68 -31.49 1.68 -35.26
N GLY P 69 -32.33 2.30 -36.08
CA GLY P 69 -33.72 2.52 -35.74
C GLY P 69 -33.97 3.69 -34.81
N GLY P 70 -33.07 4.66 -34.76
CA GLY P 70 -33.20 5.75 -33.81
C GLY P 70 -33.54 7.10 -34.41
N MET P 72 -31.87 9.18 -36.30
CA MET P 72 -30.69 9.87 -36.82
C MET P 72 -29.76 8.85 -37.47
N TYR P 73 -30.02 7.57 -37.21
CA TYR P 73 -29.33 6.51 -37.91
C TYR P 73 -29.54 6.67 -39.41
N THR P 74 -28.67 6.02 -40.20
CA THR P 74 -28.57 6.19 -41.65
C THR P 74 -27.84 7.48 -41.95
N THR P 75 -26.89 7.45 -42.88
CA THR P 75 -26.13 8.66 -43.20
C THR P 75 -27.03 9.74 -43.78
N ARG P 76 -28.10 9.35 -44.48
CA ARG P 76 -29.05 10.34 -44.99
C ARG P 76 -29.63 11.15 -43.85
N ARG P 77 -30.05 10.48 -42.78
CA ARG P 77 -30.69 11.18 -41.68
C ARG P 77 -29.70 11.93 -40.80
N TYR P 78 -28.49 11.41 -40.62
CA TYR P 78 -27.49 12.21 -39.89
C TYR P 78 -27.18 13.49 -40.64
N ALA P 79 -27.05 13.40 -41.97
CA ALA P 79 -26.87 14.61 -42.76
C ALA P 79 -28.06 15.55 -42.63
N ALA P 80 -29.27 15.00 -42.66
CA ALA P 80 -30.46 15.84 -42.53
C ALA P 80 -30.50 16.54 -41.19
N CYS P 81 -30.14 15.84 -40.11
CA CYS P 81 -30.21 16.48 -38.80
C CYS P 81 -29.20 17.60 -38.66
N ILE P 82 -27.96 17.39 -39.13
CA ILE P 82 -27.00 18.49 -39.02
C ILE P 82 -27.43 19.65 -39.91
N ARG P 83 -28.12 19.36 -41.02
CA ARG P 83 -28.67 20.44 -41.84
C ARG P 83 -29.69 21.26 -41.07
N ASP P 84 -30.58 20.60 -40.33
CA ASP P 84 -31.59 21.32 -39.57
C ASP P 84 -30.96 22.14 -38.45
N LEU P 85 -29.95 21.59 -37.78
CA LEU P 85 -29.29 22.37 -36.73
C LEU P 85 -28.64 23.62 -37.29
N ASP P 86 -28.10 23.53 -38.50
CA ASP P 86 -27.52 24.73 -39.10
C ASP P 86 -28.60 25.71 -39.55
N TYR P 87 -29.77 25.20 -39.95
CA TYR P 87 -30.93 26.08 -40.15
C TYR P 87 -31.16 26.92 -38.91
N TYR P 88 -31.25 26.27 -37.75
CA TYR P 88 -31.52 26.97 -36.51
C TYR P 88 -30.43 27.99 -36.20
N LEU P 89 -29.17 27.61 -36.39
CA LEU P 89 -28.09 28.54 -36.10
C LEU P 89 -28.15 29.76 -37.00
N ARG P 90 -28.39 29.56 -38.30
CA ARG P 90 -28.42 30.68 -39.23
C ARG P 90 -29.55 31.63 -38.91
N TYR P 91 -30.75 31.09 -38.67
CA TYR P 91 -31.89 31.97 -38.38
C TYR P 91 -31.77 32.62 -37.02
N ALA P 92 -31.18 31.91 -36.04
CA ALA P 92 -30.95 32.54 -34.74
C ALA P 92 -29.98 33.70 -34.85
N THR P 93 -28.95 33.56 -35.68
CA THR P 93 -28.02 34.67 -35.87
C THR P 93 -28.68 35.82 -36.62
N TYR P 94 -29.49 35.51 -37.63
CA TYR P 94 -30.32 36.55 -38.25
C TYR P 94 -31.10 37.30 -37.19
N ALA P 95 -31.71 36.57 -36.26
CA ALA P 95 -32.53 37.20 -35.23
C ALA P 95 -31.68 38.04 -34.28
N MET P 96 -30.46 37.60 -33.99
CA MET P 96 -29.58 38.43 -33.17
C MET P 96 -29.28 39.75 -33.86
N LEU P 97 -28.99 39.70 -35.15
CA LEU P 97 -28.73 40.93 -35.89
C LEU P 97 -29.94 41.85 -35.91
N ALA P 98 -31.11 41.29 -36.23
CA ALA P 98 -32.29 42.12 -36.37
C ALA P 98 -32.80 42.62 -35.02
N GLY P 99 -32.63 41.84 -33.97
CA GLY P 99 -33.11 42.22 -32.65
C GLY P 99 -34.53 41.79 -32.33
N ASP P 100 -35.23 41.17 -33.28
CA ASP P 100 -36.60 40.73 -33.05
C ASP P 100 -36.77 39.28 -33.46
N PRO P 101 -37.55 38.50 -32.71
CA PRO P 101 -37.74 37.08 -33.03
C PRO P 101 -38.72 36.81 -34.17
N SER P 102 -39.12 37.84 -34.93
CA SER P 102 -40.10 37.62 -35.97
C SER P 102 -39.54 36.81 -37.12
N ILE P 103 -38.22 36.85 -37.35
CA ILE P 103 -37.62 35.98 -38.36
C ILE P 103 -37.82 34.52 -37.96
N LEU P 104 -37.56 34.20 -36.70
CA LEU P 104 -37.78 32.83 -36.23
C LEU P 104 -39.23 32.43 -36.42
N ASP P 105 -40.16 33.30 -36.03
CA ASP P 105 -41.58 32.95 -36.14
C ASP P 105 -42.00 32.77 -37.59
N GLU P 106 -41.51 33.63 -38.49
CA GLU P 106 -41.97 33.58 -39.87
C GLU P 106 -41.30 32.47 -40.66
N ARG P 107 -39.98 32.34 -40.55
CA ARG P 107 -39.22 31.46 -41.43
C ARG P 107 -38.93 30.09 -40.85
N VAL P 108 -39.04 29.91 -39.54
CA VAL P 108 -38.73 28.62 -38.89
C VAL P 108 -39.96 28.01 -38.26
N LEU P 109 -40.54 28.68 -37.25
CA LEU P 109 -41.38 27.97 -36.29
C LEU P 109 -42.75 27.61 -36.86
N ASN P 110 -43.34 28.49 -37.67
CA ASN P 110 -44.68 28.25 -38.18
C ASN P 110 -44.73 27.02 -39.07
N GLY P 111 -45.38 25.95 -38.61
CA GLY P 111 -45.52 24.73 -39.36
C GLY P 111 -44.45 23.68 -39.11
N LEU P 112 -43.33 24.06 -38.50
CA LEU P 112 -42.25 23.12 -38.27
C LEU P 112 -42.65 22.02 -37.31
N LYS P 113 -43.41 22.36 -36.28
CA LYS P 113 -43.83 21.35 -35.31
C LYS P 113 -44.68 20.28 -35.97
N GLU P 114 -45.57 20.68 -36.89
CA GLU P 114 -46.38 19.69 -37.59
C GLU P 114 -45.54 18.82 -38.51
N THR P 115 -44.61 19.42 -39.27
CA THR P 115 -43.78 18.60 -40.14
C THR P 115 -42.92 17.64 -39.34
N TYR P 116 -42.37 18.10 -38.22
CA TYR P 116 -41.54 17.23 -37.39
C TYR P 116 -42.35 16.08 -36.83
N ASN P 117 -43.55 16.35 -36.32
CA ASN P 117 -44.39 15.27 -35.82
C ASN P 117 -44.79 14.31 -36.93
N SER P 118 -44.99 14.83 -38.14
CA SER P 118 -45.34 13.96 -39.26
C SER P 118 -44.17 13.06 -39.64
N LEU P 119 -42.97 13.62 -39.74
CA LEU P 119 -41.81 12.85 -40.16
C LEU P 119 -41.31 11.93 -39.05
N GLY P 120 -41.71 12.16 -37.81
CA GLY P 120 -41.25 11.35 -36.70
C GLY P 120 -40.04 11.88 -35.99
N VAL P 121 -39.59 13.10 -36.31
CA VAL P 121 -38.41 13.67 -35.66
C VAL P 121 -38.64 13.74 -34.16
N PRO P 122 -37.75 13.19 -33.34
CA PRO P 122 -37.89 13.39 -31.89
C PRO P 122 -37.75 14.86 -31.57
N ILE P 123 -38.71 15.38 -30.82
CA ILE P 123 -38.73 16.81 -30.56
C ILE P 123 -37.93 17.16 -29.30
N ALA P 124 -37.88 16.25 -28.34
CA ALA P 124 -37.04 16.47 -27.16
C ALA P 124 -35.57 16.53 -27.54
N ALA P 125 -35.15 15.65 -28.44
CA ALA P 125 -33.75 15.65 -28.86
C ALA P 125 -33.40 16.93 -29.60
N THR P 126 -34.32 17.46 -30.40
CA THR P 126 -34.08 18.71 -31.08
C THR P 126 -33.91 19.86 -30.09
N VAL P 127 -34.75 19.90 -29.05
CA VAL P 127 -34.64 20.97 -28.06
C VAL P 127 -33.33 20.84 -27.29
N GLN P 128 -32.97 19.63 -26.87
CA GLN P 128 -31.71 19.43 -26.18
C GLN P 128 -30.53 19.83 -27.07
N ALA P 129 -30.62 19.51 -28.36
CA ALA P 129 -29.53 19.84 -29.28
C ALA P 129 -29.38 21.34 -29.44
N ILE P 130 -30.47 22.08 -29.60
CA ILE P 130 -30.33 23.51 -29.81
C ILE P 130 -29.92 24.21 -28.52
N GLN P 131 -30.31 23.66 -27.37
CA GLN P 131 -29.78 24.19 -26.12
C GLN P 131 -28.28 23.94 -26.01
N ALA P 132 -27.81 22.79 -26.49
CA ALA P 132 -26.38 22.54 -26.54
C ALA P 132 -25.69 23.54 -27.47
N MET P 133 -26.33 23.86 -28.60
CA MET P 133 -25.81 24.91 -29.46
C MET P 133 -25.70 26.23 -28.71
N LYS P 134 -26.66 26.51 -27.83
CA LYS P 134 -26.59 27.74 -27.05
C LYS P 134 -25.37 27.76 -26.16
N GLU P 135 -25.04 26.63 -25.53
CA GLU P 135 -23.85 26.59 -24.70
C GLU P 135 -22.59 26.86 -25.51
N VAL P 136 -22.46 26.20 -26.66
CA VAL P 136 -21.28 26.40 -27.51
C VAL P 136 -21.21 27.85 -27.98
N THR P 137 -22.33 28.39 -28.43
CA THR P 137 -22.34 29.75 -28.96
C THR P 137 -22.00 30.77 -27.88
N ALA P 138 -22.50 30.56 -26.67
CA ALA P 138 -22.13 31.44 -25.56
C ALA P 138 -20.62 31.47 -25.39
N SER P 139 -19.98 30.31 -25.47
CA SER P 139 -18.52 30.27 -25.34
C SER P 139 -17.85 31.07 -26.46
N LEU P 140 -18.27 30.87 -27.70
CA LEU P 140 -17.58 31.47 -28.83
C LEU P 140 -17.79 32.98 -28.90
N VAL P 141 -19.03 33.44 -28.77
CA VAL P 141 -19.34 34.85 -28.96
C VAL P 141 -19.27 35.66 -27.68
N GLY P 142 -19.00 35.02 -26.55
CA GLY P 142 -18.91 35.75 -25.30
C GLY P 142 -20.25 35.88 -24.60
N ALA P 143 -20.17 36.20 -23.30
CA ALA P 143 -21.37 36.16 -22.45
C ALA P 143 -22.39 37.23 -22.84
N ASP P 144 -21.93 38.44 -23.15
CA ASP P 144 -22.86 39.54 -23.37
C ASP P 144 -23.75 39.28 -24.58
N ALA P 145 -23.16 38.83 -25.69
CA ALA P 145 -23.97 38.42 -26.83
C ALA P 145 -24.48 37.00 -26.70
N GLY P 146 -23.88 36.20 -25.82
CA GLY P 146 -24.47 34.92 -25.48
C GLY P 146 -25.79 35.09 -24.74
N LYS P 147 -25.88 36.13 -23.91
CA LYS P 147 -27.17 36.54 -23.38
C LYS P 147 -28.18 36.75 -24.49
N GLU P 148 -27.74 37.40 -25.57
CA GLU P 148 -28.66 37.75 -26.66
C GLU P 148 -29.04 36.52 -27.49
N MET P 149 -28.05 35.72 -27.87
CA MET P 149 -28.34 34.52 -28.66
C MET P 149 -29.28 33.59 -27.92
N GLY P 150 -29.18 33.55 -26.59
CA GLY P 150 -30.03 32.67 -25.83
C GLY P 150 -31.50 32.98 -25.99
N ILE P 151 -31.84 34.27 -26.07
CA ILE P 151 -33.24 34.66 -26.20
C ILE P 151 -33.85 34.01 -27.42
N TYR P 152 -33.15 34.06 -28.55
CA TYR P 152 -33.68 33.53 -29.80
C TYR P 152 -33.60 32.01 -29.85
N PHE P 153 -32.54 31.41 -29.29
CA PHE P 153 -32.50 29.96 -29.19
C PHE P 153 -33.67 29.45 -28.35
N ASP P 154 -33.94 30.10 -27.22
CA ASP P 154 -35.07 29.71 -26.38
C ASP P 154 -36.39 29.88 -27.13
N TYR P 155 -36.49 30.92 -27.95
CA TYR P 155 -37.67 31.11 -28.78
C TYR P 155 -37.92 29.90 -29.66
N ILE P 156 -36.85 29.39 -30.30
CA ILE P 156 -37.00 28.22 -31.15
C ILE P 156 -37.42 27.01 -30.34
N CYS P 157 -36.80 26.81 -29.17
CA CYS P 157 -37.18 25.69 -28.32
C CYS P 157 -38.66 25.74 -27.97
N SER P 158 -39.14 26.92 -27.56
CA SER P 158 -40.54 27.06 -27.18
C SER P 158 -41.46 26.80 -28.36
N GLY P 159 -41.09 27.25 -29.55
CA GLY P 159 -41.92 27.01 -30.72
C GLY P 159 -42.01 25.54 -31.07
N LEU P 160 -40.89 24.83 -31.01
CA LEU P 160 -40.89 23.41 -31.31
C LEU P 160 -41.69 22.61 -30.29
N SER P 161 -41.60 22.99 -29.02
CA SER P 161 -42.26 22.29 -27.93
C SER P 161 -43.74 22.10 -28.19
N SER Q 2 -33.28 -3.20 -55.87
CA SER Q 2 -33.25 -4.52 -56.48
C SER Q 2 -33.55 -4.45 -57.97
N VAL Q 3 -33.24 -5.55 -58.66
CA VAL Q 3 -33.57 -5.64 -60.08
C VAL Q 3 -35.06 -5.50 -60.28
N VAL Q 4 -35.85 -6.16 -59.42
CA VAL Q 4 -37.29 -6.16 -59.56
C VAL Q 4 -37.85 -4.74 -59.42
N THR Q 5 -37.40 -4.01 -58.40
CA THR Q 5 -37.91 -2.66 -58.19
C THR Q 5 -37.47 -1.71 -59.29
N LYS Q 6 -36.24 -1.85 -59.77
CA LYS Q 6 -35.80 -1.02 -60.89
C LYS Q 6 -36.67 -1.26 -62.11
N SER Q 7 -36.97 -2.52 -62.41
CA SER Q 7 -37.83 -2.83 -63.55
C SER Q 7 -39.23 -2.26 -63.35
N ILE Q 8 -39.82 -2.47 -62.17
CA ILE Q 8 -41.18 -2.00 -61.91
C ILE Q 8 -41.24 -0.48 -61.98
N VAL Q 9 -40.25 0.20 -61.42
CA VAL Q 9 -40.25 1.65 -61.40
C VAL Q 9 -40.17 2.20 -62.82
N ASN Q 10 -39.26 1.67 -63.64
CA ASN Q 10 -39.15 2.14 -65.01
C ASN Q 10 -40.41 1.85 -65.80
N ALA Q 11 -40.98 0.66 -65.63
CA ALA Q 11 -42.21 0.33 -66.33
C ALA Q 11 -43.35 1.26 -65.92
N ASP Q 12 -43.44 1.56 -64.62
CA ASP Q 12 -44.50 2.44 -64.14
C ASP Q 12 -44.36 3.84 -64.70
N ALA Q 13 -43.13 4.35 -64.77
CA ALA Q 13 -42.92 5.66 -65.39
C ALA Q 13 -43.34 5.63 -66.86
N GLU Q 14 -43.07 4.52 -67.55
CA GLU Q 14 -43.58 4.35 -68.90
C GLU Q 14 -45.10 4.39 -68.95
N ALA Q 15 -45.75 3.89 -67.89
CA ALA Q 15 -47.19 3.62 -67.85
C ALA Q 15 -47.57 2.44 -68.75
N ARG Q 16 -46.63 1.53 -68.96
CA ARG Q 16 -46.87 0.29 -69.70
C ARG Q 16 -46.53 -0.89 -68.82
N TYR Q 17 -47.29 -1.98 -69.01
CA TYR Q 17 -47.02 -3.22 -68.30
C TYR Q 17 -45.57 -3.64 -68.49
N LEU Q 18 -45.04 -4.41 -67.56
CA LEU Q 18 -43.63 -4.80 -67.61
C LEU Q 18 -43.30 -5.46 -68.94
N SER Q 19 -42.23 -4.99 -69.56
CA SER Q 19 -41.81 -5.49 -70.85
C SER Q 19 -41.42 -6.95 -70.75
N PRO Q 20 -41.58 -7.73 -71.84
CA PRO Q 20 -41.08 -9.10 -71.80
C PRO Q 20 -39.58 -9.18 -71.52
N GLY Q 21 -38.80 -8.25 -72.06
CA GLY Q 21 -37.38 -8.23 -71.77
C GLY Q 21 -37.08 -7.94 -70.31
N GLU Q 22 -37.79 -6.98 -69.73
CA GLU Q 22 -37.64 -6.69 -68.31
C GLU Q 22 -38.00 -7.90 -67.47
N LEU Q 23 -39.09 -8.58 -67.82
CA LEU Q 23 -39.48 -9.79 -67.10
C LEU Q 23 -38.40 -10.85 -67.17
N ASP Q 24 -37.78 -11.02 -68.33
CA ASP Q 24 -36.73 -12.01 -68.45
C ASP Q 24 -35.50 -11.62 -67.62
N ARG Q 25 -35.20 -10.32 -67.54
CA ARG Q 25 -34.10 -9.87 -66.71
C ARG Q 25 -34.31 -10.26 -65.25
N ILE Q 26 -35.53 -10.04 -64.73
CA ILE Q 26 -35.75 -10.41 -63.34
C ILE Q 26 -35.96 -11.91 -63.19
N LYS Q 27 -36.29 -12.61 -64.27
CA LYS Q 27 -36.24 -14.07 -64.22
C LYS Q 27 -34.82 -14.55 -63.94
N ASN Q 28 -33.85 -13.93 -64.60
CA ASN Q 28 -32.45 -14.23 -64.32
C ASN Q 28 -32.08 -13.89 -62.89
N PHE Q 29 -32.57 -12.76 -62.38
CA PHE Q 29 -32.25 -12.35 -61.02
C PHE Q 29 -32.72 -13.39 -60.01
N VAL Q 30 -33.98 -13.80 -60.10
CA VAL Q 30 -34.47 -14.78 -59.14
C VAL Q 30 -33.87 -16.15 -59.37
N SER Q 31 -33.38 -16.45 -60.57
CA SER Q 31 -32.66 -17.71 -60.78
C SER Q 31 -31.33 -17.70 -60.03
N THR Q 32 -30.59 -16.60 -60.09
CA THR Q 32 -29.30 -16.51 -59.41
C THR Q 32 -29.43 -16.15 -57.94
N GLY Q 33 -30.66 -16.09 -57.43
CA GLY Q 33 -30.86 -15.77 -56.02
C GLY Q 33 -30.14 -16.71 -55.08
N GLU Q 34 -30.12 -18.01 -55.40
CA GLU Q 34 -29.46 -18.96 -54.49
C GLU Q 34 -27.97 -18.67 -54.37
N ARG Q 35 -27.30 -18.41 -55.49
CA ARG Q 35 -25.89 -18.04 -55.43
C ARG Q 35 -25.68 -16.75 -54.64
N ARG Q 36 -26.56 -15.77 -54.85
CA ARG Q 36 -26.45 -14.52 -54.10
C ARG Q 36 -26.57 -14.76 -52.61
N LEU Q 37 -27.54 -15.58 -52.20
CA LEU Q 37 -27.74 -15.85 -50.78
C LEU Q 37 -26.53 -16.54 -50.18
N ARG Q 38 -25.91 -17.46 -50.92
CA ARG Q 38 -24.73 -18.14 -50.41
C ARG Q 38 -23.59 -17.15 -50.19
N ILE Q 39 -23.35 -16.26 -51.16
CA ILE Q 39 -22.28 -15.28 -51.02
C ILE Q 39 -22.53 -14.38 -49.81
N ALA Q 40 -23.79 -13.94 -49.65
CA ALA Q 40 -24.13 -13.12 -48.51
C ALA Q 40 -23.89 -13.86 -47.20
N GLN Q 41 -24.23 -15.15 -47.16
CA GLN Q 41 -24.10 -15.89 -45.91
C GLN Q 41 -22.64 -16.12 -45.55
N THR Q 42 -21.76 -16.33 -46.53
CA THR Q 42 -20.34 -16.44 -46.23
C THR Q 42 -19.84 -15.17 -45.56
N LEU Q 43 -20.13 -14.02 -46.15
CA LEU Q 43 -19.68 -12.76 -45.57
C LEU Q 43 -20.29 -12.55 -44.19
N THR Q 44 -21.59 -12.82 -44.05
CA THR Q 44 -22.27 -12.59 -42.78
C THR Q 44 -21.72 -13.48 -41.68
N GLU Q 45 -21.62 -14.78 -41.94
CA GLU Q 45 -21.16 -15.70 -40.90
C GLU Q 45 -19.70 -15.45 -40.53
N ASN Q 46 -18.88 -15.03 -41.48
CA ASN Q 46 -17.48 -14.74 -41.22
C ASN Q 46 -17.24 -13.25 -40.97
N ARG Q 47 -18.28 -12.51 -40.55
CA ARG Q 47 -18.14 -11.07 -40.40
C ARG Q 47 -17.10 -10.70 -39.36
N GLU Q 48 -16.99 -11.48 -38.28
CA GLU Q 48 -16.05 -11.14 -37.21
C GLU Q 48 -14.63 -11.11 -37.74
N ARG Q 49 -14.22 -12.16 -38.44
CA ARG Q 49 -12.86 -12.22 -38.97
C ARG Q 49 -12.62 -11.14 -40.01
N ILE Q 50 -13.61 -10.91 -40.88
CA ILE Q 50 -13.45 -9.91 -41.94
C ILE Q 50 -13.21 -8.54 -41.35
N VAL Q 51 -14.01 -8.16 -40.35
CA VAL Q 51 -13.85 -6.84 -39.74
C VAL Q 51 -12.51 -6.74 -39.03
N LYS Q 52 -12.11 -7.77 -38.31
CA LYS Q 52 -10.86 -7.68 -37.55
C LYS Q 52 -9.65 -7.55 -38.47
N GLN Q 53 -9.59 -8.38 -39.52
CA GLN Q 53 -8.44 -8.30 -40.41
C GLN Q 53 -8.45 -7.02 -41.22
N ALA Q 54 -9.63 -6.57 -41.64
CA ALA Q 54 -9.71 -5.28 -42.32
C ALA Q 54 -9.29 -4.14 -41.39
N GLY Q 55 -9.62 -4.27 -40.10
CA GLY Q 55 -9.17 -3.27 -39.15
C GLY Q 55 -7.66 -3.25 -39.02
N ASP Q 56 -7.03 -4.43 -39.01
CA ASP Q 56 -5.57 -4.47 -38.96
C ASP Q 56 -4.96 -3.80 -40.18
N GLN Q 57 -5.54 -4.06 -41.37
CA GLN Q 57 -4.99 -3.44 -42.57
C GLN Q 57 -5.22 -1.94 -42.59
N LEU Q 58 -6.37 -1.48 -42.11
CA LEU Q 58 -6.61 -0.03 -42.02
C LEU Q 58 -5.60 0.61 -41.08
N PHE Q 59 -5.41 0.03 -39.90
CA PHE Q 59 -4.57 0.63 -38.87
C PHE Q 59 -3.09 0.40 -39.11
N GLN Q 60 -2.71 -0.31 -40.18
CA GLN Q 60 -1.32 -0.36 -40.59
C GLN Q 60 -1.05 0.37 -41.90
N LYS Q 61 -1.98 0.35 -42.84
CA LYS Q 61 -1.82 1.14 -44.06
C LYS Q 61 -1.99 2.64 -43.80
N ARG Q 62 -2.82 3.00 -42.83
CA ARG Q 62 -3.03 4.40 -42.44
C ARG Q 62 -2.83 4.50 -40.93
N PRO Q 63 -1.60 4.41 -40.46
CA PRO Q 63 -1.36 4.43 -39.01
C PRO Q 63 -1.65 5.77 -38.36
N ASP Q 64 -1.73 6.85 -39.14
CA ASP Q 64 -1.94 8.17 -38.55
C ASP Q 64 -3.31 8.30 -37.91
N VAL Q 65 -4.33 7.66 -38.48
CA VAL Q 65 -5.69 7.87 -38.01
C VAL Q 65 -5.88 7.32 -36.60
N VAL Q 66 -5.12 6.29 -36.23
CA VAL Q 66 -5.22 5.70 -34.90
C VAL Q 66 -4.09 6.16 -33.99
N SER Q 67 -3.20 7.01 -34.49
CA SER Q 67 -2.14 7.60 -33.68
C SER Q 67 -2.72 8.67 -32.78
N PRO Q 68 -1.97 9.13 -31.77
CA PRO Q 68 -2.48 10.21 -30.93
C PRO Q 68 -2.81 11.44 -31.74
N GLY Q 69 -3.91 12.10 -31.37
CA GLY Q 69 -4.42 13.23 -32.11
C GLY Q 69 -5.34 12.87 -33.25
N GLY Q 70 -5.35 11.61 -33.68
CA GLY Q 70 -6.18 11.20 -34.78
C GLY Q 70 -7.60 10.92 -34.37
N ASN Q 71 -8.44 10.68 -35.38
CA ASN Q 71 -9.86 10.49 -35.14
C ASN Q 71 -10.13 9.23 -34.32
N ALA Q 72 -9.38 8.16 -34.56
CA ALA Q 72 -9.65 6.87 -33.94
C ALA Q 72 -8.81 6.62 -32.69
N TYR Q 73 -8.03 7.59 -32.24
CA TYR Q 73 -7.15 7.35 -31.10
C TYR Q 73 -7.96 7.05 -29.85
N GLY Q 74 -7.72 5.90 -29.24
CA GLY Q 74 -8.37 5.53 -28.00
C GLY Q 74 -9.02 4.16 -28.05
N GLU Q 75 -9.14 3.55 -26.87
CA GLU Q 75 -9.72 2.20 -26.79
C GLU Q 75 -11.16 2.19 -27.26
N GLU Q 76 -11.89 3.30 -27.06
CA GLU Q 76 -13.29 3.36 -27.48
C GLU Q 76 -13.44 3.97 -28.87
N MET Q 77 -12.59 4.93 -29.23
CA MET Q 77 -12.68 5.53 -30.56
C MET Q 77 -12.35 4.52 -31.64
N THR Q 78 -11.32 3.68 -31.40
CA THR Q 78 -11.01 2.64 -32.37
C THR Q 78 -12.13 1.60 -32.44
N ALA Q 79 -12.85 1.39 -31.34
CA ALA Q 79 -13.98 0.47 -31.35
C ALA Q 79 -15.10 1.00 -32.23
N THR Q 80 -15.40 2.29 -32.14
CA THR Q 80 -16.44 2.86 -33.00
C THR Q 80 -16.01 2.80 -34.47
N CYS Q 81 -14.72 2.97 -34.75
CA CYS Q 81 -14.27 2.86 -36.14
C CYS Q 81 -14.51 1.46 -36.67
N LEU Q 82 -14.17 0.45 -35.87
CA LEU Q 82 -14.44 -0.92 -36.31
C LEU Q 82 -15.93 -1.16 -36.46
N ARG Q 83 -16.75 -0.51 -35.64
CA ARG Q 83 -18.19 -0.63 -35.81
C ARG Q 83 -18.63 -0.07 -37.16
N ASP Q 84 -18.03 1.04 -37.59
CA ASP Q 84 -18.38 1.60 -38.89
C ASP Q 84 -18.03 0.64 -40.01
N LEU Q 85 -16.85 0.01 -39.93
CA LEU Q 85 -16.52 -1.01 -40.91
C LEU Q 85 -17.55 -2.13 -40.88
N ASP Q 86 -18.01 -2.51 -39.68
CA ASP Q 86 -19.05 -3.51 -39.56
C ASP Q 86 -20.35 -3.05 -40.23
N TYR Q 87 -20.70 -1.78 -40.04
CA TYR Q 87 -21.90 -1.24 -40.67
C TYR Q 87 -21.84 -1.39 -42.18
N TYR Q 88 -20.70 -1.03 -42.78
CA TYR Q 88 -20.61 -1.09 -44.23
C TYR Q 88 -20.57 -2.52 -44.74
N LEU Q 89 -19.98 -3.44 -43.98
CA LEU Q 89 -20.07 -4.84 -44.38
C LEU Q 89 -21.51 -5.32 -44.37
N ARG Q 90 -22.28 -4.91 -43.37
CA ARG Q 90 -23.69 -5.29 -43.32
C ARG Q 90 -24.46 -4.73 -44.50
N LEU Q 91 -24.18 -3.48 -44.87
CA LEU Q 91 -24.82 -2.90 -46.05
C LEU Q 91 -24.43 -3.66 -47.31
N VAL Q 92 -23.16 -4.07 -47.40
CA VAL Q 92 -22.71 -4.80 -48.58
C VAL Q 92 -23.42 -6.14 -48.69
N THR Q 93 -23.64 -6.83 -47.56
CA THR Q 93 -24.40 -8.07 -47.61
C THR Q 93 -25.82 -7.82 -48.07
N TYR Q 94 -26.45 -6.74 -47.59
CA TYR Q 94 -27.77 -6.38 -48.09
C TYR Q 94 -27.74 -6.21 -49.60
N GLY Q 95 -26.74 -5.49 -50.11
CA GLY Q 95 -26.67 -5.25 -51.54
C GLY Q 95 -26.41 -6.52 -52.33
N ILE Q 96 -25.57 -7.41 -51.79
CA ILE Q 96 -25.30 -8.67 -52.46
C ILE Q 96 -26.58 -9.48 -52.60
N VAL Q 97 -27.39 -9.52 -51.55
CA VAL Q 97 -28.68 -10.20 -51.63
C VAL Q 97 -29.57 -9.51 -52.66
N ALA Q 98 -29.61 -8.18 -52.63
CA ALA Q 98 -30.56 -7.45 -53.47
C ALA Q 98 -30.21 -7.54 -54.94
N GLY Q 99 -28.93 -7.68 -55.28
CA GLY Q 99 -28.51 -7.63 -56.65
C GLY Q 99 -28.32 -6.23 -57.19
N ASP Q 100 -28.53 -5.21 -56.37
CA ASP Q 100 -28.35 -3.82 -56.76
C ASP Q 100 -27.66 -3.11 -55.62
N VAL Q 101 -27.01 -1.97 -55.94
CA VAL Q 101 -26.35 -1.18 -54.92
C VAL Q 101 -27.26 -0.16 -54.27
N THR Q 102 -28.54 -0.15 -54.63
CA THR Q 102 -29.40 0.88 -54.06
C THR Q 102 -29.73 0.67 -52.58
N PRO Q 103 -29.81 -0.57 -52.05
CA PRO Q 103 -29.91 -0.66 -50.58
C PRO Q 103 -28.68 -0.11 -49.88
N ILE Q 104 -27.49 -0.42 -50.40
CA ILE Q 104 -26.27 0.14 -49.84
C ILE Q 104 -26.31 1.65 -49.90
N GLU Q 105 -26.70 2.20 -51.06
CA GLU Q 105 -26.67 3.63 -51.28
C GLU Q 105 -27.74 4.35 -50.46
N GLU Q 106 -28.88 3.69 -50.21
CA GLU Q 106 -29.90 4.32 -49.38
C GLU Q 106 -29.45 4.43 -47.93
N ILE Q 107 -28.92 3.35 -47.37
CA ILE Q 107 -28.62 3.36 -45.94
C ILE Q 107 -27.29 4.06 -45.66
N GLY Q 108 -26.32 3.97 -46.57
CA GLY Q 108 -25.12 4.76 -46.48
C GLY Q 108 -24.75 5.27 -47.86
N LEU Q 109 -23.76 6.16 -47.91
CA LEU Q 109 -23.21 6.77 -49.12
C LEU Q 109 -24.07 7.91 -49.68
N VAL Q 110 -25.21 8.21 -49.07
CA VAL Q 110 -25.92 9.45 -49.37
C VAL Q 110 -25.68 10.39 -48.20
N GLY Q 111 -24.67 11.24 -48.33
CA GLY Q 111 -24.28 12.11 -47.24
C GLY Q 111 -23.18 11.57 -46.36
N VAL Q 112 -22.46 10.55 -46.79
CA VAL Q 112 -21.31 10.08 -46.02
C VAL Q 112 -20.28 11.19 -45.91
N ARG Q 113 -20.06 11.93 -46.99
CA ARG Q 113 -19.14 13.06 -46.92
C ARG Q 113 -19.60 14.05 -45.86
N GLU Q 114 -20.90 14.35 -45.82
CA GLU Q 114 -21.41 15.27 -44.81
C GLU Q 114 -21.22 14.71 -43.41
N MET Q 115 -21.62 13.45 -43.19
CA MET Q 115 -21.54 12.87 -41.85
C MET Q 115 -20.10 12.80 -41.36
N TYR Q 116 -19.20 12.30 -42.20
CA TYR Q 116 -17.81 12.14 -41.77
C TYR Q 116 -17.10 13.48 -41.67
N ASN Q 117 -17.44 14.44 -42.53
CA ASN Q 117 -16.87 15.78 -42.38
C ASN Q 117 -17.30 16.41 -41.07
N SER Q 118 -18.54 16.15 -40.63
CA SER Q 118 -18.96 16.58 -39.31
C SER Q 118 -18.14 15.89 -38.23
N LEU Q 119 -18.02 14.57 -38.31
CA LEU Q 119 -17.29 13.80 -37.30
C LEU Q 119 -15.79 13.97 -37.40
N GLY Q 120 -15.29 14.77 -38.33
CA GLY Q 120 -13.86 15.01 -38.42
C GLY Q 120 -13.05 13.79 -38.77
N THR Q 121 -13.52 12.99 -39.72
CA THR Q 121 -12.92 11.73 -40.12
C THR Q 121 -12.29 11.84 -41.50
N PRO Q 122 -11.13 11.26 -41.73
CA PRO Q 122 -10.61 11.15 -43.10
C PRO Q 122 -11.39 10.12 -43.90
N ILE Q 123 -12.22 10.59 -44.83
CA ILE Q 123 -12.98 9.67 -45.67
C ILE Q 123 -12.08 8.89 -46.63
N PRO Q 124 -10.91 9.39 -47.07
CA PRO Q 124 -9.99 8.48 -47.77
C PRO Q 124 -9.58 7.30 -46.90
N ALA Q 125 -9.40 7.53 -45.60
CA ALA Q 125 -9.03 6.44 -44.71
C ALA Q 125 -10.19 5.45 -44.55
N VAL Q 126 -11.42 5.95 -44.49
CA VAL Q 126 -12.58 5.05 -44.48
C VAL Q 126 -12.60 4.23 -45.76
N ALA Q 127 -12.31 4.86 -46.89
CA ALA Q 127 -12.30 4.14 -48.16
C ALA Q 127 -11.27 3.02 -48.15
N GLU Q 128 -10.07 3.30 -47.62
CA GLU Q 128 -9.04 2.27 -47.56
C GLU Q 128 -9.45 1.14 -46.62
N GLY Q 129 -10.18 1.44 -45.55
CA GLY Q 129 -10.71 0.38 -44.72
C GLY Q 129 -11.66 -0.53 -45.47
N ILE Q 130 -12.54 0.05 -46.28
CA ILE Q 130 -13.47 -0.77 -47.07
C ILE Q 130 -12.71 -1.58 -48.10
N ARG Q 131 -11.64 -1.03 -48.67
CA ARG Q 131 -10.83 -1.79 -49.62
C ARG Q 131 -10.17 -2.98 -48.93
N ALA Q 132 -9.74 -2.80 -47.67
CA ALA Q 132 -9.24 -3.92 -46.90
C ALA Q 132 -10.32 -4.98 -46.69
N MET Q 133 -11.56 -4.54 -46.43
CA MET Q 133 -12.66 -5.49 -46.34
C MET Q 133 -12.84 -6.26 -47.64
N LYS Q 134 -12.74 -5.57 -48.77
CA LYS Q 134 -12.90 -6.24 -50.06
C LYS Q 134 -11.82 -7.30 -50.25
N ASN Q 135 -10.57 -6.97 -49.91
CA ASN Q 135 -9.49 -7.93 -50.05
C ASN Q 135 -9.72 -9.16 -49.18
N VAL Q 136 -10.10 -8.94 -47.92
CA VAL Q 136 -10.29 -10.06 -47.01
C VAL Q 136 -11.46 -10.93 -47.47
N ALA Q 137 -12.52 -10.31 -47.95
CA ALA Q 137 -13.71 -11.07 -48.33
C ALA Q 137 -13.48 -11.87 -49.61
N CYS Q 138 -12.74 -11.32 -50.57
CA CYS Q 138 -12.50 -12.03 -51.81
C CYS Q 138 -11.81 -13.36 -51.57
N SER Q 139 -10.98 -13.46 -50.54
CA SER Q 139 -10.31 -14.71 -50.22
C SER Q 139 -11.21 -15.68 -49.46
N LEU Q 140 -12.29 -15.21 -48.87
CA LEU Q 140 -13.28 -16.10 -48.28
C LEU Q 140 -14.31 -16.56 -49.30
N LEU Q 141 -14.25 -16.05 -50.51
CA LEU Q 141 -15.12 -16.49 -51.59
C LEU Q 141 -14.29 -17.03 -52.74
N SER Q 142 -14.95 -17.78 -53.61
CA SER Q 142 -14.29 -18.26 -54.81
C SER Q 142 -14.09 -17.12 -55.80
N ALA Q 143 -13.23 -17.35 -56.78
CA ALA Q 143 -12.88 -16.29 -57.73
C ALA Q 143 -14.11 -15.80 -58.49
N GLU Q 144 -14.95 -16.72 -58.95
CA GLU Q 144 -16.16 -16.32 -59.68
C GLU Q 144 -17.12 -15.57 -58.77
N ASP Q 145 -17.31 -16.06 -57.53
CA ASP Q 145 -18.18 -15.37 -56.60
C ASP Q 145 -17.59 -14.05 -56.14
N ALA Q 146 -16.26 -14.02 -55.93
CA ALA Q 146 -15.63 -12.82 -55.39
C ALA Q 146 -15.81 -11.62 -56.31
N ALA Q 147 -15.87 -11.85 -57.62
CA ALA Q 147 -16.05 -10.74 -58.55
C ALA Q 147 -17.38 -10.03 -58.31
N GLU Q 148 -18.43 -10.80 -58.00
CA GLU Q 148 -19.71 -10.19 -57.65
C GLU Q 148 -19.59 -9.37 -56.37
N ALA Q 149 -18.96 -9.95 -55.35
CA ALA Q 149 -18.82 -9.25 -54.08
C ALA Q 149 -18.00 -7.97 -54.23
N GLY Q 150 -16.95 -8.03 -55.06
CA GLY Q 150 -16.13 -6.85 -55.27
C GLY Q 150 -16.90 -5.68 -55.85
N SER Q 151 -17.89 -5.96 -56.70
CA SER Q 151 -18.68 -4.88 -57.29
C SER Q 151 -19.38 -4.06 -56.21
N TYR Q 152 -19.98 -4.75 -55.24
CA TYR Q 152 -20.67 -4.06 -54.15
C TYR Q 152 -19.70 -3.47 -53.13
N PHE Q 153 -18.49 -4.02 -53.03
CA PHE Q 153 -17.48 -3.40 -52.17
C PHE Q 153 -16.81 -2.20 -52.83
N ASP Q 154 -16.89 -2.09 -54.15
CA ASP Q 154 -16.18 -1.05 -54.88
C ASP Q 154 -17.05 0.15 -55.21
N PHE Q 155 -18.35 -0.05 -55.43
CA PHE Q 155 -19.25 1.10 -55.49
C PHE Q 155 -19.15 1.91 -54.21
N VAL Q 156 -19.02 1.24 -53.07
CA VAL Q 156 -18.92 1.92 -51.79
C VAL Q 156 -17.67 2.79 -51.76
N ILE Q 157 -16.53 2.24 -52.16
CA ILE Q 157 -15.27 3.00 -52.12
C ILE Q 157 -15.33 4.19 -53.06
N GLY Q 158 -15.83 3.96 -54.28
CA GLY Q 158 -15.96 5.07 -55.21
C GLY Q 158 -16.81 6.20 -54.67
N ALA Q 159 -17.92 5.86 -54.01
CA ALA Q 159 -18.73 6.88 -53.36
C ALA Q 159 -17.99 7.51 -52.19
N MET Q 160 -17.16 6.75 -51.49
CA MET Q 160 -16.37 7.32 -50.39
C MET Q 160 -15.48 8.44 -50.88
N GLN Q 161 -15.03 8.38 -52.13
CA GLN Q 161 -14.31 9.51 -52.69
C GLN Q 161 -15.28 10.53 -53.27
N MET R 1 -41.83 2.07 -52.70
CA MET R 1 -41.60 1.04 -53.70
C MET R 1 -40.57 0.03 -53.21
N ARG R 2 -41.03 -1.14 -52.77
CA ARG R 2 -40.14 -2.16 -52.23
C ARG R 2 -40.54 -3.53 -52.76
N ASP R 3 -39.55 -4.30 -53.19
CA ASP R 3 -39.77 -5.70 -53.51
C ASP R 3 -39.76 -6.52 -52.22
N ALA R 4 -39.90 -7.83 -52.35
CA ALA R 4 -39.78 -8.69 -51.19
C ALA R 4 -38.37 -8.64 -50.62
N VAL R 5 -37.36 -8.68 -51.48
CA VAL R 5 -35.97 -8.59 -51.04
C VAL R 5 -35.73 -7.26 -50.34
N THR R 6 -36.18 -6.18 -50.96
CA THR R 6 -35.96 -4.85 -50.39
C THR R 6 -36.71 -4.68 -49.08
N THR R 7 -37.86 -5.32 -48.93
CA THR R 7 -38.62 -5.22 -47.69
C THR R 7 -37.91 -5.92 -46.55
N LEU R 8 -37.43 -7.15 -46.80
CA LEU R 8 -36.68 -7.85 -45.76
C LEU R 8 -35.44 -7.07 -45.38
N ILE R 9 -34.74 -6.51 -46.37
CA ILE R 9 -33.55 -5.71 -46.10
C ILE R 9 -33.91 -4.49 -45.26
N LYS R 10 -35.04 -3.85 -45.56
CA LYS R 10 -35.42 -2.64 -44.83
C LYS R 10 -35.70 -2.96 -43.36
N ASN R 11 -36.45 -4.02 -43.09
CA ASN R 11 -36.72 -4.40 -41.71
C ASN R 11 -35.42 -4.67 -40.96
N TYR R 12 -34.56 -5.49 -41.55
CA TYR R 12 -33.33 -5.87 -40.86
C TYR R 12 -32.42 -4.67 -40.66
N ASP R 13 -32.37 -3.75 -41.62
CA ASP R 13 -31.53 -2.58 -41.43
C ASP R 13 -32.02 -1.70 -40.30
N SER R 14 -33.33 -1.48 -40.22
CA SER R 14 -33.87 -0.67 -39.13
C SER R 14 -33.51 -1.27 -37.79
N THR R 15 -33.47 -2.59 -37.70
CA THR R 15 -33.08 -3.26 -36.46
C THR R 15 -31.58 -3.52 -36.37
N GLY R 16 -30.81 -3.19 -37.40
CA GLY R 16 -29.38 -3.39 -37.37
C GLY R 16 -28.92 -4.83 -37.23
N ARG R 17 -29.50 -5.73 -38.02
CA ARG R 17 -29.20 -7.15 -37.96
C ARG R 17 -28.69 -7.65 -39.29
N TYR R 18 -27.57 -8.37 -39.28
CA TYR R 18 -27.16 -9.12 -40.45
C TYR R 18 -28.22 -10.17 -40.77
N LEU R 19 -28.43 -10.41 -42.06
CA LEU R 19 -29.46 -11.35 -42.47
C LEU R 19 -29.18 -12.74 -41.94
N ASP R 20 -30.06 -13.24 -41.09
CA ASP R 20 -29.88 -14.55 -40.48
C ASP R 20 -30.54 -15.62 -41.34
N ARG R 21 -30.64 -16.83 -40.81
CA ARG R 21 -31.17 -17.94 -41.59
C ARG R 21 -32.67 -17.77 -41.85
N ASP R 22 -33.41 -17.18 -40.92
CA ASP R 22 -34.82 -16.93 -41.17
C ASP R 22 -35.00 -15.95 -42.32
N ALA R 23 -34.20 -14.89 -42.34
CA ALA R 23 -34.24 -13.96 -43.46
C ALA R 23 -33.87 -14.65 -44.76
N VAL R 24 -32.85 -15.50 -44.73
CA VAL R 24 -32.43 -16.21 -45.93
C VAL R 24 -33.53 -17.16 -46.40
N ASP R 25 -34.23 -17.79 -45.45
CA ASP R 25 -35.32 -18.69 -45.82
C ASP R 25 -36.44 -17.96 -46.53
N ARG R 26 -36.84 -16.80 -46.00
CA ARG R 26 -37.92 -16.06 -46.64
C ARG R 26 -37.47 -15.47 -47.97
N LEU R 27 -36.23 -15.00 -48.05
CA LEU R 27 -35.68 -14.56 -49.33
C LEU R 27 -35.65 -15.70 -50.34
N ARG R 28 -35.27 -16.89 -49.90
CA ARG R 28 -35.24 -18.05 -50.78
C ARG R 28 -36.65 -18.39 -51.26
N SER R 29 -37.65 -18.24 -50.39
CA SER R 29 -39.02 -18.49 -50.82
C SER R 29 -39.42 -17.55 -51.93
N TYR R 30 -39.08 -16.26 -51.80
CA TYR R 30 -39.38 -15.32 -52.89
C TYR R 30 -38.63 -15.69 -54.15
N PHE R 31 -37.36 -16.05 -54.04
CA PHE R 31 -36.57 -16.40 -55.22
C PHE R 31 -37.12 -17.66 -55.89
N ASN R 32 -37.50 -18.66 -55.10
CA ASN R 32 -38.03 -19.89 -55.67
C ASN R 32 -39.34 -19.65 -56.39
N SER R 33 -40.23 -18.85 -55.81
CA SER R 33 -41.50 -18.56 -56.44
C SER R 33 -41.40 -17.45 -57.48
N GLY R 34 -40.23 -16.84 -57.63
CA GLY R 34 -40.09 -15.74 -58.57
C GLY R 34 -40.34 -16.16 -60.00
N ALA R 35 -39.92 -17.37 -60.36
CA ALA R 35 -40.16 -17.85 -61.72
C ALA R 35 -41.64 -17.96 -62.01
N ALA R 36 -42.40 -18.53 -61.07
CA ALA R 36 -43.84 -18.62 -61.24
C ALA R 36 -44.48 -17.24 -61.28
N ARG R 37 -43.99 -16.31 -60.45
CA ARG R 37 -44.52 -14.96 -60.46
C ARG R 37 -44.28 -14.29 -61.80
N VAL R 38 -43.09 -14.49 -62.38
CA VAL R 38 -42.79 -13.92 -63.69
C VAL R 38 -43.73 -14.47 -64.75
N LYS R 39 -43.96 -15.78 -64.74
CA LYS R 39 -44.87 -16.37 -65.72
C LYS R 39 -46.28 -15.81 -65.56
N ALA R 40 -46.75 -15.68 -64.31
CA ALA R 40 -48.08 -15.16 -64.07
C ALA R 40 -48.21 -13.72 -64.54
N ALA R 41 -47.22 -12.89 -64.25
CA ALA R 41 -47.26 -11.52 -64.71
C ALA R 41 -47.20 -11.44 -66.23
N ALA R 42 -46.44 -12.34 -66.85
CA ALA R 42 -46.39 -12.37 -68.31
C ALA R 42 -47.75 -12.70 -68.90
N VAL R 43 -48.47 -13.62 -68.27
CA VAL R 43 -49.83 -13.95 -68.72
C VAL R 43 -50.72 -12.72 -68.63
N ILE R 44 -50.66 -12.03 -67.49
CA ILE R 44 -51.49 -10.84 -67.31
C ILE R 44 -51.12 -9.76 -68.31
N ASN R 45 -49.82 -9.54 -68.52
CA ASN R 45 -49.38 -8.52 -69.48
C ASN R 45 -49.84 -8.86 -70.89
N ALA R 46 -49.76 -10.13 -71.26
CA ALA R 46 -50.16 -10.54 -72.60
C ALA R 46 -51.65 -10.35 -72.83
N ASN R 47 -52.47 -10.70 -71.84
CA ASN R 47 -53.92 -10.62 -71.97
C ASN R 47 -54.51 -9.40 -71.26
N ALA R 48 -53.72 -8.35 -71.07
CA ALA R 48 -54.16 -7.23 -70.25
C ALA R 48 -55.42 -6.59 -70.78
N ALA R 49 -55.47 -6.32 -72.08
CA ALA R 49 -56.66 -5.70 -72.66
C ALA R 49 -57.87 -6.60 -72.52
N ALA R 50 -57.71 -7.89 -72.83
CA ALA R 50 -58.85 -8.81 -72.77
C ALA R 50 -59.39 -8.93 -71.36
N ILE R 51 -58.51 -8.98 -70.36
CA ILE R 51 -58.96 -9.08 -68.97
C ILE R 51 -59.79 -7.87 -68.60
N VAL R 52 -59.35 -6.67 -68.99
CA VAL R 52 -60.08 -5.45 -68.67
C VAL R 52 -61.47 -5.49 -69.31
N LYS R 53 -61.54 -5.88 -70.59
CA LYS R 53 -62.82 -5.88 -71.27
C LYS R 53 -63.79 -6.87 -70.62
N GLU R 54 -63.33 -8.10 -70.36
CA GLU R 54 -64.19 -9.10 -69.76
C GLU R 54 -64.65 -8.67 -68.37
N ALA R 55 -63.74 -8.12 -67.57
CA ALA R 55 -64.09 -7.70 -66.23
C ALA R 55 -65.11 -6.58 -66.25
N ALA R 56 -64.95 -5.62 -67.17
CA ALA R 56 -65.90 -4.52 -67.27
C ALA R 56 -67.29 -5.04 -67.61
N SER R 57 -67.39 -5.89 -68.63
CA SER R 57 -68.70 -6.43 -69.01
C SER R 57 -69.33 -7.22 -67.88
N ALA R 58 -68.53 -8.02 -67.18
CA ALA R 58 -69.06 -8.78 -66.06
C ALA R 58 -69.54 -7.85 -64.94
N LEU R 59 -68.77 -6.80 -64.65
CA LEU R 59 -69.17 -5.87 -63.60
C LEU R 59 -70.47 -5.17 -63.93
N PHE R 60 -70.64 -4.76 -65.20
CA PHE R 60 -71.84 -4.03 -65.56
C PHE R 60 -73.06 -4.93 -65.64
N THR R 61 -72.88 -6.19 -66.02
CA THR R 61 -74.00 -7.14 -65.95
C THR R 61 -74.37 -7.44 -64.50
N GLU R 62 -73.36 -7.56 -63.63
CA GLU R 62 -73.64 -7.76 -62.21
C GLU R 62 -74.36 -6.55 -61.63
N GLN R 63 -73.95 -5.35 -62.01
CA GLN R 63 -74.47 -4.11 -61.45
C GLN R 63 -74.92 -3.21 -62.60
N PRO R 64 -76.13 -3.42 -63.11
CA PRO R 64 -76.60 -2.61 -64.24
C PRO R 64 -76.69 -1.13 -63.91
N GLU R 65 -76.93 -0.79 -62.64
CA GLU R 65 -77.20 0.59 -62.27
C GLU R 65 -76.09 1.54 -62.71
N LEU R 66 -74.85 1.04 -62.79
CA LEU R 66 -73.74 1.89 -63.21
C LEU R 66 -73.93 2.39 -64.63
N ILE R 67 -74.32 1.49 -65.54
CA ILE R 67 -74.46 1.84 -66.94
C ILE R 67 -75.69 2.69 -67.18
N GLN R 68 -76.68 2.63 -66.29
CA GLN R 68 -77.89 3.41 -66.42
C GLN R 68 -77.57 4.89 -66.20
N PRO R 69 -78.48 5.79 -66.62
CA PRO R 69 -78.14 7.23 -66.59
C PRO R 69 -77.72 7.74 -65.22
N GLY R 70 -78.20 7.14 -64.13
CA GLY R 70 -77.80 7.59 -62.81
C GLY R 70 -76.34 7.30 -62.51
N GLY R 71 -75.85 6.13 -62.90
CA GLY R 71 -74.52 5.67 -62.55
C GLY R 71 -73.39 6.57 -63.00
N ALA R 73 -70.71 5.59 -64.81
CA ALA R 73 -70.11 5.18 -66.07
C ALA R 73 -71.00 5.47 -67.27
N TYR R 74 -72.12 6.17 -67.01
CA TYR R 74 -73.23 6.27 -67.96
C TYR R 74 -72.77 6.67 -69.36
N THR R 75 -72.23 7.88 -69.49
CA THR R 75 -71.82 8.34 -70.81
C THR R 75 -70.45 7.76 -71.17
N THR R 76 -70.04 7.93 -72.42
CA THR R 76 -68.80 7.31 -72.87
C THR R 76 -67.57 8.00 -72.30
N ARG R 77 -67.67 9.29 -71.96
CA ARG R 77 -66.55 9.96 -71.32
C ARG R 77 -66.15 9.23 -70.04
N ARG R 78 -67.12 8.99 -69.17
CA ARG R 78 -66.84 8.27 -67.95
C ARG R 78 -66.57 6.80 -68.19
N TYR R 79 -67.19 6.21 -69.23
CA TYR R 79 -66.90 4.82 -69.52
C TYR R 79 -65.44 4.63 -69.86
N ALA R 80 -64.86 5.56 -70.61
CA ALA R 80 -63.43 5.49 -70.92
C ALA R 80 -62.59 5.64 -69.66
N THR R 81 -62.91 6.62 -68.81
CA THR R 81 -62.12 6.79 -67.60
C THR R 81 -62.26 5.58 -66.68
N CYS R 82 -63.45 4.98 -66.62
CA CYS R 82 -63.63 3.79 -65.78
C CYS R 82 -62.80 2.62 -66.30
N LEU R 83 -62.80 2.41 -67.61
CA LEU R 83 -61.96 1.36 -68.17
C LEU R 83 -60.49 1.63 -67.88
N ARG R 84 -60.09 2.90 -67.87
CA ARG R 84 -58.72 3.24 -67.54
C ARG R 84 -58.39 2.86 -66.10
N ASP R 85 -59.33 3.06 -65.18
CA ASP R 85 -59.10 2.64 -63.80
C ASP R 85 -58.93 1.13 -63.71
N MET R 86 -59.73 0.38 -64.45
CA MET R 86 -59.54 -1.06 -64.51
C MET R 86 -58.14 -1.40 -65.00
N ASP R 87 -57.68 -0.69 -66.03
CA ASP R 87 -56.33 -0.91 -66.53
C ASP R 87 -55.28 -0.54 -65.48
N TYR R 88 -55.50 0.54 -64.73
CA TYR R 88 -54.61 0.89 -63.64
C TYR R 88 -54.46 -0.26 -62.66
N TYR R 89 -55.58 -0.81 -62.21
CA TYR R 89 -55.54 -1.86 -61.21
C TYR R 89 -54.79 -3.08 -61.72
N LEU R 90 -55.07 -3.49 -62.95
CA LEU R 90 -54.38 -4.65 -63.50
C LEU R 90 -52.89 -4.39 -63.65
N ARG R 91 -52.52 -3.19 -64.10
CA ARG R 91 -51.11 -2.87 -64.31
C ARG R 91 -50.35 -2.89 -63.00
N TYR R 92 -50.88 -2.19 -61.98
CA TYR R 92 -50.19 -2.16 -60.70
C TYR R 92 -50.24 -3.50 -59.98
N ALA R 93 -51.31 -4.27 -60.19
CA ALA R 93 -51.37 -5.60 -59.58
C ALA R 93 -50.38 -6.55 -60.22
N SER R 94 -50.16 -6.42 -61.53
CA SER R 94 -49.10 -7.21 -62.16
C SER R 94 -47.73 -6.80 -61.65
N TYR R 95 -47.52 -5.50 -61.45
CA TYR R 95 -46.30 -5.05 -60.78
C TYR R 95 -46.18 -5.67 -59.41
N ALA R 96 -47.30 -5.76 -58.68
CA ALA R 96 -47.27 -6.32 -57.33
C ALA R 96 -47.03 -7.83 -57.35
N ILE R 97 -47.51 -8.51 -58.39
CA ILE R 97 -47.24 -9.95 -58.51
C ILE R 97 -45.77 -10.19 -58.79
N VAL R 98 -45.17 -9.38 -59.66
CA VAL R 98 -43.73 -9.46 -59.89
C VAL R 98 -42.98 -9.17 -58.61
N ALA R 99 -43.39 -8.10 -57.90
CA ALA R 99 -42.68 -7.69 -56.70
C ALA R 99 -42.80 -8.71 -55.59
N GLY R 100 -43.94 -9.38 -55.49
CA GLY R 100 -44.18 -10.28 -54.38
C GLY R 100 -44.55 -9.61 -53.09
N ASP R 101 -44.83 -8.30 -53.12
CA ASP R 101 -45.19 -7.55 -51.94
C ASP R 101 -46.21 -6.48 -52.33
N VAL R 102 -47.12 -6.17 -51.41
CA VAL R 102 -48.24 -5.30 -51.73
C VAL R 102 -47.90 -3.85 -51.40
N ASP R 103 -46.63 -3.58 -51.09
CA ASP R 103 -46.23 -2.20 -50.84
C ASP R 103 -46.36 -1.35 -52.09
N VAL R 104 -46.14 -1.93 -53.26
CA VAL R 104 -46.32 -1.20 -54.51
C VAL R 104 -47.75 -0.71 -54.63
N LEU R 105 -48.71 -1.61 -54.38
CA LEU R 105 -50.12 -1.22 -54.40
C LEU R 105 -50.41 -0.16 -53.35
N ASN R 106 -49.87 -0.33 -52.16
CA ASN R 106 -50.17 0.61 -51.08
C ASN R 106 -49.67 2.01 -51.41
N GLU R 107 -48.43 2.12 -51.88
CA GLU R 107 -47.82 3.43 -52.04
C GLU R 107 -48.34 4.16 -53.27
N ARG R 108 -48.61 3.44 -54.37
CA ARG R 108 -48.91 4.13 -55.61
C ARG R 108 -50.38 4.11 -56.02
N VAL R 109 -51.18 3.17 -55.53
CA VAL R 109 -52.59 3.05 -55.92
C VAL R 109 -53.51 3.43 -54.76
N LEU R 110 -53.40 2.73 -53.64
CA LEU R 110 -54.43 2.83 -52.61
C LEU R 110 -54.35 4.14 -51.83
N GLU R 111 -53.17 4.72 -51.71
CA GLU R 111 -53.02 5.92 -50.90
C GLU R 111 -53.72 7.09 -51.56
N GLY R 112 -54.70 7.68 -50.86
CA GLY R 112 -55.48 8.77 -51.38
C GLY R 112 -56.61 8.37 -52.29
N LEU R 113 -56.78 7.08 -52.56
CA LEU R 113 -57.78 6.63 -53.52
C LEU R 113 -59.18 6.97 -53.07
N ARG R 114 -59.49 6.75 -51.79
CA ARG R 114 -60.83 7.05 -51.29
C ARG R 114 -61.12 8.54 -51.35
N GLU R 115 -60.16 9.38 -50.97
CA GLU R 115 -60.34 10.82 -51.09
C GLU R 115 -60.67 11.20 -52.52
N THR R 116 -59.89 10.69 -53.47
CA THR R 116 -60.10 11.03 -54.87
C THR R 116 -61.48 10.58 -55.34
N TYR R 117 -61.90 9.37 -54.93
CA TYR R 117 -63.17 8.85 -55.39
C TYR R 117 -64.34 9.60 -54.77
N ASN R 118 -64.22 9.97 -53.49
CA ASN R 118 -65.29 10.75 -52.86
C ASN R 118 -65.42 12.13 -53.50
N SER R 119 -64.30 12.77 -53.82
CA SER R 119 -64.34 14.10 -54.42
C SER R 119 -64.89 14.04 -55.84
N LEU R 120 -64.38 13.11 -56.66
CA LEU R 120 -64.87 12.99 -58.02
C LEU R 120 -66.26 12.38 -58.10
N GLY R 121 -66.75 11.80 -57.02
CA GLY R 121 -68.04 11.15 -57.03
C GLY R 121 -68.01 9.69 -57.44
N VAL R 122 -66.84 9.13 -57.72
CA VAL R 122 -66.75 7.74 -58.16
C VAL R 122 -67.25 6.81 -57.05
N PRO R 123 -68.09 5.82 -57.34
CA PRO R 123 -68.56 4.91 -56.29
C PRO R 123 -67.53 3.84 -56.01
N ILE R 124 -67.22 3.63 -54.73
CA ILE R 124 -66.11 2.78 -54.36
C ILE R 124 -66.52 1.31 -54.35
N GLY R 125 -67.74 1.00 -53.93
CA GLY R 125 -68.21 -0.36 -53.86
C GLY R 125 -68.19 -1.09 -55.19
N PRO R 126 -68.74 -0.48 -56.24
CA PRO R 126 -68.62 -1.08 -57.57
C PRO R 126 -67.18 -1.28 -58.00
N THR R 127 -66.30 -0.35 -57.65
CA THR R 127 -64.89 -0.49 -58.01
C THR R 127 -64.26 -1.68 -57.31
N VAL R 128 -64.61 -1.89 -56.04
CA VAL R 128 -64.13 -3.07 -55.32
C VAL R 128 -64.60 -4.34 -56.02
N ARG R 129 -65.86 -4.38 -56.43
CA ARG R 129 -66.37 -5.54 -57.13
C ARG R 129 -65.65 -5.75 -58.45
N GLY R 130 -65.35 -4.66 -59.17
CA GLY R 130 -64.62 -4.79 -60.41
C GLY R 130 -63.23 -5.36 -60.22
N ILE R 131 -62.54 -4.94 -59.16
CA ILE R 131 -61.24 -5.50 -58.86
C ILE R 131 -61.36 -6.99 -58.55
N GLN R 132 -62.40 -7.38 -57.81
CA GLN R 132 -62.60 -8.79 -57.51
C GLN R 132 -62.85 -9.59 -58.78
N ILE R 133 -63.61 -9.02 -59.73
CA ILE R 133 -63.88 -9.71 -60.99
C ILE R 133 -62.58 -9.88 -61.77
N MET R 134 -61.72 -8.87 -61.76
CA MET R 134 -60.40 -9.04 -62.35
C MET R 134 -59.64 -10.15 -61.67
N LYS R 135 -59.75 -10.24 -60.35
CA LYS R 135 -59.03 -11.28 -59.61
C LYS R 135 -59.43 -12.67 -60.09
N GLU R 136 -60.74 -12.90 -60.23
CA GLU R 136 -61.20 -14.22 -60.66
C GLU R 136 -60.79 -14.51 -62.09
N ILE R 137 -60.93 -13.53 -63.00
CA ILE R 137 -60.53 -13.74 -64.38
C ILE R 137 -59.04 -14.04 -64.48
N VAL R 138 -58.24 -13.26 -63.76
CA VAL R 138 -56.79 -13.43 -63.80
C VAL R 138 -56.38 -14.78 -63.24
N ARG R 139 -57.00 -15.20 -62.14
CA ARG R 139 -56.68 -16.50 -61.57
C ARG R 139 -57.02 -17.62 -62.55
N ASP R 140 -58.17 -17.51 -63.22
CA ASP R 140 -58.51 -18.50 -64.24
C ASP R 140 -57.45 -18.54 -65.33
N ARG R 141 -57.00 -17.37 -65.81
CA ARG R 141 -56.06 -17.34 -66.92
C ARG R 141 -54.72 -17.92 -66.53
N VAL R 142 -54.19 -17.57 -65.36
CA VAL R 142 -52.89 -18.11 -64.96
C VAL R 142 -52.99 -19.60 -64.67
N ALA R 143 -54.11 -20.04 -64.10
CA ALA R 143 -54.30 -21.47 -63.86
C ALA R 143 -54.33 -22.23 -65.18
N ALA R 144 -54.99 -21.66 -66.20
CA ALA R 144 -54.96 -22.28 -67.52
C ALA R 144 -53.54 -22.27 -68.09
N ALA R 145 -52.80 -21.18 -67.87
CA ALA R 145 -51.43 -21.10 -68.36
C ALA R 145 -50.51 -22.11 -67.69
N GLY R 146 -50.86 -22.59 -66.51
CA GLY R 146 -50.08 -23.62 -65.86
C GLY R 146 -49.44 -23.22 -64.55
N ILE R 147 -49.83 -22.07 -63.99
CA ILE R 147 -49.31 -21.63 -62.70
C ILE R 147 -50.10 -22.35 -61.61
N GLU R 148 -49.44 -23.24 -60.87
CA GLU R 148 -50.17 -24.10 -59.94
C GLU R 148 -50.65 -23.32 -58.72
N ASP R 149 -49.85 -22.40 -58.20
CA ASP R 149 -50.21 -21.65 -56.99
C ASP R 149 -50.71 -20.27 -57.41
N THR R 150 -52.02 -20.11 -57.42
CA THR R 150 -52.65 -18.83 -57.70
C THR R 150 -52.75 -17.93 -56.48
N GLY R 151 -52.20 -18.36 -55.34
CA GLY R 151 -52.13 -17.49 -54.19
C GLY R 151 -51.30 -16.25 -54.45
N ILE R 152 -50.28 -16.38 -55.30
CA ILE R 152 -49.45 -15.23 -55.63
C ILE R 152 -50.23 -14.21 -56.44
N VAL R 153 -51.14 -14.67 -57.30
CA VAL R 153 -51.83 -13.75 -58.20
C VAL R 153 -53.08 -13.16 -57.56
N GLU R 154 -53.74 -13.87 -56.64
CA GLU R 154 -54.96 -13.34 -56.08
C GLU R 154 -54.69 -12.38 -54.92
N GLN R 155 -53.64 -12.60 -54.15
CA GLN R 155 -53.42 -11.79 -52.95
C GLN R 155 -53.27 -10.29 -53.24
N PRO R 156 -52.61 -9.83 -54.31
CA PRO R 156 -52.56 -8.37 -54.53
C PRO R 156 -53.93 -7.77 -54.76
N PHE R 157 -54.76 -8.42 -55.57
CA PHE R 157 -56.12 -7.93 -55.78
C PHE R 157 -56.90 -7.92 -54.47
N ASP R 158 -56.73 -8.95 -53.65
CA ASP R 158 -57.42 -9.00 -52.36
C ASP R 158 -57.00 -7.85 -51.47
N TYR R 159 -55.71 -7.52 -51.45
CA TYR R 159 -55.26 -6.40 -50.64
C TYR R 159 -55.86 -5.09 -51.14
N MET R 160 -55.91 -4.91 -52.46
CA MET R 160 -56.53 -3.71 -53.00
C MET R 160 -58.00 -3.62 -52.56
N CYS R 161 -58.71 -4.74 -52.63
CA CYS R 161 -60.11 -4.75 -52.20
C CYS R 161 -60.26 -4.41 -50.73
N ARG R 162 -59.41 -4.98 -49.87
CA ARG R 162 -59.54 -4.75 -48.45
C ARG R 162 -59.26 -3.29 -48.11
N GLN R 163 -58.19 -2.72 -48.65
CA GLN R 163 -57.87 -1.34 -48.37
C GLN R 163 -58.91 -0.38 -48.95
N LEU R 164 -59.39 -0.68 -50.16
CA LEU R 164 -60.34 0.22 -50.81
C LEU R 164 -61.73 0.13 -50.16
N SER R 165 -62.07 -1.02 -49.58
CA SER R 165 -63.39 -1.18 -48.98
C SER R 165 -63.42 -0.56 -47.59
N GLU R 166 -64.65 -0.35 -47.11
CA GLU R 166 -64.87 0.11 -45.75
C GLU R 166 -64.76 -1.08 -44.80
N VAL R 167 -65.17 -0.90 -43.55
CA VAL R 167 -64.97 -1.95 -42.55
C VAL R 167 -66.16 -2.90 -42.49
N ASN R 168 -67.39 -2.39 -42.40
CA ASN R 168 -68.60 -3.23 -42.35
C ASN R 168 -68.46 -4.36 -41.33
N ILE R 169 -67.73 -4.12 -40.24
CA ILE R 169 -67.18 -5.20 -39.40
C ILE R 169 -68.14 -6.38 -39.20
N ARG S 2 -90.76 17.43 -6.93
CA ARG S 2 -90.87 16.34 -5.96
C ARG S 2 -89.52 15.66 -5.76
N MET S 3 -88.91 15.91 -4.60
CA MET S 3 -87.65 15.30 -4.21
C MET S 3 -87.88 14.44 -2.98
N PHE S 4 -87.38 13.21 -3.01
CA PHE S 4 -87.59 12.27 -1.92
C PHE S 4 -86.34 12.20 -1.06
N LYS S 5 -86.52 12.40 0.24
CA LYS S 5 -85.43 12.33 1.21
C LYS S 5 -85.52 11.02 1.98
N ILE S 6 -84.43 10.26 2.01
CA ILE S 6 -84.40 8.95 2.63
C ILE S 6 -83.13 8.80 3.43
N THR S 7 -83.23 8.07 4.55
CA THR S 7 -82.09 7.75 5.40
C THR S 7 -81.78 6.26 5.24
N ALA S 8 -80.55 5.96 4.83
CA ALA S 8 -80.11 4.60 4.54
C ALA S 8 -78.83 4.31 5.30
N CYS S 9 -78.86 3.25 6.13
CA CYS S 9 -77.64 2.72 6.72
C CYS S 9 -77.01 1.79 5.70
N VAL S 10 -76.34 2.38 4.73
CA VAL S 10 -75.81 1.62 3.59
C VAL S 10 -74.91 0.51 4.10
N PRO S 11 -75.08 -0.72 3.64
CA PRO S 11 -74.25 -1.82 4.18
C PRO S 11 -72.78 -1.55 3.94
N SER S 12 -71.96 -1.95 4.90
CA SER S 12 -70.54 -1.66 4.87
C SER S 12 -69.91 -2.18 3.58
N GLN S 13 -69.26 -1.28 2.85
CA GLN S 13 -68.54 -1.67 1.64
C GLN S 13 -67.15 -2.21 1.95
N THR S 14 -66.69 -2.09 3.21
CA THR S 14 -65.36 -2.52 3.63
C THR S 14 -64.27 -1.89 2.78
N ARG S 15 -64.52 -0.66 2.31
CA ARG S 15 -63.60 0.05 1.44
C ARG S 15 -62.72 1.05 2.17
N ILE S 16 -62.74 1.03 3.50
CA ILE S 16 -62.03 2.02 4.31
C ILE S 16 -60.87 1.34 5.01
N ARG S 17 -59.66 1.80 4.71
CA ARG S 17 -58.46 1.51 5.49
C ARG S 17 -57.90 2.85 5.94
N THR S 18 -57.80 3.05 7.26
CA THR S 18 -57.74 4.39 7.81
C THR S 18 -58.89 5.18 7.19
N GLN S 19 -58.58 6.24 6.45
CA GLN S 19 -59.56 7.02 5.68
C GLN S 19 -60.75 7.33 6.58
N ARG S 20 -61.98 7.06 6.17
CA ARG S 20 -63.16 7.16 7.02
C ARG S 20 -64.35 6.56 6.27
N GLU S 21 -65.17 5.78 6.97
CA GLU S 21 -66.35 5.19 6.37
C GLU S 21 -67.65 5.53 7.10
N LEU S 22 -67.60 6.34 8.17
CA LEU S 22 -68.81 6.66 8.91
C LEU S 22 -69.80 7.44 8.06
N GLN S 23 -69.31 8.42 7.30
CA GLN S 23 -70.19 9.23 6.46
C GLN S 23 -70.90 8.38 5.41
N ASN S 24 -70.17 7.45 4.78
CA ASN S 24 -70.80 6.54 3.83
C ASN S 24 -71.72 5.56 4.53
N THR S 25 -71.35 5.13 5.74
CA THR S 25 -72.11 4.08 6.43
C THR S 25 -73.53 4.52 6.73
N TYR S 26 -73.71 5.75 7.22
CA TYR S 26 -75.03 6.28 7.52
C TYR S 26 -75.26 7.51 6.66
N PHE S 27 -76.34 7.50 5.87
CA PHE S 27 -76.60 8.56 4.91
C PHE S 27 -78.02 9.09 5.07
N THR S 28 -78.14 10.41 5.23
CA THR S 28 -79.40 11.12 5.10
C THR S 28 -79.26 12.06 3.91
N LYS S 29 -80.11 11.88 2.89
CA LYS S 29 -79.92 12.56 1.62
C LYS S 29 -81.26 12.97 1.05
N LEU S 30 -81.22 13.96 0.16
CA LEU S 30 -82.37 14.39 -0.62
C LEU S 30 -82.15 13.97 -2.06
N VAL S 31 -83.10 13.23 -2.61
CA VAL S 31 -82.98 12.63 -3.94
C VAL S 31 -84.17 13.09 -4.77
N PRO S 32 -83.95 13.61 -5.99
CA PRO S 32 -85.09 13.89 -6.86
C PRO S 32 -85.86 12.62 -7.17
N TYR S 33 -87.17 12.77 -7.33
CA TYR S 33 -87.98 11.61 -7.69
C TYR S 33 -87.54 11.04 -9.03
N GLU S 34 -87.12 11.90 -9.96
CA GLU S 34 -86.62 11.41 -11.25
C GLU S 34 -85.36 10.58 -11.08
N ASN S 35 -84.46 10.99 -10.17
CA ASN S 35 -83.19 10.31 -9.96
C ASN S 35 -83.27 9.24 -8.87
N TRP S 36 -84.44 9.03 -8.28
CA TRP S 36 -84.57 8.07 -7.20
C TRP S 36 -84.30 6.65 -7.65
N PHE S 37 -84.59 6.34 -8.93
CA PHE S 37 -84.31 5.00 -9.44
C PHE S 37 -82.81 4.71 -9.42
N ARG S 38 -82.00 5.68 -9.86
CA ARG S 38 -80.55 5.51 -9.78
C ARG S 38 -80.09 5.37 -8.34
N GLU S 39 -80.70 6.12 -7.43
CA GLU S 39 -80.36 5.99 -6.01
C GLU S 39 -80.66 4.58 -5.51
N GLN S 40 -81.80 4.01 -5.92
CA GLN S 40 -82.14 2.66 -5.51
C GLN S 40 -81.14 1.65 -6.06
N GLN S 41 -80.68 1.83 -7.29
CA GLN S 41 -79.65 0.95 -7.85
C GLN S 41 -78.37 1.04 -7.03
N ARG S 42 -77.96 2.24 -6.64
CA ARG S 42 -76.78 2.40 -5.81
C ARG S 42 -76.95 1.71 -4.46
N ILE S 43 -78.16 1.80 -3.88
CA ILE S 43 -78.43 1.14 -2.62
C ILE S 43 -78.31 -0.37 -2.78
N GLN S 44 -78.72 -0.90 -3.93
CA GLN S 44 -78.56 -2.32 -4.20
C GLN S 44 -77.08 -2.72 -4.22
N LYS S 45 -76.24 -1.90 -4.85
CA LYS S 45 -74.81 -2.18 -4.84
C LYS S 45 -74.25 -2.14 -3.42
N MET S 46 -74.69 -1.17 -2.62
CA MET S 46 -74.23 -1.08 -1.24
C MET S 46 -74.66 -2.30 -0.43
N GLY S 47 -75.89 -2.77 -0.64
CA GLY S 47 -76.42 -3.89 0.10
C GLY S 47 -77.36 -3.52 1.22
N GLY S 48 -77.60 -2.24 1.46
CA GLY S 48 -78.48 -1.82 2.53
C GLY S 48 -79.63 -0.97 2.06
N LYS S 49 -80.85 -1.42 2.34
CA LYS S 49 -82.03 -0.62 2.03
C LYS S 49 -82.16 0.55 2.98
N ILE S 50 -82.78 1.62 2.49
CA ILE S 50 -82.99 2.81 3.31
C ILE S 50 -83.94 2.46 4.45
N VAL S 51 -83.55 2.80 5.68
CA VAL S 51 -84.41 2.56 6.83
C VAL S 51 -85.68 3.38 6.72
N LYS S 52 -85.57 4.65 6.32
CA LYS S 52 -86.73 5.52 6.23
C LYS S 52 -86.75 6.23 4.88
N VAL S 53 -87.92 6.29 4.25
CA VAL S 53 -88.10 6.94 2.96
C VAL S 53 -89.29 7.90 3.06
N GLU S 54 -89.09 9.14 2.62
CA GLU S 54 -90.16 10.13 2.59
C GLU S 54 -89.99 10.97 1.34
N LEU S 55 -91.07 11.65 0.96
CA LEU S 55 -91.08 12.54 -0.21
C LEU S 55 -91.46 13.93 0.24
N PHE S 56 -90.64 14.92 -0.16
CA PHE S 56 -90.87 16.30 0.29
C PHE S 56 -92.19 16.85 -0.25
N THR S 57 -92.50 16.57 -1.51
CA THR S 57 -93.73 17.08 -2.11
C THR S 57 -94.95 16.46 -1.41
N GLY S 58 -95.99 17.27 -1.24
CA GLY S 58 -97.14 16.86 -0.45
C GLY S 58 -97.94 15.74 -1.08
N LYS S 59 -98.18 15.81 -2.39
CA LYS S 59 -99.03 14.82 -3.03
C LYS S 59 -98.23 13.96 -4.00
N PRO S 60 -98.48 12.65 -4.00
CA PRO S 60 -97.61 11.77 -4.80
C PRO S 60 -97.83 11.90 -6.30
N GLY S 61 -99.07 12.00 -6.75
CA GLY S 61 -99.33 12.03 -8.17
C GLY S 61 -100.31 13.09 -8.61
N VAL S 62 -99.94 13.85 -9.64
CA VAL S 62 -100.86 14.67 -10.40
C VAL S 62 -100.75 14.23 -11.85
N ASN S 63 -101.87 13.88 -12.46
CA ASN S 63 -101.83 13.34 -13.81
C ASN S 63 -101.36 14.37 -14.84
N THR S 64 -101.29 15.65 -14.45
CA THR S 64 -101.18 16.75 -15.39
C THR S 64 -100.56 17.94 -14.69
N GLY S 65 -99.52 18.52 -15.28
CA GLY S 65 -98.90 19.70 -14.69
C GLY S 65 -98.39 19.46 -13.29
N LEU S 66 -98.04 18.22 -12.95
CA LEU S 66 -97.57 17.89 -11.62
C LEU S 66 -96.29 18.64 -11.28
N ALA S 67 -95.32 18.63 -12.21
CA ALA S 67 -94.01 19.28 -12.12
C ALA S 67 -93.62 19.82 -10.75
N SER T 2 45.65 -1.06 5.26
CA SER T 2 45.26 -2.07 4.29
C SER T 2 45.02 -1.47 2.91
N VAL T 3 45.17 -2.30 1.88
CA VAL T 3 44.83 -1.87 0.53
C VAL T 3 43.35 -1.53 0.43
N VAL T 4 42.50 -2.36 1.03
CA VAL T 4 41.07 -2.13 0.97
C VAL T 4 40.70 -0.82 1.66
N THR T 5 41.25 -0.59 2.86
CA THR T 5 40.88 0.63 3.58
C THR T 5 41.42 1.88 2.88
N LYS T 6 42.61 1.79 2.29
CA LYS T 6 43.15 2.96 1.58
C LYS T 6 42.35 3.26 0.33
N SER T 7 42.01 2.22 -0.44
CA SER T 7 41.20 2.43 -1.63
C SER T 7 39.84 3.02 -1.29
N ILE T 8 39.21 2.50 -0.24
CA ILE T 8 37.88 2.99 0.13
C ILE T 8 37.96 4.40 0.71
N VAL T 9 39.03 4.74 1.42
CA VAL T 9 39.20 6.12 1.88
C VAL T 9 39.23 7.07 0.69
N ASN T 10 40.09 6.77 -0.29
CA ASN T 10 40.21 7.66 -1.44
C ASN T 10 38.92 7.74 -2.23
N ALA T 11 38.24 6.60 -2.41
CA ALA T 11 36.97 6.61 -3.12
C ALA T 11 35.89 7.35 -2.34
N ASP T 12 35.93 7.27 -1.01
CA ASP T 12 34.96 8.02 -0.22
C ASP T 12 35.13 9.52 -0.40
N ALA T 13 36.37 9.99 -0.41
CA ALA T 13 36.62 11.40 -0.65
C ALA T 13 36.17 11.81 -2.05
N GLU T 14 36.37 10.92 -3.03
CA GLU T 14 35.92 11.20 -4.39
C GLU T 14 34.43 10.90 -4.60
N ALA T 15 33.76 10.34 -3.60
CA ALA T 15 32.33 10.03 -3.66
C ALA T 15 32.01 9.16 -4.88
N ARG T 16 32.81 8.12 -5.09
CA ARG T 16 32.62 7.21 -6.20
C ARG T 16 32.61 5.78 -5.71
N TYR T 17 31.73 4.96 -6.30
CA TYR T 17 31.89 3.52 -6.18
C TYR T 17 33.28 3.15 -6.69
N LEU T 18 33.86 2.11 -6.10
CA LEU T 18 35.27 1.81 -6.33
C LEU T 18 35.57 1.70 -7.81
N SER T 19 36.62 2.41 -8.23
CA SER T 19 37.00 2.41 -9.63
C SER T 19 37.46 1.02 -10.05
N PRO T 20 37.26 0.65 -11.32
CA PRO T 20 37.66 -0.70 -11.75
C PRO T 20 39.15 -0.98 -11.52
N GLY T 21 40.00 0.01 -11.71
CA GLY T 21 41.42 -0.18 -11.43
C GLY T 21 41.69 -0.42 -9.96
N GLU T 22 41.02 0.33 -9.07
CA GLU T 22 41.20 0.11 -7.65
C GLU T 22 40.74 -1.29 -7.25
N LEU T 23 39.63 -1.76 -7.84
CA LEU T 23 39.21 -3.13 -7.59
C LEU T 23 40.24 -4.13 -8.09
N ASP T 24 40.88 -3.83 -9.21
CA ASP T 24 41.94 -4.73 -9.71
C ASP T 24 43.10 -4.80 -8.74
N ARG T 25 43.50 -3.67 -8.16
CA ARG T 25 44.56 -3.71 -7.16
C ARG T 25 44.15 -4.54 -5.95
N ILE T 26 42.89 -4.41 -5.52
CA ILE T 26 42.39 -5.22 -4.42
C ILE T 26 42.45 -6.70 -4.78
N LYS T 27 42.15 -7.04 -6.03
CA LYS T 27 42.22 -8.43 -6.46
C LYS T 27 43.65 -8.96 -6.35
N ASN T 28 44.63 -8.18 -6.81
CA ASN T 28 46.01 -8.63 -6.76
C ASN T 28 46.51 -8.73 -5.32
N PHE T 29 46.13 -7.79 -4.47
CA PHE T 29 46.48 -7.89 -3.05
C PHE T 29 45.89 -9.15 -2.45
N VAL T 30 44.64 -9.47 -2.81
CA VAL T 30 44.00 -10.68 -2.29
C VAL T 30 44.81 -11.92 -2.67
N SER T 31 45.26 -11.99 -3.92
CA SER T 31 45.99 -13.18 -4.37
C SER T 31 47.36 -13.28 -3.72
N THR T 32 48.03 -12.14 -3.50
CA THR T 32 49.36 -12.16 -2.90
C THR T 32 49.31 -12.26 -1.38
N GLY T 33 48.12 -12.31 -0.78
CA GLY T 33 48.02 -12.33 0.67
C GLY T 33 48.72 -13.50 1.31
N GLU T 34 48.66 -14.68 0.69
CA GLU T 34 49.27 -15.86 1.29
C GLU T 34 50.78 -15.71 1.42
N ARG T 35 51.43 -15.16 0.38
CA ARG T 35 52.86 -14.88 0.47
C ARG T 35 53.14 -13.88 1.59
N ARG T 36 52.27 -12.87 1.73
CA ARG T 36 52.45 -11.90 2.82
C ARG T 36 52.35 -12.58 4.17
N LEU T 37 51.38 -13.47 4.33
CA LEU T 37 51.20 -14.16 5.61
C LEU T 37 52.41 -15.00 5.97
N ARG T 38 52.98 -15.70 4.99
CA ARG T 38 54.16 -16.51 5.25
C ARG T 38 55.35 -15.65 5.65
N ILE T 39 55.52 -14.50 4.99
CA ILE T 39 56.61 -13.60 5.35
C ILE T 39 56.44 -13.12 6.78
N ALA T 40 55.23 -12.72 7.15
CA ALA T 40 54.97 -12.31 8.53
C ALA T 40 55.21 -13.46 9.49
N GLN T 41 54.87 -14.67 9.08
CA GLN T 41 55.03 -15.83 9.94
C GLN T 41 56.50 -16.05 10.29
N THR T 42 57.38 -16.02 9.31
CA THR T 42 58.79 -16.25 9.62
C THR T 42 59.36 -15.14 10.48
N LEU T 43 58.89 -13.90 10.29
CA LEU T 43 59.38 -12.82 11.15
C LEU T 43 58.99 -13.06 12.60
N THR T 44 57.73 -13.42 12.86
CA THR T 44 57.33 -13.62 14.24
C THR T 44 57.97 -14.87 14.83
N GLU T 45 58.24 -15.89 14.00
CA GLU T 45 58.94 -17.06 14.50
C GLU T 45 60.35 -16.71 14.97
N ASN T 46 61.04 -15.85 14.23
CA ASN T 46 62.38 -15.41 14.58
C ASN T 46 62.37 -14.07 15.32
N ARG T 47 61.30 -13.79 16.06
CA ARG T 47 61.21 -12.55 16.83
C ARG T 47 62.41 -12.38 17.76
N GLU T 48 62.75 -13.44 18.50
CA GLU T 48 63.79 -13.32 19.52
C GLU T 48 65.14 -13.03 18.91
N ARG T 49 65.53 -13.79 17.89
CA ARG T 49 66.84 -13.61 17.28
C ARG T 49 66.99 -12.22 16.67
N ILE T 50 65.95 -11.74 15.98
CA ILE T 50 66.01 -10.42 15.36
C ILE T 50 66.28 -9.35 16.40
N VAL T 51 65.54 -9.39 17.51
CA VAL T 51 65.64 -8.33 18.51
C VAL T 51 67.03 -8.31 19.14
N LYS T 52 67.49 -9.47 19.62
CA LYS T 52 68.77 -9.47 20.34
C LYS T 52 69.93 -9.17 19.40
N GLN T 53 69.95 -9.79 18.22
CA GLN T 53 71.02 -9.57 17.27
C GLN T 53 71.06 -8.12 16.82
N ALA T 54 69.91 -7.57 16.43
CA ALA T 54 69.85 -6.19 15.95
C ALA T 54 70.20 -5.21 17.06
N GLY T 55 69.73 -5.46 18.28
CA GLY T 55 70.03 -4.57 19.38
C GLY T 55 71.51 -4.51 19.69
N ASP T 56 72.18 -5.66 19.66
CA ASP T 56 73.63 -5.66 19.88
C ASP T 56 74.34 -4.92 18.76
N GLN T 57 73.86 -5.07 17.51
CA GLN T 57 74.40 -4.27 16.41
C GLN T 57 74.22 -2.79 16.68
N LEU T 58 73.04 -2.39 17.15
CA LEU T 58 72.78 -0.97 17.41
C LEU T 58 73.73 -0.43 18.48
N PHE T 59 73.94 -1.19 19.55
CA PHE T 59 74.79 -0.70 20.63
C PHE T 59 76.24 -0.60 20.17
N GLN T 60 76.69 -1.53 19.32
CA GLN T 60 78.01 -1.39 18.73
C GLN T 60 78.10 -0.12 17.88
N LYS T 61 77.10 0.10 17.02
CA LYS T 61 77.10 1.28 16.17
C LYS T 61 77.06 2.56 16.99
N ARG T 62 76.31 2.55 18.09
CA ARG T 62 76.09 3.72 18.93
C ARG T 62 76.39 3.36 20.38
N PRO T 63 77.68 3.27 20.74
CA PRO T 63 78.03 2.98 22.13
C PRO T 63 77.57 4.06 23.10
N ASP T 64 77.30 5.26 22.61
CA ASP T 64 76.93 6.38 23.49
C ASP T 64 75.64 6.10 24.24
N VAL T 65 74.68 5.44 23.60
CA VAL T 65 73.36 5.28 24.22
C VAL T 65 73.45 4.35 25.43
N VAL T 66 74.30 3.31 25.35
CA VAL T 66 74.44 2.38 26.47
C VAL T 66 75.56 2.77 27.41
N SER T 67 76.30 3.83 27.11
CA SER T 67 77.31 4.34 28.02
C SER T 67 76.62 5.01 29.21
N PRO T 68 77.30 5.10 30.35
CA PRO T 68 76.80 5.96 31.42
C PRO T 68 76.71 7.40 30.92
N GLY T 69 75.67 8.09 31.35
CA GLY T 69 75.32 9.34 30.72
C GLY T 69 74.51 9.18 29.45
N GLY T 70 74.16 7.95 29.09
CA GLY T 70 73.32 7.68 27.95
C GLY T 70 71.92 7.25 28.40
N ASN T 71 71.02 7.18 27.41
CA ASN T 71 69.62 6.95 27.74
C ASN T 71 69.39 5.54 28.28
N ALA T 72 70.05 4.54 27.71
CA ALA T 72 69.74 3.15 28.01
C ALA T 72 70.65 2.53 29.06
N TYR T 73 71.62 3.28 29.59
CA TYR T 73 72.57 2.70 30.55
C TYR T 73 71.82 2.12 31.74
N GLY T 74 72.23 0.92 32.15
CA GLY T 74 71.49 0.16 33.14
C GLY T 74 70.70 -0.93 32.47
N GLU T 75 70.86 -2.17 32.96
CA GLU T 75 70.25 -3.32 32.30
C GLU T 75 68.75 -3.13 32.08
N GLU T 76 68.08 -2.52 33.06
CA GLU T 76 66.63 -2.32 32.95
C GLU T 76 66.31 -1.37 31.80
N MET T 77 66.99 -0.23 31.72
CA MET T 77 66.74 0.72 30.65
C MET T 77 67.06 0.11 29.29
N THR T 78 68.16 -0.64 29.21
CA THR T 78 68.50 -1.33 27.97
C THR T 78 67.40 -2.31 27.58
N ALA T 79 66.84 -3.02 28.56
CA ALA T 79 65.79 -3.98 28.27
C ALA T 79 64.54 -3.29 27.73
N THR T 80 64.16 -2.15 28.30
CA THR T 80 62.99 -1.45 27.78
C THR T 80 63.22 -0.94 26.37
N CYS T 81 64.43 -0.49 26.05
CA CYS T 81 64.70 -0.15 24.65
C CYS T 81 64.58 -1.37 23.76
N LEU T 82 65.08 -2.50 24.21
CA LEU T 82 64.89 -3.73 23.45
C LEU T 82 63.41 -4.01 23.25
N ARG T 83 62.59 -3.71 24.26
CA ARG T 83 61.15 -3.86 24.10
C ARG T 83 60.63 -2.97 22.98
N ASP T 84 61.10 -1.71 22.94
CA ASP T 84 60.69 -0.81 21.86
C ASP T 84 61.01 -1.40 20.50
N LEU T 85 62.18 -2.02 20.37
CA LEU T 85 62.52 -2.68 19.11
C LEU T 85 61.54 -3.81 18.81
N ASP T 86 61.16 -4.58 19.84
CA ASP T 86 60.15 -5.61 19.63
C ASP T 86 58.82 -5.00 19.19
N TYR T 87 58.44 -3.87 19.80
CA TYR T 87 57.20 -3.19 19.42
C TYR T 87 57.22 -2.83 17.94
N TYR T 88 58.32 -2.26 17.48
CA TYR T 88 58.36 -1.80 16.09
C TYR T 88 58.40 -2.96 15.11
N LEU T 89 59.08 -4.06 15.47
CA LEU T 89 58.99 -5.25 14.64
C LEU T 89 57.56 -5.75 14.56
N ARG T 90 56.84 -5.70 15.68
CA ARG T 90 55.45 -6.13 15.69
C ARG T 90 54.61 -5.28 14.74
N LEU T 91 54.81 -3.96 14.77
CA LEU T 91 54.07 -3.09 13.88
C LEU T 91 54.41 -3.39 12.42
N VAL T 92 55.68 -3.70 12.15
CA VAL T 92 56.08 -3.99 10.78
C VAL T 92 55.45 -5.29 10.28
N THR T 93 55.32 -6.29 11.16
CA THR T 93 54.62 -7.51 10.75
C THR T 93 53.17 -7.22 10.42
N TYR T 94 52.51 -6.40 11.24
CA TYR T 94 51.16 -5.96 10.93
C TYR T 94 51.10 -5.30 9.56
N GLY T 95 52.04 -4.40 9.29
CA GLY T 95 52.04 -3.68 8.03
C GLY T 95 52.25 -4.59 6.84
N ILE T 96 53.10 -5.61 6.98
CA ILE T 96 53.33 -6.55 5.90
C ILE T 96 52.04 -7.30 5.58
N VAL T 97 51.32 -7.74 6.62
CA VAL T 97 50.06 -8.42 6.37
C VAL T 97 49.04 -7.48 5.75
N ALA T 98 48.95 -6.26 6.29
CA ALA T 98 47.89 -5.34 5.85
C ALA T 98 48.09 -4.89 4.41
N GLY T 99 49.33 -4.63 4.01
CA GLY T 99 49.61 -4.18 2.66
C GLY T 99 49.84 -2.69 2.53
N ASP T 100 49.63 -1.92 3.61
CA ASP T 100 49.90 -0.49 3.63
C ASP T 100 50.53 -0.14 4.97
N VAL T 101 50.93 1.12 5.11
CA VAL T 101 51.51 1.59 6.37
C VAL T 101 50.44 2.02 7.37
N THR T 102 49.20 2.19 6.93
CA THR T 102 48.09 2.60 7.80
C THR T 102 48.15 2.02 9.21
N PRO T 103 48.24 0.69 9.41
CA PRO T 103 48.37 0.20 10.80
C PRO T 103 49.65 0.64 11.47
N ILE T 104 50.78 0.62 10.75
CA ILE T 104 52.06 0.98 11.36
C ILE T 104 51.99 2.41 11.89
N GLU T 105 51.57 3.35 11.03
CA GLU T 105 51.58 4.75 11.42
C GLU T 105 50.52 5.05 12.48
N GLU T 106 49.37 4.39 12.41
CA GLU T 106 48.35 4.66 13.43
C GLU T 106 48.81 4.19 14.81
N ILE T 107 49.31 2.96 14.89
CA ILE T 107 49.66 2.39 16.19
C ILE T 107 50.89 3.10 16.78
N GLY T 108 51.90 3.34 15.96
CA GLY T 108 53.08 4.06 16.40
C GLY T 108 53.60 4.85 15.23
N LEU T 109 54.72 5.53 15.41
CA LEU T 109 55.39 6.27 14.36
C LEU T 109 54.65 7.56 13.99
N VAL T 110 53.60 7.95 14.71
CA VAL T 110 53.01 9.25 14.39
C VAL T 110 53.60 10.31 15.30
N GLY T 111 53.25 10.28 16.59
CA GLY T 111 53.70 11.33 17.48
C GLY T 111 55.08 10.98 17.99
N VAL T 112 55.83 10.27 17.14
CA VAL T 112 57.04 9.59 17.58
C VAL T 112 58.04 10.58 18.13
N ARG T 113 58.23 11.70 17.45
CA ARG T 113 59.17 12.70 17.92
C ARG T 113 58.74 13.26 19.27
N GLU T 114 57.45 13.55 19.42
CA GLU T 114 56.98 14.11 20.69
C GLU T 114 57.20 13.13 21.84
N MET T 115 56.81 11.87 21.65
CA MET T 115 57.00 10.87 22.69
C MET T 115 58.48 10.73 23.04
N TYR T 116 59.33 10.60 22.02
CA TYR T 116 60.73 10.32 22.28
C TYR T 116 61.48 11.54 22.79
N ASN T 117 61.05 12.74 22.41
CA ASN T 117 61.62 13.93 23.02
C ASN T 117 61.33 13.98 24.51
N SER T 118 60.09 13.64 24.89
CA SER T 118 59.76 13.59 26.32
C SER T 118 60.55 12.49 27.01
N LEU T 119 60.75 11.35 26.35
CA LEU T 119 61.49 10.25 26.96
C LEU T 119 62.99 10.56 27.05
N GLY T 120 63.50 11.41 26.15
CA GLY T 120 64.91 11.76 26.14
C GLY T 120 65.76 10.98 25.17
N THR T 121 65.22 9.95 24.53
CA THR T 121 65.97 9.14 23.59
C THR T 121 66.26 9.93 22.31
N PRO T 122 67.40 9.68 21.67
CA PRO T 122 67.62 10.22 20.32
C PRO T 122 66.92 9.37 19.28
N ILE T 123 65.98 9.98 18.55
CA ILE T 123 65.19 9.26 17.56
C ILE T 123 66.06 8.76 16.39
N PRO T 124 67.15 9.43 15.99
CA PRO T 124 68.03 8.78 15.01
C PRO T 124 68.64 7.49 15.53
N ALA T 125 68.93 7.41 16.82
CA ALA T 125 69.43 6.16 17.39
C ALA T 125 68.36 5.08 17.35
N VAL T 126 67.09 5.44 17.60
CA VAL T 126 66.01 4.49 17.43
C VAL T 126 65.98 3.99 15.99
N ALA T 127 66.17 4.91 15.04
CA ALA T 127 66.17 4.52 13.62
C ALA T 127 67.30 3.55 13.32
N GLU T 128 68.46 3.76 13.92
CA GLU T 128 69.58 2.84 13.73
C GLU T 128 69.23 1.44 14.22
N GLY T 129 68.58 1.34 15.38
CA GLY T 129 68.14 0.04 15.86
C GLY T 129 67.19 -0.63 14.91
N ILE T 130 66.23 0.12 14.35
CA ILE T 130 65.29 -0.46 13.41
C ILE T 130 65.99 -0.89 12.13
N ARG T 131 67.01 -0.12 11.70
CA ARG T 131 67.80 -0.54 10.55
C ARG T 131 68.46 -1.89 10.79
N ALA T 132 69.02 -2.08 11.99
CA ALA T 132 69.64 -3.36 12.31
C ALA T 132 68.61 -4.49 12.25
N MET T 133 67.39 -4.22 12.74
CA MET T 133 66.32 -5.21 12.64
C MET T 133 66.04 -5.54 11.17
N LYS T 134 66.04 -4.52 10.31
CA LYS T 134 65.80 -4.75 8.89
C LYS T 134 66.87 -5.66 8.30
N ASN T 135 68.13 -5.45 8.68
CA ASN T 135 69.21 -6.29 8.16
C ASN T 135 69.04 -7.74 8.58
N VAL T 136 68.74 -7.97 9.86
CA VAL T 136 68.57 -9.34 10.33
C VAL T 136 67.38 -10.01 9.64
N ALA T 137 66.26 -9.28 9.51
CA ALA T 137 65.10 -9.82 8.84
C ALA T 137 65.39 -10.13 7.38
N CYS T 138 66.18 -9.28 6.73
CA CYS T 138 66.60 -9.55 5.36
C CYS T 138 67.35 -10.86 5.27
N SER T 139 68.27 -11.11 6.21
CA SER T 139 69.00 -12.36 6.21
C SER T 139 68.06 -13.56 6.39
N LEU T 140 67.02 -13.39 7.21
CA LEU T 140 66.08 -14.48 7.45
C LEU T 140 65.09 -14.67 6.32
N LEU T 141 65.01 -13.75 5.38
CA LEU T 141 64.07 -13.83 4.26
C LEU T 141 64.80 -14.11 2.95
N SER T 142 64.06 -14.63 1.98
CA SER T 142 64.58 -14.72 0.63
C SER T 142 64.65 -13.32 0.01
N ALA T 143 65.34 -13.24 -1.13
CA ALA T 143 65.58 -11.93 -1.74
C ALA T 143 64.26 -11.25 -2.11
N GLU T 144 63.31 -12.00 -2.67
CA GLU T 144 62.00 -11.44 -2.95
C GLU T 144 61.30 -11.01 -1.66
N ASP T 145 61.21 -11.94 -0.70
CA ASP T 145 60.50 -11.65 0.54
C ASP T 145 61.18 -10.51 1.30
N ALA T 146 62.51 -10.48 1.30
CA ALA T 146 63.22 -9.42 2.01
C ALA T 146 62.91 -8.05 1.42
N ALA T 147 62.69 -7.97 0.12
CA ALA T 147 62.36 -6.70 -0.51
C ALA T 147 61.01 -6.18 -0.01
N GLU T 148 60.01 -7.05 0.10
CA GLU T 148 58.69 -6.62 0.55
C GLU T 148 58.74 -6.13 1.99
N ALA T 149 59.35 -6.91 2.88
CA ALA T 149 59.45 -6.51 4.28
C ALA T 149 60.35 -5.30 4.45
N GLY T 150 61.41 -5.23 3.65
CA GLY T 150 62.35 -4.12 3.77
C GLY T 150 61.71 -2.77 3.51
N SER T 151 60.71 -2.72 2.63
CA SER T 151 60.05 -1.46 2.35
C SER T 151 59.36 -0.89 3.57
N TYR T 152 58.68 -1.75 4.33
CA TYR T 152 58.02 -1.28 5.55
C TYR T 152 59.04 -0.85 6.59
N PHE T 153 60.14 -1.60 6.73
CA PHE T 153 61.22 -1.15 7.61
C PHE T 153 61.76 0.18 7.15
N ASP T 154 61.87 0.38 5.83
CA ASP T 154 62.38 1.63 5.29
C ASP T 154 61.47 2.80 5.65
N PHE T 155 60.15 2.59 5.55
CA PHE T 155 59.23 3.64 5.94
C PHE T 155 59.42 4.01 7.41
N VAL T 156 59.58 3.00 8.26
CA VAL T 156 59.70 3.26 9.70
C VAL T 156 60.95 4.09 9.99
N ILE T 157 62.09 3.69 9.42
CA ILE T 157 63.33 4.41 9.71
C ILE T 157 63.27 5.83 9.14
N GLY T 158 62.70 5.98 7.94
CA GLY T 158 62.59 7.31 7.37
C GLY T 158 61.72 8.23 8.21
N ALA T 159 60.64 7.69 8.79
CA ALA T 159 59.80 8.51 9.66
C ALA T 159 60.52 8.85 10.95
N MET T 160 61.34 7.92 11.47
CA MET T 160 62.08 8.21 12.69
C MET T 160 63.00 9.40 12.50
N GLN T 161 63.76 9.41 11.41
CA GLN T 161 64.77 10.45 11.17
C GLN T 161 64.23 11.87 11.32
N MET U 1 38.02 4.18 10.53
CA MET U 1 37.76 3.21 9.47
C MET U 1 38.55 1.94 9.69
N GLN U 2 37.92 0.80 9.40
CA GLN U 2 38.56 -0.49 9.58
C GLN U 2 38.18 -1.44 8.45
N ASP U 3 38.98 -2.47 8.31
CA ASP U 3 38.82 -3.58 7.37
C ASP U 3 38.72 -4.86 8.20
N ALA U 4 38.48 -5.98 7.55
CA ALA U 4 38.59 -7.25 8.27
C ALA U 4 40.03 -7.49 8.70
N ILE U 5 40.98 -7.25 7.80
CA ILE U 5 42.39 -7.39 8.13
C ILE U 5 42.78 -6.39 9.21
N THR U 6 42.37 -5.14 9.05
CA THR U 6 42.72 -4.11 10.03
C THR U 6 42.12 -4.44 11.39
N ALA U 7 40.89 -4.95 11.42
CA ALA U 7 40.28 -5.33 12.69
C ALA U 7 41.05 -6.46 13.35
N VAL U 8 41.47 -7.47 12.57
CA VAL U 8 42.18 -8.60 13.13
C VAL U 8 43.51 -8.15 13.73
N ILE U 9 44.28 -7.37 12.97
CA ILE U 9 45.58 -6.94 13.47
C ILE U 9 45.41 -5.96 14.63
N ASN U 10 44.34 -5.18 14.63
CA ASN U 10 44.12 -4.25 15.73
C ASN U 10 43.76 -4.98 17.01
N ALA U 11 42.98 -6.06 16.91
CA ALA U 11 42.69 -6.87 18.09
C ALA U 11 43.97 -7.49 18.65
N SER U 12 44.79 -8.06 17.77
CA SER U 12 46.07 -8.62 18.21
C SER U 12 46.95 -7.53 18.80
N ASP U 13 46.90 -6.33 18.23
CA ASP U 13 47.69 -5.22 18.74
C ASP U 13 47.23 -4.82 20.15
N VAL U 14 45.92 -4.81 20.38
CA VAL U 14 45.42 -4.49 21.71
C VAL U 14 45.93 -5.49 22.73
N GLN U 15 45.92 -6.77 22.39
CA GLN U 15 46.50 -7.77 23.28
C GLN U 15 48.01 -7.64 23.39
N GLY U 16 48.66 -7.04 22.39
CA GLY U 16 50.10 -6.89 22.40
C GLY U 16 50.87 -8.08 21.88
N LYS U 17 50.22 -8.95 21.12
CA LYS U 17 50.85 -10.16 20.59
C LYS U 17 51.04 -10.02 19.09
N TYR U 18 52.16 -10.55 18.59
CA TYR U 18 52.28 -10.76 17.16
C TYR U 18 51.14 -11.65 16.67
N LEU U 19 50.84 -11.55 15.38
CA LEU U 19 49.70 -12.27 14.83
C LEU U 19 49.80 -13.77 15.11
N ASP U 20 48.86 -14.26 15.91
CA ASP U 20 48.79 -15.66 16.28
C ASP U 20 48.31 -16.50 15.09
N THR U 21 48.38 -17.83 15.23
CA THR U 21 47.90 -18.69 14.16
C THR U 21 46.38 -18.56 13.97
N ALA U 22 45.64 -18.33 15.06
CA ALA U 22 44.21 -18.07 14.92
C ALA U 22 43.97 -16.77 14.16
N ALA U 23 44.75 -15.73 14.48
CA ALA U 23 44.63 -14.48 13.74
C ALA U 23 44.98 -14.68 12.28
N MET U 24 46.02 -15.48 12.01
CA MET U 24 46.38 -15.79 10.62
C MET U 24 45.25 -16.51 9.91
N GLU U 25 44.54 -17.39 10.61
CA GLU U 25 43.43 -18.11 9.99
C GLU U 25 42.31 -17.14 9.61
N LYS U 26 42.00 -16.18 10.47
CA LYS U 26 41.03 -15.15 10.10
C LYS U 26 41.49 -14.39 8.86
N LEU U 27 42.74 -13.95 8.86
CA LEU U 27 43.26 -13.20 7.72
C LEU U 27 43.21 -14.01 6.45
N LYS U 28 43.58 -15.30 6.54
CA LYS U 28 43.55 -16.17 5.37
C LYS U 28 42.13 -16.33 4.84
N ALA U 29 41.15 -16.43 5.75
CA ALA U 29 39.76 -16.52 5.33
C ALA U 29 39.33 -15.27 4.57
N TYR U 30 39.70 -14.09 5.08
CA TYR U 30 39.33 -12.86 4.37
C TYR U 30 39.96 -12.82 2.99
N PHE U 31 41.22 -13.22 2.89
CA PHE U 31 41.87 -13.26 1.58
C PHE U 31 41.14 -14.21 0.64
N ALA U 32 40.71 -15.37 1.15
CA ALA U 32 39.99 -16.31 0.30
C ALA U 32 38.69 -15.71 -0.23
N THR U 33 38.04 -14.88 0.58
CA THR U 33 36.75 -14.30 0.22
C THR U 33 36.89 -12.99 -0.56
N GLY U 34 38.09 -12.44 -0.66
CA GLY U 34 38.25 -11.12 -1.27
C GLY U 34 37.79 -11.06 -2.71
N GLU U 35 38.05 -12.12 -3.49
CA GLU U 35 37.65 -12.11 -4.89
C GLU U 35 36.13 -12.03 -5.03
N LEU U 36 35.41 -12.80 -4.21
CA LEU U 36 33.96 -12.75 -4.24
C LEU U 36 33.46 -11.34 -3.92
N ARG U 37 34.08 -10.69 -2.94
CA ARG U 37 33.70 -9.31 -2.62
C ARG U 37 33.92 -8.39 -3.80
N VAL U 38 35.07 -8.52 -4.47
CA VAL U 38 35.39 -7.63 -5.59
C VAL U 38 34.37 -7.80 -6.70
N ARG U 39 33.99 -9.04 -6.99
CA ARG U 39 32.98 -9.30 -8.01
C ARG U 39 31.67 -8.59 -7.67
N ALA U 40 31.20 -8.77 -6.44
CA ALA U 40 29.91 -8.19 -6.05
C ALA U 40 29.94 -6.67 -6.16
N ALA U 41 31.05 -6.05 -5.75
CA ALA U 41 31.16 -4.61 -5.86
C ALA U 41 31.12 -4.17 -7.31
N SER U 42 31.79 -4.90 -8.20
CA SER U 42 31.75 -4.57 -9.62
C SER U 42 30.32 -4.62 -10.14
N VAL U 43 29.51 -5.54 -9.63
CA VAL U 43 28.15 -5.67 -10.13
C VAL U 43 27.30 -4.48 -9.71
N ILE U 44 27.24 -4.21 -8.39
CA ILE U 44 26.30 -3.18 -7.96
C ILE U 44 26.77 -1.78 -8.31
N SER U 45 28.07 -1.57 -8.49
CA SER U 45 28.53 -0.26 -8.95
C SER U 45 27.97 0.06 -10.32
N ALA U 46 27.90 -0.94 -11.19
CA ALA U 46 27.33 -0.74 -12.52
C ALA U 46 25.83 -0.51 -12.46
N ASN U 47 25.14 -1.16 -11.53
CA ASN U 47 23.69 -1.11 -11.45
C ASN U 47 23.20 -0.21 -10.32
N ALA U 48 24.04 0.70 -9.82
CA ALA U 48 23.65 1.51 -8.67
C ALA U 48 22.40 2.33 -8.96
N ALA U 49 22.37 2.97 -10.13
CA ALA U 49 21.21 3.78 -10.50
C ALA U 49 19.96 2.92 -10.61
N ASN U 50 20.08 1.74 -11.20
CA ASN U 50 18.93 0.86 -11.35
C ASN U 50 18.41 0.38 -9.99
N ILE U 51 19.32 0.08 -9.07
CA ILE U 51 18.91 -0.36 -7.74
C ILE U 51 18.10 0.71 -7.04
N VAL U 52 18.59 1.95 -7.10
CA VAL U 52 17.87 3.06 -6.49
C VAL U 52 16.52 3.26 -7.17
N LYS U 53 16.49 3.20 -8.50
CA LYS U 53 15.26 3.41 -9.23
C LYS U 53 14.21 2.39 -8.84
N GLU U 54 14.58 1.11 -8.82
CA GLU U 54 13.62 0.06 -8.49
C GLU U 54 13.12 0.18 -7.06
N ALA U 55 14.03 0.46 -6.12
CA ALA U 55 13.60 0.58 -4.73
C ALA U 55 12.64 1.74 -4.53
N VAL U 56 12.95 2.89 -5.13
CA VAL U 56 12.07 4.05 -5.04
C VAL U 56 10.70 3.72 -5.60
N ALA U 57 10.68 3.09 -6.78
CA ALA U 57 9.41 2.75 -7.41
C ALA U 57 8.61 1.76 -6.57
N LYS U 58 9.30 0.79 -5.98
CA LYS U 58 8.59 -0.27 -5.25
C LYS U 58 7.99 0.24 -3.95
N SER U 59 8.64 1.16 -3.26
CA SER U 59 8.18 1.55 -1.93
C SER U 59 7.85 3.02 -1.77
N LEU U 60 8.53 3.92 -2.47
CA LEU U 60 8.43 5.35 -2.18
C LEU U 60 7.50 6.11 -3.11
N LEU U 61 7.02 5.51 -4.19
CA LEU U 61 6.28 6.25 -5.19
C LEU U 61 4.79 5.96 -5.12
N TYR U 62 4.01 6.86 -5.72
CA TYR U 62 2.56 6.75 -5.77
C TYR U 62 1.96 6.61 -4.37
N SER U 63 2.55 7.33 -3.43
CA SER U 63 2.08 7.38 -2.05
C SER U 63 2.08 8.84 -1.61
N ASP U 64 1.53 9.08 -0.43
CA ASP U 64 1.43 10.45 0.06
C ASP U 64 2.80 11.09 0.27
N ILE U 65 3.85 10.29 0.48
CA ILE U 65 5.17 10.83 0.74
C ILE U 65 5.67 11.65 -0.44
N THR U 66 5.31 11.26 -1.66
CA THR U 66 5.77 11.94 -2.86
C THR U 66 4.65 12.72 -3.55
N ARG U 67 3.65 13.13 -2.79
CA ARG U 67 2.57 13.98 -3.22
C ARG U 67 2.46 15.12 -2.22
N PRO U 68 1.83 16.27 -2.62
CA PRO U 68 2.03 17.53 -1.89
C PRO U 68 2.07 17.44 -0.37
N GLY U 69 3.15 17.95 0.21
CA GLY U 69 3.33 17.93 1.65
C GLY U 69 3.76 16.59 2.22
N GLY U 70 4.56 15.83 1.49
CA GLY U 70 4.91 14.49 1.93
C GLY U 70 6.35 14.21 2.28
N MET U 72 8.80 13.99 0.32
CA MET U 72 9.48 13.66 -0.92
C MET U 72 8.91 14.50 -2.05
N TYR U 73 7.73 15.04 -1.83
CA TYR U 73 7.20 16.06 -2.72
C TYR U 73 8.15 17.25 -2.73
N THR U 74 8.14 17.99 -3.85
CA THR U 74 9.11 19.02 -4.22
C THR U 74 10.34 18.38 -4.85
N THR U 75 10.77 18.90 -5.99
CA THR U 75 11.87 18.27 -6.71
C THR U 75 13.16 18.30 -5.90
N ARG U 76 13.37 19.34 -5.10
CA ARG U 76 14.56 19.38 -4.26
C ARG U 76 14.59 18.20 -3.30
N ARG U 77 13.45 17.90 -2.67
CA ARG U 77 13.41 16.80 -1.73
C ARG U 77 13.47 15.45 -2.43
N TYR U 78 12.88 15.32 -3.61
CA TYR U 78 13.00 14.08 -4.35
C TYR U 78 14.45 13.81 -4.72
N ALA U 79 15.17 14.84 -5.17
CA ALA U 79 16.59 14.67 -5.45
C ALA U 79 17.35 14.28 -4.20
N ALA U 80 17.02 14.91 -3.08
CA ALA U 80 17.70 14.57 -1.83
C ALA U 80 17.41 13.13 -1.42
N CYS U 81 16.17 12.67 -1.61
CA CYS U 81 15.86 11.30 -1.19
C CYS U 81 16.62 10.28 -2.02
N ILE U 82 16.63 10.44 -3.34
CA ILE U 82 17.37 9.47 -4.15
C ILE U 82 18.87 9.59 -3.90
N ARG U 83 19.35 10.80 -3.58
CA ARG U 83 20.77 10.94 -3.24
C ARG U 83 21.10 10.19 -1.96
N ASP U 84 20.22 10.24 -0.96
CA ASP U 84 20.46 9.48 0.26
C ASP U 84 20.47 7.99 -0.02
N LEU U 85 19.59 7.53 -0.92
CA LEU U 85 19.59 6.11 -1.25
C LEU U 85 20.90 5.69 -1.93
N ASP U 86 21.43 6.52 -2.83
CA ASP U 86 22.73 6.18 -3.40
C ASP U 86 23.83 6.25 -2.34
N TYR U 87 23.72 7.19 -1.40
CA TYR U 87 24.64 7.20 -0.27
C TYR U 87 24.63 5.86 0.45
N TYR U 88 23.45 5.37 0.79
CA TYR U 88 23.34 4.12 1.53
C TYR U 88 23.91 2.96 0.73
N LEU U 89 23.61 2.88 -0.56
CA LEU U 89 24.12 1.78 -1.37
C LEU U 89 25.63 1.86 -1.52
N ARG U 90 26.16 3.06 -1.72
CA ARG U 90 27.61 3.20 -1.88
C ARG U 90 28.36 2.81 -0.62
N TYR U 91 27.89 3.26 0.54
CA TYR U 91 28.57 2.89 1.77
C TYR U 91 28.34 1.42 2.11
N ALA U 92 27.19 0.86 1.74
CA ALA U 92 26.96 -0.55 1.96
C ALA U 92 27.95 -1.39 1.17
N THR U 93 28.24 -0.99 -0.07
CA THR U 93 29.21 -1.76 -0.84
C THR U 93 30.64 -1.50 -0.36
N TYR U 94 30.92 -0.32 0.19
CA TYR U 94 32.20 -0.11 0.86
C TYR U 94 32.36 -1.09 2.00
N ALA U 95 31.31 -1.22 2.83
CA ALA U 95 31.37 -2.14 3.96
C ALA U 95 31.48 -3.58 3.50
N MET U 96 30.80 -3.93 2.41
CA MET U 96 30.91 -5.28 1.88
C MET U 96 32.32 -5.58 1.40
N LEU U 97 32.92 -4.63 0.68
CA LEU U 97 34.30 -4.82 0.23
C LEU U 97 35.25 -4.93 1.41
N ALA U 98 35.05 -4.12 2.43
CA ALA U 98 35.92 -4.17 3.59
C ALA U 98 35.71 -5.44 4.41
N GLY U 99 34.50 -5.97 4.43
CA GLY U 99 34.20 -7.07 5.31
C GLY U 99 34.04 -6.67 6.76
N ASP U 100 33.73 -5.40 7.03
CA ASP U 100 33.61 -4.87 8.37
C ASP U 100 32.53 -3.80 8.37
N PRO U 101 31.70 -3.74 9.41
CA PRO U 101 30.66 -2.69 9.48
C PRO U 101 31.11 -1.40 10.14
N SER U 102 32.39 -1.31 10.52
CA SER U 102 32.90 -0.10 11.14
C SER U 102 32.72 1.12 10.24
N ILE U 103 32.81 0.92 8.92
CA ILE U 103 32.56 2.01 7.99
C ILE U 103 31.17 2.59 8.20
N LEU U 104 30.17 1.72 8.27
CA LEU U 104 28.79 2.18 8.39
C LEU U 104 28.59 2.95 9.69
N ASP U 105 29.10 2.42 10.80
CA ASP U 105 28.86 3.09 12.07
C ASP U 105 29.65 4.38 12.17
N GLU U 106 30.89 4.38 11.70
CA GLU U 106 31.72 5.59 11.78
C GLU U 106 31.19 6.68 10.86
N ARG U 107 30.87 6.33 9.62
CA ARG U 107 30.38 7.35 8.68
C ARG U 107 28.87 7.40 8.70
N VAL U 108 28.21 6.37 8.16
CA VAL U 108 26.79 6.52 7.78
C VAL U 108 25.94 6.90 8.97
N LEU U 109 26.10 6.18 10.09
CA LEU U 109 25.15 6.22 11.19
C LEU U 109 25.62 7.07 12.36
N ASN U 110 26.46 8.07 12.13
CA ASN U 110 26.85 8.97 13.21
C ASN U 110 25.89 10.14 13.20
N GLY U 111 24.87 10.08 14.06
CA GLY U 111 23.90 11.15 14.13
C GLY U 111 22.91 11.19 13.00
N LEU U 112 22.91 10.19 12.12
CA LEU U 112 21.94 10.15 11.03
C LEU U 112 20.52 10.17 11.58
N LYS U 113 20.28 9.43 12.66
CA LYS U 113 19.06 9.53 13.44
C LYS U 113 18.70 10.97 13.70
N GLU U 114 19.63 11.72 14.29
CA GLU U 114 19.35 13.09 14.71
C GLU U 114 19.04 13.99 13.51
N THR U 115 19.80 13.85 12.43
CA THR U 115 19.55 14.69 11.25
C THR U 115 18.16 14.45 10.71
N TYR U 116 17.76 13.18 10.57
CA TYR U 116 16.45 12.89 10.01
C TYR U 116 15.34 13.40 10.92
N ASN U 117 15.50 13.26 12.24
CA ASN U 117 14.51 13.81 13.15
C ASN U 117 14.40 15.33 12.99
N SER U 118 15.54 16.01 12.87
CA SER U 118 15.50 17.46 12.67
C SER U 118 14.81 17.80 11.35
N LEU U 119 15.23 17.15 10.26
CA LEU U 119 14.72 17.48 8.93
C LEU U 119 13.24 17.17 8.80
N GLY U 120 12.72 16.26 9.60
CA GLY U 120 11.37 15.77 9.39
C GLY U 120 11.27 14.58 8.48
N VAL U 121 12.41 14.02 8.06
CA VAL U 121 12.40 12.83 7.21
C VAL U 121 11.77 11.68 7.97
N PRO U 122 10.87 10.91 7.37
CA PRO U 122 10.34 9.73 8.05
C PRO U 122 11.35 8.58 8.09
N ILE U 123 11.83 8.28 9.29
CA ILE U 123 12.79 7.19 9.46
C ILE U 123 12.22 5.89 8.92
N ALA U 124 10.94 5.62 9.20
CA ALA U 124 10.33 4.38 8.77
C ALA U 124 10.30 4.26 7.25
N ALA U 125 10.01 5.36 6.56
CA ALA U 125 9.99 5.32 5.11
C ALA U 125 11.38 5.09 4.53
N THR U 126 12.41 5.70 5.13
CA THR U 126 13.77 5.43 4.67
C THR U 126 14.14 3.97 4.89
N VAL U 127 13.73 3.40 6.03
CA VAL U 127 14.03 2.01 6.32
C VAL U 127 13.34 1.09 5.33
N GLN U 128 12.08 1.40 4.99
CA GLN U 128 11.40 0.63 3.95
C GLN U 128 12.13 0.73 2.63
N ALA U 129 12.60 1.93 2.27
CA ALA U 129 13.27 2.13 0.99
C ALA U 129 14.56 1.33 0.92
N ILE U 130 15.38 1.38 1.96
CA ILE U 130 16.63 0.63 1.90
C ILE U 130 16.39 -0.86 2.05
N GLN U 131 15.27 -1.26 2.65
CA GLN U 131 14.88 -2.67 2.60
C GLN U 131 14.63 -3.10 1.16
N ALA U 132 13.95 -2.26 0.39
CA ALA U 132 13.74 -2.57 -1.03
C ALA U 132 15.06 -2.59 -1.78
N MET U 133 15.97 -1.67 -1.47
CA MET U 133 17.31 -1.72 -2.04
C MET U 133 17.98 -3.05 -1.73
N LYS U 134 17.82 -3.53 -0.49
CA LYS U 134 18.44 -4.79 -0.10
C LYS U 134 17.92 -5.93 -0.97
N GLU U 135 16.62 -5.97 -1.21
CA GLU U 135 16.05 -7.03 -2.05
C GLU U 135 16.63 -6.99 -3.45
N VAL U 136 16.69 -5.80 -4.06
CA VAL U 136 17.17 -5.69 -5.43
C VAL U 136 18.65 -6.04 -5.51
N THR U 137 19.46 -5.48 -4.60
CA THR U 137 20.90 -5.72 -4.68
C THR U 137 21.25 -7.17 -4.36
N ALA U 138 20.50 -7.82 -3.47
CA ALA U 138 20.74 -9.23 -3.21
C ALA U 138 20.51 -10.06 -4.45
N SER U 139 19.42 -9.76 -5.17
CA SER U 139 19.15 -10.49 -6.40
C SER U 139 20.26 -10.30 -7.43
N LEU U 140 20.79 -9.08 -7.53
CA LEU U 140 21.83 -8.81 -8.51
C LEU U 140 23.13 -9.52 -8.17
N VAL U 141 23.59 -9.42 -6.92
CA VAL U 141 24.90 -9.99 -6.57
C VAL U 141 24.87 -11.48 -6.31
N GLY U 142 23.68 -12.08 -6.19
CA GLY U 142 23.57 -13.48 -5.87
C GLY U 142 23.32 -13.71 -4.39
N ALA U 143 23.04 -14.97 -4.06
CA ALA U 143 22.61 -15.31 -2.71
C ALA U 143 23.72 -15.10 -1.70
N ASP U 144 24.91 -15.65 -1.96
CA ASP U 144 25.99 -15.58 -0.97
C ASP U 144 26.49 -14.16 -0.78
N ALA U 145 26.64 -13.41 -1.88
CA ALA U 145 27.01 -12.01 -1.74
C ALA U 145 25.84 -11.18 -1.23
N GLY U 146 24.61 -11.59 -1.55
CA GLY U 146 23.44 -10.85 -1.11
C GLY U 146 23.28 -10.88 0.40
N LYS U 147 23.49 -12.04 1.01
CA LYS U 147 23.47 -12.14 2.46
C LYS U 147 24.61 -11.39 3.11
N GLU U 148 25.63 -11.00 2.34
CA GLU U 148 26.65 -10.10 2.86
C GLU U 148 26.22 -8.65 2.69
N MET U 149 25.66 -8.27 1.55
CA MET U 149 25.06 -6.95 1.43
C MET U 149 23.88 -6.80 2.36
N GLY U 150 23.15 -7.89 2.62
CA GLY U 150 21.98 -7.81 3.47
C GLY U 150 22.28 -7.39 4.89
N ILE U 151 23.35 -7.93 5.48
CA ILE U 151 23.66 -7.60 6.87
C ILE U 151 24.02 -6.12 6.99
N TYR U 152 24.74 -5.59 6.01
CA TYR U 152 25.13 -4.18 6.09
C TYR U 152 23.93 -3.27 5.87
N PHE U 153 23.03 -3.65 4.97
CA PHE U 153 21.79 -2.89 4.81
C PHE U 153 20.96 -2.92 6.08
N ASP U 154 20.87 -4.08 6.73
CA ASP U 154 20.10 -4.17 7.97
C ASP U 154 20.77 -3.41 9.10
N TYR U 155 22.10 -3.36 9.11
CA TYR U 155 22.80 -2.53 10.08
C TYR U 155 22.41 -1.06 9.92
N ILE U 156 22.34 -0.59 8.68
CA ILE U 156 21.87 0.77 8.42
C ILE U 156 20.44 0.95 8.89
N CYS U 157 19.58 -0.03 8.62
CA CYS U 157 18.19 0.04 9.08
C CYS U 157 18.12 0.19 10.59
N SER U 158 18.91 -0.62 11.31
CA SER U 158 18.88 -0.57 12.77
C SER U 158 19.37 0.77 13.28
N GLY U 159 20.41 1.32 12.67
CA GLY U 159 20.87 2.64 13.07
C GLY U 159 19.81 3.70 12.87
N LEU U 160 19.11 3.66 11.73
CA LEU U 160 18.03 4.60 11.50
C LEU U 160 16.92 4.43 12.53
N SER U 161 16.56 3.20 12.83
CA SER U 161 15.50 2.92 13.79
C SER U 161 16.04 2.91 15.23
N SER V 2 8.51 35.85 -3.12
CA SER V 2 7.91 37.12 -3.56
C SER V 2 8.93 38.25 -3.52
N VAL V 3 8.56 39.39 -4.11
CA VAL V 3 9.44 40.55 -4.12
C VAL V 3 9.67 41.05 -2.71
N VAL V 4 8.61 41.06 -1.89
CA VAL V 4 8.72 41.58 -0.52
C VAL V 4 9.72 40.75 0.27
N THR V 5 9.60 39.43 0.20
CA THR V 5 10.51 38.59 0.98
C THR V 5 11.93 38.64 0.45
N LYS V 6 12.11 38.77 -0.87
CA LYS V 6 13.46 38.92 -1.39
C LYS V 6 14.09 40.21 -0.91
N SER V 7 13.34 41.31 -0.94
CA SER V 7 13.87 42.59 -0.47
C SER V 7 14.25 42.52 1.00
N ILE V 8 13.40 41.91 1.82
CA ILE V 8 13.68 41.79 3.25
C ILE V 8 14.92 40.95 3.47
N VAL V 9 15.07 39.86 2.72
CA VAL V 9 16.25 39.01 2.88
C VAL V 9 17.51 39.76 2.53
N ASN V 10 17.51 40.43 1.36
CA ASN V 10 18.68 41.17 0.93
C ASN V 10 19.05 42.28 1.89
N ALA V 11 18.04 42.91 2.51
CA ALA V 11 18.31 43.97 3.46
C ALA V 11 18.77 43.44 4.82
N ASP V 12 18.23 42.30 5.24
CA ASP V 12 18.64 41.73 6.53
C ASP V 12 20.09 41.31 6.51
N ALA V 13 20.56 40.80 5.36
CA ALA V 13 21.96 40.38 5.27
C ALA V 13 22.91 41.55 5.46
N GLU V 14 22.59 42.70 4.88
CA GLU V 14 23.39 43.90 5.05
C GLU V 14 23.00 44.69 6.29
N ALA V 15 22.04 44.20 7.07
CA ALA V 15 21.60 44.84 8.32
C ALA V 15 21.16 46.28 8.07
N ARG V 16 20.41 46.48 6.99
CA ARG V 16 19.96 47.79 6.57
C ARG V 16 18.44 47.79 6.51
N TYR V 17 17.81 48.78 7.14
CA TYR V 17 16.39 48.99 6.91
C TYR V 17 16.15 49.14 5.42
N LEU V 18 14.97 48.72 4.96
CA LEU V 18 14.66 48.77 3.54
C LEU V 18 14.92 50.15 2.97
N SER V 19 15.85 50.22 2.02
CA SER V 19 16.15 51.48 1.37
C SER V 19 14.97 51.90 0.49
N PRO V 20 14.86 53.19 0.18
CA PRO V 20 13.76 53.63 -0.70
C PRO V 20 13.78 52.94 -2.05
N GLY V 21 14.95 52.55 -2.54
CA GLY V 21 15.02 51.82 -3.79
C GLY V 21 14.27 50.49 -3.74
N GLU V 22 14.30 49.82 -2.58
CA GLU V 22 13.54 48.59 -2.43
C GLU V 22 12.09 48.87 -2.08
N LEU V 23 11.84 49.92 -1.29
CA LEU V 23 10.48 50.21 -0.85
C LEU V 23 9.59 50.55 -2.04
N ASP V 24 10.12 51.28 -3.02
CA ASP V 24 9.31 51.55 -4.21
C ASP V 24 9.04 50.29 -5.01
N ARG V 25 10.01 49.36 -5.05
CA ARG V 25 9.80 48.10 -5.75
C ARG V 25 8.61 47.35 -5.17
N ILE V 26 8.57 47.21 -3.85
CA ILE V 26 7.45 46.49 -3.25
C ILE V 26 6.16 47.28 -3.43
N LYS V 27 6.24 48.61 -3.45
CA LYS V 27 5.03 49.41 -3.69
C LYS V 27 4.48 49.15 -5.09
N ASN V 28 5.38 49.07 -6.09
CA ASN V 28 4.95 48.75 -7.45
C ASN V 28 4.24 47.40 -7.49
N PHE V 29 4.88 46.38 -6.91
CA PHE V 29 4.29 45.04 -6.90
C PHE V 29 2.93 45.06 -6.22
N VAL V 30 2.81 45.79 -5.11
CA VAL V 30 1.54 45.91 -4.42
C VAL V 30 0.48 46.49 -5.35
N SER V 31 0.84 47.54 -6.10
CA SER V 31 -0.13 48.21 -6.95
C SER V 31 -0.67 47.29 -8.04
N THR V 32 0.20 46.49 -8.64
CA THR V 32 -0.23 45.60 -9.72
C THR V 32 -0.76 44.27 -9.21
N GLY V 33 -0.90 44.13 -7.89
CA GLY V 33 -1.37 42.87 -7.32
C GLY V 33 -2.73 42.43 -7.84
N GLU V 34 -3.65 43.38 -8.05
CA GLU V 34 -4.99 43.00 -8.50
C GLU V 34 -4.93 42.34 -9.88
N ARG V 35 -4.14 42.90 -10.79
CA ARG V 35 -3.98 42.27 -12.11
C ARG V 35 -3.37 40.89 -11.98
N ARG V 36 -2.36 40.74 -11.12
CA ARG V 36 -1.73 39.44 -10.93
C ARG V 36 -2.73 38.41 -10.43
N LEU V 37 -3.55 38.79 -9.45
CA LEU V 37 -4.57 37.89 -8.93
C LEU V 37 -5.58 37.52 -10.00
N ARG V 38 -5.91 38.47 -10.87
CA ARG V 38 -6.84 38.18 -11.95
C ARG V 38 -6.28 37.14 -12.92
N ILE V 39 -5.01 37.27 -13.27
CA ILE V 39 -4.39 36.31 -14.17
C ILE V 39 -4.40 34.93 -13.54
N ALA V 40 -4.01 34.83 -12.27
CA ALA V 40 -4.01 33.54 -11.59
C ALA V 40 -5.40 32.97 -11.48
N GLN V 41 -6.40 33.82 -11.23
CA GLN V 41 -7.77 33.33 -11.14
C GLN V 41 -8.23 32.73 -12.45
N THR V 42 -7.88 33.37 -13.57
CA THR V 42 -8.23 32.80 -14.87
C THR V 42 -7.57 31.45 -15.05
N LEU V 43 -6.29 31.33 -14.71
CA LEU V 43 -5.58 30.07 -14.89
C LEU V 43 -6.20 28.96 -14.04
N THR V 44 -6.53 29.24 -12.79
CA THR V 44 -7.09 28.20 -11.95
C THR V 44 -8.51 27.84 -12.37
N GLU V 45 -9.28 28.80 -12.87
CA GLU V 45 -10.59 28.48 -13.42
C GLU V 45 -10.47 27.44 -14.52
N ASN V 46 -9.59 27.71 -15.49
CA ASN V 46 -9.42 26.82 -16.63
C ASN V 46 -8.27 25.85 -16.43
N ARG V 47 -8.01 25.46 -15.18
CA ARG V 47 -7.02 24.44 -14.88
C ARG V 47 -7.17 23.21 -15.77
N GLU V 48 -8.37 22.63 -15.78
CA GLU V 48 -8.56 21.33 -16.40
C GLU V 48 -8.50 21.42 -17.92
N ARG V 49 -9.01 22.51 -18.51
CA ARG V 49 -8.91 22.67 -19.95
C ARG V 49 -7.47 22.85 -20.40
N ILE V 50 -6.71 23.69 -19.70
CA ILE V 50 -5.32 23.92 -20.06
C ILE V 50 -4.54 22.63 -20.04
N VAL V 51 -4.65 21.87 -18.95
CA VAL V 51 -3.89 20.63 -18.82
C VAL V 51 -4.31 19.63 -19.89
N LYS V 52 -5.62 19.47 -20.09
CA LYS V 52 -6.10 18.46 -21.03
C LYS V 52 -5.59 18.74 -22.44
N GLN V 53 -5.86 19.93 -22.97
CA GLN V 53 -5.54 20.16 -24.37
C GLN V 53 -4.04 20.38 -24.58
N ALA V 54 -3.34 20.95 -23.60
CA ALA V 54 -1.89 21.06 -23.73
C ALA V 54 -1.24 19.68 -23.73
N GLY V 55 -1.74 18.77 -22.90
CA GLY V 55 -1.25 17.40 -22.92
C GLY V 55 -1.50 16.73 -24.26
N ASP V 56 -2.67 16.99 -24.85
CA ASP V 56 -2.94 16.44 -26.17
C ASP V 56 -1.97 16.98 -27.21
N GLN V 57 -1.64 18.27 -27.14
CA GLN V 57 -0.64 18.84 -28.03
C GLN V 57 0.71 18.19 -27.81
N LEU V 58 1.10 18.01 -26.55
CA LEU V 58 2.39 17.39 -26.25
C LEU V 58 2.48 15.99 -26.83
N PHE V 59 1.43 15.20 -26.66
CA PHE V 59 1.43 13.84 -27.18
C PHE V 59 1.42 13.84 -28.70
N GLN V 60 0.80 14.84 -29.32
CA GLN V 60 0.82 14.94 -30.77
C GLN V 60 2.24 15.24 -31.28
N LYS V 61 2.96 16.12 -30.59
CA LYS V 61 4.32 16.45 -31.00
C LYS V 61 5.33 15.40 -30.57
N ARG V 62 5.02 14.59 -29.56
CA ARG V 62 5.90 13.52 -29.09
C ARG V 62 5.09 12.23 -28.98
N PRO V 63 4.73 11.62 -30.12
CA PRO V 63 4.00 10.35 -30.05
C PRO V 63 4.79 9.25 -29.37
N ASP V 64 6.13 9.34 -29.38
CA ASP V 64 6.94 8.34 -28.71
C ASP V 64 6.65 8.30 -27.21
N VAL V 65 6.23 9.43 -26.64
CA VAL V 65 6.02 9.50 -25.20
C VAL V 65 4.82 8.67 -24.77
N VAL V 66 3.76 8.65 -25.59
CA VAL V 66 2.58 7.86 -25.29
C VAL V 66 2.56 6.54 -26.05
N SER V 67 3.53 6.32 -26.92
CA SER V 67 3.64 5.04 -27.59
C SER V 67 4.09 3.97 -26.59
N PRO V 68 3.83 2.70 -26.90
CA PRO V 68 4.31 1.63 -26.01
C PRO V 68 5.82 1.68 -25.86
N GLY V 69 6.27 1.41 -24.64
CA GLY V 69 7.66 1.59 -24.29
C GLY V 69 8.03 3.00 -23.90
N GLY V 70 7.15 3.97 -24.12
CA GLY V 70 7.38 5.31 -23.64
C GLY V 70 7.12 5.44 -22.16
N ASN V 71 7.63 6.53 -21.58
CA ASN V 71 7.48 6.74 -20.15
C ASN V 71 6.00 6.80 -19.75
N ALA V 72 5.22 7.61 -20.45
CA ALA V 72 3.81 7.77 -20.15
C ALA V 72 2.98 6.91 -21.11
N TYR V 73 3.06 5.61 -20.91
CA TYR V 73 2.30 4.65 -21.70
C TYR V 73 1.22 4.00 -20.84
N GLY V 74 -0.01 4.04 -21.32
CA GLY V 74 -1.13 3.47 -20.59
C GLY V 74 -1.95 4.53 -19.88
N GLU V 75 -3.11 4.09 -19.38
CA GLU V 75 -4.07 5.02 -18.81
C GLU V 75 -3.50 5.73 -17.58
N GLU V 76 -2.98 4.97 -16.61
CA GLU V 76 -2.49 5.60 -15.40
C GLU V 76 -1.21 6.38 -15.65
N MET V 77 -0.31 5.86 -16.49
CA MET V 77 0.95 6.56 -16.73
C MET V 77 0.72 7.89 -17.41
N THR V 78 -0.14 7.94 -18.42
CA THR V 78 -0.43 9.23 -19.06
C THR V 78 -1.07 10.18 -18.07
N ALA V 79 -1.85 9.67 -17.12
CA ALA V 79 -2.45 10.55 -16.12
C ALA V 79 -1.40 11.13 -15.18
N THR V 80 -0.35 10.36 -14.84
CA THR V 80 0.72 10.94 -14.04
C THR V 80 1.48 12.00 -14.82
N CYS V 81 1.69 11.80 -16.12
CA CYS V 81 2.35 12.83 -16.91
C CYS V 81 1.54 14.11 -16.91
N LEU V 82 0.22 13.99 -17.10
CA LEU V 82 -0.63 15.17 -17.03
C LEU V 82 -0.67 15.75 -15.63
N ARG V 83 -0.51 14.90 -14.60
CA ARG V 83 -0.46 15.41 -13.24
C ARG V 83 0.76 16.30 -13.03
N ASP V 84 1.90 15.92 -13.61
CA ASP V 84 3.07 16.78 -13.52
C ASP V 84 2.81 18.12 -14.20
N LEU V 85 2.18 18.10 -15.38
CA LEU V 85 1.81 19.36 -16.02
C LEU V 85 0.89 20.18 -15.13
N ASP V 86 -0.05 19.51 -14.46
CA ASP V 86 -0.94 20.20 -13.53
C ASP V 86 -0.16 20.82 -12.38
N TYR V 87 0.84 20.09 -11.86
CA TYR V 87 1.66 20.64 -10.79
C TYR V 87 2.37 21.90 -11.25
N TYR V 88 2.91 21.90 -12.47
CA TYR V 88 3.63 23.07 -12.95
C TYR V 88 2.69 24.25 -13.19
N LEU V 89 1.48 23.99 -13.65
CA LEU V 89 0.49 25.06 -13.77
C LEU V 89 0.22 25.67 -12.40
N ARG V 90 0.05 24.82 -11.39
CA ARG V 90 -0.19 25.31 -10.04
C ARG V 90 0.98 26.16 -9.55
N LEU V 91 2.21 25.71 -9.81
CA LEU V 91 3.37 26.50 -9.43
C LEU V 91 3.40 27.82 -10.18
N VAL V 92 2.96 27.82 -11.44
CA VAL V 92 2.96 29.05 -12.23
C VAL V 92 1.98 30.06 -11.63
N THR V 93 0.80 29.61 -11.21
CA THR V 93 -0.13 30.52 -10.57
C THR V 93 0.44 31.07 -9.27
N TYR V 94 1.11 30.22 -8.50
CA TYR V 94 1.80 30.69 -7.29
C TYR V 94 2.81 31.77 -7.64
N GLY V 95 3.61 31.53 -8.69
CA GLY V 95 4.61 32.51 -9.06
C GLY V 95 4.01 33.82 -9.54
N ILE V 96 2.89 33.74 -10.25
CA ILE V 96 2.23 34.95 -10.76
C ILE V 96 1.77 35.83 -9.60
N VAL V 97 1.08 35.24 -8.62
CA VAL V 97 0.61 36.06 -7.50
C VAL V 97 1.78 36.49 -6.64
N ALA V 98 2.83 35.68 -6.54
CA ALA V 98 3.98 36.06 -5.73
C ALA V 98 4.73 37.23 -6.34
N GLY V 99 4.71 37.36 -7.66
CA GLY V 99 5.41 38.42 -8.33
C GLY V 99 6.87 38.16 -8.61
N ASP V 100 7.38 36.98 -8.25
CA ASP V 100 8.72 36.57 -8.65
C ASP V 100 8.69 35.06 -8.89
N VAL V 101 9.84 34.50 -9.25
CA VAL V 101 9.94 33.10 -9.61
C VAL V 101 10.43 32.24 -8.45
N THR V 102 10.55 32.83 -7.26
CA THR V 102 11.06 32.07 -6.11
C THR V 102 10.19 30.86 -5.76
N PRO V 103 8.86 30.96 -5.66
CA PRO V 103 8.08 29.75 -5.36
C PRO V 103 8.22 28.68 -6.42
N ILE V 104 8.22 29.05 -7.69
CA ILE V 104 8.41 28.06 -8.75
C ILE V 104 9.76 27.39 -8.62
N GLU V 105 10.81 28.19 -8.41
CA GLU V 105 12.16 27.64 -8.33
C GLU V 105 12.29 26.64 -7.20
N GLU V 106 11.88 27.03 -5.99
CA GLU V 106 12.09 26.17 -4.84
C GLU V 106 11.21 24.92 -4.90
N ILE V 107 9.93 25.10 -5.24
CA ILE V 107 9.02 23.96 -5.18
C ILE V 107 9.30 22.96 -6.30
N GLY V 108 9.70 23.43 -7.48
CA GLY V 108 9.78 22.50 -8.58
C GLY V 108 10.86 22.62 -9.64
N LEU V 109 11.92 23.40 -9.42
CA LEU V 109 12.98 23.47 -10.41
C LEU V 109 14.38 23.24 -9.85
N VAL V 110 14.52 22.96 -8.56
CA VAL V 110 15.81 22.63 -7.98
C VAL V 110 15.96 21.11 -8.03
N GLY V 111 16.85 20.63 -8.90
CA GLY V 111 17.02 19.20 -9.07
C GLY V 111 15.97 18.54 -9.92
N VAL V 112 15.27 19.30 -10.78
CA VAL V 112 14.25 18.72 -11.64
C VAL V 112 14.86 17.68 -12.57
N ARG V 113 16.08 17.94 -13.05
CA ARG V 113 16.76 16.99 -13.92
C ARG V 113 17.09 15.70 -13.17
N GLU V 114 17.55 15.82 -11.91
CA GLU V 114 17.86 14.63 -11.13
C GLU V 114 16.63 13.79 -10.90
N MET V 115 15.50 14.43 -10.53
CA MET V 115 14.27 13.68 -10.31
C MET V 115 13.83 12.97 -11.58
N TYR V 116 13.79 13.69 -12.70
CA TYR V 116 13.28 13.10 -13.93
C TYR V 116 14.20 12.02 -14.47
N ASN V 117 15.51 12.15 -14.27
CA ASN V 117 16.41 11.09 -14.72
C ASN V 117 16.29 9.86 -13.84
N SER V 118 16.00 10.03 -12.55
CA SER V 118 15.68 8.88 -11.72
C SER V 118 14.42 8.20 -12.20
N LEU V 119 13.40 8.98 -12.57
CA LEU V 119 12.17 8.41 -13.08
C LEU V 119 12.33 7.79 -14.46
N GLY V 120 13.34 8.21 -15.22
CA GLY V 120 13.48 7.80 -16.60
C GLY V 120 12.76 8.67 -17.59
N THR V 121 12.13 9.74 -17.15
CA THR V 121 11.36 10.65 -17.99
C THR V 121 12.29 11.56 -18.80
N PRO V 122 11.90 11.92 -20.02
CA PRO V 122 12.69 12.89 -20.81
C PRO V 122 12.37 14.33 -20.42
N ILE V 123 13.40 15.04 -19.94
CA ILE V 123 13.22 16.45 -19.59
C ILE V 123 12.81 17.32 -20.78
N PRO V 124 13.35 17.15 -22.00
CA PRO V 124 12.89 18.04 -23.08
C PRO V 124 11.43 17.86 -23.40
N ALA V 125 10.90 16.65 -23.27
CA ALA V 125 9.47 16.44 -23.53
C ALA V 125 8.61 17.09 -22.47
N VAL V 126 9.05 17.08 -21.21
CA VAL V 126 8.35 17.85 -20.19
C VAL V 126 8.36 19.32 -20.55
N ALA V 127 9.48 19.81 -21.07
CA ALA V 127 9.58 21.21 -21.47
C ALA V 127 8.57 21.54 -22.57
N GLU V 128 8.42 20.63 -23.54
CA GLU V 128 7.46 20.90 -24.61
C GLU V 128 6.03 20.88 -24.10
N GLY V 129 5.74 20.02 -23.12
CA GLY V 129 4.42 20.04 -22.52
C GLY V 129 4.12 21.37 -21.86
N ILE V 130 5.09 21.92 -21.13
CA ILE V 130 4.89 23.22 -20.51
C ILE V 130 4.77 24.32 -21.56
N ARG V 131 5.48 24.17 -22.68
CA ARG V 131 5.31 25.13 -23.77
C ARG V 131 3.87 25.12 -24.29
N ALA V 132 3.30 23.93 -24.46
CA ALA V 132 1.91 23.83 -24.90
C ALA V 132 0.98 24.48 -23.89
N MET V 133 1.24 24.28 -22.60
CA MET V 133 0.45 24.95 -21.57
C MET V 133 0.56 26.46 -21.70
N LYS V 134 1.76 26.97 -21.98
CA LYS V 134 1.93 28.41 -22.12
C LYS V 134 1.09 28.94 -23.28
N ASN V 135 1.06 28.23 -24.40
CA ASN V 135 0.26 28.67 -25.53
C ASN V 135 -1.22 28.72 -25.18
N VAL V 136 -1.72 27.67 -24.52
CA VAL V 136 -3.13 27.62 -24.17
C VAL V 136 -3.47 28.72 -23.17
N ALA V 137 -2.62 28.91 -22.16
CA ALA V 137 -2.87 29.93 -21.15
C ALA V 137 -2.87 31.33 -21.77
N CYS V 138 -1.94 31.59 -22.68
CA CYS V 138 -1.92 32.87 -23.36
C CYS V 138 -3.20 33.09 -24.16
N SER V 139 -3.73 32.03 -24.77
CA SER V 139 -4.99 32.15 -25.48
C SER V 139 -6.13 32.51 -24.53
N LEU V 140 -6.04 32.09 -23.28
CA LEU V 140 -7.08 32.42 -22.30
C LEU V 140 -6.85 33.76 -21.62
N LEU V 141 -5.74 34.44 -21.90
CA LEU V 141 -5.47 35.74 -21.32
C LEU V 141 -5.46 36.82 -22.41
N SER V 142 -5.62 38.06 -21.98
CA SER V 142 -5.42 39.20 -22.87
C SER V 142 -3.93 39.39 -23.11
N ALA V 143 -3.60 40.22 -24.11
CA ALA V 143 -2.23 40.30 -24.60
C ALA V 143 -1.26 40.73 -23.51
N GLU V 144 -1.62 41.79 -22.76
CA GLU V 144 -0.77 42.22 -21.65
C GLU V 144 -0.74 41.17 -20.54
N ASP V 145 -1.91 40.63 -20.18
CA ASP V 145 -1.96 39.60 -19.16
C ASP V 145 -1.19 38.36 -19.58
N ALA V 146 -1.31 37.98 -20.85
CA ALA V 146 -0.66 36.77 -21.34
C ALA V 146 0.87 36.90 -21.28
N ALA V 147 1.40 38.04 -21.69
CA ALA V 147 2.85 38.20 -21.73
C ALA V 147 3.43 38.30 -20.32
N GLU V 148 2.67 38.81 -19.36
CA GLU V 148 3.14 38.87 -17.99
C GLU V 148 3.27 37.47 -17.39
N ALA V 149 2.30 36.60 -17.66
CA ALA V 149 2.35 35.22 -17.18
C ALA V 149 3.28 34.35 -18.02
N GLY V 150 3.37 34.64 -19.32
CA GLY V 150 4.20 33.83 -20.19
C GLY V 150 5.66 33.81 -19.78
N SER V 151 6.11 34.85 -19.07
CA SER V 151 7.48 34.87 -18.59
C SER V 151 7.72 33.82 -17.52
N TYR V 152 6.75 33.61 -16.63
CA TYR V 152 6.87 32.54 -15.66
C TYR V 152 6.90 31.18 -16.35
N PHE V 153 6.04 30.98 -17.34
CA PHE V 153 6.14 29.77 -18.16
C PHE V 153 7.51 29.66 -18.80
N ASP V 154 8.04 30.80 -19.28
CA ASP V 154 9.34 30.78 -19.96
C ASP V 154 10.45 30.38 -19.00
N PHE V 155 10.39 30.86 -17.76
CA PHE V 155 11.38 30.44 -16.77
C PHE V 155 11.32 28.94 -16.55
N VAL V 156 10.11 28.38 -16.47
CA VAL V 156 9.97 26.95 -16.23
C VAL V 156 10.57 26.14 -17.37
N ILE V 157 10.26 26.51 -18.62
CA ILE V 157 10.79 25.75 -19.74
C ILE V 157 12.30 25.91 -19.83
N GLY V 158 12.81 27.11 -19.55
CA GLY V 158 14.24 27.33 -19.57
C GLY V 158 14.97 26.45 -18.57
N ALA V 159 14.41 26.30 -17.38
CA ALA V 159 15.01 25.40 -16.40
C ALA V 159 14.89 23.94 -16.83
N MET V 160 13.79 23.58 -17.50
CA MET V 160 13.63 22.21 -17.96
C MET V 160 14.73 21.82 -18.93
N GLN V 161 15.06 22.72 -19.86
CA GLN V 161 16.06 22.43 -20.89
C GLN V 161 17.40 22.04 -20.30
N MET W 1 12.07 32.42 6.59
CA MET W 1 11.34 33.68 6.47
C MET W 1 10.17 33.55 5.50
N GLN W 2 9.05 34.19 5.84
CA GLN W 2 7.87 34.21 5.00
C GLN W 2 7.26 35.60 5.02
N ASP W 3 6.31 35.83 4.12
CA ASP W 3 5.44 36.98 4.13
C ASP W 3 4.00 36.50 3.98
N ALA W 4 3.06 37.44 3.86
CA ALA W 4 1.67 37.05 3.76
C ALA W 4 1.41 36.25 2.49
N ILE W 5 1.93 36.73 1.36
CA ILE W 5 1.72 36.04 0.09
C ILE W 5 2.41 34.68 0.09
N THR W 6 3.66 34.64 0.57
CA THR W 6 4.38 33.38 0.62
C THR W 6 3.69 32.38 1.54
N ALA W 7 3.19 32.85 2.68
CA ALA W 7 2.47 31.96 3.59
C ALA W 7 1.21 31.41 2.94
N VAL W 8 0.46 32.26 2.24
CA VAL W 8 -0.77 31.78 1.60
C VAL W 8 -0.46 30.74 0.55
N ILE W 9 0.51 31.02 -0.33
CA ILE W 9 0.80 30.06 -1.39
C ILE W 9 1.43 28.80 -0.83
N ASN W 10 2.23 28.91 0.25
CA ASN W 10 2.81 27.72 0.85
C ASN W 10 1.73 26.83 1.47
N ALA W 11 0.75 27.43 2.14
CA ALA W 11 -0.33 26.63 2.69
C ALA W 11 -1.12 25.94 1.59
N SER W 12 -1.41 26.66 0.51
CA SER W 12 -2.11 26.05 -0.62
C SER W 12 -1.27 24.95 -1.25
N ASP W 13 0.04 25.14 -1.30
CA ASP W 13 0.93 24.13 -1.86
C ASP W 13 0.94 22.88 -0.99
N VAL W 14 0.94 23.04 0.33
CA VAL W 14 0.92 21.89 1.22
C VAL W 14 -0.33 21.07 0.99
N GLN W 15 -1.47 21.72 0.80
CA GLN W 15 -2.72 21.01 0.54
C GLN W 15 -2.92 20.70 -0.93
N GLY W 16 -1.93 20.99 -1.77
CA GLY W 16 -1.96 20.55 -3.16
C GLY W 16 -3.11 21.10 -3.97
N LYS W 17 -3.46 22.36 -3.73
CA LYS W 17 -4.61 22.98 -4.35
C LYS W 17 -4.19 24.31 -4.97
N TYR W 18 -4.79 24.63 -6.11
CA TYR W 18 -4.67 25.98 -6.63
C TYR W 18 -5.24 26.97 -5.62
N LEU W 19 -4.86 28.23 -5.76
CA LEU W 19 -5.27 29.24 -4.79
C LEU W 19 -6.78 29.32 -4.70
N ASP W 20 -7.30 29.10 -3.49
CA ASP W 20 -8.72 29.11 -3.20
C ASP W 20 -9.28 30.53 -3.36
N THR W 21 -10.61 30.65 -3.26
CA THR W 21 -11.18 31.98 -3.18
C THR W 21 -10.88 32.62 -1.83
N ALA W 22 -10.84 31.83 -0.75
CA ALA W 22 -10.43 32.37 0.54
C ALA W 22 -8.95 32.76 0.55
N ALA W 23 -8.11 31.94 -0.09
CA ALA W 23 -6.72 32.32 -0.24
C ALA W 23 -6.57 33.59 -1.06
N MET W 24 -7.35 33.72 -2.14
CA MET W 24 -7.35 34.95 -2.90
C MET W 24 -7.80 36.13 -2.04
N GLU W 25 -8.74 35.89 -1.12
CA GLU W 25 -9.16 36.92 -0.19
C GLU W 25 -7.97 37.43 0.62
N LYS W 26 -7.22 36.52 1.25
CA LYS W 26 -6.09 36.93 2.07
C LYS W 26 -5.07 37.70 1.24
N LEU W 27 -4.81 37.24 0.02
CA LEU W 27 -3.87 37.95 -0.86
C LEU W 27 -4.37 39.36 -1.16
N LYS W 28 -5.66 39.51 -1.46
CA LYS W 28 -6.21 40.83 -1.72
C LYS W 28 -6.07 41.74 -0.49
N ALA W 29 -6.38 41.21 0.68
CA ALA W 29 -6.30 42.02 1.90
C ALA W 29 -4.89 42.51 2.14
N TYR W 30 -3.89 41.66 1.93
CA TYR W 30 -2.51 42.09 2.06
C TYR W 30 -2.18 43.18 1.06
N PHE W 31 -2.64 43.03 -0.19
CA PHE W 31 -2.37 44.05 -1.19
C PHE W 31 -3.05 45.37 -0.85
N ALA W 32 -4.26 45.31 -0.28
CA ALA W 32 -4.96 46.52 0.10
C ALA W 32 -4.22 47.27 1.20
N THR W 33 -3.65 46.55 2.16
CA THR W 33 -2.91 47.15 3.27
C THR W 33 -1.44 47.39 2.94
N GLY W 34 -0.97 46.92 1.78
CA GLY W 34 0.46 46.95 1.50
C GLY W 34 1.04 48.34 1.41
N GLU W 35 0.35 49.26 0.73
CA GLU W 35 0.91 50.60 0.57
C GLU W 35 1.03 51.30 1.91
N LEU W 36 0.06 51.07 2.81
CA LEU W 36 0.15 51.60 4.16
C LEU W 36 1.39 51.06 4.86
N ARG W 37 1.66 49.76 4.70
CA ARG W 37 2.85 49.17 5.29
C ARG W 37 4.12 49.83 4.78
N VAL W 38 4.19 50.09 3.47
CA VAL W 38 5.39 50.67 2.89
C VAL W 38 5.65 52.06 3.47
N ARG W 39 4.58 52.87 3.56
CA ARG W 39 4.74 54.22 4.09
C ARG W 39 5.23 54.20 5.53
N ALA W 40 4.66 53.32 6.35
CA ALA W 40 5.09 53.23 7.74
C ALA W 40 6.55 52.81 7.85
N ALA W 41 6.99 51.88 7.01
CA ALA W 41 8.38 51.47 7.03
C ALA W 41 9.31 52.62 6.73
N SER W 42 8.96 53.45 5.75
CA SER W 42 9.78 54.62 5.45
C SER W 42 9.88 55.53 6.66
N VAL W 43 8.78 55.72 7.38
CA VAL W 43 8.79 56.65 8.51
C VAL W 43 9.74 56.18 9.60
N ILE W 44 9.62 54.91 10.02
CA ILE W 44 10.47 54.50 11.14
C ILE W 44 11.88 54.16 10.72
N SER W 45 12.14 53.95 9.43
CA SER W 45 13.52 53.88 8.98
C SER W 45 14.24 55.20 9.22
N ALA W 46 13.55 56.31 8.94
CA ALA W 46 14.15 57.63 9.16
C ALA W 46 14.35 57.91 10.64
N ASN W 47 13.41 57.49 11.48
CA ASN W 47 13.42 57.83 12.90
C ASN W 47 13.84 56.68 13.79
N ALA W 48 14.56 55.69 13.25
CA ALA W 48 14.88 54.51 14.03
C ALA W 48 15.70 54.87 15.27
N ALA W 49 16.76 55.65 15.10
CA ALA W 49 17.58 56.04 16.24
C ALA W 49 16.79 56.87 17.23
N ASN W 50 15.93 57.75 16.74
CA ASN W 50 15.13 58.59 17.63
C ASN W 50 14.14 57.76 18.44
N ILE W 51 13.53 56.75 17.82
CA ILE W 51 12.60 55.89 18.55
C ILE W 51 13.33 55.17 19.68
N VAL W 52 14.50 54.61 19.38
CA VAL W 52 15.29 53.95 20.42
C VAL W 52 15.66 54.96 21.50
N LYS W 53 16.07 56.16 21.10
CA LYS W 53 16.45 57.20 22.06
C LYS W 53 15.33 57.48 23.04
N GLU W 54 14.12 57.73 22.52
CA GLU W 54 13.00 58.07 23.40
C GLU W 54 12.66 56.92 24.32
N ALA W 55 12.58 55.70 23.78
CA ALA W 55 12.18 54.56 24.59
C ALA W 55 13.18 54.30 25.71
N VAL W 56 14.48 54.38 25.40
CA VAL W 56 15.50 54.21 26.43
C VAL W 56 15.32 55.25 27.53
N ALA W 57 15.08 56.51 27.14
CA ALA W 57 14.89 57.55 28.13
C ALA W 57 13.63 57.31 28.95
N LYS W 58 12.57 56.81 28.33
CA LYS W 58 11.27 56.75 28.98
C LYS W 58 11.12 55.56 29.92
N SER W 59 11.93 54.52 29.80
CA SER W 59 11.86 53.44 30.78
C SER W 59 13.20 52.92 31.29
N LEU W 60 14.29 53.08 30.56
CA LEU W 60 15.54 52.42 30.92
C LEU W 60 16.57 53.37 31.53
N LEU W 61 16.27 54.65 31.64
CA LEU W 61 17.24 55.62 32.14
C LEU W 61 16.82 56.13 33.51
N TYR W 62 17.81 56.56 34.28
CA TYR W 62 17.60 57.05 35.64
C TYR W 62 16.86 56.01 36.47
N SER W 63 17.30 54.75 36.34
CA SER W 63 16.68 53.63 37.02
C SER W 63 17.78 52.74 37.57
N ASP W 64 17.37 51.80 38.42
CA ASP W 64 18.33 50.92 39.09
C ASP W 64 19.10 50.07 38.11
N ILE W 65 18.54 49.80 36.93
CA ILE W 65 19.25 48.99 35.95
C ILE W 65 20.46 49.73 35.42
N THR W 66 20.31 51.01 35.09
CA THR W 66 21.44 51.76 34.56
C THR W 66 22.37 52.26 35.65
N ARG W 67 21.94 52.26 36.90
CA ARG W 67 22.86 52.55 38.00
C ARG W 67 23.73 51.31 38.26
N PRO W 68 24.87 51.49 38.95
CA PRO W 68 25.82 50.38 39.07
C PRO W 68 25.20 49.12 39.65
N GLY W 69 25.60 47.99 39.10
CA GLY W 69 25.06 46.71 39.54
C GLY W 69 23.71 46.35 38.97
N GLY W 70 23.27 47.04 37.93
CA GLY W 70 21.94 46.79 37.38
C GLY W 70 21.91 46.28 35.96
N MET W 72 22.51 47.10 32.99
CA MET W 72 22.67 48.08 31.91
C MET W 72 23.84 49.00 32.18
N TYR W 73 24.22 49.12 33.46
CA TYR W 73 25.42 49.85 33.81
C TYR W 73 26.62 49.24 33.09
N THR W 74 27.66 50.06 32.92
CA THR W 74 28.85 49.83 32.10
C THR W 74 28.55 50.23 30.66
N THR W 75 29.51 50.92 30.04
CA THR W 75 29.30 51.44 28.70
C THR W 75 29.12 50.32 27.68
N ARG W 76 29.88 49.23 27.83
CA ARG W 76 29.64 48.03 27.01
C ARG W 76 28.18 47.65 27.02
N ARG W 77 27.65 47.39 28.22
CA ARG W 77 26.31 46.86 28.35
C ARG W 77 25.25 47.87 27.90
N TYR W 78 25.52 49.16 28.09
CA TYR W 78 24.61 50.16 27.55
C TYR W 78 24.56 50.10 26.03
N ALA W 79 25.73 49.99 25.39
CA ALA W 79 25.76 49.87 23.93
C ALA W 79 25.04 48.62 23.47
N ALA W 80 25.23 47.51 24.19
CA ALA W 80 24.55 46.28 23.84
C ALA W 80 23.03 46.44 23.99
N CYS W 81 22.59 47.13 25.05
CA CYS W 81 21.15 47.29 25.24
C CYS W 81 20.52 48.09 24.11
N ILE W 82 21.12 49.23 23.76
CA ILE W 82 20.55 50.04 22.69
C ILE W 82 20.64 49.31 21.36
N ARG W 83 21.70 48.53 21.15
CA ARG W 83 21.80 47.76 19.92
C ARG W 83 20.69 46.72 19.84
N ASP W 84 20.37 46.07 20.96
CA ASP W 84 19.29 45.11 20.96
C ASP W 84 17.95 45.78 20.66
N LEU W 85 17.74 46.98 21.18
CA LEU W 85 16.51 47.70 20.85
C LEU W 85 16.46 48.03 19.36
N ASP W 86 17.59 48.40 18.77
CA ASP W 86 17.60 48.64 17.32
C ASP W 86 17.32 47.34 16.56
N TYR W 87 17.85 46.22 17.05
CA TYR W 87 17.52 44.93 16.46
C TYR W 87 16.02 44.68 16.49
N TYR W 88 15.40 44.89 17.65
CA TYR W 88 13.98 44.62 17.80
C TYR W 88 13.15 45.51 16.88
N LEU W 89 13.49 46.80 16.81
CA LEU W 89 12.75 47.71 15.96
C LEU W 89 12.93 47.38 14.48
N ARG W 90 14.15 47.04 14.08
CA ARG W 90 14.40 46.70 12.69
C ARG W 90 13.68 45.42 12.29
N TYR W 91 13.68 44.42 13.17
CA TYR W 91 12.96 43.20 12.84
C TYR W 91 11.45 43.38 12.92
N ALA W 92 10.99 44.30 13.77
CA ALA W 92 9.57 44.62 13.79
C ALA W 92 9.15 45.28 12.48
N THR W 93 9.99 46.16 11.93
CA THR W 93 9.64 46.75 10.64
C THR W 93 9.71 45.73 9.52
N TYR W 94 10.63 44.77 9.61
CA TYR W 94 10.63 43.67 8.64
C TYR W 94 9.33 42.89 8.70
N ALA W 95 8.90 42.56 9.92
CA ALA W 95 7.66 41.79 10.08
C ALA W 95 6.46 42.57 9.59
N MET W 96 6.42 43.87 9.89
CA MET W 96 5.30 44.69 9.44
C MET W 96 5.26 44.78 7.92
N LEU W 97 6.43 44.97 7.29
CA LEU W 97 6.48 45.01 5.83
C LEU W 97 6.02 43.70 5.23
N ALA W 98 6.47 42.58 5.80
CA ALA W 98 6.11 41.27 5.25
C ALA W 98 4.64 40.94 5.48
N GLY W 99 4.07 41.41 6.59
CA GLY W 99 2.74 40.98 6.95
C GLY W 99 2.68 39.63 7.59
N ASP W 100 3.80 39.13 8.14
CA ASP W 100 3.89 37.83 8.74
C ASP W 100 4.88 37.90 9.90
N PRO W 101 4.63 37.17 10.99
CA PRO W 101 5.56 37.16 12.12
C PRO W 101 6.63 36.08 12.06
N SER W 102 6.69 35.34 10.96
CA SER W 102 7.64 34.24 10.85
C SER W 102 9.07 34.73 10.96
N ILE W 103 9.36 35.94 10.46
CA ILE W 103 10.70 36.50 10.56
C ILE W 103 11.10 36.64 12.02
N LEU W 104 10.22 37.19 12.83
CA LEU W 104 10.52 37.36 14.24
C LEU W 104 10.86 36.03 14.90
N ASP W 105 10.02 35.02 14.67
CA ASP W 105 10.28 33.73 15.31
C ASP W 105 11.56 33.09 14.79
N GLU W 106 11.80 33.19 13.49
CA GLU W 106 12.91 32.45 12.89
C GLU W 106 14.27 33.08 13.18
N ARG W 107 14.35 34.42 13.24
CA ARG W 107 15.63 35.08 13.34
C ARG W 107 15.87 35.81 14.66
N VAL W 108 14.82 36.13 15.41
CA VAL W 108 14.95 36.91 16.64
C VAL W 108 14.67 36.06 17.87
N LEU W 109 13.48 35.49 17.96
CA LEU W 109 13.01 34.89 19.20
C LEU W 109 13.47 33.46 19.40
N ASN W 110 14.23 32.88 18.47
CA ASN W 110 14.73 31.53 18.64
C ASN W 110 16.01 31.59 19.47
N GLY W 111 15.95 31.06 20.69
CA GLY W 111 17.08 31.07 21.59
C GLY W 111 17.30 32.38 22.31
N LEU W 112 16.50 33.40 22.04
CA LEU W 112 16.72 34.71 22.64
C LEU W 112 16.48 34.67 24.15
N LYS W 113 15.42 33.98 24.58
CA LYS W 113 15.17 33.86 26.01
C LYS W 113 16.30 33.09 26.69
N GLU W 114 16.79 32.03 26.05
CA GLU W 114 17.87 31.25 26.62
C GLU W 114 19.14 32.09 26.77
N THR W 115 19.49 32.86 25.74
CA THR W 115 20.67 33.71 25.83
C THR W 115 20.50 34.78 26.89
N TYR W 116 19.33 35.41 26.95
CA TYR W 116 19.12 36.47 27.94
C TYR W 116 19.23 35.92 29.36
N ASN W 117 18.67 34.73 29.60
CA ASN W 117 18.81 34.13 30.92
C ASN W 117 20.26 33.86 31.26
N SER W 118 21.03 33.34 30.30
CA SER W 118 22.44 33.08 30.56
C SER W 118 23.21 34.38 30.81
N LEU W 119 22.91 35.42 30.01
CA LEU W 119 23.63 36.67 30.15
C LEU W 119 23.28 37.39 31.45
N GLY W 120 22.09 37.16 31.98
CA GLY W 120 21.60 37.93 33.10
C GLY W 120 20.79 39.15 32.73
N VAL W 121 20.50 39.33 31.44
CA VAL W 121 19.67 40.44 30.98
C VAL W 121 18.26 40.28 31.55
N PRO W 122 17.63 41.32 32.07
CA PRO W 122 16.26 41.18 32.59
C PRO W 122 15.26 41.11 31.45
N ILE W 123 14.63 39.94 31.29
CA ILE W 123 13.65 39.79 30.22
C ILE W 123 12.47 40.73 30.44
N ALA W 124 12.10 40.96 31.70
CA ALA W 124 11.03 41.89 32.00
C ALA W 124 11.38 43.31 31.57
N ALA W 125 12.63 43.73 31.84
CA ALA W 125 13.03 45.08 31.49
C ALA W 125 13.10 45.28 29.98
N THR W 126 13.58 44.28 29.25
CA THR W 126 13.59 44.39 27.79
C THR W 126 12.17 44.49 27.24
N VAL W 127 11.25 43.71 27.82
CA VAL W 127 9.86 43.77 27.38
C VAL W 127 9.28 45.16 27.63
N GLN W 128 9.57 45.74 28.80
CA GLN W 128 9.11 47.09 29.08
C GLN W 128 9.70 48.09 28.09
N ALA W 129 10.98 47.93 27.76
CA ALA W 129 11.64 48.84 26.82
C ALA W 129 11.00 48.78 25.45
N ILE W 130 10.71 47.58 24.94
CA ILE W 130 10.17 47.49 23.59
C ILE W 130 8.71 47.92 23.58
N GLN W 131 8.00 47.81 24.70
CA GLN W 131 6.67 48.39 24.76
C GLN W 131 6.73 49.91 24.69
N ALA W 132 7.75 50.51 25.33
CA ALA W 132 7.98 51.94 25.17
C ALA W 132 8.27 52.29 23.71
N MET W 133 9.10 51.46 23.05
CA MET W 133 9.32 51.64 21.62
C MET W 133 8.01 51.58 20.86
N LYS W 134 7.13 50.66 21.26
CA LYS W 134 5.85 50.50 20.58
C LYS W 134 5.04 51.79 20.65
N GLU W 135 5.01 52.43 21.81
CA GLU W 135 4.29 53.69 21.95
C GLU W 135 4.89 54.76 21.04
N VAL W 136 6.23 54.91 21.06
CA VAL W 136 6.87 55.96 20.27
C VAL W 136 6.65 55.72 18.79
N THR W 137 6.88 54.48 18.33
CA THR W 137 6.75 54.19 16.91
C THR W 137 5.31 54.32 16.44
N ALA W 138 4.35 54.01 17.31
CA ALA W 138 2.95 54.20 16.96
C ALA W 138 2.65 55.68 16.73
N SER W 139 3.19 56.55 17.60
CA SER W 139 2.97 57.98 17.42
C SER W 139 3.53 58.46 16.09
N LEU W 140 4.72 57.99 15.72
CA LEU W 140 5.35 58.47 14.49
C LEU W 140 4.61 57.97 13.25
N VAL W 141 4.32 56.66 13.19
CA VAL W 141 3.75 56.13 11.96
C VAL W 141 2.28 56.51 11.80
N GLY W 142 1.57 56.70 12.91
CA GLY W 142 0.15 56.89 12.88
C GLY W 142 -0.60 55.73 13.51
N ALA W 143 -1.89 55.95 13.71
CA ALA W 143 -2.71 54.97 14.43
C ALA W 143 -2.85 53.67 13.65
N ASP W 144 -3.23 53.75 12.37
CA ASP W 144 -3.43 52.55 11.59
C ASP W 144 -2.16 51.72 11.50
N ALA W 145 -1.05 52.35 11.11
CA ALA W 145 0.22 51.64 11.04
C ALA W 145 0.71 51.24 12.41
N GLY W 146 0.41 52.04 13.43
CA GLY W 146 0.83 51.70 14.78
C GLY W 146 0.23 50.41 15.29
N LYS W 147 -1.03 50.16 14.94
CA LYS W 147 -1.64 48.87 15.24
C LYS W 147 -0.82 47.74 14.63
N GLU W 148 -0.46 47.89 13.35
CA GLU W 148 0.28 46.84 12.66
C GLU W 148 1.65 46.62 13.30
N MET W 149 2.34 47.70 13.66
CA MET W 149 3.61 47.55 14.37
C MET W 149 3.41 46.86 15.71
N GLY W 150 2.27 47.12 16.37
CA GLY W 150 2.05 46.56 17.69
C GLY W 150 1.92 45.05 17.70
N ILE W 151 1.24 44.48 16.71
CA ILE W 151 1.04 43.04 16.68
C ILE W 151 2.34 42.28 16.49
N TYR W 152 3.42 42.97 16.13
CA TYR W 152 4.74 42.35 16.04
C TYR W 152 5.64 42.70 17.21
N PHE W 153 5.52 43.91 17.76
CA PHE W 153 6.22 44.22 19.00
C PHE W 153 5.72 43.32 20.14
N ASP W 154 4.41 43.12 20.22
CA ASP W 154 3.86 42.22 21.24
C ASP W 154 4.32 40.79 21.01
N TYR W 155 4.45 40.37 19.74
CA TYR W 155 4.97 39.05 19.44
C TYR W 155 6.37 38.89 20.00
N ILE W 156 7.22 39.90 19.84
CA ILE W 156 8.56 39.86 20.41
C ILE W 156 8.51 39.79 21.93
N CYS W 157 7.61 40.57 22.54
CA CYS W 157 7.47 40.53 23.99
C CYS W 157 7.11 39.13 24.46
N SER W 158 6.14 38.50 23.81
CA SER W 158 5.70 37.17 24.22
C SER W 158 6.82 36.16 24.08
N GLY W 159 7.60 36.25 23.00
CA GLY W 159 8.74 35.36 22.86
C GLY W 159 9.75 35.55 23.98
N LEU W 160 9.99 36.80 24.37
CA LEU W 160 10.94 37.06 25.45
C LEU W 160 10.46 36.49 26.78
N SER W 161 9.16 36.54 27.03
CA SER W 161 8.60 36.03 28.28
C SER W 161 8.94 34.56 28.51
N SER X 2 44.78 44.59 33.92
CA SER X 2 46.05 44.70 34.64
C SER X 2 47.22 44.22 33.79
N VAL X 3 48.43 44.58 34.21
CA VAL X 3 49.62 44.15 33.47
C VAL X 3 49.76 42.63 33.55
N VAL X 4 49.47 42.06 34.71
CA VAL X 4 49.60 40.61 34.88
C VAL X 4 48.66 39.88 33.92
N THR X 5 47.39 40.32 33.87
CA THR X 5 46.45 39.64 32.99
C THR X 5 46.78 39.88 31.52
N LYS X 6 47.32 41.05 31.17
CA LYS X 6 47.72 41.28 29.79
C LYS X 6 48.86 40.36 29.40
N SER X 7 49.85 40.20 30.28
CA SER X 7 50.96 39.30 29.98
C SER X 7 50.46 37.87 29.82
N ILE X 8 49.57 37.43 30.71
CA ILE X 8 49.04 36.08 30.61
C ILE X 8 48.22 35.90 29.34
N VAL X 9 47.46 36.94 28.96
CA VAL X 9 46.63 36.83 27.75
C VAL X 9 47.51 36.69 26.52
N ASN X 10 48.55 37.52 26.39
CA ASN X 10 49.45 37.41 25.25
C ASN X 10 50.16 36.07 25.24
N ALA X 11 50.64 35.62 26.40
CA ALA X 11 51.32 34.33 26.47
C ALA X 11 50.39 33.20 26.08
N ASP X 12 49.13 33.27 26.50
CA ASP X 12 48.16 32.24 26.15
C ASP X 12 47.85 32.27 24.66
N ALA X 13 47.78 33.47 24.07
CA ALA X 13 47.48 33.57 22.65
C ALA X 13 48.58 32.95 21.81
N GLU X 14 49.83 33.09 22.23
CA GLU X 14 50.93 32.46 21.51
C GLU X 14 51.32 31.11 22.07
N ALA X 15 50.57 30.61 23.06
CA ALA X 15 50.71 29.24 23.57
C ALA X 15 52.13 28.96 24.07
N ARG X 16 52.69 29.92 24.80
CA ARG X 16 54.00 29.75 25.42
C ARG X 16 53.99 30.40 26.79
N TYR X 17 54.81 29.87 27.69
CA TYR X 17 54.94 30.46 29.02
C TYR X 17 55.44 31.89 28.89
N LEU X 18 55.17 32.69 29.92
CA LEU X 18 55.58 34.08 29.91
C LEU X 18 57.08 34.20 29.71
N SER X 19 57.49 35.06 28.79
CA SER X 19 58.90 35.29 28.55
C SER X 19 59.51 36.02 29.74
N PRO X 20 60.84 35.91 29.92
CA PRO X 20 61.46 36.65 31.02
C PRO X 20 61.24 38.14 30.93
N GLY X 21 61.07 38.68 29.72
CA GLY X 21 60.76 40.10 29.60
C GLY X 21 59.43 40.45 30.23
N GLU X 22 58.39 39.67 29.94
CA GLU X 22 57.08 39.90 30.55
C GLU X 22 57.14 39.68 32.06
N LEU X 23 57.87 38.65 32.51
CA LEU X 23 58.00 38.41 33.93
C LEU X 23 58.71 39.56 34.63
N ASP X 24 59.77 40.09 34.01
CA ASP X 24 60.43 41.27 34.57
C ASP X 24 59.49 42.46 34.61
N ARG X 25 58.67 42.62 33.56
CA ARG X 25 57.71 43.71 33.51
C ARG X 25 56.77 43.68 34.71
N ILE X 26 56.16 42.52 34.96
CA ILE X 26 55.22 42.44 36.09
C ILE X 26 55.97 42.58 37.41
N LYS X 27 57.23 42.16 37.47
CA LYS X 27 58.00 42.30 38.71
C LYS X 27 58.20 43.77 39.06
N ASN X 28 58.57 44.59 38.07
CA ASN X 28 58.77 46.02 38.33
C ASN X 28 57.46 46.70 38.70
N PHE X 29 56.36 46.31 38.04
CA PHE X 29 55.05 46.84 38.40
C PHE X 29 54.69 46.48 39.84
N VAL X 30 54.96 45.23 40.24
CA VAL X 30 54.71 44.82 41.62
C VAL X 30 55.49 45.71 42.59
N SER X 31 56.74 46.03 42.25
CA SER X 31 57.56 46.84 43.14
C SER X 31 56.97 48.22 43.34
N THR X 32 56.43 48.83 42.29
CA THR X 32 55.88 50.18 42.38
C THR X 32 54.41 50.19 42.81
N GLY X 33 53.87 49.05 43.23
CA GLY X 33 52.47 48.98 43.62
C GLY X 33 52.09 49.95 44.73
N GLU X 34 52.97 50.13 45.73
CA GLU X 34 52.63 51.01 46.85
C GLU X 34 52.43 52.44 46.38
N ARG X 35 53.31 52.92 45.50
CA ARG X 35 53.14 54.26 44.94
C ARG X 35 51.83 54.37 44.17
N ARG X 36 51.48 53.33 43.39
CA ARG X 36 50.24 53.36 42.64
C ARG X 36 49.04 53.48 43.57
N LEU X 37 49.02 52.70 44.64
CA LEU X 37 47.91 52.76 45.59
C LEU X 37 47.84 54.12 46.28
N ARG X 38 49.00 54.72 46.58
CA ARG X 38 49.01 56.04 47.19
C ARG X 38 48.40 57.08 46.26
N ILE X 39 48.71 57.01 44.97
CA ILE X 39 48.14 57.95 44.00
C ILE X 39 46.63 57.79 43.94
N ALA X 40 46.15 56.54 43.90
CA ALA X 40 44.71 56.30 43.88
C ALA X 40 44.07 56.82 45.16
N GLN X 41 44.76 56.68 46.29
CA GLN X 41 44.21 57.12 47.56
C GLN X 41 44.00 58.63 47.59
N THR X 42 44.98 59.40 47.12
CA THR X 42 44.80 60.84 47.13
C THR X 42 43.74 61.28 46.13
N LEU X 43 43.63 60.58 45.00
CA LEU X 43 42.59 60.92 44.03
C LEU X 43 41.20 60.73 44.61
N THR X 44 40.96 59.59 45.29
CA THR X 44 39.65 59.38 45.87
C THR X 44 39.40 60.31 47.06
N GLU X 45 40.46 60.70 47.77
CA GLU X 45 40.31 61.65 48.86
C GLU X 45 39.81 63.00 48.34
N ASN X 46 40.33 63.44 47.19
CA ASN X 46 39.97 64.73 46.63
C ASN X 46 39.00 64.61 45.46
N ARG X 47 38.23 63.52 45.40
CA ARG X 47 37.35 63.29 44.25
C ARG X 47 36.32 64.39 44.10
N GLU X 48 35.80 64.92 45.21
CA GLU X 48 34.70 65.88 45.13
C GLU X 48 35.15 67.17 44.46
N ARG X 49 36.25 67.76 44.94
CA ARG X 49 36.67 69.04 44.38
C ARG X 49 37.21 68.89 42.96
N ILE X 50 37.86 67.78 42.65
CA ILE X 50 38.31 67.55 41.28
C ILE X 50 37.11 67.66 40.33
N VAL X 51 36.05 66.92 40.63
CA VAL X 51 34.87 66.93 39.77
C VAL X 51 34.26 68.32 39.72
N LYS X 52 34.12 68.96 40.89
CA LYS X 52 33.40 70.23 40.95
C LYS X 52 34.11 71.32 40.15
N GLN X 53 35.36 71.61 40.49
CA GLN X 53 36.03 72.72 39.83
C GLN X 53 36.37 72.38 38.38
N ALA X 54 36.68 71.12 38.08
CA ALA X 54 36.90 70.75 36.68
C ALA X 54 35.64 70.95 35.86
N GLY X 55 34.48 70.62 36.43
CA GLY X 55 33.23 70.85 35.73
C GLY X 55 32.99 72.31 35.43
N ASP X 56 33.32 73.18 36.40
CA ASP X 56 33.18 74.62 36.16
C ASP X 56 34.09 75.07 35.02
N GLN X 57 35.34 74.59 35.00
CA GLN X 57 36.23 74.92 33.90
C GLN X 57 35.68 74.40 32.57
N LEU X 58 35.13 73.18 32.58
CA LEU X 58 34.56 72.63 31.36
C LEU X 58 33.43 73.48 30.82
N PHE X 59 32.56 73.96 31.71
CA PHE X 59 31.45 74.80 31.29
C PHE X 59 31.96 76.11 30.68
N GLN X 60 33.00 76.69 31.28
CA GLN X 60 33.61 77.88 30.70
C GLN X 60 34.21 77.56 29.33
N LYS X 61 34.88 76.42 29.22
CA LYS X 61 35.53 76.04 27.96
C LYS X 61 34.51 75.79 26.86
N ARG X 62 33.37 75.20 27.21
CA ARG X 62 32.32 74.83 26.25
C ARG X 62 31.00 75.42 26.73
N PRO X 63 30.77 76.70 26.49
CA PRO X 63 29.50 77.31 26.91
C PRO X 63 28.29 76.69 26.25
N ASP X 64 28.43 76.19 25.01
CA ASP X 64 27.30 75.60 24.31
C ASP X 64 26.68 74.45 25.08
N VAL X 65 27.47 73.78 25.91
CA VAL X 65 26.95 72.66 26.70
C VAL X 65 25.88 73.14 27.67
N VAL X 66 26.14 74.25 28.37
CA VAL X 66 25.19 74.77 29.34
C VAL X 66 24.22 75.77 28.74
N SER X 67 24.37 76.10 27.46
CA SER X 67 23.43 76.96 26.78
C SER X 67 22.11 76.22 26.54
N PRO X 68 21.02 76.94 26.30
CA PRO X 68 19.77 76.27 25.95
C PRO X 68 19.95 75.41 24.71
N GLY X 69 19.34 74.23 24.73
CA GLY X 69 19.53 73.24 23.70
C GLY X 69 20.74 72.35 23.90
N GLY X 70 21.68 72.75 24.74
CA GLY X 70 22.81 71.89 25.05
C GLY X 70 22.39 70.69 25.87
N ASN X 71 23.26 69.68 25.86
CA ASN X 71 22.94 68.42 26.52
C ASN X 71 22.75 68.63 28.02
N ALA X 72 23.66 69.35 28.66
CA ALA X 72 23.53 69.66 30.09
C ALA X 72 22.94 71.05 30.27
N TYR X 73 21.67 71.16 29.93
CA TYR X 73 20.91 72.39 30.12
C TYR X 73 19.90 72.16 31.24
N GLY X 74 19.95 73.01 32.25
CA GLY X 74 19.17 72.79 33.45
C GLY X 74 19.99 72.11 34.53
N GLU X 75 19.58 72.33 35.79
CA GLU X 75 20.37 71.82 36.91
C GLU X 75 20.37 70.30 36.95
N GLU X 76 19.26 69.67 36.57
CA GLU X 76 19.19 68.22 36.59
C GLU X 76 20.17 67.60 35.59
N MET X 77 20.16 68.09 34.35
CA MET X 77 21.08 67.57 33.34
C MET X 77 22.52 67.86 33.71
N THR X 78 22.79 69.05 34.26
CA THR X 78 24.14 69.36 34.71
C THR X 78 24.60 68.41 35.81
N ALA X 79 23.67 68.05 36.71
CA ALA X 79 24.03 67.12 37.77
C ALA X 79 24.44 65.77 37.22
N THR X 80 23.72 65.25 36.23
CA THR X 80 24.09 63.96 35.67
C THR X 80 25.43 64.04 34.93
N CYS X 81 25.73 65.15 34.27
CA CYS X 81 27.04 65.23 33.62
C CYS X 81 28.17 65.23 34.64
N LEU X 82 28.00 65.96 35.75
CA LEU X 82 29.00 65.89 36.81
C LEU X 82 29.12 64.47 37.34
N ARG X 83 28.01 63.73 37.39
CA ARG X 83 28.07 62.33 37.81
C ARG X 83 28.94 61.52 36.86
N ASP X 84 28.82 61.76 35.55
CA ASP X 84 29.67 61.06 34.60
C ASP X 84 31.14 61.38 34.83
N LEU X 85 31.45 62.65 35.11
CA LEU X 85 32.83 63.01 35.41
C LEU X 85 33.33 62.27 36.64
N ASP X 86 32.49 62.14 37.66
CA ASP X 86 32.86 61.39 38.84
C ASP X 86 33.11 59.93 38.51
N TYR X 87 32.28 59.35 37.65
CA TYR X 87 32.47 57.95 37.24
C TYR X 87 33.82 57.76 36.56
N TYR X 88 34.19 58.69 35.68
CA TYR X 88 35.46 58.54 34.99
C TYR X 88 36.65 58.74 35.91
N LEU X 89 36.53 59.62 36.91
CA LEU X 89 37.59 59.70 37.92
C LEU X 89 37.74 58.37 38.63
N ARG X 90 36.62 57.74 38.99
CA ARG X 90 36.68 56.44 39.65
C ARG X 90 37.37 55.42 38.77
N LEU X 91 37.04 55.40 37.48
CA LEU X 91 37.70 54.48 36.56
C LEU X 91 39.19 54.75 36.50
N VAL X 92 39.59 56.02 36.52
CA VAL X 92 41.01 56.36 36.46
C VAL X 92 41.74 55.82 37.69
N THR X 93 41.14 55.95 38.87
CA THR X 93 41.75 55.37 40.06
C THR X 93 41.88 53.86 39.94
N TYR X 94 40.84 53.21 39.39
CA TYR X 94 40.90 51.78 39.14
C TYR X 94 42.07 51.45 38.21
N GLY X 95 42.21 52.22 37.13
CA GLY X 95 43.26 51.94 36.17
C GLY X 95 44.65 52.14 36.73
N ILE X 96 44.83 53.18 37.55
CA ILE X 96 46.13 53.40 38.18
C ILE X 96 46.48 52.25 39.11
N VAL X 97 45.50 51.80 39.90
CA VAL X 97 45.75 50.66 40.78
C VAL X 97 46.06 49.41 39.99
N ALA X 98 45.34 49.18 38.90
CA ALA X 98 45.58 47.98 38.09
C ALA X 98 46.93 48.05 37.39
N GLY X 99 47.43 49.26 37.11
CA GLY X 99 48.63 49.41 36.32
C GLY X 99 48.41 49.32 34.83
N ASP X 100 47.17 49.12 34.39
CA ASP X 100 46.84 49.00 32.98
C ASP X 100 45.52 49.73 32.73
N VAL X 101 45.28 50.08 31.47
CA VAL X 101 44.07 50.78 31.09
C VAL X 101 42.98 49.77 30.79
N THR X 102 43.25 48.50 31.09
CA THR X 102 42.27 47.44 30.85
C THR X 102 40.98 47.65 31.63
N PRO X 103 40.98 47.95 32.93
CA PRO X 103 39.69 48.20 33.61
C PRO X 103 38.95 49.42 33.09
N ILE X 104 39.66 50.51 32.81
CA ILE X 104 39.01 51.69 32.26
C ILE X 104 38.33 51.36 30.94
N GLU X 105 39.04 50.65 30.06
CA GLU X 105 38.47 50.27 28.79
C GLU X 105 37.26 49.36 28.98
N GLU X 106 37.38 48.37 29.88
CA GLU X 106 36.31 47.39 30.02
C GLU X 106 35.06 47.99 30.63
N ILE X 107 35.17 49.05 31.41
CA ILE X 107 34.04 49.59 32.14
C ILE X 107 33.43 50.82 31.45
N GLY X 108 34.26 51.72 30.92
CA GLY X 108 33.71 52.95 30.40
C GLY X 108 34.30 53.47 29.11
N LEU X 109 34.86 52.60 28.28
CA LEU X 109 35.40 53.03 27.00
C LEU X 109 35.04 52.12 25.83
N VAL X 110 34.31 51.04 26.08
CA VAL X 110 33.93 50.10 25.04
C VAL X 110 32.51 50.45 24.61
N GLY X 111 32.38 51.06 23.44
CA GLY X 111 31.10 51.59 23.01
C GLY X 111 30.78 52.96 23.57
N VAL X 112 31.78 53.68 24.04
CA VAL X 112 31.54 55.00 24.62
C VAL X 112 30.93 55.93 23.59
N ARG X 113 31.40 55.82 22.34
CA ARG X 113 30.84 56.63 21.26
C ARG X 113 29.36 56.34 21.06
N GLU X 114 28.98 55.05 21.07
CA GLU X 114 27.61 54.69 20.77
C GLU X 114 26.68 55.04 21.91
N MET X 115 27.10 54.79 23.15
CA MET X 115 26.30 55.18 24.31
C MET X 115 26.01 56.68 24.27
N TYR X 116 27.04 57.48 24.00
CA TYR X 116 26.84 58.92 24.01
C TYR X 116 25.97 59.39 22.85
N ASN X 117 26.08 58.75 21.69
CA ASN X 117 25.23 59.17 20.58
C ASN X 117 23.77 58.81 20.82
N SER X 118 23.50 57.69 21.48
CA SER X 118 22.14 57.40 21.89
C SER X 118 21.65 58.43 22.90
N LEU X 119 22.52 58.86 23.81
CA LEU X 119 22.14 59.88 24.78
C LEU X 119 21.96 61.25 24.12
N GLY X 120 22.64 61.48 22.99
CA GLY X 120 22.67 62.79 22.37
C GLY X 120 23.81 63.69 22.84
N THR X 121 24.69 63.19 23.70
CA THR X 121 25.77 63.93 24.34
C THR X 121 26.99 64.01 23.42
N PRO X 122 27.68 65.15 23.37
CA PRO X 122 28.89 65.28 22.53
C PRO X 122 30.12 64.66 23.17
N ILE X 123 30.71 63.68 22.49
CA ILE X 123 31.92 63.04 23.01
C ILE X 123 33.11 63.99 23.14
N PRO X 124 33.39 64.90 22.20
CA PRO X 124 34.56 65.77 22.40
C PRO X 124 34.43 66.66 23.62
N ALA X 125 33.21 67.12 23.93
CA ALA X 125 33.00 67.91 25.13
C ALA X 125 33.26 67.08 26.38
N VAL X 126 32.86 65.80 26.37
CA VAL X 126 33.22 64.91 27.47
C VAL X 126 34.73 64.85 27.61
N ALA X 127 35.45 64.79 26.49
CA ALA X 127 36.91 64.76 26.55
C ALA X 127 37.47 66.02 27.19
N GLU X 128 36.91 67.17 26.85
CA GLU X 128 37.38 68.42 27.44
C GLU X 128 37.16 68.43 28.95
N GLY X 129 36.02 67.93 29.42
CA GLY X 129 35.79 67.84 30.84
C GLY X 129 36.81 66.96 31.54
N ILE X 130 37.16 65.82 30.92
CA ILE X 130 38.16 64.95 31.49
C ILE X 130 39.54 65.61 31.49
N ARG X 131 39.82 66.43 30.47
CA ARG X 131 41.08 67.19 30.48
C ARG X 131 41.13 68.12 31.69
N ALA X 132 40.02 68.79 32.00
CA ALA X 132 39.97 69.64 33.19
C ALA X 132 40.22 68.83 34.45
N MET X 133 39.62 67.65 34.54
CA MET X 133 39.87 66.77 35.69
C MET X 133 41.34 66.42 35.79
N LYS X 134 41.99 66.16 34.64
CA LYS X 134 43.41 65.86 34.66
C LYS X 134 44.22 67.01 35.24
N ASN X 135 43.89 68.24 34.84
CA ASN X 135 44.64 69.39 35.34
C ASN X 135 44.51 69.50 36.86
N VAL X 136 43.29 69.36 37.38
CA VAL X 136 43.10 69.46 38.83
C VAL X 136 43.83 68.35 39.55
N ALA X 137 43.74 67.13 39.05
CA ALA X 137 44.40 66.00 39.70
C ALA X 137 45.91 66.17 39.69
N CYS X 138 46.47 66.63 38.57
CA CYS X 138 47.91 66.85 38.50
C CYS X 138 48.36 67.88 39.50
N SER X 139 47.57 68.95 39.68
CA SER X 139 47.93 69.95 40.69
C SER X 139 47.95 69.34 42.08
N LEU X 140 46.98 68.47 42.38
CA LEU X 140 46.94 67.84 43.70
C LEU X 140 48.12 66.89 43.90
N LEU X 141 48.56 66.21 42.85
CA LEU X 141 49.61 65.21 42.96
C LEU X 141 50.99 65.86 42.94
N SER X 142 51.98 65.10 43.37
CA SER X 142 53.37 65.49 43.19
C SER X 142 53.76 65.35 41.71
N ALA X 143 54.89 65.95 41.35
CA ALA X 143 55.29 65.99 39.94
C ALA X 143 55.46 64.60 39.36
N GLU X 144 56.13 63.71 40.10
CA GLU X 144 56.28 62.33 39.63
C GLU X 144 54.95 61.61 39.62
N ASP X 145 54.15 61.77 40.68
CA ASP X 145 52.84 61.13 40.72
C ASP X 145 51.91 61.69 39.65
N ALA X 146 51.96 63.00 39.42
CA ALA X 146 51.08 63.62 38.43
C ALA X 146 51.34 63.10 37.02
N ALA X 147 52.60 62.76 36.72
CA ALA X 147 52.93 62.28 35.38
C ALA X 147 52.22 60.96 35.09
N GLU X 148 52.16 60.06 36.07
CA GLU X 148 51.53 58.76 35.85
C GLU X 148 50.02 58.90 35.75
N ALA X 149 49.40 59.54 36.75
CA ALA X 149 47.95 59.69 36.76
C ALA X 149 47.47 60.53 35.57
N GLY X 150 48.21 61.58 35.25
CA GLY X 150 47.87 62.37 34.07
C GLY X 150 47.94 61.55 32.80
N SER X 151 48.86 60.59 32.73
CA SER X 151 48.93 59.73 31.57
C SER X 151 47.68 58.87 31.43
N TYR X 152 47.14 58.36 32.54
CA TYR X 152 45.89 57.62 32.47
C TYR X 152 44.76 58.52 31.99
N PHE X 153 44.66 59.74 32.53
CA PHE X 153 43.68 60.69 32.01
C PHE X 153 43.89 60.93 30.53
N ASP X 154 45.15 60.97 30.08
CA ASP X 154 45.44 61.20 28.68
C ASP X 154 44.91 60.08 27.81
N PHE X 155 45.02 58.83 28.26
CA PHE X 155 44.43 57.74 27.50
C PHE X 155 42.94 57.91 27.38
N VAL X 156 42.28 58.30 28.47
CA VAL X 156 40.82 58.42 28.44
C VAL X 156 40.38 59.49 27.45
N ILE X 157 41.04 60.65 27.47
CA ILE X 157 40.66 61.71 26.56
C ILE X 157 40.96 61.32 25.12
N GLY X 158 42.07 60.60 24.90
CA GLY X 158 42.38 60.14 23.56
C GLY X 158 41.32 59.18 23.02
N ALA X 159 40.81 58.30 23.88
CA ALA X 159 39.74 57.41 23.47
C ALA X 159 38.45 58.19 23.19
N MET X 160 38.19 59.23 23.99
CA MET X 160 36.98 60.03 23.78
C MET X 160 37.01 60.71 22.42
N GLN X 161 38.16 61.24 22.01
CA GLN X 161 38.30 61.91 20.73
C GLN X 161 37.84 61.03 19.57
N MET Y 1 38.40 37.26 31.59
CA MET Y 1 39.45 36.69 32.42
C MET Y 1 39.82 37.67 33.53
N GLN Y 2 40.12 37.14 34.71
CA GLN Y 2 40.33 37.97 35.89
C GLN Y 2 41.63 37.58 36.60
N ASP Y 3 42.09 38.49 37.44
CA ASP Y 3 43.19 38.25 38.36
C ASP Y 3 42.79 38.78 39.73
N ALA Y 4 43.72 38.79 40.69
CA ALA Y 4 43.39 39.30 42.02
C ALA Y 4 43.02 40.78 41.97
N ILE Y 5 43.84 41.58 41.29
CA ILE Y 5 43.59 43.02 41.20
C ILE Y 5 42.29 43.29 40.46
N THR Y 6 42.10 42.62 39.33
CA THR Y 6 40.89 42.82 38.54
C THR Y 6 39.64 42.41 39.33
N ALA Y 7 39.73 41.30 40.06
CA ALA Y 7 38.59 40.87 40.88
C ALA Y 7 38.27 41.90 41.95
N VAL Y 8 39.29 42.45 42.61
CA VAL Y 8 39.05 43.43 43.67
C VAL Y 8 38.38 44.68 43.10
N ILE Y 9 38.95 45.22 42.02
CA ILE Y 9 38.41 46.45 41.46
C ILE Y 9 37.03 46.21 40.85
N ASN Y 10 36.80 45.04 40.25
CA ASN Y 10 35.47 44.74 39.72
C ASN Y 10 34.45 44.63 40.84
N ALA Y 11 34.83 44.03 41.97
CA ALA Y 11 33.93 43.94 43.10
C ALA Y 11 33.54 45.32 43.61
N SER Y 12 34.50 46.24 43.65
CA SER Y 12 34.17 47.61 44.03
C SER Y 12 33.39 48.32 42.93
N ASP Y 13 33.66 47.98 41.66
CA ASP Y 13 33.00 48.65 40.56
C ASP Y 13 31.51 48.36 40.53
N VAL Y 14 31.12 47.13 40.89
CA VAL Y 14 29.71 46.79 40.95
C VAL Y 14 28.99 47.69 41.95
N GLN Y 15 29.58 47.91 43.12
CA GLN Y 15 29.02 48.85 44.07
C GLN Y 15 29.02 50.26 43.51
N GLY Y 16 30.02 50.61 42.70
CA GLY Y 16 30.19 51.97 42.26
C GLY Y 16 30.95 52.85 43.23
N LYS Y 17 31.38 52.31 44.36
CA LYS Y 17 32.19 53.06 45.30
C LYS Y 17 33.65 53.06 44.87
N TYR Y 18 34.36 54.13 45.23
CA TYR Y 18 35.79 54.16 45.03
C TYR Y 18 36.45 53.10 45.92
N LEU Y 19 37.68 52.75 45.58
CA LEU Y 19 38.42 51.75 46.35
C LEU Y 19 38.53 52.18 47.80
N ASP Y 20 37.90 51.42 48.70
CA ASP Y 20 38.00 51.71 50.11
C ASP Y 20 39.24 51.03 50.68
N THR Y 21 39.47 51.22 51.99
CA THR Y 21 40.74 50.82 52.58
C THR Y 21 40.88 49.30 52.64
N ALA Y 22 39.77 48.57 52.84
CA ALA Y 22 39.86 47.11 52.83
C ALA Y 22 40.23 46.59 51.45
N ALA Y 23 39.64 47.16 50.40
CA ALA Y 23 40.04 46.79 49.04
C ALA Y 23 41.50 47.11 48.79
N MET Y 24 41.96 48.27 49.27
CA MET Y 24 43.37 48.60 49.18
C MET Y 24 44.22 47.56 49.89
N GLU Y 25 43.74 47.07 51.03
CA GLU Y 25 44.49 46.05 51.77
C GLU Y 25 44.63 44.77 50.96
N LYS Y 26 43.55 44.33 50.31
CA LYS Y 26 43.64 43.13 49.47
C LYS Y 26 44.63 43.34 48.34
N LEU Y 27 44.60 44.51 47.71
CA LEU Y 27 45.56 44.80 46.65
C LEU Y 27 46.98 44.81 47.19
N LYS Y 28 47.19 45.37 48.39
CA LYS Y 28 48.52 45.37 49.00
C LYS Y 28 49.01 43.94 49.22
N ALA Y 29 48.12 43.05 49.67
CA ALA Y 29 48.52 41.67 49.89
C ALA Y 29 48.97 41.02 48.60
N TYR Y 30 48.24 41.24 47.51
CA TYR Y 30 48.65 40.67 46.22
C TYR Y 30 49.99 41.22 45.78
N PHE Y 31 50.21 42.53 45.96
CA PHE Y 31 51.50 43.11 45.61
C PHE Y 31 52.62 42.51 46.46
N ALA Y 32 52.34 42.23 47.73
CA ALA Y 32 53.35 41.64 48.60
C ALA Y 32 53.76 40.26 48.13
N THR Y 33 52.79 39.46 47.66
CA THR Y 33 53.06 38.11 47.20
C THR Y 33 53.52 38.04 45.74
N GLY Y 34 53.43 39.16 45.01
CA GLY Y 34 53.70 39.12 43.58
C GLY Y 34 55.12 38.74 43.23
N GLU Y 35 56.09 39.17 44.04
CA GLU Y 35 57.50 38.92 43.71
C GLU Y 35 57.79 37.42 43.70
N LEU Y 36 57.31 36.70 44.72
CA LEU Y 36 57.52 35.26 44.73
C LEU Y 36 56.76 34.57 43.62
N ARG Y 37 55.59 35.11 43.24
CA ARG Y 37 54.87 34.56 42.10
C ARG Y 37 55.70 34.65 40.84
N VAL Y 38 56.34 35.80 40.60
CA VAL Y 38 57.15 35.98 39.40
C VAL Y 38 58.32 35.00 39.40
N ARG Y 39 58.99 34.86 40.54
CA ARG Y 39 60.13 33.95 40.62
C ARG Y 39 59.72 32.52 40.32
N ALA Y 40 58.59 32.08 40.88
CA ALA Y 40 58.13 30.72 40.64
C ALA Y 40 57.82 30.48 39.18
N ALA Y 41 57.17 31.46 38.52
CA ALA Y 41 56.85 31.30 37.11
C ALA Y 41 58.11 31.19 36.27
N SER Y 42 59.13 31.99 36.58
CA SER Y 42 60.37 31.90 35.84
C SER Y 42 61.04 30.53 36.05
N VAL Y 43 60.92 29.99 37.26
CA VAL Y 43 61.57 28.71 37.55
C VAL Y 43 60.91 27.58 36.75
N ILE Y 44 59.58 27.49 36.78
CA ILE Y 44 58.96 26.36 36.09
C ILE Y 44 58.88 26.57 34.58
N SER Y 45 59.01 27.81 34.11
CA SER Y 45 59.20 28.00 32.68
C SER Y 45 60.48 27.32 32.21
N ALA Y 46 61.53 27.38 33.03
CA ALA Y 46 62.81 26.76 32.67
C ALA Y 46 62.71 25.24 32.67
N ASN Y 47 61.95 24.66 33.61
CA ASN Y 47 61.90 23.23 33.79
C ASN Y 47 60.62 22.59 33.27
N ALA Y 48 59.91 23.25 32.35
CA ALA Y 48 58.59 22.80 31.96
C ALA Y 48 58.60 21.36 31.47
N ALA Y 49 59.44 21.07 30.47
CA ALA Y 49 59.48 19.72 29.92
C ALA Y 49 59.96 18.72 30.95
N ASN Y 50 60.93 19.11 31.78
CA ASN Y 50 61.44 18.20 32.80
C ASN Y 50 60.37 17.87 33.84
N ILE Y 51 59.56 18.86 34.24
CA ILE Y 51 58.48 18.60 35.19
C ILE Y 51 57.52 17.58 34.62
N VAL Y 52 57.14 17.75 33.36
CA VAL Y 52 56.24 16.80 32.72
C VAL Y 52 56.87 15.42 32.66
N LYS Y 53 58.16 15.36 32.29
CA LYS Y 53 58.84 14.08 32.20
C LYS Y 53 58.86 13.36 33.53
N GLU Y 54 59.18 14.09 34.62
CA GLU Y 54 59.26 13.47 35.93
C GLU Y 54 57.89 12.96 36.38
N ALA Y 55 56.84 13.76 36.19
CA ALA Y 55 55.50 13.33 36.61
C ALA Y 55 55.04 12.12 35.81
N VAL Y 56 55.26 12.14 34.49
CA VAL Y 56 54.88 11.00 33.65
C VAL Y 56 55.57 9.74 34.12
N ALA Y 57 56.87 9.84 34.39
CA ALA Y 57 57.61 8.68 34.89
C ALA Y 57 57.08 8.25 36.25
N LYS Y 58 56.71 9.21 37.10
CA LYS Y 58 56.31 8.88 38.47
C LYS Y 58 55.04 8.05 38.50
N SER Y 59 54.05 8.39 37.69
CA SER Y 59 52.76 7.71 37.78
C SER Y 59 52.26 7.09 36.49
N LEU Y 60 52.64 7.63 35.33
CA LEU Y 60 52.04 7.19 34.08
C LEU Y 60 52.87 6.16 33.32
N LEU Y 61 54.08 5.86 33.77
CA LEU Y 61 54.96 4.95 33.04
C LEU Y 61 55.13 3.64 33.80
N TYR Y 62 55.49 2.60 33.04
CA TYR Y 62 55.66 1.25 33.58
C TYR Y 62 54.40 0.82 34.33
N SER Y 63 53.26 1.15 33.73
CA SER Y 63 51.95 0.82 34.26
C SER Y 63 51.09 0.32 33.10
N ASP Y 64 49.92 -0.24 33.45
CA ASP Y 64 49.07 -0.82 32.43
C ASP Y 64 48.64 0.22 31.40
N ILE Y 65 48.49 1.47 31.81
CA ILE Y 65 48.00 2.50 30.89
C ILE Y 65 48.94 2.65 29.70
N THR Y 66 50.25 2.69 29.96
CA THR Y 66 51.19 2.79 28.86
C THR Y 66 51.48 1.44 28.21
N ARG Y 67 51.12 0.33 28.86
CA ARG Y 67 51.19 -0.97 28.23
C ARG Y 67 50.05 -1.11 27.22
N PRO Y 68 50.15 -2.07 26.29
CA PRO Y 68 49.14 -2.16 25.22
C PRO Y 68 47.73 -2.26 25.76
N GLY Y 69 46.82 -1.54 25.10
CA GLY Y 69 45.43 -1.51 25.48
C GLY Y 69 45.11 -0.64 26.68
N GLY Y 70 46.03 0.22 27.11
CA GLY Y 70 45.86 0.95 28.34
C GLY Y 70 45.52 2.43 28.23
N MET Y 72 47.37 5.04 27.16
CA MET Y 72 48.54 5.86 26.93
C MET Y 72 49.43 5.14 25.94
N TYR Y 73 49.16 3.85 25.78
CA TYR Y 73 49.73 3.09 24.67
C TYR Y 73 49.28 3.70 23.35
N THR Y 74 50.06 3.43 22.31
CA THR Y 74 50.00 4.09 21.00
C THR Y 74 50.76 5.41 21.07
N THR Y 75 51.61 5.64 20.08
CA THR Y 75 52.48 6.82 20.10
C THR Y 75 51.67 8.11 20.06
N ARG Y 76 50.60 8.15 19.26
CA ARG Y 76 49.75 9.33 19.24
C ARG Y 76 49.19 9.62 20.63
N ARG Y 77 48.65 8.59 21.28
CA ARG Y 77 48.03 8.79 22.58
C ARG Y 77 49.05 9.25 23.61
N TYR Y 78 50.28 8.75 23.53
CA TYR Y 78 51.33 9.23 24.42
C TYR Y 78 51.60 10.71 24.19
N ALA Y 79 51.68 11.12 22.92
CA ALA Y 79 51.91 12.52 22.62
C ALA Y 79 50.76 13.38 23.13
N ALA Y 80 49.53 12.91 22.95
CA ALA Y 80 48.38 13.66 23.44
C ALA Y 80 48.38 13.77 24.96
N CYS Y 81 48.76 12.70 25.65
CA CYS Y 81 48.78 12.76 27.12
C CYS Y 81 49.79 13.77 27.61
N ILE Y 82 51.01 13.73 27.07
CA ILE Y 82 52.01 14.68 27.53
C ILE Y 82 51.64 16.10 27.12
N ARG Y 83 50.94 16.25 25.98
CA ARG Y 83 50.44 17.55 25.59
C ARG Y 83 49.46 18.10 26.63
N ASP Y 84 48.54 17.25 27.10
CA ASP Y 84 47.59 17.69 28.11
C ASP Y 84 48.31 18.10 29.39
N LEU Y 85 49.34 17.36 29.77
CA LEU Y 85 50.10 17.74 30.96
C LEU Y 85 50.80 19.07 30.76
N ASP Y 86 51.34 19.31 29.55
CA ASP Y 86 51.90 20.62 29.24
C ASP Y 86 50.85 21.70 29.39
N TYR Y 87 49.66 21.46 28.85
CA TYR Y 87 48.53 22.39 28.99
C TYR Y 87 48.25 22.71 30.45
N TYR Y 88 48.12 21.67 31.27
CA TYR Y 88 47.75 21.85 32.67
C TYR Y 88 48.82 22.65 33.41
N LEU Y 89 50.10 22.32 33.17
CA LEU Y 89 51.18 23.03 33.85
C LEU Y 89 51.23 24.49 33.42
N ARG Y 90 51.04 24.77 32.13
CA ARG Y 90 51.07 26.15 31.66
C ARG Y 90 49.91 26.94 32.21
N TYR Y 91 48.71 26.35 32.24
CA TYR Y 91 47.59 27.07 32.82
C TYR Y 91 47.71 27.21 34.32
N ALA Y 92 48.36 26.25 34.98
CA ALA Y 92 48.62 26.39 36.41
C ALA Y 92 49.55 27.56 36.68
N THR Y 93 50.57 27.75 35.83
CA THR Y 93 51.44 28.90 36.03
C THR Y 93 50.74 30.20 35.68
N TYR Y 94 49.80 30.17 34.72
CA TYR Y 94 48.98 31.35 34.47
C TYR Y 94 48.16 31.71 35.69
N ALA Y 95 47.48 30.72 36.28
CA ALA Y 95 46.63 30.99 37.43
C ALA Y 95 47.47 31.45 38.63
N MET Y 96 48.63 30.84 38.84
CA MET Y 96 49.49 31.26 39.93
C MET Y 96 49.96 32.70 39.74
N LEU Y 97 50.37 33.05 38.51
CA LEU Y 97 50.79 34.42 38.25
C LEU Y 97 49.65 35.41 38.46
N ALA Y 98 48.44 35.06 38.02
CA ALA Y 98 47.31 35.96 38.15
C ALA Y 98 46.88 36.11 39.60
N GLY Y 99 46.97 35.05 40.39
CA GLY Y 99 46.41 35.06 41.73
C GLY Y 99 44.94 34.77 41.78
N ASP Y 100 44.38 34.22 40.70
CA ASP Y 100 42.96 33.92 40.58
C ASP Y 100 42.80 32.63 39.79
N PRO Y 101 41.82 31.80 40.13
CA PRO Y 101 41.57 30.56 39.37
C PRO Y 101 40.62 30.73 38.19
N SER Y 102 40.26 31.97 37.85
CA SER Y 102 39.30 32.20 36.77
C SER Y 102 39.80 31.64 35.44
N ILE Y 103 41.10 31.71 35.21
CA ILE Y 103 41.65 31.17 33.97
C ILE Y 103 41.40 29.68 33.89
N LEU Y 104 41.60 28.97 34.99
CA LEU Y 104 41.39 27.53 34.99
C LEU Y 104 39.95 27.18 34.65
N ASP Y 105 38.99 27.84 35.33
CA ASP Y 105 37.60 27.56 35.04
C ASP Y 105 37.23 27.97 33.62
N GLU Y 106 37.75 29.09 33.15
CA GLU Y 106 37.35 29.63 31.86
C GLU Y 106 37.92 28.84 30.69
N ARG Y 107 39.19 28.45 30.78
CA ARG Y 107 39.92 27.91 29.63
C ARG Y 107 40.33 26.46 29.78
N VAL Y 108 40.15 25.84 30.95
CA VAL Y 108 40.63 24.48 31.16
C VAL Y 108 39.48 23.58 31.55
N LEU Y 109 38.78 23.92 32.62
CA LEU Y 109 37.85 23.01 33.26
C LEU Y 109 36.44 23.04 32.69
N ASN Y 110 36.18 23.89 31.71
CA ASN Y 110 34.84 23.93 31.11
C ASN Y 110 34.79 22.92 29.96
N GLY Y 111 33.86 21.97 30.05
CA GLY Y 111 33.75 20.95 29.03
C GLY Y 111 34.94 20.04 28.94
N LEU Y 112 35.71 19.90 30.02
CA LEU Y 112 36.88 19.04 30.01
C LEU Y 112 36.53 17.61 30.43
N LYS Y 113 35.72 17.45 31.47
CA LYS Y 113 35.33 16.12 31.89
C LYS Y 113 34.50 15.42 30.81
N GLU Y 114 33.61 16.15 30.15
CA GLU Y 114 32.78 15.53 29.12
C GLU Y 114 33.62 15.07 27.93
N THR Y 115 34.57 15.91 27.49
CA THR Y 115 35.44 15.49 26.40
C THR Y 115 36.26 14.27 26.81
N TYR Y 116 36.77 14.25 28.04
CA TYR Y 116 37.53 13.09 28.48
C TYR Y 116 36.67 11.84 28.53
N ASN Y 117 35.42 11.98 28.98
CA ASN Y 117 34.52 10.82 28.98
C ASN Y 117 34.28 10.32 27.58
N SER Y 118 34.06 11.23 26.62
CA SER Y 118 33.85 10.83 25.23
C SER Y 118 35.10 10.18 24.66
N LEU Y 119 36.28 10.73 24.97
CA LEU Y 119 37.53 10.20 24.44
C LEU Y 119 37.87 8.85 25.05
N GLY Y 120 37.39 8.58 26.26
CA GLY Y 120 37.80 7.40 26.99
C GLY Y 120 38.96 7.61 27.93
N VAL Y 121 39.47 8.84 28.03
CA VAL Y 121 40.58 9.13 28.94
C VAL Y 121 40.14 8.90 30.37
N PRO Y 122 40.95 8.25 31.22
CA PRO Y 122 40.60 8.09 32.63
C PRO Y 122 40.84 9.37 33.41
N ILE Y 123 39.75 9.98 33.88
CA ILE Y 123 39.86 11.22 34.63
C ILE Y 123 40.67 11.00 35.90
N ALA Y 124 40.54 9.83 36.52
CA ALA Y 124 41.29 9.53 37.74
C ALA Y 124 42.78 9.54 37.47
N ALA Y 125 43.20 8.90 36.38
CA ALA Y 125 44.63 8.83 36.08
C ALA Y 125 45.20 10.20 35.72
N THR Y 126 44.42 11.03 35.02
CA THR Y 126 44.87 12.39 34.77
C THR Y 126 45.04 13.17 36.07
N VAL Y 127 44.10 12.99 37.00
CA VAL Y 127 44.20 13.67 38.28
C VAL Y 127 45.45 13.23 39.03
N GLN Y 128 45.75 11.93 39.02
CA GLN Y 128 46.97 11.44 39.63
C GLN Y 128 48.20 12.07 38.98
N ALA Y 129 48.21 12.13 37.64
CA ALA Y 129 49.37 12.66 36.95
C ALA Y 129 49.64 14.11 37.30
N ILE Y 130 48.59 14.94 37.32
CA ILE Y 130 48.81 16.34 37.65
C ILE Y 130 49.12 16.50 39.14
N GLN Y 131 48.70 15.56 39.99
CA GLN Y 131 49.16 15.57 41.36
C GLN Y 131 50.68 15.36 41.42
N ALA Y 132 51.20 14.44 40.62
CA ALA Y 132 52.64 14.26 40.54
C ALA Y 132 53.33 15.51 40.01
N MET Y 133 52.74 16.14 38.98
CA MET Y 133 53.26 17.42 38.52
C MET Y 133 53.31 18.42 39.66
N LYS Y 134 52.28 18.42 40.51
CA LYS Y 134 52.24 19.36 41.62
C LYS Y 134 53.41 19.15 42.56
N GLU Y 135 53.74 17.89 42.86
CA GLU Y 135 54.90 17.61 43.68
C GLU Y 135 56.18 18.17 43.07
N VAL Y 136 56.42 17.85 41.80
CA VAL Y 136 57.67 18.26 41.16
C VAL Y 136 57.78 19.77 41.09
N THR Y 137 56.70 20.44 40.69
CA THR Y 137 56.74 21.89 40.54
C THR Y 137 56.89 22.58 41.90
N ALA Y 138 56.28 22.02 42.94
CA ALA Y 138 56.44 22.58 44.27
C ALA Y 138 57.89 22.51 44.73
N SER Y 139 58.55 21.37 44.47
CA SER Y 139 59.95 21.24 44.85
C SER Y 139 60.80 22.28 44.13
N LEU Y 140 60.54 22.50 42.84
CA LEU Y 140 61.38 23.44 42.08
C LEU Y 140 61.16 24.88 42.54
N VAL Y 141 59.90 25.30 42.70
CA VAL Y 141 59.65 26.70 43.02
C VAL Y 141 59.85 27.03 44.49
N GLY Y 142 59.90 26.04 45.36
CA GLY Y 142 59.98 26.29 46.79
C GLY Y 142 58.65 26.07 47.47
N ALA Y 143 58.68 26.19 48.80
CA ALA Y 143 57.55 25.74 49.62
C ALA Y 143 56.36 26.69 49.52
N ASP Y 144 56.58 27.99 49.74
CA ASP Y 144 55.45 28.92 49.77
C ASP Y 144 54.86 29.11 48.38
N ALA Y 145 55.72 29.32 47.38
CA ALA Y 145 55.25 29.25 46.00
C ALA Y 145 54.70 27.87 45.69
N GLY Y 146 55.18 26.85 46.40
CA GLY Y 146 54.60 25.52 46.26
C GLY Y 146 53.17 25.44 46.78
N LYS Y 147 52.88 26.15 47.87
CA LYS Y 147 51.50 26.24 48.33
C LYS Y 147 50.63 26.93 47.29
N GLU Y 148 51.14 27.99 46.66
CA GLU Y 148 50.36 28.73 45.69
C GLU Y 148 50.09 27.90 44.44
N MET Y 149 51.13 27.22 43.92
CA MET Y 149 50.91 26.34 42.77
C MET Y 149 49.92 25.24 43.12
N GLY Y 150 49.98 24.75 44.37
CA GLY Y 150 49.16 23.61 44.75
C GLY Y 150 47.67 23.89 44.69
N ILE Y 151 47.25 25.08 45.11
CA ILE Y 151 45.81 25.36 45.15
C ILE Y 151 45.24 25.32 43.74
N TYR Y 152 45.98 25.81 42.76
CA TYR Y 152 45.48 25.82 41.39
C TYR Y 152 45.56 24.43 40.77
N PHE Y 153 46.60 23.66 41.10
CA PHE Y 153 46.64 22.28 40.64
C PHE Y 153 45.49 21.47 41.23
N ASP Y 154 45.17 21.68 42.52
CA ASP Y 154 44.03 21.03 43.12
C ASP Y 154 42.72 21.47 42.46
N TYR Y 155 42.64 22.75 42.10
CA TYR Y 155 41.48 23.27 41.38
C TYR Y 155 41.26 22.49 40.09
N ILE Y 156 42.35 22.25 39.34
CA ILE Y 156 42.26 21.48 38.11
C ILE Y 156 41.79 20.07 38.40
N CYS Y 157 42.33 19.45 39.45
CA CYS Y 157 41.91 18.10 39.83
C CYS Y 157 40.43 18.05 40.11
N SER Y 158 39.93 19.03 40.88
CA SER Y 158 38.52 19.04 41.24
C SER Y 158 37.63 19.19 40.00
N GLY Y 159 38.04 20.05 39.06
CA GLY Y 159 37.29 20.17 37.83
C GLY Y 159 37.23 18.87 37.05
N LEU Y 160 38.36 18.18 36.95
CA LEU Y 160 38.37 16.88 36.28
C LEU Y 160 37.51 15.88 37.01
N SER Y 161 37.53 15.90 38.33
CA SER Y 161 36.74 14.98 39.13
C SER Y 161 35.29 15.45 39.26
N SER Z 2 63.51 44.44 21.14
CA SER Z 2 63.54 45.23 22.36
C SER Z 2 62.14 45.52 22.87
N VAL Z 3 62.06 46.05 24.09
CA VAL Z 3 60.77 46.38 24.68
C VAL Z 3 60.10 47.49 23.88
N VAL Z 4 60.88 48.46 23.41
CA VAL Z 4 60.31 49.59 22.69
C VAL Z 4 59.66 49.13 21.39
N THR Z 5 60.37 48.30 20.62
CA THR Z 5 59.78 47.82 19.37
C THR Z 5 58.61 46.90 19.63
N LYS Z 6 58.64 46.13 20.72
CA LYS Z 6 57.50 45.28 21.06
C LYS Z 6 56.27 46.13 21.35
N SER Z 7 56.42 47.18 22.16
CA SER Z 7 55.30 48.04 22.47
C SER Z 7 54.76 48.72 21.22
N ILE Z 8 55.65 49.16 20.34
CA ILE Z 8 55.22 49.82 19.11
C ILE Z 8 54.46 48.83 18.22
N VAL Z 9 54.91 47.58 18.17
CA VAL Z 9 54.22 46.57 17.37
C VAL Z 9 52.81 46.35 17.90
N ASN Z 10 52.68 46.19 19.22
CA ASN Z 10 51.36 45.99 19.81
C ASN Z 10 50.46 47.18 19.55
N ALA Z 11 50.99 48.40 19.69
CA ALA Z 11 50.19 49.60 19.47
C ALA Z 11 49.78 49.74 18.02
N ASP Z 12 50.66 49.37 17.09
CA ASP Z 12 50.31 49.42 15.68
C ASP Z 12 49.18 48.44 15.36
N ALA Z 13 49.24 47.24 15.93
CA ALA Z 13 48.16 46.27 15.73
C ALA Z 13 46.86 46.76 16.33
N GLU Z 14 46.92 47.29 17.56
CA GLU Z 14 45.73 47.82 18.22
C GLU Z 14 45.31 49.17 17.68
N ALA Z 15 46.08 49.74 16.75
CA ALA Z 15 45.74 51.01 16.09
C ALA Z 15 45.62 52.17 17.10
N ARG Z 16 46.45 52.14 18.14
CA ARG Z 16 46.42 53.15 19.17
C ARG Z 16 47.83 53.60 19.50
N TYR Z 17 47.95 54.81 20.03
CA TYR Z 17 49.22 55.26 20.57
C TYR Z 17 49.51 54.49 21.85
N LEU Z 18 50.81 54.35 22.15
CA LEU Z 18 51.22 53.54 23.31
C LEU Z 18 50.42 53.93 24.55
N SER Z 19 49.82 52.92 25.18
CA SER Z 19 49.06 53.16 26.39
C SER Z 19 49.99 53.64 27.50
N PRO Z 20 49.45 54.28 28.53
CA PRO Z 20 50.31 54.66 29.66
C PRO Z 20 51.05 53.49 30.26
N GLY Z 21 50.45 52.29 30.25
CA GLY Z 21 51.17 51.12 30.73
C GLY Z 21 52.38 50.79 29.88
N GLU Z 22 52.21 50.78 28.56
CA GLU Z 22 53.33 50.48 27.67
C GLU Z 22 54.41 51.56 27.78
N LEU Z 23 54.00 52.83 27.87
CA LEU Z 23 54.96 53.91 28.05
C LEU Z 23 55.72 53.74 29.36
N ASP Z 24 55.03 53.34 30.41
CA ASP Z 24 55.69 53.07 31.68
C ASP Z 24 56.73 51.97 31.54
N ARG Z 25 56.40 50.91 30.81
CA ARG Z 25 57.33 49.79 30.68
C ARG Z 25 58.59 50.19 29.92
N ILE Z 26 58.44 50.94 28.83
CA ILE Z 26 59.64 51.36 28.10
C ILE Z 26 60.44 52.35 28.93
N LYS Z 27 59.78 53.12 29.80
CA LYS Z 27 60.50 53.95 30.75
C LYS Z 27 61.44 53.11 31.61
N ASN Z 28 60.91 52.06 32.23
CA ASN Z 28 61.71 51.24 33.13
C ASN Z 28 62.85 50.56 32.38
N PHE Z 29 62.58 50.09 31.16
CA PHE Z 29 63.66 49.53 30.35
C PHE Z 29 64.75 50.56 30.09
N VAL Z 30 64.35 51.80 29.81
CA VAL Z 30 65.33 52.87 29.59
C VAL Z 30 66.16 53.07 30.85
N SER Z 31 65.52 53.07 32.02
CA SER Z 31 66.25 53.32 33.26
C SER Z 31 67.27 52.23 33.56
N THR Z 32 66.92 50.97 33.29
CA THR Z 32 67.83 49.86 33.54
C THR Z 32 68.75 49.55 32.36
N GLY Z 33 68.69 50.36 31.30
CA GLY Z 33 69.54 50.11 30.14
C GLY Z 33 71.02 50.18 30.47
N GLU Z 34 71.42 51.11 31.34
CA GLU Z 34 72.84 51.24 31.67
C GLU Z 34 73.36 49.98 32.37
N ARG Z 35 72.59 49.45 33.31
CA ARG Z 35 72.98 48.20 33.97
C ARG Z 35 73.03 47.05 32.96
N ARG Z 36 72.06 47.01 32.03
CA ARG Z 36 72.08 45.97 31.02
C ARG Z 36 73.34 46.04 30.18
N LEU Z 37 73.76 47.25 29.80
CA LEU Z 37 75.01 47.42 29.06
C LEU Z 37 76.20 46.96 29.89
N ARG Z 38 76.20 47.28 31.19
CA ARG Z 38 77.29 46.86 32.06
C ARG Z 38 77.38 45.34 32.15
N ILE Z 39 76.23 44.67 32.27
CA ILE Z 39 76.20 43.21 32.32
C ILE Z 39 76.75 42.63 31.03
N ALA Z 40 76.35 43.18 29.89
CA ALA Z 40 76.88 42.71 28.62
C ALA Z 40 78.40 42.93 28.54
N GLN Z 41 78.88 44.06 29.07
CA GLN Z 41 80.30 44.36 29.00
C GLN Z 41 81.12 43.34 29.78
N THR Z 42 80.69 42.99 30.99
CA THR Z 42 81.45 42.00 31.74
C THR Z 42 81.34 40.62 31.10
N LEU Z 43 80.19 40.30 30.49
CA LEU Z 43 80.06 39.02 29.80
C LEU Z 43 81.04 38.91 28.65
N THR Z 44 81.16 39.97 27.84
CA THR Z 44 82.11 39.90 26.73
C THR Z 44 83.55 39.98 27.23
N GLU Z 45 83.78 40.62 28.38
CA GLU Z 45 85.11 40.62 28.97
C GLU Z 45 85.58 39.21 29.29
N ASN Z 46 84.70 38.42 29.91
CA ASN Z 46 85.01 37.05 30.27
C ASN Z 46 84.45 36.05 29.27
N ARG Z 47 84.29 36.49 28.01
CA ARG Z 47 83.81 35.64 26.92
C ARG Z 47 84.48 34.27 26.89
N GLU Z 48 85.81 34.27 26.76
CA GLU Z 48 86.53 33.01 26.54
C GLU Z 48 86.46 32.11 27.77
N ARG Z 49 86.62 32.69 28.97
CA ARG Z 49 86.63 31.89 30.19
C ARG Z 49 85.32 31.12 30.35
N ILE Z 50 84.20 31.82 30.17
CA ILE Z 50 82.90 31.19 30.34
C ILE Z 50 82.76 30.01 29.38
N VAL Z 51 83.04 30.24 28.10
CA VAL Z 51 82.85 29.19 27.10
C VAL Z 51 83.74 28.00 27.42
N LYS Z 52 85.01 28.26 27.71
CA LYS Z 52 85.97 27.16 27.88
C LYS Z 52 85.61 26.30 29.07
N GLN Z 53 85.42 26.90 30.25
CA GLN Z 53 85.20 26.09 31.44
C GLN Z 53 83.80 25.49 31.47
N ALA Z 54 82.80 26.21 30.95
CA ALA Z 54 81.45 25.64 30.89
C ALA Z 54 81.40 24.45 29.93
N GLY Z 55 82.08 24.57 28.78
CA GLY Z 55 82.13 23.45 27.85
C GLY Z 55 82.83 22.24 28.46
N ASP Z 56 83.90 22.49 29.21
CA ASP Z 56 84.57 21.39 29.90
C ASP Z 56 83.64 20.74 30.92
N GLN Z 57 82.83 21.54 31.62
CA GLN Z 57 81.86 20.98 32.55
C GLN Z 57 80.82 20.12 31.82
N LEU Z 58 80.36 20.58 30.65
CA LEU Z 58 79.43 19.79 29.86
C LEU Z 58 80.06 18.46 29.46
N PHE Z 59 81.32 18.48 29.02
CA PHE Z 59 81.99 17.25 28.65
C PHE Z 59 82.18 16.34 29.85
N GLN Z 60 82.40 16.90 31.03
CA GLN Z 60 82.54 16.09 32.23
C GLN Z 60 81.23 15.37 32.55
N LYS Z 61 80.10 16.07 32.45
CA LYS Z 61 78.83 15.43 32.76
C LYS Z 61 78.35 14.52 31.63
N ARG Z 62 78.85 14.70 30.42
CA ARG Z 62 78.47 13.90 29.26
C ARG Z 62 79.72 13.25 28.67
N PRO Z 63 80.12 12.09 29.17
CA PRO Z 63 81.22 11.36 28.50
C PRO Z 63 80.90 10.99 27.08
N ASP Z 64 79.63 10.70 26.79
CA ASP Z 64 79.23 10.26 25.45
C ASP Z 64 79.52 11.32 24.39
N VAL Z 65 79.40 12.59 24.76
CA VAL Z 65 79.59 13.68 23.79
C VAL Z 65 81.00 13.67 23.24
N VAL Z 66 82.00 13.53 24.11
CA VAL Z 66 83.40 13.55 23.70
C VAL Z 66 83.94 12.16 23.43
N SER Z 67 83.08 11.16 23.44
CA SER Z 67 83.41 9.77 23.16
C SER Z 67 83.04 9.41 21.73
N PRO Z 68 83.55 8.30 21.20
CA PRO Z 68 83.13 7.88 19.86
C PRO Z 68 81.63 7.65 19.81
N GLY Z 69 81.02 8.04 18.69
CA GLY Z 69 79.59 8.10 18.58
C GLY Z 69 78.96 9.37 19.11
N GLY Z 70 79.76 10.28 19.65
CA GLY Z 70 79.28 11.57 20.10
C GLY Z 70 79.57 12.64 19.04
N ASN Z 71 78.71 13.66 19.01
CA ASN Z 71 78.81 14.67 17.98
C ASN Z 71 80.13 15.43 18.07
N ALA Z 72 80.53 15.82 19.27
CA ALA Z 72 81.79 16.53 19.49
C ALA Z 72 82.87 15.53 19.89
N TYR Z 73 83.22 14.68 18.93
CA TYR Z 73 84.25 13.66 19.13
C TYR Z 73 85.48 14.04 18.34
N GLY Z 74 86.62 14.10 19.03
CA GLY Z 74 87.83 14.64 18.46
C GLY Z 74 88.03 16.10 18.82
N GLU Z 75 89.29 16.54 18.76
CA GLU Z 75 89.63 17.89 19.16
C GLU Z 75 88.94 18.93 18.28
N GLU Z 76 88.95 18.72 16.98
CA GLU Z 76 88.34 19.69 16.07
C GLU Z 76 86.84 19.83 16.33
N MET Z 77 86.16 18.70 16.50
CA MET Z 77 84.72 18.75 16.74
C MET Z 77 84.39 19.40 18.08
N THR Z 78 85.18 19.12 19.11
CA THR Z 78 84.98 19.79 20.39
C THR Z 78 85.17 21.29 20.26
N ALA Z 79 86.12 21.71 19.41
CA ALA Z 79 86.33 23.14 19.18
C ALA Z 79 85.11 23.77 18.53
N THR Z 80 84.52 23.11 17.53
CA THR Z 80 83.32 23.65 16.90
C THR Z 80 82.16 23.72 17.89
N CYS Z 81 82.04 22.72 18.77
CA CYS Z 81 81.00 22.79 19.79
C CYS Z 81 81.19 24.00 20.69
N LEU Z 82 82.44 24.26 21.08
CA LEU Z 82 82.70 25.46 21.87
C LEU Z 82 82.39 26.72 21.09
N ARG Z 83 82.56 26.70 19.77
CA ARG Z 83 82.17 27.84 18.95
C ARG Z 83 80.68 28.13 19.09
N ASP Z 84 79.86 27.08 19.06
CA ASP Z 84 78.42 27.28 19.23
C ASP Z 84 78.11 27.88 20.58
N LEU Z 85 78.78 27.40 21.63
CA LEU Z 85 78.57 27.98 22.96
C LEU Z 85 78.91 29.46 22.96
N ASP Z 86 80.00 29.84 22.28
CA ASP Z 86 80.37 31.25 22.18
C ASP Z 86 79.30 32.06 21.46
N TYR Z 87 78.73 31.50 20.39
CA TYR Z 87 77.66 32.17 19.67
C TYR Z 87 76.48 32.45 20.59
N TYR Z 88 76.09 31.47 21.41
CA TYR Z 88 74.95 31.65 22.30
C TYR Z 88 75.24 32.69 23.37
N LEU Z 89 76.48 32.73 23.88
CA LEU Z 89 76.84 33.78 24.84
C LEU Z 89 76.68 35.16 24.21
N ARG Z 90 77.13 35.31 22.96
CA ARG Z 90 76.99 36.58 22.26
C ARG Z 90 75.52 36.97 22.12
N LEU Z 91 74.66 36.02 21.80
CA LEU Z 91 73.24 36.31 21.69
C LEU Z 91 72.67 36.74 23.03
N VAL Z 92 73.10 36.11 24.12
CA VAL Z 92 72.59 36.46 25.45
C VAL Z 92 72.95 37.89 25.80
N THR Z 93 74.18 38.32 25.47
CA THR Z 93 74.55 39.71 25.73
C THR Z 93 73.67 40.66 24.93
N TYR Z 94 73.41 40.34 23.66
CA TYR Z 94 72.49 41.15 22.87
C TYR Z 94 71.13 41.25 23.53
N GLY Z 95 70.61 40.11 24.00
CA GLY Z 95 69.28 40.09 24.60
C GLY Z 95 69.20 40.90 25.87
N ILE Z 96 70.22 40.81 26.72
CA ILE Z 96 70.26 41.62 27.93
C ILE Z 96 70.25 43.10 27.59
N VAL Z 97 71.06 43.50 26.60
CA VAL Z 97 71.09 44.90 26.19
C VAL Z 97 69.72 45.32 25.64
N ALA Z 98 69.10 44.46 24.84
CA ALA Z 98 67.82 44.80 24.24
C ALA Z 98 66.71 44.89 25.28
N GLY Z 99 66.84 44.18 26.39
CA GLY Z 99 65.81 44.13 27.40
C GLY Z 99 64.68 43.16 27.11
N ASP Z 100 64.77 42.39 26.03
CA ASP Z 100 63.75 41.43 25.67
C ASP Z 100 64.41 40.27 24.93
N VAL Z 101 63.69 39.16 24.83
CA VAL Z 101 64.24 37.95 24.19
C VAL Z 101 64.13 37.98 22.67
N THR Z 102 63.63 39.08 22.09
CA THR Z 102 63.41 39.12 20.65
C THR Z 102 64.67 38.88 19.84
N PRO Z 103 65.81 39.55 20.08
CA PRO Z 103 66.99 39.24 19.26
C PRO Z 103 67.48 37.81 19.42
N ILE Z 104 67.46 37.28 20.65
CA ILE Z 104 67.90 35.90 20.87
C ILE Z 104 67.02 34.94 20.10
N GLU Z 105 65.70 35.14 20.17
CA GLU Z 105 64.77 34.23 19.51
C GLU Z 105 64.98 34.25 18.00
N GLU Z 106 65.06 35.45 17.40
CA GLU Z 106 65.19 35.53 15.95
C GLU Z 106 66.54 35.00 15.48
N ILE Z 107 67.62 35.38 16.15
CA ILE Z 107 68.95 35.04 15.66
C ILE Z 107 69.26 33.56 15.87
N GLY Z 108 68.92 33.01 17.03
CA GLY Z 108 69.40 31.68 17.33
C GLY Z 108 68.46 30.71 18.02
N LEU Z 109 67.15 30.88 17.85
CA LEU Z 109 66.20 29.94 18.43
C LEU Z 109 65.08 29.51 17.50
N VAL Z 110 64.92 30.12 16.32
CA VAL Z 110 63.85 29.78 15.40
C VAL Z 110 64.34 28.60 14.56
N GLY Z 111 63.88 27.40 14.90
CA GLY Z 111 64.35 26.21 14.24
C GLY Z 111 65.64 25.65 14.80
N VAL Z 112 65.95 25.95 16.06
CA VAL Z 112 67.18 25.44 16.66
C VAL Z 112 67.21 23.92 16.61
N ARG Z 113 66.05 23.30 16.89
CA ARG Z 113 65.97 21.85 16.83
C ARG Z 113 66.14 21.34 15.41
N GLU Z 114 65.57 22.03 14.42
CA GLU Z 114 65.70 21.58 13.04
C GLU Z 114 67.15 21.62 12.59
N MET Z 115 67.86 22.70 12.91
CA MET Z 115 69.27 22.80 12.56
C MET Z 115 70.08 21.69 13.22
N TYR Z 116 69.84 21.45 14.51
CA TYR Z 116 70.60 20.43 15.21
C TYR Z 116 70.22 19.03 14.76
N ASN Z 117 68.95 18.83 14.38
CA ASN Z 117 68.56 17.53 13.83
C ASN Z 117 69.28 17.25 12.52
N SER Z 118 69.39 18.25 11.66
CA SER Z 118 70.15 18.07 10.42
C SER Z 118 71.60 17.77 10.71
N LEU Z 119 72.17 18.42 11.72
CA LEU Z 119 73.56 18.17 12.09
C LEU Z 119 73.74 16.82 12.77
N GLY Z 120 72.69 16.28 13.39
CA GLY Z 120 72.81 15.08 14.19
C GLY Z 120 73.14 15.30 15.65
N THR Z 121 73.17 16.55 16.10
CA THR Z 121 73.55 16.96 17.44
C THR Z 121 72.41 16.71 18.44
N PRO Z 122 72.73 16.30 19.68
CA PRO Z 122 71.68 16.14 20.71
C PRO Z 122 71.33 17.47 21.37
N ILE Z 123 70.05 17.81 21.31
CA ILE Z 123 69.55 19.08 21.86
C ILE Z 123 69.62 19.14 23.39
N PRO Z 124 69.29 18.09 24.16
CA PRO Z 124 69.42 18.24 25.62
C PRO Z 124 70.86 18.46 26.06
N ALA Z 125 71.82 17.87 25.36
CA ALA Z 125 73.23 18.11 25.67
C ALA Z 125 73.62 19.56 25.41
N VAL Z 126 73.13 20.14 24.30
CA VAL Z 126 73.35 21.55 24.06
C VAL Z 126 72.78 22.37 25.21
N ALA Z 127 71.59 22.00 25.69
CA ALA Z 127 70.98 22.72 26.80
C ALA Z 127 71.83 22.64 28.05
N GLU Z 128 72.40 21.47 28.34
CA GLU Z 128 73.26 21.33 29.51
C GLU Z 128 74.49 22.24 29.41
N GLY Z 129 75.08 22.32 28.21
CA GLY Z 129 76.20 23.23 28.03
C GLY Z 129 75.83 24.67 28.33
N ILE Z 130 74.66 25.10 27.86
CA ILE Z 130 74.22 26.47 28.10
C ILE Z 130 73.94 26.69 29.58
N ARG Z 131 73.43 25.67 30.28
CA ARG Z 131 73.25 25.77 31.73
C ARG Z 131 74.59 26.01 32.42
N ALA Z 132 75.63 25.28 32.01
CA ALA Z 132 76.95 25.49 32.59
C ALA Z 132 77.45 26.90 32.32
N MET Z 133 77.21 27.43 31.12
CA MET Z 133 77.56 28.82 30.83
C MET Z 133 76.84 29.77 31.77
N LYS Z 134 75.56 29.49 32.05
CA LYS Z 134 74.81 30.34 32.98
C LYS Z 134 75.45 30.34 34.36
N ASN Z 135 75.87 29.17 34.85
CA ASN Z 135 76.47 29.10 36.17
C ASN Z 135 77.76 29.92 36.24
N VAL Z 136 78.62 29.77 35.22
CA VAL Z 136 79.89 30.50 35.21
C VAL Z 136 79.64 32.00 35.16
N ALA Z 137 78.71 32.42 34.29
CA ALA Z 137 78.41 33.84 34.16
C ALA Z 137 77.85 34.40 35.47
N CYS Z 138 76.99 33.62 36.13
CA CYS Z 138 76.41 34.09 37.40
C CYS Z 138 77.49 34.27 38.46
N SER Z 139 78.47 33.38 38.50
CA SER Z 139 79.58 33.54 39.45
C SER Z 139 80.35 34.83 39.17
N LEU Z 140 80.58 35.13 37.89
CA LEU Z 140 81.27 36.37 37.54
C LEU Z 140 80.45 37.59 37.91
N LEU Z 141 79.13 37.53 37.71
CA LEU Z 141 78.26 38.68 37.94
C LEU Z 141 77.93 38.84 39.42
N SER Z 142 77.46 40.03 39.77
CA SER Z 142 76.90 40.25 41.09
C SER Z 142 75.52 39.58 41.16
N ALA Z 143 75.00 39.46 42.39
CA ALA Z 143 73.77 38.72 42.60
C ALA Z 143 72.61 39.33 41.81
N GLU Z 144 72.46 40.66 41.86
CA GLU Z 144 71.42 41.31 41.08
C GLU Z 144 71.67 41.14 39.58
N ASP Z 145 72.92 41.32 39.15
CA ASP Z 145 73.25 41.17 37.73
C ASP Z 145 73.07 39.74 37.26
N ALA Z 146 73.48 38.77 38.09
CA ALA Z 146 73.36 37.38 37.70
C ALA Z 146 71.91 37.00 37.46
N ALA Z 147 70.99 37.55 38.26
CA ALA Z 147 69.58 37.25 38.10
C ALA Z 147 69.07 37.72 36.73
N GLU Z 148 69.47 38.93 36.31
CA GLU Z 148 68.99 39.45 35.03
C GLU Z 148 69.52 38.62 33.87
N ALA Z 149 70.82 38.29 33.87
CA ALA Z 149 71.38 37.49 32.80
C ALA Z 149 70.86 36.06 32.83
N GLY Z 150 70.63 35.53 34.04
CA GLY Z 150 70.16 34.16 34.17
C GLY Z 150 68.81 33.93 33.50
N SER Z 151 67.95 34.95 33.49
CA SER Z 151 66.64 34.80 32.87
C SER Z 151 66.77 34.53 31.38
N TYR Z 152 67.63 35.27 30.69
CA TYR Z 152 67.83 35.03 29.27
C TYR Z 152 68.44 33.65 29.03
N PHE Z 153 69.40 33.25 29.87
CA PHE Z 153 69.92 31.89 29.78
C PHE Z 153 68.81 30.86 29.98
N ASP Z 154 67.90 31.12 30.93
CA ASP Z 154 66.81 30.19 31.19
C ASP Z 154 65.89 30.06 29.99
N PHE Z 155 65.59 31.17 29.32
CA PHE Z 155 64.77 31.09 28.12
C PHE Z 155 65.46 30.24 27.06
N VAL Z 156 66.77 30.41 26.89
CA VAL Z 156 67.49 29.67 25.86
C VAL Z 156 67.44 28.17 26.15
N ILE Z 157 67.70 27.78 27.40
CA ILE Z 157 67.70 26.35 27.71
C ILE Z 157 66.30 25.77 27.58
N GLY Z 158 65.28 26.54 27.99
CA GLY Z 158 63.91 26.08 27.82
C GLY Z 158 63.55 25.84 26.37
N ALA Z 159 64.00 26.72 25.48
CA ALA Z 159 63.81 26.49 24.05
C ALA Z 159 64.59 25.28 23.57
N MET Z 160 65.78 25.04 24.14
CA MET Z 160 66.59 23.89 23.73
C MET Z 160 65.88 22.58 24.01
N GLN Z 161 65.23 22.46 25.17
CA GLN Z 161 64.55 21.23 25.60
C GLN Z 161 63.78 20.54 24.49
N MET AA 1 59.99 45.74 12.35
CA MET AA 1 60.41 47.03 12.86
C MET AA 1 61.73 46.91 13.62
N GLN AA 2 62.57 47.93 13.51
CA GLN AA 2 63.85 47.97 14.19
C GLN AA 2 63.93 49.19 15.08
N ASP AA 3 64.20 48.95 16.37
CA ASP AA 3 64.55 50.01 17.29
C ASP AA 3 65.97 50.50 16.97
N ALA AA 4 66.36 51.61 17.60
CA ALA AA 4 67.77 52.02 17.52
C ALA AA 4 68.67 50.94 18.12
N ILE AA 5 68.28 50.40 19.27
CA ILE AA 5 69.03 49.32 19.90
C ILE AA 5 69.03 48.09 19.01
N THR AA 6 67.88 47.78 18.41
CA THR AA 6 67.79 46.61 17.54
C THR AA 6 68.73 46.76 16.34
N ALA AA 7 68.77 47.95 15.74
CA ALA AA 7 69.65 48.16 14.59
C ALA AA 7 71.12 48.03 14.97
N VAL AA 8 71.51 48.61 16.11
CA VAL AA 8 72.90 48.53 16.54
C VAL AA 8 73.29 47.08 16.82
N ILE AA 9 72.42 46.35 17.54
CA ILE AA 9 72.68 44.95 17.83
C ILE AA 9 72.74 44.14 16.54
N ASN AA 10 71.88 44.48 15.58
CA ASN AA 10 71.88 43.76 14.31
C ASN AA 10 73.19 43.95 13.56
N ALA AA 11 73.72 45.17 13.55
CA ALA AA 11 75.00 45.42 12.89
C ALA AA 11 76.11 44.61 13.54
N SER AA 12 76.15 44.60 14.88
CA SER AA 12 77.14 43.79 15.57
C SER AA 12 76.97 42.31 15.26
N ASP AA 13 75.72 41.85 15.20
CA ASP AA 13 75.46 40.44 14.92
C ASP AA 13 75.94 40.07 13.53
N VAL AA 14 75.72 40.94 12.54
CA VAL AA 14 76.17 40.68 11.19
C VAL AA 14 77.69 40.54 11.15
N GLN AA 15 78.40 41.43 11.88
CA GLN AA 15 79.84 41.28 12.00
C GLN AA 15 80.21 39.97 12.67
N GLY AA 16 79.38 39.49 13.60
CA GLY AA 16 79.69 38.32 14.37
C GLY AA 16 80.51 38.59 15.61
N LYS AA 17 81.02 39.81 15.77
CA LYS AA 17 81.73 40.21 16.97
C LYS AA 17 80.75 40.72 18.02
N TYR AA 18 81.16 40.62 19.28
CA TYR AA 18 80.33 41.14 20.36
C TYR AA 18 80.19 42.66 20.22
N LEU AA 19 79.32 43.23 21.05
CA LEU AA 19 79.04 44.66 20.99
C LEU AA 19 80.32 45.47 21.11
N ASP AA 20 80.57 46.29 20.10
CA ASP AA 20 81.76 47.13 20.06
C ASP AA 20 81.63 48.28 21.06
N THR AA 21 82.77 48.92 21.35
CA THR AA 21 82.74 50.07 22.25
C THR AA 21 81.92 51.21 21.67
N ALA AA 22 82.02 51.42 20.36
CA ALA AA 22 81.19 52.42 19.70
C ALA AA 22 79.72 52.01 19.73
N ALA AA 23 79.45 50.71 19.59
CA ALA AA 23 78.08 50.23 19.68
C ALA AA 23 77.49 50.52 21.06
N MET AA 24 78.28 50.29 22.11
CA MET AA 24 77.83 50.63 23.46
C MET AA 24 77.50 52.11 23.58
N GLU AA 25 78.34 52.96 22.98
CA GLU AA 25 78.10 54.40 23.06
C GLU AA 25 76.80 54.77 22.35
N LYS AA 26 76.52 54.15 21.20
CA LYS AA 26 75.26 54.41 20.52
C LYS AA 26 74.07 54.01 21.40
N LEU AA 27 74.16 52.84 22.03
CA LEU AA 27 73.08 52.38 22.89
C LEU AA 27 72.88 53.32 24.06
N LYS AA 28 73.98 53.81 24.65
CA LYS AA 28 73.88 54.76 25.76
C LYS AA 28 73.17 56.04 25.32
N ALA AA 29 73.49 56.53 24.12
CA ALA AA 29 72.84 57.74 23.63
C ALA AA 29 71.35 57.55 23.49
N TYR AA 30 70.92 56.43 22.93
CA TYR AA 30 69.48 56.17 22.80
C TYR AA 30 68.81 56.12 24.16
N PHE AA 31 69.45 55.46 25.13
CA PHE AA 31 68.88 55.43 26.48
C PHE AA 31 68.79 56.83 27.07
N ALA AA 32 69.75 57.69 26.75
CA ALA AA 32 69.74 59.05 27.29
C ALA AA 32 68.52 59.83 26.80
N THR AA 33 68.16 59.67 25.53
CA THR AA 33 67.04 60.40 24.95
C THR AA 33 65.71 59.66 25.10
N GLY AA 34 65.72 58.44 25.64
CA GLY AA 34 64.50 57.65 25.69
C GLY AA 34 63.38 58.27 26.51
N GLU AA 35 63.71 58.82 27.69
CA GLU AA 35 62.67 59.37 28.55
C GLU AA 35 61.98 60.56 27.91
N LEU AA 36 62.75 61.41 27.21
CA LEU AA 36 62.14 62.49 26.45
C LEU AA 36 61.21 61.96 25.38
N ARG AA 37 61.60 60.86 24.73
CA ARG AA 37 60.74 60.24 23.72
C ARG AA 37 59.42 59.80 24.32
N VAL AA 38 59.45 59.20 25.51
CA VAL AA 38 58.22 58.75 26.16
C VAL AA 38 57.30 59.92 26.44
N ARG AA 39 57.87 61.02 26.97
CA ARG AA 39 57.06 62.18 27.33
C ARG AA 39 56.36 62.76 26.09
N ALA AA 40 57.10 62.90 25.00
CA ALA AA 40 56.52 63.46 23.78
C ALA AA 40 55.40 62.58 23.25
N ALA AA 41 55.59 61.26 23.29
CA ALA AA 41 54.55 60.35 22.82
C ALA AA 41 53.27 60.51 23.61
N SER AA 42 53.38 60.64 24.94
CA SER AA 42 52.19 60.83 25.76
C SER AA 42 51.48 62.12 25.37
N VAL AA 43 52.24 63.19 25.11
CA VAL AA 43 51.62 64.48 24.83
C VAL AA 43 50.80 64.43 23.54
N ILE AA 44 51.39 63.93 22.45
CA ILE AA 44 50.65 63.96 21.19
C ILE AA 44 49.62 62.86 21.10
N SER AA 45 49.71 61.82 21.94
CA SER AA 45 48.62 60.88 22.03
C SER AA 45 47.36 61.56 22.54
N ALA AA 46 47.51 62.43 23.54
CA ALA AA 46 46.36 63.11 24.11
C ALA AA 46 45.75 64.11 23.14
N ASN AA 47 46.58 64.77 22.34
CA ASN AA 47 46.13 65.84 21.44
C ASN AA 47 46.17 65.43 19.97
N ALA AA 48 46.08 64.13 19.68
CA ALA AA 48 46.24 63.68 18.30
C ALA AA 48 45.17 64.26 17.39
N ALA AA 49 43.91 64.15 17.79
CA ALA AA 49 42.83 64.66 16.95
C ALA AA 49 42.93 66.18 16.78
N ASN AA 50 43.30 66.88 17.85
CA ASN AA 50 43.44 68.33 17.76
C ASN AA 50 44.56 68.72 16.80
N ILE AA 51 45.68 68.00 16.83
CA ILE AA 51 46.78 68.29 15.91
C ILE AA 51 46.33 68.14 14.48
N VAL AA 52 45.62 67.04 14.18
CA VAL AA 52 45.12 66.83 12.82
C VAL AA 52 44.15 67.94 12.44
N LYS AA 53 43.24 68.29 13.35
CA LYS AA 53 42.25 69.32 13.07
C LYS AA 53 42.92 70.65 12.74
N GLU AA 54 43.90 71.04 13.55
CA GLU AA 54 44.59 72.32 13.32
C GLU AA 54 45.31 72.33 11.98
N ALA AA 55 46.01 71.25 11.65
CA ALA AA 55 46.75 71.21 10.39
C ALA AA 55 45.81 71.26 9.20
N VAL AA 56 44.71 70.49 9.26
CA VAL AA 56 43.74 70.49 8.17
C VAL AA 56 43.19 71.89 7.97
N ALA AA 57 42.85 72.57 9.06
CA ALA AA 57 42.35 73.94 8.96
C ALA AA 57 43.40 74.88 8.39
N LYS AA 58 44.66 74.69 8.78
CA LYS AA 58 45.71 75.61 8.37
C LYS AA 58 45.95 75.58 6.87
N SER AA 59 45.98 74.41 6.26
CA SER AA 59 46.34 74.33 4.86
C SER AA 59 45.28 73.70 3.96
N LEU AA 60 44.49 72.76 4.46
CA LEU AA 60 43.65 71.95 3.59
C LEU AA 60 42.22 72.48 3.45
N LEU AA 61 41.83 73.50 4.21
CA LEU AA 61 40.45 73.95 4.24
C LEU AA 61 40.30 75.30 3.56
N TYR AA 62 39.10 75.55 3.05
CA TYR AA 62 38.76 76.79 2.35
C TYR AA 62 39.75 77.05 1.22
N SER AA 63 40.09 75.98 0.51
CA SER AA 63 41.01 76.01 -0.61
C SER AA 63 40.40 75.25 -1.77
N ASP AA 64 41.06 75.35 -2.93
CA ASP AA 64 40.53 74.70 -4.12
C ASP AA 64 40.44 73.19 -3.95
N ILE AA 65 41.37 72.60 -3.18
CA ILE AA 65 41.40 71.14 -3.05
C ILE AA 65 40.16 70.64 -2.33
N THR AA 66 39.67 71.38 -1.33
CA THR AA 66 38.43 71.00 -0.67
C THR AA 66 37.21 71.45 -1.45
N ARG AA 67 37.33 72.49 -2.27
CA ARG AA 67 36.24 72.88 -3.15
C ARG AA 67 36.05 71.83 -4.25
N PRO AA 68 34.89 71.80 -4.91
CA PRO AA 68 34.57 70.68 -5.80
C PRO AA 68 35.63 70.45 -6.88
N GLY AA 69 35.91 69.17 -7.13
CA GLY AA 69 36.90 68.77 -8.10
C GLY AA 69 38.33 68.82 -7.64
N GLY AA 70 38.57 69.07 -6.36
CA GLY AA 70 39.93 69.24 -5.86
C GLY AA 70 40.51 68.07 -5.11
N MET AA 72 39.69 66.59 -2.38
CA MET AA 72 39.31 66.47 -0.98
C MET AA 72 37.81 66.74 -0.82
N TYR AA 73 37.23 67.35 -1.85
CA TYR AA 73 35.78 67.44 -1.92
C TYR AA 73 35.20 66.03 -1.98
N THR AA 74 33.93 65.93 -1.56
CA THR AA 74 33.18 64.69 -1.33
C THR AA 74 33.47 64.16 0.07
N THR AA 75 32.42 63.71 0.76
CA THR AA 75 32.53 63.35 2.17
C THR AA 75 33.52 62.22 2.38
N ARG AA 76 33.46 61.18 1.54
CA ARG AA 76 34.35 60.04 1.71
C ARG AA 76 35.81 60.45 1.53
N ARG AA 77 36.09 61.31 0.56
CA ARG AA 77 37.46 61.73 0.32
C ARG AA 77 37.99 62.58 1.47
N TYR AA 78 37.13 63.43 2.04
CA TYR AA 78 37.55 64.22 3.19
C TYR AA 78 37.89 63.32 4.38
N ALA AA 79 37.04 62.31 4.62
CA ALA AA 79 37.32 61.37 5.71
C ALA AA 79 38.62 60.61 5.46
N ALA AA 80 38.85 60.21 4.21
CA ALA AA 80 40.10 59.54 3.89
C ALA AA 80 41.29 60.45 4.13
N CYS AA 81 41.15 61.74 3.80
CA CYS AA 81 42.28 62.65 3.99
C CYS AA 81 42.61 62.81 5.47
N ILE AA 82 41.59 62.98 6.32
CA ILE AA 82 41.87 63.20 7.73
C ILE AA 82 42.46 61.95 8.37
N ARG AA 83 41.98 60.77 7.97
CA ARG AA 83 42.53 59.55 8.54
C ARG AA 83 43.93 59.27 8.02
N ASP AA 84 44.25 59.70 6.80
CA ASP AA 84 45.62 59.62 6.33
C ASP AA 84 46.54 60.48 7.18
N LEU AA 85 46.07 61.67 7.55
CA LEU AA 85 46.88 62.54 8.39
C LEU AA 85 47.08 61.93 9.77
N ASP AA 86 46.05 61.31 10.35
CA ASP AA 86 46.24 60.66 11.63
C ASP AA 86 47.14 59.44 11.50
N TYR AA 87 47.08 58.73 10.37
CA TYR AA 87 48.03 57.66 10.10
C TYR AA 87 49.46 58.20 10.12
N TYR AA 88 49.70 59.31 9.40
CA TYR AA 88 51.03 59.89 9.36
C TYR AA 88 51.51 60.29 10.74
N LEU AA 89 50.64 60.93 11.52
CA LEU AA 89 51.02 61.36 12.87
C LEU AA 89 51.29 60.18 13.78
N ARG AA 90 50.48 59.13 13.70
CA ARG AA 90 50.67 57.97 14.56
C ARG AA 90 51.95 57.22 14.21
N TYR AA 91 52.22 57.03 12.92
CA TYR AA 91 53.47 56.39 12.55
C TYR AA 91 54.67 57.28 12.85
N ALA AA 92 54.49 58.59 12.79
CA ALA AA 92 55.56 59.50 13.18
C ALA AA 92 55.90 59.35 14.65
N THR AA 93 54.88 59.20 15.51
CA THR AA 93 55.17 59.01 16.93
C THR AA 93 55.78 57.64 17.19
N TYR AA 94 55.40 56.62 16.41
CA TYR AA 94 56.06 55.33 16.54
C TYR AA 94 57.54 55.44 16.20
N ALA AA 95 57.85 56.15 15.10
CA ALA AA 95 59.25 56.31 14.70
C ALA AA 95 60.02 57.13 15.71
N MET AA 96 59.40 58.17 16.27
CA MET AA 96 60.06 58.98 17.28
C MET AA 96 60.39 58.16 18.51
N LEU AA 97 59.42 57.38 19.00
CA LEU AA 97 59.68 56.51 20.14
C LEU AA 97 60.76 55.49 19.82
N ALA AA 98 60.74 54.94 18.61
CA ALA AA 98 61.72 53.93 18.23
C ALA AA 98 63.12 54.51 18.10
N GLY AA 99 63.23 55.77 17.70
CA GLY AA 99 64.54 56.32 17.41
C GLY AA 99 65.11 55.88 16.09
N ASP AA 100 64.27 55.43 15.16
CA ASP AA 100 64.72 55.00 13.84
C ASP AA 100 63.55 55.13 12.87
N PRO AA 101 63.81 55.34 11.59
CA PRO AA 101 62.74 55.47 10.59
C PRO AA 101 62.32 54.16 9.93
N SER AA 102 62.75 53.02 10.46
CA SER AA 102 62.46 51.74 9.82
C SER AA 102 60.96 51.48 9.73
N ILE AA 103 60.22 51.85 10.78
CA ILE AA 103 58.77 51.65 10.76
C ILE AA 103 58.14 52.44 9.63
N LEU AA 104 58.55 53.69 9.45
CA LEU AA 104 58.02 54.49 8.35
C LEU AA 104 58.29 53.83 7.01
N ASP AA 105 59.52 53.36 6.80
CA ASP AA 105 59.86 52.71 5.54
C ASP AA 105 58.97 51.49 5.28
N GLU AA 106 58.92 50.58 6.24
CA GLU AA 106 58.32 49.29 5.97
C GLU AA 106 56.80 49.35 5.95
N ARG AA 107 56.18 50.14 6.83
CA ARG AA 107 54.73 50.11 6.97
C ARG AA 107 54.03 51.31 6.33
N VAL AA 108 54.75 52.36 5.95
CA VAL AA 108 54.08 53.56 5.46
C VAL AA 108 54.44 53.86 4.02
N LEU AA 109 55.73 54.14 3.77
CA LEU AA 109 56.12 54.76 2.51
C LEU AA 109 55.98 53.81 1.33
N ASN AA 110 56.15 52.51 1.55
CA ASN AA 110 56.14 51.55 0.45
C ASN AA 110 54.80 51.58 -0.28
N GLY AA 111 54.88 51.73 -1.61
CA GLY AA 111 53.70 51.85 -2.45
C GLY AA 111 52.86 53.08 -2.22
N LEU AA 112 53.16 53.89 -1.20
CA LEU AA 112 52.33 55.04 -0.87
C LEU AA 112 52.35 56.07 -1.99
N LYS AA 113 53.55 56.39 -2.49
CA LYS AA 113 53.67 57.38 -3.55
C LYS AA 113 52.97 56.92 -4.82
N GLU AA 114 53.18 55.66 -5.21
CA GLU AA 114 52.58 55.15 -6.43
C GLU AA 114 51.05 55.10 -6.33
N THR AA 115 50.53 54.64 -5.19
CA THR AA 115 49.09 54.57 -5.01
C THR AA 115 48.47 55.97 -4.99
N TYR AA 116 49.14 56.92 -4.34
CA TYR AA 116 48.66 58.30 -4.38
C TYR AA 116 48.64 58.83 -5.81
N ASN AA 117 49.69 58.54 -6.59
CA ASN AA 117 49.72 59.00 -7.97
C ASN AA 117 48.58 58.39 -8.78
N SER AA 118 48.32 57.09 -8.58
CA SER AA 118 47.23 56.43 -9.31
C SER AA 118 45.89 57.03 -8.93
N LEU AA 119 45.69 57.33 -7.64
CA LEU AA 119 44.42 57.88 -7.20
C LEU AA 119 44.24 59.32 -7.64
N GLY AA 120 45.33 60.05 -7.88
CA GLY AA 120 45.23 61.47 -8.13
C GLY AA 120 45.35 62.34 -6.90
N VAL AA 121 45.83 61.78 -5.79
CA VAL AA 121 46.04 62.59 -4.58
C VAL AA 121 47.09 63.65 -4.87
N PRO AA 122 46.89 64.91 -4.47
CA PRO AA 122 47.95 65.90 -4.65
C PRO AA 122 49.06 65.75 -3.62
N ILE AA 123 50.20 65.20 -4.05
CA ILE AA 123 51.28 64.90 -3.13
C ILE AA 123 51.86 66.18 -2.55
N ALA AA 124 51.94 67.24 -3.35
CA ALA AA 124 52.44 68.51 -2.84
C ALA AA 124 51.56 69.03 -1.71
N ALA AA 125 50.24 68.94 -1.88
CA ALA AA 125 49.34 69.38 -0.83
C ALA AA 125 49.50 68.54 0.43
N THR AA 126 49.64 67.22 0.29
CA THR AA 126 49.83 66.37 1.46
C THR AA 126 51.14 66.71 2.18
N VAL AA 127 52.21 66.96 1.40
CA VAL AA 127 53.49 67.29 2.01
C VAL AA 127 53.40 68.59 2.79
N GLN AA 128 52.75 69.60 2.22
CA GLN AA 128 52.57 70.86 2.94
C GLN AA 128 51.72 70.65 4.19
N ALA AA 129 50.70 69.79 4.09
CA ALA AA 129 49.82 69.54 5.24
C ALA AA 129 50.57 68.87 6.38
N ILE AA 130 51.39 67.86 6.09
CA ILE AA 130 52.14 67.22 7.17
C ILE AA 130 53.24 68.14 7.68
N GLN AA 131 53.71 69.08 6.86
CA GLN AA 131 54.58 70.13 7.38
C GLN AA 131 53.85 70.98 8.41
N ALA AA 132 52.58 71.30 8.14
CA ALA AA 132 51.77 72.03 9.10
C ALA AA 132 51.57 71.20 10.37
N MET AA 133 51.36 69.89 10.22
CA MET AA 133 51.31 69.01 11.39
C MET AA 133 52.60 69.10 12.19
N LYS AA 134 53.74 69.12 11.50
CA LYS AA 134 55.02 69.21 12.19
C LYS AA 134 55.10 70.47 13.04
N GLU AA 135 54.65 71.60 12.49
CA GLU AA 135 54.67 72.85 13.24
C GLU AA 135 53.79 72.76 14.49
N VAL AA 136 52.56 72.27 14.33
CA VAL AA 136 51.63 72.20 15.46
C VAL AA 136 52.16 71.26 16.54
N THR AA 137 52.58 70.06 16.14
CA THR AA 137 53.05 69.09 17.12
C THR AA 137 54.34 69.55 17.79
N ALA AA 138 55.20 70.27 17.08
CA ALA AA 138 56.41 70.81 17.68
C ALA AA 138 56.06 71.80 18.78
N SER AA 139 55.06 72.65 18.54
CA SER AA 139 54.62 73.59 19.57
C SER AA 139 54.13 72.84 20.80
N LEU AA 140 53.37 71.77 20.60
CA LEU AA 140 52.81 71.05 21.75
C LEU AA 140 53.89 70.33 22.56
N VAL AA 141 54.76 69.58 21.90
CA VAL AA 141 55.70 68.74 22.65
C VAL AA 141 56.87 69.57 23.18
N GLY AA 142 57.26 70.63 22.48
CA GLY AA 142 58.44 71.38 22.85
C GLY AA 142 59.46 71.41 21.74
N ALA AA 143 60.39 72.37 21.80
CA ALA AA 143 61.33 72.56 20.70
C ALA AA 143 62.32 71.41 20.60
N ASP AA 144 62.89 70.98 21.74
CA ASP AA 144 63.88 69.91 21.71
C ASP AA 144 63.30 68.62 21.16
N ALA AA 145 62.16 68.19 21.70
CA ALA AA 145 61.51 66.99 21.19
C ALA AA 145 60.95 67.20 19.79
N GLY AA 146 60.49 68.42 19.49
CA GLY AA 146 59.99 68.70 18.15
C GLY AA 146 61.07 68.59 17.09
N LYS AA 147 62.28 69.06 17.41
CA LYS AA 147 63.38 68.95 16.46
C LYS AA 147 63.67 67.49 16.14
N GLU AA 148 63.63 66.62 17.15
CA GLU AA 148 63.75 65.18 16.92
C GLU AA 148 62.57 64.66 16.12
N MET AA 149 61.36 65.15 16.41
CA MET AA 149 60.17 64.72 15.67
C MET AA 149 60.26 65.10 14.19
N GLY AA 150 60.87 66.25 13.90
CA GLY AA 150 60.88 66.75 12.54
C GLY AA 150 61.61 65.86 11.56
N ILE AA 151 62.66 65.18 12.01
CA ILE AA 151 63.43 64.34 11.09
C ILE AA 151 62.56 63.22 10.54
N TYR AA 152 61.68 62.66 11.36
CA TYR AA 152 60.80 61.59 10.89
C TYR AA 152 59.65 62.13 10.05
N PHE AA 153 59.08 63.28 10.43
CA PHE AA 153 58.07 63.89 9.57
C PHE AA 153 58.65 64.25 8.21
N ASP AA 154 59.86 64.80 8.19
CA ASP AA 154 60.52 65.12 6.93
C ASP AA 154 60.84 63.86 6.14
N TYR AA 155 61.16 62.77 6.84
CA TYR AA 155 61.36 61.48 6.17
C TYR AA 155 60.09 61.07 5.41
N ILE AA 156 58.94 61.25 6.05
CA ILE AA 156 57.67 60.99 5.37
C ILE AA 156 57.51 61.90 4.16
N CYS AA 157 57.86 63.19 4.33
CA CYS AA 157 57.75 64.13 3.22
C CYS AA 157 58.61 63.70 2.04
N SER AA 158 59.85 63.29 2.31
CA SER AA 158 60.76 62.89 1.24
C SER AA 158 60.26 61.66 0.52
N GLY AA 159 59.75 60.67 1.27
CA GLY AA 159 59.19 59.49 0.63
C GLY AA 159 57.99 59.82 -0.24
N LEU AA 160 57.13 60.71 0.24
CA LEU AA 160 55.98 61.14 -0.57
C LEU AA 160 56.45 61.88 -1.83
N SER AA 161 57.47 62.70 -1.71
CA SER AA 161 57.99 63.46 -2.84
C SER AA 161 58.99 62.63 -3.65
N SER BA 2 21.33 55.46 -10.17
CA SER BA 2 20.06 55.40 -10.87
C SER BA 2 19.44 54.00 -10.80
N VAL BA 3 18.14 53.92 -11.09
CA VAL BA 3 17.46 52.63 -11.13
C VAL BA 3 18.07 51.75 -12.20
N VAL BA 4 18.38 52.32 -13.35
CA VAL BA 4 18.94 51.55 -14.45
C VAL BA 4 20.27 50.92 -14.05
N THR BA 5 21.16 51.72 -13.45
CA THR BA 5 22.48 51.19 -13.10
C THR BA 5 22.39 50.16 -11.98
N LYS BA 6 21.50 50.37 -11.02
CA LYS BA 6 21.38 49.39 -9.93
C LYS BA 6 20.84 48.07 -10.45
N SER BA 7 19.83 48.12 -11.33
CA SER BA 7 19.31 46.89 -11.93
C SER BA 7 20.40 46.17 -12.73
N ILE BA 8 21.18 46.94 -13.50
CA ILE BA 8 22.26 46.34 -14.28
C ILE BA 8 23.29 45.69 -13.35
N VAL BA 9 23.58 46.34 -12.21
CA VAL BA 9 24.57 45.81 -11.29
C VAL BA 9 24.13 44.46 -10.73
N ASN BA 10 22.87 44.37 -10.30
CA ASN BA 10 22.39 43.10 -9.76
C ASN BA 10 22.36 42.01 -10.82
N ALA BA 11 21.90 42.35 -12.03
CA ALA BA 11 21.92 41.38 -13.11
C ALA BA 11 23.34 40.96 -13.46
N ASP BA 12 24.28 41.90 -13.38
CA ASP BA 12 25.68 41.58 -13.62
C ASP BA 12 26.21 40.58 -12.60
N ALA BA 13 25.84 40.77 -11.32
CA ALA BA 13 26.31 39.86 -10.28
C ALA BA 13 25.81 38.45 -10.50
N GLU BA 14 24.53 38.28 -10.83
CA GLU BA 14 23.98 36.95 -11.03
C GLU BA 14 24.16 36.44 -12.46
N ALA BA 15 24.80 37.22 -13.34
CA ALA BA 15 25.13 36.79 -14.70
C ALA BA 15 23.86 36.47 -15.50
N ARG BA 16 22.95 37.42 -15.53
CA ARG BA 16 21.70 37.27 -16.26
C ARG BA 16 21.42 38.54 -17.06
N TYR BA 17 20.97 38.36 -18.30
CA TYR BA 17 20.43 39.48 -19.04
C TYR BA 17 19.20 40.02 -18.31
N LEU BA 18 18.92 41.30 -18.52
CA LEU BA 18 17.87 41.97 -17.75
C LEU BA 18 16.55 41.23 -17.88
N SER BA 19 15.94 40.92 -16.74
CA SER BA 19 14.70 40.19 -16.72
C SER BA 19 13.58 41.06 -17.30
N PRO BA 20 12.51 40.44 -17.81
CA PRO BA 20 11.43 41.25 -18.40
C PRO BA 20 10.84 42.27 -17.43
N GLY BA 21 10.69 41.91 -16.15
CA GLY BA 21 10.20 42.86 -15.18
C GLY BA 21 11.18 44.00 -14.92
N GLU BA 22 12.46 43.68 -14.86
CA GLU BA 22 13.48 44.73 -14.73
C GLU BA 22 13.44 45.67 -15.93
N LEU BA 23 13.24 45.12 -17.12
CA LEU BA 23 13.11 45.95 -18.31
C LEU BA 23 11.89 46.86 -18.21
N ASP BA 24 10.79 46.34 -17.67
CA ASP BA 24 9.61 47.18 -17.46
C ASP BA 24 9.92 48.34 -16.50
N ARG BA 25 10.63 48.06 -15.42
CA ARG BA 25 10.95 49.11 -14.46
C ARG BA 25 11.84 50.17 -15.09
N ILE BA 26 12.83 49.74 -15.90
CA ILE BA 26 13.68 50.70 -16.60
C ILE BA 26 12.85 51.59 -17.51
N LYS BA 27 11.94 50.97 -18.27
CA LYS BA 27 11.07 51.72 -19.16
C LYS BA 27 10.22 52.73 -18.40
N ASN BA 28 9.65 52.29 -17.27
CA ASN BA 28 8.76 53.16 -16.50
C ASN BA 28 9.52 54.37 -15.95
N PHE BA 29 10.69 54.14 -15.38
CA PHE BA 29 11.47 55.25 -14.84
C PHE BA 29 11.81 56.27 -15.92
N VAL BA 30 12.22 55.79 -17.09
CA VAL BA 30 12.53 56.70 -18.18
C VAL BA 30 11.32 57.55 -18.54
N SER BA 31 10.14 56.92 -18.62
CA SER BA 31 8.94 57.64 -19.04
C SER BA 31 8.53 58.70 -18.01
N THR BA 32 8.57 58.36 -16.72
CA THR BA 32 8.19 59.33 -15.69
C THR BA 32 9.31 60.31 -15.38
N GLY BA 33 10.42 60.26 -16.13
CA GLY BA 33 11.49 61.23 -15.96
C GLY BA 33 11.03 62.66 -16.07
N GLU BA 34 9.96 62.92 -16.81
CA GLU BA 34 9.42 64.28 -16.90
C GLU BA 34 9.02 64.80 -15.52
N ARG BA 35 8.22 64.02 -14.80
CA ARG BA 35 7.84 64.40 -13.44
C ARG BA 35 9.06 64.56 -12.55
N ARG BA 36 10.03 63.64 -12.67
CA ARG BA 36 11.25 63.73 -11.88
C ARG BA 36 11.95 65.06 -12.10
N LEU BA 37 12.16 65.42 -13.36
CA LEU BA 37 12.83 66.68 -13.68
C LEU BA 37 12.05 67.87 -13.18
N ARG BA 38 10.72 67.80 -13.25
CA ARG BA 38 9.89 68.91 -12.78
C ARG BA 38 10.07 69.14 -11.28
N ILE BA 39 10.10 68.06 -10.49
CA ILE BA 39 10.31 68.19 -9.05
C ILE BA 39 11.68 68.80 -8.77
N ALA BA 40 12.71 68.30 -9.45
CA ALA BA 40 14.06 68.84 -9.26
C ALA BA 40 14.12 70.30 -9.66
N GLN BA 41 13.40 70.68 -10.72
CA GLN BA 41 13.38 72.08 -11.16
C GLN BA 41 12.78 72.97 -10.09
N THR BA 42 11.70 72.52 -9.44
CA THR BA 42 11.12 73.29 -8.34
C THR BA 42 12.14 73.52 -7.23
N LEU BA 43 12.84 72.45 -6.83
CA LEU BA 43 13.78 72.57 -5.72
C LEU BA 43 14.92 73.52 -6.05
N THR BA 44 15.49 73.41 -7.25
CA THR BA 44 16.57 74.31 -7.61
C THR BA 44 16.07 75.75 -7.79
N GLU BA 45 14.81 75.92 -8.17
CA GLU BA 45 14.25 77.26 -8.26
C GLU BA 45 14.16 77.91 -6.88
N ASN BA 46 13.89 77.12 -5.85
CA ASN BA 46 13.74 77.64 -4.49
C ASN BA 46 14.88 77.23 -3.57
N ARG BA 47 16.10 77.08 -4.11
CA ARG BA 47 17.24 76.74 -3.28
C ARG BA 47 17.46 77.77 -2.18
N GLU BA 48 17.23 79.06 -2.49
CA GLU BA 48 17.57 80.11 -1.52
C GLU BA 48 16.70 80.03 -0.28
N ARG BA 49 15.37 79.95 -0.45
CA ARG BA 49 14.50 80.02 0.71
C ARG BA 49 14.50 78.71 1.49
N ILE BA 50 14.61 77.56 0.80
CA ILE BA 50 14.65 76.30 1.52
C ILE BA 50 15.81 76.29 2.51
N VAL BA 51 17.01 76.61 2.02
CA VAL BA 51 18.18 76.63 2.88
C VAL BA 51 18.04 77.70 3.95
N LYS BA 52 17.66 78.91 3.55
CA LYS BA 52 17.64 80.03 4.50
C LYS BA 52 16.62 79.80 5.60
N GLN BA 53 15.38 79.50 5.22
CA GLN BA 53 14.31 79.30 6.21
C GLN BA 53 14.59 78.10 7.08
N ALA BA 54 14.97 76.97 6.47
CA ALA BA 54 15.20 75.76 7.24
C ALA BA 54 16.40 75.91 8.18
N GLY BA 55 17.45 76.59 7.72
CA GLY BA 55 18.59 76.82 8.58
C GLY BA 55 18.25 77.70 9.77
N ASP BA 56 17.43 78.72 9.56
CA ASP BA 56 16.97 79.54 10.67
C ASP BA 56 16.14 78.71 11.65
N GLN BA 57 15.29 77.82 11.12
CA GLN BA 57 14.55 76.92 11.99
C GLN BA 57 15.47 76.00 12.77
N LEU BA 58 16.55 75.53 12.13
CA LEU BA 58 17.52 74.69 12.83
C LEU BA 58 18.19 75.47 13.96
N PHE BA 59 18.61 76.69 13.70
CA PHE BA 59 19.28 77.48 14.73
C PHE BA 59 18.35 77.72 15.91
N GLN BA 60 17.08 78.01 15.63
CA GLN BA 60 16.12 78.21 16.71
C GLN BA 60 15.88 76.93 17.49
N LYS BA 61 15.77 75.79 16.80
CA LYS BA 61 15.53 74.53 17.48
C LYS BA 61 16.74 74.09 18.30
N ARG BA 62 17.94 74.40 17.84
CA ARG BA 62 19.19 74.04 18.51
C ARG BA 62 20.01 75.30 18.70
N PRO BA 63 19.69 76.10 19.73
CA PRO BA 63 20.47 77.33 19.96
C PRO BA 63 21.92 77.06 20.29
N ASP BA 64 22.24 75.88 20.80
CA ASP BA 64 23.61 75.61 21.27
C ASP BA 64 24.61 75.59 20.12
N VAL BA 65 24.16 75.28 18.90
CA VAL BA 65 25.10 75.21 17.78
C VAL BA 65 25.63 76.60 17.42
N VAL BA 66 24.79 77.63 17.52
CA VAL BA 66 25.19 78.98 17.19
C VAL BA 66 25.60 79.79 18.42
N SER BA 67 25.61 79.17 19.59
CA SER BA 67 26.00 79.85 20.81
C SER BA 67 27.51 80.07 20.84
N PRO BA 68 27.99 80.97 21.70
CA PRO BA 68 29.45 81.12 21.86
C PRO BA 68 30.06 79.81 22.35
N GLY BA 69 31.27 79.53 21.88
CA GLY BA 69 31.86 78.24 22.14
C GLY BA 69 31.12 77.11 21.47
N GLY BA 70 30.48 77.40 20.33
CA GLY BA 70 29.80 76.39 19.54
C GLY BA 70 30.37 76.35 18.14
N ASN BA 71 29.93 75.35 17.38
CA ASN BA 71 30.51 75.12 16.05
C ASN BA 71 30.17 76.24 15.08
N ALA BA 72 29.00 76.87 15.23
CA ALA BA 72 28.51 77.84 14.27
C ALA BA 72 28.63 79.29 14.74
N TYR BA 73 29.33 79.54 15.85
CA TYR BA 73 29.39 80.89 16.37
C TYR BA 73 30.08 81.82 15.37
N GLY BA 74 29.47 82.98 15.15
CA GLY BA 74 30.01 83.92 14.19
C GLY BA 74 29.39 83.78 12.81
N GLU BA 75 29.33 84.90 12.09
CA GLU BA 75 28.69 84.89 10.78
C GLU BA 75 29.47 84.07 9.77
N GLU BA 76 30.80 84.02 9.89
CA GLU BA 76 31.59 83.20 8.98
C GLU BA 76 31.23 81.73 9.11
N MET BA 77 31.22 81.23 10.35
CA MET BA 77 30.89 79.82 10.58
C MET BA 77 29.44 79.52 10.19
N THR BA 78 28.52 80.42 10.52
CA THR BA 78 27.12 80.20 10.14
C THR BA 78 26.96 80.18 8.63
N ALA BA 79 27.74 80.99 7.91
CA ALA BA 79 27.71 80.93 6.45
C ALA BA 79 28.15 79.55 5.95
N THR BA 80 29.20 78.99 6.54
CA THR BA 80 29.62 77.65 6.14
C THR BA 80 28.55 76.62 6.48
N CYS BA 81 27.85 76.79 7.61
CA CYS BA 81 26.80 75.84 7.97
C CYS BA 81 25.68 75.84 6.93
N LEU BA 82 25.22 77.03 6.54
CA LEU BA 82 24.22 77.10 5.48
C LEU BA 82 24.77 76.55 4.18
N ARG BA 83 26.08 76.67 3.95
CA ARG BA 83 26.68 76.08 2.75
C ARG BA 83 26.52 74.57 2.76
N ASP BA 84 26.71 73.94 3.92
CA ASP BA 84 26.52 72.50 4.02
C ASP BA 84 25.08 72.10 3.70
N LEU BA 85 24.11 72.84 4.25
CA LEU BA 85 22.71 72.55 3.94
C LEU BA 85 22.45 72.72 2.45
N ASP BA 86 23.08 73.72 1.83
CA ASP BA 86 22.97 73.90 0.38
C ASP BA 86 23.50 72.69 -0.36
N TYR BA 87 24.65 72.15 0.07
CA TYR BA 87 25.20 70.96 -0.58
C TYR BA 87 24.24 69.79 -0.50
N TYR BA 88 23.60 69.60 0.65
CA TYR BA 88 22.72 68.44 0.80
C TYR BA 88 21.45 68.59 -0.03
N LEU BA 89 20.92 69.81 -0.13
CA LEU BA 89 19.77 70.01 -1.02
C LEU BA 89 20.16 69.71 -2.46
N ARG BA 90 21.36 70.11 -2.88
CA ARG BA 90 21.82 69.80 -4.22
C ARG BA 90 21.87 68.29 -4.44
N LEU BA 91 22.39 67.55 -3.46
CA LEU BA 91 22.44 66.09 -3.58
C LEU BA 91 21.05 65.51 -3.69
N VAL BA 92 20.09 66.08 -2.95
CA VAL BA 92 18.72 65.58 -3.00
C VAL BA 92 18.12 65.79 -4.38
N THR BA 93 18.36 66.95 -5.00
CA THR BA 93 17.87 67.17 -6.36
C THR BA 93 18.51 66.18 -7.33
N TYR BA 94 19.81 65.95 -7.19
CA TYR BA 94 20.48 64.94 -8.00
C TYR BA 94 19.82 63.57 -7.82
N GLY BA 95 19.51 63.21 -6.58
CA GLY BA 95 18.91 61.91 -6.32
C GLY BA 95 17.52 61.78 -6.92
N ILE BA 96 16.73 62.86 -6.87
CA ILE BA 96 15.41 62.84 -7.49
C ILE BA 96 15.54 62.63 -8.99
N VAL BA 97 16.48 63.34 -9.63
CA VAL BA 97 16.69 63.17 -11.06
C VAL BA 97 17.12 61.73 -11.36
N ALA BA 98 18.04 61.20 -10.57
CA ALA BA 98 18.56 59.86 -10.81
C ALA BA 98 17.50 58.79 -10.59
N GLY BA 99 16.54 59.04 -9.71
CA GLY BA 99 15.58 58.02 -9.33
C GLY BA 99 16.11 57.02 -8.33
N ASP BA 100 17.32 57.22 -7.81
CA ASP BA 100 17.91 56.33 -6.84
C ASP BA 100 18.76 57.15 -5.90
N VAL BA 101 19.08 56.57 -4.74
CA VAL BA 101 19.87 57.27 -3.73
C VAL BA 101 21.36 56.99 -3.85
N THR BA 102 21.77 56.17 -4.80
CA THR BA 102 23.20 55.92 -4.96
C THR BA 102 24.00 57.17 -5.32
N PRO BA 103 23.49 58.16 -6.07
CA PRO BA 103 24.28 59.39 -6.20
C PRO BA 103 24.45 60.14 -4.89
N ILE BA 104 23.38 60.23 -4.10
CA ILE BA 104 23.45 60.91 -2.81
C ILE BA 104 24.46 60.23 -1.90
N GLU BA 105 24.37 58.90 -1.80
CA GLU BA 105 25.30 58.15 -0.97
C GLU BA 105 26.73 58.30 -1.50
N GLU BA 106 26.90 58.16 -2.81
CA GLU BA 106 28.24 58.24 -3.40
C GLU BA 106 28.91 59.58 -3.09
N ILE BA 107 28.14 60.65 -3.01
CA ILE BA 107 28.72 61.98 -2.84
C ILE BA 107 28.81 62.39 -1.38
N GLY BA 108 27.73 62.23 -0.61
CA GLY BA 108 27.72 62.91 0.69
C GLY BA 108 27.12 62.21 1.89
N LEU BA 109 27.09 60.89 1.93
CA LEU BA 109 26.68 60.17 3.13
C LEU BA 109 27.65 59.08 3.53
N VAL BA 110 28.73 58.88 2.79
CA VAL BA 110 29.73 57.87 3.11
C VAL BA 110 30.82 58.55 3.93
N GLY BA 111 30.74 58.41 5.26
CA GLY BA 111 31.73 58.99 6.14
C GLY BA 111 31.36 60.32 6.74
N VAL BA 112 30.09 60.71 6.73
CA VAL BA 112 29.69 62.01 7.26
C VAL BA 112 30.05 62.10 8.74
N ARG BA 113 29.90 61.00 9.48
CA ARG BA 113 30.26 61.02 10.89
C ARG BA 113 31.73 61.33 11.06
N GLU BA 114 32.59 60.69 10.28
CA GLU BA 114 34.03 60.94 10.37
C GLU BA 114 34.35 62.41 10.08
N MET BA 115 33.83 62.93 8.96
CA MET BA 115 34.14 64.29 8.57
C MET BA 115 33.63 65.30 9.60
N TYR BA 116 32.36 65.15 10.01
CA TYR BA 116 31.76 66.13 10.90
C TYR BA 116 32.36 66.06 12.29
N ASN BA 117 32.71 64.85 12.76
CA ASN BA 117 33.39 64.75 14.04
C ASN BA 117 34.78 65.36 13.99
N SER BA 118 35.46 65.23 12.85
CA SER BA 118 36.74 65.92 12.68
C SER BA 118 36.56 67.42 12.74
N LEU BA 119 35.48 67.93 12.13
CA LEU BA 119 35.21 69.36 12.17
C LEU BA 119 34.72 69.82 13.54
N GLY BA 120 34.20 68.91 14.36
CA GLY BA 120 33.56 69.26 15.60
C GLY BA 120 32.07 69.51 15.49
N THR BA 121 31.54 69.49 14.28
CA THR BA 121 30.11 69.72 14.07
C THR BA 121 29.28 68.60 14.69
N PRO BA 122 28.10 68.90 15.23
CA PRO BA 122 27.23 67.85 15.77
C PRO BA 122 26.46 67.15 14.66
N ILE BA 123 26.70 65.85 14.51
CA ILE BA 123 25.96 65.08 13.49
C ILE BA 123 24.46 65.08 13.73
N PRO BA 124 23.94 64.91 14.96
CA PRO BA 124 22.47 64.99 15.09
C PRO BA 124 21.91 66.34 14.71
N ALA BA 125 22.67 67.42 14.95
CA ALA BA 125 22.22 68.75 14.58
C ALA BA 125 22.13 68.91 13.06
N VAL BA 126 23.09 68.32 12.32
CA VAL BA 126 22.99 68.34 10.86
C VAL BA 126 21.73 67.61 10.42
N ALA BA 127 21.43 66.48 11.07
CA ALA BA 127 20.23 65.73 10.72
C ALA BA 127 18.98 66.57 10.96
N GLU BA 128 18.94 67.31 12.07
CA GLU BA 128 17.78 68.14 12.37
C GLU BA 128 17.64 69.29 11.38
N GLY BA 129 18.76 69.85 10.90
CA GLY BA 129 18.68 70.85 9.87
C GLY BA 129 18.09 70.32 8.57
N ILE BA 130 18.49 69.11 8.18
CA ILE BA 130 17.92 68.51 6.98
C ILE BA 130 16.46 68.16 7.18
N ARG BA 131 16.07 67.78 8.40
CA ARG BA 131 14.65 67.63 8.71
C ARG BA 131 13.90 68.93 8.48
N ALA BA 132 14.50 70.06 8.88
CA ALA BA 132 13.89 71.36 8.64
C ALA BA 132 13.72 71.61 7.14
N MET BA 133 14.73 71.23 6.35
CA MET BA 133 14.61 71.37 4.90
C MET BA 133 13.45 70.55 4.36
N LYS BA 134 13.27 69.34 4.88
CA LYS BA 134 12.17 68.49 4.46
C LYS BA 134 10.82 69.13 4.78
N ASN BA 135 10.68 69.69 5.99
CA ASN BA 135 9.44 70.33 6.37
C ASN BA 135 9.15 71.55 5.48
N VAL BA 136 10.18 72.34 5.19
CA VAL BA 136 10.01 73.45 4.26
C VAL BA 136 9.60 72.92 2.89
N ALA BA 137 10.14 71.78 2.48
CA ALA BA 137 9.84 71.22 1.16
C ALA BA 137 8.37 70.84 1.03
N CYS BA 138 7.73 70.45 2.14
CA CYS BA 138 6.34 70.01 2.08
C CYS BA 138 5.43 71.09 1.54
N SER BA 139 5.60 72.33 1.98
CA SER BA 139 4.78 73.42 1.47
C SER BA 139 5.06 73.68 0.00
N LEU BA 140 6.33 73.64 -0.40
CA LEU BA 140 6.68 73.99 -1.78
C LEU BA 140 6.18 72.96 -2.78
N LEU BA 141 6.09 71.70 -2.38
CA LEU BA 141 5.72 70.62 -3.28
C LEU BA 141 4.31 70.13 -2.95
N SER BA 142 3.53 69.86 -3.99
CA SER BA 142 2.21 69.27 -3.79
C SER BA 142 2.32 67.94 -3.05
N ALA BA 143 1.19 67.50 -2.49
CA ALA BA 143 1.22 66.34 -1.60
C ALA BA 143 1.79 65.11 -2.31
N GLU BA 144 1.33 64.84 -3.53
CA GLU BA 144 1.87 63.72 -4.29
C GLU BA 144 3.35 63.92 -4.58
N ASP BA 145 3.73 65.13 -4.99
CA ASP BA 145 5.14 65.41 -5.26
C ASP BA 145 5.99 65.36 -4.00
N ALA BA 146 5.44 65.85 -2.88
CA ALA BA 146 6.23 65.95 -1.65
C ALA BA 146 6.63 64.57 -1.14
N ALA BA 147 5.75 63.58 -1.30
CA ALA BA 147 6.09 62.22 -0.89
C ALA BA 147 7.31 61.70 -1.63
N GLU BA 148 7.42 62.02 -2.91
CA GLU BA 148 8.56 61.54 -3.71
C GLU BA 148 9.86 62.17 -3.24
N ALA BA 149 9.87 63.48 -3.04
CA ALA BA 149 11.08 64.14 -2.55
C ALA BA 149 11.36 63.80 -1.10
N GLY BA 150 10.30 63.56 -0.33
CA GLY BA 150 10.48 63.29 1.09
C GLY BA 150 11.32 62.05 1.35
N SER BA 151 11.18 61.03 0.50
CA SER BA 151 11.93 59.80 0.70
C SER BA 151 13.43 60.03 0.61
N TYR BA 152 13.87 60.83 -0.35
CA TYR BA 152 15.30 61.16 -0.43
C TYR BA 152 15.75 61.93 0.80
N PHE BA 153 14.94 62.90 1.26
CA PHE BA 153 15.26 63.59 2.51
C PHE BA 153 15.32 62.59 3.66
N ASP BA 154 14.43 61.60 3.66
CA ASP BA 154 14.41 60.60 4.73
C ASP BA 154 15.71 59.80 4.76
N PHE BA 155 16.22 59.42 3.59
CA PHE BA 155 17.48 58.68 3.57
C PHE BA 155 18.62 59.52 4.12
N VAL BA 156 18.66 60.81 3.77
CA VAL BA 156 19.75 61.66 4.23
C VAL BA 156 19.73 61.76 5.75
N ILE BA 157 18.57 62.06 6.33
CA ILE BA 157 18.50 62.21 7.78
C ILE BA 157 18.79 60.88 8.47
N GLY BA 158 18.28 59.78 7.91
CA GLY BA 158 18.49 58.48 8.53
C GLY BA 158 19.96 58.07 8.56
N ALA BA 159 20.67 58.31 7.46
CA ALA BA 159 22.10 58.04 7.45
C ALA BA 159 22.85 58.97 8.39
N MET BA 160 22.39 60.22 8.52
CA MET BA 160 23.07 61.21 9.34
C MET BA 160 23.09 60.80 10.81
N GLN BA 161 21.95 60.39 11.33
CA GLN BA 161 21.79 60.15 12.77
C GLN BA 161 22.86 59.24 13.36
N MET CA 1 30.47 51.31 -12.15
CA MET CA 1 29.39 51.46 -13.12
C MET CA 1 28.85 52.88 -13.16
N GLN CA 2 28.62 53.39 -14.37
CA GLN CA 2 28.06 54.71 -14.57
C GLN CA 2 27.08 54.63 -15.74
N ASP CA 3 26.14 55.58 -15.76
CA ASP CA 3 25.14 55.64 -16.82
C ASP CA 3 25.01 57.07 -17.32
N ALA CA 4 24.02 57.33 -18.17
CA ALA CA 4 23.85 58.68 -18.71
C ALA CA 4 23.48 59.67 -17.60
N ILE CA 5 22.51 59.30 -16.76
CA ILE CA 5 22.10 60.18 -15.67
C ILE CA 5 23.25 60.38 -14.70
N THR CA 6 23.94 59.31 -14.35
CA THR CA 6 25.07 59.41 -13.43
C THR CA 6 26.17 60.29 -14.00
N ALA CA 7 26.45 60.15 -15.30
CA ALA CA 7 27.47 60.99 -15.92
C ALA CA 7 27.07 62.46 -15.89
N VAL CA 8 25.80 62.77 -16.19
CA VAL CA 8 25.36 64.15 -16.21
C VAL CA 8 25.45 64.76 -14.81
N ILE CA 9 24.91 64.05 -13.81
CA ILE CA 9 24.94 64.59 -12.45
C ILE CA 9 26.36 64.63 -11.91
N ASN CA 10 27.21 63.68 -12.33
CA ASN CA 10 28.61 63.71 -11.91
C ASN CA 10 29.34 64.92 -12.47
N ALA CA 11 29.08 65.26 -13.73
CA ALA CA 11 29.68 66.45 -14.30
C ALA CA 11 29.20 67.70 -13.58
N SER CA 12 27.90 67.76 -13.27
CA SER CA 12 27.39 68.88 -12.49
C SER CA 12 28.02 68.93 -11.10
N ASP CA 13 28.25 67.76 -10.51
CA ASP CA 13 28.85 67.71 -9.18
C ASP CA 13 30.29 68.20 -9.20
N VAL CA 14 31.06 67.83 -10.22
CA VAL CA 14 32.40 68.37 -10.37
C VAL CA 14 32.34 69.89 -10.54
N GLN CA 15 31.37 70.37 -11.32
CA GLN CA 15 31.16 71.81 -11.45
C GLN CA 15 30.74 72.44 -10.14
N GLY CA 16 30.21 71.66 -9.21
CA GLY CA 16 29.69 72.24 -7.98
C GLY CA 16 28.42 73.03 -8.17
N LYS CA 17 27.68 72.77 -9.24
CA LYS CA 17 26.49 73.53 -9.59
C LYS CA 17 25.27 72.62 -9.59
N TYR CA 18 24.13 73.17 -9.23
CA TYR CA 18 22.87 72.45 -9.38
C TYR CA 18 22.64 72.11 -10.85
N LEU CA 19 21.66 71.24 -11.08
CA LEU CA 19 21.35 70.83 -12.45
C LEU CA 19 20.95 72.03 -13.30
N ASP CA 20 21.75 72.32 -14.31
CA ASP CA 20 21.44 73.38 -15.26
C ASP CA 20 20.38 72.90 -16.25
N THR CA 21 19.78 73.86 -16.97
CA THR CA 21 18.79 73.47 -17.98
C THR CA 21 19.44 72.69 -19.11
N ALA CA 22 20.71 72.98 -19.42
CA ALA CA 22 21.42 72.17 -20.41
C ALA CA 22 21.62 70.75 -19.93
N ALA CA 23 21.95 70.58 -18.64
CA ALA CA 23 22.07 69.24 -18.07
C ALA CA 23 20.73 68.53 -18.11
N MET CA 24 19.65 69.24 -17.79
CA MET CA 24 18.32 68.66 -17.90
C MET CA 24 18.03 68.23 -19.32
N GLU CA 25 18.49 69.01 -20.31
CA GLU CA 25 18.30 68.63 -21.71
C GLU CA 25 19.00 67.32 -22.02
N LYS CA 26 20.25 67.17 -21.54
CA LYS CA 26 20.96 65.91 -21.77
C LYS CA 26 20.21 64.74 -21.15
N LEU CA 27 19.68 64.93 -19.94
CA LEU CA 27 18.88 63.87 -19.31
C LEU CA 27 17.63 63.58 -20.13
N LYS CA 28 16.98 64.61 -20.65
CA LYS CA 28 15.80 64.40 -21.48
C LYS CA 28 16.14 63.60 -22.72
N ALA CA 29 17.28 63.87 -23.34
CA ALA CA 29 17.68 63.12 -24.53
C ALA CA 29 17.90 61.65 -24.20
N TYR CA 30 18.57 61.36 -23.08
CA TYR CA 30 18.75 59.96 -22.70
C TYR CA 30 17.40 59.30 -22.45
N PHE CA 31 16.49 60.00 -21.77
CA PHE CA 31 15.15 59.47 -21.56
C PHE CA 31 14.47 59.19 -22.89
N ALA CA 32 14.67 60.08 -23.88
CA ALA CA 32 14.04 59.89 -25.17
C ALA CA 32 14.47 58.58 -25.82
N THR CA 33 15.76 58.25 -25.72
CA THR CA 33 16.26 57.01 -26.33
C THR CA 33 16.14 55.80 -25.41
N GLY CA 34 15.83 55.98 -24.14
CA GLY CA 34 15.73 54.82 -23.24
C GLY CA 34 14.70 53.81 -23.70
N GLU CA 35 13.62 54.28 -24.31
CA GLU CA 35 12.58 53.38 -24.79
C GLU CA 35 13.14 52.37 -25.80
N LEU CA 36 13.86 52.85 -26.80
CA LEU CA 36 14.43 51.94 -27.80
C LEU CA 36 15.47 51.02 -27.18
N ARG CA 37 16.25 51.54 -26.22
CA ARG CA 37 17.27 50.73 -25.58
C ARG CA 37 16.67 49.51 -24.88
N VAL CA 38 15.51 49.70 -24.24
CA VAL CA 38 14.89 48.60 -23.50
C VAL CA 38 14.52 47.45 -24.43
N ARG CA 39 13.83 47.77 -25.53
CA ARG CA 39 13.38 46.70 -26.43
C ARG CA 39 14.55 46.02 -27.13
N ALA CA 40 15.61 46.76 -27.46
CA ALA CA 40 16.80 46.11 -28.00
C ALA CA 40 17.39 45.13 -27.02
N ALA CA 41 17.43 45.50 -25.73
CA ALA CA 41 17.93 44.59 -24.71
C ALA CA 41 17.09 43.33 -24.63
N SER CA 42 15.77 43.47 -24.68
CA SER CA 42 14.90 42.30 -24.65
C SER CA 42 15.18 41.38 -25.82
N VAL CA 43 15.37 41.94 -27.01
CA VAL CA 43 15.55 41.14 -28.22
C VAL CA 43 16.82 40.30 -28.12
N ILE CA 44 17.96 40.94 -27.79
CA ILE CA 44 19.19 40.15 -27.78
C ILE CA 44 19.31 39.27 -26.56
N SER CA 45 18.56 39.56 -25.49
CA SER CA 45 18.50 38.62 -24.38
C SER CA 45 17.90 37.29 -24.81
N ALA CA 46 16.82 37.35 -25.59
CA ALA CA 46 16.18 36.12 -26.05
C ALA CA 46 17.04 35.39 -27.07
N ASN CA 47 17.73 36.13 -27.93
CA ASN CA 47 18.49 35.55 -29.04
C ASN CA 47 19.99 35.46 -28.74
N ALA CA 48 20.38 35.60 -27.48
CA ALA CA 48 21.81 35.64 -27.15
C ALA CA 48 22.52 34.36 -27.59
N ALA CA 49 21.91 33.21 -27.33
CA ALA CA 49 22.50 31.95 -27.74
C ALA CA 49 22.67 31.88 -29.26
N ASN CA 50 21.64 32.30 -30.00
CA ASN CA 50 21.73 32.30 -31.45
C ASN CA 50 22.81 33.25 -31.94
N ILE CA 51 22.93 34.42 -31.30
CA ILE CA 51 23.92 35.41 -31.74
C ILE CA 51 25.34 34.86 -31.58
N VAL CA 52 25.62 34.28 -30.40
CA VAL CA 52 26.95 33.71 -30.18
C VAL CA 52 27.20 32.57 -31.16
N LYS CA 53 26.20 31.70 -31.34
CA LYS CA 53 26.33 30.57 -32.25
C LYS CA 53 26.67 31.05 -33.66
N GLU CA 54 25.93 32.05 -34.15
CA GLU CA 54 26.13 32.53 -35.51
C GLU CA 54 27.51 33.15 -35.69
N ALA CA 55 27.95 33.97 -34.72
CA ALA CA 55 29.26 34.60 -34.84
C ALA CA 55 30.37 33.56 -34.80
N VAL CA 56 30.28 32.59 -33.90
CA VAL CA 56 31.28 31.54 -33.81
C VAL CA 56 31.38 30.80 -35.13
N ALA CA 57 30.23 30.46 -35.71
CA ALA CA 57 30.22 29.76 -36.99
C ALA CA 57 30.80 30.63 -38.10
N LYS CA 58 30.49 31.92 -38.08
CA LYS CA 58 30.93 32.81 -39.15
C LYS CA 58 32.45 32.91 -39.22
N SER CA 59 33.11 33.05 -38.09
CA SER CA 59 34.54 33.29 -38.13
C SER CA 59 35.37 32.24 -37.41
N LEU CA 60 34.90 31.72 -36.28
CA LEU CA 60 35.75 30.87 -35.44
C LEU CA 60 35.84 29.43 -35.94
N LEU CA 61 34.78 28.90 -36.54
CA LEU CA 61 34.70 27.47 -36.83
C LEU CA 61 35.37 27.12 -38.16
N TYR CA 62 35.64 25.83 -38.32
CA TYR CA 62 36.26 25.28 -39.53
C TYR CA 62 37.55 26.01 -39.86
N SER CA 63 38.36 26.26 -38.82
CA SER CA 63 39.61 26.97 -38.94
C SER CA 63 40.69 26.19 -38.19
N ASP CA 64 41.95 26.56 -38.47
CA ASP CA 64 43.05 25.96 -37.72
C ASP CA 64 42.98 26.29 -36.24
N ILE CA 65 42.31 27.39 -35.88
CA ILE CA 65 42.21 27.77 -34.47
C ILE CA 65 41.45 26.71 -33.68
N THR CA 66 40.34 26.22 -34.21
CA THR CA 66 39.60 25.14 -33.58
C THR CA 66 40.08 23.76 -34.00
N ARG CA 67 40.94 23.68 -35.01
CA ARG CA 67 41.64 22.45 -35.33
C ARG CA 67 42.75 22.23 -34.30
N PRO CA 68 43.27 21.00 -34.19
CA PRO CA 68 44.25 20.73 -33.14
C PRO CA 68 45.45 21.66 -33.19
N GLY CA 69 45.88 22.10 -32.00
CA GLY CA 69 47.01 23.00 -31.89
C GLY CA 69 46.69 24.46 -32.09
N GLY CA 70 45.42 24.82 -32.26
CA GLY CA 70 45.05 26.19 -32.55
C GLY CA 70 44.56 27.00 -31.37
N MET CA 72 41.92 27.00 -29.67
CA MET CA 72 40.47 26.87 -29.49
C MET CA 72 40.11 25.38 -29.46
N TYR CA 73 41.01 24.57 -30.02
CA TYR CA 73 40.88 23.13 -29.91
C TYR CA 73 40.91 22.70 -28.45
N THR CA 74 40.27 21.56 -28.17
CA THR CA 74 39.92 21.04 -26.85
C THR CA 74 38.57 21.57 -26.43
N THR CA 75 37.72 20.70 -25.88
CA THR CA 75 36.36 21.09 -25.52
C THR CA 75 36.36 22.18 -24.45
N ARG CA 76 37.28 22.10 -23.49
CA ARG CA 76 37.39 23.15 -22.48
C ARG CA 76 37.68 24.49 -23.12
N ARG CA 77 38.61 24.52 -24.07
CA ARG CA 77 38.96 25.77 -24.74
C ARG CA 77 37.77 26.32 -25.51
N TYR CA 78 37.03 25.45 -26.21
CA TYR CA 78 35.86 25.90 -26.95
C TYR CA 78 34.81 26.48 -26.02
N ALA CA 79 34.57 25.83 -24.88
CA ALA CA 79 33.60 26.35 -23.92
C ALA CA 79 34.04 27.69 -23.37
N ALA CA 80 35.33 27.85 -23.10
CA ALA CA 80 35.84 29.14 -22.64
C ALA CA 80 35.67 30.22 -23.70
N CYS CA 81 35.89 29.87 -24.97
CA CYS CA 81 35.75 30.87 -26.02
C CYS CA 81 34.31 31.36 -26.14
N ILE CA 82 33.35 30.43 -26.16
CA ILE CA 82 31.96 30.87 -26.25
C ILE CA 82 31.54 31.56 -24.96
N ARG CA 83 32.14 31.18 -23.83
CA ARG CA 83 31.85 31.87 -22.58
C ARG CA 83 32.30 33.32 -22.64
N ASP CA 84 33.48 33.58 -23.19
CA ASP CA 84 33.95 34.96 -23.33
C ASP CA 84 33.04 35.75 -24.26
N LEU CA 85 32.59 35.13 -25.35
CA LEU CA 85 31.68 35.83 -26.25
C LEU CA 85 30.36 36.14 -25.56
N ASP CA 86 29.85 35.21 -24.73
CA ASP CA 86 28.67 35.50 -23.93
C ASP CA 86 28.92 36.67 -22.99
N TYR CA 87 30.09 36.69 -22.34
CA TYR CA 87 30.45 37.81 -21.48
C TYR CA 87 30.42 39.12 -22.23
N TYR CA 88 31.05 39.16 -23.40
CA TYR CA 88 31.14 40.40 -24.16
C TYR CA 88 29.76 40.89 -24.57
N LEU CA 89 28.91 39.98 -25.05
CA LEU CA 89 27.57 40.39 -25.47
C LEU CA 89 26.72 40.87 -24.30
N ARG CA 90 26.83 40.19 -23.15
CA ARG CA 90 26.05 40.60 -21.98
C ARG CA 90 26.50 41.96 -21.47
N TYR CA 91 27.81 42.19 -21.40
CA TYR CA 91 28.29 43.49 -20.98
C TYR CA 91 27.96 44.57 -22.01
N ALA CA 92 27.95 44.21 -23.29
CA ALA CA 92 27.54 45.15 -24.32
C ALA CA 92 26.09 45.58 -24.13
N THR CA 93 25.21 44.63 -23.82
CA THR CA 93 23.81 45.00 -23.61
C THR CA 93 23.64 45.82 -22.35
N TYR CA 94 24.44 45.58 -21.31
CA TYR CA 94 24.41 46.42 -20.13
C TYR CA 94 24.81 47.86 -20.48
N ALA CA 95 25.90 48.01 -21.24
CA ALA CA 95 26.35 49.34 -21.62
C ALA CA 95 25.33 50.03 -22.51
N MET CA 96 24.69 49.27 -23.42
CA MET CA 96 23.68 49.84 -24.29
C MET CA 96 22.48 50.33 -23.49
N LEU CA 97 22.03 49.56 -22.52
CA LEU CA 97 20.92 49.99 -21.67
C LEU CA 97 21.31 51.24 -20.88
N ALA CA 98 22.52 51.26 -20.33
CA ALA CA 98 22.94 52.40 -19.53
C ALA CA 98 23.13 53.65 -20.36
N GLY CA 99 23.61 53.50 -21.60
CA GLY CA 99 23.96 54.65 -22.40
C GLY CA 99 25.34 55.20 -22.10
N ASP CA 100 26.20 54.41 -21.47
CA ASP CA 100 27.52 54.82 -21.03
C ASP CA 100 28.49 53.66 -21.20
N PRO CA 101 29.75 53.93 -21.48
CA PRO CA 101 30.74 52.85 -21.63
C PRO CA 101 31.50 52.48 -20.36
N SER CA 102 31.07 52.98 -19.20
CA SER CA 102 31.83 52.79 -17.97
C SER CA 102 31.93 51.32 -17.59
N ILE CA 103 30.83 50.57 -17.75
CA ILE CA 103 30.82 49.17 -17.33
C ILE CA 103 31.86 48.37 -18.12
N LEU CA 104 31.88 48.55 -19.44
CA LEU CA 104 32.90 47.89 -20.24
C LEU CA 104 34.30 48.27 -19.77
N ASP CA 105 34.54 49.57 -19.61
CA ASP CA 105 35.88 50.05 -19.33
C ASP CA 105 36.42 49.46 -18.02
N GLU CA 106 35.58 49.38 -16.99
CA GLU CA 106 36.08 48.95 -15.70
C GLU CA 106 35.90 47.45 -15.45
N ARG CA 107 34.72 46.91 -15.72
CA ARG CA 107 34.45 45.52 -15.35
C ARG CA 107 35.13 44.54 -16.31
N VAL CA 108 35.33 44.91 -17.57
CA VAL CA 108 35.78 43.98 -18.60
C VAL CA 108 37.20 44.27 -19.06
N LEU CA 109 37.45 45.47 -19.59
CA LEU CA 109 38.61 45.68 -20.44
C LEU CA 109 39.92 45.65 -19.66
N ASN CA 110 39.93 46.20 -18.45
CA ASN CA 110 41.17 46.24 -17.68
C ASN CA 110 41.63 44.84 -17.32
N GLY CA 111 42.92 44.56 -17.51
CA GLY CA 111 43.50 43.27 -17.21
C GLY CA 111 43.22 42.19 -18.23
N LEU CA 112 42.22 42.38 -19.08
CA LEU CA 112 41.88 41.36 -20.08
C LEU CA 112 43.02 41.14 -21.06
N LYS CA 113 43.69 42.23 -21.46
CA LYS CA 113 44.85 42.10 -22.34
C LYS CA 113 45.96 41.28 -21.69
N GLU CA 114 46.25 41.56 -20.41
CA GLU CA 114 47.30 40.82 -19.74
C GLU CA 114 46.97 39.34 -19.62
N THR CA 115 45.73 39.02 -19.25
CA THR CA 115 45.34 37.61 -19.14
C THR CA 115 45.39 36.91 -20.49
N TYR CA 116 44.88 37.57 -21.54
CA TYR CA 116 44.86 36.95 -22.86
C TYR CA 116 46.27 36.73 -23.38
N ASN CA 117 47.15 37.72 -23.21
CA ASN CA 117 48.53 37.57 -23.66
C ASN CA 117 49.25 36.47 -22.88
N SER CA 118 49.02 36.42 -21.56
CA SER CA 118 49.66 35.40 -20.75
C SER CA 118 49.20 34.00 -21.14
N LEU CA 119 47.89 33.84 -21.37
CA LEU CA 119 47.35 32.53 -21.72
C LEU CA 119 47.66 32.13 -23.15
N GLY CA 120 47.89 33.09 -24.03
CA GLY CA 120 48.08 32.81 -25.43
C GLY CA 120 46.83 32.91 -26.28
N VAL CA 121 45.71 33.34 -25.70
CA VAL CA 121 44.47 33.51 -26.46
C VAL CA 121 44.68 34.57 -27.54
N PRO CA 122 44.27 34.33 -28.79
CA PRO CA 122 44.52 35.30 -29.86
C PRO CA 122 43.55 36.47 -29.82
N ILE CA 123 44.06 37.64 -29.44
CA ILE CA 123 43.22 38.83 -29.34
C ILE CA 123 42.69 39.24 -30.70
N ALA CA 124 43.47 39.05 -31.76
CA ALA CA 124 42.99 39.37 -33.10
C ALA CA 124 41.77 38.55 -33.45
N ALA CA 125 41.80 37.25 -33.14
CA ALA CA 125 40.65 36.40 -33.42
C ALA CA 125 39.44 36.79 -32.57
N THR CA 126 39.67 37.16 -31.30
CA THR CA 126 38.55 37.60 -30.46
C THR CA 126 37.93 38.88 -31.01
N VAL CA 127 38.76 39.82 -31.46
CA VAL CA 127 38.24 41.06 -32.03
C VAL CA 127 37.42 40.77 -33.28
N GLN CA 128 37.93 39.89 -34.14
CA GLN CA 128 37.18 39.48 -35.32
C GLN CA 128 35.84 38.86 -34.94
N ALA CA 129 35.84 38.01 -33.92
CA ALA CA 129 34.62 37.32 -33.51
C ALA CA 129 33.58 38.29 -32.95
N ILE CA 130 34.00 39.21 -32.09
CA ILE CA 130 33.02 40.14 -31.52
C ILE CA 130 32.55 41.12 -32.59
N GLN CA 131 33.39 41.37 -33.60
CA GLN CA 131 32.93 42.12 -34.77
C GLN CA 131 31.79 41.39 -35.46
N ALA CA 132 31.92 40.07 -35.63
CA ALA CA 132 30.84 39.28 -36.20
C ALA CA 132 29.60 39.32 -35.32
N MET CA 133 29.79 39.24 -34.00
CA MET CA 133 28.66 39.39 -33.09
C MET CA 133 27.96 40.72 -33.30
N LYS CA 134 28.74 41.79 -33.49
CA LYS CA 134 28.16 43.10 -33.69
C LYS CA 134 27.26 43.13 -34.92
N GLU CA 135 27.71 42.52 -36.01
CA GLU CA 135 26.91 42.49 -37.23
C GLU CA 135 25.61 41.72 -37.00
N VAL CA 136 25.69 40.55 -36.37
CA VAL CA 136 24.50 39.74 -36.15
C VAL CA 136 23.52 40.46 -35.24
N THR CA 137 24.02 41.02 -34.13
CA THR CA 137 23.12 41.68 -33.19
C THR CA 137 22.50 42.93 -33.80
N ALA CA 138 23.22 43.63 -34.66
CA ALA CA 138 22.64 44.78 -35.35
C ALA CA 138 21.48 44.35 -36.23
N SER CA 139 21.63 43.24 -36.94
CA SER CA 139 20.54 42.74 -37.78
C SER CA 139 19.31 42.42 -36.94
N LEU CA 140 19.50 41.80 -35.77
CA LEU CA 140 18.36 41.38 -34.98
C LEU CA 140 17.66 42.57 -34.33
N VAL CA 141 18.42 43.49 -33.71
CA VAL CA 141 17.78 44.59 -32.99
C VAL CA 141 17.20 45.62 -33.94
N GLY CA 142 17.81 45.83 -35.10
CA GLY CA 142 17.45 46.90 -36.00
C GLY CA 142 18.58 47.90 -36.16
N ALA CA 143 18.35 48.82 -37.10
CA ALA CA 143 19.41 49.75 -37.49
C ALA CA 143 19.72 50.77 -36.40
N ASP CA 144 18.69 51.48 -35.92
CA ASP CA 144 18.91 52.49 -34.90
C ASP CA 144 19.54 51.88 -33.65
N ALA CA 145 19.00 50.75 -33.19
CA ALA CA 145 19.57 50.07 -32.03
C ALA CA 145 20.97 49.55 -32.33
N GLY CA 146 21.20 49.08 -33.55
CA GLY CA 146 22.53 48.62 -33.93
C GLY CA 146 23.57 49.71 -33.83
N LYS CA 147 23.20 50.93 -34.22
CA LYS CA 147 24.09 52.07 -33.97
C LYS CA 147 24.39 52.22 -32.49
N GLU CA 148 23.37 52.06 -31.65
CA GLU CA 148 23.57 52.19 -30.21
C GLU CA 148 24.49 51.11 -29.67
N MET CA 149 24.33 49.87 -30.15
CA MET CA 149 25.15 48.75 -29.68
C MET CA 149 26.55 48.79 -30.26
N GLY CA 150 26.67 49.11 -31.56
CA GLY CA 150 27.94 48.94 -32.26
C GLY CA 150 29.07 49.74 -31.65
N ILE CA 151 28.77 50.92 -31.09
CA ILE CA 151 29.81 51.73 -30.47
C ILE CA 151 30.43 50.99 -29.30
N TYR CA 152 29.60 50.31 -28.50
CA TYR CA 152 30.13 49.57 -27.36
C TYR CA 152 30.91 48.34 -27.80
N PHE CA 153 30.45 47.67 -28.85
CA PHE CA 153 31.23 46.57 -29.41
C PHE CA 153 32.59 47.06 -29.89
N ASP CA 154 32.63 48.20 -30.58
CA ASP CA 154 33.90 48.76 -31.05
C ASP CA 154 34.77 49.17 -29.87
N TYR CA 155 34.15 49.69 -28.81
CA TYR CA 155 34.89 50.04 -27.60
C TYR CA 155 35.62 48.82 -27.04
N ILE CA 156 34.93 47.68 -26.99
CA ILE CA 156 35.55 46.44 -26.53
C ILE CA 156 36.66 46.01 -27.48
N CYS CA 157 36.42 46.16 -28.79
CA CYS CA 157 37.45 45.81 -29.76
C CYS CA 157 38.72 46.62 -29.54
N SER CA 158 38.57 47.93 -29.32
CA SER CA 158 39.73 48.78 -29.09
C SER CA 158 40.45 48.39 -27.81
N GLY CA 159 39.70 48.07 -26.76
CA GLY CA 159 40.33 47.63 -25.53
C GLY CA 159 41.15 46.36 -25.72
N LEU CA 160 40.60 45.39 -26.46
CA LEU CA 160 41.36 44.18 -26.76
C LEU CA 160 42.59 44.50 -27.60
N SER CA 161 42.46 45.42 -28.56
CA SER CA 161 43.58 45.83 -29.40
C SER CA 161 44.46 46.85 -28.67
N SER DA 2 47.23 9.74 -15.40
CA SER DA 2 47.86 8.48 -15.04
C SER DA 2 47.87 8.27 -13.53
N VAL DA 3 47.85 7.00 -13.12
CA VAL DA 3 47.89 6.67 -11.70
C VAL DA 3 49.19 7.14 -11.07
N VAL DA 4 50.28 7.11 -11.83
CA VAL DA 4 51.54 7.66 -11.35
C VAL DA 4 51.36 9.13 -10.98
N THR DA 5 50.71 9.89 -11.84
CA THR DA 5 50.44 11.30 -11.57
C THR DA 5 49.61 11.46 -10.31
N LYS DA 6 48.55 10.66 -10.17
CA LYS DA 6 47.68 10.81 -9.01
C LYS DA 6 48.41 10.48 -7.71
N SER DA 7 49.25 9.44 -7.73
CA SER DA 7 50.01 9.09 -6.54
C SER DA 7 50.94 10.21 -6.12
N ILE DA 8 51.64 10.81 -7.09
CA ILE DA 8 52.54 11.92 -6.78
C ILE DA 8 51.74 13.09 -6.20
N VAL DA 9 50.56 13.35 -6.75
CA VAL DA 9 49.74 14.47 -6.28
C VAL DA 9 49.33 14.26 -4.83
N ASN DA 10 48.88 13.04 -4.51
CA ASN DA 10 48.45 12.76 -3.14
C ASN DA 10 49.61 12.93 -2.17
N ALA DA 11 50.77 12.37 -2.50
CA ALA DA 11 51.92 12.47 -1.61
C ALA DA 11 52.38 13.92 -1.47
N ASP DA 12 52.34 14.67 -2.57
CA ASP DA 12 52.71 16.08 -2.52
C ASP DA 12 51.77 16.85 -1.62
N ALA DA 13 50.47 16.52 -1.66
CA ALA DA 13 49.50 17.19 -0.80
C ALA DA 13 49.81 16.97 0.67
N GLU DA 14 50.20 15.76 1.04
CA GLU DA 14 50.58 15.48 2.42
C GLU DA 14 52.05 15.73 2.70
N ALA DA 15 52.81 16.23 1.72
CA ALA DA 15 54.23 16.56 1.87
C ALA DA 15 55.02 15.36 2.37
N ARG DA 16 54.79 14.22 1.73
CA ARG DA 16 55.43 12.95 2.08
C ARG DA 16 56.01 12.32 0.83
N TYR DA 17 57.11 11.59 1.00
CA TYR DA 17 57.55 10.70 -0.04
C TYR DA 17 56.53 9.57 -0.20
N LEU DA 18 56.49 8.97 -1.39
CA LEU DA 18 55.50 7.94 -1.66
C LEU DA 18 55.59 6.82 -0.63
N SER DA 19 54.45 6.45 -0.06
CA SER DA 19 54.41 5.34 0.87
C SER DA 19 54.62 4.02 0.12
N PRO DA 20 55.02 2.95 0.81
CA PRO DA 20 55.29 1.70 0.09
C PRO DA 20 54.10 1.18 -0.67
N GLY DA 21 52.88 1.39 -0.16
CA GLY DA 21 51.70 0.98 -0.91
C GLY DA 21 51.51 1.74 -2.20
N GLU DA 22 51.71 3.05 -2.17
CA GLU DA 22 51.59 3.85 -3.39
C GLU DA 22 52.67 3.47 -4.39
N LEU DA 23 53.89 3.21 -3.91
CA LEU DA 23 54.95 2.71 -4.78
C LEU DA 23 54.56 1.38 -5.40
N ASP DA 24 53.93 0.50 -4.62
CA ASP DA 24 53.48 -0.78 -5.15
C ASP DA 24 52.42 -0.59 -6.24
N ARG DA 25 51.55 0.42 -6.07
CA ARG DA 25 50.55 0.72 -7.09
C ARG DA 25 51.22 1.01 -8.43
N ILE DA 26 52.22 1.90 -8.43
CA ILE DA 26 52.84 2.23 -9.71
C ILE DA 26 53.62 1.04 -10.25
N LYS DA 27 54.15 0.18 -9.37
CA LYS DA 27 54.80 -1.04 -9.82
C LYS DA 27 53.82 -1.92 -10.60
N ASN DA 28 52.62 -2.12 -10.04
CA ASN DA 28 51.62 -2.94 -10.70
C ASN DA 28 51.21 -2.35 -12.05
N PHE DA 29 51.01 -1.04 -12.10
CA PHE DA 29 50.63 -0.40 -13.36
C PHE DA 29 51.74 -0.55 -14.39
N VAL DA 30 52.99 -0.49 -13.95
CA VAL DA 30 54.14 -0.66 -14.85
C VAL DA 30 54.06 -2.03 -15.53
N SER DA 31 53.80 -3.09 -14.75
CA SER DA 31 53.71 -4.40 -15.36
C SER DA 31 52.48 -4.54 -16.24
N THR DA 32 51.38 -3.87 -15.89
CA THR DA 32 50.15 -3.90 -16.69
C THR DA 32 50.31 -3.17 -18.02
N GLY DA 33 51.36 -2.36 -18.17
CA GLY DA 33 51.48 -1.49 -19.33
C GLY DA 33 51.44 -2.23 -20.65
N GLU DA 34 52.07 -3.40 -20.73
CA GLU DA 34 52.11 -4.12 -22.00
C GLU DA 34 50.71 -4.52 -22.46
N ARG DA 35 49.90 -5.01 -21.52
CA ARG DA 35 48.51 -5.35 -21.84
C ARG DA 35 47.74 -4.14 -22.31
N ARG DA 36 47.88 -3.01 -21.60
CA ARG DA 36 47.16 -1.80 -21.96
C ARG DA 36 47.57 -1.32 -23.36
N LEU DA 37 48.87 -1.35 -23.64
CA LEU DA 37 49.36 -0.95 -24.96
C LEU DA 37 48.79 -1.85 -26.05
N ARG DA 38 48.67 -3.14 -25.78
CA ARG DA 38 48.11 -4.06 -26.76
C ARG DA 38 46.67 -3.70 -27.10
N ILE DA 39 45.88 -3.38 -26.08
CA ILE DA 39 44.48 -3.02 -26.31
C ILE DA 39 44.40 -1.74 -27.15
N ALA DA 40 45.21 -0.74 -26.80
CA ALA DA 40 45.19 0.50 -27.58
C ALA DA 40 45.67 0.25 -29.00
N GLN DA 41 46.64 -0.65 -29.18
CA GLN DA 41 47.19 -0.91 -30.51
C GLN DA 41 46.14 -1.49 -31.44
N THR DA 42 45.34 -2.44 -30.95
CA THR DA 42 44.30 -2.97 -31.83
C THR DA 42 43.24 -1.92 -32.13
N LEU DA 43 42.96 -1.03 -31.18
CA LEU DA 43 42.00 0.04 -31.46
C LEU DA 43 42.49 0.94 -32.59
N THR DA 44 43.76 1.36 -32.55
CA THR DA 44 44.26 2.24 -33.59
C THR DA 44 44.40 1.51 -34.93
N GLU DA 45 44.70 0.21 -34.90
CA GLU DA 45 44.79 -0.55 -36.15
C GLU DA 45 43.43 -0.62 -36.84
N ASN DA 46 42.35 -0.74 -36.07
CA ASN DA 46 41.01 -0.86 -36.63
C ASN DA 46 40.20 0.43 -36.47
N ARG DA 47 40.86 1.59 -36.39
CA ARG DA 47 40.15 2.83 -36.13
C ARG DA 47 39.11 3.13 -37.21
N GLU DA 48 39.47 2.92 -38.48
CA GLU DA 48 38.56 3.24 -39.57
C GLU DA 48 37.29 2.38 -39.50
N ARG DA 49 37.47 1.07 -39.34
CA ARG DA 49 36.32 0.17 -39.32
C ARG DA 49 35.40 0.46 -38.14
N ILE DA 50 35.99 0.75 -36.97
CA ILE DA 50 35.18 1.04 -35.78
C ILE DA 50 34.31 2.26 -36.02
N VAL DA 51 34.90 3.32 -36.59
CA VAL DA 51 34.16 4.56 -36.78
C VAL DA 51 33.03 4.39 -37.80
N LYS DA 52 33.31 3.70 -38.91
CA LYS DA 52 32.38 3.73 -40.04
C LYS DA 52 31.04 3.07 -39.70
N GLN DA 53 31.08 1.77 -39.38
CA GLN DA 53 29.83 1.04 -39.15
C GLN DA 53 29.09 1.56 -37.93
N ALA DA 54 29.81 2.03 -36.92
CA ALA DA 54 29.16 2.64 -35.77
C ALA DA 54 28.41 3.91 -36.18
N GLY DA 55 29.01 4.72 -37.05
CA GLY DA 55 28.33 5.91 -37.53
C GLY DA 55 27.06 5.59 -38.30
N ASP DA 56 27.13 4.59 -39.18
CA ASP DA 56 25.93 4.18 -39.90
C ASP DA 56 24.86 3.66 -38.95
N GLN DA 57 25.27 2.91 -37.92
CA GLN DA 57 24.31 2.44 -36.92
C GLN DA 57 23.67 3.60 -36.18
N LEU DA 58 24.46 4.63 -35.83
CA LEU DA 58 23.92 5.79 -35.13
C LEU DA 58 22.88 6.50 -35.98
N PHE DA 59 23.20 6.75 -37.25
CA PHE DA 59 22.25 7.41 -38.14
C PHE DA 59 21.00 6.57 -38.31
N GLN DA 60 21.15 5.25 -38.38
CA GLN DA 60 19.99 4.37 -38.45
C GLN DA 60 19.16 4.44 -37.16
N LYS DA 61 19.83 4.48 -36.01
CA LYS DA 61 19.14 4.53 -34.73
C LYS DA 61 18.20 5.73 -34.65
N ARG DA 62 18.74 6.93 -34.78
CA ARG DA 62 17.93 8.16 -34.78
C ARG DA 62 18.18 8.91 -36.08
N PRO DA 63 17.41 8.61 -37.13
CA PRO DA 63 17.63 9.24 -38.44
C PRO DA 63 17.34 10.73 -38.47
N ASP DA 64 16.69 11.28 -37.43
CA ASP DA 64 16.43 12.72 -37.41
C ASP DA 64 17.72 13.52 -37.51
N VAL DA 65 18.82 12.95 -37.04
CA VAL DA 65 20.11 13.63 -37.13
C VAL DA 65 20.51 13.84 -38.59
N VAL DA 66 20.33 12.81 -39.42
CA VAL DA 66 20.69 12.92 -40.83
C VAL DA 66 19.52 13.33 -41.70
N SER DA 67 18.32 13.43 -41.13
CA SER DA 67 17.17 13.96 -41.85
C SER DA 67 17.30 15.48 -41.96
N PRO DA 68 16.56 16.10 -42.88
CA PRO DA 68 16.53 17.57 -42.93
C PRO DA 68 16.04 18.15 -41.61
N GLY DA 69 16.67 19.24 -41.20
CA GLY DA 69 16.43 19.82 -39.91
C GLY DA 69 17.30 19.28 -38.80
N GLY DA 70 17.93 18.12 -39.00
CA GLY DA 70 18.90 17.63 -38.05
C GLY DA 70 20.21 18.36 -38.15
N ASN DA 71 20.97 18.32 -37.05
CA ASN DA 71 22.23 19.04 -37.01
C ASN DA 71 23.19 18.53 -38.07
N ALA DA 72 23.26 17.21 -38.24
CA ALA DA 72 24.10 16.61 -39.28
C ALA DA 72 23.27 16.23 -40.51
N TYR DA 73 22.70 17.23 -41.16
CA TYR DA 73 21.99 17.04 -42.42
C TYR DA 73 22.89 17.52 -43.55
N GLY DA 74 23.15 16.62 -44.50
CA GLY DA 74 24.08 16.92 -45.57
C GLY DA 74 25.43 16.22 -45.37
N GLU DA 75 26.12 16.00 -46.48
CA GLU DA 75 27.32 15.16 -46.44
C GLU DA 75 28.43 15.81 -45.63
N GLU DA 76 28.61 17.14 -45.75
CA GLU DA 76 29.67 17.82 -45.00
C GLU DA 76 29.41 17.74 -43.50
N MET DA 77 28.17 17.99 -43.07
CA MET DA 77 27.84 17.93 -41.65
C MET DA 77 28.02 16.52 -41.11
N THR DA 78 27.57 15.51 -41.85
CA THR DA 78 27.76 14.13 -41.41
C THR DA 78 29.24 13.77 -41.34
N ALA DA 79 30.04 14.31 -42.26
CA ALA DA 79 31.47 14.03 -42.24
C ALA DA 79 32.13 14.58 -40.97
N THR DA 80 31.78 15.81 -40.59
CA THR DA 80 32.36 16.39 -39.39
C THR DA 80 31.92 15.63 -38.14
N CYS DA 81 30.67 15.18 -38.08
CA CYS DA 81 30.28 14.40 -36.91
C CYS DA 81 31.04 13.08 -36.84
N LEU DA 82 31.22 12.41 -37.98
CA LEU DA 82 32.04 11.22 -37.97
C LEU DA 82 33.45 11.53 -37.51
N ARG DA 83 33.98 12.70 -37.88
CA ARG DA 83 35.28 13.13 -37.40
C ARG DA 83 35.29 13.22 -35.88
N ASP DA 84 34.21 13.74 -35.29
CA ASP DA 84 34.12 13.79 -33.84
C ASP DA 84 34.14 12.41 -33.22
N LEU DA 85 33.46 11.44 -33.85
CA LEU DA 85 33.49 10.08 -33.35
C LEU DA 85 34.92 9.54 -33.33
N ASP DA 86 35.67 9.80 -34.39
CA ASP DA 86 37.08 9.40 -34.41
C ASP DA 86 37.86 10.09 -33.30
N TYR DA 87 37.60 11.38 -33.08
CA TYR DA 87 38.24 12.12 -31.99
C TYR DA 87 38.03 11.40 -30.66
N TYR DA 88 36.78 11.04 -30.36
CA TYR DA 88 36.49 10.45 -29.06
C TYR DA 88 37.11 9.06 -28.94
N LEU DA 89 37.16 8.30 -30.03
CA LEU DA 89 37.79 6.99 -29.97
C LEU DA 89 39.27 7.11 -29.60
N ARG DA 90 39.98 8.04 -30.22
CA ARG DA 90 41.40 8.18 -29.88
C ARG DA 90 41.58 8.79 -28.50
N LEU DA 91 40.61 9.57 -28.02
CA LEU DA 91 40.63 9.96 -26.61
C LEU DA 91 40.59 8.74 -25.72
N VAL DA 92 39.73 7.78 -26.05
CA VAL DA 92 39.62 6.55 -25.25
C VAL DA 92 40.91 5.75 -25.33
N THR DA 93 41.58 5.75 -26.48
CA THR DA 93 42.88 5.08 -26.57
C THR DA 93 43.89 5.72 -25.63
N TYR DA 94 43.90 7.06 -25.57
CA TYR DA 94 44.78 7.74 -24.63
C TYR DA 94 44.44 7.36 -23.19
N GLY DA 95 43.15 7.29 -22.87
CA GLY DA 95 42.76 6.89 -21.53
C GLY DA 95 43.18 5.47 -21.20
N ILE DA 96 43.09 4.57 -22.19
CA ILE DA 96 43.44 3.17 -21.96
C ILE DA 96 44.92 3.03 -21.64
N VAL DA 97 45.79 3.69 -22.40
CA VAL DA 97 47.21 3.60 -22.10
C VAL DA 97 47.55 4.33 -20.82
N ALA DA 98 46.84 5.44 -20.53
CA ALA DA 98 47.12 6.20 -19.33
C ALA DA 98 46.77 5.40 -18.08
N GLY DA 99 45.69 4.62 -18.13
CA GLY DA 99 45.22 3.88 -16.99
C GLY DA 99 44.16 4.59 -16.16
N ASP DA 100 43.97 5.88 -16.38
CA ASP DA 100 42.88 6.62 -15.75
C ASP DA 100 42.23 7.52 -16.79
N VAL DA 101 41.14 8.18 -16.39
CA VAL DA 101 40.34 8.97 -17.33
C VAL DA 101 40.75 10.43 -17.37
N THR DA 102 41.80 10.83 -16.64
CA THR DA 102 42.25 12.21 -16.66
C THR DA 102 42.53 12.76 -18.06
N PRO DA 103 43.26 12.06 -18.94
CA PRO DA 103 43.44 12.61 -20.30
C PRO DA 103 42.14 12.76 -21.06
N ILE DA 104 41.22 11.79 -20.95
CA ILE DA 104 39.95 11.91 -21.65
C ILE DA 104 39.17 13.13 -21.18
N GLU DA 105 39.10 13.31 -19.87
CA GLU DA 105 38.36 14.44 -19.32
C GLU DA 105 38.95 15.76 -19.80
N GLU DA 106 40.27 15.90 -19.72
CA GLU DA 106 40.91 17.16 -20.11
C GLU DA 106 40.69 17.46 -21.58
N ILE DA 107 40.92 16.48 -22.44
CA ILE DA 107 40.88 16.75 -23.88
C ILE DA 107 39.45 17.04 -24.34
N GLY DA 108 38.48 16.23 -23.90
CA GLY DA 108 37.17 16.38 -24.50
C GLY DA 108 35.92 16.22 -23.65
N LEU DA 109 35.96 16.55 -22.36
CA LEU DA 109 34.76 16.41 -21.54
C LEU DA 109 34.33 17.70 -20.86
N VAL DA 110 35.24 18.42 -20.21
CA VAL DA 110 34.84 19.59 -19.42
C VAL DA 110 34.12 20.58 -20.33
N GLY DA 111 32.86 20.88 -20.00
CA GLY DA 111 32.05 21.72 -20.85
C GLY DA 111 31.46 21.03 -22.04
N VAL DA 112 31.21 19.71 -21.95
CA VAL DA 112 30.71 18.96 -23.09
C VAL DA 112 29.36 19.50 -23.55
N ARG DA 113 28.45 19.73 -22.61
CA ARG DA 113 27.15 20.27 -22.96
C ARG DA 113 27.27 21.64 -23.61
N GLU DA 114 28.12 22.50 -23.05
CA GLU DA 114 28.25 23.86 -23.55
C GLU DA 114 28.74 23.86 -25.00
N MET DA 115 29.75 23.03 -25.30
CA MET DA 115 30.26 22.98 -26.66
C MET DA 115 29.19 22.52 -27.65
N TYR DA 116 28.55 21.39 -27.36
CA TYR DA 116 27.66 20.82 -28.36
C TYR DA 116 26.32 21.53 -28.45
N ASN DA 117 25.86 22.16 -27.37
CA ASN DA 117 24.66 22.96 -27.49
C ASN DA 117 24.93 24.29 -28.18
N SER DA 118 26.14 24.84 -28.02
CA SER DA 118 26.54 25.98 -28.84
C SER DA 118 26.53 25.60 -30.31
N LEU DA 119 27.00 24.40 -30.64
CA LEU DA 119 26.92 23.90 -32.00
C LEU DA 119 25.50 23.55 -32.40
N GLY DA 120 24.61 23.32 -31.44
CA GLY DA 120 23.26 22.89 -31.71
C GLY DA 120 23.07 21.39 -31.79
N THR DA 121 24.12 20.61 -31.54
CA THR DA 121 24.13 19.16 -31.64
C THR DA 121 23.48 18.54 -30.39
N PRO DA 122 22.64 17.51 -30.57
CA PRO DA 122 22.02 16.84 -29.41
C PRO DA 122 23.00 15.88 -28.73
N ILE DA 123 23.24 16.12 -27.43
CA ILE DA 123 24.14 15.29 -26.64
C ILE DA 123 23.61 13.87 -26.45
N PRO DA 124 22.28 13.62 -26.34
CA PRO DA 124 21.85 12.21 -26.30
C PRO DA 124 22.19 11.45 -27.56
N ALA DA 125 22.10 12.10 -28.73
CA ALA DA 125 22.50 11.46 -29.97
C ALA DA 125 23.99 11.16 -29.98
N VAL DA 126 24.80 12.07 -29.43
CA VAL DA 126 26.22 11.80 -29.27
C VAL DA 126 26.42 10.55 -28.43
N ALA DA 127 25.61 10.40 -27.37
CA ALA DA 127 25.72 9.22 -26.52
C ALA DA 127 25.47 7.94 -27.31
N GLU DA 128 24.45 7.94 -28.16
CA GLU DA 128 24.17 6.74 -28.95
C GLU DA 128 25.29 6.44 -29.93
N GLY DA 129 25.90 7.48 -30.50
CA GLY DA 129 27.02 7.25 -31.40
C GLY DA 129 28.19 6.59 -30.71
N ILE DA 130 28.53 7.07 -29.51
CA ILE DA 130 29.63 6.47 -28.76
C ILE DA 130 29.27 5.06 -28.32
N ARG DA 131 27.99 4.81 -28.02
CA ARG DA 131 27.57 3.45 -27.70
C ARG DA 131 27.81 2.51 -28.85
N ALA DA 132 27.49 2.94 -30.08
CA ALA DA 132 27.77 2.12 -31.25
C ALA DA 132 29.27 1.86 -31.39
N MET DA 133 30.09 2.89 -31.16
CA MET DA 133 31.54 2.69 -31.20
C MET DA 133 31.97 1.65 -30.18
N LYS DA 134 31.39 1.69 -28.98
CA LYS DA 134 31.75 0.72 -27.94
C LYS DA 134 31.43 -0.70 -28.38
N ASN DA 135 30.26 -0.90 -28.99
CA ASN DA 135 29.87 -2.24 -29.41
C ASN DA 135 30.83 -2.79 -30.46
N VAL DA 136 31.16 -1.98 -31.46
CA VAL DA 136 32.09 -2.42 -32.50
C VAL DA 136 33.47 -2.67 -31.92
N ALA DA 137 33.91 -1.81 -31.00
CA ALA DA 137 35.20 -2.00 -30.35
C ALA DA 137 35.23 -3.30 -29.56
N CYS DA 138 34.13 -3.61 -28.86
CA CYS DA 138 34.07 -4.85 -28.08
C CYS DA 138 34.22 -6.07 -28.98
N SER DA 139 33.61 -6.02 -30.17
CA SER DA 139 33.76 -7.14 -31.11
C SER DA 139 35.22 -7.33 -31.50
N LEU DA 140 35.95 -6.23 -31.71
CA LEU DA 140 37.35 -6.37 -32.12
C LEU DA 140 38.28 -6.64 -30.95
N LEU DA 141 37.80 -6.60 -29.70
CA LEU DA 141 38.61 -6.91 -28.54
C LEU DA 141 38.25 -8.29 -27.99
N SER DA 142 39.22 -8.93 -27.35
CA SER DA 142 38.92 -10.14 -26.60
C SER DA 142 38.08 -9.80 -25.39
N ALA DA 143 37.27 -10.77 -24.95
CA ALA DA 143 36.30 -10.51 -23.89
C ALA DA 143 36.97 -10.02 -22.61
N GLU DA 144 38.10 -10.64 -22.24
CA GLU DA 144 38.85 -10.19 -21.08
C GLU DA 144 39.37 -8.77 -21.27
N ASP DA 145 39.93 -8.48 -22.44
CA ASP DA 145 40.44 -7.15 -22.71
C ASP DA 145 39.31 -6.14 -22.83
N ALA DA 146 38.19 -6.53 -23.43
CA ALA DA 146 37.11 -5.59 -23.72
C ALA DA 146 36.47 -5.01 -22.47
N ALA DA 147 36.66 -5.65 -21.32
CA ALA DA 147 36.18 -5.06 -20.08
C ALA DA 147 36.93 -3.77 -19.75
N GLU DA 148 38.25 -3.76 -19.97
CA GLU DA 148 39.05 -2.59 -19.62
C GLU DA 148 38.70 -1.40 -20.50
N ALA DA 149 38.61 -1.61 -21.81
CA ALA DA 149 38.27 -0.52 -22.72
C ALA DA 149 36.82 -0.06 -22.51
N GLY DA 150 35.93 -1.02 -22.24
CA GLY DA 150 34.54 -0.66 -22.04
C GLY DA 150 34.32 0.31 -20.90
N SER DA 151 35.12 0.20 -19.84
CA SER DA 151 34.97 1.10 -18.70
C SER DA 151 35.21 2.55 -19.10
N TYR DA 152 36.23 2.81 -19.90
CA TYR DA 152 36.47 4.16 -20.39
C TYR DA 152 35.34 4.62 -21.29
N PHE DA 153 34.83 3.74 -22.15
CA PHE DA 153 33.67 4.09 -22.97
C PHE DA 153 32.48 4.46 -22.10
N ASP DA 154 32.24 3.68 -21.04
CA ASP DA 154 31.10 3.95 -20.17
C ASP DA 154 31.23 5.30 -19.48
N PHE DA 155 32.43 5.63 -19.01
CA PHE DA 155 32.63 6.96 -18.42
C PHE DA 155 32.32 8.05 -19.42
N VAL DA 156 32.74 7.85 -20.68
CA VAL DA 156 32.54 8.90 -21.69
C VAL DA 156 31.06 9.12 -21.96
N ILE DA 157 30.28 8.04 -22.09
CA ILE DA 157 28.86 8.22 -22.38
C ILE DA 157 28.15 8.87 -21.20
N GLY DA 158 28.51 8.47 -19.97
CA GLY DA 158 27.96 9.12 -18.80
C GLY DA 158 28.27 10.61 -18.78
N ALA DA 159 29.49 10.97 -19.16
CA ALA DA 159 29.86 12.38 -19.24
C ALA DA 159 29.12 13.10 -20.36
N MET DA 160 28.87 12.41 -21.48
CA MET DA 160 28.07 12.99 -22.54
C MET DA 160 26.71 13.42 -22.02
N GLN DA 161 26.09 12.59 -21.18
CA GLN DA 161 24.85 12.96 -20.53
C GLN DA 161 25.11 13.95 -19.40
N MET EA 1 52.57 18.89 -13.86
CA MET EA 1 51.69 17.82 -13.38
C MET EA 1 51.45 16.79 -14.47
N GLN EA 2 52.54 16.27 -15.03
CA GLN EA 2 52.47 15.24 -16.06
C GLN EA 2 53.55 14.20 -15.81
N ASP EA 3 53.31 12.99 -16.29
CA ASP EA 3 54.30 11.92 -16.28
C ASP EA 3 54.68 11.57 -17.71
N ALA EA 4 55.48 10.52 -17.87
CA ALA EA 4 55.92 10.12 -19.21
C ALA EA 4 54.75 9.75 -20.09
N ILE EA 5 53.79 8.98 -19.56
CA ILE EA 5 52.63 8.57 -20.35
C ILE EA 5 51.79 9.78 -20.73
N THR EA 6 51.55 10.68 -19.76
CA THR EA 6 50.79 11.89 -20.05
C THR EA 6 51.49 12.73 -21.10
N ALA EA 7 52.81 12.85 -21.00
CA ALA EA 7 53.55 13.63 -21.98
C ALA EA 7 53.44 13.03 -23.38
N VAL EA 8 53.54 11.71 -23.49
CA VAL EA 8 53.45 11.05 -24.79
C VAL EA 8 52.09 11.29 -25.42
N ILE EA 9 51.02 11.01 -24.66
CA ILE EA 9 49.68 11.15 -25.22
C ILE EA 9 49.35 12.62 -25.49
N ASN EA 10 49.85 13.53 -24.64
CA ASN EA 10 49.60 14.95 -24.88
C ASN EA 10 50.32 15.45 -26.11
N ALA EA 11 51.56 14.98 -26.34
CA ALA EA 11 52.27 15.37 -27.55
C ALA EA 11 51.54 14.86 -28.79
N SER EA 12 51.07 13.62 -28.77
CA SER EA 12 50.27 13.11 -29.86
C SER EA 12 48.99 13.90 -30.02
N ASP EA 13 48.39 14.33 -28.91
CA ASP EA 13 47.18 15.13 -28.97
C ASP EA 13 47.43 16.50 -29.59
N VAL EA 14 48.57 17.11 -29.26
CA VAL EA 14 48.92 18.39 -29.86
C VAL EA 14 49.05 18.25 -31.37
N GLN EA 15 49.69 17.17 -31.83
CA GLN EA 15 49.70 16.88 -33.26
C GLN EA 15 48.30 16.61 -33.78
N GLY EA 16 47.41 16.09 -32.93
CA GLY EA 16 46.11 15.64 -33.35
C GLY EA 16 46.07 14.23 -33.89
N LYS EA 17 47.23 13.59 -34.05
CA LYS EA 17 47.31 12.26 -34.60
C LYS EA 17 47.03 11.21 -33.54
N TYR EA 18 46.65 10.02 -34.00
CA TYR EA 18 46.44 8.91 -33.10
C TYR EA 18 47.78 8.39 -32.59
N LEU EA 19 47.71 7.48 -31.61
CA LEU EA 19 48.92 6.87 -31.08
C LEU EA 19 49.69 6.18 -32.19
N ASP EA 20 50.99 6.44 -32.25
CA ASP EA 20 51.86 5.89 -33.27
C ASP EA 20 52.76 4.81 -32.66
N THR EA 21 53.34 3.99 -33.53
CA THR EA 21 54.21 2.91 -33.04
C THR EA 21 55.46 3.48 -32.38
N ALA EA 22 55.98 4.61 -32.87
CA ALA EA 22 57.10 5.24 -32.19
C ALA EA 22 56.71 5.75 -30.82
N ALA EA 23 55.52 6.34 -30.70
CA ALA EA 23 55.03 6.78 -29.40
C ALA EA 23 54.90 5.60 -28.43
N MET EA 24 54.33 4.50 -28.91
CA MET EA 24 54.22 3.31 -28.08
C MET EA 24 55.59 2.75 -27.71
N GLU EA 25 56.58 2.94 -28.58
CA GLU EA 25 57.94 2.54 -28.23
C GLU EA 25 58.46 3.33 -27.03
N LYS EA 26 58.19 4.65 -27.02
CA LYS EA 26 58.55 5.45 -25.86
C LYS EA 26 57.86 4.94 -24.60
N LEU EA 27 56.56 4.64 -24.71
CA LEU EA 27 55.82 4.13 -23.56
C LEU EA 27 56.40 2.79 -23.09
N LYS EA 28 56.74 1.91 -24.03
CA LYS EA 28 57.33 0.63 -23.66
C LYS EA 28 58.63 0.83 -22.90
N ALA EA 29 59.47 1.76 -23.35
CA ALA EA 29 60.74 2.00 -22.68
C ALA EA 29 60.52 2.47 -21.25
N TYR EA 30 59.58 3.38 -21.05
CA TYR EA 30 59.29 3.84 -19.68
C TYR EA 30 58.81 2.69 -18.81
N PHE EA 31 57.92 1.85 -19.33
CA PHE EA 31 57.44 0.70 -18.57
C PHE EA 31 58.58 -0.24 -18.21
N ALA EA 32 59.48 -0.50 -19.16
CA ALA EA 32 60.61 -1.38 -18.89
C ALA EA 32 61.49 -0.83 -17.76
N THR EA 33 61.59 0.49 -17.66
CA THR EA 33 62.40 1.14 -16.63
C THR EA 33 61.65 1.34 -15.33
N GLY EA 34 60.34 1.08 -15.30
CA GLY EA 34 59.53 1.49 -14.16
C GLY EA 34 59.95 0.87 -12.84
N GLU EA 35 60.16 -0.45 -12.82
CA GLU EA 35 60.50 -1.12 -11.56
C GLU EA 35 61.79 -0.57 -10.97
N LEU EA 36 62.79 -0.37 -11.83
CA LEU EA 36 64.05 0.24 -11.41
C LEU EA 36 63.79 1.59 -10.74
N ARG EA 37 62.93 2.41 -11.35
CA ARG EA 37 62.58 3.70 -10.77
C ARG EA 37 61.99 3.55 -9.38
N VAL EA 38 61.09 2.59 -9.20
CA VAL EA 38 60.35 2.47 -7.94
C VAL EA 38 61.29 2.18 -6.78
N ARG EA 39 62.19 1.21 -6.96
CA ARG EA 39 63.07 0.86 -5.86
C ARG EA 39 64.00 2.03 -5.51
N ALA EA 40 64.42 2.78 -6.52
CA ALA EA 40 65.22 3.98 -6.23
C ALA EA 40 64.46 4.95 -5.34
N ALA EA 41 63.17 5.13 -5.60
CA ALA EA 41 62.37 6.05 -4.79
C ALA EA 41 62.33 5.62 -3.34
N SER EA 42 62.17 4.33 -3.08
CA SER EA 42 62.12 3.85 -1.71
C SER EA 42 63.43 4.16 -0.98
N VAL EA 43 64.56 3.89 -1.64
CA VAL EA 43 65.85 4.15 -1.02
C VAL EA 43 66.02 5.63 -0.72
N ILE EA 44 65.67 6.48 -1.69
CA ILE EA 44 65.77 7.92 -1.51
C ILE EA 44 64.97 8.37 -0.31
N SER EA 45 63.72 7.87 -0.20
CA SER EA 45 62.85 8.29 0.88
C SER EA 45 63.43 7.92 2.24
N ALA EA 46 63.90 6.68 2.39
CA ALA EA 46 64.38 6.23 3.69
C ALA EA 46 65.60 7.02 4.13
N ASN EA 47 66.50 7.34 3.20
CA ASN EA 47 67.75 8.01 3.54
C ASN EA 47 67.72 9.50 3.21
N ALA EA 48 66.53 10.08 3.04
CA ALA EA 48 66.44 11.46 2.58
C ALA EA 48 67.14 12.43 3.52
N ALA EA 49 66.91 12.28 4.83
CA ALA EA 49 67.53 13.19 5.79
C ALA EA 49 69.05 13.05 5.77
N ASN EA 50 69.55 11.81 5.68
CA ASN EA 50 70.99 11.60 5.65
C ASN EA 50 71.60 12.15 4.37
N ILE EA 51 70.89 12.02 3.25
CA ILE EA 51 71.37 12.59 1.99
C ILE EA 51 71.61 14.09 2.14
N VAL EA 52 70.64 14.78 2.74
CA VAL EA 52 70.75 16.23 2.92
C VAL EA 52 71.90 16.55 3.85
N LYS EA 53 72.02 15.83 4.96
CA LYS EA 53 73.09 16.12 5.92
C LYS EA 53 74.46 15.98 5.27
N GLU EA 54 74.69 14.85 4.59
CA GLU EA 54 75.99 14.62 3.97
C GLU EA 54 76.29 15.66 2.89
N ALA EA 55 75.30 15.97 2.05
CA ALA EA 55 75.54 16.94 0.98
C ALA EA 55 75.82 18.33 1.53
N VAL EA 56 75.08 18.76 2.55
CA VAL EA 56 75.32 20.06 3.16
C VAL EA 56 76.70 20.10 3.79
N ALA EA 57 77.07 19.03 4.49
CA ALA EA 57 78.39 18.99 5.12
C ALA EA 57 79.49 19.08 4.07
N LYS EA 58 79.29 18.46 2.91
CA LYS EA 58 80.30 18.46 1.86
C LYS EA 58 80.27 19.71 0.99
N SER EA 59 79.22 20.54 1.10
CA SER EA 59 79.09 21.69 0.21
C SER EA 59 79.07 23.02 0.93
N LEU EA 60 78.25 23.17 1.97
CA LEU EA 60 77.98 24.49 2.55
C LEU EA 60 78.62 24.71 3.90
N LEU EA 61 78.87 23.67 4.69
CA LEU EA 61 79.27 23.85 6.07
C LEU EA 61 80.72 24.30 6.19
N TYR EA 62 81.01 24.95 7.33
CA TYR EA 62 82.34 25.46 7.63
C TYR EA 62 82.86 26.36 6.51
N SER EA 63 81.98 27.22 6.01
CA SER EA 63 82.33 28.15 4.94
C SER EA 63 81.78 29.52 5.31
N ASP EA 64 82.03 30.50 4.43
CA ASP EA 64 81.67 31.88 4.74
C ASP EA 64 80.16 32.07 4.80
N ILE EA 65 79.39 31.31 4.02
CA ILE EA 65 77.93 31.51 4.03
C ILE EA 65 77.34 31.12 5.36
N THR EA 66 77.86 30.06 5.99
CA THR EA 66 77.45 29.76 7.36
C THR EA 66 78.14 30.65 8.38
N ARG EA 67 79.27 31.25 8.02
CA ARG EA 67 79.91 32.23 8.89
C ARG EA 67 79.08 33.51 8.91
N PRO EA 68 79.25 34.35 9.93
CA PRO EA 68 78.35 35.50 10.10
C PRO EA 68 78.27 36.38 8.87
N GLY EA 69 77.07 36.89 8.60
CA GLY EA 69 76.81 37.70 7.43
C GLY EA 69 76.96 36.94 6.13
N GLY EA 70 76.55 35.68 6.09
CA GLY EA 70 76.73 34.86 4.91
C GLY EA 70 75.46 34.29 4.30
N MET EA 72 73.29 32.22 5.42
CA MET EA 72 72.78 31.03 6.11
C MET EA 72 73.10 31.12 7.58
N TYR EA 73 73.86 32.13 7.97
CA TYR EA 73 74.04 32.44 9.37
C TYR EA 73 72.69 32.80 9.98
N THR EA 74 72.56 32.52 11.28
CA THR EA 74 71.31 32.57 12.06
C THR EA 74 70.52 31.29 11.87
N THR EA 75 70.00 30.75 12.99
CA THR EA 75 69.33 29.46 12.98
C THR EA 75 68.15 29.44 12.03
N ARG EA 76 67.39 30.53 11.97
CA ARG EA 76 66.22 30.59 11.11
C ARG EA 76 66.59 30.35 9.65
N ARG EA 77 67.65 31.00 9.17
CA ARG EA 77 68.04 30.84 7.78
C ARG EA 77 68.63 29.46 7.52
N TYR EA 78 69.38 28.90 8.48
CA TYR EA 78 69.89 27.55 8.32
C TYR EA 78 68.75 26.55 8.19
N ALA EA 79 67.72 26.69 9.02
CA ALA EA 79 66.58 25.80 8.96
C ALA EA 79 65.86 25.92 7.61
N ALA EA 80 65.70 27.15 7.12
CA ALA EA 80 65.07 27.33 5.83
C ALA EA 80 65.90 26.71 4.72
N CYS EA 81 67.23 26.83 4.79
CA CYS EA 81 68.07 26.26 3.74
C CYS EA 81 67.96 24.74 3.70
N ILE EA 82 68.03 24.08 4.86
CA ILE EA 82 67.94 22.63 4.86
C ILE EA 82 66.55 22.18 4.44
N ARG EA 83 65.52 22.93 4.83
CA ARG EA 83 64.16 22.62 4.38
C ARG EA 83 64.05 22.70 2.86
N ASP EA 84 64.62 23.75 2.27
CA ASP EA 84 64.55 23.91 0.83
C ASP EA 84 65.28 22.77 0.11
N LEU EA 85 66.42 22.34 0.66
CA LEU EA 85 67.11 21.19 0.09
C LEU EA 85 66.27 19.92 0.22
N ASP EA 86 65.60 19.74 1.36
CA ASP EA 86 64.68 18.62 1.52
C ASP EA 86 63.62 18.63 0.44
N TYR EA 87 63.01 19.79 0.21
CA TYR EA 87 61.96 19.91 -0.79
C TYR EA 87 62.50 19.65 -2.19
N TYR EA 88 63.71 20.13 -2.49
CA TYR EA 88 64.33 19.83 -3.77
C TYR EA 88 64.46 18.34 -3.97
N LEU EA 89 64.93 17.62 -2.95
CA LEU EA 89 65.08 16.17 -3.07
C LEU EA 89 63.72 15.48 -3.25
N ARG EA 90 62.71 15.91 -2.50
CA ARG EA 90 61.40 15.27 -2.58
C ARG EA 90 60.78 15.49 -3.96
N TYR EA 91 60.83 16.72 -4.47
CA TYR EA 91 60.31 16.98 -5.80
C TYR EA 91 61.14 16.28 -6.87
N ALA EA 92 62.45 16.13 -6.62
CA ALA EA 92 63.29 15.39 -7.57
C ALA EA 92 62.85 13.93 -7.67
N THR EA 93 62.55 13.31 -6.54
CA THR EA 93 62.13 11.91 -6.60
C THR EA 93 60.71 11.78 -7.16
N TYR EA 94 59.86 12.79 -6.95
CA TYR EA 94 58.58 12.81 -7.65
C TYR EA 94 58.78 12.80 -9.15
N ALA EA 95 59.67 13.67 -9.64
CA ALA EA 95 59.93 13.75 -11.07
C ALA EA 95 60.54 12.45 -11.59
N MET EA 96 61.43 11.85 -10.81
CA MET EA 96 62.04 10.59 -11.23
C MET EA 96 60.98 9.49 -11.36
N LEU EA 97 60.07 9.40 -10.39
CA LEU EA 97 59.00 8.41 -10.47
C LEU EA 97 58.12 8.66 -11.67
N ALA EA 98 57.81 9.93 -11.95
CA ALA EA 98 56.98 10.25 -13.11
C ALA EA 98 57.69 9.93 -14.41
N GLY EA 99 59.01 10.11 -14.45
CA GLY EA 99 59.73 10.01 -15.71
C GLY EA 99 59.57 11.21 -16.60
N ASP EA 100 59.30 12.38 -16.01
CA ASP EA 100 59.03 13.60 -16.76
C ASP EA 100 59.55 14.78 -15.96
N PRO EA 101 59.95 15.87 -16.60
CA PRO EA 101 60.36 17.08 -15.88
C PRO EA 101 59.23 18.07 -15.63
N SER EA 102 58.00 17.72 -15.99
CA SER EA 102 56.88 18.64 -15.90
C SER EA 102 56.65 19.08 -14.46
N ILE EA 103 56.77 18.15 -13.51
CA ILE EA 103 56.53 18.49 -12.11
C ILE EA 103 57.54 19.51 -11.63
N LEU EA 104 58.81 19.35 -12.04
CA LEU EA 104 59.83 20.30 -11.61
C LEU EA 104 59.51 21.71 -12.11
N ASP EA 105 59.14 21.84 -13.38
CA ASP EA 105 58.81 23.17 -13.89
C ASP EA 105 57.54 23.71 -13.25
N GLU EA 106 56.51 22.87 -13.10
CA GLU EA 106 55.21 23.37 -12.68
C GLU EA 106 55.18 23.72 -11.19
N ARG EA 107 55.89 22.95 -10.37
CA ARG EA 107 55.76 23.08 -8.94
C ARG EA 107 57.04 23.53 -8.22
N VAL EA 108 58.17 23.61 -8.91
CA VAL EA 108 59.41 23.99 -8.25
C VAL EA 108 60.01 25.24 -8.89
N LEU EA 109 60.40 25.11 -10.16
CA LEU EA 109 61.18 26.17 -10.80
C LEU EA 109 60.35 27.42 -11.07
N ASN EA 110 59.02 27.29 -11.15
CA ASN EA 110 58.18 28.46 -11.37
C ASN EA 110 58.27 29.38 -10.16
N GLY EA 111 58.63 30.64 -10.39
CA GLY EA 111 58.78 31.62 -9.33
C GLY EA 111 59.99 31.44 -8.44
N LEU EA 112 60.68 30.29 -8.52
CA LEU EA 112 61.80 30.04 -7.63
C LEU EA 112 62.95 31.01 -7.88
N LYS EA 113 63.29 31.24 -9.15
CA LYS EA 113 64.34 32.19 -9.47
C LYS EA 113 63.96 33.60 -9.01
N GLU EA 114 62.71 33.99 -9.23
CA GLU EA 114 62.26 35.32 -8.86
C GLU EA 114 62.33 35.53 -7.36
N THR EA 115 61.87 34.54 -6.58
CA THR EA 115 61.92 34.65 -5.13
C THR EA 115 63.35 34.64 -4.61
N TYR EA 116 64.20 33.76 -5.15
CA TYR EA 116 65.58 33.67 -4.67
C TYR EA 116 66.33 34.97 -4.92
N ASN EA 117 66.14 35.58 -6.09
CA ASN EA 117 66.80 36.86 -6.34
C ASN EA 117 66.19 37.98 -5.51
N SER EA 118 64.89 37.92 -5.24
CA SER EA 118 64.26 38.94 -4.40
C SER EA 118 64.90 38.96 -3.02
N LEU EA 119 65.14 37.79 -2.44
CA LEU EA 119 65.81 37.70 -1.16
C LEU EA 119 67.33 37.63 -1.28
N GLY EA 120 67.86 37.61 -2.50
CA GLY EA 120 69.29 37.52 -2.71
C GLY EA 120 69.92 36.24 -2.22
N VAL EA 121 69.18 35.13 -2.28
CA VAL EA 121 69.76 33.83 -1.91
C VAL EA 121 70.85 33.48 -2.91
N PRO EA 122 72.03 32.99 -2.48
CA PRO EA 122 73.10 32.71 -3.45
C PRO EA 122 72.79 31.51 -4.32
N ILE EA 123 72.39 31.80 -5.56
CA ILE EA 123 71.91 30.75 -6.45
C ILE EA 123 73.04 29.83 -6.87
N ALA EA 124 74.25 30.38 -7.04
CA ALA EA 124 75.40 29.56 -7.39
C ALA EA 124 75.70 28.54 -6.30
N ALA EA 125 75.66 28.98 -5.03
CA ALA EA 125 75.92 28.07 -3.92
C ALA EA 125 74.86 26.97 -3.86
N THR EA 126 73.59 27.32 -4.08
CA THR EA 126 72.55 26.30 -4.07
C THR EA 126 72.77 25.27 -5.17
N VAL EA 127 73.16 25.72 -6.36
CA VAL EA 127 73.40 24.80 -7.46
C VAL EA 127 74.53 23.84 -7.13
N GLN EA 128 75.61 24.36 -6.54
CA GLN EA 128 76.70 23.50 -6.11
C GLN EA 128 76.24 22.49 -5.08
N ALA EA 129 75.41 22.93 -4.13
CA ALA EA 129 74.95 22.05 -3.07
C ALA EA 129 74.08 20.92 -3.61
N ILE EA 130 73.18 21.22 -4.55
CA ILE EA 130 72.34 20.15 -5.07
C ILE EA 130 73.13 19.23 -5.99
N GLN EA 131 74.22 19.71 -6.59
CA GLN EA 131 75.13 18.80 -7.28
C GLN EA 131 75.75 17.81 -6.30
N ALA EA 132 76.13 18.30 -5.10
CA ALA EA 132 76.62 17.40 -4.07
C ALA EA 132 75.55 16.38 -3.67
N MET EA 133 74.30 16.83 -3.51
CA MET EA 133 73.20 15.90 -3.30
C MET EA 133 73.13 14.88 -4.41
N LYS EA 134 73.39 15.30 -5.65
CA LYS EA 134 73.27 14.40 -6.78
C LYS EA 134 74.24 13.23 -6.68
N GLU EA 135 75.48 13.49 -6.29
CA GLU EA 135 76.44 12.39 -6.22
C GLU EA 135 76.16 11.48 -5.02
N VAL EA 136 75.73 12.04 -3.89
CA VAL EA 136 75.32 11.19 -2.77
C VAL EA 136 74.17 10.29 -3.19
N THR EA 137 73.18 10.87 -3.87
CA THR EA 137 72.03 10.10 -4.33
C THR EA 137 72.45 9.06 -5.36
N ALA EA 138 73.39 9.39 -6.23
CA ALA EA 138 73.87 8.43 -7.21
C ALA EA 138 74.49 7.21 -6.52
N SER EA 139 75.27 7.45 -5.47
CA SER EA 139 75.86 6.33 -4.72
C SER EA 139 74.78 5.45 -4.12
N LEU EA 140 73.74 6.06 -3.53
CA LEU EA 140 72.73 5.28 -2.84
C LEU EA 140 71.84 4.51 -3.82
N VAL EA 141 71.37 5.18 -4.87
CA VAL EA 141 70.40 4.53 -5.76
C VAL EA 141 71.09 3.58 -6.73
N GLY EA 142 72.36 3.80 -7.05
CA GLY EA 142 73.05 3.04 -8.06
C GLY EA 142 73.29 3.86 -9.32
N ALA EA 143 74.16 3.32 -10.17
CA ALA EA 143 74.54 4.02 -11.40
C ALA EA 143 73.36 4.14 -12.35
N ASP EA 144 72.66 3.03 -12.61
CA ASP EA 144 71.49 3.03 -13.49
C ASP EA 144 70.52 4.14 -13.09
N ALA EA 145 69.98 4.03 -11.88
CA ALA EA 145 69.02 5.02 -11.39
C ALA EA 145 69.67 6.38 -11.21
N GLY EA 146 70.97 6.42 -10.91
CA GLY EA 146 71.64 7.69 -10.71
C GLY EA 146 71.64 8.55 -11.95
N LYS EA 147 71.80 7.94 -13.12
CA LYS EA 147 71.75 8.70 -14.36
C LYS EA 147 70.40 9.37 -14.55
N GLU EA 148 69.31 8.64 -14.27
CA GLU EA 148 67.99 9.25 -14.31
C GLU EA 148 67.84 10.32 -13.23
N MET EA 149 68.35 10.05 -12.02
CA MET EA 149 68.35 11.06 -10.99
C MET EA 149 69.17 12.28 -11.41
N GLY EA 150 70.26 12.04 -12.13
CA GLY EA 150 71.14 13.14 -12.53
C GLY EA 150 70.46 14.14 -13.45
N ILE EA 151 69.67 13.66 -14.41
CA ILE EA 151 69.07 14.57 -15.37
C ILE EA 151 68.08 15.51 -14.68
N TYR EA 152 67.33 15.00 -13.70
CA TYR EA 152 66.37 15.85 -13.00
C TYR EA 152 67.07 16.78 -12.02
N PHE EA 153 68.14 16.32 -11.37
CA PHE EA 153 68.94 17.22 -10.56
C PHE EA 153 69.51 18.35 -11.40
N ASP EA 154 70.06 18.01 -12.58
CA ASP EA 154 70.61 19.03 -13.46
C ASP EA 154 69.52 19.96 -14.00
N TYR EA 155 68.31 19.43 -14.21
CA TYR EA 155 67.19 20.26 -14.61
C TYR EA 155 66.90 21.33 -13.57
N ILE EA 156 66.91 20.94 -12.29
CA ILE EA 156 66.73 21.90 -11.21
C ILE EA 156 67.88 22.90 -11.20
N CYS EA 157 69.10 22.42 -11.42
CA CYS EA 157 70.25 23.33 -11.49
C CYS EA 157 70.06 24.36 -12.60
N SER EA 158 69.56 23.91 -13.76
CA SER EA 158 69.33 24.82 -14.87
C SER EA 158 68.29 25.88 -14.50
N GLY EA 159 67.22 25.47 -13.84
CA GLY EA 159 66.20 26.42 -13.43
C GLY EA 159 66.72 27.47 -12.48
N LEU EA 160 67.52 27.05 -11.49
CA LEU EA 160 68.15 28.00 -10.59
C LEU EA 160 69.13 28.91 -11.34
N SER EA 161 69.83 28.34 -12.31
CA SER EA 161 70.78 29.10 -13.12
C SER EA 161 70.07 29.81 -14.26
N ARG FA 2 57.63 40.77 6.75
CA ARG FA 2 58.29 40.88 5.46
C ARG FA 2 57.34 40.54 4.32
N MET FA 3 56.36 41.42 4.09
CA MET FA 3 55.34 41.16 3.09
C MET FA 3 55.95 41.06 1.69
N PHE FA 4 55.62 39.99 0.99
CA PHE FA 4 56.04 39.78 -0.40
C PHE FA 4 54.94 40.25 -1.32
N LYS FA 5 55.25 41.17 -2.23
CA LYS FA 5 54.34 41.52 -3.30
C LYS FA 5 54.49 40.49 -4.42
N ILE FA 6 53.39 39.85 -4.81
CA ILE FA 6 53.45 38.80 -5.81
C ILE FA 6 52.42 39.08 -6.89
N THR FA 7 52.72 38.62 -8.10
CA THR FA 7 51.82 38.67 -9.24
C THR FA 7 51.68 37.25 -9.79
N ALA FA 8 50.44 36.79 -9.97
CA ALA FA 8 50.23 35.38 -10.26
C ALA FA 8 48.96 35.20 -11.09
N CYS FA 9 48.89 34.03 -11.73
CA CYS FA 9 47.73 33.61 -12.52
C CYS FA 9 47.13 32.36 -11.89
N VAL FA 10 45.82 32.19 -12.04
CA VAL FA 10 45.15 30.96 -11.59
C VAL FA 10 44.20 30.46 -12.67
N PRO FA 11 44.69 29.93 -13.79
CA PRO FA 11 43.79 29.25 -14.73
C PRO FA 11 43.21 28.01 -14.08
N SER FA 12 41.94 27.74 -14.34
CA SER FA 12 41.24 26.62 -13.74
C SER FA 12 40.52 25.83 -14.81
N GLN FA 13 40.92 24.57 -14.97
CA GLN FA 13 40.23 23.64 -15.85
C GLN FA 13 39.11 22.88 -15.16
N THR FA 14 38.97 23.05 -13.83
CA THR FA 14 38.02 22.26 -13.08
C THR FA 14 36.58 22.56 -13.50
N ARG FA 15 36.26 23.82 -13.75
CA ARG FA 15 34.92 24.18 -14.18
C ARG FA 15 35.00 25.39 -15.10
N ILE FA 16 33.91 25.63 -15.83
CA ILE FA 16 33.73 26.81 -16.65
C ILE FA 16 32.76 27.72 -15.92
N ARG FA 17 33.18 28.95 -15.61
CA ARG FA 17 32.49 29.80 -14.66
C ARG FA 17 31.72 30.89 -15.38
N THR FA 18 30.40 30.90 -15.20
CA THR FA 18 29.57 31.96 -15.77
C THR FA 18 29.76 33.27 -15.04
N GLN FA 19 30.00 33.23 -13.73
CA GLN FA 19 30.25 34.43 -12.96
C GLN FA 19 31.69 34.91 -13.18
N ARG FA 20 31.96 36.15 -12.77
CA ARG FA 20 33.26 36.78 -12.99
C ARG FA 20 34.39 35.89 -12.51
N GLU FA 21 35.44 35.77 -13.33
CA GLU FA 21 36.62 35.01 -12.96
C GLU FA 21 37.91 35.79 -13.15
N LEU FA 22 37.88 36.96 -13.81
CA LEU FA 22 39.10 37.73 -14.04
C LEU FA 22 39.77 38.10 -12.73
N GLN FA 23 38.97 38.49 -11.73
CA GLN FA 23 39.51 38.95 -10.46
C GLN FA 23 40.40 37.89 -9.81
N ASN FA 24 39.90 36.67 -9.69
CA ASN FA 24 40.72 35.60 -9.13
C ASN FA 24 41.82 35.17 -10.10
N THR FA 25 41.55 35.22 -11.41
CA THR FA 25 42.50 34.67 -12.38
C THR FA 25 43.84 35.41 -12.32
N TYR FA 26 43.84 36.72 -12.45
CA TYR FA 26 45.06 37.51 -12.46
C TYR FA 26 45.01 38.48 -11.29
N PHE FA 27 46.03 38.44 -10.44
CA PHE FA 27 46.01 39.25 -9.23
C PHE FA 27 47.42 39.53 -8.76
N THR FA 28 47.53 40.60 -7.96
CA THR FA 28 48.73 40.92 -7.21
C THR FA 28 48.36 41.04 -5.75
N LYS FA 29 49.11 40.38 -4.88
CA LYS FA 29 48.78 40.36 -3.46
C LYS FA 29 50.04 40.56 -2.63
N LEU FA 30 49.85 41.06 -1.41
CA LEU FA 30 50.93 41.20 -0.43
C LEU FA 30 50.82 40.04 0.55
N VAL FA 31 51.75 39.09 0.45
CA VAL FA 31 51.76 37.89 1.28
C VAL FA 31 52.90 38.03 2.29
N PRO FA 32 52.65 37.80 3.57
CA PRO FA 32 53.73 37.89 4.57
C PRO FA 32 54.72 36.74 4.43
N TYR FA 33 55.89 36.94 5.01
CA TYR FA 33 56.98 35.98 4.88
C TYR FA 33 56.58 34.60 5.37
N GLU FA 34 55.87 34.54 6.51
CA GLU FA 34 55.41 33.26 7.02
C GLU FA 34 54.50 32.57 6.01
N ASN FA 35 53.55 33.31 5.44
CA ASN FA 35 52.57 32.70 4.56
C ASN FA 35 53.13 32.32 3.19
N TRP FA 36 54.22 32.96 2.74
CA TRP FA 36 54.59 32.87 1.34
C TRP FA 36 54.92 31.45 0.91
N PHE FA 37 55.62 30.68 1.74
CA PHE FA 37 55.93 29.30 1.37
C PHE FA 37 54.65 28.50 1.21
N ARG FA 38 53.74 28.61 2.17
CA ARG FA 38 52.48 27.87 2.10
C ARG FA 38 51.66 28.29 0.89
N GLU FA 39 51.57 29.60 0.64
CA GLU FA 39 50.83 30.08 -0.52
C GLU FA 39 51.52 29.69 -1.82
N GLN FA 40 52.85 29.83 -1.87
CA GLN FA 40 53.60 29.45 -3.06
C GLN FA 40 53.31 28.00 -3.43
N GLN FA 41 53.31 27.12 -2.43
CA GLN FA 41 53.01 25.71 -2.70
C GLN FA 41 51.58 25.54 -3.18
N ARG FA 42 50.62 26.26 -2.59
CA ARG FA 42 49.24 26.10 -3.01
C ARG FA 42 49.03 26.58 -4.44
N ILE FA 43 49.56 27.76 -4.78
CA ILE FA 43 49.35 28.28 -6.14
C ILE FA 43 50.14 27.46 -7.15
N GLN FA 44 51.35 27.02 -6.79
CA GLN FA 44 52.11 26.17 -7.68
C GLN FA 44 51.40 24.84 -7.91
N LYS FA 45 50.80 24.29 -6.86
CA LYS FA 45 49.97 23.09 -7.02
C LYS FA 45 48.78 23.35 -7.93
N MET FA 46 48.13 24.50 -7.76
CA MET FA 46 47.03 24.85 -8.64
C MET FA 46 47.50 25.05 -10.07
N GLY FA 47 48.81 25.17 -10.29
CA GLY FA 47 49.36 25.22 -11.62
C GLY FA 47 49.40 26.59 -12.24
N GLY FA 48 49.03 27.64 -11.49
CA GLY FA 48 49.11 28.97 -12.02
C GLY FA 48 50.54 29.46 -12.15
N LYS FA 49 50.78 30.28 -13.16
CA LYS FA 49 52.10 30.81 -13.41
C LYS FA 49 52.38 31.98 -12.48
N ILE FA 50 53.52 31.93 -11.79
CA ILE FA 50 53.92 32.98 -10.85
C ILE FA 50 54.70 34.02 -11.64
N VAL FA 51 54.01 35.10 -12.02
CA VAL FA 51 54.58 36.06 -12.95
C VAL FA 51 55.69 36.87 -12.28
N LYS FA 52 55.46 37.36 -11.06
CA LYS FA 52 56.39 38.32 -10.48
C LYS FA 52 56.41 38.20 -8.95
N VAL FA 53 57.58 38.47 -8.37
CA VAL FA 53 57.76 38.52 -6.92
C VAL FA 53 58.65 39.70 -6.57
N GLU FA 54 58.29 40.41 -5.51
CA GLU FA 54 59.06 41.53 -4.96
C GLU FA 54 58.98 41.48 -3.44
N LEU FA 55 60.00 42.01 -2.78
CA LEU FA 55 59.96 42.12 -1.32
C LEU FA 55 59.46 43.52 -0.97
N PHE FA 56 58.14 43.65 -0.95
CA PHE FA 56 57.50 44.95 -0.77
C PHE FA 56 57.91 45.60 0.55
N THR FA 57 57.87 44.83 1.64
CA THR FA 57 58.33 45.30 2.94
C THR FA 57 59.47 44.42 3.43
N GLY FA 58 60.29 44.98 4.30
CA GLY FA 58 61.51 44.32 4.72
C GLY FA 58 62.68 44.70 3.85
N LYS FA 59 63.82 44.07 4.15
CA LYS FA 59 65.07 44.28 3.43
C LYS FA 59 65.55 42.95 2.88
N PRO FA 60 66.39 42.97 1.82
CA PRO FA 60 66.79 41.69 1.20
C PRO FA 60 67.44 40.73 2.17
N GLY FA 61 68.27 41.23 3.08
CA GLY FA 61 68.84 40.41 4.13
C GLY FA 61 69.02 41.20 5.40
N VAL FA 62 68.44 40.71 6.50
CA VAL FA 62 68.57 41.37 7.79
C VAL FA 62 68.62 40.28 8.86
N ASN FA 63 69.71 40.24 9.62
CA ASN FA 63 69.93 39.15 10.56
C ASN FA 63 68.88 39.16 11.67
N THR FA 64 68.63 40.33 12.26
CA THR FA 64 67.59 40.48 13.26
C THR FA 64 66.96 41.86 13.09
N GLY FA 65 65.83 42.06 13.74
CA GLY FA 65 65.01 43.21 13.46
C GLY FA 65 64.03 43.00 12.34
N LEU FA 66 63.73 41.74 12.00
CA LEU FA 66 62.74 41.45 10.98
C LEU FA 66 61.38 41.99 11.42
N ALA FA 67 60.57 42.35 10.43
CA ALA FA 67 59.26 42.98 10.66
C ALA FA 67 58.42 42.25 11.71
N SER GA 2 51.87 -58.84 76.59
CA SER GA 2 51.83 -59.88 77.62
C SER GA 2 52.14 -61.26 77.05
N VAL GA 3 52.62 -62.14 77.92
CA VAL GA 3 52.88 -63.52 77.52
C VAL GA 3 51.58 -64.18 77.05
N VAL GA 4 50.46 -63.82 77.69
CA VAL GA 4 49.16 -64.31 77.25
C VAL GA 4 48.86 -63.85 75.83
N THR GA 5 49.22 -62.59 75.51
CA THR GA 5 48.99 -62.09 74.16
C THR GA 5 49.80 -62.87 73.13
N LYS GA 6 51.06 -63.16 73.44
CA LYS GA 6 51.88 -63.96 72.52
C LYS GA 6 51.29 -65.35 72.34
N SER GA 7 50.86 -65.98 73.43
CA SER GA 7 50.23 -67.29 73.33
C SER GA 7 48.96 -67.24 72.50
N ILE GA 8 48.18 -66.17 72.66
CA ILE GA 8 46.95 -66.02 71.89
C ILE GA 8 47.26 -65.88 70.41
N VAL GA 9 48.35 -65.19 70.08
CA VAL GA 9 48.73 -65.04 68.68
C VAL GA 9 49.07 -66.40 68.07
N ASN GA 10 49.83 -67.21 68.81
CA ASN GA 10 50.16 -68.55 68.33
C ASN GA 10 48.90 -69.39 68.16
N ALA GA 11 47.96 -69.29 69.11
CA ALA GA 11 46.72 -70.05 69.00
C ALA GA 11 45.90 -69.59 67.80
N ASP GA 12 45.87 -68.29 67.54
CA ASP GA 12 45.13 -67.77 66.39
C ASP GA 12 45.71 -68.29 65.09
N ALA GA 13 47.04 -68.35 64.99
CA ALA GA 13 47.67 -68.94 63.80
C ALA GA 13 47.30 -70.41 63.68
N GLU GA 14 47.27 -71.14 64.80
CA GLU GA 14 46.83 -72.53 64.79
C GLU GA 14 45.35 -72.67 64.50
N ALA GA 15 44.57 -71.58 64.57
CA ALA GA 15 43.12 -71.62 64.42
C ALA GA 15 42.49 -72.55 65.45
N ARG GA 16 43.03 -72.52 66.67
CA ARG GA 16 42.56 -73.35 67.77
C ARG GA 16 42.37 -72.48 69.00
N TYR GA 17 41.47 -72.92 69.88
CA TYR GA 17 41.33 -72.27 71.17
C TYR GA 17 42.63 -72.43 71.96
N LEU GA 18 42.87 -71.49 72.87
CA LEU GA 18 44.13 -71.46 73.60
C LEU GA 18 44.36 -72.78 74.34
N SER GA 19 45.59 -73.28 74.26
CA SER GA 19 45.89 -74.60 74.79
C SER GA 19 45.81 -74.62 76.31
N PRO GA 20 45.45 -75.78 76.89
CA PRO GA 20 45.46 -75.86 78.36
C PRO GA 20 46.82 -75.58 78.98
N GLY GA 21 47.90 -76.03 78.33
CA GLY GA 21 49.22 -75.72 78.84
C GLY GA 21 49.52 -74.22 78.78
N GLU GA 22 49.09 -73.56 77.71
CA GLU GA 22 49.27 -72.12 77.61
C GLU GA 22 48.49 -71.40 78.71
N LEU GA 23 47.27 -71.84 78.98
CA LEU GA 23 46.50 -71.26 80.07
C LEU GA 23 47.19 -71.45 81.40
N ASP GA 24 47.77 -72.63 81.62
CA ASP GA 24 48.53 -72.87 82.84
C ASP GA 24 49.73 -71.94 82.94
N ARG GA 25 50.40 -71.67 81.81
CA ARG GA 25 51.50 -70.72 81.80
C ARG GA 25 51.02 -69.33 82.20
N ILE GA 26 49.85 -68.92 81.73
CA ILE GA 26 49.29 -67.63 82.11
C ILE GA 26 49.04 -67.58 83.61
N LYS GA 27 48.51 -68.67 84.18
CA LYS GA 27 48.29 -68.72 85.62
C LYS GA 27 49.62 -68.61 86.37
N ASN GA 28 50.66 -69.26 85.86
CA ASN GA 28 51.97 -69.19 86.50
C ASN GA 28 52.51 -67.77 86.52
N PHE GA 29 52.34 -67.03 85.42
CA PHE GA 29 52.80 -65.64 85.41
C PHE GA 29 51.92 -64.77 86.30
N VAL GA 30 50.64 -65.11 86.44
CA VAL GA 30 49.81 -64.41 87.41
C VAL GA 30 50.40 -64.55 88.81
N SER GA 31 50.87 -65.75 89.15
CA SER GA 31 51.56 -65.94 90.42
C SER GA 31 52.86 -65.13 90.47
N THR GA 32 53.62 -65.12 89.38
CA THR GA 32 54.89 -64.42 89.37
C THR GA 32 54.74 -62.90 89.40
N GLY GA 33 53.56 -62.39 89.02
CA GLY GA 33 53.37 -60.96 88.89
C GLY GA 33 53.50 -60.19 90.18
N GLU GA 34 53.12 -60.79 91.30
CA GLU GA 34 53.21 -60.09 92.59
C GLU GA 34 54.67 -59.80 92.95
N ARG GA 35 55.52 -60.81 92.90
CA ARG GA 35 56.94 -60.59 93.16
C ARG GA 35 57.55 -59.65 92.12
N ARG GA 36 57.12 -59.79 90.87
CA ARG GA 36 57.60 -58.89 89.82
C ARG GA 36 57.19 -57.46 90.11
N LEU GA 37 55.99 -57.26 90.68
CA LEU GA 37 55.53 -55.92 91.01
C LEU GA 37 56.37 -55.30 92.12
N ARG GA 38 56.75 -56.10 93.13
CA ARG GA 38 57.65 -55.59 94.15
C ARG GA 38 58.99 -55.19 93.55
N ILE GA 39 59.54 -56.02 92.65
CA ILE GA 39 60.79 -55.68 91.98
C ILE GA 39 60.62 -54.42 91.15
N ALA GA 40 59.48 -54.28 90.46
CA ALA GA 40 59.24 -53.08 89.66
C ALA GA 40 59.14 -51.84 90.53
N GLN GA 41 58.55 -51.97 91.72
CA GLN GA 41 58.50 -50.85 92.64
C GLN GA 41 59.90 -50.40 93.03
N THR GA 42 60.81 -51.35 93.28
CA THR GA 42 62.19 -51.01 93.57
C THR GA 42 62.83 -50.31 92.37
N LEU GA 43 62.54 -50.77 91.16
CA LEU GA 43 63.09 -50.14 89.96
C LEU GA 43 62.62 -48.69 89.86
N THR GA 44 61.34 -48.46 90.08
CA THR GA 44 60.80 -47.10 90.04
C THR GA 44 61.43 -46.23 91.13
N GLU GA 45 61.69 -46.81 92.30
CA GLU GA 45 62.34 -46.07 93.37
C GLU GA 45 63.74 -45.62 92.96
N ASN GA 46 64.48 -46.49 92.28
CA ASN GA 46 65.84 -46.17 91.82
C ASN GA 46 65.85 -45.70 90.37
N ARG GA 47 64.77 -45.06 89.92
CA ARG GA 47 64.70 -44.60 88.53
C ARG GA 47 65.84 -43.65 88.19
N GLU GA 48 66.11 -42.68 89.06
CA GLU GA 48 67.12 -41.66 88.76
C GLU GA 48 68.51 -42.03 89.25
N ARG GA 49 68.62 -42.54 90.47
CA ARG GA 49 69.93 -42.84 91.04
C ARG GA 49 70.66 -43.91 90.24
N ILE GA 50 69.96 -44.97 89.86
CA ILE GA 50 70.58 -46.03 89.08
C ILE GA 50 71.03 -45.50 87.74
N VAL GA 51 70.22 -44.62 87.13
CA VAL GA 51 70.59 -44.03 85.84
C VAL GA 51 71.88 -43.24 85.97
N LYS GA 52 72.00 -42.43 87.03
CA LYS GA 52 73.20 -41.62 87.21
C LYS GA 52 74.44 -42.49 87.39
N GLN GA 53 74.35 -43.51 88.25
CA GLN GA 53 75.50 -44.37 88.50
C GLN GA 53 75.93 -45.11 87.24
N ALA GA 54 74.96 -45.71 86.54
CA ALA GA 54 75.28 -46.43 85.31
C ALA GA 54 75.83 -45.49 84.25
N GLY GA 55 75.31 -44.27 84.18
CA GLY GA 55 75.80 -43.31 83.21
C GLY GA 55 77.25 -42.94 83.45
N ASP GA 56 77.64 -42.78 84.73
CA ASP GA 56 79.03 -42.52 85.04
C ASP GA 56 79.92 -43.67 84.58
N GLN GA 57 79.48 -44.91 84.82
CA GLN GA 57 80.26 -46.06 84.37
C GLN GA 57 80.39 -46.08 82.85
N LEU GA 58 79.28 -45.81 82.14
CA LEU GA 58 79.31 -45.83 80.68
C LEU GA 58 80.21 -44.73 80.13
N PHE GA 59 80.16 -43.53 80.72
CA PHE GA 59 81.02 -42.45 80.27
C PHE GA 59 82.49 -42.80 80.45
N GLN GA 60 82.82 -43.46 81.56
CA GLN GA 60 84.18 -43.95 81.75
C GLN GA 60 84.56 -44.95 80.67
N LYS GA 61 83.63 -45.83 80.30
CA LYS GA 61 83.92 -46.85 79.30
C LYS GA 61 84.23 -46.24 77.94
N ARG GA 62 83.49 -45.19 77.55
CA ARG GA 62 83.61 -44.58 76.24
C ARG GA 62 83.89 -43.09 76.37
N PRO GA 63 85.12 -42.72 76.71
CA PRO GA 63 85.44 -41.29 76.86
C PRO GA 63 85.32 -40.50 75.56
N ASP GA 64 85.53 -41.13 74.41
CA ASP GA 64 85.53 -40.39 73.14
C ASP GA 64 84.17 -39.77 72.86
N VAL GA 65 83.09 -40.48 73.20
CA VAL GA 65 81.75 -39.95 72.97
C VAL GA 65 81.55 -38.65 73.75
N VAL GA 66 82.00 -38.62 75.01
CA VAL GA 66 81.93 -37.39 75.79
C VAL GA 66 82.86 -36.34 75.22
N SER GA 67 84.00 -36.75 74.65
CA SER GA 67 84.95 -35.80 74.10
C SER GA 67 84.34 -35.06 72.91
N PRO GA 68 84.80 -33.84 72.64
CA PRO GA 68 84.25 -33.09 71.50
C PRO GA 68 84.45 -33.83 70.19
N GLY GA 69 83.44 -33.77 69.33
CA GLY GA 69 83.41 -34.56 68.13
C GLY GA 69 82.77 -35.93 68.30
N GLY GA 70 82.51 -36.35 69.53
CA GLY GA 70 81.75 -37.57 69.75
C GLY GA 70 80.27 -37.33 69.63
N ASN GA 71 79.52 -38.43 69.69
CA ASN GA 71 78.06 -38.33 69.54
C ASN GA 71 77.47 -37.43 70.62
N ALA GA 72 77.85 -37.66 71.87
CA ALA GA 72 77.36 -36.85 72.99
C ALA GA 72 78.38 -35.77 73.33
N TYR GA 73 78.57 -34.86 72.38
CA TYR GA 73 79.52 -33.76 72.52
C TYR GA 73 78.79 -32.53 73.01
N GLY GA 74 79.21 -32.00 74.16
CA GLY GA 74 78.54 -30.88 74.76
C GLY GA 74 77.51 -31.31 75.80
N GLU GA 75 77.12 -30.33 76.63
CA GLU GA 75 76.17 -30.62 77.71
C GLU GA 75 74.83 -31.06 77.16
N GLU GA 76 74.33 -30.38 76.12
CA GLU GA 76 73.03 -30.72 75.56
C GLU GA 76 73.02 -32.12 74.96
N MET GA 77 74.06 -32.46 74.19
CA MET GA 77 74.15 -33.79 73.60
C MET GA 77 74.31 -34.86 74.67
N THR GA 78 75.09 -34.57 75.71
CA THR GA 78 75.24 -35.52 76.81
C THR GA 78 73.91 -35.74 77.53
N ALA GA 79 73.15 -34.66 77.73
CA ALA GA 79 71.83 -34.80 78.34
C ALA GA 79 70.90 -35.63 77.47
N THR GA 80 70.97 -35.44 76.15
CA THR GA 80 70.16 -36.24 75.24
C THR GA 80 70.55 -37.72 75.32
N CYS GA 81 71.85 -38.00 75.39
CA CYS GA 81 72.30 -39.37 75.55
C CYS GA 81 71.78 -39.99 76.85
N LEU GA 82 71.85 -39.22 77.94
CA LEU GA 82 71.32 -39.71 79.21
C LEU GA 82 69.81 -39.93 79.13
N ARG GA 83 69.10 -39.04 78.43
CA ARG GA 83 67.66 -39.18 78.30
C ARG GA 83 67.29 -40.43 77.50
N ASP GA 84 68.06 -40.72 76.44
CA ASP GA 84 67.83 -41.95 75.69
C ASP GA 84 68.06 -43.17 76.57
N LEU GA 85 69.12 -43.14 77.39
CA LEU GA 85 69.35 -44.23 78.34
C LEU GA 85 68.21 -44.34 79.33
N ASP GA 86 67.68 -43.21 79.79
CA ASP GA 86 66.56 -43.22 80.72
C ASP GA 86 65.30 -43.80 80.06
N TYR GA 87 65.06 -43.46 78.80
CA TYR GA 87 63.93 -44.04 78.08
C TYR GA 87 64.06 -45.54 77.96
N TYR GA 88 65.28 -46.02 77.68
CA TYR GA 88 65.53 -47.46 77.64
C TYR GA 88 65.28 -48.09 79.00
N LEU GA 89 65.70 -47.43 80.08
CA LEU GA 89 65.46 -47.96 81.42
C LEU GA 89 63.97 -48.05 81.72
N ARG GA 90 63.21 -47.03 81.34
CA ARG GA 90 61.76 -47.07 81.53
C ARG GA 90 61.14 -48.18 80.71
N LEU GA 91 61.61 -48.38 79.48
CA LEU GA 91 61.13 -49.49 78.66
C LEU GA 91 61.47 -50.83 79.30
N VAL GA 92 62.65 -50.92 79.92
CA VAL GA 92 63.04 -52.16 80.59
C VAL GA 92 62.11 -52.44 81.76
N THR GA 93 61.77 -51.41 82.53
CA THR GA 93 60.84 -51.59 83.64
C THR GA 93 59.47 -52.03 83.14
N TYR GA 94 58.98 -51.41 82.08
CA TYR GA 94 57.68 -51.78 81.53
C TYR GA 94 57.69 -53.21 81.01
N GLY GA 95 58.77 -53.60 80.32
CA GLY GA 95 58.86 -54.97 79.83
C GLY GA 95 58.98 -55.99 80.95
N ILE GA 96 59.69 -55.65 82.01
CA ILE GA 96 59.81 -56.56 83.15
C ILE GA 96 58.45 -56.77 83.81
N VAL GA 97 57.67 -55.69 83.94
CA VAL GA 97 56.33 -55.82 84.50
C VAL GA 97 55.44 -56.65 83.58
N ALA GA 98 55.53 -56.42 82.27
CA ALA GA 98 54.70 -57.14 81.32
C ALA GA 98 55.03 -58.62 81.29
N GLY GA 99 56.31 -58.97 81.44
CA GLY GA 99 56.77 -60.33 81.33
C GLY GA 99 57.13 -60.75 79.91
N ASP GA 100 56.73 -59.98 78.91
CA ASP GA 100 57.01 -60.26 77.52
C ASP GA 100 57.98 -59.21 77.00
N VAL GA 101 59.13 -59.67 76.47
CA VAL GA 101 60.09 -58.75 75.88
C VAL GA 101 59.55 -58.13 74.60
N THR GA 102 58.50 -58.71 74.02
CA THR GA 102 57.91 -58.14 72.83
C THR GA 102 57.43 -56.71 73.01
N PRO GA 103 56.80 -56.34 74.14
CA PRO GA 103 56.47 -54.91 74.33
C PRO GA 103 57.68 -54.01 74.28
N ILE GA 104 58.79 -54.41 74.91
CA ILE GA 104 60.01 -53.63 74.84
C ILE GA 104 60.52 -53.56 73.42
N GLU GA 105 60.47 -54.68 72.69
CA GLU GA 105 60.96 -54.73 71.32
C GLU GA 105 60.17 -53.79 70.41
N GLU GA 106 58.84 -53.76 70.58
CA GLU GA 106 58.04 -52.85 69.77
C GLU GA 106 58.34 -51.40 70.09
N ILE GA 107 58.46 -51.06 71.38
CA ILE GA 107 58.73 -49.68 71.76
C ILE GA 107 60.10 -49.23 71.26
N GLY GA 108 61.10 -50.09 71.39
CA GLY GA 108 62.44 -49.80 70.92
C GLY GA 108 63.20 -51.08 70.69
N LEU GA 109 64.39 -50.95 70.09
CA LEU GA 109 65.31 -52.01 69.69
C LEU GA 109 64.84 -52.70 68.41
N VAL GA 110 63.71 -52.31 67.84
CA VAL GA 110 63.29 -52.77 66.52
C VAL GA 110 63.56 -51.63 65.55
N GLY GA 111 64.57 -51.79 64.69
CA GLY GA 111 65.02 -50.69 63.87
C GLY GA 111 65.87 -49.68 64.61
N VAL GA 112 66.23 -49.96 65.86
CA VAL GA 112 67.05 -49.03 66.62
C VAL GA 112 68.41 -48.85 65.98
N ARG GA 113 68.94 -49.91 65.36
CA ARG GA 113 70.21 -49.78 64.65
C ARG GA 113 70.11 -48.79 63.51
N GLU GA 114 68.99 -48.82 62.76
CA GLU GA 114 68.78 -47.85 61.71
C GLU GA 114 68.69 -46.44 62.27
N MET GA 115 67.97 -46.27 63.38
CA MET GA 115 67.88 -44.96 64.01
C MET GA 115 69.25 -44.48 64.46
N TYR GA 116 70.06 -45.38 65.01
CA TYR GA 116 71.41 -45.01 65.44
C TYR GA 116 72.28 -44.62 64.25
N ASN GA 117 72.12 -45.31 63.12
CA ASN GA 117 72.90 -44.95 61.93
C ASN GA 117 72.56 -43.53 61.47
N SER GA 118 71.28 -43.16 61.52
CA SER GA 118 70.91 -41.80 61.16
C SER GA 118 71.43 -40.79 62.18
N LEU GA 119 71.26 -41.09 63.47
CA LEU GA 119 71.59 -40.12 64.51
C LEU GA 119 73.10 -39.95 64.68
N GLY GA 120 73.89 -40.96 64.33
CA GLY GA 120 75.31 -40.94 64.60
C GLY GA 120 75.71 -41.56 65.93
N THR GA 121 74.77 -42.15 66.66
CA THR GA 121 75.08 -42.72 67.96
C THR GA 121 75.88 -44.02 67.80
N PRO GA 122 76.81 -44.30 68.73
CA PRO GA 122 77.55 -45.55 68.67
C PRO GA 122 76.85 -46.70 69.38
N ILE GA 123 76.47 -47.72 68.60
CA ILE GA 123 75.80 -48.88 69.19
C ILE GA 123 76.65 -49.57 70.24
N PRO GA 124 77.96 -49.75 70.06
CA PRO GA 124 78.76 -50.44 71.09
C PRO GA 124 78.71 -49.75 72.44
N ALA GA 125 78.84 -48.42 72.47
CA ALA GA 125 78.81 -47.70 73.73
C ALA GA 125 77.43 -47.79 74.38
N VAL GA 126 76.37 -47.71 73.58
CA VAL GA 126 75.02 -47.85 74.14
C VAL GA 126 74.84 -49.22 74.77
N ALA GA 127 75.31 -50.28 74.08
CA ALA GA 127 75.20 -51.62 74.62
C ALA GA 127 75.98 -51.77 75.92
N GLU GA 128 77.19 -51.21 75.98
CA GLU GA 128 77.98 -51.27 77.20
C GLU GA 128 77.28 -50.55 78.34
N GLY GA 129 76.64 -49.41 78.04
CA GLY GA 129 75.89 -48.70 79.06
C GLY GA 129 74.73 -49.52 79.61
N ILE GA 130 74.03 -50.22 78.74
CA ILE GA 130 72.93 -51.08 79.19
C ILE GA 130 73.46 -52.20 80.08
N ARG GA 131 74.59 -52.79 79.70
CA ARG GA 131 75.20 -53.83 80.53
C ARG GA 131 75.62 -53.28 81.89
N ALA GA 132 76.18 -52.07 81.91
CA ALA GA 132 76.53 -51.45 83.19
C ALA GA 132 75.30 -51.20 84.03
N MET GA 133 74.19 -50.82 83.39
CA MET GA 133 72.93 -50.66 84.10
C MET GA 133 72.48 -51.99 84.71
N LYS GA 134 72.68 -53.09 83.99
CA LYS GA 134 72.34 -54.40 84.54
C LYS GA 134 73.16 -54.73 85.78
N ASN GA 135 74.46 -54.42 85.75
CA ASN GA 135 75.31 -54.67 86.92
C ASN GA 135 74.88 -53.81 88.10
N VAL GA 136 74.62 -52.53 87.85
CA VAL GA 136 74.15 -51.64 88.91
C VAL GA 136 72.82 -52.14 89.45
N ALA GA 137 71.95 -52.63 88.58
CA ALA GA 137 70.67 -53.17 89.02
C ALA GA 137 70.84 -54.43 89.85
N CYS GA 138 71.84 -55.25 89.54
CA CYS GA 138 72.10 -56.44 90.35
C CYS GA 138 72.42 -56.04 91.78
N SER GA 139 73.24 -55.00 91.96
CA SER GA 139 73.45 -54.47 93.31
C SER GA 139 72.18 -53.87 93.88
N LEU GA 140 71.38 -53.20 93.04
CA LEU GA 140 70.24 -52.43 93.53
C LEU GA 140 69.12 -53.33 94.02
N LEU GA 141 68.90 -54.47 93.38
CA LEU GA 141 67.74 -55.32 93.64
C LEU GA 141 68.17 -56.67 94.20
N SER GA 142 67.21 -57.34 94.84
CA SER GA 142 67.46 -58.67 95.40
C SER GA 142 67.77 -59.66 94.29
N ALA GA 143 68.66 -60.60 94.60
CA ALA GA 143 69.23 -61.47 93.56
C ALA GA 143 68.17 -62.30 92.86
N GLU GA 144 67.22 -62.86 93.61
CA GLU GA 144 66.18 -63.68 93.00
C GLU GA 144 65.37 -62.87 91.99
N ASP GA 145 64.96 -61.66 92.38
CA ASP GA 145 64.28 -60.78 91.43
C ASP GA 145 65.25 -60.28 90.36
N ALA GA 146 66.51 -60.04 90.75
CA ALA GA 146 67.48 -59.45 89.82
C ALA GA 146 67.82 -60.39 88.67
N ALA GA 147 67.80 -61.71 88.91
CA ALA GA 147 68.18 -62.65 87.85
C ALA GA 147 67.26 -62.54 86.66
N GLU GA 148 65.95 -62.46 86.89
CA GLU GA 148 65.01 -62.24 85.78
C GLU GA 148 65.21 -60.87 85.16
N ALA GA 149 65.39 -59.83 85.99
CA ALA GA 149 65.57 -58.50 85.47
C ALA GA 149 66.82 -58.40 84.62
N GLY GA 150 67.90 -59.07 85.03
CA GLY GA 150 69.10 -59.08 84.22
C GLY GA 150 68.88 -59.71 82.86
N SER GA 151 68.01 -60.72 82.80
CA SER GA 151 67.70 -61.36 81.52
C SER GA 151 66.94 -60.40 80.60
N TYR GA 152 66.00 -59.63 81.14
CA TYR GA 152 65.30 -58.63 80.33
C TYR GA 152 66.29 -57.60 79.79
N PHE GA 153 67.17 -57.09 80.66
CA PHE GA 153 68.19 -56.15 80.22
C PHE GA 153 69.09 -56.80 79.18
N ASP GA 154 69.41 -58.08 79.35
CA ASP GA 154 70.27 -58.79 78.41
C ASP GA 154 69.59 -58.94 77.05
N PHE GA 155 68.27 -59.11 77.03
CA PHE GA 155 67.55 -59.18 75.76
C PHE GA 155 67.70 -57.87 75.00
N VAL GA 156 67.58 -56.74 75.69
CA VAL GA 156 67.81 -55.44 75.05
C VAL GA 156 69.25 -55.35 74.56
N ILE GA 157 70.20 -55.80 75.37
CA ILE GA 157 71.60 -55.73 74.99
C ILE GA 157 71.87 -56.59 73.75
N GLY GA 158 71.27 -57.78 73.69
CA GLY GA 158 71.46 -58.63 72.53
C GLY GA 158 70.87 -58.04 71.27
N ALA GA 159 69.69 -57.41 71.38
CA ALA GA 159 69.13 -56.72 70.23
C ALA GA 159 70.02 -55.58 69.77
N MET GA 160 70.62 -54.85 70.70
CA MET GA 160 71.58 -53.82 70.33
C MET GA 160 72.78 -54.43 69.61
N GLN GA 161 73.26 -55.58 70.09
CA GLN GA 161 74.36 -56.27 69.45
C GLN GA 161 73.86 -57.27 68.42
N MET HA 1 47.10 -57.60 68.46
CA MET HA 1 46.19 -57.55 69.59
C MET HA 1 46.77 -56.72 70.74
N GLN HA 2 45.97 -56.53 71.78
CA GLN HA 2 46.41 -55.84 72.98
C GLN HA 2 45.85 -56.55 74.20
N ASP HA 3 46.59 -56.48 75.31
CA ASP HA 3 46.20 -57.11 76.55
C ASP HA 3 45.96 -56.04 77.61
N ALA HA 4 45.40 -56.47 78.76
CA ALA HA 4 45.09 -55.51 79.82
C ALA HA 4 46.37 -54.90 80.39
N ILE HA 5 47.35 -55.74 80.71
CA ILE HA 5 48.64 -55.24 81.19
C ILE HA 5 49.29 -54.37 80.13
N THR HA 6 49.21 -54.80 78.87
CA THR HA 6 49.77 -54.01 77.78
C THR HA 6 49.06 -52.67 77.65
N ALA HA 7 47.76 -52.62 77.91
CA ALA HA 7 47.02 -51.36 77.83
C ALA HA 7 47.47 -50.39 78.91
N VAL HA 8 47.68 -50.89 80.14
CA VAL HA 8 48.23 -50.04 81.19
C VAL HA 8 49.61 -49.55 80.79
N ILE HA 9 50.43 -50.43 80.22
CA ILE HA 9 51.76 -50.04 79.75
C ILE HA 9 51.65 -48.99 78.65
N ASN HA 10 50.67 -49.14 77.76
CA ASN HA 10 50.49 -48.18 76.68
C ASN HA 10 50.11 -46.81 77.21
N ALA HA 11 49.22 -46.76 78.20
CA ALA HA 11 48.89 -45.48 78.81
C ALA HA 11 50.11 -44.84 79.47
N SER HA 12 50.90 -45.64 80.18
CA SER HA 12 52.11 -45.12 80.80
C SER HA 12 53.10 -44.62 79.75
N ASP HA 13 53.21 -45.34 78.63
CA ASP HA 13 54.11 -44.92 77.56
C ASP HA 13 53.64 -43.62 76.92
N VAL HA 14 52.34 -43.47 76.71
CA VAL HA 14 51.81 -42.23 76.16
C VAL HA 14 52.10 -41.06 77.09
N GLN HA 15 51.91 -41.27 78.40
CA GLN HA 15 52.29 -40.26 79.36
C GLN HA 15 53.79 -40.00 79.34
N GLY HA 16 54.58 -41.05 79.09
CA GLY HA 16 56.02 -40.96 79.14
C GLY HA 16 56.63 -41.34 80.48
N LYS HA 17 55.83 -41.35 81.54
CA LYS HA 17 56.32 -41.63 82.88
C LYS HA 17 56.27 -43.11 83.18
N TYR HA 18 57.07 -43.52 84.16
CA TYR HA 18 57.06 -44.90 84.64
C TYR HA 18 55.69 -45.23 85.22
N LEU HA 19 55.39 -46.53 85.30
CA LEU HA 19 54.11 -46.97 85.82
C LEU HA 19 53.94 -46.53 87.26
N ASP HA 20 52.79 -45.92 87.56
CA ASP HA 20 52.49 -45.48 88.90
C ASP HA 20 52.09 -46.67 89.77
N THR HA 21 52.15 -46.47 91.09
CA THR HA 21 51.72 -47.52 92.01
C THR HA 21 50.24 -47.81 91.86
N ALA HA 22 49.43 -46.76 91.67
CA ALA HA 22 48.00 -46.95 91.46
C ALA HA 22 47.73 -47.70 90.15
N ALA HA 23 48.48 -47.37 89.10
CA ALA HA 23 48.37 -48.12 87.85
C ALA HA 23 48.77 -49.58 88.05
N MET HA 24 49.81 -49.82 88.87
CA MET HA 24 50.18 -51.19 89.20
C MET HA 24 49.07 -51.90 89.96
N GLU HA 25 48.34 -51.16 90.81
CA GLU HA 25 47.19 -51.75 91.50
C GLU HA 25 46.11 -52.14 90.52
N LYS HA 26 45.88 -51.33 89.49
CA LYS HA 26 44.95 -51.72 88.44
C LYS HA 26 45.41 -52.99 87.73
N LEU HA 27 46.70 -53.08 87.44
CA LEU HA 27 47.25 -54.29 86.84
C LEU HA 27 47.06 -55.49 87.78
N LYS HA 28 47.23 -55.27 89.08
CA LYS HA 28 47.03 -56.35 90.04
C LYS HA 28 45.58 -56.83 90.04
N ALA HA 29 44.63 -55.91 89.87
CA ALA HA 29 43.23 -56.32 89.74
C ALA HA 29 43.03 -57.19 88.51
N TYR HA 30 43.69 -56.85 87.40
CA TYR HA 30 43.63 -57.71 86.22
C TYR HA 30 44.21 -59.08 86.52
N PHE HA 31 45.33 -59.13 87.25
CA PHE HA 31 45.94 -60.40 87.60
C PHE HA 31 45.01 -61.25 88.44
N ALA HA 32 44.30 -60.63 89.39
CA ALA HA 32 43.37 -61.38 90.24
C ALA HA 32 42.21 -61.93 89.43
N THR HA 33 41.67 -61.14 88.50
CA THR HA 33 40.57 -61.61 87.68
C THR HA 33 41.00 -62.71 86.73
N GLY HA 34 42.29 -62.76 86.39
CA GLY HA 34 42.76 -63.68 85.38
C GLY HA 34 42.59 -65.15 85.76
N GLU HA 35 42.73 -65.47 87.05
CA GLU HA 35 42.64 -66.86 87.48
C GLU HA 35 41.25 -67.42 87.23
N LEU HA 36 40.21 -66.71 87.68
CA LEU HA 36 38.85 -67.14 87.42
C LEU HA 36 38.57 -67.18 85.92
N ARG HA 37 39.07 -66.18 85.19
CA ARG HA 37 38.87 -66.15 83.74
C ARG HA 37 39.48 -67.38 83.07
N VAL HA 38 40.67 -67.78 83.52
CA VAL HA 38 41.37 -68.90 82.89
C VAL HA 38 40.59 -70.20 83.10
N ARG HA 39 40.15 -70.47 84.34
CA ARG HA 39 39.39 -71.68 84.60
C ARG HA 39 38.10 -71.69 83.78
N ALA HA 40 37.41 -70.56 83.73
CA ALA HA 40 36.18 -70.47 82.96
C ALA HA 40 36.44 -70.64 81.46
N ALA HA 41 37.57 -70.12 80.98
CA ALA HA 41 37.89 -70.25 79.57
C ALA HA 41 38.09 -71.71 79.18
N SER HA 42 38.77 -72.48 80.04
CA SER HA 42 38.91 -73.91 79.79
C SER HA 42 37.55 -74.58 79.72
N VAL HA 43 36.64 -74.20 80.62
CA VAL HA 43 35.29 -74.76 80.58
C VAL HA 43 34.58 -74.38 79.29
N ILE HA 44 34.78 -73.13 78.84
CA ILE HA 44 34.10 -72.65 77.65
C ILE HA 44 34.57 -73.41 76.40
N SER HA 45 35.87 -73.68 76.31
CA SER HA 45 36.39 -74.43 75.18
C SER HA 45 35.82 -75.85 75.14
N ALA HA 46 35.67 -76.47 76.32
CA ALA HA 46 35.18 -77.84 76.37
C ALA HA 46 33.74 -77.94 75.86
N ASN HA 47 32.89 -76.99 76.23
CA ASN HA 47 31.48 -77.00 75.85
C ASN HA 47 31.17 -76.04 74.71
N ALA HA 48 32.18 -75.65 73.93
CA ALA HA 48 31.96 -74.68 72.87
C ALA HA 48 31.00 -75.20 71.82
N ALA HA 49 31.17 -76.47 71.40
CA ALA HA 49 30.29 -77.04 70.39
C ALA HA 49 28.85 -77.10 70.88
N ASN HA 50 28.66 -77.50 72.13
CA ASN HA 50 27.31 -77.55 72.70
C ASN HA 50 26.69 -76.17 72.77
N ILE HA 51 27.49 -75.15 73.13
CA ILE HA 51 26.98 -73.78 73.19
C ILE HA 51 26.52 -73.33 71.82
N VAL HA 52 27.31 -73.61 70.78
CA VAL HA 52 26.93 -73.23 69.43
C VAL HA 52 25.65 -73.93 69.02
N LYS HA 53 25.54 -75.23 69.34
CA LYS HA 53 24.32 -75.97 68.98
C LYS HA 53 23.11 -75.40 69.70
N GLU HA 54 23.26 -75.04 70.98
CA GLU HA 54 22.14 -74.50 71.74
C GLU HA 54 21.66 -73.17 71.15
N ALA HA 55 22.60 -72.28 70.81
CA ALA HA 55 22.21 -71.00 70.22
C ALA HA 55 21.56 -71.19 68.86
N VAL HA 56 22.10 -72.11 68.04
CA VAL HA 56 21.52 -72.37 66.74
C VAL HA 56 20.10 -72.91 66.88
N ALA HA 57 19.88 -73.78 67.85
CA ALA HA 57 18.53 -74.25 68.13
C ALA HA 57 17.63 -73.10 68.58
N LYS HA 58 18.18 -72.18 69.39
CA LYS HA 58 17.37 -71.09 69.93
C LYS HA 58 16.86 -70.17 68.82
N SER HA 59 17.68 -69.88 67.82
CA SER HA 59 17.31 -68.94 66.77
C SER HA 59 17.16 -69.62 65.41
N LEU HA 60 18.19 -70.31 64.93
CA LEU HA 60 18.18 -70.79 63.54
C LEU HA 60 17.22 -71.95 63.36
N LEU HA 61 17.10 -72.83 64.34
CA LEU HA 61 16.26 -74.02 64.19
C LEU HA 61 14.79 -73.62 64.06
N TYR HA 62 14.09 -74.29 63.15
CA TYR HA 62 12.67 -74.06 62.91
C TYR HA 62 12.39 -72.59 62.60
N SER HA 63 13.22 -72.02 61.72
CA SER HA 63 13.14 -70.61 61.39
C SER HA 63 12.97 -70.43 59.88
N ASP HA 64 12.37 -69.29 59.51
CA ASP HA 64 12.18 -68.97 58.10
C ASP HA 64 13.49 -68.85 57.36
N ILE HA 65 14.57 -68.44 58.06
CA ILE HA 65 15.88 -68.40 57.44
C ILE HA 65 16.29 -69.78 56.96
N THR HA 66 16.05 -70.80 57.80
CA THR HA 66 16.31 -72.17 57.38
C THR HA 66 15.35 -72.61 56.28
N ARG HA 67 14.13 -72.08 56.28
CA ARG HA 67 13.17 -72.44 55.25
C ARG HA 67 13.65 -71.94 53.88
N PRO HA 68 13.26 -72.60 52.79
CA PRO HA 68 13.84 -72.29 51.48
C PRO HA 68 13.66 -70.83 51.11
N GLY HA 69 14.72 -70.25 50.54
CA GLY HA 69 14.71 -68.85 50.18
C GLY HA 69 14.87 -67.89 51.32
N GLY HA 70 15.30 -68.36 52.49
CA GLY HA 70 15.43 -67.50 53.65
C GLY HA 70 16.83 -66.98 53.92
N MET HA 72 19.39 -68.57 54.75
CA MET HA 72 20.14 -69.56 55.52
C MET HA 72 19.82 -70.95 54.96
N TYR HA 73 19.04 -70.97 53.88
CA TYR HA 73 18.50 -72.21 53.33
C TYR HA 73 19.36 -72.72 52.17
N THR HA 74 20.59 -73.10 52.50
CA THR HA 74 21.45 -73.82 51.60
C THR HA 74 22.40 -74.65 52.44
N THR HA 75 22.96 -75.70 51.84
CA THR HA 75 23.98 -76.47 52.54
C THR HA 75 25.21 -75.60 52.79
N ARG HA 76 25.65 -74.86 51.75
CA ARG HA 76 26.75 -73.93 51.91
C ARG HA 76 26.39 -72.81 52.89
N ARG HA 77 25.16 -72.30 52.80
CA ARG HA 77 24.75 -71.21 53.68
C ARG HA 77 24.69 -71.67 55.14
N TYR HA 78 24.14 -72.87 55.39
CA TYR HA 78 24.08 -73.38 56.75
C TYR HA 78 25.49 -73.66 57.29
N ALA HA 79 26.36 -74.23 56.47
CA ALA HA 79 27.74 -74.44 56.89
C ALA HA 79 28.43 -73.12 57.19
N ALA HA 80 28.18 -72.10 56.35
CA ALA HA 80 28.78 -70.79 56.57
C ALA HA 80 28.25 -70.14 57.85
N CYS HA 81 26.96 -70.30 58.12
CA CYS HA 81 26.40 -69.78 59.37
C CYS HA 81 27.06 -70.44 60.57
N ILE HA 82 27.21 -71.76 60.52
CA ILE HA 82 27.86 -72.48 61.62
C ILE HA 82 29.31 -72.01 61.78
N ARG HA 83 30.03 -71.87 60.67
CA ARG HA 83 31.43 -71.46 60.74
C ARG HA 83 31.57 -70.04 61.27
N ASP HA 84 30.69 -69.12 60.85
CA ASP HA 84 30.76 -67.75 61.33
C ASP HA 84 30.50 -67.68 62.83
N LEU HA 85 29.51 -68.41 63.32
CA LEU HA 85 29.25 -68.45 64.75
C LEU HA 85 30.45 -69.01 65.51
N ASP HA 86 31.06 -70.07 64.98
CA ASP HA 86 32.23 -70.66 65.64
C ASP HA 86 33.39 -69.67 65.68
N TYR HA 87 33.63 -68.95 64.58
CA TYR HA 87 34.71 -67.97 64.56
C TYR HA 87 34.47 -66.85 65.56
N TYR HA 88 33.22 -66.37 65.65
CA TYR HA 88 32.90 -65.35 66.64
C TYR HA 88 33.14 -65.87 68.05
N LEU HA 89 32.76 -67.12 68.32
CA LEU HA 89 32.97 -67.69 69.64
C LEU HA 89 34.45 -67.80 69.97
N ARG HA 90 35.27 -68.21 69.00
CA ARG HA 90 36.71 -68.35 69.24
C ARG HA 90 37.33 -66.99 69.54
N TYR HA 91 37.00 -65.97 68.76
CA TYR HA 91 37.53 -64.64 69.02
C TYR HA 91 37.06 -64.11 70.37
N ALA HA 92 35.78 -64.35 70.71
CA ALA HA 92 35.26 -63.90 71.99
C ALA HA 92 35.95 -64.59 73.15
N THR HA 93 36.21 -65.89 73.03
CA THR HA 93 36.93 -66.61 74.08
C THR HA 93 38.33 -66.06 74.26
N TYR HA 94 39.01 -65.76 73.14
CA TYR HA 94 40.34 -65.15 73.24
C TYR HA 94 40.26 -63.80 73.93
N ALA HA 95 39.26 -62.99 73.58
CA ALA HA 95 39.12 -61.66 74.19
C ALA HA 95 38.83 -61.77 75.68
N MET HA 96 37.96 -62.68 76.08
CA MET HA 96 37.61 -62.81 77.49
C MET HA 96 38.79 -63.33 78.30
N LEU HA 97 39.49 -64.34 77.78
CA LEU HA 97 40.67 -64.86 78.48
C LEU HA 97 41.75 -63.82 78.59
N ALA HA 98 41.97 -63.05 77.51
CA ALA HA 98 42.98 -62.00 77.54
C ALA HA 98 42.60 -60.90 78.53
N GLY HA 99 41.31 -60.58 78.62
CA GLY HA 99 40.85 -59.50 79.48
C GLY HA 99 40.85 -58.14 78.82
N ASP HA 100 41.19 -58.05 77.53
CA ASP HA 100 41.18 -56.80 76.80
C ASP HA 100 40.35 -56.99 75.53
N PRO HA 101 39.42 -56.08 75.22
CA PRO HA 101 38.59 -56.24 74.03
C PRO HA 101 39.23 -55.75 72.74
N SER HA 102 40.48 -55.27 72.81
CA SER HA 102 41.13 -54.71 71.64
C SER HA 102 41.31 -55.76 70.55
N ILE HA 103 41.58 -57.01 70.95
CA ILE HA 103 41.76 -58.08 69.96
C ILE HA 103 40.49 -58.30 69.17
N LEU HA 104 39.35 -58.35 69.87
CA LEU HA 104 38.06 -58.54 69.19
C LEU HA 104 37.82 -57.44 68.18
N ASP HA 105 38.03 -56.18 68.59
CA ASP HA 105 37.85 -55.07 67.66
C ASP HA 105 38.83 -55.15 66.51
N GLU HA 106 40.08 -55.52 66.79
CA GLU HA 106 41.13 -55.49 65.78
C GLU HA 106 40.86 -56.48 64.65
N ARG HA 107 40.42 -57.70 64.98
CA ARG HA 107 40.26 -58.74 63.98
C ARG HA 107 38.81 -58.94 63.55
N VAL HA 108 37.91 -59.19 64.51
CA VAL HA 108 36.54 -59.55 64.15
C VAL HA 108 35.78 -58.36 63.58
N LEU HA 109 35.93 -57.20 64.21
CA LEU HA 109 34.99 -56.10 63.96
C LEU HA 109 35.24 -55.40 62.63
N ASN HA 110 36.51 -55.26 62.23
CA ASN HA 110 36.85 -54.36 61.13
C ASN HA 110 36.21 -54.79 59.83
N GLY HA 111 35.17 -54.09 59.41
CA GLY HA 111 34.48 -54.44 58.17
C GLY HA 111 33.64 -55.69 58.25
N LEU HA 112 33.38 -56.21 59.46
CA LEU HA 112 32.46 -57.33 59.58
C LEU HA 112 31.05 -56.94 59.13
N LYS HA 113 30.61 -55.74 59.53
CA LYS HA 113 29.32 -55.25 59.06
C LYS HA 113 29.33 -55.05 57.55
N GLU HA 114 30.42 -54.52 57.01
CA GLU HA 114 30.51 -54.32 55.57
C GLU HA 114 30.48 -55.65 54.83
N THR HA 115 31.21 -56.64 55.33
CA THR HA 115 31.21 -57.96 54.68
C THR HA 115 29.84 -58.60 54.74
N TYR HA 116 29.17 -58.50 55.89
CA TYR HA 116 27.81 -59.04 56.00
C TYR HA 116 26.86 -58.32 55.06
N ASN HA 117 27.01 -57.00 54.93
CA ASN HA 117 26.17 -56.25 54.01
C ASN HA 117 26.39 -56.67 52.57
N SER HA 118 27.65 -56.88 52.18
CA SER HA 118 27.94 -57.33 50.82
C SER HA 118 27.41 -58.74 50.58
N LEU HA 119 27.56 -59.62 51.56
CA LEU HA 119 27.07 -60.99 51.40
C LEU HA 119 25.55 -61.05 51.38
N GLY HA 120 24.89 -60.09 52.03
CA GLY HA 120 23.45 -60.14 52.17
C GLY HA 120 22.96 -60.92 53.38
N VAL HA 121 23.86 -61.42 54.21
CA VAL HA 121 23.48 -62.14 55.43
C VAL HA 121 22.80 -61.16 56.38
N PRO HA 122 21.79 -61.59 57.14
CA PRO HA 122 21.05 -60.66 58.00
C PRO HA 122 21.82 -60.34 59.28
N ILE HA 123 22.26 -59.09 59.39
CA ILE HA 123 23.04 -58.68 60.56
C ILE HA 123 22.22 -58.78 61.82
N ALA HA 124 20.93 -58.40 61.76
CA ALA HA 124 20.09 -58.48 62.94
C ALA HA 124 19.88 -59.92 63.40
N ALA HA 125 19.69 -60.84 62.45
CA ALA HA 125 19.57 -62.25 62.81
C ALA HA 125 20.84 -62.76 63.48
N THR HA 126 22.00 -62.38 62.94
CA THR HA 126 23.26 -62.77 63.57
C THR HA 126 23.40 -62.17 64.97
N VAL HA 127 22.92 -60.93 65.15
CA VAL HA 127 22.99 -60.28 66.46
C VAL HA 127 22.13 -61.01 67.47
N GLN HA 128 20.92 -61.41 67.07
CA GLN HA 128 20.06 -62.17 67.98
C GLN HA 128 20.71 -63.51 68.34
N ALA HA 129 21.32 -64.17 67.35
CA ALA HA 129 22.03 -65.41 67.63
C ALA HA 129 23.21 -65.16 68.57
N ILE HA 130 23.87 -64.01 68.43
CA ILE HA 130 24.98 -63.69 69.32
C ILE HA 130 24.48 -63.53 70.76
N GLN HA 131 23.32 -62.90 70.94
CA GLN HA 131 22.74 -62.80 72.27
C GLN HA 131 22.42 -64.16 72.85
N ALA HA 132 21.87 -65.06 72.03
CA ALA HA 132 21.60 -66.41 72.49
C ALA HA 132 22.88 -67.13 72.89
N MET HA 133 23.94 -66.97 72.08
CA MET HA 133 25.22 -67.55 72.43
C MET HA 133 25.76 -66.98 73.73
N LYS HA 134 25.56 -65.68 73.95
CA LYS HA 134 26.00 -65.06 75.19
C LYS HA 134 25.29 -65.67 76.40
N GLU HA 135 23.98 -65.90 76.28
CA GLU HA 135 23.23 -66.51 77.38
C GLU HA 135 23.74 -67.92 77.68
N VAL HA 136 23.92 -68.74 76.65
CA VAL HA 136 24.39 -70.10 76.86
C VAL HA 136 25.80 -70.10 77.42
N THR HA 137 26.67 -69.24 76.88
CA THR HA 137 28.04 -69.17 77.37
C THR HA 137 28.09 -68.72 78.83
N ALA HA 138 27.25 -67.75 79.20
CA ALA HA 138 27.20 -67.30 80.59
C ALA HA 138 26.76 -68.44 81.51
N SER HA 139 25.77 -69.23 81.08
CA SER HA 139 25.31 -70.35 81.89
C SER HA 139 26.44 -71.36 82.10
N LEU HA 140 27.15 -71.71 81.02
CA LEU HA 140 28.19 -72.73 81.14
C LEU HA 140 29.39 -72.21 81.93
N VAL HA 141 29.80 -70.97 81.68
CA VAL HA 141 31.00 -70.42 82.33
C VAL HA 141 30.74 -70.11 83.79
N GLY HA 142 29.54 -69.67 84.13
CA GLY HA 142 29.23 -69.18 85.47
C GLY HA 142 28.88 -67.70 85.44
N ALA HA 143 28.35 -67.25 86.59
CA ALA HA 143 27.88 -65.87 86.69
C ALA HA 143 29.02 -64.88 86.57
N ASP HA 144 30.09 -65.07 87.34
CA ASP HA 144 31.22 -64.14 87.30
C ASP HA 144 31.87 -64.14 85.92
N ALA HA 145 32.09 -65.32 85.35
CA ALA HA 145 32.65 -65.40 84.02
C ALA HA 145 31.66 -64.91 82.97
N GLY HA 146 30.37 -65.14 83.18
CA GLY HA 146 29.37 -64.66 82.24
C GLY HA 146 29.36 -63.15 82.11
N LYS HA 147 29.67 -62.45 83.20
CA LYS HA 147 29.72 -60.99 83.12
C LYS HA 147 30.82 -60.52 82.17
N GLU HA 148 32.01 -61.12 82.26
CA GLU HA 148 33.10 -60.72 81.38
C GLU HA 148 32.86 -61.17 79.94
N MET HA 149 32.59 -62.46 79.75
CA MET HA 149 32.32 -62.96 78.41
C MET HA 149 31.06 -62.33 77.83
N GLY HA 150 30.03 -62.15 78.65
CA GLY HA 150 28.83 -61.46 78.18
C GLY HA 150 29.09 -60.03 77.79
N ILE HA 151 29.98 -59.35 78.52
CA ILE HA 151 30.32 -57.97 78.17
C ILE HA 151 31.05 -57.93 76.83
N TYR HA 152 31.99 -58.86 76.60
CA TYR HA 152 32.67 -58.90 75.31
C TYR HA 152 31.70 -59.22 74.18
N PHE HA 153 30.79 -60.18 74.40
CA PHE HA 153 29.78 -60.50 73.39
C PHE HA 153 28.86 -59.31 73.16
N ASP HA 154 28.50 -58.59 74.22
CA ASP HA 154 27.69 -57.40 74.07
C ASP HA 154 28.42 -56.32 73.29
N TYR HA 155 29.74 -56.22 73.48
CA TYR HA 155 30.53 -55.27 72.71
C TYR HA 155 30.51 -55.61 71.23
N ILE HA 156 30.64 -56.90 70.89
CA ILE HA 156 30.56 -57.30 69.50
C ILE HA 156 29.17 -57.00 68.93
N CYS HA 157 28.13 -57.29 69.69
CA CYS HA 157 26.77 -56.99 69.26
C CYS HA 157 26.56 -55.49 69.11
N SER HA 158 27.14 -54.70 70.02
CA SER HA 158 27.02 -53.25 69.93
C SER HA 158 27.70 -52.71 68.69
N GLY HA 159 28.87 -53.24 68.35
CA GLY HA 159 29.51 -52.86 67.10
C GLY HA 159 28.67 -53.22 65.89
N LEU HA 160 28.05 -54.40 65.92
CA LEU HA 160 27.15 -54.79 64.84
C LEU HA 160 25.95 -53.87 64.75
N SER HA 161 25.42 -53.45 65.89
CA SER HA 161 24.26 -52.58 65.94
C SER HA 161 24.57 -51.20 65.35
N SER IA 2 23.53 -77.26 34.71
CA SER IA 2 23.42 -78.12 33.54
C SER IA 2 24.76 -78.75 33.18
N VAL IA 3 24.71 -79.87 32.46
CA VAL IA 3 25.94 -80.49 31.99
C VAL IA 3 26.67 -79.56 31.02
N VAL IA 4 25.92 -78.91 30.14
CA VAL IA 4 26.51 -77.91 29.24
C VAL IA 4 27.12 -76.78 30.04
N THR IA 5 26.46 -76.37 31.14
CA THR IA 5 26.99 -75.30 31.97
C THR IA 5 28.32 -75.70 32.60
N LYS IA 6 28.41 -76.94 33.11
CA LYS IA 6 29.66 -77.40 33.70
C LYS IA 6 30.77 -77.44 32.66
N SER IA 7 30.46 -77.94 31.45
CA SER IA 7 31.46 -77.95 30.39
C SER IA 7 31.90 -76.54 30.04
N ILE IA 8 30.96 -75.59 30.01
CA ILE IA 8 31.31 -74.21 29.71
C ILE IA 8 32.22 -73.64 30.79
N VAL IA 9 31.97 -74.00 32.04
CA VAL IA 9 32.84 -73.52 33.13
C VAL IA 9 34.26 -74.01 32.92
N ASN IA 10 34.42 -75.29 32.60
CA ASN IA 10 35.76 -75.84 32.36
C ASN IA 10 36.41 -75.15 31.16
N ALA IA 11 35.65 -74.91 30.10
CA ALA IA 11 36.21 -74.28 28.91
C ALA IA 11 36.65 -72.85 29.21
N ASP IA 12 35.85 -72.11 29.98
CA ASP IA 12 36.23 -70.74 30.32
C ASP IA 12 37.50 -70.72 31.17
N ALA IA 13 37.63 -71.67 32.10
CA ALA IA 13 38.85 -71.75 32.89
C ALA IA 13 40.06 -72.05 32.01
N GLU IA 14 39.89 -72.92 31.01
CA GLU IA 14 40.98 -73.22 30.08
C GLU IA 14 41.17 -72.13 29.03
N ALA IA 15 40.29 -71.13 29.00
CA ALA IA 15 40.40 -69.99 28.06
C ALA IA 15 40.36 -70.47 26.61
N ARG IA 16 39.46 -71.41 26.33
CA ARG IA 16 39.28 -71.93 24.98
C ARG IA 16 37.80 -72.03 24.67
N TYR IA 17 37.45 -71.82 23.41
CA TYR IA 17 36.08 -72.05 22.96
C TYR IA 17 35.68 -73.50 23.24
N LEU IA 18 34.37 -73.73 23.26
CA LEU IA 18 33.85 -75.04 23.61
C LEU IA 18 34.39 -76.11 22.67
N SER IA 19 34.83 -77.24 23.23
CA SER IA 19 35.40 -78.31 22.45
C SER IA 19 34.32 -79.00 21.62
N PRO IA 20 34.69 -79.62 20.50
CA PRO IA 20 33.69 -80.38 19.72
C PRO IA 20 33.05 -81.50 20.53
N GLY IA 21 33.82 -82.16 21.39
CA GLY IA 21 33.23 -83.18 22.26
C GLY IA 21 32.24 -82.59 23.24
N GLU IA 22 32.55 -81.43 23.81
CA GLU IA 22 31.62 -80.78 24.71
C GLU IA 22 30.33 -80.40 24.00
N LEU IA 23 30.45 -79.88 22.78
CA LEU IA 23 29.26 -79.57 21.99
C LEU IA 23 28.44 -80.82 21.72
N ASP IA 24 29.11 -81.95 21.43
CA ASP IA 24 28.40 -83.20 21.24
C ASP IA 24 27.68 -83.64 22.52
N ARG IA 25 28.31 -83.43 23.68
CA ARG IA 25 27.64 -83.71 24.95
C ARG IA 25 26.36 -82.89 25.08
N ILE IA 26 26.42 -81.61 24.72
CA ILE IA 26 25.24 -80.75 24.79
C ILE IA 26 24.16 -81.24 23.85
N LYS IA 27 24.55 -81.62 22.63
CA LYS IA 27 23.57 -82.12 21.66
C LYS IA 27 22.88 -83.38 22.17
N ASN IA 28 23.65 -84.31 22.73
CA ASN IA 28 23.08 -85.53 23.28
C ASN IA 28 22.16 -85.25 24.45
N PHE IA 29 22.55 -84.33 25.33
CA PHE IA 29 21.70 -83.99 26.47
C PHE IA 29 20.38 -83.38 26.00
N VAL IA 30 20.43 -82.50 25.00
CA VAL IA 30 19.20 -81.91 24.49
C VAL IA 30 18.32 -82.98 23.86
N SER IA 31 18.91 -83.91 23.12
CA SER IA 31 18.14 -84.98 22.49
C SER IA 31 17.48 -85.87 23.53
N THR IA 32 18.18 -86.16 24.63
CA THR IA 32 17.65 -86.97 25.71
C THR IA 32 16.88 -86.15 26.74
N GLY IA 33 16.75 -84.84 26.54
CA GLY IA 33 16.14 -83.99 27.54
C GLY IA 33 14.68 -84.30 27.77
N GLU IA 34 13.94 -84.62 26.71
CA GLU IA 34 12.52 -84.93 26.85
C GLU IA 34 12.32 -86.14 27.75
N ARG IA 35 13.09 -87.20 27.52
CA ARG IA 35 13.00 -88.37 28.38
C ARG IA 35 13.46 -88.05 29.80
N ARG IA 36 14.52 -87.24 29.93
CA ARG IA 36 15.01 -86.88 31.26
C ARG IA 36 13.93 -86.16 32.06
N LEU IA 37 13.24 -85.22 31.44
CA LEU IA 37 12.18 -84.49 32.14
C LEU IA 37 10.95 -85.37 32.38
N ARG IA 38 10.65 -86.29 31.46
CA ARG IA 38 9.54 -87.21 31.70
C ARG IA 38 9.82 -88.07 32.93
N ILE IA 39 11.05 -88.58 33.05
CA ILE IA 39 11.43 -89.35 34.23
C ILE IA 39 11.34 -88.48 35.48
N ALA IA 40 11.82 -87.25 35.39
CA ALA IA 40 11.78 -86.35 36.54
C ALA IA 40 10.34 -86.06 36.97
N GLN IA 41 9.44 -85.86 36.00
CA GLN IA 41 8.05 -85.60 36.33
C GLN IA 41 7.41 -86.82 36.98
N THR IA 42 7.75 -88.02 36.52
CA THR IA 42 7.25 -89.23 37.17
C THR IA 42 7.73 -89.32 38.61
N LEU IA 43 9.00 -89.00 38.85
CA LEU IA 43 9.53 -88.99 40.21
C LEU IA 43 8.79 -87.98 41.08
N THR IA 44 8.54 -86.79 40.54
CA THR IA 44 7.80 -85.78 41.30
C THR IA 44 6.37 -86.23 41.57
N GLU IA 45 5.73 -86.89 40.59
CA GLU IA 45 4.36 -87.34 40.78
C GLU IA 45 4.25 -88.36 41.90
N ASN IA 46 5.19 -89.30 41.97
CA ASN IA 46 5.17 -90.35 42.99
C ASN IA 46 6.05 -90.01 44.18
N ARG IA 47 6.44 -88.74 44.33
CA ARG IA 47 7.40 -88.37 45.37
C ARG IA 47 6.84 -88.63 46.76
N GLU IA 48 5.58 -88.25 47.01
CA GLU IA 48 5.03 -88.37 48.36
C GLU IA 48 4.93 -89.83 48.78
N ARG IA 49 4.36 -90.69 47.92
CA ARG IA 49 4.23 -92.09 48.26
C ARG IA 49 5.58 -92.76 48.44
N ILE IA 50 6.54 -92.45 47.56
CA ILE IA 50 7.89 -92.98 47.70
C ILE IA 50 8.51 -92.50 49.00
N VAL IA 51 8.26 -91.26 49.38
CA VAL IA 51 8.82 -90.72 50.62
C VAL IA 51 8.29 -91.51 51.82
N LYS IA 52 6.98 -91.78 51.84
CA LYS IA 52 6.40 -92.52 52.96
C LYS IA 52 6.98 -93.93 53.05
N GLN IA 53 7.04 -94.63 51.92
CA GLN IA 53 7.57 -96.00 51.93
C GLN IA 53 9.03 -96.02 52.36
N ALA IA 54 9.84 -95.10 51.83
CA ALA IA 54 11.25 -95.07 52.17
C ALA IA 54 11.45 -94.72 53.65
N GLY IA 55 10.62 -93.81 54.18
CA GLY IA 55 10.73 -93.47 55.59
C GLY IA 55 10.46 -94.67 56.49
N ASP IA 56 9.43 -95.46 56.16
CA ASP IA 56 9.18 -96.66 56.93
C ASP IA 56 10.35 -97.63 56.86
N GLN IA 57 10.92 -97.81 55.66
CA GLN IA 57 12.06 -98.70 55.51
C GLN IA 57 13.26 -98.21 56.31
N LEU IA 58 13.52 -96.90 56.27
CA LEU IA 58 14.66 -96.34 57.00
C LEU IA 58 14.47 -96.50 58.51
N PHE IA 59 13.27 -96.27 59.01
CA PHE IA 59 13.01 -96.47 60.43
C PHE IA 59 13.20 -97.92 60.83
N GLN IA 60 12.79 -98.85 59.95
CA GLN IA 60 13.01 -100.27 60.23
C GLN IA 60 14.49 -100.60 60.29
N LYS IA 61 15.28 -100.02 59.38
CA LYS IA 61 16.72 -100.29 59.38
C LYS IA 61 17.43 -99.63 60.56
N ARG IA 62 16.93 -98.48 61.02
CA ARG IA 62 17.54 -97.74 62.12
C ARG IA 62 16.48 -97.40 63.16
N PRO IA 63 15.97 -98.40 63.88
CA PRO IA 63 14.98 -98.10 64.93
C PRO IA 63 15.50 -97.21 66.03
N ASP IA 64 16.79 -97.29 66.36
CA ASP IA 64 17.34 -96.51 67.46
C ASP IA 64 17.23 -95.01 67.20
N VAL IA 65 17.41 -94.60 65.94
CA VAL IA 65 17.29 -93.20 65.59
C VAL IA 65 15.87 -92.71 65.86
N VAL IA 66 14.87 -93.50 65.47
CA VAL IA 66 13.49 -93.14 65.77
C VAL IA 66 13.23 -93.18 67.27
N SER IA 67 13.86 -94.11 67.98
CA SER IA 67 13.61 -94.29 69.40
C SER IA 67 14.23 -93.16 70.21
N PRO IA 68 13.80 -93.00 71.47
CA PRO IA 68 14.45 -92.02 72.33
C PRO IA 68 15.93 -92.32 72.49
N GLY IA 69 16.73 -91.26 72.59
CA GLY IA 69 18.16 -91.38 72.51
C GLY IA 69 18.72 -91.35 71.11
N GLY IA 70 17.87 -91.07 70.11
CA GLY IA 70 18.31 -90.88 68.75
C GLY IA 70 17.98 -89.46 68.29
N ASN IA 71 18.55 -89.09 67.13
CA ASN IA 71 18.34 -87.74 66.62
C ASN IA 71 16.87 -87.49 66.34
N ALA IA 72 16.18 -88.48 65.78
CA ALA IA 72 14.74 -88.36 65.53
C ALA IA 72 13.95 -88.99 66.68
N TYR IA 73 14.20 -88.49 67.88
CA TYR IA 73 13.52 -88.95 69.08
C TYR IA 73 12.22 -88.18 69.24
N GLY IA 74 11.10 -88.89 69.16
CA GLY IA 74 9.80 -88.26 69.21
C GLY IA 74 9.26 -87.94 67.81
N GLU IA 75 7.95 -87.72 67.76
CA GLU IA 75 7.28 -87.47 66.49
C GLU IA 75 7.79 -86.20 65.82
N GLU IA 76 8.01 -85.14 66.61
CA GLU IA 76 8.46 -83.87 66.05
C GLU IA 76 9.85 -83.99 65.44
N MET IA 77 10.77 -84.64 66.16
CA MET IA 77 12.11 -84.83 65.63
C MET IA 77 12.09 -85.71 64.38
N THR IA 78 11.27 -86.76 64.39
CA THR IA 78 11.14 -87.61 63.21
C THR IA 78 10.59 -86.81 62.03
N ALA IA 79 9.64 -85.92 62.29
CA ALA IA 79 9.06 -85.11 61.23
C ALA IA 79 10.09 -84.19 60.60
N THR IA 80 10.93 -83.54 61.43
CA THR IA 80 11.99 -82.70 60.88
C THR IA 80 12.96 -83.52 60.05
N CYS IA 81 13.29 -84.73 60.51
CA CYS IA 81 14.14 -85.63 59.73
C CYS IA 81 13.53 -85.91 58.37
N LEU IA 82 12.24 -86.25 58.35
CA LEU IA 82 11.56 -86.57 57.09
C LEU IA 82 11.51 -85.35 56.17
N ARG IA 83 11.33 -84.16 56.73
CA ARG IA 83 11.31 -82.95 55.91
C ARG IA 83 12.64 -82.73 55.21
N ASP IA 84 13.75 -82.94 55.93
CA ASP IA 84 15.06 -82.84 55.29
C ASP IA 84 15.20 -83.84 54.16
N LEU IA 85 14.70 -85.07 54.37
CA LEU IA 85 14.74 -86.08 53.32
C LEU IA 85 13.93 -85.63 52.11
N ASP IA 86 12.77 -85.02 52.33
CA ASP IA 86 11.95 -84.56 51.22
C ASP IA 86 12.65 -83.48 50.40
N TYR IA 87 13.31 -82.54 51.07
CA TYR IA 87 14.07 -81.53 50.35
C TYR IA 87 15.17 -82.17 49.51
N TYR IA 88 15.87 -83.16 50.07
CA TYR IA 88 16.89 -83.86 49.31
C TYR IA 88 16.31 -84.56 48.09
N LEU IA 89 15.11 -85.15 48.24
CA LEU IA 89 14.47 -85.82 47.12
C LEU IA 89 14.15 -84.85 45.99
N ARG IA 90 13.63 -83.67 46.34
CA ARG IA 90 13.37 -82.66 45.31
C ARG IA 90 14.64 -82.22 44.62
N LEU IA 91 15.73 -82.06 45.39
CA LEU IA 91 17.02 -81.72 44.78
C LEU IA 91 17.50 -82.82 43.84
N VAL IA 92 17.26 -84.08 44.21
CA VAL IA 92 17.65 -85.19 43.34
C VAL IA 92 16.87 -85.15 42.03
N THR IA 93 15.58 -84.83 42.11
CA THR IA 93 14.78 -84.69 40.91
C THR IA 93 15.33 -83.58 40.01
N TYR IA 94 15.71 -82.44 40.62
CA TYR IA 94 16.29 -81.34 39.86
C TYR IA 94 17.58 -81.77 39.16
N GLY IA 95 18.43 -82.51 39.88
CA GLY IA 95 19.67 -82.97 39.27
C GLY IA 95 19.44 -83.91 38.11
N ILE IA 96 18.49 -84.83 38.26
CA ILE IA 96 18.18 -85.76 37.17
C ILE IA 96 17.68 -85.00 35.94
N VAL IA 97 16.82 -84.00 36.16
CA VAL IA 97 16.32 -83.20 35.04
C VAL IA 97 17.47 -82.46 34.37
N ALA IA 98 18.38 -81.88 35.17
CA ALA IA 98 19.48 -81.12 34.60
C ALA IA 98 20.45 -82.00 33.81
N GLY IA 99 20.58 -83.27 34.19
CA GLY IA 99 21.56 -84.13 33.57
C GLY IA 99 22.95 -84.00 34.14
N ASP IA 100 23.14 -83.15 35.14
CA ASP IA 100 24.41 -83.00 35.84
C ASP IA 100 24.14 -83.00 37.34
N VAL IA 101 25.12 -83.50 38.09
CA VAL IA 101 25.02 -83.48 39.55
C VAL IA 101 25.28 -82.12 40.14
N THR IA 102 25.70 -81.15 39.33
CA THR IA 102 26.03 -79.82 39.84
C THR IA 102 24.86 -79.15 40.53
N PRO IA 103 23.63 -79.19 40.01
CA PRO IA 103 22.52 -78.56 40.75
C PRO IA 103 22.31 -79.17 42.13
N ILE IA 104 22.34 -80.49 42.23
CA ILE IA 104 22.20 -81.15 43.52
C ILE IA 104 23.37 -80.77 44.44
N GLU IA 105 24.58 -80.71 43.87
CA GLU IA 105 25.75 -80.37 44.66
C GLU IA 105 25.66 -78.96 45.23
N GLU IA 106 25.15 -78.01 44.44
CA GLU IA 106 24.97 -76.66 44.93
C GLU IA 106 23.92 -76.62 46.04
N ILE IA 107 22.80 -77.32 45.86
CA ILE IA 107 21.72 -77.30 46.84
C ILE IA 107 22.17 -77.95 48.14
N GLY IA 108 22.82 -79.12 48.04
CA GLY IA 108 23.28 -79.86 49.20
C GLY IA 108 24.53 -80.63 48.85
N LEU IA 109 25.13 -81.23 49.89
CA LEU IA 109 26.39 -81.97 49.89
C LEU IA 109 27.60 -81.03 49.91
N VAL IA 110 27.40 -79.72 49.98
CA VAL IA 110 28.49 -78.77 50.18
C VAL IA 110 28.40 -78.30 51.63
N GLY IA 111 29.29 -78.80 52.48
CA GLY IA 111 29.19 -78.55 53.90
C GLY IA 111 28.13 -79.37 54.60
N VAL IA 112 27.52 -80.34 53.91
CA VAL IA 112 26.46 -81.14 54.50
C VAL IA 112 26.99 -81.95 55.68
N ARG IA 113 28.23 -82.40 55.59
CA ARG IA 113 28.83 -83.11 56.72
C ARG IA 113 28.89 -82.22 57.95
N GLU IA 114 29.26 -80.95 57.77
CA GLU IA 114 29.28 -80.02 58.89
C GLU IA 114 27.89 -79.81 59.47
N MET IA 115 26.88 -79.70 58.60
CA MET IA 115 25.52 -79.54 59.08
C MET IA 115 25.07 -80.76 59.89
N TYR IA 116 25.38 -81.96 59.39
CA TYR IA 116 25.02 -83.17 60.12
C TYR IA 116 25.75 -83.26 61.45
N ASN IA 117 27.02 -82.86 61.48
CA ASN IA 117 27.77 -82.88 62.73
C ASN IA 117 27.17 -81.89 63.74
N SER IA 118 26.76 -80.71 63.25
CA SER IA 118 26.15 -79.73 64.15
C SER IA 118 24.83 -80.24 64.72
N LEU IA 119 24.00 -80.87 63.88
CA LEU IA 119 22.71 -81.34 64.34
C LEU IA 119 22.81 -82.60 65.20
N GLY IA 120 23.81 -83.44 64.96
CA GLY IA 120 23.92 -84.71 65.63
C GLY IA 120 23.25 -85.86 64.92
N THR IA 121 22.56 -85.61 63.81
CA THR IA 121 21.88 -86.67 63.08
C THR IA 121 22.90 -87.62 62.46
N PRO IA 122 22.59 -88.92 62.40
CA PRO IA 122 23.58 -89.91 61.95
C PRO IA 122 23.71 -89.93 60.43
N ILE IA 123 24.91 -89.62 59.94
CA ILE IA 123 25.15 -89.63 58.50
C ILE IA 123 24.95 -91.02 57.90
N PRO IA 124 25.47 -92.10 58.50
CA PRO IA 124 25.24 -93.43 57.91
C PRO IA 124 23.77 -93.79 57.80
N ALA IA 125 22.97 -93.45 58.81
CA ALA IA 125 21.53 -93.73 58.75
C ALA IA 125 20.86 -92.91 57.64
N VAL IA 126 21.26 -91.64 57.48
CA VAL IA 126 20.73 -90.83 56.39
C VAL IA 126 21.08 -91.47 55.05
N ALA IA 127 22.32 -91.94 54.91
CA ALA IA 127 22.73 -92.60 53.68
C ALA IA 127 21.89 -93.84 53.40
N GLU IA 128 21.63 -94.65 54.43
CA GLU IA 128 20.82 -95.84 54.25
C GLU IA 128 19.40 -95.48 53.83
N GLY IA 129 18.85 -94.40 54.40
CA GLY IA 129 17.53 -93.95 53.99
C GLY IA 129 17.50 -93.54 52.52
N ILE IA 130 18.55 -92.85 52.06
CA ILE IA 130 18.63 -92.49 50.65
C ILE IA 130 18.67 -93.76 49.79
N ARG IA 131 19.42 -94.77 50.24
CA ARG IA 131 19.50 -96.02 49.47
C ARG IA 131 18.14 -96.71 49.41
N ALA IA 132 17.40 -96.71 50.51
CA ALA IA 132 16.06 -97.31 50.51
C ALA IA 132 15.14 -96.58 49.55
N MET IA 133 15.21 -95.24 49.54
CA MET IA 133 14.43 -94.47 48.58
C MET IA 133 14.84 -94.79 47.15
N LYS IA 134 16.14 -95.00 46.92
CA LYS IA 134 16.61 -95.35 45.58
C LYS IA 134 16.05 -96.68 45.12
N ASN IA 135 16.04 -97.68 46.01
CA ASN IA 135 15.49 -98.99 45.65
C ASN IA 135 14.01 -98.89 45.31
N VAL IA 136 13.25 -98.20 46.15
CA VAL IA 136 11.81 -98.04 45.90
C VAL IA 136 11.57 -97.29 44.61
N ALA IA 137 12.37 -96.23 44.37
CA ALA IA 137 12.21 -95.44 43.16
C ALA IA 137 12.56 -96.23 41.91
N CYS IA 138 13.60 -97.08 41.99
CA CYS IA 138 13.95 -97.93 40.87
C CYS IA 138 12.80 -98.87 40.52
N SER IA 139 12.16 -99.44 41.53
CA SER IA 139 10.99 -100.27 41.28
C SER IA 139 9.85 -99.45 40.68
N LEU IA 140 9.66 -98.22 41.18
CA LEU IA 140 8.52 -97.42 40.74
C LEU IA 140 8.68 -96.97 39.29
N LEU IA 141 9.89 -96.61 38.88
CA LEU IA 141 10.11 -96.03 37.57
C LEU IA 141 10.26 -97.12 36.50
N SER IA 142 10.15 -96.69 35.25
CA SER IA 142 10.44 -97.57 34.13
C SER IA 142 11.93 -97.86 34.07
N ALA IA 143 12.28 -98.94 33.37
CA ALA IA 143 13.66 -99.44 33.41
C ALA IA 143 14.65 -98.40 32.89
N GLU IA 144 14.33 -97.76 31.77
CA GLU IA 144 15.23 -96.74 31.23
C GLU IA 144 15.36 -95.55 32.16
N ASP IA 145 14.22 -95.08 32.68
CA ASP IA 145 14.24 -93.96 33.62
C ASP IA 145 14.92 -94.34 34.92
N ALA IA 146 14.67 -95.57 35.41
CA ALA IA 146 15.28 -96.02 36.64
C ALA IA 146 16.80 -96.09 36.53
N ALA IA 147 17.31 -96.43 35.35
CA ALA IA 147 18.76 -96.51 35.16
C ALA IA 147 19.43 -95.16 35.39
N GLU IA 148 18.86 -94.11 34.79
CA GLU IA 148 19.39 -92.76 35.03
C GLU IA 148 19.15 -92.32 36.46
N ALA IA 149 17.94 -92.58 36.98
CA ALA IA 149 17.63 -92.21 38.36
C ALA IA 149 18.55 -92.93 39.34
N GLY IA 150 18.89 -94.17 39.04
CA GLY IA 150 19.81 -94.90 39.89
C GLY IA 150 21.18 -94.25 39.98
N SER IA 151 21.67 -93.73 38.85
CA SER IA 151 22.98 -93.07 38.84
C SER IA 151 22.96 -91.79 39.66
N TYR IA 152 21.91 -90.97 39.48
CA TYR IA 152 21.82 -89.75 40.28
C TYR IA 152 21.68 -90.07 41.76
N PHE IA 153 20.85 -91.06 42.10
CA PHE IA 153 20.69 -91.45 43.49
C PHE IA 153 21.99 -92.02 44.06
N ASP IA 154 22.75 -92.74 43.24
CA ASP IA 154 24.03 -93.28 43.69
C ASP IA 154 25.01 -92.16 44.01
N PHE IA 155 25.03 -91.10 43.19
CA PHE IA 155 25.86 -89.95 43.51
C PHE IA 155 25.45 -89.33 44.84
N VAL IA 156 24.14 -89.24 45.09
CA VAL IA 156 23.66 -88.72 46.36
C VAL IA 156 24.10 -89.63 47.51
N ILE IA 157 24.04 -90.94 47.29
CA ILE IA 157 24.45 -91.88 48.33
C ILE IA 157 25.94 -91.75 48.64
N GLY IA 158 26.76 -91.58 47.60
CA GLY IA 158 28.17 -91.37 47.81
C GLY IA 158 28.46 -90.09 48.58
N ALA IA 159 27.73 -89.02 48.26
CA ALA IA 159 27.86 -87.79 49.04
C ALA IA 159 27.46 -88.01 50.49
N MET IA 160 26.42 -88.80 50.72
CA MET IA 160 26.01 -89.12 52.08
C MET IA 160 27.11 -89.90 52.80
N GLN IA 161 27.78 -90.80 52.09
CA GLN IA 161 28.89 -91.55 52.66
C GLN IA 161 30.20 -90.76 52.53
N MET JA 1 26.48 -70.18 40.23
CA MET JA 1 26.57 -70.25 38.78
C MET JA 1 25.16 -70.23 38.16
N GLN JA 2 25.05 -69.65 36.97
CA GLN JA 2 23.75 -69.48 36.32
C GLN JA 2 23.81 -69.95 34.88
N ASP JA 3 22.87 -70.82 34.51
CA ASP JA 3 22.57 -71.19 33.13
C ASP JA 3 21.06 -71.10 32.97
N ALA JA 4 20.57 -71.28 31.74
CA ALA JA 4 19.13 -71.19 31.54
C ALA JA 4 18.38 -72.27 32.30
N ILE JA 5 18.76 -73.53 32.09
CA ILE JA 5 18.15 -74.64 32.82
C ILE JA 5 18.46 -74.52 34.31
N THR JA 6 19.70 -74.16 34.63
CA THR JA 6 20.09 -74.04 36.04
C THR JA 6 19.33 -72.92 36.74
N ALA JA 7 19.03 -71.84 36.03
CA ALA JA 7 18.29 -70.74 36.64
C ALA JA 7 16.84 -71.13 36.91
N VAL JA 8 16.23 -71.88 35.99
CA VAL JA 8 14.90 -72.43 36.28
C VAL JA 8 14.95 -73.30 37.52
N ILE JA 9 15.99 -74.15 37.61
CA ILE JA 9 16.15 -75.01 38.78
C ILE JA 9 16.36 -74.19 40.03
N ASN JA 10 17.14 -73.10 39.94
CA ASN JA 10 17.42 -72.28 41.11
C ASN JA 10 16.18 -71.57 41.61
N ALA JA 11 15.37 -71.03 40.71
CA ALA JA 11 14.11 -70.41 41.12
C ALA JA 11 13.20 -71.43 41.80
N SER JA 12 13.11 -72.64 41.24
CA SER JA 12 12.32 -73.68 41.86
C SER JA 12 12.86 -74.04 43.24
N ASP JA 13 14.19 -74.05 43.39
CA ASP JA 13 14.79 -74.37 44.68
C ASP JA 13 14.43 -73.32 45.73
N VAL JA 14 14.43 -72.03 45.33
CA VAL JA 14 14.05 -70.98 46.26
C VAL JA 14 12.62 -71.17 46.73
N GLN JA 15 11.72 -71.53 45.80
CA GLN JA 15 10.36 -71.87 46.21
C GLN JA 15 10.33 -73.13 47.07
N GLY JA 16 11.24 -74.07 46.80
CA GLY JA 16 11.18 -75.39 47.41
C GLY JA 16 10.18 -76.32 46.75
N LYS JA 17 9.45 -75.84 45.75
CA LYS JA 17 8.39 -76.62 45.13
C LYS JA 17 8.96 -77.65 44.16
N TYR JA 18 8.20 -78.71 43.95
CA TYR JA 18 8.53 -79.65 42.89
C TYR JA 18 8.29 -79.01 41.53
N LEU JA 19 8.89 -79.59 40.49
CA LEU JA 19 8.92 -78.97 39.17
C LEU JA 19 7.51 -78.66 38.68
N ASP JA 20 7.27 -77.39 38.36
CA ASP JA 20 5.98 -76.97 37.84
C ASP JA 20 5.91 -77.23 36.34
N THR JA 21 4.68 -77.20 35.82
CA THR JA 21 4.48 -77.36 34.38
C THR JA 21 5.12 -76.22 33.61
N ALA JA 22 5.02 -74.99 34.12
CA ALA JA 22 5.66 -73.86 33.48
C ALA JA 22 7.18 -74.02 33.45
N ALA JA 23 7.76 -74.48 34.56
CA ALA JA 23 9.19 -74.74 34.59
C ALA JA 23 9.58 -75.82 33.59
N MET JA 24 8.77 -76.88 33.51
CA MET JA 24 9.03 -77.94 32.54
C MET JA 24 8.98 -77.41 31.11
N GLU JA 25 8.02 -76.54 30.82
CA GLU JA 25 7.90 -75.98 29.47
C GLU JA 25 9.11 -75.13 29.11
N LYS JA 26 9.55 -74.27 30.03
CA LYS JA 26 10.71 -73.43 29.76
C LYS JA 26 11.97 -74.27 29.55
N LEU JA 27 12.17 -75.29 30.40
CA LEU JA 27 13.30 -76.18 30.24
C LEU JA 27 13.20 -76.94 28.91
N LYS JA 28 11.98 -77.32 28.52
CA LYS JA 28 11.80 -78.01 27.24
C LYS JA 28 12.18 -77.12 26.07
N ALA JA 29 11.86 -75.83 26.16
CA ALA JA 29 12.26 -74.90 25.10
C ALA JA 29 13.77 -74.81 24.99
N TYR JA 30 14.47 -74.77 26.12
CA TYR JA 30 15.93 -74.79 26.10
C TYR JA 30 16.44 -76.06 25.44
N PHE JA 31 15.89 -77.21 25.83
CA PHE JA 31 16.27 -78.48 25.20
C PHE JA 31 16.01 -78.43 23.70
N ALA JA 32 14.94 -77.75 23.30
CA ALA JA 32 14.50 -77.80 21.90
C ALA JA 32 15.42 -76.99 20.99
N THR JA 33 15.83 -75.80 21.42
CA THR JA 33 16.65 -74.92 20.60
C THR JA 33 18.14 -75.15 20.78
N GLY JA 34 18.53 -76.08 21.65
CA GLY JA 34 19.95 -76.36 21.84
C GLY JA 34 20.65 -76.79 20.57
N GLU JA 35 19.96 -77.50 19.68
CA GLU JA 35 20.61 -78.01 18.47
C GLU JA 35 21.11 -76.88 17.59
N LEU JA 36 20.22 -75.92 17.26
CA LEU JA 36 20.64 -74.79 16.44
C LEU JA 36 21.74 -73.99 17.12
N ARG JA 37 21.60 -73.76 18.43
CA ARG JA 37 22.63 -73.00 19.14
C ARG JA 37 23.98 -73.70 19.07
N VAL JA 38 24.00 -75.02 19.22
CA VAL JA 38 25.26 -75.75 19.24
C VAL JA 38 25.96 -75.67 17.90
N ARG JA 39 25.21 -75.91 16.81
CA ARG JA 39 25.82 -75.87 15.48
C ARG JA 39 26.41 -74.50 15.19
N ALA JA 40 25.66 -73.44 15.52
CA ALA JA 40 26.16 -72.08 15.28
C ALA JA 40 27.40 -71.79 16.11
N ALA JA 41 27.42 -72.26 17.36
CA ALA JA 41 28.58 -72.01 18.21
C ALA JA 41 29.84 -72.64 17.62
N SER JA 42 29.72 -73.86 17.10
CA SER JA 42 30.86 -74.49 16.45
C SER JA 42 31.34 -73.66 15.26
N VAL JA 43 30.39 -73.16 14.45
CA VAL JA 43 30.76 -72.33 13.30
C VAL JA 43 31.48 -71.08 13.76
N ILE JA 44 30.99 -70.45 14.83
CA ILE JA 44 31.61 -69.23 15.35
C ILE JA 44 33.06 -69.51 15.74
N SER JA 45 33.28 -70.59 16.48
CA SER JA 45 34.63 -70.91 16.92
C SER JA 45 35.56 -71.15 15.73
N ALA JA 46 35.05 -71.82 14.70
CA ALA JA 46 35.87 -72.10 13.52
C ALA JA 46 36.29 -70.82 12.80
N ASN JA 47 35.36 -69.88 12.65
CA ASN JA 47 35.64 -68.63 11.94
C ASN JA 47 35.83 -67.45 12.88
N ALA JA 48 36.36 -67.69 14.08
CA ALA JA 48 36.50 -66.62 15.06
C ALA JA 48 37.49 -65.56 14.60
N ALA JA 49 38.64 -65.98 14.07
CA ALA JA 49 39.65 -65.02 13.65
C ALA JA 49 39.14 -64.14 12.52
N ASN JA 50 38.45 -64.74 11.55
CA ASN JA 50 37.89 -63.96 10.45
C ASN JA 50 36.87 -62.94 10.95
N ILE JA 51 36.12 -63.29 12.00
CA ILE JA 51 35.06 -62.40 12.48
C ILE JA 51 35.66 -61.14 13.09
N VAL JA 52 36.68 -61.27 13.94
CA VAL JA 52 37.29 -60.09 14.53
C VAL JA 52 38.01 -59.26 13.48
N LYS JA 53 38.63 -59.93 12.49
CA LYS JA 53 39.23 -59.18 11.39
C LYS JA 53 38.18 -58.37 10.65
N GLU JA 54 37.04 -59.00 10.33
CA GLU JA 54 35.98 -58.28 9.64
C GLU JA 54 35.44 -57.13 10.49
N ALA JA 55 35.31 -57.35 11.80
CA ALA JA 55 34.75 -56.33 12.66
C ALA JA 55 35.63 -55.09 12.74
N VAL JA 56 36.94 -55.27 12.92
CA VAL JA 56 37.82 -54.12 12.98
C VAL JA 56 37.89 -53.42 11.63
N ALA JA 57 37.86 -54.20 10.54
CA ALA JA 57 37.84 -53.58 9.22
C ALA JA 57 36.59 -52.74 9.02
N LYS JA 58 35.43 -53.26 9.45
CA LYS JA 58 34.18 -52.56 9.25
C LYS JA 58 34.01 -51.36 10.19
N SER JA 59 34.56 -51.43 11.40
CA SER JA 59 34.31 -50.40 12.40
C SER JA 59 35.58 -49.68 12.84
N LEU JA 60 36.59 -50.41 13.33
CA LEU JA 60 37.65 -49.81 14.13
C LEU JA 60 38.91 -49.48 13.32
N LEU JA 61 38.99 -49.84 12.05
CA LEU JA 61 40.20 -49.64 11.28
C LEU JA 61 40.00 -48.57 10.22
N TYR JA 62 41.12 -48.04 9.73
CA TYR JA 62 41.13 -46.93 8.76
C TYR JA 62 40.37 -45.72 9.31
N SER JA 63 40.75 -45.29 10.51
CA SER JA 63 40.15 -44.13 11.15
C SER JA 63 41.17 -43.51 12.08
N ASP JA 64 40.73 -42.54 12.88
CA ASP JA 64 41.63 -41.89 13.82
C ASP JA 64 42.01 -42.80 14.97
N ILE JA 65 41.18 -43.79 15.28
CA ILE JA 65 41.49 -44.71 16.38
C ILE JA 65 42.83 -45.38 16.14
N THR JA 66 43.04 -45.89 14.93
CA THR JA 66 44.30 -46.53 14.58
C THR JA 66 45.33 -45.55 14.04
N ARG JA 67 44.93 -44.33 13.70
CA ARG JA 67 45.89 -43.28 13.36
C ARG JA 67 46.47 -42.71 14.66
N PRO JA 68 47.52 -41.87 14.57
CA PRO JA 68 48.28 -41.53 15.79
C PRO JA 68 47.41 -40.92 16.88
N GLY JA 69 47.70 -41.32 18.12
CA GLY JA 69 47.02 -40.81 19.28
C GLY JA 69 45.59 -41.29 19.44
N GLY JA 70 45.22 -42.41 18.83
CA GLY JA 70 43.83 -42.84 18.86
C GLY JA 70 43.52 -44.00 19.79
N MET JA 72 44.89 -46.77 19.68
CA MET JA 72 45.30 -47.99 18.97
C MET JA 72 46.52 -47.69 18.11
N TYR JA 73 47.07 -46.49 18.26
CA TYR JA 73 48.17 -46.07 17.39
C TYR JA 73 49.37 -47.00 17.51
N THR JA 74 49.61 -47.58 18.69
CA THR JA 74 50.75 -48.44 18.91
C THR JA 74 50.34 -49.91 18.78
N THR JA 75 51.34 -50.76 18.49
CA THR JA 75 51.08 -52.17 18.29
C THR JA 75 50.57 -52.83 19.57
N ARG JA 76 51.06 -52.39 20.73
CA ARG JA 76 50.58 -52.93 21.99
C ARG JA 76 49.08 -52.69 22.14
N ARG JA 77 48.64 -51.46 21.88
CA ARG JA 77 47.23 -51.14 21.99
C ARG JA 77 46.41 -51.90 20.95
N TYR JA 78 46.92 -52.02 19.73
CA TYR JA 78 46.20 -52.77 18.70
C TYR JA 78 46.04 -54.22 19.10
N ALA JA 79 47.12 -54.84 19.59
CA ALA JA 79 47.05 -56.24 20.00
C ALA JA 79 46.06 -56.42 21.12
N ALA JA 80 46.06 -55.51 22.10
CA ALA JA 80 45.08 -55.58 23.17
C ALA JA 80 43.66 -55.38 22.65
N CYS JA 81 43.49 -54.55 21.62
CA CYS JA 81 42.14 -54.28 21.10
C CYS JA 81 41.57 -55.52 20.42
N ILE JA 82 42.34 -56.16 19.55
CA ILE JA 82 41.85 -57.38 18.92
C ILE JA 82 41.69 -58.49 19.95
N ARG JA 83 42.58 -58.54 20.94
CA ARG JA 83 42.42 -59.49 22.03
C ARG JA 83 41.12 -59.25 22.80
N ASP JA 84 40.81 -57.98 23.07
CA ASP JA 84 39.58 -57.66 23.80
C ASP JA 84 38.36 -58.08 23.02
N LEU JA 85 38.34 -57.83 21.70
CA LEU JA 85 37.24 -58.29 20.89
C LEU JA 85 37.15 -59.81 20.90
N ASP JA 86 38.30 -60.48 20.88
CA ASP JA 86 38.30 -61.94 20.91
C ASP JA 86 37.70 -62.47 22.21
N TYR JA 87 38.09 -61.88 23.35
CA TYR JA 87 37.50 -62.28 24.62
C TYR JA 87 36.00 -61.99 24.65
N TYR JA 88 35.60 -60.81 24.17
CA TYR JA 88 34.19 -60.48 24.08
C TYR JA 88 33.43 -61.57 23.34
N LEU JA 89 33.93 -61.96 22.18
CA LEU JA 89 33.28 -63.00 21.41
C LEU JA 89 33.30 -64.34 22.13
N ARG JA 90 34.42 -64.71 22.77
CA ARG JA 90 34.50 -66.03 23.38
C ARG JA 90 33.51 -66.17 24.53
N TYR JA 91 33.50 -65.21 25.45
CA TYR JA 91 32.55 -65.30 26.56
C TYR JA 91 31.12 -65.12 26.08
N ALA JA 92 30.91 -64.33 25.03
CA ALA JA 92 29.58 -64.19 24.46
C ALA JA 92 29.09 -65.52 23.87
N THR JA 93 29.97 -66.26 23.20
CA THR JA 93 29.56 -67.53 22.64
C THR JA 93 29.35 -68.57 23.74
N TYR JA 94 30.20 -68.56 24.77
CA TYR JA 94 29.93 -69.32 25.98
C TYR JA 94 28.49 -69.08 26.43
N ALA JA 95 28.14 -67.81 26.62
CA ALA JA 95 26.82 -67.47 27.13
C ALA JA 95 25.72 -67.83 26.14
N MET JA 96 25.98 -67.70 24.85
CA MET JA 96 24.97 -68.06 23.85
C MET JA 96 24.67 -69.55 23.88
N LEU JA 97 25.71 -70.37 24.04
CA LEU JA 97 25.49 -71.80 24.24
C LEU JA 97 24.68 -72.05 25.50
N ALA JA 98 25.06 -71.38 26.60
CA ALA JA 98 24.34 -71.54 27.86
C ALA JA 98 22.89 -71.12 27.73
N GLY JA 99 22.62 -70.10 26.92
CA GLY JA 99 21.28 -69.58 26.75
C GLY JA 99 20.90 -68.49 27.73
N ASP JA 100 21.73 -68.23 28.75
CA ASP JA 100 21.42 -67.26 29.78
C ASP JA 100 22.34 -66.06 29.70
N PRO JA 101 21.81 -64.84 29.70
CA PRO JA 101 22.68 -63.66 29.69
C PRO JA 101 23.40 -63.42 31.01
N SER JA 102 23.11 -64.20 32.06
CA SER JA 102 23.72 -63.94 33.36
C SER JA 102 25.22 -64.21 33.36
N ILE JA 103 25.68 -65.18 32.57
CA ILE JA 103 27.08 -65.57 32.62
C ILE JA 103 27.99 -64.42 32.19
N LEU JA 104 27.61 -63.73 31.10
CA LEU JA 104 28.44 -62.63 30.62
C LEU JA 104 28.52 -61.52 31.65
N ASP JA 105 27.40 -61.21 32.32
CA ASP JA 105 27.43 -60.21 33.37
C ASP JA 105 28.34 -60.64 34.51
N GLU JA 106 28.38 -61.94 34.80
CA GLU JA 106 29.24 -62.43 35.87
C GLU JA 106 30.71 -62.21 35.54
N ARG JA 107 31.12 -62.50 34.31
CA ARG JA 107 32.53 -62.40 33.94
C ARG JA 107 32.82 -61.21 33.04
N VAL JA 108 32.15 -61.10 31.90
CA VAL JA 108 32.52 -60.09 30.91
C VAL JA 108 32.19 -58.68 31.42
N LEU JA 109 31.04 -58.52 32.07
CA LEU JA 109 30.52 -57.20 32.41
C LEU JA 109 30.74 -56.83 33.89
N ASN JA 110 31.60 -57.54 34.60
CA ASN JA 110 31.87 -57.24 36.01
C ASN JA 110 33.04 -56.27 36.06
N GLY JA 111 32.73 -54.99 36.26
CA GLY JA 111 33.75 -53.97 36.33
C GLY JA 111 34.36 -53.58 35.00
N LEU JA 112 33.83 -54.08 33.89
CA LEU JA 112 34.41 -53.79 32.59
C LEU JA 112 34.31 -52.31 32.24
N LYS JA 113 33.16 -51.69 32.51
CA LYS JA 113 33.00 -50.27 32.21
C LYS JA 113 33.96 -49.42 33.03
N GLU JA 114 34.11 -49.74 34.31
CA GLU JA 114 35.04 -49.00 35.15
C GLU JA 114 36.47 -49.15 34.66
N THR JA 115 36.87 -50.36 34.29
CA THR JA 115 38.23 -50.59 33.81
C THR JA 115 38.48 -49.79 32.53
N TYR JA 116 37.54 -49.85 31.58
CA TYR JA 116 37.72 -49.13 30.33
C TYR JA 116 37.76 -47.63 30.56
N ASN JA 117 36.90 -47.11 31.45
CA ASN JA 117 36.94 -45.69 31.77
C ASN JA 117 38.30 -45.28 32.33
N SER JA 118 38.84 -46.09 33.23
CA SER JA 118 40.13 -45.76 33.84
C SER JA 118 41.24 -45.74 32.80
N LEU JA 119 41.26 -46.72 31.90
CA LEU JA 119 42.35 -46.82 30.94
C LEU JA 119 42.21 -45.83 29.79
N GLY JA 120 41.03 -45.24 29.60
CA GLY JA 120 40.82 -44.30 28.51
C GLY JA 120 40.32 -44.91 27.22
N VAL JA 121 39.89 -46.16 27.25
CA VAL JA 121 39.30 -46.77 26.05
C VAL JA 121 38.02 -46.05 25.70
N PRO JA 122 37.75 -45.77 24.42
CA PRO JA 122 36.46 -45.17 24.06
C PRO JA 122 35.31 -46.16 24.19
N ILE JA 123 34.41 -45.89 25.15
CA ILE JA 123 33.28 -46.78 25.37
C ILE JA 123 32.44 -46.91 24.10
N ALA JA 124 32.17 -45.78 23.44
CA ALA JA 124 31.36 -45.80 22.23
C ALA JA 124 32.03 -46.62 21.13
N ALA JA 125 33.34 -46.45 20.95
CA ALA JA 125 34.04 -47.21 19.92
C ALA JA 125 33.97 -48.70 20.19
N THR JA 126 34.11 -49.10 21.46
CA THR JA 126 33.96 -50.51 21.80
C THR JA 126 32.55 -51.00 21.50
N VAL JA 127 31.54 -50.17 21.77
CA VAL JA 127 30.16 -50.57 21.51
C VAL JA 127 29.93 -50.75 20.01
N GLN JA 128 30.45 -49.84 19.20
CA GLN JA 128 30.26 -49.95 17.75
C GLN JA 128 31.04 -51.14 17.20
N ALA JA 129 32.22 -51.43 17.76
CA ALA JA 129 32.95 -52.63 17.36
C ALA JA 129 32.16 -53.89 17.70
N ILE JA 130 31.52 -53.89 18.87
CA ILE JA 130 30.68 -55.03 19.25
C ILE JA 130 29.52 -55.18 18.27
N GLN JA 131 28.91 -54.06 17.88
CA GLN JA 131 27.82 -54.12 16.91
C GLN JA 131 28.31 -54.62 15.55
N ALA JA 132 29.51 -54.20 15.14
CA ALA JA 132 30.08 -54.70 13.89
C ALA JA 132 30.32 -56.21 13.96
N MET JA 133 30.83 -56.68 15.10
CA MET JA 133 30.93 -58.12 15.32
C MET JA 133 29.57 -58.78 15.22
N LYS JA 134 28.54 -58.11 15.74
CA LYS JA 134 27.19 -58.68 15.69
C LYS JA 134 26.75 -58.89 14.25
N GLU JA 135 27.02 -57.92 13.38
CA GLU JA 135 26.67 -58.08 11.97
C GLU JA 135 27.45 -59.23 11.33
N VAL JA 136 28.77 -59.28 11.56
CA VAL JA 136 29.58 -60.34 10.96
C VAL JA 136 29.16 -61.70 11.50
N THR JA 137 28.94 -61.79 12.81
CA THR JA 137 28.53 -63.06 13.41
C THR JA 137 27.17 -63.50 12.90
N ALA JA 138 26.25 -62.55 12.72
CA ALA JA 138 24.95 -62.90 12.16
C ALA JA 138 25.09 -63.43 10.74
N SER JA 139 25.98 -62.83 9.96
CA SER JA 139 26.20 -63.31 8.59
C SER JA 139 26.71 -64.74 8.58
N LEU JA 140 27.70 -65.05 9.41
CA LEU JA 140 28.27 -66.40 9.42
C LEU JA 140 27.31 -67.41 10.04
N VAL JA 141 26.67 -67.05 11.15
CA VAL JA 141 25.83 -68.00 11.88
C VAL JA 141 24.53 -68.27 11.14
N GLY JA 142 24.00 -67.29 10.42
CA GLY JA 142 22.67 -67.39 9.86
C GLY JA 142 21.64 -66.67 10.72
N ALA JA 143 20.48 -66.41 10.12
CA ALA JA 143 19.50 -65.54 10.76
C ALA JA 143 18.94 -66.15 12.05
N ASP JA 144 18.52 -67.41 11.99
CA ASP JA 144 17.88 -68.03 13.14
C ASP JA 144 18.84 -68.09 14.33
N ALA JA 145 20.05 -68.56 14.10
CA ALA JA 145 21.05 -68.62 15.17
C ALA JA 145 21.61 -67.25 15.48
N GLY JA 146 21.84 -66.43 14.45
CA GLY JA 146 22.40 -65.10 14.67
C GLY JA 146 21.49 -64.21 15.49
N LYS JA 147 20.18 -64.35 15.32
CA LYS JA 147 19.24 -63.58 16.14
C LYS JA 147 19.41 -63.92 17.62
N GLU JA 148 19.57 -65.21 17.94
CA GLU JA 148 19.84 -65.60 19.32
C GLU JA 148 21.19 -65.06 19.78
N MET JA 149 22.22 -65.16 18.93
CA MET JA 149 23.52 -64.62 19.29
C MET JA 149 23.47 -63.10 19.44
N GLY JA 150 22.66 -62.44 18.60
CA GLY JA 150 22.58 -61.00 18.65
C GLY JA 150 22.03 -60.47 19.97
N ILE JA 151 21.10 -61.20 20.59
CA ILE JA 151 20.53 -60.76 21.85
C ILE JA 151 21.60 -60.70 22.93
N TYR JA 152 22.45 -61.73 23.00
CA TYR JA 152 23.47 -61.77 24.04
C TYR JA 152 24.63 -60.83 23.71
N PHE JA 153 24.97 -60.69 22.42
CA PHE JA 153 25.91 -59.65 22.02
C PHE JA 153 25.41 -58.27 22.45
N ASP JA 154 24.13 -57.99 22.19
CA ASP JA 154 23.55 -56.71 22.55
C ASP JA 154 23.54 -56.50 24.05
N TYR JA 155 23.36 -57.57 24.83
CA TYR JA 155 23.47 -57.44 26.28
C TYR JA 155 24.86 -57.00 26.69
N ILE JA 156 25.89 -57.52 26.02
CA ILE JA 156 27.25 -57.07 26.30
C ILE JA 156 27.40 -55.60 25.99
N CYS JA 157 26.85 -55.14 24.85
CA CYS JA 157 26.93 -53.72 24.51
C CYS JA 157 26.19 -52.88 25.54
N SER JA 158 25.03 -53.35 26.00
CA SER JA 158 24.26 -52.61 27.00
C SER JA 158 25.04 -52.45 28.29
N GLY JA 159 25.73 -53.52 28.71
CA GLY JA 159 26.58 -53.41 29.88
C GLY JA 159 27.69 -52.39 29.70
N LEU JA 160 28.29 -52.34 28.51
CA LEU JA 160 29.35 -51.37 28.26
C LEU JA 160 28.84 -49.94 28.35
N SER JA 161 27.67 -49.69 27.77
CA SER JA 161 27.09 -48.34 27.79
C SER JA 161 25.99 -48.22 28.84
N SER KA 2 64.65 -43.41 26.70
CA SER KA 2 66.05 -43.05 26.53
C SER KA 2 66.96 -44.09 27.18
N VAL KA 3 68.26 -43.99 26.89
CA VAL KA 3 69.23 -44.82 27.60
C VAL KA 3 69.16 -44.54 29.09
N VAL KA 4 68.97 -43.27 29.45
CA VAL KA 4 68.77 -42.90 30.85
C VAL KA 4 67.53 -43.58 31.41
N THR KA 5 66.46 -43.66 30.61
CA THR KA 5 65.24 -44.30 31.06
C THR KA 5 65.46 -45.79 31.34
N LYS KA 6 66.20 -46.47 30.46
CA LYS KA 6 66.51 -47.88 30.69
C LYS KA 6 67.34 -48.06 31.94
N SER KA 7 68.35 -47.20 32.13
CA SER KA 7 69.18 -47.27 33.34
C SER KA 7 68.35 -47.02 34.59
N ILE KA 8 67.41 -46.08 34.51
CA ILE KA 8 66.56 -45.77 35.66
C ILE KA 8 65.69 -46.97 36.01
N VAL KA 9 65.17 -47.67 35.00
CA VAL KA 9 64.35 -48.85 35.26
C VAL KA 9 65.17 -49.92 35.97
N ASN KA 10 66.39 -50.16 35.49
CA ASN KA 10 67.26 -51.13 36.14
C ASN KA 10 67.57 -50.71 37.58
N ALA KA 11 67.84 -49.42 37.79
CA ALA KA 11 68.14 -48.94 39.13
C ALA KA 11 66.94 -49.08 40.05
N ASP KA 12 65.73 -48.80 39.55
CA ASP KA 12 64.54 -48.93 40.38
C ASP KA 12 64.32 -50.38 40.80
N ALA KA 13 64.55 -51.33 39.88
CA ALA KA 13 64.47 -52.73 40.26
C ALA KA 13 65.55 -53.09 41.28
N GLU KA 14 66.76 -52.57 41.09
CA GLU KA 14 67.85 -52.85 42.02
C GLU KA 14 67.68 -52.16 43.36
N ALA KA 15 66.76 -51.20 43.47
CA ALA KA 15 66.55 -50.43 44.70
C ALA KA 15 67.83 -49.73 45.14
N ARG KA 16 68.60 -49.24 44.17
CA ARG KA 16 69.85 -48.54 44.47
C ARG KA 16 69.97 -47.34 43.55
N TYR KA 17 70.68 -46.33 44.04
CA TYR KA 17 70.99 -45.17 43.21
C TYR KA 17 71.74 -45.61 41.96
N LEU KA 18 71.68 -44.76 40.93
CA LEU KA 18 72.29 -45.10 39.64
C LEU KA 18 73.76 -45.46 39.82
N SER KA 19 74.17 -46.55 39.20
CA SER KA 19 75.54 -47.00 39.32
C SER KA 19 76.50 -45.99 38.67
N PRO KA 20 77.74 -45.93 39.16
CA PRO KA 20 78.69 -44.99 38.52
C PRO KA 20 78.90 -45.26 37.04
N GLY KA 21 78.98 -46.53 36.65
CA GLY KA 21 79.08 -46.86 35.23
C GLY KA 21 77.82 -46.51 34.46
N GLU KA 22 76.66 -46.71 35.08
CA GLU KA 22 75.41 -46.31 34.44
C GLU KA 22 75.37 -44.81 34.20
N LEU KA 23 75.79 -44.02 35.19
CA LEU KA 23 75.90 -42.58 34.99
C LEU KA 23 76.90 -42.25 33.90
N ASP KA 24 77.98 -43.04 33.79
CA ASP KA 24 78.96 -42.81 32.74
C ASP KA 24 78.34 -42.99 31.35
N ARG KA 25 77.51 -44.03 31.17
CA ARG KA 25 76.84 -44.19 29.90
C ARG KA 25 75.86 -43.05 29.63
N ILE KA 26 75.19 -42.57 30.68
CA ILE KA 26 74.33 -41.39 30.53
C ILE KA 26 75.17 -40.20 30.07
N LYS KA 27 76.37 -40.05 30.60
CA LYS KA 27 77.27 -38.99 30.16
C LYS KA 27 77.63 -39.16 28.69
N ASN KA 28 77.88 -40.41 28.27
CA ASN KA 28 78.16 -40.67 26.85
C ASN KA 28 76.97 -40.31 25.98
N PHE KA 29 75.75 -40.63 26.44
CA PHE KA 29 74.55 -40.26 25.71
C PHE KA 29 74.44 -38.74 25.60
N VAL KA 30 74.79 -38.02 26.67
CA VAL KA 30 74.79 -36.56 26.62
C VAL KA 30 75.77 -36.07 25.58
N SER KA 31 76.96 -36.66 25.53
CA SER KA 31 77.96 -36.25 24.54
C SER KA 31 77.48 -36.50 23.12
N THR KA 32 76.84 -37.65 22.89
CA THR KA 32 76.42 -38.05 21.56
C THR KA 32 75.06 -37.52 21.17
N GLY KA 33 74.43 -36.68 22.02
CA GLY KA 33 73.15 -36.11 21.66
C GLY KA 33 73.19 -35.32 20.37
N GLU KA 34 74.24 -34.49 20.19
CA GLU KA 34 74.34 -33.68 18.99
C GLU KA 34 74.52 -34.53 17.74
N ARG KA 35 75.42 -35.51 17.80
CA ARG KA 35 75.65 -36.37 16.65
C ARG KA 35 74.40 -37.19 16.31
N ARG KA 36 73.75 -37.73 17.33
CA ARG KA 36 72.52 -38.49 17.10
C ARG KA 36 71.44 -37.61 16.48
N LEU KA 37 71.31 -36.38 16.97
CA LEU KA 37 70.31 -35.47 16.41
C LEU KA 37 70.62 -35.16 14.95
N ARG KA 38 71.89 -34.98 14.61
CA ARG KA 38 72.25 -34.72 13.22
C ARG KA 38 71.89 -35.90 12.32
N ILE KA 39 72.16 -37.13 12.77
CA ILE KA 39 71.82 -38.30 11.98
C ILE KA 39 70.31 -38.39 11.81
N ALA KA 40 69.56 -38.14 12.87
CA ALA KA 40 68.10 -38.18 12.79
C ALA KA 40 67.58 -37.11 11.83
N GLN KA 41 68.20 -35.93 11.86
CA GLN KA 41 67.79 -34.87 10.93
C GLN KA 41 68.01 -35.28 9.49
N THR KA 42 69.12 -35.96 9.21
CA THR KA 42 69.37 -36.44 7.85
C THR KA 42 68.29 -37.42 7.42
N LEU KA 43 67.93 -38.37 8.29
CA LEU KA 43 66.91 -39.34 7.94
C LEU KA 43 65.57 -38.65 7.68
N THR KA 44 65.18 -37.73 8.55
CA THR KA 44 63.92 -37.02 8.37
C THR KA 44 63.93 -36.19 7.09
N GLU KA 45 65.08 -35.58 6.76
CA GLU KA 45 65.18 -34.77 5.56
C GLU KA 45 64.98 -35.62 4.30
N ASN KA 46 65.60 -36.80 4.26
CA ASN KA 46 65.50 -37.68 3.10
C ASN KA 46 64.41 -38.74 3.27
N ARG KA 47 63.39 -38.45 4.07
CA ARG KA 47 62.40 -39.45 4.44
C ARG KA 47 61.65 -40.01 3.25
N GLU KA 48 61.11 -39.14 2.39
CA GLU KA 48 60.26 -39.61 1.30
C GLU KA 48 61.03 -40.49 0.33
N ARG KA 49 62.23 -40.06 -0.07
CA ARG KA 49 63.01 -40.84 -1.02
C ARG KA 49 63.50 -42.15 -0.41
N ILE KA 50 63.84 -42.14 0.88
CA ILE KA 50 64.38 -43.33 1.52
C ILE KA 50 63.35 -44.46 1.51
N VAL KA 51 62.14 -44.17 1.99
CA VAL KA 51 61.13 -45.22 2.04
C VAL KA 51 60.55 -45.53 0.67
N LYS KA 52 60.58 -44.57 -0.26
CA LYS KA 52 60.16 -44.87 -1.63
C LYS KA 52 61.07 -45.94 -2.25
N GLN KA 53 62.38 -45.73 -2.17
CA GLN KA 53 63.32 -46.73 -2.70
C GLN KA 53 63.18 -48.05 -1.94
N ALA KA 54 62.99 -47.98 -0.62
CA ALA KA 54 62.83 -49.20 0.16
C ALA KA 54 61.59 -49.97 -0.27
N GLY KA 55 60.50 -49.26 -0.53
CA GLY KA 55 59.29 -49.93 -0.99
C GLY KA 55 59.48 -50.64 -2.32
N ASP KA 56 60.16 -49.97 -3.25
CA ASP KA 56 60.46 -50.62 -4.53
C ASP KA 56 61.31 -51.87 -4.33
N GLN KA 57 62.33 -51.77 -3.47
CA GLN KA 57 63.20 -52.93 -3.21
C GLN KA 57 62.43 -54.07 -2.58
N LEU KA 58 61.57 -53.77 -1.60
CA LEU KA 58 60.81 -54.83 -0.92
C LEU KA 58 59.84 -55.51 -1.87
N PHE KA 59 59.13 -54.73 -2.69
CA PHE KA 59 58.23 -55.33 -3.66
C PHE KA 59 58.98 -56.14 -4.70
N GLN KA 60 60.19 -55.71 -5.06
CA GLN KA 60 61.00 -56.50 -5.97
C GLN KA 60 61.44 -57.81 -5.33
N LYS KA 61 61.84 -57.76 -4.06
CA LYS KA 61 62.31 -58.97 -3.38
C LYS KA 61 61.19 -59.99 -3.23
N ARG KA 62 59.99 -59.55 -2.84
CA ARG KA 62 58.84 -60.43 -2.67
C ARG KA 62 57.69 -59.85 -3.47
N PRO KA 63 57.59 -60.19 -4.76
CA PRO KA 63 56.52 -59.62 -5.58
C PRO KA 63 55.11 -60.04 -5.19
N ASP KA 64 54.95 -61.07 -4.34
CA ASP KA 64 53.61 -61.51 -3.99
C ASP KA 64 52.95 -60.63 -2.93
N VAL KA 65 53.73 -59.79 -2.24
CA VAL KA 65 53.13 -58.82 -1.35
C VAL KA 65 52.20 -57.90 -2.14
N VAL KA 66 52.64 -57.46 -3.32
CA VAL KA 66 51.91 -56.48 -4.11
C VAL KA 66 51.17 -57.08 -5.29
N SER KA 67 51.27 -58.39 -5.50
CA SER KA 67 50.61 -59.01 -6.65
C SER KA 67 49.16 -59.33 -6.32
N PRO KA 68 48.38 -59.71 -7.33
CA PRO KA 68 46.98 -60.10 -7.05
C PRO KA 68 46.94 -61.29 -6.09
N GLY KA 69 45.99 -61.22 -5.15
CA GLY KA 69 45.96 -62.17 -4.07
C GLY KA 69 46.91 -61.86 -2.93
N GLY KA 70 47.78 -60.87 -3.10
CA GLY KA 70 48.67 -60.47 -2.02
C GLY KA 70 47.98 -59.56 -1.02
N ASN KA 71 48.64 -59.38 0.12
CA ASN KA 71 48.06 -58.57 1.18
C ASN KA 71 47.88 -57.13 0.73
N ALA KA 72 48.86 -56.56 0.03
CA ALA KA 72 48.82 -55.17 -0.39
C ALA KA 72 48.40 -55.01 -1.84
N TYR KA 73 47.72 -56.00 -2.40
CA TYR KA 73 47.25 -55.88 -3.77
C TYR KA 73 46.35 -54.66 -3.93
N GLY KA 74 46.67 -53.82 -4.90
CA GLY KA 74 45.92 -52.61 -5.12
C GLY KA 74 46.63 -51.38 -4.59
N GLU KA 75 46.29 -50.23 -5.19
CA GLU KA 75 47.00 -48.99 -4.88
C GLU KA 75 46.79 -48.56 -3.43
N GLU KA 76 45.55 -48.63 -2.93
CA GLU KA 76 45.27 -48.15 -1.58
C GLU KA 76 46.00 -48.99 -0.55
N MET KA 77 45.95 -50.32 -0.69
CA MET KA 77 46.64 -51.18 0.26
C MET KA 77 48.16 -51.06 0.15
N THR KA 78 48.67 -50.82 -1.06
CA THR KA 78 50.10 -50.56 -1.20
C THR KA 78 50.51 -49.28 -0.49
N ALA KA 79 49.67 -48.25 -0.57
CA ALA KA 79 49.94 -47.03 0.17
C ALA KA 79 49.90 -47.28 1.68
N THR KA 80 48.96 -48.12 2.13
CA THR KA 80 48.91 -48.47 3.54
C THR KA 80 50.17 -49.22 3.97
N CYS KA 81 50.68 -50.09 3.09
CA CYS KA 81 51.94 -50.78 3.37
C CYS KA 81 53.08 -49.78 3.50
N LEU KA 82 53.11 -48.78 2.62
CA LEU KA 82 54.12 -47.74 2.72
C LEU KA 82 53.98 -46.96 4.04
N ARG KA 83 52.74 -46.74 4.48
CA ARG KA 83 52.53 -46.06 5.75
C ARG KA 83 53.10 -46.89 6.91
N ASP KA 84 52.87 -48.20 6.90
CA ASP KA 84 53.42 -49.05 7.95
C ASP KA 84 54.94 -48.95 7.97
N LEU KA 85 55.56 -48.97 6.78
CA LEU KA 85 57.00 -48.77 6.69
C LEU KA 85 57.40 -47.40 7.22
N ASP KA 86 56.59 -46.36 6.92
CA ASP KA 86 56.88 -45.02 7.40
C ASP KA 86 56.74 -44.93 8.92
N TYR KA 87 55.75 -45.61 9.48
CA TYR KA 87 55.65 -45.71 10.94
C TYR KA 87 56.94 -46.26 11.52
N TYR KA 88 57.45 -47.34 10.93
CA TYR KA 88 58.70 -47.93 11.39
C TYR KA 88 59.87 -46.95 11.23
N LEU KA 89 59.92 -46.23 10.11
CA LEU KA 89 61.01 -45.29 9.89
C LEU KA 89 61.00 -44.18 10.93
N ARG KA 90 59.82 -43.66 11.24
CA ARG KA 90 59.71 -42.61 12.26
C ARG KA 90 60.12 -43.15 13.62
N LEU KA 91 59.74 -44.39 13.92
CA LEU KA 91 60.16 -45.00 15.18
C LEU KA 91 61.68 -45.15 15.24
N VAL KA 92 62.30 -45.49 14.12
CA VAL KA 92 63.75 -45.63 14.09
C VAL KA 92 64.42 -44.29 14.33
N THR KA 93 63.87 -43.22 13.76
CA THR KA 93 64.41 -41.88 14.00
C THR KA 93 64.27 -41.50 15.48
N TYR KA 94 63.10 -41.78 16.08
CA TYR KA 94 62.93 -41.56 17.50
C TYR KA 94 63.97 -42.33 18.30
N GLY KA 95 64.19 -43.60 17.93
CA GLY KA 95 65.14 -44.42 18.66
C GLY KA 95 66.56 -43.95 18.52
N ILE KA 96 66.93 -43.45 17.33
CA ILE KA 96 68.26 -42.90 17.14
C ILE KA 96 68.47 -41.69 18.04
N VAL KA 97 67.46 -40.83 18.14
CA VAL KA 97 67.54 -39.71 19.08
C VAL KA 97 67.64 -40.22 20.51
N ALA KA 98 66.86 -41.24 20.85
CA ALA KA 98 66.83 -41.75 22.22
C ALA KA 98 68.14 -42.39 22.62
N GLY KA 99 68.85 -43.01 21.67
CA GLY KA 99 70.05 -43.76 22.01
C GLY KA 99 69.78 -45.12 22.60
N ASP KA 100 68.54 -45.59 22.60
CA ASP KA 100 68.19 -46.87 23.19
C ASP KA 100 67.02 -47.47 22.43
N VAL KA 101 66.83 -48.78 22.63
CA VAL KA 101 65.69 -49.48 22.03
C VAL KA 101 64.38 -49.22 22.75
N THR KA 102 64.42 -48.47 23.86
CA THR KA 102 63.21 -48.22 24.63
C THR KA 102 62.12 -47.56 23.81
N PRO KA 103 62.39 -46.56 22.96
CA PRO KA 103 61.30 -45.95 22.19
C PRO KA 103 60.61 -46.92 21.25
N ILE KA 104 61.38 -47.73 20.51
CA ILE KA 104 60.79 -48.62 19.52
C ILE KA 104 60.03 -49.76 20.20
N GLU KA 105 60.60 -50.31 21.27
CA GLU KA 105 60.01 -51.52 21.85
C GLU KA 105 58.57 -51.30 22.27
N GLU KA 106 58.27 -50.14 22.85
CA GLU KA 106 56.90 -49.83 23.25
C GLU KA 106 55.99 -49.53 22.08
N ILE KA 107 56.53 -49.28 20.89
CA ILE KA 107 55.73 -48.92 19.72
C ILE KA 107 56.22 -49.71 18.52
N GLY KA 108 55.52 -50.78 18.18
CA GLY KA 108 55.84 -51.57 17.00
C GLY KA 108 56.71 -52.78 17.24
N LEU KA 109 57.16 -53.02 18.47
CA LEU KA 109 57.92 -54.21 18.77
C LEU KA 109 57.31 -55.03 19.90
N VAL KA 110 56.14 -54.64 20.40
CA VAL KA 110 55.41 -55.39 21.42
C VAL KA 110 54.07 -55.79 20.82
N GLY KA 111 53.85 -57.09 20.63
CA GLY KA 111 52.61 -57.56 20.07
C GLY KA 111 52.45 -57.33 18.58
N VAL KA 112 53.49 -56.85 17.91
CA VAL KA 112 53.40 -56.53 16.48
C VAL KA 112 53.08 -57.78 15.68
N ARG KA 113 53.64 -58.92 16.09
CA ARG KA 113 53.35 -60.17 15.39
C ARG KA 113 51.86 -60.49 15.45
N GLU KA 114 51.24 -60.31 16.62
CA GLU KA 114 49.81 -60.57 16.75
C GLU KA 114 48.99 -59.64 15.85
N MET KA 115 49.33 -58.35 15.84
CA MET KA 115 48.57 -57.40 15.02
C MET KA 115 48.70 -57.74 13.54
N TYR KA 116 49.92 -58.01 13.07
CA TYR KA 116 50.11 -58.30 11.66
C TYR KA 116 49.43 -59.61 11.26
N ASN KA 117 49.46 -60.61 12.15
CA ASN KA 117 48.77 -61.86 11.86
C ASN KA 117 47.27 -61.63 11.74
N SER KA 118 46.70 -60.77 12.58
CA SER KA 118 45.27 -60.50 12.52
C SER KA 118 44.88 -59.85 11.20
N LEU KA 119 45.62 -58.81 10.79
CA LEU KA 119 45.29 -58.14 9.54
C LEU KA 119 45.58 -59.01 8.32
N GLY KA 120 46.62 -59.83 8.38
CA GLY KA 120 46.97 -60.73 7.30
C GLY KA 120 48.26 -60.39 6.59
N THR KA 121 48.89 -59.27 6.91
CA THR KA 121 50.13 -58.89 6.27
C THR KA 121 51.26 -59.86 6.64
N PRO KA 122 52.20 -60.11 5.73
CA PRO KA 122 53.26 -61.09 5.99
C PRO KA 122 54.38 -60.51 6.83
N ILE KA 123 54.60 -61.09 8.01
CA ILE KA 123 55.65 -60.61 8.90
C ILE KA 123 57.04 -60.71 8.26
N PRO KA 124 57.42 -61.81 7.63
CA PRO KA 124 58.75 -61.87 7.00
C PRO KA 124 58.96 -60.79 5.96
N ALA KA 125 57.93 -60.49 5.16
CA ALA KA 125 58.08 -59.45 4.15
C ALA KA 125 58.24 -58.08 4.78
N VAL KA 126 57.55 -57.82 5.89
CA VAL KA 126 57.75 -56.57 6.62
C VAL KA 126 59.20 -56.46 7.07
N ALA KA 127 59.76 -57.56 7.60
CA ALA KA 127 61.14 -57.55 8.06
C ALA KA 127 62.09 -57.23 6.90
N GLU KA 128 61.85 -57.81 5.73
CA GLU KA 128 62.68 -57.51 4.57
C GLU KA 128 62.59 -56.05 4.19
N GLY KA 129 61.40 -55.47 4.29
CA GLY KA 129 61.25 -54.05 4.01
C GLY KA 129 62.11 -53.19 4.91
N ILE KA 130 62.17 -53.54 6.20
CA ILE KA 130 63.03 -52.80 7.12
C ILE KA 130 64.49 -52.96 6.72
N ARG KA 131 64.88 -54.15 6.28
CA ARG KA 131 66.24 -54.37 5.82
C ARG KA 131 66.56 -53.49 4.61
N ALA KA 132 65.61 -53.38 3.67
CA ALA KA 132 65.81 -52.50 2.53
C ALA KA 132 65.99 -51.05 2.98
N MET KA 133 65.22 -50.63 4.00
CA MET KA 133 65.41 -49.31 4.58
C MET KA 133 66.81 -49.15 5.13
N LYS KA 134 67.34 -50.19 5.80
CA LYS KA 134 68.67 -50.12 6.35
C LYS KA 134 69.71 -49.89 5.27
N ASN KA 135 69.58 -50.59 4.15
CA ASN KA 135 70.51 -50.39 3.04
C ASN KA 135 70.42 -48.97 2.49
N VAL KA 136 69.20 -48.47 2.31
CA VAL KA 136 69.02 -47.11 1.79
C VAL KA 136 69.61 -46.09 2.75
N ALA KA 137 69.40 -46.29 4.05
CA ALA KA 137 69.91 -45.36 5.04
C ALA KA 137 71.43 -45.36 5.06
N CYS KA 138 72.06 -46.53 4.94
CA CYS KA 138 73.51 -46.59 4.86
C CYS KA 138 74.01 -45.84 3.64
N SER KA 139 73.30 -45.93 2.52
CA SER KA 139 73.67 -45.18 1.33
C SER KA 139 73.56 -43.68 1.58
N LEU KA 140 72.53 -43.25 2.31
CA LEU KA 140 72.24 -41.83 2.50
C LEU KA 140 72.88 -41.23 3.73
N LEU KA 141 73.69 -41.99 4.47
CA LEU KA 141 74.31 -41.49 5.70
C LEU KA 141 75.82 -41.71 5.65
N SER KA 142 76.52 -41.04 6.56
CA SER KA 142 77.95 -41.22 6.71
C SER KA 142 78.26 -42.61 7.26
N ALA KA 143 79.52 -43.02 7.11
CA ALA KA 143 79.91 -44.41 7.37
C ALA KA 143 79.63 -44.80 8.82
N GLU KA 144 80.11 -44.00 9.78
CA GLU KA 144 79.82 -44.32 11.17
C GLU KA 144 78.38 -43.97 11.53
N ASP KA 145 77.82 -42.94 10.89
CA ASP KA 145 76.39 -42.70 11.02
C ASP KA 145 75.59 -43.90 10.54
N ALA KA 146 76.04 -44.54 9.46
CA ALA KA 146 75.38 -45.74 8.99
C ALA KA 146 75.50 -46.88 10.01
N ALA KA 147 76.63 -46.97 10.70
CA ALA KA 147 76.83 -48.02 11.68
C ALA KA 147 75.83 -47.91 12.83
N GLU KA 148 75.70 -46.71 13.40
CA GLU KA 148 74.77 -46.50 14.50
C GLU KA 148 73.33 -46.66 14.04
N ALA KA 149 72.96 -45.98 12.96
CA ALA KA 149 71.62 -46.12 12.40
C ALA KA 149 71.33 -47.56 12.02
N GLY KA 150 72.34 -48.24 11.45
CA GLY KA 150 72.16 -49.65 11.13
C GLY KA 150 71.91 -50.51 12.36
N SER KA 151 72.53 -50.15 13.48
CA SER KA 151 72.32 -50.91 14.72
C SER KA 151 70.87 -50.78 15.18
N TYR KA 152 70.34 -49.56 15.22
CA TYR KA 152 68.95 -49.38 15.61
C TYR KA 152 68.01 -50.07 14.63
N PHE KA 153 68.25 -49.90 13.33
CA PHE KA 153 67.47 -50.62 12.32
C PHE KA 153 67.53 -52.13 12.55
N ASP KA 154 68.70 -52.65 12.91
CA ASP KA 154 68.88 -54.07 13.08
C ASP KA 154 68.04 -54.60 14.23
N PHE KA 155 67.93 -53.83 15.32
CA PHE KA 155 67.06 -54.26 16.41
C PHE KA 155 65.61 -54.35 15.94
N VAL KA 156 65.18 -53.39 15.11
CA VAL KA 156 63.82 -53.44 14.58
C VAL KA 156 63.63 -54.71 13.75
N ILE KA 157 64.59 -55.02 12.89
CA ILE KA 157 64.50 -56.21 12.03
C ILE KA 157 64.42 -57.47 12.89
N GLY KA 158 65.28 -57.56 13.90
CA GLY KA 158 65.23 -58.71 14.78
C GLY KA 158 63.90 -58.85 15.51
N ALA KA 159 63.32 -57.71 15.91
CA ALA KA 159 62.02 -57.75 16.57
C ALA KA 159 60.96 -58.35 15.66
N MET KA 160 61.00 -58.01 14.37
CA MET KA 160 60.04 -58.56 13.42
C MET KA 160 60.15 -60.08 13.36
N GLN KA 161 61.37 -60.60 13.43
CA GLN KA 161 61.58 -62.05 13.42
C GLN KA 161 60.80 -62.76 14.54
N MET LA 1 57.44 -45.05 33.35
CA MET LA 1 58.26 -43.86 33.56
C MET LA 1 58.53 -43.13 32.25
N GLN LA 2 59.19 -41.99 32.35
CA GLN LA 2 59.49 -41.17 31.18
C GLN LA 2 60.77 -40.40 31.44
N ASP LA 3 61.35 -39.88 30.36
CA ASP LA 3 62.50 -38.99 30.41
C ASP LA 3 62.14 -37.69 29.69
N ALA LA 4 63.05 -36.73 29.72
CA ALA LA 4 62.84 -35.53 28.90
C ALA LA 4 62.83 -35.88 27.42
N ILE LA 5 63.83 -36.64 26.97
CA ILE LA 5 63.87 -37.08 25.58
C ILE LA 5 62.70 -38.00 25.28
N THR LA 6 62.40 -38.92 26.18
CA THR LA 6 61.31 -39.87 25.95
C THR LA 6 59.97 -39.15 25.89
N ALA LA 7 59.77 -38.14 26.74
CA ALA LA 7 58.51 -37.41 26.74
C ALA LA 7 58.34 -36.60 25.46
N VAL LA 8 59.41 -35.98 24.96
CA VAL LA 8 59.32 -35.29 23.68
C VAL LA 8 59.02 -36.28 22.57
N ILE LA 9 59.64 -37.46 22.64
CA ILE LA 9 59.36 -38.50 21.65
C ILE LA 9 57.89 -38.93 21.72
N ASN LA 10 57.36 -39.07 22.94
CA ASN LA 10 55.95 -39.40 23.10
C ASN LA 10 55.06 -38.33 22.48
N ALA LA 11 55.37 -37.06 22.73
CA ALA LA 11 54.57 -35.99 22.16
C ALA LA 11 54.63 -35.99 20.65
N SER LA 12 55.81 -36.24 20.09
CA SER LA 12 55.95 -36.31 18.64
C SER LA 12 55.17 -37.49 18.07
N ASP LA 13 55.16 -38.62 18.79
CA ASP LA 13 54.37 -39.77 18.36
C ASP LA 13 52.88 -39.46 18.40
N VAL LA 14 52.43 -38.77 19.45
CA VAL LA 14 51.04 -38.35 19.51
C VAL LA 14 50.69 -37.49 18.30
N GLN LA 15 51.54 -36.50 18.01
CA GLN LA 15 51.33 -35.64 16.84
C GLN LA 15 51.37 -36.44 15.55
N GLY LA 16 52.17 -37.51 15.51
CA GLY LA 16 52.29 -38.29 14.30
C GLY LA 16 53.22 -37.72 13.27
N LYS LA 17 54.19 -36.91 13.67
CA LYS LA 17 55.10 -36.25 12.75
C LYS LA 17 56.54 -36.46 13.19
N TYR LA 18 57.43 -36.59 12.20
CA TYR LA 18 58.85 -36.78 12.45
C TYR LA 18 59.41 -35.56 13.19
N LEU LA 19 60.64 -35.72 13.70
CA LEU LA 19 61.26 -34.72 14.55
C LEU LA 19 61.20 -33.33 13.93
N ASP LA 20 60.61 -32.39 14.64
CA ASP LA 20 60.53 -31.01 14.21
C ASP LA 20 61.71 -30.21 14.77
N THR LA 21 61.81 -28.94 14.34
CA THR LA 21 62.81 -28.05 14.92
C THR LA 21 62.51 -27.78 16.39
N ALA LA 22 61.23 -27.61 16.73
CA ALA LA 22 60.84 -27.47 18.13
C ALA LA 22 61.23 -28.71 18.93
N ALA LA 23 60.97 -29.89 18.36
CA ALA LA 23 61.40 -31.12 19.01
C ALA LA 23 62.92 -31.12 19.18
N MET LA 24 63.65 -30.64 18.18
CA MET LA 24 65.11 -30.65 18.23
C MET LA 24 65.61 -29.81 19.39
N GLU LA 25 65.06 -28.61 19.57
CA GLU LA 25 65.59 -27.74 20.61
C GLU LA 25 65.13 -28.16 22.01
N LYS LA 26 63.94 -28.75 22.14
CA LYS LA 26 63.56 -29.31 23.44
C LYS LA 26 64.51 -30.43 23.83
N LEU LA 27 64.78 -31.35 22.90
CA LEU LA 27 65.74 -32.41 23.15
C LEU LA 27 67.13 -31.83 23.43
N LYS LA 28 67.52 -30.80 22.68
CA LYS LA 28 68.84 -30.21 22.86
C LYS LA 28 68.97 -29.56 24.23
N ALA LA 29 67.88 -29.02 24.77
CA ALA LA 29 67.91 -28.50 26.13
C ALA LA 29 68.22 -29.60 27.12
N TYR LA 30 67.60 -30.77 26.96
CA TYR LA 30 67.95 -31.90 27.82
C TYR LA 30 69.40 -32.30 27.63
N PHE LA 31 69.87 -32.33 26.38
CA PHE LA 31 71.25 -32.73 26.12
C PHE LA 31 72.23 -31.79 26.81
N ALA LA 32 71.95 -30.48 26.78
CA ALA LA 32 72.81 -29.52 27.46
C ALA LA 32 72.77 -29.70 28.97
N THR LA 33 71.59 -29.96 29.53
CA THR LA 33 71.47 -30.10 30.97
C THR LA 33 72.14 -31.35 31.51
N GLY LA 34 72.46 -32.30 30.64
CA GLY LA 34 72.93 -33.61 31.11
C GLY LA 34 74.15 -33.54 32.00
N GLU LA 35 75.11 -32.67 31.67
CA GLU LA 35 76.32 -32.57 32.47
C GLU LA 35 76.02 -32.17 33.90
N LEU LA 36 75.24 -31.10 34.06
CA LEU LA 36 74.82 -30.66 35.39
C LEU LA 36 74.10 -31.79 36.12
N ARG LA 37 73.19 -32.47 35.43
CA ARG LA 37 72.39 -33.53 36.07
C ARG LA 37 73.28 -34.62 36.64
N VAL LA 38 74.21 -35.15 35.83
CA VAL LA 38 74.96 -36.32 36.25
C VAL LA 38 75.92 -35.96 37.39
N ARG LA 39 76.55 -34.79 37.32
CA ARG LA 39 77.42 -34.36 38.42
C ARG LA 39 76.64 -34.27 39.72
N ALA LA 40 75.45 -33.66 39.66
CA ALA LA 40 74.62 -33.53 40.85
C ALA LA 40 74.20 -34.90 41.38
N ALA LA 41 73.90 -35.83 40.48
CA ALA LA 41 73.48 -37.15 40.92
C ALA LA 41 74.58 -37.86 41.70
N SER LA 42 75.83 -37.75 41.23
CA SER LA 42 76.93 -38.33 41.97
C SER LA 42 77.07 -37.72 43.35
N VAL LA 43 76.93 -36.39 43.44
CA VAL LA 43 77.01 -35.72 44.74
C VAL LA 43 75.88 -36.19 45.65
N ILE LA 44 74.67 -36.33 45.09
CA ILE LA 44 73.52 -36.72 45.89
C ILE LA 44 73.71 -38.11 46.46
N SER LA 45 74.20 -39.05 45.65
CA SER LA 45 74.46 -40.39 46.16
C SER LA 45 75.53 -40.38 47.24
N ALA LA 46 76.58 -39.58 47.05
CA ALA LA 46 77.66 -39.55 48.02
C ALA LA 46 77.19 -39.05 49.38
N ASN LA 47 76.37 -38.00 49.40
CA ASN LA 47 75.92 -37.38 50.64
C ASN LA 47 74.46 -37.68 50.94
N ALA LA 48 73.95 -38.81 50.46
CA ALA LA 48 72.52 -39.12 50.62
C ALA LA 48 72.15 -39.30 52.08
N ALA LA 49 72.90 -40.14 52.81
CA ALA LA 49 72.58 -40.37 54.22
C ALA LA 49 72.71 -39.10 55.03
N ASN LA 50 73.77 -38.33 54.79
CA ASN LA 50 73.95 -37.07 55.49
C ASN LA 50 72.81 -36.10 55.18
N ILE LA 51 72.28 -36.14 53.95
CA ILE LA 51 71.17 -35.26 53.59
C ILE LA 51 69.94 -35.55 54.43
N VAL LA 52 69.62 -36.84 54.59
CA VAL LA 52 68.48 -37.22 55.42
C VAL LA 52 68.68 -36.76 56.86
N LYS LA 53 69.88 -37.01 57.40
CA LYS LA 53 70.15 -36.63 58.78
C LYS LA 53 70.01 -35.13 58.98
N GLU LA 54 70.57 -34.35 58.05
CA GLU LA 54 70.49 -32.90 58.16
C GLU LA 54 69.05 -32.41 58.09
N ALA LA 55 68.25 -33.00 57.19
CA ALA LA 55 66.89 -32.54 57.00
C ALA LA 55 66.04 -32.75 58.25
N VAL LA 56 66.10 -33.95 58.84
CA VAL LA 56 65.29 -34.21 60.02
C VAL LA 56 65.79 -33.39 61.21
N ALA LA 57 67.09 -33.19 61.31
CA ALA LA 57 67.62 -32.33 62.37
C ALA LA 57 67.10 -30.92 62.23
N LYS LA 58 67.05 -30.41 61.00
CA LYS LA 58 66.57 -29.05 60.77
C LYS LA 58 65.07 -28.92 61.03
N SER LA 59 64.29 -29.98 60.79
CA SER LA 59 62.84 -29.85 60.80
C SER LA 59 62.18 -30.56 61.96
N LEU LA 60 62.35 -31.88 62.11
CA LEU LA 60 61.53 -32.65 63.03
C LEU LA 60 62.26 -33.16 64.26
N LEU LA 61 63.59 -33.14 64.26
CA LEU LA 61 64.33 -33.60 65.44
C LEU LA 61 64.21 -32.59 66.57
N TYR LA 62 64.36 -33.08 67.80
CA TYR LA 62 64.26 -32.26 69.00
C TYR LA 62 62.95 -31.48 69.03
N SER LA 63 61.85 -32.19 68.76
CA SER LA 63 60.52 -31.61 68.73
C SER LA 63 59.54 -32.59 69.36
N ASP LA 64 58.28 -32.15 69.47
CA ASP LA 64 57.25 -33.01 70.06
C ASP LA 64 57.03 -34.27 69.23
N ILE LA 65 57.25 -34.19 67.91
CA ILE LA 65 57.12 -35.38 67.07
C ILE LA 65 58.10 -36.45 67.51
N THR LA 66 59.33 -36.05 67.86
CA THR LA 66 60.30 -36.99 68.39
C THR LA 66 59.96 -37.38 69.83
N ARG LA 67 59.35 -36.47 70.58
CA ARG LA 67 59.00 -36.74 71.97
C ARG LA 67 57.80 -37.69 72.02
N PRO LA 68 57.58 -38.34 73.18
CA PRO LA 68 56.63 -39.47 73.22
C PRO LA 68 55.24 -39.10 72.68
N GLY LA 69 54.68 -40.01 71.90
CA GLY LA 69 53.37 -39.81 71.31
C GLY LA 69 53.34 -38.87 70.13
N GLY LA 70 54.41 -38.80 69.34
CA GLY LA 70 54.47 -37.86 68.24
C GLY LA 70 54.59 -38.47 66.86
N MET LA 72 56.75 -40.36 65.82
CA MET LA 72 58.14 -40.68 65.53
C MET LA 72 58.85 -41.10 66.82
N TYR LA 73 58.08 -41.26 67.88
CA TYR LA 73 58.62 -41.53 69.21
C TYR LA 73 58.72 -43.02 69.51
N THR LA 74 59.34 -43.75 68.59
CA THR LA 74 59.72 -45.14 68.82
C THR LA 74 60.93 -45.42 67.95
N THR LA 75 61.69 -46.45 68.30
CA THR LA 75 62.80 -46.84 67.45
C THR LA 75 62.29 -47.28 66.08
N ARG LA 76 61.24 -48.10 66.07
CA ARG LA 76 60.65 -48.55 64.82
C ARG LA 76 60.06 -47.38 64.04
N ARG LA 77 59.30 -46.52 64.71
CA ARG LA 77 58.69 -45.38 64.04
C ARG LA 77 59.76 -44.46 63.46
N TYR LA 78 60.80 -44.18 64.23
CA TYR LA 78 61.87 -43.31 63.75
C TYR LA 78 62.55 -43.92 62.54
N ALA LA 79 62.83 -45.22 62.58
CA ALA LA 79 63.42 -45.88 61.43
C ALA LA 79 62.52 -45.81 60.21
N ALA LA 80 61.21 -45.99 60.41
CA ALA LA 80 60.27 -45.90 59.30
C ALA LA 80 60.25 -44.51 58.70
N CYS LA 81 60.28 -43.48 59.55
CA CYS LA 81 60.29 -42.11 59.04
C CYS LA 81 61.53 -41.84 58.20
N ILE LA 82 62.70 -42.26 58.68
CA ILE LA 82 63.93 -42.11 57.91
C ILE LA 82 63.83 -42.89 56.61
N ARG LA 83 63.22 -44.07 56.66
CA ARG LA 83 63.11 -44.90 55.46
C ARG LA 83 62.25 -44.22 54.40
N ASP LA 84 61.08 -43.71 54.79
CA ASP LA 84 60.20 -43.05 53.82
C ASP LA 84 60.87 -41.82 53.23
N LEU LA 85 61.59 -41.07 54.06
CA LEU LA 85 62.32 -39.91 53.56
C LEU LA 85 63.39 -40.33 52.55
N ASP LA 86 64.10 -41.42 52.83
CA ASP LA 86 65.09 -41.92 51.88
C ASP LA 86 64.44 -42.39 50.58
N TYR LA 87 63.28 -43.03 50.69
CA TYR LA 87 62.53 -43.45 49.50
C TYR LA 87 62.20 -42.24 48.62
N TYR LA 88 61.67 -41.18 49.22
CA TYR LA 88 61.37 -39.97 48.48
C TYR LA 88 62.62 -39.37 47.86
N LEU LA 89 63.71 -39.33 48.62
CA LEU LA 89 64.96 -38.75 48.11
C LEU LA 89 65.50 -39.53 46.92
N ARG LA 90 65.49 -40.86 47.01
CA ARG LA 90 66.05 -41.67 45.93
C ARG LA 90 65.22 -41.54 44.66
N TYR LA 91 63.89 -41.63 44.78
CA TYR LA 91 63.05 -41.47 43.60
C TYR LA 91 63.16 -40.06 43.04
N ALA LA 92 63.32 -39.06 43.91
CA ALA LA 92 63.49 -37.69 43.44
C ALA LA 92 64.80 -37.52 42.68
N THR LA 93 65.87 -38.14 43.15
CA THR LA 93 67.13 -38.07 42.43
C THR LA 93 67.02 -38.74 41.06
N TYR LA 94 66.40 -39.92 41.01
CA TYR LA 94 66.05 -40.54 39.74
C TYR LA 94 65.33 -39.55 38.84
N ALA LA 95 64.26 -38.95 39.36
CA ALA LA 95 63.41 -38.10 38.55
C ALA LA 95 64.14 -36.86 38.08
N MET LA 96 65.02 -36.31 38.92
CA MET LA 96 65.81 -35.16 38.50
C MET LA 96 66.68 -35.50 37.29
N LEU LA 97 67.34 -36.65 37.33
CA LEU LA 97 68.12 -37.08 36.18
C LEU LA 97 67.23 -37.31 34.96
N ALA LA 98 66.05 -37.91 35.19
CA ALA LA 98 65.15 -38.22 34.07
C ALA LA 98 64.62 -36.95 33.42
N GLY LA 99 64.38 -35.91 34.21
CA GLY LA 99 63.83 -34.67 33.70
C GLY LA 99 62.32 -34.60 33.65
N ASP LA 100 61.63 -35.68 33.99
CA ASP LA 100 60.18 -35.72 33.93
C ASP LA 100 59.60 -36.21 35.24
N PRO LA 101 58.39 -35.76 35.60
CA PRO LA 101 57.76 -36.20 36.85
C PRO LA 101 56.98 -37.51 36.75
N SER LA 102 57.05 -38.21 35.62
CA SER LA 102 56.30 -39.44 35.46
C SER LA 102 56.75 -40.51 36.45
N ILE LA 103 58.05 -40.59 36.72
CA ILE LA 103 58.56 -41.58 37.66
C ILE LA 103 57.99 -41.34 39.06
N LEU LA 104 58.01 -40.08 39.50
CA LEU LA 104 57.48 -39.75 40.81
C LEU LA 104 55.99 -40.03 40.88
N ASP LA 105 55.24 -39.69 39.83
CA ASP LA 105 53.81 -39.97 39.81
C ASP LA 105 53.54 -41.46 39.84
N GLU LA 106 54.30 -42.23 39.07
CA GLU LA 106 54.01 -43.66 38.93
C GLU LA 106 54.31 -44.43 40.21
N ARG LA 107 55.43 -44.12 40.86
CA ARG LA 107 55.87 -44.90 42.01
C ARG LA 107 55.79 -44.13 43.32
N VAL LA 108 56.35 -42.92 43.38
CA VAL LA 108 56.52 -42.24 44.66
C VAL LA 108 55.18 -41.78 45.22
N LEU LA 109 54.30 -41.23 44.37
CA LEU LA 109 53.12 -40.52 44.83
C LEU LA 109 51.82 -41.28 44.56
N ASN LA 110 51.87 -42.61 44.51
CA ASN LA 110 50.71 -43.43 44.22
C ASN LA 110 50.11 -43.93 45.53
N GLY LA 111 48.96 -43.37 45.92
CA GLY LA 111 48.28 -43.76 47.13
C GLY LA 111 48.98 -43.39 48.41
N LEU LA 112 50.09 -42.65 48.32
CA LEU LA 112 50.88 -42.34 49.51
C LEU LA 112 50.10 -41.49 50.49
N LYS LA 113 49.36 -40.49 49.99
CA LYS LA 113 48.62 -39.60 50.88
C LYS LA 113 47.54 -40.38 51.64
N GLU LA 114 46.80 -41.24 50.96
CA GLU LA 114 45.76 -42.01 51.63
C GLU LA 114 46.34 -42.94 52.69
N THR LA 115 47.45 -43.62 52.36
CA THR LA 115 48.08 -44.49 53.33
C THR LA 115 48.58 -43.71 54.54
N TYR LA 116 49.21 -42.56 54.30
CA TYR LA 116 49.68 -41.72 55.40
C TYR LA 116 48.52 -41.28 56.27
N ASN LA 117 47.40 -40.88 55.66
CA ASN LA 117 46.25 -40.43 56.41
C ASN LA 117 45.71 -41.53 57.31
N SER LA 118 45.48 -42.72 56.74
CA SER LA 118 44.90 -43.81 57.52
C SER LA 118 45.83 -44.20 58.67
N LEU LA 119 47.14 -44.17 58.44
CA LEU LA 119 48.08 -44.43 59.51
C LEU LA 119 47.99 -43.35 60.59
N GLY LA 120 47.80 -42.10 60.17
CA GLY LA 120 47.82 -40.97 61.09
C GLY LA 120 49.09 -40.17 61.06
N VAL LA 121 50.04 -40.52 60.19
CA VAL LA 121 51.27 -39.73 60.06
C VAL LA 121 50.92 -38.38 59.47
N PRO LA 122 51.49 -37.28 59.98
CA PRO LA 122 51.08 -35.93 59.54
C PRO LA 122 51.63 -35.61 58.15
N ILE LA 123 50.72 -35.31 57.22
CA ILE LA 123 51.12 -34.89 55.88
C ILE LA 123 51.89 -33.59 55.94
N ALA LA 124 51.45 -32.66 56.80
CA ALA LA 124 52.15 -31.39 56.93
C ALA LA 124 53.56 -31.58 57.46
N ALA LA 125 53.73 -32.47 58.43
CA ALA LA 125 55.08 -32.75 58.95
C ALA LA 125 55.98 -33.30 57.84
N THR LA 126 55.45 -34.21 57.02
CA THR LA 126 56.23 -34.73 55.90
C THR LA 126 56.58 -33.62 54.92
N VAL LA 127 55.64 -32.72 54.65
CA VAL LA 127 55.88 -31.65 53.69
C VAL LA 127 56.98 -30.72 54.19
N GLN LA 128 56.94 -30.36 55.48
CA GLN LA 128 58.00 -29.54 56.06
C GLN LA 128 59.35 -30.24 55.97
N ALA LA 129 59.38 -31.54 56.27
CA ALA LA 129 60.63 -32.27 56.18
C ALA LA 129 61.14 -32.32 54.75
N ILE LA 130 60.24 -32.46 53.78
CA ILE LA 130 60.66 -32.52 52.37
C ILE LA 130 61.27 -31.19 51.95
N GLN LA 131 60.68 -30.08 52.38
CA GLN LA 131 61.25 -28.77 52.06
C GLN LA 131 62.62 -28.60 52.69
N ALA LA 132 62.79 -29.06 53.94
CA ALA LA 132 64.10 -29.00 54.57
C ALA LA 132 65.12 -29.83 53.81
N MET LA 133 64.71 -31.02 53.37
CA MET LA 133 65.60 -31.86 52.56
C MET LA 133 65.95 -31.17 51.25
N LYS LA 134 64.98 -30.46 50.66
CA LYS LA 134 65.25 -29.71 49.44
C LYS LA 134 66.31 -28.64 49.66
N GLU LA 135 66.23 -27.94 50.78
CA GLU LA 135 67.24 -26.91 51.08
C GLU LA 135 68.62 -27.53 51.23
N VAL LA 136 68.71 -28.63 52.00
CA VAL LA 136 70.00 -29.29 52.18
C VAL LA 136 70.53 -29.80 50.84
N THR LA 137 69.67 -30.39 50.03
CA THR LA 137 70.09 -30.94 48.75
C THR LA 137 70.57 -29.85 47.81
N ALA LA 138 69.86 -28.72 47.76
CA ALA LA 138 70.28 -27.62 46.90
C ALA LA 138 71.66 -27.11 47.30
N SER LA 139 71.90 -26.97 48.61
CA SER LA 139 73.22 -26.55 49.08
C SER LA 139 74.29 -27.51 48.60
N LEU LA 140 74.07 -28.82 48.78
CA LEU LA 140 75.09 -29.80 48.43
C LEU LA 140 75.31 -29.86 46.92
N VAL LA 141 74.23 -29.85 46.14
CA VAL LA 141 74.34 -30.08 44.70
C VAL LA 141 74.92 -28.87 43.98
N GLY LA 142 74.54 -27.68 44.39
CA GLY LA 142 74.90 -26.47 43.69
C GLY LA 142 73.68 -25.71 43.20
N ALA LA 143 73.93 -24.47 42.78
CA ALA LA 143 72.84 -23.54 42.47
C ALA LA 143 72.00 -24.05 41.30
N ASP LA 144 72.64 -24.35 40.17
CA ASP LA 144 71.90 -24.81 39.00
C ASP LA 144 71.24 -26.16 39.28
N ALA LA 145 71.96 -27.07 39.92
CA ALA LA 145 71.37 -28.36 40.26
C ALA LA 145 70.27 -28.23 41.30
N GLY LA 146 70.42 -27.30 42.24
CA GLY LA 146 69.40 -27.10 43.25
C GLY LA 146 68.07 -26.67 42.66
N LYS LA 147 68.11 -25.87 41.59
CA LYS LA 147 66.86 -25.42 40.96
C LYS LA 147 66.09 -26.59 40.38
N GLU LA 148 66.78 -27.51 39.71
CA GLU LA 148 66.11 -28.68 39.15
C GLU LA 148 65.64 -29.63 40.24
N MET LA 149 66.52 -29.93 41.21
CA MET LA 149 66.14 -30.78 42.33
C MET LA 149 64.95 -30.19 43.07
N GLY LA 150 64.89 -28.87 43.15
CA GLY LA 150 63.73 -28.24 43.78
C GLY LA 150 62.44 -28.56 43.06
N ILE LA 151 62.46 -28.56 41.73
CA ILE LA 151 61.25 -28.84 40.96
C ILE LA 151 60.76 -30.25 41.22
N TYR LA 152 61.67 -31.24 41.17
CA TYR LA 152 61.27 -32.63 41.38
C TYR LA 152 60.77 -32.84 42.80
N PHE LA 153 61.53 -32.39 43.80
CA PHE LA 153 61.09 -32.52 45.18
C PHE LA 153 59.79 -31.78 45.43
N ASP LA 154 59.58 -30.66 44.74
CA ASP LA 154 58.32 -29.93 44.87
C ASP LA 154 57.15 -30.78 44.41
N TYR LA 155 57.34 -31.55 43.33
CA TYR LA 155 56.29 -32.45 42.89
C TYR LA 155 55.94 -33.45 43.98
N ILE LA 156 56.94 -34.02 44.64
CA ILE LA 156 56.67 -35.02 45.67
C ILE LA 156 55.94 -34.39 46.84
N CYS LA 157 56.41 -33.23 47.31
CA CYS LA 157 55.78 -32.58 48.46
C CYS LA 157 54.34 -32.18 48.14
N SER LA 158 54.12 -31.59 46.96
CA SER LA 158 52.78 -31.16 46.58
C SER LA 158 51.83 -32.34 46.45
N GLY LA 159 52.30 -33.44 45.86
CA GLY LA 159 51.46 -34.63 45.76
C GLY LA 159 51.11 -35.21 47.11
N LEU LA 160 52.07 -35.21 48.03
CA LEU LA 160 51.80 -35.70 49.38
C LEU LA 160 50.75 -34.84 50.08
N SER LA 161 50.83 -33.53 49.91
CA SER LA 161 49.85 -32.63 50.49
C SER LA 161 48.87 -32.13 49.44
N SER MA 2 57.87 -82.44 74.91
CA SER MA 2 57.64 -81.77 76.17
C SER MA 2 57.23 -80.31 75.96
N VAL MA 3 56.76 -79.66 77.02
CA VAL MA 3 56.44 -78.24 76.94
C VAL MA 3 57.70 -77.45 76.64
N VAL MA 4 58.82 -77.82 77.27
CA VAL MA 4 60.10 -77.19 76.97
C VAL MA 4 60.48 -77.42 75.52
N THR MA 5 60.19 -78.61 74.99
CA THR MA 5 60.49 -78.90 73.59
C THR MA 5 59.68 -78.03 72.65
N LYS MA 6 58.40 -77.82 72.97
CA LYS MA 6 57.57 -76.94 72.13
C LYS MA 6 58.10 -75.51 72.17
N SER MA 7 58.48 -75.03 73.34
CA SER MA 7 59.10 -73.71 73.43
C SER MA 7 60.39 -73.65 72.62
N ILE MA 8 61.17 -74.74 72.66
CA ILE MA 8 62.42 -74.77 71.89
C ILE MA 8 62.14 -74.71 70.40
N VAL MA 9 61.06 -75.37 69.95
CA VAL MA 9 60.71 -75.31 68.53
C VAL MA 9 60.37 -73.89 68.12
N ASN MA 10 59.58 -73.19 68.94
CA ASN MA 10 59.27 -71.80 68.66
C ASN MA 10 60.54 -70.95 68.64
N ALA MA 11 61.43 -71.18 69.60
CA ALA MA 11 62.69 -70.43 69.65
C ALA MA 11 63.55 -70.69 68.42
N ASP MA 12 63.57 -71.94 67.95
CA ASP MA 12 64.33 -72.27 66.75
C ASP MA 12 63.76 -71.56 65.53
N ALA MA 13 62.43 -71.50 65.42
CA ALA MA 13 61.82 -70.76 64.32
C ALA MA 13 62.20 -69.28 64.38
N GLU MA 14 62.22 -68.70 65.58
CA GLU MA 14 62.72 -67.35 65.74
C GLU MA 14 64.23 -67.26 65.49
N ALA MA 15 64.93 -68.39 65.56
CA ALA MA 15 66.39 -68.44 65.41
C ALA MA 15 67.09 -67.61 66.47
N ARG MA 16 66.50 -67.51 67.65
CA ARG MA 16 67.09 -66.79 68.77
C ARG MA 16 67.05 -67.68 70.00
N TYR MA 17 67.91 -67.35 70.97
CA TYR MA 17 67.95 -68.12 72.21
C TYR MA 17 66.62 -68.00 72.95
N LEU MA 18 66.35 -68.98 73.79
CA LEU MA 18 65.04 -69.11 74.43
C LEU MA 18 64.67 -67.85 75.20
N SER MA 19 63.40 -67.47 75.10
CA SER MA 19 62.95 -66.23 75.70
C SER MA 19 63.10 -66.28 77.22
N PRO MA 20 63.30 -65.12 77.87
CA PRO MA 20 63.45 -65.13 79.33
C PRO MA 20 62.24 -65.70 80.05
N GLY MA 21 61.03 -65.27 79.65
CA GLY MA 21 59.83 -65.83 80.25
C GLY MA 21 59.65 -67.30 79.95
N GLU MA 22 60.02 -67.72 78.73
CA GLU MA 22 59.92 -69.13 78.38
C GLU MA 22 60.85 -69.98 79.23
N LEU MA 23 62.07 -69.50 79.47
CA LEU MA 23 63.00 -70.22 80.34
C LEU MA 23 62.46 -70.29 81.76
N ASP MA 24 61.86 -69.22 82.24
CA ASP MA 24 61.25 -69.24 83.58
C ASP MA 24 60.12 -70.26 83.65
N ARG MA 25 59.32 -70.35 82.58
CA ARG MA 25 58.26 -71.35 82.54
C ARG MA 25 58.84 -72.76 82.56
N ILE MA 26 59.95 -72.97 81.87
CA ILE MA 26 60.61 -74.27 81.87
C ILE MA 26 61.09 -74.62 83.28
N LYS MA 27 61.65 -73.64 84.00
CA LYS MA 27 62.07 -73.87 85.37
C LYS MA 27 60.88 -74.24 86.25
N ASN MA 28 59.74 -73.56 86.06
CA ASN MA 28 58.53 -73.92 86.78
C ASN MA 28 58.11 -75.35 86.46
N PHE MA 29 58.26 -75.76 85.19
CA PHE MA 29 57.95 -77.13 84.82
C PHE MA 29 58.87 -78.12 85.52
N VAL MA 30 60.15 -77.74 85.69
CA VAL MA 30 61.09 -78.61 86.41
C VAL MA 30 60.61 -78.82 87.84
N SER MA 31 60.16 -77.75 88.49
CA SER MA 31 59.59 -77.89 89.84
C SER MA 31 58.32 -78.72 89.81
N THR MA 32 57.47 -78.52 88.80
CA THR MA 32 56.20 -79.22 88.70
C THR MA 32 56.34 -80.70 88.34
N GLY MA 33 57.53 -81.12 87.91
CA GLY MA 33 57.72 -82.50 87.48
C GLY MA 33 57.45 -83.50 88.60
N GLU MA 34 57.84 -83.17 89.82
CA GLU MA 34 57.62 -84.09 90.94
C GLU MA 34 56.12 -84.28 91.21
N ARG MA 35 55.37 -83.19 91.21
CA ARG MA 35 53.92 -83.30 91.38
C ARG MA 35 53.29 -84.07 90.24
N ARG MA 36 53.76 -83.82 89.01
CA ARG MA 36 53.25 -84.56 87.86
C ARG MA 36 53.52 -86.05 88.00
N LEU MA 37 54.73 -86.41 88.45
CA LEU MA 37 55.08 -87.82 88.60
C LEU MA 37 54.22 -88.49 89.67
N ARG MA 38 54.05 -87.84 90.83
CA ARG MA 38 53.25 -88.44 91.89
C ARG MA 38 51.80 -88.61 91.47
N ILE MA 39 51.22 -87.59 90.83
CA ILE MA 39 49.84 -87.69 90.36
C ILE MA 39 49.71 -88.77 89.31
N ALA MA 40 50.68 -88.86 88.41
CA ALA MA 40 50.65 -89.89 87.37
C ALA MA 40 50.75 -91.29 87.98
N GLN MA 41 51.57 -91.45 89.02
CA GLN MA 41 51.67 -92.74 89.68
C GLN MA 41 50.33 -93.15 90.30
N THR MA 42 49.64 -92.20 90.95
CA THR MA 42 48.32 -92.50 91.48
C THR MA 42 47.35 -92.88 90.37
N LEU MA 43 47.39 -92.14 89.26
CA LEU MA 43 46.50 -92.44 88.14
C LEU MA 43 46.78 -93.83 87.56
N THR MA 44 48.05 -94.20 87.44
CA THR MA 44 48.41 -95.52 86.94
C THR MA 44 47.95 -96.61 87.91
N GLU MA 45 48.07 -96.36 89.21
CA GLU MA 45 47.65 -97.34 90.20
C GLU MA 45 46.14 -97.61 90.11
N ASN MA 46 45.35 -96.56 89.93
CA ASN MA 46 43.90 -96.69 89.87
C ASN MA 46 43.38 -96.76 88.43
N ARG MA 47 44.26 -96.97 87.46
CA ARG MA 47 43.85 -96.93 86.06
C ARG MA 47 42.85 -98.02 85.73
N GLU MA 48 43.10 -99.25 86.19
CA GLU MA 48 42.22 -100.36 85.85
C GLU MA 48 40.83 -100.18 86.45
N ARG MA 49 40.76 -99.78 87.72
CA ARG MA 49 39.47 -99.58 88.37
C ARG MA 49 38.71 -98.44 87.71
N ILE MA 50 39.39 -97.35 87.38
CA ILE MA 50 38.73 -96.23 86.73
C ILE MA 50 38.21 -96.66 85.36
N VAL MA 51 38.97 -97.50 84.66
CA VAL MA 51 38.54 -97.98 83.36
C VAL MA 51 37.26 -98.80 83.48
N LYS MA 52 37.20 -99.68 84.48
CA LYS MA 52 35.99 -100.50 84.67
C LYS MA 52 34.78 -99.63 85.00
N GLN MA 53 34.96 -98.68 85.91
CA GLN MA 53 33.83 -97.81 86.28
C GLN MA 53 33.38 -96.97 85.10
N ALA MA 54 34.32 -96.42 84.33
CA ALA MA 54 33.96 -95.63 83.17
C ALA MA 54 33.26 -96.47 82.12
N GLY MA 55 33.69 -97.72 81.95
CA GLY MA 55 33.01 -98.61 81.01
C GLY MA 55 31.57 -98.88 81.39
N ASP MA 56 31.31 -99.09 82.68
CA ASP MA 56 29.94 -99.28 83.13
C ASP MA 56 29.11 -98.02 82.89
N GLN MA 57 29.67 -96.85 83.18
CA GLN MA 57 28.96 -95.60 82.94
C GLN MA 57 28.68 -95.41 81.46
N LEU MA 58 29.65 -95.74 80.59
CA LEU MA 58 29.46 -95.61 79.16
C LEU MA 58 28.38 -96.56 78.65
N PHE MA 59 28.36 -97.79 79.18
CA PHE MA 59 27.31 -98.73 78.80
C PHE MA 59 25.94 -98.22 79.20
N GLN MA 60 25.83 -97.61 80.38
CA GLN MA 60 24.57 -96.99 80.78
C GLN MA 60 24.19 -95.85 79.84
N LYS MA 61 25.18 -95.04 79.45
CA LYS MA 61 24.90 -93.90 78.57
C LYS MA 61 24.44 -94.36 77.19
N ARG MA 62 25.04 -95.43 76.66
CA ARG MA 62 24.77 -95.89 75.31
C ARG MA 62 24.43 -97.38 75.34
N PRO MA 63 23.26 -97.74 75.88
CA PRO MA 63 22.84 -99.14 75.81
C PRO MA 63 22.67 -99.67 74.41
N ASP MA 64 22.25 -98.82 73.47
CA ASP MA 64 22.03 -99.27 72.09
C ASP MA 64 23.34 -99.69 71.44
N VAL MA 65 24.42 -98.94 71.71
CA VAL MA 65 25.72 -99.31 71.16
C VAL MA 65 26.15 -100.67 71.68
N VAL MA 66 25.98 -100.92 72.98
CA VAL MA 66 26.31 -102.22 73.54
C VAL MA 66 25.37 -103.29 73.02
N SER MA 67 24.10 -102.95 72.80
CA SER MA 67 23.11 -103.91 72.35
C SER MA 67 23.29 -104.24 70.88
N PRO MA 68 22.62 -105.29 70.40
CA PRO MA 68 22.68 -105.61 68.97
C PRO MA 68 22.17 -104.45 68.12
N GLY MA 69 22.77 -104.31 66.95
CA GLY MA 69 22.54 -103.13 66.14
C GLY MA 69 23.38 -101.94 66.52
N GLY MA 70 24.42 -102.14 67.34
CA GLY MA 70 25.31 -101.07 67.73
C GLY MA 70 26.76 -101.45 67.45
N ASN MA 71 27.64 -100.46 67.60
CA ASN MA 71 29.06 -100.69 67.32
C ASN MA 71 29.65 -101.72 68.28
N ALA MA 72 29.29 -101.66 69.55
CA ALA MA 72 29.80 -102.59 70.55
C ALA MA 72 28.93 -103.84 70.70
N TYR MA 73 28.01 -104.07 69.76
CA TYR MA 73 27.16 -105.25 69.81
C TYR MA 73 28.00 -106.51 69.80
N GLY MA 74 27.75 -107.40 70.76
CA GLY MA 74 28.56 -108.60 70.85
C GLY MA 74 29.75 -108.41 71.77
N GLU MA 75 30.18 -109.54 72.36
CA GLU MA 75 31.29 -109.50 73.31
C GLU MA 75 32.57 -109.05 72.63
N GLU MA 76 32.84 -109.52 71.41
CA GLU MA 76 34.07 -109.17 70.72
C GLU MA 76 34.12 -107.68 70.40
N MET MA 77 33.03 -107.13 69.87
CA MET MA 77 33.00 -105.70 69.57
C MET MA 77 33.12 -104.86 70.83
N THR MA 78 32.45 -105.27 71.91
CA THR MA 78 32.57 -104.55 73.17
C THR MA 78 33.98 -104.61 73.71
N ALA MA 79 34.64 -105.76 73.57
CA ALA MA 79 36.02 -105.89 74.04
C ALA MA 79 36.96 -105.00 73.24
N THR MA 80 36.77 -104.92 71.91
CA THR MA 80 37.57 -104.02 71.11
C THR MA 80 37.33 -102.57 71.51
N CYS MA 81 36.07 -102.23 71.80
CA CYS MA 81 35.75 -100.89 72.29
C CYS MA 81 36.48 -100.59 73.59
N LEU MA 82 36.47 -101.55 74.52
CA LEU MA 82 37.16 -101.36 75.79
C LEU MA 82 38.66 -101.22 75.59
N ARG MA 83 39.24 -102.00 74.67
CA ARG MA 83 40.66 -101.90 74.40
C ARG MA 83 41.02 -100.53 73.85
N ASP MA 84 40.20 -99.99 72.94
CA ASP MA 84 40.43 -98.65 72.43
C ASP MA 84 40.33 -97.62 73.55
N LEU MA 85 39.33 -97.76 74.42
CA LEU MA 85 39.20 -96.84 75.54
C LEU MA 85 40.41 -96.90 76.46
N ASP MA 86 40.90 -98.11 76.75
CA ASP MA 86 42.06 -98.26 77.63
C ASP MA 86 43.33 -97.73 76.97
N TYR MA 87 43.49 -97.94 75.66
CA TYR MA 87 44.64 -97.39 74.96
C TYR MA 87 44.64 -95.87 75.01
N TYR MA 88 43.47 -95.26 74.80
CA TYR MA 88 43.36 -93.81 74.92
C TYR MA 88 43.66 -93.34 76.34
N LEU MA 89 43.21 -94.11 77.33
CA LEU MA 89 43.51 -93.76 78.73
C LEU MA 89 45.00 -93.82 79.00
N ARG MA 90 45.68 -94.85 78.51
CA ARG MA 90 47.12 -94.95 78.69
C ARG MA 90 47.84 -93.81 77.98
N LEU MA 91 47.38 -93.44 76.79
CA LEU MA 91 47.95 -92.30 76.08
C LEU MA 91 47.72 -91.01 76.86
N VAL MA 92 46.56 -90.88 77.50
CA VAL MA 92 46.28 -89.70 78.31
C VAL MA 92 47.24 -89.63 79.49
N THR MA 93 47.50 -90.78 80.13
CA THR MA 93 48.46 -90.81 81.23
C THR MA 93 49.85 -90.41 80.74
N TYR MA 94 50.26 -90.91 79.57
CA TYR MA 94 51.56 -90.55 79.02
C TYR MA 94 51.63 -89.05 78.74
N GLY MA 95 50.57 -88.48 78.17
CA GLY MA 95 50.57 -87.06 77.89
C GLY MA 95 50.62 -86.20 79.14
N ILE MA 96 49.87 -86.61 80.17
CA ILE MA 96 49.89 -85.88 81.44
C ILE MA 96 51.26 -85.93 82.06
N VAL MA 97 51.90 -87.10 82.03
CA VAL MA 97 53.25 -87.23 82.58
C VAL MA 97 54.23 -86.35 81.81
N ALA MA 98 54.13 -86.33 80.49
CA ALA MA 98 54.99 -85.48 79.69
C ALA MA 98 54.76 -84.01 79.98
N GLY MA 99 53.51 -83.63 80.25
CA GLY MA 99 53.17 -82.24 80.44
C GLY MA 99 52.91 -81.48 79.16
N ASP MA 100 52.97 -82.15 78.00
CA ASP MA 100 52.74 -81.52 76.71
C ASP MA 100 51.51 -82.16 76.07
N VAL MA 101 50.49 -81.35 75.81
CA VAL MA 101 49.32 -81.84 75.10
C VAL MA 101 49.69 -82.19 73.66
N THR MA 102 50.62 -81.44 73.06
CA THR MA 102 51.04 -81.72 71.70
C THR MA 102 51.58 -83.13 71.51
N PRO MA 103 52.41 -83.68 72.42
CA PRO MA 103 52.84 -85.07 72.23
C PRO MA 103 51.69 -86.06 72.16
N ILE MA 104 50.69 -85.89 73.03
CA ILE MA 104 49.53 -86.78 73.00
C ILE MA 104 48.78 -86.63 71.68
N GLU MA 105 48.61 -85.39 71.22
CA GLU MA 105 47.91 -85.14 69.96
C GLU MA 105 48.64 -85.77 68.79
N GLU MA 106 49.98 -85.71 68.79
CA GLU MA 106 50.74 -86.34 67.72
C GLU MA 106 50.60 -87.85 67.75
N ILE MA 107 50.67 -88.45 68.93
CA ILE MA 107 50.59 -89.91 69.05
C ILE MA 107 49.21 -90.41 68.61
N GLY MA 108 48.15 -89.74 69.07
CA GLY MA 108 46.81 -90.12 68.75
C GLY MA 108 45.88 -88.92 68.83
N LEU MA 109 44.63 -89.14 68.46
CA LEU MA 109 43.58 -88.12 68.37
C LEU MA 109 43.77 -87.21 67.17
N VAL MA 110 44.68 -87.53 66.25
CA VAL MA 110 44.85 -86.81 65.00
C VAL MA 110 44.22 -87.66 63.91
N GLY MA 111 43.14 -87.15 63.31
CA GLY MA 111 42.34 -87.97 62.43
C GLY MA 111 41.55 -89.04 63.14
N VAL MA 112 41.37 -88.89 64.46
CA VAL MA 112 40.66 -89.89 65.24
C VAL MA 112 39.22 -90.02 64.78
N ARG MA 113 38.63 -88.92 64.28
CA ARG MA 113 37.28 -88.99 63.75
C ARG MA 113 37.20 -89.95 62.57
N GLU MA 114 38.19 -89.89 61.68
CA GLU MA 114 38.23 -90.82 60.55
C GLU MA 114 38.42 -92.26 61.04
N MET MA 115 39.28 -92.45 62.05
CA MET MA 115 39.47 -93.79 62.60
C MET MA 115 38.17 -94.32 63.18
N TYR MA 116 37.44 -93.47 63.92
CA TYR MA 116 36.16 -93.90 64.48
C TYR MA 116 35.15 -94.18 63.38
N ASN MA 117 35.20 -93.43 62.28
CA ASN MA 117 34.30 -93.70 61.15
C ASN MA 117 34.60 -95.06 60.54
N SER MA 118 35.87 -95.41 60.39
CA SER MA 118 36.23 -96.73 59.88
C SER MA 118 35.75 -97.82 60.81
N LEU MA 119 35.91 -97.62 62.12
CA LEU MA 119 35.43 -98.62 63.09
C LEU MA 119 33.92 -98.70 63.10
N GLY MA 120 33.24 -97.60 62.76
CA GLY MA 120 31.79 -97.53 62.84
C GLY MA 120 31.25 -97.01 64.16
N THR MA 121 32.11 -96.80 65.15
CA THR MA 121 31.67 -96.35 66.45
C THR MA 121 31.30 -94.87 66.44
N PRO MA 122 30.34 -94.46 67.28
CA PRO MA 122 29.95 -93.04 67.32
C PRO MA 122 30.97 -92.22 68.09
N ILE MA 123 31.43 -91.12 67.47
CA ILE MA 123 32.33 -90.20 68.16
C ILE MA 123 31.69 -89.64 69.40
N PRO MA 124 30.42 -89.23 69.40
CA PRO MA 124 29.82 -88.74 70.66
C PRO MA 124 29.82 -89.76 71.78
N ALA MA 125 29.56 -91.04 71.46
CA ALA MA 125 29.58 -92.06 72.49
C ALA MA 125 30.99 -92.28 73.04
N VAL MA 126 31.99 -92.24 72.17
CA VAL MA 126 33.38 -92.31 72.63
C VAL MA 126 33.68 -91.13 73.54
N ALA MA 127 33.19 -89.95 73.19
CA ALA MA 127 33.41 -88.77 74.02
C ALA MA 127 32.78 -88.93 75.40
N GLU MA 128 31.56 -89.47 75.46
CA GLU MA 128 30.90 -89.69 76.74
C GLU MA 128 31.69 -90.65 77.61
N GLY MA 129 32.23 -91.72 77.01
CA GLY MA 129 33.08 -92.62 77.77
C GLY MA 129 34.31 -91.93 78.33
N ILE MA 130 34.93 -91.05 77.53
CA ILE MA 130 36.08 -90.29 78.01
C ILE MA 130 35.68 -89.39 79.16
N ARG MA 131 34.49 -88.80 79.10
CA ARG MA 131 34.02 -87.94 80.17
C ARG MA 131 33.83 -88.72 81.47
N ALA MA 132 33.28 -89.93 81.38
CA ALA MA 132 33.14 -90.77 82.56
C ALA MA 132 34.50 -91.10 83.16
N MET MA 133 35.48 -91.41 82.30
CA MET MA 133 36.83 -91.67 82.77
C MET MA 133 37.42 -90.44 83.45
N LYS MA 134 37.13 -89.25 82.92
CA LYS MA 134 37.64 -88.02 83.51
C LYS MA 134 37.07 -87.82 84.91
N ASN MA 135 35.77 -88.08 85.10
CA ASN MA 135 35.18 -87.94 86.43
C ASN MA 135 35.80 -88.92 87.41
N VAL MA 136 35.99 -90.17 86.99
CA VAL MA 136 36.62 -91.16 87.86
C VAL MA 136 38.04 -90.75 88.20
N ALA MA 137 38.78 -90.24 87.21
CA ALA MA 137 40.15 -89.81 87.45
C ALA MA 137 40.22 -88.63 88.41
N CYS MA 138 39.28 -87.70 88.30
CA CYS MA 138 39.24 -86.58 89.22
C CYS MA 138 39.02 -87.05 90.65
N SER MA 139 38.12 -88.01 90.85
CA SER MA 139 37.91 -88.57 92.18
C SER MA 139 39.15 -89.29 92.69
N LEU MA 140 39.81 -90.07 91.82
CA LEU MA 140 40.96 -90.85 92.24
C LEU MA 140 42.13 -89.95 92.60
N LEU MA 141 42.35 -88.88 91.85
CA LEU MA 141 43.48 -87.99 92.05
C LEU MA 141 43.15 -86.95 93.12
N SER MA 142 44.20 -86.25 93.56
CA SER MA 142 44.02 -85.12 94.46
C SER MA 142 43.38 -83.95 93.71
N ALA MA 143 42.92 -82.95 94.47
CA ALA MA 143 42.25 -81.81 93.87
C ALA MA 143 43.17 -81.06 92.91
N GLU MA 144 44.43 -80.87 93.30
CA GLU MA 144 45.40 -80.26 92.39
C GLU MA 144 45.65 -81.16 91.19
N ASP MA 145 45.76 -82.47 91.42
CA ASP MA 145 45.95 -83.41 90.32
C ASP MA 145 44.71 -83.47 89.43
N ALA MA 146 43.53 -83.38 90.02
CA ALA MA 146 42.29 -83.42 89.25
C ALA MA 146 42.20 -82.23 88.29
N ALA MA 147 42.69 -81.07 88.72
CA ALA MA 147 42.64 -79.89 87.88
C ALA MA 147 43.45 -80.07 86.60
N GLU MA 148 44.66 -80.61 86.72
CA GLU MA 148 45.46 -80.89 85.53
C GLU MA 148 44.86 -82.02 84.72
N ALA MA 149 44.36 -83.06 85.39
CA ALA MA 149 43.73 -84.16 84.68
C ALA MA 149 42.51 -83.70 83.92
N GLY MA 150 41.75 -82.76 84.49
CA GLY MA 150 40.60 -82.21 83.78
C GLY MA 150 41.00 -81.48 82.51
N SER MA 151 42.14 -80.78 82.54
CA SER MA 151 42.61 -80.08 81.35
C SER MA 151 42.99 -81.06 80.25
N TYR MA 152 43.73 -82.12 80.60
CA TYR MA 152 44.06 -83.14 79.62
C TYR MA 152 42.79 -83.80 79.09
N PHE MA 153 41.82 -84.08 79.97
CA PHE MA 153 40.56 -84.66 79.54
C PHE MA 153 39.78 -83.71 78.64
N ASP MA 154 39.88 -82.40 78.89
CA ASP MA 154 39.22 -81.43 78.02
C ASP MA 154 39.81 -81.45 76.62
N PHE MA 155 41.14 -81.56 76.51
CA PHE MA 155 41.76 -81.71 75.20
C PHE MA 155 41.27 -82.97 74.51
N VAL MA 156 41.16 -84.07 75.27
CA VAL MA 156 40.65 -85.32 74.70
C VAL MA 156 39.19 -85.14 74.26
N ILE MA 157 38.41 -84.38 75.03
CA ILE MA 157 37.02 -84.13 74.68
C ILE MA 157 36.93 -83.34 73.38
N GLY MA 158 37.78 -82.33 73.23
CA GLY MA 158 37.81 -81.58 71.98
C GLY MA 158 38.19 -82.45 70.80
N ALA MA 159 39.16 -83.35 71.00
CA ALA MA 159 39.51 -84.30 69.94
C ALA MA 159 38.34 -85.21 69.61
N MET MA 160 37.62 -85.66 70.62
CA MET MA 160 36.45 -86.50 70.39
C MET MA 160 35.37 -85.77 69.61
N GLN MA 161 35.19 -84.48 69.89
CA GLN MA 161 34.24 -83.66 69.15
C GLN MA 161 34.94 -83.00 67.97
N MET NA 1 61.35 -84.49 65.74
CA MET NA 1 62.17 -84.08 66.87
C MET NA 1 61.64 -84.70 68.17
N GLN NA 2 62.54 -84.97 69.11
CA GLN NA 2 62.19 -85.68 70.33
C GLN NA 2 62.81 -85.03 71.55
N ASP NA 3 61.99 -84.74 72.55
CA ASP NA 3 62.47 -84.36 73.85
C ASP NA 3 62.99 -85.59 74.59
N ALA NA 4 63.67 -85.36 75.72
CA ALA NA 4 64.10 -86.47 76.55
C ALA NA 4 62.90 -87.21 77.12
N ILE NA 5 61.97 -86.47 77.74
CA ILE NA 5 60.74 -87.07 78.22
C ILE NA 5 59.95 -87.69 77.07
N THR NA 6 59.95 -87.01 75.92
CA THR NA 6 59.24 -87.56 74.76
C THR NA 6 59.88 -88.86 74.27
N ALA NA 7 61.20 -88.98 74.37
CA ALA NA 7 61.86 -90.22 73.98
C ALA NA 7 61.47 -91.36 74.90
N VAL NA 8 61.43 -91.11 76.21
CA VAL NA 8 60.95 -92.13 77.14
C VAL NA 8 59.51 -92.50 76.83
N ILE NA 9 58.68 -91.49 76.52
CA ILE NA 9 57.29 -91.74 76.19
C ILE NA 9 57.18 -92.55 74.89
N ASN NA 10 58.05 -92.26 73.92
CA ASN NA 10 58.05 -93.01 72.67
C ASN NA 10 58.40 -94.47 72.90
N ALA NA 11 59.38 -94.73 73.76
CA ALA NA 11 59.73 -96.11 74.09
C ALA NA 11 58.56 -96.83 74.76
N SER NA 12 57.88 -96.15 75.70
CA SER NA 12 56.72 -96.74 76.34
C SER NA 12 55.59 -96.98 75.34
N ASP NA 13 55.40 -96.05 74.40
CA ASP NA 13 54.35 -96.20 73.40
C ASP NA 13 54.63 -97.39 72.50
N VAL NA 14 55.89 -97.55 72.07
CA VAL NA 14 56.25 -98.72 71.26
C VAL NA 14 56.03 -100.00 72.06
N GLN NA 15 56.37 -99.99 73.34
CA GLN NA 15 56.17 -101.15 74.19
C GLN NA 15 54.68 -101.48 74.35
N GLY NA 16 53.82 -100.47 74.29
CA GLY NA 16 52.41 -100.68 74.54
C GLY NA 16 52.02 -100.74 76.00
N LYS NA 17 52.92 -100.33 76.89
CA LYS NA 17 52.65 -100.29 78.31
C LYS NA 17 52.89 -98.88 78.83
N TYR NA 18 52.32 -98.58 80.00
CA TYR NA 18 52.54 -97.28 80.62
C TYR NA 18 54.01 -97.13 81.00
N LEU NA 19 54.44 -95.88 81.09
CA LEU NA 19 55.86 -95.59 81.31
C LEU NA 19 56.35 -96.25 82.59
N ASP NA 20 57.51 -96.90 82.50
CA ASP NA 20 58.04 -97.68 83.61
C ASP NA 20 58.49 -96.76 84.75
N THR NA 21 58.59 -97.35 85.94
CA THR NA 21 59.06 -96.60 87.10
C THR NA 21 60.51 -96.15 86.92
N ALA NA 22 61.35 -97.00 86.32
CA ALA NA 22 62.72 -96.61 86.04
C ALA NA 22 62.77 -95.45 85.05
N ALA NA 23 61.92 -95.49 84.03
CA ALA NA 23 61.85 -94.36 83.09
C ALA NA 23 61.39 -93.10 83.79
N MET NA 24 60.43 -93.22 84.71
CA MET NA 24 59.99 -92.07 85.50
C MET NA 24 61.14 -91.52 86.35
N GLU NA 25 61.94 -92.42 86.93
CA GLU NA 25 63.10 -91.98 87.71
C GLU NA 25 64.09 -91.21 86.84
N LYS NA 26 64.31 -91.69 85.61
CA LYS NA 26 65.18 -90.98 84.68
C LYS NA 26 64.64 -89.59 84.37
N LEU NA 27 63.32 -89.48 84.18
CA LEU NA 27 62.71 -88.18 83.92
C LEU NA 27 62.89 -87.24 85.10
N LYS NA 28 62.71 -87.74 86.33
CA LYS NA 28 62.89 -86.91 87.50
C LYS NA 28 64.34 -86.42 87.63
N ALA NA 29 65.30 -87.32 87.38
CA ALA NA 29 66.70 -86.90 87.39
C ALA NA 29 66.97 -85.87 86.31
N TYR NA 30 66.32 -86.01 85.15
CA TYR NA 30 66.48 -85.03 84.09
C TYR NA 30 65.98 -83.66 84.51
N PHE NA 31 64.84 -83.62 85.21
CA PHE NA 31 64.31 -82.35 85.69
C PHE NA 31 65.28 -81.69 86.68
N ALA NA 32 65.81 -82.49 87.62
CA ALA NA 32 66.72 -81.95 88.62
C ALA NA 32 67.97 -81.39 87.98
N THR NA 33 68.55 -82.10 87.01
CA THR NA 33 69.72 -81.57 86.30
C THR NA 33 69.33 -80.40 85.41
N GLY NA 34 68.09 -80.40 84.90
CA GLY NA 34 67.67 -79.36 83.97
C GLY NA 34 67.62 -77.97 84.59
N GLU NA 35 67.32 -77.88 85.88
CA GLU NA 35 67.32 -76.57 86.53
C GLU NA 35 68.67 -75.90 86.41
N LEU NA 36 69.74 -76.60 86.79
CA LEU NA 36 71.09 -76.06 86.67
C LEU NA 36 71.45 -75.81 85.21
N ARG NA 37 71.08 -76.72 84.32
CA ARG NA 37 71.37 -76.54 82.90
C ARG NA 37 70.70 -75.29 82.35
N VAL NA 38 69.47 -75.01 82.80
CA VAL NA 38 68.75 -73.85 82.31
C VAL NA 38 69.43 -72.56 82.74
N ARG NA 39 69.86 -72.48 84.01
CA ARG NA 39 70.55 -71.28 84.46
C ARG NA 39 71.83 -71.05 83.67
N ALA NA 40 72.62 -72.11 83.46
CA ALA NA 40 73.84 -71.98 82.68
C ALA NA 40 73.54 -71.62 81.24
N ALA NA 41 72.44 -72.16 80.68
CA ALA NA 41 72.07 -71.85 79.31
C ALA NA 41 71.72 -70.37 79.15
N SER NA 42 71.03 -69.80 80.13
CA SER NA 42 70.76 -68.36 80.10
C SER NA 42 72.06 -67.57 80.08
N VAL NA 43 73.04 -68.01 80.87
CA VAL NA 43 74.36 -67.35 80.85
C VAL NA 43 75.00 -67.48 79.47
N ILE NA 44 74.87 -68.65 78.86
CA ILE NA 44 75.47 -68.88 77.54
C ILE NA 44 74.85 -67.96 76.51
N SER NA 45 73.53 -67.78 76.56
CA SER NA 45 72.86 -66.91 75.60
C SER NA 45 73.32 -65.46 75.73
N ALA NA 46 73.54 -65.01 76.97
CA ALA NA 46 73.95 -63.63 77.18
C ALA NA 46 75.33 -63.35 76.60
N ASN NA 47 76.25 -64.31 76.72
CA ASN NA 47 77.62 -64.14 76.26
C ASN NA 47 77.90 -64.89 74.96
N ALA NA 48 76.86 -65.17 74.17
CA ALA NA 48 77.04 -65.95 72.94
C ALA NA 48 77.96 -65.23 71.95
N ALA NA 49 77.73 -63.93 71.75
CA ALA NA 49 78.56 -63.18 70.82
C ALA NA 49 80.01 -63.14 71.26
N ASN NA 50 80.24 -62.94 72.57
CA ASN NA 50 81.60 -62.93 73.08
C ASN NA 50 82.28 -64.27 72.90
N ILE NA 51 81.54 -65.36 73.11
CA ILE NA 51 82.11 -66.70 72.94
C ILE NA 51 82.53 -66.91 71.48
N VAL NA 52 81.67 -66.49 70.55
CA VAL NA 52 82.01 -66.63 69.13
C VAL NA 52 83.26 -65.84 68.80
N LYS NA 53 83.34 -64.60 69.29
CA LYS NA 53 84.50 -63.77 69.00
C LYS NA 53 85.78 -64.38 69.57
N GLU NA 54 85.70 -64.94 70.78
CA GLU NA 54 86.88 -65.54 71.40
C GLU NA 54 87.39 -66.73 70.59
N ALA NA 55 86.48 -67.60 70.12
CA ALA NA 55 86.91 -68.73 69.32
C ALA NA 55 87.55 -68.29 68.02
N VAL NA 56 86.94 -67.29 67.35
CA VAL NA 56 87.49 -66.80 66.09
C VAL NA 56 88.87 -66.22 66.31
N ALA NA 57 89.06 -65.49 67.41
CA ALA NA 57 90.38 -64.96 67.73
C ALA NA 57 91.38 -66.09 68.00
N LYS NA 58 90.92 -67.17 68.65
CA LYS NA 58 91.82 -68.26 68.98
C LYS NA 58 92.39 -68.93 67.74
N SER NA 59 91.56 -69.14 66.72
CA SER NA 59 92.00 -69.86 65.52
C SER NA 59 92.03 -68.96 64.29
N LEU NA 60 90.92 -68.31 63.94
CA LEU NA 60 90.82 -67.64 62.65
C LEU NA 60 91.69 -66.40 62.57
N LEU NA 61 91.84 -65.68 63.68
CA LEU NA 61 92.60 -64.43 63.67
C LEU NA 61 94.06 -64.70 63.32
N TYR NA 62 94.59 -63.88 62.40
CA TYR NA 62 95.98 -63.97 61.97
C TYR NA 62 96.32 -65.38 61.47
N SER NA 63 95.49 -65.88 60.56
CA SER NA 63 95.62 -67.24 60.07
C SER NA 63 95.69 -67.27 58.56
N ASP NA 64 96.21 -68.39 58.03
CA ASP NA 64 96.29 -68.58 56.59
C ASP NA 64 94.91 -68.61 55.96
N ILE NA 65 93.90 -69.09 56.70
CA ILE NA 65 92.52 -69.04 56.20
C ILE NA 65 92.11 -67.61 55.97
N THR NA 66 92.49 -66.70 56.88
CA THR NA 66 92.25 -65.28 56.65
C THR NA 66 93.03 -64.76 55.46
N ARG NA 67 94.22 -65.31 55.22
CA ARG NA 67 95.01 -64.89 54.08
C ARG NA 67 94.29 -65.26 52.78
N PRO NA 68 94.55 -64.53 51.69
CA PRO NA 68 93.73 -64.67 50.49
C PRO NA 68 93.70 -66.11 49.96
N GLY NA 69 92.52 -66.52 49.51
CA GLY NA 69 92.34 -67.87 49.00
C GLY NA 69 92.23 -68.95 50.06
N GLY NA 70 91.97 -68.59 51.31
CA GLY NA 70 91.92 -69.55 52.39
C GLY NA 70 90.54 -70.10 52.71
N MET NA 72 88.03 -68.54 53.66
CA MET NA 72 87.33 -67.61 54.54
C MET NA 72 87.83 -66.20 54.25
N TYR NA 73 88.64 -66.10 53.20
CA TYR NA 73 89.32 -64.85 52.84
C TYR NA 73 88.48 -64.01 51.88
N THR NA 74 87.23 -63.78 52.25
CA THR NA 74 86.34 -62.89 51.52
C THR NA 74 85.39 -62.28 52.53
N THR NA 75 84.77 -61.17 52.15
CA THR NA 75 83.77 -60.57 53.03
C THR NA 75 82.56 -61.49 53.18
N ARG NA 76 82.08 -62.02 52.06
CA ARG NA 76 80.99 -63.00 52.13
C ARG NA 76 81.42 -64.26 52.87
N ARG NA 77 82.63 -64.75 52.60
CA ARG NA 77 83.11 -65.95 53.26
C ARG NA 77 83.26 -65.72 54.77
N TYR NA 78 83.77 -64.56 55.17
CA TYR NA 78 83.92 -64.28 56.60
C TYR NA 78 82.57 -64.19 57.29
N ALA NA 79 81.61 -63.52 56.67
CA ALA NA 79 80.26 -63.45 57.24
C ALA NA 79 79.66 -64.84 57.38
N ALA NA 80 79.82 -65.68 56.36
CA ALA NA 80 79.28 -67.03 56.41
C ALA NA 80 79.97 -67.86 57.49
N CYS NA 81 81.28 -67.72 57.63
CA CYS NA 81 82.00 -68.51 58.64
C CYS NA 81 81.53 -68.16 60.05
N ILE NA 82 81.47 -66.88 60.36
CA ILE NA 82 81.01 -66.46 61.69
C ILE NA 82 79.57 -66.90 61.90
N ARG NA 83 78.73 -66.76 60.87
CA ARG NA 83 77.33 -67.16 60.99
C ARG NA 83 77.19 -68.65 61.25
N ASP NA 84 78.00 -69.47 60.57
CA ASP NA 84 77.92 -70.91 60.78
C ASP NA 84 78.32 -71.29 62.20
N LEU NA 85 79.36 -70.65 62.74
CA LEU NA 85 79.75 -70.91 64.12
C LEU NA 85 78.64 -70.52 65.09
N ASP NA 86 78.02 -69.37 64.87
CA ASP NA 86 76.94 -68.92 65.75
C ASP NA 86 75.74 -69.85 65.67
N TYR NA 87 75.40 -70.30 64.46
CA TYR NA 87 74.27 -71.22 64.29
C TYR NA 87 74.54 -72.55 65.00
N TYR NA 88 75.77 -73.05 64.90
CA TYR NA 88 76.13 -74.26 65.63
C TYR NA 88 75.98 -74.06 67.13
N LEU NA 89 76.40 -72.89 67.63
CA LEU NA 89 76.27 -72.62 69.06
C LEU NA 89 74.81 -72.58 69.49
N ARG NA 90 73.95 -71.94 68.69
CA ARG NA 90 72.54 -71.85 69.06
C ARG NA 90 71.88 -73.22 69.06
N TYR NA 91 72.15 -74.03 68.04
CA TYR NA 91 71.58 -75.38 68.00
C TYR NA 91 72.10 -76.22 69.15
N ALA NA 92 73.38 -76.07 69.49
CA ALA NA 92 73.94 -76.81 70.61
C ALA NA 92 73.30 -76.37 71.93
N THR NA 93 73.00 -75.07 72.06
CA THR NA 93 72.32 -74.59 73.26
C THR NA 93 70.95 -75.22 73.40
N TYR NA 94 70.21 -75.31 72.28
CA TYR NA 94 68.91 -75.98 72.32
C TYR NA 94 69.06 -77.44 72.70
N ALA NA 95 70.08 -78.11 72.15
CA ALA NA 95 70.30 -79.53 72.47
C ALA NA 95 70.66 -79.71 73.94
N MET NA 96 71.49 -78.82 74.49
CA MET NA 96 71.86 -78.91 75.89
C MET NA 96 70.65 -78.69 76.79
N LEU NA 97 69.81 -77.71 76.47
CA LEU NA 97 68.61 -77.48 77.25
C LEU NA 97 67.67 -78.67 77.19
N ALA NA 98 67.51 -79.26 76.01
CA ALA NA 98 66.64 -80.43 75.89
C ALA NA 98 67.21 -81.65 76.58
N GLY NA 99 68.53 -81.76 76.64
CA GLY NA 99 69.17 -82.96 77.13
C GLY NA 99 69.38 -84.03 76.08
N ASP NA 100 68.88 -83.82 74.86
CA ASP NA 100 69.03 -84.77 73.77
C ASP NA 100 69.63 -84.05 72.57
N PRO NA 101 70.69 -84.57 71.96
CA PRO NA 101 71.24 -83.97 70.74
C PRO NA 101 70.55 -84.42 69.46
N SER NA 102 69.39 -85.08 69.58
CA SER NA 102 68.71 -85.60 68.40
C SER NA 102 68.28 -84.48 67.46
N ILE NA 103 67.78 -83.38 68.00
CA ILE NA 103 67.35 -82.26 67.16
C ILE NA 103 68.52 -81.67 66.40
N LEU NA 104 69.65 -81.48 67.08
CA LEU NA 104 70.83 -80.93 66.41
C LEU NA 104 71.31 -81.86 65.30
N ASP NA 105 71.35 -83.16 65.57
CA ASP NA 105 71.72 -84.10 64.52
C ASP NA 105 70.70 -84.11 63.39
N GLU NA 106 69.41 -83.97 63.74
CA GLU NA 106 68.35 -84.10 62.75
C GLU NA 106 68.39 -82.97 61.72
N ARG NA 107 68.69 -81.74 62.17
CA ARG NA 107 68.69 -80.60 61.28
C ARG NA 107 70.08 -80.03 61.04
N VAL NA 108 70.81 -79.68 62.09
CA VAL NA 108 72.10 -79.01 61.93
C VAL NA 108 73.12 -79.95 61.31
N LEU NA 109 73.13 -81.21 61.72
CA LEU NA 109 74.10 -82.18 61.24
C LEU NA 109 73.59 -83.00 60.05
N ASN NA 110 72.39 -82.72 59.56
CA ASN NA 110 71.82 -83.49 58.45
C ASN NA 110 72.53 -83.11 57.16
N GLY NA 111 73.51 -83.92 56.78
CA GLY NA 111 74.25 -83.66 55.56
C GLY NA 111 75.14 -82.45 55.60
N LEU NA 112 75.35 -81.86 56.78
CA LEU NA 112 76.19 -80.68 56.88
C LEU NA 112 77.63 -80.99 56.50
N LYS NA 113 78.14 -82.15 56.93
CA LYS NA 113 79.49 -82.55 56.57
C LYS NA 113 79.63 -82.73 55.06
N GLU NA 114 78.65 -83.36 54.43
CA GLU NA 114 78.68 -83.54 52.98
C GLU NA 114 78.64 -82.21 52.26
N THR NA 115 77.78 -81.29 52.70
CA THR NA 115 77.71 -79.97 52.09
C THR NA 115 79.02 -79.21 52.27
N TYR NA 116 79.60 -79.28 53.46
CA TYR NA 116 80.88 -78.60 53.69
C TYR NA 116 82.00 -79.20 52.85
N ASN NA 117 81.99 -80.53 52.69
CA ASN NA 117 82.98 -81.17 51.83
C ASN NA 117 82.84 -80.72 50.39
N SER NA 118 81.60 -80.62 49.91
CA SER NA 118 81.37 -80.12 48.56
C SER NA 118 81.82 -78.67 48.43
N LEU NA 119 81.59 -77.86 49.48
CA LEU NA 119 82.01 -76.47 49.45
C LEU NA 119 83.53 -76.35 49.51
N GLY NA 120 84.21 -77.31 50.10
CA GLY NA 120 85.64 -77.22 50.31
C GLY NA 120 86.05 -76.59 51.62
N VAL NA 121 85.10 -76.20 52.46
CA VAL NA 121 85.45 -75.67 53.79
C VAL NA 121 86.09 -76.78 54.61
N PRO NA 122 87.14 -76.50 55.38
CA PRO NA 122 87.84 -77.56 56.12
C PRO NA 122 87.05 -77.97 57.35
N ILE NA 123 86.44 -79.15 57.28
CA ILE NA 123 85.59 -79.62 58.38
C ILE NA 123 86.42 -79.87 59.64
N ALA NA 124 87.60 -80.48 59.47
CA ALA NA 124 88.43 -80.78 60.63
C ALA NA 124 88.96 -79.50 61.28
N ALA NA 125 89.36 -78.51 60.48
CA ALA NA 125 89.82 -77.25 61.04
C ALA NA 125 88.69 -76.55 61.79
N THR NA 126 87.49 -76.53 61.21
CA THR NA 126 86.35 -75.96 61.92
C THR NA 126 86.05 -76.73 63.20
N VAL NA 127 86.23 -78.05 63.17
CA VAL NA 127 86.00 -78.86 64.36
C VAL NA 127 87.00 -78.52 65.46
N GLN NA 128 88.26 -78.30 65.09
CA GLN NA 128 89.26 -77.91 66.07
C GLN NA 128 88.90 -76.57 66.70
N ALA NA 129 88.49 -75.60 65.88
CA ALA NA 129 88.05 -74.32 66.42
C ALA NA 129 86.81 -74.50 67.31
N ILE NA 130 85.90 -75.36 66.90
CA ILE NA 130 84.69 -75.60 67.69
C ILE NA 130 85.04 -76.25 69.03
N GLN NA 131 86.04 -77.14 69.03
CA GLN NA 131 86.48 -77.75 70.28
C GLN NA 131 87.07 -76.71 71.22
N ALA NA 132 87.87 -75.78 70.68
CA ALA NA 132 88.41 -74.71 71.50
C ALA NA 132 87.28 -73.84 72.07
N MET NA 133 86.29 -73.53 71.23
CA MET NA 133 85.13 -72.77 71.71
C MET NA 133 84.39 -73.54 72.79
N LYS NA 134 84.25 -74.85 72.61
CA LYS NA 134 83.56 -75.68 73.60
C LYS NA 134 84.31 -75.66 74.93
N GLU NA 135 85.64 -75.72 74.88
CA GLU NA 135 86.43 -75.67 76.12
C GLU NA 135 86.21 -74.35 76.85
N VAL NA 136 86.29 -73.24 76.13
CA VAL NA 136 86.10 -71.93 76.75
C VAL NA 136 84.68 -71.80 77.30
N THR NA 137 83.69 -72.24 76.52
CA THR NA 137 82.30 -72.17 76.96
C THR NA 137 82.07 -73.03 78.19
N ALA NA 138 82.67 -74.22 78.22
CA ALA NA 138 82.54 -75.09 79.38
C ALA NA 138 83.14 -74.45 80.63
N SER NA 139 84.30 -73.82 80.47
CA SER NA 139 84.93 -73.15 81.61
C SER NA 139 84.04 -72.03 82.16
N LEU NA 140 83.47 -71.22 81.27
CA LEU NA 140 82.60 -70.14 81.72
C LEU NA 140 81.31 -70.67 82.32
N VAL NA 141 80.73 -71.70 81.70
CA VAL NA 141 79.43 -72.20 82.14
C VAL NA 141 79.54 -72.97 83.45
N GLY NA 142 80.63 -73.68 83.67
CA GLY NA 142 80.81 -74.50 84.84
C GLY NA 142 81.03 -75.97 84.49
N ALA NA 143 81.42 -76.73 85.51
CA ALA NA 143 81.74 -78.13 85.31
C ALA NA 143 80.50 -78.94 84.90
N ASP NA 144 79.41 -78.79 85.66
CA ASP NA 144 78.18 -79.51 85.31
C ASP NA 144 77.66 -79.07 83.96
N ALA NA 145 77.67 -77.76 83.69
CA ALA NA 145 77.28 -77.28 82.37
C ALA NA 145 78.30 -77.67 81.31
N GLY NA 146 79.57 -77.76 81.68
CA GLY NA 146 80.57 -78.25 80.74
C GLY NA 146 80.33 -79.67 80.30
N LYS NA 147 79.77 -80.49 81.18
CA LYS NA 147 79.42 -81.86 80.79
C LYS NA 147 78.37 -81.87 79.70
N GLU NA 148 77.33 -81.03 79.84
CA GLU NA 148 76.34 -80.89 78.77
C GLU NA 148 76.98 -80.30 77.51
N MET NA 149 77.81 -79.27 77.69
CA MET NA 149 78.54 -78.71 76.56
C MET NA 149 79.43 -79.75 75.90
N GLY NA 150 79.97 -80.68 76.68
CA GLY NA 150 80.75 -81.76 76.10
C GLY NA 150 79.92 -82.68 75.22
N ILE NA 151 78.67 -82.94 75.62
CA ILE NA 151 77.78 -83.75 74.79
C ILE NA 151 77.48 -83.04 73.48
N TYR NA 152 77.19 -81.73 73.54
CA TYR NA 152 76.97 -80.96 72.33
C TYR NA 152 78.22 -80.93 71.46
N PHE NA 153 79.39 -80.78 72.08
CA PHE NA 153 80.63 -80.78 71.32
C PHE NA 153 80.91 -82.15 70.72
N ASP NA 154 80.50 -83.23 71.39
CA ASP NA 154 80.62 -84.57 70.81
C ASP NA 154 79.74 -84.70 69.58
N TYR NA 155 78.53 -84.14 69.63
CA TYR NA 155 77.70 -84.09 68.43
C TYR NA 155 78.38 -83.27 67.34
N ILE NA 156 79.09 -82.20 67.72
CA ILE NA 156 79.83 -81.40 66.75
C ILE NA 156 80.95 -82.22 66.13
N CYS NA 157 81.62 -83.05 66.94
CA CYS NA 157 82.66 -83.92 66.40
C CYS NA 157 82.07 -84.93 65.43
N SER NA 158 80.90 -85.47 65.75
CA SER NA 158 80.20 -86.35 64.81
C SER NA 158 79.86 -85.60 63.53
N GLY NA 159 79.46 -84.33 63.65
CA GLY NA 159 79.22 -83.54 62.46
C GLY NA 159 80.48 -83.32 61.64
N LEU NA 160 81.63 -83.19 62.31
CA LEU NA 160 82.90 -83.15 61.59
C LEU NA 160 83.13 -84.44 60.82
N SER NA 161 82.78 -85.58 61.43
CA SER NA 161 82.87 -86.86 60.75
C SER NA 161 81.92 -86.92 59.56
N SER OA 2 81.91 -57.28 35.31
CA SER OA 2 82.23 -56.18 34.41
C SER OA 2 80.97 -55.49 33.93
N VAL OA 3 81.14 -54.40 33.18
CA VAL OA 3 80.01 -53.74 32.55
C VAL OA 3 79.33 -54.69 31.57
N VAL OA 4 80.12 -55.44 30.81
CA VAL OA 4 79.58 -56.46 29.93
C VAL OA 4 78.83 -57.51 30.72
N THR OA 5 79.36 -57.89 31.90
CA THR OA 5 78.69 -58.89 32.72
C THR OA 5 77.32 -58.40 33.19
N LYS OA 6 77.24 -57.14 33.64
CA LYS OA 6 75.96 -56.61 34.09
C LYS OA 6 74.96 -56.52 32.95
N SER OA 7 75.39 -55.98 31.81
CA SER OA 7 74.49 -55.85 30.67
C SER OA 7 74.02 -57.20 30.17
N ILE OA 8 74.95 -58.16 30.08
CA ILE OA 8 74.58 -59.50 29.64
C ILE OA 8 73.64 -60.17 30.63
N VAL OA 9 73.82 -59.90 31.93
CA VAL OA 9 72.91 -60.47 32.93
C VAL OA 9 71.50 -59.98 32.71
N ASN OA 10 71.34 -58.67 32.49
CA ASN OA 10 70.02 -58.13 32.21
C ASN OA 10 69.43 -58.72 30.94
N ALA OA 11 70.24 -58.82 29.88
CA ALA OA 11 69.75 -59.37 28.62
C ALA OA 11 69.37 -60.84 28.76
N ASP OA 12 70.15 -61.59 29.52
CA ASP OA 12 69.84 -63.01 29.73
C ASP OA 12 68.52 -63.17 30.50
N ALA OA 13 68.29 -62.32 31.48
CA ALA OA 13 67.01 -62.34 32.19
C ALA OA 13 65.86 -62.04 31.23
N GLU OA 14 66.05 -61.07 30.34
CA GLU OA 14 65.04 -60.75 29.33
C GLU OA 14 64.96 -61.80 28.23
N ALA OA 15 65.94 -62.71 28.16
CA ALA OA 15 65.99 -63.74 27.10
C ALA OA 15 66.00 -63.12 25.71
N ARG OA 16 66.71 -62.01 25.56
CA ARG OA 16 66.81 -61.32 24.28
C ARG OA 16 68.27 -61.10 23.93
N TYR OA 17 68.60 -61.20 22.64
CA TYR OA 17 69.92 -60.82 22.18
C TYR OA 17 70.19 -59.36 22.55
N LEU OA 18 71.48 -59.04 22.71
CA LEU OA 18 71.87 -57.74 23.24
C LEU OA 18 71.29 -56.60 22.41
N SER OA 19 70.69 -55.63 23.09
CA SER OA 19 70.06 -54.51 22.42
C SER OA 19 71.10 -53.60 21.80
N PRO OA 20 70.72 -52.80 20.80
CA PRO OA 20 71.70 -51.91 20.17
C PRO OA 20 72.38 -50.97 21.14
N GLY OA 21 71.61 -50.39 22.09
CA GLY OA 21 72.21 -49.49 23.06
C GLY OA 21 73.15 -50.20 24.02
N GLU OA 22 72.77 -51.40 24.45
CA GLU OA 22 73.64 -52.18 25.33
C GLU OA 22 74.94 -52.53 24.63
N LEU OA 23 74.87 -52.93 23.36
CA LEU OA 23 76.08 -53.19 22.60
C LEU OA 23 76.94 -51.93 22.48
N ASP OA 24 76.30 -50.78 22.32
CA ASP OA 24 77.03 -49.52 22.27
C ASP OA 24 77.76 -49.25 23.58
N ARG OA 25 77.12 -49.58 24.71
CA ARG OA 25 77.78 -49.42 26.00
C ARG OA 25 79.03 -50.27 26.09
N ILE OA 26 78.96 -51.51 25.64
CA ILE OA 26 80.14 -52.38 25.63
C ILE OA 26 81.22 -51.81 24.73
N LYS OA 27 80.83 -51.27 23.58
CA LYS OA 27 81.80 -50.66 22.68
C LYS OA 27 82.49 -49.47 23.33
N ASN OA 28 81.73 -48.67 24.08
CA ASN OA 28 82.33 -47.56 24.82
C ASN OA 28 83.35 -48.05 25.83
N PHE OA 29 83.05 -49.16 26.51
CA PHE OA 29 84.02 -49.75 27.43
C PHE OA 29 85.30 -50.13 26.70
N VAL OA 30 85.18 -50.70 25.51
CA VAL OA 30 86.36 -51.06 24.72
C VAL OA 30 87.16 -49.81 24.37
N SER OA 31 86.48 -48.72 24.01
CA SER OA 31 87.16 -47.50 23.62
C SER OA 31 87.95 -46.91 24.78
N THR OA 32 87.38 -46.91 25.99
CA THR OA 32 88.00 -46.28 27.14
C THR OA 32 88.78 -47.26 28.01
N GLY OA 33 88.97 -48.50 27.54
CA GLY OA 33 89.68 -49.47 28.35
C GLY OA 33 91.11 -49.07 28.65
N GLU OA 34 91.81 -48.52 27.64
CA GLU OA 34 93.21 -48.13 27.86
C GLU OA 34 93.31 -47.00 28.88
N ARG OA 35 92.42 -46.01 28.81
CA ARG OA 35 92.44 -44.92 29.78
C ARG OA 35 92.15 -45.43 31.17
N ARG OA 36 91.17 -46.33 31.30
CA ARG OA 36 90.86 -46.90 32.61
C ARG OA 36 92.06 -47.68 33.15
N LEU OA 37 92.73 -48.44 32.29
CA LEU OA 37 93.92 -49.18 32.71
C LEU OA 37 95.03 -48.23 33.14
N ARG OA 38 95.20 -47.12 32.44
CA ARG OA 38 96.22 -46.14 32.82
C ARG OA 38 95.95 -45.57 34.20
N ILE OA 39 94.69 -45.24 34.49
CA ILE OA 39 94.34 -44.72 35.81
C ILE OA 39 94.60 -45.78 36.87
N ALA OA 40 94.22 -47.04 36.59
CA ALA OA 40 94.46 -48.11 37.55
C ALA OA 40 95.96 -48.32 37.79
N GLN OA 41 96.76 -48.23 36.72
CA GLN OA 41 98.20 -48.37 36.87
C GLN OA 41 98.78 -47.27 37.75
N THR OA 42 98.28 -46.03 37.59
CA THR OA 42 98.73 -44.94 38.44
C THR OA 42 98.38 -45.22 39.90
N LEU OA 43 97.17 -45.72 40.15
CA LEU OA 43 96.76 -46.03 41.52
C LEU OA 43 97.68 -47.08 42.13
N THR OA 44 97.99 -48.14 41.37
CA THR OA 44 98.89 -49.18 41.88
C THR OA 44 100.28 -48.62 42.13
N GLU OA 45 100.75 -47.73 41.24
CA GLU OA 45 102.09 -47.17 41.39
C GLU OA 45 102.23 -46.35 42.66
N ASN OA 46 101.23 -45.54 42.98
CA ASN OA 46 101.25 -44.70 44.16
C ASN OA 46 100.50 -45.31 45.34
N ARG OA 47 100.29 -46.63 45.31
CA ARG OA 47 99.47 -47.28 46.33
C ARG OA 47 100.04 -47.09 47.73
N GLU OA 48 101.36 -47.30 47.88
CA GLU OA 48 101.96 -47.24 49.22
C GLU OA 48 101.89 -45.82 49.79
N ARG OA 49 102.25 -44.82 48.99
CA ARG OA 49 102.25 -43.44 49.47
C ARG OA 49 100.84 -43.00 49.84
N ILE OA 50 99.86 -43.36 49.01
CA ILE OA 50 98.47 -43.01 49.31
C ILE OA 50 98.02 -43.66 50.61
N VAL OA 51 98.43 -44.90 50.84
CA VAL OA 51 98.05 -45.60 52.07
C VAL OA 51 98.59 -44.86 53.29
N LYS OA 52 99.85 -44.43 53.23
CA LYS OA 52 100.45 -43.74 54.36
C LYS OA 52 99.73 -42.43 54.66
N GLN OA 53 99.54 -41.60 53.62
CA GLN OA 53 98.91 -40.30 53.83
C GLN OA 53 97.48 -40.44 54.34
N ALA OA 54 96.71 -41.35 53.74
CA ALA OA 54 95.33 -41.55 54.17
C ALA OA 54 95.26 -42.09 55.58
N GLY OA 55 96.22 -42.94 55.98
CA GLY OA 55 96.24 -43.44 57.34
C GLY OA 55 96.41 -42.32 58.35
N ASP OA 56 97.30 -41.37 58.06
CA ASP OA 56 97.48 -40.24 58.95
C ASP OA 56 96.19 -39.42 59.07
N GLN OA 57 95.52 -39.17 57.94
CA GLN OA 57 94.28 -38.42 57.97
C GLN OA 57 93.21 -39.15 58.76
N LEU OA 58 93.11 -40.48 58.58
CA LEU OA 58 92.11 -41.25 59.29
C LEU OA 58 92.35 -41.24 60.80
N PHE OA 59 93.62 -41.36 61.21
CA PHE OA 59 93.93 -41.30 62.64
C PHE OA 59 93.56 -39.94 63.22
N GLN OA 60 93.80 -38.87 62.47
CA GLN OA 60 93.40 -37.54 62.92
C GLN OA 60 91.89 -37.44 63.06
N LYS OA 61 91.14 -38.01 62.10
CA LYS OA 61 89.68 -37.93 62.15
C LYS OA 61 89.11 -38.72 63.31
N ARG OA 62 89.67 -39.89 63.60
CA ARG OA 62 89.15 -40.78 64.65
C ARG OA 62 90.29 -41.10 65.60
N PRO OA 63 90.67 -40.16 66.47
CA PRO OA 63 91.78 -40.41 67.39
C PRO OA 63 91.55 -41.57 68.36
N ASP OA 64 90.31 -41.78 68.80
CA ASP OA 64 90.05 -42.81 69.81
C ASP OA 64 90.39 -44.20 69.27
N VAL OA 65 89.98 -44.49 68.03
CA VAL OA 65 90.31 -45.77 67.43
C VAL OA 65 91.82 -45.92 67.28
N VAL OA 66 92.49 -44.85 66.86
CA VAL OA 66 93.94 -44.90 66.69
C VAL OA 66 94.64 -45.07 68.02
N SER OA 67 94.10 -44.46 69.08
CA SER OA 67 94.72 -44.52 70.39
C SER OA 67 94.48 -45.86 71.06
N PRO OA 68 95.26 -46.19 72.09
CA PRO OA 68 94.95 -47.36 72.90
C PRO OA 68 93.58 -47.21 73.54
N GLY OA 69 92.88 -48.34 73.68
CA GLY OA 69 91.47 -48.30 74.01
C GLY OA 69 90.56 -48.16 72.82
N GLY OA 70 91.10 -48.18 71.60
CA GLY OA 70 90.32 -48.26 70.40
C GLY OA 70 90.60 -49.55 69.65
N ASN OA 71 89.93 -49.71 68.51
CA ASN OA 71 90.11 -50.91 67.71
C ASN OA 71 91.56 -51.04 67.26
N ALA OA 72 92.17 -49.95 66.82
CA ALA OA 72 93.58 -49.94 66.46
C ALA OA 72 94.44 -49.50 67.66
N TYR OA 73 94.38 -50.32 68.71
CA TYR OA 73 95.13 -50.06 69.94
C TYR OA 73 96.48 -50.74 69.84
N GLY OA 74 97.55 -49.94 69.81
CA GLY OA 74 98.88 -50.48 69.65
C GLY OA 74 99.31 -50.56 68.19
N GLU OA 75 100.62 -50.69 68.00
CA GLU OA 75 101.16 -50.74 66.65
C GLU OA 75 100.65 -51.95 65.88
N GLU OA 76 100.56 -53.10 66.54
CA GLU OA 76 100.11 -54.31 65.86
C GLU OA 76 98.66 -54.19 65.39
N MET OA 77 97.77 -53.71 66.27
CA MET OA 77 96.38 -53.54 65.88
C MET OA 77 96.23 -52.50 64.79
N THR OA 78 96.98 -51.40 64.89
CA THR OA 78 96.95 -50.38 63.84
C THR OA 78 97.45 -50.94 62.52
N ALA OA 79 98.50 -51.78 62.57
CA ALA OA 79 99.02 -52.39 61.34
C ALA OA 79 97.99 -53.33 60.71
N THR OA 80 97.29 -54.12 61.53
CA THR OA 80 96.25 -54.98 60.99
C THR OA 80 95.13 -54.15 60.36
N CYS OA 81 94.76 -53.05 61.01
CA CYS OA 81 93.74 -52.16 60.44
C CYS OA 81 94.21 -51.58 59.11
N LEU OA 82 95.48 -51.17 59.05
CA LEU OA 82 96.02 -50.62 57.81
C LEU OA 82 96.08 -51.68 56.72
N ARG OA 83 96.37 -52.92 57.08
CA ARG OA 83 96.38 -54.01 56.10
C ARG OA 83 94.98 -54.24 55.53
N ASP OA 84 93.96 -54.20 56.38
CA ASP OA 84 92.59 -54.31 55.89
C ASP OA 84 92.25 -53.14 54.96
N LEU OA 85 92.68 -51.93 55.32
CA LEU OA 85 92.46 -50.78 54.45
C LEU OA 85 93.19 -50.94 53.13
N ASP OA 86 94.39 -51.53 53.16
CA ASP OA 86 95.13 -51.78 51.92
C ASP OA 86 94.40 -52.76 51.03
N TYR OA 87 93.81 -53.81 51.61
CA TYR OA 87 93.00 -54.73 50.82
C TYR OA 87 91.81 -53.99 50.19
N TYR OA 88 91.18 -53.09 50.95
CA TYR OA 88 90.13 -52.25 50.37
C TYR OA 88 90.66 -51.45 49.18
N LEU OA 89 91.84 -50.85 49.33
CA LEU OA 89 92.40 -50.03 48.26
C LEU OA 89 92.67 -50.85 47.01
N ARG OA 90 93.20 -52.06 47.17
CA ARG OA 90 93.43 -52.93 46.03
C ARG OA 90 92.12 -53.30 45.36
N LEU OA 91 91.09 -53.59 46.15
CA LEU OA 91 89.78 -53.89 45.58
C LEU OA 91 89.22 -52.69 44.83
N VAL OA 92 89.45 -51.49 45.35
CA VAL OA 92 89.00 -50.28 44.67
C VAL OA 92 89.71 -50.12 43.33
N THR OA 93 91.01 -50.42 43.29
CA THR OA 93 91.74 -50.38 42.02
C THR OA 93 91.17 -51.38 41.03
N TYR OA 94 90.87 -52.60 41.50
CA TYR OA 94 90.28 -53.61 40.63
C TYR OA 94 88.94 -53.14 40.08
N GLY OA 95 88.10 -52.54 40.94
CA GLY OA 95 86.82 -52.05 40.50
C GLY OA 95 86.94 -50.92 39.49
N ILE OA 96 87.89 -50.00 39.73
CA ILE OA 96 88.09 -48.88 38.81
C ILE OA 96 88.52 -49.40 37.44
N VAL OA 97 89.41 -50.39 37.42
CA VAL OA 97 89.82 -50.99 36.15
C VAL OA 97 88.64 -51.66 35.46
N ALA OA 98 87.83 -52.39 36.23
CA ALA OA 98 86.70 -53.10 35.64
C ALA OA 98 85.66 -52.14 35.07
N GLY OA 99 85.46 -50.99 35.72
CA GLY OA 99 84.41 -50.07 35.35
C GLY OA 99 83.08 -50.36 35.97
N ASP OA 100 82.94 -51.48 36.67
CA ASP OA 100 81.71 -51.86 37.37
C ASP OA 100 82.06 -52.14 38.82
N VAL OA 101 81.21 -51.66 39.74
CA VAL OA 101 81.45 -51.83 41.16
C VAL OA 101 81.08 -53.21 41.67
N THR OA 102 80.47 -54.05 40.83
CA THR OA 102 80.07 -55.38 41.27
C THR OA 102 81.23 -56.22 41.75
N PRO OA 103 82.38 -56.25 41.08
CA PRO OA 103 83.51 -57.02 41.63
C PRO OA 103 83.93 -56.56 43.02
N ILE OA 104 83.96 -55.24 43.24
CA ILE OA 104 84.32 -54.72 44.55
C ILE OA 104 83.26 -55.11 45.58
N GLU OA 105 81.99 -55.11 45.18
CA GLU OA 105 80.93 -55.51 46.09
C GLU OA 105 81.08 -56.96 46.50
N GLU OA 106 81.44 -57.84 45.56
CA GLU OA 106 81.71 -59.23 45.92
C GLU OA 106 82.89 -59.34 46.87
N ILE OA 107 83.94 -58.54 46.64
CA ILE OA 107 85.14 -58.63 47.46
C ILE OA 107 84.87 -58.18 48.89
N GLY OA 108 84.24 -57.02 49.05
CA GLY OA 108 84.10 -56.44 50.38
C GLY OA 108 82.72 -56.08 50.89
N LEU OA 109 81.78 -55.77 49.99
CA LEU OA 109 80.50 -55.23 50.43
C LEU OA 109 79.62 -56.28 51.09
N VAL OA 110 79.68 -57.53 50.62
CA VAL OA 110 78.81 -58.58 51.16
C VAL OA 110 79.21 -58.86 52.61
N GLY OA 111 78.24 -58.74 53.51
CA GLY OA 111 78.51 -59.00 54.91
C GLY OA 111 79.51 -58.07 55.55
N VAL OA 112 79.66 -56.86 55.01
CA VAL OA 112 80.63 -55.91 55.54
C VAL OA 112 80.28 -55.51 56.96
N ARG OA 113 78.98 -55.31 57.23
CA ARG OA 113 78.55 -54.98 58.58
C ARG OA 113 78.90 -56.10 59.55
N GLU OA 114 78.70 -57.35 59.13
CA GLU OA 114 79.04 -58.48 59.99
C GLU OA 114 80.54 -58.54 60.26
N MET OA 115 81.36 -58.30 59.25
CA MET OA 115 82.81 -58.33 59.45
C MET OA 115 83.26 -57.23 60.40
N TYR OA 116 82.74 -56.01 60.22
CA TYR OA 116 83.11 -54.91 61.11
C TYR OA 116 82.65 -55.17 62.53
N ASN OA 117 81.45 -55.73 62.70
CA ASN OA 117 80.96 -56.05 64.04
C ASN OA 117 81.80 -57.14 64.69
N SER OA 118 82.20 -58.15 63.91
CA SER OA 118 83.05 -59.21 64.46
C SER OA 118 84.40 -58.66 64.90
N LEU OA 119 84.99 -57.77 64.10
CA LEU OA 119 86.25 -57.14 64.49
C LEU OA 119 86.06 -56.20 65.67
N GLY OA 120 84.89 -55.59 65.80
CA GLY OA 120 84.64 -54.58 66.79
C GLY OA 120 84.97 -53.16 66.36
N THR OA 121 85.54 -52.99 65.17
CA THR OA 121 86.03 -51.70 64.71
C THR OA 121 84.89 -50.80 64.26
N PRO OA 122 85.14 -49.48 64.18
CA PRO OA 122 84.07 -48.55 63.80
C PRO OA 122 83.91 -48.35 62.30
N ILE OA 123 82.72 -48.70 61.80
CA ILE OA 123 82.43 -48.52 60.37
C ILE OA 123 82.56 -47.06 59.96
N PRO OA 124 82.07 -46.08 60.73
CA PRO OA 124 82.23 -44.69 60.30
C PRO OA 124 83.68 -44.27 60.10
N ALA OA 125 84.58 -44.76 60.96
CA ALA OA 125 85.99 -44.44 60.77
C ALA OA 125 86.54 -45.04 59.50
N VAL OA 126 86.09 -46.26 59.16
CA VAL OA 126 86.49 -46.85 57.88
C VAL OA 126 86.03 -45.98 56.72
N ALA OA 127 84.81 -45.45 56.80
CA ALA OA 127 84.30 -44.57 55.76
C ALA OA 127 85.15 -43.30 55.66
N GLU OA 128 85.55 -42.74 56.81
CA GLU OA 128 86.38 -41.54 56.79
C GLU OA 128 87.72 -41.81 56.12
N GLY OA 129 88.30 -43.00 56.37
CA GLY OA 129 89.51 -43.37 55.68
C GLY OA 129 89.33 -43.44 54.17
N ILE OA 130 88.17 -43.93 53.73
CA ILE OA 130 87.87 -43.95 52.30
C ILE OA 130 87.84 -42.54 51.74
N ARG OA 131 87.25 -41.60 52.50
CA ARG OA 131 87.21 -40.21 52.05
C ARG OA 131 88.60 -39.62 51.92
N ALA OA 132 89.48 -39.92 52.88
CA ALA OA 132 90.86 -39.44 52.79
C ALA OA 132 91.55 -40.00 51.55
N MET OA 133 91.30 -41.28 51.26
CA MET OA 133 91.85 -41.88 50.04
C MET OA 133 91.33 -41.15 48.79
N LYS OA 134 90.06 -40.76 48.81
CA LYS OA 134 89.49 -40.03 47.67
C LYS OA 134 90.21 -38.70 47.45
N ASN OA 135 90.50 -37.97 48.53
CA ASN OA 135 91.22 -36.71 48.39
C ASN OA 135 92.62 -36.94 47.82
N VAL OA 136 93.33 -37.95 48.31
CA VAL OA 136 94.66 -38.25 47.81
C VAL OA 136 94.60 -38.64 46.33
N ALA OA 137 93.59 -39.42 45.96
CA ALA OA 137 93.43 -39.83 44.57
C ALA OA 137 93.16 -38.63 43.68
N CYS OA 138 92.37 -37.67 44.16
CA CYS OA 138 92.14 -36.45 43.40
C CYS OA 138 93.45 -35.71 43.15
N SER OA 139 94.31 -35.67 44.16
CA SER OA 139 95.62 -35.03 43.99
C SER OA 139 96.46 -35.76 42.96
N LEU OA 140 96.41 -37.08 42.95
CA LEU OA 140 97.29 -37.89 42.10
C LEU OA 140 96.66 -38.29 40.77
N LEU OA 141 95.47 -37.78 40.44
CA LEU OA 141 94.81 -38.11 39.19
C LEU OA 141 94.40 -36.85 38.45
N SER OA 142 94.16 -37.00 37.15
CA SER OA 142 93.60 -35.92 36.35
C SER OA 142 92.14 -35.67 36.73
N ALA OA 143 91.64 -34.50 36.34
CA ALA OA 143 90.29 -34.11 36.77
C ALA OA 143 89.24 -35.08 36.25
N GLU OA 144 89.34 -35.50 34.99
CA GLU OA 144 88.43 -36.51 34.47
C GLU OA 144 88.64 -37.85 35.18
N ASP OA 145 89.90 -38.21 35.42
CA ASP OA 145 90.20 -39.46 36.13
C ASP OA 145 89.70 -39.39 37.57
N ALA OA 146 89.85 -38.23 38.21
CA ALA OA 146 89.44 -38.11 39.61
C ALA OA 146 87.93 -38.29 39.76
N ALA OA 147 87.16 -37.80 38.79
CA ALA OA 147 85.70 -37.91 38.88
C ALA OA 147 85.26 -39.37 38.84
N GLU OA 148 85.82 -40.16 37.92
CA GLU OA 148 85.45 -41.57 37.85
C GLU OA 148 85.95 -42.33 39.08
N ALA OA 149 87.21 -42.08 39.47
CA ALA OA 149 87.73 -42.69 40.68
C ALA OA 149 86.92 -42.28 41.90
N GLY OA 150 86.49 -41.02 41.93
CA GLY OA 150 85.65 -40.56 43.03
C GLY OA 150 84.31 -41.29 43.08
N SER OA 151 83.75 -41.60 41.90
CA SER OA 151 82.48 -42.32 41.86
C SER OA 151 82.62 -43.74 42.42
N TYR OA 152 83.67 -44.45 42.00
CA TYR OA 152 83.91 -45.77 42.56
C TYR OA 152 84.18 -45.69 44.05
N PHE OA 153 84.96 -44.70 44.47
CA PHE OA 153 85.20 -44.51 45.90
C PHE OA 153 83.93 -44.15 46.65
N ASP OA 154 83.00 -43.46 46.00
CA ASP OA 154 81.73 -43.13 46.64
C ASP OA 154 80.90 -44.39 46.88
N PHE OA 155 80.90 -45.31 45.92
CA PHE OA 155 80.29 -46.61 46.16
C PHE OA 155 80.97 -47.31 47.33
N VAL OA 156 82.28 -47.15 47.45
CA VAL OA 156 83.00 -47.74 48.58
C VAL OA 156 82.57 -47.08 49.89
N ILE OA 157 82.30 -45.77 49.86
CA ILE OA 157 81.84 -45.07 51.05
C ILE OA 157 80.48 -45.60 51.48
N GLY OA 158 79.57 -45.78 50.52
CA GLY OA 158 78.29 -46.39 50.84
C GLY OA 158 78.43 -47.80 51.39
N ALA OA 159 79.39 -48.55 50.86
CA ALA OA 159 79.66 -49.88 51.39
C ALA OA 159 80.15 -49.82 52.83
N MET OA 160 80.98 -48.82 53.15
CA MET OA 160 81.42 -48.64 54.52
C MET OA 160 80.25 -48.34 55.44
N GLN OA 161 79.29 -47.54 54.98
CA GLN OA 161 78.08 -47.29 55.75
C GLN OA 161 77.20 -48.53 55.79
N MET PA 1 77.54 -66.11 36.69
CA MET PA 1 78.25 -65.98 35.42
C MET PA 1 79.68 -65.47 35.64
N GLN PA 2 80.42 -65.39 34.55
CA GLN PA 2 81.76 -64.80 34.58
C GLN PA 2 82.08 -64.26 33.20
N ASP PA 3 82.97 -63.27 33.17
CA ASP PA 3 83.44 -62.65 31.93
C ASP PA 3 84.96 -62.72 31.91
N ALA PA 4 85.56 -62.26 30.80
CA ALA PA 4 87.01 -62.28 30.69
C ALA PA 4 87.65 -61.36 31.72
N ILE PA 5 87.13 -60.14 31.84
CA ILE PA 5 87.63 -59.21 32.86
C ILE PA 5 87.39 -59.77 34.25
N THR PA 6 86.22 -60.38 34.46
CA THR PA 6 85.92 -60.98 35.76
C THR PA 6 86.87 -62.13 36.08
N ALA PA 7 87.23 -62.91 35.07
CA ALA PA 7 88.18 -64.01 35.29
C ALA PA 7 89.55 -63.48 35.68
N VAL PA 8 90.01 -62.41 35.03
CA VAL PA 8 91.27 -61.79 35.43
C VAL PA 8 91.18 -61.28 36.87
N ILE PA 9 90.03 -60.68 37.21
CA ILE PA 9 89.83 -60.18 38.57
C ILE PA 9 89.83 -61.33 39.57
N ASN PA 10 89.22 -62.47 39.20
CA ASN PA 10 89.20 -63.62 40.09
C ASN PA 10 90.61 -64.16 40.33
N ALA PA 11 91.43 -64.22 39.28
CA ALA PA 11 92.81 -64.66 39.45
C ALA PA 11 93.58 -63.71 40.35
N SER PA 12 93.40 -62.39 40.17
CA SER PA 12 94.08 -61.42 41.01
C SER PA 12 93.60 -61.52 42.46
N ASP PA 13 92.30 -61.76 42.66
CA ASP PA 13 91.78 -61.90 44.01
C ASP PA 13 92.35 -63.14 44.70
N VAL PA 14 92.43 -64.26 43.98
CA VAL PA 14 93.02 -65.47 44.55
C VAL PA 14 94.47 -65.21 44.92
N GLN PA 15 95.20 -64.49 44.05
CA GLN PA 15 96.57 -64.11 44.39
C GLN PA 15 96.62 -63.17 45.58
N GLY PA 16 95.57 -62.36 45.77
CA GLY PA 16 95.61 -61.34 46.79
C GLY PA 16 96.53 -60.19 46.46
N LYS PA 17 96.82 -59.98 45.18
CA LYS PA 17 97.80 -58.99 44.76
C LYS PA 17 97.18 -58.09 43.69
N TYR PA 18 97.75 -56.90 43.55
CA TYR PA 18 97.33 -55.98 42.51
C TYR PA 18 97.66 -56.57 41.13
N LEU PA 19 96.92 -56.11 40.13
CA LEU PA 19 97.03 -56.68 38.79
C LEU PA 19 98.45 -56.53 38.26
N ASP PA 20 98.99 -57.63 37.72
CA ASP PA 20 100.30 -57.61 37.12
C ASP PA 20 100.26 -56.93 35.75
N THR PA 21 101.43 -56.53 35.27
CA THR PA 21 101.51 -55.93 33.94
C THR PA 21 101.14 -56.94 32.86
N ALA PA 22 101.57 -58.19 33.01
CA ALA PA 22 101.20 -59.22 32.05
C ALA PA 22 99.70 -59.48 32.08
N ALA PA 23 99.10 -59.52 33.27
CA ALA PA 23 97.65 -59.66 33.37
C ALA PA 23 96.94 -58.47 32.72
N MET PA 24 97.50 -57.26 32.91
CA MET PA 24 96.94 -56.09 32.25
C MET PA 24 97.05 -56.20 30.74
N GLU PA 25 98.14 -56.79 30.24
CA GLU PA 25 98.26 -57.02 28.80
C GLU PA 25 97.19 -57.97 28.30
N LYS PA 26 96.87 -59.01 29.08
CA LYS PA 26 95.77 -59.89 28.72
C LYS PA 26 94.46 -59.12 28.66
N LEU PA 27 94.22 -58.24 29.63
CA LEU PA 27 93.03 -57.41 29.61
C LEU PA 27 93.01 -56.50 28.39
N LYS PA 28 94.18 -55.95 28.03
CA LYS PA 28 94.26 -55.09 26.85
C LYS PA 28 93.92 -55.85 25.59
N ALA PA 29 94.36 -57.11 25.49
CA ALA PA 29 94.00 -57.93 24.33
C ALA PA 29 92.49 -58.15 24.26
N TYR PA 30 91.85 -58.38 25.41
CA TYR PA 30 90.40 -58.49 25.44
C TYR PA 30 89.75 -57.21 24.96
N PHE PA 31 90.26 -56.06 25.40
CA PHE PA 31 89.71 -54.78 24.97
C PHE PA 31 89.87 -54.62 23.45
N ALA PA 32 91.01 -55.05 22.91
CA ALA PA 32 91.22 -54.93 21.47
C ALA PA 32 90.24 -55.79 20.68
N THR PA 33 89.98 -57.01 21.13
CA THR PA 33 89.08 -57.91 20.40
C THR PA 33 87.61 -57.54 20.61
N GLY PA 34 87.30 -56.67 21.57
CA GLY PA 34 85.92 -56.39 21.90
C GLY PA 34 85.12 -55.80 20.74
N GLU PA 35 85.74 -54.93 19.95
CA GLU PA 35 85.01 -54.24 18.89
C GLU PA 35 84.50 -55.24 17.85
N LEU PA 36 85.38 -56.12 17.39
CA LEU PA 36 84.96 -57.14 16.43
C LEU PA 36 83.92 -58.08 17.03
N ARG PA 37 84.11 -58.46 18.30
CA ARG PA 37 83.14 -59.34 18.95
C ARG PA 37 81.76 -58.68 19.03
N VAL PA 38 81.72 -57.40 19.36
CA VAL PA 38 80.43 -56.71 19.51
C VAL PA 38 79.71 -56.61 18.17
N ARG PA 39 80.43 -56.23 17.11
CA ARG PA 39 79.81 -56.16 15.79
C ARG PA 39 79.32 -57.53 15.35
N ALA PA 40 80.10 -58.58 15.65
CA ALA PA 40 79.68 -59.93 15.31
C ALA PA 40 78.40 -60.33 16.04
N ALA PA 41 78.30 -59.97 17.31
CA ALA PA 41 77.09 -60.29 18.06
C ALA PA 41 75.87 -59.60 17.46
N SER PA 42 76.02 -58.34 17.06
CA SER PA 42 74.93 -57.64 16.41
C SER PA 42 74.54 -58.33 15.10
N VAL PA 43 75.53 -58.78 14.33
CA VAL PA 43 75.24 -59.51 13.09
C VAL PA 43 74.51 -60.81 13.40
N ILE PA 44 74.92 -61.49 14.48
CA ILE PA 44 74.30 -62.76 14.83
C ILE PA 44 72.82 -62.57 15.17
N SER PA 45 72.51 -61.51 15.92
CA SER PA 45 71.12 -61.25 16.27
C SER PA 45 70.27 -60.97 15.04
N ALA PA 46 70.82 -60.21 14.08
CA ALA PA 46 70.05 -59.83 12.90
C ALA PA 46 69.72 -61.06 12.05
N ASN PA 47 70.66 -61.98 11.90
CA ASN PA 47 70.48 -63.17 11.07
C ASN PA 47 70.24 -64.42 11.89
N ALA PA 48 69.72 -64.28 13.12
CA ALA PA 48 69.53 -65.44 13.99
C ALA PA 48 68.52 -66.42 13.40
N ALA PA 49 67.41 -65.90 12.88
CA ALA PA 49 66.38 -66.78 12.30
C ALA PA 49 66.94 -67.52 11.09
N ASN PA 50 67.69 -66.82 10.23
CA ASN PA 50 68.27 -67.49 9.07
C ASN PA 50 69.27 -68.56 9.49
N ILE PA 51 70.08 -68.28 10.51
CA ILE PA 51 71.05 -69.27 10.98
C ILE PA 51 70.33 -70.52 11.48
N VAL PA 52 69.27 -70.32 12.27
CA VAL PA 52 68.52 -71.47 12.79
C VAL PA 52 67.91 -72.27 11.67
N LYS PA 53 67.32 -71.59 10.67
CA LYS PA 53 66.68 -72.30 9.57
C LYS PA 53 67.68 -73.15 8.79
N GLU PA 54 68.81 -72.55 8.41
CA GLU PA 54 69.79 -73.29 7.62
C GLU PA 54 70.34 -74.48 8.41
N ALA PA 55 70.69 -74.27 9.68
CA ALA PA 55 71.26 -75.35 10.48
C ALA PA 55 70.26 -76.49 10.67
N VAL PA 56 68.99 -76.15 10.94
CA VAL PA 56 67.98 -77.18 11.13
C VAL PA 56 67.79 -77.99 9.85
N ALA PA 57 67.75 -77.30 8.71
CA ALA PA 57 67.57 -78.01 7.44
C ALA PA 57 68.73 -78.95 7.15
N LYS PA 58 69.96 -78.49 7.39
CA LYS PA 58 71.12 -79.35 7.16
C LYS PA 58 71.12 -80.54 8.11
N SER PA 59 70.70 -80.33 9.35
CA SER PA 59 70.82 -81.37 10.37
C SER PA 59 69.78 -82.46 10.20
N LEU PA 60 68.50 -82.10 10.11
CA LEU PA 60 67.42 -83.08 10.25
C LEU PA 60 66.33 -82.99 9.19
N LEU PA 61 66.42 -82.09 8.22
CA LEU PA 61 65.38 -82.00 7.20
C LEU PA 61 65.38 -83.25 6.33
N TYR PA 62 64.18 -83.75 6.03
CA TYR PA 62 64.00 -84.96 5.21
C TYR PA 62 64.78 -86.14 5.80
N SER PA 63 64.63 -86.34 7.11
CA SER PA 63 65.37 -87.37 7.81
C SER PA 63 64.41 -88.23 8.64
N ASP PA 64 64.96 -89.31 9.21
CA ASP PA 64 64.17 -90.22 10.02
C ASP PA 64 63.64 -89.55 11.27
N ILE PA 65 64.38 -88.58 11.83
CA ILE PA 65 63.90 -87.85 12.99
C ILE PA 65 62.60 -87.14 12.66
N THR PA 66 62.52 -86.53 11.48
CA THR PA 66 61.25 -85.94 11.04
C THR PA 66 60.22 -87.01 10.74
N ARG PA 67 60.66 -88.15 10.21
CA ARG PA 67 59.73 -89.22 9.85
C ARG PA 67 59.10 -89.82 11.11
N PRO PA 68 57.93 -90.45 10.97
CA PRO PA 68 57.20 -90.92 12.14
C PRO PA 68 58.04 -91.85 13.01
N GLY PA 69 57.95 -91.65 14.32
CA GLY PA 69 58.75 -92.41 15.26
C GLY PA 69 60.18 -91.95 15.42
N GLY PA 70 60.55 -90.82 14.82
CA GLY PA 70 61.92 -90.35 14.88
C GLY PA 70 62.23 -89.39 16.01
N MET PA 72 61.32 -86.48 16.49
CA MET PA 72 61.04 -85.11 16.06
C MET PA 72 59.85 -85.14 15.11
N TYR PA 73 59.08 -86.23 15.20
CA TYR PA 73 57.95 -86.48 14.30
C TYR PA 73 56.64 -85.93 14.83
N THR PA 74 56.67 -85.20 15.94
CA THR PA 74 55.50 -84.48 16.43
C THR PA 74 55.74 -82.99 16.25
N THR PA 75 54.66 -82.25 16.01
CA THR PA 75 54.79 -80.80 15.86
C THR PA 75 55.34 -80.17 17.12
N ARG PA 76 54.90 -80.63 18.28
CA ARG PA 76 55.43 -80.13 19.55
C ARG PA 76 56.92 -80.40 19.67
N ARG PA 77 57.34 -81.62 19.30
CA ARG PA 77 58.76 -81.95 19.36
C ARG PA 77 59.58 -81.11 18.38
N TYR PA 78 59.04 -80.88 17.19
CA TYR PA 78 59.72 -80.04 16.20
C TYR PA 78 59.92 -78.63 16.76
N ALA PA 79 58.86 -78.04 17.32
CA ALA PA 79 58.97 -76.71 17.90
C ALA PA 79 59.93 -76.69 19.08
N ALA PA 80 59.86 -77.71 19.93
CA ALA PA 80 60.76 -77.78 21.08
C ALA PA 80 62.22 -77.93 20.65
N CYS PA 81 62.45 -78.71 19.59
CA CYS PA 81 63.80 -78.84 19.06
C CYS PA 81 64.34 -77.50 18.60
N ILE PA 82 63.50 -76.73 17.89
CA ILE PA 82 63.92 -75.40 17.46
C ILE PA 82 64.16 -74.50 18.66
N ARG PA 83 63.34 -74.63 19.70
CA ARG PA 83 63.50 -73.79 20.89
C ARG PA 83 64.82 -74.09 21.59
N ASP PA 84 65.15 -75.37 21.76
CA ASP PA 84 66.41 -75.73 22.39
C ASP PA 84 67.60 -75.27 21.55
N LEU PA 85 67.51 -75.41 20.22
CA LEU PA 85 68.60 -74.97 19.35
C LEU PA 85 68.77 -73.45 19.43
N ASP PA 86 67.66 -72.71 19.42
CA ASP PA 86 67.76 -71.26 19.51
C ASP PA 86 68.35 -70.82 20.84
N TYR PA 87 67.96 -71.50 21.93
CA TYR PA 87 68.53 -71.19 23.24
C TYR PA 87 70.03 -71.45 23.24
N TYR PA 88 70.47 -72.56 22.64
CA TYR PA 88 71.90 -72.83 22.56
C TYR PA 88 72.62 -71.72 21.80
N LEU PA 89 72.07 -71.33 20.65
CA LEU PA 89 72.71 -70.28 19.85
C LEU PA 89 72.79 -68.97 20.62
N ARG PA 90 71.71 -68.60 21.31
CA ARG PA 90 71.65 -67.29 21.97
C ARG PA 90 72.59 -67.24 23.17
N TYR PA 91 72.54 -68.26 24.04
CA TYR PA 91 73.40 -68.26 25.21
C TYR PA 91 74.87 -68.28 24.79
N ALA PA 92 75.22 -69.09 23.79
CA ALA PA 92 76.59 -69.10 23.30
C ALA PA 92 76.98 -67.76 22.70
N THR PA 93 76.04 -67.07 22.06
CA THR PA 93 76.33 -65.75 21.51
C THR PA 93 76.66 -64.76 22.62
N TYR PA 94 75.91 -64.80 23.72
CA TYR PA 94 76.21 -63.93 24.85
C TYR PA 94 77.58 -64.26 25.44
N ALA PA 95 77.90 -65.55 25.55
CA ALA PA 95 79.21 -65.95 26.04
C ALA PA 95 80.32 -65.47 25.09
N MET PA 96 80.05 -65.50 23.79
CA MET PA 96 81.02 -64.98 22.83
C MET PA 96 81.27 -63.50 23.03
N LEU PA 97 80.21 -62.74 23.31
CA LEU PA 97 80.39 -61.32 23.63
C LEU PA 97 81.23 -61.15 24.88
N ALA PA 98 81.01 -61.99 25.89
CA ALA PA 98 81.81 -61.90 27.11
C ALA PA 98 83.26 -62.26 26.85
N GLY PA 99 83.51 -63.21 25.95
CA GLY PA 99 84.84 -63.74 25.74
C GLY PA 99 85.23 -64.87 26.68
N ASP PA 100 84.36 -65.22 27.62
CA ASP PA 100 84.61 -66.28 28.58
C ASP PA 100 83.49 -67.32 28.51
N PRO PA 101 83.81 -68.60 28.42
CA PRO PA 101 82.77 -69.62 28.33
C PRO PA 101 82.23 -70.12 29.66
N SER PA 102 82.70 -69.58 30.78
CA SER PA 102 82.24 -70.03 32.08
C SER PA 102 80.75 -69.75 32.27
N ILE PA 103 80.28 -68.60 31.81
CA ILE PA 103 78.86 -68.26 31.94
C ILE PA 103 78.01 -69.26 31.16
N LEU PA 104 78.42 -69.59 29.94
CA LEU PA 104 77.67 -70.56 29.14
C LEU PA 104 77.67 -71.93 29.81
N ASP PA 105 78.82 -72.37 30.30
CA ASP PA 105 78.91 -73.68 30.93
C ASP PA 105 78.06 -73.75 32.19
N GLU PA 106 78.11 -72.70 33.02
CA GLU PA 106 77.33 -72.72 34.25
C GLU PA 106 75.83 -72.61 33.98
N ARG PA 107 75.43 -71.70 33.08
CA ARG PA 107 74.02 -71.44 32.87
C ARG PA 107 73.34 -72.55 32.07
N VAL PA 108 74.00 -73.07 31.04
CA VAL PA 108 73.35 -73.97 30.10
C VAL PA 108 73.86 -75.41 30.22
N LEU PA 109 75.10 -75.63 30.64
CA LEU PA 109 75.69 -76.96 30.65
C LEU PA 109 75.56 -77.67 31.99
N ASN PA 110 74.84 -77.10 32.94
CA ASN PA 110 74.64 -77.71 34.25
C ASN PA 110 73.38 -78.56 34.21
N GLY PA 111 73.54 -79.88 34.31
CA GLY PA 111 72.42 -80.80 34.29
C GLY PA 111 71.79 -81.03 32.94
N LEU PA 112 72.35 -80.45 31.88
CA LEU PA 112 71.76 -80.60 30.55
C LEU PA 112 71.81 -82.05 30.10
N LYS PA 113 72.91 -82.76 30.37
CA LYS PA 113 73.01 -84.15 29.97
C LYS PA 113 71.98 -85.01 30.66
N GLU PA 114 71.77 -84.79 31.97
CA GLU PA 114 70.76 -85.56 32.69
C GLU PA 114 69.37 -85.25 32.16
N THR PA 115 69.07 -83.98 31.91
CA THR PA 115 67.76 -83.61 31.37
C THR PA 115 67.54 -84.24 30.01
N TYR PA 116 68.56 -84.19 29.14
CA TYR PA 116 68.44 -84.80 27.82
C TYR PA 116 68.31 -86.32 27.90
N ASN PA 117 68.98 -86.94 28.88
CA ASN PA 117 68.81 -88.37 29.10
C ASN PA 117 67.39 -88.72 29.47
N SER PA 118 66.78 -87.91 30.35
CA SER PA 118 65.38 -88.12 30.69
C SER PA 118 64.49 -87.87 29.47
N LEU PA 119 64.83 -86.88 28.66
CA LEU PA 119 64.01 -86.57 27.48
C LEU PA 119 64.14 -87.64 26.41
N GLY PA 120 65.29 -88.30 26.32
CA GLY PA 120 65.53 -89.26 25.26
C GLY PA 120 66.05 -88.67 23.98
N VAL PA 121 66.35 -87.37 23.96
CA VAL PA 121 66.88 -86.71 22.77
C VAL PA 121 68.28 -87.23 22.48
N PRO PA 122 68.67 -87.35 21.21
CA PRO PA 122 70.04 -87.79 20.89
C PRO PA 122 71.01 -86.63 21.04
N ILE PA 123 71.83 -86.69 22.08
CA ILE PA 123 72.79 -85.62 22.33
C ILE PA 123 73.82 -85.54 21.21
N ALA PA 124 74.23 -86.70 20.69
CA ALA PA 124 75.20 -86.72 19.58
C ALA PA 124 74.61 -86.09 18.33
N ALA PA 125 73.35 -86.40 18.01
CA ALA PA 125 72.70 -85.77 16.87
C ALA PA 125 72.58 -84.26 17.07
N THR PA 126 72.26 -83.84 18.30
CA THR PA 126 72.23 -82.41 18.60
C THR PA 126 73.61 -81.80 18.44
N VAL PA 127 74.67 -82.54 18.81
CA VAL PA 127 76.02 -82.02 18.67
C VAL PA 127 76.38 -81.84 17.20
N GLN PA 128 75.98 -82.79 16.36
CA GLN PA 128 76.20 -82.65 14.92
C GLN PA 128 75.46 -81.43 14.38
N ALA PA 129 74.22 -81.23 14.83
CA ALA PA 129 73.46 -80.05 14.41
C ALA PA 129 74.13 -78.77 14.88
N ILE PA 130 74.66 -78.77 16.10
CA ILE PA 130 75.32 -77.57 16.63
C ILE PA 130 76.59 -77.29 15.85
N GLN PA 131 77.32 -78.33 15.46
CA GLN PA 131 78.52 -78.15 14.64
C GLN PA 131 78.16 -77.57 13.28
N ALA PA 132 77.07 -78.05 12.68
CA ALA PA 132 76.60 -77.49 11.43
C ALA PA 132 76.20 -76.02 11.60
N MET PA 133 75.55 -75.70 12.72
CA MET PA 133 75.21 -74.32 13.02
C MET PA 133 76.46 -73.48 13.19
N LYS PA 134 77.50 -74.07 13.78
CA LYS PA 134 78.78 -73.36 13.91
C LYS PA 134 79.36 -73.05 12.54
N GLU PA 135 79.28 -73.99 11.61
CA GLU PA 135 79.76 -73.74 10.25
C GLU PA 135 78.99 -72.62 9.59
N VAL PA 136 77.66 -72.65 9.68
CA VAL PA 136 76.83 -71.62 9.06
C VAL PA 136 77.07 -70.27 9.72
N THR PA 137 77.17 -70.26 11.06
CA THR PA 137 77.42 -69.01 11.76
C THR PA 137 78.78 -68.42 11.39
N ALA PA 138 79.80 -69.26 11.28
CA ALA PA 138 81.11 -68.79 10.85
C ALA PA 138 81.03 -68.20 9.45
N SER PA 139 80.28 -68.83 8.55
CA SER PA 139 80.14 -68.32 7.19
C SER PA 139 79.49 -66.94 7.19
N LEU PA 140 78.41 -66.77 7.96
CA LEU PA 140 77.70 -65.50 7.96
C LEU PA 140 78.51 -64.41 8.66
N VAL PA 141 79.10 -64.73 9.81
CA VAL PA 141 79.79 -63.71 10.61
C VAL PA 141 81.12 -63.32 9.98
N GLY PA 142 81.86 -64.28 9.45
CA GLY PA 142 83.21 -64.05 8.99
C GLY PA 142 84.22 -64.92 9.72
N ALA PA 143 85.46 -64.87 9.22
CA ALA PA 143 86.50 -65.75 9.73
C ALA PA 143 86.86 -65.44 11.18
N ASP PA 144 87.10 -64.16 11.48
CA ASP PA 144 87.51 -63.78 12.83
C ASP PA 144 86.44 -64.10 13.86
N ALA PA 145 85.18 -63.76 13.54
CA ALA PA 145 84.09 -64.10 14.44
C ALA PA 145 83.84 -65.60 14.47
N GLY PA 146 84.06 -66.29 13.35
CA GLY PA 146 83.84 -67.72 13.33
C GLY PA 146 84.77 -68.49 14.25
N LYS PA 147 86.02 -68.04 14.36
CA LYS PA 147 86.99 -68.74 15.21
C LYS PA 147 86.55 -68.73 16.66
N GLU PA 148 86.16 -67.56 17.18
CA GLU PA 148 85.67 -67.49 18.55
C GLU PA 148 84.36 -68.25 18.71
N MET PA 149 83.45 -68.12 17.74
CA MET PA 149 82.19 -68.84 17.80
C MET PA 149 82.43 -70.35 17.77
N GLY PA 150 83.41 -70.79 16.99
CA GLY PA 150 83.75 -72.21 16.96
C GLY PA 150 84.25 -72.71 18.30
N ILE PA 151 85.06 -71.90 18.99
CA ILE PA 151 85.56 -72.29 20.30
C ILE PA 151 84.42 -72.41 21.30
N TYR PA 152 83.50 -71.44 21.30
CA TYR PA 152 82.33 -71.52 22.17
C TYR PA 152 81.46 -72.71 21.82
N PHE PA 153 81.27 -72.98 20.53
CA PHE PA 153 80.49 -74.13 20.11
C PHE PA 153 81.18 -75.43 20.50
N ASP PA 154 82.52 -75.46 20.49
CA ASP PA 154 83.24 -76.64 20.95
C ASP PA 154 83.03 -76.85 22.45
N TYR PA 155 82.98 -75.75 23.22
CA TYR PA 155 82.64 -75.87 24.63
C TYR PA 155 81.23 -76.43 24.80
N ILE PA 156 80.31 -76.00 23.95
CA ILE PA 156 78.95 -76.56 23.98
C ILE PA 156 78.98 -78.05 23.64
N CYS PA 157 79.81 -78.43 22.68
CA CYS PA 157 79.94 -79.85 22.32
C CYS PA 157 80.48 -80.65 23.50
N SER PA 158 81.45 -80.10 24.23
CA SER PA 158 81.94 -80.77 25.42
C SER PA 158 80.86 -80.89 26.47
N GLY PA 159 80.04 -79.84 26.63
CA GLY PA 159 78.93 -79.92 27.56
C GLY PA 159 77.84 -80.88 27.15
N LEU PA 160 77.78 -81.25 25.86
CA LEU PA 160 76.78 -82.20 25.40
C LEU PA 160 76.91 -83.53 26.13
N SER PA 161 78.10 -83.89 26.57
CA SER PA 161 78.38 -85.15 27.26
C SER PA 161 77.39 -85.41 28.40
N SER QA 2 40.86 -88.51 24.11
CA SER QA 2 39.58 -89.19 24.07
C SER QA 2 38.61 -88.59 25.07
N VAL QA 3 37.32 -88.90 24.90
CA VAL QA 3 36.32 -88.49 25.89
C VAL QA 3 36.63 -89.11 27.24
N VAL QA 4 37.00 -90.39 27.23
CA VAL QA 4 37.39 -91.06 28.46
C VAL QA 4 38.63 -90.41 29.06
N THR QA 5 39.57 -90.00 28.20
CA THR QA 5 40.80 -89.37 28.69
C THR QA 5 40.52 -88.04 29.37
N LYS QA 6 39.68 -87.20 28.77
CA LYS QA 6 39.32 -85.93 29.40
C LYS QA 6 38.59 -86.15 30.71
N SER QA 7 37.65 -87.11 30.73
CA SER QA 7 36.97 -87.45 31.98
C SER QA 7 37.96 -87.92 33.03
N ILE QA 8 38.98 -88.68 32.62
CA ILE QA 8 39.98 -89.17 33.55
C ILE QA 8 40.76 -88.00 34.15
N VAL QA 9 41.05 -86.98 33.35
CA VAL QA 9 41.78 -85.82 33.86
C VAL QA 9 40.98 -85.11 34.94
N ASN QA 10 39.69 -84.85 34.67
CA ASN QA 10 38.84 -84.21 35.67
C ASN QA 10 38.74 -85.08 36.92
N ALA QA 11 38.58 -86.40 36.74
CA ALA QA 11 38.50 -87.30 37.88
C ALA QA 11 39.80 -87.33 38.67
N ASP QA 12 40.95 -87.20 37.98
CA ASP QA 12 42.23 -87.21 38.69
C ASP QA 12 42.34 -86.03 39.65
N ALA QA 13 41.95 -84.84 39.20
CA ALA QA 13 41.97 -83.69 40.09
C ALA QA 13 40.98 -83.86 41.23
N GLU QA 14 39.77 -84.35 40.92
CA GLU QA 14 38.74 -84.48 41.94
C GLU QA 14 39.05 -85.59 42.94
N ALA QA 15 39.79 -86.62 42.51
CA ALA QA 15 39.97 -87.85 43.28
C ALA QA 15 38.62 -88.47 43.63
N ARG QA 16 37.64 -88.28 42.77
CA ARG QA 16 36.28 -88.72 43.00
C ARG QA 16 35.76 -89.45 41.76
N TYR QA 17 34.84 -90.37 41.98
CA TYR QA 17 34.27 -91.13 40.89
C TYR QA 17 33.46 -90.21 39.97
N LEU QA 18 33.44 -90.58 38.69
CA LEU QA 18 32.74 -89.77 37.69
C LEU QA 18 31.25 -89.68 38.01
N SER QA 19 30.70 -88.47 37.87
CA SER QA 19 29.29 -88.24 38.17
C SER QA 19 28.42 -88.90 37.12
N PRO QA 20 27.11 -88.97 37.37
CA PRO QA 20 26.22 -89.62 36.39
C PRO QA 20 26.29 -88.99 35.00
N GLY QA 21 26.42 -87.66 34.94
CA GLY QA 21 26.57 -87.02 33.64
C GLY QA 21 27.86 -87.40 32.94
N GLU QA 22 28.96 -87.46 33.69
CA GLU QA 22 30.23 -87.90 33.10
C GLU QA 22 30.14 -89.33 32.62
N LEU QA 23 29.51 -90.20 33.39
CA LEU QA 23 29.30 -91.58 32.96
C LEU QA 23 28.42 -91.62 31.71
N ASP QA 24 27.43 -90.74 31.63
CA ASP QA 24 26.60 -90.67 30.44
C ASP QA 24 27.41 -90.27 29.22
N ARG QA 25 28.36 -89.36 29.38
CA ARG QA 25 29.25 -89.01 28.28
C ARG QA 25 30.06 -90.22 27.82
N ILE QA 26 30.58 -90.99 28.77
CA ILE QA 26 31.31 -92.20 28.42
C ILE QA 26 30.40 -93.18 27.68
N LYS QA 27 29.15 -93.30 28.14
CA LYS QA 27 28.20 -94.20 27.50
C LYS QA 27 27.89 -93.75 26.08
N ASN QA 28 27.77 -92.44 25.85
CA ASN QA 28 27.53 -91.94 24.52
C ASN QA 28 28.68 -92.26 23.57
N PHE QA 29 29.92 -92.09 24.05
CA PHE QA 29 31.07 -92.46 23.23
C PHE QA 29 31.06 -93.95 22.93
N VAL QA 30 30.72 -94.78 23.91
CA VAL QA 30 30.63 -96.21 23.68
C VAL QA 30 29.55 -96.53 22.66
N SER QA 31 28.41 -95.83 22.73
CA SER QA 31 27.32 -96.08 21.80
C SER QA 31 27.72 -95.74 20.37
N THR QA 32 28.48 -94.66 20.18
CA THR QA 32 28.85 -94.19 18.85
C THR QA 32 30.22 -94.69 18.40
N GLY QA 33 30.82 -95.63 19.13
CA GLY QA 33 32.11 -96.18 18.71
C GLY QA 33 32.04 -96.83 17.33
N GLU QA 34 30.98 -97.58 17.06
CA GLU QA 34 30.82 -98.19 15.74
C GLU QA 34 30.70 -97.13 14.65
N ARG QA 35 29.97 -96.06 14.93
CA ARG QA 35 29.84 -94.98 13.96
C ARG QA 35 31.19 -94.33 13.68
N ARG QA 36 31.99 -94.11 14.72
CA ARG QA 36 33.32 -93.52 14.52
C ARG QA 36 34.20 -94.43 13.68
N LEU QA 37 34.16 -95.74 13.94
CA LEU QA 37 34.98 -96.67 13.17
C LEU QA 37 34.55 -96.70 11.71
N ARG QA 38 33.25 -96.65 11.45
CA ARG QA 38 32.77 -96.64 10.07
C ARG QA 38 33.24 -95.40 9.32
N ILE QA 39 33.13 -94.23 9.96
CA ILE QA 39 33.60 -93.00 9.32
C ILE QA 39 35.09 -93.07 9.04
N ALA QA 40 35.86 -93.62 10.00
CA ALA QA 40 37.29 -93.77 9.79
C ALA QA 40 37.58 -94.73 8.64
N GLN QA 41 36.78 -95.77 8.50
CA GLN QA 41 36.94 -96.70 7.38
C GLN QA 41 36.82 -95.98 6.05
N THR QA 42 35.79 -95.13 5.91
CA THR QA 42 35.61 -94.39 4.68
C THR QA 42 36.79 -93.45 4.43
N LEU QA 43 37.19 -92.70 5.46
CA LEU QA 43 38.24 -91.70 5.29
C LEU QA 43 39.56 -92.37 4.90
N THR QA 44 39.93 -93.43 5.60
CA THR QA 44 41.18 -94.12 5.29
C THR QA 44 41.15 -94.74 3.90
N GLU QA 45 40.00 -95.31 3.51
CA GLU QA 45 39.91 -95.96 2.21
C GLU QA 45 40.13 -94.97 1.07
N ASN QA 46 39.54 -93.79 1.15
CA ASN QA 46 39.66 -92.79 0.10
C ASN QA 46 40.72 -91.73 0.42
N ARG QA 47 41.63 -92.01 1.35
CA ARG QA 47 42.54 -90.99 1.86
C ARG QA 47 43.41 -90.40 0.74
N GLU QA 48 44.03 -91.26 -0.07
CA GLU QA 48 44.96 -90.77 -1.08
C GLU QA 48 44.26 -89.89 -2.10
N ARG QA 49 43.07 -90.31 -2.55
CA ARG QA 49 42.32 -89.51 -3.51
C ARG QA 49 41.96 -88.14 -2.93
N ILE QA 50 41.56 -88.12 -1.66
CA ILE QA 50 41.22 -86.86 -1.01
C ILE QA 50 42.45 -85.95 -0.97
N VAL QA 51 43.62 -86.52 -0.70
CA VAL QA 51 44.84 -85.72 -0.60
C VAL QA 51 45.14 -85.05 -1.93
N LYS QA 52 45.05 -85.80 -3.02
CA LYS QA 52 45.38 -85.24 -4.32
C LYS QA 52 44.35 -84.19 -4.76
N GLN QA 53 43.07 -84.45 -4.51
CA GLN QA 53 42.04 -83.48 -4.85
C GLN QA 53 42.21 -82.20 -4.03
N ALA QA 54 42.49 -82.33 -2.73
CA ALA QA 54 42.66 -81.16 -1.88
C ALA QA 54 43.89 -80.38 -2.28
N GLY QA 55 44.95 -81.05 -2.73
CA GLY QA 55 46.12 -80.34 -3.23
C GLY QA 55 45.78 -79.46 -4.43
N ASP QA 56 44.99 -80.00 -5.35
CA ASP QA 56 44.56 -79.19 -6.50
C ASP QA 56 43.76 -77.98 -6.05
N GLN QA 57 42.83 -78.18 -5.11
CA GLN QA 57 42.01 -77.07 -4.63
C GLN QA 57 42.85 -76.01 -3.94
N LEU QA 58 43.79 -76.44 -3.08
CA LEU QA 58 44.63 -75.48 -2.36
C LEU QA 58 45.49 -74.69 -3.32
N PHE QA 59 46.05 -75.34 -4.33
CA PHE QA 59 46.89 -74.64 -5.29
C PHE QA 59 46.09 -73.63 -6.10
N GLN QA 60 44.84 -73.96 -6.43
CA GLN QA 60 43.99 -73.00 -7.13
C GLN QA 60 43.68 -71.79 -6.24
N LYS QA 61 43.34 -72.03 -4.98
CA LYS QA 61 42.93 -70.94 -4.10
C LYS QA 61 44.11 -70.05 -3.73
N ARG QA 62 45.28 -70.63 -3.48
CA ARG QA 62 46.48 -69.91 -3.09
C ARG QA 62 47.61 -70.29 -4.03
N PRO QA 63 47.58 -69.81 -5.27
CA PRO QA 63 48.66 -70.15 -6.22
C PRO QA 63 50.02 -69.61 -5.85
N ASP QA 64 50.08 -68.65 -4.92
CA ASP QA 64 51.38 -68.11 -4.50
C ASP QA 64 52.26 -69.20 -3.90
N VAL QA 65 51.65 -70.16 -3.19
CA VAL QA 65 52.42 -71.24 -2.58
C VAL QA 65 53.12 -72.07 -3.66
N VAL QA 66 52.41 -72.35 -4.76
CA VAL QA 66 52.99 -73.11 -5.86
C VAL QA 66 53.68 -72.21 -6.87
N SER QA 67 53.62 -70.90 -6.70
CA SER QA 67 54.29 -69.97 -7.60
C SER QA 67 55.79 -69.96 -7.35
N PRO QA 68 56.57 -69.43 -8.30
CA PRO QA 68 58.00 -69.24 -8.04
C PRO QA 68 58.21 -68.34 -6.84
N GLY QA 69 59.17 -68.73 -6.00
CA GLY QA 69 59.37 -68.06 -4.73
C GLY QA 69 58.50 -68.57 -3.60
N GLY QA 70 57.48 -69.36 -3.89
CA GLY QA 70 56.70 -69.98 -2.85
C GLY QA 70 57.40 -71.17 -2.23
N ASN QA 71 56.92 -71.59 -1.07
CA ASN QA 71 57.55 -72.69 -0.36
C ASN QA 71 57.49 -73.98 -1.17
N ALA QA 72 56.34 -74.25 -1.78
CA ALA QA 72 56.17 -75.47 -2.58
C ALA QA 72 56.40 -75.19 -4.06
N TYR QA 73 57.60 -74.71 -4.36
CA TYR QA 73 58.04 -74.50 -5.73
C TYR QA 73 58.94 -75.65 -6.14
N GLY QA 74 58.54 -76.39 -7.16
CA GLY QA 74 59.26 -77.56 -7.59
C GLY QA 74 58.60 -78.85 -7.10
N GLU QA 75 58.95 -79.95 -7.77
CA GLU QA 75 58.29 -81.22 -7.50
C GLU QA 75 58.58 -81.71 -6.09
N GLU QA 76 59.83 -81.62 -5.65
CA GLU QA 76 60.19 -82.12 -4.32
C GLU QA 76 59.45 -81.35 -3.22
N MET QA 77 59.45 -80.02 -3.32
CA MET QA 77 58.77 -79.21 -2.31
C MET QA 77 57.26 -79.46 -2.33
N THR QA 78 56.67 -79.59 -3.53
CA THR QA 78 55.24 -79.87 -3.62
C THR QA 78 54.91 -81.24 -3.02
N ALA QA 79 55.78 -82.23 -3.24
CA ALA QA 79 55.56 -83.54 -2.64
C ALA QA 79 55.64 -83.44 -1.12
N THR QA 80 56.56 -82.63 -0.60
CA THR QA 80 56.61 -82.42 0.84
C THR QA 80 55.33 -81.77 1.34
N CYS QA 81 54.77 -80.84 0.57
CA CYS QA 81 53.49 -80.25 0.94
C CYS QA 81 52.39 -81.29 1.00
N LEU QA 82 52.35 -82.19 0.02
CA LEU QA 82 51.35 -83.25 0.03
C LEU QA 82 51.54 -84.18 1.23
N ARG QA 83 52.79 -84.49 1.57
CA ARG QA 83 53.05 -85.35 2.71
C ARG QA 83 52.63 -84.69 4.01
N ASP QA 84 52.87 -83.38 4.14
CA ASP QA 84 52.43 -82.66 5.33
C ASP QA 84 50.91 -82.63 5.43
N LEU QA 85 50.22 -82.42 4.30
CA LEU QA 85 48.77 -82.47 4.31
C LEU QA 85 48.27 -83.86 4.67
N ASP QA 86 48.96 -84.89 4.17
CA ASP QA 86 48.58 -86.26 4.51
C ASP QA 86 48.76 -86.54 6.00
N TYR QA 87 49.84 -86.02 6.60
CA TYR QA 87 50.02 -86.17 8.03
C TYR QA 87 48.88 -85.51 8.80
N TYR QA 88 48.47 -84.32 8.36
CA TYR QA 88 47.34 -83.65 9.01
C TYR QA 88 46.06 -84.47 8.85
N LEU QA 89 45.82 -85.01 7.66
CA LEU QA 89 44.59 -85.77 7.43
C LEU QA 89 44.56 -87.05 8.25
N ARG QA 90 45.69 -87.76 8.33
CA ARG QA 90 45.76 -88.95 9.17
C ARG QA 90 45.57 -88.59 10.64
N LEU QA 91 46.13 -87.47 11.07
CA LEU QA 91 45.90 -87.00 12.44
C LEU QA 91 44.43 -86.71 12.67
N VAL QA 92 43.75 -86.14 11.68
CA VAL QA 92 42.32 -85.88 11.80
C VAL QA 92 41.55 -87.19 11.92
N THR QA 93 41.96 -88.21 11.18
CA THR QA 93 41.31 -89.51 11.29
C THR QA 93 41.50 -90.10 12.68
N TYR QA 94 42.72 -89.98 13.23
CA TYR QA 94 42.96 -90.45 14.59
C TYR QA 94 42.09 -89.72 15.59
N GLY QA 95 41.98 -88.39 15.45
CA GLY QA 95 41.13 -87.64 16.35
C GLY QA 95 39.66 -88.01 16.23
N ILE QA 96 39.20 -88.25 15.01
CA ILE QA 96 37.81 -88.63 14.80
C ILE QA 96 37.52 -89.96 15.48
N VAL QA 97 38.44 -90.93 15.35
CA VAL QA 97 38.29 -92.20 16.04
C VAL QA 97 38.26 -91.99 17.55
N ALA QA 98 39.11 -91.10 18.05
CA ALA QA 98 39.12 -90.81 19.48
C ALA QA 98 37.82 -90.18 19.94
N GLY QA 99 37.18 -89.39 19.08
CA GLY QA 99 35.98 -88.66 19.44
C GLY QA 99 36.22 -87.31 20.07
N ASP QA 100 37.47 -86.96 20.34
CA ASP QA 100 37.83 -85.66 20.90
C ASP QA 100 39.03 -85.10 20.16
N VAL QA 101 39.13 -83.78 20.14
CA VAL QA 101 40.27 -83.13 19.50
C VAL QA 101 41.55 -83.23 20.31
N THR QA 102 41.46 -83.73 21.54
CA THR QA 102 42.66 -83.86 22.37
C THR QA 102 43.73 -84.75 21.76
N PRO QA 103 43.41 -85.92 21.19
CA PRO QA 103 44.48 -86.72 20.56
C PRO QA 103 45.18 -85.98 19.43
N ILE QA 104 44.41 -85.29 18.57
CA ILE QA 104 45.02 -84.54 17.48
C ILE QA 104 45.89 -83.42 18.05
N GLU QA 105 45.41 -82.73 19.08
CA GLU QA 105 46.16 -81.63 19.67
C GLU QA 105 47.48 -82.12 20.26
N GLU QA 106 47.47 -83.29 20.91
CA GLU QA 106 48.71 -83.84 21.44
C GLU QA 106 49.67 -84.21 20.32
N ILE QA 107 49.16 -84.83 19.25
CA ILE QA 107 50.03 -85.26 18.15
C ILE QA 107 50.65 -84.05 17.46
N GLY QA 108 49.84 -83.04 17.17
CA GLY QA 108 50.31 -81.85 16.50
C GLY QA 108 49.37 -80.69 16.80
N LEU QA 109 49.66 -79.55 16.18
CA LEU QA 109 48.97 -78.26 16.33
C LEU QA 109 49.37 -77.57 17.62
N VAL QA 110 50.22 -78.18 18.45
CA VAL QA 110 50.84 -77.50 19.59
C VAL QA 110 52.23 -77.10 19.16
N GLY QA 111 52.47 -75.80 19.06
CA GLY QA 111 53.71 -75.32 18.48
C GLY QA 111 53.77 -75.42 16.97
N VAL QA 112 52.65 -75.77 16.32
CA VAL QA 112 52.64 -75.89 14.86
C VAL QA 112 52.93 -74.55 14.22
N ARG QA 113 52.43 -73.46 14.81
CA ARG QA 113 52.75 -72.14 14.30
C ARG QA 113 54.25 -71.90 14.32
N GLU QA 114 54.90 -72.23 15.43
CA GLU QA 114 56.34 -72.07 15.52
C GLU QA 114 57.06 -72.88 14.44
N MET QA 115 56.69 -74.15 14.30
CA MET QA 115 57.40 -75.04 13.39
C MET QA 115 57.19 -74.62 11.94
N TYR QA 116 55.95 -74.43 11.52
CA TYR QA 116 55.68 -74.09 10.12
C TYR QA 116 56.26 -72.73 9.76
N ASN QA 117 56.14 -71.74 10.66
CA ASN QA 117 56.70 -70.43 10.38
C ASN QA 117 58.22 -70.50 10.25
N SER QA 118 58.87 -71.30 11.10
CA SER QA 118 60.30 -71.49 10.97
C SER QA 118 60.65 -72.16 9.64
N LEU QA 119 59.84 -73.14 9.23
CA LEU QA 119 60.09 -73.82 7.95
C LEU QA 119 59.97 -72.86 6.78
N GLY QA 120 59.12 -71.85 6.89
CA GLY QA 120 58.96 -70.86 5.84
C GLY QA 120 57.74 -71.03 4.98
N THR QA 121 56.84 -71.97 5.30
CA THR QA 121 55.59 -72.12 4.58
C THR QA 121 54.51 -71.26 5.24
N PRO QA 122 53.62 -70.66 4.44
CA PRO QA 122 52.63 -69.74 5.02
C PRO QA 122 51.57 -70.48 5.82
N ILE QA 123 51.39 -70.06 7.07
CA ILE QA 123 50.37 -70.66 7.92
C ILE QA 123 48.99 -70.50 7.32
N PRO QA 124 48.59 -69.34 6.79
CA PRO QA 124 47.27 -69.24 6.16
C PRO QA 124 47.07 -70.21 5.01
N ALA QA 125 48.10 -70.42 4.20
CA ALA QA 125 47.97 -71.35 3.08
C ALA QA 125 47.80 -72.79 3.57
N VAL QA 126 48.53 -73.17 4.63
CA VAL QA 126 48.34 -74.49 5.22
C VAL QA 126 46.91 -74.64 5.72
N ALA QA 127 46.38 -73.59 6.37
CA ALA QA 127 45.00 -73.63 6.84
C ALA QA 127 44.03 -73.78 5.69
N GLU QA 128 44.29 -73.11 4.57
CA GLU QA 128 43.43 -73.23 3.40
C GLU QA 128 43.43 -74.66 2.87
N GLY QA 129 44.59 -75.32 2.88
CA GLY QA 129 44.63 -76.72 2.50
C GLY QA 129 43.80 -77.59 3.41
N ILE QA 130 43.82 -77.32 4.72
CA ILE QA 130 42.97 -78.05 5.64
C ILE QA 130 41.50 -77.85 5.30
N ARG QA 131 41.13 -76.62 4.95
CA ARG QA 131 39.74 -76.35 4.57
C ARG QA 131 39.35 -77.11 3.32
N ALA QA 132 40.25 -77.19 2.34
CA ALA QA 132 39.97 -77.97 1.13
C ALA QA 132 39.76 -79.44 1.47
N MET QA 133 40.56 -79.98 2.39
CA MET QA 133 40.38 -81.35 2.82
C MET QA 133 39.02 -81.56 3.46
N LYS QA 134 38.57 -80.60 4.28
CA LYS QA 134 37.26 -80.71 4.90
C LYS QA 134 36.15 -80.71 3.84
N ASN QA 135 36.28 -79.86 2.82
CA ASN QA 135 35.28 -79.83 1.75
C ASN QA 135 35.24 -81.15 1.01
N VAL QA 136 36.41 -81.71 0.69
CA VAL QA 136 36.46 -82.99 -0.01
C VAL QA 136 35.84 -84.09 0.85
N ALA QA 137 36.10 -84.08 2.15
CA ALA QA 137 35.50 -85.06 3.05
C ALA QA 137 33.99 -84.92 3.08
N CYS QA 138 33.49 -83.69 3.05
CA CYS QA 138 32.04 -83.48 3.00
C CYS QA 138 31.45 -84.10 1.75
N SER QA 139 32.13 -83.94 0.62
CA SER QA 139 31.64 -84.54 -0.63
C SER QA 139 31.67 -86.06 -0.56
N LEU QA 140 32.71 -86.63 0.06
CA LEU QA 140 32.92 -88.07 0.03
C LEU QA 140 32.28 -88.82 1.20
N LEU QA 141 31.63 -88.13 2.13
CA LEU QA 141 31.07 -88.78 3.31
C LEU QA 141 29.61 -88.39 3.48
N SER QA 142 28.90 -89.19 4.27
CA SER QA 142 27.51 -88.92 4.60
C SER QA 142 27.42 -87.71 5.52
N ALA QA 143 26.26 -87.05 5.49
CA ALA QA 143 26.09 -85.78 6.19
C ALA QA 143 26.28 -85.94 7.70
N GLU QA 144 25.70 -86.99 8.28
CA GLU QA 144 25.82 -87.19 9.72
C GLU QA 144 27.27 -87.44 10.12
N ASP QA 145 27.97 -88.28 9.38
CA ASP QA 145 29.40 -88.48 9.63
C ASP QA 145 30.19 -87.21 9.29
N ALA QA 146 29.77 -86.49 8.25
CA ALA QA 146 30.44 -85.24 7.89
C ALA QA 146 30.29 -84.20 8.99
N ALA QA 147 29.21 -84.25 9.76
CA ALA QA 147 29.03 -83.29 10.85
C ALA QA 147 30.12 -83.45 11.89
N GLU QA 148 30.37 -84.69 12.34
CA GLU QA 148 31.44 -84.94 13.30
C GLU QA 148 32.80 -84.68 12.68
N ALA QA 149 33.02 -85.21 11.47
CA ALA QA 149 34.30 -85.01 10.80
C ALA QA 149 34.56 -83.53 10.55
N GLY QA 150 33.53 -82.79 10.14
CA GLY QA 150 33.69 -81.36 9.96
C GLY QA 150 34.05 -80.64 11.25
N SER QA 151 33.49 -81.11 12.37
CA SER QA 151 33.81 -80.48 13.66
C SER QA 151 35.28 -80.65 14.01
N TYR QA 152 35.80 -81.88 13.86
CA TYR QA 152 37.21 -82.11 14.17
C TYR QA 152 38.11 -81.38 13.18
N PHE QA 153 37.74 -81.38 11.90
CA PHE QA 153 38.46 -80.56 10.91
C PHE QA 153 38.49 -79.10 11.33
N ASP QA 154 37.34 -78.57 11.77
CA ASP QA 154 37.26 -77.17 12.13
C ASP QA 154 38.13 -76.85 13.33
N PHE QA 155 38.24 -77.80 14.28
CA PHE QA 155 39.16 -77.60 15.39
C PHE QA 155 40.59 -77.47 14.88
N VAL QA 156 40.97 -78.28 13.89
CA VAL QA 156 42.30 -78.17 13.31
C VAL QA 156 42.46 -76.81 12.63
N ILE QA 157 41.42 -76.34 11.94
CA ILE QA 157 41.49 -75.05 11.27
C ILE QA 157 41.69 -73.94 12.28
N GLY QA 158 40.95 -73.98 13.40
CA GLY QA 158 41.11 -72.98 14.42
C GLY QA 158 42.48 -72.98 15.05
N ALA QA 159 43.03 -74.17 15.30
CA ALA QA 159 44.39 -74.26 15.82
C ALA QA 159 45.40 -73.69 14.83
N MET QA 160 45.20 -73.94 13.53
CA MET QA 160 46.08 -73.38 12.52
C MET QA 160 46.02 -71.86 12.53
N GLN QA 161 44.82 -71.30 12.73
CA GLN QA 161 44.66 -69.85 12.79
C GLN QA 161 45.48 -69.24 13.91
N MET RA 1 48.77 -89.65 30.62
CA MET RA 1 47.71 -90.65 30.72
C MET RA 1 47.45 -91.32 29.38
N GLN RA 2 46.62 -92.36 29.40
CA GLN RA 2 46.24 -93.05 28.17
C GLN RA 2 44.88 -93.71 28.38
N ASP RA 3 44.22 -94.00 27.28
CA ASP RA 3 43.02 -94.79 27.24
C ASP RA 3 43.24 -95.96 26.28
N ALA RA 4 42.23 -96.82 26.14
CA ALA RA 4 42.34 -97.91 25.18
C ALA RA 4 42.47 -97.36 23.77
N ILE RA 5 41.55 -96.47 23.38
CA ILE RA 5 41.62 -95.84 22.06
C ILE RA 5 42.88 -95.02 21.92
N THR RA 6 43.25 -94.28 22.97
CA THR RA 6 44.43 -93.43 22.91
C THR RA 6 45.70 -94.26 22.75
N ALA RA 7 45.77 -95.40 23.43
CA ALA RA 7 46.94 -96.27 23.30
C ALA RA 7 47.05 -96.85 21.90
N VAL RA 8 45.92 -97.29 21.33
CA VAL RA 8 45.93 -97.75 19.94
C VAL RA 8 46.38 -96.62 19.02
N ILE RA 9 45.91 -95.40 19.28
CA ILE RA 9 46.29 -94.26 18.46
C ILE RA 9 47.78 -93.96 18.60
N ASN RA 10 48.32 -94.11 19.81
CA ASN RA 10 49.75 -93.86 20.01
C ASN RA 10 50.59 -94.86 19.23
N ALA RA 11 50.20 -96.14 19.27
CA ALA RA 11 50.91 -97.15 18.48
C ALA RA 11 50.82 -96.84 16.99
N SER RA 12 49.63 -96.45 16.53
CA SER RA 12 49.47 -96.10 15.12
C SER RA 12 50.28 -94.88 14.75
N ASP RA 13 50.40 -93.92 15.67
CA ASP RA 13 51.18 -92.71 15.40
C ASP RA 13 52.67 -93.03 15.30
N VAL RA 14 53.17 -93.90 16.18
CA VAL RA 14 54.56 -94.33 16.07
C VAL RA 14 54.79 -95.04 14.75
N GLN RA 15 53.85 -95.89 14.34
CA GLN RA 15 53.96 -96.55 13.04
C GLN RA 15 53.88 -95.57 11.89
N GLY RA 16 53.08 -94.51 12.05
CA GLY RA 16 52.84 -93.56 10.98
C GLY RA 16 51.77 -94.00 9.99
N LYS RA 17 51.17 -95.16 10.19
CA LYS RA 17 50.26 -95.75 9.22
C LYS RA 17 48.82 -95.31 9.46
N TYR RA 18 48.00 -95.48 8.42
CA TYR RA 18 46.58 -95.21 8.53
C TYR RA 18 45.92 -96.26 9.43
N LEU RA 19 44.67 -95.99 9.81
CA LEU RA 19 43.96 -96.85 10.74
C LEU RA 19 43.87 -98.28 10.20
N ASP RA 20 44.20 -99.24 11.04
CA ASP RA 20 44.25 -100.65 10.65
C ASP RA 20 42.99 -101.37 11.09
N THR RA 21 42.64 -102.42 10.35
CA THR RA 21 41.47 -103.22 10.69
C THR RA 21 41.66 -103.95 12.02
N ALA RA 22 42.87 -104.45 12.28
CA ALA RA 22 43.13 -105.10 13.56
C ALA RA 22 43.04 -104.10 14.71
N ALA RA 23 43.56 -102.88 14.51
CA ALA RA 23 43.39 -101.84 15.52
C ALA RA 23 41.92 -101.50 15.71
N MET RA 24 41.14 -101.52 14.62
CA MET RA 24 39.70 -101.30 14.72
C MET RA 24 39.03 -102.39 15.54
N GLU RA 25 39.48 -103.64 15.36
CA GLU RA 25 38.93 -104.74 16.16
C GLU RA 25 39.22 -104.55 17.64
N LYS RA 26 40.46 -104.15 17.98
CA LYS RA 26 40.78 -103.89 19.37
C LYS RA 26 39.94 -102.76 19.94
N LEU RA 27 39.78 -101.67 19.18
CA LEU RA 27 38.94 -100.57 19.63
C LEU RA 27 37.49 -101.01 19.76
N LYS RA 28 37.04 -101.89 18.86
CA LYS RA 28 35.67 -102.41 18.95
C LYS RA 28 35.47 -103.22 20.22
N ALA RA 29 36.49 -103.97 20.63
CA ALA RA 29 36.41 -104.68 21.90
C ALA RA 29 36.27 -103.72 23.06
N TYR RA 30 37.03 -102.62 23.03
CA TYR RA 30 36.90 -101.60 24.07
C TYR RA 30 35.49 -101.02 24.07
N PHE RA 31 34.95 -100.71 22.89
CA PHE RA 31 33.61 -100.17 22.81
C PHE RA 31 32.56 -101.16 23.29
N ALA RA 32 32.74 -102.45 22.95
CA ALA RA 32 31.76 -103.45 23.34
C ALA RA 32 31.75 -103.68 24.85
N THR RA 33 32.92 -103.72 25.48
CA THR RA 33 33.00 -103.90 26.92
C THR RA 33 32.73 -102.61 27.68
N GLY RA 34 32.70 -101.46 27.00
CA GLY RA 34 32.57 -100.19 27.69
C GLY RA 34 31.25 -100.03 28.43
N GLU RA 35 30.15 -100.49 27.82
CA GLU RA 35 28.85 -100.33 28.46
C GLU RA 35 28.77 -101.09 29.77
N LEU RA 36 29.14 -102.37 29.75
CA LEU RA 36 29.16 -103.16 30.97
C LEU RA 36 30.15 -102.57 31.98
N ARG RA 37 31.31 -102.11 31.51
CA ARG RA 37 32.29 -101.52 32.40
C ARG RA 37 31.75 -100.26 33.06
N VAL RA 38 30.99 -99.46 32.32
CA VAL RA 38 30.45 -98.22 32.88
C VAL RA 38 29.43 -98.53 33.98
N ARG RA 39 28.52 -99.48 33.73
CA ARG RA 39 27.55 -99.85 34.76
C ARG RA 39 28.26 -100.37 36.00
N ALA RA 40 29.26 -101.23 35.80
CA ALA RA 40 30.00 -101.79 36.93
C ALA RA 40 30.76 -100.71 37.68
N ALA RA 41 31.34 -99.75 36.95
CA ALA RA 41 32.07 -98.66 37.60
C ALA RA 41 31.14 -97.81 38.45
N SER RA 42 29.91 -97.59 37.98
CA SER RA 42 28.93 -96.88 38.80
C SER RA 42 28.65 -97.64 40.09
N VAL RA 43 28.53 -98.97 40.02
CA VAL RA 43 28.33 -99.77 41.22
C VAL RA 43 29.52 -99.63 42.16
N ILE RA 44 30.73 -99.66 41.61
CA ILE RA 44 31.94 -99.53 42.44
C ILE RA 44 31.94 -98.17 43.14
N SER RA 45 31.56 -97.13 42.42
CA SER RA 45 31.48 -95.79 43.03
C SER RA 45 30.47 -95.77 44.16
N ALA RA 46 29.30 -96.39 43.96
CA ALA RA 46 28.26 -96.35 44.98
C ALA RA 46 28.70 -97.03 46.26
N ASN RA 47 29.39 -98.17 46.16
CA ASN RA 47 29.80 -98.95 47.32
C ASN RA 47 31.29 -98.82 47.61
N ALA RA 48 31.91 -97.71 47.20
CA ALA RA 48 33.36 -97.54 47.38
C ALA RA 48 33.74 -97.52 48.86
N ALA RA 49 32.99 -96.78 49.68
CA ALA RA 49 33.34 -96.67 51.09
C ALA RA 49 33.22 -98.02 51.79
N ASN RA 50 32.16 -98.76 51.50
CA ASN RA 50 31.97 -100.07 52.12
C ASN RA 50 33.09 -101.04 51.70
N ILE RA 51 33.49 -100.98 50.43
CA ILE RA 51 34.56 -101.85 49.96
C ILE RA 51 35.86 -101.55 50.69
N VAL RA 52 36.17 -100.28 50.88
CA VAL RA 52 37.38 -99.90 51.60
C VAL RA 52 37.33 -100.41 53.03
N LYS RA 53 36.18 -100.27 53.69
CA LYS RA 53 36.05 -100.71 55.07
C LYS RA 53 36.25 -102.23 55.18
N GLU RA 54 35.63 -102.98 54.27
CA GLU RA 54 35.74 -104.44 54.32
C GLU RA 54 37.17 -104.89 54.10
N ALA RA 55 37.86 -104.30 53.11
CA ALA RA 55 39.24 -104.68 52.85
C ALA RA 55 40.14 -104.30 54.02
N VAL RA 56 39.92 -103.12 54.61
CA VAL RA 56 40.73 -102.69 55.74
C VAL RA 56 40.57 -103.65 56.91
N ALA RA 57 39.34 -104.09 57.16
CA ALA RA 57 39.12 -105.09 58.20
C ALA RA 57 39.82 -106.40 57.87
N LYS RA 58 39.69 -106.86 56.62
CA LYS RA 58 40.26 -108.16 56.25
C LYS RA 58 41.77 -108.18 56.49
N SER RA 59 42.48 -107.17 56.00
CA SER RA 59 43.92 -107.13 56.20
C SER RA 59 44.30 -106.76 57.63
N LEU RA 60 43.56 -105.82 58.23
CA LEU RA 60 43.88 -105.30 59.55
C LEU RA 60 42.63 -105.32 60.42
N LEU RA 61 42.38 -106.45 61.09
CA LEU RA 61 41.37 -106.57 62.13
C LEU RA 61 42.07 -107.07 63.38
N TYR RA 62 42.19 -106.21 64.39
CA TYR RA 62 42.97 -106.50 65.59
C TYR RA 62 44.39 -106.93 65.21
N SER RA 63 44.95 -106.23 64.22
CA SER RA 63 46.22 -106.63 63.64
C SER RA 63 47.39 -106.20 64.52
N ASP RA 64 48.50 -106.91 64.39
CA ASP RA 64 49.73 -106.49 65.04
C ASP RA 64 50.20 -105.14 64.52
N ILE RA 65 49.91 -104.82 63.26
CA ILE RA 65 50.20 -103.49 62.73
C ILE RA 65 49.43 -102.43 63.50
N THR RA 66 48.18 -102.73 63.85
CA THR RA 66 47.42 -101.82 64.70
C THR RA 66 47.98 -101.79 66.12
N ARG RA 67 48.53 -102.90 66.59
CA ARG RA 67 49.10 -102.93 67.93
C ARG RA 67 50.33 -102.02 68.00
N PRO RA 68 50.66 -101.53 69.20
CA PRO RA 68 51.72 -100.52 69.30
C PRO RA 68 53.04 -101.00 68.73
N GLY RA 69 53.73 -100.09 68.03
CA GLY RA 69 54.97 -100.42 67.37
C GLY RA 69 54.82 -101.16 66.06
N GLY RA 70 53.62 -101.25 65.51
CA GLY RA 70 53.39 -102.00 64.29
C GLY RA 70 53.39 -101.17 63.01
N MET RA 72 51.45 -98.97 61.99
CA MET RA 72 50.13 -98.41 61.74
C MET RA 72 49.46 -98.08 63.06
N TYR RA 73 50.28 -98.06 64.12
CA TYR RA 73 49.79 -97.96 65.50
C TYR RA 73 49.75 -96.50 65.96
N THR RA 74 48.99 -95.70 65.23
CA THR RA 74 48.72 -94.33 65.62
C THR RA 74 47.40 -93.92 64.98
N THR RA 75 46.79 -92.87 65.53
CA THR RA 75 45.61 -92.32 64.87
C THR RA 75 45.98 -91.77 63.50
N ARG RA 76 47.08 -91.02 63.43
CA ARG RA 76 47.58 -90.53 62.15
C ARG RA 76 47.97 -91.69 61.24
N ARG RA 77 48.66 -92.69 61.79
CA ARG RA 77 49.11 -93.82 60.97
C ARG RA 77 47.92 -94.61 60.42
N TYR RA 78 46.91 -94.86 61.25
CA TYR RA 78 45.73 -95.58 60.79
C TYR RA 78 44.98 -94.80 59.72
N ALA RA 79 44.83 -93.48 59.93
CA ALA RA 79 44.16 -92.65 58.93
C ALA RA 79 44.92 -92.63 57.62
N ALA RA 80 46.25 -92.54 57.69
CA ALA RA 80 47.06 -92.57 56.47
C ALA RA 80 46.94 -93.91 55.76
N CYS RA 81 46.90 -95.00 56.54
CA CYS RA 81 46.73 -96.32 55.95
C CYS RA 81 45.41 -96.41 55.20
N ILE RA 82 44.33 -95.89 55.79
CA ILE RA 82 43.04 -95.88 55.11
C ILE RA 82 43.10 -95.01 53.86
N ARG RA 83 43.75 -93.85 53.95
CA ARG RA 83 43.73 -92.89 52.85
C ARG RA 83 44.43 -93.45 51.60
N ASP RA 84 45.59 -94.08 51.78
CA ASP RA 84 46.34 -94.57 50.63
C ASP RA 84 45.54 -95.63 49.87
N LEU RA 85 44.91 -96.54 50.61
CA LEU RA 85 44.12 -97.59 49.95
C LEU RA 85 42.92 -97.01 49.22
N ASP RA 86 42.27 -96.00 49.81
CA ASP RA 86 41.13 -95.37 49.15
C ASP RA 86 41.55 -94.71 47.84
N TYR RA 87 42.67 -94.00 47.85
CA TYR RA 87 43.16 -93.35 46.63
C TYR RA 87 43.50 -94.40 45.56
N TYR RA 88 44.15 -95.49 45.97
CA TYR RA 88 44.46 -96.55 45.02
C TYR RA 88 43.20 -97.14 44.42
N LEU RA 89 42.17 -97.34 45.24
CA LEU RA 89 40.92 -97.91 44.74
C LEU RA 89 40.26 -96.99 43.71
N ARG RA 90 40.23 -95.68 43.98
CA ARG RA 90 39.60 -94.75 43.06
C ARG RA 90 40.33 -94.72 41.73
N TYR RA 91 41.66 -94.59 41.77
CA TYR RA 91 42.44 -94.57 40.52
C TYR RA 91 42.29 -95.88 39.77
N ALA RA 92 42.26 -97.00 40.49
CA ALA RA 92 42.10 -98.30 39.84
C ALA RA 92 40.73 -98.42 39.18
N THR RA 93 39.68 -97.90 39.82
CA THR RA 93 38.36 -97.93 39.21
C THR RA 93 38.35 -97.15 37.91
N TYR RA 94 38.97 -95.97 37.90
CA TYR RA 94 39.07 -95.20 36.66
C TYR RA 94 39.84 -95.96 35.59
N ALA RA 95 40.95 -96.59 35.98
CA ALA RA 95 41.75 -97.34 35.02
C ALA RA 95 40.98 -98.53 34.45
N MET RA 96 40.23 -99.24 35.31
CA MET RA 96 39.46 -100.39 34.84
C MET RA 96 38.38 -99.95 33.87
N LEU RA 97 37.70 -98.84 34.15
CA LEU RA 97 36.70 -98.34 33.22
C LEU RA 97 37.36 -97.92 31.91
N ALA RA 98 38.53 -97.29 31.98
CA ALA RA 98 39.22 -96.86 30.77
C ALA RA 98 39.69 -98.04 29.94
N GLY RA 99 40.10 -99.13 30.58
CA GLY RA 99 40.64 -100.27 29.89
C GLY RA 99 42.14 -100.21 29.65
N ASP RA 100 42.82 -99.15 30.10
CA ASP RA 100 44.24 -99.00 29.96
C ASP RA 100 44.87 -98.75 31.33
N PRO RA 101 45.95 -99.44 31.69
CA PRO RA 101 46.55 -99.26 33.02
C PRO RA 101 47.72 -98.29 33.09
N SER RA 102 48.15 -97.73 31.95
CA SER RA 102 49.32 -96.86 31.95
C SER RA 102 49.09 -95.61 32.81
N ILE RA 103 47.89 -95.04 32.73
CA ILE RA 103 47.59 -93.84 33.53
C ILE RA 103 47.71 -94.15 35.01
N LEU RA 104 47.20 -95.30 35.44
CA LEU RA 104 47.31 -95.68 36.84
C LEU RA 104 48.76 -95.83 37.26
N ASP RA 105 49.58 -96.45 36.40
CA ASP RA 105 51.00 -96.61 36.72
C ASP RA 105 51.69 -95.26 36.85
N GLU RA 106 51.40 -94.32 35.94
CA GLU RA 106 52.09 -93.04 35.98
C GLU RA 106 51.66 -92.20 37.17
N ARG RA 107 50.35 -92.12 37.41
CA ARG RA 107 49.86 -91.23 38.46
C ARG RA 107 50.15 -91.78 39.85
N VAL RA 108 49.94 -93.07 40.06
CA VAL RA 108 50.02 -93.68 41.38
C VAL RA 108 51.33 -94.41 41.59
N LEU RA 109 51.71 -95.29 40.65
CA LEU RA 109 52.86 -96.17 40.89
C LEU RA 109 54.18 -95.39 40.86
N ASN RA 110 54.27 -94.33 40.07
CA ASN RA 110 55.51 -93.57 39.96
C ASN RA 110 55.82 -92.88 41.28
N GLY RA 111 56.97 -93.24 41.88
CA GLY RA 111 57.40 -92.67 43.13
C GLY RA 111 56.80 -93.31 44.37
N LEU RA 112 55.73 -94.11 44.21
CA LEU RA 112 55.10 -94.72 45.37
C LEU RA 112 56.03 -95.72 46.05
N LYS RA 113 56.76 -96.51 45.26
CA LYS RA 113 57.68 -97.49 45.83
C LYS RA 113 58.80 -96.79 46.61
N GLU RA 114 59.34 -95.71 46.06
CA GLU RA 114 60.40 -94.98 46.76
C GLU RA 114 59.89 -94.38 48.05
N THR RA 115 58.69 -93.78 48.01
CA THR RA 115 58.12 -93.19 49.22
C THR RA 115 57.85 -94.27 50.28
N TYR RA 116 57.31 -95.42 49.85
CA TYR RA 116 57.04 -96.49 50.79
C TYR RA 116 58.34 -97.04 51.38
N ASN RA 117 59.39 -97.13 50.57
CA ASN RA 117 60.68 -97.58 51.07
C ASN RA 117 61.22 -96.60 52.11
N SER RA 118 61.12 -95.30 51.84
CA SER RA 118 61.59 -94.30 52.80
C SER RA 118 60.79 -94.36 54.10
N LEU RA 119 59.47 -94.51 53.98
CA LEU RA 119 58.64 -94.61 55.19
C LEU RA 119 58.91 -95.90 55.94
N GLY RA 120 59.28 -96.97 55.24
CA GLY RA 120 59.43 -98.28 55.85
C GLY RA 120 58.16 -99.08 55.94
N VAL RA 121 57.06 -98.59 55.38
CA VAL RA 121 55.77 -99.30 55.42
C VAL RA 121 55.89 -100.59 54.63
N PRO RA 122 55.22 -101.67 55.04
CA PRO RA 122 55.39 -102.97 54.38
C PRO RA 122 54.61 -103.04 53.07
N ILE RA 123 55.34 -103.10 51.96
CA ILE RA 123 54.69 -103.20 50.65
C ILE RA 123 53.89 -104.48 50.54
N ALA RA 124 54.41 -105.59 51.09
CA ALA RA 124 53.70 -106.85 51.04
C ALA RA 124 52.39 -106.79 51.83
N ALA RA 125 52.41 -106.16 53.00
CA ALA RA 125 51.18 -106.00 53.77
C ALA RA 125 50.16 -105.17 53.01
N THR RA 126 50.61 -104.08 52.37
CA THR RA 126 49.71 -103.29 51.54
C THR RA 126 49.20 -104.11 50.36
N VAL RA 127 50.03 -105.01 49.82
CA VAL RA 127 49.60 -105.84 48.70
C VAL RA 127 48.54 -106.84 49.15
N GLN RA 128 48.68 -107.38 50.36
CA GLN RA 128 47.65 -108.26 50.89
C GLN RA 128 46.34 -107.51 51.08
N ALA RA 129 46.41 -106.27 51.58
CA ALA RA 129 45.21 -105.45 51.69
C ALA RA 129 44.61 -105.16 50.32
N ILE RA 130 45.46 -104.92 49.32
CA ILE RA 130 44.98 -104.66 47.98
C ILE RA 130 44.29 -105.88 47.40
N GLN RA 131 44.84 -107.07 47.67
CA GLN RA 131 44.20 -108.30 47.21
C GLN RA 131 42.85 -108.48 47.89
N ALA RA 132 42.76 -108.16 49.19
CA ALA RA 132 41.47 -108.23 49.87
C ALA RA 132 40.48 -107.24 49.27
N MET RA 133 40.95 -106.04 48.93
CA MET RA 133 40.09 -105.07 48.26
C MET RA 133 39.62 -105.58 46.90
N LYS RA 134 40.52 -106.24 46.16
CA LYS RA 134 40.13 -106.81 44.88
C LYS RA 134 39.06 -107.86 45.05
N GLU RA 135 39.20 -108.72 46.06
CA GLU RA 135 38.20 -109.76 46.30
C GLU RA 135 36.85 -109.16 46.67
N VAL RA 136 36.85 -108.18 47.58
CA VAL RA 136 35.60 -107.56 47.99
C VAL RA 136 34.96 -106.81 46.84
N THR RA 137 35.77 -106.08 46.07
CA THR RA 137 35.23 -105.35 44.92
C THR RA 137 34.67 -106.30 43.87
N ALA RA 138 35.36 -107.42 43.63
CA ALA RA 138 34.84 -108.41 42.69
C ALA RA 138 33.51 -108.99 43.17
N SER RA 139 33.40 -109.25 44.47
CA SER RA 139 32.15 -109.77 45.01
C SER RA 139 31.01 -108.79 44.81
N LEU RA 140 31.24 -107.52 45.14
CA LEU RA 140 30.17 -106.53 45.04
C LEU RA 140 29.81 -106.23 43.59
N VAL RA 141 30.82 -106.04 42.74
CA VAL RA 141 30.57 -105.60 41.38
C VAL RA 141 30.10 -106.76 40.50
N GLY RA 142 30.57 -107.97 40.76
CA GLY RA 142 30.27 -109.11 39.92
C GLY RA 142 31.53 -109.72 39.33
N ALA RA 143 31.35 -110.93 38.79
CA ALA RA 143 32.49 -111.67 38.25
C ALA RA 143 33.07 -110.98 37.02
N ASP RA 144 32.23 -110.57 36.08
CA ASP RA 144 32.72 -109.89 34.89
C ASP RA 144 33.40 -108.58 35.25
N ALA RA 145 32.81 -107.81 36.16
CA ALA RA 145 33.45 -106.61 36.64
C ALA RA 145 34.69 -106.93 37.46
N GLY RA 146 34.68 -108.04 38.20
CA GLY RA 146 35.84 -108.43 38.98
C GLY RA 146 37.05 -108.72 38.12
N LYS RA 147 36.84 -109.21 36.90
CA LYS RA 147 37.95 -109.48 36.00
C LYS RA 147 38.71 -108.20 35.66
N GLU RA 148 37.96 -107.13 35.34
CA GLU RA 148 38.61 -105.84 35.07
C GLU RA 148 39.24 -105.28 36.33
N MET RA 149 38.51 -105.32 37.44
CA MET RA 149 39.06 -104.89 38.72
C MET RA 149 40.29 -105.71 39.09
N GLY RA 150 40.27 -107.00 38.76
CA GLY RA 150 41.44 -107.84 39.03
C GLY RA 150 42.66 -107.42 38.24
N ILE RA 151 42.46 -107.00 36.99
CA ILE RA 151 43.58 -106.52 36.18
C ILE RA 151 44.16 -105.26 36.78
N TYR RA 152 43.30 -104.32 37.19
CA TYR RA 152 43.79 -103.09 37.82
C TYR RA 152 44.50 -103.40 39.13
N PHE RA 153 43.95 -104.31 39.93
CA PHE RA 153 44.59 -104.69 41.18
C PHE RA 153 45.91 -105.39 40.94
N ASP RA 154 46.01 -106.18 39.86
CA ASP RA 154 47.29 -106.80 39.52
C ASP RA 154 48.34 -105.76 39.18
N TYR RA 155 47.94 -104.71 38.45
CA TYR RA 155 48.85 -103.60 38.21
C TYR RA 155 49.28 -102.94 39.51
N ILE RA 156 48.36 -102.81 40.46
CA ILE RA 156 48.69 -102.25 41.77
C ILE RA 156 49.69 -103.15 42.49
N CYS RA 157 49.50 -104.47 42.40
CA CYS RA 157 50.45 -105.39 43.01
C CYS RA 157 51.82 -105.28 42.37
N SER RA 158 51.87 -105.13 41.04
CA SER RA 158 53.14 -104.90 40.37
C SER RA 158 53.80 -103.62 40.85
N GLY RA 159 53.00 -102.57 41.06
CA GLY RA 159 53.54 -101.34 41.60
C GLY RA 159 54.10 -101.52 43.00
N LEU RA 160 53.44 -102.35 43.81
CA LEU RA 160 53.99 -102.69 45.11
C LEU RA 160 55.33 -103.40 44.96
N SER RA 161 55.46 -104.26 43.96
CA SER RA 161 56.73 -104.91 43.65
C SER RA 161 57.74 -103.87 43.19
N ARG SA 2 60.53 -83.18 60.45
CA ARG SA 2 60.91 -84.24 59.53
C ARG SA 2 60.55 -83.87 58.09
N MET SA 3 61.54 -83.95 57.20
CA MET SA 3 61.34 -83.58 55.80
C MET SA 3 62.07 -84.55 54.90
N PHE SA 4 61.69 -84.55 53.64
CA PHE SA 4 62.20 -85.48 52.64
C PHE SA 4 62.85 -84.72 51.50
N LYS SA 5 64.01 -85.19 51.05
CA LYS SA 5 64.69 -84.64 49.88
C LYS SA 5 64.25 -85.44 48.66
N ILE SA 6 63.49 -84.80 47.78
CA ILE SA 6 62.93 -85.45 46.60
C ILE SA 6 63.36 -84.67 45.37
N THR SA 7 63.78 -85.39 44.34
CA THR SA 7 64.16 -84.81 43.07
C THR SA 7 63.30 -85.41 41.97
N ALA SA 8 62.67 -84.55 41.17
CA ALA SA 8 61.78 -84.99 40.11
C ALA SA 8 61.93 -84.07 38.90
N CYS SA 9 61.65 -84.62 37.72
CA CYS SA 9 61.76 -83.88 36.47
C CYS SA 9 60.41 -83.88 35.78
N VAL SA 10 59.89 -82.70 35.47
CA VAL SA 10 58.58 -82.53 34.86
C VAL SA 10 58.77 -81.93 33.48
N PRO SA 11 58.32 -82.58 32.41
CA PRO SA 11 58.42 -81.98 31.07
C PRO SA 11 57.36 -80.89 30.89
N SER SA 12 57.80 -79.73 30.41
CA SER SA 12 56.90 -78.60 30.19
C SER SA 12 56.26 -78.68 28.80
N GLN SA 13 55.47 -79.74 28.60
CA GLN SA 13 54.86 -79.98 27.30
C GLN SA 13 53.83 -78.91 26.96
N THR SA 14 53.02 -78.50 27.93
CA THR SA 14 51.92 -77.58 27.64
C THR SA 14 52.44 -76.21 27.21
N ARG SA 15 53.49 -75.70 27.86
CA ARG SA 15 54.03 -74.37 27.58
C ARG SA 15 55.47 -74.52 27.12
N ILE SA 16 55.74 -74.17 25.87
CA ILE SA 16 57.10 -74.23 25.33
C ILE SA 16 57.75 -72.89 25.67
N ARG SA 17 58.24 -72.82 26.91
CA ARG SA 17 58.60 -71.53 27.49
C ARG SA 17 59.86 -70.95 26.85
N THR SA 18 59.76 -69.70 26.40
CA THR SA 18 60.92 -69.02 25.85
C THR SA 18 61.98 -68.76 26.91
N GLN SA 19 61.56 -68.30 28.09
CA GLN SA 19 62.51 -68.07 29.18
C GLN SA 19 63.12 -69.40 29.63
N ARG SA 20 64.35 -69.31 30.11
CA ARG SA 20 65.09 -70.50 30.55
C ARG SA 20 64.28 -71.30 31.55
N GLU SA 21 63.97 -72.55 31.20
CA GLU SA 21 63.14 -73.40 32.04
C GLU SA 21 63.80 -74.74 32.36
N LEU SA 22 65.10 -74.89 32.11
CA LEU SA 22 65.77 -76.14 32.41
C LEU SA 22 65.79 -76.41 33.91
N GLN SA 23 65.98 -75.37 34.71
CA GLN SA 23 65.97 -75.53 36.16
C GLN SA 23 64.63 -76.07 36.65
N ASN SA 24 63.53 -75.53 36.10
CA ASN SA 24 62.22 -76.07 36.45
C ASN SA 24 62.01 -77.46 35.87
N THR SA 25 62.59 -77.74 34.70
CA THR SA 25 62.40 -79.04 34.07
C THR SA 25 63.01 -80.17 34.90
N TYR SA 26 64.19 -79.94 35.48
CA TYR SA 26 64.84 -80.90 36.35
C TYR SA 26 65.28 -80.19 37.62
N PHE SA 27 64.74 -80.60 38.76
CA PHE SA 27 64.98 -79.91 40.02
C PHE SA 27 65.11 -80.90 41.16
N THR SA 28 65.83 -80.48 42.20
CA THR SA 28 65.96 -81.25 43.44
C THR SA 28 65.58 -80.33 44.59
N LYS SA 29 64.60 -80.76 45.39
CA LYS SA 29 64.04 -79.92 46.44
C LYS SA 29 63.83 -80.73 47.70
N LEU SA 30 63.54 -80.03 48.79
CA LEU SA 30 63.24 -80.64 50.07
C LEU SA 30 61.85 -80.19 50.51
N VAL SA 31 61.00 -81.16 50.84
CA VAL SA 31 59.61 -80.87 51.20
C VAL SA 31 59.30 -81.47 52.57
N PRO SA 32 58.47 -80.83 53.39
CA PRO SA 32 58.08 -81.45 54.65
C PRO SA 32 57.27 -82.71 54.42
N TYR SA 33 57.28 -83.57 55.45
CA TYR SA 33 56.62 -84.88 55.32
C TYR SA 33 55.16 -84.71 54.94
N GLU SA 34 54.45 -83.81 55.63
CA GLU SA 34 53.07 -83.51 55.24
C GLU SA 34 53.01 -82.88 53.85
N ASN SA 35 53.96 -81.99 53.55
CA ASN SA 35 53.99 -81.35 52.24
C ASN SA 35 54.24 -82.37 51.14
N TRP SA 36 54.93 -83.48 51.46
CA TRP SA 36 55.30 -84.44 50.43
C TRP SA 36 54.08 -85.10 49.80
N PHE SA 37 53.01 -85.30 50.57
CA PHE SA 37 51.81 -85.90 50.00
C PHE SA 37 51.24 -85.04 48.88
N ARG SA 38 51.00 -83.76 49.17
CA ARG SA 38 50.47 -82.86 48.16
C ARG SA 38 51.45 -82.65 47.01
N GLU SA 39 52.75 -82.54 47.33
CA GLU SA 39 53.75 -82.29 46.30
C GLU SA 39 53.90 -83.48 45.36
N GLN SA 40 53.91 -84.69 45.91
CA GLN SA 40 53.98 -85.87 45.07
C GLN SA 40 52.75 -85.98 44.18
N GLN SA 41 51.56 -85.72 44.74
CA GLN SA 41 50.35 -85.73 43.93
C GLN SA 41 50.40 -84.66 42.86
N ARG SA 42 50.93 -83.47 43.19
CA ARG SA 42 51.01 -82.39 42.21
C ARG SA 42 51.99 -82.72 41.10
N ILE SA 43 53.14 -83.31 41.45
CA ILE SA 43 54.11 -83.71 40.43
C ILE SA 43 53.52 -84.80 39.56
N GLN SA 44 52.77 -85.74 40.16
CA GLN SA 44 52.09 -86.76 39.37
C GLN SA 44 51.06 -86.14 38.44
N LYS SA 45 50.33 -85.13 38.92
CA LYS SA 45 49.35 -84.44 38.08
C LYS SA 45 50.04 -83.74 36.91
N MET SA 46 51.20 -83.12 37.17
CA MET SA 46 51.99 -82.55 36.09
C MET SA 46 52.50 -83.64 35.15
N GLY SA 47 52.68 -84.85 35.66
CA GLY SA 47 53.21 -85.94 34.87
C GLY SA 47 54.71 -86.13 34.94
N GLY SA 48 55.39 -85.35 35.76
CA GLY SA 48 56.83 -85.50 35.88
C GLY SA 48 57.22 -86.77 36.62
N LYS SA 49 58.34 -87.36 36.19
CA LYS SA 49 58.85 -88.56 36.83
C LYS SA 49 59.59 -88.19 38.10
N ILE SA 50 59.39 -88.98 39.15
CA ILE SA 50 60.04 -88.77 40.44
C ILE SA 50 61.35 -89.55 40.40
N VAL SA 51 62.46 -88.82 40.21
CA VAL SA 51 63.77 -89.47 40.12
C VAL SA 51 64.15 -90.12 41.44
N LYS SA 52 63.93 -89.44 42.56
CA LYS SA 52 64.36 -89.98 43.84
C LYS SA 52 63.52 -89.43 44.98
N VAL SA 53 63.28 -90.28 45.97
CA VAL SA 53 62.70 -89.90 47.25
C VAL SA 53 63.65 -90.33 48.35
N GLU SA 54 64.03 -89.38 49.19
CA GLU SA 54 64.93 -89.65 50.32
C GLU SA 54 64.41 -88.90 51.53
N LEU SA 55 64.82 -89.35 52.71
CA LEU SA 55 64.36 -88.78 53.98
C LEU SA 55 65.53 -88.10 54.68
N PHE SA 56 65.47 -86.77 54.81
CA PHE SA 56 66.50 -86.06 55.55
C PHE SA 56 66.42 -86.37 57.04
N THR SA 57 65.21 -86.56 57.57
CA THR SA 57 65.03 -86.89 58.97
C THR SA 57 65.61 -88.26 59.28
N GLY SA 58 66.14 -88.40 60.51
CA GLY SA 58 66.84 -89.62 60.86
C GLY SA 58 65.93 -90.82 61.05
N LYS SA 59 64.76 -90.62 61.65
CA LYS SA 59 63.91 -91.73 62.05
C LYS SA 59 62.72 -91.87 61.11
N PRO SA 60 62.44 -93.08 60.61
CA PRO SA 60 61.28 -93.33 59.76
C PRO SA 60 59.99 -93.53 60.57
N SER TA 2 45.49 -35.20 -29.17
CA SER TA 2 45.54 -34.13 -28.19
C SER TA 2 44.17 -33.51 -27.97
N VAL TA 3 44.04 -32.78 -26.86
CA VAL TA 3 42.82 -32.01 -26.60
C VAL TA 3 42.57 -31.03 -27.74
N VAL TA 4 43.63 -30.39 -28.21
CA VAL TA 4 43.49 -29.38 -29.27
C VAL TA 4 42.96 -30.02 -30.54
N THR TA 5 43.56 -31.13 -30.97
CA THR TA 5 43.16 -31.72 -32.24
C THR TA 5 41.78 -32.35 -32.16
N LYS TA 6 41.43 -32.95 -31.02
CA LYS TA 6 40.10 -33.52 -30.88
C LYS TA 6 39.03 -32.44 -30.95
N SER TA 7 39.26 -31.33 -30.25
CA SER TA 7 38.29 -30.22 -30.29
C SER TA 7 38.19 -29.64 -31.69
N ILE TA 8 39.33 -29.48 -32.37
CA ILE TA 8 39.32 -28.94 -33.72
C ILE TA 8 38.56 -29.87 -34.67
N VAL TA 9 38.75 -31.18 -34.53
CA VAL TA 9 38.11 -32.13 -35.43
C VAL TA 9 36.60 -32.11 -35.26
N ASN TA 10 36.12 -32.11 -34.01
CA ASN TA 10 34.67 -32.07 -33.79
C ASN TA 10 34.09 -30.75 -34.29
N ALA TA 11 34.79 -29.65 -34.03
CA ALA TA 11 34.36 -28.37 -34.58
C ALA TA 11 34.35 -28.40 -36.10
N ASP TA 12 35.31 -29.10 -36.70
CA ASP TA 12 35.34 -29.22 -38.16
C ASP TA 12 34.12 -29.96 -38.68
N ALA TA 13 33.66 -30.98 -37.95
CA ALA TA 13 32.42 -31.66 -38.33
C ALA TA 13 31.27 -30.68 -38.41
N GLU TA 14 31.18 -29.76 -37.45
CA GLU TA 14 30.17 -28.69 -37.54
C GLU TA 14 30.54 -27.63 -38.56
N ALA TA 15 31.81 -27.55 -38.95
CA ALA TA 15 32.40 -26.49 -39.77
C ALA TA 15 32.40 -25.14 -39.06
N ARG TA 16 31.90 -25.07 -37.83
CA ARG TA 16 31.91 -23.82 -37.09
C ARG TA 16 33.30 -23.53 -36.56
N TYR TA 17 33.62 -22.24 -36.44
CA TYR TA 17 34.82 -21.86 -35.71
C TYR TA 17 34.70 -22.33 -34.28
N LEU TA 18 35.85 -22.63 -33.67
CA LEU TA 18 35.87 -23.27 -32.36
C LEU TA 18 34.98 -22.52 -31.38
N SER TA 19 34.05 -23.27 -30.78
CA SER TA 19 33.09 -22.69 -29.87
C SER TA 19 33.79 -22.14 -28.63
N PRO TA 20 33.16 -21.18 -27.94
CA PRO TA 20 33.81 -20.62 -26.74
C PRO TA 20 34.12 -21.68 -25.70
N GLY TA 21 33.24 -22.66 -25.52
CA GLY TA 21 33.51 -23.73 -24.57
C GLY TA 21 34.70 -24.58 -25.00
N GLU TA 22 34.78 -24.90 -26.28
CA GLU TA 22 35.93 -25.66 -26.78
C GLU TA 22 37.23 -24.89 -26.59
N LEU TA 23 37.21 -23.58 -26.88
CA LEU TA 23 38.39 -22.76 -26.66
C LEU TA 23 38.76 -22.70 -25.19
N ASP TA 24 37.76 -22.65 -24.31
CA ASP TA 24 38.04 -22.68 -22.88
C ASP TA 24 38.67 -24.01 -22.49
N ARG TA 25 38.24 -25.11 -23.10
CA ARG TA 25 38.87 -26.40 -22.85
C ARG TA 25 40.34 -26.38 -23.28
N ILE TA 26 40.63 -25.76 -24.43
CA ILE TA 26 42.01 -25.61 -24.86
C ILE TA 26 42.79 -24.78 -23.84
N LYS TA 27 42.16 -23.73 -23.32
CA LYS TA 27 42.80 -22.90 -22.30
C LYS TA 27 43.14 -23.72 -21.06
N ASN TA 28 42.21 -24.55 -20.60
CA ASN TA 28 42.47 -25.37 -19.42
C ASN TA 28 43.61 -26.35 -19.65
N PHE TA 29 43.58 -27.05 -20.79
CA PHE TA 29 44.62 -28.04 -21.08
C PHE TA 29 45.98 -27.38 -21.21
N VAL TA 30 46.06 -26.28 -21.97
CA VAL TA 30 47.32 -25.59 -22.15
C VAL TA 30 47.85 -25.08 -20.82
N SER TA 31 46.96 -24.62 -19.94
CA SER TA 31 47.39 -24.11 -18.65
C SER TA 31 47.98 -25.21 -17.76
N THR TA 32 47.39 -26.41 -17.79
CA THR TA 32 47.86 -27.51 -16.96
C THR TA 32 48.93 -28.36 -17.64
N GLY TA 33 49.42 -27.93 -18.80
CA GLY TA 33 50.39 -28.72 -19.54
C GLY TA 33 51.67 -28.99 -18.76
N GLU TA 34 52.14 -28.02 -17.97
CA GLU TA 34 53.40 -28.21 -17.26
C GLU TA 34 53.29 -29.36 -16.26
N ARG TA 35 52.17 -29.44 -15.54
CA ARG TA 35 51.96 -30.56 -14.62
C ARG TA 35 51.94 -31.88 -15.38
N ARG TA 36 51.30 -31.91 -16.56
CA ARG TA 36 51.32 -33.11 -17.38
C ARG TA 36 52.75 -33.49 -17.75
N LEU TA 37 53.57 -32.51 -18.11
CA LEU TA 37 54.97 -32.78 -18.42
C LEU TA 37 55.68 -33.42 -17.24
N ARG TA 38 55.39 -32.94 -16.03
CA ARG TA 38 56.02 -33.50 -14.85
C ARG TA 38 55.64 -34.96 -14.65
N ILE TA 39 54.37 -35.30 -14.85
CA ILE TA 39 53.94 -36.69 -14.70
C ILE TA 39 54.69 -37.59 -15.67
N ALA TA 40 54.74 -37.18 -16.94
CA ALA TA 40 55.46 -37.97 -17.94
C ALA TA 40 56.93 -38.08 -17.58
N GLN TA 41 57.51 -36.99 -17.06
CA GLN TA 41 58.93 -37.00 -16.72
C GLN TA 41 59.24 -38.02 -15.63
N THR TA 42 58.40 -38.10 -14.60
CA THR TA 42 58.65 -39.06 -13.54
C THR TA 42 58.57 -40.49 -14.05
N LEU TA 43 57.55 -40.78 -14.86
CA LEU TA 43 57.39 -42.15 -15.36
C LEU TA 43 58.57 -42.54 -16.25
N THR TA 44 59.00 -41.65 -17.14
CA THR TA 44 60.13 -42.00 -18.00
C THR TA 44 61.45 -42.03 -17.23
N GLU TA 45 61.57 -41.25 -16.16
CA GLU TA 45 62.80 -41.27 -15.37
C GLU TA 45 62.96 -42.61 -14.66
N ASN TA 46 61.88 -43.17 -14.15
CA ASN TA 46 61.92 -44.49 -13.54
C ASN TA 46 61.37 -45.58 -14.47
N ARG TA 47 61.57 -45.42 -15.78
CA ARG TA 47 61.00 -46.37 -16.74
C ARG TA 47 61.53 -47.78 -16.52
N GLU TA 48 62.83 -47.92 -16.19
CA GLU TA 48 63.40 -49.25 -16.02
C GLU TA 48 62.77 -49.98 -14.84
N ARG TA 49 62.69 -49.31 -13.69
CA ARG TA 49 62.16 -49.94 -12.48
C ARG TA 49 60.70 -50.33 -12.66
N ILE TA 50 59.89 -49.43 -13.22
CA ILE TA 50 58.47 -49.71 -13.41
C ILE TA 50 58.28 -50.94 -14.27
N VAL TA 51 58.98 -51.00 -15.40
CA VAL TA 51 58.77 -52.08 -16.35
C VAL TA 51 59.19 -53.43 -15.75
N LYS TA 52 60.36 -53.47 -15.12
CA LYS TA 52 60.83 -54.74 -14.57
C LYS TA 52 59.92 -55.22 -13.45
N GLN TA 53 59.47 -54.31 -12.58
CA GLN TA 53 58.56 -54.71 -11.51
C GLN TA 53 57.25 -55.25 -12.08
N ALA TA 54 56.76 -54.63 -13.15
CA ALA TA 54 55.56 -55.13 -13.80
C ALA TA 54 55.77 -56.55 -14.33
N GLY TA 55 56.97 -56.82 -14.87
CA GLY TA 55 57.27 -58.18 -15.31
C GLY TA 55 57.20 -59.17 -14.16
N ASP TA 56 57.80 -58.81 -13.02
CA ASP TA 56 57.77 -59.68 -11.86
C ASP TA 56 56.33 -59.98 -11.43
N GLN TA 57 55.51 -58.94 -11.32
CA GLN TA 57 54.14 -59.12 -10.84
C GLN TA 57 53.29 -59.87 -11.85
N LEU TA 58 53.44 -59.58 -13.15
CA LEU TA 58 52.64 -60.25 -14.17
C LEU TA 58 52.96 -61.75 -14.20
N PHE TA 59 54.24 -62.10 -14.18
CA PHE TA 59 54.60 -63.52 -14.15
C PHE TA 59 54.09 -64.19 -12.89
N GLN TA 60 54.04 -63.46 -11.79
CA GLN TA 60 53.60 -64.07 -10.55
C GLN TA 60 52.09 -64.31 -10.55
N LYS TA 61 51.32 -63.37 -11.09
CA LYS TA 61 49.89 -63.61 -11.24
C LYS TA 61 49.62 -64.74 -12.23
N ARG TA 62 50.34 -64.75 -13.35
CA ARG TA 62 50.14 -65.72 -14.42
C ARG TA 62 51.45 -66.45 -14.67
N PRO TA 63 51.78 -67.44 -13.86
CA PRO TA 63 52.99 -68.24 -14.13
C PRO TA 63 52.91 -69.03 -15.42
N ASP TA 64 51.69 -69.29 -15.93
CA ASP TA 64 51.55 -70.14 -17.11
C ASP TA 64 52.13 -69.50 -18.35
N VAL TA 65 52.10 -68.17 -18.45
CA VAL TA 65 52.68 -67.51 -19.61
C VAL TA 65 54.20 -67.68 -19.62
N VAL TA 66 54.82 -67.72 -18.44
CA VAL TA 66 56.26 -67.85 -18.31
C VAL TA 66 56.70 -69.29 -18.05
N SER TA 67 55.74 -70.20 -17.86
CA SER TA 67 56.06 -71.61 -17.70
C SER TA 67 56.53 -72.19 -19.03
N PRO TA 68 57.20 -73.35 -19.00
CA PRO TA 68 57.60 -73.99 -20.27
C PRO TA 68 56.39 -74.29 -21.13
N GLY TA 69 56.56 -74.10 -22.44
CA GLY TA 69 55.45 -74.18 -23.36
C GLY TA 69 54.62 -72.91 -23.46
N GLY TA 70 55.04 -71.84 -22.79
CA GLY TA 70 54.39 -70.56 -22.90
C GLY TA 70 55.21 -69.60 -23.74
N ASN TA 71 54.58 -68.48 -24.11
CA ASN TA 71 55.22 -67.53 -25.02
C ASN TA 71 56.48 -66.95 -24.40
N ALA TA 72 56.45 -66.64 -23.12
CA ALA TA 72 57.60 -66.04 -22.43
C ALA TA 72 58.42 -67.11 -21.71
N TYR TA 73 58.96 -68.06 -22.48
CA TYR TA 73 59.87 -69.06 -21.95
C TYR TA 73 61.26 -68.84 -22.53
N GLY TA 74 62.26 -68.78 -21.68
CA GLY TA 74 63.59 -68.40 -22.08
C GLY TA 74 63.84 -66.92 -21.87
N GLU TA 75 65.11 -66.56 -21.68
CA GLU TA 75 65.44 -65.17 -21.40
C GLU TA 75 65.06 -64.27 -22.57
N GLU TA 76 65.32 -64.71 -23.79
CA GLU TA 76 65.02 -63.87 -24.95
C GLU TA 76 63.52 -63.61 -25.08
N MET TA 77 62.71 -64.65 -24.91
CA MET TA 77 61.27 -64.48 -24.99
C MET TA 77 60.74 -63.60 -23.85
N THR TA 78 61.26 -63.82 -22.64
CA THR TA 78 60.86 -62.97 -21.52
C THR TA 78 61.25 -61.52 -21.75
N ALA TA 79 62.43 -61.30 -22.34
CA ALA TA 79 62.87 -59.94 -22.63
C ALA TA 79 61.97 -59.27 -23.65
N THR TA 80 61.52 -60.01 -24.66
CA THR TA 80 60.59 -59.41 -25.63
C THR TA 80 59.27 -59.06 -24.98
N CYS TA 81 58.79 -59.89 -24.05
CA CYS TA 81 57.56 -59.54 -23.33
C CYS TA 81 57.74 -58.24 -22.57
N LEU TA 82 58.87 -58.09 -21.88
CA LEU TA 82 59.10 -56.86 -21.14
C LEU TA 82 59.32 -55.68 -22.08
N ARG TA 83 59.83 -55.93 -23.28
CA ARG TA 83 59.95 -54.86 -24.26
C ARG TA 83 58.57 -54.34 -24.68
N ASP TA 84 57.61 -55.24 -24.84
CA ASP TA 84 56.25 -54.82 -25.13
C ASP TA 84 55.69 -53.95 -24.01
N LEU TA 85 55.92 -54.36 -22.76
CA LEU TA 85 55.48 -53.53 -21.64
C LEU TA 85 56.15 -52.16 -21.69
N ASP TA 86 57.44 -52.13 -22.06
CA ASP TA 86 58.14 -50.86 -22.17
C ASP TA 86 57.55 -49.99 -23.27
N TYR TA 87 57.19 -50.60 -24.40
CA TYR TA 87 56.55 -49.86 -25.49
C TYR TA 87 55.26 -49.21 -25.01
N TYR TA 88 54.44 -49.96 -24.27
CA TYR TA 88 53.18 -49.40 -23.82
C TYR TA 88 53.37 -48.32 -22.75
N LEU TA 89 54.41 -48.44 -21.93
CA LEU TA 89 54.71 -47.35 -21.00
C LEU TA 89 55.10 -46.08 -21.74
N ARG TA 90 55.89 -46.22 -22.81
CA ARG TA 90 56.22 -45.06 -23.64
C ARG TA 90 54.96 -44.46 -24.23
N LEU TA 91 54.04 -45.30 -24.70
CA LEU TA 91 52.77 -44.80 -25.24
C LEU TA 91 51.96 -44.08 -24.17
N VAL TA 92 51.99 -44.59 -22.94
CA VAL TA 92 51.22 -43.96 -21.86
C VAL TA 92 51.77 -42.58 -21.56
N THR TA 93 53.10 -42.43 -21.56
CA THR TA 93 53.67 -41.10 -21.36
C THR TA 93 53.27 -40.16 -22.49
N TYR TA 94 53.27 -40.65 -23.73
CA TYR TA 94 52.79 -39.85 -24.85
C TYR TA 94 51.35 -39.40 -24.61
N GLY TA 95 50.50 -40.33 -24.18
CA GLY TA 95 49.10 -39.99 -23.97
C GLY TA 95 48.90 -39.00 -22.84
N ILE TA 96 49.70 -39.11 -21.78
CA ILE TA 96 49.63 -38.14 -20.69
C ILE TA 96 49.96 -36.75 -21.21
N VAL TA 97 51.06 -36.63 -21.96
CA VAL TA 97 51.48 -35.32 -22.47
C VAL TA 97 50.41 -34.75 -23.40
N ALA TA 98 49.91 -35.58 -24.31
CA ALA TA 98 48.90 -35.10 -25.25
C ALA TA 98 47.62 -34.71 -24.53
N GLY TA 99 47.32 -35.32 -23.39
CA GLY TA 99 46.08 -35.08 -22.71
C GLY TA 99 44.89 -35.83 -23.28
N ASP TA 100 45.10 -36.63 -24.32
CA ASP TA 100 44.07 -37.44 -24.92
C ASP TA 100 44.64 -38.82 -25.20
N VAL TA 101 43.75 -39.79 -25.43
CA VAL TA 101 44.17 -41.16 -25.69
C VAL TA 101 44.31 -41.46 -27.17
N THR TA 102 44.09 -40.47 -28.04
CA THR TA 102 44.28 -40.71 -29.47
C THR TA 102 45.71 -41.14 -29.83
N PRO TA 103 46.79 -40.62 -29.21
CA PRO TA 103 48.11 -41.16 -29.58
C PRO TA 103 48.30 -42.61 -29.16
N ILE TA 104 47.88 -42.97 -27.95
CA ILE TA 104 48.02 -44.35 -27.50
C ILE TA 104 47.27 -45.29 -28.44
N GLU TA 105 46.03 -44.92 -28.79
CA GLU TA 105 45.23 -45.76 -29.68
C GLU TA 105 45.93 -45.93 -31.02
N GLU TA 106 46.40 -44.84 -31.62
CA GLU TA 106 47.01 -44.91 -32.94
C GLU TA 106 48.24 -45.81 -32.93
N ILE TA 107 49.15 -45.58 -31.99
CA ILE TA 107 50.45 -46.26 -32.06
C ILE TA 107 50.31 -47.75 -31.73
N GLY TA 108 49.55 -48.10 -30.70
CA GLY TA 108 49.65 -49.46 -30.22
C GLY TA 108 48.39 -50.30 -30.08
N LEU TA 109 47.22 -49.68 -30.01
CA LEU TA 109 46.02 -50.40 -29.61
C LEU TA 109 45.11 -50.80 -30.76
N VAL TA 110 45.28 -50.22 -31.94
CA VAL TA 110 44.46 -50.59 -33.10
C VAL TA 110 45.00 -51.90 -33.67
N GLY TA 111 44.14 -52.92 -33.71
CA GLY TA 111 44.55 -54.21 -34.23
C GLY TA 111 45.46 -55.00 -33.33
N VAL TA 112 45.48 -54.70 -32.02
CA VAL TA 112 46.38 -55.39 -31.12
C VAL TA 112 46.01 -56.87 -31.00
N ARG TA 113 44.72 -57.20 -31.09
CA ARG TA 113 44.32 -58.59 -31.00
C ARG TA 113 44.86 -59.39 -32.19
N GLU TA 114 44.81 -58.81 -33.39
CA GLU TA 114 45.42 -59.46 -34.54
C GLU TA 114 46.89 -59.72 -34.32
N MET TA 115 47.64 -58.67 -33.94
CA MET TA 115 49.08 -58.82 -33.78
C MET TA 115 49.43 -59.86 -32.73
N TYR TA 116 48.77 -59.80 -31.58
CA TYR TA 116 49.22 -60.61 -30.45
C TYR TA 116 48.86 -62.08 -30.64
N ASN TA 117 47.66 -62.38 -31.13
CA ASN TA 117 47.35 -63.78 -31.35
C ASN TA 117 48.15 -64.37 -32.51
N SER TA 118 48.50 -63.54 -33.50
CA SER TA 118 49.45 -64.01 -34.52
C SER TA 118 50.78 -64.38 -33.88
N LEU TA 119 51.27 -63.53 -32.96
CA LEU TA 119 52.47 -63.86 -32.22
C LEU TA 119 52.28 -65.06 -31.30
N GLY TA 120 51.03 -65.41 -30.99
CA GLY TA 120 50.73 -66.45 -30.03
C GLY TA 120 50.60 -65.96 -28.60
N THR TA 121 50.94 -64.70 -28.36
CA THR TA 121 50.91 -64.16 -27.01
C THR TA 121 49.48 -64.03 -26.50
N PRO TA 122 49.23 -64.32 -25.22
CA PRO TA 122 47.88 -64.18 -24.66
C PRO TA 122 47.55 -62.73 -24.31
N ILE TA 123 46.54 -62.18 -24.99
CA ILE TA 123 46.14 -60.80 -24.76
C ILE TA 123 45.68 -60.57 -23.32
N PRO TA 124 44.86 -61.43 -22.69
CA PRO TA 124 44.49 -61.17 -21.29
C PRO TA 124 45.69 -61.08 -20.37
N ALA TA 125 46.74 -61.87 -20.63
CA ALA TA 125 47.96 -61.75 -19.83
C ALA TA 125 48.62 -60.39 -20.06
N VAL TA 126 48.60 -59.90 -21.30
CA VAL TA 126 49.10 -58.55 -21.56
C VAL TA 126 48.31 -57.54 -20.75
N ALA TA 127 47.00 -57.73 -20.63
CA ALA TA 127 46.18 -56.83 -19.84
C ALA TA 127 46.59 -56.83 -18.37
N GLU TA 128 46.87 -58.02 -17.83
CA GLU TA 128 47.35 -58.10 -16.45
C GLU TA 128 48.68 -57.37 -16.29
N GLY TA 129 49.56 -57.49 -17.28
CA GLY TA 129 50.83 -56.77 -17.21
C GLY TA 129 50.66 -55.27 -17.22
N ILE TA 130 49.76 -54.76 -18.06
CA ILE TA 130 49.50 -53.32 -18.09
C ILE TA 130 48.87 -52.87 -16.77
N ARG TA 131 48.03 -53.72 -16.17
CA ARG TA 131 47.48 -53.41 -14.86
C ARG TA 131 48.58 -53.29 -13.82
N ALA TA 132 49.57 -54.19 -13.88
CA ALA TA 132 50.72 -54.09 -12.99
C ALA TA 132 51.49 -52.79 -13.24
N MET TA 133 51.64 -52.41 -14.50
CA MET TA 133 52.29 -51.14 -14.81
C MET TA 133 51.52 -49.97 -14.21
N LYS TA 134 50.19 -50.02 -14.27
CA LYS TA 134 49.38 -48.97 -13.68
C LYS TA 134 49.64 -48.86 -12.18
N ASN TA 135 49.62 -50.00 -11.47
CA ASN TA 135 49.80 -49.96 -10.03
C ASN TA 135 51.18 -49.43 -9.65
N VAL TA 136 52.23 -49.89 -10.35
CA VAL TA 136 53.58 -49.46 -10.01
C VAL TA 136 53.75 -47.96 -10.29
N ALA TA 137 53.30 -47.51 -11.46
CA ALA TA 137 53.44 -46.10 -11.80
C ALA TA 137 52.64 -45.22 -10.85
N CYS TA 138 51.42 -45.65 -10.51
CA CYS TA 138 50.61 -44.88 -9.58
C CYS TA 138 51.25 -44.78 -8.21
N SER TA 139 51.90 -45.85 -7.75
CA SER TA 139 52.59 -45.81 -6.48
C SER TA 139 53.72 -44.78 -6.52
N LEU TA 140 54.44 -44.70 -7.63
CA LEU TA 140 55.49 -43.69 -7.75
C LEU TA 140 54.91 -42.28 -7.79
N LEU TA 141 53.75 -42.12 -8.44
CA LEU TA 141 53.18 -40.80 -8.66
C LEU TA 141 52.48 -40.27 -7.42
N SER TA 142 52.34 -38.95 -7.37
CA SER TA 142 51.55 -38.30 -6.34
C SER TA 142 50.07 -38.62 -6.55
N ALA TA 143 49.28 -38.40 -5.51
CA ALA TA 143 47.87 -38.78 -5.54
C ALA TA 143 47.12 -38.07 -6.65
N GLU TA 144 47.34 -36.76 -6.79
CA GLU TA 144 46.67 -36.01 -7.86
C GLU TA 144 47.15 -36.50 -9.23
N ASP TA 145 48.46 -36.70 -9.39
CA ASP TA 145 48.99 -37.20 -10.65
C ASP TA 145 48.54 -38.63 -10.92
N ALA TA 146 48.49 -39.46 -9.87
CA ALA TA 146 48.15 -40.87 -10.06
C ALA TA 146 46.73 -41.05 -10.60
N ALA TA 147 45.83 -40.11 -10.28
CA ALA TA 147 44.46 -40.23 -10.76
C ALA TA 147 44.39 -40.15 -12.28
N GLU TA 148 45.11 -39.21 -12.88
CA GLU TA 148 45.06 -39.05 -14.33
C GLU TA 148 45.79 -40.20 -15.03
N ALA TA 149 46.98 -40.55 -14.54
CA ALA TA 149 47.74 -41.65 -15.14
C ALA TA 149 46.95 -42.94 -15.10
N GLY TA 150 46.15 -43.16 -14.05
CA GLY TA 150 45.30 -44.33 -14.00
C GLY TA 150 44.31 -44.37 -15.15
N SER TA 151 43.76 -43.21 -15.53
CA SER TA 151 42.85 -43.18 -16.67
C SER TA 151 43.55 -43.56 -17.96
N TYR TA 152 44.76 -43.05 -18.18
CA TYR TA 152 45.48 -43.37 -19.41
C TYR TA 152 45.83 -44.85 -19.47
N PHE TA 153 46.28 -45.43 -18.36
CA PHE TA 153 46.49 -46.88 -18.31
C PHE TA 153 45.18 -47.62 -18.51
N ASP TA 154 44.08 -47.07 -18.00
CA ASP TA 154 42.81 -47.78 -18.03
C ASP TA 154 42.28 -47.93 -19.45
N PHE TA 155 42.54 -46.97 -20.33
CA PHE TA 155 42.14 -47.19 -21.72
C PHE TA 155 42.85 -48.39 -22.31
N VAL TA 156 44.14 -48.54 -22.02
CA VAL TA 156 44.90 -49.65 -22.56
C VAL TA 156 44.32 -50.97 -22.08
N ILE TA 157 44.10 -51.10 -20.78
CA ILE TA 157 43.61 -52.36 -20.24
C ILE TA 157 42.18 -52.63 -20.73
N GLY TA 158 41.37 -51.57 -20.83
CA GLY TA 158 40.01 -51.75 -21.32
C GLY TA 158 39.96 -52.23 -22.75
N ALA TA 159 40.85 -51.72 -23.60
CA ALA TA 159 40.94 -52.23 -24.96
C ALA TA 159 41.41 -53.67 -24.98
N MET TA 160 42.35 -54.02 -24.09
CA MET TA 160 42.91 -55.37 -24.09
C MET TA 160 41.85 -56.41 -23.81
N GLN TA 161 41.10 -56.24 -22.71
CA GLN TA 161 40.05 -57.17 -22.24
C GLN TA 161 40.08 -58.59 -22.81
N MET UA 1 44.37 -35.89 -37.98
CA MET UA 1 44.84 -34.52 -37.81
C MET UA 1 45.92 -34.47 -36.74
N GLN UA 2 46.92 -33.61 -36.95
CA GLN UA 2 48.08 -33.54 -36.08
C GLN UA 2 48.19 -32.16 -35.46
N ASP UA 3 48.17 -32.11 -34.13
CA ASP UA 3 48.54 -30.94 -33.35
C ASP UA 3 50.07 -30.81 -33.35
N ALA UA 4 50.56 -29.68 -32.83
CA ALA UA 4 52.00 -29.55 -32.63
C ALA UA 4 52.48 -30.52 -31.55
N ILE UA 5 51.68 -30.72 -30.51
CA ILE UA 5 51.96 -31.74 -29.50
C ILE UA 5 51.97 -33.12 -30.15
N THR UA 6 51.01 -33.38 -31.04
CA THR UA 6 50.98 -34.64 -31.76
C THR UA 6 52.23 -34.82 -32.61
N ALA UA 7 52.69 -33.75 -33.26
CA ALA UA 7 53.91 -33.84 -34.06
C ALA UA 7 55.11 -34.16 -33.17
N VAL UA 8 55.20 -33.53 -32.00
CA VAL UA 8 56.32 -33.77 -31.10
C VAL UA 8 56.35 -35.23 -30.67
N ILE UA 9 55.20 -35.75 -30.21
CA ILE UA 9 55.17 -37.13 -29.72
C ILE UA 9 55.39 -38.12 -30.86
N ASN UA 10 54.88 -37.80 -32.06
CA ASN UA 10 55.11 -38.67 -33.21
C ASN UA 10 56.59 -38.74 -33.55
N ALA UA 11 57.28 -37.60 -33.55
CA ALA UA 11 58.70 -37.60 -33.87
C ALA UA 11 59.49 -38.39 -32.84
N SER UA 12 59.14 -38.27 -31.56
CA SER UA 12 59.78 -39.08 -30.54
C SER UA 12 59.52 -40.57 -30.77
N ASP UA 13 58.30 -40.91 -31.20
CA ASP UA 13 58.00 -42.30 -31.54
C ASP UA 13 58.84 -42.79 -32.71
N VAL UA 14 59.03 -41.95 -33.73
CA VAL UA 14 59.86 -42.33 -34.86
C VAL UA 14 61.28 -42.65 -34.38
N GLN UA 15 61.79 -41.83 -33.47
CA GLN UA 15 63.04 -42.17 -32.79
C GLN UA 15 62.90 -43.38 -31.88
N GLY UA 16 61.67 -43.80 -31.56
CA GLY UA 16 61.48 -44.93 -30.67
C GLY UA 16 61.89 -44.65 -29.25
N LYS UA 17 61.98 -43.39 -28.86
CA LYS UA 17 62.45 -42.99 -27.55
C LYS UA 17 61.35 -42.23 -26.83
N TYR UA 18 61.38 -42.32 -25.50
CA TYR UA 18 60.48 -41.53 -24.67
C TYR UA 18 60.67 -40.05 -24.97
N LEU UA 19 59.65 -39.25 -24.63
CA LEU UA 19 59.76 -37.81 -24.77
C LEU UA 19 60.89 -37.29 -23.88
N ASP UA 20 61.79 -36.51 -24.48
CA ASP UA 20 62.99 -36.03 -23.82
C ASP UA 20 62.89 -34.54 -23.52
N THR UA 21 63.93 -34.02 -22.87
CA THR UA 21 63.89 -32.64 -22.36
C THR UA 21 63.79 -31.62 -23.47
N ALA UA 22 64.51 -31.82 -24.57
CA ALA UA 22 64.41 -30.89 -25.69
C ALA UA 22 62.99 -30.88 -26.26
N ALA UA 23 62.39 -32.07 -26.39
CA ALA UA 23 61.00 -32.14 -26.82
C ALA UA 23 60.08 -31.46 -25.81
N MET UA 24 60.39 -31.58 -24.52
CA MET UA 24 59.60 -30.88 -23.51
C MET UA 24 59.68 -29.37 -23.71
N GLU UA 25 60.86 -28.86 -24.06
CA GLU UA 25 60.99 -27.43 -24.31
C GLU UA 25 60.15 -27.01 -25.51
N LYS UA 26 60.14 -27.83 -26.56
CA LYS UA 26 59.26 -27.54 -27.70
C LYS UA 26 57.80 -27.54 -27.28
N LEU UA 27 57.40 -28.52 -26.46
CA LEU UA 27 56.03 -28.58 -25.98
C LEU UA 27 55.68 -27.36 -25.12
N LYS UA 28 56.60 -26.94 -24.25
CA LYS UA 28 56.37 -25.75 -23.45
C LYS UA 28 56.17 -24.53 -24.33
N ALA UA 29 56.95 -24.42 -25.40
CA ALA UA 29 56.79 -23.31 -26.33
C ALA UA 29 55.42 -23.34 -26.98
N TYR UA 30 54.94 -24.51 -27.38
CA TYR UA 30 53.61 -24.60 -27.97
C TYR UA 30 52.54 -24.18 -26.98
N PHE UA 31 52.64 -24.64 -25.73
CA PHE UA 31 51.68 -24.24 -24.71
C PHE UA 31 51.66 -22.72 -24.58
N ALA UA 32 52.84 -22.11 -24.51
CA ALA UA 32 52.92 -20.66 -24.33
C ALA UA 32 52.23 -19.91 -25.47
N THR UA 33 52.55 -20.25 -26.71
CA THR UA 33 51.94 -19.54 -27.83
C THR UA 33 50.49 -19.96 -28.06
N GLY UA 34 50.10 -21.15 -27.61
CA GLY UA 34 48.71 -21.55 -27.68
C GLY UA 34 47.81 -20.68 -26.84
N GLU UA 35 48.31 -20.20 -25.70
CA GLU UA 35 47.53 -19.27 -24.88
C GLU UA 35 47.14 -18.05 -25.70
N LEU UA 36 48.09 -17.48 -26.44
CA LEU UA 36 47.79 -16.36 -27.32
C LEU UA 36 46.74 -16.74 -28.35
N ARG UA 37 46.89 -17.93 -28.95
CA ARG UA 37 46.02 -18.32 -30.05
C ARG UA 37 44.59 -18.57 -29.62
N VAL UA 38 44.36 -18.94 -28.35
CA VAL UA 38 43.01 -19.29 -27.92
C VAL UA 38 42.07 -18.09 -28.11
N ARG UA 39 42.41 -16.96 -27.51
CA ARG UA 39 41.55 -15.78 -27.65
C ARG UA 39 41.67 -15.15 -29.03
N ALA UA 40 42.82 -15.29 -29.70
CA ALA UA 40 42.89 -14.83 -31.08
C ALA UA 40 41.90 -15.59 -31.97
N ALA UA 41 41.76 -16.89 -31.74
CA ALA UA 41 40.78 -17.68 -32.46
C ALA UA 41 39.36 -17.21 -32.15
N SER UA 42 39.09 -16.86 -30.89
CA SER UA 42 37.80 -16.29 -30.55
C SER UA 42 37.55 -15.01 -31.34
N VAL UA 43 38.57 -14.17 -31.47
CA VAL UA 43 38.41 -12.91 -32.20
C VAL UA 43 38.08 -13.18 -33.66
N ILE UA 44 38.78 -14.12 -34.29
CA ILE UA 44 38.50 -14.47 -35.67
C ILE UA 44 37.08 -15.02 -35.81
N SER UA 45 36.67 -15.85 -34.86
CA SER UA 45 35.35 -16.46 -34.92
C SER UA 45 34.24 -15.41 -34.90
N ALA UA 46 34.36 -14.41 -34.02
CA ALA UA 46 33.31 -13.41 -33.90
C ALA UA 46 33.15 -12.60 -35.17
N ASN UA 47 34.27 -12.23 -35.79
CA ASN UA 47 34.25 -11.38 -36.98
C ASN UA 47 34.59 -12.15 -38.25
N ALA UA 48 34.27 -13.44 -38.29
CA ALA UA 48 34.50 -14.20 -39.51
C ALA UA 48 33.73 -13.60 -40.68
N ALA UA 49 32.46 -13.28 -40.46
CA ALA UA 49 31.65 -12.65 -41.50
C ALA UA 49 32.21 -11.28 -41.88
N ASN UA 50 32.68 -10.52 -40.89
CA ASN UA 50 33.24 -9.20 -41.18
C ASN UA 50 34.51 -9.32 -42.01
N ILE UA 51 35.38 -10.29 -41.68
CA ILE UA 51 36.60 -10.49 -42.46
C ILE UA 51 36.26 -10.84 -43.90
N VAL UA 52 35.30 -11.75 -44.07
CA VAL UA 52 34.90 -12.15 -45.43
C VAL UA 52 34.31 -10.97 -46.18
N LYS UA 53 33.41 -10.22 -45.53
CA LYS UA 53 32.78 -9.09 -46.20
C LYS UA 53 33.79 -8.02 -46.58
N GLU UA 54 34.72 -7.71 -45.67
CA GLU UA 54 35.73 -6.70 -45.97
C GLU UA 54 36.62 -7.15 -47.12
N ALA UA 55 37.00 -8.43 -47.14
CA ALA UA 55 37.83 -8.94 -48.23
C ALA UA 55 37.08 -8.90 -49.56
N VAL UA 56 35.79 -9.26 -49.54
CA VAL UA 56 34.99 -9.18 -50.77
C VAL UA 56 34.92 -7.74 -51.25
N ALA UA 57 34.79 -6.79 -50.34
CA ALA UA 57 34.79 -5.38 -50.73
C ALA UA 57 36.14 -4.95 -51.28
N LYS UA 58 37.23 -5.37 -50.62
CA LYS UA 58 38.57 -4.92 -51.03
C LYS UA 58 38.94 -5.47 -52.40
N SER UA 59 38.70 -6.76 -52.63
CA SER UA 59 38.99 -7.40 -53.91
C SER UA 59 37.81 -8.25 -54.34
N LEU UA 60 37.64 -8.36 -55.66
CA LEU UA 60 36.53 -9.09 -56.27
C LEU UA 60 35.17 -8.47 -55.92
N LEU UA 61 35.12 -7.15 -55.90
CA LEU UA 61 33.89 -6.39 -55.76
C LEU UA 61 33.61 -5.61 -57.03
N TYR UA 62 32.37 -5.65 -57.49
CA TYR UA 62 31.98 -5.05 -58.77
C TYR UA 62 32.87 -5.58 -59.90
N SER UA 63 33.11 -6.89 -59.88
CA SER UA 63 33.99 -7.55 -60.83
C SER UA 63 33.19 -8.21 -61.94
N ASP UA 64 33.91 -8.65 -62.97
CA ASP UA 64 33.26 -9.29 -64.12
C ASP UA 64 32.57 -10.59 -63.72
N ILE UA 65 33.07 -11.26 -62.68
CA ILE UA 65 32.51 -12.56 -62.29
C ILE UA 65 31.07 -12.42 -61.86
N THR UA 66 30.75 -11.38 -61.08
CA THR UA 66 29.39 -11.18 -60.61
C THR UA 66 28.44 -10.83 -61.76
N ARG UA 67 28.93 -10.08 -62.74
CA ARG UA 67 28.11 -9.71 -63.88
C ARG UA 67 27.77 -10.95 -64.70
N PRO UA 68 26.68 -10.91 -65.48
CA PRO UA 68 26.22 -12.11 -66.19
C PRO UA 68 27.30 -12.70 -67.08
N GLY UA 69 27.41 -14.02 -67.05
CA GLY UA 69 28.42 -14.73 -67.80
C GLY UA 69 29.79 -14.79 -67.16
N GLY UA 70 29.93 -14.35 -65.92
CA GLY UA 70 31.21 -14.32 -65.26
C GLY UA 70 31.43 -15.45 -64.27
N MET UA 72 30.20 -16.19 -61.43
CA MET UA 72 29.70 -15.89 -60.08
C MET UA 72 28.28 -15.33 -60.18
N TYR UA 73 27.85 -15.11 -61.42
CA TYR UA 73 26.50 -14.65 -61.69
C TYR UA 73 25.49 -15.71 -61.28
N THR UA 74 24.27 -15.27 -61.00
CA THR UA 74 23.17 -16.02 -60.38
C THR UA 74 23.38 -16.12 -58.87
N THR UA 75 22.28 -16.16 -58.12
CA THR UA 75 22.35 -16.12 -56.67
C THR UA 75 23.08 -17.34 -56.12
N ARG UA 76 22.85 -18.50 -56.72
CA ARG UA 76 23.53 -19.72 -56.28
C ARG UA 76 25.04 -19.55 -56.35
N ARG UA 77 25.54 -19.05 -57.48
CA ARG UA 77 26.99 -18.88 -57.64
C ARG UA 77 27.54 -17.84 -56.68
N TYR UA 78 26.84 -16.71 -56.50
CA TYR UA 78 27.32 -15.70 -55.58
C TYR UA 78 27.44 -16.26 -54.17
N ALA UA 79 26.43 -17.01 -53.72
CA ALA UA 79 26.48 -17.60 -52.39
C ALA UA 79 27.63 -18.57 -52.27
N ALA UA 80 27.89 -19.33 -53.33
CA ALA UA 80 28.96 -20.34 -53.28
C ALA UA 80 30.32 -19.70 -53.03
N CYS UA 81 30.61 -18.55 -53.67
CA CYS UA 81 31.93 -17.96 -53.47
C CYS UA 81 32.13 -17.55 -52.02
N ILE UA 82 31.12 -16.93 -51.41
CA ILE UA 82 31.23 -16.55 -50.00
C ILE UA 82 31.46 -17.77 -49.13
N ARG UA 83 30.77 -18.87 -49.45
CA ARG UA 83 30.93 -20.09 -48.65
C ARG UA 83 32.36 -20.60 -48.70
N ASP UA 84 32.98 -20.56 -49.88
CA ASP UA 84 34.38 -21.00 -49.98
C ASP UA 84 35.31 -20.11 -49.17
N LEU UA 85 35.09 -18.80 -49.20
CA LEU UA 85 35.90 -17.90 -48.38
C LEU UA 85 35.74 -18.22 -46.90
N ASP UA 86 34.51 -18.52 -46.47
CA ASP UA 86 34.28 -18.93 -45.09
C ASP UA 86 35.07 -20.19 -44.75
N TYR UA 87 35.08 -21.17 -45.66
CA TYR UA 87 35.82 -22.39 -45.42
C TYR UA 87 37.31 -22.13 -45.23
N TYR UA 88 37.87 -21.29 -46.10
CA TYR UA 88 39.30 -20.98 -46.00
C TYR UA 88 39.63 -20.37 -44.65
N LEU UA 89 38.81 -19.41 -44.21
CA LEU UA 89 39.06 -18.77 -42.92
C LEU UA 89 38.83 -19.73 -41.76
N ARG UA 90 37.85 -20.64 -41.89
CA ARG UA 90 37.60 -21.61 -40.83
C ARG UA 90 38.78 -22.56 -40.66
N TYR UA 91 39.30 -23.09 -41.78
CA TYR UA 91 40.46 -23.96 -41.69
C TYR UA 91 41.71 -23.22 -41.26
N ALA UA 92 41.80 -21.93 -41.61
CA ALA UA 92 42.90 -21.12 -41.11
C ALA UA 92 42.84 -20.98 -39.59
N THR UA 93 41.63 -20.79 -39.05
CA THR UA 93 41.46 -20.76 -37.60
C THR UA 93 41.88 -22.09 -36.97
N TYR UA 94 41.47 -23.21 -37.58
CA TYR UA 94 41.86 -24.51 -37.07
C TYR UA 94 43.38 -24.65 -37.07
N ALA UA 95 44.04 -24.23 -38.15
CA ALA UA 95 45.48 -24.34 -38.23
C ALA UA 95 46.16 -23.46 -37.20
N MET UA 96 45.63 -22.26 -36.97
CA MET UA 96 46.20 -21.39 -35.95
C MET UA 96 46.15 -22.03 -34.58
N LEU UA 97 44.99 -22.59 -34.22
CA LEU UA 97 44.87 -23.25 -32.93
C LEU UA 97 45.79 -24.46 -32.83
N ALA UA 98 45.86 -25.27 -33.89
CA ALA UA 98 46.65 -26.49 -33.84
C ALA UA 98 48.15 -26.20 -33.79
N GLY UA 99 48.60 -25.16 -34.48
CA GLY UA 99 50.02 -24.94 -34.62
C GLY UA 99 50.69 -25.75 -35.70
N ASP UA 100 49.90 -26.43 -36.53
CA ASP UA 100 50.37 -27.24 -37.64
C ASP UA 100 49.57 -26.91 -38.89
N PRO UA 101 50.14 -27.12 -40.07
CA PRO UA 101 49.38 -27.00 -41.32
C PRO UA 101 48.67 -28.27 -41.74
N SER UA 102 48.59 -29.27 -40.85
CA SER UA 102 48.16 -30.60 -41.25
C SER UA 102 46.72 -30.62 -41.76
N ILE UA 103 45.82 -29.94 -41.06
CA ILE UA 103 44.42 -29.99 -41.45
C ILE UA 103 44.20 -29.24 -42.76
N LEU UA 104 44.91 -28.11 -42.94
CA LEU UA 104 44.88 -27.44 -44.23
C LEU UA 104 45.27 -28.39 -45.35
N ASP UA 105 46.37 -29.12 -45.15
CA ASP UA 105 46.82 -30.11 -46.12
C ASP UA 105 45.77 -31.21 -46.30
N GLU UA 106 45.20 -31.67 -45.19
CA GLU UA 106 44.35 -32.87 -45.24
C GLU UA 106 43.04 -32.61 -45.97
N ARG UA 107 42.39 -31.48 -45.71
CA ARG UA 107 41.05 -31.25 -46.21
C ARG UA 107 40.93 -30.13 -47.22
N VAL UA 108 41.95 -29.30 -47.39
CA VAL UA 108 41.85 -28.18 -48.33
C VAL UA 108 42.86 -28.33 -49.45
N LEU UA 109 44.14 -28.37 -49.09
CA LEU UA 109 45.21 -28.29 -50.09
C LEU UA 109 45.13 -29.42 -51.10
N ASN UA 110 44.59 -30.57 -50.71
CA ASN UA 110 44.58 -31.75 -51.58
C ASN UA 110 43.37 -31.69 -52.51
N GLY UA 111 43.63 -31.48 -53.80
CA GLY UA 111 42.61 -31.54 -54.82
C GLY UA 111 41.89 -30.25 -55.11
N LEU UA 112 41.98 -29.25 -54.23
CA LEU UA 112 41.22 -28.03 -54.42
C LEU UA 112 41.65 -27.29 -55.69
N LYS UA 113 42.95 -27.24 -55.97
CA LYS UA 113 43.41 -26.56 -57.18
C LYS UA 113 42.87 -27.25 -58.42
N GLU UA 114 42.86 -28.58 -58.43
CA GLU UA 114 42.33 -29.32 -59.58
C GLU UA 114 40.84 -29.07 -59.75
N THR UA 115 40.08 -29.09 -58.65
CA THR UA 115 38.64 -28.85 -58.76
C THR UA 115 38.35 -27.43 -59.22
N TYR UA 116 39.13 -26.46 -58.74
CA TYR UA 116 38.95 -25.09 -59.19
C TYR UA 116 39.32 -24.95 -60.67
N ASN UA 117 40.35 -25.67 -61.13
CA ASN UA 117 40.67 -25.68 -62.55
C ASN UA 117 39.51 -26.25 -63.35
N SER UA 118 38.88 -27.32 -62.86
CA SER UA 118 37.72 -27.90 -63.53
C SER UA 118 36.54 -26.94 -63.53
N LEU UA 119 36.32 -26.26 -62.41
CA LEU UA 119 35.20 -25.32 -62.31
C LEU UA 119 35.40 -24.09 -63.19
N GLY UA 120 36.64 -23.66 -63.36
CA GLY UA 120 36.93 -22.39 -64.00
C GLY UA 120 37.22 -21.27 -63.03
N VAL UA 121 37.20 -21.54 -61.73
CA VAL UA 121 37.46 -20.51 -60.72
C VAL UA 121 38.90 -20.02 -60.86
N PRO UA 122 39.14 -18.70 -60.88
CA PRO UA 122 40.50 -18.19 -60.98
C PRO UA 122 41.25 -18.33 -59.66
N ILE UA 123 42.20 -19.27 -59.61
CA ILE UA 123 42.94 -19.52 -58.39
C ILE UA 123 43.79 -18.31 -58.01
N ALA UA 124 44.31 -17.59 -59.01
CA ALA UA 124 45.10 -16.39 -58.72
C ALA UA 124 44.25 -15.32 -58.06
N ALA UA 125 43.01 -15.14 -58.54
CA ALA UA 125 42.12 -14.17 -57.90
C ALA UA 125 41.82 -14.57 -56.47
N THR UA 126 41.58 -15.86 -56.22
CA THR UA 126 41.35 -16.30 -54.85
C THR UA 126 42.60 -16.10 -53.99
N VAL UA 127 43.78 -16.31 -54.57
CA VAL UA 127 45.03 -16.12 -53.82
C VAL UA 127 45.20 -14.66 -53.43
N GLN UA 128 44.92 -13.75 -54.35
CA GLN UA 128 44.94 -12.32 -54.01
C GLN UA 128 43.90 -12.02 -52.93
N ALA UA 129 42.74 -12.68 -53.00
CA ALA UA 129 41.73 -12.51 -51.97
C ALA UA 129 42.21 -13.03 -50.63
N ILE UA 130 42.95 -14.14 -50.63
CA ILE UA 130 43.49 -14.68 -49.39
C ILE UA 130 44.54 -13.73 -48.81
N GLN UA 131 45.33 -13.10 -49.67
CA GLN UA 131 46.27 -12.10 -49.19
C GLN UA 131 45.55 -10.91 -48.58
N ALA UA 132 44.47 -10.46 -49.22
CA ALA UA 132 43.65 -9.38 -48.66
C ALA UA 132 43.03 -9.80 -47.32
N MET UA 133 42.53 -11.04 -47.26
CA MET UA 133 42.04 -11.57 -45.99
C MET UA 133 43.16 -11.63 -44.96
N LYS UA 134 44.36 -12.00 -45.39
CA LYS UA 134 45.49 -12.04 -44.48
C LYS UA 134 45.73 -10.68 -43.85
N GLU UA 135 45.73 -9.63 -44.68
CA GLU UA 135 45.93 -8.27 -44.16
C GLU UA 135 44.80 -7.89 -43.20
N VAL UA 136 43.56 -8.13 -43.60
CA VAL UA 136 42.41 -7.72 -42.79
C VAL UA 136 42.42 -8.44 -41.45
N THR UA 137 42.54 -9.76 -41.49
CA THR UA 137 42.48 -10.54 -40.25
C THR UA 137 43.74 -10.33 -39.40
N ALA UA 138 44.87 -10.03 -40.03
CA ALA UA 138 46.06 -9.69 -39.26
C ALA UA 138 45.84 -8.42 -38.47
N SER UA 139 45.17 -7.44 -39.07
CA SER UA 139 44.78 -6.24 -38.34
C SER UA 139 43.85 -6.58 -37.20
N LEU UA 140 42.86 -7.45 -37.45
CA LEU UA 140 41.87 -7.78 -36.44
C LEU UA 140 42.49 -8.49 -35.25
N VAL UA 141 43.36 -9.47 -35.50
CA VAL UA 141 43.97 -10.21 -34.40
C VAL UA 141 45.16 -9.47 -33.80
N GLY UA 142 45.76 -8.55 -34.53
CA GLY UA 142 46.99 -7.92 -34.11
C GLY UA 142 48.21 -8.56 -34.77
N ALA UA 143 49.31 -7.80 -34.79
CA ALA UA 143 50.51 -8.29 -35.45
C ALA UA 143 51.11 -9.49 -34.75
N ASP UA 144 50.98 -9.56 -33.41
CA ASP UA 144 51.64 -10.61 -32.64
C ASP UA 144 51.17 -11.99 -33.09
N ALA UA 145 49.86 -12.20 -33.18
CA ALA UA 145 49.32 -13.45 -33.69
C ALA UA 145 49.08 -13.41 -35.20
N GLY UA 146 49.12 -12.24 -35.82
CA GLY UA 146 48.94 -12.15 -37.26
C GLY UA 146 50.04 -12.82 -38.05
N LYS UA 147 51.27 -12.78 -37.52
CA LYS UA 147 52.37 -13.46 -38.19
C LYS UA 147 52.11 -14.96 -38.25
N GLU UA 148 51.58 -15.54 -37.17
CA GLU UA 148 51.25 -16.96 -37.17
C GLU UA 148 50.13 -17.27 -38.15
N MET UA 149 49.06 -16.45 -38.15
CA MET UA 149 48.01 -16.62 -39.15
C MET UA 149 48.56 -16.48 -40.56
N GLY UA 150 49.56 -15.61 -40.74
CA GLY UA 150 50.09 -15.38 -42.07
C GLY UA 150 50.69 -16.62 -42.70
N ILE UA 151 51.39 -17.44 -41.89
CA ILE UA 151 52.01 -18.63 -42.47
C ILE UA 151 50.96 -19.59 -42.97
N TYR UA 152 49.80 -19.68 -42.30
CA TYR UA 152 48.76 -20.58 -42.75
C TYR UA 152 48.04 -20.03 -43.98
N PHE UA 153 47.85 -18.71 -44.04
CA PHE UA 153 47.29 -18.12 -45.26
C PHE UA 153 48.23 -18.28 -46.43
N ASP UA 154 49.54 -18.15 -46.20
CA ASP UA 154 50.52 -18.42 -47.25
C ASP UA 154 50.44 -19.87 -47.70
N TYR UA 155 50.27 -20.80 -46.75
CA TYR UA 155 50.13 -22.20 -47.09
C TYR UA 155 48.90 -22.44 -47.96
N ILE UA 156 47.79 -21.79 -47.64
CA ILE UA 156 46.59 -21.92 -48.46
C ILE UA 156 46.85 -21.37 -49.86
N CYS UA 157 47.53 -20.23 -49.96
CA CYS UA 157 47.85 -19.65 -51.26
C CYS UA 157 48.70 -20.61 -52.09
N SER UA 158 49.72 -21.21 -51.47
CA SER UA 158 50.57 -22.15 -52.19
C SER UA 158 49.78 -23.37 -52.65
N GLY UA 159 48.85 -23.85 -51.80
CA GLY UA 159 48.03 -24.97 -52.20
C GLY UA 159 47.15 -24.65 -53.40
N LEU UA 160 46.56 -23.46 -53.42
CA LEU UA 160 45.79 -23.01 -54.58
C LEU UA 160 46.69 -22.33 -55.60
N SER UA 161 47.76 -23.03 -55.98
CA SER UA 161 48.74 -22.51 -56.93
C SER UA 161 49.62 -23.65 -57.44
N VAL VA 3 6.59 -27.38 -67.31
CA VAL VA 3 5.65 -28.41 -66.89
C VAL VA 3 5.99 -29.73 -67.56
N VAL VA 4 6.38 -29.67 -68.84
CA VAL VA 4 6.70 -30.88 -69.58
C VAL VA 4 7.87 -31.61 -68.93
N THR VA 5 8.95 -30.88 -68.63
CA THR VA 5 10.11 -31.50 -68.01
C THR VA 5 9.78 -32.02 -66.60
N LYS VA 6 9.04 -31.23 -65.82
CA LYS VA 6 8.66 -31.66 -64.48
C LYS VA 6 7.86 -32.95 -64.52
N SER VA 7 6.92 -33.05 -65.45
CA SER VA 7 6.17 -34.30 -65.63
C SER VA 7 7.11 -35.43 -66.07
N ILE VA 8 8.06 -35.11 -66.95
CA ILE VA 8 8.94 -36.13 -67.51
C ILE VA 8 9.75 -36.82 -66.41
N VAL VA 9 10.14 -36.07 -65.38
CA VAL VA 9 11.05 -36.60 -64.38
C VAL VA 9 10.48 -37.85 -63.71
N ASN VA 10 9.24 -37.76 -63.24
CA ASN VA 10 8.65 -38.88 -62.50
C ASN VA 10 8.52 -40.12 -63.37
N ALA VA 11 8.06 -39.95 -64.62
CA ALA VA 11 7.88 -41.09 -65.51
C ALA VA 11 9.21 -41.73 -65.87
N ASP VA 12 10.14 -40.94 -66.40
CA ASP VA 12 11.45 -41.49 -66.76
C ASP VA 12 12.16 -42.10 -65.57
N ALA VA 13 11.95 -41.53 -64.37
CA ALA VA 13 12.53 -42.12 -63.17
C ALA VA 13 11.96 -43.51 -62.91
N GLU VA 14 10.64 -43.66 -63.03
CA GLU VA 14 10.02 -44.96 -62.82
C GLU VA 14 10.29 -45.94 -63.96
N ALA VA 15 10.94 -45.49 -65.04
CA ALA VA 15 11.15 -46.29 -66.24
C ALA VA 15 9.82 -46.60 -66.91
N ARG VA 16 9.08 -45.55 -67.25
CA ARG VA 16 7.81 -45.67 -67.91
C ARG VA 16 7.59 -44.43 -68.76
N TYR VA 17 6.91 -44.61 -69.90
CA TYR VA 17 6.46 -43.46 -70.67
C TYR VA 17 5.42 -42.69 -69.87
N LEU VA 18 5.25 -41.41 -70.20
CA LEU VA 18 4.17 -40.65 -69.58
C LEU VA 18 2.84 -41.31 -69.91
N SER VA 19 2.02 -41.50 -68.89
CA SER VA 19 0.76 -42.22 -69.06
C SER VA 19 -0.21 -41.41 -69.90
N PRO VA 20 -1.38 -41.98 -70.20
CA PRO VA 20 -2.42 -41.18 -70.88
C PRO VA 20 -2.72 -39.90 -70.15
N GLY VA 21 -2.82 -39.95 -68.82
CA GLY VA 21 -3.13 -38.75 -68.06
C GLY VA 21 -2.03 -37.71 -68.11
N GLU VA 22 -0.77 -38.13 -67.96
CA GLU VA 22 0.33 -37.18 -67.95
C GLU VA 22 0.52 -36.52 -69.31
N LEU VA 23 0.45 -37.32 -70.39
CA LEU VA 23 0.50 -36.74 -71.73
C LEU VA 23 -0.64 -35.75 -71.94
N ASP VA 24 -1.83 -36.08 -71.44
CA ASP VA 24 -2.98 -35.20 -71.59
C ASP VA 24 -2.78 -33.89 -70.83
N ARG VA 25 -2.17 -33.96 -69.64
CA ARG VA 25 -1.91 -32.73 -68.90
C ARG VA 25 -0.98 -31.80 -69.67
N ILE VA 26 0.06 -32.35 -70.29
CA ILE VA 26 0.93 -31.55 -71.14
C ILE VA 26 0.14 -30.95 -72.29
N LYS VA 27 -0.79 -31.72 -72.86
CA LYS VA 27 -1.62 -31.21 -73.94
C LYS VA 27 -2.40 -29.98 -73.50
N ASN VA 28 -2.95 -30.01 -72.28
CA ASN VA 28 -3.70 -28.86 -71.78
C ASN VA 28 -2.79 -27.65 -71.59
N PHE VA 29 -1.57 -27.87 -71.12
CA PHE VA 29 -0.61 -26.78 -70.98
C PHE VA 29 -0.41 -26.04 -72.30
N VAL VA 30 -0.43 -26.79 -73.40
CA VAL VA 30 -0.33 -26.17 -74.73
C VAL VA 30 -1.44 -25.16 -74.95
N SER VA 31 -2.64 -25.45 -74.43
CA SER VA 31 -3.76 -24.52 -74.57
C SER VA 31 -3.65 -23.33 -73.63
N THR VA 32 -2.99 -23.51 -72.48
CA THR VA 32 -2.82 -22.38 -71.56
C THR VA 32 -1.79 -21.38 -72.06
N GLY VA 33 -0.95 -21.77 -73.02
CA GLY VA 33 0.16 -20.91 -73.43
C GLY VA 33 -0.26 -19.56 -74.00
N GLU VA 34 -1.43 -19.48 -74.64
CA GLU VA 34 -1.82 -18.25 -75.32
C GLU VA 34 -2.04 -17.11 -74.33
N ARG VA 35 -2.67 -17.39 -73.19
CA ARG VA 35 -2.81 -16.38 -72.14
C ARG VA 35 -1.45 -15.91 -71.66
N ARG VA 36 -0.49 -16.84 -71.54
CA ARG VA 36 0.86 -16.46 -71.14
C ARG VA 36 1.51 -15.54 -72.16
N LEU VA 37 1.23 -15.75 -73.44
CA LEU VA 37 1.75 -14.86 -74.47
C LEU VA 37 1.28 -13.43 -74.24
N ARG VA 38 -0.02 -13.26 -73.95
CA ARG VA 38 -0.54 -11.92 -73.71
C ARG VA 38 0.11 -11.30 -72.47
N ILE VA 39 0.27 -12.08 -71.40
CA ILE VA 39 0.93 -11.57 -70.20
C ILE VA 39 2.34 -11.10 -70.51
N ALA VA 40 3.09 -11.91 -71.25
CA ALA VA 40 4.49 -11.59 -71.52
C ALA VA 40 4.63 -10.31 -72.32
N GLN VA 41 3.78 -10.13 -73.34
CA GLN VA 41 3.83 -8.90 -74.13
C GLN VA 41 3.53 -7.68 -73.27
N THR VA 42 2.51 -7.77 -72.41
CA THR VA 42 2.16 -6.63 -71.56
C THR VA 42 3.30 -6.26 -70.63
N LEU VA 43 3.90 -7.26 -69.98
CA LEU VA 43 4.99 -6.98 -69.05
C LEU VA 43 6.23 -6.45 -69.76
N THR VA 44 6.49 -6.94 -70.98
CA THR VA 44 7.60 -6.39 -71.76
C THR VA 44 7.37 -4.92 -72.07
N GLU VA 45 6.13 -4.55 -72.37
CA GLU VA 45 5.83 -3.15 -72.67
C GLU VA 45 6.05 -2.26 -71.45
N ASN VA 46 5.63 -2.70 -70.27
CA ASN VA 46 5.64 -1.85 -69.08
C ASN VA 46 6.73 -2.23 -68.09
N ARG VA 47 7.76 -2.94 -68.53
CA ARG VA 47 8.77 -3.45 -67.59
C ARG VA 47 9.48 -2.33 -66.86
N GLU VA 48 9.98 -1.34 -67.61
CA GLU VA 48 10.66 -0.21 -66.96
C GLU VA 48 9.70 0.57 -66.09
N ARG VA 49 8.47 0.79 -66.57
CA ARG VA 49 7.50 1.57 -65.82
C ARG VA 49 7.20 0.94 -64.47
N ILE VA 50 6.91 -0.37 -64.47
CA ILE VA 50 6.54 -1.04 -63.23
C ILE VA 50 7.69 -0.98 -62.23
N VAL VA 51 8.90 -1.30 -62.69
CA VAL VA 51 10.03 -1.40 -61.76
C VAL VA 51 10.44 -0.03 -61.24
N LYS VA 52 10.52 0.97 -62.12
CA LYS VA 52 10.95 2.30 -61.68
C LYS VA 52 9.90 2.96 -60.79
N GLN VA 53 8.62 2.82 -61.14
CA GLN VA 53 7.56 3.26 -60.24
C GLN VA 53 7.67 2.57 -58.89
N ALA VA 54 7.85 1.25 -58.90
CA ALA VA 54 7.99 0.51 -57.65
C ALA VA 54 9.29 0.83 -56.93
N GLY VA 55 10.32 1.29 -57.65
CA GLY VA 55 11.52 1.75 -56.97
C GLY VA 55 11.25 2.95 -56.10
N ASP VA 56 10.58 3.96 -56.66
CA ASP VA 56 10.17 5.11 -55.85
C ASP VA 56 9.22 4.67 -54.74
N GLN VA 57 8.28 3.77 -55.06
CA GLN VA 57 7.32 3.32 -54.06
C GLN VA 57 7.99 2.56 -52.92
N LEU VA 58 8.95 1.68 -53.26
CA LEU VA 58 9.68 0.96 -52.23
C LEU VA 58 10.47 1.90 -51.33
N PHE VA 59 11.13 2.89 -51.92
CA PHE VA 59 11.87 3.86 -51.13
C PHE VA 59 10.94 4.62 -50.19
N GLN VA 60 9.79 5.05 -50.69
CA GLN VA 60 8.82 5.73 -49.83
C GLN VA 60 8.33 4.82 -48.72
N LYS VA 61 8.13 3.53 -49.03
CA LYS VA 61 7.61 2.59 -48.03
C LYS VA 61 8.57 2.46 -46.85
N ARG VA 62 9.84 2.18 -47.14
CA ARG VA 62 10.86 1.99 -46.10
C ARG VA 62 12.08 2.82 -46.46
N PRO VA 63 12.05 4.13 -46.20
CA PRO VA 63 13.14 5.01 -46.63
C PRO VA 63 14.40 4.94 -45.78
N ASP VA 64 14.40 4.16 -44.69
CA ASP VA 64 15.64 4.00 -43.95
C ASP VA 64 16.73 3.37 -44.81
N VAL VA 65 16.34 2.66 -45.88
CA VAL VA 65 17.32 2.18 -46.84
C VAL VA 65 18.04 3.35 -47.51
N VAL VA 66 17.26 4.29 -48.05
CA VAL VA 66 17.83 5.39 -48.83
C VAL VA 66 18.42 6.49 -47.97
N SER VA 67 18.08 6.53 -46.68
CA SER VA 67 18.69 7.52 -45.81
C SER VA 67 20.18 7.23 -45.65
N PRO VA 68 21.01 8.28 -45.53
CA PRO VA 68 22.41 8.05 -45.21
C PRO VA 68 22.53 7.33 -43.88
N GLY VA 69 23.49 6.42 -43.79
CA GLY VA 69 23.45 5.42 -42.74
C GLY VA 69 22.53 4.27 -43.04
N GLY VA 70 22.18 4.06 -44.31
CA GLY VA 70 21.34 2.96 -44.71
C GLY VA 70 21.90 2.27 -45.93
N ASN VA 71 21.28 1.15 -46.30
CA ASN VA 71 21.80 0.31 -47.36
C ASN VA 71 21.68 0.98 -48.73
N ALA VA 72 20.53 1.58 -49.02
CA ALA VA 72 20.28 2.09 -50.37
C ALA VA 72 20.86 3.47 -50.62
N TYR VA 73 21.38 4.14 -49.60
CA TYR VA 73 21.88 5.50 -49.78
C TYR VA 73 23.05 5.52 -50.75
N GLY VA 74 23.12 6.57 -51.55
CA GLY VA 74 24.11 6.72 -52.59
C GLY VA 74 23.43 6.54 -53.94
N GLU VA 75 23.80 7.38 -54.90
CA GLU VA 75 23.21 7.29 -56.23
C GLU VA 75 23.58 5.98 -56.91
N GLU VA 76 24.84 5.57 -56.82
CA GLU VA 76 25.25 4.28 -57.36
C GLU VA 76 24.53 3.13 -56.67
N MET VA 77 24.38 3.24 -55.34
CA MET VA 77 23.64 2.21 -54.60
C MET VA 77 22.18 2.17 -55.01
N THR VA 78 21.57 3.35 -55.24
CA THR VA 78 20.19 3.38 -55.69
C THR VA 78 20.07 2.73 -57.06
N ALA VA 79 21.03 2.99 -57.96
CA ALA VA 79 21.02 2.32 -59.26
C ALA VA 79 21.17 0.82 -59.11
N THR VA 80 22.04 0.38 -58.20
CA THR VA 80 22.20 -1.06 -57.97
C THR VA 80 20.91 -1.68 -57.45
N CYS VA 81 20.23 -1.02 -56.50
CA CYS VA 81 18.98 -1.60 -56.01
C CYS VA 81 17.92 -1.62 -57.10
N LEU VA 82 17.84 -0.56 -57.90
CA LEU VA 82 16.88 -0.55 -59.00
C LEU VA 82 17.17 -1.68 -59.98
N ARG VA 83 18.44 -1.91 -60.28
CA ARG VA 83 18.81 -3.00 -61.18
C ARG VA 83 18.41 -4.35 -60.60
N ASP VA 84 18.56 -4.53 -59.29
CA ASP VA 84 18.16 -5.78 -58.66
C ASP VA 84 16.66 -5.99 -58.73
N LEU VA 85 15.88 -4.93 -58.46
CA LEU VA 85 14.43 -5.04 -58.58
C LEU VA 85 14.03 -5.44 -59.99
N ASP VA 86 14.65 -4.81 -60.98
CA ASP VA 86 14.38 -5.17 -62.38
C ASP VA 86 14.81 -6.60 -62.69
N TYR VA 87 15.91 -7.05 -62.09
CA TYR VA 87 16.38 -8.42 -62.33
C TYR VA 87 15.35 -9.44 -61.87
N TYR VA 88 14.79 -9.24 -60.68
CA TYR VA 88 13.71 -10.12 -60.22
C TYR VA 88 12.49 -10.03 -61.12
N LEU VA 89 12.22 -8.84 -61.68
CA LEU VA 89 11.11 -8.71 -62.61
C LEU VA 89 11.34 -9.51 -63.89
N ARG VA 90 12.58 -9.49 -64.40
CA ARG VA 90 12.90 -10.31 -65.56
C ARG VA 90 12.66 -11.78 -65.27
N LEU VA 91 13.08 -12.23 -64.09
CA LEU VA 91 12.79 -13.60 -63.68
C LEU VA 91 11.29 -13.83 -63.56
N VAL VA 92 10.52 -12.81 -63.17
CA VAL VA 92 9.07 -12.95 -63.07
C VAL VA 92 8.48 -13.27 -64.43
N THR VA 93 8.90 -12.54 -65.46
CA THR VA 93 8.41 -12.82 -66.81
C THR VA 93 8.81 -14.22 -67.24
N TYR VA 94 10.05 -14.63 -66.95
CA TYR VA 94 10.47 -15.99 -67.26
C TYR VA 94 9.58 -17.01 -66.56
N GLY VA 95 9.26 -16.77 -65.28
CA GLY VA 95 8.46 -17.73 -64.54
C GLY VA 95 7.03 -17.85 -65.06
N ILE VA 96 6.41 -16.73 -65.40
CA ILE VA 96 5.07 -16.77 -65.97
C ILE VA 96 5.09 -17.55 -67.28
N VAL VA 97 6.09 -17.31 -68.12
CA VAL VA 97 6.21 -18.05 -69.37
C VAL VA 97 6.38 -19.54 -69.09
N ALA VA 98 7.24 -19.89 -68.13
CA ALA VA 98 7.54 -21.29 -67.87
C ALA VA 98 6.32 -22.04 -67.34
N GLY VA 99 5.45 -21.38 -66.59
CA GLY VA 99 4.29 -22.03 -66.02
C GLY VA 99 4.56 -22.76 -64.72
N ASP VA 100 5.81 -22.86 -64.31
CA ASP VA 100 6.18 -23.33 -62.99
C ASP VA 100 7.29 -22.42 -62.47
N VAL VA 101 7.55 -22.50 -61.16
CA VAL VA 101 8.49 -21.57 -60.53
C VAL VA 101 9.95 -21.93 -60.76
N THR VA 102 10.23 -22.95 -61.56
CA THR VA 102 11.59 -23.45 -61.72
C THR VA 102 12.60 -22.43 -62.26
N PRO VA 103 12.30 -21.63 -63.29
CA PRO VA 103 13.35 -20.70 -63.79
C PRO VA 103 13.79 -19.69 -62.74
N ILE VA 104 12.84 -19.05 -62.07
CA ILE VA 104 13.18 -18.15 -60.97
C ILE VA 104 13.95 -18.90 -59.90
N GLU VA 105 13.48 -20.11 -59.56
CA GLU VA 105 14.11 -20.88 -58.50
C GLU VA 105 15.59 -21.13 -58.79
N GLU VA 106 15.89 -21.55 -60.02
CA GLU VA 106 17.26 -21.90 -60.36
C GLU VA 106 18.15 -20.65 -60.40
N ILE VA 107 17.67 -19.56 -61.01
CA ILE VA 107 18.53 -18.42 -61.24
C ILE VA 107 18.63 -17.53 -60.01
N GLY VA 108 17.49 -17.11 -59.46
CA GLY VA 108 17.51 -16.05 -58.47
C GLY VA 108 17.21 -16.33 -57.01
N LEU VA 109 16.20 -17.14 -56.69
CA LEU VA 109 15.73 -17.22 -55.32
C LEU VA 109 16.37 -18.34 -54.51
N VAL VA 110 17.24 -19.14 -55.13
CA VAL VA 110 18.02 -20.13 -54.38
C VAL VA 110 19.22 -19.43 -53.78
N GLY VA 111 19.34 -19.47 -52.46
CA GLY VA 111 20.39 -18.75 -51.77
C GLY VA 111 20.16 -17.27 -51.63
N VAL VA 112 18.92 -16.81 -51.77
CA VAL VA 112 18.65 -15.37 -51.78
C VAL VA 112 18.94 -14.76 -50.41
N ARG VA 113 18.55 -15.45 -49.33
CA ARG VA 113 18.81 -14.92 -48.00
C ARG VA 113 20.31 -14.78 -47.75
N GLU VA 114 21.07 -15.82 -48.06
CA GLU VA 114 22.52 -15.76 -47.87
C GLU VA 114 23.13 -14.67 -48.73
N MET VA 115 22.70 -14.56 -49.98
CA MET VA 115 23.31 -13.59 -50.90
C MET VA 115 23.07 -12.17 -50.42
N TYR VA 116 21.83 -11.83 -50.07
CA TYR VA 116 21.54 -10.46 -49.69
C TYR VA 116 22.11 -10.11 -48.32
N ASN VA 117 22.12 -11.07 -47.38
CA ASN VA 117 22.76 -10.81 -46.09
C ASN VA 117 24.25 -10.59 -46.26
N SER VA 118 24.90 -11.36 -47.13
CA SER VA 118 26.31 -11.11 -47.41
C SER VA 118 26.50 -9.80 -48.18
N LEU VA 119 25.56 -9.46 -49.06
CA LEU VA 119 25.62 -8.18 -49.77
C LEU VA 119 25.41 -6.99 -48.83
N GLY VA 120 24.83 -7.21 -47.65
CA GLY VA 120 24.54 -6.11 -46.76
C GLY VA 120 23.20 -5.45 -46.98
N THR VA 121 22.25 -6.15 -47.60
CA THR VA 121 20.93 -5.62 -47.86
C THR VA 121 19.91 -6.34 -47.00
N PRO VA 122 18.99 -5.64 -46.35
CA PRO VA 122 17.92 -6.33 -45.61
C PRO VA 122 17.02 -7.10 -46.56
N ILE VA 123 16.69 -8.33 -46.17
CA ILE VA 123 15.94 -9.25 -47.02
C ILE VA 123 14.54 -8.73 -47.29
N PRO VA 124 13.84 -8.25 -46.26
CA PRO VA 124 12.44 -7.84 -46.45
C PRO VA 124 12.28 -6.68 -47.44
N ALA VA 125 13.30 -5.86 -47.59
CA ALA VA 125 13.16 -4.65 -48.39
C ALA VA 125 13.02 -4.96 -49.88
N VAL VA 126 13.86 -5.87 -50.39
CA VAL VA 126 13.74 -6.27 -51.80
C VAL VA 126 12.38 -6.90 -52.04
N ALA VA 127 11.90 -7.67 -51.06
CA ALA VA 127 10.56 -8.23 -51.15
C ALA VA 127 9.50 -7.13 -51.21
N GLU VA 128 9.74 -6.01 -50.51
CA GLU VA 128 8.80 -4.89 -50.57
C GLU VA 128 8.72 -4.32 -51.98
N GLY VA 129 9.86 -4.21 -52.66
CA GLY VA 129 9.85 -3.79 -54.05
C GLY VA 129 8.97 -4.69 -54.89
N ILE VA 130 9.13 -6.01 -54.72
CA ILE VA 130 8.26 -6.96 -55.41
C ILE VA 130 6.81 -6.80 -54.97
N ARG VA 131 6.60 -6.49 -53.69
CA ARG VA 131 5.25 -6.38 -53.14
C ARG VA 131 4.40 -5.40 -53.93
N ALA VA 132 4.92 -4.19 -54.13
CA ALA VA 132 4.18 -3.19 -54.90
C ALA VA 132 4.26 -3.43 -56.40
N MET VA 133 5.32 -4.08 -56.88
CA MET VA 133 5.43 -4.39 -58.30
C MET VA 133 4.25 -5.26 -58.75
N LYS VA 134 3.78 -6.15 -57.88
CA LYS VA 134 2.65 -7.01 -58.21
C LYS VA 134 1.44 -6.19 -58.66
N ASN VA 135 1.05 -5.20 -57.85
CA ASN VA 135 -0.16 -4.45 -58.16
C ASN VA 135 0.02 -3.53 -59.35
N VAL VA 136 1.23 -3.01 -59.57
CA VAL VA 136 1.47 -2.21 -60.76
C VAL VA 136 1.20 -3.04 -62.02
N ALA VA 137 1.82 -4.21 -62.10
CA ALA VA 137 1.57 -5.09 -63.24
C ALA VA 137 0.13 -5.58 -63.27
N CYS VA 138 -0.47 -5.78 -62.09
CA CYS VA 138 -1.85 -6.25 -62.03
C CYS VA 138 -2.80 -5.23 -62.66
N SER VA 139 -2.59 -3.95 -62.38
CA SER VA 139 -3.41 -2.92 -63.00
C SER VA 139 -3.22 -2.88 -64.51
N LEU VA 140 -1.97 -3.02 -64.96
CA LEU VA 140 -1.71 -2.98 -66.41
C LEU VA 140 -2.33 -4.18 -67.12
N LEU VA 141 -2.27 -5.36 -66.50
CA LEU VA 141 -2.69 -6.59 -67.15
C LEU VA 141 -4.21 -6.72 -67.16
N SER VA 142 -4.69 -7.61 -68.03
CA SER VA 142 -6.09 -8.00 -68.00
C SER VA 142 -6.39 -8.73 -66.69
N ALA VA 143 -7.69 -8.82 -66.37
CA ALA VA 143 -8.10 -9.38 -65.08
C ALA VA 143 -7.54 -10.78 -64.88
N GLU VA 144 -7.76 -11.66 -65.85
CA GLU VA 144 -7.26 -13.04 -65.72
C GLU VA 144 -5.75 -13.08 -65.90
N ASP VA 145 -5.20 -12.27 -66.80
CA ASP VA 145 -3.75 -12.21 -66.96
C ASP VA 145 -3.07 -11.75 -65.68
N ALA VA 146 -3.63 -10.70 -65.05
CA ALA VA 146 -3.09 -10.24 -63.78
C ALA VA 146 -3.24 -11.30 -62.69
N ALA VA 147 -4.38 -12.02 -62.70
CA ALA VA 147 -4.57 -13.09 -61.73
C ALA VA 147 -3.54 -14.18 -61.89
N GLU VA 148 -3.17 -14.49 -63.14
CA GLU VA 148 -2.16 -15.53 -63.38
C GLU VA 148 -0.79 -15.07 -62.91
N ALA VA 149 -0.42 -13.83 -63.19
CA ALA VA 149 0.91 -13.35 -62.83
C ALA VA 149 1.06 -13.13 -61.33
N GLY VA 150 -0.04 -12.94 -60.60
CA GLY VA 150 0.05 -12.59 -59.19
C GLY VA 150 0.74 -13.62 -58.32
N SER VA 151 0.42 -14.91 -58.51
CA SER VA 151 1.06 -15.93 -57.68
C SER VA 151 2.57 -15.96 -57.85
N TYR VA 152 3.06 -15.69 -59.06
CA TYR VA 152 4.51 -15.63 -59.27
C TYR VA 152 5.13 -14.47 -58.51
N PHE VA 153 4.49 -13.31 -58.53
CA PHE VA 153 4.95 -12.18 -57.73
C PHE VA 153 4.97 -12.54 -56.24
N ASP VA 154 3.86 -13.10 -55.75
CA ASP VA 154 3.75 -13.41 -54.34
C ASP VA 154 4.71 -14.53 -53.92
N PHE VA 155 5.00 -15.46 -54.83
CA PHE VA 155 5.94 -16.53 -54.50
C PHE VA 155 7.37 -16.00 -54.41
N VAL VA 156 7.74 -15.05 -55.27
CA VAL VA 156 9.02 -14.38 -55.12
C VAL VA 156 9.08 -13.66 -53.78
N ILE VA 157 8.01 -12.95 -53.44
CA ILE VA 157 7.93 -12.25 -52.16
C ILE VA 157 8.05 -13.24 -51.01
N GLY VA 158 7.34 -14.37 -51.10
CA GLY VA 158 7.39 -15.35 -50.03
C GLY VA 158 8.75 -15.98 -49.87
N ALA VA 159 9.42 -16.29 -50.98
CA ALA VA 159 10.77 -16.85 -50.90
C ALA VA 159 11.72 -15.86 -50.24
N MET VA 160 11.63 -14.58 -50.60
CA MET VA 160 12.47 -13.57 -49.98
C MET VA 160 12.14 -13.41 -48.50
N GLN VA 161 10.85 -13.38 -48.16
CA GLN VA 161 10.43 -13.20 -46.78
C GLN VA 161 10.01 -14.53 -46.17
N GLN WA 2 15.63 -30.81 -69.02
CA GLN WA 2 15.26 -29.50 -69.54
C GLN WA 2 14.25 -29.61 -70.67
N ASP WA 3 13.90 -28.47 -71.26
CA ASP WA 3 12.99 -28.43 -72.39
C ASP WA 3 13.30 -27.20 -73.23
N ALA WA 4 12.64 -27.09 -74.38
CA ALA WA 4 12.90 -25.98 -75.28
C ALA WA 4 12.54 -24.64 -74.65
N ILE WA 5 11.44 -24.61 -73.90
CA ILE WA 5 11.03 -23.38 -73.21
C ILE WA 5 12.08 -22.98 -72.19
N THR WA 6 12.55 -23.95 -71.40
CA THR WA 6 13.58 -23.66 -70.41
C THR WA 6 14.87 -23.20 -71.08
N ALA WA 7 15.23 -23.81 -72.21
CA ALA WA 7 16.42 -23.39 -72.93
C ALA WA 7 16.29 -21.97 -73.46
N VAL WA 8 15.11 -21.60 -73.95
CA VAL WA 8 14.89 -20.25 -74.45
C VAL WA 8 15.05 -19.22 -73.33
N ILE WA 9 14.41 -19.48 -72.18
CA ILE WA 9 14.52 -18.52 -71.09
C ILE WA 9 15.93 -18.53 -70.49
N ASN WA 10 16.61 -19.68 -70.52
CA ASN WA 10 18.01 -19.72 -70.09
C ASN WA 10 18.90 -18.89 -71.01
N ALA WA 11 18.64 -18.94 -72.31
CA ALA WA 11 19.38 -18.09 -73.24
C ALA WA 11 19.13 -16.62 -72.95
N SER WA 12 17.89 -16.26 -72.64
CA SER WA 12 17.61 -14.90 -72.20
C SER WA 12 18.39 -14.54 -70.95
N ASP WA 13 18.50 -15.48 -70.01
CA ASP WA 13 19.27 -15.26 -68.80
C ASP WA 13 20.75 -15.04 -69.12
N VAL WA 14 21.28 -15.82 -70.07
CA VAL WA 14 22.66 -15.63 -70.50
C VAL WA 14 22.85 -14.23 -71.06
N GLN WA 15 21.91 -13.76 -71.87
CA GLN WA 15 21.96 -12.38 -72.35
C GLN WA 15 21.88 -11.38 -71.20
N GLY WA 16 21.20 -11.74 -70.11
CA GLY WA 16 20.88 -10.78 -69.10
C GLY WA 16 19.74 -9.86 -69.46
N LYS WA 17 18.95 -10.24 -70.46
CA LYS WA 17 17.88 -9.40 -70.99
C LYS WA 17 16.58 -10.20 -71.00
N TYR WA 18 15.47 -9.49 -70.88
CA TYR WA 18 14.16 -10.13 -70.96
C TYR WA 18 14.02 -10.88 -72.27
N LEU WA 19 13.12 -11.87 -72.27
CA LEU WA 19 12.89 -12.67 -73.47
C LEU WA 19 12.41 -11.79 -74.61
N ASP WA 20 13.04 -11.95 -75.78
CA ASP WA 20 12.80 -11.10 -76.93
C ASP WA 20 11.56 -11.55 -77.69
N THR WA 21 11.04 -10.66 -78.54
CA THR WA 21 9.90 -11.01 -79.38
C THR WA 21 10.22 -12.15 -80.33
N ALA WA 22 11.45 -12.18 -80.85
CA ALA WA 22 11.86 -13.31 -81.69
C ALA WA 22 11.84 -14.61 -80.89
N ALA WA 23 12.32 -14.56 -79.64
CA ALA WA 23 12.23 -15.73 -78.77
C ALA WA 23 10.78 -16.13 -78.54
N MET WA 24 9.90 -15.14 -78.39
CA MET WA 24 8.47 -15.45 -78.24
C MET WA 24 7.94 -16.17 -79.47
N GLU WA 25 8.36 -15.75 -80.67
CA GLU WA 25 7.91 -16.39 -81.89
C GLU WA 25 8.36 -17.85 -81.94
N LYS WA 26 9.61 -18.12 -81.57
CA LYS WA 26 10.08 -19.50 -81.52
C LYS WA 26 9.29 -20.32 -80.50
N LEU WA 27 9.04 -19.74 -79.32
CA LEU WA 27 8.22 -20.43 -78.32
C LEU WA 27 6.82 -20.69 -78.83
N LYS WA 28 6.22 -19.71 -79.52
CA LYS WA 28 4.87 -19.87 -80.05
C LYS WA 28 4.81 -21.02 -81.04
N ALA WA 29 5.82 -21.15 -81.89
CA ALA WA 29 5.86 -22.27 -82.84
C ALA WA 29 5.88 -23.59 -82.10
N TYR WA 30 6.70 -23.70 -81.05
CA TYR WA 30 6.73 -24.94 -80.27
C TYR WA 30 5.39 -25.21 -79.62
N PHE WA 31 4.77 -24.18 -79.04
CA PHE WA 31 3.48 -24.37 -78.39
C PHE WA 31 2.42 -24.83 -79.38
N ALA WA 32 2.42 -24.25 -80.58
CA ALA WA 32 1.40 -24.58 -81.56
C ALA WA 32 1.50 -26.03 -82.02
N THR WA 33 2.72 -26.52 -82.29
CA THR WA 33 2.89 -27.89 -82.76
C THR WA 33 3.11 -28.88 -81.62
N GLY WA 34 3.09 -28.41 -80.37
CA GLY WA 34 3.34 -29.30 -79.24
C GLY WA 34 2.29 -30.38 -79.06
N GLU WA 35 1.03 -30.06 -79.36
CA GLU WA 35 -0.04 -31.06 -79.20
C GLU WA 35 0.19 -32.23 -80.14
N LEU WA 36 0.61 -31.96 -81.38
CA LEU WA 36 0.96 -33.03 -82.30
C LEU WA 36 2.12 -33.86 -81.75
N ARG WA 37 3.11 -33.21 -81.15
CA ARG WA 37 4.23 -33.95 -80.57
C ARG WA 37 3.77 -34.85 -79.44
N VAL WA 38 2.86 -34.37 -78.59
CA VAL WA 38 2.38 -35.18 -77.47
C VAL WA 38 1.66 -36.42 -77.99
N ARG WA 39 0.79 -36.26 -78.98
CA ARG WA 39 0.08 -37.40 -79.54
C ARG WA 39 1.05 -38.39 -80.19
N ALA WA 40 2.10 -37.86 -80.85
CA ALA WA 40 3.11 -38.74 -81.43
C ALA WA 40 3.77 -39.59 -80.37
N ALA WA 41 4.09 -38.99 -79.22
CA ALA WA 41 4.68 -39.75 -78.13
C ALA WA 41 3.74 -40.86 -77.67
N SER WA 42 2.44 -40.59 -77.62
CA SER WA 42 1.48 -41.62 -77.22
C SER WA 42 1.51 -42.80 -78.16
N VAL WA 43 1.50 -42.55 -79.47
CA VAL WA 43 1.46 -43.64 -80.44
C VAL WA 43 2.69 -44.52 -80.31
N ILE WA 44 3.88 -43.90 -80.28
CA ILE WA 44 5.09 -44.71 -80.22
C ILE WA 44 5.24 -45.37 -78.86
N SER WA 45 4.68 -44.76 -77.80
CA SER WA 45 4.72 -45.40 -76.49
C SER WA 45 3.99 -46.73 -76.51
N ALA WA 46 2.82 -46.77 -77.16
CA ALA WA 46 2.09 -48.04 -77.25
C ALA WA 46 2.81 -49.01 -78.19
N ASN WA 47 3.41 -48.50 -79.26
CA ASN WA 47 4.01 -49.35 -80.29
C ASN WA 47 5.52 -49.51 -80.13
N ALA WA 48 6.06 -49.28 -78.93
CA ALA WA 48 7.50 -49.27 -78.75
C ALA WA 48 8.13 -50.62 -79.06
N ALA WA 49 7.50 -51.71 -78.62
CA ALA WA 49 8.09 -53.03 -78.82
C ALA WA 49 8.21 -53.38 -80.30
N ASN WA 50 7.20 -53.03 -81.10
CA ASN WA 50 7.24 -53.33 -82.52
C ASN WA 50 8.35 -52.56 -83.23
N ILE WA 51 8.56 -51.29 -82.85
CA ILE WA 51 9.63 -50.50 -83.44
C ILE WA 51 10.97 -51.16 -83.21
N VAL WA 52 11.26 -51.54 -81.97
CA VAL WA 52 12.53 -52.19 -81.64
C VAL WA 52 12.66 -53.51 -82.38
N LYS WA 53 11.59 -54.30 -82.40
CA LYS WA 53 11.61 -55.60 -83.07
C LYS WA 53 12.00 -55.45 -84.55
N GLU WA 54 11.31 -54.56 -85.26
CA GLU WA 54 11.60 -54.35 -86.67
C GLU WA 54 13.03 -53.88 -86.87
N ALA WA 55 13.52 -53.02 -86.00
CA ALA WA 55 14.87 -52.47 -86.18
C ALA WA 55 15.94 -53.53 -85.95
N VAL WA 56 15.78 -54.38 -84.94
CA VAL WA 56 16.77 -55.43 -84.72
C VAL WA 56 16.84 -56.35 -85.93
N ALA WA 57 15.68 -56.70 -86.49
CA ALA WA 57 15.67 -57.48 -87.72
C ALA WA 57 16.33 -56.70 -88.85
N LYS WA 58 16.08 -55.39 -88.91
CA LYS WA 58 16.55 -54.57 -90.03
C LYS WA 58 18.07 -54.51 -90.09
N SER WA 59 18.73 -54.44 -88.94
CA SER WA 59 20.15 -54.14 -88.90
C SER WA 59 21.02 -55.21 -88.28
N LEU WA 60 20.53 -55.96 -87.30
CA LEU WA 60 21.40 -56.81 -86.50
C LEU WA 60 21.14 -58.31 -86.64
N LEU WA 61 19.91 -58.74 -86.88
CA LEU WA 61 19.62 -60.16 -86.93
C LEU WA 61 20.28 -60.81 -88.14
N TYR WA 62 20.63 -62.09 -87.97
CA TYR WA 62 21.29 -62.87 -89.02
C TYR WA 62 22.55 -62.18 -89.52
N SER WA 63 23.35 -61.68 -88.57
CA SER WA 63 24.59 -60.99 -88.90
C SER WA 63 25.70 -61.47 -87.98
N ASP WA 64 26.91 -60.95 -88.21
CA ASP WA 64 28.05 -61.30 -87.38
C ASP WA 64 27.86 -60.83 -85.95
N ILE WA 65 27.08 -59.77 -85.74
CA ILE WA 65 26.87 -59.24 -84.40
C ILE WA 65 26.17 -60.27 -83.54
N THR WA 66 25.12 -60.91 -84.08
CA THR WA 66 24.45 -61.98 -83.34
C THR WA 66 25.26 -63.27 -83.35
N ARG WA 67 26.05 -63.50 -84.40
CA ARG WA 67 26.87 -64.70 -84.47
C ARG WA 67 28.02 -64.64 -83.45
N PRO WA 68 28.52 -65.80 -83.01
CA PRO WA 68 29.57 -65.83 -82.00
C PRO WA 68 30.72 -64.87 -82.28
N GLY WA 69 31.20 -64.22 -81.22
CA GLY WA 69 32.25 -63.23 -81.34
C GLY WA 69 31.80 -61.85 -81.72
N GLY WA 70 30.49 -61.62 -81.82
CA GLY WA 70 29.98 -60.32 -82.22
C GLY WA 70 29.37 -59.50 -81.10
N MET WA 72 27.03 -59.55 -79.23
CA MET WA 72 25.61 -59.74 -78.99
C MET WA 72 25.31 -61.24 -79.00
N TYR WA 73 26.38 -62.02 -79.10
CA TYR WA 73 26.29 -63.47 -79.34
C TYR WA 73 26.19 -64.25 -78.03
N THR WA 74 25.16 -63.91 -77.27
CA THR WA 74 24.88 -64.50 -75.97
C THR WA 74 23.46 -64.11 -75.63
N THR WA 75 22.75 -64.99 -74.93
CA THR WA 75 21.39 -64.64 -74.54
C THR WA 75 21.37 -63.38 -73.70
N ARG WA 76 22.28 -63.28 -72.72
CA ARG WA 76 22.40 -62.07 -71.93
C ARG WA 76 22.80 -60.87 -72.78
N ARG WA 77 23.73 -61.07 -73.71
CA ARG WA 77 24.20 -59.97 -74.55
C ARG WA 77 23.08 -59.44 -75.43
N TYR WA 78 22.31 -60.33 -76.05
CA TYR WA 78 21.18 -59.92 -76.88
C TYR WA 78 20.15 -59.17 -76.04
N ALA WA 79 19.85 -59.68 -74.85
CA ALA WA 79 18.86 -59.03 -74.00
C ALA WA 79 19.31 -57.63 -73.61
N ALA WA 80 20.59 -57.48 -73.28
CA ALA WA 80 21.10 -56.16 -72.94
C ALA WA 80 21.01 -55.20 -74.12
N CYS WA 81 21.33 -55.67 -75.33
CA CYS WA 81 21.28 -54.79 -76.49
C CYS WA 81 19.86 -54.30 -76.76
N ILE WA 82 18.88 -55.20 -76.72
CA ILE WA 82 17.51 -54.77 -76.98
C ILE WA 82 17.01 -53.86 -75.87
N ARG WA 83 17.46 -54.09 -74.63
CA ARG WA 83 17.12 -53.17 -73.55
C ARG WA 83 17.64 -51.77 -73.83
N ASP WA 84 18.88 -51.67 -74.33
CA ASP WA 84 19.42 -50.37 -74.70
C ASP WA 84 18.59 -49.72 -75.79
N LEU WA 85 18.11 -50.51 -76.75
CA LEU WA 85 17.27 -49.96 -77.80
C LEU WA 85 15.99 -49.37 -77.24
N ASP WA 86 15.36 -50.05 -76.28
CA ASP WA 86 14.15 -49.51 -75.67
C ASP WA 86 14.43 -48.20 -74.95
N TYR WA 87 15.55 -48.12 -74.23
CA TYR WA 87 15.86 -46.88 -73.51
C TYR WA 87 16.20 -45.76 -74.47
N TYR WA 88 16.88 -46.07 -75.58
CA TYR WA 88 17.08 -45.08 -76.63
C TYR WA 88 15.75 -44.50 -77.10
N LEU WA 89 14.78 -45.38 -77.37
CA LEU WA 89 13.48 -44.92 -77.84
C LEU WA 89 12.77 -44.09 -76.78
N ARG WA 90 12.81 -44.53 -75.53
CA ARG WA 90 12.17 -43.78 -74.45
C ARG WA 90 12.74 -42.37 -74.37
N TYR WA 91 14.07 -42.25 -74.29
CA TYR WA 91 14.65 -40.92 -74.19
C TYR WA 91 14.45 -40.10 -75.45
N ALA WA 92 14.39 -40.75 -76.61
CA ALA WA 92 14.15 -40.02 -77.85
C ALA WA 92 12.76 -39.40 -77.86
N THR WA 93 11.74 -40.15 -77.48
CA THR WA 93 10.40 -39.59 -77.45
C THR WA 93 10.24 -38.58 -76.31
N TYR WA 94 10.93 -38.79 -75.19
CA TYR WA 94 10.91 -37.78 -74.13
C TYR WA 94 11.54 -36.48 -74.59
N ALA WA 95 12.65 -36.58 -75.33
CA ALA WA 95 13.29 -35.39 -75.86
C ALA WA 95 12.40 -34.69 -76.87
N MET WA 96 11.69 -35.46 -77.71
CA MET WA 96 10.73 -34.87 -78.62
C MET WA 96 9.63 -34.14 -77.86
N LEU WA 97 9.13 -34.76 -76.79
CA LEU WA 97 8.10 -34.13 -75.96
C LEU WA 97 8.61 -32.81 -75.39
N ALA WA 98 9.80 -32.82 -74.79
CA ALA WA 98 10.31 -31.63 -74.12
C ALA WA 98 10.69 -30.54 -75.11
N GLY WA 99 11.17 -30.91 -76.29
CA GLY WA 99 11.65 -29.95 -77.25
C GLY WA 99 13.11 -29.58 -77.13
N ASP WA 100 13.82 -30.11 -76.13
CA ASP WA 100 15.24 -29.85 -75.98
C ASP WA 100 16.02 -31.15 -76.07
N PRO WA 101 17.08 -31.20 -76.88
CA PRO WA 101 17.99 -32.34 -76.86
C PRO WA 101 18.90 -32.36 -75.63
N SER WA 102 18.80 -31.36 -74.75
CA SER WA 102 19.61 -31.36 -73.54
C SER WA 102 19.20 -32.51 -72.61
N ILE WA 103 17.91 -32.82 -72.54
CA ILE WA 103 17.47 -33.95 -71.73
C ILE WA 103 18.06 -35.24 -72.28
N LEU WA 104 18.06 -35.39 -73.61
CA LEU WA 104 18.71 -36.54 -74.23
C LEU WA 104 20.20 -36.56 -73.96
N ASP WA 105 20.85 -35.39 -74.09
CA ASP WA 105 22.30 -35.33 -73.91
C ASP WA 105 22.70 -35.66 -72.48
N GLU WA 106 21.93 -35.16 -71.51
CA GLU WA 106 22.27 -35.37 -70.10
C GLU WA 106 22.01 -36.80 -69.66
N ARG WA 107 20.96 -37.43 -70.19
CA ARG WA 107 20.60 -38.75 -69.71
C ARG WA 107 21.17 -39.89 -70.55
N VAL WA 108 21.28 -39.71 -71.86
CA VAL WA 108 21.75 -40.77 -72.74
C VAL WA 108 23.24 -40.65 -73.04
N LEU WA 109 23.74 -39.43 -73.26
CA LEU WA 109 25.09 -39.23 -73.78
C LEU WA 109 26.09 -38.80 -72.70
N ASN WA 110 25.83 -39.14 -71.44
CA ASN WA 110 26.75 -38.77 -70.36
C ASN WA 110 27.63 -39.98 -70.02
N GLY WA 111 28.70 -40.14 -70.81
CA GLY WA 111 29.63 -41.23 -70.61
C GLY WA 111 29.26 -42.53 -71.28
N LEU WA 112 28.12 -42.57 -71.98
CA LEU WA 112 27.70 -43.80 -72.63
C LEU WA 112 28.71 -44.28 -73.65
N LYS WA 113 29.27 -43.35 -74.42
CA LYS WA 113 30.29 -43.73 -75.41
C LYS WA 113 31.48 -44.40 -74.73
N GLU WA 114 31.89 -43.90 -73.57
CA GLU WA 114 33.00 -44.51 -72.86
C GLU WA 114 32.66 -45.92 -72.38
N THR WA 115 31.43 -46.14 -71.89
CA THR WA 115 31.04 -47.48 -71.50
C THR WA 115 31.04 -48.44 -72.68
N TYR WA 116 30.52 -47.98 -73.82
CA TYR WA 116 30.54 -48.82 -75.03
C TYR WA 116 31.97 -49.12 -75.45
N ASN WA 117 32.86 -48.12 -75.42
CA ASN WA 117 34.25 -48.35 -75.80
C ASN WA 117 34.91 -49.35 -74.88
N SER WA 118 34.66 -49.25 -73.57
CA SER WA 118 35.27 -50.17 -72.62
C SER WA 118 34.78 -51.61 -72.84
N LEU WA 119 33.48 -51.78 -73.09
CA LEU WA 119 32.93 -53.11 -73.27
C LEU WA 119 33.11 -53.65 -74.69
N GLY WA 120 33.61 -52.84 -75.62
CA GLY WA 120 33.82 -53.29 -76.98
C GLY WA 120 32.62 -53.23 -77.88
N VAL WA 121 31.52 -52.63 -77.43
CA VAL WA 121 30.32 -52.51 -78.26
C VAL WA 121 30.62 -51.63 -79.47
N PRO WA 122 30.28 -52.05 -80.68
CA PRO WA 122 30.62 -51.26 -81.88
C PRO WA 122 29.66 -50.10 -82.08
N ILE WA 123 30.17 -48.88 -81.91
CA ILE WA 123 29.32 -47.70 -81.97
C ILE WA 123 28.76 -47.50 -83.38
N ALA WA 124 29.55 -47.82 -84.40
CA ALA WA 124 29.08 -47.67 -85.78
C ALA WA 124 27.89 -48.58 -86.06
N ALA WA 125 27.96 -49.83 -85.60
CA ALA WA 125 26.84 -50.74 -85.77
C ALA WA 125 25.60 -50.24 -85.04
N THR WA 126 25.78 -49.71 -83.82
CA THR WA 126 24.64 -49.16 -83.10
C THR WA 126 24.04 -47.98 -83.85
N VAL WA 127 24.88 -47.17 -84.50
CA VAL WA 127 24.40 -46.02 -85.26
C VAL WA 127 23.53 -46.49 -86.42
N GLN WA 128 23.98 -47.51 -87.15
CA GLN WA 128 23.16 -48.05 -88.24
C GLN WA 128 21.86 -48.63 -87.70
N ALA WA 129 21.92 -49.31 -86.55
CA ALA WA 129 20.72 -49.92 -85.97
C ALA WA 129 19.70 -48.87 -85.56
N ILE WA 130 20.15 -47.79 -84.90
CA ILE WA 130 19.21 -46.75 -84.51
C ILE WA 130 18.81 -45.90 -85.72
N GLN WA 131 19.58 -45.93 -86.80
CA GLN WA 131 19.09 -45.38 -88.06
C GLN WA 131 17.90 -46.17 -88.57
N ALA WA 132 17.96 -47.51 -88.46
CA ALA WA 132 16.82 -48.34 -88.78
C ALA WA 132 15.64 -48.05 -87.85
N MET WA 133 15.92 -47.85 -86.55
CA MET WA 133 14.89 -47.42 -85.62
C MET WA 133 14.29 -46.10 -86.06
N LYS WA 134 15.13 -45.17 -86.51
CA LYS WA 134 14.65 -43.87 -86.95
C LYS WA 134 13.70 -44.01 -88.12
N GLU WA 135 14.04 -44.85 -89.09
CA GLU WA 135 13.16 -45.07 -90.24
C GLU WA 135 11.82 -45.67 -89.79
N VAL WA 136 11.88 -46.69 -88.93
CA VAL WA 136 10.65 -47.36 -88.50
C VAL WA 136 9.77 -46.41 -87.70
N THR WA 137 10.36 -45.69 -86.75
CA THR WA 137 9.55 -44.81 -85.91
C THR WA 137 9.02 -43.62 -86.69
N ALA WA 138 9.78 -43.13 -87.68
CA ALA WA 138 9.29 -42.07 -88.54
C ALA WA 138 8.10 -42.56 -89.36
N SER WA 139 8.16 -43.80 -89.84
CA SER WA 139 7.02 -44.37 -90.57
C SER WA 139 5.79 -44.43 -89.68
N LEU WA 140 5.97 -44.82 -88.41
CA LEU WA 140 4.83 -44.92 -87.50
C LEU WA 140 4.24 -43.55 -87.19
N VAL WA 141 5.08 -42.55 -86.94
CA VAL WA 141 4.55 -41.25 -86.51
C VAL WA 141 4.00 -40.44 -87.68
N GLY WA 142 4.52 -40.64 -88.87
CA GLY WA 142 4.20 -39.80 -90.01
C GLY WA 142 5.39 -38.95 -90.43
N ALA WA 143 5.24 -38.31 -91.59
CA ALA WA 143 6.35 -37.58 -92.19
C ALA WA 143 6.70 -36.35 -91.37
N ASP WA 144 5.71 -35.52 -91.03
CA ASP WA 144 5.98 -34.31 -90.28
C ASP WA 144 6.53 -34.62 -88.91
N ALA WA 145 5.91 -35.57 -88.21
CA ALA WA 145 6.45 -36.01 -86.92
C ALA WA 145 7.74 -36.79 -87.10
N GLY WA 146 7.91 -37.46 -88.24
CA GLY WA 146 9.13 -38.21 -88.50
C GLY WA 146 10.35 -37.30 -88.61
N LYS WA 147 10.16 -36.07 -89.07
CA LYS WA 147 11.27 -35.13 -89.10
C LYS WA 147 11.79 -34.87 -87.70
N GLU WA 148 10.89 -34.72 -86.72
CA GLU WA 148 11.30 -34.47 -85.34
C GLU WA 148 11.88 -35.73 -84.70
N MET WA 149 11.19 -36.87 -84.85
CA MET WA 149 11.78 -38.13 -84.42
C MET WA 149 13.14 -38.31 -85.06
N GLY WA 150 13.29 -37.87 -86.31
CA GLY WA 150 14.57 -37.94 -86.96
C GLY WA 150 15.64 -37.12 -86.28
N ILE WA 151 15.31 -35.87 -85.91
CA ILE WA 151 16.36 -35.00 -85.35
C ILE WA 151 16.86 -35.54 -84.01
N TYR WA 152 15.96 -36.10 -83.20
CA TYR WA 152 16.43 -36.59 -81.91
C TYR WA 152 17.17 -37.91 -82.04
N PHE WA 153 16.74 -38.80 -82.93
CA PHE WA 153 17.51 -40.00 -83.21
C PHE WA 153 18.87 -39.65 -83.80
N ASP WA 154 18.92 -38.63 -84.68
CA ASP WA 154 20.18 -38.18 -85.25
C ASP WA 154 21.10 -37.59 -84.19
N TYR WA 155 20.52 -36.88 -83.22
CA TYR WA 155 21.31 -36.39 -82.09
C TYR WA 155 21.95 -37.56 -81.35
N ILE WA 156 21.19 -38.64 -81.14
CA ILE WA 156 21.75 -39.84 -80.52
C ILE WA 156 22.87 -40.40 -81.39
N CYS WA 157 22.66 -40.46 -82.72
CA CYS WA 157 23.68 -40.99 -83.61
C CYS WA 157 24.97 -40.21 -83.50
N SER WA 158 24.87 -38.87 -83.52
CA SER WA 158 26.06 -38.03 -83.41
C SER WA 158 26.77 -38.28 -82.09
N GLY WA 159 26.01 -38.42 -81.00
CA GLY WA 159 26.61 -38.71 -79.72
C GLY WA 159 27.29 -40.08 -79.67
N LEU WA 160 26.62 -41.10 -80.23
CA LEU WA 160 27.17 -42.45 -80.20
C LEU WA 160 28.50 -42.51 -80.95
N SER WA 161 28.59 -41.84 -82.09
CA SER WA 161 29.83 -41.80 -82.85
C SER WA 161 30.90 -41.04 -82.09
N SER XA 2 33.77 -73.73 -64.31
CA SER XA 2 33.77 -75.07 -63.72
C SER XA 2 33.26 -75.04 -62.30
N VAL XA 3 33.04 -76.23 -61.74
CA VAL XA 3 32.69 -76.32 -60.32
C VAL XA 3 33.81 -75.71 -59.47
N VAL XA 4 35.06 -75.97 -59.86
CA VAL XA 4 36.19 -75.40 -59.13
C VAL XA 4 36.15 -73.88 -59.17
N THR XA 5 35.89 -73.31 -60.35
CA THR XA 5 35.87 -71.85 -60.47
C THR XA 5 34.75 -71.23 -59.66
N LYS XA 6 33.55 -71.81 -59.73
CA LYS XA 6 32.43 -71.32 -58.92
C LYS XA 6 32.76 -71.41 -57.44
N SER XA 7 33.32 -72.55 -57.02
CA SER XA 7 33.65 -72.73 -55.60
C SER XA 7 34.71 -71.74 -55.15
N ILE XA 8 35.72 -71.49 -55.97
CA ILE XA 8 36.79 -70.57 -55.59
C ILE XA 8 36.24 -69.16 -55.43
N VAL XA 9 35.40 -68.72 -56.35
CA VAL XA 9 34.82 -67.37 -56.25
C VAL XA 9 33.98 -67.26 -54.99
N ASN XA 10 33.15 -68.27 -54.72
CA ASN XA 10 32.30 -68.25 -53.53
C ASN XA 10 33.12 -68.21 -52.26
N ALA XA 11 34.21 -68.98 -52.21
CA ALA XA 11 35.08 -68.94 -51.04
C ALA XA 11 35.80 -67.61 -50.92
N ASP XA 12 36.16 -67.00 -52.05
CA ASP XA 12 36.83 -65.70 -52.02
C ASP XA 12 35.95 -64.65 -51.37
N ALA XA 13 34.65 -64.68 -51.66
CA ALA XA 13 33.74 -63.70 -51.08
C ALA XA 13 33.74 -63.76 -49.56
N GLU XA 14 33.73 -64.96 -48.99
CA GLU XA 14 33.79 -65.13 -47.55
C GLU XA 14 35.21 -65.06 -47.00
N ALA XA 15 36.21 -64.93 -47.87
CA ALA XA 15 37.62 -64.91 -47.48
C ALA XA 15 37.99 -66.16 -46.67
N ARG XA 16 37.58 -67.31 -47.19
CA ARG XA 16 37.82 -68.59 -46.57
C ARG XA 16 38.57 -69.49 -47.53
N TYR XA 17 39.57 -70.20 -47.02
CA TYR XA 17 40.15 -71.30 -47.78
C TYR XA 17 39.07 -72.35 -48.01
N LEU XA 18 39.19 -73.08 -49.13
CA LEU XA 18 38.11 -73.95 -49.56
C LEU XA 18 37.71 -74.94 -48.47
N SER XA 19 36.42 -74.97 -48.16
CA SER XA 19 35.91 -75.78 -47.06
C SER XA 19 35.98 -77.26 -47.41
N PRO XA 20 35.92 -78.14 -46.42
CA PRO XA 20 36.03 -79.58 -46.70
C PRO XA 20 35.00 -80.09 -47.69
N GLY XA 21 33.76 -79.62 -47.60
CA GLY XA 21 32.73 -80.08 -48.52
C GLY XA 21 32.99 -79.66 -49.95
N GLU XA 22 33.40 -78.41 -50.15
CA GLU XA 22 33.71 -77.94 -51.50
C GLU XA 22 34.96 -78.63 -52.05
N LEU XA 23 35.94 -78.90 -51.18
CA LEU XA 23 37.08 -79.70 -51.60
C LEU XA 23 36.63 -81.09 -52.06
N ASP XA 24 35.69 -81.68 -51.34
CA ASP XA 24 35.16 -82.98 -51.76
C ASP XA 24 34.45 -82.89 -53.10
N ARG XA 25 33.69 -81.81 -53.33
CA ARG XA 25 32.97 -81.66 -54.58
C ARG XA 25 33.93 -81.56 -55.76
N ILE XA 26 34.97 -80.74 -55.64
CA ILE XA 26 35.93 -80.64 -56.73
C ILE XA 26 36.73 -81.93 -56.87
N LYS XA 27 36.97 -82.63 -55.76
CA LYS XA 27 37.63 -83.93 -55.82
C LYS XA 27 36.81 -84.91 -56.65
N ASN XA 28 35.49 -84.93 -56.45
CA ASN XA 28 34.62 -85.81 -57.22
C ASN XA 28 34.54 -85.38 -58.68
N PHE XA 29 34.54 -84.08 -58.94
CA PHE XA 29 34.59 -83.60 -60.32
C PHE XA 29 35.83 -84.10 -61.03
N VAL XA 30 36.99 -84.03 -60.35
CA VAL XA 30 38.21 -84.62 -60.88
C VAL XA 30 38.03 -86.12 -61.12
N SER XA 31 37.40 -86.80 -60.17
CA SER XA 31 37.25 -88.25 -60.26
C SER XA 31 36.37 -88.65 -61.45
N THR XA 32 35.31 -87.90 -61.71
CA THR XA 32 34.34 -88.24 -62.74
C THR XA 32 34.67 -87.59 -64.09
N GLY XA 33 35.84 -86.97 -64.20
CA GLY XA 33 36.20 -86.29 -65.44
C GLY XA 33 36.15 -87.18 -66.67
N GLU XA 34 36.64 -88.42 -66.54
CA GLU XA 34 36.64 -89.33 -67.69
C GLU XA 34 35.22 -89.57 -68.19
N ARG XA 35 34.30 -89.86 -67.27
CA ARG XA 35 32.92 -90.08 -67.68
C ARG XA 35 32.33 -88.83 -68.31
N ARG XA 36 32.66 -87.66 -67.79
CA ARG XA 36 32.17 -86.40 -68.36
C ARG XA 36 32.61 -86.26 -69.81
N LEU XA 37 33.91 -86.47 -70.06
CA LEU XA 37 34.43 -86.34 -71.42
C LEU XA 37 33.80 -87.37 -72.34
N ARG XA 38 33.59 -88.59 -71.84
CA ARG XA 38 32.97 -89.64 -72.65
C ARG XA 38 31.54 -89.27 -73.04
N ILE XA 39 30.77 -88.75 -72.07
CA ILE XA 39 29.40 -88.34 -72.36
C ILE XA 39 29.37 -87.24 -73.41
N ALA XA 40 30.27 -86.25 -73.27
CA ALA XA 40 30.34 -85.18 -74.25
C ALA XA 40 30.69 -85.72 -75.63
N GLN XA 41 31.62 -86.67 -75.70
CA GLN XA 41 32.03 -87.18 -77.00
C GLN XA 41 30.89 -87.92 -77.70
N THR XA 42 30.15 -88.75 -76.97
CA THR XA 42 29.08 -89.51 -77.64
C THR XA 42 27.95 -88.59 -78.08
N LEU XA 43 27.57 -87.61 -77.24
CA LEU XA 43 26.55 -86.67 -77.65
C LEU XA 43 27.02 -85.82 -78.83
N THR XA 44 28.30 -85.44 -78.83
CA THR XA 44 28.86 -84.70 -79.96
C THR XA 44 28.83 -85.54 -81.23
N GLU XA 45 29.11 -86.84 -81.13
CA GLU XA 45 28.99 -87.73 -82.28
C GLU XA 45 27.59 -87.68 -82.85
N ASN XA 46 26.58 -87.65 -82.00
CA ASN XA 46 25.18 -87.65 -82.44
C ASN XA 46 24.57 -86.25 -82.45
N ARG XA 47 25.39 -85.20 -82.50
CA ARG XA 47 24.87 -83.85 -82.31
C ARG XA 47 23.86 -83.48 -83.38
N GLU XA 48 24.14 -83.80 -84.65
CA GLU XA 48 23.19 -83.47 -85.71
C GLU XA 48 21.93 -84.31 -85.60
N ARG XA 49 22.09 -85.61 -85.33
CA ARG XA 49 20.94 -86.51 -85.24
C ARG XA 49 19.98 -86.09 -84.13
N ILE XA 50 20.52 -85.79 -82.94
CA ILE XA 50 19.68 -85.42 -81.81
C ILE XA 50 18.83 -84.20 -82.16
N VAL XA 51 19.47 -83.17 -82.69
CA VAL XA 51 18.77 -81.92 -82.97
C VAL XA 51 17.68 -82.13 -84.01
N LYS XA 52 18.01 -82.83 -85.09
CA LYS XA 52 17.07 -82.94 -86.21
C LYS XA 52 15.84 -83.76 -85.81
N GLN XA 53 16.04 -84.93 -85.19
CA GLN XA 53 14.89 -85.75 -84.84
C GLN XA 53 14.09 -85.14 -83.69
N ALA XA 54 14.76 -84.45 -82.75
CA ALA XA 54 14.03 -83.76 -81.70
C ALA XA 54 13.23 -82.59 -82.25
N GLY XA 55 13.78 -81.91 -83.26
CA GLY XA 55 13.00 -80.87 -83.92
C GLY XA 55 11.75 -81.41 -84.60
N ASP XA 56 11.88 -82.57 -85.24
CA ASP XA 56 10.71 -83.23 -85.80
C ASP XA 56 9.68 -83.53 -84.71
N GLN XA 57 10.14 -84.00 -83.55
CA GLN XA 57 9.23 -84.28 -82.45
C GLN XA 57 8.56 -83.00 -81.95
N LEU XA 58 9.30 -81.89 -81.90
CA LEU XA 58 8.71 -80.62 -81.49
C LEU XA 58 7.61 -80.19 -82.45
N PHE XA 59 7.88 -80.24 -83.75
CA PHE XA 59 6.87 -79.86 -84.73
C PHE XA 59 5.65 -80.78 -84.65
N GLN XA 60 5.90 -82.08 -84.48
CA GLN XA 60 4.80 -83.05 -84.43
C GLN XA 60 3.90 -82.81 -83.22
N LYS XA 61 4.49 -82.53 -82.05
CA LYS XA 61 3.69 -82.28 -80.86
C LYS XA 61 2.92 -80.97 -80.98
N ARG XA 62 3.54 -79.93 -81.53
CA ARG XA 62 2.93 -78.61 -81.65
C ARG XA 62 2.76 -78.25 -83.12
N PRO XA 63 1.61 -78.55 -83.72
CA PRO XA 63 1.41 -78.17 -85.13
C PRO XA 63 1.34 -76.67 -85.36
N ASP XA 64 0.92 -75.90 -84.35
CA ASP XA 64 0.83 -74.45 -84.51
C ASP XA 64 2.18 -73.81 -84.79
N VAL XA 65 3.27 -74.47 -84.41
CA VAL XA 65 4.60 -73.94 -84.65
C VAL XA 65 4.85 -73.75 -86.14
N VAL XA 66 4.45 -74.73 -86.95
CA VAL XA 66 4.66 -74.66 -88.39
C VAL XA 66 3.41 -74.24 -89.15
N SER XA 67 2.30 -74.01 -88.44
CA SER XA 67 1.10 -73.49 -89.07
C SER XA 67 1.28 -72.01 -89.40
N PRO XA 68 0.43 -71.45 -90.28
CA PRO XA 68 0.49 -70.00 -90.52
C PRO XA 68 0.27 -69.24 -89.22
N GLY XA 69 1.06 -68.19 -89.04
CA GLY XA 69 1.10 -67.46 -87.78
C GLY XA 69 2.12 -67.99 -86.80
N GLY XA 70 2.72 -69.15 -87.06
CA GLY XA 70 3.79 -69.64 -86.21
C GLY XA 70 5.13 -69.05 -86.61
N ASN XA 71 6.01 -68.91 -85.62
CA ASN XA 71 7.30 -68.27 -85.87
C ASN XA 71 8.15 -69.07 -86.84
N ALA XA 72 8.08 -70.40 -86.76
CA ALA XA 72 8.83 -71.27 -87.67
C ALA XA 72 7.97 -71.59 -88.88
N TYR XA 73 7.77 -70.58 -89.71
CA TYR XA 73 7.03 -70.70 -90.96
C TYR XA 73 7.97 -70.41 -92.12
N GLY XA 74 8.03 -71.32 -93.08
CA GLY XA 74 9.04 -71.27 -94.12
C GLY XA 74 10.23 -72.13 -93.77
N GLU XA 75 10.91 -72.63 -94.80
CA GLU XA 75 12.02 -73.54 -94.56
C GLU XA 75 13.16 -72.83 -93.84
N GLU XA 76 13.38 -71.54 -94.13
CA GLU XA 76 14.45 -70.82 -93.46
C GLU XA 76 14.17 -70.65 -91.97
N MET XA 77 12.92 -70.36 -91.60
CA MET XA 77 12.58 -70.19 -90.20
C MET XA 77 12.61 -71.53 -89.47
N THR XA 78 12.19 -72.60 -90.15
CA THR XA 78 12.33 -73.94 -89.58
C THR XA 78 13.80 -74.25 -89.30
N ALA XA 79 14.68 -73.83 -90.20
CA ALA XA 79 16.12 -74.00 -89.97
C ALA XA 79 16.58 -73.24 -88.74
N THR XA 80 16.07 -72.01 -88.54
CA THR XA 80 16.45 -71.24 -87.37
C THR XA 80 16.01 -71.95 -86.09
N CYS XA 81 14.81 -72.52 -86.08
CA CYS XA 81 14.35 -73.22 -84.88
C CYS XA 81 15.23 -74.41 -84.57
N LEU XA 82 15.56 -75.22 -85.59
CA LEU XA 82 16.46 -76.33 -85.37
C LEU XA 82 17.82 -75.85 -84.87
N ARG XA 83 18.28 -74.71 -85.39
CA ARG XA 83 19.56 -74.17 -84.94
C ARG XA 83 19.53 -73.81 -83.46
N ASP XA 84 18.41 -73.27 -82.99
CA ASP XA 84 18.29 -72.96 -81.56
C ASP XA 84 18.40 -74.23 -80.71
N LEU XA 85 17.75 -75.31 -81.15
CA LEU XA 85 17.92 -76.59 -80.47
C LEU XA 85 19.39 -77.00 -80.44
N ASP XA 86 20.09 -76.81 -81.56
CA ASP XA 86 21.51 -77.17 -81.62
C ASP XA 86 22.34 -76.30 -80.68
N TYR XA 87 22.01 -75.01 -80.59
CA TYR XA 87 22.73 -74.12 -79.68
C TYR XA 87 22.63 -74.63 -78.25
N TYR XA 88 21.42 -75.00 -77.81
CA TYR XA 88 21.25 -75.44 -76.43
C TYR XA 88 21.96 -76.76 -76.19
N LEU XA 89 21.99 -77.65 -77.18
CA LEU XA 89 22.74 -78.89 -77.01
C LEU XA 89 24.23 -78.62 -76.85
N ARG XA 90 24.75 -77.68 -77.64
CA ARG XA 90 26.16 -77.30 -77.50
C ARG XA 90 26.45 -76.79 -76.10
N LEU XA 91 25.56 -75.93 -75.57
CA LEU XA 91 25.74 -75.42 -74.22
C LEU XA 91 25.62 -76.54 -73.17
N VAL XA 92 24.70 -77.48 -73.39
CA VAL XA 92 24.51 -78.57 -72.43
C VAL XA 92 25.76 -79.44 -72.37
N THR XA 93 26.38 -79.71 -73.52
CA THR XA 93 27.62 -80.48 -73.50
C THR XA 93 28.73 -79.71 -72.80
N TYR XA 94 28.82 -78.40 -73.02
CA TYR XA 94 29.74 -77.58 -72.25
C TYR XA 94 29.50 -77.74 -70.76
N GLY XA 95 28.22 -77.67 -70.35
CA GLY XA 95 27.90 -77.75 -68.94
C GLY XA 95 28.16 -79.12 -68.35
N ILE XA 96 27.91 -80.18 -69.12
CA ILE XA 96 28.22 -81.53 -68.67
C ILE XA 96 29.71 -81.68 -68.43
N VAL XA 97 30.52 -81.18 -69.37
CA VAL XA 97 31.97 -81.19 -69.18
C VAL XA 97 32.37 -80.41 -67.94
N ALA XA 98 31.78 -79.23 -67.76
CA ALA XA 98 32.14 -78.38 -66.63
C ALA XA 98 31.73 -79.00 -65.30
N GLY XA 99 30.64 -79.77 -65.29
CA GLY XA 99 30.06 -80.24 -64.03
C GLY XA 99 29.22 -79.19 -63.33
N ASP XA 100 29.11 -78.00 -63.90
CA ASP XA 100 28.41 -76.88 -63.30
C ASP XA 100 27.55 -76.25 -64.38
N VAL XA 101 26.48 -75.57 -63.96
CA VAL XA 101 25.62 -74.88 -64.91
C VAL XA 101 26.09 -73.47 -65.21
N THR XA 102 27.23 -73.04 -64.65
CA THR XA 102 27.72 -71.69 -64.91
C THR XA 102 27.91 -71.39 -66.39
N PRO XA 103 28.50 -72.27 -67.21
CA PRO XA 103 28.49 -71.99 -68.66
C PRO XA 103 27.08 -71.92 -69.21
N ILE XA 104 26.24 -72.92 -68.94
CA ILE XA 104 24.89 -72.94 -69.52
C ILE XA 104 24.17 -71.63 -69.21
N GLU XA 105 24.22 -71.20 -67.95
CA GLU XA 105 23.55 -69.98 -67.53
C GLU XA 105 24.05 -68.77 -68.30
N GLU XA 106 25.37 -68.56 -68.30
CA GLU XA 106 25.91 -67.33 -68.88
C GLU XA 106 25.67 -67.28 -70.38
N ILE XA 107 25.98 -68.36 -71.10
CA ILE XA 107 25.90 -68.32 -72.56
C ILE XA 107 24.47 -68.13 -73.02
N GLY XA 108 23.55 -68.95 -72.54
CA GLY XA 108 22.29 -69.04 -73.26
C GLY XA 108 20.99 -69.09 -72.48
N LEU XA 109 21.01 -68.74 -71.21
CA LEU XA 109 19.81 -68.81 -70.40
C LEU XA 109 19.39 -67.51 -69.74
N VAL XA 110 20.33 -66.62 -69.42
CA VAL XA 110 20.02 -65.39 -68.71
C VAL XA 110 19.44 -64.39 -69.69
N GLY XA 111 18.18 -63.99 -69.45
CA GLY XA 111 17.48 -63.12 -70.38
C GLY XA 111 16.88 -63.84 -71.56
N VAL XA 112 16.68 -65.16 -71.47
CA VAL XA 112 16.11 -65.90 -72.59
C VAL XA 112 14.67 -65.47 -72.82
N ARG XA 113 13.93 -65.17 -71.75
CA ARG XA 113 12.58 -64.66 -71.90
C ARG XA 113 12.59 -63.34 -72.66
N GLU XA 114 13.51 -62.44 -72.30
CA GLU XA 114 13.57 -61.13 -72.95
C GLU XA 114 13.96 -61.25 -74.42
N MET XA 115 14.99 -62.03 -74.71
CA MET XA 115 15.44 -62.17 -76.10
C MET XA 115 14.35 -62.75 -76.97
N TYR XA 116 13.74 -63.85 -76.53
CA TYR XA 116 12.70 -64.50 -77.34
C TYR XA 116 11.44 -63.65 -77.40
N ASN XA 117 11.14 -62.89 -76.35
CA ASN XA 117 10.01 -61.97 -76.42
C ASN XA 117 10.22 -60.91 -77.49
N SER XA 118 11.43 -60.36 -77.57
CA SER XA 118 11.73 -59.39 -78.63
C SER XA 118 11.62 -60.05 -80.00
N LEU XA 119 12.14 -61.28 -80.14
CA LEU XA 119 12.05 -61.98 -81.40
C LEU XA 119 10.63 -62.37 -81.76
N GLY XA 120 9.73 -62.44 -80.77
CA GLY XA 120 8.39 -62.94 -80.99
C GLY XA 120 8.24 -64.44 -80.78
N THR XA 121 9.32 -65.15 -80.50
CA THR XA 121 9.31 -66.59 -80.35
C THR XA 121 8.58 -67.00 -79.07
N PRO XA 122 7.85 -68.14 -79.09
CA PRO XA 122 7.27 -68.68 -77.85
C PRO XA 122 8.26 -69.51 -77.06
N ILE XA 123 8.66 -69.00 -75.89
CA ILE XA 123 9.52 -69.77 -74.98
C ILE XA 123 8.89 -71.09 -74.57
N PRO XA 124 7.59 -71.19 -74.26
CA PRO XA 124 7.02 -72.52 -73.94
C PRO XA 124 7.23 -73.55 -75.04
N ALA XA 125 7.11 -73.12 -76.31
CA ALA XA 125 7.39 -74.03 -77.41
C ALA XA 125 8.86 -74.46 -77.42
N VAL XA 126 9.76 -73.53 -77.11
CA VAL XA 126 11.17 -73.90 -76.96
C VAL XA 126 11.32 -74.95 -75.86
N ALA XA 127 10.56 -74.81 -74.77
CA ALA XA 127 10.66 -75.76 -73.68
C ALA XA 127 10.28 -77.17 -74.12
N GLU XA 128 9.20 -77.30 -74.89
CA GLU XA 128 8.83 -78.62 -75.40
C GLU XA 128 9.92 -79.18 -76.30
N GLY XA 129 10.52 -78.34 -77.14
CA GLY XA 129 11.59 -78.81 -78.00
C GLY XA 129 12.78 -79.35 -77.22
N ILE XA 130 13.18 -78.64 -76.16
CA ILE XA 130 14.31 -79.09 -75.35
C ILE XA 130 13.96 -80.37 -74.60
N ARG XA 131 12.70 -80.52 -74.19
CA ARG XA 131 12.27 -81.77 -73.58
C ARG XA 131 12.44 -82.95 -74.54
N ALA XA 132 12.05 -82.75 -75.80
CA ALA XA 132 12.27 -83.78 -76.81
C ALA XA 132 13.74 -84.08 -76.99
N MET XA 133 14.59 -83.04 -77.00
CA MET XA 133 16.04 -83.25 -77.09
C MET XA 133 16.53 -84.08 -75.91
N LYS XA 134 16.01 -83.81 -74.71
CA LYS XA 134 16.42 -84.56 -73.54
C LYS XA 134 16.15 -86.05 -73.71
N ASN XA 135 14.95 -86.40 -74.18
CA ASN XA 135 14.62 -87.81 -74.38
C ASN XA 135 15.51 -88.45 -75.42
N VAL XA 136 15.72 -87.76 -76.55
CA VAL XA 136 16.53 -88.32 -77.63
C VAL XA 136 17.96 -88.54 -77.16
N ALA XA 137 18.54 -87.54 -76.49
CA ALA XA 137 19.90 -87.67 -75.98
C ALA XA 137 20.01 -88.77 -74.94
N CYS XA 138 18.98 -88.93 -74.11
CA CYS XA 138 18.99 -90.00 -73.12
C CYS XA 138 19.03 -91.36 -73.80
N SER XA 139 18.26 -91.54 -74.88
CA SER XA 139 18.27 -92.82 -75.58
C SER XA 139 19.63 -93.11 -76.20
N LEU XA 140 20.24 -92.10 -76.83
CA LEU XA 140 21.54 -92.34 -77.47
C LEU XA 140 22.65 -92.52 -76.44
N LEU XA 141 22.57 -91.83 -75.31
CA LEU XA 141 23.54 -91.93 -74.24
C LEU XA 141 23.30 -93.20 -73.42
N SER XA 142 24.35 -93.67 -72.75
CA SER XA 142 24.21 -94.81 -71.87
C SER XA 142 23.26 -94.48 -70.73
N ALA XA 143 22.45 -95.47 -70.32
CA ALA XA 143 21.34 -95.21 -69.42
C ALA XA 143 21.81 -94.63 -68.09
N GLU XA 144 22.87 -95.23 -67.51
CA GLU XA 144 23.39 -94.71 -66.24
C GLU XA 144 23.93 -93.30 -66.41
N ASP XA 145 24.68 -93.05 -67.48
CA ASP XA 145 25.18 -91.71 -67.75
C ASP XA 145 24.04 -90.76 -68.10
N ALA XA 146 23.03 -91.26 -68.81
CA ALA XA 146 21.92 -90.41 -69.23
C ALA XA 146 21.16 -89.85 -68.04
N ALA XA 147 21.17 -90.55 -66.91
CA ALA XA 147 20.49 -90.04 -65.72
C ALA XA 147 21.10 -88.72 -65.26
N GLU XA 148 22.43 -88.63 -65.29
CA GLU XA 148 23.10 -87.38 -64.92
C GLU XA 148 22.83 -86.28 -65.94
N ALA XA 149 22.84 -86.63 -67.23
CA ALA XA 149 22.62 -85.62 -68.27
C ALA XA 149 21.20 -85.09 -68.25
N GLY XA 150 20.23 -85.92 -67.88
CA GLY XA 150 18.86 -85.46 -67.81
C GLY XA 150 18.66 -84.34 -66.80
N SER XA 151 19.42 -84.35 -65.72
CA SER XA 151 19.32 -83.29 -64.72
C SER XA 151 19.70 -81.94 -65.31
N TYR XA 152 20.75 -81.90 -66.14
CA TYR XA 152 21.16 -80.63 -66.74
C TYR XA 152 20.17 -80.17 -67.80
N PHE XA 153 19.64 -81.10 -68.61
CA PHE XA 153 18.55 -80.75 -69.50
C PHE XA 153 17.35 -80.22 -68.72
N ASP XA 154 17.07 -80.83 -67.56
CA ASP XA 154 15.96 -80.37 -66.72
C ASP XA 154 16.16 -78.92 -66.29
N PHE XA 155 17.40 -78.56 -65.94
CA PHE XA 155 17.68 -77.19 -65.55
C PHE XA 155 17.36 -76.22 -66.68
N VAL XA 156 17.75 -76.56 -67.91
CA VAL XA 156 17.51 -75.66 -69.03
C VAL XA 156 16.00 -75.48 -69.25
N ILE XA 157 15.25 -76.59 -69.26
CA ILE XA 157 13.82 -76.48 -69.51
C ILE XA 157 13.11 -75.76 -68.37
N GLY XA 158 13.57 -75.95 -67.13
CA GLY XA 158 12.99 -75.23 -66.02
C GLY XA 158 13.21 -73.73 -66.13
N ALA XA 159 14.41 -73.32 -66.54
CA ALA XA 159 14.68 -71.89 -66.70
C ALA XA 159 13.80 -71.28 -67.78
N MET XA 160 13.53 -72.03 -68.84
CA MET XA 160 12.61 -71.54 -69.87
C MET XA 160 11.21 -71.37 -69.29
N GLN XA 161 10.65 -70.18 -69.46
CA GLN XA 161 9.28 -69.87 -69.05
C GLN XA 161 8.93 -68.43 -69.43
N GLN YA 2 39.35 -66.54 -63.62
CA GLN YA 2 38.95 -67.74 -64.33
C GLN YA 2 39.90 -68.89 -64.02
N ASP YA 3 39.98 -69.87 -64.91
CA ASP YA 3 40.78 -71.06 -64.66
C ASP YA 3 41.18 -71.67 -66.00
N ALA YA 4 41.99 -72.72 -65.94
CA ALA YA 4 42.39 -73.44 -67.15
C ALA YA 4 41.19 -74.07 -67.84
N ILE YA 5 40.29 -74.69 -67.06
CA ILE YA 5 39.09 -75.29 -67.63
C ILE YA 5 38.21 -74.23 -68.26
N THR YA 6 38.05 -73.09 -67.58
CA THR YA 6 37.26 -71.99 -68.13
C THR YA 6 37.87 -71.46 -69.42
N ALA YA 7 39.20 -71.35 -69.47
CA ALA YA 7 39.85 -70.90 -70.69
C ALA YA 7 39.63 -71.89 -71.83
N VAL YA 8 39.69 -73.19 -71.54
CA VAL YA 8 39.47 -74.20 -72.56
C VAL YA 8 38.06 -74.08 -73.14
N ILE YA 9 37.05 -74.02 -72.27
CA ILE YA 9 35.69 -73.91 -72.77
C ILE YA 9 35.46 -72.55 -73.43
N ASN YA 10 36.23 -71.54 -73.01
CA ASN YA 10 36.13 -70.23 -73.67
C ASN YA 10 36.61 -70.31 -75.11
N ALA YA 11 37.69 -71.05 -75.37
CA ALA YA 11 38.13 -71.27 -76.75
C ALA YA 11 37.08 -72.02 -77.54
N SER YA 12 36.47 -73.05 -76.93
CA SER YA 12 35.39 -73.78 -77.60
C SER YA 12 34.25 -72.85 -77.95
N ASP YA 13 33.93 -71.92 -77.05
CA ASP YA 13 32.85 -70.96 -77.29
C ASP YA 13 33.21 -69.98 -78.40
N VAL YA 14 34.49 -69.60 -78.50
CA VAL YA 14 34.93 -68.76 -79.61
C VAL YA 14 34.67 -69.47 -80.93
N GLN YA 15 35.02 -70.75 -81.00
CA GLN YA 15 34.73 -71.54 -82.20
C GLN YA 15 33.23 -71.69 -82.43
N GLY YA 16 32.45 -71.71 -81.35
CA GLY YA 16 31.05 -72.07 -81.50
C GLY YA 16 30.85 -73.52 -81.86
N LYS YA 17 31.80 -74.37 -81.51
CA LYS YA 17 31.79 -75.78 -81.88
C LYS YA 17 31.96 -76.63 -80.63
N TYR YA 18 31.48 -77.86 -80.70
CA TYR YA 18 31.58 -78.79 -79.58
C TYR YA 18 33.04 -79.07 -79.26
N LEU YA 19 33.28 -79.45 -78.01
CA LEU YA 19 34.65 -79.62 -77.53
C LEU YA 19 35.40 -80.66 -78.34
N ASP YA 20 36.65 -80.34 -78.69
CA ASP YA 20 37.51 -81.24 -79.44
C ASP YA 20 38.40 -82.04 -78.50
N THR YA 21 39.00 -83.10 -79.04
CA THR YA 21 39.71 -84.07 -78.22
C THR YA 21 41.03 -83.53 -77.68
N ALA YA 22 41.68 -82.61 -78.42
CA ALA YA 22 42.94 -82.05 -77.94
C ALA YA 22 42.72 -81.23 -76.67
N ALA YA 23 41.69 -80.39 -76.67
CA ALA YA 23 41.32 -79.67 -75.45
C ALA YA 23 40.97 -80.64 -74.33
N MET YA 24 40.29 -81.73 -74.68
CA MET YA 24 39.99 -82.77 -73.70
C MET YA 24 41.27 -83.33 -73.07
N GLU YA 25 42.33 -83.46 -73.88
CA GLU YA 25 43.60 -83.97 -73.35
C GLU YA 25 44.17 -83.02 -72.30
N LYS YA 26 44.10 -81.71 -72.56
CA LYS YA 26 44.52 -80.76 -71.54
C LYS YA 26 43.68 -80.88 -70.29
N LEU YA 27 42.36 -81.05 -70.47
CA LEU YA 27 41.46 -81.20 -69.32
C LEU YA 27 41.77 -82.48 -68.54
N LYS YA 28 42.09 -83.57 -69.25
CA LYS YA 28 42.46 -84.82 -68.58
C LYS YA 28 43.71 -84.62 -67.72
N ALA YA 29 44.71 -83.91 -68.25
CA ALA YA 29 45.89 -83.59 -67.45
C ALA YA 29 45.52 -82.75 -66.26
N TYR YA 30 44.57 -81.82 -66.42
CA TYR YA 30 44.13 -80.99 -65.31
C TYR YA 30 43.52 -81.83 -64.19
N PHE YA 31 42.66 -82.79 -64.54
CA PHE YA 31 42.09 -83.67 -63.54
C PHE YA 31 43.19 -84.49 -62.85
N ALA YA 32 44.14 -85.00 -63.64
CA ALA YA 32 45.19 -85.86 -63.09
C ALA YA 32 46.00 -85.12 -62.03
N THR YA 33 46.37 -83.87 -62.29
CA THR YA 33 47.04 -83.09 -61.25
C THR YA 33 46.06 -82.59 -60.20
N GLY YA 34 44.76 -82.55 -60.52
CA GLY YA 34 43.78 -81.98 -59.62
C GLY YA 34 43.59 -82.75 -58.33
N GLU YA 35 43.72 -84.09 -58.38
CA GLU YA 35 43.56 -84.87 -57.17
C GLU YA 35 44.55 -84.43 -56.09
N LEU YA 36 45.84 -84.38 -56.44
CA LEU YA 36 46.84 -83.91 -55.49
C LEU YA 36 46.62 -82.45 -55.13
N ARG YA 37 46.14 -81.65 -56.07
CA ARG YA 37 45.88 -80.24 -55.78
C ARG YA 37 44.84 -80.08 -54.68
N VAL YA 38 43.76 -80.86 -54.74
CA VAL YA 38 42.71 -80.75 -53.73
C VAL YA 38 43.26 -81.12 -52.35
N ARG YA 39 44.02 -82.21 -52.28
CA ARG YA 39 44.58 -82.62 -51.00
C ARG YA 39 45.51 -81.54 -50.44
N ALA YA 40 46.38 -80.97 -51.29
CA ALA YA 40 47.29 -79.93 -50.84
C ALA YA 40 46.54 -78.70 -50.37
N ALA YA 41 45.45 -78.35 -51.06
CA ALA YA 41 44.66 -77.20 -50.64
C ALA YA 41 44.09 -77.39 -49.25
N SER YA 42 43.62 -78.60 -48.94
CA SER YA 42 43.13 -78.87 -47.60
C SER YA 42 44.24 -78.73 -46.57
N VAL YA 43 45.47 -79.17 -46.92
CA VAL YA 43 46.60 -79.02 -46.02
C VAL YA 43 46.87 -77.55 -45.74
N ILE YA 44 46.87 -76.74 -46.79
CA ILE YA 44 47.14 -75.31 -46.63
C ILE YA 44 46.05 -74.64 -45.81
N SER YA 45 44.80 -75.08 -45.99
CA SER YA 45 43.68 -74.47 -45.28
C SER YA 45 43.86 -74.59 -43.77
N ALA YA 46 44.21 -75.79 -43.29
CA ALA YA 46 44.40 -75.97 -41.86
C ALA YA 46 45.65 -75.27 -41.36
N ASN YA 47 46.69 -75.19 -42.18
CA ASN YA 47 47.98 -74.66 -41.76
C ASN YA 47 48.23 -73.23 -42.24
N ALA YA 48 47.21 -72.53 -42.69
CA ALA YA 48 47.42 -71.18 -43.23
C ALA YA 48 48.01 -70.26 -42.17
N ALA YA 49 47.43 -70.27 -40.96
CA ALA YA 49 47.96 -69.44 -39.90
C ALA YA 49 49.38 -69.86 -39.53
N ASN YA 50 49.65 -71.17 -39.50
CA ASN YA 50 50.98 -71.65 -39.18
C ASN YA 50 52.01 -71.19 -40.22
N ILE YA 51 51.64 -71.27 -41.50
CA ILE YA 51 52.54 -70.84 -42.57
C ILE YA 51 52.90 -69.37 -42.40
N VAL YA 52 51.88 -68.53 -42.20
CA VAL YA 52 52.13 -67.11 -42.03
C VAL YA 52 52.95 -66.84 -40.78
N LYS YA 53 52.63 -67.54 -39.69
CA LYS YA 53 53.35 -67.33 -38.43
C LYS YA 53 54.83 -67.63 -38.59
N GLU YA 54 55.16 -68.79 -39.16
CA GLU YA 54 56.56 -69.14 -39.38
C GLU YA 54 57.23 -68.15 -40.32
N ALA YA 55 56.52 -67.71 -41.35
CA ALA YA 55 57.11 -66.81 -42.33
C ALA YA 55 57.48 -65.47 -41.70
N VAL YA 56 56.58 -64.89 -40.90
CA VAL YA 56 56.91 -63.63 -40.24
C VAL YA 56 58.07 -63.83 -39.28
N ALA YA 57 58.07 -64.94 -38.55
CA ALA YA 57 59.14 -65.20 -37.59
C ALA YA 57 60.48 -65.29 -38.28
N LYS YA 58 60.55 -65.94 -39.44
CA LYS YA 58 61.82 -66.13 -40.12
C LYS YA 58 62.25 -64.89 -40.87
N SER YA 59 61.36 -64.34 -41.71
CA SER YA 59 61.77 -63.34 -42.69
C SER YA 59 61.77 -61.92 -42.13
N LEU YA 60 60.79 -61.55 -41.30
CA LEU YA 60 60.59 -60.16 -40.94
C LEU YA 60 60.71 -59.86 -39.44
N LEU YA 61 60.53 -60.85 -38.58
CA LEU YA 61 60.48 -60.56 -37.15
C LEU YA 61 61.87 -60.27 -36.58
N TYR YA 62 61.87 -59.56 -35.45
CA TYR YA 62 63.09 -59.16 -34.76
C TYR YA 62 64.07 -58.47 -35.70
N SER YA 63 63.54 -57.59 -36.53
CA SER YA 63 64.34 -56.83 -37.48
C SER YA 63 64.05 -55.35 -37.30
N ASP YA 64 64.80 -54.53 -38.02
CA ASP YA 64 64.52 -53.10 -38.02
C ASP YA 64 63.17 -52.79 -38.66
N ILE YA 65 62.64 -53.71 -39.46
CA ILE YA 65 61.33 -53.52 -40.06
C ILE YA 65 60.24 -53.48 -39.00
N THR YA 66 60.39 -54.25 -37.93
CA THR YA 66 59.43 -54.27 -36.83
C THR YA 66 59.86 -53.37 -35.68
N ARG YA 67 60.73 -52.41 -35.94
CA ARG YA 67 61.28 -51.52 -34.94
C ARG YA 67 61.14 -50.08 -35.42
N PRO YA 68 61.21 -49.08 -34.50
CA PRO YA 68 60.83 -47.70 -34.84
C PRO YA 68 61.25 -47.22 -36.23
N GLY YA 69 60.28 -46.71 -36.99
CA GLY YA 69 60.51 -46.34 -38.38
C GLY YA 69 60.80 -47.54 -39.26
N GLY YA 70 59.96 -48.56 -39.19
CA GLY YA 70 60.24 -49.80 -39.89
C GLY YA 70 59.26 -50.25 -40.97
N MET YA 72 56.61 -51.62 -40.39
CA MET YA 72 55.80 -52.63 -39.72
C MET YA 72 55.89 -52.38 -38.22
N TYR YA 73 56.14 -51.12 -37.86
CA TYR YA 73 56.30 -50.78 -36.45
C TYR YA 73 54.95 -50.71 -35.74
N THR YA 74 54.06 -49.85 -36.23
CA THR YA 74 52.77 -49.67 -35.59
C THR YA 74 52.01 -50.99 -35.54
N THR YA 75 51.23 -51.16 -34.47
CA THR YA 75 50.41 -52.37 -34.36
C THR YA 75 49.41 -52.44 -35.50
N ARG YA 76 48.85 -51.28 -35.89
CA ARG YA 76 48.03 -51.22 -37.10
C ARG YA 76 48.82 -51.75 -38.30
N ARG YA 77 50.07 -51.33 -38.44
CA ARG YA 77 50.89 -51.73 -39.57
C ARG YA 77 51.22 -53.22 -39.52
N TYR YA 78 51.52 -53.75 -38.32
CA TYR YA 78 51.81 -55.17 -38.21
C TYR YA 78 50.59 -56.00 -38.60
N ALA YA 79 49.41 -55.59 -38.13
CA ALA YA 79 48.19 -56.30 -38.53
C ALA YA 79 48.00 -56.24 -40.04
N ALA YA 80 48.29 -55.09 -40.64
CA ALA YA 80 48.19 -54.98 -42.10
C ALA YA 80 49.17 -55.89 -42.80
N CYS YA 81 50.41 -55.98 -42.29
CA CYS YA 81 51.41 -56.80 -42.98
C CYS YA 81 51.04 -58.28 -42.92
N ILE YA 82 50.66 -58.78 -41.75
CA ILE YA 82 50.28 -60.18 -41.68
C ILE YA 82 49.00 -60.41 -42.47
N ARG YA 83 48.12 -59.41 -42.55
CA ARG YA 83 46.94 -59.52 -43.38
C ARG YA 83 47.31 -59.72 -44.85
N ASP YA 84 48.30 -58.98 -45.33
CA ASP YA 84 48.74 -59.14 -46.72
C ASP YA 84 49.36 -60.50 -46.95
N LEU YA 85 50.14 -61.00 -45.99
CA LEU YA 85 50.68 -62.35 -46.13
C LEU YA 85 49.56 -63.37 -46.22
N ASP YA 86 48.51 -63.19 -45.42
CA ASP YA 86 47.33 -64.05 -45.53
C ASP YA 86 46.71 -63.96 -46.92
N TYR YA 87 46.59 -62.74 -47.45
CA TYR YA 87 46.01 -62.57 -48.78
C TYR YA 87 46.84 -63.31 -49.83
N TYR YA 88 48.16 -63.15 -49.78
CA TYR YA 88 49.02 -63.81 -50.75
C TYR YA 88 48.84 -65.32 -50.69
N LEU YA 89 48.82 -65.88 -49.48
CA LEU YA 89 48.69 -67.33 -49.34
C LEU YA 89 47.35 -67.81 -49.87
N ARG YA 90 46.26 -67.11 -49.51
CA ARG YA 90 44.93 -67.59 -49.88
C ARG YA 90 44.71 -67.48 -51.38
N TYR YA 91 45.15 -66.39 -52.00
CA TYR YA 91 44.99 -66.26 -53.44
C TYR YA 91 45.92 -67.19 -54.20
N ALA YA 92 47.12 -67.45 -53.66
CA ALA YA 92 47.99 -68.45 -54.27
C ALA YA 92 47.35 -69.83 -54.22
N THR YA 93 46.72 -70.17 -53.10
CA THR YA 93 46.01 -71.44 -53.01
C THR YA 93 44.84 -71.49 -53.98
N TYR YA 94 44.11 -70.39 -54.13
CA TYR YA 94 43.06 -70.31 -55.13
C TYR YA 94 43.62 -70.58 -56.51
N ALA YA 95 44.76 -69.96 -56.84
CA ALA YA 95 45.37 -70.15 -58.14
C ALA YA 95 45.84 -71.59 -58.34
N MET YA 96 46.38 -72.21 -57.30
CA MET YA 96 46.80 -73.61 -57.40
C MET YA 96 45.61 -74.51 -57.70
N LEU YA 97 44.49 -74.30 -57.01
CA LEU YA 97 43.30 -75.07 -57.30
C LEU YA 97 42.81 -74.80 -58.71
N ALA YA 98 42.86 -73.54 -59.14
CA ALA YA 98 42.38 -73.18 -60.47
C ALA YA 98 43.22 -73.78 -61.58
N GLY YA 99 44.52 -73.94 -61.34
CA GLY YA 99 45.43 -74.29 -62.41
C GLY YA 99 45.78 -73.14 -63.33
N ASP YA 100 45.44 -71.92 -62.96
CA ASP YA 100 45.75 -70.73 -63.73
C ASP YA 100 46.08 -69.58 -62.78
N PRO YA 101 46.91 -68.65 -63.21
CA PRO YA 101 47.17 -67.44 -62.42
C PRO YA 101 46.24 -66.28 -62.70
N SER YA 102 45.15 -66.51 -63.43
CA SER YA 102 44.27 -65.42 -63.85
C SER YA 102 43.63 -64.72 -62.67
N ILE YA 103 43.26 -65.46 -61.63
CA ILE YA 103 42.68 -64.85 -60.44
C ILE YA 103 43.69 -63.91 -59.79
N LEU YA 104 44.97 -64.31 -59.77
CA LEU YA 104 46.01 -63.42 -59.27
C LEU YA 104 46.09 -62.14 -60.10
N ASP YA 105 46.03 -62.28 -61.42
CA ASP YA 105 45.94 -61.10 -62.29
C ASP YA 105 44.77 -60.22 -61.88
N GLU YA 106 43.61 -60.84 -61.68
CA GLU YA 106 42.37 -60.08 -61.47
C GLU YA 106 42.43 -59.25 -60.20
N ARG YA 107 42.94 -59.81 -59.11
CA ARG YA 107 42.86 -59.13 -57.82
C ARG YA 107 44.24 -58.77 -57.25
N VAL YA 108 45.13 -59.74 -57.07
CA VAL YA 108 46.33 -59.48 -56.27
C VAL YA 108 47.33 -58.63 -57.06
N LEU YA 109 47.58 -58.99 -58.31
CA LEU YA 109 48.71 -58.42 -59.04
C LEU YA 109 48.43 -56.98 -59.47
N ASN YA 110 47.23 -56.70 -59.98
CA ASN YA 110 46.95 -55.40 -60.54
C ASN YA 110 46.97 -54.33 -59.45
N GLY YA 111 47.67 -53.24 -59.73
CA GLY YA 111 47.71 -52.11 -58.80
C GLY YA 111 48.26 -52.47 -57.44
N LEU YA 112 49.24 -53.37 -57.38
CA LEU YA 112 49.87 -53.76 -56.13
C LEU YA 112 51.24 -53.11 -55.94
N LYS YA 113 52.08 -53.15 -56.97
CA LYS YA 113 53.38 -52.52 -56.89
C LYS YA 113 53.27 -51.01 -56.73
N GLU YA 114 52.35 -50.39 -57.47
CA GLU YA 114 52.18 -48.94 -57.37
C GLU YA 114 51.76 -48.53 -55.97
N THR YA 115 50.77 -49.22 -55.42
CA THR YA 115 50.31 -48.87 -54.07
C THR YA 115 51.38 -49.13 -53.03
N TYR YA 116 52.11 -50.24 -53.15
CA TYR YA 116 53.17 -50.53 -52.19
C TYR YA 116 54.28 -49.49 -52.26
N ASN YA 117 54.67 -49.08 -53.47
CA ASN YA 117 55.66 -48.02 -53.60
C ASN YA 117 55.14 -46.71 -53.02
N SER YA 118 53.87 -46.39 -53.28
CA SER YA 118 53.30 -45.14 -52.79
C SER YA 118 53.24 -45.14 -51.26
N LEU YA 119 52.87 -46.27 -50.66
CA LEU YA 119 52.80 -46.36 -49.21
C LEU YA 119 54.18 -46.30 -48.57
N GLY YA 120 55.18 -46.83 -49.25
CA GLY YA 120 56.48 -47.05 -48.64
C GLY YA 120 56.70 -48.46 -48.14
N VAL YA 121 55.78 -49.37 -48.43
CA VAL YA 121 55.98 -50.78 -48.08
C VAL YA 121 57.16 -51.34 -48.85
N PRO YA 122 58.12 -51.99 -48.20
CA PRO YA 122 59.29 -52.52 -48.92
C PRO YA 122 58.95 -53.79 -49.68
N ILE YA 123 58.92 -53.69 -51.01
CA ILE YA 123 58.59 -54.84 -51.84
C ILE YA 123 59.65 -55.92 -51.71
N ALA YA 124 60.91 -55.53 -51.47
CA ALA YA 124 61.97 -56.51 -51.28
C ALA YA 124 61.71 -57.36 -50.04
N ALA YA 125 61.30 -56.72 -48.94
CA ALA YA 125 60.98 -57.47 -47.73
C ALA YA 125 59.77 -58.38 -47.94
N THR YA 126 58.76 -57.91 -48.68
CA THR YA 126 57.63 -58.77 -48.99
C THR YA 126 58.07 -59.98 -49.82
N VAL YA 127 58.99 -59.76 -50.76
CA VAL YA 127 59.48 -60.87 -51.57
C VAL YA 127 60.20 -61.89 -50.71
N GLN YA 128 61.04 -61.42 -49.78
CA GLN YA 128 61.71 -62.33 -48.88
C GLN YA 128 60.71 -63.11 -48.03
N ALA YA 129 59.67 -62.43 -47.53
CA ALA YA 129 58.67 -63.09 -46.70
C ALA YA 129 57.86 -64.10 -47.48
N ILE YA 130 57.47 -63.77 -48.72
CA ILE YA 130 56.67 -64.69 -49.49
C ILE YA 130 57.51 -65.90 -49.92
N GLN YA 131 58.82 -65.71 -50.11
CA GLN YA 131 59.69 -66.86 -50.34
C GLN YA 131 59.78 -67.74 -49.10
N ALA YA 132 59.78 -67.12 -47.91
CA ALA YA 132 59.75 -67.90 -46.68
C ALA YA 132 58.45 -68.68 -46.55
N MET YA 133 57.33 -68.05 -46.89
CA MET YA 133 56.05 -68.77 -46.95
C MET YA 133 56.13 -69.92 -47.94
N LYS YA 134 56.78 -69.69 -49.09
CA LYS YA 134 56.91 -70.74 -50.09
C LYS YA 134 57.69 -71.92 -49.56
N GLU YA 135 58.76 -71.67 -48.80
CA GLU YA 135 59.55 -72.75 -48.23
C GLU YA 135 58.72 -73.58 -47.25
N VAL YA 136 57.98 -72.91 -46.37
CA VAL YA 136 57.11 -73.63 -45.42
C VAL YA 136 56.03 -74.39 -46.18
N THR YA 137 55.45 -73.76 -47.20
CA THR YA 137 54.42 -74.41 -47.99
C THR YA 137 54.95 -75.66 -48.68
N ALA YA 138 56.14 -75.57 -49.26
CA ALA YA 138 56.73 -76.73 -49.92
C ALA YA 138 56.92 -77.88 -48.95
N SER YA 139 57.38 -77.58 -47.73
CA SER YA 139 57.53 -78.63 -46.73
C SER YA 139 56.18 -79.27 -46.39
N LEU YA 140 55.15 -78.44 -46.22
CA LEU YA 140 53.88 -78.97 -45.73
C LEU YA 140 53.17 -79.80 -46.78
N VAL YA 141 53.07 -79.31 -48.02
CA VAL YA 141 52.31 -79.98 -49.05
C VAL YA 141 53.16 -80.87 -49.94
N GLY YA 142 54.47 -80.93 -49.70
CA GLY YA 142 55.34 -81.72 -50.54
C GLY YA 142 55.96 -80.90 -51.67
N ALA YA 143 57.05 -81.44 -52.22
CA ALA YA 143 57.80 -80.72 -53.23
C ALA YA 143 57.01 -80.62 -54.54
N ASP YA 144 56.36 -81.72 -54.95
CA ASP YA 144 55.61 -81.70 -56.21
C ASP YA 144 54.53 -80.63 -56.18
N ALA YA 145 53.69 -80.65 -55.14
CA ALA YA 145 52.72 -79.58 -54.98
C ALA YA 145 53.41 -78.25 -54.75
N GLY YA 146 54.55 -78.26 -54.05
CA GLY YA 146 55.32 -77.05 -53.88
C GLY YA 146 55.81 -76.47 -55.20
N LYS YA 147 56.09 -77.33 -56.18
CA LYS YA 147 56.45 -76.84 -57.50
C LYS YA 147 55.32 -76.01 -58.12
N GLU YA 148 54.08 -76.49 -57.97
CA GLU YA 148 52.92 -75.73 -58.45
C GLU YA 148 52.78 -74.42 -57.68
N MET YA 149 52.58 -74.52 -56.36
CA MET YA 149 52.54 -73.33 -55.52
C MET YA 149 53.73 -72.42 -55.81
N GLY YA 150 54.87 -73.02 -56.14
CA GLY YA 150 56.04 -72.22 -56.48
C GLY YA 150 55.84 -71.35 -57.70
N ILE YA 151 55.21 -71.90 -58.75
CA ILE YA 151 55.01 -71.09 -59.95
C ILE YA 151 54.11 -69.90 -59.65
N TYR YA 152 53.09 -70.09 -58.80
CA TYR YA 152 52.22 -68.96 -58.49
C TYR YA 152 52.90 -67.98 -57.54
N PHE YA 153 53.65 -68.49 -56.56
CA PHE YA 153 54.42 -67.61 -55.67
C PHE YA 153 55.41 -66.77 -56.46
N ASP YA 154 56.15 -67.41 -57.36
CA ASP YA 154 57.16 -66.69 -58.15
C ASP YA 154 56.49 -65.72 -59.12
N TYR YA 155 55.32 -66.06 -59.64
CA TYR YA 155 54.58 -65.12 -60.47
C TYR YA 155 54.18 -63.88 -59.67
N ILE YA 156 53.77 -64.08 -58.42
CA ILE YA 156 53.46 -62.94 -57.54
C ILE YA 156 54.72 -62.13 -57.27
N CYS YA 157 55.86 -62.81 -57.07
CA CYS YA 157 57.12 -62.09 -56.90
C CYS YA 157 57.44 -61.27 -58.14
N SER YA 158 57.19 -61.81 -59.32
CA SER YA 158 57.37 -61.05 -60.55
C SER YA 158 56.45 -59.84 -60.59
N GLY YA 159 55.20 -60.01 -60.14
CA GLY YA 159 54.28 -58.89 -60.09
C GLY YA 159 54.77 -57.77 -59.17
N LEU YA 160 55.32 -58.15 -58.01
CA LEU YA 160 55.97 -57.17 -57.15
C LEU YA 160 57.14 -56.51 -57.86
N SER YA 161 57.90 -57.29 -58.62
CA SER YA 161 59.01 -56.76 -59.39
C SER YA 161 58.53 -56.18 -60.71
N SER ZA 2 -11.29 -43.53 -61.00
CA SER ZA 2 -11.77 -42.26 -61.52
C SER ZA 2 -10.66 -41.23 -61.63
N VAL ZA 3 -10.90 -40.20 -62.43
CA VAL ZA 3 -9.96 -39.08 -62.47
C VAL ZA 3 -9.89 -38.42 -61.11
N VAL ZA 4 -10.99 -38.46 -60.36
CA VAL ZA 4 -11.00 -37.85 -59.02
C VAL ZA 4 -10.02 -38.56 -58.11
N THR ZA 5 -10.09 -39.89 -58.06
CA THR ZA 5 -9.20 -40.61 -57.13
C THR ZA 5 -7.75 -40.56 -57.60
N LYS ZA 6 -7.52 -40.56 -58.92
CA LYS ZA 6 -6.13 -40.47 -59.38
C LYS ZA 6 -5.54 -39.11 -59.02
N SER ZA 7 -6.33 -38.05 -59.11
CA SER ZA 7 -5.87 -36.74 -58.66
C SER ZA 7 -5.61 -36.74 -57.16
N ILE ZA 8 -6.54 -37.30 -56.38
CA ILE ZA 8 -6.40 -37.31 -54.93
C ILE ZA 8 -5.17 -38.13 -54.53
N VAL ZA 9 -4.97 -39.27 -55.17
CA VAL ZA 9 -3.87 -40.16 -54.79
C VAL ZA 9 -2.53 -39.47 -55.03
N ASN ZA 10 -2.36 -38.87 -56.21
CA ASN ZA 10 -1.09 -38.22 -56.51
C ASN ZA 10 -0.89 -36.94 -55.71
N ALA ZA 11 -1.98 -36.34 -55.20
CA ALA ZA 11 -1.81 -35.20 -54.31
C ALA ZA 11 -1.56 -35.63 -52.88
N ASP ZA 12 -2.18 -36.74 -52.46
CA ASP ZA 12 -1.94 -37.29 -51.14
C ASP ZA 12 -0.48 -37.67 -50.96
N ALA ZA 13 0.14 -38.19 -52.02
CA ALA ZA 13 1.55 -38.55 -51.96
C ALA ZA 13 2.41 -37.36 -51.55
N GLU ZA 14 2.11 -36.18 -52.09
CA GLU ZA 14 2.85 -34.97 -51.76
C GLU ZA 14 2.25 -34.21 -50.59
N ALA ZA 15 1.14 -34.70 -50.02
CA ALA ZA 15 0.50 -34.10 -48.86
C ALA ZA 15 0.10 -32.65 -49.12
N ARG ZA 16 -0.69 -32.46 -50.19
CA ARG ZA 16 -1.21 -31.16 -50.56
C ARG ZA 16 -2.71 -31.27 -50.77
N TYR ZA 17 -3.41 -30.16 -50.52
CA TYR ZA 17 -4.78 -30.05 -51.01
C TYR ZA 17 -4.75 -30.06 -52.53
N LEU ZA 18 -5.81 -30.62 -53.13
CA LEU ZA 18 -5.87 -30.72 -54.58
C LEU ZA 18 -5.57 -29.39 -55.24
N SER ZA 19 -4.51 -29.35 -56.04
CA SER ZA 19 -4.04 -28.11 -56.62
C SER ZA 19 -5.04 -27.60 -57.67
N PRO ZA 20 -5.00 -26.30 -57.98
CA PRO ZA 20 -6.05 -25.73 -58.85
C PRO ZA 20 -6.16 -26.40 -60.20
N GLY ZA 21 -5.04 -26.84 -60.78
CA GLY ZA 21 -5.11 -27.54 -62.05
C GLY ZA 21 -5.86 -28.85 -61.95
N GLU ZA 22 -5.58 -29.63 -60.90
CA GLU ZA 22 -6.30 -30.89 -60.70
C GLU ZA 22 -7.79 -30.63 -60.47
N LEU ZA 23 -8.12 -29.59 -59.70
CA LEU ZA 23 -9.52 -29.25 -59.49
C LEU ZA 23 -10.20 -28.89 -60.80
N ASP ZA 24 -9.50 -28.15 -61.65
CA ASP ZA 24 -10.06 -27.80 -62.96
C ASP ZA 24 -10.27 -29.06 -63.81
N ARG ZA 25 -9.35 -30.01 -63.73
CA ARG ZA 25 -9.50 -31.26 -64.47
C ARG ZA 25 -10.78 -31.99 -64.04
N ILE ZA 26 -11.01 -32.07 -62.73
CA ILE ZA 26 -12.22 -32.72 -62.25
C ILE ZA 26 -13.46 -31.96 -62.70
N LYS ZA 27 -13.37 -30.63 -62.72
CA LYS ZA 27 -14.49 -29.81 -63.16
C LYS ZA 27 -14.87 -30.14 -64.60
N ASN ZA 28 -13.88 -30.21 -65.48
CA ASN ZA 28 -14.16 -30.56 -66.88
C ASN ZA 28 -14.71 -31.97 -66.99
N PHE ZA 29 -14.14 -32.90 -66.24
CA PHE ZA 29 -14.59 -34.30 -66.32
C PHE ZA 29 -16.04 -34.44 -65.89
N VAL ZA 30 -16.43 -33.80 -64.79
CA VAL ZA 30 -17.81 -33.92 -64.35
C VAL ZA 30 -18.76 -33.24 -65.34
N SER ZA 31 -18.31 -32.15 -65.98
CA SER ZA 31 -19.19 -31.48 -66.93
C SER ZA 31 -19.45 -32.36 -68.16
N THR ZA 32 -18.42 -33.05 -68.66
CA THR ZA 32 -18.57 -33.88 -69.84
C THR ZA 32 -18.92 -35.32 -69.50
N GLY ZA 33 -19.28 -35.60 -68.25
CA GLY ZA 33 -19.69 -36.95 -67.88
C GLY ZA 33 -20.88 -37.45 -68.67
N GLU ZA 34 -21.80 -36.56 -69.04
CA GLU ZA 34 -22.97 -36.99 -69.82
C GLU ZA 34 -22.54 -37.58 -71.15
N ARG ZA 35 -21.61 -36.91 -71.84
CA ARG ZA 35 -21.07 -37.45 -73.08
C ARG ZA 35 -20.40 -38.80 -72.85
N ARG ZA 36 -19.63 -38.93 -71.77
CA ARG ZA 36 -18.96 -40.19 -71.48
C ARG ZA 36 -19.96 -41.32 -71.29
N LEU ZA 37 -21.03 -41.05 -70.53
CA LEU ZA 37 -22.03 -42.09 -70.30
C LEU ZA 37 -22.69 -42.50 -71.61
N ARG ZA 38 -22.89 -41.56 -72.53
CA ARG ZA 38 -23.44 -41.91 -73.82
C ARG ZA 38 -22.51 -42.84 -74.59
N ILE ZA 39 -21.21 -42.54 -74.58
CA ILE ZA 39 -20.25 -43.38 -75.31
C ILE ZA 39 -20.29 -44.80 -74.77
N ALA ZA 40 -20.27 -44.94 -73.44
CA ALA ZA 40 -20.34 -46.27 -72.84
C ALA ZA 40 -21.68 -46.93 -73.13
N GLN ZA 41 -22.76 -46.14 -73.20
CA GLN ZA 41 -24.07 -46.72 -73.53
C GLN ZA 41 -24.06 -47.35 -74.92
N THR ZA 42 -23.47 -46.68 -75.90
CA THR ZA 42 -23.45 -47.22 -77.25
C THR ZA 42 -22.63 -48.50 -77.32
N LEU ZA 43 -21.45 -48.51 -76.70
CA LEU ZA 43 -20.63 -49.71 -76.72
C LEU ZA 43 -21.32 -50.85 -75.98
N THR ZA 44 -21.97 -50.55 -74.86
CA THR ZA 44 -22.72 -51.57 -74.14
C THR ZA 44 -23.84 -52.15 -74.99
N GLU ZA 45 -24.57 -51.29 -75.70
CA GLU ZA 45 -25.68 -51.77 -76.53
C GLU ZA 45 -25.19 -52.65 -77.67
N ASN ZA 46 -24.05 -52.32 -78.26
CA ASN ZA 46 -23.51 -53.06 -79.39
C ASN ZA 46 -22.48 -54.12 -78.98
N ARG ZA 47 -22.46 -54.50 -77.71
CA ARG ZA 47 -21.38 -55.38 -77.23
C ARG ZA 47 -21.37 -56.72 -77.97
N GLU ZA 48 -22.55 -57.28 -78.25
CA GLU ZA 48 -22.60 -58.57 -78.94
C GLU ZA 48 -21.93 -58.49 -80.31
N ARG ZA 49 -22.31 -57.46 -81.10
CA ARG ZA 49 -21.74 -57.32 -82.43
C ARG ZA 49 -20.24 -57.03 -82.37
N ILE ZA 50 -19.82 -56.18 -81.44
CA ILE ZA 50 -18.40 -55.84 -81.32
C ILE ZA 50 -17.58 -57.10 -81.08
N VAL ZA 51 -18.02 -57.92 -80.12
CA VAL ZA 51 -17.26 -59.12 -79.78
C VAL ZA 51 -17.24 -60.09 -80.95
N LYS ZA 52 -18.40 -60.31 -81.58
CA LYS ZA 52 -18.48 -61.28 -82.67
C LYS ZA 52 -17.60 -60.87 -83.85
N GLN ZA 53 -17.77 -59.63 -84.32
CA GLN ZA 53 -16.98 -59.16 -85.46
C GLN ZA 53 -15.49 -59.15 -85.15
N ALA ZA 54 -15.13 -58.64 -83.96
CA ALA ZA 54 -13.72 -58.55 -83.60
C ALA ZA 54 -13.10 -59.93 -83.44
N GLY ZA 55 -13.85 -60.88 -82.86
CA GLY ZA 55 -13.34 -62.23 -82.75
C GLY ZA 55 -13.05 -62.86 -84.09
N ASP ZA 56 -13.97 -62.70 -85.05
CA ASP ZA 56 -13.73 -63.23 -86.39
C ASP ZA 56 -12.48 -62.61 -87.01
N GLN ZA 57 -12.31 -61.29 -86.84
CA GLN ZA 57 -11.14 -60.63 -87.39
C GLN ZA 57 -9.86 -61.14 -86.74
N LEU ZA 58 -9.87 -61.33 -85.42
CA LEU ZA 58 -8.68 -61.81 -84.72
C LEU ZA 58 -8.30 -63.21 -85.19
N PHE ZA 59 -9.28 -64.11 -85.28
CA PHE ZA 59 -8.99 -65.47 -85.71
C PHE ZA 59 -8.49 -65.49 -87.15
N GLN ZA 60 -9.06 -64.65 -88.01
CA GLN ZA 60 -8.60 -64.60 -89.39
C GLN ZA 60 -7.16 -64.10 -89.48
N LYS ZA 61 -6.83 -63.05 -88.72
CA LYS ZA 61 -5.47 -62.50 -88.81
C LYS ZA 61 -4.45 -63.43 -88.17
N ARG ZA 62 -4.82 -64.13 -87.11
CA ARG ZA 62 -3.90 -65.03 -86.39
C ARG ZA 62 -4.56 -66.40 -86.30
N PRO ZA 63 -4.58 -67.15 -87.40
CA PRO ZA 63 -5.24 -68.47 -87.40
C PRO ZA 63 -4.58 -69.48 -86.49
N ASP ZA 64 -3.34 -69.25 -86.08
CA ASP ZA 64 -2.63 -70.24 -85.27
C ASP ZA 64 -3.33 -70.49 -83.93
N VAL ZA 65 -3.97 -69.47 -83.36
CA VAL ZA 65 -4.61 -69.64 -82.06
C VAL ZA 65 -5.80 -70.60 -82.17
N VAL ZA 66 -6.52 -70.55 -83.30
CA VAL ZA 66 -7.68 -71.42 -83.49
C VAL ZA 66 -7.28 -72.75 -84.14
N SER ZA 67 -6.04 -72.87 -84.61
CA SER ZA 67 -5.53 -74.14 -85.09
C SER ZA 67 -5.24 -75.07 -83.92
N PRO ZA 68 -5.12 -76.38 -84.17
CA PRO ZA 68 -4.76 -77.29 -83.08
C PRO ZA 68 -3.40 -76.95 -82.50
N GLY ZA 69 -3.24 -77.22 -81.21
CA GLY ZA 69 -2.04 -76.86 -80.51
C GLY ZA 69 -1.98 -75.43 -80.03
N GLY ZA 70 -3.07 -74.67 -80.19
CA GLY ZA 70 -3.17 -73.34 -79.65
C GLY ZA 70 -4.09 -73.32 -78.43
N ASN ZA 71 -4.12 -72.16 -77.77
CA ASN ZA 71 -4.90 -72.04 -76.55
C ASN ZA 71 -6.38 -72.29 -76.80
N ALA ZA 72 -6.91 -71.71 -77.87
CA ALA ZA 72 -8.34 -71.81 -78.20
C ALA ZA 72 -8.51 -72.77 -79.37
N TYR ZA 73 -8.58 -74.07 -79.07
CA TYR ZA 73 -8.95 -75.08 -80.04
C TYR ZA 73 -10.21 -75.78 -79.56
N GLY ZA 74 -11.22 -75.82 -80.42
CA GLY ZA 74 -12.52 -76.31 -80.03
C GLY ZA 74 -13.44 -75.20 -79.57
N GLU ZA 75 -14.74 -75.46 -79.65
CA GLU ZA 75 -15.70 -74.41 -79.33
C GLU ZA 75 -15.65 -74.04 -77.85
N GLU ZA 76 -15.29 -74.97 -76.97
CA GLU ZA 76 -15.20 -74.66 -75.54
C GLU ZA 76 -14.14 -73.61 -75.29
N MET ZA 77 -12.92 -73.85 -75.76
CA MET ZA 77 -11.83 -72.90 -75.54
C MET ZA 77 -12.04 -71.62 -76.34
N THR ZA 78 -12.57 -71.72 -77.55
CA THR ZA 78 -12.82 -70.53 -78.35
C THR ZA 78 -13.86 -69.64 -77.70
N ALA ZA 79 -14.89 -70.25 -77.08
CA ALA ZA 79 -15.89 -69.47 -76.38
C ALA ZA 79 -15.27 -68.70 -75.21
N THR ZA 80 -14.37 -69.35 -74.47
CA THR ZA 80 -13.73 -68.65 -73.36
C THR ZA 80 -12.85 -67.51 -73.88
N CYS ZA 81 -12.18 -67.70 -75.01
CA CYS ZA 81 -11.39 -66.59 -75.57
C CYS ZA 81 -12.29 -65.41 -75.93
N LEU ZA 82 -13.44 -65.69 -76.54
CA LEU ZA 82 -14.36 -64.62 -76.88
C LEU ZA 82 -14.88 -63.93 -75.63
N ARG ZA 83 -15.08 -64.69 -74.54
CA ARG ZA 83 -15.50 -64.07 -73.29
C ARG ZA 83 -14.43 -63.12 -72.76
N ASP ZA 84 -13.16 -63.50 -72.88
CA ASP ZA 84 -12.09 -62.62 -72.44
C ASP ZA 84 -12.11 -61.31 -73.22
N LEU ZA 85 -12.36 -61.40 -74.53
CA LEU ZA 85 -12.51 -60.18 -75.32
C LEU ZA 85 -13.69 -59.35 -74.82
N ASP ZA 86 -14.78 -60.03 -74.42
CA ASP ZA 86 -15.90 -59.30 -73.83
C ASP ZA 86 -15.48 -58.62 -72.52
N TYR ZA 87 -14.72 -59.32 -71.69
CA TYR ZA 87 -14.22 -58.73 -70.45
C TYR ZA 87 -13.52 -57.41 -70.72
N TYR ZA 88 -12.61 -57.41 -71.69
CA TYR ZA 88 -11.81 -56.21 -71.92
C TYR ZA 88 -12.64 -55.10 -72.53
N LEU ZA 89 -13.66 -55.44 -73.32
CA LEU ZA 89 -14.60 -54.40 -73.73
C LEU ZA 89 -15.30 -53.79 -72.52
N ARG ZA 90 -15.73 -54.64 -71.58
CA ARG ZA 90 -16.39 -54.13 -70.38
C ARG ZA 90 -15.46 -53.23 -69.58
N LEU ZA 91 -14.21 -53.64 -69.42
CA LEU ZA 91 -13.25 -52.82 -68.68
C LEU ZA 91 -13.01 -51.50 -69.38
N VAL ZA 92 -13.04 -51.48 -70.71
CA VAL ZA 92 -12.89 -50.22 -71.43
C VAL ZA 92 -14.09 -49.32 -71.19
N THR ZA 93 -15.30 -49.89 -71.12
CA THR ZA 93 -16.47 -49.06 -70.79
C THR ZA 93 -16.32 -48.46 -69.40
N TYR ZA 94 -15.90 -49.26 -68.43
CA TYR ZA 94 -15.64 -48.74 -67.08
C TYR ZA 94 -14.60 -47.63 -67.14
N GLY ZA 95 -13.58 -47.79 -67.98
CA GLY ZA 95 -12.56 -46.76 -68.09
C GLY ZA 95 -13.10 -45.46 -68.65
N ILE ZA 96 -13.95 -45.55 -69.67
CA ILE ZA 96 -14.54 -44.35 -70.25
C ILE ZA 96 -15.35 -43.61 -69.20
N VAL ZA 97 -16.18 -44.32 -68.45
CA VAL ZA 97 -17.03 -43.67 -67.45
C VAL ZA 97 -16.18 -43.09 -66.33
N ALA ZA 98 -15.16 -43.82 -65.88
CA ALA ZA 98 -14.33 -43.32 -64.80
C ALA ZA 98 -13.51 -42.11 -65.22
N GLY ZA 99 -13.15 -42.02 -66.50
CA GLY ZA 99 -12.31 -40.95 -66.98
C GLY ZA 99 -10.83 -41.18 -66.82
N ASP ZA 100 -10.43 -42.32 -66.25
CA ASP ZA 100 -9.03 -42.66 -66.10
C ASP ZA 100 -8.87 -44.15 -66.37
N VAL ZA 101 -7.60 -44.58 -66.50
CA VAL ZA 101 -7.30 -45.98 -66.71
C VAL ZA 101 -7.28 -46.78 -65.43
N THR ZA 102 -7.62 -46.18 -64.30
CA THR ZA 102 -7.53 -46.88 -63.02
C THR ZA 102 -8.40 -48.13 -62.96
N PRO ZA 103 -9.69 -48.10 -63.35
CA PRO ZA 103 -10.45 -49.37 -63.34
C PRO ZA 103 -9.83 -50.42 -64.25
N ILE ZA 104 -9.35 -50.02 -65.42
CA ILE ZA 104 -8.72 -50.96 -66.34
C ILE ZA 104 -7.49 -51.58 -65.69
N GLU ZA 105 -6.64 -50.73 -65.10
CA GLU ZA 105 -5.39 -51.21 -64.52
C GLU ZA 105 -5.64 -52.21 -63.40
N GLU ZA 106 -6.48 -51.84 -62.43
CA GLU ZA 106 -6.63 -52.68 -61.26
C GLU ZA 106 -7.39 -53.96 -61.58
N ILE ZA 107 -8.45 -53.87 -62.37
CA ILE ZA 107 -9.26 -55.05 -62.64
C ILE ZA 107 -8.52 -56.01 -63.58
N GLY ZA 108 -7.97 -55.50 -64.67
CA GLY ZA 108 -7.53 -56.42 -65.71
C GLY ZA 108 -6.28 -56.12 -66.51
N LEU ZA 109 -5.40 -55.25 -66.04
CA LEU ZA 109 -4.10 -55.07 -66.67
C LEU ZA 109 -2.93 -55.39 -65.76
N VAL ZA 110 -3.18 -55.69 -64.49
CA VAL ZA 110 -2.12 -55.99 -63.53
C VAL ZA 110 -2.03 -57.50 -63.40
N GLY ZA 111 -0.86 -58.05 -63.73
CA GLY ZA 111 -0.66 -59.48 -63.72
C GLY ZA 111 -1.15 -60.20 -64.95
N VAL ZA 112 -1.44 -59.46 -66.04
CA VAL ZA 112 -1.93 -60.10 -67.26
C VAL ZA 112 -0.90 -61.05 -67.82
N ARG ZA 113 0.37 -60.62 -67.86
CA ARG ZA 113 1.42 -61.50 -68.35
C ARG ZA 113 1.44 -62.79 -67.56
N GLU ZA 114 1.41 -62.70 -66.22
CA GLU ZA 114 1.50 -63.89 -65.40
C GLU ZA 114 0.28 -64.79 -65.59
N MET ZA 115 -0.92 -64.21 -65.59
CA MET ZA 115 -2.13 -65.03 -65.74
C MET ZA 115 -2.16 -65.74 -67.07
N TYR ZA 116 -1.98 -65.01 -68.16
CA TYR ZA 116 -2.09 -65.61 -69.48
C TYR ZA 116 -0.93 -66.55 -69.77
N ASN ZA 117 0.27 -66.22 -69.30
CA ASN ZA 117 1.39 -67.14 -69.45
C ASN ZA 117 1.14 -68.45 -68.72
N SER ZA 118 0.55 -68.37 -67.52
CA SER ZA 118 0.19 -69.58 -66.78
C SER ZA 118 -1.10 -70.19 -67.27
N LEU ZA 119 -1.75 -69.60 -68.27
CA LEU ZA 119 -2.87 -70.23 -68.95
C LEU ZA 119 -2.49 -70.83 -70.29
N GLY ZA 120 -1.30 -70.54 -70.80
CA GLY ZA 120 -0.90 -71.06 -72.09
C GLY ZA 120 -1.47 -70.32 -73.27
N THR ZA 121 -1.53 -69.00 -73.21
CA THR ZA 121 -2.17 -68.14 -74.18
C THR ZA 121 -1.17 -67.13 -74.73
N PRO ZA 122 -1.18 -66.87 -76.04
CA PRO ZA 122 -0.27 -65.88 -76.62
C PRO ZA 122 -0.72 -64.45 -76.32
N ILE ZA 123 0.01 -63.78 -75.43
CA ILE ZA 123 -0.33 -62.40 -75.09
C ILE ZA 123 -0.25 -61.45 -76.29
N PRO ZA 124 0.70 -61.57 -77.23
CA PRO ZA 124 0.64 -60.67 -78.40
C PRO ZA 124 -0.65 -60.85 -79.19
N ALA ZA 125 -1.15 -62.08 -79.29
CA ALA ZA 125 -2.42 -62.32 -79.97
C ALA ZA 125 -3.56 -61.64 -79.23
N VAL ZA 126 -3.54 -61.67 -77.90
CA VAL ZA 126 -4.56 -60.96 -77.13
C VAL ZA 126 -4.52 -59.48 -77.46
N ALA ZA 127 -3.31 -58.91 -77.57
CA ALA ZA 127 -3.18 -57.50 -77.91
C ALA ZA 127 -3.80 -57.20 -79.26
N GLU ZA 128 -3.57 -58.05 -80.25
CA GLU ZA 128 -4.17 -57.82 -81.57
C GLU ZA 128 -5.69 -57.93 -81.49
N GLY ZA 129 -6.21 -58.82 -80.66
CA GLY ZA 129 -7.65 -58.90 -80.50
C GLY ZA 129 -8.24 -57.59 -80.01
N ILE ZA 130 -7.58 -56.94 -79.06
CA ILE ZA 130 -8.05 -55.64 -78.58
C ILE ZA 130 -7.91 -54.59 -79.69
N ARG ZA 131 -6.86 -54.70 -80.50
CA ARG ZA 131 -6.73 -53.79 -81.64
C ARG ZA 131 -7.92 -53.92 -82.59
N ALA ZA 132 -8.34 -55.16 -82.85
CA ALA ZA 132 -9.52 -55.37 -83.69
C ALA ZA 132 -10.76 -54.75 -83.07
N MET ZA 133 -10.93 -54.91 -81.75
CA MET ZA 133 -12.07 -54.30 -81.08
C MET ZA 133 -12.02 -52.78 -81.20
N LYS ZA 134 -10.80 -52.20 -81.18
CA LYS ZA 134 -10.67 -50.76 -81.34
C LYS ZA 134 -11.19 -50.31 -82.70
N ASN ZA 135 -10.86 -51.05 -83.76
CA ASN ZA 135 -11.35 -50.71 -85.09
C ASN ZA 135 -12.86 -50.78 -85.16
N VAL ZA 136 -13.44 -51.86 -84.60
CA VAL ZA 136 -14.89 -52.00 -84.59
C VAL ZA 136 -15.53 -50.86 -83.82
N ALA ZA 137 -14.93 -50.48 -82.69
CA ALA ZA 137 -15.46 -49.38 -81.89
C ALA ZA 137 -15.41 -48.07 -82.65
N CYS ZA 138 -14.35 -47.85 -83.43
CA CYS ZA 138 -14.28 -46.65 -84.27
C CYS ZA 138 -15.45 -46.58 -85.23
N SER ZA 139 -15.84 -47.73 -85.80
CA SER ZA 139 -17.00 -47.74 -86.68
C SER ZA 139 -18.27 -47.36 -85.93
N LEU ZA 140 -18.43 -47.83 -84.71
CA LEU ZA 140 -19.67 -47.63 -83.97
C LEU ZA 140 -19.72 -46.33 -83.19
N LEU ZA 141 -18.66 -45.53 -83.18
CA LEU ZA 141 -18.63 -44.28 -82.44
C LEU ZA 141 -18.42 -43.10 -83.38
N SER ZA 142 -18.90 -41.94 -82.97
CA SER ZA 142 -18.62 -40.70 -83.68
C SER ZA 142 -17.15 -40.34 -83.51
N ALA ZA 143 -16.65 -39.53 -84.46
CA ALA ZA 143 -15.20 -39.32 -84.58
C ALA ZA 143 -14.60 -38.74 -83.29
N GLU ZA 144 -15.21 -37.68 -82.75
CA GLU ZA 144 -14.66 -37.09 -81.53
C GLU ZA 144 -14.75 -38.05 -80.36
N ASP ZA 145 -15.90 -38.74 -80.21
CA ASP ZA 145 -16.03 -39.74 -79.16
C ASP ZA 145 -15.08 -40.90 -79.38
N ALA ZA 146 -14.96 -41.36 -80.63
CA ALA ZA 146 -14.14 -42.55 -80.91
C ALA ZA 146 -12.67 -42.30 -80.58
N ALA ZA 147 -12.19 -41.07 -80.76
CA ALA ZA 147 -10.82 -40.76 -80.39
C ALA ZA 147 -10.60 -40.95 -78.90
N GLU ZA 148 -11.56 -40.50 -78.09
CA GLU ZA 148 -11.43 -40.62 -76.64
C GLU ZA 148 -11.49 -42.08 -76.20
N ALA ZA 149 -12.46 -42.84 -76.71
CA ALA ZA 149 -12.55 -44.25 -76.38
C ALA ZA 149 -11.35 -45.03 -76.91
N GLY ZA 150 -10.81 -44.61 -78.05
CA GLY ZA 150 -9.62 -45.25 -78.57
C GLY ZA 150 -8.44 -45.15 -77.62
N SER ZA 151 -8.40 -44.09 -76.80
CA SER ZA 151 -7.33 -43.95 -75.83
C SER ZA 151 -7.36 -45.10 -74.81
N TYR ZA 152 -8.55 -45.46 -74.34
CA TYR ZA 152 -8.64 -46.56 -73.39
C TYR ZA 152 -8.31 -47.89 -74.03
N PHE ZA 153 -8.76 -48.11 -75.27
CA PHE ZA 153 -8.31 -49.30 -76.00
C PHE ZA 153 -6.80 -49.31 -76.16
N ASP ZA 154 -6.21 -48.15 -76.44
CA ASP ZA 154 -4.77 -48.07 -76.61
C ASP ZA 154 -4.03 -48.40 -75.31
N PHE ZA 155 -4.59 -47.99 -74.17
CA PHE ZA 155 -3.94 -48.32 -72.92
C PHE ZA 155 -3.96 -49.83 -72.69
N VAL ZA 156 -5.07 -50.49 -73.01
CA VAL ZA 156 -5.14 -51.94 -72.86
C VAL ZA 156 -4.06 -52.61 -73.70
N ILE ZA 157 -3.97 -52.24 -74.98
CA ILE ZA 157 -2.96 -52.87 -75.83
C ILE ZA 157 -1.55 -52.48 -75.38
N GLY ZA 158 -1.39 -51.28 -74.83
CA GLY ZA 158 -0.07 -50.85 -74.40
C GLY ZA 158 0.50 -51.70 -73.28
N ALA ZA 159 -0.32 -52.00 -72.28
CA ALA ZA 159 0.13 -52.90 -71.22
C ALA ZA 159 0.23 -54.34 -71.73
N MET ZA 160 -0.68 -54.73 -72.62
CA MET ZA 160 -0.65 -56.09 -73.15
C MET ZA 160 0.63 -56.39 -73.90
N GLN ZA 161 1.09 -55.44 -74.72
CA GLN ZA 161 2.28 -55.63 -75.52
C GLN ZA 161 3.23 -54.44 -75.38
N MET AB 1 -8.41 -45.72 -52.38
CA MET AB 1 -9.48 -44.77 -52.12
C MET AB 1 -10.59 -44.90 -53.15
N GLN AB 2 -11.68 -45.57 -52.76
CA GLN AB 2 -12.82 -45.68 -53.65
C GLN AB 2 -13.65 -44.40 -53.57
N ASP AB 3 -13.94 -43.82 -54.73
CA ASP AB 3 -14.84 -42.69 -54.84
C ASP AB 3 -16.23 -43.20 -55.20
N ALA AB 4 -17.15 -42.28 -55.46
CA ALA AB 4 -18.50 -42.68 -55.86
C ALA AB 4 -18.47 -43.41 -57.19
N ILE AB 5 -17.73 -42.86 -58.17
CA ILE AB 5 -17.68 -43.46 -59.49
C ILE AB 5 -16.96 -44.80 -59.45
N THR AB 6 -15.82 -44.85 -58.76
CA THR AB 6 -15.09 -46.11 -58.63
C THR AB 6 -15.91 -47.15 -57.89
N ALA AB 7 -16.65 -46.73 -56.86
CA ALA AB 7 -17.50 -47.68 -56.14
C ALA AB 7 -18.61 -48.22 -57.03
N VAL AB 8 -19.25 -47.36 -57.83
CA VAL AB 8 -20.33 -47.80 -58.70
C VAL AB 8 -19.81 -48.78 -59.73
N ILE AB 9 -18.71 -48.44 -60.40
CA ILE AB 9 -18.17 -49.33 -61.41
C ILE AB 9 -17.68 -50.63 -60.78
N ASN AB 10 -17.14 -50.56 -59.57
CA ASN AB 10 -16.69 -51.78 -58.89
C ASN AB 10 -17.86 -52.69 -58.58
N ALA AB 11 -18.97 -52.15 -58.07
CA ALA AB 11 -20.12 -52.98 -57.76
C ALA AB 11 -20.67 -53.65 -59.01
N SER AB 12 -20.80 -52.88 -60.09
CA SER AB 12 -21.23 -53.46 -61.36
C SER AB 12 -20.26 -54.54 -61.82
N ASP AB 13 -18.96 -54.30 -61.63
CA ASP AB 13 -17.95 -55.27 -62.03
C ASP AB 13 -18.09 -56.56 -61.22
N VAL AB 14 -18.35 -56.46 -59.93
CA VAL AB 14 -18.49 -57.65 -59.09
C VAL AB 14 -19.63 -58.51 -59.59
N GLN AB 15 -20.77 -57.89 -59.90
CA GLN AB 15 -21.85 -58.64 -60.54
C GLN AB 15 -21.44 -59.17 -61.90
N GLY AB 16 -20.51 -58.49 -62.57
CA GLY AB 16 -20.00 -58.92 -63.85
C GLY AB 16 -20.65 -58.24 -65.04
N LYS AB 17 -21.80 -57.62 -64.84
CA LYS AB 17 -22.55 -57.06 -65.95
C LYS AB 17 -22.01 -55.68 -66.34
N TYR AB 18 -22.21 -55.33 -67.61
CA TYR AB 18 -21.89 -53.99 -68.07
C TYR AB 18 -22.71 -52.96 -67.30
N LEU AB 19 -22.30 -51.69 -67.40
CA LEU AB 19 -22.96 -50.64 -66.65
C LEU AB 19 -24.44 -50.56 -67.00
N ASP AB 20 -25.28 -50.64 -65.98
CA ASP AB 20 -26.73 -50.61 -66.13
C ASP AB 20 -27.24 -49.18 -66.15
N THR AB 21 -28.48 -49.02 -66.63
CA THR AB 21 -29.09 -47.70 -66.64
C THR AB 21 -29.27 -47.15 -65.23
N ALA AB 22 -29.61 -48.03 -64.28
CA ALA AB 22 -29.74 -47.59 -62.89
C ALA AB 22 -28.39 -47.10 -62.36
N ALA AB 23 -27.32 -47.83 -62.66
CA ALA AB 23 -25.99 -47.37 -62.28
C ALA AB 23 -25.67 -46.04 -62.94
N MET AB 24 -26.12 -45.87 -64.19
CA MET AB 24 -25.94 -44.58 -64.86
C MET AB 24 -26.68 -43.47 -64.12
N GLU AB 25 -27.85 -43.77 -63.57
CA GLU AB 25 -28.56 -42.78 -62.78
C GLU AB 25 -27.74 -42.34 -61.57
N LYS AB 26 -27.15 -43.30 -60.85
CA LYS AB 26 -26.32 -42.95 -59.71
C LYS AB 26 -25.12 -42.11 -60.13
N LEU AB 27 -24.46 -42.51 -61.23
CA LEU AB 27 -23.31 -41.76 -61.70
C LEU AB 27 -23.70 -40.35 -62.11
N LYS AB 28 -24.86 -40.20 -62.76
CA LYS AB 28 -25.37 -38.88 -63.12
C LYS AB 28 -25.57 -38.02 -61.87
N ALA AB 29 -26.05 -38.63 -60.78
CA ALA AB 29 -26.25 -37.89 -59.54
C ALA AB 29 -24.93 -37.34 -59.01
N TYR AB 30 -23.89 -38.17 -58.99
CA TYR AB 30 -22.60 -37.69 -58.51
C TYR AB 30 -22.06 -36.60 -59.41
N PHE AB 31 -22.19 -36.76 -60.73
CA PHE AB 31 -21.78 -35.72 -61.65
C PHE AB 31 -22.53 -34.42 -61.38
N ALA AB 32 -23.80 -34.52 -60.98
CA ALA AB 32 -24.57 -33.32 -60.67
C ALA AB 32 -23.97 -32.59 -59.47
N THR AB 33 -23.61 -33.31 -58.41
CA THR AB 33 -23.03 -32.67 -57.23
C THR AB 33 -21.57 -32.27 -57.45
N GLY AB 34 -21.00 -32.58 -58.60
CA GLY AB 34 -19.60 -32.27 -58.84
C GLY AB 34 -19.28 -30.79 -58.70
N GLU AB 35 -20.19 -29.92 -59.13
CA GLU AB 35 -19.91 -28.49 -59.09
C GLU AB 35 -19.71 -28.00 -57.66
N LEU AB 36 -20.65 -28.33 -56.76
CA LEU AB 36 -20.51 -27.90 -55.38
C LEU AB 36 -19.27 -28.51 -54.75
N ARG AB 37 -19.00 -29.78 -55.04
CA ARG AB 37 -17.86 -30.45 -54.43
C ARG AB 37 -16.55 -29.81 -54.83
N VAL AB 38 -16.37 -29.55 -56.13
CA VAL AB 38 -15.12 -28.96 -56.61
C VAL AB 38 -14.96 -27.54 -56.10
N ARG AB 39 -16.05 -26.75 -56.12
CA ARG AB 39 -15.97 -25.38 -55.64
C ARG AB 39 -15.57 -25.34 -54.17
N ALA AB 40 -16.18 -26.20 -53.36
CA ALA AB 40 -15.87 -26.23 -51.94
C ALA AB 40 -14.43 -26.65 -51.70
N ALA AB 41 -13.93 -27.61 -52.49
CA ALA AB 41 -12.54 -28.03 -52.33
C ALA AB 41 -11.58 -26.88 -52.61
N SER AB 42 -11.87 -26.08 -53.64
CA SER AB 42 -11.02 -24.93 -53.92
C SER AB 42 -11.05 -23.93 -52.77
N VAL AB 43 -12.22 -23.69 -52.19
CA VAL AB 43 -12.33 -22.76 -51.07
C VAL AB 43 -11.53 -23.28 -49.87
N ILE AB 44 -11.66 -24.56 -49.56
CA ILE AB 44 -10.97 -25.13 -48.41
C ILE AB 44 -9.47 -25.04 -48.60
N SER AB 45 -8.99 -25.36 -49.80
CA SER AB 45 -7.55 -25.35 -50.05
C SER AB 45 -6.96 -23.96 -49.83
N ALA AB 46 -7.64 -22.93 -50.32
CA ALA AB 46 -7.12 -21.57 -50.18
C ALA AB 46 -7.13 -21.11 -48.73
N ASN AB 47 -8.18 -21.44 -47.98
CA ASN AB 47 -8.37 -20.94 -46.63
C ASN AB 47 -7.97 -21.95 -45.56
N ALA AB 48 -7.21 -22.98 -45.92
CA ALA AB 48 -6.95 -24.08 -44.98
C ALA AB 48 -6.27 -23.58 -43.72
N ALA AB 49 -5.27 -22.73 -43.85
CA ALA AB 49 -4.58 -22.21 -42.68
C ALA AB 49 -5.54 -21.43 -41.78
N ASN AB 50 -6.43 -20.63 -42.39
CA ASN AB 50 -7.35 -19.83 -41.61
C ASN AB 50 -8.40 -20.70 -40.92
N ILE AB 51 -8.85 -21.76 -41.58
CA ILE AB 51 -9.78 -22.69 -40.93
C ILE AB 51 -9.18 -23.22 -39.65
N VAL AB 52 -7.93 -23.68 -39.72
CA VAL AB 52 -7.28 -24.27 -38.56
C VAL AB 52 -6.97 -23.20 -37.52
N LYS AB 53 -6.56 -22.01 -37.95
CA LYS AB 53 -6.28 -20.94 -37.00
C LYS AB 53 -7.52 -20.58 -36.19
N GLU AB 54 -8.66 -20.45 -36.87
CA GLU AB 54 -9.90 -20.11 -36.17
C GLU AB 54 -10.33 -21.24 -35.24
N ALA AB 55 -10.21 -22.50 -35.68
CA ALA AB 55 -10.62 -23.61 -34.84
C ALA AB 55 -9.73 -23.73 -33.60
N VAL AB 56 -8.42 -23.58 -33.76
CA VAL AB 56 -7.51 -23.62 -32.62
C VAL AB 56 -7.84 -22.51 -31.65
N ALA AB 57 -8.09 -21.30 -32.17
CA ALA AB 57 -8.43 -20.18 -31.29
C ALA AB 57 -9.73 -20.43 -30.55
N LYS AB 58 -10.74 -20.96 -31.25
CA LYS AB 58 -12.04 -21.16 -30.62
C LYS AB 58 -12.00 -22.22 -29.52
N SER AB 59 -11.32 -23.33 -29.76
CA SER AB 59 -11.41 -24.48 -28.87
C SER AB 59 -10.19 -24.68 -27.99
N LEU AB 60 -8.99 -24.66 -28.56
CA LEU AB 60 -7.81 -25.13 -27.84
C LEU AB 60 -7.02 -24.03 -27.15
N LEU AB 61 -6.93 -22.83 -27.72
CA LEU AB 61 -6.07 -21.80 -27.17
C LEU AB 61 -6.59 -21.31 -25.82
N TYR AB 62 -5.65 -20.84 -24.99
CA TYR AB 62 -5.96 -20.25 -23.69
C TYR AB 62 -6.77 -21.19 -22.82
N SER AB 63 -6.43 -22.47 -22.86
CA SER AB 63 -6.99 -23.49 -22.00
C SER AB 63 -5.87 -24.20 -21.26
N ASP AB 64 -6.21 -25.24 -20.51
CA ASP AB 64 -5.18 -26.02 -19.83
C ASP AB 64 -4.29 -26.75 -20.82
N ILE AB 65 -4.86 -27.17 -21.95
CA ILE AB 65 -4.13 -27.98 -22.94
C ILE AB 65 -2.90 -27.23 -23.42
N THR AB 66 -3.04 -25.93 -23.66
CA THR AB 66 -1.98 -25.08 -24.17
C THR AB 66 -1.11 -24.49 -23.06
N ARG AB 67 -1.39 -24.82 -21.81
CA ARG AB 67 -0.60 -24.37 -20.68
C ARG AB 67 0.18 -25.53 -20.07
N PRO AB 68 1.23 -25.25 -19.28
CA PRO AB 68 2.21 -26.28 -18.95
C PRO AB 68 1.62 -27.62 -18.51
N GLY AB 69 2.07 -28.68 -19.16
CA GLY AB 69 1.63 -30.03 -18.86
C GLY AB 69 0.34 -30.45 -19.52
N GLY AB 70 -0.14 -29.70 -20.50
CA GLY AB 70 -1.44 -29.97 -21.07
C GLY AB 70 -1.51 -30.73 -22.38
N MET AB 72 -0.38 -29.73 -25.30
CA MET AB 72 -0.21 -28.84 -26.45
C MET AB 72 0.77 -27.76 -26.01
N TYR AB 73 1.46 -28.05 -24.91
CA TYR AB 73 2.31 -27.05 -24.29
C TYR AB 73 3.60 -26.84 -25.07
N THR AB 74 4.43 -27.88 -25.16
CA THR AB 74 5.70 -27.79 -25.85
C THR AB 74 5.50 -27.27 -27.27
N THR AB 75 6.45 -26.48 -27.75
CA THR AB 75 6.35 -25.97 -29.11
C THR AB 75 6.27 -27.11 -30.12
N ARG AB 76 7.05 -28.18 -29.88
CA ARG AB 76 6.90 -29.39 -30.68
C ARG AB 76 5.46 -29.86 -30.71
N ARG AB 77 4.85 -29.98 -29.54
CA ARG AB 77 3.51 -30.55 -29.46
C ARG AB 77 2.47 -29.62 -30.06
N TYR AB 78 2.64 -28.30 -29.90
CA TYR AB 78 1.70 -27.38 -30.54
C TYR AB 78 1.74 -27.53 -32.06
N ALA AB 79 2.94 -27.55 -32.63
CA ALA AB 79 3.04 -27.71 -34.08
C ALA AB 79 2.48 -29.04 -34.53
N ALA AB 80 2.69 -30.10 -33.74
CA ALA AB 80 2.12 -31.39 -34.09
C ALA AB 80 0.60 -31.35 -34.05
N CYS AB 81 0.02 -30.65 -33.07
CA CYS AB 81 -1.44 -30.59 -33.00
C CYS AB 81 -2.02 -29.86 -34.19
N ILE AB 82 -1.43 -28.73 -34.58
CA ILE AB 82 -1.98 -28.02 -35.73
C ILE AB 82 -1.80 -28.86 -36.99
N ARG AB 83 -0.71 -29.62 -37.07
CA ARG AB 83 -0.52 -30.51 -38.21
C ARG AB 83 -1.62 -31.56 -38.26
N ASP AB 84 -2.02 -32.10 -37.10
CA ASP AB 84 -3.09 -33.08 -37.09
C ASP AB 84 -4.41 -32.49 -37.52
N LEU AB 85 -4.70 -31.25 -37.10
CA LEU AB 85 -5.91 -30.60 -37.57
C LEU AB 85 -5.87 -30.41 -39.08
N ASP AB 86 -4.70 -30.11 -39.63
CA ASP AB 86 -4.54 -30.05 -41.07
C ASP AB 86 -4.83 -31.40 -41.72
N TYR AB 87 -4.37 -32.49 -41.09
CA TYR AB 87 -4.66 -33.83 -41.58
C TYR AB 87 -6.15 -34.03 -41.74
N TYR AB 88 -6.90 -33.77 -40.68
CA TYR AB 88 -8.33 -34.03 -40.70
C TYR AB 88 -9.02 -33.18 -41.76
N LEU AB 89 -8.62 -31.92 -41.88
CA LEU AB 89 -9.20 -31.06 -42.90
C LEU AB 89 -8.88 -31.57 -44.30
N ARG AB 90 -7.62 -31.94 -44.54
CA ARG AB 90 -7.22 -32.35 -45.88
C ARG AB 90 -7.94 -33.62 -46.31
N TYR AB 91 -8.02 -34.61 -45.43
CA TYR AB 91 -8.66 -35.86 -45.80
C TYR AB 91 -10.18 -35.75 -45.83
N ALA AB 92 -10.76 -34.86 -45.02
CA ALA AB 92 -12.17 -34.58 -45.16
C ALA AB 92 -12.47 -33.94 -46.51
N THR AB 93 -11.58 -33.05 -46.96
CA THR AB 93 -11.75 -32.46 -48.29
C THR AB 93 -11.60 -33.51 -49.38
N TYR AB 94 -10.62 -34.40 -49.25
CA TYR AB 94 -10.51 -35.52 -50.19
C TYR AB 94 -11.80 -36.32 -50.20
N ALA AB 95 -12.34 -36.60 -49.02
CA ALA AB 95 -13.58 -37.39 -48.93
C ALA AB 95 -14.74 -36.66 -49.58
N MET AB 96 -14.82 -35.34 -49.41
CA MET AB 96 -15.91 -34.59 -50.03
C MET AB 96 -15.81 -34.63 -51.54
N LEU AB 97 -14.60 -34.45 -52.09
CA LEU AB 97 -14.41 -34.54 -53.53
C LEU AB 97 -14.81 -35.92 -54.04
N ALA AB 98 -14.40 -36.97 -53.31
CA ALA AB 98 -14.69 -38.33 -53.75
C ALA AB 98 -16.17 -38.67 -53.59
N GLY AB 99 -16.82 -38.14 -52.57
CA GLY AB 99 -18.17 -38.57 -52.23
C GLY AB 99 -18.23 -39.87 -51.48
N ASP AB 100 -17.15 -40.23 -50.77
CA ASP AB 100 -17.01 -41.55 -50.18
C ASP AB 100 -16.16 -41.45 -48.92
N PRO AB 101 -16.55 -42.09 -47.83
CA PRO AB 101 -15.74 -42.09 -46.61
C PRO AB 101 -14.62 -43.11 -46.59
N SER AB 102 -14.38 -43.79 -47.71
CA SER AB 102 -13.39 -44.86 -47.74
C SER AB 102 -11.99 -44.34 -47.43
N ILE AB 103 -11.66 -43.15 -47.93
CA ILE AB 103 -10.32 -42.62 -47.67
C ILE AB 103 -10.13 -42.36 -46.18
N LEU AB 104 -11.16 -41.86 -45.52
CA LEU AB 104 -11.08 -41.66 -44.08
C LEU AB 104 -10.84 -42.99 -43.36
N ASP AB 105 -11.66 -43.99 -43.68
CA ASP AB 105 -11.51 -45.30 -43.05
C ASP AB 105 -10.12 -45.86 -43.28
N GLU AB 106 -9.65 -45.82 -44.52
CA GLU AB 106 -8.45 -46.55 -44.91
C GLU AB 106 -7.19 -45.88 -44.38
N ARG AB 107 -7.09 -44.56 -44.50
CA ARG AB 107 -5.84 -43.88 -44.18
C ARG AB 107 -5.87 -43.12 -42.86
N VAL AB 108 -7.01 -42.54 -42.50
CA VAL AB 108 -7.04 -41.60 -41.38
C VAL AB 108 -7.39 -42.29 -40.08
N LEU AB 109 -8.45 -43.07 -40.06
CA LEU AB 109 -8.98 -43.59 -38.81
C LEU AB 109 -8.40 -44.94 -38.42
N ASN AB 110 -7.54 -45.54 -39.24
CA ASN AB 110 -7.05 -46.88 -38.93
C ASN AB 110 -5.93 -46.79 -37.91
N GLY AB 111 -6.21 -47.21 -36.68
CA GLY AB 111 -5.23 -47.11 -35.63
C GLY AB 111 -5.03 -45.73 -35.09
N LEU AB 112 -5.89 -44.77 -35.45
CA LEU AB 112 -5.77 -43.42 -34.91
C LEU AB 112 -6.00 -43.42 -33.41
N LYS AB 113 -7.00 -44.16 -32.94
CA LYS AB 113 -7.26 -44.25 -31.51
C LYS AB 113 -6.06 -44.85 -30.79
N GLU AB 114 -5.41 -45.85 -31.39
CA GLU AB 114 -4.29 -46.50 -30.73
C GLU AB 114 -3.05 -45.60 -30.70
N THR AB 115 -2.77 -44.89 -31.79
CA THR AB 115 -1.65 -43.96 -31.79
C THR AB 115 -1.86 -42.84 -30.77
N TYR AB 116 -3.06 -42.27 -30.76
CA TYR AB 116 -3.34 -41.18 -29.82
C TYR AB 116 -3.27 -41.66 -28.38
N ASN AB 117 -3.83 -42.82 -28.09
CA ASN AB 117 -3.79 -43.34 -26.73
C ASN AB 117 -2.37 -43.70 -26.32
N SER AB 118 -1.52 -44.10 -27.28
CA SER AB 118 -0.13 -44.38 -26.95
C SER AB 118 0.64 -43.09 -26.71
N LEU AB 119 0.39 -42.07 -27.52
CA LEU AB 119 1.12 -40.80 -27.38
C LEU AB 119 0.67 -40.03 -26.16
N GLY AB 120 -0.55 -40.24 -25.70
CA GLY AB 120 -1.11 -39.43 -24.64
C GLY AB 120 -1.92 -38.25 -25.11
N VAL AB 121 -2.37 -38.26 -26.35
CA VAL AB 121 -3.13 -37.14 -26.91
C VAL AB 121 -4.57 -37.22 -26.41
N PRO AB 122 -5.12 -36.14 -25.86
CA PRO AB 122 -6.53 -36.15 -25.48
C PRO AB 122 -7.46 -36.29 -26.66
N ILE AB 123 -8.13 -37.44 -26.75
CA ILE AB 123 -9.01 -37.69 -27.89
C ILE AB 123 -10.30 -36.89 -27.76
N ALA AB 124 -10.74 -36.61 -26.54
CA ALA AB 124 -11.92 -35.77 -26.35
C ALA AB 124 -11.69 -34.37 -26.92
N ALA AB 125 -10.54 -33.78 -26.60
CA ALA AB 125 -10.24 -32.44 -27.09
C ALA AB 125 -10.06 -32.44 -28.60
N THR AB 126 -9.46 -33.50 -29.15
CA THR AB 126 -9.33 -33.58 -30.59
C THR AB 126 -10.71 -33.63 -31.26
N VAL AB 127 -11.65 -34.34 -30.65
CA VAL AB 127 -13.02 -34.37 -31.17
C VAL AB 127 -13.63 -32.97 -31.12
N GLN AB 128 -13.46 -32.26 -30.01
CA GLN AB 128 -14.02 -30.92 -29.90
C GLN AB 128 -13.42 -29.99 -30.92
N ALA AB 129 -12.10 -30.06 -31.13
CA ALA AB 129 -11.45 -29.19 -32.09
C ALA AB 129 -11.87 -29.52 -33.52
N ILE AB 130 -12.07 -30.81 -33.82
CA ILE AB 130 -12.59 -31.17 -35.14
C ILE AB 130 -13.99 -30.61 -35.32
N GLN AB 131 -14.78 -30.55 -34.25
CA GLN AB 131 -16.09 -29.91 -34.35
C GLN AB 131 -15.95 -28.42 -34.64
N ALA AB 132 -14.98 -27.76 -34.02
CA ALA AB 132 -14.73 -26.36 -34.31
C ALA AB 132 -14.34 -26.17 -35.77
N MET AB 133 -13.49 -27.06 -36.29
CA MET AB 133 -13.14 -27.00 -37.71
C MET AB 133 -14.37 -27.22 -38.58
N LYS AB 134 -15.25 -28.13 -38.15
CA LYS AB 134 -16.48 -28.39 -38.90
C LYS AB 134 -17.32 -27.12 -39.00
N GLU AB 135 -17.45 -26.39 -37.90
CA GLU AB 135 -18.25 -25.17 -37.91
C GLU AB 135 -17.61 -24.09 -38.78
N VAL AB 136 -16.30 -23.89 -38.64
CA VAL AB 136 -15.62 -22.88 -39.46
C VAL AB 136 -15.72 -23.24 -40.93
N THR AB 137 -15.48 -24.51 -41.26
CA THR AB 137 -15.56 -24.95 -42.64
C THR AB 137 -16.97 -24.76 -43.19
N ALA AB 138 -17.99 -25.11 -42.40
CA ALA AB 138 -19.35 -24.91 -42.85
C ALA AB 138 -19.63 -23.45 -43.19
N SER AB 139 -19.11 -22.53 -42.38
CA SER AB 139 -19.28 -21.11 -42.68
C SER AB 139 -18.59 -20.75 -43.99
N LEU AB 140 -17.39 -21.25 -44.22
CA LEU AB 140 -16.63 -20.83 -45.39
C LEU AB 140 -17.23 -21.35 -46.69
N VAL AB 141 -17.66 -22.62 -46.71
CA VAL AB 141 -18.13 -23.21 -47.97
C VAL AB 141 -19.64 -23.17 -48.11
N GLY AB 142 -20.38 -22.71 -47.11
CA GLY AB 142 -21.81 -22.58 -47.22
C GLY AB 142 -22.55 -23.86 -46.90
N ALA AB 143 -23.87 -23.71 -46.72
CA ALA AB 143 -24.69 -24.81 -46.22
C ALA AB 143 -24.66 -26.02 -47.14
N ASP AB 144 -24.55 -25.80 -48.46
CA ASP AB 144 -24.51 -26.93 -49.39
C ASP AB 144 -23.33 -27.84 -49.08
N ALA AB 145 -22.12 -27.27 -49.05
CA ALA AB 145 -20.94 -28.08 -48.79
C ALA AB 145 -20.78 -28.39 -47.31
N GLY AB 146 -21.19 -27.46 -46.43
CA GLY AB 146 -21.07 -27.69 -45.01
C GLY AB 146 -21.86 -28.90 -44.55
N LYS AB 147 -22.98 -29.18 -45.21
CA LYS AB 147 -23.74 -30.39 -44.91
C LYS AB 147 -22.90 -31.63 -45.19
N GLU AB 148 -22.20 -31.66 -46.33
CA GLU AB 148 -21.40 -32.82 -46.69
C GLU AB 148 -20.09 -32.87 -45.91
N MET AB 149 -19.37 -31.74 -45.86
CA MET AB 149 -18.18 -31.68 -45.01
C MET AB 149 -18.53 -32.01 -43.57
N GLY AB 150 -19.79 -31.76 -43.17
CA GLY AB 150 -20.24 -32.18 -41.87
C GLY AB 150 -20.25 -33.69 -41.71
N ILE AB 151 -20.75 -34.41 -42.72
CA ILE AB 151 -20.84 -35.87 -42.58
C ILE AB 151 -19.44 -36.48 -42.51
N TYR AB 152 -18.49 -35.92 -43.25
CA TYR AB 152 -17.16 -36.50 -43.23
C TYR AB 152 -16.40 -36.10 -41.97
N PHE AB 153 -16.56 -34.86 -41.50
CA PHE AB 153 -15.98 -34.48 -40.22
C PHE AB 153 -16.56 -35.31 -39.09
N ASP AB 154 -17.87 -35.56 -39.12
CA ASP AB 154 -18.48 -36.35 -38.07
C ASP AB 154 -18.08 -37.82 -38.15
N TYR AB 155 -17.80 -38.31 -39.36
CA TYR AB 155 -17.22 -39.63 -39.51
C TYR AB 155 -15.92 -39.72 -38.72
N ILE AB 156 -15.06 -38.72 -38.88
CA ILE AB 156 -13.79 -38.69 -38.15
C ILE AB 156 -14.05 -38.68 -36.66
N CYS AB 157 -14.96 -37.83 -36.20
CA CYS AB 157 -15.21 -37.71 -34.77
C CYS AB 157 -15.76 -39.01 -34.19
N SER AB 158 -16.68 -39.66 -34.90
CA SER AB 158 -17.25 -40.90 -34.42
C SER AB 158 -16.18 -41.98 -34.27
N GLY AB 159 -15.33 -42.11 -35.28
CA GLY AB 159 -14.26 -43.08 -35.19
C GLY AB 159 -13.25 -42.75 -34.12
N LEU AB 160 -12.87 -41.46 -34.03
CA LEU AB 160 -11.84 -41.03 -33.10
C LEU AB 160 -12.29 -41.18 -31.64
N SER AB 161 -13.57 -41.05 -31.37
CA SER AB 161 -14.08 -41.18 -30.02
C SER AB 161 -13.90 -42.60 -29.50
N SER BB 2 21.23 -32.96 -21.48
CA SER BB 2 22.38 -32.56 -20.68
C SER BB 2 23.68 -32.86 -21.43
N VAL BB 3 24.77 -32.94 -20.68
CA VAL BB 3 26.04 -33.39 -21.25
C VAL BB 3 26.19 -34.86 -20.89
N VAL BB 4 25.64 -35.25 -19.75
CA VAL BB 4 25.60 -36.66 -19.39
C VAL BB 4 24.78 -37.44 -20.40
N THR BB 5 23.62 -36.90 -20.79
CA THR BB 5 22.80 -37.58 -21.80
C THR BB 5 23.48 -37.60 -23.16
N LYS BB 6 24.12 -36.49 -23.56
CA LYS BB 6 24.82 -36.48 -24.84
C LYS BB 6 25.88 -37.57 -24.87
N SER BB 7 26.67 -37.66 -23.81
CA SER BB 7 27.69 -38.70 -23.73
C SER BB 7 27.07 -40.09 -23.79
N ILE BB 8 25.99 -40.31 -23.03
CA ILE BB 8 25.40 -41.62 -22.94
C ILE BB 8 24.71 -42.01 -24.25
N VAL BB 9 24.08 -41.05 -24.93
CA VAL BB 9 23.46 -41.34 -26.22
C VAL BB 9 24.51 -41.75 -27.24
N ASN BB 10 25.61 -41.00 -27.31
CA ASN BB 10 26.67 -41.34 -28.25
C ASN BB 10 27.29 -42.70 -27.92
N ALA BB 11 27.46 -43.00 -26.63
CA ALA BB 11 27.97 -44.30 -26.25
C ALA BB 11 27.00 -45.42 -26.61
N ASP BB 12 25.71 -45.21 -26.35
CA ASP BB 12 24.72 -46.25 -26.61
C ASP BB 12 24.67 -46.59 -28.09
N ALA BB 13 24.79 -45.59 -28.96
CA ALA BB 13 24.70 -45.84 -30.39
C ALA BB 13 25.77 -46.83 -30.85
N GLU BB 14 26.98 -46.70 -30.32
CA GLU BB 14 28.07 -47.57 -30.70
C GLU BB 14 28.20 -48.81 -29.82
N ALA BB 15 27.36 -48.94 -28.79
CA ALA BB 15 27.41 -50.07 -27.87
C ALA BB 15 28.80 -50.19 -27.24
N ARG BB 16 29.21 -49.13 -26.58
CA ARG BB 16 30.49 -49.08 -25.91
C ARG BB 16 30.32 -48.32 -24.60
N TYR BB 17 31.02 -48.78 -23.55
CA TYR BB 17 31.10 -47.97 -22.36
C TYR BB 17 31.67 -46.60 -22.71
N LEU BB 18 31.30 -45.60 -21.93
CA LEU BB 18 31.75 -44.24 -22.20
C LEU BB 18 33.27 -44.21 -22.36
N SER BB 19 33.72 -43.64 -23.47
CA SER BB 19 35.14 -43.53 -23.71
C SER BB 19 35.76 -42.57 -22.69
N PRO BB 20 37.07 -42.65 -22.48
CA PRO BB 20 37.70 -41.72 -21.52
C PRO BB 20 37.45 -40.26 -21.87
N GLY BB 21 37.43 -39.92 -23.16
CA GLY BB 21 37.12 -38.55 -23.53
C GLY BB 21 35.70 -38.14 -23.16
N GLU BB 22 34.73 -39.02 -23.40
CA GLU BB 22 33.36 -38.76 -22.98
C GLU BB 22 33.30 -38.53 -21.47
N LEU BB 23 33.95 -39.42 -20.70
CA LEU BB 23 33.96 -39.28 -19.25
C LEU BB 23 34.67 -37.99 -18.82
N ASP BB 24 35.68 -37.57 -19.57
CA ASP BB 24 36.33 -36.30 -19.29
C ASP BB 24 35.34 -35.15 -19.38
N ARG BB 25 34.52 -35.15 -20.43
CA ARG BB 25 33.52 -34.10 -20.59
C ARG BB 25 32.54 -34.10 -19.43
N ILE BB 26 32.12 -35.28 -18.99
CA ILE BB 26 31.17 -35.34 -17.87
C ILE BB 26 31.82 -34.79 -16.60
N LYS BB 27 33.10 -35.11 -16.38
CA LYS BB 27 33.78 -34.61 -15.19
C LYS BB 27 33.88 -33.10 -15.21
N ASN BB 28 34.19 -32.52 -16.37
CA ASN BB 28 34.22 -31.07 -16.49
C ASN BB 28 32.86 -30.46 -16.17
N PHE BB 29 31.80 -31.04 -16.74
CA PHE BB 29 30.46 -30.50 -16.55
C PHE BB 29 30.04 -30.54 -15.09
N VAL BB 30 30.28 -31.68 -14.42
CA VAL BB 30 29.87 -31.77 -13.01
C VAL BB 30 30.71 -30.86 -12.14
N SER BB 31 31.97 -30.63 -12.50
CA SER BB 31 32.80 -29.72 -11.71
C SER BB 31 32.34 -28.27 -11.89
N THR BB 32 31.91 -27.91 -13.09
CA THR BB 32 31.43 -26.56 -13.41
C THR BB 32 29.97 -26.35 -13.01
N GLY BB 33 29.31 -27.39 -12.51
CA GLY BB 33 27.88 -27.29 -12.24
C GLY BB 33 27.52 -26.19 -11.26
N GLU BB 34 28.36 -25.96 -10.25
CA GLU BB 34 28.02 -24.96 -9.23
C GLU BB 34 27.91 -23.57 -9.83
N ARG BB 35 28.87 -23.19 -10.68
CA ARG BB 35 28.77 -21.89 -11.34
C ARG BB 35 27.61 -21.84 -12.30
N ARG BB 36 27.31 -22.96 -12.97
CA ARG BB 36 26.15 -23.00 -13.87
C ARG BB 36 24.88 -22.70 -13.10
N LEU BB 37 24.70 -23.36 -11.95
CA LEU BB 37 23.51 -23.15 -11.15
C LEU BB 37 23.43 -21.71 -10.66
N ARG BB 38 24.57 -21.09 -10.35
CA ARG BB 38 24.56 -19.70 -9.90
C ARG BB 38 24.08 -18.77 -11.03
N ILE BB 39 24.59 -18.98 -12.24
CA ILE BB 39 24.18 -18.14 -13.36
C ILE BB 39 22.69 -18.27 -13.60
N ALA BB 40 22.19 -19.51 -13.63
CA ALA BB 40 20.76 -19.72 -13.78
C ALA BB 40 19.99 -19.06 -12.65
N GLN BB 41 20.53 -19.12 -11.43
CA GLN BB 41 19.81 -18.56 -10.29
C GLN BB 41 19.68 -17.05 -10.41
N THR BB 42 20.72 -16.36 -10.89
CA THR BB 42 20.59 -14.92 -11.09
C THR BB 42 19.47 -14.62 -12.08
N LEU BB 43 19.40 -15.37 -13.17
CA LEU BB 43 18.35 -15.14 -14.15
C LEU BB 43 16.97 -15.37 -13.54
N THR BB 44 16.81 -16.47 -12.80
CA THR BB 44 15.51 -16.75 -12.19
C THR BB 44 15.13 -15.69 -11.16
N GLU BB 45 16.08 -15.29 -10.32
CA GLU BB 45 15.77 -14.30 -9.29
C GLU BB 45 15.38 -12.97 -9.90
N ASN BB 46 16.05 -12.56 -10.97
CA ASN BB 46 15.73 -11.33 -11.68
C ASN BB 46 14.79 -11.57 -12.86
N ARG BB 47 13.94 -12.59 -12.78
CA ARG BB 47 13.08 -12.95 -13.90
C ARG BB 47 12.12 -11.83 -14.28
N GLU BB 48 11.76 -10.96 -13.34
CA GLU BB 48 10.82 -9.89 -13.67
C GLU BB 48 11.51 -8.73 -14.34
N ARG BB 49 12.69 -8.35 -13.87
CA ARG BB 49 13.43 -7.25 -14.47
C ARG BB 49 13.77 -7.55 -15.93
N ILE BB 50 14.29 -8.74 -16.20
CA ILE BB 50 14.71 -9.08 -17.56
C ILE BB 50 13.53 -8.98 -18.51
N VAL BB 51 12.40 -9.58 -18.14
CA VAL BB 51 11.24 -9.59 -19.02
C VAL BB 51 10.71 -8.18 -19.21
N LYS BB 52 10.61 -7.40 -18.13
CA LYS BB 52 10.03 -6.07 -18.24
C LYS BB 52 10.87 -5.15 -19.11
N GLN BB 53 12.17 -5.06 -18.82
CA GLN BB 53 13.03 -4.17 -19.58
C GLN BB 53 13.19 -4.63 -21.02
N ALA BB 54 13.34 -5.95 -21.23
CA ALA BB 54 13.44 -6.47 -22.59
C ALA BB 54 12.14 -6.27 -23.35
N GLY BB 55 11.01 -6.38 -22.68
CA GLY BB 55 9.74 -6.08 -23.35
C GLY BB 55 9.68 -4.64 -23.83
N ASP BB 56 10.13 -3.70 -22.99
CA ASP BB 56 10.16 -2.32 -23.41
C ASP BB 56 11.07 -2.12 -24.61
N GLN BB 57 12.25 -2.76 -24.59
CA GLN BB 57 13.17 -2.61 -25.71
C GLN BB 57 12.58 -3.20 -26.98
N LEU BB 58 11.94 -4.37 -26.88
CA LEU BB 58 11.30 -4.96 -28.06
C LEU BB 58 10.21 -4.04 -28.60
N PHE BB 59 9.41 -3.46 -27.72
CA PHE BB 59 8.30 -2.63 -28.16
C PHE BB 59 8.80 -1.32 -28.78
N GLN BB 60 9.90 -0.78 -28.26
CA GLN BB 60 10.52 0.37 -28.90
C GLN BB 60 11.02 0.02 -30.29
N LYS BB 61 11.82 -1.04 -30.40
CA LYS BB 61 12.48 -1.34 -31.66
C LYS BB 61 11.51 -1.82 -32.73
N ARG BB 62 10.42 -2.48 -32.32
CA ARG BB 62 9.41 -2.98 -33.25
C ARG BB 62 8.06 -2.47 -32.78
N PRO BB 63 7.77 -1.19 -33.00
CA PRO BB 63 6.50 -0.63 -32.50
C PRO BB 63 5.28 -1.20 -33.17
N ASP BB 64 5.42 -1.81 -34.35
CA ASP BB 64 4.25 -2.27 -35.09
C ASP BB 64 3.50 -3.35 -34.36
N VAL BB 65 4.19 -4.21 -33.61
CA VAL BB 65 3.52 -5.32 -32.94
C VAL BB 65 2.58 -4.81 -31.86
N VAL BB 66 2.95 -3.73 -31.17
CA VAL BB 66 2.13 -3.21 -30.09
C VAL BB 66 1.14 -2.16 -30.56
N SER BB 67 1.33 -1.60 -31.75
CA SER BB 67 0.41 -0.61 -32.28
C SER BB 67 -0.96 -1.26 -32.51
N PRO BB 68 -2.02 -0.47 -32.51
CA PRO BB 68 -3.34 -1.00 -32.88
C PRO BB 68 -3.28 -1.61 -34.27
N GLY BB 69 -3.95 -2.74 -34.42
CA GLY BB 69 -3.82 -3.55 -35.61
C GLY BB 69 -2.67 -4.51 -35.60
N GLY BB 70 -1.80 -4.44 -34.59
CA GLY BB 70 -0.71 -5.38 -34.45
C GLY BB 70 -1.09 -6.59 -33.63
N ASN BB 71 -0.17 -7.56 -33.59
CA ASN BB 71 -0.46 -8.82 -32.91
C ASN BB 71 -0.63 -8.59 -31.41
N ALA BB 72 0.27 -7.82 -30.80
CA ALA BB 72 0.21 -7.56 -29.37
C ALA BB 72 -0.37 -6.17 -29.10
N TYR BB 73 -1.67 -6.02 -29.34
CA TYR BB 73 -2.37 -4.77 -29.08
C TYR BB 73 -3.25 -4.92 -27.85
N GLY BB 74 -3.15 -3.95 -26.94
CA GLY BB 74 -3.84 -4.01 -25.67
C GLY BB 74 -3.03 -4.76 -24.63
N GLU BB 75 -3.37 -4.51 -23.36
CA GLU BB 75 -2.66 -5.21 -22.30
C GLU BB 75 -3.00 -6.69 -22.29
N GLU BB 76 -4.20 -7.05 -22.76
CA GLU BB 76 -4.60 -8.45 -22.76
C GLU BB 76 -3.65 -9.29 -23.61
N MET BB 77 -3.29 -8.80 -24.79
CA MET BB 77 -2.41 -9.55 -25.68
C MET BB 77 -0.94 -9.22 -25.48
N THR BB 78 -0.62 -8.00 -25.07
CA THR BB 78 0.76 -7.70 -24.69
C THR BB 78 1.19 -8.55 -23.51
N ALA BB 79 0.24 -8.91 -22.63
CA ALA BB 79 0.55 -9.83 -21.54
C ALA BB 79 1.01 -11.18 -22.08
N THR BB 80 0.33 -11.68 -23.10
CA THR BB 80 0.74 -12.96 -23.69
C THR BB 80 2.11 -12.85 -24.34
N CYS BB 81 2.40 -11.73 -25.01
CA CYS BB 81 3.73 -11.59 -25.60
C CYS BB 81 4.80 -11.59 -24.54
N LEU BB 82 4.60 -10.83 -23.47
CA LEU BB 82 5.58 -10.82 -22.40
C LEU BB 82 5.68 -12.17 -21.71
N ARG BB 83 4.57 -12.92 -21.66
CA ARG BB 83 4.62 -14.27 -21.11
C ARG BB 83 5.52 -15.17 -21.94
N ASP BB 84 5.46 -15.04 -23.26
CA ASP BB 84 6.34 -15.84 -24.11
C ASP BB 84 7.80 -15.48 -23.89
N LEU BB 85 8.08 -14.20 -23.70
CA LEU BB 85 9.44 -13.81 -23.34
C LEU BB 85 9.86 -14.46 -22.03
N ASP BB 86 8.93 -14.55 -21.07
CA ASP BB 86 9.23 -15.26 -19.83
C ASP BB 86 9.47 -16.74 -20.07
N TYR BB 87 8.68 -17.34 -20.97
CA TYR BB 87 8.89 -18.74 -21.33
C TYR BB 87 10.32 -18.98 -21.79
N TYR BB 88 10.80 -18.12 -22.69
CA TYR BB 88 12.12 -18.35 -23.26
C TYR BB 88 13.23 -18.04 -22.26
N LEU BB 89 13.01 -17.11 -21.34
CA LEU BB 89 13.96 -16.95 -20.26
C LEU BB 89 14.03 -18.22 -19.41
N ARG BB 90 12.87 -18.82 -19.13
CA ARG BB 90 12.85 -20.05 -18.35
C ARG BB 90 13.59 -21.16 -19.07
N LEU BB 91 13.38 -21.29 -20.39
CA LEU BB 91 14.09 -22.30 -21.16
C LEU BB 91 15.59 -22.06 -21.11
N VAL BB 92 16.01 -20.79 -21.17
CA VAL BB 92 17.43 -20.48 -21.13
C VAL BB 92 18.03 -20.87 -19.78
N THR BB 93 17.29 -20.63 -18.69
CA THR BB 93 17.80 -21.06 -17.39
C THR BB 93 17.92 -22.58 -17.33
N TYR BB 94 16.95 -23.30 -17.88
CA TYR BB 94 17.08 -24.75 -17.99
C TYR BB 94 18.35 -25.11 -18.74
N GLY BB 95 18.62 -24.43 -19.85
CA GLY BB 95 19.79 -24.75 -20.64
C GLY BB 95 21.09 -24.49 -19.90
N ILE BB 96 21.15 -23.38 -19.15
CA ILE BB 96 22.34 -23.07 -18.38
C ILE BB 96 22.62 -24.17 -17.36
N VAL BB 97 21.58 -24.62 -16.66
CA VAL BB 97 21.77 -25.69 -15.69
C VAL BB 97 22.17 -26.99 -16.38
N ALA BB 98 21.51 -27.31 -17.50
CA ALA BB 98 21.72 -28.61 -18.12
C ALA BB 98 23.06 -28.70 -18.85
N GLY BB 99 23.61 -27.57 -19.30
CA GLY BB 99 24.86 -27.58 -20.02
C GLY BB 99 24.73 -27.83 -21.50
N ASP BB 100 23.51 -27.90 -22.03
CA ASP BB 100 23.28 -28.16 -23.44
C ASP BB 100 22.07 -27.35 -23.88
N VAL BB 101 21.93 -27.19 -25.19
CA VAL BB 101 20.75 -26.51 -25.75
C VAL BB 101 19.60 -27.46 -26.01
N THR BB 102 19.77 -28.75 -25.72
CA THR BB 102 18.68 -29.70 -25.92
C THR BB 102 17.44 -29.37 -25.11
N PRO BB 103 17.51 -28.96 -23.84
CA PRO BB 103 16.28 -28.51 -23.16
C PRO BB 103 15.57 -27.40 -23.91
N ILE BB 104 16.30 -26.38 -24.35
CA ILE BB 104 15.69 -25.28 -25.08
C ILE BB 104 15.08 -25.79 -26.38
N GLU BB 105 15.83 -26.59 -27.12
CA GLU BB 105 15.38 -27.01 -28.45
C GLU BB 105 14.15 -27.91 -28.36
N GLU BB 106 14.15 -28.84 -27.41
CA GLU BB 106 12.98 -29.71 -27.25
C GLU BB 106 11.76 -28.91 -26.83
N ILE BB 107 11.89 -28.08 -25.79
CA ILE BB 107 10.71 -27.44 -25.23
C ILE BB 107 10.18 -26.34 -26.14
N GLY BB 108 11.06 -25.52 -26.71
CA GLY BB 108 10.58 -24.32 -27.37
C GLY BB 108 11.27 -23.83 -28.62
N LEU BB 109 11.98 -24.69 -29.37
CA LEU BB 109 12.59 -24.25 -30.61
C LEU BB 109 12.31 -25.15 -31.80
N VAL BB 110 11.81 -26.36 -31.59
CA VAL BB 110 11.44 -27.25 -32.69
C VAL BB 110 10.00 -26.92 -33.07
N GLY BB 111 9.82 -26.26 -34.20
CA GLY BB 111 8.50 -25.90 -34.66
C GLY BB 111 8.00 -24.55 -34.21
N VAL BB 112 8.88 -23.65 -33.77
CA VAL BB 112 8.45 -22.28 -33.47
C VAL BB 112 7.90 -21.64 -34.72
N ARG BB 113 8.50 -21.92 -35.87
CA ARG BB 113 8.01 -21.35 -37.11
C ARG BB 113 6.56 -21.78 -37.35
N GLU BB 114 6.26 -23.06 -37.16
CA GLU BB 114 4.88 -23.53 -37.34
C GLU BB 114 3.95 -22.90 -36.31
N MET BB 115 4.33 -22.93 -35.03
CA MET BB 115 3.43 -22.45 -33.98
C MET BB 115 3.13 -20.97 -34.15
N TYR BB 116 4.16 -20.14 -34.28
CA TYR BB 116 3.94 -18.71 -34.40
C TYR BB 116 3.28 -18.35 -35.71
N ASN BB 117 3.58 -19.06 -36.80
CA ASN BB 117 2.87 -18.80 -38.05
C ASN BB 117 1.41 -19.21 -37.99
N SER BB 118 1.05 -20.09 -37.05
CA SER BB 118 -0.36 -20.40 -36.85
C SER BB 118 -1.04 -19.35 -35.98
N LEU BB 119 -0.32 -18.82 -35.00
CA LEU BB 119 -0.86 -17.75 -34.15
C LEU BB 119 -0.84 -16.39 -34.84
N GLY BB 120 -0.17 -16.27 -35.99
CA GLY BB 120 -0.05 -15.02 -36.69
C GLY BB 120 1.11 -14.14 -36.26
N THR BB 121 1.82 -14.53 -35.21
CA THR BB 121 2.85 -13.69 -34.63
C THR BB 121 4.02 -13.52 -35.59
N PRO BB 122 4.66 -12.33 -35.61
CA PRO BB 122 5.88 -12.14 -36.42
C PRO BB 122 7.12 -12.67 -35.72
N ILE BB 123 7.69 -13.74 -36.29
CA ILE BB 123 8.85 -14.38 -35.67
C ILE BB 123 10.07 -13.47 -35.58
N PRO BB 124 10.42 -12.68 -36.61
CA PRO BB 124 11.57 -11.77 -36.43
C PRO BB 124 11.42 -10.85 -35.24
N ALA BB 125 10.21 -10.40 -34.97
CA ALA BB 125 9.99 -9.58 -33.78
C ALA BB 125 10.23 -10.37 -32.51
N VAL BB 126 9.81 -11.64 -32.48
CA VAL BB 126 10.14 -12.49 -31.33
C VAL BB 126 11.64 -12.57 -31.14
N ALA BB 127 12.38 -12.69 -32.24
CA ALA BB 127 13.83 -12.77 -32.17
C ALA BB 127 14.41 -11.50 -31.56
N GLU BB 128 13.87 -10.34 -31.93
CA GLU BB 128 14.31 -9.09 -31.32
C GLU BB 128 14.09 -9.10 -29.82
N GLY BB 129 12.94 -9.62 -29.39
CA GLY BB 129 12.67 -9.69 -27.96
C GLY BB 129 13.71 -10.51 -27.22
N ILE BB 130 14.09 -11.66 -27.77
CA ILE BB 130 15.07 -12.50 -27.09
C ILE BB 130 16.43 -11.83 -27.07
N ARG BB 131 16.78 -11.11 -28.15
CA ARG BB 131 18.05 -10.40 -28.16
C ARG BB 131 18.07 -9.32 -27.08
N ALA BB 132 16.94 -8.63 -26.89
CA ALA BB 132 16.85 -7.66 -25.81
C ALA BB 132 17.02 -8.32 -24.45
N MET BB 133 16.42 -9.50 -24.26
CA MET BB 133 16.62 -10.24 -23.02
C MET BB 133 18.09 -10.57 -22.81
N LYS BB 134 18.78 -10.92 -23.90
CA LYS BB 134 20.20 -11.25 -23.80
C LYS BB 134 21.01 -10.06 -23.30
N ASN BB 135 20.72 -8.87 -23.85
CA ASN BB 135 21.45 -7.68 -23.42
C ASN BB 135 21.17 -7.35 -21.96
N VAL BB 136 19.90 -7.41 -21.55
CA VAL BB 136 19.55 -7.11 -20.17
C VAL BB 136 20.21 -8.10 -19.22
N ALA BB 137 20.19 -9.39 -19.58
CA ALA BB 137 20.81 -10.40 -18.74
C ALA BB 137 22.30 -10.17 -18.61
N CYS BB 138 22.95 -9.71 -19.68
CA CYS BB 138 24.37 -9.40 -19.60
C CYS BB 138 24.63 -8.29 -18.60
N SER BB 139 23.74 -7.30 -18.54
CA SER BB 139 23.88 -6.26 -17.52
C SER BB 139 23.87 -6.87 -16.12
N LEU BB 140 22.94 -7.79 -15.88
CA LEU BB 140 22.81 -8.37 -14.55
C LEU BB 140 24.01 -9.25 -14.20
N LEU BB 141 24.52 -10.01 -15.17
CA LEU BB 141 25.53 -11.02 -14.92
C LEU BB 141 26.94 -10.47 -15.06
N SER BB 142 27.88 -11.15 -14.40
CA SER BB 142 29.29 -10.83 -14.58
C SER BB 142 29.77 -11.29 -15.95
N ALA BB 143 30.85 -10.66 -16.42
CA ALA BB 143 31.25 -10.80 -17.82
C ALA BB 143 31.56 -12.25 -18.18
N GLU BB 144 32.33 -12.94 -17.33
CA GLU BB 144 32.66 -14.33 -17.61
C GLU BB 144 31.40 -15.20 -17.63
N ASP BB 145 30.53 -15.01 -16.63
CA ASP BB 145 29.27 -15.75 -16.59
C ASP BB 145 28.35 -15.32 -17.72
N ALA BB 146 28.31 -14.02 -18.04
CA ALA BB 146 27.42 -13.54 -19.08
C ALA BB 146 27.75 -14.16 -20.43
N ALA BB 147 29.03 -14.41 -20.70
CA ALA BB 147 29.39 -15.07 -21.95
C ALA BB 147 28.77 -16.46 -22.04
N GLU BB 148 28.80 -17.21 -20.93
CA GLU BB 148 28.24 -18.56 -20.94
C GLU BB 148 26.73 -18.54 -21.16
N ALA BB 149 26.02 -17.67 -20.43
CA ALA BB 149 24.58 -17.55 -20.61
C ALA BB 149 24.24 -16.96 -21.97
N GLY BB 150 25.08 -16.06 -22.47
CA GLY BB 150 24.83 -15.47 -23.77
C GLY BB 150 24.80 -16.49 -24.88
N SER BB 151 25.57 -17.58 -24.75
CA SER BB 151 25.58 -18.61 -25.77
C SER BB 151 24.19 -19.24 -25.92
N TYR BB 152 23.54 -19.52 -24.81
CA TYR BB 152 22.21 -20.11 -24.87
C TYR BB 152 21.19 -19.12 -25.45
N PHE BB 153 21.27 -17.86 -25.05
CA PHE BB 153 20.42 -16.85 -25.68
C PHE BB 153 20.67 -16.79 -27.18
N ASP BB 154 21.94 -16.89 -27.58
CA ASP BB 154 22.28 -16.83 -29.00
C ASP BB 154 21.70 -18.00 -29.76
N PHE BB 155 21.69 -19.18 -29.16
CA PHE BB 155 21.07 -20.33 -29.83
C PHE BB 155 19.59 -20.05 -30.09
N VAL BB 156 18.90 -19.46 -29.12
CA VAL BB 156 17.48 -19.19 -29.29
C VAL BB 156 17.24 -18.22 -30.42
N ILE BB 157 17.99 -17.11 -30.46
CA ILE BB 157 17.75 -16.11 -31.51
C ILE BB 157 18.07 -16.69 -32.88
N GLY BB 158 19.13 -17.49 -32.97
CA GLY BB 158 19.46 -18.11 -34.24
C GLY BB 158 18.36 -19.04 -34.72
N ALA BB 159 17.78 -19.81 -33.80
CA ALA BB 159 16.72 -20.73 -34.18
C ALA BB 159 15.51 -19.99 -34.72
N MET BB 160 15.19 -18.84 -34.14
CA MET BB 160 14.05 -18.06 -34.61
C MET BB 160 14.41 -17.09 -35.72
N GLN BB 161 15.59 -17.21 -36.30
CA GLN BB 161 15.90 -16.46 -37.51
C GLN BB 161 15.99 -17.40 -38.71
N MET CB 1 16.00 -41.15 -23.46
CA MET CB 1 17.11 -41.06 -22.51
C MET CB 1 17.06 -39.73 -21.74
N GLN CB 2 17.00 -39.81 -20.42
CA GLN CB 2 16.76 -38.65 -19.57
C GLN CB 2 17.55 -38.80 -18.27
N ASP CB 3 18.43 -37.85 -17.99
CA ASP CB 3 19.25 -37.91 -16.77
C ASP CB 3 18.41 -37.54 -15.55
N ALA CB 4 19.10 -37.42 -14.41
CA ALA CB 4 18.52 -36.73 -13.27
C ALA CB 4 18.44 -35.23 -13.51
N ILE CB 5 19.44 -34.66 -14.20
CA ILE CB 5 19.40 -33.24 -14.51
C ILE CB 5 18.27 -32.94 -15.47
N THR CB 6 18.16 -33.72 -16.54
CA THR CB 6 17.05 -33.53 -17.48
C THR CB 6 15.71 -33.84 -16.79
N ALA CB 7 15.70 -34.82 -15.89
CA ALA CB 7 14.47 -35.11 -15.16
C ALA CB 7 14.04 -33.93 -14.30
N VAL CB 8 14.98 -33.31 -13.59
CA VAL CB 8 14.65 -32.19 -12.72
C VAL CB 8 14.11 -31.03 -13.54
N ILE CB 9 14.82 -30.67 -14.61
CA ILE CB 9 14.37 -29.53 -15.41
C ILE CB 9 13.05 -29.85 -16.10
N ASN CB 10 12.85 -31.10 -16.52
CA ASN CB 10 11.60 -31.44 -17.21
C ASN CB 10 10.41 -31.42 -16.26
N ALA CB 11 10.61 -31.86 -15.01
CA ALA CB 11 9.54 -31.76 -14.04
C ALA CB 11 9.16 -30.31 -13.78
N SER CB 12 10.16 -29.44 -13.62
CA SER CB 12 9.87 -28.02 -13.45
C SER CB 12 9.18 -27.44 -14.68
N ASP CB 13 9.59 -27.90 -15.87
CA ASP CB 13 8.94 -27.43 -17.09
C ASP CB 13 7.48 -27.84 -17.14
N VAL CB 14 7.17 -29.08 -16.77
CA VAL CB 14 5.78 -29.53 -16.76
C VAL CB 14 4.96 -28.64 -15.83
N GLN CB 15 5.51 -28.28 -14.69
CA GLN CB 15 4.83 -27.36 -13.78
C GLN CB 15 4.92 -25.91 -14.22
N GLY CB 16 5.67 -25.61 -15.28
CA GLY CB 16 5.79 -24.24 -15.74
C GLY CB 16 6.48 -23.32 -14.75
N LYS CB 17 7.37 -23.86 -13.92
CA LYS CB 17 8.07 -23.09 -12.90
C LYS CB 17 9.54 -23.00 -13.26
N TYR CB 18 10.14 -21.84 -12.98
CA TYR CB 18 11.59 -21.75 -12.99
C TYR CB 18 12.14 -22.72 -11.96
N LEU CB 19 13.38 -23.16 -12.19
CA LEU CB 19 14.02 -24.07 -11.24
C LEU CB 19 14.03 -23.47 -9.85
N ASP CB 20 13.27 -24.07 -8.93
CA ASP CB 20 13.07 -23.51 -7.61
C ASP CB 20 14.16 -24.00 -6.66
N THR CB 21 14.02 -23.63 -5.39
CA THR CB 21 15.07 -23.96 -4.41
C THR CB 21 15.13 -25.47 -4.16
N ALA CB 22 13.98 -26.15 -4.15
CA ALA CB 22 13.97 -27.59 -3.88
C ALA CB 22 14.60 -28.36 -5.03
N ALA CB 23 14.17 -28.07 -6.26
CA ALA CB 23 14.74 -28.76 -7.41
C ALA CB 23 16.21 -28.42 -7.57
N MET CB 24 16.59 -27.18 -7.27
CA MET CB 24 18.00 -26.82 -7.33
C MET CB 24 18.80 -27.58 -6.29
N GLU CB 25 18.19 -27.91 -5.14
CA GLU CB 25 18.86 -28.78 -4.19
C GLU CB 25 19.07 -30.18 -4.77
N LYS CB 26 18.06 -30.70 -5.48
CA LYS CB 26 18.24 -31.98 -6.16
C LYS CB 26 19.42 -31.93 -7.12
N LEU CB 27 19.50 -30.87 -7.92
CA LEU CB 27 20.59 -30.73 -8.87
C LEU CB 27 21.94 -30.63 -8.16
N LYS CB 28 22.00 -29.89 -7.06
CA LYS CB 28 23.24 -29.78 -6.31
C LYS CB 28 23.69 -31.15 -5.83
N ALA CB 29 22.76 -31.99 -5.38
CA ALA CB 29 23.11 -33.33 -4.94
C ALA CB 29 23.70 -34.14 -6.08
N TYR CB 30 23.06 -34.11 -7.26
CA TYR CB 30 23.58 -34.88 -8.38
C TYR CB 30 24.95 -34.39 -8.80
N PHE CB 31 25.13 -33.07 -8.92
CA PHE CB 31 26.42 -32.53 -9.30
C PHE CB 31 27.50 -32.93 -8.32
N ALA CB 32 27.18 -32.93 -7.02
CA ALA CB 32 28.16 -33.31 -6.02
C ALA CB 32 28.57 -34.78 -6.14
N THR CB 33 27.62 -35.67 -6.36
CA THR CB 33 27.92 -37.09 -6.42
C THR CB 33 28.38 -37.55 -7.80
N GLY CB 34 28.44 -36.63 -8.77
CA GLY CB 34 28.86 -36.98 -10.11
C GLY CB 34 30.26 -37.54 -10.18
N GLU CB 35 31.18 -37.05 -9.34
CA GLU CB 35 32.56 -37.53 -9.40
C GLU CB 35 32.63 -39.02 -9.06
N LEU CB 36 31.92 -39.44 -8.00
CA LEU CB 36 31.87 -40.86 -7.66
C LEU CB 36 31.27 -41.66 -8.79
N ARG CB 37 30.18 -41.17 -9.38
CA ARG CB 37 29.55 -41.89 -10.48
C ARG CB 37 30.52 -42.07 -11.65
N VAL CB 38 31.25 -41.01 -12.00
CA VAL CB 38 32.13 -41.07 -13.16
C VAL CB 38 33.25 -42.08 -12.92
N ARG CB 39 33.87 -42.03 -11.74
CA ARG CB 39 34.97 -42.96 -11.47
C ARG CB 39 34.50 -44.40 -11.50
N ALA CB 40 33.33 -44.68 -10.91
CA ALA CB 40 32.80 -46.04 -10.95
C ALA CB 40 32.53 -46.49 -12.37
N ALA CB 41 32.07 -45.58 -13.22
CA ALA CB 41 31.84 -45.92 -14.62
C ALA CB 41 33.14 -46.33 -15.30
N SER CB 42 34.23 -45.62 -15.02
CA SER CB 42 35.52 -46.01 -15.56
C SER CB 42 35.93 -47.39 -15.07
N VAL CB 43 35.68 -47.68 -13.79
CA VAL CB 43 36.07 -48.98 -13.23
C VAL CB 43 35.33 -50.11 -13.92
N ILE CB 44 34.01 -49.98 -14.04
CA ILE CB 44 33.22 -51.02 -14.69
C ILE CB 44 33.60 -51.16 -16.15
N SER CB 45 33.88 -50.04 -16.81
CA SER CB 45 34.29 -50.09 -18.21
C SER CB 45 35.54 -50.92 -18.40
N ALA CB 46 36.52 -50.75 -17.51
CA ALA CB 46 37.77 -51.48 -17.65
C ALA CB 46 37.60 -52.96 -17.32
N ASN CB 47 36.79 -53.28 -16.32
CA ASN CB 47 36.67 -54.64 -15.82
C ASN CB 47 35.39 -55.32 -16.28
N ALA CB 48 34.84 -54.92 -17.43
CA ALA CB 48 33.57 -55.48 -17.88
C ALA CB 48 33.67 -56.98 -18.10
N ALA CB 49 34.73 -57.43 -18.78
CA ALA CB 49 34.89 -58.85 -19.05
C ALA CB 49 35.02 -59.64 -17.76
N ASN CB 50 35.78 -59.11 -16.80
CA ASN CB 50 35.96 -59.81 -15.53
C ASN CB 50 34.66 -59.88 -14.74
N ILE CB 51 33.89 -58.80 -14.73
CA ILE CB 51 32.62 -58.81 -14.00
C ILE CB 51 31.70 -59.87 -14.57
N VAL CB 52 31.57 -59.91 -15.89
CA VAL CB 52 30.71 -60.91 -16.52
C VAL CB 52 31.25 -62.31 -16.25
N LYS CB 53 32.58 -62.48 -16.36
CA LYS CB 53 33.17 -63.79 -16.14
C LYS CB 53 32.84 -64.31 -14.75
N GLU CB 54 33.10 -63.50 -13.73
CA GLU CB 54 32.90 -63.96 -12.36
C GLU CB 54 31.43 -64.22 -12.07
N ALA CB 55 30.53 -63.43 -12.63
CA ALA CB 55 29.11 -63.67 -12.42
C ALA CB 55 28.66 -64.97 -13.07
N VAL CB 56 29.08 -65.21 -14.32
CA VAL CB 56 28.74 -66.45 -14.99
C VAL CB 56 29.26 -67.63 -14.20
N ALA CB 57 30.45 -67.49 -13.62
CA ALA CB 57 31.02 -68.56 -12.80
C ALA CB 57 30.22 -68.77 -11.53
N LYS CB 58 29.87 -67.67 -10.84
CA LYS CB 58 29.26 -67.80 -9.52
C LYS CB 58 27.85 -68.38 -9.57
N SER CB 59 27.13 -68.18 -10.67
CA SER CB 59 25.72 -68.58 -10.71
C SER CB 59 25.32 -69.49 -11.85
N LEU CB 60 26.07 -69.54 -12.95
CA LEU CB 60 25.59 -70.21 -14.14
C LEU CB 60 26.42 -71.40 -14.59
N LEU CB 61 27.75 -71.35 -14.43
CA LEU CB 61 28.59 -72.43 -14.92
C LEU CB 61 28.40 -73.69 -14.08
N TYR CB 62 28.82 -74.81 -14.64
CA TYR CB 62 28.79 -76.11 -13.97
C TYR CB 62 27.39 -76.42 -13.44
N SER CB 63 26.39 -76.34 -14.32
CA SER CB 63 25.01 -76.57 -13.92
C SER CB 63 24.21 -77.06 -15.11
N ASP CB 64 22.91 -77.27 -14.87
CA ASP CB 64 22.00 -77.75 -15.91
C ASP CB 64 21.99 -76.82 -17.11
N ILE CB 65 22.08 -75.51 -16.86
CA ILE CB 65 21.93 -74.53 -17.93
C ILE CB 65 23.03 -74.72 -18.98
N THR CB 66 24.25 -75.01 -18.53
CA THR CB 66 25.36 -75.22 -19.47
C THR CB 66 25.44 -76.64 -19.99
N ARG CB 67 24.91 -77.62 -19.27
CA ARG CB 67 24.96 -79.00 -19.73
C ARG CB 67 23.97 -79.22 -20.87
N PRO CB 68 24.16 -80.27 -21.67
CA PRO CB 68 23.29 -80.46 -22.85
C PRO CB 68 21.83 -80.58 -22.44
N GLY CB 69 20.97 -80.07 -23.32
CA GLY CB 69 19.56 -79.96 -23.00
C GLY CB 69 19.20 -78.76 -22.17
N GLY CB 70 20.16 -77.91 -21.84
CA GLY CB 70 19.88 -76.67 -21.14
C GLY CB 70 20.02 -75.51 -22.10
N MET CB 72 21.95 -72.58 -22.08
CA MET CB 72 23.28 -72.10 -22.42
C MET CB 72 24.11 -73.14 -23.15
N TYR CB 73 23.63 -74.38 -23.21
CA TYR CB 73 24.35 -75.40 -23.97
C TYR CB 73 24.39 -75.00 -25.44
N THR CB 74 25.48 -75.41 -26.10
CA THR CB 74 25.90 -74.95 -27.43
C THR CB 74 26.64 -73.63 -27.30
N THR CB 75 27.74 -73.50 -28.02
CA THR CB 75 28.55 -72.29 -27.94
C THR CB 75 27.76 -71.08 -28.40
N ARG CB 76 26.92 -71.25 -29.43
CA ARG CB 76 26.00 -70.19 -29.84
C ARG CB 76 25.26 -69.62 -28.65
N ARG CB 77 24.54 -70.48 -27.92
CA ARG CB 77 23.70 -70.02 -26.83
C ARG CB 77 24.53 -69.42 -25.69
N TYR CB 78 25.68 -70.03 -25.39
CA TYR CB 78 26.53 -69.49 -24.32
C TYR CB 78 27.04 -68.11 -24.67
N ALA CB 79 27.47 -67.91 -25.92
CA ALA CB 79 27.93 -66.59 -26.33
C ALA CB 79 26.81 -65.57 -26.25
N ALA CB 80 25.59 -65.98 -26.59
CA ALA CB 80 24.45 -65.08 -26.44
C ALA CB 80 24.25 -64.71 -24.97
N CYS CB 81 24.40 -65.66 -24.06
CA CYS CB 81 24.18 -65.34 -22.66
C CYS CB 81 25.19 -64.33 -22.15
N ILE CB 82 26.47 -64.52 -22.47
CA ILE CB 82 27.46 -63.56 -21.99
C ILE CB 82 27.26 -62.20 -22.66
N ARG CB 83 26.81 -62.20 -23.92
CA ARG CB 83 26.51 -60.94 -24.58
C ARG CB 83 25.39 -60.19 -23.86
N ASP CB 84 24.31 -60.90 -23.50
CA ASP CB 84 23.21 -60.25 -22.82
C ASP CB 84 23.60 -59.79 -21.43
N LEU CB 85 24.45 -60.55 -20.74
CA LEU CB 85 24.92 -60.12 -19.44
C LEU CB 85 25.75 -58.85 -19.55
N ASP CB 86 26.59 -58.73 -20.58
CA ASP CB 86 27.31 -57.49 -20.76
C ASP CB 86 26.38 -56.35 -21.10
N TYR CB 87 25.34 -56.61 -21.90
CA TYR CB 87 24.37 -55.57 -22.19
C TYR CB 87 23.72 -55.06 -20.91
N TYR CB 88 23.34 -55.96 -20.02
CA TYR CB 88 22.77 -55.54 -18.74
C TYR CB 88 23.76 -54.74 -17.93
N LEU CB 89 25.05 -55.09 -17.98
CA LEU CB 89 26.07 -54.34 -17.25
C LEU CB 89 26.29 -52.98 -17.88
N ARG CB 90 26.42 -52.92 -19.19
CA ARG CB 90 26.72 -51.67 -19.87
C ARG CB 90 25.60 -50.66 -19.69
N TYR CB 91 24.35 -51.11 -19.83
CA TYR CB 91 23.24 -50.19 -19.64
C TYR CB 91 23.08 -49.79 -18.19
N ALA CB 92 23.41 -50.68 -17.25
CA ALA CB 92 23.40 -50.29 -15.85
C ALA CB 92 24.41 -49.19 -15.58
N THR CB 93 25.59 -49.27 -16.22
CA THR CB 93 26.60 -48.23 -16.05
C THR CB 93 26.13 -46.91 -16.67
N TYR CB 94 25.52 -46.96 -17.86
CA TYR CB 94 24.91 -45.76 -18.42
C TYR CB 94 23.95 -45.14 -17.41
N ALA CB 95 23.10 -45.97 -16.81
CA ALA CB 95 22.09 -45.48 -15.87
C ALA CB 95 22.73 -44.89 -14.63
N MET CB 96 23.81 -45.49 -14.13
CA MET CB 96 24.47 -44.92 -12.97
C MET CB 96 25.02 -43.54 -13.30
N LEU CB 97 25.66 -43.40 -14.45
CA LEU CB 97 26.19 -42.09 -14.85
C LEU CB 97 25.08 -41.06 -14.93
N ALA CB 98 23.98 -41.41 -15.59
CA ALA CB 98 22.88 -40.45 -15.76
C ALA CB 98 22.20 -40.14 -14.44
N GLY CB 99 21.99 -41.14 -13.60
CA GLY CB 99 21.23 -40.97 -12.39
C GLY CB 99 19.76 -41.34 -12.52
N ASP CB 100 19.35 -41.97 -13.61
CA ASP CB 100 17.96 -42.27 -13.87
C ASP CB 100 17.83 -43.63 -14.53
N PRO CB 101 16.79 -44.39 -14.21
CA PRO CB 101 16.58 -45.70 -14.84
C PRO CB 101 15.88 -45.64 -16.19
N SER CB 102 15.68 -44.44 -16.73
CA SER CB 102 14.94 -44.32 -17.98
C SER CB 102 15.68 -44.95 -19.15
N ILE CB 103 17.01 -44.89 -19.14
CA ILE CB 103 17.77 -45.54 -20.21
C ILE CB 103 17.50 -47.04 -20.20
N LEU CB 104 17.46 -47.64 -19.01
CA LEU CB 104 17.15 -49.06 -18.91
C LEU CB 104 15.74 -49.34 -19.41
N ASP CB 105 14.77 -48.52 -19.01
CA ASP CB 105 13.40 -48.73 -19.44
C ASP CB 105 13.29 -48.68 -20.97
N GLU CB 106 13.83 -47.63 -21.58
CA GLU CB 106 13.58 -47.41 -22.99
C GLU CB 106 14.38 -48.38 -23.86
N ARG CB 107 15.63 -48.65 -23.52
CA ARG CB 107 16.52 -49.41 -24.38
C ARG CB 107 16.57 -50.89 -24.03
N VAL CB 108 16.55 -51.24 -22.75
CA VAL CB 108 16.72 -52.64 -22.37
C VAL CB 108 15.37 -53.30 -22.11
N LEU CB 109 14.66 -52.82 -21.10
CA LEU CB 109 13.49 -53.52 -20.59
C LEU CB 109 12.27 -53.40 -21.48
N ASN CB 110 12.36 -52.73 -22.63
CA ASN CB 110 11.18 -52.46 -23.45
C ASN CB 110 10.78 -53.71 -24.25
N GLY CB 111 10.37 -54.74 -23.51
CA GLY CB 111 9.94 -55.99 -24.10
C GLY CB 111 10.76 -57.18 -23.70
N LEU CB 112 11.76 -57.00 -22.83
CA LEU CB 112 12.71 -58.05 -22.53
C LEU CB 112 12.02 -59.31 -22.03
N LYS CB 113 11.07 -59.15 -21.10
CA LYS CB 113 10.37 -60.31 -20.57
C LYS CB 113 9.68 -61.09 -21.67
N GLU CB 114 9.06 -60.39 -22.61
CA GLU CB 114 8.40 -61.07 -23.73
C GLU CB 114 9.41 -61.79 -24.62
N THR CB 115 10.57 -61.18 -24.88
CA THR CB 115 11.58 -61.82 -25.71
C THR CB 115 12.09 -63.10 -25.06
N TYR CB 116 12.40 -63.02 -23.76
CA TYR CB 116 12.92 -64.20 -23.08
C TYR CB 116 11.85 -65.28 -22.98
N ASN CB 117 10.60 -64.91 -22.81
CA ASN CB 117 9.53 -65.90 -22.81
C ASN CB 117 9.35 -66.51 -24.19
N SER CB 118 9.63 -65.74 -25.25
CA SER CB 118 9.51 -66.29 -26.60
C SER CB 118 10.63 -67.28 -26.90
N LEU CB 119 11.86 -66.97 -26.50
CA LEU CB 119 12.98 -67.84 -26.80
C LEU CB 119 13.13 -68.99 -25.82
N GLY CB 120 12.48 -68.92 -24.65
CA GLY CB 120 12.66 -69.92 -23.63
C GLY CB 120 13.78 -69.65 -22.66
N VAL CB 121 14.37 -68.47 -22.70
CA VAL CB 121 15.47 -68.13 -21.79
C VAL CB 121 14.98 -68.16 -20.35
N PRO CB 122 15.71 -68.76 -19.41
CA PRO CB 122 15.23 -68.82 -18.02
C PRO CB 122 15.33 -67.48 -17.32
N ILE CB 123 14.17 -66.91 -16.98
CA ILE CB 123 14.14 -65.60 -16.33
C ILE CB 123 14.77 -65.67 -14.95
N ALA CB 124 14.55 -66.77 -14.23
CA ALA CB 124 15.13 -66.91 -12.90
C ALA CB 124 16.65 -66.95 -12.96
N ALA CB 125 17.20 -67.70 -13.91
CA ALA CB 125 18.65 -67.79 -14.04
C ALA CB 125 19.25 -66.45 -14.46
N THR CB 126 18.58 -65.72 -15.36
CA THR CB 126 19.06 -64.39 -15.72
C THR CB 126 19.07 -63.47 -14.52
N VAL CB 127 18.04 -63.55 -13.68
CA VAL CB 127 18.01 -62.75 -12.46
C VAL CB 127 19.16 -63.12 -11.55
N GLN CB 128 19.44 -64.41 -11.40
CA GLN CB 128 20.56 -64.84 -10.59
C GLN CB 128 21.88 -64.29 -11.13
N ALA CB 129 22.06 -64.33 -12.45
CA ALA CB 129 23.29 -63.81 -13.04
C ALA CB 129 23.45 -62.33 -12.79
N ILE CB 130 22.37 -61.56 -12.95
CA ILE CB 130 22.46 -60.11 -12.77
C ILE CB 130 22.75 -59.77 -11.31
N GLN CB 131 22.17 -60.52 -10.38
CA GLN CB 131 22.49 -60.31 -8.97
C GLN CB 131 23.93 -60.69 -8.67
N ALA CB 132 24.46 -61.71 -9.35
CA ALA CB 132 25.87 -62.04 -9.21
C ALA CB 132 26.75 -60.90 -9.71
N MET CB 133 26.40 -60.31 -10.86
CA MET CB 133 27.12 -59.15 -11.35
C MET CB 133 27.06 -58.01 -10.34
N LYS CB 134 25.90 -57.84 -9.72
CA LYS CB 134 25.74 -56.80 -8.69
C LYS CB 134 26.77 -56.99 -7.58
N GLU CB 135 26.93 -58.21 -7.09
CA GLU CB 135 27.92 -58.48 -6.06
C GLU CB 135 29.32 -58.16 -6.55
N VAL CB 136 29.69 -58.68 -7.71
CA VAL CB 136 31.07 -58.53 -8.19
C VAL CB 136 31.40 -57.07 -8.44
N THR CB 137 30.49 -56.34 -9.09
CA THR CB 137 30.77 -54.94 -9.38
C THR CB 137 30.78 -54.10 -8.11
N ALA CB 138 30.02 -54.50 -7.09
CA ALA CB 138 30.11 -53.80 -5.81
C ALA CB 138 31.51 -53.91 -5.24
N SER CB 139 32.11 -55.10 -5.34
CA SER CB 139 33.47 -55.27 -4.87
C SER CB 139 34.43 -54.39 -5.65
N LEU CB 140 34.29 -54.36 -6.98
CA LEU CB 140 35.25 -53.63 -7.80
C LEU CB 140 35.15 -52.13 -7.58
N VAL CB 141 33.93 -51.58 -7.63
CA VAL CB 141 33.76 -50.13 -7.57
C VAL CB 141 33.68 -49.60 -6.15
N GLY CB 142 33.66 -50.47 -5.14
CA GLY CB 142 33.52 -50.03 -3.77
C GLY CB 142 32.06 -49.93 -3.36
N ALA CB 143 31.86 -49.81 -2.04
CA ALA CB 143 30.51 -49.81 -1.51
C ALA CB 143 29.76 -48.54 -1.85
N ASP CB 144 30.44 -47.38 -1.79
CA ASP CB 144 29.77 -46.10 -1.95
C ASP CB 144 29.07 -46.01 -3.31
N ALA CB 145 29.81 -46.28 -4.38
CA ALA CB 145 29.21 -46.36 -5.70
C ALA CB 145 28.58 -47.72 -5.96
N GLY CB 146 28.85 -48.71 -5.12
CA GLY CB 146 28.19 -50.01 -5.27
C GLY CB 146 26.71 -49.94 -4.98
N LYS CB 147 26.33 -49.17 -3.95
CA LYS CB 147 24.91 -48.97 -3.67
C LYS CB 147 24.23 -48.24 -4.81
N GLU CB 148 24.87 -47.19 -5.34
CA GLU CB 148 24.27 -46.44 -6.44
C GLU CB 148 24.09 -47.32 -7.67
N MET CB 149 25.07 -48.17 -7.96
CA MET CB 149 24.91 -49.15 -9.04
C MET CB 149 23.81 -50.15 -8.70
N GLY CB 150 23.78 -50.60 -7.44
CA GLY CB 150 22.88 -51.68 -7.07
C GLY CB 150 21.42 -51.37 -7.34
N ILE CB 151 21.04 -50.10 -7.20
CA ILE CB 151 19.63 -49.75 -7.45
C ILE CB 151 19.27 -50.00 -8.90
N TYR CB 152 20.19 -49.73 -9.82
CA TYR CB 152 19.91 -49.92 -11.24
C TYR CB 152 19.98 -51.39 -11.63
N PHE CB 153 20.91 -52.14 -11.02
CA PHE CB 153 20.93 -53.59 -11.24
C PHE CB 153 19.65 -54.22 -10.73
N ASP CB 154 19.17 -53.79 -9.56
CA ASP CB 154 17.90 -54.27 -9.05
C ASP CB 154 16.75 -53.88 -9.96
N TYR CB 155 16.84 -52.73 -10.61
CA TYR CB 155 15.82 -52.33 -11.57
C TYR CB 155 15.72 -53.34 -12.71
N ILE CB 156 16.86 -53.73 -13.27
CA ILE CB 156 16.85 -54.71 -14.34
C ILE CB 156 16.28 -56.04 -13.86
N CYS CB 157 16.70 -56.47 -12.66
CA CYS CB 157 16.20 -57.72 -12.11
C CYS CB 157 14.67 -57.70 -12.00
N SER CB 158 14.13 -56.61 -11.46
CA SER CB 158 12.68 -56.50 -11.30
C SER CB 158 11.99 -56.55 -12.66
N GLY CB 159 12.53 -55.84 -13.66
CA GLY CB 159 11.91 -55.84 -14.96
C GLY CB 159 11.85 -57.22 -15.59
N LEU CB 160 12.96 -57.97 -15.51
CA LEU CB 160 13.00 -59.30 -16.11
C LEU CB 160 12.11 -60.28 -15.34
N SER CB 161 11.95 -60.08 -14.04
CA SER CB 161 11.12 -60.96 -13.22
C SER CB 161 9.70 -61.06 -13.77
N SER DB 2 23.91 -80.40 -43.09
CA SER DB 2 23.91 -81.42 -44.13
C SER DB 2 24.03 -80.79 -45.51
N VAL DB 3 24.42 -81.61 -46.49
CA VAL DB 3 24.45 -81.15 -47.86
C VAL DB 3 23.04 -80.76 -48.32
N VAL DB 4 22.04 -81.55 -47.94
CA VAL DB 4 20.68 -81.26 -48.35
C VAL DB 4 20.22 -79.93 -47.76
N THR DB 5 20.52 -79.67 -46.49
CA THR DB 5 20.04 -78.43 -45.89
C THR DB 5 20.80 -77.21 -46.43
N LYS DB 6 22.10 -77.34 -46.69
CA LYS DB 6 22.82 -76.21 -47.27
C LYS DB 6 22.33 -75.91 -48.67
N SER DB 7 22.07 -76.94 -49.47
CA SER DB 7 21.53 -76.73 -50.81
C SER DB 7 20.15 -76.07 -50.74
N ILE DB 8 19.29 -76.56 -49.86
CA ILE DB 8 17.95 -75.98 -49.73
C ILE DB 8 18.04 -74.53 -49.28
N VAL DB 9 18.96 -74.23 -48.36
CA VAL DB 9 19.07 -72.87 -47.85
C VAL DB 9 19.47 -71.91 -48.96
N ASN DB 10 20.47 -72.27 -49.76
CA ASN DB 10 20.87 -71.41 -50.86
C ASN DB 10 19.75 -71.26 -51.88
N ALA DB 11 19.10 -72.37 -52.24
CA ALA DB 11 18.00 -72.31 -53.19
C ALA DB 11 16.83 -71.50 -52.64
N ASP DB 12 16.55 -71.64 -51.35
CA ASP DB 12 15.47 -70.89 -50.72
C ASP DB 12 15.75 -69.39 -50.74
N ALA DB 13 16.99 -69.01 -50.44
CA ALA DB 13 17.36 -67.60 -50.46
C ALA DB 13 17.43 -67.02 -51.86
N GLU DB 14 17.40 -67.86 -52.90
CA GLU DB 14 17.42 -67.36 -54.26
C GLU DB 14 16.16 -67.73 -55.03
N ALA DB 15 15.13 -68.24 -54.36
CA ALA DB 15 13.84 -68.57 -54.97
C ALA DB 15 14.03 -69.42 -56.22
N ARG DB 16 14.59 -70.61 -56.01
CA ARG DB 16 15.12 -71.42 -57.09
C ARG DB 16 14.88 -72.87 -56.76
N TYR DB 17 14.13 -73.58 -57.60
CA TYR DB 17 14.08 -75.03 -57.48
C TYR DB 17 15.50 -75.56 -57.57
N LEU DB 18 15.82 -76.53 -56.71
CA LEU DB 18 17.20 -76.92 -56.49
C LEU DB 18 17.91 -77.20 -57.82
N SER DB 19 19.06 -76.57 -58.01
CA SER DB 19 19.76 -76.63 -59.27
C SER DB 19 20.24 -78.06 -59.54
N PRO DB 20 20.46 -78.42 -60.80
CA PRO DB 20 20.89 -79.79 -61.10
C PRO DB 20 22.20 -80.16 -60.45
N GLY DB 21 23.14 -79.22 -60.36
CA GLY DB 21 24.41 -79.50 -59.70
C GLY DB 21 24.23 -79.77 -58.21
N GLU DB 22 23.40 -78.98 -57.54
CA GLU DB 22 23.12 -79.21 -56.14
C GLU DB 22 22.43 -80.56 -55.94
N LEU DB 23 21.52 -80.91 -56.84
CA LEU DB 23 20.89 -82.23 -56.78
C LEU DB 23 21.93 -83.33 -56.94
N ASP DB 24 22.89 -83.14 -57.84
CA ASP DB 24 23.96 -84.13 -58.02
C ASP DB 24 24.79 -84.27 -56.75
N ARG DB 25 25.08 -83.17 -56.08
CA ARG DB 25 25.83 -83.23 -54.83
C ARG DB 25 25.08 -84.05 -53.79
N ILE DB 26 23.75 -83.86 -53.70
CA ILE DB 26 22.95 -84.63 -52.77
C ILE DB 26 22.95 -86.11 -53.16
N LYS DB 27 22.95 -86.40 -54.46
CA LYS DB 27 22.95 -87.79 -54.92
C LYS DB 27 24.22 -88.51 -54.48
N ASN DB 28 25.38 -87.87 -54.69
CA ASN DB 28 26.64 -88.48 -54.27
C ASN DB 28 26.66 -88.70 -52.76
N PHE DB 29 26.14 -87.73 -52.01
CA PHE DB 29 26.17 -87.84 -50.56
C PHE DB 29 25.30 -88.97 -50.05
N VAL DB 30 24.09 -89.14 -50.60
CA VAL DB 30 23.24 -90.23 -50.11
C VAL DB 30 23.86 -91.57 -50.45
N SER DB 31 24.55 -91.69 -51.58
CA SER DB 31 25.22 -92.96 -51.88
C SER DB 31 26.33 -93.26 -50.89
N THR DB 32 27.16 -92.27 -50.54
CA THR DB 32 28.27 -92.53 -49.64
C THR DB 32 27.82 -92.73 -48.19
N GLY DB 33 26.55 -92.53 -47.89
CA GLY DB 33 26.00 -92.72 -46.56
C GLY DB 33 26.48 -93.93 -45.77
N GLU DB 34 26.57 -95.11 -46.40
CA GLU DB 34 27.01 -96.30 -45.69
C GLU DB 34 28.42 -96.11 -45.13
N ARG DB 35 29.34 -95.63 -45.98
CA ARG DB 35 30.71 -95.39 -45.53
C ARG DB 35 30.74 -94.33 -44.44
N ARG DB 36 29.94 -93.27 -44.59
CA ARG DB 36 29.88 -92.22 -43.58
C ARG DB 36 29.52 -92.79 -42.22
N LEU DB 37 28.44 -93.57 -42.16
CA LEU DB 37 27.98 -94.10 -40.89
C LEU DB 37 29.00 -95.07 -40.29
N ARG DB 38 29.69 -95.83 -41.13
CA ARG DB 38 30.73 -96.73 -40.62
C ARG DB 38 31.85 -95.96 -39.96
N ILE DB 39 32.30 -94.87 -40.59
CA ILE DB 39 33.37 -94.06 -40.01
C ILE DB 39 32.93 -93.49 -38.68
N ALA DB 40 31.70 -92.97 -38.61
CA ALA DB 40 31.19 -92.44 -37.36
C ALA DB 40 31.13 -93.51 -36.28
N GLN DB 41 30.72 -94.73 -36.65
CA GLN DB 41 30.62 -95.79 -35.66
C GLN DB 41 31.98 -96.12 -35.06
N THR DB 42 33.03 -96.20 -35.89
CA THR DB 42 34.34 -96.49 -35.34
C THR DB 42 34.80 -95.38 -34.40
N LEU DB 43 34.57 -94.13 -34.79
CA LEU DB 43 35.03 -93.01 -33.96
C LEU DB 43 34.33 -92.99 -32.61
N THR DB 44 33.00 -93.18 -32.60
CA THR DB 44 32.30 -93.17 -31.32
C THR DB 44 32.65 -94.38 -30.47
N GLU DB 45 32.91 -95.54 -31.10
CA GLU DB 45 33.31 -96.71 -30.34
C GLU DB 45 34.67 -96.50 -29.67
N ASN DB 46 35.59 -95.81 -30.35
CA ASN DB 46 36.92 -95.55 -29.82
C ASN DB 46 37.02 -94.18 -29.15
N ARG DB 47 35.89 -93.56 -28.79
CA ARG DB 47 35.92 -92.21 -28.27
C ARG DB 47 36.75 -92.12 -26.99
N GLU DB 48 36.69 -93.15 -26.14
CA GLU DB 48 37.47 -93.12 -24.91
C GLU DB 48 38.96 -93.07 -25.20
N ARG DB 49 39.42 -93.95 -26.08
CA ARG DB 49 40.85 -93.97 -26.43
C ARG DB 49 41.28 -92.67 -27.09
N ILE DB 50 40.47 -92.15 -28.01
CA ILE DB 50 40.84 -90.93 -28.72
C ILE DB 50 41.03 -89.78 -27.74
N VAL DB 51 40.05 -89.58 -26.85
CA VAL DB 51 40.13 -88.46 -25.91
C VAL DB 51 41.31 -88.63 -24.97
N LYS DB 52 41.52 -89.84 -24.45
CA LYS DB 52 42.59 -90.04 -23.48
C LYS DB 52 43.95 -89.78 -24.10
N GLN DB 53 44.24 -90.42 -25.24
CA GLN DB 53 45.53 -90.24 -25.88
C GLN DB 53 45.74 -88.80 -26.32
N ALA DB 54 44.72 -88.19 -26.93
CA ALA DB 54 44.87 -86.81 -27.40
C ALA DB 54 45.04 -85.84 -26.24
N GLY DB 55 44.36 -86.09 -25.12
CA GLY DB 55 44.56 -85.25 -23.95
C GLY DB 55 45.98 -85.31 -23.43
N ASP DB 56 46.55 -86.51 -23.38
CA ASP DB 56 47.96 -86.63 -23.01
C ASP DB 56 48.83 -85.81 -23.95
N GLN DB 57 48.56 -85.89 -25.25
CA GLN DB 57 49.35 -85.13 -26.22
C GLN DB 57 49.19 -83.64 -26.01
N LEU DB 58 47.97 -83.18 -25.72
CA LEU DB 58 47.75 -81.75 -25.52
C LEU DB 58 48.57 -81.24 -24.34
N PHE DB 59 48.49 -81.95 -23.21
CA PHE DB 59 49.22 -81.50 -22.03
C PHE DB 59 50.72 -81.57 -22.25
N GLN DB 60 51.18 -82.59 -22.96
CA GLN DB 60 52.61 -82.71 -23.24
C GLN DB 60 53.10 -81.59 -24.15
N LYS DB 61 52.34 -81.27 -25.20
CA LYS DB 61 52.75 -80.23 -26.13
C LYS DB 61 52.67 -78.85 -25.49
N ARG DB 62 51.67 -78.63 -24.64
CA ARG DB 62 51.44 -77.35 -23.98
C ARG DB 62 51.40 -77.58 -22.48
N PRO DB 63 52.56 -77.65 -21.82
CA PRO DB 63 52.56 -77.83 -20.36
C PRO DB 63 51.94 -76.65 -19.62
N ASP DB 64 51.92 -75.46 -20.22
CA ASP DB 64 51.43 -74.29 -19.52
C ASP DB 64 49.96 -74.41 -19.15
N VAL DB 65 49.17 -75.12 -19.95
CA VAL DB 65 47.75 -75.25 -19.66
C VAL DB 65 47.53 -76.06 -18.38
N VAL DB 66 48.43 -77.00 -18.08
CA VAL DB 66 48.34 -77.77 -16.84
C VAL DB 66 49.27 -77.22 -15.76
N SER DB 67 50.13 -76.27 -16.09
CA SER DB 67 50.95 -75.62 -15.08
C SER DB 67 50.06 -74.73 -14.21
N PRO DB 68 50.53 -74.37 -13.02
CA PRO DB 68 49.78 -73.41 -12.20
C PRO DB 68 49.59 -72.10 -12.94
N GLY DB 69 48.40 -71.54 -12.83
CA GLY DB 69 48.03 -70.38 -13.60
C GLY DB 69 47.41 -70.69 -14.95
N GLY DB 70 47.45 -71.95 -15.38
CA GLY DB 70 46.81 -72.35 -16.61
C GLY DB 70 45.37 -72.73 -16.40
N ASN DB 71 44.62 -72.75 -17.51
CA ASN DB 71 43.18 -73.00 -17.43
C ASN DB 71 42.89 -74.37 -16.83
N ALA DB 72 43.57 -75.41 -17.33
CA ALA DB 72 43.33 -76.77 -16.86
C ALA DB 72 44.38 -77.16 -15.82
N TYR DB 73 44.32 -76.48 -14.68
CA TYR DB 73 45.15 -76.79 -13.54
C TYR DB 73 44.29 -77.42 -12.46
N GLY DB 74 44.69 -78.60 -12.00
CA GLY DB 74 43.88 -79.36 -11.07
C GLY DB 74 43.05 -80.41 -11.78
N GLU DB 75 42.65 -81.42 -11.01
CA GLU DB 75 41.98 -82.59 -11.59
C GLU DB 75 40.64 -82.20 -12.22
N GLU DB 76 39.85 -81.38 -11.52
CA GLU DB 76 38.53 -81.03 -12.05
C GLU DB 76 38.63 -80.18 -13.30
N MET DB 77 39.54 -79.20 -13.32
CA MET DB 77 39.71 -78.39 -14.52
C MET DB 77 40.21 -79.23 -15.69
N THR DB 78 41.14 -80.14 -15.42
CA THR DB 78 41.60 -81.05 -16.48
C THR DB 78 40.46 -81.93 -16.96
N ALA DB 79 39.59 -82.36 -16.04
CA ALA DB 79 38.45 -83.17 -16.43
C ALA DB 79 37.51 -82.41 -17.37
N THR DB 80 37.26 -81.14 -17.07
CA THR DB 80 36.42 -80.35 -17.97
C THR DB 80 37.10 -80.15 -19.31
N CYS DB 81 38.42 -79.98 -19.33
CA CYS DB 81 39.10 -79.86 -20.62
C CYS DB 81 38.93 -81.13 -21.44
N LEU DB 82 39.07 -82.29 -20.80
CA LEU DB 82 38.86 -83.54 -21.51
C LEU DB 82 37.41 -83.68 -21.95
N ARG DB 83 36.47 -83.17 -21.16
CA ARG DB 83 35.07 -83.21 -21.57
C ARG DB 83 34.84 -82.34 -22.79
N ASP DB 84 35.51 -81.18 -22.86
CA ASP DB 84 35.40 -80.35 -24.05
C ASP DB 84 35.94 -81.08 -25.27
N LEU DB 85 37.06 -81.78 -25.12
CA LEU DB 85 37.57 -82.58 -26.22
C LEU DB 85 36.56 -83.65 -26.62
N ASP DB 86 35.89 -84.26 -25.63
CA ASP DB 86 34.85 -85.22 -25.94
C ASP DB 86 33.70 -84.57 -26.69
N TYR DB 87 33.30 -83.35 -26.28
CA TYR DB 87 32.27 -82.62 -27.00
C TYR DB 87 32.65 -82.43 -28.45
N TYR DB 88 33.88 -81.99 -28.70
CA TYR DB 88 34.29 -81.69 -30.07
C TYR DB 88 34.36 -82.96 -30.90
N LEU DB 89 34.76 -84.09 -30.30
CA LEU DB 89 34.72 -85.35 -31.04
C LEU DB 89 33.28 -85.70 -31.41
N ARG DB 90 32.35 -85.53 -30.48
CA ARG DB 90 30.95 -85.80 -30.77
C ARG DB 90 30.47 -84.94 -31.93
N LEU DB 91 30.89 -83.67 -31.95
CA LEU DB 91 30.53 -82.78 -33.05
C LEU DB 91 31.12 -83.25 -34.36
N VAL DB 92 32.36 -83.75 -34.33
CA VAL DB 92 33.00 -84.22 -35.55
C VAL DB 92 32.28 -85.45 -36.10
N THR DB 93 31.85 -86.35 -35.23
CA THR DB 93 31.06 -87.49 -35.70
C THR DB 93 29.76 -87.01 -36.35
N TYR DB 94 29.09 -86.04 -35.72
CA TYR DB 94 27.89 -85.46 -36.32
C TYR DB 94 28.19 -84.92 -37.71
N GLY DB 95 29.29 -84.17 -37.84
CA GLY DB 95 29.63 -83.59 -39.13
C GLY DB 95 29.92 -84.64 -40.18
N ILE DB 96 30.63 -85.70 -39.80
CA ILE DB 96 30.93 -86.77 -40.75
C ILE DB 96 29.65 -87.39 -41.28
N VAL DB 97 28.70 -87.68 -40.37
CA VAL DB 97 27.44 -88.27 -40.79
C VAL DB 97 26.69 -87.31 -41.71
N ALA DB 98 26.63 -86.04 -41.34
CA ALA DB 98 25.87 -85.08 -42.11
C ALA DB 98 26.48 -84.84 -43.49
N GLY DB 99 27.79 -85.03 -43.63
CA GLY DB 99 28.44 -84.70 -44.88
C GLY DB 99 28.69 -83.22 -45.07
N ASP DB 100 28.36 -82.41 -44.08
CA ASP DB 100 28.58 -80.98 -44.11
C ASP DB 100 29.12 -80.56 -42.75
N VAL DB 101 29.83 -79.43 -42.73
CA VAL DB 101 30.37 -78.95 -41.45
C VAL DB 101 29.36 -78.09 -40.71
N THR DB 102 28.21 -77.80 -41.30
CA THR DB 102 27.26 -76.90 -40.63
C THR DB 102 26.71 -77.44 -39.31
N PRO DB 103 26.52 -78.75 -39.08
CA PRO DB 103 26.17 -79.16 -37.71
C PRO DB 103 27.25 -78.82 -36.71
N ILE DB 104 28.52 -78.98 -37.08
CA ILE DB 104 29.61 -78.58 -36.20
C ILE DB 104 29.58 -77.08 -35.95
N GLU DB 105 29.36 -76.31 -37.02
CA GLU DB 105 29.35 -74.86 -36.88
C GLU DB 105 28.22 -74.40 -35.96
N GLU DB 106 27.00 -74.88 -36.23
CA GLU DB 106 25.86 -74.50 -35.40
C GLU DB 106 26.10 -74.88 -33.94
N ILE DB 107 26.59 -76.09 -33.70
CA ILE DB 107 26.78 -76.59 -32.35
C ILE DB 107 28.27 -76.54 -32.05
N GLY DB 108 28.71 -75.46 -31.40
CA GLY DB 108 30.01 -75.41 -30.76
C GLY DB 108 31.07 -74.60 -31.47
N LEU DB 109 30.89 -74.26 -32.75
CA LEU DB 109 31.92 -73.54 -33.47
C LEU DB 109 31.62 -72.07 -33.70
N VAL DB 110 30.37 -71.65 -33.56
CA VAL DB 110 30.00 -70.26 -33.78
C VAL DB 110 30.01 -69.54 -32.44
N GLY DB 111 30.86 -68.53 -32.32
CA GLY DB 111 31.09 -67.88 -31.05
C GLY DB 111 32.05 -68.60 -30.14
N VAL DB 112 32.81 -69.57 -30.66
CA VAL DB 112 33.72 -70.33 -29.81
C VAL DB 112 34.79 -69.42 -29.24
N ARG DB 113 35.25 -68.44 -30.03
CA ARG DB 113 36.18 -67.45 -29.51
C ARG DB 113 35.58 -66.71 -28.34
N GLU DB 114 34.33 -66.26 -28.48
CA GLU DB 114 33.67 -65.54 -27.40
C GLU DB 114 33.58 -66.39 -26.14
N MET DB 115 33.09 -67.63 -26.29
CA MET DB 115 32.89 -68.49 -25.13
C MET DB 115 34.20 -68.77 -24.41
N TYR DB 116 35.21 -69.19 -25.17
CA TYR DB 116 36.48 -69.56 -24.53
C TYR DB 116 37.22 -68.35 -24.00
N ASN DB 117 37.13 -67.21 -24.67
CA ASN DB 117 37.71 -65.98 -24.14
C ASN DB 117 37.09 -65.63 -22.80
N SER DB 118 35.76 -65.78 -22.68
CA SER DB 118 35.11 -65.56 -21.41
C SER DB 118 35.60 -66.54 -20.35
N LEU DB 119 35.67 -67.83 -20.71
CA LEU DB 119 36.10 -68.84 -19.75
C LEU DB 119 37.55 -68.69 -19.33
N GLY DB 120 38.35 -67.96 -20.11
CA GLY DB 120 39.77 -67.87 -19.87
C GLY DB 120 40.60 -68.89 -20.60
N THR DB 121 39.97 -69.80 -21.33
CA THR DB 121 40.67 -70.85 -22.04
C THR DB 121 41.46 -70.26 -23.21
N PRO DB 122 42.66 -70.80 -23.52
CA PRO DB 122 43.34 -70.39 -24.74
C PRO DB 122 42.90 -71.17 -25.97
N ILE DB 123 42.34 -70.42 -26.94
CA ILE DB 123 41.79 -71.05 -28.14
C ILE DB 123 42.83 -71.84 -28.92
N PRO DB 124 44.04 -71.32 -29.20
CA PRO DB 124 45.03 -72.13 -29.93
C PRO DB 124 45.40 -73.42 -29.21
N ALA DB 125 45.42 -73.42 -27.88
CA ALA DB 125 45.68 -74.64 -27.15
C ALA DB 125 44.58 -75.67 -27.35
N VAL DB 126 43.32 -75.23 -27.36
CA VAL DB 126 42.22 -76.15 -27.67
C VAL DB 126 42.40 -76.70 -29.07
N ALA DB 127 42.85 -75.85 -30.01
CA ALA DB 127 43.10 -76.32 -31.37
C ALA DB 127 44.17 -77.41 -31.38
N GLU DB 128 45.21 -77.25 -30.53
CA GLU DB 128 46.21 -78.31 -30.40
C GLU DB 128 45.56 -79.62 -29.99
N GLY DB 129 44.64 -79.57 -29.03
CA GLY DB 129 43.96 -80.78 -28.60
C GLY DB 129 43.18 -81.45 -29.71
N ILE DB 130 42.45 -80.66 -30.50
CA ILE DB 130 41.69 -81.24 -31.59
C ILE DB 130 42.62 -81.79 -32.67
N ARG DB 131 43.77 -81.15 -32.88
CA ARG DB 131 44.76 -81.70 -33.80
C ARG DB 131 45.26 -83.05 -33.33
N ALA DB 132 45.51 -83.18 -32.02
CA ALA DB 132 45.92 -84.46 -31.47
C ALA DB 132 44.82 -85.51 -31.65
N MET DB 133 43.56 -85.11 -31.46
CA MET DB 133 42.46 -86.04 -31.71
C MET DB 133 42.45 -86.50 -33.15
N LYS DB 134 42.75 -85.59 -34.08
CA LYS DB 134 42.81 -85.97 -35.49
C LYS DB 134 43.88 -87.02 -35.73
N ASN DB 135 45.04 -86.87 -35.09
CA ASN DB 135 46.11 -87.84 -35.25
C ASN DB 135 45.68 -89.21 -34.73
N VAL DB 136 45.08 -89.25 -33.54
CA VAL DB 136 44.66 -90.53 -32.97
C VAL DB 136 43.59 -91.17 -33.86
N ALA DB 137 42.62 -90.37 -34.32
CA ALA DB 137 41.57 -90.90 -35.18
C ALA DB 137 42.14 -91.41 -36.50
N CYS DB 138 43.14 -90.71 -37.05
CA CYS DB 138 43.78 -91.17 -38.27
C CYS DB 138 44.43 -92.54 -38.07
N SER DB 139 45.04 -92.75 -36.89
CA SER DB 139 45.59 -94.07 -36.60
C SER DB 139 44.50 -95.13 -36.52
N LEU DB 140 43.33 -94.77 -35.99
CA LEU DB 140 42.24 -95.72 -35.85
C LEU DB 140 41.45 -95.93 -37.14
N LEU DB 141 41.70 -95.13 -38.17
CA LEU DB 141 40.94 -95.21 -39.42
C LEU DB 141 41.85 -95.65 -40.57
N SER DB 142 41.20 -96.20 -41.61
CA SER DB 142 41.89 -96.51 -42.85
C SER DB 142 42.22 -95.22 -43.59
N ALA DB 143 43.11 -95.33 -44.57
CA ALA DB 143 43.60 -94.16 -45.28
C ALA DB 143 42.46 -93.42 -45.98
N GLU DB 144 41.61 -94.15 -46.68
CA GLU DB 144 40.48 -93.50 -47.36
C GLU DB 144 39.52 -92.88 -46.35
N ASP DB 145 39.29 -93.57 -45.23
CA ASP DB 145 38.41 -93.03 -44.20
C ASP DB 145 39.05 -91.83 -43.52
N ALA DB 146 40.33 -91.92 -43.18
CA ALA DB 146 40.98 -90.86 -42.42
C ALA DB 146 41.02 -89.56 -43.20
N ALA DB 147 41.14 -89.63 -44.53
CA ALA DB 147 41.16 -88.41 -45.32
C ALA DB 147 39.85 -87.64 -45.20
N GLU DB 148 38.72 -88.35 -45.23
CA GLU DB 148 37.42 -87.68 -45.11
C GLU DB 148 37.19 -87.18 -43.68
N ALA DB 149 37.42 -88.05 -42.69
CA ALA DB 149 37.22 -87.63 -41.30
C ALA DB 149 38.21 -86.55 -40.90
N GLY DB 150 39.44 -86.65 -41.40
CA GLY DB 150 40.43 -85.64 -41.09
C GLY DB 150 40.04 -84.25 -41.57
N SER DB 151 39.29 -84.18 -42.68
CA SER DB 151 38.85 -82.88 -43.18
C SER DB 151 37.91 -82.19 -42.19
N TYR DB 152 37.04 -82.96 -41.55
CA TYR DB 152 36.17 -82.37 -40.53
C TYR DB 152 36.96 -81.93 -39.31
N PHE DB 153 37.92 -82.75 -38.86
CA PHE DB 153 38.84 -82.30 -37.82
C PHE DB 153 39.57 -81.03 -38.24
N ASP DB 154 39.96 -80.97 -39.52
CA ASP DB 154 40.69 -79.81 -40.01
C ASP DB 154 39.83 -78.55 -39.98
N PHE DB 155 38.55 -78.66 -40.32
CA PHE DB 155 37.69 -77.49 -40.21
C PHE DB 155 37.59 -77.02 -38.77
N VAL DB 156 37.46 -77.95 -37.82
CA VAL DB 156 37.34 -77.57 -36.43
C VAL DB 156 38.59 -76.81 -35.98
N ILE DB 157 39.77 -77.33 -36.29
CA ILE DB 157 40.99 -76.64 -35.88
C ILE DB 157 41.15 -75.33 -36.63
N GLY DB 158 40.73 -75.29 -37.90
CA GLY DB 158 40.86 -74.06 -38.66
C GLY DB 158 39.98 -72.95 -38.14
N ALA DB 159 38.73 -73.27 -37.81
CA ALA DB 159 37.84 -72.27 -37.23
C ALA DB 159 38.32 -71.85 -35.85
N MET DB 160 38.88 -72.78 -35.09
CA MET DB 160 39.39 -72.51 -33.75
C MET DB 160 40.87 -72.18 -33.74
N GLN DB 161 41.42 -71.74 -34.88
CA GLN DB 161 42.84 -71.44 -34.98
C GLN DB 161 43.20 -70.15 -34.26
N MET EB 1 14.32 -75.29 -40.02
CA MET EB 1 15.19 -75.67 -41.12
C MET EB 1 16.01 -76.90 -40.74
N GLN EB 2 15.33 -77.96 -40.34
CA GLN EB 2 15.94 -79.24 -40.05
C GLN EB 2 15.58 -80.21 -41.17
N ASP EB 3 16.58 -80.84 -41.77
CA ASP EB 3 16.34 -82.00 -42.60
C ASP EB 3 16.34 -83.24 -41.71
N ALA EB 4 16.11 -84.42 -42.31
CA ALA EB 4 16.04 -85.63 -41.52
C ALA EB 4 17.37 -85.92 -40.83
N ILE EB 5 18.48 -85.76 -41.55
CA ILE EB 5 19.79 -86.00 -40.97
C ILE EB 5 20.05 -85.04 -39.82
N THR EB 6 19.77 -83.76 -40.05
CA THR EB 6 19.98 -82.76 -39.01
C THR EB 6 19.07 -83.01 -37.81
N ALA EB 7 17.83 -83.45 -38.06
CA ALA EB 7 16.92 -83.74 -36.97
C ALA EB 7 17.43 -84.90 -36.11
N VAL EB 8 17.91 -85.96 -36.76
CA VAL EB 8 18.45 -87.10 -36.01
C VAL EB 8 19.62 -86.67 -35.15
N ILE EB 9 20.58 -85.96 -35.74
CA ILE EB 9 21.76 -85.57 -34.99
C ILE EB 9 21.39 -84.53 -33.93
N ASN EB 10 20.40 -83.68 -34.19
CA ASN EB 10 20.01 -82.67 -33.21
C ASN EB 10 19.40 -83.29 -31.97
N ALA EB 11 18.56 -84.31 -32.15
CA ALA EB 11 18.00 -85.00 -30.99
C ALA EB 11 19.11 -85.65 -30.18
N SER EB 12 20.07 -86.28 -30.85
CA SER EB 12 21.21 -86.85 -30.14
C SER EB 12 21.98 -85.76 -29.41
N ASP EB 13 22.15 -84.60 -30.04
CA ASP EB 13 22.91 -83.51 -29.44
C ASP EB 13 22.25 -82.99 -28.18
N VAL EB 14 20.92 -82.82 -28.22
CA VAL EB 14 20.21 -82.34 -27.03
C VAL EB 14 20.40 -83.33 -25.88
N GLN EB 15 20.29 -84.62 -26.17
CA GLN EB 15 20.53 -85.62 -25.14
C GLN EB 15 22.00 -85.69 -24.72
N GLY EB 16 22.91 -85.16 -25.54
CA GLY EB 16 24.32 -85.20 -25.20
C GLY EB 16 25.00 -86.50 -25.50
N LYS EB 17 24.46 -87.31 -26.41
CA LYS EB 17 24.97 -88.64 -26.71
C LYS EB 17 25.56 -88.67 -28.12
N TYR EB 18 26.65 -89.42 -28.28
CA TYR EB 18 27.10 -89.78 -29.61
C TYR EB 18 26.01 -90.56 -30.33
N LEU EB 19 26.06 -90.54 -31.66
CA LEU EB 19 25.01 -91.16 -32.47
C LEU EB 19 24.83 -92.63 -32.10
N ASP EB 20 23.61 -92.97 -31.69
CA ASP EB 20 23.28 -94.33 -31.29
C ASP EB 20 23.04 -95.19 -32.53
N THR EB 21 23.01 -96.51 -32.31
CA THR EB 21 22.80 -97.43 -33.43
C THR EB 21 21.40 -97.29 -34.02
N ALA EB 22 20.40 -97.03 -33.17
CA ALA EB 22 19.05 -96.78 -33.68
C ALA EB 22 19.02 -95.51 -34.52
N ALA EB 23 19.72 -94.47 -34.09
CA ALA EB 23 19.83 -93.26 -34.88
C ALA EB 23 20.53 -93.54 -36.20
N MET EB 24 21.54 -94.41 -36.18
CA MET EB 24 22.19 -94.82 -37.42
C MET EB 24 21.20 -95.48 -38.36
N GLU EB 25 20.29 -96.29 -37.82
CA GLU EB 25 19.28 -96.94 -38.64
C GLU EB 25 18.36 -95.90 -39.30
N LYS EB 26 17.96 -94.89 -38.55
CA LYS EB 26 17.13 -93.83 -39.12
C LYS EB 26 17.87 -93.08 -40.21
N LEU EB 27 19.14 -92.77 -39.98
CA LEU EB 27 19.94 -92.11 -41.01
C LEU EB 27 20.08 -92.99 -42.24
N LYS EB 28 20.30 -94.30 -42.04
CA LYS EB 28 20.35 -95.23 -43.16
C LYS EB 28 19.06 -95.18 -43.97
N ALA EB 29 17.92 -95.06 -43.29
CA ALA EB 29 16.65 -95.00 -44.01
C ALA EB 29 16.59 -93.77 -44.91
N TYR EB 30 17.00 -92.62 -44.41
CA TYR EB 30 17.01 -91.42 -45.26
C TYR EB 30 17.92 -91.63 -46.47
N PHE EB 31 19.15 -92.09 -46.23
CA PHE EB 31 20.07 -92.33 -47.32
C PHE EB 31 19.50 -93.32 -48.32
N ALA EB 32 18.75 -94.31 -47.83
CA ALA EB 32 18.18 -95.32 -48.71
C ALA EB 32 17.15 -94.72 -49.66
N THR EB 33 16.28 -93.84 -49.16
CA THR EB 33 15.26 -93.23 -50.00
C THR EB 33 15.77 -92.04 -50.79
N GLY EB 34 17.04 -91.66 -50.61
CA GLY EB 34 17.54 -90.42 -51.19
C GLY EB 34 17.45 -90.37 -52.70
N GLU EB 35 17.73 -91.47 -53.38
CA GLU EB 35 17.77 -91.45 -54.83
C GLU EB 35 16.40 -91.12 -55.42
N LEU EB 36 15.35 -91.78 -54.93
CA LEU EB 36 14.02 -91.50 -55.45
C LEU EB 36 13.58 -90.09 -55.10
N ARG EB 37 13.95 -89.60 -53.92
CA ARG EB 37 13.60 -88.23 -53.54
C ARG EB 37 14.24 -87.23 -54.49
N VAL EB 38 15.55 -87.40 -54.77
CA VAL EB 38 16.25 -86.46 -55.64
C VAL EB 38 15.68 -86.51 -57.05
N ARG EB 39 15.41 -87.71 -57.56
CA ARG EB 39 14.87 -87.85 -58.90
C ARG EB 39 13.53 -87.12 -59.03
N ALA EB 40 12.65 -87.32 -58.06
CA ALA EB 40 11.34 -86.66 -58.10
C ALA EB 40 11.49 -85.15 -58.00
N ALA EB 41 12.46 -84.68 -57.20
CA ALA EB 41 12.67 -83.24 -57.08
C ALA EB 41 13.06 -82.62 -58.42
N SER EB 42 13.94 -83.29 -59.17
CA SER EB 42 14.32 -82.77 -60.49
C SER EB 42 13.14 -82.79 -61.44
N VAL EB 43 12.30 -83.83 -61.35
CA VAL EB 43 11.11 -83.90 -62.22
C VAL EB 43 10.18 -82.73 -61.94
N ILE EB 44 9.95 -82.44 -60.65
CA ILE EB 44 9.09 -81.33 -60.29
C ILE EB 44 9.71 -80.01 -60.72
N SER EB 45 11.04 -79.90 -60.63
CA SER EB 45 11.71 -78.70 -61.10
C SER EB 45 11.45 -78.45 -62.57
N ALA EB 46 11.50 -79.51 -63.38
CA ALA EB 46 11.27 -79.36 -64.81
C ALA EB 46 9.81 -79.02 -65.10
N ASN EB 47 8.88 -79.63 -64.37
CA ASN EB 47 7.46 -79.47 -64.65
C ASN EB 47 6.78 -78.50 -63.68
N ALA EB 48 7.54 -77.60 -63.06
CA ALA EB 48 6.99 -76.78 -61.98
C ALA EB 48 5.82 -75.93 -62.45
N ALA EB 49 6.00 -75.21 -63.56
CA ALA EB 49 4.93 -74.36 -64.06
C ALA EB 49 3.73 -75.19 -64.49
N ASN EB 50 3.98 -76.34 -65.12
CA ASN EB 50 2.88 -77.17 -65.60
C ASN EB 50 2.08 -77.76 -64.45
N ILE EB 51 2.74 -78.16 -63.36
CA ILE EB 51 2.03 -78.71 -62.21
C ILE EB 51 1.01 -77.70 -61.70
N VAL EB 52 1.45 -76.45 -61.51
CA VAL EB 52 0.55 -75.41 -61.03
C VAL EB 52 -0.55 -75.14 -62.03
N LYS EB 53 -0.21 -75.07 -63.32
CA LYS EB 53 -1.23 -74.81 -64.33
C LYS EB 53 -2.29 -75.89 -64.34
N GLU EB 54 -1.88 -77.16 -64.28
CA GLU EB 54 -2.85 -78.25 -64.29
C GLU EB 54 -3.71 -78.22 -63.03
N ALA EB 55 -3.11 -77.91 -61.88
CA ALA EB 55 -3.88 -77.86 -60.64
C ALA EB 55 -4.92 -76.74 -60.70
N VAL EB 56 -4.54 -75.57 -61.21
CA VAL EB 56 -5.50 -74.48 -61.33
C VAL EB 56 -6.63 -74.88 -62.26
N ALA EB 57 -6.30 -75.51 -63.39
CA ALA EB 57 -7.34 -75.96 -64.32
C ALA EB 57 -8.24 -77.01 -63.67
N LYS EB 58 -7.66 -77.90 -62.90
CA LYS EB 58 -8.42 -79.03 -62.37
C LYS EB 58 -9.35 -78.61 -61.24
N SER EB 59 -8.96 -77.62 -60.44
CA SER EB 59 -9.70 -77.31 -59.22
C SER EB 59 -10.28 -75.91 -59.16
N LEU EB 60 -9.71 -74.93 -59.84
CA LEU EB 60 -10.09 -73.53 -59.63
C LEU EB 60 -10.74 -72.89 -60.84
N LEU EB 61 -10.28 -73.19 -62.05
CA LEU EB 61 -10.83 -72.55 -63.23
C LEU EB 61 -12.29 -72.99 -63.45
N TYR EB 62 -13.03 -72.14 -64.16
CA TYR EB 62 -14.43 -72.41 -64.51
C TYR EB 62 -15.24 -72.77 -63.28
N SER EB 63 -15.08 -71.95 -62.24
CA SER EB 63 -15.73 -72.17 -60.96
C SER EB 63 -16.11 -70.82 -60.37
N ASP EB 64 -16.79 -70.86 -59.23
CA ASP EB 64 -17.19 -69.62 -58.56
C ASP EB 64 -15.97 -68.78 -58.20
N ILE EB 65 -14.84 -69.42 -57.91
CA ILE EB 65 -13.67 -68.71 -57.42
C ILE EB 65 -13.13 -67.76 -58.48
N THR EB 66 -13.11 -68.18 -59.73
CA THR EB 66 -12.54 -67.36 -60.80
C THR EB 66 -13.58 -66.56 -61.58
N ARG EB 67 -14.86 -66.90 -61.46
CA ARG EB 67 -15.89 -66.09 -62.08
C ARG EB 67 -16.10 -64.81 -61.26
N PRO EB 68 -16.70 -63.78 -61.86
CA PRO EB 68 -16.70 -62.45 -61.22
C PRO EB 68 -17.23 -62.49 -59.79
N GLY EB 69 -16.52 -61.78 -58.92
CA GLY EB 69 -16.86 -61.72 -57.51
C GLY EB 69 -16.41 -62.89 -56.69
N GLY EB 70 -15.45 -63.67 -57.18
CA GLY EB 70 -15.08 -64.90 -56.51
C GLY EB 70 -13.74 -64.96 -55.80
N MET EB 72 -10.72 -64.69 -57.11
CA MET EB 72 -9.60 -64.99 -57.99
C MET EB 72 -9.92 -64.32 -59.32
N TYR EB 73 -11.02 -63.58 -59.33
CA TYR EB 73 -11.57 -63.05 -60.57
C TYR EB 73 -10.66 -62.02 -61.22
N THR EB 74 -10.33 -60.95 -60.48
CA THR EB 74 -9.51 -59.91 -61.08
C THR EB 74 -8.13 -60.46 -61.42
N THR EB 75 -7.52 -59.87 -62.46
CA THR EB 75 -6.27 -60.41 -62.98
C THR EB 75 -5.16 -60.36 -61.95
N ARG EB 76 -5.12 -59.29 -61.15
CA ARG EB 76 -4.12 -59.23 -60.08
C ARG EB 76 -4.32 -60.37 -59.10
N ARG EB 77 -5.57 -60.75 -58.84
CA ARG EB 77 -5.82 -61.83 -57.89
C ARG EB 77 -5.45 -63.18 -58.49
N TYR EB 78 -5.69 -63.38 -59.79
CA TYR EB 78 -5.27 -64.63 -60.42
C TYR EB 78 -3.76 -64.78 -60.35
N ALA EB 79 -3.03 -63.71 -60.66
CA ALA EB 79 -1.56 -63.77 -60.59
C ALA EB 79 -1.10 -64.07 -59.17
N ALA EB 80 -1.75 -63.45 -58.18
CA ALA EB 80 -1.39 -63.72 -56.79
C ALA EB 80 -1.65 -65.16 -56.42
N CYS EB 81 -2.78 -65.74 -56.86
CA CYS EB 81 -3.08 -67.11 -56.48
C CYS EB 81 -2.07 -68.09 -57.07
N ILE EB 82 -1.72 -67.92 -58.34
CA ILE EB 82 -0.75 -68.85 -58.92
C ILE EB 82 0.61 -68.65 -58.28
N ARG EB 83 0.94 -67.42 -57.86
CA ARG EB 83 2.19 -67.23 -57.14
C ARG EB 83 2.21 -68.04 -55.85
N ASP EB 84 1.10 -68.05 -55.11
CA ASP EB 84 1.04 -68.83 -53.89
C ASP EB 84 1.14 -70.32 -54.17
N LEU EB 85 0.49 -70.80 -55.23
CA LEU EB 85 0.61 -72.22 -55.57
C LEU EB 85 2.04 -72.57 -55.93
N ASP EB 86 2.73 -71.67 -56.64
CA ASP EB 86 4.15 -71.87 -56.91
C ASP EB 86 4.93 -71.97 -55.61
N TYR EB 87 4.60 -71.11 -54.64
CA TYR EB 87 5.26 -71.14 -53.35
C TYR EB 87 5.04 -72.47 -52.65
N TYR EB 88 3.80 -72.97 -52.67
CA TYR EB 88 3.50 -74.24 -52.03
C TYR EB 88 4.29 -75.38 -52.67
N LEU EB 89 4.30 -75.44 -54.00
CA LEU EB 89 4.99 -76.52 -54.68
C LEU EB 89 6.49 -76.48 -54.42
N ARG EB 90 7.08 -75.28 -54.44
CA ARG EB 90 8.51 -75.19 -54.23
C ARG EB 90 8.89 -75.64 -52.83
N TYR EB 91 8.13 -75.23 -51.82
CA TYR EB 91 8.48 -75.64 -50.46
C TYR EB 91 8.14 -77.10 -50.20
N ALA EB 92 7.13 -77.64 -50.89
CA ALA EB 92 6.88 -79.08 -50.81
C ALA EB 92 8.05 -79.86 -51.41
N THR EB 93 8.62 -79.36 -52.51
CA THR EB 93 9.78 -80.02 -53.09
C THR EB 93 10.98 -79.94 -52.16
N TYR EB 94 11.21 -78.77 -51.55
CA TYR EB 94 12.27 -78.67 -50.54
C TYR EB 94 12.05 -79.68 -49.42
N ALA EB 95 10.80 -79.80 -48.97
CA ALA EB 95 10.50 -80.72 -47.88
C ALA EB 95 10.74 -82.17 -48.28
N MET EB 96 10.41 -82.53 -49.54
CA MET EB 96 10.68 -83.88 -49.98
C MET EB 96 12.18 -84.17 -50.00
N LEU EB 97 12.97 -83.23 -50.52
CA LEU EB 97 14.42 -83.41 -50.52
C LEU EB 97 14.96 -83.57 -49.11
N ALA EB 98 14.50 -82.73 -48.19
CA ALA EB 98 15.03 -82.77 -46.83
C ALA EB 98 14.51 -83.96 -46.05
N GLY EB 99 13.32 -84.43 -46.38
CA GLY EB 99 12.67 -85.47 -45.59
C GLY EB 99 11.92 -84.97 -44.37
N ASP EB 100 11.82 -83.65 -44.18
CA ASP EB 100 11.21 -83.07 -42.99
C ASP EB 100 10.25 -81.96 -43.40
N PRO EB 101 9.05 -81.92 -42.83
CA PRO EB 101 8.15 -80.78 -43.04
C PRO EB 101 8.48 -79.55 -42.22
N SER EB 102 9.65 -79.49 -41.57
CA SER EB 102 10.00 -78.32 -40.77
C SER EB 102 10.13 -77.08 -41.62
N ILE EB 103 10.62 -77.22 -42.85
CA ILE EB 103 10.71 -76.07 -43.75
C ILE EB 103 9.32 -75.51 -44.03
N LEU EB 104 8.35 -76.40 -44.24
CA LEU EB 104 6.97 -75.94 -44.41
C LEU EB 104 6.48 -75.19 -43.18
N ASP EB 105 6.80 -75.71 -41.99
CA ASP EB 105 6.45 -75.02 -40.76
C ASP EB 105 6.99 -73.59 -40.76
N GLU EB 106 8.31 -73.46 -40.90
CA GLU EB 106 8.95 -72.19 -40.64
C GLU EB 106 8.69 -71.18 -41.76
N ARG EB 107 8.72 -71.63 -43.01
CA ARG EB 107 8.72 -70.72 -44.14
C ARG EB 107 7.35 -70.55 -44.79
N VAL EB 108 6.36 -71.36 -44.42
CA VAL EB 108 5.05 -71.24 -45.06
C VAL EB 108 3.95 -71.06 -44.02
N LEU EB 109 3.92 -71.93 -43.03
CA LEU EB 109 2.75 -72.09 -42.17
C LEU EB 109 2.84 -71.33 -40.85
N ASN EB 110 3.91 -70.57 -40.62
CA ASN EB 110 4.05 -69.91 -39.32
C ASN EB 110 3.05 -68.77 -39.14
N GLY EB 111 2.52 -68.20 -40.22
CA GLY EB 111 1.50 -67.17 -40.09
C GLY EB 111 0.47 -67.18 -41.20
N LEU EB 112 0.46 -68.27 -41.99
CA LEU EB 112 -0.29 -68.26 -43.23
C LEU EB 112 -1.79 -68.15 -43.00
N LYS EB 113 -2.31 -68.87 -42.01
CA LYS EB 113 -3.76 -68.84 -41.83
C LYS EB 113 -4.24 -67.45 -41.45
N GLU EB 114 -3.48 -66.75 -40.61
CA GLU EB 114 -3.89 -65.40 -40.25
C GLU EB 114 -3.85 -64.48 -41.47
N THR EB 115 -2.81 -64.60 -42.30
CA THR EB 115 -2.76 -63.75 -43.49
C THR EB 115 -3.92 -64.06 -44.43
N TYR EB 116 -4.21 -65.35 -44.65
CA TYR EB 116 -5.30 -65.71 -45.55
C TYR EB 116 -6.64 -65.27 -44.99
N ASN EB 117 -6.87 -65.47 -43.70
CA ASN EB 117 -8.13 -65.05 -43.09
C ASN EB 117 -8.29 -63.53 -43.18
N SER EB 118 -7.21 -62.79 -42.95
CA SER EB 118 -7.27 -61.34 -43.04
C SER EB 118 -7.52 -60.87 -44.47
N LEU EB 119 -6.84 -61.48 -45.44
CA LEU EB 119 -6.99 -61.04 -46.83
C LEU EB 119 -8.37 -61.40 -47.37
N GLY EB 120 -8.98 -62.46 -46.88
CA GLY EB 120 -10.23 -62.95 -47.42
C GLY EB 120 -10.09 -64.13 -48.36
N VAL EB 121 -8.89 -64.70 -48.47
CA VAL EB 121 -8.67 -65.85 -49.34
C VAL EB 121 -9.45 -67.04 -48.81
N PRO EB 122 -10.22 -67.75 -49.64
CA PRO EB 122 -10.96 -68.91 -49.15
C PRO EB 122 -10.07 -70.11 -48.87
N ILE EB 123 -9.94 -70.45 -47.58
CA ILE EB 123 -9.05 -71.53 -47.16
C ILE EB 123 -9.45 -72.84 -47.82
N ALA EB 124 -10.75 -73.13 -47.86
CA ALA EB 124 -11.21 -74.39 -48.42
C ALA EB 124 -10.84 -74.53 -49.89
N ALA EB 125 -11.00 -73.45 -50.66
CA ALA EB 125 -10.64 -73.50 -52.07
C ALA EB 125 -9.15 -73.70 -52.26
N THR EB 126 -8.31 -73.03 -51.44
CA THR EB 126 -6.88 -73.27 -51.54
C THR EB 126 -6.55 -74.72 -51.22
N VAL EB 127 -7.23 -75.29 -50.24
CA VAL EB 127 -6.99 -76.69 -49.87
C VAL EB 127 -7.36 -77.61 -51.02
N GLN EB 128 -8.48 -77.33 -51.68
CA GLN EB 128 -8.84 -78.08 -52.89
C GLN EB 128 -7.72 -78.02 -53.92
N ALA EB 129 -7.19 -76.83 -54.17
CA ALA EB 129 -6.15 -76.67 -55.18
C ALA EB 129 -4.87 -77.40 -54.79
N ILE EB 130 -4.49 -77.33 -53.52
CA ILE EB 130 -3.29 -78.03 -53.06
C ILE EB 130 -3.47 -79.53 -53.20
N GLN EB 131 -4.67 -80.04 -52.91
CA GLN EB 131 -4.94 -81.46 -53.10
C GLN EB 131 -4.82 -81.84 -54.56
N ALA EB 132 -5.35 -81.01 -55.46
CA ALA EB 132 -5.21 -81.27 -56.89
C ALA EB 132 -3.75 -81.27 -57.30
N MET EB 133 -2.95 -80.37 -56.73
CA MET EB 133 -1.53 -80.35 -57.00
C MET EB 133 -0.88 -81.65 -56.55
N LYS EB 134 -1.37 -82.24 -55.46
CA LYS EB 134 -0.85 -83.53 -55.02
C LYS EB 134 -1.11 -84.61 -56.07
N GLU EB 135 -2.32 -84.63 -56.63
CA GLU EB 135 -2.65 -85.61 -57.66
C GLU EB 135 -1.74 -85.46 -58.87
N VAL EB 136 -1.60 -84.22 -59.37
CA VAL EB 136 -0.78 -83.98 -60.55
C VAL EB 136 0.67 -84.36 -60.28
N THR EB 137 1.20 -83.97 -59.12
CA THR EB 137 2.58 -84.27 -58.78
C THR EB 137 2.81 -85.78 -58.71
N ALA EB 138 1.87 -86.52 -58.13
CA ALA EB 138 2.02 -87.96 -58.06
C ALA EB 138 2.14 -88.56 -59.45
N SER EB 139 1.32 -88.11 -60.39
CA SER EB 139 1.42 -88.62 -61.75
C SER EB 139 2.78 -88.29 -62.37
N LEU EB 140 3.26 -87.06 -62.19
CA LEU EB 140 4.48 -86.64 -62.89
C LEU EB 140 5.71 -87.34 -62.33
N VAL EB 141 5.80 -87.47 -61.00
CA VAL EB 141 7.00 -88.05 -60.40
C VAL EB 141 6.91 -89.55 -60.20
N GLY EB 142 5.75 -90.15 -60.44
CA GLY EB 142 5.62 -91.56 -60.16
C GLY EB 142 5.00 -91.80 -58.79
N ALA EB 143 4.31 -92.93 -58.66
CA ALA EB 143 3.53 -93.20 -57.46
C ALA EB 143 4.40 -93.35 -56.23
N ASP EB 144 5.55 -94.03 -56.36
CA ASP EB 144 6.39 -94.30 -55.19
C ASP EB 144 6.86 -93.01 -54.55
N ALA EB 145 7.37 -92.07 -55.35
CA ALA EB 145 7.70 -90.76 -54.83
C ALA EB 145 6.46 -89.93 -54.56
N GLY EB 146 5.33 -90.26 -55.20
CA GLY EB 146 4.11 -89.52 -54.97
C GLY EB 146 3.61 -89.62 -53.55
N LYS EB 147 3.83 -90.77 -52.90
CA LYS EB 147 3.46 -90.90 -51.50
C LYS EB 147 4.28 -89.95 -50.63
N GLU EB 148 5.55 -89.75 -50.98
CA GLU EB 148 6.39 -88.84 -50.21
C GLU EB 148 5.94 -87.40 -50.39
N MET EB 149 5.70 -86.99 -51.64
CA MET EB 149 5.17 -85.65 -51.87
C MET EB 149 3.81 -85.46 -51.20
N GLY EB 150 3.03 -86.53 -51.13
CA GLY EB 150 1.69 -86.42 -50.57
C GLY EB 150 1.69 -86.02 -49.11
N ILE EB 151 2.65 -86.54 -48.33
CA ILE EB 151 2.67 -86.22 -46.91
C ILE EB 151 2.95 -84.75 -46.69
N TYR EB 152 3.80 -84.15 -47.53
CA TYR EB 152 4.15 -82.75 -47.34
C TYR EB 152 3.04 -81.84 -47.84
N PHE EB 153 2.35 -82.22 -48.92
CA PHE EB 153 1.15 -81.49 -49.32
C PHE EB 153 0.09 -81.57 -48.23
N ASP EB 154 -0.06 -82.74 -47.60
CA ASP EB 154 -1.00 -82.87 -46.50
C ASP EB 154 -0.59 -82.01 -45.31
N TYR EB 155 0.71 -81.87 -45.08
CA TYR EB 155 1.18 -81.00 -44.01
C TYR EB 155 0.75 -79.57 -44.27
N ILE EB 156 0.91 -79.10 -45.51
CA ILE EB 156 0.47 -77.76 -45.86
C ILE EB 156 -1.04 -77.61 -45.62
N CYS EB 157 -1.81 -78.62 -46.05
CA CYS EB 157 -3.25 -78.54 -45.89
C CYS EB 157 -3.67 -78.52 -44.42
N SER EB 158 -3.02 -79.34 -43.59
CA SER EB 158 -3.35 -79.36 -42.17
C SER EB 158 -3.05 -78.04 -41.50
N GLY EB 159 -1.89 -77.46 -41.80
CA GLY EB 159 -1.56 -76.16 -41.22
C GLY EB 159 -2.45 -75.04 -41.73
N LEU EB 160 -2.77 -75.06 -43.02
CA LEU EB 160 -3.58 -74.00 -43.60
C LEU EB 160 -5.02 -74.06 -43.10
N SER EB 161 -5.56 -75.27 -42.95
CA SER EB 161 -6.92 -75.46 -42.48
C SER EB 161 -7.08 -75.09 -41.01
N VAL FB 2 -14.85 -51.83 -43.85
CA VAL FB 2 -15.27 -51.21 -42.60
C VAL FB 2 -16.05 -52.23 -41.76
N VAL FB 3 -16.29 -53.40 -42.34
CA VAL FB 3 -16.94 -54.49 -41.63
C VAL FB 3 -15.83 -55.34 -41.00
N LYS FB 4 -15.57 -55.12 -39.72
CA LYS FB 4 -14.54 -55.89 -39.03
C LYS FB 4 -15.00 -57.32 -38.81
N ALA FB 5 -14.05 -58.24 -38.78
CA ALA FB 5 -14.34 -59.65 -38.81
C ALA FB 5 -14.59 -60.21 -37.41
N SER FB 6 -14.86 -61.52 -37.35
CA SER FB 6 -15.23 -62.20 -36.12
C SER FB 6 -14.29 -63.38 -35.90
N GLY FB 7 -13.30 -63.20 -35.02
CA GLY FB 7 -12.32 -64.26 -34.83
C GLY FB 7 -11.57 -64.52 -36.12
N GLY FB 8 -11.49 -65.78 -36.50
CA GLY FB 8 -10.85 -66.15 -37.75
C GLY FB 8 -11.56 -67.31 -38.40
N SER FB 9 -11.56 -67.31 -39.73
CA SER FB 9 -12.28 -68.32 -40.49
C SER FB 9 -11.41 -69.56 -40.62
N SER FB 10 -11.86 -70.66 -40.02
CA SER FB 10 -11.23 -71.96 -40.17
C SER FB 10 -12.20 -72.87 -40.92
N VAL FB 11 -11.67 -73.60 -41.92
CA VAL FB 11 -12.54 -74.38 -42.80
C VAL FB 11 -13.34 -75.37 -41.97
N ALA FB 12 -14.66 -75.38 -42.18
CA ALA FB 12 -15.58 -76.22 -41.45
C ALA FB 12 -16.22 -77.20 -42.42
N ARG FB 13 -16.28 -78.47 -42.04
CA ARG FB 13 -16.72 -79.54 -42.93
C ARG FB 13 -17.98 -80.17 -42.35
N PRO FB 14 -19.16 -79.67 -42.72
CA PRO FB 14 -20.40 -80.31 -42.28
C PRO FB 14 -20.63 -81.61 -43.02
N GLN FB 15 -21.33 -82.53 -42.35
CA GLN FB 15 -21.52 -83.87 -42.89
C GLN FB 15 -22.70 -83.89 -43.85
N LEU FB 16 -22.40 -84.13 -45.13
CA LEU FB 16 -23.44 -84.10 -46.16
C LEU FB 16 -24.48 -85.19 -45.92
N TYR FB 17 -24.04 -86.39 -45.56
CA TYR FB 17 -24.95 -87.49 -45.30
C TYR FB 17 -24.31 -88.43 -44.28
N GLN FB 18 -25.16 -89.20 -43.61
CA GLN FB 18 -24.69 -90.20 -42.68
C GLN FB 18 -24.55 -91.55 -43.38
N THR FB 19 -23.55 -92.32 -42.95
CA THR FB 19 -23.36 -93.70 -43.36
C THR FB 19 -23.11 -94.54 -42.11
N VAL FB 20 -23.23 -95.86 -42.25
CA VAL FB 20 -22.99 -96.75 -41.12
C VAL FB 20 -21.55 -96.68 -40.62
N PRO FB 21 -20.52 -96.74 -41.48
CA PRO FB 21 -19.14 -96.60 -40.98
C PRO FB 21 -18.95 -95.36 -40.13
N VAL FB 22 -19.25 -94.18 -40.68
CA VAL FB 22 -19.03 -92.94 -39.94
C VAL FB 22 -19.89 -92.91 -38.69
N SER FB 23 -21.16 -93.33 -38.79
CA SER FB 23 -22.06 -93.20 -37.66
C SER FB 23 -21.56 -94.00 -36.46
N THR FB 24 -21.17 -95.25 -36.69
CA THR FB 24 -20.64 -96.07 -35.59
C THR FB 24 -19.39 -95.44 -34.99
N ILE FB 25 -18.46 -95.01 -35.85
CA ILE FB 25 -17.22 -94.43 -35.34
C ILE FB 25 -17.48 -93.10 -34.65
N ILE FB 26 -18.43 -92.32 -35.18
CA ILE FB 26 -18.73 -91.01 -34.60
C ILE FB 26 -19.22 -91.15 -33.16
N GLN FB 27 -20.17 -92.05 -32.94
CA GLN FB 27 -20.69 -92.22 -31.58
C GLN FB 27 -19.62 -92.76 -30.65
N ALA FB 28 -18.78 -93.68 -31.14
CA ALA FB 28 -17.70 -94.18 -30.31
C ALA FB 28 -16.75 -93.06 -29.91
N GLU FB 29 -16.39 -92.21 -30.87
CA GLU FB 29 -15.48 -91.11 -30.57
C GLU FB 29 -16.06 -90.17 -29.53
N GLN FB 30 -17.34 -89.83 -29.67
CA GLN FB 30 -17.94 -88.87 -28.76
C GLN FB 30 -18.16 -89.44 -27.37
N GLN FB 31 -18.24 -90.76 -27.23
CA GLN FB 31 -18.32 -91.37 -25.91
C GLN FB 31 -16.96 -91.89 -25.45
N ASP FB 32 -15.89 -91.55 -26.18
CA ASP FB 32 -14.49 -91.80 -25.81
C ASP FB 32 -14.19 -93.27 -25.49
N ARG FB 33 -14.77 -94.19 -26.25
CA ARG FB 33 -14.53 -95.61 -25.99
C ARG FB 33 -14.22 -96.34 -27.29
N PHE FB 34 -13.13 -97.11 -27.29
CA PHE FB 34 -12.83 -98.00 -28.41
C PHE FB 34 -14.11 -98.68 -28.86
N LEU FB 35 -14.28 -98.79 -30.18
CA LEU FB 35 -15.54 -99.27 -30.73
C LEU FB 35 -15.97 -100.53 -30.00
N ASN FB 36 -17.12 -100.44 -29.32
CA ASN FB 36 -17.63 -101.54 -28.52
C ASN FB 36 -17.76 -102.78 -29.38
N ARG FB 37 -17.55 -103.95 -28.76
CA ARG FB 37 -17.49 -105.19 -29.53
C ARG FB 37 -18.75 -105.39 -30.36
N GLY FB 38 -19.92 -105.14 -29.77
CA GLY FB 38 -21.16 -105.29 -30.51
C GLY FB 38 -21.29 -104.32 -31.67
N GLU FB 39 -20.96 -103.05 -31.42
CA GLU FB 39 -20.99 -102.06 -32.50
C GLU FB 39 -19.98 -102.40 -33.58
N LEU FB 40 -18.81 -102.89 -33.16
CA LEU FB 40 -17.80 -103.34 -34.11
C LEU FB 40 -18.35 -104.49 -34.96
N ASP FB 41 -19.10 -105.39 -34.35
CA ASP FB 41 -19.74 -106.46 -35.09
C ASP FB 41 -20.83 -105.94 -36.03
N GLU FB 42 -21.53 -104.87 -35.64
CA GLU FB 42 -22.51 -104.27 -36.53
C GLU FB 42 -21.84 -103.72 -37.77
N LEU FB 43 -20.76 -102.95 -37.60
CA LEU FB 43 -19.96 -102.52 -38.74
C LEU FB 43 -19.46 -103.71 -39.53
N ALA FB 44 -19.12 -104.80 -38.84
CA ALA FB 44 -18.64 -106.00 -39.53
C ALA FB 44 -19.75 -106.65 -40.34
N VAL FB 45 -20.99 -106.62 -39.86
CA VAL FB 45 -22.10 -107.10 -40.65
C VAL FB 45 -22.13 -106.35 -41.98
N TYR FB 46 -22.05 -105.02 -41.91
CA TYR FB 46 -22.00 -104.22 -43.12
C TYR FB 46 -20.80 -104.56 -43.99
N LEU FB 47 -19.64 -104.78 -43.36
CA LEU FB 47 -18.40 -104.96 -44.11
C LEU FB 47 -18.28 -106.34 -44.73
N ARG FB 48 -18.75 -107.38 -44.03
CA ARG FB 48 -18.85 -108.69 -44.65
C ARG FB 48 -19.81 -108.65 -45.83
N SER FB 49 -20.87 -107.86 -45.71
CA SER FB 49 -21.71 -107.51 -46.84
C SER FB 49 -20.98 -106.43 -47.64
N GLY FB 50 -21.68 -105.78 -48.56
CA GLY FB 50 -21.10 -104.72 -49.35
C GLY FB 50 -20.61 -105.17 -50.71
N ALA FB 51 -20.12 -106.40 -50.83
CA ALA FB 51 -19.95 -106.98 -52.15
C ALA FB 51 -21.29 -107.04 -52.87
N LYS FB 52 -22.34 -107.43 -52.15
CA LYS FB 52 -23.68 -107.36 -52.69
C LYS FB 52 -24.09 -105.92 -53.00
N ARG FB 53 -23.72 -104.98 -52.13
CA ARG FB 53 -24.08 -103.58 -52.35
C ARG FB 53 -23.43 -103.03 -53.62
N LEU FB 54 -22.15 -103.35 -53.84
CA LEU FB 54 -21.50 -102.96 -55.08
C LEU FB 54 -22.12 -103.68 -56.28
N GLU FB 55 -22.52 -104.94 -56.10
CA GLU FB 55 -23.18 -105.67 -57.17
C GLU FB 55 -24.49 -105.00 -57.56
N ILE FB 56 -25.32 -104.67 -56.56
CA ILE FB 56 -26.57 -103.95 -56.84
C ILE FB 56 -26.27 -102.64 -57.55
N ALA FB 57 -25.21 -101.95 -57.12
CA ALA FB 57 -24.85 -100.68 -57.74
C ALA FB 57 -24.46 -100.85 -59.20
N THR FB 58 -23.65 -101.87 -59.50
CA THR FB 58 -23.25 -102.10 -60.88
C THR FB 58 -24.44 -102.42 -61.77
N THR FB 59 -25.33 -103.30 -61.30
CA THR FB 59 -26.50 -103.64 -62.10
C THR FB 59 -27.43 -102.44 -62.29
N LEU FB 60 -27.64 -101.66 -61.22
CA LEU FB 60 -28.48 -100.47 -61.34
C LEU FB 60 -27.91 -99.49 -62.35
N THR FB 61 -26.59 -99.28 -62.30
CA THR FB 61 -25.95 -98.38 -63.27
C THR FB 61 -26.09 -98.92 -64.69
N ARG FB 62 -25.92 -100.24 -64.87
CA ARG FB 62 -25.99 -100.82 -66.20
C ARG FB 62 -27.36 -100.65 -66.83
N ASN FB 63 -28.42 -100.87 -66.07
CA ASN FB 63 -29.78 -100.73 -66.58
C ASN FB 63 -30.39 -99.38 -66.22
N ALA FB 64 -29.56 -98.39 -65.89
CA ALA FB 64 -30.08 -97.10 -65.44
C ALA FB 64 -30.92 -96.42 -66.51
N ASP FB 65 -30.47 -96.43 -67.76
CA ASP FB 65 -31.21 -95.77 -68.82
C ASP FB 65 -32.60 -96.38 -68.99
N ILE FB 66 -32.68 -97.71 -68.91
CA ILE FB 66 -33.97 -98.38 -69.01
C ILE FB 66 -34.89 -97.98 -67.86
N ILE FB 67 -34.33 -97.91 -66.64
CA ILE FB 67 -35.12 -97.53 -65.47
C ILE FB 67 -35.75 -96.16 -65.70
N VAL FB 68 -34.93 -95.19 -66.11
CA VAL FB 68 -35.42 -93.83 -66.30
C VAL FB 68 -36.44 -93.77 -67.41
N SER FB 69 -36.17 -94.45 -68.53
CA SER FB 69 -37.08 -94.36 -69.67
C SER FB 69 -38.45 -94.94 -69.36
N ARG FB 70 -38.48 -96.08 -68.64
CA ARG FB 70 -39.76 -96.67 -68.26
C ARG FB 70 -40.54 -95.72 -67.37
N ALA FB 71 -39.88 -95.15 -66.36
CA ALA FB 71 -40.56 -94.20 -65.47
C ALA FB 71 -40.99 -92.96 -66.22
N ALA FB 72 -40.18 -92.49 -67.15
CA ALA FB 72 -40.51 -91.29 -67.91
C ALA FB 72 -41.76 -91.50 -68.75
N ASN FB 73 -41.88 -92.67 -69.39
CA ASN FB 73 -43.10 -92.98 -70.12
C ASN FB 73 -44.30 -93.00 -69.20
N ARG FB 74 -44.15 -93.57 -68.00
CA ARG FB 74 -45.25 -93.58 -67.04
C ARG FB 74 -45.70 -92.17 -66.70
N ILE FB 75 -44.76 -91.25 -66.52
CA ILE FB 75 -45.08 -89.90 -66.03
C ILE FB 75 -45.28 -88.93 -67.19
N PHE FB 76 -45.27 -89.43 -68.41
CA PHE FB 76 -45.38 -88.56 -69.58
C PHE FB 76 -46.80 -88.01 -69.69
N VAL FB 77 -47.18 -87.15 -68.76
CA VAL FB 77 -48.53 -86.58 -68.69
C VAL FB 77 -48.43 -85.10 -69.04
N GLY FB 78 -49.16 -84.70 -70.08
CA GLY FB 78 -49.07 -83.33 -70.55
C GLY FB 78 -47.74 -82.99 -71.19
N GLY FB 79 -46.98 -84.00 -71.61
CA GLY FB 79 -45.67 -83.76 -72.21
C GLY FB 79 -45.71 -82.85 -73.40
N SER FB 80 -44.88 -81.81 -73.38
CA SER FB 80 -44.83 -80.79 -74.42
C SER FB 80 -46.22 -80.25 -74.75
N PRO FB 154 -40.74 -78.64 -71.74
CA PRO FB 154 -39.50 -78.28 -72.42
C PRO FB 154 -38.36 -78.03 -71.42
N ALA FB 155 -38.28 -76.80 -70.91
CA ALA FB 155 -37.34 -76.52 -69.83
C ALA FB 155 -37.67 -77.37 -68.61
N ARG FB 156 -38.96 -77.41 -68.25
CA ARG FB 156 -39.39 -78.30 -67.17
C ARG FB 156 -39.12 -79.76 -67.51
N MET FB 157 -39.13 -80.11 -68.80
CA MET FB 157 -38.77 -81.46 -69.21
C MET FB 157 -37.33 -81.78 -68.88
N GLU FB 158 -36.41 -80.87 -69.22
CA GLU FB 158 -35.02 -81.06 -68.83
C GLU FB 158 -34.90 -81.26 -67.33
N LYS FB 159 -35.65 -80.46 -66.57
CA LYS FB 159 -35.63 -80.58 -65.12
C LYS FB 159 -36.13 -81.95 -64.66
N SER FB 160 -37.26 -82.40 -65.21
CA SER FB 160 -37.86 -83.65 -64.75
C SER FB 160 -36.99 -84.85 -65.09
N LEU FB 161 -36.48 -84.90 -66.31
CA LEU FB 161 -35.61 -86.02 -66.69
C LEU FB 161 -34.34 -86.03 -65.84
N ARG FB 162 -33.71 -84.87 -65.67
CA ARG FB 162 -32.48 -84.80 -64.88
C ARG FB 162 -32.74 -85.17 -63.43
N ASP FB 163 -33.85 -84.70 -62.86
CA ASP FB 163 -34.15 -85.02 -61.47
C ASP FB 163 -34.48 -86.50 -61.29
N LEU FB 164 -35.14 -87.12 -62.28
CA LEU FB 164 -35.33 -88.57 -62.23
C LEU FB 164 -34.00 -89.29 -62.20
N ASP FB 165 -33.06 -88.87 -63.05
CA ASP FB 165 -31.72 -89.43 -63.01
C ASP FB 165 -31.11 -89.25 -61.62
N TRP FB 166 -31.28 -88.05 -61.04
CA TRP FB 166 -30.71 -87.76 -59.74
C TRP FB 166 -31.30 -88.66 -58.65
N PHE FB 167 -32.60 -88.90 -58.70
CA PHE FB 167 -33.22 -89.85 -57.77
C PHE FB 167 -32.51 -91.20 -57.83
N LEU FB 168 -32.35 -91.74 -59.04
CA LEU FB 168 -31.71 -93.04 -59.17
C LEU FB 168 -30.25 -93.00 -58.73
N ARG FB 169 -29.53 -91.93 -59.07
CA ARG FB 169 -28.12 -91.87 -58.71
C ARG FB 169 -27.94 -91.85 -57.20
N TYR FB 170 -28.76 -91.08 -56.49
CA TYR FB 170 -28.66 -91.09 -55.04
C TYR FB 170 -29.10 -92.42 -54.45
N THR FB 171 -30.01 -93.14 -55.15
CA THR FB 171 -30.32 -94.49 -54.70
C THR FB 171 -29.12 -95.41 -54.83
N THR FB 172 -28.37 -95.28 -55.93
CA THR FB 172 -27.13 -96.04 -56.08
C THR FB 172 -26.13 -95.66 -54.99
N TYR FB 173 -26.00 -94.36 -54.71
CA TYR FB 173 -25.10 -93.93 -53.66
C TYR FB 173 -25.53 -94.47 -52.31
N ALA FB 174 -26.84 -94.49 -52.06
CA ALA FB 174 -27.35 -94.97 -50.79
C ALA FB 174 -27.09 -96.45 -50.59
N ILE FB 175 -27.29 -97.27 -51.63
CA ILE FB 175 -27.04 -98.70 -51.47
C ILE FB 175 -25.56 -98.96 -51.26
N VAL FB 176 -24.70 -98.18 -51.91
CA VAL FB 176 -23.27 -98.28 -51.62
C VAL FB 176 -22.98 -97.87 -50.18
N ALA FB 177 -23.67 -96.84 -49.71
CA ALA FB 177 -23.52 -96.37 -48.35
C ALA FB 177 -24.24 -97.32 -47.38
N GLY FB 178 -23.94 -97.14 -46.09
CA GLY FB 178 -24.52 -98.02 -45.09
C GLY FB 178 -26.00 -97.77 -44.83
N ASP FB 179 -26.46 -96.54 -45.02
CA ASP FB 179 -27.80 -96.15 -44.63
C ASP FB 179 -28.41 -95.29 -45.73
N PRO FB 180 -29.75 -95.19 -45.76
CA PRO FB 180 -30.40 -94.36 -46.79
C PRO FB 180 -30.54 -92.91 -46.36
N ASN FB 181 -29.77 -92.50 -45.36
CA ASN FB 181 -29.88 -91.14 -44.83
C ASN FB 181 -29.63 -90.11 -45.91
N ILE FB 182 -28.79 -90.41 -46.89
CA ILE FB 182 -28.56 -89.47 -47.98
C ILE FB 182 -29.87 -89.18 -48.70
N LEU FB 183 -30.63 -90.23 -49.04
CA LEU FB 183 -31.92 -90.05 -49.69
C LEU FB 183 -32.90 -89.31 -48.77
N ALA FB 184 -32.96 -89.72 -47.50
CA ALA FB 184 -33.94 -89.16 -46.59
C ALA FB 184 -33.75 -87.66 -46.42
N VAL FB 185 -32.53 -87.25 -46.05
CA VAL FB 185 -32.29 -85.84 -45.79
C VAL FB 185 -32.33 -85.02 -47.07
N ASN FB 186 -31.93 -85.61 -48.21
CA ASN FB 186 -31.86 -84.86 -49.44
C ASN FB 186 -33.13 -84.91 -50.26
N THR FB 187 -34.20 -85.52 -49.75
CA THR FB 187 -35.50 -85.46 -50.42
C THR FB 187 -36.66 -85.15 -49.49
N ARG FB 188 -36.43 -84.88 -48.21
CA ARG FB 188 -37.54 -84.72 -47.29
C ARG FB 188 -38.43 -83.54 -47.65
N GLY FB 189 -37.85 -82.40 -48.00
CA GLY FB 189 -38.60 -81.21 -48.34
C GLY FB 189 -38.81 -80.97 -49.82
N LEU FB 190 -38.43 -81.92 -50.66
CA LEU FB 190 -38.44 -81.69 -52.10
C LEU FB 190 -39.85 -81.41 -52.62
N ARG FB 191 -40.83 -82.14 -52.11
CA ARG FB 191 -42.18 -82.04 -52.66
C ARG FB 191 -42.73 -80.63 -52.54
N GLU FB 192 -42.55 -80.01 -51.37
CA GLU FB 192 -42.99 -78.63 -51.20
C GLU FB 192 -42.21 -77.69 -52.11
N ILE FB 193 -40.92 -77.95 -52.29
CA ILE FB 193 -40.11 -77.04 -53.12
C ILE FB 193 -40.55 -77.11 -54.58
N ILE FB 194 -40.80 -78.31 -55.11
CA ILE FB 194 -41.11 -78.47 -56.53
C ILE FB 194 -42.61 -78.60 -56.78
N GLU FB 195 -43.44 -78.34 -55.77
CA GLU FB 195 -44.87 -78.58 -55.91
C GLU FB 195 -45.49 -77.70 -56.99
N ALA FB 196 -45.11 -76.43 -57.03
CA ALA FB 196 -45.80 -75.47 -57.90
C ALA FB 196 -45.54 -75.79 -59.38
N ALA FB 197 -44.29 -75.97 -59.77
CA ALA FB 197 -43.94 -76.08 -61.18
C ALA FB 197 -44.56 -77.32 -61.82
N CYS FB 198 -44.60 -78.44 -61.09
CA CYS FB 198 -45.10 -79.68 -61.64
C CYS FB 198 -45.81 -80.47 -60.54
N SER FB 199 -46.67 -81.40 -60.97
CA SER FB 199 -47.57 -82.09 -60.05
C SER FB 199 -46.80 -83.06 -59.15
N SER FB 200 -47.01 -82.92 -57.83
CA SER FB 200 -46.40 -83.83 -56.88
C SER FB 200 -46.87 -85.26 -57.09
N ASP FB 201 -48.17 -85.44 -57.38
CA ASP FB 201 -48.70 -86.78 -57.62
C ASP FB 201 -48.03 -87.42 -58.83
N ALA FB 202 -47.75 -86.63 -59.87
CA ALA FB 202 -47.04 -87.15 -61.02
C ALA FB 202 -45.66 -87.67 -60.61
N THR FB 203 -44.95 -86.91 -59.78
CA THR FB 203 -43.66 -87.37 -59.26
C THR FB 203 -43.83 -88.69 -58.51
N ILE FB 204 -44.83 -88.77 -57.64
CA ILE FB 204 -45.00 -89.93 -56.78
C ILE FB 204 -45.22 -91.18 -57.62
N ALA FB 205 -46.11 -91.08 -58.63
CA ALA FB 205 -46.38 -92.22 -59.49
C ALA FB 205 -45.14 -92.65 -60.25
N ALA FB 206 -44.36 -91.70 -60.77
CA ALA FB 206 -43.13 -92.04 -61.48
C ALA FB 206 -42.14 -92.73 -60.55
N LEU FB 207 -42.08 -92.31 -59.29
CA LEU FB 207 -41.22 -92.97 -58.33
C LEU FB 207 -41.63 -94.42 -58.14
N GLN FB 208 -42.93 -94.69 -58.09
CA GLN FB 208 -43.40 -96.07 -58.03
C GLN FB 208 -42.95 -96.84 -59.27
N GLU FB 209 -43.02 -96.22 -60.44
CA GLU FB 209 -42.63 -96.89 -61.68
C GLU FB 209 -41.16 -97.27 -61.65
N MET FB 210 -40.29 -96.35 -61.21
CA MET FB 210 -38.88 -96.66 -61.09
C MET FB 210 -38.64 -97.78 -60.10
N ARG FB 211 -39.40 -97.80 -59.00
CA ARG FB 211 -39.27 -98.88 -58.03
C ARG FB 211 -39.61 -100.22 -58.67
N ARG FB 212 -40.66 -100.26 -59.49
CA ARG FB 212 -41.08 -101.52 -60.08
C ARG FB 212 -40.03 -102.05 -61.07
N ALA FB 213 -39.46 -101.16 -61.88
CA ALA FB 213 -38.43 -101.59 -62.82
C ALA FB 213 -37.17 -102.05 -62.08
N ALA FB 214 -36.76 -101.30 -61.05
CA ALA FB 214 -35.61 -101.71 -60.25
C ALA FB 214 -35.87 -103.04 -59.54
N LEU FB 215 -37.11 -103.23 -59.07
CA LEU FB 215 -37.48 -104.52 -58.49
C LEU FB 215 -37.45 -105.63 -59.54
N SER FB 216 -37.76 -105.30 -60.79
CA SER FB 216 -37.79 -106.34 -61.83
C SER FB 216 -36.40 -106.91 -62.08
N TYR FB 217 -35.39 -106.05 -62.21
CA TYR FB 217 -34.05 -106.56 -62.53
C TYR FB 217 -33.50 -107.42 -61.40
N PHE FB 218 -33.81 -107.09 -60.15
CA PHE FB 218 -33.33 -107.84 -58.99
C PHE FB 218 -34.39 -108.77 -58.40
N GLU FB 219 -35.48 -109.02 -59.14
CA GLU FB 219 -36.56 -109.84 -58.61
C GLU FB 219 -36.12 -111.26 -58.31
N LYS FB 220 -35.05 -111.74 -58.96
CA LYS FB 220 -34.60 -113.11 -58.76
C LYS FB 220 -34.01 -113.31 -57.37
N ASP FB 221 -33.27 -112.33 -56.86
CA ASP FB 221 -32.49 -112.50 -55.64
C ASP FB 221 -33.19 -111.85 -54.46
N ALA FB 222 -33.33 -112.61 -53.36
CA ALA FB 222 -34.04 -112.13 -52.19
C ALA FB 222 -33.30 -110.99 -51.51
N GLU FB 223 -32.00 -111.16 -51.27
CA GLU FB 223 -31.24 -110.13 -50.56
C GLU FB 223 -31.19 -108.84 -51.36
N ALA FB 224 -30.84 -108.93 -52.65
CA ALA FB 224 -30.76 -107.74 -53.48
C ALA FB 224 -32.12 -107.07 -53.61
N LYS FB 225 -33.17 -107.85 -53.82
CA LYS FB 225 -34.50 -107.28 -53.92
C LYS FB 225 -34.90 -106.57 -52.63
N GLY FB 226 -34.60 -107.19 -51.49
CA GLY FB 226 -34.96 -106.57 -50.22
C GLY FB 226 -34.28 -105.24 -50.01
N ILE FB 227 -32.97 -105.17 -50.27
CA ILE FB 227 -32.23 -103.93 -50.04
C ILE FB 227 -32.73 -102.83 -50.97
N VAL FB 228 -32.83 -103.14 -52.27
CA VAL FB 228 -33.21 -102.10 -53.22
C VAL FB 228 -34.65 -101.66 -52.99
N GLU FB 229 -35.54 -102.60 -52.65
CA GLU FB 229 -36.92 -102.25 -52.38
C GLU FB 229 -37.02 -101.34 -51.16
N THR FB 230 -36.31 -101.69 -50.08
CA THR FB 230 -36.38 -100.90 -48.86
C THR FB 230 -35.90 -99.47 -49.10
N TYR FB 231 -34.79 -99.31 -49.82
CA TYR FB 231 -34.24 -97.97 -50.01
C TYR FB 231 -35.14 -97.12 -50.90
N PHE FB 232 -35.63 -97.68 -52.01
CA PHE FB 232 -36.60 -96.94 -52.83
C PHE FB 232 -37.86 -96.64 -52.06
N ASP FB 233 -38.27 -97.55 -51.17
CA ASP FB 233 -39.45 -97.29 -50.34
C ASP FB 233 -39.23 -96.08 -49.44
N VAL FB 234 -38.03 -95.93 -48.89
CA VAL FB 234 -37.72 -94.74 -48.11
C VAL FB 234 -37.89 -93.50 -48.97
N LEU FB 235 -37.38 -93.55 -50.21
CA LEU FB 235 -37.50 -92.41 -51.10
C LEU FB 235 -38.95 -92.00 -51.30
N ILE FB 236 -39.80 -92.99 -51.61
CA ILE FB 236 -41.21 -92.72 -51.87
C ILE FB 236 -41.88 -92.16 -50.63
N ASN FB 237 -41.65 -92.79 -49.48
CA ASN FB 237 -42.27 -92.36 -48.24
C ASN FB 237 -41.87 -90.93 -47.87
N GLU FB 238 -40.57 -90.61 -48.00
CA GLU FB 238 -40.11 -89.28 -47.63
C GLU FB 238 -40.70 -88.21 -48.54
N PHE FB 239 -40.79 -88.48 -49.83
CA PHE FB 239 -41.41 -87.50 -50.73
C PHE FB 239 -42.86 -87.25 -50.34
N ILE FB 240 -43.59 -88.31 -49.97
CA ILE FB 240 -44.99 -88.14 -49.61
C ILE FB 240 -45.13 -87.45 -48.25
N ALA FB 241 -44.20 -87.69 -47.33
CA ALA FB 241 -44.35 -87.21 -45.96
C ALA FB 241 -44.37 -85.68 -45.93
N PRO FB 242 -45.17 -85.08 -45.04
CA PRO FB 242 -45.23 -83.62 -44.99
C PRO FB 242 -43.87 -83.02 -44.63
N ALA FB 243 -43.54 -81.92 -45.31
CA ALA FB 243 -42.25 -81.29 -45.08
C ALA FB 243 -42.18 -80.74 -43.66
N PRO FB 244 -41.06 -80.91 -42.97
CA PRO FB 244 -40.95 -80.46 -41.59
C PRO FB 244 -40.66 -78.98 -41.50
N SER FB 245 -41.00 -78.40 -40.35
CA SER FB 245 -40.71 -77.01 -40.10
C SER FB 245 -39.26 -76.83 -39.69
N ASP FB 246 -38.71 -75.65 -39.96
CA ASP FB 246 -37.34 -75.35 -39.62
C ASP FB 246 -37.15 -75.34 -38.10
N LYS FB 247 -35.92 -75.59 -37.68
CA LYS FB 247 -35.58 -75.62 -36.26
C LYS FB 247 -35.34 -74.19 -35.76
N VAL FB 248 -36.41 -73.39 -35.80
CA VAL FB 248 -36.34 -71.96 -35.52
C VAL FB 248 -35.72 -71.74 -34.14
N ARG FB 249 -34.65 -70.97 -34.13
CA ARG FB 249 -33.94 -70.61 -32.90
C ARG FB 249 -34.43 -69.23 -32.49
N GLN FB 250 -35.37 -69.21 -31.56
CA GLN FB 250 -35.85 -67.98 -30.95
C GLN FB 250 -34.98 -67.69 -29.74
N ARG FB 251 -34.18 -66.63 -29.82
CA ARG FB 251 -33.35 -66.25 -28.70
C ARG FB 251 -34.21 -65.60 -27.63
N ASN FB 252 -33.93 -65.94 -26.37
CA ASN FB 252 -34.76 -65.42 -25.29
C ASN FB 252 -34.58 -63.92 -25.11
N SER FB 253 -33.37 -63.41 -25.32
CA SER FB 253 -33.04 -62.04 -25.00
C SER FB 253 -33.08 -61.14 -26.22
N THR FB 254 -33.07 -59.83 -25.95
CA THR FB 254 -33.22 -58.83 -26.99
C THR FB 254 -31.99 -58.76 -27.89
N ASP FB 255 -30.81 -58.69 -27.28
CA ASP FB 255 -29.57 -58.43 -28.02
C ASP FB 255 -29.29 -59.50 -29.06
N LEU FB 256 -29.63 -60.75 -28.74
CA LEU FB 256 -29.33 -61.85 -29.64
C LEU FB 256 -30.23 -61.82 -30.87
N GLN FB 257 -29.81 -62.52 -31.92
CA GLN FB 257 -30.53 -62.57 -33.18
C GLN FB 257 -31.08 -63.97 -33.43
N GLY FB 258 -32.34 -64.04 -33.85
CA GLY FB 258 -32.96 -65.32 -34.13
C GLY FB 258 -32.62 -65.86 -35.51
N LEU FB 259 -32.57 -67.18 -35.60
CA LEU FB 259 -32.08 -67.85 -36.81
C LEU FB 259 -32.82 -69.18 -36.99
N GLN FB 260 -33.08 -69.56 -38.24
CA GLN FB 260 -33.90 -70.74 -38.50
C GLN FB 260 -33.21 -71.72 -39.45
N LEU FB 261 -32.53 -72.72 -38.88
CA LEU FB 261 -31.91 -73.77 -39.68
C LEU FB 261 -32.97 -74.62 -40.36
N PRO FB 262 -32.80 -74.95 -41.64
CA PRO FB 262 -33.72 -75.90 -42.28
C PRO FB 262 -33.54 -77.29 -41.70
N GLN FB 263 -34.66 -78.00 -41.54
CA GLN FB 263 -34.66 -79.23 -40.75
C GLN FB 263 -33.81 -80.32 -41.39
N ILE FB 264 -33.82 -80.40 -42.72
CA ILE FB 264 -33.08 -81.46 -43.41
C ILE FB 264 -31.60 -81.36 -43.11
N TYR FB 265 -31.08 -80.14 -42.95
CA TYR FB 265 -29.68 -79.95 -42.63
C TYR FB 265 -29.34 -80.56 -41.27
N PHE FB 266 -30.19 -80.32 -40.26
CA PHE FB 266 -29.93 -80.87 -38.94
C PHE FB 266 -29.96 -82.39 -38.97
N ASN FB 267 -30.88 -82.97 -39.74
CA ASN FB 267 -30.93 -84.42 -39.84
C ASN FB 267 -29.63 -84.97 -40.44
N ALA FB 268 -29.11 -84.30 -41.47
CA ALA FB 268 -27.86 -84.76 -42.07
C ALA FB 268 -26.68 -84.61 -41.11
N ALA FB 269 -26.72 -83.62 -40.21
CA ALA FB 269 -25.60 -83.35 -39.33
C ALA FB 269 -25.32 -84.53 -38.41
N GLU FB 270 -24.05 -84.75 -38.11
CA GLU FB 270 -23.68 -85.76 -37.13
C GLU FB 270 -24.36 -85.46 -35.81
N ARG FB 271 -24.79 -86.51 -35.12
CA ARG FB 271 -25.63 -86.37 -33.94
C ARG FB 271 -24.82 -86.67 -32.68
N ARG FB 272 -24.75 -85.68 -31.80
CA ARG FB 272 -24.08 -85.84 -30.53
C ARG FB 272 -24.85 -86.84 -29.66
N PRO FB 273 -24.16 -87.64 -28.85
CA PRO FB 273 -24.89 -88.50 -27.91
C PRO FB 273 -25.51 -87.66 -26.82
N LYS FB 274 -26.81 -87.43 -26.90
CA LYS FB 274 -27.49 -86.51 -25.99
C LYS FB 274 -27.83 -87.27 -24.71
N PHE FB 275 -26.82 -87.40 -23.85
CA PHE FB 275 -26.97 -88.13 -22.60
C PHE FB 275 -28.07 -87.51 -21.75
N VAL FB 276 -28.92 -88.37 -21.18
CA VAL FB 276 -29.97 -87.96 -20.25
C VAL FB 276 -29.85 -88.82 -19.01
N MET FB 277 -29.99 -88.20 -17.84
CA MET FB 277 -29.96 -88.93 -16.57
C MET FB 277 -31.40 -89.26 -16.16
N LYS FB 278 -32.02 -90.15 -16.94
CA LYS FB 278 -33.38 -90.56 -16.67
C LYS FB 278 -33.42 -91.47 -15.43
N PRO FB 279 -34.54 -91.48 -14.72
CA PRO FB 279 -34.67 -92.40 -13.59
C PRO FB 279 -34.75 -93.84 -14.07
N GLY FB 280 -34.25 -94.74 -13.23
CA GLY FB 280 -34.27 -96.16 -13.57
C GLY FB 280 -33.48 -96.52 -14.80
N LEU FB 281 -32.35 -95.86 -15.02
CA LEU FB 281 -31.47 -96.21 -16.11
C LEU FB 281 -30.66 -97.46 -15.77
N SER FB 282 -30.05 -98.05 -16.79
CA SER FB 282 -29.13 -99.15 -16.57
C SER FB 282 -27.94 -98.68 -15.74
N ALA FB 283 -27.33 -99.61 -15.01
CA ALA FB 283 -26.20 -99.26 -14.15
C ALA FB 283 -25.06 -98.67 -14.95
N ALA FB 284 -24.70 -99.32 -16.06
CA ALA FB 284 -23.66 -98.80 -16.93
C ALA FB 284 -24.04 -97.42 -17.46
N GLU FB 285 -25.33 -97.22 -17.76
CA GLU FB 285 -25.78 -95.94 -18.27
C GLU FB 285 -25.61 -94.83 -17.23
N LYS FB 286 -25.92 -95.12 -15.96
CA LYS FB 286 -25.74 -94.10 -14.94
C LYS FB 286 -24.28 -93.68 -14.82
N ASN FB 287 -23.36 -94.66 -14.84
CA ASN FB 287 -21.94 -94.32 -14.80
C ASN FB 287 -21.52 -93.56 -16.05
N GLU FB 288 -22.05 -93.95 -17.22
CA GLU FB 288 -21.70 -93.27 -18.46
C GLU FB 288 -22.18 -91.82 -18.48
N VAL FB 289 -23.37 -91.56 -17.95
CA VAL FB 289 -23.89 -90.20 -17.90
C VAL FB 289 -22.99 -89.33 -17.03
N VAL FB 290 -22.55 -89.87 -15.88
CA VAL FB 290 -21.60 -89.16 -15.04
C VAL FB 290 -20.32 -88.86 -15.81
N LYS FB 291 -19.84 -89.84 -16.58
CA LYS FB 291 -18.63 -89.63 -17.38
C LYS FB 291 -18.82 -88.51 -18.39
N ALA FB 292 -19.99 -88.47 -19.04
CA ALA FB 292 -20.24 -87.43 -20.04
C ALA FB 292 -20.23 -86.05 -19.40
N ALA FB 293 -20.79 -85.92 -18.20
CA ALA FB 293 -20.75 -84.65 -17.51
C ALA FB 293 -19.33 -84.24 -17.19
N TYR FB 294 -18.50 -85.18 -16.73
CA TYR FB 294 -17.10 -84.88 -16.48
C TYR FB 294 -16.42 -84.41 -17.75
N ARG FB 295 -16.73 -85.05 -18.88
CA ARG FB 295 -16.09 -84.71 -20.14
C ARG FB 295 -16.45 -83.29 -20.58
N GLN FB 296 -17.73 -82.93 -20.48
CA GLN FB 296 -18.14 -81.61 -20.94
C GLN FB 296 -17.61 -80.52 -20.01
N ILE FB 297 -17.89 -80.63 -18.72
CA ILE FB 297 -17.53 -79.56 -17.79
C ILE FB 297 -16.03 -79.37 -17.73
N PHE FB 298 -15.27 -80.46 -17.65
CA PHE FB 298 -13.82 -80.37 -17.48
C PHE FB 298 -13.06 -80.51 -18.80
N GLU FB 299 -13.76 -80.54 -19.93
CA GLU FB 299 -13.18 -80.55 -21.28
C GLU FB 299 -12.49 -81.89 -21.58
N ARG FB 300 -12.44 -82.81 -20.64
CA ARG FB 300 -11.80 -84.11 -20.80
C ARG FB 300 -12.35 -85.02 -19.71
N ASP FB 301 -12.09 -86.32 -19.84
CA ASP FB 301 -12.51 -87.26 -18.81
C ASP FB 301 -11.42 -87.34 -17.77
N ILE FB 302 -11.47 -86.42 -16.80
CA ILE FB 302 -10.46 -86.40 -15.74
C ILE FB 302 -10.53 -87.67 -14.91
N SER FB 303 -11.74 -88.20 -14.71
CA SER FB 303 -11.89 -89.44 -13.97
C SER FB 303 -11.16 -90.58 -14.66
N ARG FB 304 -11.32 -90.68 -15.99
CA ARG FB 304 -10.68 -91.77 -16.72
C ARG FB 304 -9.15 -91.63 -16.71
N ALA FB 305 -8.64 -90.41 -16.88
CA ALA FB 305 -7.21 -90.22 -17.10
C ALA FB 305 -6.45 -90.05 -15.79
N TYR FB 306 -6.78 -89.01 -15.02
CA TYR FB 306 -6.08 -88.75 -13.77
C TYR FB 306 -6.71 -89.46 -12.58
N GLY FB 307 -7.97 -89.83 -12.66
CA GLY FB 307 -8.69 -90.31 -11.51
C GLY FB 307 -9.28 -89.21 -10.64
N LEU FB 308 -9.05 -87.95 -10.99
CA LEU FB 308 -9.67 -86.84 -10.27
C LEU FB 308 -11.18 -86.83 -10.50
N GLY FB 309 -11.92 -86.48 -9.46
CA GLY FB 309 -13.36 -86.39 -9.58
C GLY FB 309 -13.98 -86.09 -8.23
N ILE FB 310 -15.27 -85.75 -8.27
CA ILE FB 310 -16.03 -85.47 -7.06
C ILE FB 310 -16.93 -86.67 -6.81
N SER FB 311 -16.48 -87.55 -5.92
CA SER FB 311 -17.16 -88.82 -5.68
C SER FB 311 -18.55 -88.62 -5.10
N ASP FB 312 -18.70 -87.69 -4.15
CA ASP FB 312 -19.99 -87.49 -3.51
C ASP FB 312 -21.04 -87.02 -4.52
N LEU FB 313 -20.68 -86.08 -5.38
CA LEU FB 313 -21.63 -85.58 -6.37
C LEU FB 313 -22.01 -86.67 -7.35
N GLU FB 314 -21.04 -87.44 -7.83
CA GLU FB 314 -21.35 -88.52 -8.77
C GLU FB 314 -22.33 -89.50 -8.15
N SER FB 315 -22.08 -89.90 -6.90
CA SER FB 315 -22.99 -90.82 -6.22
C SER FB 315 -24.36 -90.20 -6.04
N LYS FB 316 -24.41 -88.89 -5.73
CA LYS FB 316 -25.69 -88.24 -5.48
C LYS FB 316 -26.57 -88.26 -6.73
N VAL FB 317 -26.01 -87.91 -7.88
CA VAL FB 317 -26.85 -87.87 -9.07
C VAL FB 317 -27.13 -89.28 -9.59
N LYS FB 318 -26.24 -90.24 -9.32
CA LYS FB 318 -26.57 -91.63 -9.63
C LYS FB 318 -27.73 -92.11 -8.78
N ASN FB 319 -27.73 -91.73 -7.50
CA ASN FB 319 -28.86 -92.05 -6.62
C ASN FB 319 -30.12 -91.30 -7.03
N GLY FB 320 -29.97 -90.15 -7.68
CA GLY FB 320 -31.08 -89.28 -7.96
C GLY FB 320 -31.34 -88.22 -6.92
N SER FB 321 -30.49 -88.14 -5.89
CA SER FB 321 -30.72 -87.17 -4.82
C SER FB 321 -30.67 -85.74 -5.32
N ILE FB 322 -29.85 -85.48 -6.34
CA ILE FB 322 -29.76 -84.16 -6.95
C ILE FB 322 -29.96 -84.29 -8.44
N SER FB 323 -30.46 -83.23 -9.07
CA SER FB 323 -30.67 -83.23 -10.50
C SER FB 323 -29.33 -83.12 -11.23
N MET FB 324 -29.36 -83.41 -12.54
CA MET FB 324 -28.15 -83.21 -13.34
C MET FB 324 -27.79 -81.73 -13.44
N LYS FB 325 -28.78 -80.84 -13.46
CA LYS FB 325 -28.47 -79.42 -13.40
C LYS FB 325 -27.75 -79.08 -12.10
N GLU FB 326 -28.19 -79.67 -10.99
CA GLU FB 326 -27.47 -79.48 -9.73
C GLU FB 326 -26.08 -80.10 -9.80
N PHE FB 327 -25.95 -81.25 -10.45
CA PHE FB 327 -24.63 -81.85 -10.60
C PHE FB 327 -23.70 -80.95 -11.39
N ILE FB 328 -24.19 -80.35 -12.47
CA ILE FB 328 -23.38 -79.43 -13.25
C ILE FB 328 -23.01 -78.21 -12.43
N ARG FB 329 -23.97 -77.65 -11.69
CA ARG FB 329 -23.69 -76.47 -10.87
C ARG FB 329 -22.60 -76.78 -9.85
N GLN FB 330 -22.76 -77.87 -9.11
CA GLN FB 330 -21.77 -78.23 -8.11
C GLN FB 330 -20.43 -78.55 -8.74
N LEU FB 331 -20.44 -79.25 -9.87
CA LEU FB 331 -19.20 -79.61 -10.55
C LEU FB 331 -18.45 -78.37 -11.02
N ALA FB 332 -19.18 -77.39 -11.54
CA ALA FB 332 -18.54 -76.20 -12.09
C ALA FB 332 -18.01 -75.29 -10.99
N LYS FB 333 -18.70 -75.20 -9.86
CA LYS FB 333 -18.19 -74.40 -8.75
C LYS FB 333 -17.31 -75.20 -7.81
N SER FB 334 -17.02 -76.46 -8.13
CA SER FB 334 -16.12 -77.26 -7.35
C SER FB 334 -14.69 -76.75 -7.49
N PRO FB 335 -13.81 -77.08 -6.54
CA PRO FB 335 -12.42 -76.64 -6.65
C PRO FB 335 -11.68 -77.20 -7.86
N LEU FB 336 -12.16 -78.30 -8.44
CA LEU FB 336 -11.51 -78.83 -9.64
C LEU FB 336 -11.65 -77.85 -10.80
N TYR FB 337 -12.86 -77.36 -11.05
CA TYR FB 337 -13.05 -76.37 -12.11
C TYR FB 337 -12.37 -75.06 -11.78
N ARG FB 338 -12.43 -74.65 -10.50
CA ARG FB 338 -11.79 -73.41 -10.10
C ARG FB 338 -10.29 -73.44 -10.35
N LYS FB 339 -9.67 -74.60 -10.15
CA LYS FB 339 -8.24 -74.75 -10.44
C LYS FB 339 -7.98 -74.90 -11.93
N ASN FB 340 -8.89 -75.53 -12.68
CA ASN FB 340 -8.62 -75.88 -14.06
C ASN FB 340 -8.99 -74.80 -15.05
N PHE FB 341 -10.02 -73.99 -14.78
CA PHE FB 341 -10.52 -73.09 -15.81
C PHE FB 341 -10.89 -71.70 -15.34
N TYR FB 342 -10.81 -71.39 -14.05
CA TYR FB 342 -10.98 -70.03 -13.57
C TYR FB 342 -9.68 -69.43 -13.05
N GLU FB 343 -8.92 -70.20 -12.28
CA GLU FB 343 -7.59 -69.77 -11.87
C GLU FB 343 -6.63 -69.53 -13.03
N PRO FB 344 -6.55 -70.36 -14.07
CA PRO FB 344 -5.50 -70.16 -15.08
C PRO FB 344 -5.64 -68.88 -15.89
N TYR FB 345 -6.80 -68.24 -15.89
CA TYR FB 345 -7.07 -67.22 -16.90
C TYR FB 345 -7.50 -65.90 -16.28
N ILE FB 346 -7.30 -64.84 -17.08
CA ILE FB 346 -7.97 -63.58 -16.85
C ILE FB 346 -9.49 -63.81 -16.86
N ASN FB 347 -10.22 -62.92 -16.20
CA ASN FB 347 -11.64 -63.13 -15.98
C ASN FB 347 -12.41 -63.22 -17.30
N SER FB 348 -12.02 -62.42 -18.29
CA SER FB 348 -12.75 -62.41 -19.55
C SER FB 348 -12.63 -63.76 -20.26
N ARG FB 349 -11.41 -64.30 -20.33
CA ARG FB 349 -11.23 -65.62 -20.93
C ARG FB 349 -11.94 -66.69 -20.13
N ALA FB 350 -11.94 -66.56 -18.80
CA ALA FB 350 -12.65 -67.52 -17.97
C ALA FB 350 -14.14 -67.52 -18.29
N LEU FB 351 -14.71 -66.34 -18.52
CA LEU FB 351 -16.11 -66.25 -18.91
C LEU FB 351 -16.37 -67.00 -20.20
N GLU FB 352 -15.52 -66.80 -21.21
CA GLU FB 352 -15.75 -67.45 -22.49
C GLU FB 352 -15.67 -68.96 -22.37
N LEU FB 353 -14.69 -69.46 -21.61
CA LEU FB 353 -14.60 -70.89 -21.37
C LEU FB 353 -15.82 -71.41 -20.62
N ALA FB 354 -16.33 -70.61 -19.66
CA ALA FB 354 -17.51 -71.03 -18.92
C ALA FB 354 -18.72 -71.20 -19.83
N PHE FB 355 -18.91 -70.26 -20.76
CA PHE FB 355 -19.99 -70.42 -21.72
C PHE FB 355 -19.86 -71.72 -22.48
N ARG FB 356 -18.64 -72.06 -22.93
CA ARG FB 356 -18.44 -73.32 -23.64
C ARG FB 356 -18.84 -74.50 -22.78
N HIS FB 357 -18.31 -74.57 -21.55
CA HIS FB 357 -18.44 -75.78 -20.76
C HIS FB 357 -19.86 -75.96 -20.23
N ILE FB 358 -20.46 -74.90 -19.70
CA ILE FB 358 -21.66 -75.04 -18.90
C ILE FB 358 -22.91 -74.79 -19.75
N LEU FB 359 -22.78 -73.97 -20.79
CA LEU FB 359 -23.92 -73.60 -21.62
C LEU FB 359 -23.85 -74.21 -23.01
N GLY FB 360 -22.69 -74.71 -23.43
CA GLY FB 360 -22.58 -75.37 -24.72
C GLY FB 360 -22.53 -74.44 -25.91
N ARG FB 361 -22.09 -73.20 -25.73
CA ARG FB 361 -21.90 -72.28 -26.85
C ARG FB 361 -20.96 -71.17 -26.39
N GLY FB 362 -20.63 -70.27 -27.32
CA GLY FB 362 -19.83 -69.12 -27.01
C GLY FB 362 -20.67 -67.87 -26.96
N PRO FB 363 -20.19 -66.84 -26.26
CA PRO FB 363 -20.97 -65.60 -26.14
C PRO FB 363 -21.28 -65.04 -27.52
N SER FB 364 -22.51 -64.54 -27.66
CA SER FB 364 -23.01 -64.14 -28.97
C SER FB 364 -22.94 -62.65 -29.23
N SER FB 365 -22.88 -61.82 -28.18
CA SER FB 365 -22.91 -60.38 -28.40
C SER FB 365 -22.24 -59.66 -27.25
N ARG FB 366 -21.91 -58.38 -27.50
CA ARG FB 366 -21.30 -57.55 -26.47
C ARG FB 366 -22.19 -57.41 -25.25
N GLU FB 367 -23.52 -57.44 -25.43
CA GLU FB 367 -24.40 -57.37 -24.29
C GLU FB 367 -24.25 -58.59 -23.40
N GLU FB 368 -24.07 -59.77 -24.01
CA GLU FB 368 -23.78 -60.96 -23.22
C GLU FB 368 -22.47 -60.82 -22.46
N VAL FB 369 -21.42 -60.37 -23.15
CA VAL FB 369 -20.13 -60.24 -22.48
C VAL FB 369 -20.19 -59.18 -21.39
N GLN FB 370 -20.85 -58.05 -21.65
CA GLN FB 370 -21.00 -57.03 -20.62
C GLN FB 370 -21.74 -57.56 -19.40
N THR FB 371 -22.89 -58.21 -19.63
CA THR FB 371 -23.68 -58.74 -18.54
C THR FB 371 -22.87 -59.70 -17.68
N TYR FB 372 -22.25 -60.70 -18.30
CA TYR FB 372 -21.62 -61.75 -17.53
C TYR FB 372 -20.23 -61.37 -17.04
N PHE FB 373 -19.56 -60.41 -17.69
CA PHE FB 373 -18.34 -59.89 -17.09
C PHE FB 373 -18.64 -59.13 -15.82
N ALA FB 374 -19.76 -58.38 -15.80
CA ALA FB 374 -20.19 -57.75 -14.57
C ALA FB 374 -20.51 -58.79 -13.51
N ILE FB 375 -21.15 -59.90 -13.91
CA ILE FB 375 -21.48 -60.94 -12.94
C ILE FB 375 -20.22 -61.54 -12.34
N ILE FB 376 -19.26 -61.91 -13.18
CA ILE FB 376 -18.03 -62.52 -12.68
C ILE FB 376 -17.23 -61.50 -11.89
N SER FB 377 -17.41 -60.21 -12.17
CA SER FB 377 -16.73 -59.18 -11.38
C SER FB 377 -17.35 -59.06 -10.00
N LYS FB 378 -18.67 -59.17 -9.91
CA LYS FB 378 -19.36 -58.94 -8.64
C LYS FB 378 -19.40 -60.17 -7.75
N GLY FB 379 -19.31 -61.37 -8.30
CA GLY FB 379 -19.38 -62.55 -7.45
C GLY FB 379 -18.38 -63.65 -7.75
N GLY FB 380 -17.64 -63.52 -8.86
CA GLY FB 380 -16.65 -64.53 -9.19
C GLY FB 380 -17.27 -65.79 -9.77
N LEU FB 381 -16.47 -66.86 -9.75
CA LEU FB 381 -16.89 -68.12 -10.35
C LEU FB 381 -18.17 -68.69 -9.76
N PRO FB 382 -18.39 -68.70 -8.43
CA PRO FB 382 -19.70 -69.15 -7.94
C PRO FB 382 -20.85 -68.38 -8.57
N ALA FB 383 -20.70 -67.06 -8.71
CA ALA FB 383 -21.77 -66.24 -9.28
C ALA FB 383 -21.99 -66.56 -10.75
N LEU FB 384 -20.91 -66.64 -11.53
CA LEU FB 384 -21.07 -66.91 -12.95
C LEU FB 384 -21.67 -68.29 -13.19
N VAL FB 385 -21.24 -69.28 -12.41
CA VAL FB 385 -21.83 -70.61 -12.55
C VAL FB 385 -23.32 -70.56 -12.26
N ASP FB 386 -23.71 -69.88 -11.19
CA ASP FB 386 -25.12 -69.75 -10.87
C ASP FB 386 -25.87 -69.06 -11.99
N ALA FB 387 -25.32 -67.98 -12.52
CA ALA FB 387 -26.02 -67.21 -13.55
C ALA FB 387 -26.22 -68.04 -14.81
N LEU FB 388 -25.20 -68.79 -15.22
CA LEU FB 388 -25.29 -69.53 -16.47
C LEU FB 388 -26.25 -70.71 -16.34
N VAL FB 389 -26.20 -71.44 -15.22
CA VAL FB 389 -27.14 -72.55 -15.06
C VAL FB 389 -28.55 -72.03 -14.82
N ASP FB 390 -28.69 -70.94 -14.07
CA ASP FB 390 -30.00 -70.35 -13.85
C ASP FB 390 -30.62 -69.85 -15.15
N SER FB 391 -29.79 -69.45 -16.11
CA SER FB 391 -30.27 -68.84 -17.34
C SER FB 391 -31.36 -69.69 -17.97
N LYS FB 392 -32.37 -69.02 -18.54
CA LYS FB 392 -33.41 -69.74 -19.26
C LYS FB 392 -32.81 -70.58 -20.39
N GLU FB 393 -31.74 -70.10 -21.00
CA GLU FB 393 -31.11 -70.83 -22.09
C GLU FB 393 -30.69 -72.23 -21.65
N TYR FB 394 -30.10 -72.35 -20.46
CA TYR FB 394 -29.77 -73.67 -19.95
C TYR FB 394 -31.01 -74.54 -19.84
N SER FB 395 -32.06 -74.04 -19.20
CA SER FB 395 -33.25 -74.84 -18.98
C SER FB 395 -33.90 -75.24 -20.30
N ASP FB 396 -33.91 -74.33 -21.27
CA ASP FB 396 -34.56 -74.61 -22.55
C ASP FB 396 -33.83 -75.71 -23.32
N TYR FB 397 -32.49 -75.66 -23.35
CA TYR FB 397 -31.79 -76.64 -24.17
C TYR FB 397 -31.33 -77.85 -23.36
N PHE FB 398 -30.80 -77.64 -22.16
CA PHE FB 398 -30.42 -78.73 -21.26
C PHE FB 398 -31.41 -78.72 -20.09
N GLY FB 399 -32.37 -79.63 -20.12
CA GLY FB 399 -33.30 -79.74 -19.01
C GLY FB 399 -32.62 -80.09 -17.71
N GLU FB 400 -33.39 -80.28 -16.64
CA GLU FB 400 -32.79 -80.61 -15.36
C GLU FB 400 -32.12 -81.98 -15.38
N GLU FB 401 -32.55 -82.88 -16.26
CA GLU FB 401 -31.93 -84.20 -16.39
C GLU FB 401 -30.78 -84.21 -17.39
N THR FB 402 -30.87 -83.41 -18.44
CA THR FB 402 -29.90 -83.50 -19.53
C THR FB 402 -28.53 -82.98 -19.10
N VAL FB 403 -27.50 -83.56 -19.70
CA VAL FB 403 -26.12 -83.11 -19.51
C VAL FB 403 -25.77 -82.17 -20.65
N PRO FB 404 -25.14 -81.03 -20.39
CA PRO FB 404 -24.87 -80.06 -21.46
C PRO FB 404 -24.08 -80.65 -22.61
N TYR FB 405 -24.49 -80.31 -23.82
CA TYR FB 405 -23.86 -80.80 -25.05
C TYR FB 405 -23.55 -79.62 -25.95
N LEU FB 406 -22.38 -79.65 -26.59
CA LEU FB 406 -21.98 -78.56 -27.47
C LEU FB 406 -22.92 -78.49 -28.67
N ARG FB 407 -23.31 -77.27 -29.03
CA ARG FB 407 -24.24 -77.02 -30.14
C ARG FB 407 -23.46 -76.36 -31.27
N GLY FB 408 -23.16 -77.12 -32.30
CA GLY FB 408 -22.27 -76.70 -33.37
C GLY FB 408 -22.99 -76.29 -34.64
N LEU FB 409 -22.29 -76.45 -35.77
CA LEU FB 409 -22.81 -75.99 -37.05
C LEU FB 409 -24.10 -76.70 -37.43
N GLY FB 410 -24.14 -78.01 -37.25
CA GLY FB 410 -25.28 -78.79 -37.68
C GLY FB 410 -26.33 -78.96 -36.60
N GLN FB 411 -25.90 -79.03 -35.35
CA GLN FB 411 -26.83 -79.24 -34.25
C GLN FB 411 -27.83 -78.09 -34.13
N GLU FB 412 -27.37 -76.87 -34.34
CA GLU FB 412 -28.18 -75.68 -34.12
C GLU FB 412 -27.80 -74.65 -35.17
N ALA FB 413 -28.77 -73.81 -35.56
CA ALA FB 413 -28.49 -72.75 -36.52
C ALA FB 413 -27.44 -71.80 -35.96
N GLN FB 414 -26.57 -71.32 -36.83
CA GLN FB 414 -25.42 -70.55 -36.39
C GLN FB 414 -25.46 -69.12 -36.93
N GLU FB 415 -24.69 -68.27 -36.28
CA GLU FB 415 -24.71 -66.84 -36.52
C GLU FB 415 -23.37 -66.35 -37.05
N CYS FB 416 -23.50 -65.29 -37.86
CA CYS FB 416 -22.43 -64.63 -38.58
C CYS FB 416 -21.51 -63.81 -37.66
N ARG FB 417 -21.97 -63.45 -36.46
CA ARG FB 417 -21.29 -62.43 -35.65
C ARG FB 417 -20.12 -62.96 -34.85
N ASN FB 418 -20.14 -64.23 -34.47
CA ASN FB 418 -19.10 -64.80 -33.63
C ASN FB 418 -18.54 -66.08 -34.23
N TRP FB 419 -18.48 -66.14 -35.56
CA TRP FB 419 -18.15 -67.40 -36.23
C TRP FB 419 -16.77 -67.90 -35.83
N GLY FB 420 -15.74 -67.10 -36.08
CA GLY FB 420 -14.39 -67.55 -35.82
C GLY FB 420 -14.15 -67.84 -34.35
N ALA FB 421 -14.69 -66.99 -33.48
CA ALA FB 421 -14.52 -67.21 -32.05
C ALA FB 421 -15.18 -68.52 -31.61
N GLN FB 422 -16.38 -68.79 -32.12
CA GLN FB 422 -17.05 -70.04 -31.78
C GLN FB 422 -16.29 -71.23 -32.35
N GLN FB 423 -15.76 -71.08 -33.56
CA GLN FB 423 -14.98 -72.15 -34.18
C GLN FB 423 -13.78 -72.50 -33.32
N ASP FB 424 -13.11 -71.50 -32.77
CA ASP FB 424 -11.95 -71.74 -31.93
C ASP FB 424 -12.33 -72.23 -30.54
N LEU FB 425 -13.47 -71.79 -30.01
CA LEU FB 425 -13.89 -72.25 -28.69
C LEU FB 425 -14.24 -73.74 -28.71
N PHE FB 426 -14.89 -74.21 -29.77
CA PHE FB 426 -15.26 -75.62 -29.92
C PHE FB 426 -14.07 -76.45 -30.41
N LYS FB 427 -12.97 -76.37 -29.67
CA LYS FB 427 -11.78 -77.13 -29.99
C LYS FB 427 -11.08 -77.53 -28.71
N TYR FB 428 -10.37 -78.66 -28.75
CA TYR FB 428 -9.63 -79.06 -27.56
C TYR FB 428 -8.38 -78.20 -27.34
N SER FB 429 -8.02 -77.36 -28.31
CA SER FB 429 -6.96 -76.39 -28.15
C SER FB 429 -7.47 -75.07 -27.58
N ALA FB 430 -8.78 -74.94 -27.39
CA ALA FB 430 -9.35 -73.70 -26.87
C ALA FB 430 -8.81 -73.27 -25.50
N PRO FB 431 -8.59 -74.15 -24.53
CA PRO FB 431 -8.09 -73.68 -23.23
C PRO FB 431 -6.73 -73.00 -23.31
N PHE FB 432 -6.00 -73.15 -24.41
CA PHE FB 432 -4.63 -72.65 -24.46
C PHE FB 432 -4.51 -71.26 -25.05
N ARG FB 433 -5.58 -70.71 -25.61
CA ARG FB 433 -5.65 -69.26 -25.78
C ARG FB 433 -5.91 -68.65 -24.41
N LYS FB 434 -5.07 -67.71 -24.01
CA LYS FB 434 -5.33 -66.95 -22.80
C LYS FB 434 -5.67 -65.50 -23.08
N VAL FB 435 -5.56 -65.07 -24.33
CA VAL FB 435 -6.12 -63.79 -24.77
C VAL FB 435 -7.63 -63.96 -24.98
N PRO FB 436 -8.46 -63.09 -24.42
CA PRO FB 436 -9.91 -63.31 -24.50
C PRO FB 436 -10.50 -62.96 -25.86
N GLN FB 437 -10.80 -63.99 -26.65
CA GLN FB 437 -11.10 -63.77 -28.06
C GLN FB 437 -12.49 -63.18 -28.28
N PHE FB 438 -13.49 -63.63 -27.51
CA PHE FB 438 -14.86 -63.15 -27.76
C PHE FB 438 -14.99 -61.67 -27.46
N ILE FB 439 -14.46 -61.22 -26.32
CA ILE FB 439 -14.58 -59.80 -25.99
C ILE FB 439 -13.77 -58.96 -26.97
N THR FB 440 -12.55 -59.39 -27.31
CA THR FB 440 -11.76 -58.60 -28.25
C THR FB 440 -12.45 -58.53 -29.60
N THR FB 441 -13.03 -59.64 -30.07
CA THR FB 441 -13.71 -59.65 -31.35
C THR FB 441 -14.94 -58.74 -31.34
N PHE FB 442 -15.81 -58.91 -30.34
CA PHE FB 442 -17.02 -58.11 -30.28
C PHE FB 442 -16.71 -56.63 -30.09
N ALA FB 443 -15.73 -56.32 -29.25
CA ALA FB 443 -15.36 -54.92 -29.05
C ALA FB 443 -14.78 -54.33 -30.32
N ALA FB 444 -13.91 -55.06 -31.00
CA ALA FB 444 -13.28 -54.54 -32.21
C ALA FB 444 -14.31 -54.31 -33.31
N GLN FB 445 -15.40 -55.08 -33.32
CA GLN FB 445 -16.40 -54.90 -34.36
C GLN FB 445 -17.01 -53.51 -34.34
N ASP FB 446 -16.99 -52.84 -33.20
CA ASP FB 446 -17.53 -51.49 -33.10
C ASP FB 446 -16.49 -50.40 -33.35
N GLN FB 447 -15.21 -50.74 -33.31
CA GLN FB 447 -14.12 -49.80 -33.49
C GLN FB 447 -13.73 -49.69 -34.96
N PRO FB 448 -12.97 -48.66 -35.34
CA PRO FB 448 -12.35 -48.65 -36.67
C PRO FB 448 -11.19 -49.64 -36.73
N LEU FB 449 -10.45 -49.65 -37.84
CA LEU FB 449 -9.38 -50.61 -38.01
C LEU FB 449 -8.27 -50.38 -36.98
N PRO FB 450 -7.53 -51.43 -36.62
CA PRO FB 450 -6.44 -51.28 -35.65
C PRO FB 450 -5.12 -50.92 -36.33
N ASP FB 451 -4.04 -50.90 -35.55
CA ASP FB 451 -2.72 -50.54 -36.05
C ASP FB 451 -1.89 -51.75 -36.47
N GLN FB 452 -2.48 -52.94 -36.50
CA GLN FB 452 -1.70 -54.14 -36.81
C GLN FB 452 -1.29 -54.16 -38.27
N HIS FB 453 -0.28 -54.97 -38.57
CA HIS FB 453 0.12 -55.19 -39.95
C HIS FB 453 -1.08 -55.70 -40.75
N PRO FB 454 -1.24 -55.29 -42.00
CA PRO FB 454 -2.44 -55.70 -42.74
C PRO FB 454 -2.61 -57.21 -42.78
N TYR FB 455 -1.52 -57.95 -42.91
CA TYR FB 455 -1.62 -59.39 -43.02
C TYR FB 455 -2.06 -60.01 -41.70
N GLY FB 456 -1.58 -59.51 -40.58
CA GLY FB 456 -2.04 -60.00 -39.30
C GLY FB 456 -1.26 -59.40 -38.16
N SER FB 457 -1.80 -59.59 -36.96
CA SER FB 457 -1.14 -59.13 -35.75
C SER FB 457 0.22 -59.80 -35.59
N GLY FB 458 0.30 -61.09 -35.93
CA GLY FB 458 1.55 -61.81 -35.80
C GLY FB 458 2.69 -61.23 -36.62
N ASN FB 459 2.37 -60.60 -37.74
CA ASN FB 459 3.44 -60.07 -38.58
C ASN FB 459 4.11 -58.85 -37.97
N ASP FB 460 3.74 -58.44 -36.76
CA ASP FB 460 4.36 -57.31 -36.11
C ASP FB 460 5.48 -57.80 -35.20
N PRO FB 461 6.73 -57.49 -35.47
CA PRO FB 461 7.80 -57.86 -34.54
C PRO FB 461 7.78 -56.99 -33.30
N LEU FB 462 8.36 -57.51 -32.23
CA LEU FB 462 8.68 -56.65 -31.10
C LEU FB 462 9.67 -55.59 -31.57
N GLU FB 463 9.34 -54.32 -31.32
CA GLU FB 463 10.23 -53.21 -31.66
C GLU FB 463 11.29 -53.12 -30.58
N ILE FB 464 12.24 -54.05 -30.63
CA ILE FB 464 13.34 -54.08 -29.67
C ILE FB 464 14.66 -53.82 -30.39
N GLN FB 465 15.74 -53.79 -29.63
CA GLN FB 465 17.04 -53.44 -30.17
C GLN FB 465 17.48 -54.41 -31.26
N PHE FB 466 17.28 -55.70 -31.03
CA PHE FB 466 17.56 -56.74 -32.01
C PHE FB 466 16.76 -57.97 -31.63
N GLY FB 467 16.54 -58.86 -32.60
CA GLY FB 467 15.98 -60.15 -32.24
C GLY FB 467 14.93 -60.78 -33.14
N ALA FB 468 14.13 -59.97 -33.84
CA ALA FB 468 13.08 -60.49 -34.71
C ALA FB 468 12.13 -61.42 -33.96
N ILE FB 469 11.59 -60.93 -32.84
CA ILE FB 469 10.77 -61.73 -31.95
C ILE FB 469 9.32 -61.57 -32.41
N PHE FB 470 8.90 -62.43 -33.33
CA PHE FB 470 7.53 -62.40 -33.83
C PHE FB 470 6.65 -63.36 -33.03
N PRO FB 471 5.39 -63.02 -32.81
CA PRO FB 471 4.45 -64.00 -32.24
C PRO FB 471 4.30 -65.21 -33.17
N LYS FB 472 4.30 -66.39 -32.57
CA LYS FB 472 4.12 -67.62 -33.32
C LYS FB 472 2.65 -67.98 -33.35
N GLU FB 473 2.18 -68.41 -34.53
CA GLU FB 473 0.75 -68.64 -34.72
C GLU FB 473 0.23 -69.77 -33.84
N LYS FB 474 1.07 -70.75 -33.52
CA LYS FB 474 0.61 -71.94 -32.83
C LYS FB 474 1.06 -72.05 -31.38
N LYS FB 475 2.21 -71.48 -31.00
CA LYS FB 475 2.74 -71.74 -29.67
C LYS FB 475 1.79 -71.30 -28.57
N ASN FB 476 1.36 -70.04 -28.61
CA ASN FB 476 0.27 -69.57 -27.74
C ASN FB 476 -0.76 -68.95 -28.65
N PRO FB 477 -1.82 -69.68 -29.00
CA PRO FB 477 -2.77 -69.19 -30.01
C PRO FB 477 -3.30 -67.81 -29.70
N SER FB 478 -2.98 -66.86 -30.58
CA SER FB 478 -3.47 -65.49 -30.46
C SER FB 478 -3.39 -64.88 -31.84
N ALA FB 479 -4.54 -64.50 -32.38
CA ALA FB 479 -4.59 -63.92 -33.71
C ALA FB 479 -5.89 -63.13 -33.82
N ARG FB 480 -5.79 -61.92 -34.38
CA ARG FB 480 -6.94 -61.03 -34.57
C ARG FB 480 -6.99 -60.68 -36.04
N PRO FB 481 -7.47 -61.60 -36.88
CA PRO FB 481 -7.50 -61.32 -38.32
C PRO FB 481 -8.55 -60.29 -38.65
N GLN FB 482 -8.11 -59.06 -38.91
CA GLN FB 482 -9.00 -57.99 -39.28
C GLN FB 482 -8.80 -57.63 -40.74
N PRO FB 483 -9.87 -57.41 -41.50
CA PRO FB 483 -9.75 -57.29 -42.96
C PRO FB 483 -9.18 -55.92 -43.34
N PHE FB 484 -8.02 -55.94 -44.00
CA PHE FB 484 -7.34 -54.72 -44.42
C PHE FB 484 -7.41 -54.59 -45.93
N ASN FB 485 -7.73 -53.40 -46.40
CA ASN FB 485 -7.96 -53.13 -47.80
C ASN FB 485 -6.65 -53.20 -48.59
N LYS FB 486 -6.75 -53.00 -49.91
CA LYS FB 486 -5.58 -53.13 -50.77
C LYS FB 486 -4.53 -52.07 -50.46
N ASP FB 487 -4.95 -50.85 -50.22
CA ASP FB 487 -4.00 -49.74 -50.15
C ASP FB 487 -4.18 -48.91 -48.88
N THR FB 488 -4.39 -49.57 -47.74
CA THR FB 488 -4.43 -48.84 -46.49
C THR FB 488 -3.04 -48.34 -46.12
N ARG FB 489 -2.98 -47.50 -45.09
CA ARG FB 489 -1.71 -47.01 -44.61
C ARG FB 489 -1.69 -47.00 -43.09
N ARG FB 490 -0.67 -47.61 -42.52
CA ARG FB 490 -0.45 -47.57 -41.09
C ARG FB 490 -0.12 -46.14 -40.65
N ILE FB 491 -0.57 -45.79 -39.44
CA ILE FB 491 -0.20 -44.53 -38.83
C ILE FB 491 1.09 -44.77 -38.06
N LEU FB 492 2.21 -44.30 -38.63
CA LEU FB 492 3.53 -44.57 -38.08
C LEU FB 492 4.03 -43.35 -37.32
N ILE FB 493 4.13 -43.48 -36.00
CA ILE FB 493 4.75 -42.45 -35.19
C ILE FB 493 6.21 -42.31 -35.60
N ALA FB 494 6.71 -41.08 -35.58
CA ALA FB 494 8.06 -40.77 -36.02
C ALA FB 494 9.00 -40.73 -34.82
N ARG FB 495 10.07 -41.52 -34.88
CA ARG FB 495 11.10 -41.48 -33.86
C ARG FB 495 11.91 -40.20 -34.06
N GLY FB 496 11.31 -39.07 -33.70
CA GLY FB 496 11.85 -37.76 -33.97
C GLY FB 496 10.78 -36.71 -33.71
N PRO FB 497 10.87 -35.57 -34.38
CA PRO FB 497 9.80 -34.56 -34.25
C PRO FB 497 8.66 -34.86 -35.20
N GLY FB 498 7.43 -34.79 -34.69
CA GLY FB 498 6.26 -35.10 -35.49
C GLY FB 498 5.98 -34.08 -36.58
N ILE FB 499 6.57 -32.90 -36.51
CA ILE FB 499 6.50 -31.96 -37.62
C ILE FB 499 7.22 -32.55 -38.83
N ASN FB 500 8.31 -33.27 -38.59
CA ASN FB 500 9.05 -33.96 -39.64
C ASN FB 500 8.50 -35.37 -39.75
N ASN FB 501 7.45 -35.52 -40.54
CA ASN FB 501 6.84 -36.83 -40.79
C ASN FB 501 6.60 -36.96 -42.28
N GLN FB 502 7.03 -38.10 -42.83
CA GLN FB 502 6.95 -38.32 -44.28
C GLN FB 502 5.52 -38.27 -44.79
N VAL FB 503 4.53 -38.46 -43.92
CA VAL FB 503 3.14 -38.33 -44.34
C VAL FB 503 2.78 -36.87 -44.57
N SER FB 504 3.29 -35.97 -43.72
CA SER FB 504 2.92 -34.56 -43.74
C SER FB 504 3.99 -33.67 -44.33
N ASN FB 505 5.27 -33.95 -44.06
CA ASN FB 505 6.39 -33.18 -44.58
C ASN FB 505 7.21 -34.09 -45.48
N PRO FB 506 6.65 -34.54 -46.61
CA PRO FB 506 7.35 -35.54 -47.43
C PRO FB 506 8.68 -35.05 -47.93
N GLY FB 507 8.83 -33.74 -48.15
CA GLY FB 507 10.11 -33.22 -48.58
C GLY FB 507 11.22 -33.43 -47.56
N ALA FB 508 10.91 -33.18 -46.29
CA ALA FB 508 11.92 -33.24 -45.24
C ALA FB 508 12.19 -34.68 -44.79
N ARG FB 509 12.56 -35.50 -45.75
CA ARG FB 509 13.16 -36.80 -45.49
C ARG FB 509 14.66 -36.61 -45.61
N GLY FB 510 15.36 -36.73 -44.49
CA GLY FB 510 16.77 -36.44 -44.42
C GLY FB 510 17.14 -35.35 -43.43
N LEU FB 511 16.21 -34.46 -43.10
CA LEU FB 511 16.40 -33.60 -41.95
C LEU FB 511 16.59 -34.48 -40.73
N THR FB 512 17.70 -34.27 -40.02
CA THR FB 512 18.09 -35.22 -38.99
C THR FB 512 17.01 -35.30 -37.92
N PRO FB 513 16.78 -36.47 -37.33
CA PRO FB 513 15.87 -36.54 -36.18
C PRO FB 513 16.28 -35.62 -35.05
N GLY FB 514 17.58 -35.49 -34.82
CA GLY FB 514 18.06 -34.62 -33.76
C GLY FB 514 18.03 -35.32 -32.42
N THR FB 515 18.08 -34.50 -31.37
CA THR FB 515 18.06 -35.03 -30.01
C THR FB 515 16.77 -35.77 -29.69
N LEU FB 516 15.73 -35.57 -30.49
CA LEU FB 516 14.46 -36.25 -30.30
C LEU FB 516 14.41 -37.63 -30.94
N GLY FB 517 15.47 -38.06 -31.61
CA GLY FB 517 15.49 -39.33 -32.27
C GLY FB 517 16.80 -40.07 -32.11
N PRO FB 518 17.01 -41.10 -32.91
CA PRO FB 518 18.25 -41.87 -32.83
C PRO FB 518 19.42 -41.06 -33.35
N LYS FB 519 20.63 -41.50 -33.01
CA LYS FB 519 21.81 -40.89 -33.60
C LYS FB 519 21.91 -41.27 -35.06
N VAL FB 520 22.39 -40.35 -35.88
CA VAL FB 520 22.52 -40.55 -37.31
C VAL FB 520 24.01 -40.58 -37.62
N PHE FB 521 24.51 -41.72 -38.07
CA PHE FB 521 25.90 -41.89 -38.42
C PHE FB 521 26.10 -41.61 -39.90
N LYS FB 522 27.01 -40.71 -40.22
CA LYS FB 522 27.34 -40.37 -41.60
C LYS FB 522 28.84 -40.43 -41.79
N LEU FB 523 29.26 -40.90 -42.95
CA LEU FB 523 30.68 -41.10 -43.24
C LEU FB 523 31.25 -39.85 -43.91
N ASP FB 524 32.34 -39.33 -43.37
CA ASP FB 524 33.01 -38.17 -43.91
C ASP FB 524 34.50 -38.47 -44.07
N GLN FB 525 35.10 -37.86 -45.09
CA GLN FB 525 36.50 -38.12 -45.41
C GLN FB 525 37.07 -37.02 -46.29
N GLN FB 553 35.07 -45.37 -40.64
CA GLN FB 553 35.66 -45.17 -39.32
C GLN FB 553 34.87 -45.94 -38.25
N ARG FB 554 33.86 -45.29 -37.69
CA ARG FB 554 32.87 -45.95 -36.85
C ARG FB 554 31.57 -46.22 -37.58
N VAL FB 555 31.40 -45.67 -38.79
CA VAL FB 555 30.25 -45.99 -39.62
C VAL FB 555 30.15 -47.48 -39.82
N ILE FB 556 31.30 -48.16 -39.92
CA ILE FB 556 31.30 -49.61 -40.05
C ILE FB 556 30.63 -50.26 -38.85
N ARG FB 557 31.03 -49.85 -37.65
CA ARG FB 557 30.41 -50.38 -36.44
C ARG FB 557 28.91 -50.11 -36.42
N ALA FB 558 28.52 -48.91 -36.81
CA ALA FB 558 27.10 -48.55 -36.84
C ALA FB 558 26.35 -49.41 -37.86
N ALA FB 559 26.95 -49.65 -39.02
CA ALA FB 559 26.29 -50.45 -40.03
C ALA FB 559 26.03 -51.86 -39.52
N TYR FB 560 27.00 -52.45 -38.82
CA TYR FB 560 26.75 -53.74 -38.19
C TYR FB 560 25.62 -53.66 -37.17
N LEU FB 561 25.69 -52.66 -36.29
CA LEU FB 561 24.73 -52.52 -35.21
C LEU FB 561 23.32 -52.17 -35.70
N GLN FB 562 23.17 -51.81 -36.97
CA GLN FB 562 21.87 -51.51 -37.54
C GLN FB 562 21.36 -52.57 -38.49
N VAL FB 563 22.23 -53.13 -39.34
CA VAL FB 563 21.79 -54.19 -40.25
C VAL FB 563 21.46 -55.45 -39.47
N PHE FB 564 22.26 -55.79 -38.47
CA PHE FB 564 21.98 -56.93 -37.62
C PHE FB 564 21.28 -56.54 -36.32
N GLY FB 565 21.87 -55.61 -35.57
CA GLY FB 565 21.27 -55.14 -34.34
C GLY FB 565 22.23 -55.24 -33.19
N ARG FB 566 23.01 -56.31 -33.17
CA ARG FB 566 24.07 -56.52 -32.21
C ARG FB 566 25.40 -56.46 -32.94
N ASP FB 567 26.47 -56.22 -32.19
CA ASP FB 567 27.79 -56.37 -32.76
C ASP FB 567 28.02 -57.87 -32.99
N VAL FB 568 28.31 -58.23 -34.24
CA VAL FB 568 28.37 -59.64 -34.60
C VAL FB 568 29.57 -60.30 -33.95
N TYR FB 569 29.50 -61.63 -33.86
CA TYR FB 569 30.57 -62.39 -33.22
C TYR FB 569 31.87 -62.27 -34.00
N GLU FB 570 32.96 -62.65 -33.34
CA GLU FB 570 34.29 -62.33 -33.86
C GLU FB 570 34.55 -63.01 -35.20
N GLY FB 571 34.16 -64.28 -35.34
CA GLY FB 571 34.32 -64.94 -36.62
C GLY FB 571 33.33 -64.45 -37.66
N GLN FB 572 32.18 -63.94 -37.22
CA GLN FB 572 31.12 -63.55 -38.13
C GLN FB 572 31.37 -62.21 -38.82
N ARG FB 573 32.32 -61.42 -38.32
CA ARG FB 573 32.63 -60.14 -38.96
C ARG FB 573 33.05 -60.39 -40.40
N GLN FB 574 32.48 -59.60 -41.32
CA GLN FB 574 32.95 -59.65 -42.70
C GLN FB 574 34.37 -59.12 -42.81
N LYS FB 575 34.81 -58.32 -41.83
CA LYS FB 575 36.18 -57.81 -41.74
C LYS FB 575 36.58 -57.07 -43.01
N VAL FB 576 37.89 -56.93 -43.23
CA VAL FB 576 38.38 -56.11 -44.34
C VAL FB 576 37.97 -56.68 -45.69
N ALA FB 577 37.56 -57.95 -45.75
CA ALA FB 577 37.13 -58.53 -47.01
C ALA FB 577 35.94 -57.77 -47.59
N GLU FB 578 35.00 -57.37 -46.74
CA GLU FB 578 33.91 -56.50 -47.15
C GLU FB 578 34.13 -55.05 -46.75
N ILE FB 579 35.01 -54.80 -45.78
CA ILE FB 579 35.30 -53.42 -45.35
C ILE FB 579 36.43 -52.93 -46.23
N LYS FB 580 36.08 -52.51 -47.44
CA LYS FB 580 36.91 -51.65 -48.24
C LYS FB 580 36.47 -50.20 -48.10
N LEU FB 581 35.48 -49.95 -47.24
CA LEU FB 581 34.97 -48.61 -46.99
C LEU FB 581 36.05 -47.72 -46.40
N GLU FB 582 36.88 -48.28 -45.51
CA GLU FB 582 37.98 -47.51 -44.95
C GLU FB 582 38.90 -47.00 -46.04
N ASN FB 583 39.11 -47.81 -47.08
CA ASN FB 583 39.89 -47.37 -48.23
C ASN FB 583 39.10 -46.38 -49.09
N GLY FB 584 37.79 -46.52 -49.15
CA GLY FB 584 36.96 -45.64 -49.94
C GLY FB 584 36.51 -46.19 -51.28
N GLU FB 585 36.73 -47.48 -51.55
CA GLU FB 585 36.27 -48.04 -52.81
C GLU FB 585 34.75 -48.08 -52.89
N ILE FB 586 34.08 -48.40 -51.78
CA ILE FB 586 32.64 -48.63 -51.77
C ILE FB 586 31.98 -47.66 -50.80
N SER FB 587 30.79 -47.20 -51.17
CA SER FB 587 30.01 -46.30 -50.32
C SER FB 587 29.26 -47.10 -49.25
N VAL FB 588 28.68 -46.37 -48.30
CA VAL FB 588 28.01 -47.01 -47.18
C VAL FB 588 26.74 -47.72 -47.65
N ARG FB 589 26.08 -47.20 -48.68
CA ARG FB 589 24.95 -47.90 -49.26
C ARG FB 589 25.36 -49.29 -49.72
N GLU FB 590 26.52 -49.40 -50.39
CA GLU FB 590 26.99 -50.69 -50.81
C GLU FB 590 27.47 -51.54 -49.64
N PHE FB 591 28.00 -50.92 -48.59
CA PHE FB 591 28.42 -51.70 -47.43
C PHE FB 591 27.22 -52.36 -46.76
N VAL FB 592 26.12 -51.63 -46.61
CA VAL FB 592 24.94 -52.25 -46.00
C VAL FB 592 24.35 -53.29 -46.95
N ARG FB 593 24.47 -53.09 -48.27
CA ARG FB 593 24.01 -54.12 -49.18
C ARG FB 593 24.82 -55.40 -49.03
N ILE FB 594 26.14 -55.26 -48.85
CA ILE FB 594 26.99 -56.41 -48.63
C ILE FB 594 26.58 -57.13 -47.35
N LEU FB 595 26.41 -56.37 -46.26
CA LEU FB 595 26.03 -56.98 -44.99
C LEU FB 595 24.65 -57.61 -45.09
N ALA FB 596 23.73 -56.99 -45.82
CA ALA FB 596 22.38 -57.51 -45.91
C ALA FB 596 22.33 -58.80 -46.71
N LYS FB 597 23.17 -58.92 -47.74
CA LYS FB 597 23.19 -60.16 -48.51
C LYS FB 597 24.08 -61.22 -47.89
N SER FB 598 24.90 -60.87 -46.90
CA SER FB 598 25.82 -61.81 -46.29
C SER FB 598 25.06 -63.01 -45.73
N ASN FB 599 25.78 -64.13 -45.59
CA ASN FB 599 25.15 -65.35 -45.12
C ASN FB 599 24.70 -65.23 -43.67
N LEU FB 600 25.41 -64.44 -42.85
CA LEU FB 600 25.01 -64.24 -41.47
C LEU FB 600 23.62 -63.60 -41.39
N PHE FB 601 23.42 -62.52 -42.14
CA PHE FB 601 22.12 -61.85 -42.14
C PHE FB 601 21.02 -62.78 -42.62
N ARG FB 602 21.29 -63.55 -43.68
CA ARG FB 602 20.30 -64.49 -44.19
C ARG FB 602 19.90 -65.49 -43.11
N SER FB 603 20.88 -66.10 -42.45
CA SER FB 603 20.58 -67.09 -41.44
C SER FB 603 19.81 -66.49 -40.28
N LEU FB 604 20.10 -65.24 -39.93
CA LEU FB 604 19.43 -64.62 -38.80
C LEU FB 604 18.01 -64.21 -39.12
N TYR FB 605 17.76 -63.60 -40.28
CA TYR FB 605 16.51 -62.90 -40.52
C TYR FB 605 15.80 -63.29 -41.81
N TRP FB 606 16.28 -64.29 -42.54
CA TRP FB 606 15.53 -64.80 -43.67
C TRP FB 606 15.21 -66.28 -43.56
N THR FB 607 16.21 -67.11 -43.29
CA THR FB 607 15.99 -68.55 -43.23
C THR FB 607 15.02 -68.99 -42.14
N PRO FB 608 15.03 -68.45 -40.92
CA PRO FB 608 14.17 -68.98 -39.87
C PRO FB 608 12.81 -68.30 -39.74
N LEU FB 609 12.45 -67.37 -40.62
CA LEU FB 609 11.23 -66.59 -40.48
C LEU FB 609 10.32 -66.82 -41.67
N TYR FB 610 9.03 -67.01 -41.39
CA TYR FB 610 8.00 -67.01 -42.43
C TYR FB 610 8.15 -65.78 -43.31
N VAL FB 611 7.83 -65.94 -44.60
CA VAL FB 611 8.31 -65.01 -45.63
C VAL FB 611 7.93 -63.57 -45.29
N THR FB 612 6.63 -63.30 -45.14
CA THR FB 612 6.21 -61.92 -44.93
C THR FB 612 6.71 -61.37 -43.62
N LYS FB 613 6.87 -62.21 -42.60
CA LYS FB 613 7.51 -61.74 -41.37
C LYS FB 613 8.95 -61.33 -41.64
N ALA FB 614 9.65 -62.09 -42.48
CA ALA FB 614 11.02 -61.74 -42.84
C ALA FB 614 11.06 -60.46 -43.66
N ILE FB 615 10.14 -60.30 -44.62
CA ILE FB 615 10.09 -59.08 -45.40
C ILE FB 615 9.90 -57.88 -44.50
N GLU FB 616 9.02 -58.01 -43.50
CA GLU FB 616 8.80 -56.92 -42.56
C GLU FB 616 10.07 -56.60 -41.79
N TYR FB 617 10.73 -57.62 -41.23
CA TYR FB 617 11.88 -57.34 -40.38
C TYR FB 617 13.02 -56.73 -41.18
N ILE FB 618 13.23 -57.22 -42.41
CA ILE FB 618 14.27 -56.63 -43.25
C ILE FB 618 13.94 -55.19 -43.60
N HIS FB 619 12.67 -54.90 -43.89
CA HIS FB 619 12.29 -53.52 -44.19
C HIS FB 619 12.57 -52.62 -43.00
N ARG FB 620 12.29 -53.10 -41.78
CA ARG FB 620 12.55 -52.29 -40.59
C ARG FB 620 14.04 -52.15 -40.31
N ARG FB 621 14.85 -53.16 -40.63
CA ARG FB 621 16.28 -53.04 -40.38
C ARG FB 621 16.97 -52.17 -41.42
N LEU FB 622 16.58 -52.29 -42.70
CA LEU FB 622 17.28 -51.60 -43.79
C LEU FB 622 16.72 -50.20 -44.02
N LEU FB 623 15.44 -50.10 -44.32
CA LEU FB 623 14.78 -48.81 -44.17
C LEU FB 623 14.52 -48.57 -42.69
N GLY FB 624 14.31 -47.31 -42.33
CA GLY FB 624 14.07 -47.06 -40.93
C GLY FB 624 12.68 -47.42 -40.45
N ARG FB 625 11.75 -47.73 -41.34
CA ARG FB 625 10.36 -47.69 -40.95
C ARG FB 625 9.68 -49.03 -41.15
N PRO FB 626 8.69 -49.34 -40.30
CA PRO FB 626 7.80 -50.47 -40.59
C PRO FB 626 7.06 -50.24 -41.88
N THR FB 627 6.69 -51.34 -42.54
CA THR FB 627 5.99 -51.27 -43.82
C THR FB 627 4.66 -50.55 -43.66
N TYR FB 628 4.36 -49.66 -44.60
CA TYR FB 628 3.14 -48.86 -44.51
C TYR FB 628 1.90 -49.74 -44.66
N GLY FB 629 1.76 -50.40 -45.81
CA GLY FB 629 0.59 -51.20 -46.05
C GLY FB 629 0.80 -52.29 -47.07
N ARG FB 630 -0.32 -52.76 -47.63
CA ARG FB 630 -0.24 -53.84 -48.62
C ARG FB 630 0.32 -53.35 -49.94
N GLN FB 631 0.19 -52.06 -50.24
CA GLN FB 631 0.81 -51.51 -51.44
C GLN FB 631 2.30 -51.78 -51.45
N GLU FB 632 2.93 -51.75 -50.28
CA GLU FB 632 4.35 -52.05 -50.18
C GLU FB 632 4.62 -53.54 -49.98
N MET FB 633 3.83 -54.22 -49.16
CA MET FB 633 4.11 -55.62 -48.89
C MET FB 633 3.98 -56.47 -50.15
N ASN FB 634 2.91 -56.28 -50.92
CA ASN FB 634 2.74 -57.06 -52.15
C ASN FB 634 3.84 -56.75 -53.15
N ALA FB 635 4.26 -55.48 -53.22
CA ALA FB 635 5.31 -55.09 -54.16
C ALA FB 635 6.66 -55.65 -53.75
N TYR FB 636 6.92 -55.76 -52.44
CA TYR FB 636 8.14 -56.40 -51.95
C TYR FB 636 7.99 -57.91 -51.79
N PHE FB 637 6.81 -58.44 -52.05
CA PHE FB 637 6.53 -59.87 -51.98
C PHE FB 637 6.66 -60.55 -53.33
N ASP FB 638 6.22 -59.88 -54.39
CA ASP FB 638 6.48 -60.38 -55.74
C ASP FB 638 7.97 -60.45 -56.00
N ILE FB 639 8.71 -59.42 -55.59
CA ILE FB 639 10.16 -59.41 -55.73
C ILE FB 639 10.77 -60.62 -55.01
N ALA FB 640 10.32 -60.87 -53.79
CA ALA FB 640 10.86 -61.97 -53.02
C ALA FB 640 10.54 -63.32 -53.65
N SER FB 641 9.31 -63.48 -54.17
CA SER FB 641 8.92 -64.75 -54.76
C SER FB 641 9.75 -65.06 -56.00
N LYS FB 642 10.18 -64.03 -56.72
CA LYS FB 642 10.91 -64.26 -57.96
C LYS FB 642 12.42 -64.10 -57.84
N LYS FB 643 12.91 -63.48 -56.76
CA LYS FB 643 14.35 -63.26 -56.62
C LYS FB 643 14.93 -63.55 -55.24
N GLY FB 644 14.12 -63.78 -54.21
CA GLY FB 644 14.64 -64.17 -52.93
C GLY FB 644 15.23 -63.04 -52.12
N LEU FB 645 15.98 -63.42 -51.09
CA LEU FB 645 16.52 -62.43 -50.15
C LEU FB 645 17.37 -61.39 -50.85
N TYR FB 646 18.21 -61.82 -51.79
CA TYR FB 646 19.08 -60.89 -52.48
C TYR FB 646 18.27 -59.90 -53.32
N GLY FB 647 17.23 -60.37 -53.99
CA GLY FB 647 16.37 -59.46 -54.75
C GLY FB 647 15.61 -58.50 -53.86
N LEU FB 648 15.03 -59.02 -52.77
CA LEU FB 648 14.30 -58.16 -51.85
C LEU FB 648 15.21 -57.12 -51.21
N VAL FB 649 16.42 -57.52 -50.84
CA VAL FB 649 17.36 -56.59 -50.23
C VAL FB 649 17.72 -55.48 -51.20
N ASP FB 650 18.00 -55.83 -52.45
CA ASP FB 650 18.33 -54.76 -53.39
C ASP FB 650 17.12 -53.88 -53.69
N ALA FB 651 15.92 -54.45 -53.71
CA ALA FB 651 14.74 -53.62 -53.92
C ALA FB 651 14.60 -52.59 -52.82
N ILE FB 652 14.79 -53.01 -51.57
CA ILE FB 652 14.69 -52.08 -50.44
C ILE FB 652 15.78 -51.03 -50.50
N ILE FB 653 17.03 -51.47 -50.73
CA ILE FB 653 18.15 -50.54 -50.67
C ILE FB 653 18.19 -49.64 -51.90
N ASP FB 654 17.70 -50.12 -53.04
CA ASP FB 654 17.61 -49.28 -54.23
C ASP FB 654 16.37 -48.39 -54.23
N SER FB 655 15.43 -48.61 -53.33
CA SER FB 655 14.18 -47.86 -53.32
C SER FB 655 14.45 -46.37 -53.30
N GLN FB 656 13.50 -45.60 -53.81
CA GLN FB 656 13.63 -44.15 -53.78
C GLN FB 656 13.72 -43.63 -52.36
N GLU FB 657 13.10 -44.33 -51.40
CA GLU FB 657 13.09 -43.83 -50.04
C GLU FB 657 14.44 -44.01 -49.35
N TYR FB 658 15.16 -45.09 -49.66
CA TYR FB 658 16.49 -45.25 -49.08
C TYR FB 658 17.42 -44.15 -49.55
N SER FB 659 17.29 -43.74 -50.81
CA SER FB 659 18.12 -42.64 -51.30
C SER FB 659 17.65 -41.30 -50.77
N GLU FB 660 16.34 -41.13 -50.60
CA GLU FB 660 15.84 -39.85 -50.11
C GLU FB 660 16.18 -39.64 -48.65
N ALA FB 661 15.98 -40.66 -47.82
CA ALA FB 661 16.43 -40.66 -46.43
C ALA FB 661 17.44 -41.77 -46.27
N PHE FB 662 18.58 -41.44 -45.64
CA PHE FB 662 19.83 -42.18 -45.53
C PHE FB 662 20.75 -41.96 -46.74
N GLY FB 663 20.30 -41.26 -47.78
CA GLY FB 663 21.14 -41.02 -48.96
C GLY FB 663 21.94 -42.21 -49.43
N GLU FB 664 23.19 -41.96 -49.83
CA GLU FB 664 24.14 -43.02 -50.16
C GLU FB 664 25.41 -42.89 -49.33
N ASP FB 665 25.35 -42.11 -48.26
CA ASP FB 665 26.50 -41.87 -47.39
C ASP FB 665 26.20 -42.18 -45.93
N THR FB 666 24.94 -42.37 -45.57
CA THR FB 666 24.50 -42.45 -44.18
C THR FB 666 24.13 -43.88 -43.82
N VAL FB 667 24.56 -44.31 -42.64
CA VAL FB 667 24.09 -45.59 -42.12
C VAL FB 667 22.59 -45.48 -41.84
N PRO FB 668 21.79 -46.50 -42.16
CA PRO FB 668 20.36 -46.42 -41.86
C PRO FB 668 20.12 -46.30 -40.36
N TYR FB 669 18.99 -45.67 -40.02
CA TYR FB 669 18.62 -45.48 -38.63
C TYR FB 669 17.11 -45.58 -38.51
N GLU FB 670 16.65 -45.92 -37.31
CA GLU FB 670 15.23 -46.09 -37.05
C GLU FB 670 14.48 -44.77 -37.24
N ARG FB 671 13.67 -44.68 -38.29
CA ARG FB 671 12.97 -43.45 -38.63
C ARG FB 671 11.51 -43.43 -38.20
N TYR FB 672 10.92 -44.58 -37.95
CA TYR FB 672 9.54 -44.66 -37.51
C TYR FB 672 9.35 -45.88 -36.63
N ILE FB 673 8.31 -45.86 -35.80
CA ILE FB 673 7.93 -47.00 -34.99
C ILE FB 673 6.42 -47.10 -34.97
N THR FB 674 5.92 -48.33 -34.90
CA THR FB 674 4.50 -48.56 -34.77
C THR FB 674 4.02 -48.18 -33.37
N PRO FB 675 2.76 -47.77 -33.22
CA PRO FB 675 2.31 -47.25 -31.92
C PRO FB 675 2.43 -48.22 -30.77
N GLN FB 676 2.41 -49.53 -31.02
CA GLN FB 676 2.62 -50.48 -29.93
C GLN FB 676 4.10 -50.76 -29.69
N GLY FB 677 4.99 -50.13 -30.44
CA GLY FB 677 6.39 -50.12 -30.09
C GLY FB 677 6.66 -48.92 -29.20
N LEU FB 678 5.99 -47.81 -29.51
CA LEU FB 678 6.04 -46.68 -28.60
C LEU FB 678 5.32 -46.99 -27.29
N ALA FB 679 4.31 -47.86 -27.32
CA ALA FB 679 3.69 -48.30 -26.08
C ALA FB 679 4.69 -49.04 -25.20
N LEU FB 680 5.51 -49.90 -25.79
CA LEU FB 680 6.48 -50.65 -25.00
C LEU FB 680 7.55 -49.74 -24.42
N ARG FB 681 8.12 -48.86 -25.24
CA ARG FB 681 9.19 -47.98 -24.74
C ARG FB 681 8.66 -46.98 -23.74
N SER FB 682 7.60 -46.26 -24.09
CA SER FB 682 7.31 -44.97 -23.51
C SER FB 682 6.25 -44.99 -22.41
N LEU FB 683 5.70 -46.16 -22.07
CA LEU FB 683 4.66 -46.22 -21.06
C LEU FB 683 5.04 -47.08 -19.86
N ARG FB 684 6.27 -47.55 -19.79
CA ARG FB 684 6.76 -48.14 -18.57
C ARG FB 684 7.00 -47.05 -17.54
N VAL FB 685 6.81 -47.39 -16.26
CA VAL FB 685 7.14 -46.46 -15.20
C VAL FB 685 8.59 -46.07 -15.33
N GLY FB 686 8.87 -44.78 -15.25
CA GLY FB 686 10.19 -44.25 -15.52
C GLY FB 686 10.32 -43.59 -16.89
N THR FB 687 9.48 -43.98 -17.84
CA THR FB 687 9.39 -43.31 -19.12
C THR FB 687 8.05 -42.63 -19.37
N ILE FB 688 6.99 -43.04 -18.68
CA ILE FB 688 5.69 -42.41 -18.90
C ILE FB 688 5.72 -40.97 -18.41
N GLY FB 689 6.43 -40.71 -17.31
CA GLY FB 689 6.50 -39.37 -16.75
C GLY FB 689 5.11 -38.83 -16.44
N GLU FB 690 4.70 -37.82 -17.20
CA GLU FB 690 3.36 -37.24 -17.09
C GLU FB 690 2.43 -37.65 -18.23
N THR FB 691 2.90 -38.47 -19.16
CA THR FB 691 2.16 -38.76 -20.38
C THR FB 691 0.90 -39.57 -20.06
N GLY FB 692 -0.26 -38.91 -20.13
CA GLY FB 692 -1.52 -39.62 -20.01
C GLY FB 692 -2.59 -38.92 -19.19
N VAL FB 693 -2.19 -38.21 -18.13
CA VAL FB 693 -3.12 -37.37 -17.38
C VAL FB 693 -2.45 -36.06 -17.03
N PRO FB 694 -3.22 -34.99 -16.96
CA PRO FB 694 -2.66 -33.70 -16.54
C PRO FB 694 -2.08 -33.80 -15.14
N PRO FB 695 -0.92 -33.21 -14.91
CA PRO FB 695 -0.22 -33.42 -13.63
C PRO FB 695 -0.86 -32.64 -12.49
N GLU FB 696 -0.49 -33.04 -11.28
CA GLU FB 696 -0.86 -32.29 -10.09
C GLU FB 696 -0.27 -30.89 -10.14
N LYS FB 697 -1.08 -29.90 -9.78
CA LYS FB 697 -0.66 -28.50 -9.95
C LYS FB 697 0.42 -28.12 -8.95
N GLU FB 698 0.29 -28.57 -7.70
CA GLU FB 698 1.29 -28.34 -6.65
C GLU FB 698 1.58 -26.84 -6.46
N GLU FB 699 0.51 -26.09 -6.21
CA GLU FB 699 0.63 -24.68 -5.87
C GLU FB 699 0.69 -24.52 -4.35
N THR FB 700 1.17 -23.36 -3.92
CA THR FB 700 1.10 -23.11 -2.50
C THR FB 700 -0.32 -22.65 -2.11
N PRO FB 701 -0.77 -22.99 -0.92
CA PRO FB 701 -2.03 -22.46 -0.43
C PRO FB 701 -1.90 -20.97 -0.14
N ARG FB 702 -3.04 -20.28 -0.14
CA ARG FB 702 -3.00 -18.85 0.11
C ARG FB 702 -2.57 -18.53 1.54
N PHE FB 703 -2.93 -19.39 2.51
CA PHE FB 703 -2.61 -19.07 3.89
C PHE FB 703 -1.11 -19.05 4.15
N VAL FB 704 -0.34 -19.81 3.37
CA VAL FB 704 1.12 -19.75 3.48
C VAL FB 704 1.60 -18.35 3.09
N GLU FB 705 1.10 -17.84 1.97
CA GLU FB 705 1.55 -16.56 1.46
C GLU FB 705 1.13 -15.42 2.37
N LEU FB 706 -0.05 -15.50 2.96
CA LEU FB 706 -0.55 -14.39 3.75
C LEU FB 706 0.30 -14.13 4.98
N GLY FB 707 0.78 -15.20 5.63
CA GLY FB 707 1.55 -15.04 6.84
C GLY FB 707 3.04 -15.21 6.70
N ALA FB 708 3.54 -15.11 5.47
CA ALA FB 708 4.97 -15.27 5.20
C ALA FB 708 5.62 -13.90 5.09
N VAL FB 709 6.66 -13.68 5.89
CA VAL FB 709 7.51 -12.52 5.71
C VAL FB 709 8.49 -12.83 4.58
N THR FB 710 8.56 -11.93 3.60
CA THR FB 710 9.38 -12.15 2.42
C THR FB 710 10.68 -11.36 2.43
N GLU FB 711 10.82 -10.40 3.34
CA GLU FB 711 12.12 -9.80 3.59
C GLU FB 711 13.07 -10.88 4.08
N LEU FB 712 14.27 -10.91 3.51
CA LEU FB 712 15.29 -11.88 3.92
C LEU FB 712 16.09 -11.27 5.07
N ARG FB 713 15.51 -11.34 6.25
CA ARG FB 713 16.12 -10.72 7.42
C ARG FB 713 17.41 -11.43 7.79
N THR FB 714 18.36 -10.66 8.28
CA THR FB 714 19.68 -11.14 8.66
C THR FB 714 19.95 -10.82 10.12
N GLU FB 715 21.15 -11.17 10.60
CA GLU FB 715 21.44 -11.11 12.03
C GLU FB 715 21.17 -9.75 12.66
N PRO FB 716 21.61 -8.63 12.11
CA PRO FB 716 21.27 -7.35 12.76
C PRO FB 716 19.77 -7.13 12.86
N ALA FB 717 19.03 -7.44 11.80
CA ALA FB 717 17.58 -7.26 11.81
C ALA FB 717 16.93 -8.21 12.81
N ILE FB 718 17.37 -9.47 12.86
CA ILE FB 718 16.76 -10.42 13.77
C ILE FB 718 17.08 -10.06 15.21
N GLN FB 719 18.32 -9.66 15.48
CA GLN FB 719 18.69 -9.22 16.82
C GLN FB 719 17.82 -8.06 17.28
N PHE FB 720 17.51 -7.14 16.37
CA PHE FB 720 16.69 -5.99 16.74
C PHE FB 720 15.21 -6.34 16.77
N ARG FB 721 14.71 -6.98 15.72
CA ARG FB 721 13.28 -7.29 15.62
C ARG FB 721 12.83 -8.33 16.64
N ALA FB 722 13.74 -9.09 17.23
CA ALA FB 722 13.36 -10.01 18.28
C ALA FB 722 13.33 -9.35 19.64
N ASN FB 723 14.16 -8.33 19.85
CA ASN FB 723 14.23 -7.61 21.12
C ASN FB 723 13.56 -6.25 21.05
N GLN FB 724 12.68 -6.04 20.08
CA GLN FB 724 11.85 -4.85 20.05
C GLN FB 724 10.77 -4.93 21.12
N GLY FB 725 10.39 -3.77 21.64
CA GLY FB 725 9.30 -3.68 22.60
C GLY FB 725 9.80 -3.37 24.01
N VAL FB 726 8.86 -3.39 24.95
CA VAL FB 726 9.21 -3.17 26.35
C VAL FB 726 10.25 -4.20 26.78
N SER FB 727 11.00 -3.86 27.82
CA SER FB 727 12.06 -4.74 28.30
C SER FB 727 11.49 -6.10 28.68
N LYS FB 728 12.24 -7.16 28.35
CA LYS FB 728 11.80 -8.49 28.71
C LYS FB 728 11.78 -8.71 30.21
N ARG FB 729 12.48 -7.89 30.98
CA ARG FB 729 12.41 -8.04 32.43
C ARG FB 729 11.03 -7.72 32.98
N ARG FB 730 10.06 -7.38 32.14
CA ARG FB 730 8.69 -7.28 32.60
C ARG FB 730 8.12 -8.66 32.91
N GLU FB 731 8.52 -9.67 32.16
CA GLU FB 731 8.09 -11.04 32.41
C GLU FB 731 9.20 -11.96 32.87
N GLN FB 732 10.46 -11.52 32.83
CA GLN FB 732 11.58 -12.30 33.31
C GLN FB 732 11.95 -11.92 34.75
N THR FB 733 10.97 -11.56 35.56
CA THR FB 733 11.20 -11.18 36.95
C THR FB 733 10.41 -12.09 37.87
N LYS FB 734 10.58 -11.87 39.17
CA LYS FB 734 9.82 -12.58 40.19
C LYS FB 734 9.30 -11.58 41.21
N VAL FB 735 8.15 -11.90 41.80
CA VAL FB 735 7.55 -11.07 42.83
C VAL FB 735 7.38 -11.91 44.09
N PHE FB 736 7.72 -11.33 45.23
CA PHE FB 736 7.78 -12.03 46.50
C PHE FB 736 6.61 -11.61 47.38
N LYS FB 737 6.01 -12.58 48.07
CA LYS FB 737 4.87 -12.32 48.93
C LYS FB 737 5.06 -13.04 50.26
N LEU FB 738 4.65 -12.37 51.34
CA LEU FB 738 4.62 -12.98 52.67
C LEU FB 738 3.29 -13.70 52.87
N THR FB 739 3.06 -14.71 52.02
CA THR FB 739 1.78 -15.41 52.02
C THR FB 739 1.54 -16.14 53.33
N ASP FB 740 2.56 -16.84 53.82
CA ASP FB 740 2.46 -17.57 55.08
C ASP FB 740 3.64 -17.22 55.95
N LEU FB 741 3.37 -16.61 57.11
CA LEU FB 741 4.43 -16.34 58.07
C LEU FB 741 5.11 -17.61 58.54
N ASN FB 742 4.44 -18.75 58.45
CA ASN FB 742 4.97 -20.00 58.99
C ASN FB 742 6.01 -20.63 58.07
N ASP FB 743 5.97 -20.35 56.78
CA ASP FB 743 6.91 -20.97 55.83
C ASP FB 743 8.23 -20.19 55.88
N LYS FB 744 9.19 -20.71 56.65
CA LYS FB 744 10.39 -19.95 56.96
C LYS FB 744 11.32 -19.82 55.76
N GLN FB 745 11.36 -20.83 54.88
CA GLN FB 745 12.16 -20.73 53.67
C GLN FB 745 11.75 -19.52 52.85
N ASN FB 746 10.46 -19.39 52.56
CA ASN FB 746 9.98 -18.23 51.82
C ASN FB 746 10.23 -16.94 52.59
N LEU FB 747 10.09 -16.98 53.91
CA LEU FB 747 10.28 -15.75 54.68
C LEU FB 747 11.71 -15.22 54.54
N GLN FB 748 12.70 -16.10 54.57
CA GLN FB 748 14.06 -15.65 54.34
C GLN FB 748 14.21 -15.07 52.95
N LEU FB 749 13.61 -15.71 51.94
CA LEU FB 749 13.71 -15.17 50.59
C LEU FB 749 13.10 -13.78 50.50
N VAL FB 750 11.94 -13.58 51.12
CA VAL FB 750 11.24 -12.31 51.02
C VAL FB 750 11.98 -11.22 51.80
N ILE FB 751 12.57 -11.57 52.94
CA ILE FB 751 13.38 -10.61 53.68
C ILE FB 751 14.56 -10.15 52.85
N GLN FB 752 15.28 -11.10 52.24
CA GLN FB 752 16.41 -10.75 51.39
C GLN FB 752 15.96 -9.92 50.20
N ALA FB 753 14.81 -10.27 49.62
CA ALA FB 753 14.30 -9.53 48.48
C ALA FB 753 14.00 -8.08 48.84
N ALA FB 754 13.47 -7.86 50.04
CA ALA FB 754 13.24 -6.48 50.48
C ALA FB 754 14.54 -5.71 50.56
N TYR FB 755 15.62 -6.36 51.02
CA TYR FB 755 16.92 -5.71 50.96
C TYR FB 755 17.30 -5.35 49.53
N ARG FB 756 17.11 -6.30 48.60
CA ARG FB 756 17.53 -6.08 47.23
C ARG FB 756 16.79 -4.93 46.59
N GLN FB 757 15.49 -4.79 46.85
CA GLN FB 757 14.74 -3.68 46.26
C GLN FB 757 15.05 -2.37 46.96
N VAL FB 758 15.07 -2.36 48.30
CA VAL FB 758 15.16 -1.10 49.03
C VAL FB 758 16.57 -0.53 48.94
N PHE FB 759 17.58 -1.36 49.17
CA PHE FB 759 18.96 -0.90 49.19
C PHE FB 759 19.70 -1.14 47.87
N GLU FB 760 19.02 -1.73 46.88
CA GLU FB 760 19.50 -1.95 45.52
C GLU FB 760 20.55 -3.07 45.42
N ARG FB 761 20.98 -3.63 46.54
CA ARG FB 761 21.98 -4.70 46.53
C ARG FB 761 21.90 -5.42 47.85
N ASP FB 762 22.48 -6.62 47.90
CA ASP FB 762 22.58 -7.32 49.17
C ASP FB 762 23.51 -6.54 50.10
N VAL FB 763 23.13 -6.46 51.37
CA VAL FB 763 23.71 -5.47 52.26
C VAL FB 763 24.89 -6.03 53.06
N ALA FB 764 25.34 -7.23 52.74
CA ALA FB 764 26.46 -7.80 53.48
C ALA FB 764 27.71 -6.93 53.39
N PRO FB 765 28.16 -6.51 52.21
CA PRO FB 765 29.01 -5.31 52.17
C PRO FB 765 28.16 -4.10 52.52
N TYR FB 766 28.79 -3.11 53.13
CA TYR FB 766 28.21 -1.83 53.53
C TYR FB 766 27.42 -1.86 54.84
N ILE FB 767 27.47 -2.94 55.62
CA ILE FB 767 26.97 -2.92 57.00
C ILE FB 767 27.99 -3.59 57.91
N VAL FB 768 28.22 -2.98 59.07
CA VAL FB 768 29.15 -3.56 60.05
C VAL FB 768 28.61 -4.90 60.55
N ARG FB 769 27.44 -4.87 61.15
CA ARG FB 769 26.68 -6.04 61.56
C ARG FB 769 25.32 -5.95 60.89
N ASP FB 770 24.58 -7.06 60.85
CA ASP FB 770 23.21 -6.96 60.39
C ASP FB 770 22.41 -6.17 61.42
N GLU FB 771 21.84 -5.05 60.99
CA GLU FB 771 21.17 -4.11 61.88
C GLU FB 771 19.67 -4.14 61.71
N PHE FB 772 19.12 -5.29 61.31
CA PHE FB 772 17.69 -5.45 61.11
C PHE FB 772 17.22 -6.66 61.90
N THR FB 773 16.23 -6.45 62.76
CA THR FB 773 15.56 -7.57 63.42
C THR FB 773 14.34 -7.89 62.56
N ALA FB 774 14.45 -8.97 61.79
CA ALA FB 774 13.34 -9.46 60.98
C ALA FB 774 12.43 -10.38 61.76
N LEU FB 775 12.72 -10.61 63.04
CA LEU FB 775 11.91 -11.50 63.86
C LEU FB 775 10.50 -10.96 64.04
N GLU FB 776 10.32 -9.65 64.09
CA GLU FB 776 8.97 -9.11 64.21
C GLU FB 776 8.15 -9.41 62.95
N SER FB 777 8.79 -9.42 61.78
CA SER FB 777 8.08 -9.81 60.57
C SER FB 777 7.89 -11.31 60.48
N LYS FB 778 8.80 -12.08 61.05
CA LYS FB 778 8.80 -13.54 60.90
C LYS FB 778 8.09 -14.18 62.09
N LEU FB 779 6.98 -14.85 61.81
CA LEU FB 779 6.19 -15.54 62.84
C LEU FB 779 5.75 -14.57 63.96
N SER FB 780 5.50 -13.32 63.59
CA SER FB 780 5.05 -12.33 64.55
C SER FB 780 4.27 -11.26 63.79
N ASN FB 781 3.43 -10.53 64.54
CA ASN FB 781 2.57 -9.51 63.96
C ASN FB 781 3.12 -8.11 64.12
N GLY FB 782 4.29 -7.94 64.75
CA GLY FB 782 4.82 -6.61 64.95
C GLY FB 782 5.12 -5.89 63.65
N GLU FB 783 5.78 -6.58 62.73
CA GLU FB 783 6.01 -6.09 61.37
C GLU FB 783 5.51 -7.11 60.37
N ILE FB 784 4.37 -7.74 60.68
CA ILE FB 784 3.75 -8.67 59.75
C ILE FB 784 3.48 -7.98 58.43
N THR FB 785 2.96 -6.76 58.50
CA THR FB 785 2.85 -5.92 57.33
C THR FB 785 4.23 -5.70 56.73
N LEU FB 786 4.49 -6.29 55.57
CA LEU FB 786 5.67 -5.89 54.80
C LEU FB 786 5.61 -4.41 54.48
N LYS FB 787 4.40 -3.88 54.32
CA LYS FB 787 4.17 -2.45 54.26
C LYS FB 787 4.80 -1.73 55.45
N GLU FB 788 5.08 -2.44 56.54
CA GLU FB 788 5.83 -1.88 57.65
C GLU FB 788 7.30 -2.26 57.64
N PHE FB 789 7.63 -3.48 57.22
CA PHE FB 789 9.04 -3.88 57.16
C PHE FB 789 9.81 -3.04 56.16
N ILE FB 790 9.24 -2.84 54.97
CA ILE FB 790 9.87 -1.99 53.96
C ILE FB 790 10.03 -0.58 54.49
N GLU FB 791 8.98 -0.05 55.14
CA GLU FB 791 9.05 1.29 55.70
C GLU FB 791 10.10 1.39 56.80
N ALA FB 792 10.18 0.37 57.66
CA ALA FB 792 11.17 0.38 58.73
C ALA FB 792 12.58 0.43 58.16
N LEU FB 793 12.85 -0.41 57.17
CA LEU FB 793 14.14 -0.34 56.47
C LEU FB 793 14.38 1.04 55.89
N GLY FB 794 13.32 1.66 55.35
CA GLY FB 794 13.48 2.99 54.79
C GLY FB 794 13.85 4.02 55.83
N CYS FB 795 13.24 3.95 57.01
CA CYS FB 795 13.59 4.88 58.08
C CYS FB 795 15.04 4.70 58.51
N SER FB 796 15.55 3.46 58.46
CA SER FB 796 16.82 3.09 59.07
C SER FB 796 18.01 3.95 58.62
N GLU FB 797 19.10 3.89 59.38
CA GLU FB 797 20.30 4.63 59.05
C GLU FB 797 20.88 4.19 57.71
N LEU FB 798 20.82 2.90 57.40
CA LEU FB 798 21.45 2.39 56.19
C LEU FB 798 20.87 3.05 54.95
N TYR FB 799 19.55 3.19 54.88
CA TYR FB 799 18.96 3.92 53.78
C TYR FB 799 19.40 5.37 53.79
N GLN FB 800 19.47 5.98 54.98
CA GLN FB 800 19.91 7.36 55.09
C GLN FB 800 21.32 7.54 54.53
N LYS FB 801 22.26 6.73 55.00
CA LYS FB 801 23.64 6.81 54.52
C LYS FB 801 23.72 6.54 53.03
N GLU FB 802 22.86 5.65 52.51
CA GLU FB 802 23.02 5.22 51.13
C GLU FB 802 22.37 6.17 50.14
N PHE FB 803 21.25 6.79 50.50
CA PHE FB 803 20.46 7.53 49.52
C PHE FB 803 20.00 8.91 49.94
N TYR FB 804 19.99 9.24 51.22
CA TYR FB 804 19.66 10.60 51.64
C TYR FB 804 20.91 11.44 51.88
N THR FB 805 21.86 10.91 52.62
CA THR FB 805 23.11 11.63 52.84
C THR FB 805 23.84 12.03 51.57
N PRO FB 806 23.92 11.21 50.51
CA PRO FB 806 24.77 11.58 49.37
C PRO FB 806 24.11 12.33 48.22
N TYR FB 807 22.81 12.57 48.22
CA TYR FB 807 22.20 13.14 47.02
C TYR FB 807 21.27 14.30 47.38
N PRO FB 808 21.04 15.23 46.45
CA PRO FB 808 20.10 16.30 46.73
C PRO FB 808 18.69 15.74 46.82
N ASN FB 809 17.82 16.51 47.48
CA ASN FB 809 16.46 16.01 47.73
C ASN FB 809 15.76 15.60 46.44
N THR FB 810 16.07 16.26 45.33
CA THR FB 810 15.48 15.88 44.05
C THR FB 810 15.84 14.44 43.70
N LYS FB 811 17.12 14.09 43.83
CA LYS FB 811 17.53 12.72 43.56
C LYS FB 811 17.03 11.77 44.64
N VAL FB 812 16.89 12.25 45.87
CA VAL FB 812 16.29 11.42 46.91
C VAL FB 812 14.88 11.00 46.52
N ILE FB 813 14.11 11.94 45.95
CA ILE FB 813 12.74 11.63 45.56
C ILE FB 813 12.71 10.61 44.44
N GLU FB 814 13.54 10.82 43.39
CA GLU FB 814 13.53 9.87 42.28
C GLU FB 814 13.95 8.48 42.75
N LEU FB 815 14.99 8.41 43.59
CA LEU FB 815 15.43 7.12 44.11
C LEU FB 815 14.39 6.52 45.05
N GLY FB 816 13.72 7.37 45.83
CA GLY FB 816 12.73 6.85 46.75
C GLY FB 816 11.55 6.22 46.04
N THR FB 817 11.05 6.87 44.99
CA THR FB 817 9.97 6.26 44.22
C THR FB 817 10.44 5.01 43.49
N LYS FB 818 11.71 4.96 43.09
CA LYS FB 818 12.23 3.73 42.51
C LYS FB 818 12.32 2.63 43.56
N HIS FB 819 12.72 2.97 44.79
CA HIS FB 819 12.98 1.97 45.80
C HIS FB 819 11.71 1.48 46.48
N PHE FB 820 10.67 2.29 46.54
CA PHE FB 820 9.46 1.91 47.24
C PHE FB 820 8.24 1.79 46.35
N LEU FB 821 8.06 2.69 45.40
CA LEU FB 821 6.90 2.66 44.51
C LEU FB 821 7.20 2.02 43.16
N GLY FB 822 8.46 1.72 42.87
CA GLY FB 822 8.78 1.03 41.63
C GLY FB 822 8.70 1.87 40.38
N ARG FB 823 8.60 3.19 40.50
CA ARG FB 823 8.47 4.06 39.34
C ARG FB 823 9.22 5.36 39.61
N ALA FB 824 9.22 6.23 38.62
CA ALA FB 824 9.76 7.58 38.71
C ALA FB 824 8.66 8.53 39.17
N PRO FB 825 9.02 9.73 39.65
CA PRO FB 825 7.99 10.69 40.04
C PRO FB 825 7.00 10.94 38.92
N LEU FB 826 5.71 10.83 39.26
CA LEU FB 826 4.67 10.89 38.23
C LEU FB 826 4.66 12.25 37.53
N ASP FB 827 4.64 13.33 38.30
CA ASP FB 827 4.61 14.66 37.73
C ASP FB 827 5.12 15.65 38.77
N GLN FB 828 5.13 16.93 38.40
CA GLN FB 828 5.64 17.96 39.29
C GLN FB 828 4.84 18.02 40.59
N ALA FB 829 3.58 17.60 40.56
CA ALA FB 829 2.78 17.59 41.77
C ALA FB 829 3.42 16.72 42.84
N GLU FB 830 3.82 15.51 42.48
CA GLU FB 830 4.49 14.64 43.43
C GLU FB 830 5.87 15.17 43.78
N ILE FB 831 6.56 15.77 42.81
CA ILE FB 831 7.84 16.41 43.12
C ILE FB 831 7.66 17.44 44.23
N ARG FB 832 6.63 18.27 44.11
CA ARG FB 832 6.41 19.33 45.09
C ARG FB 832 5.99 18.76 46.44
N ARG FB 833 5.05 17.83 46.45
CA ARG FB 833 4.57 17.26 47.71
C ARG FB 833 5.71 16.61 48.47
N TYR FB 834 6.48 15.75 47.80
CA TYR FB 834 7.58 15.07 48.48
C TYR FB 834 8.70 16.03 48.83
N ASN FB 835 8.86 17.12 48.08
CA ASN FB 835 9.89 18.08 48.48
C ASN FB 835 9.46 18.85 49.72
N GLN FB 836 8.18 19.20 49.83
CA GLN FB 836 7.67 19.76 51.07
C GLN FB 836 8.00 18.86 52.25
N ILE FB 837 7.71 17.57 52.10
CA ILE FB 837 7.93 16.62 53.19
C ILE FB 837 9.42 16.50 53.50
N LEU FB 838 10.25 16.39 52.47
CA LEU FB 838 11.70 16.31 52.70
C LEU FB 838 12.25 17.62 53.24
N ALA FB 839 11.60 18.73 52.93
CA ALA FB 839 12.08 20.03 53.41
C ALA FB 839 11.81 20.22 54.88
N THR FB 840 10.61 19.84 55.34
CA THR FB 840 10.16 20.21 56.66
C THR FB 840 10.11 19.06 57.65
N GLN FB 841 10.12 17.82 57.17
CA GLN FB 841 9.96 16.67 58.05
C GLN FB 841 10.99 15.59 57.87
N GLY FB 842 11.77 15.59 56.80
CA GLY FB 842 12.89 14.70 56.69
C GLY FB 842 12.59 13.35 56.07
N LEU FB 843 13.62 12.50 56.13
CA LEU FB 843 13.60 11.22 55.41
C LEU FB 843 12.54 10.28 55.97
N LYS FB 844 12.41 10.21 57.29
CA LYS FB 844 11.44 9.29 57.87
C LYS FB 844 10.05 9.59 57.38
N ALA FB 845 9.67 10.87 57.36
CA ALA FB 845 8.34 11.25 56.90
C ALA FB 845 8.18 11.00 55.41
N PHE FB 846 9.23 11.26 54.61
CA PHE FB 846 9.13 11.06 53.17
C PHE FB 846 8.94 9.59 52.83
N VAL FB 847 9.73 8.71 53.45
CA VAL FB 847 9.58 7.27 53.21
C VAL FB 847 8.21 6.82 53.70
N GLN FB 848 7.79 7.30 54.87
CA GLN FB 848 6.48 6.97 55.39
C GLN FB 848 5.38 7.41 54.44
N ALA FB 849 5.53 8.57 53.82
CA ALA FB 849 4.52 9.05 52.88
C ALA FB 849 4.46 8.19 51.63
N LEU FB 850 5.61 7.80 51.10
CA LEU FB 850 5.63 6.93 49.92
C LEU FB 850 4.93 5.62 50.21
N VAL FB 851 5.28 4.97 51.32
CA VAL FB 851 4.74 3.65 51.63
C VAL FB 851 3.26 3.74 52.01
N SER FB 852 2.88 4.77 52.77
CA SER FB 852 1.49 4.96 53.13
C SER FB 852 0.62 5.29 51.92
N SER FB 853 1.22 5.86 50.87
CA SER FB 853 0.46 6.32 49.71
C SER FB 853 -0.47 5.23 49.19
N ALA FB 854 -1.63 5.65 48.70
CA ALA FB 854 -2.58 4.71 48.12
C ALA FB 854 -1.99 3.99 46.92
N GLU FB 855 -0.95 4.55 46.31
CA GLU FB 855 -0.30 3.87 45.19
C GLU FB 855 0.44 2.62 45.65
N TYR FB 856 1.21 2.73 46.73
CA TYR FB 856 1.85 1.54 47.29
C TYR FB 856 0.83 0.47 47.60
N ALA FB 857 -0.23 0.84 48.31
CA ALA FB 857 -1.23 -0.13 48.74
C ALA FB 857 -1.92 -0.77 47.55
N GLN FB 858 -2.35 0.03 46.58
CA GLN FB 858 -3.10 -0.51 45.45
C GLN FB 858 -2.23 -1.45 44.61
N ALA FB 859 -1.02 -1.02 44.27
CA ALA FB 859 -0.20 -1.82 43.37
C ALA FB 859 0.51 -2.95 44.11
N PHE FB 860 1.37 -2.61 45.06
CA PHE FB 860 2.18 -3.62 45.72
C PHE FB 860 1.41 -4.34 46.80
N GLY FB 861 0.80 -3.60 47.73
CA GLY FB 861 -0.04 -4.19 48.74
C GLY FB 861 0.69 -4.51 50.02
N GLU FB 862 -0.08 -4.94 51.02
CA GLU FB 862 0.46 -5.19 52.34
C GLU FB 862 1.51 -6.29 52.33
N ASP FB 863 1.38 -7.26 51.43
CA ASP FB 863 2.18 -8.46 51.50
C ASP FB 863 2.96 -8.73 50.22
N THR FB 864 3.60 -7.71 49.66
CA THR FB 864 4.42 -7.90 48.47
C THR FB 864 5.62 -6.98 48.53
N VAL FB 865 6.82 -7.54 48.42
CA VAL FB 865 8.00 -6.71 48.28
C VAL FB 865 7.87 -5.89 47.00
N PRO FB 866 8.02 -4.57 47.05
CA PRO FB 866 7.84 -3.76 45.85
C PRO FB 866 8.77 -4.20 44.73
N TYR FB 867 8.27 -4.16 43.50
CA TYR FB 867 9.00 -4.67 42.36
C TYR FB 867 9.10 -3.59 41.29
N ARG FB 868 10.09 -3.77 40.41
CA ARG FB 868 10.28 -2.89 39.26
C ARG FB 868 9.00 -2.87 38.42
N ARG FB 869 8.31 -1.75 38.40
CA ARG FB 869 7.06 -1.64 37.68
C ARG FB 869 7.29 -0.93 36.36
N PHE FB 870 6.62 -1.40 35.32
CA PHE FB 870 6.69 -0.78 34.00
C PHE FB 870 5.42 0.03 33.79
N PRO FB 871 5.40 1.28 34.22
CA PRO FB 871 4.17 2.07 34.13
C PRO FB 871 3.81 2.39 32.70
N THR FB 872 2.53 2.59 32.46
CA THR FB 872 2.07 2.99 31.13
C THR FB 872 1.29 4.30 31.13
N LEU FB 873 0.28 4.44 31.99
CA LEU FB 873 -0.70 5.51 31.79
C LEU FB 873 -0.10 6.90 31.96
N PRO FB 874 0.55 7.25 33.07
CA PRO FB 874 1.16 8.58 33.15
C PRO FB 874 2.18 8.72 32.02
N ALA FB 875 2.12 9.86 31.33
CA ALA FB 875 2.64 9.90 29.98
C ALA FB 875 4.17 9.96 29.95
N ALA FB 876 4.78 10.81 30.76
CA ALA FB 876 6.23 10.85 30.83
C ALA FB 876 6.81 9.83 31.79
N ASN FB 877 5.94 9.11 32.50
CA ASN FB 877 6.42 8.24 33.58
C ASN FB 877 7.21 7.05 33.05
N PHE FB 878 6.72 6.40 31.99
CA PHE FB 878 7.43 5.23 31.49
C PHE FB 878 8.84 5.53 30.99
N PRO FB 879 9.07 6.52 30.12
CA PRO FB 879 10.46 6.80 29.72
C PRO FB 879 11.33 7.17 30.89
N ASN FB 880 10.81 7.97 31.83
CA ASN FB 880 11.59 8.32 33.00
C ASN FB 880 11.92 7.08 33.82
N THR FB 881 10.95 6.18 33.99
CA THR FB 881 11.16 5.00 34.82
C THR FB 881 12.23 4.09 34.24
N GLU FB 882 12.21 3.90 32.92
CA GLU FB 882 13.24 3.08 32.30
C GLU FB 882 14.62 3.71 32.50
N LYS FB 883 14.72 5.03 32.41
CA LYS FB 883 16.00 5.67 32.63
C LYS FB 883 16.48 5.48 34.06
N LEU FB 884 15.57 5.51 35.03
CA LEU FB 884 15.96 5.27 36.41
C LEU FB 884 16.45 3.84 36.61
N HIS FB 885 15.70 2.87 36.09
CA HIS FB 885 16.00 1.47 36.38
C HIS FB 885 17.20 0.95 35.59
N ASN FB 886 17.46 1.50 34.41
CA ASN FB 886 18.60 1.04 33.63
C ASN FB 886 19.92 1.39 34.31
N GLN FB 887 19.98 2.55 34.96
CA GLN FB 887 21.16 2.91 35.72
C GLN FB 887 21.43 1.89 36.82
N LEU FB 888 22.67 1.45 36.94
CA LEU FB 888 23.05 0.69 38.12
C LEU FB 888 23.25 1.64 39.29
N THR FB 889 23.45 1.05 40.47
CA THR FB 889 23.61 1.85 41.68
C THR FB 889 24.89 2.67 41.61
N LYS FB 890 24.80 3.91 42.10
CA LYS FB 890 25.94 4.83 42.18
C LYS FB 890 26.59 5.05 40.81
N GLN FB 891 25.81 4.90 39.74
CA GLN FB 891 26.32 5.14 38.40
C GLN FB 891 26.65 6.61 38.19
N SER FB 892 25.80 7.50 38.69
CA SER FB 892 25.89 8.91 38.34
C SER FB 892 25.47 9.78 39.51
N ASP FB 893 25.81 11.06 39.42
CA ASP FB 893 25.30 12.07 40.32
C ASP FB 893 24.16 12.87 39.72
N ALA FB 894 23.79 12.59 38.48
CA ALA FB 894 22.76 13.35 37.79
C ALA FB 894 21.37 12.84 38.14
N ILE FB 895 20.40 13.73 38.03
CA ILE FB 895 19.00 13.41 38.34
C ILE FB 895 18.30 13.19 37.01
N VAL FB 896 17.86 11.95 36.77
CA VAL FB 896 17.20 11.61 35.52
C VAL FB 896 15.93 12.42 35.35
N VAL FB 897 15.13 12.53 36.41
CA VAL FB 897 13.92 13.34 36.40
C VAL FB 897 14.20 14.58 37.24
N PRO FB 898 14.82 15.62 36.67
CA PRO FB 898 15.14 16.80 37.49
C PRO FB 898 13.90 17.49 38.01
N SER FB 899 12.97 17.78 37.10
CA SER FB 899 11.65 18.33 37.38
C SER FB 899 10.95 18.39 36.05
N PHE FB 900 9.62 18.45 36.08
CA PHE FB 900 8.83 18.45 34.87
C PHE FB 900 8.63 19.88 34.39
N ALA FB 901 9.18 20.18 33.22
CA ALA FB 901 9.17 21.54 32.70
C ALA FB 901 7.80 21.90 32.15
N PRO FB 902 7.23 23.03 32.54
CA PRO FB 902 6.03 23.51 31.87
C PRO FB 902 6.35 23.91 30.44
N VAL FB 903 5.32 23.87 29.59
CA VAL FB 903 5.48 24.19 28.17
C VAL FB 903 4.47 25.26 27.78
N LYS FB 904 4.94 26.24 27.01
CA LYS FB 904 4.05 27.25 26.44
C LYS FB 904 3.50 26.73 25.12
N PRO FB 905 2.19 26.54 24.99
CA PRO FB 905 1.64 25.96 23.77
C PRO FB 905 1.93 26.83 22.56
N ARG FB 906 2.24 26.18 21.44
CA ARG FB 906 2.54 26.91 20.21
C ARG FB 906 1.27 27.42 19.55
N LEU FB 907 0.20 26.64 19.60
CA LEU FB 907 -1.02 26.95 18.88
C LEU FB 907 -1.94 27.80 19.76
N ASP FB 908 -2.08 29.08 19.42
CA ASP FB 908 -2.92 29.98 20.19
C ASP FB 908 -4.39 29.72 19.90
N ASN FB 909 -5.17 29.51 20.96
CA ASN FB 909 -6.61 29.37 20.77
C ASN FB 909 -7.21 30.73 20.45
N THR FB 910 -8.53 30.73 20.20
CA THR FB 910 -9.26 31.84 19.59
C THR FB 910 -8.77 32.08 18.16
N LYS FB 911 -7.85 31.23 17.70
CA LYS FB 911 -7.65 30.98 16.28
C LYS FB 911 -8.15 29.61 15.87
N LEU FB 912 -8.42 28.74 16.84
CA LEU FB 912 -8.90 27.41 16.56
C LEU FB 912 -10.29 27.47 15.92
N PRO FB 913 -10.65 26.48 15.11
CA PRO FB 913 -11.83 26.63 14.24
C PRO FB 913 -13.12 26.96 14.96
N LEU FB 914 -13.40 26.35 16.11
CA LEU FB 914 -14.71 26.54 16.73
C LEU FB 914 -14.83 27.93 17.34
N LEU FB 915 -13.86 28.34 18.15
CA LEU FB 915 -13.89 29.68 18.72
C LEU FB 915 -13.86 30.74 17.63
N SER FB 916 -13.13 30.49 16.54
CA SER FB 916 -13.02 31.50 15.50
C SER FB 916 -14.37 31.75 14.85
N ARG FB 917 -15.13 30.69 14.57
CA ARG FB 917 -16.50 30.85 14.10
C ARG FB 917 -17.33 31.66 15.10
N ALA FB 918 -17.23 31.31 16.38
CA ALA FB 918 -18.05 31.97 17.39
C ALA FB 918 -17.65 33.43 17.55
N ILE FB 919 -16.35 33.72 17.54
CA ILE FB 919 -15.89 35.10 17.66
C ILE FB 919 -16.40 35.93 16.50
N ALA FB 920 -16.34 35.37 15.28
CA ALA FB 920 -16.89 36.04 14.12
C ALA FB 920 -18.38 36.31 14.31
N GLU FB 921 -19.13 35.32 14.81
CA GLU FB 921 -20.56 35.49 14.95
C GLU FB 921 -20.90 36.57 15.97
N GLN FB 922 -20.27 36.52 17.14
CA GLN FB 922 -20.61 37.50 18.17
C GLN FB 922 -20.29 38.91 17.70
N GLU FB 923 -19.13 39.08 17.05
CA GLU FB 923 -18.75 40.40 16.56
C GLU FB 923 -19.72 40.89 15.49
N ALA FB 924 -19.97 40.06 14.48
CA ALA FB 924 -20.80 40.48 13.36
C ALA FB 924 -22.24 40.72 13.80
N LYS FB 925 -22.80 39.83 14.61
CA LYS FB 925 -24.17 40.02 15.07
C LYS FB 925 -24.29 41.27 15.96
N ALA FB 926 -23.27 41.57 16.74
CA ALA FB 926 -23.30 42.80 17.53
C ALA FB 926 -23.35 44.03 16.63
N ARG FB 927 -22.53 44.05 15.57
CA ARG FB 927 -22.56 45.19 14.66
C ARG FB 927 -23.88 45.27 13.90
N GLN FB 928 -24.52 44.13 13.66
CA GLN FB 928 -25.79 44.11 12.93
C GLN FB 928 -26.92 44.66 13.80
N ALA FB 929 -28.11 44.70 13.22
CA ALA FB 929 -29.29 45.19 13.92
C ALA FB 929 -29.66 44.26 15.07
N ASP FB 930 -30.27 44.84 16.11
CA ASP FB 930 -30.57 44.09 17.32
C ASP FB 930 -32.06 43.78 17.40
N PRO FB 931 -32.42 42.50 17.56
CA PRO FB 931 -33.84 42.15 17.71
C PRO FB 931 -34.40 42.66 19.03
N SER FB 932 -35.70 42.94 19.02
CA SER FB 932 -36.46 43.31 20.23
C SER FB 932 -35.87 44.54 20.90
N LYS FB 933 -35.97 45.67 20.20
CA LYS FB 933 -35.53 46.95 20.73
C LYS FB 933 -36.25 48.05 19.96
N PRO FB 934 -36.68 49.15 20.62
CA PRO FB 934 -37.40 50.21 19.91
C PRO FB 934 -36.52 51.06 19.00
N ARG FB 935 -35.37 51.50 19.49
CA ARG FB 935 -34.47 52.37 18.74
C ARG FB 935 -33.31 51.55 18.20
N PHE FB 936 -33.17 51.51 16.88
CA PHE FB 936 -32.04 50.85 16.25
C PHE FB 936 -31.33 51.70 15.22
N ILE FB 937 -31.99 52.71 14.65
CA ILE FB 937 -31.32 53.61 13.72
C ILE FB 937 -30.46 54.63 14.45
N GLU FB 938 -30.71 54.88 15.73
CA GLU FB 938 -29.91 55.86 16.47
C GLU FB 938 -28.49 55.35 16.70
N LEU FB 939 -28.35 54.07 17.03
CA LEU FB 939 -27.05 53.54 17.41
C LEU FB 939 -26.06 53.64 16.27
N GLY FB 940 -24.82 53.99 16.59
CA GLY FB 940 -23.77 54.13 15.60
C GLY FB 940 -23.36 52.81 14.97
N VAL FB 953 -13.82 55.57 15.65
CA VAL FB 953 -13.35 56.86 15.18
C VAL FB 953 -14.50 57.65 14.57
N GLY FB 954 -15.14 58.47 15.41
CA GLY FB 954 -16.20 59.33 14.95
C GLY FB 954 -15.87 60.80 15.17
N VAL FB 955 -15.97 61.61 14.13
CA VAL FB 955 -15.63 63.02 14.24
C VAL FB 955 -16.69 63.73 15.07
N GLY FB 956 -16.24 64.50 16.06
CA GLY FB 956 -17.16 65.30 16.86
C GLY FB 956 -17.62 66.52 16.09
N THR FB 957 -18.55 67.26 16.72
CA THR FB 957 -19.10 68.43 16.05
C THR FB 957 -18.05 69.48 15.75
N THR FB 958 -16.89 69.45 16.43
CA THR FB 958 -15.82 70.41 16.20
C THR FB 958 -14.93 69.89 15.07
N ARG FB 959 -15.43 70.05 13.85
CA ARG FB 959 -14.77 69.60 12.62
C ARG FB 959 -14.83 70.73 11.59
N ARG FB 960 -14.28 71.89 11.96
CA ARG FB 960 -14.40 73.19 11.29
C ARG FB 960 -15.73 73.87 11.59
N ARG FB 961 -16.19 73.78 12.83
CA ARG FB 961 -17.36 74.48 13.33
C ARG FB 961 -17.07 75.93 13.74
N PRO FB 962 -15.97 76.19 14.44
CA PRO FB 962 -15.79 77.48 15.14
C PRO FB 962 -15.04 78.56 14.38
N ALA FB 963 -14.83 78.42 13.06
CA ALA FB 963 -14.05 79.43 12.34
C ALA FB 963 -14.72 80.79 12.35
N ARG FB 964 -16.05 80.83 12.48
CA ARG FB 964 -16.78 82.09 12.45
C ARG FB 964 -16.43 82.97 13.65
N ILE FB 965 -16.90 84.21 13.62
CA ILE FB 965 -16.55 85.20 14.64
C ILE FB 965 -17.70 86.17 14.86
N PHE FB 966 -17.65 86.87 15.99
CA PHE FB 966 -18.65 87.85 16.37
C PHE FB 966 -18.61 89.05 15.43
N ARG FB 967 -19.78 89.53 15.04
CA ARG FB 967 -19.92 90.62 14.08
C ARG FB 967 -20.22 91.92 14.80
N MET FB 968 -19.47 92.98 14.47
CA MET FB 968 -19.58 94.26 15.12
C MET FB 968 -20.28 95.25 14.20
N THR FB 969 -21.35 95.87 14.69
CA THR FB 969 -22.15 96.80 13.90
C THR FB 969 -22.37 98.08 14.70
N VAL FB 970 -22.49 99.20 13.99
CA VAL FB 970 -22.67 100.49 14.63
C VAL FB 970 -24.12 100.64 15.10
N GLY FB 971 -24.33 101.53 16.05
CA GLY FB 971 -25.65 101.74 16.61
C GLY FB 971 -25.80 103.08 17.30
N ALA FB 972 -26.73 103.14 18.26
CA ALA FB 972 -26.96 104.36 19.01
C ALA FB 972 -25.75 104.66 19.91
N PRO FB 973 -25.47 105.94 20.17
CA PRO FB 973 -24.25 106.30 20.90
C PRO FB 973 -24.23 105.73 22.31
N SER FB 974 -23.19 104.97 22.62
CA SER FB 974 -22.96 104.41 23.94
C SER FB 974 -21.48 104.10 24.06
N ALA FB 975 -21.07 103.68 25.26
CA ALA FB 975 -19.68 103.26 25.45
C ALA FB 975 -19.33 102.07 24.56
N GLU FB 976 -20.33 101.31 24.11
CA GLU FB 976 -20.09 100.21 23.20
C GLU FB 976 -19.63 100.69 21.82
N VAL FB 977 -19.85 101.97 21.51
CA VAL FB 977 -19.36 102.51 20.25
C VAL FB 977 -17.84 102.41 20.18
N GLU FB 978 -17.17 102.62 21.30
CA GLU FB 978 -15.72 102.45 21.29
C GLU FB 978 -15.31 100.99 21.17
N LEU FB 979 -16.16 100.06 21.63
CA LEU FB 979 -15.89 98.65 21.37
C LEU FB 979 -15.94 98.37 19.87
N VAL FB 980 -16.91 98.96 19.17
CA VAL FB 980 -16.94 98.88 17.71
C VAL FB 980 -15.70 99.52 17.13
N ILE FB 981 -15.29 100.67 17.66
CA ILE FB 981 -14.08 101.34 17.21
C ILE FB 981 -12.86 100.43 17.40
N ASN FB 982 -12.78 99.79 18.57
CA ASN FB 982 -11.69 98.86 18.83
C ASN FB 982 -11.67 97.74 17.80
N ALA FB 983 -12.86 97.22 17.45
CA ALA FB 983 -12.92 96.16 16.46
C ALA FB 983 -12.42 96.62 15.10
N ILE FB 984 -12.75 97.84 14.70
CA ILE FB 984 -12.29 98.36 13.42
C ILE FB 984 -10.77 98.41 13.39
N TYR FB 985 -10.16 98.96 14.44
CA TYR FB 985 -8.71 98.95 14.53
C TYR FB 985 -8.18 97.52 14.56
N CYS FB 986 -8.83 96.64 15.33
CA CYS FB 986 -8.34 95.29 15.55
C CYS FB 986 -8.30 94.48 14.26
N GLN FB 987 -9.20 94.75 13.32
CA GLN FB 987 -9.26 93.95 12.11
C GLN FB 987 -8.59 94.64 10.93
N VAL FB 988 -8.92 95.90 10.66
CA VAL FB 988 -8.29 96.60 9.54
C VAL FB 988 -6.79 96.68 9.74
N MET FB 989 -6.36 97.03 10.94
CA MET FB 989 -4.97 96.89 11.34
C MET FB 989 -4.83 95.62 12.16
N ASP FB 990 -3.70 94.94 12.01
CA ASP FB 990 -3.51 93.65 12.67
C ASP FB 990 -2.86 93.87 14.03
N VAL FB 991 -3.66 94.32 14.99
CA VAL FB 991 -3.23 94.32 16.39
C VAL FB 991 -3.54 92.93 16.94
N PHE FB 992 -2.49 92.15 17.18
CA PHE FB 992 -2.65 90.72 17.43
C PHE FB 992 -3.50 90.46 18.66
N SER FB 993 -3.16 91.10 19.78
CA SER FB 993 -3.87 90.85 21.02
C SER FB 993 -5.35 91.21 20.89
N GLY FB 994 -5.65 92.30 20.20
CA GLY FB 994 -7.00 92.83 20.19
C GLY FB 994 -7.35 93.65 21.40
N GLN FB 995 -6.49 93.67 22.42
CA GLN FB 995 -6.66 94.51 23.59
C GLN FB 995 -5.71 95.70 23.59
N VAL FB 996 -4.89 95.85 22.56
CA VAL FB 996 -3.93 96.95 22.51
C VAL FB 996 -4.04 97.70 21.19
N PRO FB 997 -4.88 98.71 21.09
CA PRO FB 997 -4.74 99.69 20.01
C PRO FB 997 -3.61 100.64 20.36
N SER FB 998 -2.47 100.48 19.69
CA SER FB 998 -1.29 101.25 20.05
C SER FB 998 -1.47 102.71 19.64
N GLN FB 999 -0.48 103.53 19.97
CA GLN FB 999 -0.50 104.97 19.80
C GLN FB 999 -1.04 105.41 18.45
N PHE FB 1000 -0.71 104.66 17.40
CA PHE FB 1000 -0.90 105.13 16.03
C PHE FB 1000 -2.36 105.43 15.69
N ARG FB 1001 -3.31 104.93 16.47
CA ARG FB 1001 -4.73 105.07 16.18
C ARG FB 1001 -5.12 106.51 15.86
N ARG FB 1002 -6.13 106.65 14.98
CA ARG FB 1002 -6.60 107.95 14.49
C ARG FB 1002 -7.79 108.46 15.31
N PRO FB 1003 -7.56 109.33 16.29
CA PRO FB 1003 -8.67 109.77 17.15
C PRO FB 1003 -9.65 110.68 16.44
N ASP FB 1004 -9.21 111.44 15.43
CA ASP FB 1004 -10.15 112.25 14.68
C ASP FB 1004 -11.15 111.39 13.93
N LEU FB 1005 -10.69 110.28 13.35
CA LEU FB 1005 -11.60 109.33 12.75
C LEU FB 1005 -12.57 108.76 13.77
N GLU FB 1006 -12.06 108.45 14.97
CA GLU FB 1006 -12.94 107.98 16.04
C GLU FB 1006 -13.99 109.02 16.39
N SER FB 1007 -13.58 110.29 16.43
CA SER FB 1007 -14.52 111.37 16.76
C SER FB 1007 -15.61 111.50 15.71
N ARG FB 1008 -15.24 111.43 14.43
CA ARG FB 1008 -16.26 111.49 13.38
C ARG FB 1008 -17.23 110.32 13.50
N LEU FB 1009 -16.71 109.12 13.73
CA LEU FB 1009 -17.58 107.95 13.85
C LEU FB 1009 -18.51 108.07 15.04
N ARG FB 1010 -17.99 108.56 16.18
CA ARG FB 1010 -18.83 108.75 17.35
C ARG FB 1010 -19.94 109.76 17.06
N ASN FB 1011 -19.60 110.86 16.40
CA ASN FB 1011 -20.61 111.86 16.05
C ASN FB 1011 -21.65 111.28 15.10
N GLY FB 1012 -21.26 110.34 14.26
CA GLY FB 1012 -22.12 109.81 13.23
C GLY FB 1012 -21.86 110.39 11.85
N GLU FB 1013 -20.96 111.36 11.74
CA GLU FB 1013 -20.65 111.96 10.45
C GLU FB 1013 -19.97 110.97 9.52
N ILE FB 1014 -19.13 110.09 10.06
CA ILE FB 1014 -18.39 109.12 9.27
C ILE FB 1014 -19.00 107.74 9.49
N THR FB 1015 -19.37 107.08 8.39
CA THR FB 1015 -19.81 105.71 8.47
C THR FB 1015 -18.63 104.77 8.64
N VAL FB 1016 -18.91 103.55 9.10
CA VAL FB 1016 -17.85 102.58 9.36
C VAL FB 1016 -17.07 102.28 8.09
N ARG FB 1017 -17.76 102.24 6.95
CA ARG FB 1017 -17.09 102.04 5.68
C ARG FB 1017 -16.07 103.13 5.41
N GLU FB 1018 -16.46 104.39 5.60
CA GLU FB 1018 -15.53 105.51 5.41
C GLU FB 1018 -14.40 105.47 6.43
N PHE FB 1019 -14.71 105.09 7.67
CA PHE FB 1019 -13.69 104.90 8.69
C PHE FB 1019 -12.63 103.92 8.21
N VAL FB 1020 -13.07 102.81 7.62
CA VAL FB 1020 -12.14 101.80 7.11
C VAL FB 1020 -11.28 102.38 6.00
N ARG FB 1021 -11.90 103.15 5.09
CA ARG FB 1021 -11.13 103.70 3.98
C ARG FB 1021 -10.06 104.67 4.47
N THR FB 1022 -10.42 105.55 5.41
CA THR FB 1022 -9.42 106.48 5.94
C THR FB 1022 -8.31 105.73 6.66
N LEU FB 1023 -8.67 104.73 7.46
CA LEU FB 1023 -7.66 103.97 8.19
C LEU FB 1023 -6.72 103.23 7.24
N ALA FB 1024 -7.27 102.66 6.17
CA ALA FB 1024 -6.43 101.97 5.19
C ALA FB 1024 -5.55 102.94 4.42
N SER FB 1025 -6.08 104.13 4.09
CA SER FB 1025 -5.30 105.10 3.33
C SER FB 1025 -4.17 105.69 4.15
N SER FB 1026 -4.38 105.83 5.46
CA SER FB 1026 -3.44 106.56 6.32
C SER FB 1026 -2.05 105.95 6.25
N GLU FB 1027 -1.05 106.76 6.63
CA GLU FB 1027 0.32 106.28 6.69
C GLU FB 1027 0.50 105.19 7.75
N ILE FB 1028 -0.40 105.10 8.71
CA ILE FB 1028 -0.31 104.06 9.73
C ILE FB 1028 -0.38 102.69 9.08
N TYR FB 1029 -1.41 102.48 8.25
CA TYR FB 1029 -1.54 101.21 7.52
C TYR FB 1029 -0.37 101.01 6.56
N ARG FB 1030 0.05 102.08 5.89
CA ARG FB 1030 1.15 101.97 4.94
C ARG FB 1030 2.41 101.48 5.62
N ASN FB 1031 2.78 102.11 6.74
CA ASN FB 1031 4.01 101.76 7.43
C ASN FB 1031 3.98 100.33 7.94
N ARG FB 1032 2.85 99.90 8.48
CA ARG FB 1032 2.80 98.54 9.00
C ARG FB 1032 2.68 97.49 7.91
N PHE FB 1033 2.09 97.83 6.76
CA PHE FB 1033 1.86 96.82 5.73
C PHE FB 1033 2.47 97.16 4.37
N TYR FB 1034 2.25 98.36 3.83
CA TYR FB 1034 2.59 98.60 2.44
C TYR FB 1034 4.10 98.67 2.23
N THR FB 1035 4.78 99.61 2.88
CA THR FB 1035 6.20 99.79 2.63
C THR FB 1035 7.04 98.55 2.96
N PRO FB 1036 6.89 97.88 4.11
CA PRO FB 1036 7.75 96.71 4.38
C PRO FB 1036 7.47 95.53 3.46
N TYR FB 1037 6.22 95.12 3.36
CA TYR FB 1037 5.90 93.93 2.57
C TYR FB 1037 5.82 94.27 1.08
N PRO FB 1038 6.22 93.34 0.22
CA PRO FB 1038 6.17 93.61 -1.23
C PRO FB 1038 4.74 93.80 -1.71
N ASN FB 1039 4.59 94.58 -2.78
CA ASN FB 1039 3.27 94.89 -3.32
C ASN FB 1039 2.47 93.63 -3.61
N THR FB 1040 3.14 92.57 -4.07
CA THR FB 1040 2.46 91.31 -4.32
C THR FB 1040 1.75 90.81 -3.07
N LYS FB 1041 2.46 90.82 -1.94
CA LYS FB 1041 1.86 90.45 -0.67
C LYS FB 1041 0.89 91.51 -0.16
N VAL FB 1042 1.09 92.77 -0.56
CA VAL FB 1042 0.21 93.86 -0.12
C VAL FB 1042 -1.21 93.62 -0.63
N ILE FB 1043 -1.35 93.10 -1.85
CA ILE FB 1043 -2.67 92.79 -2.38
C ILE FB 1043 -3.37 91.80 -1.47
N GLU FB 1044 -2.66 90.74 -1.08
CA GLU FB 1044 -3.23 89.74 -0.18
C GLU FB 1044 -3.54 90.35 1.18
N PHE FB 1045 -2.67 91.24 1.66
CA PHE FB 1045 -2.93 91.91 2.93
C PHE FB 1045 -4.20 92.76 2.85
N LEU FB 1046 -4.41 93.45 1.74
CA LEU FB 1046 -5.64 94.21 1.55
C LEU FB 1046 -6.86 93.31 1.59
N PHE FB 1047 -6.81 92.20 0.87
CA PHE FB 1047 -7.94 91.29 0.85
C PHE FB 1047 -8.23 90.72 2.24
N ARG FB 1048 -7.17 90.34 2.97
CA ARG FB 1048 -7.36 89.77 4.30
C ARG FB 1048 -7.90 90.81 5.27
N HIS FB 1049 -7.31 92.01 5.28
CA HIS FB 1049 -7.67 93.00 6.28
C HIS FB 1049 -9.02 93.63 6.00
N LEU FB 1050 -9.32 93.94 4.75
CA LEU FB 1050 -10.51 94.72 4.40
C LEU FB 1050 -11.72 93.83 4.12
N LEU FB 1051 -11.61 92.96 3.11
CA LEU FB 1051 -12.72 92.09 2.79
C LEU FB 1051 -12.86 90.95 3.80
N GLY FB 1052 -11.76 90.55 4.42
CA GLY FB 1052 -11.76 89.46 5.38
C GLY FB 1052 -11.39 88.10 4.83
N ARG FB 1053 -11.07 88.01 3.54
CA ARG FB 1053 -10.78 86.75 2.90
C ARG FB 1053 -9.46 86.84 2.14
N ALA FB 1054 -8.86 85.68 1.88
CA ALA FB 1054 -7.68 85.61 1.05
C ALA FB 1054 -8.05 85.94 -0.40
N PRO FB 1055 -7.10 86.44 -1.20
CA PRO FB 1055 -7.40 86.69 -2.60
C PRO FB 1055 -7.83 85.41 -3.31
N ALA FB 1056 -9.00 85.46 -3.94
CA ALA FB 1056 -9.59 84.26 -4.52
C ALA FB 1056 -8.77 83.76 -5.71
N THR FB 1057 -8.37 84.66 -6.61
CA THR FB 1057 -7.75 84.24 -7.86
C THR FB 1057 -6.64 85.21 -8.27
N GLN FB 1058 -5.76 84.70 -9.13
CA GLN FB 1058 -4.71 85.51 -9.74
C GLN FB 1058 -5.28 86.71 -10.47
N ALA FB 1059 -6.50 86.58 -11.02
CA ALA FB 1059 -7.11 87.70 -11.73
C ALA FB 1059 -7.40 88.87 -10.80
N GLU FB 1060 -7.91 88.58 -9.60
CA GLU FB 1060 -8.07 89.63 -8.59
C GLU FB 1060 -6.74 90.29 -8.29
N ILE FB 1061 -5.69 89.47 -8.13
CA ILE FB 1061 -4.35 90.02 -7.90
C ILE FB 1061 -3.94 90.93 -9.05
N ARG FB 1062 -4.27 90.53 -10.28
CA ARG FB 1062 -3.86 91.28 -11.46
C ARG FB 1062 -4.46 92.68 -11.46
N GLN FB 1063 -5.78 92.77 -11.23
CA GLN FB 1063 -6.44 94.06 -11.19
C GLN FB 1063 -5.80 94.97 -10.15
N TYR FB 1064 -5.68 94.49 -8.92
CA TYR FB 1064 -5.10 95.32 -7.88
C TYR FB 1064 -3.62 95.60 -8.11
N ASN FB 1065 -2.93 94.73 -8.86
CA ASN FB 1065 -1.50 94.95 -9.07
C ASN FB 1065 -1.25 96.16 -9.96
N LYS FB 1066 -2.01 96.30 -11.05
CA LYS FB 1066 -1.80 97.50 -11.85
C LYS FB 1066 -2.28 98.74 -11.12
N ILE FB 1067 -3.33 98.64 -10.30
CA ILE FB 1067 -3.72 99.77 -9.48
C ILE FB 1067 -2.58 100.19 -8.58
N LEU FB 1068 -1.94 99.22 -7.92
CA LEU FB 1068 -0.81 99.53 -7.04
C LEU FB 1068 0.36 100.10 -7.82
N ALA FB 1069 0.64 99.54 -9.00
CA ALA FB 1069 1.83 99.94 -9.75
C ALA FB 1069 1.72 101.36 -10.26
N ASP FB 1070 0.54 101.77 -10.72
CA ASP FB 1070 0.36 103.08 -11.33
C ASP FB 1070 -0.48 104.02 -10.47
N GLN FB 1071 -1.71 103.61 -10.14
CA GLN FB 1071 -2.62 104.51 -9.43
C GLN FB 1071 -2.15 104.78 -8.00
N GLY FB 1072 -1.76 103.74 -7.29
CA GLY FB 1072 -1.22 103.89 -5.95
C GLY FB 1072 -2.00 103.10 -4.91
N LEU FB 1073 -1.39 103.02 -3.73
CA LEU FB 1073 -1.98 102.25 -2.62
C LEU FB 1073 -3.31 102.83 -2.19
N LYS FB 1074 -3.39 104.16 -2.07
CA LYS FB 1074 -4.64 104.78 -1.66
C LYS FB 1074 -5.76 104.47 -2.64
N THR FB 1075 -5.44 104.48 -3.94
CA THR FB 1075 -6.43 104.09 -4.94
C THR FB 1075 -6.86 102.64 -4.74
N ALA FB 1076 -5.90 101.75 -4.45
CA ALA FB 1076 -6.23 100.34 -4.28
C ALA FB 1076 -7.15 100.12 -3.09
N VAL FB 1077 -6.83 100.71 -1.94
CA VAL FB 1077 -7.67 100.53 -0.76
C VAL FB 1077 -9.04 101.14 -1.00
N GLU FB 1078 -9.10 102.26 -1.71
CA GLU FB 1078 -10.38 102.87 -2.03
C GLU FB 1078 -11.21 101.95 -2.92
N THR FB 1079 -10.59 101.33 -3.92
CA THR FB 1079 -11.33 100.43 -4.80
C THR FB 1079 -11.90 99.24 -4.03
N MET FB 1080 -11.12 98.66 -3.12
CA MET FB 1080 -11.63 97.53 -2.36
C MET FB 1080 -12.74 97.95 -1.40
N VAL FB 1081 -12.60 99.12 -0.78
CA VAL FB 1081 -13.65 99.62 0.11
C VAL FB 1081 -14.93 99.85 -0.69
N ASN FB 1082 -14.80 100.38 -1.91
CA ASN FB 1082 -15.95 100.61 -2.77
C ASN FB 1082 -16.41 99.35 -3.50
N SER FB 1083 -15.68 98.25 -3.38
CA SER FB 1083 -16.00 97.06 -4.13
C SER FB 1083 -17.36 96.50 -3.71
N PRO FB 1084 -18.08 95.86 -4.63
CA PRO FB 1084 -19.42 95.34 -4.28
C PRO FB 1084 -19.41 94.31 -3.17
N GLU FB 1085 -18.36 93.49 -3.07
CA GLU FB 1085 -18.33 92.45 -2.05
C GLU FB 1085 -18.39 93.04 -0.65
N TYR FB 1086 -17.64 94.13 -0.41
CA TYR FB 1086 -17.65 94.77 0.90
C TYR FB 1086 -19.06 95.24 1.26
N SER FB 1087 -19.84 95.67 0.27
CA SER FB 1087 -21.15 96.24 0.55
C SER FB 1087 -22.09 95.22 1.16
N ARG FB 1088 -21.95 93.94 0.81
CA ARG FB 1088 -22.85 92.91 1.29
C ARG FB 1088 -22.17 91.98 2.30
N TYR FB 1089 -21.07 91.32 1.91
CA TYR FB 1089 -20.37 90.42 2.81
C TYR FB 1089 -19.94 91.15 4.08
N PHE FB 1090 -19.08 92.17 3.92
CA PHE FB 1090 -18.69 92.96 5.07
C PHE FB 1090 -19.83 93.85 5.55
N GLY FB 1091 -20.72 94.25 4.65
CA GLY FB 1091 -21.84 95.10 4.99
C GLY FB 1091 -21.46 96.57 4.97
N GLU FB 1092 -22.50 97.40 5.11
CA GLU FB 1092 -22.35 98.84 5.23
C GLU FB 1092 -22.66 99.25 6.66
N ASP FB 1093 -21.80 100.09 7.24
CA ASP FB 1093 -21.84 100.48 8.65
C ASP FB 1093 -21.57 99.31 9.58
N VAL FB 1094 -21.05 98.20 9.06
CA VAL FB 1094 -20.69 97.02 9.84
C VAL FB 1094 -19.18 96.88 9.83
N VAL FB 1095 -18.59 96.71 11.01
CA VAL FB 1095 -17.15 96.56 11.13
C VAL FB 1095 -16.75 95.28 10.40
N PRO FB 1096 -15.84 95.34 9.44
CA PRO FB 1096 -15.49 94.13 8.68
C PRO FB 1096 -14.91 93.05 9.59
N TYR FB 1097 -15.28 91.81 9.31
CA TYR FB 1097 -14.87 90.66 10.10
C TYR FB 1097 -14.30 89.60 9.19
N LYS FB 1098 -13.45 88.74 9.76
CA LYS FB 1098 -12.84 87.66 9.00
C LYS FB 1098 -13.92 86.74 8.47
N ARG FB 1099 -13.86 86.46 7.17
CA ARG FB 1099 -14.87 85.63 6.51
C ARG FB 1099 -14.18 84.55 5.71
N PHE FB 1100 -14.68 83.32 5.82
CA PHE FB 1100 -14.16 82.20 5.06
C PHE FB 1100 -15.10 81.91 3.91
N PRO FB 1101 -14.73 82.20 2.66
CA PRO FB 1101 -15.68 82.08 1.55
C PRO FB 1101 -15.72 80.68 0.96
N THR FB 1102 -16.89 80.03 1.02
CA THR FB 1102 -16.98 78.66 0.53
C THR FB 1102 -17.11 78.60 -0.99
N LEU FB 1103 -17.93 79.46 -1.58
CA LEU FB 1103 -18.21 79.39 -3.01
C LEU FB 1103 -16.98 79.62 -3.88
N PRO FB 1104 -16.14 80.63 -3.64
CA PRO FB 1104 -14.99 80.84 -4.52
C PRO FB 1104 -14.06 79.63 -4.50
N ALA FB 1105 -13.43 79.37 -5.65
CA ALA FB 1105 -12.63 78.17 -5.84
C ALA FB 1105 -11.44 78.14 -4.88
N GLY FB 1106 -11.38 77.10 -4.06
CA GLY FB 1106 -10.27 76.90 -3.15
C GLY FB 1106 -10.13 77.99 -2.12
N ASN FB 1107 -11.16 78.81 -1.95
CA ASN FB 1107 -11.03 79.94 -1.05
C ASN FB 1107 -11.11 79.54 0.41
N TYR FB 1108 -11.79 78.44 0.74
CA TYR FB 1108 -11.79 78.01 2.14
C TYR FB 1108 -10.40 77.59 2.57
N ILE FB 1109 -9.74 76.75 1.77
CA ILE FB 1109 -8.39 76.32 2.12
C ILE FB 1109 -7.42 77.49 2.01
N GLY FB 1110 -7.60 78.36 1.02
CA GLY FB 1110 -6.74 79.53 0.91
C GLY FB 1110 -6.93 80.50 2.05
N SER FB 1111 -8.19 80.76 2.43
CA SER FB 1111 -8.46 81.65 3.54
C SER FB 1111 -7.94 81.06 4.85
N VAL FB 1112 -8.12 79.76 5.06
CA VAL FB 1112 -7.59 79.12 6.26
C VAL FB 1112 -6.08 79.23 6.30
N LYS FB 1113 -5.41 78.98 5.17
CA LYS FB 1113 -3.96 79.05 5.14
C LYS FB 1113 -3.46 80.47 5.35
N ALA FB 1114 -4.08 81.44 4.67
CA ALA FB 1114 -3.66 82.83 4.83
C ALA FB 1114 -3.91 83.34 6.24
N ASP FB 1115 -5.07 83.01 6.82
CA ASP FB 1115 -5.35 83.37 8.20
C ASP FB 1115 -4.40 82.65 9.16
N ALA FB 1116 -4.05 81.41 8.85
CA ALA FB 1116 -3.01 80.72 9.63
C ALA FB 1116 -1.69 81.45 9.55
N ASP FB 1117 -1.40 82.07 8.41
CA ASP FB 1117 -0.18 82.85 8.28
C ASP FB 1117 -0.28 84.11 9.11
N LEU FB 1118 0.21 84.04 10.35
CA LEU FB 1118 0.34 85.24 11.16
C LEU FB 1118 1.39 86.14 10.54
N VAL FB 1119 1.28 87.44 10.82
CA VAL FB 1119 2.18 88.42 10.23
C VAL FB 1119 3.61 88.11 10.63
N LYS FB 1120 4.48 87.97 9.63
CA LYS FB 1120 5.90 87.76 9.82
C LYS FB 1120 6.66 88.97 9.32
N GLN FB 1121 7.94 89.07 9.69
CA GLN FB 1121 8.77 90.24 9.42
C GLN FB 1121 8.21 91.45 10.17
N SER FB 1122 8.87 92.60 10.07
CA SER FB 1122 8.44 93.77 10.82
C SER FB 1122 8.99 95.03 10.17
N TRP FB 1123 8.41 96.17 10.53
CA TRP FB 1123 9.05 97.45 10.26
C TRP FB 1123 10.34 97.51 11.07
N SER FB 1124 11.48 97.58 10.38
CA SER FB 1124 12.76 97.22 11.00
C SER FB 1124 13.68 98.42 11.07
N SER FB 1125 14.08 98.76 12.29
CA SER FB 1125 15.26 99.57 12.58
C SER FB 1125 15.98 98.89 13.72
N LEU FB 1126 17.31 98.80 13.62
CA LEU FB 1126 18.12 98.07 14.60
C LEU FB 1126 17.67 96.61 14.69
N SER FB 1127 17.87 95.91 13.58
CA SER FB 1127 17.37 94.54 13.44
C SER FB 1127 18.03 93.62 14.47
N PRO FB 1128 17.29 92.64 14.97
CA PRO FB 1128 17.77 91.85 16.11
C PRO FB 1128 18.89 90.88 15.74
N SER FB 1129 19.74 90.60 16.73
CA SER FB 1129 20.76 89.56 16.58
C SER FB 1129 20.12 88.19 16.78
N LEU FB 1130 20.83 87.16 16.31
CA LEU FB 1130 20.26 85.82 16.26
C LEU FB 1130 20.19 85.17 17.63
N VAL FB 1131 21.15 85.45 18.52
CA VAL FB 1131 21.29 84.72 19.77
C VAL FB 1131 21.05 85.66 20.95
N GLY FB 1132 20.30 85.17 21.93
CA GLY FB 1132 20.09 85.91 23.16
C GLY FB 1132 19.99 84.95 24.33
N ILE FB 1133 20.35 85.45 25.51
CA ILE FB 1133 20.32 84.64 26.72
C ILE FB 1133 18.90 84.48 27.24
N MET GB 1 -16.70 -85.65 -40.87
CA MET GB 1 -15.84 -86.82 -40.92
C MET GB 1 -16.20 -87.70 -42.10
N GLN GB 2 -15.20 -88.24 -42.78
CA GLN GB 2 -15.41 -88.99 -44.01
C GLN GB 2 -14.74 -90.36 -43.90
N ASP GB 3 -15.50 -91.41 -44.17
CA ASP GB 3 -14.89 -92.71 -44.43
C ASP GB 3 -14.60 -92.83 -45.92
N ALA GB 4 -13.89 -93.90 -46.29
CA ALA GB 4 -13.50 -94.07 -47.68
C ALA GB 4 -14.72 -94.10 -48.60
N ILE GB 5 -15.81 -94.71 -48.14
CA ILE GB 5 -17.04 -94.73 -48.92
C ILE GB 5 -17.57 -93.32 -49.12
N THR GB 6 -17.56 -92.51 -48.05
CA THR GB 6 -18.03 -91.13 -48.17
C THR GB 6 -17.18 -90.34 -49.16
N ALA GB 7 -15.86 -90.51 -49.11
CA ALA GB 7 -14.98 -89.80 -50.04
C ALA GB 7 -15.24 -90.23 -51.49
N VAL GB 8 -15.35 -91.53 -51.72
CA VAL GB 8 -15.58 -92.02 -53.07
C VAL GB 8 -16.91 -91.53 -53.62
N ILE GB 9 -17.96 -91.64 -52.81
CA ILE GB 9 -19.28 -91.21 -53.24
C ILE GB 9 -19.29 -89.71 -53.51
N ASN GB 10 -18.66 -88.93 -52.64
CA ASN GB 10 -18.69 -87.48 -52.80
C ASN GB 10 -17.93 -87.04 -54.05
N ALA GB 11 -16.79 -87.67 -54.33
CA ALA GB 11 -16.06 -87.35 -55.55
C ALA GB 11 -16.91 -87.65 -56.78
N SER GB 12 -17.55 -88.83 -56.81
CA SER GB 12 -18.43 -89.18 -57.91
C SER GB 12 -19.60 -88.20 -57.98
N ASP GB 13 -20.12 -87.79 -56.83
CA ASP GB 13 -21.28 -86.90 -56.79
C ASP GB 13 -20.93 -85.53 -57.36
N VAL GB 14 -19.76 -84.98 -57.00
CA VAL GB 14 -19.36 -83.69 -57.55
C VAL GB 14 -19.24 -83.77 -59.06
N GLN GB 15 -18.61 -84.82 -59.56
CA GLN GB 15 -18.51 -84.99 -61.01
C GLN GB 15 -19.88 -85.19 -61.65
N GLY GB 16 -20.83 -85.74 -60.90
CA GLY GB 16 -22.15 -86.02 -61.40
C GLY GB 16 -22.32 -87.41 -61.97
N LYS GB 17 -21.22 -88.09 -62.28
CA LYS GB 17 -21.29 -89.41 -62.88
C LYS GB 17 -21.73 -90.46 -61.86
N TYR GB 18 -22.44 -91.47 -62.34
CA TYR GB 18 -22.70 -92.64 -61.52
C TYR GB 18 -21.38 -93.31 -61.13
N LEU GB 19 -21.42 -94.06 -60.03
CA LEU GB 19 -20.21 -94.68 -59.51
C LEU GB 19 -19.53 -95.52 -60.58
N ASP GB 20 -18.31 -95.09 -60.94
CA ASP GB 20 -17.55 -95.70 -62.02
C ASP GB 20 -16.91 -97.00 -61.54
N THR GB 21 -16.42 -97.79 -62.51
CA THR GB 21 -15.85 -99.09 -62.18
C THR GB 21 -14.57 -98.95 -61.36
N ALA GB 22 -13.76 -97.92 -61.64
CA ALA GB 22 -12.57 -97.69 -60.83
C ALA GB 22 -12.95 -97.34 -59.40
N ALA GB 23 -13.98 -96.51 -59.22
CA ALA GB 23 -14.48 -96.22 -57.88
C ALA GB 23 -14.98 -97.50 -57.21
N MET GB 24 -15.64 -98.37 -57.98
CA MET GB 24 -16.07 -99.66 -57.44
C MET GB 24 -14.89 -100.47 -56.94
N GLU GB 25 -13.76 -100.42 -57.66
CA GLU GB 25 -12.58 -101.16 -57.23
C GLU GB 25 -12.05 -100.63 -55.90
N LYS GB 26 -12.01 -99.31 -55.74
CA LYS GB 26 -11.58 -98.75 -54.45
C LYS GB 26 -12.49 -99.20 -53.33
N LEU GB 27 -13.80 -99.06 -53.52
CA LEU GB 27 -14.77 -99.49 -52.51
C LEU GB 27 -14.66 -100.98 -52.24
N LYS GB 28 -14.46 -101.77 -53.29
CA LYS GB 28 -14.35 -103.22 -53.14
C LYS GB 28 -13.15 -103.60 -52.29
N ALA GB 29 -12.03 -102.90 -52.47
CA ALA GB 29 -10.86 -103.15 -51.63
C ALA GB 29 -11.17 -102.87 -50.16
N TYR GB 30 -11.84 -101.76 -49.89
CA TYR GB 30 -12.20 -101.43 -48.51
C TYR GB 30 -13.11 -102.51 -47.92
N PHE GB 31 -14.15 -102.88 -48.65
CA PHE GB 31 -15.06 -103.92 -48.19
C PHE GB 31 -14.32 -105.25 -47.98
N ALA GB 32 -13.41 -105.57 -48.90
CA ALA GB 32 -12.69 -106.84 -48.82
C ALA GB 32 -11.85 -106.91 -47.55
N THR GB 33 -11.19 -105.80 -47.19
CA THR GB 33 -10.40 -105.78 -45.96
C THR GB 33 -11.26 -105.56 -44.72
N GLY GB 34 -12.57 -105.45 -44.86
CA GLY GB 34 -13.42 -105.18 -43.72
C GLY GB 34 -13.24 -106.17 -42.58
N GLU GB 35 -13.13 -107.47 -42.91
CA GLU GB 35 -12.95 -108.46 -41.85
C GLU GB 35 -11.64 -108.25 -41.12
N LEU GB 36 -10.56 -107.95 -41.85
CA LEU GB 36 -9.27 -107.70 -41.22
C LEU GB 36 -9.33 -106.46 -40.34
N ARG GB 37 -9.98 -105.41 -40.82
CA ARG GB 37 -10.06 -104.17 -40.06
C ARG GB 37 -10.81 -104.37 -38.74
N VAL GB 38 -11.97 -105.04 -38.80
CA VAL GB 38 -12.74 -105.28 -37.60
C VAL GB 38 -11.98 -106.16 -36.62
N ARG GB 39 -11.36 -107.23 -37.14
CA ARG GB 39 -10.59 -108.13 -36.28
C ARG GB 39 -9.46 -107.39 -35.58
N ALA GB 40 -8.70 -106.61 -36.33
CA ALA GB 40 -7.60 -105.85 -35.74
C ALA GB 40 -8.12 -104.86 -34.70
N ALA GB 41 -9.26 -104.23 -34.98
CA ALA GB 41 -9.82 -103.26 -34.04
C ALA GB 41 -10.14 -103.91 -32.71
N SER GB 42 -10.70 -105.12 -32.73
CA SER GB 42 -10.96 -105.83 -31.48
C SER GB 42 -9.66 -106.14 -30.75
N VAL GB 43 -8.62 -106.53 -31.49
CA VAL GB 43 -7.32 -106.77 -30.87
C VAL GB 43 -6.81 -105.51 -30.19
N ILE GB 44 -6.95 -104.36 -30.87
CA ILE GB 44 -6.50 -103.10 -30.28
C ILE GB 44 -7.27 -102.82 -29.00
N SER GB 45 -8.59 -103.01 -29.03
CA SER GB 45 -9.41 -102.71 -27.86
C SER GB 45 -8.98 -103.55 -26.66
N ALA GB 46 -8.68 -104.83 -26.89
CA ALA GB 46 -8.28 -105.70 -25.79
C ALA GB 46 -6.89 -105.35 -25.28
N ASN GB 47 -5.94 -105.09 -26.17
CA ASN GB 47 -4.54 -104.96 -25.80
C ASN GB 47 -4.06 -103.51 -25.73
N ALA GB 48 -4.98 -102.54 -25.78
CA ALA GB 48 -4.57 -101.14 -25.90
C ALA GB 48 -3.72 -100.69 -24.72
N ALA GB 49 -4.11 -101.08 -23.51
CA ALA GB 49 -3.37 -100.65 -22.33
C ALA GB 49 -1.93 -101.13 -22.36
N ASN GB 50 -1.72 -102.40 -22.71
CA ASN GB 50 -0.37 -102.93 -22.74
C ASN GB 50 0.43 -102.39 -23.92
N ILE GB 51 -0.24 -102.12 -25.04
CA ILE GB 51 0.44 -101.47 -26.16
C ILE GB 51 1.09 -100.18 -25.70
N VAL GB 52 0.33 -99.37 -24.96
CA VAL GB 52 0.86 -98.12 -24.42
C VAL GB 52 1.97 -98.39 -23.43
N LYS GB 53 1.77 -99.36 -22.53
CA LYS GB 53 2.79 -99.67 -21.54
C LYS GB 53 4.12 -100.02 -22.20
N GLU GB 54 4.07 -100.91 -23.20
CA GLU GB 54 5.29 -101.31 -23.88
C GLU GB 54 5.93 -100.15 -24.61
N ALA GB 55 5.14 -99.32 -25.28
CA ALA GB 55 5.69 -98.22 -26.06
C ALA GB 55 6.38 -97.19 -25.15
N VAL GB 56 5.74 -96.82 -24.04
CA VAL GB 56 6.35 -95.88 -23.11
C VAL GB 56 7.65 -96.47 -22.57
N ALA GB 57 7.63 -97.75 -22.20
CA ALA GB 57 8.84 -98.40 -21.72
C ALA GB 57 9.92 -98.42 -22.80
N LYS GB 58 9.52 -98.62 -24.06
CA LYS GB 58 10.49 -98.71 -25.14
C LYS GB 58 11.26 -97.40 -25.31
N SER GB 59 10.56 -96.26 -25.31
CA SER GB 59 11.21 -95.00 -25.62
C SER GB 59 11.20 -94.03 -24.45
N LEU GB 60 10.03 -93.66 -23.94
CA LEU GB 60 9.95 -92.52 -23.03
C LEU GB 60 10.46 -92.82 -21.64
N LEU GB 61 10.22 -94.03 -21.13
CA LEU GB 61 10.62 -94.37 -19.78
C LEU GB 61 12.14 -94.47 -19.67
N TYR GB 62 12.63 -94.28 -18.45
CA TYR GB 62 14.06 -94.31 -18.15
C TYR GB 62 14.83 -93.39 -19.09
N SER GB 63 14.35 -92.15 -19.19
CA SER GB 63 14.91 -91.18 -20.12
C SER GB 63 14.89 -89.81 -19.48
N ASP GB 64 15.49 -88.85 -20.19
CA ASP GB 64 15.47 -87.47 -19.71
C ASP GB 64 14.06 -86.95 -19.59
N ILE GB 65 13.14 -87.47 -20.41
CA ILE GB 65 11.76 -87.01 -20.38
C ILE GB 65 11.14 -87.25 -19.01
N THR GB 66 11.46 -88.38 -18.38
CA THR GB 66 10.98 -88.67 -17.04
C THR GB 66 11.88 -88.12 -15.94
N ARG GB 67 13.04 -87.58 -16.28
CA ARG GB 67 13.87 -86.94 -15.27
C ARG GB 67 13.19 -85.66 -14.77
N PRO GB 68 13.55 -85.20 -13.56
CA PRO GB 68 12.96 -83.96 -13.05
C PRO GB 68 13.17 -82.80 -14.02
N GLY GB 69 12.10 -82.06 -14.26
CA GLY GB 69 12.14 -80.99 -15.24
C GLY GB 69 12.18 -81.45 -16.68
N GLY GB 70 11.78 -82.69 -16.95
CA GLY GB 70 11.87 -83.24 -18.28
C GLY GB 70 10.56 -83.28 -19.05
N MET GB 72 7.73 -84.97 -18.31
CA MET GB 72 6.83 -86.07 -17.96
C MET GB 72 7.17 -86.46 -16.54
N TYR GB 73 7.89 -85.56 -15.87
CA TYR GB 73 8.33 -85.80 -14.51
C TYR GB 73 7.14 -85.97 -13.57
N THR GB 74 6.34 -84.92 -13.43
CA THR GB 74 5.23 -84.91 -12.48
C THR GB 74 4.30 -86.10 -12.73
N THR GB 75 3.68 -86.59 -11.66
CA THR GB 75 2.70 -87.67 -11.81
C THR GB 75 1.53 -87.22 -12.67
N ARG GB 76 1.08 -85.98 -12.50
CA ARG GB 76 0.12 -85.39 -13.41
C ARG GB 76 0.56 -85.58 -14.85
N ARG GB 77 1.78 -85.13 -15.16
CA ARG GB 77 2.25 -85.13 -16.53
C ARG GB 77 2.38 -86.56 -17.07
N TYR GB 78 2.83 -87.49 -16.22
CA TYR GB 78 2.94 -88.88 -16.67
C TYR GB 78 1.57 -89.45 -17.01
N ALA GB 79 0.58 -89.22 -16.14
CA ALA GB 79 -0.76 -89.71 -16.40
C ALA GB 79 -1.32 -89.12 -17.67
N ALA GB 80 -1.12 -87.81 -17.87
CA ALA GB 80 -1.59 -87.17 -19.08
C ALA GB 80 -0.88 -87.71 -20.31
N CYS GB 81 0.42 -87.98 -20.21
CA CYS GB 81 1.16 -88.46 -21.38
C CYS GB 81 0.65 -89.83 -21.81
N ILE GB 82 0.44 -90.73 -20.86
CA ILE GB 82 -0.07 -92.04 -21.25
C ILE GB 82 -1.49 -91.91 -21.77
N ARG GB 83 -2.27 -90.96 -21.25
CA ARG GB 83 -3.59 -90.71 -21.81
C ARG GB 83 -3.50 -90.29 -23.27
N ASP GB 84 -2.57 -89.40 -23.60
CA ASP GB 84 -2.46 -88.93 -24.97
C ASP GB 84 -2.03 -90.05 -25.91
N LEU GB 85 -1.15 -90.92 -25.45
CA LEU GB 85 -0.82 -92.09 -26.24
C LEU GB 85 -2.05 -92.98 -26.43
N ASP GB 86 -2.89 -93.08 -25.39
CA ASP GB 86 -4.17 -93.77 -25.55
C ASP GB 86 -5.03 -93.08 -26.60
N TYR GB 87 -5.07 -91.75 -26.59
CA TYR GB 87 -5.83 -91.01 -27.59
C TYR GB 87 -5.35 -91.35 -28.99
N TYR GB 88 -4.04 -91.31 -29.22
CA TYR GB 88 -3.51 -91.59 -30.54
C TYR GB 88 -3.87 -93.00 -30.98
N LEU GB 89 -3.75 -93.96 -30.06
CA LEU GB 89 -4.13 -95.33 -30.39
C LEU GB 89 -5.61 -95.43 -30.72
N ARG GB 90 -6.45 -94.76 -29.92
CA ARG GB 90 -7.89 -94.84 -30.11
C ARG GB 90 -8.31 -94.23 -31.44
N TYR GB 91 -7.77 -93.05 -31.76
CA TYR GB 91 -8.13 -92.41 -33.02
C TYR GB 91 -7.47 -93.08 -34.21
N ALA GB 92 -6.31 -93.71 -34.01
CA ALA GB 92 -5.75 -94.54 -35.07
C ALA GB 92 -6.64 -95.73 -35.36
N THR GB 93 -7.22 -96.32 -34.31
CA THR GB 93 -8.18 -97.41 -34.50
C THR GB 93 -9.40 -96.91 -35.26
N TYR GB 94 -9.92 -95.74 -34.89
CA TYR GB 94 -11.03 -95.15 -35.64
C TYR GB 94 -10.66 -94.94 -37.08
N ALA GB 95 -9.46 -94.40 -37.33
CA ALA GB 95 -9.03 -94.13 -38.70
C ALA GB 95 -8.89 -95.42 -39.50
N MET GB 96 -8.39 -96.47 -38.87
CA MET GB 96 -8.28 -97.75 -39.56
C MET GB 96 -9.66 -98.30 -39.92
N LEU GB 97 -10.60 -98.24 -38.98
CA LEU GB 97 -11.95 -98.74 -39.25
C LEU GB 97 -12.59 -97.99 -40.40
N ALA GB 98 -12.50 -96.65 -40.40
CA ALA GB 98 -13.11 -95.87 -41.46
C ALA GB 98 -12.36 -96.01 -42.78
N GLY GB 99 -11.05 -96.21 -42.72
CA GLY GB 99 -10.25 -96.31 -43.93
C GLY GB 99 -9.81 -94.99 -44.51
N ASP GB 100 -10.02 -93.88 -43.81
CA ASP GB 100 -9.67 -92.55 -44.25
C ASP GB 100 -9.08 -91.79 -43.08
N PRO GB 101 -8.14 -90.87 -43.33
CA PRO GB 101 -7.50 -90.13 -42.23
C PRO GB 101 -8.30 -88.92 -41.76
N SER GB 102 -9.55 -88.75 -42.21
CA SER GB 102 -10.30 -87.55 -41.87
C SER GB 102 -10.56 -87.44 -40.37
N ILE GB 103 -10.75 -88.57 -39.69
CA ILE GB 103 -10.93 -88.52 -38.24
C ILE GB 103 -9.72 -87.88 -37.59
N LEU GB 104 -8.53 -88.29 -38.01
CA LEU GB 104 -7.30 -87.73 -37.45
C LEU GB 104 -7.21 -86.23 -37.70
N ASP GB 105 -7.54 -85.79 -38.92
CA ASP GB 105 -7.44 -84.37 -39.21
C ASP GB 105 -8.51 -83.57 -38.47
N GLU GB 106 -9.73 -84.11 -38.39
CA GLU GB 106 -10.83 -83.35 -37.79
C GLU GB 106 -10.69 -83.24 -36.28
N ARG GB 107 -10.36 -84.34 -35.61
CA ARG GB 107 -10.38 -84.36 -34.15
C ARG GB 107 -9.00 -84.29 -33.52
N VAL GB 108 -7.97 -84.85 -34.15
CA VAL GB 108 -6.69 -85.02 -33.47
C VAL GB 108 -5.71 -83.93 -33.89
N LEU GB 109 -5.77 -83.51 -35.15
CA LEU GB 109 -4.75 -82.64 -35.71
C LEU GB 109 -5.25 -81.24 -36.03
N ASN GB 110 -6.41 -80.83 -35.53
CA ASN GB 110 -6.84 -79.45 -35.67
C ASN GB 110 -6.57 -78.63 -34.43
N GLY GB 111 -5.91 -79.20 -33.42
CA GLY GB 111 -5.44 -78.43 -32.30
C GLY GB 111 -4.15 -78.96 -31.70
N LEU GB 112 -3.53 -79.94 -32.35
CA LEU GB 112 -2.46 -80.69 -31.69
C LEU GB 112 -1.21 -79.84 -31.51
N LYS GB 113 -0.76 -79.17 -32.57
CA LYS GB 113 0.44 -78.35 -32.41
C LYS GB 113 0.19 -77.17 -31.49
N GLU GB 114 -1.02 -76.61 -31.51
CA GLU GB 114 -1.35 -75.53 -30.57
C GLU GB 114 -1.24 -76.02 -29.14
N THR GB 115 -1.88 -77.15 -28.82
CA THR GB 115 -1.84 -77.66 -27.45
C THR GB 115 -0.43 -78.01 -27.01
N TYR GB 116 0.30 -78.75 -27.86
CA TYR GB 116 1.61 -79.24 -27.45
C TYR GB 116 2.63 -78.11 -27.38
N ASN GB 117 2.60 -77.18 -28.33
CA ASN GB 117 3.51 -76.05 -28.26
C ASN GB 117 3.20 -75.15 -27.07
N SER GB 118 1.92 -75.00 -26.73
CA SER GB 118 1.56 -74.18 -25.57
C SER GB 118 1.99 -74.84 -24.27
N LEU GB 119 1.81 -76.15 -24.16
CA LEU GB 119 2.18 -76.85 -22.93
C LEU GB 119 3.69 -77.03 -22.81
N GLY GB 120 4.41 -77.02 -23.92
CA GLY GB 120 5.82 -77.36 -23.91
C GLY GB 120 6.10 -78.83 -24.12
N VAL GB 121 5.08 -79.61 -24.50
CA VAL GB 121 5.25 -81.05 -24.71
C VAL GB 121 6.28 -81.28 -25.81
N PRO GB 122 7.27 -82.13 -25.61
CA PRO GB 122 8.31 -82.33 -26.63
C PRO GB 122 7.81 -83.18 -27.79
N ILE GB 123 7.67 -82.55 -28.95
CA ILE GB 123 7.09 -83.20 -30.12
C ILE GB 123 7.95 -84.39 -30.55
N ALA GB 124 9.27 -84.24 -30.50
CA ALA GB 124 10.15 -85.32 -30.93
C ALA GB 124 9.94 -86.58 -30.08
N ALA GB 125 9.83 -86.42 -28.77
CA ALA GB 125 9.59 -87.57 -27.91
C ALA GB 125 8.23 -88.20 -28.18
N THR GB 126 7.20 -87.38 -28.41
CA THR GB 126 5.90 -87.95 -28.74
C THR GB 126 5.97 -88.73 -30.05
N VAL GB 127 6.72 -88.23 -31.02
CA VAL GB 127 6.85 -88.92 -32.30
C VAL GB 127 7.52 -90.27 -32.11
N GLN GB 128 8.59 -90.31 -31.31
CA GLN GB 128 9.24 -91.58 -31.02
C GLN GB 128 8.27 -92.55 -30.36
N ALA GB 129 7.47 -92.06 -29.41
CA ALA GB 129 6.52 -92.92 -28.72
C ALA GB 129 5.48 -93.48 -29.68
N ILE GB 130 4.97 -92.65 -30.59
CA ILE GB 130 3.93 -93.12 -31.50
C ILE GB 130 4.51 -94.13 -32.49
N GLN GB 131 5.74 -93.92 -32.93
CA GLN GB 131 6.40 -94.93 -33.76
C GLN GB 131 6.55 -96.25 -33.01
N ALA GB 132 6.93 -96.17 -31.74
CA ALA GB 132 7.03 -97.38 -30.93
C ALA GB 132 5.68 -98.08 -30.80
N MET GB 133 4.61 -97.29 -30.60
CA MET GB 133 3.27 -97.87 -30.56
C MET GB 133 2.96 -98.58 -31.87
N LYS GB 134 3.38 -98.01 -32.99
CA LYS GB 134 3.13 -98.64 -34.29
C LYS GB 134 3.77 -100.02 -34.34
N GLU GB 135 5.02 -100.13 -33.88
CA GLU GB 135 5.70 -101.42 -33.92
C GLU GB 135 5.02 -102.44 -33.01
N VAL GB 136 4.69 -102.04 -31.78
CA VAL GB 136 4.05 -102.97 -30.85
C VAL GB 136 2.70 -103.42 -31.38
N THR GB 137 1.91 -102.47 -31.88
CA THR GB 137 0.60 -102.80 -32.42
C THR GB 137 0.72 -103.72 -33.62
N ALA GB 138 1.67 -103.47 -34.51
CA ALA GB 138 1.86 -104.33 -35.66
C ALA GB 138 2.15 -105.76 -35.25
N SER GB 139 2.96 -105.94 -34.21
CA SER GB 139 3.23 -107.29 -33.70
C SER GB 139 1.95 -107.95 -33.23
N LEU GB 140 1.11 -107.22 -32.49
CA LEU GB 140 -0.09 -107.84 -31.93
C LEU GB 140 -1.12 -108.16 -33.00
N VAL GB 141 -1.30 -107.28 -33.99
CA VAL GB 141 -2.37 -107.47 -34.96
C VAL GB 141 -1.94 -108.17 -36.23
N GLY GB 142 -0.65 -108.42 -36.42
CA GLY GB 142 -0.17 -109.04 -37.63
C GLY GB 142 0.26 -108.02 -38.67
N ALA GB 143 0.88 -108.53 -39.73
CA ALA GB 143 1.51 -107.66 -40.71
C ALA GB 143 0.49 -106.87 -41.52
N ASP GB 144 -0.57 -107.53 -41.99
CA ASP GB 144 -1.55 -106.84 -42.83
C ASP GB 144 -2.20 -105.68 -42.08
N ALA GB 145 -2.61 -105.92 -40.84
CA ALA GB 145 -3.16 -104.84 -40.04
C ALA GB 145 -2.06 -103.91 -39.54
N GLY GB 146 -0.84 -104.42 -39.39
CA GLY GB 146 0.27 -103.56 -39.03
C GLY GB 146 0.57 -102.52 -40.10
N LYS GB 147 0.40 -102.90 -41.37
CA LYS GB 147 0.55 -101.93 -42.45
C LYS GB 147 -0.54 -100.89 -42.41
N GLU GB 148 -1.81 -101.32 -42.29
CA GLU GB 148 -2.92 -100.39 -42.30
C GLU GB 148 -2.86 -99.43 -41.11
N MET GB 149 -2.81 -99.97 -39.90
CA MET GB 149 -2.67 -99.12 -38.72
C MET GB 149 -1.41 -98.27 -38.81
N GLY GB 150 -0.38 -98.78 -39.49
CA GLY GB 150 0.87 -98.05 -39.59
C GLY GB 150 0.74 -96.74 -40.34
N ILE GB 151 -0.05 -96.73 -41.41
CA ILE GB 151 -0.18 -95.49 -42.20
C ILE GB 151 -0.84 -94.41 -41.37
N TYR GB 152 -1.79 -94.79 -40.51
CA TYR GB 152 -2.48 -93.80 -39.69
C TYR GB 152 -1.61 -93.33 -38.52
N PHE GB 153 -0.83 -94.23 -37.93
CA PHE GB 153 0.18 -93.80 -36.97
C PHE GB 153 1.15 -92.82 -37.61
N ASP GB 154 1.58 -93.11 -38.84
CA ASP GB 154 2.47 -92.19 -39.55
C ASP GB 154 1.81 -90.84 -39.80
N TYR GB 155 0.51 -90.86 -40.11
CA TYR GB 155 -0.22 -89.62 -40.29
C TYR GB 155 -0.10 -88.74 -39.05
N ILE GB 156 -0.34 -89.33 -37.87
CA ILE GB 156 -0.25 -88.57 -36.63
C ILE GB 156 1.19 -88.09 -36.40
N CYS GB 157 2.16 -88.95 -36.69
CA CYS GB 157 3.57 -88.57 -36.48
C CYS GB 157 3.94 -87.36 -37.32
N SER GB 158 3.66 -87.41 -38.61
CA SER GB 158 4.01 -86.29 -39.50
C SER GB 158 3.25 -85.03 -39.14
N GLY GB 159 1.96 -85.17 -38.79
CA GLY GB 159 1.20 -84.01 -38.38
C GLY GB 159 1.77 -83.34 -37.14
N LEU GB 160 2.20 -84.14 -36.17
CA LEU GB 160 2.84 -83.59 -34.98
C LEU GB 160 4.14 -82.88 -35.32
N SER GB 161 4.93 -83.47 -36.22
CA SER GB 161 6.19 -82.87 -36.63
C SER GB 161 5.98 -81.50 -37.25
N SER HB 2 0.24 -73.99 -0.32
CA SER HB 2 0.44 -73.33 0.96
C SER HB 2 -0.88 -72.81 1.53
N VAL HB 3 -0.86 -72.44 2.81
CA VAL HB 3 -2.01 -71.80 3.41
C VAL HB 3 -2.33 -70.50 2.70
N VAL HB 4 -1.29 -69.74 2.36
CA VAL HB 4 -1.47 -68.46 1.68
C VAL HB 4 -2.16 -68.68 0.33
N THR HB 5 -1.66 -69.63 -0.46
CA THR HB 5 -2.25 -69.88 -1.77
C THR HB 5 -3.67 -70.40 -1.65
N LYS HB 6 -3.92 -71.28 -0.69
CA LYS HB 6 -5.26 -71.80 -0.50
C LYS HB 6 -6.25 -70.67 -0.22
N SER HB 7 -5.89 -69.78 0.70
CA SER HB 7 -6.77 -68.67 1.04
C SER HB 7 -6.98 -67.76 -0.16
N ILE HB 8 -5.91 -67.43 -0.87
CA ILE HB 8 -6.01 -66.48 -1.97
C ILE HB 8 -6.80 -67.08 -3.13
N VAL HB 9 -6.63 -68.37 -3.40
CA VAL HB 9 -7.38 -69.00 -4.48
C VAL HB 9 -8.88 -68.96 -4.17
N ASN HB 10 -9.26 -69.36 -2.95
CA ASN HB 10 -10.67 -69.37 -2.60
C ASN HB 10 -11.26 -67.96 -2.65
N ALA HB 11 -10.54 -66.99 -2.08
CA ALA HB 11 -11.04 -65.61 -2.07
C ALA HB 11 -11.08 -65.01 -3.46
N ASP HB 12 -10.12 -65.36 -4.31
CA ASP HB 12 -10.15 -64.86 -5.68
C ASP HB 12 -11.38 -65.38 -6.42
N ALA HB 13 -11.73 -66.65 -6.20
CA ALA HB 13 -12.95 -67.19 -6.81
C ALA HB 13 -14.18 -66.46 -6.29
N GLU HB 14 -14.18 -66.03 -5.03
CA GLU HB 14 -15.30 -65.28 -4.50
C GLU HB 14 -15.17 -63.79 -4.76
N ALA HB 15 -14.12 -63.35 -5.45
CA ALA HB 15 -13.92 -61.94 -5.81
C ALA HB 15 -13.97 -61.04 -4.59
N ARG HB 16 -13.29 -61.47 -3.53
CA ARG HB 16 -13.41 -60.84 -2.22
C ARG HB 16 -12.03 -60.65 -1.63
N TYR HB 17 -11.73 -59.44 -1.17
CA TYR HB 17 -10.54 -59.22 -0.36
C TYR HB 17 -10.53 -60.22 0.78
N LEU HB 18 -9.33 -60.67 1.16
CA LEU HB 18 -9.22 -61.82 2.06
C LEU HB 18 -10.02 -61.58 3.33
N SER HB 19 -10.86 -62.57 3.66
CA SER HB 19 -11.71 -62.47 4.83
C SER HB 19 -10.86 -62.30 6.09
N PRO HB 20 -11.35 -61.57 7.09
CA PRO HB 20 -10.53 -61.33 8.29
C PRO HB 20 -10.06 -62.62 8.95
N GLY HB 21 -10.91 -63.65 8.98
CA GLY HB 21 -10.48 -64.93 9.54
C GLY HB 21 -9.36 -65.56 8.75
N GLU HB 22 -9.43 -65.49 7.42
CA GLU HB 22 -8.36 -66.05 6.59
C GLU HB 22 -7.06 -65.30 6.79
N LEU HB 23 -7.14 -63.97 6.97
CA LEU HB 23 -5.95 -63.20 7.29
C LEU HB 23 -5.34 -63.66 8.62
N ASP HB 24 -6.18 -63.95 9.60
CA ASP HB 24 -5.66 -64.50 10.86
C ASP HB 24 -5.03 -65.87 10.63
N ARG HB 25 -5.62 -66.68 9.75
CA ARG HB 25 -5.08 -68.01 9.48
C ARG HB 25 -3.69 -67.94 8.89
N ILE HB 26 -3.45 -67.03 7.94
CA ILE HB 26 -2.10 -66.90 7.40
C ILE HB 26 -1.16 -66.30 8.43
N LYS HB 27 -1.68 -65.45 9.33
CA LYS HB 27 -0.84 -64.95 10.42
C LYS HB 27 -0.34 -66.10 11.29
N ASN HB 28 -1.22 -67.04 11.61
CA ASN HB 28 -0.81 -68.20 12.39
C ASN HB 28 0.17 -69.06 11.61
N PHE HB 29 -0.02 -69.17 10.30
CA PHE HB 29 0.90 -69.96 9.47
C PHE HB 29 2.30 -69.36 9.50
N VAL HB 30 2.42 -68.03 9.42
CA VAL HB 30 3.75 -67.44 9.43
C VAL HB 30 4.41 -67.62 10.79
N SER HB 31 3.65 -67.59 11.88
CA SER HB 31 4.24 -67.84 13.19
C SER HB 31 4.74 -69.27 13.30
N THR HB 32 3.95 -70.23 12.80
CA THR HB 32 4.28 -71.66 12.88
C THR HB 32 5.35 -72.07 11.87
N GLY HB 33 5.73 -71.18 10.95
CA GLY HB 33 6.62 -71.56 9.87
C GLY HB 33 7.97 -72.08 10.34
N GLU HB 34 8.52 -71.49 11.42
CA GLU HB 34 9.83 -71.90 11.88
C GLU HB 34 9.81 -73.36 12.34
N ARG HB 35 8.76 -73.75 13.07
CA ARG HB 35 8.62 -75.15 13.47
C ARG HB 35 8.53 -76.06 12.26
N ARG HB 36 7.78 -75.64 11.23
CA ARG HB 36 7.69 -76.45 10.03
C ARG HB 36 9.06 -76.62 9.37
N LEU HB 37 9.83 -75.53 9.29
CA LEU HB 37 11.15 -75.61 8.67
C LEU HB 37 12.07 -76.54 9.45
N ARG HB 38 11.96 -76.52 10.78
CA ARG HB 38 12.78 -77.42 11.60
C ARG HB 38 12.43 -78.88 11.32
N ILE HB 39 11.13 -79.18 11.21
CA ILE HB 39 10.71 -80.54 10.92
C ILE HB 39 11.24 -81.00 9.57
N ALA HB 40 11.15 -80.12 8.56
CA ALA HB 40 11.71 -80.46 7.25
C ALA HB 40 13.22 -80.64 7.34
N GLN HB 41 13.88 -79.83 8.17
CA GLN HB 41 15.34 -79.92 8.28
C GLN HB 41 15.77 -81.28 8.83
N THR HB 42 15.11 -81.75 9.89
CA THR HB 42 15.51 -83.03 10.46
C THR HB 42 15.20 -84.18 9.50
N LEU HB 43 14.04 -84.15 8.84
CA LEU HB 43 13.71 -85.22 7.91
C LEU HB 43 14.66 -85.25 6.72
N THR HB 44 15.00 -84.09 6.17
CA THR HB 44 15.89 -84.08 5.02
C THR HB 44 17.33 -84.40 5.41
N GLU HB 45 17.74 -84.04 6.64
CA GLU HB 45 19.08 -84.40 7.09
C GLU HB 45 19.22 -85.90 7.27
N ASN HB 46 18.18 -86.56 7.75
CA ASN HB 46 18.19 -88.01 7.92
C ASN HB 46 17.52 -88.73 6.76
N ARG HB 47 17.46 -88.10 5.58
CA ARG HB 47 16.73 -88.68 4.46
C ARG HB 47 17.30 -90.03 4.05
N GLU HB 48 18.63 -90.17 4.06
CA GLU HB 48 19.23 -91.44 3.64
C GLU HB 48 18.86 -92.56 4.61
N ARG HB 49 18.92 -92.28 5.92
CA ARG HB 49 18.49 -93.25 6.91
C ARG HB 49 17.03 -93.66 6.70
N ILE HB 50 16.16 -92.66 6.56
CA ILE HB 50 14.72 -92.92 6.48
C ILE HB 50 14.41 -93.80 5.29
N VAL HB 51 14.90 -93.41 4.10
CA VAL HB 51 14.61 -94.18 2.91
C VAL HB 51 15.21 -95.57 3.01
N LYS HB 52 16.45 -95.67 3.47
CA LYS HB 52 17.15 -96.96 3.47
C LYS HB 52 16.47 -97.96 4.39
N GLN HB 53 16.25 -97.60 5.66
CA GLN HB 53 15.68 -98.57 6.58
C GLN HB 53 14.20 -98.83 6.30
N ALA HB 54 13.46 -97.80 5.88
CA ALA HB 54 12.06 -98.02 5.53
C ALA HB 54 11.92 -98.87 4.28
N GLY HB 55 12.84 -98.71 3.33
CA GLY HB 55 12.82 -99.58 2.15
C GLY HB 55 13.11 -101.01 2.50
N ASP HB 56 14.06 -101.25 3.41
CA ASP HB 56 14.30 -102.60 3.91
C ASP HB 56 13.03 -103.16 4.55
N GLN HB 57 12.32 -102.34 5.32
CA GLN HB 57 11.07 -102.79 5.93
C GLN HB 57 10.03 -103.15 4.87
N LEU HB 58 9.92 -102.33 3.83
CA LEU HB 58 8.94 -102.60 2.77
C LEU HB 58 9.22 -103.94 2.11
N PHE HB 59 10.47 -104.18 1.74
CA PHE HB 59 10.80 -105.43 1.06
C PHE HB 59 10.65 -106.62 2.00
N GLN HB 60 10.97 -106.45 3.28
CA GLN HB 60 10.77 -107.51 4.25
C GLN HB 60 9.29 -107.84 4.42
N LYS HB 61 8.45 -106.81 4.51
CA LYS HB 61 7.02 -107.04 4.71
C LYS HB 61 6.38 -107.70 3.49
N ARG HB 62 6.78 -107.30 2.29
CA ARG HB 62 6.24 -107.88 1.05
C ARG HB 62 7.40 -108.34 0.19
N PRO HB 63 7.94 -109.53 0.47
CA PRO HB 63 9.03 -110.06 -0.37
C PRO HB 63 8.59 -110.44 -1.78
N ASP HB 64 7.32 -110.81 -1.98
CA ASP HB 64 6.84 -111.12 -3.32
C ASP HB 64 7.03 -109.94 -4.25
N VAL HB 65 6.95 -108.73 -3.71
CA VAL HB 65 7.11 -107.51 -4.51
C VAL HB 65 8.53 -107.41 -5.04
N VAL HB 66 9.52 -107.82 -4.24
CA VAL HB 66 10.92 -107.80 -4.65
C VAL HB 66 11.38 -109.15 -5.20
N SER HB 67 10.54 -110.19 -5.11
CA SER HB 67 10.88 -111.49 -5.65
C SER HB 67 10.93 -111.45 -7.18
N PRO HB 68 11.55 -112.43 -7.82
CA PRO HB 68 11.49 -112.50 -9.28
C PRO HB 68 10.05 -112.59 -9.76
N GLY HB 69 9.76 -111.84 -10.82
CA GLY HB 69 8.40 -111.66 -11.28
C GLY HB 69 7.71 -110.43 -10.73
N GLY HB 70 8.21 -109.89 -9.61
CA GLY HB 70 7.69 -108.64 -9.10
C GLY HB 70 8.24 -107.46 -9.87
N ASN HB 71 7.60 -106.30 -9.68
CA ASN HB 71 8.01 -105.12 -10.42
C ASN HB 71 9.44 -104.72 -10.10
N ALA HB 72 9.84 -104.85 -8.84
CA ALA HB 72 11.22 -104.58 -8.43
C ALA HB 72 11.99 -105.88 -8.37
N TYR HB 73 12.16 -106.49 -9.55
CA TYR HB 73 12.92 -107.71 -9.71
C TYR HB 73 14.23 -107.37 -10.40
N GLY HB 74 15.34 -107.67 -9.75
CA GLY HB 74 16.64 -107.30 -10.27
C GLY HB 74 17.17 -106.02 -9.64
N GLU HB 75 18.48 -105.83 -9.76
CA GLU HB 75 19.14 -104.71 -9.10
C GLU HB 75 18.61 -103.38 -9.61
N GLU HB 76 18.49 -103.23 -10.92
CA GLU HB 76 18.05 -101.96 -11.49
C GLU HB 76 16.66 -101.58 -11.02
N MET HB 77 15.70 -102.50 -11.16
CA MET HB 77 14.32 -102.18 -10.82
C MET HB 77 14.14 -101.93 -9.33
N THR HB 78 14.81 -102.71 -8.48
CA THR HB 78 14.67 -102.48 -7.05
C THR HB 78 15.28 -101.14 -6.64
N ALA HB 79 16.36 -100.72 -7.31
CA ALA HB 79 16.93 -99.41 -7.02
C ALA HB 79 15.94 -98.31 -7.38
N THR HB 80 15.27 -98.43 -8.52
CA THR HB 80 14.29 -97.41 -8.90
C THR HB 80 13.13 -97.37 -7.93
N CYS HB 81 12.70 -98.53 -7.42
CA CYS HB 81 11.65 -98.51 -6.41
C CYS HB 81 12.09 -97.74 -5.18
N LEU HB 82 13.34 -97.94 -4.74
CA LEU HB 82 13.84 -97.15 -3.64
C LEU HB 82 13.84 -95.66 -3.98
N ARG HB 83 14.16 -95.33 -5.24
CA ARG HB 83 14.14 -93.93 -5.65
C ARG HB 83 12.75 -93.32 -5.54
N ASP HB 84 11.71 -94.11 -5.85
CA ASP HB 84 10.35 -93.62 -5.69
C ASP HB 84 10.06 -93.30 -4.23
N LEU HB 85 10.53 -94.16 -3.32
CA LEU HB 85 10.38 -93.86 -1.90
C LEU HB 85 11.09 -92.56 -1.54
N ASP HB 86 12.28 -92.35 -2.10
CA ASP HB 86 13.00 -91.10 -1.88
C ASP HB 86 12.22 -89.90 -2.41
N TYR HB 87 11.63 -90.05 -3.60
CA TYR HB 87 10.82 -88.98 -4.17
C TYR HB 87 9.68 -88.59 -3.22
N TYR HB 88 9.00 -89.58 -2.67
CA TYR HB 88 7.85 -89.26 -1.83
C TYR HB 88 8.27 -88.66 -0.50
N LEU HB 89 9.44 -89.01 0.02
CA LEU HB 89 9.94 -88.29 1.19
C LEU HB 89 10.19 -86.82 0.85
N ARG HB 90 10.81 -86.56 -0.31
CA ARG HB 90 11.06 -85.19 -0.70
C ARG HB 90 9.77 -84.39 -0.82
N LEU HB 91 8.75 -84.99 -1.44
CA LEU HB 91 7.47 -84.30 -1.55
C LEU HB 91 6.85 -84.06 -0.19
N VAL HB 92 7.03 -84.99 0.75
CA VAL HB 92 6.50 -84.77 2.09
C VAL HB 92 7.19 -83.60 2.77
N THR HB 93 8.50 -83.44 2.56
CA THR HB 93 9.19 -82.28 3.11
C THR HB 93 8.64 -80.99 2.50
N TYR HB 94 8.38 -81.00 1.19
CA TYR HB 94 7.74 -79.85 0.55
C TYR HB 94 6.39 -79.55 1.20
N GLY HB 95 5.60 -80.59 1.46
CA GLY HB 95 4.30 -80.38 2.08
C GLY HB 95 4.41 -79.84 3.49
N ILE HB 96 5.39 -80.32 4.25
CA ILE HB 96 5.57 -79.83 5.61
C ILE HB 96 5.91 -78.34 5.61
N VAL HB 97 6.81 -77.93 4.72
CA VAL HB 97 7.17 -76.52 4.63
C VAL HB 97 5.97 -75.69 4.20
N ALA HB 98 5.22 -76.18 3.21
CA ALA HB 98 4.08 -75.42 2.70
C ALA HB 98 2.97 -75.31 3.74
N GLY HB 99 2.89 -76.27 4.66
CA GLY HB 99 1.82 -76.27 5.63
C GLY HB 99 0.52 -76.83 5.13
N ASP HB 100 0.47 -77.28 3.88
CA ASP HB 100 -0.72 -77.91 3.33
C ASP HB 100 -0.28 -78.95 2.31
N VAL HB 101 -1.18 -79.87 2.00
CA VAL HB 101 -0.84 -80.94 1.07
C VAL HB 101 -0.58 -80.41 -0.32
N THR HB 102 -0.98 -79.18 -0.62
CA THR HB 102 -0.97 -78.59 -1.96
C THR HB 102 0.25 -79.00 -2.79
N PRO HB 103 1.49 -78.80 -2.33
CA PRO HB 103 2.63 -79.21 -3.16
C PRO HB 103 2.69 -80.71 -3.41
N ILE HB 104 2.45 -81.53 -2.39
CA ILE HB 104 2.53 -82.97 -2.59
C ILE HB 104 1.38 -83.44 -3.46
N GLU HB 105 0.20 -82.85 -3.28
CA GLU HB 105 -0.98 -83.19 -4.06
C GLU HB 105 -0.91 -82.68 -5.48
N GLU HB 106 0.12 -81.92 -5.84
CA GLU HB 106 0.39 -81.59 -7.23
C GLU HB 106 1.53 -82.44 -7.81
N ILE HB 107 2.71 -82.36 -7.20
CA ILE HB 107 3.88 -83.03 -7.77
C ILE HB 107 3.65 -84.54 -7.82
N GLY HB 108 3.08 -85.10 -6.76
CA GLY HB 108 2.59 -86.46 -6.81
C GLY HB 108 1.12 -86.48 -6.50
N LEU HB 109 0.59 -87.66 -6.19
CA LEU HB 109 -0.75 -87.88 -5.66
C LEU HB 109 -1.87 -87.53 -6.64
N VAL HB 110 -1.56 -87.09 -7.85
CA VAL HB 110 -2.56 -86.90 -8.89
C VAL HB 110 -2.24 -87.86 -10.03
N GLY HB 111 -3.14 -88.80 -10.28
CA GLY HB 111 -2.88 -89.80 -11.28
C GLY HB 111 -1.79 -90.78 -10.90
N VAL HB 112 -1.46 -90.88 -9.61
CA VAL HB 112 -0.52 -91.91 -9.18
C VAL HB 112 -1.08 -93.29 -9.47
N ARG HB 113 -2.38 -93.46 -9.27
CA ARG HB 113 -3.02 -94.72 -9.63
C ARG HB 113 -2.82 -95.01 -11.11
N GLU HB 114 -3.04 -94.02 -11.97
CA GLU HB 114 -2.85 -94.24 -13.40
C GLU HB 114 -1.41 -94.57 -13.73
N MET HB 115 -0.46 -93.77 -13.25
CA MET HB 115 0.94 -94.00 -13.56
C MET HB 115 1.40 -95.37 -13.07
N TYR HB 116 1.15 -95.68 -11.80
CA TYR HB 116 1.66 -96.93 -11.24
C TYR HB 116 0.94 -98.14 -11.81
N ASN HB 117 -0.40 -98.09 -11.88
CA ASN HB 117 -1.14 -99.23 -12.39
C ASN HB 117 -0.71 -99.56 -13.82
N SER HB 118 -0.47 -98.54 -14.64
CA SER HB 118 0.09 -98.79 -15.96
C SER HB 118 1.53 -99.27 -15.87
N LEU HB 119 2.29 -98.74 -14.90
CA LEU HB 119 3.67 -99.19 -14.70
C LEU HB 119 3.76 -100.66 -14.30
N GLY HB 120 2.66 -101.23 -13.79
CA GLY HB 120 2.61 -102.61 -13.35
C GLY HB 120 2.73 -102.79 -11.85
N THR HB 121 3.18 -101.77 -11.13
CA THR HB 121 3.46 -101.89 -9.71
C THR HB 121 2.16 -102.05 -8.91
N PRO HB 122 2.20 -102.74 -7.76
CA PRO HB 122 1.05 -102.72 -6.84
C PRO HB 122 1.07 -101.48 -5.95
N ILE HB 123 0.07 -100.63 -6.14
CA ILE HB 123 -0.03 -99.38 -5.40
C ILE HB 123 -0.32 -99.62 -3.91
N PRO HB 124 -1.02 -100.68 -3.49
CA PRO HB 124 -1.08 -100.94 -2.04
C PRO HB 124 0.29 -101.21 -1.44
N ALA HB 125 1.17 -101.89 -2.18
CA ALA HB 125 2.53 -102.11 -1.71
C ALA HB 125 3.28 -100.79 -1.57
N VAL HB 126 3.10 -99.88 -2.53
CA VAL HB 126 3.70 -98.56 -2.40
C VAL HB 126 3.20 -97.87 -1.15
N ALA HB 127 1.91 -98.00 -0.84
CA ALA HB 127 1.37 -97.41 0.36
C ALA HB 127 2.02 -97.98 1.61
N GLU HB 128 2.27 -99.29 1.61
CA GLU HB 128 2.95 -99.90 2.76
C GLU HB 128 4.36 -99.33 2.92
N GLY HB 129 5.06 -99.09 1.81
CA GLY HB 129 6.37 -98.49 1.90
C GLY HB 129 6.35 -97.11 2.54
N ILE HB 130 5.39 -96.28 2.14
CA ILE HB 130 5.29 -94.95 2.75
C ILE HB 130 4.89 -95.06 4.21
N ARG HB 131 4.07 -96.05 4.56
CA ARG HB 131 3.76 -96.28 5.98
C ARG HB 131 5.02 -96.56 6.78
N ALA HB 132 5.91 -97.39 6.23
CA ALA HB 132 7.17 -97.68 6.92
C ALA HB 132 8.00 -96.41 7.10
N MET HB 133 8.03 -95.56 6.06
CA MET HB 133 8.72 -94.29 6.18
C MET HB 133 8.11 -93.43 7.28
N LYS HB 134 6.77 -93.47 7.41
CA LYS HB 134 6.11 -92.70 8.44
C LYS HB 134 6.52 -93.16 9.83
N ASN HB 135 6.65 -94.49 10.02
CA ASN HB 135 7.08 -95.00 11.32
C ASN HB 135 8.50 -94.54 11.65
N VAL HB 136 9.41 -94.64 10.68
CA VAL HB 136 10.78 -94.20 10.91
C VAL HB 136 10.83 -92.72 11.23
N ALA HB 137 10.07 -91.91 10.49
CA ALA HB 137 10.03 -90.48 10.74
C ALA HB 137 9.48 -90.19 12.13
N CYS HB 138 8.48 -90.95 12.56
CA CYS HB 138 7.94 -90.76 13.91
C CYS HB 138 9.02 -90.98 14.95
N SER HB 139 9.87 -91.99 14.75
CA SER HB 139 10.98 -92.20 15.68
C SER HB 139 11.93 -91.03 15.68
N LEU HB 140 12.16 -90.41 14.51
CA LEU HB 140 13.10 -89.30 14.42
C LEU HB 140 12.51 -87.96 14.84
N LEU HB 141 11.21 -87.90 15.14
CA LEU HB 141 10.55 -86.64 15.45
C LEU HB 141 10.01 -86.65 16.87
N SER HB 142 9.92 -85.45 17.46
CA SER HB 142 9.25 -85.27 18.74
C SER HB 142 7.75 -85.43 18.58
N ALA HB 143 7.06 -85.62 19.71
CA ALA HB 143 5.68 -86.11 19.68
C ALA HB 143 4.76 -85.18 18.91
N GLU HB 144 4.75 -83.90 19.26
CA GLU HB 144 3.85 -82.97 18.58
C GLU HB 144 4.32 -82.71 17.15
N ASP HB 145 5.62 -82.56 16.95
CA ASP HB 145 6.15 -82.42 15.60
C ASP HB 145 5.78 -83.63 14.75
N ALA HB 146 5.88 -84.83 15.32
CA ALA HB 146 5.58 -86.04 14.56
C ALA HB 146 4.13 -86.08 14.12
N ALA HB 147 3.22 -85.46 14.88
CA ALA HB 147 1.81 -85.48 14.52
C ALA HB 147 1.57 -84.78 13.19
N GLU HB 148 2.18 -83.60 13.00
CA GLU HB 148 1.99 -82.87 11.75
C GLU HB 148 2.60 -83.61 10.57
N ALA HB 149 3.86 -84.01 10.70
CA ALA HB 149 4.49 -84.80 9.64
C ALA HB 149 3.71 -86.09 9.40
N GLY HB 150 3.15 -86.66 10.48
CA GLY HB 150 2.27 -87.80 10.31
C GLY HB 150 1.06 -87.48 9.45
N SER HB 151 0.54 -86.25 9.58
CA SER HB 151 -0.60 -85.85 8.76
C SER HB 151 -0.24 -85.86 7.28
N TYR HB 152 0.93 -85.33 6.93
CA TYR HB 152 1.29 -85.28 5.52
C TYR HB 152 1.59 -86.66 4.97
N PHE HB 153 2.31 -87.49 5.72
CA PHE HB 153 2.50 -88.88 5.32
C PHE HB 153 1.16 -89.60 5.18
N ASP HB 154 0.24 -89.33 6.11
CA ASP HB 154 -1.07 -89.95 6.08
C ASP HB 154 -1.84 -89.59 4.82
N PHE HB 155 -1.75 -88.31 4.41
CA PHE HB 155 -2.39 -87.91 3.17
C PHE HB 155 -1.85 -88.70 1.99
N VAL HB 156 -0.53 -88.92 1.98
CA VAL HB 156 0.08 -89.68 0.89
C VAL HB 156 -0.48 -91.10 0.85
N ILE HB 157 -0.48 -91.78 2.00
CA ILE HB 157 -0.91 -93.17 2.02
C ILE HB 157 -2.40 -93.28 1.70
N GLY HB 158 -3.20 -92.31 2.16
CA GLY HB 158 -4.61 -92.32 1.82
C GLY HB 158 -4.85 -92.15 0.34
N ALA HB 159 -4.09 -91.26 -0.31
CA ALA HB 159 -4.17 -91.13 -1.75
C ALA HB 159 -3.74 -92.41 -2.44
N MET HB 160 -2.72 -93.08 -1.90
CA MET HB 160 -2.28 -94.35 -2.47
C MET HB 160 -3.38 -95.39 -2.40
N GLN HB 161 -4.09 -95.46 -1.28
CA GLN HB 161 -5.17 -96.42 -1.11
C GLN HB 161 -6.41 -96.01 -1.87
N MET IB 1 -1.27 -69.78 -9.40
CA MET IB 1 -0.50 -68.94 -8.49
C MET IB 1 0.60 -69.70 -7.77
N GLN IB 2 1.76 -69.08 -7.67
CA GLN IB 2 2.82 -69.52 -6.77
C GLN IB 2 3.02 -68.41 -5.73
N ASP IB 3 2.88 -68.76 -4.45
CA ASP IB 3 3.38 -67.86 -3.43
C ASP IB 3 4.88 -68.10 -3.27
N ALA IB 4 5.51 -67.36 -2.37
CA ALA IB 4 6.95 -67.50 -2.21
C ALA IB 4 7.32 -68.92 -1.77
N ILE IB 5 6.53 -69.50 -0.88
CA ILE IB 5 6.76 -70.88 -0.45
C ILE IB 5 6.70 -71.82 -1.64
N THR IB 6 5.63 -71.73 -2.42
CA THR IB 6 5.46 -72.62 -3.56
C THR IB 6 6.54 -72.40 -4.61
N ALA IB 7 6.96 -71.15 -4.82
CA ALA IB 7 8.02 -70.90 -5.78
C ALA IB 7 9.33 -71.52 -5.35
N VAL IB 8 9.68 -71.39 -4.07
CA VAL IB 8 10.92 -71.99 -3.58
C VAL IB 8 10.87 -73.50 -3.75
N ILE IB 9 9.78 -74.13 -3.31
CA ILE IB 9 9.71 -75.58 -3.36
C ILE IB 9 9.64 -76.07 -4.80
N ASN IB 10 8.97 -75.33 -5.70
CA ASN IB 10 8.90 -75.76 -7.08
C ASN IB 10 10.24 -75.59 -7.80
N ALA IB 11 10.98 -74.54 -7.47
CA ALA IB 11 12.32 -74.38 -8.02
C ALA IB 11 13.22 -75.53 -7.60
N SER IB 12 13.14 -75.92 -6.33
CA SER IB 12 13.89 -77.09 -5.88
C SER IB 12 13.40 -78.36 -6.54
N ASP IB 13 12.09 -78.47 -6.73
CA ASP IB 13 11.51 -79.68 -7.31
C ASP IB 13 11.96 -79.88 -8.76
N VAL IB 14 12.08 -78.78 -9.51
CA VAL IB 14 12.50 -78.89 -10.90
C VAL IB 14 13.89 -79.50 -11.00
N GLN IB 15 14.82 -79.03 -10.16
CA GLN IB 15 16.14 -79.65 -10.09
C GLN IB 15 16.04 -81.08 -9.59
N GLY IB 16 15.08 -81.35 -8.71
CA GLY IB 16 14.96 -82.65 -8.08
C GLY IB 16 15.56 -82.74 -6.68
N LYS IB 17 16.02 -81.63 -6.12
CA LYS IB 17 16.75 -81.62 -4.87
C LYS IB 17 15.82 -81.32 -3.70
N TYR IB 18 16.07 -81.97 -2.57
CA TYR IB 18 15.42 -81.61 -1.32
C TYR IB 18 15.68 -80.13 -1.01
N LEU IB 19 14.85 -79.57 -0.14
CA LEU IB 19 14.99 -78.17 0.21
C LEU IB 19 16.36 -77.90 0.83
N ASP IB 20 17.15 -77.08 0.16
CA ASP IB 20 18.49 -76.76 0.60
C ASP IB 20 18.47 -75.75 1.73
N THR IB 21 19.63 -75.55 2.36
CA THR IB 21 19.73 -74.58 3.43
C THR IB 21 19.55 -73.16 2.91
N ALA IB 22 20.05 -72.88 1.70
CA ALA IB 22 19.83 -71.57 1.09
C ALA IB 22 18.35 -71.34 0.81
N ALA IB 23 17.66 -72.36 0.29
CA ALA IB 23 16.23 -72.25 0.07
C ALA IB 23 15.50 -72.03 1.39
N MET IB 24 15.97 -72.68 2.45
CA MET IB 24 15.40 -72.44 3.78
C MET IB 24 15.55 -70.99 4.19
N GLU IB 25 16.66 -70.36 3.83
CA GLU IB 25 16.83 -68.95 4.14
C GLU IB 25 15.81 -68.10 3.39
N LYS IB 26 15.54 -68.42 2.13
CA LYS IB 26 14.50 -67.72 1.39
C LYS IB 26 13.15 -67.86 2.09
N LEU IB 27 12.79 -69.09 2.47
CA LEU IB 27 11.51 -69.32 3.12
C LEU IB 27 11.44 -68.60 4.46
N LYS IB 28 12.55 -68.59 5.20
CA LYS IB 28 12.58 -67.89 6.48
C LYS IB 28 12.34 -66.39 6.29
N ALA IB 29 12.90 -65.82 5.23
CA ALA IB 29 12.67 -64.40 4.95
C ALA IB 29 11.19 -64.13 4.69
N TYR IB 30 10.52 -65.00 3.93
CA TYR IB 30 9.10 -64.82 3.69
C TYR IB 30 8.32 -64.88 4.99
N PHE IB 31 8.62 -65.87 5.83
CA PHE IB 31 7.94 -65.98 7.11
C PHE IB 31 8.19 -64.75 7.98
N ALA IB 32 9.38 -64.16 7.89
CA ALA IB 32 9.66 -62.95 8.65
C ALA IB 32 8.81 -61.78 8.16
N THR IB 33 8.63 -61.65 6.85
CA THR IB 33 7.81 -60.58 6.30
C THR IB 33 6.32 -60.81 6.51
N GLY IB 34 5.93 -61.99 6.98
CA GLY IB 34 4.52 -62.36 7.02
C GLY IB 34 3.66 -61.41 7.82
N GLU IB 35 4.12 -60.99 9.00
CA GLU IB 35 3.29 -60.16 9.86
C GLU IB 35 2.97 -58.82 9.19
N LEU IB 36 4.01 -58.11 8.75
CA LEU IB 36 3.77 -56.81 8.14
C LEU IB 36 2.89 -56.94 6.91
N ARG IB 37 3.04 -58.03 6.15
CA ARG IB 37 2.22 -58.22 4.96
C ARG IB 37 0.76 -58.43 5.30
N VAL IB 38 0.47 -59.29 6.28
CA VAL IB 38 -0.92 -59.55 6.65
C VAL IB 38 -1.58 -58.29 7.19
N ARG IB 39 -0.84 -57.55 8.03
CA ARG IB 39 -1.36 -56.29 8.56
C ARG IB 39 -1.71 -55.32 7.44
N ALA IB 40 -0.81 -55.19 6.46
CA ALA IB 40 -1.07 -54.28 5.34
C ALA IB 40 -2.26 -54.75 4.51
N ALA IB 41 -2.40 -56.06 4.35
CA ALA IB 41 -3.53 -56.58 3.59
C ALA IB 41 -4.85 -56.23 4.25
N SER IB 42 -4.92 -56.30 5.58
CA SER IB 42 -6.13 -55.90 6.28
C SER IB 42 -6.38 -54.41 6.11
N VAL IB 43 -5.33 -53.59 6.10
CA VAL IB 43 -5.50 -52.16 5.91
C VAL IB 43 -6.13 -51.88 4.55
N ILE IB 44 -5.59 -52.49 3.49
CA ILE IB 44 -6.12 -52.26 2.15
C ILE IB 44 -7.53 -52.82 2.05
N SER IB 45 -7.81 -53.94 2.73
CA SER IB 45 -9.13 -54.55 2.64
C SER IB 45 -10.22 -53.61 3.13
N ALA IB 46 -9.97 -52.90 4.24
CA ALA IB 46 -10.98 -51.99 4.76
C ALA IB 46 -11.01 -50.67 4.02
N ASN IB 47 -9.88 -50.22 3.48
CA ASN IB 47 -9.78 -48.91 2.84
C ASN IB 47 -9.73 -49.01 1.32
N ALA IB 48 -10.22 -50.12 0.75
CA ALA IB 48 -10.12 -50.32 -0.70
C ALA IB 48 -10.88 -49.25 -1.45
N ALA IB 49 -12.12 -48.99 -1.04
CA ALA IB 49 -12.94 -48.01 -1.75
C ALA IB 49 -12.33 -46.61 -1.66
N ASN IB 50 -11.77 -46.27 -0.50
CA ASN IB 50 -11.14 -44.96 -0.37
C ASN IB 50 -9.91 -44.84 -1.26
N ILE IB 51 -9.14 -45.92 -1.39
CA ILE IB 51 -7.96 -45.88 -2.26
C ILE IB 51 -8.37 -45.59 -3.69
N VAL IB 52 -9.39 -46.29 -4.17
CA VAL IB 52 -9.86 -46.05 -5.54
C VAL IB 52 -10.41 -44.64 -5.67
N LYS IB 53 -11.20 -44.19 -4.69
CA LYS IB 53 -11.75 -42.85 -4.75
C LYS IB 53 -10.65 -41.80 -4.86
N GLU IB 54 -9.65 -41.89 -3.98
CA GLU IB 54 -8.57 -40.91 -3.99
C GLU IB 54 -7.80 -40.95 -5.30
N ALA IB 55 -7.50 -42.15 -5.79
CA ALA IB 55 -6.71 -42.28 -7.01
C ALA IB 55 -7.44 -41.71 -8.22
N VAL IB 56 -8.72 -42.05 -8.36
CA VAL IB 56 -9.50 -41.52 -9.48
C VAL IB 56 -9.59 -40.01 -9.39
N ALA IB 57 -9.65 -39.46 -8.17
CA ALA IB 57 -9.63 -38.01 -8.01
C ALA IB 57 -8.28 -37.44 -8.42
N LYS IB 58 -7.19 -38.05 -7.94
CA LYS IB 58 -5.85 -37.49 -8.17
C LYS IB 58 -5.51 -37.43 -9.64
N SER IB 59 -5.85 -38.47 -10.40
CA SER IB 59 -5.40 -38.58 -11.78
C SER IB 59 -6.54 -38.49 -12.78
N LEU IB 60 -7.53 -39.36 -12.69
CA LEU IB 60 -8.45 -39.57 -13.81
C LEU IB 60 -9.48 -38.44 -13.93
N LEU IB 61 -10.00 -37.95 -12.81
CA LEU IB 61 -11.12 -37.01 -12.87
C LEU IB 61 -10.65 -35.63 -13.32
N TYR IB 62 -11.61 -34.86 -13.83
CA TYR IB 62 -11.37 -33.51 -14.32
C TYR IB 62 -10.25 -33.48 -15.36
N SER IB 63 -10.39 -34.34 -16.37
CA SER IB 63 -9.44 -34.41 -17.47
C SER IB 63 -10.23 -34.66 -18.75
N ASP IB 64 -9.51 -34.92 -19.84
CA ASP IB 64 -10.19 -35.26 -21.07
C ASP IB 64 -10.77 -36.65 -21.07
N ILE IB 65 -10.41 -37.48 -20.09
CA ILE IB 65 -10.97 -38.82 -20.03
C ILE IB 65 -12.46 -38.77 -19.71
N THR IB 66 -12.86 -37.86 -18.83
CA THR IB 66 -14.25 -37.79 -18.37
C THR IB 66 -15.10 -36.78 -19.12
N ARG IB 67 -14.51 -35.94 -19.95
CA ARG IB 67 -15.30 -35.07 -20.81
C ARG IB 67 -15.98 -35.91 -21.89
N PRO IB 68 -17.06 -35.41 -22.49
CA PRO IB 68 -17.78 -36.21 -23.49
C PRO IB 68 -16.87 -36.68 -24.60
N GLY IB 69 -16.95 -37.96 -24.92
CA GLY IB 69 -16.08 -38.56 -25.91
C GLY IB 69 -14.70 -38.91 -25.43
N GLY IB 70 -14.50 -39.08 -24.13
CA GLY IB 70 -13.17 -39.31 -23.59
C GLY IB 70 -12.90 -40.72 -23.08
N MET IB 72 -14.03 -42.38 -20.51
CA MET IB 72 -14.54 -42.59 -19.16
C MET IB 72 -15.86 -41.86 -19.00
N TYR IB 73 -16.16 -40.99 -19.96
CA TYR IB 73 -17.48 -40.38 -20.03
C TYR IB 73 -18.54 -41.47 -20.11
N THR IB 74 -19.79 -41.09 -19.79
CA THR IB 74 -20.92 -41.99 -19.61
C THR IB 74 -20.80 -42.68 -18.26
N THR IB 75 -21.90 -42.76 -17.52
CA THR IB 75 -21.84 -43.38 -16.19
C THR IB 75 -21.49 -44.85 -16.29
N ARG IB 76 -21.89 -45.51 -17.37
CA ARG IB 76 -21.50 -46.90 -17.57
C ARG IB 76 -19.99 -47.05 -17.57
N ARG IB 77 -19.29 -46.18 -18.29
CA ARG IB 77 -17.85 -46.30 -18.41
C ARG IB 77 -17.12 -45.81 -17.16
N TYR IB 78 -17.64 -44.80 -16.47
CA TYR IB 78 -17.02 -44.42 -15.21
C TYR IB 78 -17.13 -45.54 -14.20
N ALA IB 79 -18.29 -46.21 -14.16
CA ALA IB 79 -18.43 -47.38 -13.30
C ALA IB 79 -17.46 -48.48 -13.71
N ALA IB 80 -17.32 -48.71 -15.01
CA ALA IB 80 -16.42 -49.76 -15.48
C ALA IB 80 -14.98 -49.45 -15.09
N CYS IB 81 -14.56 -48.19 -15.22
CA CYS IB 81 -13.16 -47.87 -14.90
C CYS IB 81 -12.88 -48.04 -13.42
N ILE IB 82 -13.78 -47.60 -12.55
CA ILE IB 82 -13.51 -47.80 -11.12
C ILE IB 82 -13.54 -49.29 -10.78
N ARG IB 83 -14.33 -50.08 -11.52
CA ARG IB 83 -14.30 -51.52 -11.33
C ARG IB 83 -12.93 -52.10 -11.68
N ASP IB 84 -12.34 -51.64 -12.79
CA ASP IB 84 -11.03 -52.15 -13.18
C ASP IB 84 -9.95 -51.74 -12.19
N LEU IB 85 -10.02 -50.52 -11.68
CA LEU IB 85 -9.03 -50.09 -10.69
C LEU IB 85 -9.12 -50.93 -9.44
N ASP IB 86 -10.33 -51.33 -9.04
CA ASP IB 86 -10.45 -52.19 -7.88
C ASP IB 86 -9.98 -53.61 -8.18
N TYR IB 87 -10.12 -54.07 -9.43
CA TYR IB 87 -9.47 -55.31 -9.84
C TYR IB 87 -7.99 -55.25 -9.54
N TYR IB 88 -7.33 -54.18 -9.99
CA TYR IB 88 -5.90 -54.05 -9.79
C TYR IB 88 -5.54 -54.02 -8.31
N LEU IB 89 -6.31 -53.28 -7.52
CA LEU IB 89 -6.01 -53.20 -6.10
C LEU IB 89 -6.15 -54.56 -5.43
N ARG IB 90 -7.21 -55.31 -5.75
CA ARG IB 90 -7.42 -56.60 -5.12
C ARG IB 90 -6.32 -57.58 -5.48
N TYR IB 91 -5.97 -57.66 -6.76
CA TYR IB 91 -4.92 -58.60 -7.17
C TYR IB 91 -3.55 -58.17 -6.69
N ALA IB 92 -3.30 -56.86 -6.62
CA ALA IB 92 -2.03 -56.39 -6.06
C ALA IB 92 -1.91 -56.77 -4.60
N THR IB 93 -3.00 -56.68 -3.84
CA THR IB 93 -2.95 -57.07 -2.44
C THR IB 93 -2.78 -58.57 -2.30
N TYR IB 94 -3.46 -59.36 -3.15
CA TYR IB 94 -3.18 -60.79 -3.21
C TYR IB 94 -1.70 -61.04 -3.40
N ALA IB 95 -1.09 -60.30 -4.31
CA ALA IB 95 0.33 -60.50 -4.61
C ALA IB 95 1.20 -60.09 -3.43
N MET IB 96 0.80 -59.05 -2.69
CA MET IB 96 1.57 -58.70 -1.49
C MET IB 96 1.52 -59.82 -0.48
N LEU IB 97 0.35 -60.42 -0.27
CA LEU IB 97 0.23 -61.53 0.66
C LEU IB 97 1.09 -62.71 0.21
N ALA IB 98 0.96 -63.09 -1.06
CA ALA IB 98 1.66 -64.29 -1.53
C ALA IB 98 3.16 -64.07 -1.64
N GLY IB 99 3.59 -62.85 -1.97
CA GLY IB 99 4.99 -62.56 -2.13
C GLY IB 99 5.54 -62.76 -3.53
N ASP IB 100 4.73 -63.24 -4.47
CA ASP IB 100 5.18 -63.46 -5.83
C ASP IB 100 4.21 -62.84 -6.83
N PRO IB 101 4.71 -62.26 -7.91
CA PRO IB 101 3.85 -61.60 -8.89
C PRO IB 101 3.15 -62.55 -9.85
N SER IB 102 3.16 -63.85 -9.58
CA SER IB 102 2.55 -64.80 -10.50
C SER IB 102 1.03 -64.66 -10.52
N ILE IB 103 0.42 -64.20 -9.44
CA ILE IB 103 -1.02 -63.93 -9.46
C ILE IB 103 -1.33 -62.84 -10.47
N LEU IB 104 -0.54 -61.77 -10.45
CA LEU IB 104 -0.73 -60.70 -11.43
C LEU IB 104 -0.58 -61.22 -12.84
N ASP IB 105 0.46 -62.02 -13.09
CA ASP IB 105 0.70 -62.52 -14.43
C ASP IB 105 -0.41 -63.45 -14.88
N GLU IB 106 -0.90 -64.30 -13.99
CA GLU IB 106 -1.88 -65.32 -14.38
C GLU IB 106 -3.28 -64.73 -14.51
N ARG IB 107 -3.71 -63.95 -13.51
CA ARG IB 107 -5.10 -63.53 -13.42
C ARG IB 107 -5.38 -62.14 -13.98
N VAL IB 108 -4.36 -61.31 -14.17
CA VAL IB 108 -4.55 -59.95 -14.67
C VAL IB 108 -3.90 -59.76 -16.03
N LEU IB 109 -2.58 -59.87 -16.10
CA LEU IB 109 -1.83 -59.24 -17.20
C LEU IB 109 -2.00 -59.99 -18.52
N ASN IB 110 -2.03 -61.32 -18.48
CA ASN IB 110 -2.10 -62.10 -19.71
C ASN IB 110 -3.39 -61.83 -20.47
N GLY IB 111 -3.29 -61.17 -21.63
CA GLY IB 111 -4.44 -60.87 -22.46
C GLY IB 111 -5.09 -59.53 -22.21
N LEU IB 112 -4.80 -58.90 -21.06
CA LEU IB 112 -5.45 -57.63 -20.74
C LEU IB 112 -5.05 -56.53 -21.72
N LYS IB 113 -3.78 -56.50 -22.13
CA LYS IB 113 -3.32 -55.47 -23.06
C LYS IB 113 -4.08 -55.56 -24.38
N GLU IB 114 -4.32 -56.78 -24.86
CA GLU IB 114 -5.08 -56.94 -26.10
C GLU IB 114 -6.52 -56.50 -25.93
N THR IB 115 -7.18 -56.90 -24.84
CA THR IB 115 -8.57 -56.48 -24.64
C THR IB 115 -8.66 -54.97 -24.52
N TYR IB 116 -7.73 -54.35 -23.78
CA TYR IB 116 -7.75 -52.91 -23.62
C TYR IB 116 -7.56 -52.19 -24.95
N ASN IB 117 -6.62 -52.66 -25.77
CA ASN IB 117 -6.43 -52.04 -27.07
C ASN IB 117 -7.63 -52.26 -27.98
N SER IB 118 -8.32 -53.40 -27.83
CA SER IB 118 -9.50 -53.65 -28.63
C SER IB 118 -10.65 -52.73 -28.22
N LEU IB 119 -10.87 -52.59 -26.91
CA LEU IB 119 -11.97 -51.78 -26.42
C LEU IB 119 -11.69 -50.28 -26.55
N GLY IB 120 -10.44 -49.90 -26.74
CA GLY IB 120 -10.08 -48.50 -26.84
C GLY IB 120 -9.66 -47.86 -25.54
N VAL IB 121 -9.52 -48.63 -24.47
CA VAL IB 121 -9.13 -48.06 -23.17
C VAL IB 121 -7.80 -47.35 -23.31
N PRO IB 122 -7.69 -46.08 -22.91
CA PRO IB 122 -6.39 -45.42 -22.91
C PRO IB 122 -5.47 -46.14 -21.93
N ILE IB 123 -4.29 -46.50 -22.40
CA ILE IB 123 -3.40 -47.29 -21.58
C ILE IB 123 -2.49 -46.41 -20.72
N ALA IB 124 -2.14 -45.22 -21.21
CA ALA IB 124 -1.38 -44.28 -20.39
C ALA IB 124 -2.16 -43.84 -19.17
N ALA IB 125 -3.46 -43.59 -19.34
CA ALA IB 125 -4.29 -43.18 -18.21
C ALA IB 125 -4.40 -44.28 -17.18
N THR IB 126 -4.48 -45.54 -17.64
CA THR IB 126 -4.52 -46.65 -16.70
C THR IB 126 -3.23 -46.74 -15.88
N VAL IB 127 -2.08 -46.56 -16.54
CA VAL IB 127 -0.82 -46.62 -15.81
C VAL IB 127 -0.70 -45.47 -14.83
N GLN IB 128 -1.06 -44.26 -15.25
CA GLN IB 128 -1.03 -43.12 -14.33
C GLN IB 128 -1.97 -43.34 -13.17
N ALA IB 129 -3.14 -43.92 -13.42
CA ALA IB 129 -4.11 -44.17 -12.36
C ALA IB 129 -3.57 -45.17 -11.34
N ILE IB 130 -2.98 -46.28 -11.80
CA ILE IB 130 -2.52 -47.28 -10.84
C ILE IB 130 -1.28 -46.79 -10.11
N GLN IB 131 -0.48 -45.94 -10.72
CA GLN IB 131 0.61 -45.30 -9.98
C GLN IB 131 0.06 -44.36 -8.91
N ALA IB 132 -1.04 -43.66 -9.21
CA ALA IB 132 -1.70 -42.86 -8.20
C ALA IB 132 -2.22 -43.73 -7.06
N MET IB 133 -2.76 -44.91 -7.39
CA MET IB 133 -3.14 -45.86 -6.36
C MET IB 133 -1.95 -46.23 -5.49
N LYS IB 134 -0.77 -46.35 -6.11
CA LYS IB 134 0.43 -46.67 -5.33
C LYS IB 134 0.73 -45.58 -4.32
N GLU IB 135 0.60 -44.32 -4.71
CA GLU IB 135 0.84 -43.22 -3.78
C GLU IB 135 -0.13 -43.28 -2.60
N VAL IB 136 -1.42 -43.48 -2.88
CA VAL IB 136 -2.41 -43.54 -1.82
C VAL IB 136 -2.14 -44.73 -0.90
N THR IB 137 -1.86 -45.89 -1.50
CA THR IB 137 -1.64 -47.10 -0.70
C THR IB 137 -0.40 -46.98 0.16
N ALA IB 138 0.65 -46.36 -0.36
CA ALA IB 138 1.84 -46.12 0.46
C ALA IB 138 1.48 -45.32 1.70
N SER IB 139 0.63 -44.30 1.54
CA SER IB 139 0.22 -43.51 2.70
C SER IB 139 -0.54 -44.37 3.71
N LEU IB 140 -1.50 -45.17 3.24
CA LEU IB 140 -2.38 -45.89 4.16
C LEU IB 140 -1.64 -47.03 4.87
N VAL IB 141 -0.88 -47.84 4.13
CA VAL IB 141 -0.26 -49.03 4.71
C VAL IB 141 1.13 -48.77 5.24
N GLY IB 142 1.65 -47.57 5.09
CA GLY IB 142 2.98 -47.27 5.60
C GLY IB 142 4.07 -47.58 4.59
N ALA IB 143 5.25 -46.99 4.84
CA ALA IB 143 6.32 -47.04 3.86
C ALA IB 143 6.87 -48.45 3.67
N ASP IB 144 7.03 -49.21 4.75
CA ASP IB 144 7.70 -50.50 4.64
C ASP IB 144 6.90 -51.46 3.76
N ALA IB 145 5.59 -51.53 3.96
CA ALA IB 145 4.75 -52.32 3.07
C ALA IB 145 4.36 -51.54 1.81
N GLY IB 146 4.49 -50.22 1.84
CA GLY IB 146 4.37 -49.46 0.60
C GLY IB 146 5.49 -49.77 -0.35
N LYS IB 147 6.70 -50.00 0.18
CA LYS IB 147 7.77 -50.58 -0.62
C LYS IB 147 7.31 -51.84 -1.32
N GLU IB 148 6.59 -52.70 -0.60
CA GLU IB 148 6.19 -54.00 -1.12
C GLU IB 148 5.07 -53.86 -2.15
N MET IB 149 4.04 -53.08 -1.83
CA MET IB 149 2.94 -52.90 -2.77
C MET IB 149 3.42 -52.30 -4.08
N GLY IB 150 4.44 -51.45 -4.01
CA GLY IB 150 4.93 -50.81 -5.22
C GLY IB 150 5.46 -51.81 -6.22
N ILE IB 151 6.13 -52.87 -5.74
CA ILE IB 151 6.69 -53.87 -6.65
C ILE IB 151 5.60 -54.45 -7.53
N TYR IB 152 4.47 -54.80 -6.93
CA TYR IB 152 3.39 -55.45 -7.68
C TYR IB 152 2.60 -54.44 -8.50
N PHE IB 153 2.40 -53.22 -8.00
CA PHE IB 153 1.78 -52.18 -8.82
C PHE IB 153 2.63 -51.91 -10.06
N ASP IB 154 3.95 -51.80 -9.89
CA ASP IB 154 4.83 -51.59 -11.04
C ASP IB 154 4.76 -52.77 -12.00
N TYR IB 155 4.63 -53.98 -11.47
CA TYR IB 155 4.45 -55.15 -12.32
C TYR IB 155 3.24 -54.99 -13.23
N ILE IB 156 2.12 -54.52 -12.67
CA ILE IB 156 0.93 -54.32 -13.49
C ILE IB 156 1.15 -53.24 -14.53
N CYS IB 157 1.80 -52.14 -14.15
CA CYS IB 157 2.10 -51.07 -15.11
C CYS IB 157 2.90 -51.62 -16.27
N SER IB 158 3.96 -52.38 -15.98
CA SER IB 158 4.82 -52.91 -17.03
C SER IB 158 4.06 -53.86 -17.93
N GLY IB 159 3.19 -54.68 -17.35
CA GLY IB 159 2.41 -55.60 -18.17
C GLY IB 159 1.46 -54.89 -19.11
N LEU IB 160 0.79 -53.85 -18.61
CA LEU IB 160 -0.13 -53.10 -19.46
C LEU IB 160 0.60 -52.35 -20.56
N SER IB 161 1.78 -51.81 -20.26
CA SER IB 161 2.54 -51.03 -21.21
C SER IB 161 2.77 -51.76 -22.54
N SER JB 2 -35.25 -46.40 -28.97
CA SER JB 2 -36.38 -45.87 -29.74
C SER JB 2 -37.45 -46.92 -29.94
N VAL JB 3 -38.65 -46.47 -30.32
CA VAL JB 3 -39.72 -47.39 -30.65
C VAL JB 3 -39.30 -48.31 -31.78
N VAL JB 4 -38.65 -47.74 -32.80
CA VAL JB 4 -38.25 -48.52 -33.98
C VAL JB 4 -37.28 -49.63 -33.60
N THR JB 5 -36.27 -49.29 -32.80
CA THR JB 5 -35.27 -50.30 -32.43
C THR JB 5 -35.87 -51.36 -31.51
N LYS JB 6 -36.76 -50.97 -30.60
CA LYS JB 6 -37.41 -51.96 -29.76
C LYS JB 6 -38.22 -52.93 -30.60
N SER JB 7 -38.95 -52.42 -31.59
CA SER JB 7 -39.72 -53.29 -32.47
C SER JB 7 -38.82 -54.22 -33.27
N ILE JB 8 -37.75 -53.66 -33.86
CA ILE JB 8 -36.85 -54.47 -34.68
C ILE JB 8 -36.17 -55.54 -33.85
N VAL JB 9 -35.73 -55.18 -32.65
CA VAL JB 9 -35.03 -56.13 -31.79
C VAL JB 9 -35.94 -57.28 -31.41
N ASN JB 10 -37.17 -56.97 -30.99
CA ASN JB 10 -38.10 -58.04 -30.62
C ASN JB 10 -38.45 -58.91 -31.82
N ALA JB 11 -38.68 -58.30 -32.98
CA ALA JB 11 -38.98 -59.08 -34.18
C ALA JB 11 -37.81 -59.98 -34.55
N ASP JB 12 -36.59 -59.47 -34.44
CA ASP JB 12 -35.41 -60.26 -34.78
C ASP JB 12 -35.25 -61.44 -33.85
N ALA JB 13 -35.48 -61.25 -32.55
CA ALA JB 13 -35.45 -62.36 -31.62
C ALA JB 13 -36.50 -63.41 -31.98
N GLU JB 14 -37.68 -62.95 -32.41
CA GLU JB 14 -38.68 -63.88 -32.94
C GLU JB 14 -38.17 -64.65 -34.14
N ALA JB 15 -37.33 -64.01 -34.96
CA ALA JB 15 -36.93 -64.49 -36.28
C ALA JB 15 -38.09 -64.43 -37.28
N ARG JB 16 -39.02 -63.50 -37.05
CA ARG JB 16 -40.11 -63.24 -37.97
C ARG JB 16 -40.07 -61.78 -38.39
N TYR JB 17 -40.47 -61.53 -39.65
CA TYR JB 17 -40.58 -60.18 -40.16
C TYR JB 17 -41.44 -59.33 -39.23
N LEU JB 18 -41.23 -58.02 -39.25
CA LEU JB 18 -41.94 -57.13 -38.34
C LEU JB 18 -43.45 -57.32 -38.46
N SER JB 19 -44.10 -57.48 -37.31
CA SER JB 19 -45.53 -57.72 -37.28
C SER JB 19 -46.28 -56.51 -37.80
N PRO JB 20 -47.47 -56.71 -38.39
CA PRO JB 20 -48.27 -55.54 -38.80
C PRO JB 20 -48.59 -54.62 -37.65
N GLY JB 21 -48.85 -55.18 -36.46
CA GLY JB 21 -49.10 -54.35 -35.30
C GLY JB 21 -47.89 -53.54 -34.88
N GLU JB 22 -46.71 -54.17 -34.89
CA GLU JB 22 -45.49 -53.45 -34.59
C GLU JB 22 -45.25 -52.33 -35.60
N LEU JB 23 -45.48 -52.62 -36.88
CA LEU JB 23 -45.32 -51.58 -37.90
C LEU JB 23 -46.25 -50.41 -37.65
N ASP JB 24 -47.50 -50.69 -37.26
CA ASP JB 24 -48.43 -49.60 -36.97
C ASP JB 24 -47.99 -48.80 -35.75
N ARG JB 25 -47.42 -49.47 -34.75
CA ARG JB 25 -46.91 -48.75 -33.59
C ARG JB 25 -45.84 -47.74 -33.99
N ILE JB 26 -44.89 -48.15 -34.83
CA ILE JB 26 -43.85 -47.21 -35.23
C ILE JB 26 -44.37 -46.23 -36.27
N LYS JB 27 -45.47 -46.55 -36.96
CA LYS JB 27 -46.14 -45.55 -37.78
C LYS JB 27 -46.63 -44.40 -36.90
N ASN JB 28 -47.21 -44.73 -35.75
CA ASN JB 28 -47.62 -43.69 -34.80
C ASN JB 28 -46.41 -42.91 -34.29
N PHE JB 29 -45.30 -43.59 -34.03
CA PHE JB 29 -44.11 -42.91 -33.52
C PHE JB 29 -43.62 -41.86 -34.51
N VAL JB 30 -43.46 -42.23 -35.78
CA VAL JB 30 -42.97 -41.27 -36.75
C VAL JB 30 -44.02 -40.21 -37.06
N SER JB 31 -45.30 -40.49 -36.84
CA SER JB 31 -46.31 -39.44 -36.99
C SER JB 31 -46.17 -38.37 -35.92
N THR JB 32 -45.95 -38.78 -34.67
CA THR JB 32 -45.80 -37.84 -33.57
C THR JB 32 -44.39 -37.27 -33.47
N GLY JB 33 -43.53 -37.59 -34.42
CA GLY JB 33 -42.16 -37.08 -34.39
C GLY JB 33 -42.10 -35.56 -34.35
N GLU JB 34 -42.97 -34.88 -35.09
CA GLU JB 34 -42.92 -33.42 -35.12
C GLU JB 34 -43.20 -32.83 -33.75
N ARG JB 35 -44.20 -33.34 -33.05
CA ARG JB 35 -44.48 -32.89 -31.69
C ARG JB 35 -43.30 -33.17 -30.77
N ARG JB 36 -42.69 -34.35 -30.89
CA ARG JB 36 -41.54 -34.69 -30.08
C ARG JB 36 -40.41 -33.70 -30.31
N LEU JB 37 -40.13 -33.38 -31.58
CA LEU JB 37 -39.03 -32.48 -31.90
C LEU JB 37 -39.29 -31.08 -31.31
N ARG JB 38 -40.54 -30.63 -31.36
CA ARG JB 38 -40.86 -29.32 -30.79
C ARG JB 38 -40.61 -29.30 -29.29
N ILE JB 39 -41.05 -30.35 -28.58
CA ILE JB 39 -40.85 -30.39 -27.14
C ILE JB 39 -39.36 -30.40 -26.82
N ALA JB 40 -38.59 -31.20 -27.56
CA ALA JB 40 -37.15 -31.23 -27.36
C ALA JB 40 -36.52 -29.86 -27.60
N GLN JB 41 -36.98 -29.15 -28.63
CA GLN JB 41 -36.37 -27.86 -28.95
C GLN JB 41 -36.69 -26.81 -27.91
N THR JB 42 -37.88 -26.84 -27.32
CA THR JB 42 -38.18 -25.91 -26.23
C THR JB 42 -37.22 -26.11 -25.08
N LEU JB 43 -37.05 -27.36 -24.64
CA LEU JB 43 -36.13 -27.63 -23.54
C LEU JB 43 -34.70 -27.25 -23.90
N THR JB 44 -34.27 -27.60 -25.12
CA THR JB 44 -32.90 -27.34 -25.53
C THR JB 44 -32.62 -25.85 -25.60
N GLU JB 45 -33.48 -25.09 -26.28
CA GLU JB 45 -33.23 -23.66 -26.44
C GLU JB 45 -33.32 -22.92 -25.12
N ASN JB 46 -34.18 -23.36 -24.21
CA ASN JB 46 -34.30 -22.74 -22.90
C ASN JB 46 -33.48 -23.45 -21.84
N ARG JB 47 -32.44 -24.18 -22.24
CA ARG JB 47 -31.68 -24.98 -21.29
C ARG JB 47 -31.02 -24.12 -20.22
N GLU JB 48 -30.55 -22.93 -20.59
CA GLU JB 48 -29.86 -22.08 -19.63
C GLU JB 48 -30.76 -21.73 -18.45
N ARG JB 49 -31.97 -21.26 -18.74
CA ARG JB 49 -32.89 -20.89 -17.68
C ARG JB 49 -33.31 -22.10 -16.86
N ILE JB 50 -33.56 -23.23 -17.52
CA ILE JB 50 -34.00 -24.42 -16.81
C ILE JB 50 -32.95 -24.86 -15.80
N VAL JB 51 -31.68 -24.91 -16.23
CA VAL JB 51 -30.63 -25.34 -15.33
C VAL JB 51 -30.47 -24.36 -14.17
N LYS JB 52 -30.50 -23.06 -14.45
CA LYS JB 52 -30.28 -22.09 -13.39
C LYS JB 52 -31.39 -22.14 -12.34
N GLN JB 53 -32.65 -22.18 -12.78
CA GLN JB 53 -33.73 -22.21 -11.80
C GLN JB 53 -33.78 -23.53 -11.06
N ALA JB 54 -33.50 -24.64 -11.75
CA ALA JB 54 -33.41 -25.92 -11.07
C ALA JB 54 -32.26 -25.92 -10.06
N GLY JB 55 -31.17 -25.24 -10.39
CA GLY JB 55 -30.07 -25.12 -9.44
C GLY JB 55 -30.49 -24.35 -8.20
N ASP JB 56 -31.25 -23.27 -8.38
CA ASP JB 56 -31.73 -22.52 -7.23
C ASP JB 56 -32.62 -23.39 -6.35
N GLN JB 57 -33.50 -24.19 -6.95
CA GLN JB 57 -34.38 -25.03 -6.16
C GLN JB 57 -33.60 -26.15 -5.47
N LEU JB 58 -32.59 -26.71 -6.14
CA LEU JB 58 -31.76 -27.71 -5.47
C LEU JB 58 -31.04 -27.12 -4.27
N PHE JB 59 -30.42 -25.96 -4.46
CA PHE JB 59 -29.60 -25.35 -3.42
C PHE JB 59 -30.41 -24.63 -2.37
N GLN JB 60 -31.74 -24.62 -2.47
CA GLN JB 60 -32.59 -24.16 -1.38
C GLN JB 60 -33.40 -25.28 -0.73
N LYS JB 61 -33.84 -26.27 -1.50
CA LYS JB 61 -34.51 -27.42 -0.92
C LYS JB 61 -33.53 -28.32 -0.17
N ARG JB 62 -32.29 -28.39 -0.63
CA ARG JB 62 -31.23 -29.18 0.02
C ARG JB 62 -30.04 -28.28 0.24
N PRO JB 63 -30.13 -27.35 1.19
CA PRO JB 63 -29.02 -26.41 1.41
C PRO JB 63 -27.76 -27.05 1.95
N ASP JB 64 -27.85 -28.25 2.51
CA ASP JB 64 -26.68 -28.87 3.13
C ASP JB 64 -25.62 -29.23 2.10
N VAL JB 65 -26.03 -29.62 0.90
CA VAL JB 65 -25.08 -30.13 -0.08
C VAL JB 65 -24.13 -29.03 -0.56
N VAL JB 66 -24.59 -27.77 -0.54
CA VAL JB 66 -23.76 -26.66 -0.96
C VAL JB 66 -23.19 -25.89 0.22
N SER JB 67 -23.50 -26.32 1.44
CA SER JB 67 -22.94 -25.74 2.64
C SER JB 67 -21.49 -26.19 2.80
N PRO JB 68 -20.72 -25.54 3.69
CA PRO JB 68 -19.35 -25.99 3.91
C PRO JB 68 -19.31 -27.45 4.36
N GLY JB 69 -18.32 -28.17 3.85
CA GLY JB 69 -18.20 -29.60 4.10
C GLY JB 69 -18.97 -30.46 3.15
N GLY JB 70 -19.92 -29.88 2.40
CA GLY JB 70 -20.72 -30.66 1.48
C GLY JB 70 -20.03 -30.92 0.17
N ASN JB 71 -20.67 -31.73 -0.66
CA ASN JB 71 -20.08 -32.14 -1.92
C ASN JB 71 -19.92 -30.97 -2.87
N ALA JB 72 -20.87 -30.05 -2.89
CA ALA JB 72 -20.89 -28.96 -3.86
C ALA JB 72 -20.29 -27.67 -3.33
N TYR JB 73 -19.73 -27.67 -2.13
CA TYR JB 73 -19.22 -26.42 -1.56
C TYR JB 73 -18.07 -25.88 -2.38
N GLY JB 74 -18.22 -24.66 -2.85
CA GLY JB 74 -17.15 -24.00 -3.60
C GLY JB 74 -17.63 -23.42 -4.92
N GLU JB 75 -16.92 -22.39 -5.38
CA GLU JB 75 -17.29 -21.74 -6.63
C GLU JB 75 -17.17 -22.69 -7.81
N GLU JB 76 -16.24 -23.64 -7.75
CA GLU JB 76 -16.07 -24.59 -8.85
C GLU JB 76 -16.85 -25.87 -8.62
N MET JB 77 -16.97 -26.33 -7.37
CA MET JB 77 -17.74 -27.53 -7.09
C MET JB 77 -19.21 -27.34 -7.42
N THR JB 78 -19.77 -26.18 -7.09
CA THR JB 78 -21.15 -25.91 -7.45
C THR JB 78 -21.31 -25.81 -8.96
N ALA JB 79 -20.28 -25.36 -9.66
CA ALA JB 79 -20.32 -25.30 -11.11
C ALA JB 79 -20.40 -26.69 -11.72
N THR JB 80 -19.61 -27.63 -11.20
CA THR JB 80 -19.68 -29.00 -11.71
C THR JB 80 -21.05 -29.61 -11.41
N CYS JB 81 -21.64 -29.28 -10.26
CA CYS JB 81 -22.97 -29.81 -9.97
C CYS JB 81 -23.98 -29.31 -10.98
N LEU JB 82 -23.93 -28.02 -11.30
CA LEU JB 82 -24.84 -27.50 -12.32
C LEU JB 82 -24.56 -28.14 -13.67
N ARG JB 83 -23.30 -28.47 -13.95
CA ARG JB 83 -23.01 -29.18 -15.19
C ARG JB 83 -23.68 -30.54 -15.22
N ASP JB 84 -23.71 -31.24 -14.08
CA ASP JB 84 -24.38 -32.54 -14.04
C ASP JB 84 -25.86 -32.40 -14.32
N LEU JB 85 -26.50 -31.38 -13.75
CA LEU JB 85 -27.89 -31.12 -14.08
C LEU JB 85 -28.04 -30.86 -15.57
N ASP JB 86 -27.09 -30.12 -16.15
CA ASP JB 86 -27.11 -29.89 -17.60
C ASP JB 86 -26.98 -31.20 -18.37
N TYR JB 87 -26.10 -32.09 -17.91
CA TYR JB 87 -25.95 -33.39 -18.56
C TYR JB 87 -27.27 -34.14 -18.61
N TYR JB 88 -27.97 -34.19 -17.47
CA TYR JB 88 -29.20 -34.96 -17.44
C TYR JB 88 -30.31 -34.30 -18.24
N LEU JB 89 -30.34 -32.97 -18.31
CA LEU JB 89 -31.29 -32.32 -19.20
C LEU JB 89 -31.01 -32.69 -20.65
N ARG JB 90 -29.73 -32.74 -21.04
CA ARG JB 90 -29.39 -33.12 -22.40
C ARG JB 90 -29.82 -34.54 -22.69
N LEU JB 91 -29.62 -35.45 -21.74
CA LEU JB 91 -30.08 -36.83 -21.93
C LEU JB 91 -31.60 -36.88 -22.05
N VAL JB 92 -32.30 -36.07 -21.28
CA VAL JB 92 -33.76 -36.06 -21.33
C VAL JB 92 -34.24 -35.57 -22.70
N THR JB 93 -33.57 -34.58 -23.28
CA THR JB 93 -33.93 -34.14 -24.62
C THR JB 93 -33.70 -35.25 -25.63
N TYR JB 94 -32.59 -35.97 -25.50
CA TYR JB 94 -32.36 -37.14 -26.36
C TYR JB 94 -33.52 -38.12 -26.24
N GLY JB 95 -33.93 -38.42 -25.01
CA GLY JB 95 -35.01 -39.37 -24.81
C GLY JB 95 -36.34 -38.88 -25.34
N ILE JB 96 -36.61 -37.59 -25.18
CA ILE JB 96 -37.85 -37.02 -25.71
C ILE JB 96 -37.90 -37.18 -27.23
N VAL JB 97 -36.78 -36.92 -27.89
CA VAL JB 97 -36.72 -37.14 -29.34
C VAL JB 97 -36.92 -38.61 -29.66
N ALA JB 98 -36.24 -39.49 -28.92
CA ALA JB 98 -36.26 -40.91 -29.26
C ALA JB 98 -37.62 -41.54 -29.04
N GLY JB 99 -38.40 -41.04 -28.08
CA GLY JB 99 -39.64 -41.68 -27.71
C GLY JB 99 -39.48 -42.83 -26.74
N ASP JB 100 -38.26 -43.11 -26.30
CA ASP JB 100 -37.97 -44.16 -25.35
C ASP JB 100 -36.95 -43.65 -24.36
N VAL JB 101 -36.89 -44.27 -23.18
CA VAL JB 101 -35.92 -43.87 -22.18
C VAL JB 101 -34.60 -44.61 -22.32
N THR JB 102 -34.44 -45.43 -23.34
CA THR JB 102 -33.20 -46.19 -23.44
C THR JB 102 -31.99 -45.32 -23.82
N PRO JB 103 -32.11 -44.23 -24.61
CA PRO JB 103 -30.93 -43.36 -24.75
C PRO JB 103 -30.53 -42.73 -23.43
N ILE JB 104 -31.50 -42.27 -22.65
CA ILE JB 104 -31.21 -41.73 -21.32
C ILE JB 104 -30.53 -42.78 -20.46
N GLU JB 105 -31.08 -44.00 -20.46
CA GLU JB 105 -30.58 -45.06 -19.60
C GLU JB 105 -29.22 -45.56 -20.04
N GLU JB 106 -28.93 -45.52 -21.34
CA GLU JB 106 -27.60 -45.93 -21.80
C GLU JB 106 -26.53 -44.95 -21.37
N ILE JB 107 -26.77 -43.65 -21.58
CA ILE JB 107 -25.72 -42.68 -21.32
C ILE JB 107 -25.62 -42.35 -19.83
N GLY JB 108 -26.74 -42.36 -19.10
CA GLY JB 108 -26.70 -42.26 -17.66
C GLY JB 108 -27.71 -43.23 -17.08
N LEU JB 109 -27.67 -43.38 -15.76
CA LEU JB 109 -28.56 -44.23 -14.96
C LEU JB 109 -28.17 -45.69 -14.98
N VAL JB 110 -27.13 -46.09 -15.72
CA VAL JB 110 -26.55 -47.41 -15.58
C VAL JB 110 -25.24 -47.22 -14.82
N GLY JB 111 -25.29 -47.39 -13.51
CA GLY JB 111 -24.14 -47.14 -12.68
C GLY JB 111 -24.05 -45.75 -12.10
N VAL JB 112 -25.14 -44.98 -12.12
CA VAL JB 112 -25.12 -43.68 -11.46
C VAL JB 112 -24.87 -43.85 -9.98
N ARG JB 113 -25.48 -44.87 -9.37
CA ARG JB 113 -25.20 -45.14 -7.97
C ARG JB 113 -23.71 -45.39 -7.75
N GLU JB 114 -23.09 -46.18 -8.63
CA GLU JB 114 -21.66 -46.43 -8.50
C GLU JB 114 -20.85 -45.15 -8.67
N MET JB 115 -21.13 -44.38 -9.72
CA MET JB 115 -20.36 -43.18 -10.00
C MET JB 115 -20.48 -42.16 -8.87
N TYR JB 116 -21.71 -41.90 -8.44
CA TYR JB 116 -21.91 -40.88 -7.41
C TYR JB 116 -21.45 -41.37 -6.04
N ASN JB 117 -21.57 -42.66 -5.76
CA ASN JB 117 -21.02 -43.18 -4.51
C ASN JB 117 -19.50 -43.03 -4.48
N SER JB 118 -18.86 -43.20 -5.64
CA SER JB 118 -17.43 -42.90 -5.73
C SER JB 118 -17.16 -41.42 -5.47
N LEU JB 119 -17.90 -40.55 -6.14
CA LEU JB 119 -17.69 -39.11 -6.00
C LEU JB 119 -18.21 -38.56 -4.68
N GLY JB 120 -18.75 -39.40 -3.81
CA GLY JB 120 -19.21 -38.93 -2.51
C GLY JB 120 -20.36 -37.96 -2.56
N THR JB 121 -21.34 -38.21 -3.43
CA THR JB 121 -22.46 -37.33 -3.68
C THR JB 121 -23.76 -37.92 -3.12
N PRO JB 122 -24.61 -37.11 -2.51
CA PRO JB 122 -25.95 -37.59 -2.16
C PRO JB 122 -26.82 -37.76 -3.39
N ILE JB 123 -27.07 -39.00 -3.79
CA ILE JB 123 -27.92 -39.25 -4.95
C ILE JB 123 -29.38 -38.88 -4.68
N PRO JB 124 -29.90 -38.92 -3.45
CA PRO JB 124 -31.21 -38.29 -3.25
C PRO JB 124 -31.22 -36.81 -3.59
N ALA JB 125 -30.11 -36.11 -3.31
CA ALA JB 125 -30.04 -34.70 -3.66
C ALA JB 125 -29.97 -34.51 -5.16
N VAL JB 126 -29.25 -35.38 -5.87
CA VAL JB 126 -29.27 -35.34 -7.33
C VAL JB 126 -30.69 -35.55 -7.84
N ALA JB 127 -31.42 -36.49 -7.24
CA ALA JB 127 -32.79 -36.75 -7.66
C ALA JB 127 -33.67 -35.52 -7.47
N GLU JB 128 -33.52 -34.84 -6.34
CA GLU JB 128 -34.31 -33.63 -6.11
C GLU JB 128 -33.95 -32.53 -7.10
N GLY JB 129 -32.69 -32.45 -7.52
CA GLY JB 129 -32.33 -31.52 -8.57
C GLY JB 129 -33.04 -31.81 -9.87
N ILE JB 130 -33.12 -33.09 -10.24
CA ILE JB 130 -33.82 -33.45 -11.47
C ILE JB 130 -35.31 -33.15 -11.35
N ARG JB 131 -35.87 -33.35 -10.15
CA ARG JB 131 -37.28 -33.02 -9.95
C ARG JB 131 -37.51 -31.53 -10.11
N ALA JB 132 -36.56 -30.71 -9.65
CA ALA JB 132 -36.63 -29.27 -9.91
C ALA JB 132 -36.60 -28.97 -11.39
N MET JB 133 -35.75 -29.69 -12.14
CA MET JB 133 -35.74 -29.54 -13.59
C MET JB 133 -37.10 -29.87 -14.20
N LYS JB 134 -37.72 -30.94 -13.71
CA LYS JB 134 -39.03 -31.33 -14.24
C LYS JB 134 -40.06 -30.24 -13.99
N ASN JB 135 -40.06 -29.66 -12.78
CA ASN JB 135 -41.01 -28.60 -12.47
C ASN JB 135 -40.80 -27.39 -13.37
N VAL JB 136 -39.54 -26.97 -13.54
CA VAL JB 136 -39.27 -25.80 -14.35
C VAL JB 136 -39.64 -26.05 -15.80
N ALA JB 137 -39.38 -27.24 -16.31
CA ALA JB 137 -39.64 -27.53 -17.72
C ALA JB 137 -41.13 -27.65 -18.01
N CYS JB 138 -41.90 -28.22 -17.08
CA CYS JB 138 -43.33 -28.36 -17.31
C CYS JB 138 -44.01 -27.02 -17.54
N SER JB 139 -43.50 -25.97 -16.91
CA SER JB 139 -44.07 -24.64 -17.10
C SER JB 139 -43.61 -23.98 -18.40
N LEU JB 140 -42.52 -24.46 -19.00
CA LEU JB 140 -42.13 -23.99 -20.32
C LEU JB 140 -42.82 -24.76 -21.43
N LEU JB 141 -43.57 -25.80 -21.09
CA LEU JB 141 -44.34 -26.55 -22.06
C LEU JB 141 -45.82 -26.48 -21.70
N SER JB 142 -46.66 -26.80 -22.68
CA SER JB 142 -48.10 -26.87 -22.43
C SER JB 142 -48.41 -28.11 -21.59
N ALA JB 143 -49.63 -28.13 -21.04
CA ALA JB 143 -50.01 -29.22 -20.14
C ALA JB 143 -49.96 -30.56 -20.85
N GLU JB 144 -50.49 -30.63 -22.07
CA GLU JB 144 -50.47 -31.89 -22.82
C GLU JB 144 -49.04 -32.30 -23.15
N ASP JB 145 -48.21 -31.35 -23.59
CA ASP JB 145 -46.83 -31.67 -23.89
C ASP JB 145 -46.04 -31.98 -22.63
N ALA JB 146 -46.31 -31.25 -21.53
CA ALA JB 146 -45.53 -31.43 -20.32
C ALA JB 146 -45.64 -32.84 -19.77
N ALA JB 147 -46.79 -33.48 -19.96
CA ALA JB 147 -46.95 -34.85 -19.45
C ALA JB 147 -45.96 -35.80 -20.12
N GLU JB 148 -45.72 -35.61 -21.41
CA GLU JB 148 -44.70 -36.42 -22.09
C GLU JB 148 -43.32 -36.15 -21.52
N ALA JB 149 -42.98 -34.87 -21.33
CA ALA JB 149 -41.66 -34.52 -20.81
C ALA JB 149 -41.47 -35.05 -19.39
N GLY JB 150 -42.52 -35.01 -18.58
CA GLY JB 150 -42.42 -35.51 -17.23
C GLY JB 150 -42.08 -36.99 -17.17
N SER JB 151 -42.55 -37.78 -18.13
CA SER JB 151 -42.25 -39.20 -18.13
C SER JB 151 -40.75 -39.44 -18.22
N TYR JB 152 -40.08 -38.71 -19.11
CA TYR JB 152 -38.63 -38.85 -19.25
C TYR JB 152 -37.87 -38.18 -18.13
N PHE JB 153 -38.45 -37.18 -17.47
CA PHE JB 153 -37.81 -36.61 -16.28
C PHE JB 153 -38.01 -37.46 -15.05
N ASP JB 154 -39.01 -38.35 -15.05
CA ASP JB 154 -39.34 -39.12 -13.86
C ASP JB 154 -38.76 -40.53 -13.87
N PHE JB 155 -38.58 -41.13 -15.04
CA PHE JB 155 -37.77 -42.35 -15.09
C PHE JB 155 -36.38 -42.10 -14.53
N VAL JB 156 -35.82 -40.92 -14.82
CA VAL JB 156 -34.49 -40.57 -14.32
C VAL JB 156 -34.48 -40.53 -12.80
N ILE JB 157 -35.47 -39.85 -12.20
CA ILE JB 157 -35.51 -39.73 -10.74
C ILE JB 157 -35.69 -41.10 -10.10
N GLY JB 158 -36.60 -41.91 -10.63
CA GLY JB 158 -36.80 -43.24 -10.11
C GLY JB 158 -35.53 -44.06 -10.13
N ALA JB 159 -34.77 -43.98 -11.23
CA ALA JB 159 -33.47 -44.65 -11.27
C ALA JB 159 -32.49 -44.04 -10.29
N MET JB 160 -32.57 -42.72 -10.07
CA MET JB 160 -31.69 -42.09 -9.10
C MET JB 160 -31.86 -42.68 -7.71
N GLN JB 161 -33.05 -43.16 -7.39
CA GLN JB 161 -33.23 -43.90 -6.15
C GLN JB 161 -32.87 -45.36 -6.34
N MET KB 1 -27.23 -52.05 -32.81
CA MET KB 1 -28.62 -51.85 -33.23
C MET KB 1 -29.04 -50.41 -32.98
N ARG KB 2 -29.09 -49.61 -34.03
CA ARG KB 2 -29.45 -48.20 -33.91
C ARG KB 2 -30.38 -47.80 -35.04
N ASP KB 3 -31.44 -47.07 -34.70
CA ASP KB 3 -32.28 -46.44 -35.69
C ASP KB 3 -31.63 -45.14 -36.16
N ALA KB 4 -32.31 -44.42 -37.05
CA ALA KB 4 -31.81 -43.11 -37.45
C ALA KB 4 -31.81 -42.15 -36.28
N VAL KB 5 -32.89 -42.16 -35.49
CA VAL KB 5 -32.97 -41.29 -34.31
C VAL KB 5 -31.85 -41.64 -33.32
N THR KB 6 -31.69 -42.94 -33.05
CA THR KB 6 -30.67 -43.37 -32.10
C THR KB 6 -29.27 -43.07 -32.60
N THR KB 7 -29.05 -43.11 -33.91
CA THR KB 7 -27.73 -42.80 -34.46
C THR KB 7 -27.39 -41.33 -34.30
N LEU KB 8 -28.34 -40.45 -34.63
CA LEU KB 8 -28.09 -39.03 -34.43
C LEU KB 8 -27.84 -38.72 -32.96
N ILE KB 9 -28.61 -39.34 -32.08
CA ILE KB 9 -28.43 -39.15 -30.64
C ILE KB 9 -27.05 -39.62 -30.22
N LYS KB 10 -26.61 -40.76 -30.75
CA LYS KB 10 -25.30 -41.30 -30.35
C LYS KB 10 -24.18 -40.37 -30.75
N ASN KB 11 -24.20 -39.87 -31.99
CA ASN KB 11 -23.16 -38.95 -32.42
C ASN KB 11 -23.12 -37.70 -31.54
N TYR KB 12 -24.29 -37.10 -31.31
CA TYR KB 12 -24.34 -35.87 -30.54
C TYR KB 12 -23.93 -36.10 -29.10
N ASP KB 13 -24.28 -37.25 -28.52
CA ASP KB 13 -23.87 -37.51 -27.15
C ASP KB 13 -22.37 -37.66 -27.03
N SER KB 14 -21.74 -38.37 -27.97
CA SER KB 14 -20.29 -38.53 -27.92
C SER KB 14 -19.61 -37.17 -27.98
N THR KB 15 -20.18 -36.23 -28.72
CA THR KB 15 -19.63 -34.89 -28.79
C THR KB 15 -20.19 -33.94 -27.73
N GLY KB 16 -21.15 -34.40 -26.91
CA GLY KB 16 -21.71 -33.58 -25.87
C GLY KB 16 -22.43 -32.33 -26.35
N ARG KB 17 -23.30 -32.48 -27.35
CA ARG KB 17 -24.02 -31.36 -27.94
C ARG KB 17 -25.52 -31.58 -27.81
N TYR KB 18 -26.24 -30.56 -27.33
CA TYR KB 18 -27.69 -30.57 -27.44
C TYR KB 18 -28.08 -30.56 -28.91
N LEU KB 19 -29.16 -31.26 -29.24
CA LEU KB 19 -29.58 -31.38 -30.63
C LEU KB 19 -29.90 -30.01 -31.20
N ASP KB 20 -29.15 -29.61 -32.22
CA ASP KB 20 -29.33 -28.30 -32.82
C ASP KB 20 -30.32 -28.42 -33.99
N ARG KB 21 -30.42 -27.36 -34.79
CA ARG KB 21 -31.39 -27.34 -35.87
C ARG KB 21 -31.01 -28.31 -36.99
N ASP KB 22 -29.71 -28.50 -37.24
CA ASP KB 22 -29.30 -29.48 -38.23
C ASP KB 22 -29.71 -30.89 -37.81
N ALA KB 23 -29.51 -31.22 -36.54
CA ALA KB 23 -29.96 -32.51 -36.03
C ALA KB 23 -31.47 -32.64 -36.14
N VAL KB 24 -32.20 -31.57 -35.81
CA VAL KB 24 -33.65 -31.62 -35.89
C VAL KB 24 -34.10 -31.78 -37.33
N ASP KB 25 -33.39 -31.15 -38.27
CA ASP KB 25 -33.75 -31.28 -39.69
C ASP KB 25 -33.58 -32.72 -40.17
N ARG KB 26 -32.47 -33.36 -39.82
CA ARG KB 26 -32.26 -34.73 -40.25
C ARG KB 26 -33.22 -35.68 -39.55
N LEU KB 27 -33.49 -35.45 -38.26
CA LEU KB 27 -34.51 -36.23 -37.57
C LEU KB 27 -35.87 -36.06 -38.22
N ARG KB 28 -36.20 -34.83 -38.59
CA ARG KB 28 -37.48 -34.58 -39.26
C ARG KB 28 -37.55 -35.31 -40.60
N SER KB 29 -36.42 -35.36 -41.32
CA SER KB 29 -36.41 -36.10 -42.58
C SER KB 29 -36.73 -37.57 -42.36
N TYR KB 30 -36.13 -38.18 -41.32
CA TYR KB 30 -36.46 -39.57 -41.02
C TYR KB 30 -37.92 -39.72 -40.63
N PHE KB 31 -38.44 -38.80 -39.81
CA PHE KB 31 -39.83 -38.90 -39.38
C PHE KB 31 -40.79 -38.72 -40.56
N ASN KB 32 -40.49 -37.78 -41.46
CA ASN KB 32 -41.35 -37.55 -42.62
C ASN KB 32 -41.37 -38.77 -43.53
N SER KB 33 -40.20 -39.36 -43.79
CA SER KB 33 -40.14 -40.53 -44.65
C SER KB 33 -40.50 -41.82 -43.92
N GLY KB 34 -40.73 -41.75 -42.61
CA GLY KB 34 -41.02 -42.96 -41.86
C GLY KB 34 -42.29 -43.64 -42.31
N ALA KB 35 -43.31 -42.86 -42.68
CA ALA KB 35 -44.56 -43.45 -43.16
C ALA KB 35 -44.32 -44.26 -44.43
N ALA KB 36 -43.57 -43.69 -45.37
CA ALA KB 36 -43.25 -44.41 -46.60
C ALA KB 36 -42.41 -45.64 -46.30
N ARG KB 37 -41.46 -45.53 -45.36
CA ARG KB 37 -40.65 -46.69 -45.00
C ARG KB 37 -41.51 -47.79 -44.41
N VAL KB 38 -42.49 -47.44 -43.57
CA VAL KB 38 -43.38 -48.44 -42.99
C VAL KB 38 -44.17 -49.14 -44.07
N LYS KB 39 -44.70 -48.38 -45.03
CA LYS KB 39 -45.46 -49.00 -46.12
C LYS KB 39 -44.58 -49.94 -46.93
N ALA KB 40 -43.34 -49.51 -47.23
CA ALA KB 40 -42.44 -50.35 -48.01
C ALA KB 40 -42.10 -51.64 -47.28
N ALA KB 41 -41.81 -51.53 -45.98
CA ALA KB 41 -41.51 -52.74 -45.20
C ALA KB 41 -42.73 -53.64 -45.12
N ALA KB 42 -43.93 -53.06 -45.03
CA ALA KB 42 -45.14 -53.87 -45.01
C ALA KB 42 -45.30 -54.64 -46.31
N VAL KB 43 -44.98 -54.01 -47.44
CA VAL KB 43 -45.03 -54.70 -48.72
C VAL KB 43 -44.07 -55.87 -48.73
N ILE KB 44 -42.84 -55.64 -48.26
CA ILE KB 44 -41.84 -56.70 -48.24
C ILE KB 44 -42.27 -57.83 -47.31
N ASN KB 45 -42.78 -57.48 -46.12
CA ASN KB 45 -43.22 -58.50 -45.18
C ASN KB 45 -44.37 -59.32 -45.75
N ALA KB 46 -45.30 -58.66 -46.44
CA ALA KB 46 -46.45 -59.38 -47.00
C ALA KB 46 -46.02 -60.33 -48.10
N ASN KB 47 -45.10 -59.92 -48.97
CA ASN KB 47 -44.67 -60.73 -50.09
C ASN KB 47 -43.32 -61.39 -49.87
N ALA KB 48 -42.95 -61.60 -48.60
CA ALA KB 48 -41.59 -62.05 -48.29
C ALA KB 48 -41.28 -63.39 -48.94
N ALA KB 49 -42.20 -64.35 -48.83
CA ALA KB 49 -41.96 -65.66 -49.43
C ALA KB 49 -41.85 -65.57 -50.94
N ALA KB 50 -42.76 -64.83 -51.57
CA ALA KB 50 -42.77 -64.73 -53.02
C ALA KB 50 -41.49 -64.08 -53.54
N ILE KB 51 -41.00 -63.04 -52.85
CA ILE KB 51 -39.78 -62.38 -53.26
C ILE KB 51 -38.60 -63.34 -53.23
N VAL KB 52 -38.51 -64.14 -52.17
CA VAL KB 52 -37.42 -65.12 -52.05
C VAL KB 52 -37.49 -66.12 -53.19
N LYS KB 53 -38.67 -66.64 -53.48
CA LYS KB 53 -38.79 -67.65 -54.54
C LYS KB 53 -38.40 -67.08 -55.89
N GLU KB 54 -38.94 -65.90 -56.23
CA GLU KB 54 -38.61 -65.30 -57.52
C GLU KB 54 -37.13 -64.99 -57.63
N ALA KB 55 -36.54 -64.45 -56.56
CA ALA KB 55 -35.12 -64.10 -56.60
C ALA KB 55 -34.24 -65.34 -56.76
N ALA KB 56 -34.61 -66.43 -56.08
CA ALA KB 56 -33.84 -67.66 -56.21
C ALA KB 56 -33.88 -68.18 -57.64
N SER KB 57 -35.07 -68.26 -58.23
CA SER KB 57 -35.19 -68.76 -59.60
C SER KB 57 -34.42 -67.87 -60.57
N ALA KB 58 -34.51 -66.55 -60.40
CA ALA KB 58 -33.77 -65.64 -61.26
C ALA KB 58 -32.27 -65.83 -61.10
N LEU KB 59 -31.80 -65.99 -59.87
CA LEU KB 59 -30.37 -66.17 -59.63
C LEU KB 59 -29.87 -67.45 -60.28
N PHE KB 60 -30.63 -68.53 -60.19
CA PHE KB 60 -30.16 -69.80 -60.72
C PHE KB 60 -30.24 -69.83 -62.25
N THR KB 61 -31.21 -69.14 -62.84
CA THR KB 61 -31.21 -69.02 -64.30
C THR KB 61 -30.06 -68.13 -64.77
N GLU KB 62 -29.75 -67.07 -64.02
CA GLU KB 62 -28.59 -66.24 -64.35
C GLU KB 62 -27.29 -67.02 -64.23
N GLN KB 63 -27.18 -67.85 -63.19
CA GLN KB 63 -25.96 -68.59 -62.88
C GLN KB 63 -26.32 -70.05 -62.73
N PRO KB 64 -26.42 -70.79 -63.83
CA PRO KB 64 -26.78 -72.21 -63.75
C PRO KB 64 -25.78 -73.04 -62.95
N GLU KB 65 -24.51 -72.63 -62.94
CA GLU KB 65 -23.46 -73.45 -62.34
C GLU KB 65 -23.75 -73.80 -60.89
N LEU KB 66 -24.47 -72.93 -60.18
CA LEU KB 66 -24.79 -73.21 -58.78
C LEU KB 66 -25.66 -74.46 -58.65
N ILE KB 67 -26.68 -74.59 -59.50
CA ILE KB 67 -27.61 -75.70 -59.41
C ILE KB 67 -26.97 -76.99 -59.91
N GLN KB 68 -25.93 -76.89 -60.74
CA GLN KB 68 -25.25 -78.06 -61.26
C GLN KB 68 -24.48 -78.76 -60.14
N PRO KB 69 -24.08 -80.02 -60.34
CA PRO KB 69 -23.49 -80.78 -59.22
C PRO KB 69 -22.28 -80.11 -58.58
N GLY KB 70 -21.52 -79.31 -59.32
CA GLY KB 70 -20.38 -78.64 -58.72
C GLY KB 70 -20.77 -77.58 -57.71
N GLY KB 71 -21.82 -76.82 -58.01
CA GLY KB 71 -22.21 -75.68 -57.20
C GLY KB 71 -22.55 -75.99 -55.76
N ALA KB 73 -25.39 -75.15 -54.17
CA ALA KB 73 -26.82 -75.33 -53.92
C ALA KB 73 -27.35 -76.64 -54.48
N TYR KB 74 -26.42 -77.48 -54.97
CA TYR KB 74 -26.76 -78.62 -55.82
C TYR KB 74 -27.86 -79.49 -55.21
N THR KB 75 -27.59 -80.11 -54.06
CA THR KB 75 -28.58 -80.99 -53.47
C THR KB 75 -29.61 -80.17 -52.70
N THR KB 76 -30.69 -80.83 -52.27
CA THR KB 76 -31.77 -80.09 -51.63
C THR KB 76 -31.41 -79.63 -50.23
N ARG KB 77 -30.49 -80.32 -49.55
CA ARG KB 77 -30.04 -79.86 -48.25
C ARG KB 77 -29.49 -78.45 -48.35
N ARG KB 78 -28.56 -78.24 -49.28
CA ARG KB 78 -28.00 -76.91 -49.46
C ARG KB 78 -28.99 -75.96 -50.12
N TYR KB 79 -29.90 -76.47 -50.97
CA TYR KB 79 -30.90 -75.59 -51.55
C TYR KB 79 -31.77 -74.97 -50.48
N ALA KB 80 -32.13 -75.75 -49.46
CA ALA KB 80 -32.91 -75.22 -48.35
C ALA KB 80 -32.11 -74.17 -47.57
N THR KB 81 -30.85 -74.47 -47.26
CA THR KB 81 -30.06 -73.50 -46.52
C THR KB 81 -29.84 -72.23 -47.34
N CYS KB 82 -29.66 -72.36 -48.65
CA CYS KB 82 -29.48 -71.18 -49.49
C CYS KB 82 -30.74 -70.32 -49.50
N LEU KB 83 -31.91 -70.95 -49.64
CA LEU KB 83 -33.15 -70.19 -49.56
C LEU KB 83 -33.28 -69.49 -48.22
N ARG KB 84 -32.82 -70.14 -47.15
CA ARG KB 84 -32.87 -69.52 -45.84
C ARG KB 84 -32.00 -68.27 -45.79
N ASP KB 85 -30.83 -68.31 -46.43
CA ASP KB 85 -29.99 -67.11 -46.48
C ASP KB 85 -30.68 -65.99 -47.24
N MET KB 86 -31.37 -66.31 -48.33
CA MET KB 86 -32.17 -65.30 -49.02
C MET KB 86 -33.20 -64.70 -48.08
N ASP KB 87 -33.86 -65.55 -47.29
CA ASP KB 87 -34.84 -65.08 -46.33
C ASP KB 87 -34.18 -64.20 -45.27
N TYR KB 88 -32.99 -64.57 -44.81
CA TYR KB 88 -32.23 -63.74 -43.87
C TYR KB 88 -32.04 -62.34 -44.42
N TYR KB 89 -31.54 -62.24 -45.66
CA TYR KB 89 -31.25 -60.94 -46.23
C TYR KB 89 -32.49 -60.09 -46.35
N LEU KB 90 -33.60 -60.68 -46.82
CA LEU KB 90 -34.83 -59.92 -46.94
C LEU KB 90 -35.34 -59.46 -45.58
N ARG KB 91 -35.26 -60.34 -44.58
CA ARG KB 91 -35.77 -60.01 -43.26
C ARG KB 91 -34.97 -58.87 -42.64
N TYR KB 92 -33.64 -58.97 -42.66
CA TYR KB 92 -32.83 -57.91 -42.07
C TYR KB 92 -32.86 -56.65 -42.91
N ALA KB 93 -33.04 -56.77 -44.22
CA ALA KB 93 -33.15 -55.57 -45.05
C ALA KB 93 -34.45 -54.85 -44.80
N SER KB 94 -35.54 -55.59 -44.55
CA SER KB 94 -36.78 -54.94 -44.16
C SER KB 94 -36.64 -54.26 -42.81
N TYR KB 95 -35.95 -54.90 -41.87
CA TYR KB 95 -35.60 -54.23 -40.62
C TYR KB 95 -34.83 -52.95 -40.89
N ALA KB 96 -33.89 -53.00 -41.84
CA ALA KB 96 -33.08 -51.83 -42.14
C ALA KB 96 -33.89 -50.74 -42.84
N ILE KB 97 -34.90 -51.12 -43.62
CA ILE KB 97 -35.75 -50.11 -44.25
C ILE KB 97 -36.61 -49.42 -43.20
N VAL KB 98 -37.13 -50.19 -42.25
CA VAL KB 98 -37.86 -49.59 -41.13
C VAL KB 98 -36.94 -48.68 -40.34
N ALA KB 99 -35.73 -49.15 -40.05
CA ALA KB 99 -34.81 -48.38 -39.22
C ALA KB 99 -34.34 -47.11 -39.92
N GLY KB 100 -34.18 -47.15 -41.24
CA GLY KB 100 -33.63 -46.03 -41.96
C GLY KB 100 -32.13 -45.89 -41.85
N ASP KB 101 -31.45 -46.90 -41.32
CA ASP KB 101 -30.00 -46.87 -41.16
C ASP KB 101 -29.47 -48.28 -41.36
N VAL KB 102 -28.27 -48.38 -41.92
CA VAL KB 102 -27.72 -49.68 -42.31
C VAL KB 102 -26.89 -50.28 -41.18
N ASP KB 103 -26.94 -49.66 -40.00
CA ASP KB 103 -26.23 -50.23 -38.86
C ASP KB 103 -26.79 -51.59 -38.47
N VAL KB 104 -28.10 -51.79 -38.64
CA VAL KB 104 -28.70 -53.09 -38.37
C VAL KB 104 -28.06 -54.16 -39.24
N LEU KB 105 -27.95 -53.88 -40.54
CA LEU KB 105 -27.30 -54.81 -41.46
C LEU KB 105 -25.86 -55.04 -41.06
N ASN KB 106 -25.14 -53.96 -40.72
CA ASN KB 106 -23.73 -54.08 -40.40
C ASN KB 106 -23.51 -54.96 -39.18
N GLU KB 107 -24.27 -54.72 -38.12
CA GLU KB 107 -23.99 -55.40 -36.86
C GLU KB 107 -24.46 -56.85 -36.85
N ARG KB 108 -25.59 -57.15 -37.49
CA ARG KB 108 -26.18 -58.47 -37.34
C ARG KB 108 -26.00 -59.39 -38.54
N VAL KB 109 -25.78 -58.86 -39.74
CA VAL KB 109 -25.66 -59.67 -40.95
C VAL KB 109 -24.22 -59.69 -41.46
N LEU KB 110 -23.68 -58.51 -41.80
CA LEU KB 110 -22.45 -58.46 -42.56
C LEU KB 110 -21.23 -58.82 -41.73
N GLU KB 111 -21.26 -58.58 -40.42
CA GLU KB 111 -20.08 -58.83 -39.60
C GLU KB 111 -19.82 -60.32 -39.49
N GLY KB 112 -18.64 -60.75 -39.92
CA GLY KB 112 -18.27 -62.15 -39.93
C GLY KB 112 -18.81 -62.96 -41.08
N LEU KB 113 -19.58 -62.34 -41.97
CA LEU KB 113 -20.23 -63.09 -43.04
C LEU KB 113 -19.21 -63.71 -43.98
N ARG KB 114 -18.18 -62.96 -44.36
CA ARG KB 114 -17.17 -63.49 -45.27
C ARG KB 114 -16.41 -64.65 -44.63
N GLU KB 115 -16.04 -64.52 -43.36
CA GLU KB 115 -15.39 -65.63 -42.66
C GLU KB 115 -16.25 -66.88 -42.71
N THR KB 116 -17.53 -66.73 -42.38
CA THR KB 116 -18.44 -67.86 -42.35
C THR KB 116 -18.56 -68.49 -43.73
N TYR KB 117 -18.66 -67.67 -44.77
CA TYR KB 117 -18.83 -68.20 -46.12
C TYR KB 117 -17.56 -68.88 -46.62
N ASN KB 118 -16.39 -68.32 -46.31
CA ASN KB 118 -15.15 -68.97 -46.71
C ASN KB 118 -14.97 -70.30 -46.01
N SER KB 119 -15.31 -70.38 -44.73
CA SER KB 119 -15.16 -71.62 -43.99
C SER KB 119 -16.15 -72.69 -44.46
N LEU KB 120 -17.42 -72.32 -44.60
CA LEU KB 120 -18.41 -73.26 -45.07
C LEU KB 120 -18.29 -73.57 -46.55
N GLY KB 121 -17.51 -72.78 -47.30
CA GLY KB 121 -17.39 -72.96 -48.72
C GLY KB 121 -18.42 -72.24 -49.55
N VAL KB 122 -19.32 -71.48 -48.93
CA VAL KB 122 -20.37 -70.78 -49.68
C VAL KB 122 -19.72 -69.76 -50.62
N PRO KB 123 -20.13 -69.68 -51.88
CA PRO KB 123 -19.55 -68.69 -52.79
C PRO KB 123 -20.20 -67.33 -52.60
N ILE KB 124 -19.36 -66.30 -52.45
CA ILE KB 124 -19.85 -64.98 -52.05
C ILE KB 124 -20.40 -64.21 -53.24
N GLY KB 125 -19.78 -64.35 -54.41
CA GLY KB 125 -20.21 -63.63 -55.60
C GLY KB 125 -21.64 -63.92 -56.01
N PRO KB 126 -22.00 -65.20 -56.10
CA PRO KB 126 -23.41 -65.52 -56.37
C PRO KB 126 -24.35 -64.97 -55.31
N THR KB 127 -23.93 -64.96 -54.05
CA THR KB 127 -24.78 -64.41 -52.99
C THR KB 127 -24.99 -62.91 -53.18
N VAL KB 128 -23.94 -62.19 -53.59
CA VAL KB 128 -24.09 -60.77 -53.89
C VAL KB 128 -25.08 -60.57 -55.01
N ARG KB 129 -24.99 -61.39 -56.06
CA ARG KB 129 -25.94 -61.28 -57.16
C ARG KB 129 -27.36 -61.58 -56.70
N GLY KB 130 -27.52 -62.56 -55.82
CA GLY KB 130 -28.86 -62.86 -55.31
C GLY KB 130 -29.45 -61.71 -54.51
N ILE KB 131 -28.63 -61.04 -53.70
CA ILE KB 131 -29.10 -59.87 -52.98
C ILE KB 131 -29.51 -58.77 -53.95
N GLN KB 132 -28.73 -58.58 -55.02
CA GLN KB 132 -29.10 -57.58 -56.01
C GLN KB 132 -30.42 -57.92 -56.68
N ILE KB 133 -30.64 -59.19 -56.97
CA ILE KB 133 -31.90 -59.61 -57.59
C ILE KB 133 -33.07 -59.35 -56.66
N MET KB 134 -32.87 -59.60 -55.35
CA MET KB 134 -33.90 -59.21 -54.38
C MET KB 134 -34.13 -57.71 -54.42
N LYS KB 135 -33.06 -56.92 -54.56
CA LYS KB 135 -33.21 -55.47 -54.59
C LYS KB 135 -34.10 -55.04 -55.73
N GLU KB 136 -33.89 -55.58 -56.91
CA GLU KB 136 -34.69 -55.18 -58.06
C GLU KB 136 -36.14 -55.64 -57.91
N ILE KB 137 -36.36 -56.88 -57.45
CA ILE KB 137 -37.72 -57.37 -57.26
C ILE KB 137 -38.45 -56.52 -56.22
N VAL KB 138 -37.79 -56.23 -55.11
CA VAL KB 138 -38.40 -55.46 -54.03
C VAL KB 138 -38.72 -54.04 -54.50
N ARG KB 139 -37.81 -53.42 -55.25
CA ARG KB 139 -38.07 -52.08 -55.75
C ARG KB 139 -39.28 -52.08 -56.68
N ASP KB 140 -39.38 -53.09 -57.55
CA ASP KB 140 -40.55 -53.19 -58.41
C ASP KB 140 -41.82 -53.31 -57.58
N ARG KB 141 -41.81 -54.14 -56.54
CA ARG KB 141 -43.02 -54.37 -55.76
C ARG KB 141 -43.45 -53.11 -55.01
N VAL KB 142 -42.51 -52.42 -54.37
CA VAL KB 142 -42.89 -51.22 -53.63
C VAL KB 142 -43.33 -50.11 -54.59
N ALA KB 143 -42.68 -50.01 -55.75
CA ALA KB 143 -43.11 -49.03 -56.74
C ALA KB 143 -44.53 -49.32 -57.22
N ALA KB 144 -44.86 -50.60 -57.42
CA ALA KB 144 -46.23 -50.95 -57.76
C ALA KB 144 -47.18 -50.62 -56.61
N ALA KB 145 -46.74 -50.86 -55.37
CA ALA KB 145 -47.57 -50.55 -54.21
C ALA KB 145 -47.83 -49.06 -54.06
N GLY KB 146 -46.97 -48.21 -54.62
CA GLY KB 146 -47.20 -46.78 -54.60
C GLY KB 146 -46.17 -45.98 -53.83
N ILE KB 147 -45.04 -46.59 -53.48
CA ILE KB 147 -43.97 -45.88 -52.79
C ILE KB 147 -43.16 -45.14 -53.85
N GLU KB 148 -43.20 -43.81 -53.83
CA GLU KB 148 -42.60 -43.04 -54.92
C GLU KB 148 -41.08 -43.07 -54.86
N ASP KB 149 -40.50 -42.98 -53.66
CA ASP KB 149 -39.05 -42.94 -53.51
C ASP KB 149 -38.56 -44.33 -53.11
N THR KB 150 -38.03 -45.07 -54.08
CA THR KB 150 -37.44 -46.38 -53.84
C THR KB 150 -35.99 -46.29 -53.39
N GLY KB 151 -35.46 -45.08 -53.20
CA GLY KB 151 -34.13 -44.95 -52.62
C GLY KB 151 -34.06 -45.52 -51.22
N ILE KB 152 -35.15 -45.44 -50.47
CA ILE KB 152 -35.17 -46.01 -49.12
C ILE KB 152 -35.06 -47.52 -49.17
N VAL KB 153 -35.66 -48.16 -50.17
CA VAL KB 153 -35.72 -49.61 -50.20
C VAL KB 153 -34.48 -50.23 -50.86
N GLU KB 154 -33.86 -49.53 -51.80
CA GLU KB 154 -32.72 -50.12 -52.49
C GLU KB 154 -31.42 -49.95 -51.70
N GLN KB 155 -31.27 -48.85 -50.98
CA GLN KB 155 -29.99 -48.58 -50.32
C GLN KB 155 -29.57 -49.66 -49.32
N PRO KB 156 -30.45 -50.28 -48.51
CA PRO KB 156 -29.95 -51.33 -47.63
C PRO KB 156 -29.38 -52.53 -48.37
N PHE KB 157 -30.05 -52.97 -49.44
CA PHE KB 157 -29.52 -54.05 -50.25
C PHE KB 157 -28.19 -53.67 -50.87
N ASP KB 158 -28.07 -52.42 -51.34
CA ASP KB 158 -26.82 -51.97 -51.92
C ASP KB 158 -25.69 -51.99 -50.91
N TYR KB 159 -25.98 -51.59 -49.67
CA TYR KB 159 -24.94 -51.64 -48.64
C TYR KB 159 -24.52 -53.07 -48.36
N MET KB 160 -25.47 -54.00 -48.30
CA MET KB 160 -25.13 -55.40 -48.11
C MET KB 160 -24.24 -55.89 -49.23
N CYS KB 161 -24.56 -55.52 -50.47
CA CYS KB 161 -23.75 -55.94 -51.60
C CYS KB 161 -22.33 -55.37 -51.52
N ARG KB 162 -22.21 -54.08 -51.17
CA ARG KB 162 -20.89 -53.47 -51.13
C ARG KB 162 -20.02 -54.09 -50.05
N GLN KB 163 -20.58 -54.28 -48.85
CA GLN KB 163 -19.79 -54.87 -47.77
C GLN KB 163 -19.46 -56.33 -48.06
N LEU KB 164 -20.40 -57.08 -48.63
CA LEU KB 164 -20.17 -58.49 -48.88
C LEU KB 164 -19.21 -58.71 -50.04
N SER KB 165 -19.17 -57.78 -50.99
CA SER KB 165 -18.31 -57.95 -52.15
C SER KB 165 -16.88 -57.56 -51.81
N GLU KB 166 -15.96 -57.99 -52.69
CA GLU KB 166 -14.56 -57.60 -52.59
C GLU KB 166 -14.41 -56.21 -53.20
N VAL KB 167 -13.16 -55.79 -53.42
CA VAL KB 167 -12.92 -54.42 -53.88
C VAL KB 167 -12.91 -54.32 -55.40
N ASN KB 168 -12.16 -55.19 -56.08
CA ASN KB 168 -12.10 -55.18 -57.56
C ASN KB 168 -11.86 -53.77 -58.11
N ILE KB 169 -11.12 -52.95 -57.37
CA ILE KB 169 -11.13 -51.49 -57.56
C ILE KB 169 -11.19 -51.06 -59.02
N ARG LB 2 34.04 -58.50 -63.28
CA ARG LB 2 34.33 -57.27 -64.01
C ARG LB 2 33.72 -56.06 -63.31
N MET LB 3 34.56 -55.26 -62.67
CA MET LB 3 34.16 -54.04 -62.00
C MET LB 3 34.83 -52.86 -62.69
N PHE LB 4 34.04 -51.83 -63.01
CA PHE LB 4 34.55 -50.67 -63.73
C PHE LB 4 34.79 -49.52 -62.75
N LYS LB 5 36.00 -48.98 -62.78
CA LYS LB 5 36.37 -47.85 -61.93
C LYS LB 5 36.41 -46.58 -62.77
N ILE LB 6 35.70 -45.56 -62.33
CA ILE LB 6 35.56 -44.31 -63.08
C ILE LB 6 35.71 -43.14 -62.13
N THR LB 7 36.30 -42.06 -62.64
CA THR LB 7 36.45 -40.81 -61.90
C THR LB 7 35.51 -39.78 -62.53
N ALA LB 8 34.61 -39.24 -61.70
CA ALA LB 8 33.57 -38.30 -62.14
C ALA LB 8 33.62 -37.05 -61.28
N CYS LB 9 33.78 -35.90 -61.92
CA CYS LB 9 33.60 -34.61 -61.24
C CYS LB 9 32.11 -34.30 -61.29
N VAL LB 10 31.37 -34.95 -60.39
CA VAL LB 10 29.91 -34.87 -60.42
C VAL LB 10 29.48 -33.41 -60.32
N PRO LB 11 28.59 -32.93 -61.19
CA PRO LB 11 28.21 -31.52 -61.17
C PRO LB 11 27.64 -31.13 -59.81
N SER LB 12 27.95 -29.91 -59.38
CA SER LB 12 27.57 -29.46 -58.05
C SER LB 12 26.07 -29.57 -57.86
N GLN LB 13 25.66 -30.29 -56.81
CA GLN LB 13 24.26 -30.39 -56.47
C GLN LB 13 23.78 -29.21 -55.64
N THR LB 14 24.69 -28.34 -55.21
CA THR LB 14 24.36 -27.17 -54.39
C THR LB 14 23.60 -27.57 -53.13
N ARG LB 15 23.89 -28.76 -52.60
CA ARG LB 15 23.19 -29.31 -51.45
C ARG LB 15 23.96 -29.12 -50.15
N ILE LB 16 25.04 -28.33 -50.17
CA ILE LB 16 25.91 -28.17 -49.02
C ILE LB 16 25.77 -26.76 -48.47
N ARG LB 17 25.31 -26.67 -47.22
CA ARG LB 17 25.40 -25.46 -46.42
C ARG LB 17 26.20 -25.81 -45.18
N THR LB 18 27.32 -25.12 -44.98
CA THR LB 18 28.39 -25.65 -44.14
C THR LB 18 28.66 -27.07 -44.61
N GLN LB 19 28.46 -28.06 -43.73
CA GLN LB 19 28.54 -29.49 -44.09
C GLN LB 19 29.83 -29.71 -44.86
N ARG LB 20 29.79 -30.38 -46.02
CA ARG LB 20 30.93 -30.50 -46.91
C ARG LB 20 30.46 -31.11 -48.22
N GLU LB 21 30.94 -30.58 -49.34
CA GLU LB 21 30.59 -31.10 -50.66
C GLU LB 21 31.78 -31.51 -51.50
N LEU LB 22 33.01 -31.38 -50.98
CA LEU LB 22 34.18 -31.74 -51.78
C LEU LB 22 34.20 -33.23 -52.12
N GLN LB 23 33.88 -34.08 -51.15
CA GLN LB 23 33.89 -35.52 -51.39
C GLN LB 23 32.88 -35.91 -52.47
N ASN LB 24 31.69 -35.32 -52.42
CA ASN LB 24 30.70 -35.58 -53.46
C ASN LB 24 31.12 -34.95 -54.78
N THR LB 25 31.77 -33.79 -54.74
CA THR LB 25 32.09 -33.06 -55.97
C THR LB 25 33.04 -33.84 -56.87
N TYR LB 26 34.08 -34.44 -56.28
CA TYR LB 26 35.02 -35.25 -57.04
C TYR LB 26 34.99 -36.68 -56.50
N PHE LB 27 34.73 -37.64 -57.38
CA PHE LB 27 34.53 -39.02 -56.98
C PHE LB 27 35.41 -39.95 -57.81
N THR LB 28 36.20 -40.78 -57.14
CA THR LB 28 36.88 -41.92 -57.74
C THR LB 28 36.31 -43.17 -57.09
N LYS LB 29 35.69 -44.04 -57.89
CA LYS LB 29 34.91 -45.15 -57.33
C LYS LB 29 35.11 -46.40 -58.18
N LEU LB 30 34.84 -47.54 -57.57
CA LEU LB 30 34.82 -48.83 -58.25
C LEU LB 30 33.37 -49.29 -58.32
N VAL LB 31 32.90 -49.58 -59.53
CA VAL LB 31 31.50 -49.91 -59.79
C VAL LB 31 31.45 -51.26 -60.48
N PRO LB 32 30.64 -52.21 -60.01
CA PRO LB 32 30.46 -53.45 -60.76
C PRO LB 32 29.87 -53.16 -62.13
N TYR LB 33 30.27 -53.97 -63.11
CA TYR LB 33 29.70 -53.81 -64.44
C TYR LB 33 28.20 -54.01 -64.42
N GLU LB 34 27.71 -54.92 -63.58
CA GLU LB 34 26.26 -55.12 -63.47
C GLU LB 34 25.57 -53.87 -62.93
N ASN LB 35 26.18 -53.19 -61.96
CA ASN LB 35 25.60 -52.01 -61.33
C ASN LB 35 25.99 -50.71 -62.02
N TRP LB 36 26.78 -50.78 -63.10
CA TRP LB 36 27.26 -49.57 -63.76
C TRP LB 36 26.11 -48.78 -64.37
N PHE LB 37 25.04 -49.45 -64.79
CA PHE LB 37 23.89 -48.75 -65.35
C PHE LB 37 23.25 -47.83 -64.31
N ARG LB 38 23.08 -48.34 -63.08
CA ARG LB 38 22.55 -47.50 -62.02
C ARG LB 38 23.50 -46.34 -61.72
N GLU LB 39 24.80 -46.60 -61.76
CA GLU LB 39 25.77 -45.52 -61.56
C GLU LB 39 25.62 -44.44 -62.64
N GLN LB 40 25.41 -44.85 -63.88
CA GLN LB 40 25.21 -43.87 -64.96
C GLN LB 40 23.96 -43.05 -64.74
N GLN LB 41 22.88 -43.69 -64.26
CA GLN LB 41 21.66 -42.94 -63.95
C GLN LB 41 21.91 -41.91 -62.86
N ARG LB 42 22.67 -42.29 -61.82
CA ARG LB 42 22.99 -41.34 -60.77
C ARG LB 42 23.83 -40.18 -61.31
N ILE LB 43 24.76 -40.48 -62.23
CA ILE LB 43 25.56 -39.42 -62.84
C ILE LB 43 24.67 -38.47 -63.62
N GLN LB 44 23.62 -38.99 -64.27
CA GLN LB 44 22.69 -38.14 -64.98
C GLN LB 44 21.97 -37.19 -64.02
N LYS LB 45 21.55 -37.70 -62.86
CA LYS LB 45 20.93 -36.84 -61.86
C LYS LB 45 21.90 -35.76 -61.38
N MET LB 46 23.17 -36.14 -61.17
CA MET LB 46 24.17 -35.17 -60.74
C MET LB 46 24.39 -34.10 -61.79
N GLY LB 47 24.43 -34.49 -63.06
CA GLY LB 47 24.68 -33.58 -64.16
C GLY LB 47 26.09 -33.60 -64.70
N GLY LB 48 26.98 -34.43 -64.13
CA GLY LB 48 28.34 -34.48 -64.59
C GLY LB 48 28.76 -35.87 -65.04
N LYS LB 49 29.21 -35.99 -66.28
CA LYS LB 49 29.73 -37.25 -66.77
C LYS LB 49 31.11 -37.53 -66.17
N ILE LB 50 31.43 -38.82 -66.06
CA ILE LB 50 32.74 -39.20 -65.53
C ILE LB 50 33.82 -38.76 -66.51
N VAL LB 51 34.84 -38.08 -65.98
CA VAL LB 51 35.95 -37.65 -66.82
C VAL LB 51 36.69 -38.86 -67.38
N LYS LB 52 36.94 -39.88 -66.54
CA LYS LB 52 37.67 -41.06 -66.96
C LYS LB 52 36.91 -42.31 -66.57
N VAL LB 53 36.85 -43.28 -67.47
CA VAL LB 53 36.17 -44.55 -67.25
C VAL LB 53 37.11 -45.67 -67.65
N GLU LB 54 37.27 -46.66 -66.77
CA GLU LB 54 38.08 -47.84 -67.05
C GLU LB 54 37.41 -49.05 -66.42
N LEU LB 55 37.80 -50.23 -66.90
CA LEU LB 55 37.28 -51.49 -66.39
C LEU LB 55 38.43 -52.34 -65.87
N PHE LB 56 38.30 -52.82 -64.63
CA PHE LB 56 39.38 -53.59 -64.00
C PHE LB 56 39.66 -54.88 -64.76
N THR LB 57 38.62 -55.58 -65.18
CA THR LB 57 38.80 -56.85 -65.88
C THR LB 57 39.50 -56.62 -67.22
N GLY LB 58 40.38 -57.55 -67.59
CA GLY LB 58 41.21 -57.35 -68.76
C GLY LB 58 40.46 -57.35 -70.07
N LYS LB 59 39.51 -58.29 -70.23
CA LYS LB 59 38.83 -58.42 -71.50
C LYS LB 59 37.35 -58.05 -71.36
N PRO LB 60 36.81 -57.29 -72.33
CA PRO LB 60 35.45 -56.78 -72.15
C PRO LB 60 34.37 -57.84 -72.25
N GLY LB 61 34.49 -58.76 -73.19
CA GLY LB 61 33.44 -59.74 -73.39
C GLY LB 61 33.93 -61.16 -73.57
N VAL LB 62 33.32 -62.08 -72.82
CA VAL LB 62 33.41 -63.50 -73.09
C VAL LB 62 31.98 -64.02 -73.25
N ASN LB 63 31.71 -64.68 -74.38
CA ASN LB 63 30.36 -65.10 -74.67
C ASN LB 63 29.85 -66.15 -73.69
N THR LB 64 30.74 -66.72 -72.88
CA THR LB 64 30.47 -67.95 -72.14
C THR LB 64 31.38 -68.03 -70.94
N GLY LB 65 30.81 -68.26 -69.77
CA GLY LB 65 31.63 -68.39 -68.57
C GLY LB 65 32.48 -67.18 -68.29
N LEU LB 66 32.04 -65.99 -68.74
CA LEU LB 66 32.81 -64.78 -68.53
C LEU LB 66 32.99 -64.47 -67.05
N ALA LB 67 31.90 -64.54 -66.29
CA ALA LB 67 31.83 -64.30 -64.84
C ALA LB 67 33.06 -63.66 -64.20
N SER MB 2 -12.00 25.42 36.39
CA SER MB 2 -13.13 25.33 35.48
C SER MB 2 -13.89 24.01 35.64
N VAL MB 3 -15.16 24.02 35.26
CA VAL MB 3 -15.95 22.80 35.24
C VAL MB 3 -15.34 21.82 34.24
N VAL MB 4 -14.95 22.31 33.07
CA VAL MB 4 -14.40 21.43 32.04
C VAL MB 4 -13.09 20.81 32.51
N THR MB 5 -12.21 21.61 33.10
CA THR MB 5 -10.92 21.07 33.52
C THR MB 5 -11.08 20.10 34.68
N LYS MB 6 -12.01 20.37 35.60
CA LYS MB 6 -12.21 19.44 36.71
C LYS MB 6 -12.81 18.13 36.23
N SER MB 7 -13.81 18.19 35.36
CA SER MB 7 -14.41 16.98 34.81
C SER MB 7 -13.38 16.15 34.06
N ILE MB 8 -12.55 16.80 33.26
CA ILE MB 8 -11.57 16.08 32.46
C ILE MB 8 -10.45 15.52 33.34
N VAL MB 9 -10.08 16.22 34.42
CA VAL MB 9 -9.11 15.66 35.36
C VAL MB 9 -9.65 14.36 35.95
N ASN MB 10 -10.88 14.38 36.46
CA ASN MB 10 -11.43 13.19 37.08
C ASN MB 10 -11.59 12.06 36.08
N ALA MB 11 -12.03 12.38 34.86
CA ALA MB 11 -12.16 11.35 33.83
C ALA MB 11 -10.82 10.82 33.40
N ASP MB 12 -9.78 11.66 33.39
CA ASP MB 12 -8.44 11.19 33.04
C ASP MB 12 -7.95 10.18 34.06
N ALA MB 13 -8.16 10.45 35.34
CA ALA MB 13 -7.78 9.48 36.37
C ALA MB 13 -8.56 8.19 36.23
N GLU MB 14 -9.85 8.28 35.87
CA GLU MB 14 -10.66 7.10 35.67
C GLU MB 14 -10.45 6.46 34.30
N ALA MB 15 -9.68 7.10 33.42
CA ALA MB 15 -9.38 6.59 32.08
C ALA MB 15 -10.67 6.29 31.31
N ARG MB 16 -11.60 7.23 31.35
CA ARG MB 16 -12.87 7.10 30.65
C ARG MB 16 -13.14 8.32 29.80
N TYR MB 17 -13.70 8.10 28.62
CA TYR MB 17 -14.35 9.19 27.91
C TYR MB 17 -15.41 9.80 28.81
N LEU MB 18 -15.63 11.10 28.66
CA LEU MB 18 -16.44 11.82 29.63
C LEU MB 18 -17.81 11.18 29.81
N SER MB 19 -18.18 10.96 31.07
CA SER MB 19 -19.44 10.32 31.37
C SER MB 19 -20.59 11.21 30.93
N PRO MB 20 -21.73 10.62 30.55
CA PRO MB 20 -22.86 11.44 30.09
C PRO MB 20 -23.32 12.45 31.11
N GLY MB 21 -23.29 12.09 32.40
CA GLY MB 21 -23.65 13.05 33.43
C GLY MB 21 -22.66 14.21 33.53
N GLU MB 22 -21.37 13.91 33.42
CA GLU MB 22 -20.37 14.98 33.43
C GLU MB 22 -20.56 15.91 32.24
N LEU MB 23 -20.87 15.36 31.08
CA LEU MB 23 -21.17 16.20 29.92
C LEU MB 23 -22.40 17.05 30.17
N ASP MB 24 -23.40 16.50 30.87
CA ASP MB 24 -24.59 17.30 31.18
C ASP MB 24 -24.23 18.47 32.09
N ARG MB 25 -23.37 18.26 33.08
CA ARG MB 25 -22.94 19.37 33.92
C ARG MB 25 -22.22 20.43 33.09
N ILE MB 26 -21.38 20.00 32.15
CA ILE MB 26 -20.69 20.95 31.28
C ILE MB 26 -21.70 21.73 30.47
N LYS MB 27 -22.77 21.08 30.01
CA LYS MB 27 -23.81 21.77 29.27
C LYS MB 27 -24.45 22.87 30.11
N ASN MB 28 -24.80 22.55 31.35
CA ASN MB 28 -25.45 23.53 32.21
C ASN MB 28 -24.51 24.67 32.56
N PHE MB 29 -23.23 24.37 32.80
CA PHE MB 29 -22.26 25.44 33.03
C PHE MB 29 -22.16 26.34 31.82
N VAL MB 30 -22.18 25.75 30.62
CA VAL MB 30 -22.11 26.53 29.39
C VAL MB 30 -23.28 27.51 29.32
N SER MB 31 -24.49 27.04 29.64
CA SER MB 31 -25.65 27.90 29.53
C SER MB 31 -25.64 29.00 30.59
N THR MB 32 -25.17 28.70 31.79
CA THR MB 32 -25.15 29.70 32.86
C THR MB 32 -23.95 30.63 32.77
N GLY MB 33 -23.08 30.45 31.78
CA GLY MB 33 -21.88 31.26 31.69
C GLY MB 33 -22.15 32.74 31.57
N GLU MB 34 -23.20 33.13 30.83
CA GLU MB 34 -23.47 34.54 30.64
C GLU MB 34 -23.83 35.22 31.95
N ARG MB 35 -24.62 34.57 32.79
CA ARG MB 35 -24.90 35.12 34.11
C ARG MB 35 -23.63 35.25 34.93
N ARG MB 36 -22.74 34.26 34.82
CA ARG MB 36 -21.47 34.34 35.53
C ARG MB 36 -20.65 35.53 35.07
N LEU MB 37 -20.62 35.75 33.75
CA LEU MB 37 -19.84 36.86 33.21
C LEU MB 37 -20.36 38.20 33.71
N ARG MB 38 -21.69 38.36 33.74
CA ARG MB 38 -22.27 39.61 34.22
C ARG MB 38 -21.95 39.83 35.70
N ILE MB 39 -22.00 38.78 36.50
CA ILE MB 39 -21.65 38.90 37.91
C ILE MB 39 -20.20 39.35 38.07
N ALA MB 40 -19.30 38.73 37.32
CA ALA MB 40 -17.90 39.14 37.36
C ALA MB 40 -17.74 40.58 36.88
N GLN MB 41 -18.55 40.97 35.89
CA GLN MB 41 -18.45 42.32 35.35
C GLN MB 41 -18.77 43.37 36.40
N THR MB 42 -19.87 43.18 37.13
CA THR MB 42 -20.21 44.19 38.13
C THR MB 42 -19.18 44.23 39.25
N LEU MB 43 -18.59 43.09 39.60
CA LEU MB 43 -17.55 43.10 40.63
C LEU MB 43 -16.35 43.93 40.18
N THR MB 44 -15.88 43.71 38.95
CA THR MB 44 -14.71 44.47 38.51
C THR MB 44 -15.05 45.94 38.30
N GLU MB 45 -16.29 46.26 37.92
CA GLU MB 45 -16.68 47.66 37.80
C GLU MB 45 -16.62 48.36 39.15
N ASN MB 46 -17.06 47.69 40.21
CA ASN MB 46 -17.02 48.24 41.55
C ASN MB 46 -15.79 47.80 42.34
N ARG MB 47 -14.69 47.53 41.63
CA ARG MB 47 -13.45 47.13 42.29
C ARG MB 47 -13.03 48.13 43.36
N GLU MB 48 -13.05 49.42 43.03
CA GLU MB 48 -12.52 50.44 43.93
C GLU MB 48 -13.35 50.53 45.21
N ARG MB 49 -14.68 50.61 45.06
CA ARG MB 49 -15.53 50.75 46.23
C ARG MB 49 -15.42 49.56 47.17
N ILE MB 50 -15.39 48.34 46.60
CA ILE MB 50 -15.29 47.15 47.43
C ILE MB 50 -14.04 47.18 48.27
N VAL MB 51 -12.90 47.50 47.65
CA VAL MB 51 -11.62 47.44 48.36
C VAL MB 51 -11.59 48.45 49.49
N LYS MB 52 -11.90 49.72 49.20
CA LYS MB 52 -11.76 50.74 50.23
C LYS MB 52 -12.78 50.54 51.35
N GLN MB 53 -14.04 50.27 50.99
CA GLN MB 53 -15.08 50.07 51.98
C GLN MB 53 -14.77 48.87 52.87
N ALA MB 54 -14.42 47.74 52.25
CA ALA MB 54 -14.14 46.53 53.02
C ALA MB 54 -12.90 46.70 53.88
N GLY MB 55 -11.87 47.36 53.35
CA GLY MB 55 -10.65 47.56 54.13
C GLY MB 55 -10.88 48.40 55.37
N ASP MB 56 -11.68 49.46 55.23
CA ASP MB 56 -12.01 50.27 56.40
C ASP MB 56 -12.82 49.46 57.41
N GLN MB 57 -13.73 48.61 56.92
CA GLN MB 57 -14.43 47.69 57.82
C GLN MB 57 -13.45 46.78 58.55
N LEU MB 58 -12.47 46.24 57.83
CA LEU MB 58 -11.50 45.34 58.45
C LEU MB 58 -10.71 46.06 59.54
N PHE MB 59 -10.27 47.29 59.27
CA PHE MB 59 -9.47 48.00 60.26
C PHE MB 59 -10.29 48.35 61.49
N GLN MB 60 -11.56 48.68 61.30
CA GLN MB 60 -12.44 48.86 62.45
C GLN MB 60 -12.55 47.58 63.26
N LYS MB 61 -12.80 46.46 62.58
CA LYS MB 61 -12.93 45.18 63.27
C LYS MB 61 -11.64 44.80 63.99
N ARG MB 62 -10.50 45.10 63.38
CA ARG MB 62 -9.19 44.71 63.89
C ARG MB 62 -8.30 45.94 63.94
N PRO MB 63 -8.49 46.82 64.92
CA PRO MB 63 -7.61 48.00 65.03
C PRO MB 63 -6.17 47.64 65.30
N ASP MB 64 -5.90 46.42 65.78
CA ASP MB 64 -4.54 46.04 66.15
C ASP MB 64 -3.60 46.05 64.94
N VAL MB 65 -4.10 45.64 63.77
CA VAL MB 65 -3.23 45.50 62.61
C VAL MB 65 -2.72 46.86 62.14
N VAL MB 66 -3.57 47.90 62.22
CA VAL MB 66 -3.16 49.24 61.80
C VAL MB 66 -2.59 50.06 62.93
N SER MB 67 -2.59 49.54 64.16
CA SER MB 67 -1.95 50.21 65.26
C SER MB 67 -0.43 50.15 65.11
N PRO MB 68 0.30 51.08 65.73
CA PRO MB 68 1.74 50.90 65.82
C PRO MB 68 2.04 49.63 66.59
N GLY MB 69 3.09 48.92 66.15
CA GLY MB 69 3.30 47.57 66.60
C GLY MB 69 2.46 46.55 65.85
N GLY MB 70 1.71 46.97 64.84
CA GLY MB 70 0.95 46.08 64.00
C GLY MB 70 1.58 45.98 62.61
N ASN MB 71 1.07 45.00 61.84
CA ASN MB 71 1.71 44.68 60.57
C ASN MB 71 1.56 45.81 59.56
N ALA MB 72 0.40 46.45 59.51
CA ALA MB 72 0.08 47.40 58.45
C ALA MB 72 0.33 48.86 58.82
N TYR MB 73 0.77 49.14 60.05
CA TYR MB 73 0.95 50.53 60.48
C TYR MB 73 1.91 51.26 59.55
N GLY MB 74 1.53 52.47 59.17
CA GLY MB 74 2.23 53.20 58.13
C GLY MB 74 1.44 53.16 56.83
N GLU MB 75 1.19 54.33 56.24
CA GLU MB 75 0.32 54.41 55.07
C GLU MB 75 0.76 53.45 53.98
N GLU MB 76 2.08 53.30 53.78
CA GLU MB 76 2.57 52.42 52.74
C GLU MB 76 2.21 50.97 53.02
N MET MB 77 2.46 50.51 54.25
CA MET MB 77 2.11 49.12 54.60
C MET MB 77 0.61 48.89 54.50
N THR MB 78 -0.19 49.85 54.94
CA THR MB 78 -1.63 49.73 54.81
C THR MB 78 -2.03 49.63 53.35
N ALA MB 79 -1.38 50.40 52.48
CA ALA MB 79 -1.70 50.37 51.06
C ALA MB 79 -1.39 49.01 50.44
N THR MB 80 -0.26 48.40 50.82
CA THR MB 80 0.07 47.09 50.28
C THR MB 80 -0.92 46.04 50.76
N CYS MB 81 -1.40 46.14 52.00
CA CYS MB 81 -2.44 45.21 52.42
C CYS MB 81 -3.71 45.43 51.60
N LEU MB 82 -4.05 46.69 51.34
CA LEU MB 82 -5.18 46.96 50.47
C LEU MB 82 -4.97 46.32 49.10
N ARG MB 83 -3.72 46.32 48.62
CA ARG MB 83 -3.43 45.65 47.36
C ARG MB 83 -3.72 44.16 47.47
N ASP MB 84 -3.33 43.53 48.58
CA ASP MB 84 -3.62 42.12 48.77
C ASP MB 84 -5.12 41.86 48.68
N LEU MB 85 -5.93 42.75 49.26
CA LEU MB 85 -7.37 42.59 49.15
C LEU MB 85 -7.83 42.70 47.70
N ASP MB 86 -7.22 43.62 46.94
CA ASP MB 86 -7.52 43.71 45.51
C ASP MB 86 -7.13 42.43 44.80
N TYR MB 87 -5.97 41.85 45.14
CA TYR MB 87 -5.54 40.60 44.54
C TYR MB 87 -6.57 39.50 44.76
N TYR MB 88 -7.06 39.37 45.99
CA TYR MB 88 -7.98 38.28 46.30
C TYR MB 88 -9.34 38.49 45.63
N LEU MB 89 -9.79 39.73 45.54
CA LEU MB 89 -11.01 39.99 44.78
C LEU MB 89 -10.81 39.60 43.32
N ARG MB 90 -9.63 39.88 42.77
CA ARG MB 90 -9.35 39.51 41.39
C ARG MB 90 -9.43 37.99 41.21
N LEU MB 91 -8.84 37.25 42.14
CA LEU MB 91 -8.89 35.80 42.05
C LEU MB 91 -10.33 35.30 42.14
N VAL MB 92 -11.14 35.94 42.98
CA VAL MB 92 -12.53 35.53 43.14
C VAL MB 92 -13.32 35.79 41.86
N THR MB 93 -13.05 36.90 41.17
CA THR MB 93 -13.71 37.13 39.89
C THR MB 93 -13.34 36.06 38.89
N TYR MB 94 -12.06 35.68 38.84
CA TYR MB 94 -11.63 34.57 38.00
C TYR MB 94 -12.42 33.32 38.34
N GLY MB 95 -12.53 33.01 39.62
CA GLY MB 95 -13.21 31.79 40.04
C GLY MB 95 -14.69 31.79 39.66
N ILE MB 96 -15.33 32.95 39.77
CA ILE MB 96 -16.74 33.04 39.39
C ILE MB 96 -16.90 32.74 37.91
N VAL MB 97 -16.03 33.29 37.07
CA VAL MB 97 -16.12 33.01 35.64
C VAL MB 97 -15.82 31.54 35.37
N ALA MB 98 -14.77 31.00 36.01
CA ALA MB 98 -14.33 29.65 35.70
C ALA MB 98 -15.35 28.60 36.12
N GLY MB 99 -15.98 28.78 37.27
CA GLY MB 99 -16.95 27.83 37.77
C GLY MB 99 -16.44 26.89 38.82
N ASP MB 100 -15.14 26.90 39.11
CA ASP MB 100 -14.53 26.10 40.17
C ASP MB 100 -13.51 26.96 40.88
N VAL MB 101 -12.92 26.40 41.95
CA VAL MB 101 -11.88 27.11 42.70
C VAL MB 101 -10.50 26.91 42.09
N THR MB 102 -10.34 25.94 41.18
CA THR MB 102 -9.05 25.66 40.52
C THR MB 102 -8.21 26.90 40.23
N PRO MB 103 -8.71 27.93 39.54
CA PRO MB 103 -7.87 29.13 39.36
C PRO MB 103 -7.56 29.84 40.65
N ILE MB 104 -8.54 29.98 41.55
CA ILE MB 104 -8.31 30.69 42.80
C ILE MB 104 -7.19 30.03 43.59
N GLU MB 105 -7.29 28.72 43.79
CA GLU MB 105 -6.31 28.03 44.62
C GLU MB 105 -4.96 27.95 43.94
N GLU MB 106 -4.91 27.80 42.62
CA GLU MB 106 -3.62 27.73 41.96
C GLU MB 106 -2.88 29.07 42.06
N ILE MB 107 -3.57 30.16 41.75
CA ILE MB 107 -2.90 31.47 41.71
C ILE MB 107 -2.51 31.93 43.11
N GLY MB 108 -3.41 31.76 44.08
CA GLY MB 108 -3.13 32.11 45.45
C GLY MB 108 -3.88 31.14 46.33
N LEU MB 109 -3.79 31.34 47.63
CA LEU MB 109 -4.53 30.55 48.61
C LEU MB 109 -3.97 29.13 48.77
N VAL MB 110 -2.84 28.80 48.14
CA VAL MB 110 -2.28 27.48 48.43
C VAL MB 110 -1.24 27.60 49.54
N GLY MB 111 -0.09 28.21 49.23
CA GLY MB 111 0.98 28.26 50.22
C GLY MB 111 0.75 29.44 51.13
N VAL MB 112 -0.54 29.76 51.32
CA VAL MB 112 -0.92 31.04 51.90
C VAL MB 112 -0.35 31.19 53.30
N ARG MB 113 -0.44 30.14 54.11
CA ARG MB 113 0.09 30.21 55.46
C ARG MB 113 1.60 30.42 55.44
N GLU MB 114 2.31 29.72 54.56
CA GLU MB 114 3.76 29.87 54.52
C GLU MB 114 4.15 31.29 54.12
N MET MB 115 3.53 31.82 53.05
CA MET MB 115 3.84 33.18 52.64
C MET MB 115 3.54 34.18 53.76
N TYR MB 116 2.36 34.07 54.36
CA TYR MB 116 1.95 35.07 55.33
C TYR MB 116 2.68 34.92 56.66
N ASN MB 117 3.10 33.70 57.02
CA ASN MB 117 3.96 33.55 58.18
C ASN MB 117 5.29 34.25 57.97
N SER MB 118 5.86 34.11 56.78
CA SER MB 118 7.10 34.83 56.48
C SER MB 118 6.88 36.33 56.48
N LEU MB 119 5.74 36.79 55.96
CA LEU MB 119 5.45 38.21 55.93
C LEU MB 119 5.16 38.77 57.32
N GLY MB 120 4.65 37.94 58.23
CA GLY MB 120 4.33 38.36 59.57
C GLY MB 120 2.87 38.71 59.81
N THR MB 121 2.06 38.75 58.76
CA THR MB 121 0.65 39.09 58.89
C THR MB 121 -0.12 37.96 59.57
N PRO MB 122 -1.15 38.29 60.37
CA PRO MB 122 -2.06 37.23 60.85
C PRO MB 122 -3.07 36.85 59.78
N ILE MB 123 -3.04 35.59 59.38
CA ILE MB 123 -3.91 35.11 58.31
C ILE MB 123 -5.39 35.16 58.71
N PRO MB 124 -5.78 35.00 59.99
CA PRO MB 124 -7.19 35.27 60.33
C PRO MB 124 -7.59 36.71 60.06
N ALA MB 125 -6.67 37.66 60.25
CA ALA MB 125 -6.98 39.05 59.92
C ALA MB 125 -7.16 39.23 58.42
N VAL MB 126 -6.34 38.54 57.62
CA VAL MB 126 -6.56 38.55 56.18
C VAL MB 126 -7.95 38.02 55.86
N ALA MB 127 -8.36 36.95 56.54
CA ALA MB 127 -9.68 36.38 56.31
C ALA MB 127 -10.78 37.37 56.66
N GLU MB 128 -10.60 38.15 57.73
CA GLU MB 128 -11.58 39.16 58.08
C GLU MB 128 -11.72 40.20 56.99
N GLY MB 129 -10.60 40.64 56.41
CA GLY MB 129 -10.68 41.57 55.29
C GLY MB 129 -11.43 41.00 54.12
N ILE MB 130 -11.19 39.73 53.78
CA ILE MB 130 -11.91 39.12 52.67
C ILE MB 130 -13.39 38.97 52.99
N ARG MB 131 -13.73 38.70 54.25
CA ARG MB 131 -15.13 38.67 54.66
C ARG MB 131 -15.80 40.01 54.40
N ALA MB 132 -15.12 41.11 54.74
CA ALA MB 132 -15.67 42.43 54.49
C ALA MB 132 -15.90 42.65 53.00
N MET MB 133 -14.96 42.18 52.17
CA MET MB 133 -15.14 42.27 50.72
C MET MB 133 -16.38 41.49 50.30
N LYS MB 134 -16.60 40.32 50.89
CA LYS MB 134 -17.78 39.53 50.56
C LYS MB 134 -19.05 40.28 50.89
N ASN MB 135 -19.09 40.97 52.03
CA ASN MB 135 -20.27 41.72 52.42
C ASN MB 135 -20.57 42.84 51.43
N VAL MB 136 -19.54 43.60 51.05
CA VAL MB 136 -19.74 44.70 50.11
C VAL MB 136 -20.20 44.16 48.76
N ALA MB 137 -19.57 43.09 48.29
CA ALA MB 137 -19.97 42.49 47.01
C ALA MB 137 -21.41 41.99 47.07
N CYS MB 138 -21.79 41.41 48.21
CA CYS MB 138 -23.18 40.98 48.38
C CYS MB 138 -24.14 42.16 48.22
N SER MB 139 -23.81 43.30 48.82
CA SER MB 139 -24.66 44.48 48.68
C SER MB 139 -24.75 44.91 47.22
N LEU MB 140 -23.65 44.80 46.47
CA LEU MB 140 -23.65 45.20 45.07
C LEU MB 140 -24.31 44.19 44.15
N LEU MB 141 -24.61 42.99 44.63
CA LEU MB 141 -25.22 41.96 43.81
C LEU MB 141 -26.66 41.72 44.25
N SER MB 142 -27.44 41.15 43.33
CA SER MB 142 -28.76 40.65 43.69
C SER MB 142 -28.63 39.41 44.56
N ALA MB 143 -29.75 39.01 45.17
CA ALA MB 143 -29.71 37.91 46.13
C ALA MB 143 -29.23 36.62 45.46
N GLU MB 144 -29.71 36.33 44.26
CA GLU MB 144 -29.22 35.17 43.52
C GLU MB 144 -27.74 35.32 43.21
N ASP MB 145 -27.37 36.45 42.59
CA ASP MB 145 -25.97 36.66 42.21
C ASP MB 145 -25.06 36.68 43.42
N ALA MB 146 -25.50 37.28 44.51
CA ALA MB 146 -24.67 37.34 45.71
C ALA MB 146 -24.39 35.94 46.26
N ALA MB 147 -25.34 35.02 46.12
CA ALA MB 147 -25.12 33.66 46.60
C ALA MB 147 -24.00 32.97 45.82
N GLU MB 148 -23.99 33.15 44.49
CA GLU MB 148 -22.96 32.50 43.68
C GLU MB 148 -21.58 33.04 44.01
N ALA MB 149 -21.44 34.37 44.05
CA ALA MB 149 -20.15 34.96 44.37
C ALA MB 149 -19.76 34.70 45.81
N GLY MB 150 -20.74 34.69 46.72
CA GLY MB 150 -20.45 34.47 48.12
C GLY MB 150 -19.79 33.14 48.39
N SER MB 151 -20.13 32.12 47.61
CA SER MB 151 -19.54 30.79 47.81
C SER MB 151 -18.04 30.82 47.58
N TYR MB 152 -17.59 31.50 46.53
CA TYR MB 152 -16.15 31.61 46.28
C TYR MB 152 -15.46 32.42 47.37
N PHE MB 153 -16.08 33.51 47.81
CA PHE MB 153 -15.53 34.24 48.95
C PHE MB 153 -15.46 33.34 50.18
N ASP MB 154 -16.47 32.50 50.38
CA ASP MB 154 -16.48 31.60 51.52
C ASP MB 154 -15.33 30.61 51.47
N PHE MB 155 -15.06 30.06 50.29
CA PHE MB 155 -13.92 29.16 50.15
C PHE MB 155 -12.63 29.88 50.52
N VAL MB 156 -12.47 31.12 50.07
CA VAL MB 156 -11.23 31.84 50.33
C VAL MB 156 -11.03 32.06 51.82
N ILE MB 157 -12.07 32.53 52.51
CA ILE MB 157 -11.92 32.81 53.93
C ILE MB 157 -11.69 31.53 54.71
N GLY MB 158 -12.39 30.45 54.34
CA GLY MB 158 -12.19 29.18 55.02
C GLY MB 158 -10.78 28.66 54.87
N ALA MB 159 -10.19 28.83 53.68
CA ALA MB 159 -8.81 28.42 53.48
C ALA MB 159 -7.84 29.29 54.27
N MET MB 160 -8.15 30.59 54.38
CA MET MB 160 -7.29 31.47 55.16
C MET MB 160 -7.19 31.01 56.61
N GLN MB 161 -8.33 30.72 57.23
CA GLN MB 161 -8.38 30.38 58.65
C GLN MB 161 -7.40 29.28 59.05
N MET NB 1 -2.61 21.45 33.31
CA MET NB 1 -3.84 21.35 32.52
C MET NB 1 -4.54 22.68 32.42
N GLN NB 2 -5.10 22.96 31.24
CA GLN NB 2 -5.79 24.22 31.00
C GLN NB 2 -7.01 24.00 30.12
N ASP NB 3 -7.90 24.98 30.17
CA ASP NB 3 -9.12 25.08 29.39
C ASP NB 3 -9.03 26.36 28.57
N ALA NB 4 -10.00 26.61 27.70
CA ALA NB 4 -10.06 27.91 27.05
C ALA NB 4 -10.32 29.00 28.08
N ILE NB 5 -11.27 28.77 29.00
CA ILE NB 5 -11.55 29.72 30.05
C ILE NB 5 -10.34 29.90 30.96
N THR NB 6 -9.73 28.77 31.35
CA THR NB 6 -8.57 28.84 32.24
C THR NB 6 -7.41 29.57 31.57
N ALA NB 7 -7.21 29.33 30.28
CA ALA NB 7 -6.15 30.04 29.56
C ALA NB 7 -6.42 31.53 29.53
N VAL NB 8 -7.67 31.93 29.27
CA VAL NB 8 -8.00 33.35 29.18
C VAL NB 8 -7.75 34.03 30.52
N ILE NB 9 -8.27 33.44 31.60
CA ILE NB 9 -8.11 34.07 32.91
C ILE NB 9 -6.66 34.02 33.36
N ASN NB 10 -5.91 33.00 32.94
CA ASN NB 10 -4.50 32.93 33.32
C ASN NB 10 -3.68 34.00 32.59
N ALA NB 11 -4.00 34.28 31.33
CA ALA NB 11 -3.33 35.36 30.63
C ALA NB 11 -3.62 36.70 31.30
N SER NB 12 -4.89 36.95 31.63
CA SER NB 12 -5.23 38.18 32.33
C SER NB 12 -4.55 38.23 33.70
N ASP NB 13 -4.43 37.08 34.36
CA ASP NB 13 -3.75 37.03 35.65
C ASP NB 13 -2.28 37.37 35.51
N VAL NB 14 -1.62 36.89 34.45
CA VAL NB 14 -0.21 37.21 34.24
C VAL NB 14 -0.04 38.71 34.08
N GLN NB 15 -0.92 39.35 33.31
CA GLN NB 15 -0.86 40.80 33.20
C GLN NB 15 -1.25 41.49 34.49
N GLY NB 16 -1.99 40.81 35.37
CA GLY NB 16 -2.41 41.42 36.63
C GLY NB 16 -3.66 42.25 36.55
N LYS NB 17 -4.47 42.08 35.51
CA LYS NB 17 -5.69 42.85 35.32
C LYS NB 17 -6.91 41.97 35.55
N TYR NB 18 -7.95 42.55 36.14
CA TYR NB 18 -9.25 41.91 36.11
C TYR NB 18 -9.67 41.67 34.66
N LEU NB 19 -10.57 40.71 34.47
CA LEU NB 19 -10.96 40.32 33.12
C LEU NB 19 -11.48 41.52 32.33
N ASP NB 20 -10.74 41.86 31.28
CA ASP NB 20 -11.08 42.96 30.40
C ASP NB 20 -12.27 42.59 29.52
N THR NB 21 -12.81 43.58 28.80
CA THR NB 21 -13.91 43.30 27.89
C THR NB 21 -13.48 42.38 26.75
N ALA NB 22 -12.24 42.51 26.29
CA ALA NB 22 -11.73 41.58 25.28
C ALA NB 22 -11.65 40.16 25.84
N ALA NB 23 -11.16 40.03 27.09
CA ALA NB 23 -11.13 38.73 27.73
C ALA NB 23 -12.54 38.17 27.89
N MET NB 24 -13.49 39.03 28.26
CA MET NB 24 -14.88 38.59 28.36
C MET NB 24 -15.42 38.12 27.02
N GLU NB 25 -15.01 38.77 25.94
CA GLU NB 25 -15.47 38.35 24.62
C GLU NB 25 -14.94 36.96 24.27
N LYS NB 26 -13.67 36.69 24.59
CA LYS NB 26 -13.16 35.33 24.40
C LYS NB 26 -13.96 34.32 25.21
N LEU NB 27 -14.18 34.62 26.49
CA LEU NB 27 -14.92 33.71 27.35
C LEU NB 27 -16.33 33.48 26.82
N LYS NB 28 -16.99 34.55 26.37
CA LYS NB 28 -18.34 34.42 25.83
C LYS NB 28 -18.35 33.54 24.58
N ALA NB 29 -17.32 33.68 23.74
CA ALA NB 29 -17.23 32.84 22.55
C ALA NB 29 -17.11 31.37 22.93
N TYR NB 30 -16.26 31.06 23.92
CA TYR NB 30 -16.13 29.67 24.35
C TYR NB 30 -17.44 29.12 24.88
N PHE NB 31 -18.16 29.93 25.66
CA PHE NB 31 -19.45 29.49 26.16
C PHE NB 31 -20.42 29.22 25.01
N ALA NB 32 -20.40 30.08 23.99
CA ALA NB 32 -21.29 29.86 22.85
C ALA NB 32 -20.98 28.55 22.15
N THR NB 33 -19.71 28.16 22.10
CA THR NB 33 -19.28 26.96 21.41
C THR NB 33 -19.34 25.71 22.28
N GLY NB 34 -19.57 25.86 23.58
CA GLY NB 34 -19.50 24.71 24.48
C GLY NB 34 -20.48 23.61 24.13
N GLU NB 35 -21.70 23.96 23.73
CA GLU NB 35 -22.69 22.95 23.40
C GLU NB 35 -22.24 22.09 22.22
N LEU NB 36 -21.70 22.74 21.19
CA LEU NB 36 -21.19 22.00 20.04
C LEU NB 36 -20.10 21.02 20.45
N ARG NB 37 -19.20 21.46 21.35
CA ARG NB 37 -18.16 20.57 21.85
C ARG NB 37 -18.76 19.37 22.57
N VAL NB 38 -19.76 19.60 23.42
CA VAL NB 38 -20.35 18.52 24.19
C VAL NB 38 -20.99 17.49 23.26
N ARG NB 39 -21.68 17.97 22.23
CA ARG NB 39 -22.28 17.06 21.25
C ARG NB 39 -21.21 16.18 20.61
N ALA NB 40 -20.14 16.78 20.12
CA ALA NB 40 -19.11 16.02 19.43
C ALA NB 40 -18.48 14.98 20.34
N ALA NB 41 -18.23 15.34 21.61
CA ALA NB 41 -17.69 14.38 22.55
C ALA NB 41 -18.64 13.21 22.76
N SER NB 42 -19.94 13.49 22.87
CA SER NB 42 -20.91 12.43 23.03
C SER NB 42 -20.87 11.47 21.84
N VAL NB 43 -20.61 11.99 20.65
CA VAL NB 43 -20.60 11.14 19.46
C VAL NB 43 -19.40 10.21 19.48
N ILE NB 44 -18.19 10.76 19.59
CA ILE NB 44 -17.02 9.91 19.44
C ILE NB 44 -16.81 8.99 20.64
N SER NB 45 -17.30 9.37 21.82
CA SER NB 45 -17.21 8.46 22.95
C SER NB 45 -17.99 7.18 22.69
N ALA NB 46 -19.14 7.30 22.03
CA ALA NB 46 -19.92 6.11 21.69
C ALA NB 46 -19.24 5.29 20.61
N ASN NB 47 -18.56 5.94 19.67
CA ASN NB 47 -17.97 5.26 18.53
C ASN NB 47 -16.46 5.09 18.65
N ALA NB 48 -15.91 5.20 19.87
CA ALA NB 48 -14.46 5.15 20.04
C ALA NB 48 -13.89 3.85 19.51
N ALA NB 49 -14.51 2.73 19.86
CA ALA NB 49 -14.03 1.43 19.39
C ALA NB 49 -14.10 1.33 17.87
N ASN NB 50 -15.18 1.82 17.28
CA ASN NB 50 -15.32 1.77 15.83
C ASN NB 50 -14.26 2.63 15.14
N ILE NB 51 -13.97 3.80 15.70
CA ILE NB 51 -12.97 4.68 15.10
C ILE NB 51 -11.61 3.99 15.09
N VAL NB 52 -11.23 3.38 16.21
CA VAL NB 52 -9.96 2.67 16.26
C VAL NB 52 -9.97 1.50 15.29
N LYS NB 53 -11.06 0.74 15.24
CA LYS NB 53 -11.12 -0.42 14.36
C LYS NB 53 -10.93 -0.01 12.90
N GLU NB 54 -11.65 1.03 12.45
CA GLU NB 54 -11.54 1.45 11.06
C GLU NB 54 -10.15 1.98 10.73
N ALA NB 55 -9.57 2.77 11.64
CA ALA NB 55 -8.24 3.32 11.37
C ALA NB 55 -7.20 2.20 11.27
N VAL NB 56 -7.25 1.25 12.19
CA VAL NB 56 -6.32 0.13 12.16
C VAL NB 56 -6.46 -0.65 10.86
N ALA NB 57 -7.71 -0.93 10.47
CA ALA NB 57 -7.94 -1.68 9.23
C ALA NB 57 -7.44 -0.91 8.02
N LYS NB 58 -7.66 0.41 8.00
CA LYS NB 58 -7.34 1.19 6.82
C LYS NB 58 -5.83 1.34 6.62
N SER NB 59 -5.06 1.43 7.70
CA SER NB 59 -3.64 1.74 7.55
C SER NB 59 -2.69 0.71 8.16
N LEU NB 60 -3.08 0.02 9.23
CA LEU NB 60 -2.14 -0.79 9.98
C LEU NB 60 -2.20 -2.27 9.67
N LEU NB 61 -3.19 -2.74 8.93
CA LEU NB 61 -3.40 -4.16 8.76
C LEU NB 61 -2.96 -4.63 7.38
N TYR NB 62 -2.75 -5.94 7.28
CA TYR NB 62 -2.34 -6.60 6.04
C TYR NB 62 -1.08 -5.96 5.47
N SER NB 63 -0.17 -5.60 6.38
CA SER NB 63 1.13 -5.05 6.03
C SER NB 63 2.18 -5.76 6.88
N ASP NB 64 3.44 -5.48 6.58
CA ASP NB 64 4.52 -6.14 7.31
C ASP NB 64 4.52 -5.79 8.79
N ILE NB 65 3.95 -4.64 9.17
CA ILE NB 65 3.96 -4.22 10.57
C ILE NB 65 3.21 -5.21 11.45
N THR NB 66 2.17 -5.84 10.92
CA THR NB 66 1.36 -6.77 11.69
C THR NB 66 1.55 -8.21 11.24
N ARG NB 67 2.70 -8.51 10.68
CA ARG NB 67 3.15 -9.84 10.29
C ARG NB 67 4.52 -10.07 10.88
N PRO NB 68 4.96 -11.34 11.05
CA PRO NB 68 6.08 -11.66 11.95
C PRO NB 68 7.25 -10.69 11.93
N GLY NB 69 7.60 -10.17 13.10
CA GLY NB 69 8.69 -9.23 13.24
C GLY NB 69 8.37 -7.81 12.81
N GLY NB 70 7.15 -7.35 13.01
CA GLY NB 70 6.75 -6.05 12.50
C GLY NB 70 6.40 -4.98 13.51
N MET NB 72 3.86 -4.83 15.36
CA MET NB 72 2.46 -5.01 15.72
C MET NB 72 2.13 -6.49 15.75
N TYR NB 73 2.99 -7.29 15.10
CA TYR NB 73 2.92 -8.73 15.28
C TYR NB 73 3.15 -9.07 16.74
N THR NB 74 2.60 -10.21 17.17
CA THR NB 74 2.46 -10.65 18.55
C THR NB 74 1.22 -10.01 19.16
N THR NB 75 0.38 -10.81 19.82
CA THR NB 75 -0.89 -10.30 20.34
C THR NB 75 -0.66 -9.23 21.40
N ARG NB 76 0.42 -9.35 22.18
CA ARG NB 76 0.71 -8.33 23.17
C ARG NB 76 0.92 -6.98 22.51
N ARG NB 77 1.67 -6.95 21.42
CA ARG NB 77 1.93 -5.69 20.74
C ARG NB 77 0.71 -5.17 19.99
N TYR NB 78 -0.11 -6.08 19.44
CA TYR NB 78 -1.34 -5.63 18.80
C TYR NB 78 -2.27 -4.97 19.81
N ALA NB 79 -2.39 -5.57 21.00
CA ALA NB 79 -3.19 -4.96 22.05
C ALA NB 79 -2.62 -3.61 22.44
N ALA NB 80 -1.30 -3.52 22.55
CA ALA NB 80 -0.68 -2.25 22.90
C ALA NB 80 -0.93 -1.20 21.82
N CYS NB 81 -0.89 -1.60 20.55
CA CYS NB 81 -1.08 -0.60 19.50
C CYS NB 81 -2.50 -0.05 19.52
N ILE NB 82 -3.50 -0.92 19.61
CA ILE NB 82 -4.87 -0.42 19.64
C ILE NB 82 -5.12 0.36 20.93
N ARG NB 83 -4.46 -0.01 22.03
CA ARG NB 83 -4.61 0.76 23.25
C ARG NB 83 -4.04 2.16 23.09
N ASP NB 84 -2.90 2.29 22.40
CA ASP NB 84 -2.36 3.62 22.16
C ASP NB 84 -3.29 4.45 21.29
N LEU NB 85 -3.94 3.82 20.31
CA LEU NB 85 -4.88 4.55 19.47
C LEU NB 85 -6.07 5.04 20.27
N ASP NB 86 -6.60 4.23 21.19
CA ASP NB 86 -7.67 4.74 22.05
C ASP NB 86 -7.16 5.83 22.98
N TYR NB 87 -5.92 5.72 23.45
CA TYR NB 87 -5.32 6.81 24.21
C TYR NB 87 -5.36 8.11 23.42
N TYR NB 88 -4.91 8.06 22.17
CA TYR NB 88 -4.87 9.25 21.34
C TYR NB 88 -6.26 9.84 21.14
N LEU NB 89 -7.23 8.98 20.83
CA LEU NB 89 -8.59 9.48 20.59
C LEU NB 89 -9.20 10.05 21.87
N ARG NB 90 -8.98 9.40 23.01
CA ARG NB 90 -9.54 9.88 24.26
C ARG NB 90 -8.96 11.24 24.65
N TYR NB 91 -7.64 11.40 24.53
CA TYR NB 91 -7.06 12.69 24.86
C TYR NB 91 -7.39 13.74 23.82
N ALA NB 92 -7.56 13.35 22.56
CA ALA NB 92 -7.97 14.30 21.55
C ALA NB 92 -9.36 14.86 21.86
N THR NB 93 -10.27 14.02 22.32
CA THR NB 93 -11.60 14.52 22.66
C THR NB 93 -11.58 15.30 23.96
N TYR NB 94 -10.67 14.98 24.88
CA TYR NB 94 -10.47 15.84 26.04
C TYR NB 94 -10.06 17.23 25.60
N ALA NB 95 -9.10 17.32 24.68
CA ALA NB 95 -8.63 18.61 24.20
C ALA NB 95 -9.73 19.34 23.44
N MET NB 96 -10.54 18.60 22.68
CA MET NB 96 -11.65 19.24 21.97
C MET NB 96 -12.67 19.81 22.94
N LEU NB 97 -13.01 19.06 23.98
CA LEU NB 97 -13.94 19.56 24.99
C LEU NB 97 -13.37 20.78 25.69
N ALA NB 98 -12.07 20.75 26.00
CA ALA NB 98 -11.46 21.88 26.68
C ALA NB 98 -11.33 23.09 25.77
N GLY NB 99 -11.15 22.88 24.48
CA GLY NB 99 -10.85 23.98 23.58
C GLY NB 99 -9.44 24.48 23.70
N ASP NB 100 -8.51 23.67 24.21
CA ASP NB 100 -7.13 24.04 24.42
C ASP NB 100 -6.25 22.83 24.18
N PRO NB 101 -5.09 23.00 23.54
CA PRO NB 101 -4.18 21.88 23.30
C PRO NB 101 -3.18 21.62 24.43
N SER NB 102 -3.28 22.39 25.53
CA SER NB 102 -2.38 22.19 26.65
C SER NB 102 -2.47 20.78 27.21
N ILE NB 103 -3.66 20.18 27.16
CA ILE NB 103 -3.82 18.80 27.60
C ILE NB 103 -2.89 17.89 26.81
N LEU NB 104 -2.90 18.02 25.49
CA LEU NB 104 -2.10 17.14 24.65
C LEU NB 104 -0.62 17.30 24.94
N ASP NB 105 -0.14 18.55 25.04
CA ASP NB 105 1.29 18.73 25.25
C ASP NB 105 1.71 18.32 26.65
N GLU NB 106 0.89 18.63 27.65
CA GLU NB 106 1.24 18.28 29.03
C GLU NB 106 1.19 16.77 29.24
N ARG NB 107 0.13 16.11 28.76
CA ARG NB 107 0.02 14.66 28.97
C ARG NB 107 0.58 13.92 27.77
N VAL NB 108 -0.11 13.97 26.63
CA VAL NB 108 0.15 12.99 25.57
C VAL NB 108 1.59 13.03 25.11
N LEU NB 109 2.10 14.23 24.83
CA LEU NB 109 3.33 14.40 24.08
C LEU NB 109 4.52 14.74 24.96
N ASN NB 110 4.51 14.36 26.22
CA ASN NB 110 5.68 14.59 27.08
C ASN NB 110 6.56 13.35 26.98
N GLY NB 111 7.57 13.41 26.12
CA GLY NB 111 8.48 12.30 25.97
C GLY NB 111 7.92 11.13 25.20
N LEU NB 112 6.74 11.27 24.60
CA LEU NB 112 6.18 10.21 23.78
C LEU NB 112 7.12 9.84 22.64
N LYS NB 113 7.72 10.85 22.02
CA LYS NB 113 8.83 10.67 21.09
C LYS NB 113 9.85 9.68 21.64
N GLU NB 114 10.36 9.99 22.85
CA GLU NB 114 11.44 9.19 23.42
C GLU NB 114 11.00 7.76 23.70
N THR NB 115 9.79 7.58 24.23
CA THR NB 115 9.32 6.22 24.51
C THR NB 115 9.26 5.40 23.24
N TYR NB 116 8.68 5.96 22.18
CA TYR NB 116 8.55 5.20 20.95
C TYR NB 116 9.90 4.88 20.34
N ASN NB 117 10.85 5.82 20.41
CA ASN NB 117 12.19 5.52 19.93
C ASN NB 117 12.82 4.38 20.71
N SER NB 118 12.66 4.39 22.04
CA SER NB 118 13.18 3.31 22.86
C SER NB 118 12.52 1.99 22.49
N LEU NB 119 11.19 1.97 22.46
CA LEU NB 119 10.45 0.74 22.23
C LEU NB 119 10.69 0.16 20.85
N GLY NB 120 11.09 0.98 19.89
CA GLY NB 120 11.16 0.55 18.51
C GLY NB 120 9.89 0.74 17.74
N VAL NB 121 8.90 1.41 18.32
CA VAL NB 121 7.65 1.68 17.61
C VAL NB 121 7.93 2.59 16.43
N PRO NB 122 7.39 2.31 15.25
CA PRO NB 122 7.57 3.24 14.13
C PRO NB 122 6.71 4.48 14.27
N ILE NB 123 7.37 5.63 14.50
CA ILE NB 123 6.67 6.89 14.64
C ILE NB 123 5.81 7.17 13.40
N ALA NB 124 6.36 6.89 12.22
CA ALA NB 124 5.62 7.17 10.99
C ALA NB 124 4.35 6.35 10.89
N ALA NB 125 4.41 5.08 11.30
CA ALA NB 125 3.22 4.24 11.25
C ALA NB 125 2.17 4.72 12.24
N THR NB 126 2.58 5.16 13.43
CA THR NB 126 1.62 5.71 14.38
C THR NB 126 0.97 6.97 13.81
N VAL NB 127 1.77 7.82 13.16
CA VAL NB 127 1.24 9.05 12.59
C VAL NB 127 0.24 8.74 11.49
N GLN NB 128 0.55 7.75 10.65
CA GLN NB 128 -0.42 7.31 9.64
C GLN NB 128 -1.70 6.83 10.29
N ALA NB 129 -1.57 6.05 11.37
CA ALA NB 129 -2.76 5.48 12.02
C ALA NB 129 -3.65 6.58 12.59
N ILE NB 130 -3.06 7.54 13.30
CA ILE NB 130 -3.88 8.60 13.87
C ILE NB 130 -4.40 9.54 12.80
N GLN NB 131 -3.71 9.63 11.66
CA GLN NB 131 -4.28 10.34 10.52
C GLN NB 131 -5.57 9.67 10.06
N ALA NB 132 -5.57 8.33 9.99
CA ALA NB 132 -6.78 7.60 9.64
C ALA NB 132 -7.86 7.82 10.69
N MET NB 133 -7.47 7.82 11.97
CA MET NB 133 -8.43 8.15 13.02
C MET NB 133 -9.04 9.52 12.79
N LYS NB 134 -8.21 10.49 12.39
CA LYS NB 134 -8.71 11.83 12.15
C LYS NB 134 -9.76 11.84 11.06
N GLU NB 135 -9.53 11.10 9.98
CA GLU NB 135 -10.51 11.04 8.90
C GLU NB 135 -11.84 10.47 9.39
N VAL NB 136 -11.79 9.36 10.12
CA VAL NB 136 -13.01 8.71 10.58
C VAL NB 136 -13.75 9.59 11.58
N THR NB 137 -13.04 10.15 12.55
CA THR NB 137 -13.70 10.93 13.58
C THR NB 137 -14.25 12.23 13.03
N ALA NB 138 -13.58 12.83 12.04
CA ALA NB 138 -14.11 14.02 11.41
C ALA NB 138 -15.43 13.73 10.72
N SER NB 139 -15.51 12.60 10.02
CA SER NB 139 -16.76 12.24 9.36
C SER NB 139 -17.88 12.03 10.37
N LEU NB 140 -17.56 11.43 11.52
CA LEU NB 140 -18.59 11.16 12.52
C LEU NB 140 -19.11 12.44 13.15
N VAL NB 141 -18.21 13.33 13.59
CA VAL NB 141 -18.64 14.52 14.31
C VAL NB 141 -19.12 15.64 13.41
N GLY NB 142 -18.89 15.54 12.11
CA GLY NB 142 -19.26 16.60 11.19
C GLY NB 142 -18.09 17.50 10.86
N ALA NB 143 -18.33 18.39 9.90
CA ALA NB 143 -17.24 19.20 9.35
C ALA NB 143 -16.70 20.19 10.38
N ASP NB 144 -17.59 20.96 11.02
CA ASP NB 144 -17.13 22.00 11.93
C ASP NB 144 -16.48 21.41 13.17
N ALA NB 145 -17.07 20.35 13.73
CA ALA NB 145 -16.41 19.68 14.85
C ALA NB 145 -15.20 18.88 14.39
N GLY NB 146 -15.24 18.38 13.16
CA GLY NB 146 -14.11 17.60 12.65
C GLY NB 146 -12.85 18.43 12.50
N LYS NB 147 -12.99 19.65 11.99
CA LYS NB 147 -11.85 20.55 11.92
C LYS NB 147 -11.36 20.98 13.30
N GLU NB 148 -12.15 20.77 14.34
CA GLU NB 148 -11.66 20.95 15.70
C GLU NB 148 -10.95 19.70 16.20
N MET NB 149 -11.51 18.52 15.95
CA MET NB 149 -10.78 17.29 16.25
C MET NB 149 -9.54 17.18 15.38
N GLY NB 150 -9.60 17.72 14.16
CA GLY NB 150 -8.47 17.59 13.26
C GLY NB 150 -7.22 18.29 13.76
N ILE NB 151 -7.37 19.51 14.30
CA ILE NB 151 -6.19 20.25 14.75
C ILE NB 151 -5.52 19.52 15.91
N TYR NB 152 -6.31 18.93 16.81
CA TYR NB 152 -5.72 18.23 17.94
C TYR NB 152 -5.05 16.94 17.50
N PHE NB 153 -5.64 16.24 16.54
CA PHE NB 153 -4.98 15.06 16.00
C PHE NB 153 -3.68 15.43 15.31
N ASP NB 154 -3.68 16.53 14.55
CA ASP NB 154 -2.45 16.95 13.88
C ASP NB 154 -1.40 17.44 14.87
N TYR NB 155 -1.83 18.03 15.99
CA TYR NB 155 -0.89 18.39 17.04
C TYR NB 155 -0.20 17.15 17.59
N ILE NB 156 -0.95 16.08 17.79
CA ILE NB 156 -0.36 14.81 18.22
C ILE NB 156 0.60 14.28 17.17
N CYS NB 157 0.22 14.37 15.90
CA CYS NB 157 1.11 13.93 14.82
C CYS NB 157 2.42 14.69 14.85
N SER NB 158 2.35 16.01 15.01
CA SER NB 158 3.57 16.82 15.02
C SER NB 158 4.45 16.48 16.21
N GLY NB 159 3.85 16.25 17.37
CA GLY NB 159 4.64 15.83 18.52
C GLY NB 159 5.35 14.51 18.28
N LEU NB 160 4.65 13.54 17.69
CA LEU NB 160 5.28 12.27 17.36
C LEU NB 160 6.42 12.46 16.37
N SER NB 161 6.20 13.28 15.35
CA SER NB 161 7.22 13.53 14.34
C SER NB 161 8.19 14.63 14.78
N SER OB 2 11.51 -21.36 27.94
CA SER OB 2 11.96 -22.72 28.20
C SER OB 2 12.18 -22.95 29.69
N VAL OB 3 12.36 -24.22 30.04
CA VAL OB 3 12.60 -24.57 31.44
C VAL OB 3 13.91 -23.98 31.92
N VAL OB 4 14.94 -24.01 31.08
CA VAL OB 4 16.25 -23.49 31.47
C VAL OB 4 16.16 -22.01 31.79
N THR OB 5 15.52 -21.23 30.92
CA THR OB 5 15.45 -19.79 31.17
C THR OB 5 14.55 -19.47 32.36
N LYS OB 6 13.48 -20.24 32.57
CA LYS OB 6 12.66 -20.01 33.75
C LYS OB 6 13.45 -20.27 35.03
N SER OB 7 14.20 -21.37 35.05
CA SER OB 7 14.99 -21.68 36.24
C SER OB 7 16.03 -20.59 36.51
N ILE OB 8 16.69 -20.11 35.46
CA ILE OB 8 17.69 -19.07 35.63
C ILE OB 8 17.06 -17.79 36.14
N VAL OB 9 15.88 -17.45 35.62
CA VAL OB 9 15.19 -16.24 36.07
C VAL OB 9 14.82 -16.35 37.54
N ASN OB 10 14.20 -17.47 37.92
CA ASN OB 10 13.78 -17.65 39.31
C ASN OB 10 14.98 -17.64 40.25
N ALA OB 11 16.13 -18.17 39.81
CA ALA OB 11 17.31 -18.18 40.66
C ALA OB 11 17.99 -16.82 40.72
N ASP OB 12 17.98 -16.08 39.61
CA ASP OB 12 18.61 -14.76 39.61
C ASP OB 12 17.89 -13.81 40.55
N ALA OB 13 16.56 -13.92 40.62
CA ALA OB 13 15.81 -13.03 41.50
C ALA OB 13 16.19 -13.24 42.96
N GLU OB 14 16.37 -14.49 43.37
CA GLU OB 14 16.80 -14.80 44.73
C GLU OB 14 18.32 -14.77 44.88
N ALA OB 15 19.04 -14.45 43.82
CA ALA OB 15 20.50 -14.35 43.85
C ALA OB 15 21.14 -15.65 44.33
N ARG OB 16 20.62 -16.77 43.84
CA ARG OB 16 21.07 -18.08 44.25
C ARG OB 16 21.53 -18.84 43.02
N TYR OB 17 22.73 -19.42 43.08
CA TYR OB 17 23.13 -20.37 42.05
C TYR OB 17 22.08 -21.46 41.94
N LEU OB 18 21.93 -22.01 40.74
CA LEU OB 18 20.89 -23.02 40.51
C LEU OB 18 21.00 -24.14 41.54
N SER OB 19 19.95 -24.30 42.33
CA SER OB 19 19.90 -25.37 43.31
C SER OB 19 19.80 -26.71 42.59
N PRO OB 20 20.20 -27.81 43.26
CA PRO OB 20 20.07 -29.13 42.62
C PRO OB 20 18.65 -29.45 42.23
N GLY OB 21 17.66 -28.92 42.95
CA GLY OB 21 16.28 -29.15 42.57
C GLY OB 21 15.95 -28.60 41.19
N GLU OB 22 16.56 -27.47 40.83
CA GLU OB 22 16.36 -26.93 39.48
C GLU OB 22 17.29 -27.59 38.47
N LEU OB 23 18.50 -27.93 38.89
CA LEU OB 23 19.47 -28.53 37.96
C LEU OB 23 18.97 -29.87 37.43
N ASP OB 24 18.34 -30.67 38.29
CA ASP OB 24 17.79 -31.93 37.79
C ASP OB 24 16.63 -31.69 36.83
N ARG OB 25 15.83 -30.65 37.07
CA ARG OB 25 14.74 -30.33 36.16
C ARG OB 25 15.26 -30.07 34.76
N ILE OB 26 16.29 -29.21 34.64
CA ILE OB 26 16.82 -28.92 33.32
C ILE OB 26 17.49 -30.16 32.73
N LYS OB 27 18.07 -31.01 33.58
CA LYS OB 27 18.67 -32.24 33.07
C LYS OB 27 17.60 -33.16 32.47
N ASN OB 28 16.45 -33.26 33.14
CA ASN OB 28 15.35 -34.06 32.61
C ASN OB 28 14.91 -33.52 31.25
N PHE OB 29 14.69 -32.21 31.15
CA PHE OB 29 14.26 -31.61 29.90
C PHE OB 29 15.29 -31.85 28.80
N VAL OB 30 16.58 -31.73 29.15
CA VAL OB 30 17.63 -32.02 28.18
C VAL OB 30 17.53 -33.45 27.67
N SER OB 31 17.28 -34.40 28.57
CA SER OB 31 17.26 -35.81 28.17
C SER OB 31 16.12 -36.10 27.20
N THR OB 32 14.95 -35.52 27.43
CA THR OB 32 13.81 -35.77 26.56
C THR OB 32 13.78 -34.83 25.35
N GLY OB 33 14.82 -34.03 25.15
CA GLY OB 33 14.85 -33.11 24.03
C GLY OB 33 14.69 -33.77 22.68
N GLU OB 34 15.28 -34.94 22.49
CA GLU OB 34 15.20 -35.60 21.18
C GLU OB 34 13.75 -35.95 20.83
N ARG OB 35 13.00 -36.47 21.80
CA ARG OB 35 11.60 -36.76 21.55
C ARG OB 35 10.83 -35.48 21.24
N ARG OB 36 11.11 -34.40 21.98
CA ARG OB 36 10.43 -33.14 21.72
C ARG OB 36 10.70 -32.64 20.31
N LEU OB 37 11.96 -32.70 19.88
CA LEU OB 37 12.30 -32.28 18.52
C LEU OB 37 11.59 -33.14 17.49
N ARG OB 38 11.46 -34.45 17.77
CA ARG OB 38 10.77 -35.33 16.84
C ARG OB 38 9.30 -34.94 16.68
N ILE OB 39 8.64 -34.64 17.79
CA ILE OB 39 7.24 -34.22 17.73
C ILE OB 39 7.10 -32.96 16.91
N ALA OB 40 7.95 -31.98 17.17
CA ALA OB 40 7.88 -30.72 16.43
C ALA OB 40 8.19 -30.93 14.95
N GLN OB 41 9.14 -31.82 14.64
CA GLN OB 41 9.46 -32.10 13.25
C GLN OB 41 8.26 -32.69 12.52
N THR OB 42 7.54 -33.60 13.17
CA THR OB 42 6.34 -34.16 12.56
C THR OB 42 5.32 -33.06 12.29
N LEU OB 43 5.11 -32.17 13.27
CA LEU OB 43 4.11 -31.12 13.10
C LEU OB 43 4.49 -30.18 11.95
N THR OB 44 5.76 -29.80 11.86
CA THR OB 44 6.13 -28.88 10.78
C THR OB 44 6.12 -29.56 9.42
N GLU OB 45 6.43 -30.85 9.36
CA GLU OB 45 6.28 -31.59 8.11
C GLU OB 45 4.86 -31.50 7.60
N ASN OB 46 3.90 -31.81 8.45
CA ASN OB 46 2.49 -31.82 8.08
C ASN OB 46 1.79 -30.52 8.44
N ARG OB 47 2.54 -29.41 8.43
CA ARG OB 47 1.95 -28.09 8.63
C ARG OB 47 0.71 -27.89 7.78
N GLU OB 48 0.84 -28.09 6.47
CA GLU OB 48 -0.22 -27.67 5.56
C GLU OB 48 -1.43 -28.60 5.65
N ARG OB 49 -1.21 -29.90 5.88
CA ARG OB 49 -2.34 -30.80 6.04
C ARG OB 49 -3.11 -30.50 7.32
N ILE OB 50 -2.40 -30.27 8.42
CA ILE OB 50 -3.08 -29.99 9.69
C ILE OB 50 -3.94 -28.76 9.56
N VAL OB 51 -3.37 -27.67 9.03
CA VAL OB 51 -4.12 -26.41 8.92
C VAL OB 51 -5.31 -26.59 8.00
N LYS OB 52 -5.10 -27.22 6.83
CA LYS OB 52 -6.18 -27.33 5.85
C LYS OB 52 -7.36 -28.10 6.41
N GLN OB 53 -7.13 -29.33 6.89
CA GLN OB 53 -8.27 -30.14 7.30
C GLN OB 53 -8.85 -29.71 8.62
N ALA OB 54 -8.03 -29.17 9.54
CA ALA OB 54 -8.59 -28.62 10.77
C ALA OB 54 -9.46 -27.42 10.49
N GLY OB 55 -9.04 -26.56 9.55
CA GLY OB 55 -9.89 -25.45 9.16
C GLY OB 55 -11.19 -25.91 8.55
N ASP OB 56 -11.15 -26.97 7.76
CA ASP OB 56 -12.39 -27.52 7.21
C ASP OB 56 -13.31 -28.03 8.32
N GLN OB 57 -12.75 -28.68 9.32
CA GLN OB 57 -13.55 -29.10 10.47
C GLN OB 57 -14.15 -27.91 11.20
N LEU OB 58 -13.35 -26.85 11.39
CA LEU OB 58 -13.84 -25.67 12.08
C LEU OB 58 -15.00 -25.05 11.33
N PHE OB 59 -14.87 -24.93 10.01
CA PHE OB 59 -15.95 -24.33 9.22
C PHE OB 59 -17.19 -25.23 9.20
N GLN OB 60 -16.99 -26.54 9.29
CA GLN OB 60 -18.12 -27.45 9.36
C GLN OB 60 -18.88 -27.28 10.67
N LYS OB 61 -18.16 -27.11 11.78
CA LYS OB 61 -18.80 -26.91 13.08
C LYS OB 61 -19.30 -25.49 13.28
N ARG OB 62 -18.76 -24.52 12.55
CA ARG OB 62 -19.19 -23.12 12.64
C ARG OB 62 -19.43 -22.60 11.23
N PRO OB 63 -20.51 -23.04 10.58
CA PRO OB 63 -20.81 -22.51 9.24
C PRO OB 63 -21.05 -21.01 9.24
N ASP OB 64 -21.49 -20.45 10.37
CA ASP OB 64 -21.70 -19.00 10.45
C ASP OB 64 -20.39 -18.24 10.19
N VAL OB 65 -19.26 -18.85 10.52
CA VAL OB 65 -17.99 -18.15 10.40
C VAL OB 65 -17.61 -17.92 8.94
N VAL OB 66 -17.92 -18.89 8.07
CA VAL OB 66 -17.64 -18.74 6.64
C VAL OB 66 -18.88 -18.35 5.86
N SER OB 67 -20.03 -18.24 6.51
CA SER OB 67 -21.22 -17.74 5.85
C SER OB 67 -21.06 -16.24 5.59
N PRO OB 68 -21.83 -15.71 4.63
CA PRO OB 68 -21.77 -14.26 4.39
C PRO OB 68 -22.15 -13.48 5.64
N GLY OB 69 -21.45 -12.38 5.85
CA GLY OB 69 -21.56 -11.63 7.09
C GLY OB 69 -20.70 -12.16 8.22
N GLY OB 70 -20.12 -13.34 8.07
CA GLY OB 70 -19.17 -13.83 9.05
C GLY OB 70 -17.82 -13.18 8.90
N ASN OB 71 -17.01 -13.31 9.96
CA ASN OB 71 -15.70 -12.68 9.97
C ASN OB 71 -14.85 -13.18 8.81
N ALA OB 72 -14.75 -14.50 8.66
CA ALA OB 72 -13.95 -15.10 7.60
C ALA OB 72 -14.84 -15.49 6.43
N TYR OB 73 -15.33 -14.47 5.72
CA TYR OB 73 -16.16 -14.67 4.55
C TYR OB 73 -15.39 -14.25 3.30
N GLY OB 74 -15.34 -15.14 2.32
CA GLY OB 74 -14.63 -14.87 1.09
C GLY OB 74 -13.27 -15.55 1.04
N GLU OB 75 -12.67 -15.50 -0.14
CA GLU OB 75 -11.43 -16.23 -0.38
C GLU OB 75 -10.30 -15.71 0.50
N GLU OB 76 -10.06 -14.40 0.48
CA GLU OB 76 -8.94 -13.86 1.25
C GLU OB 76 -9.22 -13.92 2.74
N MET OB 77 -10.46 -13.65 3.16
CA MET OB 77 -10.76 -13.64 4.59
C MET OB 77 -10.60 -15.03 5.19
N THR OB 78 -11.10 -16.07 4.51
CA THR OB 78 -10.91 -17.42 5.03
C THR OB 78 -9.43 -17.77 5.08
N ALA OB 79 -8.64 -17.25 4.15
CA ALA OB 79 -7.21 -17.53 4.18
C ALA OB 79 -6.53 -16.86 5.38
N THR OB 80 -6.98 -15.66 5.77
CA THR OB 80 -6.43 -15.06 6.98
C THR OB 80 -6.82 -15.85 8.22
N CYS OB 81 -8.04 -16.39 8.26
CA CYS OB 81 -8.42 -17.21 9.40
C CYS OB 81 -7.53 -18.44 9.50
N LEU OB 82 -7.30 -19.10 8.37
CA LEU OB 82 -6.38 -20.24 8.35
C LEU OB 82 -4.96 -19.81 8.68
N ARG OB 83 -4.58 -18.58 8.31
CA ARG OB 83 -3.26 -18.09 8.65
C ARG OB 83 -3.09 -17.97 10.16
N ASP OB 84 -4.13 -17.52 10.86
CA ASP OB 84 -4.06 -17.49 12.32
C ASP OB 84 -3.89 -18.89 12.89
N LEU OB 85 -4.62 -19.87 12.36
CA LEU OB 85 -4.43 -21.24 12.80
C LEU OB 85 -3.00 -21.70 12.53
N ASP OB 86 -2.44 -21.30 11.39
CA ASP OB 86 -1.07 -21.63 11.07
C ASP OB 86 -0.10 -21.00 12.07
N TYR OB 87 -0.37 -19.74 12.45
CA TYR OB 87 0.47 -19.09 13.44
C TYR OB 87 0.46 -19.86 14.76
N TYR OB 88 -0.72 -20.31 15.19
CA TYR OB 88 -0.80 -21.01 16.46
C TYR OB 88 -0.12 -22.37 16.39
N LEU OB 89 -0.20 -23.05 15.24
CA LEU OB 89 0.56 -24.29 15.09
C LEU OB 89 2.04 -24.02 15.21
N ARG OB 90 2.52 -22.95 14.59
CA ARG OB 90 3.93 -22.60 14.69
C ARG OB 90 4.32 -22.31 16.13
N LEU OB 91 3.47 -21.58 16.86
CA LEU OB 91 3.74 -21.33 18.27
C LEU OB 91 3.76 -22.62 19.07
N VAL OB 92 2.89 -23.57 18.71
CA VAL OB 92 2.84 -24.84 19.42
C VAL OB 92 4.13 -25.63 19.22
N THR OB 93 4.67 -25.63 18.00
CA THR OB 93 5.95 -26.31 17.79
C THR OB 93 7.06 -25.63 18.58
N TYR OB 94 7.05 -24.29 18.63
CA TYR OB 94 8.02 -23.58 19.46
C TYR OB 94 7.89 -24.02 20.91
N GLY OB 95 6.66 -24.10 21.42
CA GLY OB 95 6.47 -24.49 22.80
C GLY OB 95 6.91 -25.90 23.08
N ILE OB 96 6.68 -26.81 22.12
CA ILE OB 96 7.08 -28.20 22.30
C ILE OB 96 8.59 -28.32 22.45
N VAL OB 97 9.34 -27.70 21.54
CA VAL OB 97 10.79 -27.80 21.65
C VAL OB 97 11.30 -27.02 22.85
N ALA OB 98 10.62 -25.93 23.22
CA ALA OB 98 11.07 -25.16 24.38
C ALA OB 98 10.87 -25.93 25.68
N GLY OB 99 9.87 -26.80 25.73
CA GLY OB 99 9.59 -27.56 26.93
C GLY OB 99 8.72 -26.85 27.94
N ASP OB 100 8.28 -25.63 27.67
CA ASP OB 100 7.30 -24.96 28.50
C ASP OB 100 6.40 -24.12 27.61
N VAL OB 101 5.44 -23.43 28.20
CA VAL OB 101 4.46 -22.66 27.45
C VAL OB 101 4.83 -21.19 27.34
N THR OB 102 6.02 -20.81 27.80
CA THR OB 102 6.43 -19.41 27.77
C THR OB 102 6.44 -18.81 26.37
N PRO OB 103 7.03 -19.45 25.35
CA PRO OB 103 6.96 -18.85 24.00
C PRO OB 103 5.55 -18.69 23.49
N ILE OB 104 4.69 -19.68 23.70
CA ILE OB 104 3.30 -19.57 23.26
C ILE OB 104 2.62 -18.41 23.97
N GLU OB 105 2.80 -18.32 25.29
CA GLU OB 105 2.15 -17.27 26.07
C GLU OB 105 2.54 -15.90 25.58
N GLU OB 106 3.85 -15.63 25.48
CA GLU OB 106 4.30 -14.29 25.15
C GLU OB 106 3.97 -13.93 23.71
N ILE OB 107 4.21 -14.84 22.78
CA ILE OB 107 4.04 -14.51 21.36
C ILE OB 107 2.57 -14.37 21.01
N GLY OB 108 1.70 -15.18 21.61
CA GLY OB 108 0.33 -15.17 21.11
C GLY OB 108 -0.85 -15.36 22.06
N LEU OB 109 -0.65 -15.24 23.37
CA LEU OB 109 -1.80 -15.37 24.28
C LEU OB 109 -1.93 -14.23 25.28
N VAL OB 110 -1.07 -13.22 25.22
CA VAL OB 110 -1.20 -12.04 26.08
C VAL OB 110 -2.02 -11.00 25.31
N GLY OB 111 -3.25 -10.78 25.74
CA GLY OB 111 -4.12 -9.86 25.04
C GLY OB 111 -4.77 -10.42 23.79
N VAL OB 112 -4.87 -11.75 23.69
CA VAL OB 112 -5.48 -12.35 22.51
C VAL OB 112 -6.93 -11.93 22.39
N ARG OB 113 -7.63 -11.81 23.54
CA ARG OB 113 -9.02 -11.37 23.51
C ARG OB 113 -9.13 -9.92 23.03
N GLU OB 114 -8.21 -9.05 23.48
CA GLU OB 114 -8.25 -7.67 23.05
C GLU OB 114 -8.03 -7.56 21.54
N MET OB 115 -7.05 -8.29 21.01
CA MET OB 115 -6.80 -8.26 19.58
C MET OB 115 -8.00 -8.75 18.80
N TYR OB 116 -8.56 -9.90 19.19
CA TYR OB 116 -9.66 -10.47 18.42
C TYR OB 116 -10.92 -9.64 18.53
N ASN OB 117 -11.16 -8.99 19.67
CA ASN OB 117 -12.33 -8.13 19.77
C ASN OB 117 -12.15 -6.86 18.96
N SER OB 118 -10.93 -6.35 18.83
CA SER OB 118 -10.69 -5.26 17.90
C SER OB 118 -10.97 -5.69 16.47
N LEU OB 119 -10.55 -6.90 16.12
CA LEU OB 119 -10.80 -7.41 14.77
C LEU OB 119 -12.27 -7.74 14.54
N GLY OB 120 -13.03 -7.97 15.60
CA GLY OB 120 -14.40 -8.45 15.47
C GLY OB 120 -14.54 -9.95 15.39
N THR OB 121 -13.46 -10.69 15.51
CA THR OB 121 -13.44 -12.15 15.42
C THR OB 121 -13.99 -12.78 16.70
N PRO OB 122 -14.67 -13.92 16.59
CA PRO OB 122 -15.13 -14.64 17.80
C PRO OB 122 -14.02 -15.51 18.39
N ILE OB 123 -13.65 -15.21 19.64
CA ILE OB 123 -12.64 -16.01 20.32
C ILE OB 123 -13.05 -17.48 20.49
N PRO OB 124 -14.30 -17.83 20.83
CA PRO OB 124 -14.60 -19.26 20.98
C PRO OB 124 -14.44 -20.03 19.68
N ALA OB 125 -14.72 -19.41 18.54
CA ALA OB 125 -14.55 -20.09 17.27
C ALA OB 125 -13.07 -20.31 16.95
N VAL OB 126 -12.21 -19.35 17.32
CA VAL OB 126 -10.77 -19.59 17.20
C VAL OB 126 -10.37 -20.77 18.07
N ALA OB 127 -10.95 -20.86 19.27
CA ALA OB 127 -10.64 -21.98 20.15
C ALA OB 127 -11.04 -23.30 19.52
N GLU OB 128 -12.20 -23.36 18.87
CA GLU OB 128 -12.62 -24.61 18.26
C GLU OB 128 -11.71 -24.98 17.09
N GLY OB 129 -11.23 -23.97 16.35
CA GLY OB 129 -10.27 -24.25 15.29
C GLY OB 129 -9.00 -24.89 15.82
N ILE OB 130 -8.49 -24.37 16.94
CA ILE OB 130 -7.29 -24.95 17.54
C ILE OB 130 -7.59 -26.35 18.08
N ARG OB 131 -8.82 -26.58 18.57
CA ARG OB 131 -9.18 -27.92 18.99
C ARG OB 131 -9.12 -28.89 17.82
N ALA OB 132 -9.63 -28.49 16.66
CA ALA OB 132 -9.54 -29.33 15.47
C ALA OB 132 -8.09 -29.62 15.10
N MET OB 133 -7.23 -28.60 15.21
CA MET OB 133 -5.81 -28.81 14.95
C MET OB 133 -5.23 -29.83 15.92
N LYS OB 134 -5.63 -29.75 17.19
CA LYS OB 134 -5.13 -30.71 18.18
C LYS OB 134 -5.51 -32.13 17.81
N ASN OB 135 -6.76 -32.33 17.37
CA ASN OB 135 -7.20 -33.67 16.97
C ASN OB 135 -6.37 -34.19 15.81
N VAL OB 136 -6.16 -33.36 14.79
CA VAL OB 136 -5.41 -33.79 13.61
C VAL OB 136 -3.96 -34.09 13.99
N ALA OB 137 -3.35 -33.22 14.79
CA ALA OB 137 -1.96 -33.42 15.20
C ALA OB 137 -1.79 -34.69 16.01
N CYS OB 138 -2.74 -34.95 16.92
CA CYS OB 138 -2.69 -36.20 17.68
C CYS OB 138 -2.79 -37.41 16.77
N SER OB 139 -3.61 -37.32 15.72
CA SER OB 139 -3.68 -38.42 14.77
C SER OB 139 -2.36 -38.64 14.05
N LEU OB 140 -1.57 -37.58 13.88
CA LEU OB 140 -0.26 -37.72 13.24
C LEU OB 140 0.85 -38.09 14.21
N LEU OB 141 0.56 -38.18 15.51
CA LEU OB 141 1.55 -38.56 16.49
C LEU OB 141 1.18 -39.90 17.13
N SER OB 142 2.17 -40.55 17.73
CA SER OB 142 1.91 -41.71 18.56
C SER OB 142 1.30 -41.28 19.88
N ALA OB 143 0.76 -42.26 20.63
CA ALA OB 143 -0.07 -41.94 21.78
C ALA OB 143 0.69 -41.13 22.82
N GLU OB 144 1.92 -41.56 23.15
CA GLU OB 144 2.72 -40.79 24.10
C GLU OB 144 3.12 -39.44 23.51
N ASP OB 145 3.55 -39.43 22.25
CA ASP OB 145 3.92 -38.17 21.60
C ASP OB 145 2.72 -37.24 21.51
N ALA OB 146 1.55 -37.79 21.18
CA ALA OB 146 0.36 -36.97 20.99
C ALA OB 146 -0.06 -36.30 22.30
N ALA OB 147 -0.04 -37.04 23.40
CA ALA OB 147 -0.50 -36.47 24.67
C ALA OB 147 0.49 -35.44 25.20
N GLU OB 148 1.77 -35.58 24.88
CA GLU OB 148 2.75 -34.59 25.31
C GLU OB 148 2.53 -33.25 24.59
N ALA OB 149 2.23 -33.30 23.29
CA ALA OB 149 1.95 -32.09 22.53
C ALA OB 149 0.54 -31.57 22.77
N GLY OB 150 -0.41 -32.48 23.01
CA GLY OB 150 -1.78 -32.06 23.20
C GLY OB 150 -1.96 -31.12 24.38
N SER OB 151 -1.05 -31.17 25.35
CA SER OB 151 -1.13 -30.26 26.48
C SER OB 151 -0.84 -28.83 26.06
N TYR OB 152 0.12 -28.63 25.15
CA TYR OB 152 0.36 -27.29 24.62
C TYR OB 152 -0.85 -26.79 23.86
N PHE OB 153 -1.46 -27.65 23.03
CA PHE OB 153 -2.72 -27.28 22.40
C PHE OB 153 -3.77 -26.94 23.45
N ASP OB 154 -3.81 -27.71 24.54
CA ASP OB 154 -4.80 -27.49 25.58
C ASP OB 154 -4.61 -26.14 26.25
N PHE OB 155 -3.36 -25.75 26.49
CA PHE OB 155 -3.10 -24.43 27.04
C PHE OB 155 -3.60 -23.34 26.12
N VAL OB 156 -3.40 -23.50 24.81
CA VAL OB 156 -3.82 -22.49 23.85
C VAL OB 156 -5.34 -22.34 23.88
N ILE OB 157 -6.07 -23.46 23.83
CA ILE OB 157 -7.52 -23.36 23.81
C ILE OB 157 -8.04 -22.82 25.13
N GLY OB 158 -7.42 -23.20 26.24
CA GLY OB 158 -7.84 -22.67 27.53
C GLY OB 158 -7.69 -21.17 27.61
N ALA OB 159 -6.60 -20.63 27.07
CA ALA OB 159 -6.44 -19.19 27.03
C ALA OB 159 -7.44 -18.53 26.08
N MET OB 160 -7.77 -19.21 24.98
CA MET OB 160 -8.73 -18.65 24.04
C MET OB 160 -10.09 -18.45 24.69
N GLN OB 161 -10.53 -19.42 25.49
CA GLN OB 161 -11.84 -19.36 26.12
C GLN OB 161 -12.02 -18.12 26.99
N MET PB 1 16.52 -11.72 28.83
CA MET PB 1 17.28 -12.95 28.99
C MET PB 1 16.84 -13.99 27.96
N GLN PB 2 17.80 -14.75 27.43
CA GLN PB 2 17.54 -15.81 26.48
C GLN PB 2 18.43 -17.00 26.80
N ASP PB 3 18.13 -18.13 26.17
CA ASP PB 3 18.99 -19.29 26.14
C ASP PB 3 19.13 -19.75 24.70
N ALA PB 4 19.81 -20.88 24.49
CA ALA PB 4 20.03 -21.34 23.11
C ALA PB 4 18.71 -21.69 22.43
N ILE PB 5 17.84 -22.42 23.13
CA ILE PB 5 16.55 -22.81 22.56
C ILE PB 5 15.68 -21.58 22.32
N THR PB 6 15.61 -20.69 23.30
CA THR PB 6 14.80 -19.49 23.15
C THR PB 6 15.31 -18.62 22.01
N ALA PB 7 16.64 -18.50 21.88
CA ALA PB 7 17.20 -17.72 20.78
C ALA PB 7 16.84 -18.33 19.43
N VAL PB 8 16.93 -19.65 19.32
CA VAL PB 8 16.63 -20.30 18.05
C VAL PB 8 15.17 -20.09 17.68
N ILE PB 9 14.26 -20.32 18.63
CA ILE PB 9 12.85 -20.18 18.30
C ILE PB 9 12.48 -18.71 18.08
N ASN PB 10 13.13 -17.79 18.79
CA ASN PB 10 12.86 -16.38 18.56
C ASN PB 10 13.31 -15.94 17.17
N ALA PB 11 14.47 -16.40 16.73
CA ALA PB 11 14.92 -16.07 15.38
C ALA PB 11 13.97 -16.63 14.34
N SER PB 12 13.54 -17.88 14.52
CA SER PB 12 12.58 -18.47 13.59
C SER PB 12 11.26 -17.71 13.62
N ASP PB 13 10.85 -17.26 14.80
CA ASP PB 13 9.61 -16.50 14.92
C ASP PB 13 9.71 -15.16 14.20
N VAL PB 14 10.87 -14.49 14.30
CA VAL PB 14 11.05 -13.23 13.61
C VAL PB 14 10.91 -13.41 12.11
N GLN PB 15 11.46 -14.49 11.58
CA GLN PB 15 11.34 -14.77 10.15
C GLN PB 15 10.06 -15.52 9.80
N GLY PB 16 9.18 -15.73 10.77
CA GLY PB 16 7.86 -16.26 10.48
C GLY PB 16 7.87 -17.64 9.87
N LYS PB 17 8.78 -18.50 10.33
CA LYS PB 17 8.97 -19.82 9.76
C LYS PB 17 8.96 -20.86 10.87
N TYR PB 18 8.39 -22.02 10.57
CA TYR PB 18 8.56 -23.16 11.46
C TYR PB 18 10.04 -23.49 11.58
N LEU PB 19 10.39 -24.22 12.62
CA LEU PB 19 11.79 -24.50 12.90
C LEU PB 19 12.43 -25.23 11.72
N ASP PB 20 13.48 -24.61 11.16
CA ASP PB 20 14.22 -25.13 10.03
C ASP PB 20 14.95 -26.42 10.40
N THR PB 21 15.55 -27.07 9.40
CA THR PB 21 16.45 -28.17 9.72
C THR PB 21 17.74 -27.65 10.34
N ALA PB 22 18.23 -26.48 9.92
CA ALA PB 22 19.39 -25.88 10.56
C ALA PB 22 19.06 -25.44 11.98
N ALA PB 23 17.87 -24.88 12.19
CA ALA PB 23 17.44 -24.55 13.55
C ALA PB 23 17.34 -25.79 14.40
N MET PB 24 16.79 -26.87 13.84
CA MET PB 24 16.75 -28.15 14.56
C MET PB 24 18.15 -28.63 14.89
N GLU PB 25 19.12 -28.37 13.99
CA GLU PB 25 20.51 -28.70 14.28
C GLU PB 25 21.00 -28.00 15.53
N LYS PB 26 20.81 -26.68 15.61
CA LYS PB 26 21.27 -25.93 16.77
C LYS PB 26 20.62 -26.44 18.03
N LEU PB 27 19.32 -26.73 17.98
CA LEU PB 27 18.62 -27.27 19.14
C LEU PB 27 19.23 -28.60 19.57
N LYS PB 28 19.49 -29.49 18.61
CA LYS PB 28 20.11 -30.77 18.94
C LYS PB 28 21.46 -30.58 19.59
N ALA PB 29 22.29 -29.69 19.04
CA ALA PB 29 23.62 -29.47 19.57
C ALA PB 29 23.55 -28.99 21.01
N TYR PB 30 22.64 -28.08 21.31
CA TYR PB 30 22.47 -27.63 22.69
C TYR PB 30 22.06 -28.78 23.59
N PHE PB 31 21.15 -29.63 23.13
CA PHE PB 31 20.71 -30.76 23.94
C PHE PB 31 21.86 -31.75 24.16
N ALA PB 32 22.70 -31.94 23.15
CA ALA PB 32 23.83 -32.86 23.30
C ALA PB 32 24.82 -32.35 24.34
N THR PB 33 25.06 -31.05 24.39
CA THR PB 33 25.98 -30.44 25.33
C THR PB 33 25.32 -30.09 26.67
N GLY PB 34 24.00 -30.24 26.76
CA GLY PB 34 23.29 -29.75 27.93
C GLY PB 34 23.68 -30.43 29.23
N GLU PB 35 23.80 -31.77 29.20
CA GLU PB 35 24.11 -32.48 30.44
C GLU PB 35 25.49 -32.10 30.95
N LEU PB 36 26.44 -31.88 30.04
CA LEU PB 36 27.75 -31.39 30.43
C LEU PB 36 27.64 -30.03 31.11
N ARG PB 37 26.80 -29.15 30.57
CA ARG PB 37 26.59 -27.85 31.19
C ARG PB 37 26.05 -27.98 32.61
N VAL PB 38 25.08 -28.89 32.81
CA VAL PB 38 24.47 -29.04 34.12
C VAL PB 38 25.52 -29.51 35.15
N ARG PB 39 26.34 -30.48 34.76
CA ARG PB 39 27.36 -30.99 35.69
C ARG PB 39 28.34 -29.90 36.07
N ALA PB 40 28.78 -29.10 35.09
CA ALA PB 40 29.72 -28.02 35.39
C ALA PB 40 29.11 -27.00 36.33
N ALA PB 41 27.84 -26.68 36.14
CA ALA PB 41 27.17 -25.72 37.02
C ALA PB 41 27.16 -26.21 38.45
N SER PB 42 26.88 -27.50 38.65
CA SER PB 42 26.91 -28.06 40.00
C SER PB 42 28.28 -27.90 40.61
N VAL PB 43 29.34 -28.13 39.84
CA VAL PB 43 30.69 -28.08 40.40
C VAL PB 43 31.02 -26.67 40.89
N ILE PB 44 30.80 -25.65 40.05
CA ILE PB 44 31.21 -24.32 40.50
C ILE PB 44 30.23 -23.68 41.45
N SER PB 45 29.00 -24.18 41.53
CA SER PB 45 28.12 -23.73 42.60
C SER PB 45 28.69 -24.11 43.96
N ALA PB 46 29.23 -25.33 44.06
CA ALA PB 46 29.82 -25.79 45.31
C ALA PB 46 31.09 -25.01 45.64
N ASN PB 47 31.89 -24.68 44.64
CA ASN PB 47 33.21 -24.08 44.86
C ASN PB 47 33.23 -22.59 44.53
N ALA PB 48 32.08 -21.92 44.52
CA ALA PB 48 32.04 -20.53 44.10
C ALA PB 48 32.93 -19.66 44.97
N ALA PB 49 32.79 -19.77 46.29
CA ALA PB 49 33.62 -18.97 47.18
C ALA PB 49 35.09 -19.30 47.03
N ASN PB 50 35.41 -20.59 46.85
CA ASN PB 50 36.80 -20.99 46.70
C ASN PB 50 37.40 -20.43 45.41
N ILE PB 51 36.64 -20.44 44.32
CA ILE PB 51 37.13 -19.88 43.06
C ILE PB 51 37.46 -18.40 43.24
N VAL PB 52 36.55 -17.65 43.86
CA VAL PB 52 36.81 -16.24 44.11
C VAL PB 52 38.03 -16.08 45.01
N LYS PB 53 38.13 -16.92 46.04
CA LYS PB 53 39.26 -16.86 46.97
C LYS PB 53 40.59 -17.00 46.22
N GLU PB 54 40.71 -18.04 45.39
CA GLU PB 54 41.96 -18.28 44.69
C GLU PB 54 42.28 -17.14 43.74
N ALA PB 55 41.30 -16.70 42.96
CA ALA PB 55 41.56 -15.66 41.97
C ALA PB 55 41.99 -14.36 42.63
N VAL PB 56 41.33 -13.98 43.73
CA VAL PB 56 41.73 -12.78 44.46
C VAL PB 56 43.17 -12.91 44.92
N ALA PB 57 43.53 -14.08 45.47
CA ALA PB 57 44.90 -14.28 45.93
C ALA PB 57 45.88 -14.22 44.77
N LYS PB 58 45.50 -14.77 43.62
CA LYS PB 58 46.46 -14.96 42.53
C LYS PB 58 46.71 -13.70 41.71
N SER PB 59 45.83 -12.70 41.75
CA SER PB 59 46.16 -11.46 41.08
C SER PB 59 45.86 -10.18 41.85
N LEU PB 60 44.96 -10.19 42.83
CA LEU PB 60 44.50 -8.96 43.45
C LEU PB 60 45.09 -8.73 44.84
N LEU PB 61 45.89 -9.65 45.37
CA LEU PB 61 46.42 -9.53 46.71
C LEU PB 61 47.91 -9.27 46.67
N TYR PB 62 48.40 -8.63 47.74
CA TYR PB 62 49.81 -8.26 47.85
C TYR PB 62 50.24 -7.44 46.64
N SER PB 63 49.39 -6.48 46.27
CA SER PB 63 49.62 -5.63 45.11
C SER PB 63 49.27 -4.20 45.48
N ASP PB 64 49.66 -3.28 44.59
CA ASP PB 64 49.46 -1.86 44.86
C ASP PB 64 47.98 -1.50 44.98
N ILE PB 65 47.10 -2.29 44.36
CA ILE PB 65 45.68 -2.00 44.47
C ILE PB 65 45.18 -2.21 45.88
N THR PB 66 45.56 -3.32 46.50
CA THR PB 66 45.10 -3.59 47.85
C THR PB 66 45.90 -2.84 48.91
N ARG PB 67 47.07 -2.31 48.57
CA ARG PB 67 47.76 -1.42 49.47
C ARG PB 67 47.10 -0.04 49.46
N PRO PB 68 47.34 0.77 50.48
CA PRO PB 68 46.59 2.03 50.61
C PRO PB 68 46.69 2.90 49.37
N GLY PB 69 45.55 3.52 49.02
CA GLY PB 69 45.49 4.37 47.84
C GLY PB 69 45.34 3.63 46.53
N GLY PB 70 44.96 2.35 46.57
CA GLY PB 70 44.86 1.57 45.35
C GLY PB 70 43.47 1.06 45.02
N MET PB 72 41.26 -0.95 45.99
CA MET PB 72 40.79 -2.15 46.68
C MET PB 72 41.04 -2.04 48.18
N TYR PB 73 42.00 -1.20 48.55
CA TYR PB 73 42.21 -0.88 49.96
C TYR PB 73 40.93 -0.34 50.57
N THR PB 74 40.82 -0.48 51.90
CA THR PB 74 39.63 -0.26 52.71
C THR PB 74 38.76 -1.50 52.71
N THR PB 75 38.25 -1.86 53.88
CA THR PB 75 37.49 -3.09 54.02
C THR PB 75 36.20 -3.04 53.21
N ARG PB 76 35.53 -1.88 53.18
CA ARG PB 76 34.39 -1.68 52.29
C ARG PB 76 34.73 -2.12 50.88
N ARG PB 77 35.75 -1.49 50.30
CA ARG PB 77 36.06 -1.71 48.89
C ARG PB 77 36.55 -3.13 48.65
N TYR PB 78 37.22 -3.75 49.61
CA TYR PB 78 37.57 -5.16 49.46
C TYR PB 78 36.32 -6.03 49.38
N ALA PB 79 35.35 -5.77 50.25
CA ALA PB 79 34.11 -6.54 50.21
C ALA PB 79 33.39 -6.32 48.90
N ALA PB 80 33.37 -5.07 48.41
CA ALA PB 80 32.76 -4.80 47.12
C ALA PB 80 33.47 -5.53 46.00
N CYS PB 81 34.80 -5.59 46.04
CA CYS PB 81 35.54 -6.26 44.98
C CYS PB 81 35.21 -7.74 44.93
N ILE PB 82 35.27 -8.41 46.09
CA ILE PB 82 34.99 -9.85 46.08
C ILE PB 82 33.52 -10.10 45.73
N ARG PB 83 32.62 -9.21 46.14
CA ARG PB 83 31.21 -9.37 45.76
C ARG PB 83 31.05 -9.26 44.25
N ASP PB 84 31.76 -8.34 43.61
CA ASP PB 84 31.68 -8.21 42.16
C ASP PB 84 32.21 -9.47 41.48
N LEU PB 85 33.28 -10.05 42.01
CA LEU PB 85 33.78 -11.29 41.45
C LEU PB 85 32.75 -12.40 41.58
N ASP PB 86 32.05 -12.47 42.72
CA ASP PB 86 30.99 -13.46 42.86
C ASP PB 86 29.86 -13.19 41.87
N TYR PB 87 29.53 -11.91 41.65
CA TYR PB 87 28.56 -11.56 40.62
C TYR PB 87 28.99 -12.09 39.26
N TYR PB 88 30.24 -11.84 38.88
CA TYR PB 88 30.72 -12.26 37.58
C TYR PB 88 30.68 -13.77 37.42
N LEU PB 89 31.12 -14.49 38.45
CA LEU PB 89 31.12 -15.95 38.40
C LEU PB 89 29.72 -16.51 38.34
N ARG PB 90 28.79 -15.94 39.13
CA ARG PB 90 27.42 -16.42 39.12
C ARG PB 90 26.75 -16.16 37.78
N TYR PB 91 26.98 -14.98 37.19
CA TYR PB 91 26.38 -14.71 35.91
C TYR PB 91 27.06 -15.51 34.79
N ALA PB 92 28.34 -15.83 34.95
CA ALA PB 92 29.00 -16.70 34.00
C ALA PB 92 28.40 -18.10 34.03
N THR PB 93 28.07 -18.60 35.23
CA THR PB 93 27.43 -19.92 35.29
C THR PB 93 26.02 -19.87 34.74
N TYR PB 94 25.32 -18.74 34.92
CA TYR PB 94 24.01 -18.59 34.28
C TYR PB 94 24.16 -18.66 32.77
N ALA PB 95 25.12 -17.93 32.21
CA ALA PB 95 25.31 -17.91 30.78
C ALA PB 95 25.71 -19.29 30.26
N MET PB 96 26.58 -19.98 30.98
CA MET PB 96 26.98 -21.32 30.56
C MET PB 96 25.81 -22.28 30.57
N LEU PB 97 24.98 -22.22 31.63
CA LEU PB 97 23.81 -23.07 31.69
C LEU PB 97 22.85 -22.79 30.55
N ALA PB 98 22.63 -21.50 30.25
CA ALA PB 98 21.69 -21.14 29.20
C ALA PB 98 22.23 -21.48 27.82
N GLY PB 99 23.54 -21.41 27.63
CA GLY PB 99 24.10 -21.55 26.31
C GLY PB 99 24.00 -20.31 25.47
N ASP PB 100 23.81 -19.15 26.09
CA ASP PB 100 23.65 -17.88 25.39
C ASP PB 100 24.29 -16.79 26.23
N PRO PB 101 24.91 -15.79 25.61
CA PRO PB 101 25.51 -14.68 26.37
C PRO PB 101 24.58 -13.49 26.60
N SER PB 102 23.31 -13.62 26.20
CA SER PB 102 22.36 -12.51 26.33
C SER PB 102 22.20 -12.10 27.79
N ILE PB 103 22.27 -13.05 28.72
CA ILE PB 103 22.15 -12.71 30.14
C ILE PB 103 23.25 -11.76 30.55
N LEU PB 104 24.48 -12.06 30.15
CA LEU PB 104 25.61 -11.22 30.50
C LEU PB 104 25.39 -9.80 29.99
N ASP PB 105 25.02 -9.65 28.72
CA ASP PB 105 24.84 -8.31 28.18
C ASP PB 105 23.67 -7.59 28.85
N GLU PB 106 22.57 -8.30 29.09
CA GLU PB 106 21.36 -7.63 29.56
C GLU PB 106 21.42 -7.25 31.03
N ARG PB 107 22.07 -8.05 31.87
CA ARG PB 107 22.02 -7.81 33.30
C ARG PB 107 23.36 -7.41 33.93
N VAL PB 108 24.47 -7.68 33.27
CA VAL PB 108 25.80 -7.42 33.83
C VAL PB 108 26.48 -6.26 33.12
N LEU PB 109 26.71 -6.40 31.81
CA LEU PB 109 27.59 -5.50 31.09
C LEU PB 109 26.90 -4.22 30.62
N ASN PB 110 25.63 -4.04 30.89
CA ASN PB 110 24.95 -2.81 30.51
C ASN PB 110 25.21 -1.75 31.58
N GLY PB 111 25.97 -0.72 31.22
CA GLY PB 111 26.31 0.34 32.15
C GLY PB 111 27.43 0.02 33.10
N LEU PB 112 27.97 -1.20 33.05
CA LEU PB 112 29.01 -1.60 34.00
C LEU PB 112 30.30 -0.81 33.78
N LYS PB 113 30.69 -0.61 32.52
CA LYS PB 113 31.87 0.19 32.25
C LYS PB 113 31.67 1.63 32.71
N GLU PB 114 30.48 2.18 32.49
CA GLU PB 114 30.19 3.55 32.91
C GLU PB 114 30.28 3.69 34.43
N THR PB 115 29.69 2.73 35.16
CA THR PB 115 29.76 2.79 36.61
C THR PB 115 31.18 2.62 37.12
N TYR PB 116 31.93 1.69 36.54
CA TYR PB 116 33.30 1.48 36.99
C TYR PB 116 34.15 2.72 36.77
N ASN PB 117 33.99 3.37 35.61
CA ASN PB 117 34.72 4.61 35.37
C ASN PB 117 34.36 5.68 36.39
N SER PB 118 33.07 5.83 36.71
CA SER PB 118 32.68 6.82 37.70
C SER PB 118 33.22 6.47 39.08
N LEU PB 119 33.18 5.19 39.45
CA LEU PB 119 33.63 4.78 40.76
C LEU PB 119 35.15 4.91 40.91
N GLY PB 120 35.88 4.81 39.81
CA GLY PB 120 37.32 4.72 39.87
C GLY PB 120 37.87 3.32 39.92
N VAL PB 121 37.01 2.31 39.79
CA VAL PB 121 37.47 0.91 39.77
C VAL PB 121 38.32 0.68 38.54
N PRO PB 122 39.46 0.00 38.64
CA PRO PB 122 40.29 -0.24 37.45
C PRO PB 122 39.68 -1.34 36.59
N ILE PB 123 39.21 -0.97 35.40
CA ILE PB 123 38.62 -1.95 34.50
C ILE PB 123 39.64 -3.01 34.11
N ALA PB 124 40.91 -2.59 33.95
CA ALA PB 124 41.97 -3.55 33.62
C ALA PB 124 42.16 -4.56 34.75
N ALA PB 125 42.14 -4.08 36.00
CA ALA PB 125 42.37 -4.99 37.12
C ALA PB 125 41.22 -5.97 37.28
N THR PB 126 39.97 -5.51 37.09
CA THR PB 126 38.84 -6.44 37.16
C THR PB 126 38.94 -7.49 36.06
N VAL PB 127 39.35 -7.08 34.86
CA VAL PB 127 39.51 -8.03 33.77
C VAL PB 127 40.57 -9.07 34.12
N GLN PB 128 41.69 -8.63 34.69
CA GLN PB 128 42.71 -9.58 35.12
C GLN PB 128 42.17 -10.53 36.17
N ALA PB 129 41.39 -10.01 37.12
CA ALA PB 129 40.85 -10.84 38.17
C ALA PB 129 39.92 -11.92 37.62
N ILE PB 130 39.05 -11.56 36.68
CA ILE PB 130 38.10 -12.55 36.19
C ILE PB 130 38.78 -13.54 35.26
N GLN PB 131 39.89 -13.14 34.62
CA GLN PB 131 40.68 -14.12 33.88
C GLN PB 131 41.32 -15.12 34.83
N ALA PB 132 41.76 -14.67 36.00
CA ALA PB 132 42.23 -15.60 37.03
C ALA PB 132 41.12 -16.53 37.47
N MET PB 133 39.90 -15.99 37.65
CA MET PB 133 38.75 -16.84 37.94
C MET PB 133 38.56 -17.87 36.83
N LYS PB 134 38.75 -17.45 35.58
CA LYS PB 134 38.58 -18.34 34.45
C LYS PB 134 39.51 -19.53 34.54
N GLU PB 135 40.78 -19.29 34.91
CA GLU PB 135 41.72 -20.38 35.07
C GLU PB 135 41.29 -21.33 36.17
N VAL PB 136 40.91 -20.79 37.34
CA VAL PB 136 40.54 -21.63 38.47
C VAL PB 136 39.31 -22.44 38.15
N THR PB 137 38.28 -21.79 37.61
CA THR PB 137 37.03 -22.50 37.32
C THR PB 137 37.21 -23.54 36.23
N ALA PB 138 38.10 -23.27 35.27
CA ALA PB 138 38.39 -24.28 34.26
C ALA PB 138 39.01 -25.52 34.88
N SER PB 139 39.94 -25.33 35.83
CA SER PB 139 40.54 -26.47 36.49
C SER PB 139 39.50 -27.30 37.22
N LEU PB 140 38.56 -26.65 37.91
CA LEU PB 140 37.58 -27.38 38.69
C LEU PB 140 36.59 -28.13 37.80
N VAL PB 141 36.03 -27.45 36.80
CA VAL PB 141 34.97 -28.09 36.01
C VAL PB 141 35.53 -29.13 35.06
N GLY PB 142 36.77 -28.94 34.60
CA GLY PB 142 37.33 -29.77 33.55
C GLY PB 142 37.55 -28.98 32.27
N ALA PB 143 38.26 -29.62 31.35
CA ALA PB 143 38.66 -28.95 30.12
C ALA PB 143 37.46 -28.61 29.24
N ASP PB 144 36.61 -29.59 28.98
CA ASP PB 144 35.46 -29.36 28.10
C ASP PB 144 34.56 -28.26 28.65
N ALA PB 145 34.15 -28.38 29.91
CA ALA PB 145 33.32 -27.36 30.52
C ALA PB 145 34.08 -26.05 30.69
N GLY PB 146 35.39 -26.12 30.92
CA GLY PB 146 36.18 -24.90 31.07
C GLY PB 146 36.18 -24.05 29.82
N LYS PB 147 36.22 -24.68 28.65
CA LYS PB 147 36.05 -23.94 27.41
C LYS PB 147 34.75 -23.18 27.41
N GLU PB 148 33.65 -23.85 27.78
CA GLU PB 148 32.34 -23.22 27.77
C GLU PB 148 32.28 -22.06 28.74
N MET PB 149 32.86 -22.22 29.95
CA MET PB 149 32.92 -21.11 30.87
C MET PB 149 33.75 -19.97 30.31
N GLY PB 150 34.79 -20.28 29.55
CA GLY PB 150 35.68 -19.24 29.05
C GLY PB 150 35.03 -18.30 28.06
N ILE PB 151 34.17 -18.85 27.17
CA ILE PB 151 33.55 -18.00 26.16
C ILE PB 151 32.58 -16.99 26.77
N TYR PB 152 32.24 -17.15 28.05
CA TYR PB 152 31.42 -16.18 28.74
C TYR PB 152 32.22 -15.30 29.68
N PHE PB 153 33.28 -15.82 30.30
CA PHE PB 153 34.19 -14.97 31.05
C PHE PB 153 34.85 -13.95 30.13
N ASP PB 154 35.28 -14.38 28.94
CA ASP PB 154 35.87 -13.46 27.98
C ASP PB 154 34.85 -12.43 27.51
N TYR PB 155 33.59 -12.84 27.37
CA TYR PB 155 32.53 -11.91 27.02
C TYR PB 155 32.43 -10.80 28.06
N ILE PB 156 32.48 -11.16 29.34
CA ILE PB 156 32.45 -10.16 30.40
C ILE PB 156 33.68 -9.26 30.33
N CYS PB 157 34.85 -9.84 30.05
CA CYS PB 157 36.06 -9.02 29.92
C CYS PB 157 35.91 -8.00 28.81
N SER PB 158 35.41 -8.43 27.65
CA SER PB 158 35.26 -7.53 26.51
C SER PB 158 34.28 -6.41 26.83
N GLY PB 159 33.19 -6.73 27.51
CA GLY PB 159 32.26 -5.69 27.92
C GLY PB 159 32.89 -4.68 28.85
N LEU PB 160 33.73 -5.15 29.77
CA LEU PB 160 34.40 -4.25 30.70
C LEU PB 160 35.36 -3.32 29.99
N SER PB 161 36.04 -3.82 28.96
CA SER PB 161 37.01 -3.02 28.21
C SER PB 161 36.38 -1.76 27.63
N SER QB 2 33.12 11.80 62.55
CA SER QB 2 33.32 12.75 63.64
C SER QB 2 31.99 13.12 64.31
N VAL QB 3 32.08 13.71 65.51
CA VAL QB 3 30.88 14.12 66.21
C VAL QB 3 30.17 15.23 65.44
N VAL QB 4 30.94 16.16 64.87
CA VAL QB 4 30.35 17.26 64.12
C VAL QB 4 29.55 16.73 62.93
N THR QB 5 30.15 15.82 62.17
CA THR QB 5 29.44 15.30 61.00
C THR QB 5 28.25 14.44 61.41
N LYS QB 6 28.34 13.72 62.52
CA LYS QB 6 27.19 12.95 62.98
C LYS QB 6 26.04 13.86 63.37
N SER QB 7 26.34 14.96 64.08
CA SER QB 7 25.29 15.90 64.44
C SER QB 7 24.65 16.52 63.20
N ILE QB 8 25.47 16.89 62.22
CA ILE QB 8 24.94 17.48 61.00
C ILE QB 8 24.11 16.46 60.23
N VAL QB 9 24.55 15.19 60.22
CA VAL QB 9 23.81 14.16 59.49
C VAL QB 9 22.44 13.95 60.10
N ASN QB 10 22.37 13.83 61.43
CA ASN QB 10 21.08 13.65 62.09
C ASN QB 10 20.19 14.86 61.88
N ALA QB 11 20.76 16.07 62.01
CA ALA QB 11 19.97 17.27 61.81
C ALA QB 11 19.43 17.36 60.39
N ASP QB 12 20.25 16.95 59.41
CA ASP QB 12 19.81 16.96 58.02
C ASP QB 12 18.72 15.93 57.78
N ALA QB 13 18.85 14.76 58.42
CA ALA QB 13 17.84 13.71 58.24
C ALA QB 13 16.48 14.16 58.76
N GLU QB 14 16.46 14.91 59.86
CA GLU QB 14 15.20 15.41 60.39
C GLU QB 14 14.89 16.82 59.90
N ALA QB 15 15.70 17.37 59.01
CA ALA QB 15 15.42 18.63 58.32
C ALA QB 15 15.21 19.79 59.30
N ARG QB 16 16.05 19.84 60.32
CA ARG QB 16 16.02 20.93 61.29
C ARG QB 16 17.45 21.31 61.66
N TYR QB 17 17.63 22.58 62.02
CA TYR QB 17 18.94 23.03 62.48
C TYR QB 17 19.35 22.26 63.73
N LEU QB 18 20.66 22.21 63.98
CA LEU QB 18 21.17 21.48 65.13
C LEU QB 18 20.54 21.99 66.41
N SER QB 19 20.06 21.08 67.23
CA SER QB 19 19.48 21.45 68.51
C SER QB 19 20.58 21.97 69.44
N PRO QB 20 20.22 22.77 70.45
CA PRO QB 20 21.24 23.22 71.40
C PRO QB 20 21.95 22.08 72.09
N GLY QB 21 21.29 20.94 72.27
CA GLY QB 21 21.97 19.79 72.84
C GLY QB 21 23.11 19.30 71.97
N GLU QB 22 22.86 19.16 70.67
CA GLU QB 22 23.91 18.74 69.75
C GLU QB 22 25.02 19.80 69.67
N LEU QB 23 24.64 21.08 69.67
CA LEU QB 23 25.64 22.14 69.63
C LEU QB 23 26.50 22.13 70.88
N ASP QB 24 25.89 21.92 72.05
CA ASP QB 24 26.67 21.79 73.28
C ASP QB 24 27.58 20.57 73.22
N ARG QB 25 27.10 19.47 72.65
CA ARG QB 25 27.90 18.27 72.50
C ARG QB 25 29.18 18.54 71.73
N ILE QB 26 29.05 19.17 70.55
CA ILE QB 26 30.24 19.44 69.76
C ILE QB 26 31.13 20.47 70.44
N LYS QB 27 30.54 21.38 71.22
CA LYS QB 27 31.35 22.37 71.94
C LYS QB 27 32.26 21.71 72.96
N ASN QB 28 31.72 20.77 73.73
CA ASN QB 28 32.54 20.08 74.73
C ASN QB 28 33.60 19.22 74.06
N PHE QB 29 33.27 18.58 72.95
CA PHE QB 29 34.26 17.82 72.19
C PHE QB 29 35.39 18.73 71.70
N VAL QB 30 35.03 19.90 71.18
CA VAL QB 30 36.03 20.87 70.76
C VAL QB 30 36.97 21.23 71.91
N SER QB 31 36.41 21.41 73.11
CA SER QB 31 37.24 21.79 74.24
C SER QB 31 38.27 20.71 74.58
N THR QB 32 37.88 19.44 74.51
CA THR QB 32 38.79 18.35 74.84
C THR QB 32 39.65 17.89 73.67
N GLY QB 33 39.63 18.63 72.56
CA GLY QB 33 40.40 18.24 71.39
C GLY QB 33 41.88 18.08 71.64
N GLU QB 34 42.47 18.96 72.46
CA GLU QB 34 43.91 18.87 72.71
C GLU QB 34 44.28 17.57 73.39
N ARG QB 35 43.49 17.15 74.38
CA ARG QB 35 43.73 15.86 75.02
C ARG QB 35 43.61 14.72 74.02
N ARG QB 36 42.62 14.78 73.13
CA ARG QB 36 42.44 13.74 72.14
C ARG QB 36 43.67 13.63 71.25
N LEU QB 37 44.18 14.78 70.78
CA LEU QB 37 45.36 14.77 69.91
C LEU QB 37 46.58 14.23 70.65
N ARG QB 38 46.71 14.56 71.94
CA ARG QB 38 47.82 14.05 72.73
C ARG QB 38 47.78 12.54 72.85
N ILE QB 39 46.59 11.97 73.05
CA ILE QB 39 46.45 10.52 73.14
C ILE QB 39 46.84 9.88 71.81
N ALA QB 40 46.38 10.45 70.70
CA ALA QB 40 46.76 9.91 69.40
C ALA QB 40 48.26 10.01 69.19
N GLN QB 41 48.87 11.10 69.66
CA GLN QB 41 50.30 11.29 69.48
C GLN QB 41 51.11 10.22 70.20
N THR QB 42 50.75 9.90 71.44
CA THR QB 42 51.51 8.87 72.13
C THR QB 42 51.27 7.49 71.53
N LEU QB 43 50.06 7.24 71.03
CA LEU QB 43 49.79 5.96 70.38
C LEU QB 43 50.67 5.77 69.15
N THR QB 44 50.75 6.79 68.30
CA THR QB 44 51.58 6.65 67.11
C THR QB 44 53.06 6.63 67.46
N GLU QB 45 53.46 7.28 68.55
CA GLU QB 45 54.85 7.22 68.97
C GLU QB 45 55.24 5.80 69.38
N ASN QB 46 54.33 5.09 70.05
CA ASN QB 46 54.61 3.74 70.50
C ASN QB 46 53.95 2.67 69.64
N ARG QB 47 53.65 2.98 68.38
CA ARG QB 47 52.91 2.05 67.54
C ARG QB 47 53.67 0.74 67.34
N GLU QB 48 54.99 0.81 67.23
CA GLU QB 48 55.76 -0.40 66.91
C GLU QB 48 55.68 -1.43 68.02
N ARG QB 49 55.96 -1.01 69.27
CA ARG QB 49 55.97 -1.97 70.37
C ARG QB 49 54.58 -2.46 70.70
N ILE QB 50 53.56 -1.60 70.57
CA ILE QB 50 52.19 -2.04 70.79
C ILE QB 50 51.88 -3.23 69.90
N VAL QB 51 52.14 -3.08 68.60
CA VAL QB 51 51.85 -4.14 67.64
C VAL QB 51 52.68 -5.38 67.97
N LYS QB 52 53.98 -5.19 68.23
CA LYS QB 52 54.89 -6.32 68.39
C LYS QB 52 54.51 -7.17 69.61
N GLN QB 53 54.49 -6.57 70.79
CA GLN QB 53 54.24 -7.36 71.98
C GLN QB 53 52.79 -7.83 72.07
N ALA QB 54 51.84 -7.03 71.57
CA ALA QB 54 50.46 -7.50 71.53
C ALA QB 54 50.32 -8.71 70.61
N GLY QB 55 51.03 -8.72 69.49
CA GLY QB 55 51.00 -9.86 68.60
C GLY QB 55 51.55 -11.12 69.26
N ASP QB 56 52.62 -10.97 70.04
CA ASP QB 56 53.15 -12.11 70.78
C ASP QB 56 52.13 -12.65 71.77
N GLN QB 57 51.46 -11.76 72.50
CA GLN QB 57 50.42 -12.19 73.42
C GLN QB 57 49.28 -12.89 72.67
N LEU QB 58 48.91 -12.35 71.51
CA LEU QB 58 47.85 -12.96 70.72
C LEU QB 58 48.21 -14.38 70.29
N PHE QB 59 49.46 -14.58 69.86
CA PHE QB 59 49.90 -15.92 69.47
C PHE QB 59 49.84 -16.88 70.65
N GLN QB 60 50.25 -16.43 71.83
CA GLN QB 60 50.12 -17.26 73.03
C GLN QB 60 48.66 -17.56 73.31
N LYS QB 61 47.79 -16.56 73.19
CA LYS QB 61 46.37 -16.74 73.49
C LYS QB 61 45.72 -17.71 72.51
N ARG QB 62 46.11 -17.66 71.24
CA ARG QB 62 45.53 -18.47 70.18
C ARG QB 62 46.65 -19.21 69.45
N PRO QB 63 47.15 -20.29 70.02
CA PRO QB 63 48.22 -21.06 69.35
C PRO QB 63 47.79 -21.61 68.00
N ASP QB 64 46.51 -21.93 67.82
CA ASP QB 64 46.05 -22.49 66.56
C ASP QB 64 46.34 -21.58 65.38
N VAL QB 65 46.44 -20.27 65.62
CA VAL QB 65 46.72 -19.33 64.56
C VAL QB 65 48.10 -19.58 63.97
N VAL QB 66 49.10 -19.78 64.83
CA VAL QB 66 50.47 -20.00 64.37
C VAL QB 66 50.79 -21.48 64.18
N SER QB 67 49.85 -22.36 64.48
CA SER QB 67 50.04 -23.78 64.23
C SER QB 67 49.95 -24.05 62.72
N PRO QB 68 50.47 -25.19 62.26
CA PRO QB 68 50.30 -25.54 60.85
C PRO QB 68 48.82 -25.62 60.48
N GLY QB 69 48.49 -25.12 59.30
CA GLY QB 69 47.12 -24.98 58.87
C GLY QB 69 46.44 -23.71 59.32
N GLY QB 70 47.01 -23.03 60.32
CA GLY QB 70 46.45 -21.75 60.74
C GLY QB 70 46.69 -20.68 59.71
N ASN QB 71 45.90 -19.61 59.82
CA ASN QB 71 45.96 -18.55 58.81
C ASN QB 71 47.34 -17.89 58.79
N ALA QB 72 47.88 -17.56 59.95
CA ALA QB 72 49.23 -16.98 60.04
C ALA QB 72 50.24 -18.07 60.37
N TYR QB 73 50.45 -18.96 59.41
CA TYR QB 73 51.45 -20.01 59.51
C TYR QB 73 52.59 -19.68 58.57
N GLY QB 74 53.80 -19.61 59.11
CA GLY QB 74 54.94 -19.13 58.35
C GLY QB 74 55.21 -17.66 58.61
N GLU QB 75 56.47 -17.27 58.42
CA GLU QB 75 56.87 -15.91 58.76
C GLU QB 75 56.18 -14.88 57.87
N GLU QB 76 55.96 -15.21 56.60
CA GLU QB 76 55.31 -14.28 55.69
C GLU QB 76 53.87 -14.00 56.12
N MET QB 77 53.11 -15.06 56.40
CA MET QB 77 51.73 -14.88 56.83
C MET QB 77 51.66 -14.16 58.17
N THR QB 78 52.57 -14.49 59.08
CA THR QB 78 52.62 -13.80 60.37
C THR QB 78 52.91 -12.31 60.18
N ALA QB 79 53.77 -11.98 59.23
CA ALA QB 79 54.09 -10.57 58.97
C ALA QB 79 52.84 -9.81 58.51
N THR QB 80 52.05 -10.41 57.62
CA THR QB 80 50.85 -9.71 57.17
C THR QB 80 49.83 -9.56 58.28
N CYS QB 81 49.72 -10.53 59.20
CA CYS QB 81 48.78 -10.34 60.30
C CYS QB 81 49.22 -9.20 61.21
N LEU QB 82 50.52 -9.13 61.50
CA LEU QB 82 51.00 -7.98 62.26
C LEU QB 82 50.72 -6.68 61.53
N ARG QB 83 50.79 -6.69 60.20
CA ARG QB 83 50.45 -5.50 59.44
C ARG QB 83 48.99 -5.10 59.66
N ASP QB 84 48.09 -6.08 59.70
CA ASP QB 84 46.69 -5.78 59.98
C ASP QB 84 46.53 -5.16 61.36
N LEU QB 85 47.23 -5.68 62.35
CA LEU QB 85 47.18 -5.09 63.69
C LEU QB 85 47.65 -3.65 63.66
N ASP QB 86 48.71 -3.37 62.90
CA ASP QB 86 49.18 -2.00 62.76
C ASP QB 86 48.13 -1.11 62.12
N TYR QB 87 47.44 -1.63 61.09
CA TYR QB 87 46.40 -0.86 60.43
C TYR QB 87 45.29 -0.50 61.41
N TYR QB 88 44.88 -1.44 62.25
CA TYR QB 88 43.81 -1.16 63.19
C TYR QB 88 44.24 -0.18 64.27
N LEU QB 89 45.50 -0.23 64.70
CA LEU QB 89 46.00 0.80 65.60
C LEU QB 89 45.90 2.17 64.95
N ARG QB 90 46.26 2.27 63.67
CA ARG QB 90 46.18 3.54 62.97
C ARG QB 90 44.74 4.02 62.91
N LEU QB 91 43.80 3.12 62.63
CA LEU QB 91 42.39 3.49 62.62
C LEU QB 91 41.95 3.99 63.99
N VAL QB 92 42.43 3.36 65.06
CA VAL QB 92 42.05 3.78 66.40
C VAL QB 92 42.55 5.19 66.69
N THR QB 93 43.77 5.51 66.28
CA THR QB 93 44.25 6.88 66.44
C THR QB 93 43.38 7.85 65.65
N TYR QB 94 43.01 7.48 64.42
CA TYR QB 94 42.09 8.31 63.65
C TYR QB 94 40.78 8.53 64.39
N GLY QB 95 40.22 7.46 64.96
CA GLY QB 95 38.94 7.57 65.64
C GLY QB 95 39.01 8.43 66.88
N ILE QB 96 40.10 8.31 67.64
CA ILE QB 96 40.28 9.14 68.83
C ILE QB 96 40.37 10.61 68.44
N VAL QB 97 41.12 10.92 67.38
CA VAL QB 97 41.23 12.29 66.91
C VAL QB 97 39.87 12.80 66.44
N ALA QB 98 39.13 11.97 65.70
CA ALA QB 98 37.83 12.39 65.21
C ALA QB 98 36.82 12.58 66.34
N GLY QB 99 37.00 11.86 67.45
CA GLY QB 99 36.02 11.86 68.51
C GLY QB 99 34.84 10.94 68.26
N ASP QB 100 34.82 10.23 67.14
CA ASP QB 100 33.73 9.33 66.81
C ASP QB 100 34.33 8.08 66.16
N VAL QB 101 33.56 7.00 66.18
CA VAL QB 101 34.01 5.74 65.59
C VAL QB 101 33.66 5.71 64.11
N THR QB 102 33.20 6.85 63.59
CA THR QB 102 32.85 6.93 62.18
C THR QB 102 34.03 6.64 61.25
N PRO QB 103 35.23 7.21 61.44
CA PRO QB 103 36.33 6.84 60.54
C PRO QB 103 36.75 5.39 60.66
N ILE QB 104 36.79 4.84 61.88
CA ILE QB 104 37.13 3.43 62.04
C ILE QB 104 36.15 2.55 61.28
N GLU QB 105 34.85 2.84 61.45
CA GLU QB 105 33.83 2.06 60.75
C GLU QB 105 33.97 2.21 59.24
N GLU QB 106 34.20 3.43 58.77
CA GLU QB 106 34.21 3.67 57.33
C GLU QB 106 35.43 3.03 56.65
N ILE QB 107 36.52 2.85 57.39
CA ILE QB 107 37.76 2.37 56.79
C ILE QB 107 37.99 0.89 57.01
N GLY QB 108 37.70 0.37 58.20
CA GLY QB 108 38.05 -1.00 58.47
C GLY QB 108 37.05 -1.82 59.26
N LEU QB 109 35.77 -1.47 59.19
CA LEU QB 109 34.75 -2.24 59.89
C LEU QB 109 33.51 -2.50 59.05
N VAL QB 110 33.44 -2.00 57.83
CA VAL QB 110 32.28 -2.17 56.96
C VAL QB 110 32.59 -3.32 56.02
N GLY QB 111 31.98 -4.47 56.27
CA GLY QB 111 32.33 -5.68 55.55
C GLY QB 111 33.53 -6.39 56.08
N VAL QB 112 33.92 -6.12 57.34
CA VAL QB 112 35.09 -6.77 57.91
C VAL QB 112 34.91 -8.27 57.96
N ARG QB 113 33.68 -8.71 58.26
CA ARG QB 113 33.38 -10.14 58.28
C ARG QB 113 33.59 -10.76 56.91
N GLU QB 114 33.12 -10.09 55.85
CA GLU QB 114 33.18 -10.68 54.52
C GLU QB 114 34.60 -10.68 53.98
N MET QB 115 35.34 -9.59 54.19
CA MET QB 115 36.73 -9.55 53.76
C MET QB 115 37.51 -10.69 54.41
N TYR QB 116 37.32 -10.89 55.71
CA TYR QB 116 38.08 -11.93 56.39
C TYR QB 116 37.65 -13.33 55.97
N ASN QB 117 36.38 -13.53 55.67
CA ASN QB 117 35.96 -14.86 55.22
C ASN QB 117 36.50 -15.18 53.84
N SER QB 118 36.60 -14.18 52.96
CA SER QB 118 37.27 -14.40 51.69
C SER QB 118 38.74 -14.72 51.90
N LEU QB 119 39.38 -14.05 52.85
CA LEU QB 119 40.78 -14.34 53.15
C LEU QB 119 40.95 -15.70 53.81
N GLY QB 120 39.92 -16.19 54.50
CA GLY QB 120 40.02 -17.40 55.29
C GLY QB 120 40.43 -17.18 56.73
N THR QB 121 40.60 -15.93 57.15
CA THR QB 121 41.08 -15.53 58.48
C THR QB 121 39.95 -15.54 59.50
N PRO QB 122 40.22 -15.99 60.73
CA PRO QB 122 39.18 -16.00 61.77
C PRO QB 122 38.99 -14.64 62.41
N ILE QB 123 37.76 -14.11 62.32
CA ILE QB 123 37.45 -12.81 62.92
C ILE QB 123 37.61 -12.79 64.44
N PRO QB 124 37.17 -13.82 65.21
CA PRO QB 124 37.34 -13.72 66.67
C PRO QB 124 38.80 -13.65 67.08
N ALA QB 125 39.68 -14.33 66.37
CA ALA QB 125 41.10 -14.26 66.67
C ALA QB 125 41.64 -12.85 66.39
N VAL QB 126 41.17 -12.21 65.31
CA VAL QB 126 41.51 -10.81 65.09
C VAL QB 126 41.07 -9.97 66.27
N ALA QB 127 39.89 -10.25 66.82
CA ALA QB 127 39.41 -9.51 67.99
C ALA QB 127 40.33 -9.69 69.18
N GLU QB 128 40.81 -10.91 69.40
CA GLU QB 128 41.71 -11.16 70.51
C GLU QB 128 43.01 -10.39 70.35
N GLY QB 129 43.54 -10.33 69.14
CA GLY QB 129 44.73 -9.54 68.90
C GLY QB 129 44.52 -8.07 69.21
N ILE QB 130 43.37 -7.53 68.83
CA ILE QB 130 43.08 -6.13 69.13
C ILE QB 130 42.91 -5.92 70.63
N ARG QB 131 42.38 -6.92 71.35
CA ARG QB 131 42.32 -6.83 72.80
C ARG QB 131 43.71 -6.70 73.39
N ALA QB 132 44.66 -7.48 72.88
CA ALA QB 132 46.04 -7.36 73.35
C ALA QB 132 46.59 -5.97 73.08
N MET QB 133 46.32 -5.43 71.89
CA MET QB 133 46.76 -4.07 71.59
C MET QB 133 46.15 -3.08 72.58
N LYS QB 134 44.88 -3.27 72.94
CA LYS QB 134 44.25 -2.39 73.92
C LYS QB 134 44.99 -2.42 75.25
N ASN QB 135 45.36 -3.62 75.70
CA ASN QB 135 46.06 -3.73 76.98
C ASN QB 135 47.38 -2.97 76.96
N VAL QB 136 48.16 -3.15 75.89
CA VAL QB 136 49.45 -2.47 75.80
C VAL QB 136 49.25 -0.96 75.75
N ALA QB 137 48.30 -0.49 74.94
CA ALA QB 137 48.07 0.93 74.81
C ALA QB 137 47.61 1.54 76.14
N CYS QB 138 46.74 0.84 76.86
CA CYS QB 138 46.28 1.34 78.15
C CYS QB 138 47.43 1.46 79.14
N SER QB 139 48.36 0.50 79.12
CA SER QB 139 49.51 0.59 80.00
C SER QB 139 50.35 1.83 79.66
N LEU QB 140 50.52 2.11 78.37
CA LEU QB 140 51.29 3.28 77.97
C LEU QB 140 50.60 4.57 78.37
N LEU QB 141 49.28 4.61 78.32
CA LEU QB 141 48.53 5.83 78.59
C LEU QB 141 48.34 6.04 80.09
N SER QB 142 47.98 7.28 80.45
CA SER QB 142 47.55 7.57 81.80
C SER QB 142 46.15 6.99 82.02
N ALA QB 143 45.76 6.91 83.29
CA ALA QB 143 44.50 6.25 83.63
C ALA QB 143 43.31 6.90 82.95
N GLU QB 144 43.24 8.23 82.98
CA GLU QB 144 42.17 8.94 82.30
C GLU QB 144 42.27 8.77 80.78
N ASP QB 145 43.49 8.90 80.23
CA ASP QB 145 43.67 8.73 78.80
C ASP QB 145 43.39 7.30 78.37
N ALA QB 146 43.80 6.33 79.18
CA ALA QB 146 43.60 4.93 78.82
C ALA QB 146 42.13 4.57 78.74
N ALA QB 147 41.29 5.20 79.56
CA ALA QB 147 39.86 4.90 79.53
C ALA QB 147 39.24 5.26 78.18
N GLU QB 148 39.63 6.40 77.61
CA GLU QB 148 39.06 6.82 76.33
C GLU QB 148 39.57 5.95 75.20
N ALA QB 149 40.88 5.82 75.07
CA ALA QB 149 41.47 5.04 73.98
C ALA QB 149 41.07 3.58 74.09
N GLY QB 150 41.06 3.03 75.29
CA GLY QB 150 40.59 1.67 75.48
C GLY QB 150 39.15 1.49 75.05
N SER QB 151 38.32 2.52 75.23
CA SER QB 151 36.94 2.44 74.78
C SER QB 151 36.85 2.33 73.27
N TYR QB 152 37.71 3.06 72.54
CA TYR QB 152 37.73 2.91 71.09
C TYR QB 152 38.15 1.51 70.69
N PHE QB 153 39.20 0.97 71.33
CA PHE QB 153 39.57 -0.42 71.09
C PHE QB 153 38.41 -1.35 71.41
N ASP QB 154 37.64 -1.04 72.44
CA ASP QB 154 36.50 -1.88 72.82
C ASP QB 154 35.45 -1.90 71.72
N PHE QB 155 35.19 -0.76 71.09
CA PHE QB 155 34.26 -0.76 69.97
C PHE QB 155 34.76 -1.66 68.85
N VAL QB 156 36.06 -1.59 68.55
CA VAL QB 156 36.60 -2.37 67.44
C VAL QB 156 36.45 -3.86 67.71
N ILE QB 157 36.79 -4.30 68.93
CA ILE QB 157 36.68 -5.72 69.23
C ILE QB 157 35.22 -6.16 69.24
N GLY QB 158 34.32 -5.29 69.71
CA GLY QB 158 32.91 -5.62 69.69
C GLY QB 158 32.39 -5.81 68.28
N ALA QB 159 32.85 -4.97 67.35
CA ALA QB 159 32.47 -5.14 65.95
C ALA QB 159 33.06 -6.41 65.37
N MET QB 160 34.29 -6.76 65.77
CA MET QB 160 34.90 -7.99 65.27
C MET QB 160 34.12 -9.22 65.68
N GLN QB 161 33.64 -9.25 66.92
CA GLN QB 161 32.86 -10.38 67.43
C GLN QB 161 31.67 -10.70 66.53
N MET RB 1 29.98 12.23 53.07
CA MET RB 1 30.01 13.59 53.60
C MET RB 1 31.25 13.77 54.47
N GLN RB 2 31.85 14.96 54.42
CA GLN RB 2 33.11 15.20 55.07
C GLN RB 2 33.06 16.49 55.89
N ASP RB 3 34.02 16.60 56.80
CA ASP RB 3 34.27 17.82 57.55
C ASP RB 3 35.77 18.08 57.55
N ALA RB 4 36.23 19.07 58.32
CA ALA RB 4 37.65 19.37 58.35
C ALA RB 4 38.44 18.19 58.92
N ILE RB 5 37.99 17.65 60.06
CA ILE RB 5 38.69 16.54 60.69
C ILE RB 5 38.66 15.31 59.79
N THR RB 6 37.49 15.00 59.24
CA THR RB 6 37.37 13.83 58.37
C THR RB 6 38.24 13.98 57.13
N ALA RB 7 38.29 15.18 56.54
CA ALA RB 7 39.14 15.39 55.38
C ALA RB 7 40.61 15.19 55.73
N VAL RB 8 41.05 15.70 56.88
CA VAL RB 8 42.45 15.56 57.26
C VAL RB 8 42.80 14.10 57.45
N ILE RB 9 41.99 13.38 58.22
CA ILE RB 9 42.31 11.98 58.51
C ILE RB 9 42.19 11.12 57.25
N ASN RB 10 41.22 11.44 56.37
CA ASN RB 10 41.11 10.70 55.12
C ASN RB 10 42.32 10.94 54.22
N ALA RB 11 42.81 12.18 54.19
CA ALA RB 11 44.01 12.48 53.40
C ALA RB 11 45.21 11.68 53.91
N SER RB 12 45.34 11.55 55.23
CA SER RB 12 46.41 10.71 55.77
C SER RB 12 46.13 9.23 55.55
N ASP RB 13 44.85 8.84 55.56
CA ASP RB 13 44.49 7.44 55.41
C ASP RB 13 44.84 6.92 54.03
N VAL RB 14 44.69 7.75 53.00
CA VAL RB 14 45.08 7.34 51.65
C VAL RB 14 46.55 6.98 51.61
N GLN RB 15 47.40 7.82 52.22
CA GLN RB 15 48.81 7.49 52.31
C GLN RB 15 49.03 6.23 53.15
N GLY RB 16 48.19 6.00 54.15
CA GLY RB 16 48.42 4.93 55.09
C GLY RB 16 49.35 5.27 56.22
N LYS RB 17 49.87 6.50 56.27
CA LYS RB 17 50.70 6.95 57.36
C LYS RB 17 49.85 7.38 58.54
N TYR RB 18 50.40 7.23 59.74
CA TYR RB 18 49.76 7.78 60.92
C TYR RB 18 49.76 9.30 60.83
N LEU RB 19 48.88 9.91 61.63
CA LEU RB 19 48.78 11.37 61.64
C LEU RB 19 50.12 11.99 61.98
N ASP RB 20 50.70 12.71 61.03
CA ASP RB 20 51.95 13.40 61.29
C ASP RB 20 51.67 14.77 61.89
N THR RB 21 52.74 15.52 62.20
CA THR RB 21 52.58 16.73 62.99
C THR RB 21 51.87 17.84 62.21
N ALA RB 22 52.06 17.90 60.89
CA ALA RB 22 51.34 18.90 60.10
C ALA RB 22 49.84 18.60 60.09
N ALA RB 23 49.47 17.34 59.95
CA ALA RB 23 48.06 16.97 60.04
C ALA RB 23 47.50 17.31 61.41
N MET RB 24 48.28 17.04 62.47
CA MET RB 24 47.86 17.44 63.81
C MET RB 24 47.65 18.95 63.89
N GLU RB 25 48.52 19.72 63.22
CA GLU RB 25 48.37 21.17 63.23
C GLU RB 25 47.06 21.61 62.59
N LYS RB 26 46.70 21.00 61.46
CA LYS RB 26 45.43 21.33 60.82
C LYS RB 26 44.26 21.00 61.74
N LEU RB 27 44.31 19.85 62.40
CA LEU RB 27 43.26 19.49 63.35
C LEU RB 27 43.21 20.48 64.51
N LYS RB 28 44.38 20.91 65.01
CA LYS RB 28 44.41 21.90 66.08
C LYS RB 28 43.74 23.20 65.65
N ALA RB 29 44.00 23.63 64.41
CA ALA RB 29 43.38 24.85 63.91
C ALA RB 29 41.86 24.74 63.89
N TYR RB 30 41.35 23.60 63.42
CA TYR RB 30 39.90 23.42 63.42
C TYR RB 30 39.34 23.45 64.84
N PHE RB 31 40.02 22.79 65.78
CA PHE RB 31 39.56 22.82 67.16
C PHE RB 31 39.58 24.24 67.72
N ALA RB 32 40.58 25.03 67.33
CA ALA RB 32 40.67 26.41 67.81
C ALA RB 32 39.48 27.23 67.33
N THR RB 33 39.05 27.03 66.08
CA THR RB 33 37.94 27.78 65.50
C THR RB 33 36.58 27.17 65.83
N GLY RB 34 36.54 25.97 66.40
CA GLY RB 34 35.27 25.29 66.59
C GLY RB 34 34.32 26.01 67.52
N GLU RB 35 34.85 26.65 68.57
CA GLU RB 35 33.98 27.29 69.55
C GLU RB 35 33.15 28.41 68.91
N LEU RB 36 33.80 29.26 68.11
CA LEU RB 36 33.06 30.32 67.44
C LEU RB 36 32.08 29.74 66.41
N ARG RB 37 32.45 28.63 65.77
CA ARG RB 37 31.51 27.97 64.86
C ARG RB 37 30.24 27.57 65.59
N VAL RB 38 30.38 26.98 66.78
CA VAL RB 38 29.21 26.54 67.54
C VAL RB 38 28.34 27.73 67.91
N ARG RB 39 28.97 28.82 68.38
CA ARG RB 39 28.20 30.00 68.77
C ARG RB 39 27.43 30.56 67.59
N ALA RB 40 28.06 30.65 66.42
CA ALA RB 40 27.39 31.19 65.25
C ALA RB 40 26.19 30.33 64.85
N ALA RB 41 26.35 29.01 64.90
CA ALA RB 41 25.25 28.12 64.55
C ALA RB 41 24.07 28.30 65.49
N SER RB 42 24.35 28.44 66.79
CA SER RB 42 23.28 28.66 67.75
C SER RB 42 22.58 29.99 67.49
N VAL RB 43 23.33 31.01 67.06
CA VAL RB 43 22.74 32.33 66.84
C VAL RB 43 21.79 32.29 65.65
N ILE RB 44 22.22 31.73 64.52
CA ILE RB 44 21.34 31.77 63.35
C ILE RB 44 20.25 30.71 63.41
N SER RB 45 20.41 29.68 64.24
CA SER RB 45 19.27 28.81 64.50
C SER RB 45 18.13 29.59 65.14
N ALA RB 46 18.46 30.53 66.02
CA ALA RB 46 17.44 31.33 66.69
C ALA RB 46 16.75 32.28 65.72
N ASN RB 47 17.50 32.85 64.77
CA ASN RB 47 16.98 33.88 63.89
C ASN RB 47 16.70 33.38 62.48
N ALA RB 48 16.52 32.08 62.30
CA ALA RB 48 16.45 31.52 60.94
C ALA RB 48 15.37 32.18 60.11
N ALA RB 49 14.13 32.19 60.61
CA ALA RB 49 13.02 32.77 59.86
C ALA RB 49 13.23 34.27 59.66
N ASN RB 50 13.75 34.95 60.68
CA ASN RB 50 13.97 36.39 60.56
C ASN RB 50 15.02 36.71 59.51
N ILE RB 51 16.08 35.90 59.43
CA ILE RB 51 17.11 36.12 58.41
C ILE RB 51 16.49 36.00 57.03
N VAL RB 52 15.68 34.96 56.82
CA VAL RB 52 15.03 34.80 55.52
C VAL RB 52 14.11 35.97 55.24
N LYS RB 53 13.34 36.40 56.24
CA LYS RB 53 12.42 37.51 56.04
C LYS RB 53 13.16 38.78 55.64
N GLU RB 54 14.27 39.08 56.33
CA GLU RB 54 15.02 40.30 56.03
C GLU RB 54 15.61 40.24 54.62
N ALA RB 55 16.20 39.12 54.24
CA ALA RB 55 16.79 39.00 52.91
C ALA RB 55 15.74 39.11 51.82
N VAL RB 56 14.60 38.44 52.01
CA VAL RB 56 13.52 38.51 51.03
C VAL RB 56 13.06 39.94 50.85
N ALA RB 57 12.87 40.65 51.96
CA ALA RB 57 12.48 42.05 51.89
C ALA RB 57 13.56 42.89 51.21
N LYS RB 58 14.83 42.58 51.47
CA LYS RB 58 15.91 43.41 50.96
C LYS RB 58 15.99 43.37 49.44
N SER RB 59 15.84 42.20 48.84
CA SER RB 59 16.04 42.08 47.40
C SER RB 59 14.87 41.51 46.63
N LEU RB 60 14.06 40.65 47.24
CA LEU RB 60 13.04 39.92 46.50
C LEU RB 60 11.65 40.54 46.56
N LEU RB 61 11.45 41.58 47.37
CA LEU RB 61 10.13 42.16 47.55
C LEU RB 61 10.06 43.56 46.92
N TYR RB 62 8.84 43.96 46.60
CA TYR RB 62 8.58 45.25 45.95
C TYR RB 62 9.41 45.37 44.68
N SER RB 63 9.47 44.26 43.94
CA SER RB 63 10.20 44.16 42.69
C SER RB 63 9.33 43.41 41.70
N ASP RB 64 9.75 43.44 40.43
CA ASP RB 64 8.94 42.81 39.39
C ASP RB 64 8.74 41.33 39.64
N ILE RB 65 9.72 40.67 40.27
CA ILE RB 65 9.63 39.22 40.46
C ILE RB 65 8.42 38.87 41.31
N THR RB 66 8.19 39.61 42.39
CA THR RB 66 7.02 39.34 43.21
C THR RB 66 5.76 39.99 42.65
N ARG RB 67 5.89 40.93 41.72
CA ARG RB 67 4.73 41.45 41.01
C ARG RB 67 4.24 40.40 40.00
N PRO RB 68 3.01 40.54 39.51
CA PRO RB 68 2.44 39.51 38.63
C PRO RB 68 3.33 39.21 37.43
N GLY RB 69 3.44 37.91 37.12
CA GLY RB 69 4.25 37.46 36.01
C GLY RB 69 5.74 37.45 36.27
N GLY RB 70 6.17 37.57 37.52
CA GLY RB 70 7.58 37.73 37.81
C GLY RB 70 8.30 36.53 38.41
N MET RB 72 8.03 35.06 41.43
CA MET RB 72 7.83 34.94 42.86
C MET RB 72 6.37 35.26 43.15
N TYR RB 73 5.72 35.88 42.18
CA TYR RB 73 4.28 36.00 42.19
C TYR RB 73 3.65 34.62 42.18
N THR RB 74 2.41 34.55 42.66
CA THR RB 74 1.68 33.33 42.99
C THR RB 74 2.09 32.86 44.37
N THR RB 75 1.11 32.53 45.20
CA THR RB 75 1.39 32.18 46.59
C THR RB 75 2.24 30.93 46.69
N ARG RB 76 1.97 29.92 45.84
CA ARG RB 76 2.82 28.73 45.84
C ARG RB 76 4.27 29.09 45.57
N ARG RB 77 4.50 29.90 44.54
CA ARG RB 77 5.87 30.22 44.16
C ARG RB 77 6.57 31.01 45.25
N TYR RB 78 5.84 31.88 45.95
CA TYR RB 78 6.43 32.58 47.09
C TYR RB 78 6.84 31.60 48.17
N ALA RB 79 5.99 30.62 48.48
CA ALA RB 79 6.33 29.63 49.48
C ALA RB 79 7.54 28.82 49.05
N ALA RB 80 7.60 28.44 47.78
CA ALA RB 80 8.75 27.69 47.28
C ALA RB 80 10.03 28.52 47.36
N CYS RB 81 9.95 29.81 47.05
CA CYS RB 81 11.15 30.63 47.10
C CYS RB 81 11.69 30.73 48.52
N ILE RB 82 10.81 31.03 49.48
CA ILE RB 82 11.29 31.14 50.85
C ILE RB 82 11.75 29.79 51.37
N ARG RB 83 11.15 28.70 50.90
CA ARG RB 83 11.63 27.38 51.26
C ARG RB 83 13.06 27.16 50.78
N ASP RB 84 13.35 27.55 49.55
CA ASP RB 84 14.71 27.41 49.04
C ASP RB 84 15.70 28.23 49.85
N LEU RB 85 15.30 29.43 50.26
CA LEU RB 85 16.18 30.24 51.11
C LEU RB 85 16.39 29.58 52.46
N ASP RB 86 15.35 28.97 53.02
CA ASP RB 86 15.52 28.19 54.25
C ASP RB 86 16.52 27.07 54.04
N TYR RB 87 16.38 26.34 52.92
CA TYR RB 87 17.31 25.28 52.55
C TYR RB 87 18.75 25.79 52.52
N TYR RB 88 18.97 26.89 51.79
CA TYR RB 88 20.32 27.42 51.62
C TYR RB 88 20.92 27.84 52.95
N LEU RB 89 20.14 28.52 53.80
CA LEU RB 89 20.64 28.95 55.09
C LEU RB 89 20.98 27.78 55.98
N ARG RB 90 20.12 26.75 55.99
CA ARG RB 90 20.39 25.58 56.83
C ARG RB 90 21.62 24.83 56.34
N TYR RB 91 21.77 24.67 55.04
CA TYR RB 91 22.96 24.00 54.54
C TYR RB 91 24.20 24.85 54.74
N ALA RB 92 24.07 26.18 54.69
CA ALA RB 92 25.19 27.05 55.00
C ALA RB 92 25.64 26.86 56.43
N THR RB 93 24.70 26.74 57.37
CA THR RB 93 25.10 26.50 58.75
C THR RB 93 25.69 25.11 58.94
N TYR RB 94 25.21 24.13 58.17
CA TYR RB 94 25.84 22.81 58.19
C TYR RB 94 27.30 22.90 57.74
N ALA RB 95 27.54 23.57 56.62
CA ALA RB 95 28.89 23.68 56.09
C ALA RB 95 29.79 24.46 57.03
N MET RB 96 29.26 25.54 57.62
CA MET RB 96 30.05 26.33 58.57
C MET RB 96 30.41 25.49 59.79
N LEU RB 97 29.45 24.73 60.32
CA LEU RB 97 29.74 23.87 61.46
C LEU RB 97 30.77 22.81 61.12
N ALA RB 98 30.66 22.21 59.94
CA ALA RB 98 31.59 21.16 59.56
C ALA RB 98 32.98 21.70 59.29
N GLY RB 99 33.08 22.91 58.75
CA GLY RB 99 34.36 23.42 58.31
C GLY RB 99 34.78 22.93 56.95
N ASP RB 100 33.84 22.40 56.16
CA ASP RB 100 34.11 21.86 54.84
C ASP RB 100 32.90 22.16 53.95
N PRO RB 101 33.12 22.44 52.67
CA PRO RB 101 32.01 22.69 51.74
C PRO RB 101 31.46 21.45 51.06
N SER RB 102 31.89 20.25 51.50
CA SER RB 102 31.46 19.02 50.86
C SER RB 102 29.95 18.85 50.93
N ILE RB 103 29.34 19.28 52.02
CA ILE RB 103 27.89 19.17 52.15
C ILE RB 103 27.21 19.98 51.06
N LEU RB 104 27.70 21.19 50.82
CA LEU RB 104 27.08 22.04 49.81
C LEU RB 104 27.16 21.39 48.43
N ASP RB 105 28.33 20.90 48.05
CA ASP RB 105 28.46 20.26 46.74
C ASP RB 105 27.63 18.98 46.68
N GLU RB 106 27.59 18.22 47.77
CA GLU RB 106 26.94 16.91 47.75
C GLU RB 106 25.42 17.01 47.76
N ARG RB 107 24.87 17.92 48.55
CA ARG RB 107 23.44 17.95 48.82
C ARG RB 107 22.73 19.18 48.29
N VAL RB 108 23.45 20.18 47.80
CA VAL RB 108 22.80 21.43 47.39
C VAL RB 108 23.08 21.71 45.92
N LEU RB 109 24.36 21.78 45.56
CA LEU RB 109 24.78 22.33 44.28
C LEU RB 109 24.81 21.30 43.16
N ASN RB 110 24.51 20.03 43.43
CA ASN RB 110 24.50 19.03 42.37
C ASN RB 110 23.11 18.99 41.74
N GLY RB 111 23.05 19.23 40.44
CA GLY RB 111 21.79 19.25 39.73
C GLY RB 111 20.86 20.36 40.17
N LEU RB 112 21.41 21.45 40.72
CA LEU RB 112 20.58 22.57 41.16
C LEU RB 112 20.37 23.58 40.04
N LYS RB 113 21.43 23.91 39.28
CA LYS RB 113 21.26 24.85 38.19
C LYS RB 113 20.35 24.29 37.11
N GLU RB 114 20.47 22.99 36.81
CA GLU RB 114 19.62 22.40 35.78
C GLU RB 114 18.16 22.41 36.19
N THR RB 115 17.87 22.05 37.44
CA THR RB 115 16.48 22.10 37.90
C THR RB 115 15.95 23.52 37.85
N TYR RB 116 16.76 24.50 38.24
CA TYR RB 116 16.31 25.89 38.19
C TYR RB 116 16.07 26.33 36.76
N ASN RB 117 16.92 25.91 35.82
CA ASN RB 117 16.69 26.25 34.43
C ASN RB 117 15.38 25.63 33.92
N SER RB 118 15.12 24.37 34.29
CA SER RB 118 13.88 23.73 33.87
C SER RB 118 12.68 24.42 34.50
N LEU RB 119 12.79 24.78 35.78
CA LEU RB 119 11.67 25.42 36.48
C LEU RB 119 11.40 26.83 35.96
N GLY RB 120 12.42 27.49 35.42
CA GLY RB 120 12.32 28.88 35.06
C GLY RB 120 12.77 29.85 36.13
N VAL RB 121 13.28 29.34 37.25
CA VAL RB 121 13.75 30.20 38.34
C VAL RB 121 14.96 30.98 37.85
N PRO RB 122 15.06 32.29 38.13
CA PRO RB 122 16.25 33.06 37.75
C PRO RB 122 17.40 32.79 38.70
N ILE RB 123 18.45 32.14 38.17
CA ILE RB 123 19.61 31.82 38.99
C ILE RB 123 20.25 33.10 39.52
N ALA RB 124 20.24 34.16 38.73
CA ALA RB 124 20.84 35.42 39.17
C ALA RB 124 20.10 35.98 40.38
N ALA RB 125 18.77 35.95 40.35
CA ALA RB 125 18.00 36.51 41.46
C ALA RB 125 18.17 35.66 42.73
N THR RB 126 18.26 34.34 42.58
CA THR RB 126 18.53 33.50 43.75
C THR RB 126 19.90 33.84 44.35
N VAL RB 127 20.89 34.06 43.48
CA VAL RB 127 22.23 34.40 43.96
C VAL RB 127 22.18 35.73 44.73
N GLN RB 128 21.46 36.72 44.19
CA GLN RB 128 21.30 37.98 44.90
C GLN RB 128 20.64 37.77 46.26
N ALA RB 129 19.59 36.94 46.30
CA ALA RB 129 18.87 36.74 47.56
C ALA RB 129 19.76 36.12 48.62
N ILE RB 130 20.52 35.08 48.25
CA ILE RB 130 21.39 34.47 49.25
C ILE RB 130 22.55 35.38 49.61
N GLN RB 131 22.95 36.29 48.72
CA GLN RB 131 23.90 37.32 49.10
C GLN RB 131 23.33 38.20 50.20
N ALA RB 132 22.05 38.58 50.08
CA ALA RB 132 21.41 39.35 51.14
C ALA RB 132 21.33 38.54 52.43
N MET RB 133 21.00 37.24 52.33
CA MET RB 133 21.06 36.38 53.50
C MET RB 133 22.44 36.41 54.13
N LYS RB 134 23.48 36.41 53.30
CA LYS RB 134 24.85 36.43 53.81
C LYS RB 134 25.09 37.67 54.65
N GLU RB 135 24.61 38.84 54.18
CA GLU RB 135 24.76 40.06 54.95
C GLU RB 135 24.10 39.93 56.31
N VAL RB 136 22.83 39.51 56.33
CA VAL RB 136 22.07 39.46 57.56
C VAL RB 136 22.70 38.48 58.54
N THR RB 137 23.05 37.28 58.06
CA THR RB 137 23.61 36.27 58.95
C THR RB 137 24.97 36.68 59.47
N ALA RB 138 25.77 37.38 58.66
CA ALA RB 138 27.07 37.86 59.12
C ALA RB 138 26.89 38.87 60.26
N SER RB 139 25.92 39.77 60.11
CA SER RB 139 25.68 40.74 61.18
C SER RB 139 25.30 40.05 62.48
N LEU RB 140 24.45 39.02 62.40
CA LEU RB 140 23.99 38.35 63.61
C LEU RB 140 25.12 37.57 64.28
N VAL RB 141 25.88 36.80 63.51
CA VAL RB 141 26.89 35.94 64.13
C VAL RB 141 28.16 36.68 64.49
N GLY RB 142 28.39 37.87 63.95
CA GLY RB 142 29.63 38.58 64.16
C GLY RB 142 30.55 38.50 62.96
N ALA RB 143 31.66 39.21 63.06
CA ALA RB 143 32.51 39.44 61.89
C ALA RB 143 33.28 38.19 61.48
N ASP RB 144 34.01 37.58 62.41
CA ASP RB 144 34.86 36.45 62.05
C ASP RB 144 34.03 35.23 61.69
N ALA RB 145 33.02 34.90 62.50
CA ALA RB 145 32.03 33.93 62.07
C ALA RB 145 31.31 34.39 60.82
N GLY RB 146 31.24 35.71 60.60
CA GLY RB 146 30.69 36.22 59.35
C GLY RB 146 31.58 35.91 58.16
N LYS RB 147 32.90 35.94 58.35
CA LYS RB 147 33.78 35.50 57.28
C LYS RB 147 33.57 34.02 56.97
N GLU RB 148 33.39 33.20 58.01
CA GLU RB 148 33.22 31.77 57.80
C GLU RB 148 31.90 31.45 57.10
N MET RB 149 30.81 32.08 57.53
CA MET RB 149 29.55 31.89 56.84
C MET RB 149 29.64 32.35 55.39
N GLY RB 150 30.40 33.42 55.16
CA GLY RB 150 30.45 34.01 53.83
C GLY RB 150 31.04 33.09 52.78
N ILE RB 151 32.10 32.36 53.15
CA ILE RB 151 32.76 31.52 52.14
C ILE RB 151 31.81 30.44 51.65
N TYR RB 152 30.98 29.89 52.54
CA TYR RB 152 30.05 28.85 52.13
C TYR RB 152 28.86 29.43 51.38
N PHE RB 153 28.40 30.63 51.77
CA PHE RB 153 27.37 31.29 50.98
C PHE RB 153 27.86 31.61 49.58
N ASP RB 154 29.11 32.08 49.47
CA ASP RB 154 29.69 32.32 48.14
C ASP RB 154 29.81 31.03 47.36
N TYR RB 155 30.16 29.94 48.04
CA TYR RB 155 30.21 28.63 47.39
C TYR RB 155 28.88 28.29 46.76
N ILE RB 156 27.78 28.51 47.50
CA ILE RB 156 26.45 28.25 46.96
C ILE RB 156 26.18 29.14 45.76
N CYS RB 157 26.56 30.42 45.84
CA CYS RB 157 26.36 31.32 44.71
C CYS RB 157 27.08 30.81 43.47
N SER RB 158 28.34 30.38 43.64
CA SER RB 158 29.12 29.91 42.52
C SER RB 158 28.50 28.68 41.88
N GLY RB 159 28.00 27.76 42.71
CA GLY RB 159 27.33 26.59 42.17
C GLY RB 159 26.09 26.96 41.35
N LEU RB 160 25.29 27.89 41.87
CA LEU RB 160 24.13 28.36 41.12
C LEU RB 160 24.55 29.04 39.82
N SER RB 161 25.64 29.80 39.86
CA SER RB 161 26.11 30.51 38.68
C SER RB 161 26.94 29.60 37.79
N SER SB 2 16.22 13.29 77.59
CA SER SB 2 17.57 13.50 78.09
C SER SB 2 18.61 12.94 77.12
N VAL SB 3 19.87 13.28 77.37
CA VAL SB 3 20.95 12.79 76.52
C VAL SB 3 21.06 11.27 76.62
N VAL SB 4 20.87 10.72 77.83
CA VAL SB 4 21.03 9.29 78.03
C VAL SB 4 19.98 8.52 77.23
N THR SB 5 18.71 8.94 77.31
CA THR SB 5 17.67 8.26 76.56
C THR SB 5 17.85 8.46 75.06
N LYS SB 6 18.37 9.63 74.64
CA LYS SB 6 18.63 9.83 73.23
C LYS SB 6 19.69 8.88 72.72
N SER SB 7 20.79 8.73 73.46
CA SER SB 7 21.85 7.81 73.06
C SER SB 7 21.34 6.38 73.01
N ILE SB 8 20.52 5.99 73.99
CA ILE SB 8 19.98 4.63 74.02
C ILE SB 8 19.07 4.40 72.82
N VAL SB 9 18.28 5.40 72.46
CA VAL SB 9 17.39 5.27 71.31
C VAL SB 9 18.19 5.06 70.03
N ASN SB 10 19.24 5.88 69.84
CA ASN SB 10 20.08 5.72 68.66
C ASN SB 10 20.75 4.36 68.63
N ALA SB 11 21.24 3.91 69.78
CA ALA SB 11 21.91 2.61 69.83
C ALA SB 11 20.94 1.47 69.58
N ASP SB 12 19.71 1.59 70.06
CA ASP SB 12 18.71 0.56 69.80
C ASP SB 12 18.38 0.48 68.32
N ALA SB 13 18.26 1.64 67.66
CA ALA SB 13 18.01 1.64 66.22
C ALA SB 13 19.19 1.05 65.46
N GLU SB 14 20.40 1.45 65.82
CA GLU SB 14 21.60 0.93 65.17
C GLU SB 14 21.95 -0.49 65.61
N ALA SB 15 21.20 -1.04 66.57
CA ALA SB 15 21.39 -2.42 67.05
C ALA SB 15 22.78 -2.64 67.63
N ARG SB 16 23.33 -1.62 68.28
CA ARG SB 16 24.66 -1.70 68.86
C ARG SB 16 24.64 -1.12 70.27
N TYR SB 17 25.60 -1.56 71.07
CA TYR SB 17 25.82 -0.94 72.36
C TYR SB 17 26.39 0.46 72.16
N LEU SB 18 26.12 1.35 73.11
CA LEU SB 18 26.54 2.75 72.99
C LEU SB 18 27.99 2.85 72.57
N SER SB 19 28.24 3.59 71.50
CA SER SB 19 29.59 3.78 71.02
C SER SB 19 30.39 4.56 72.06
N PRO SB 20 31.72 4.49 72.01
CA PRO SB 20 32.52 5.31 72.93
C PRO SB 20 32.19 6.78 72.84
N GLY SB 21 31.83 7.27 71.65
CA GLY SB 21 31.42 8.67 71.54
C GLY SB 21 30.16 8.96 72.33
N GLU SB 22 29.13 8.11 72.18
CA GLU SB 22 27.89 8.32 72.92
C GLU SB 22 28.11 8.18 74.42
N LEU SB 23 28.92 7.21 74.83
CA LEU SB 23 29.25 7.06 76.25
C LEU SB 23 29.96 8.30 76.77
N ASP SB 24 30.88 8.85 75.97
CA ASP SB 24 31.55 10.09 76.36
C ASP SB 24 30.55 11.22 76.55
N ARG SB 25 29.56 11.33 75.66
CA ARG SB 25 28.61 12.43 75.75
C ARG SB 25 27.76 12.33 77.01
N ILE SB 26 27.28 11.12 77.33
CA ILE SB 26 26.47 10.98 78.54
C ILE SB 26 27.34 11.20 79.78
N LYS SB 27 28.63 10.88 79.69
CA LYS SB 27 29.55 11.24 80.77
C LYS SB 27 29.52 12.74 81.04
N ASN SB 28 29.70 13.54 79.99
CA ASN SB 28 29.77 14.99 80.16
C ASN SB 28 28.46 15.54 80.68
N PHE SB 29 27.33 15.00 80.19
CA PHE SB 29 26.03 15.40 80.73
C PHE SB 29 25.93 15.09 82.21
N VAL SB 30 26.43 13.92 82.62
CA VAL SB 30 26.44 13.56 84.04
C VAL SB 30 27.26 14.56 84.84
N SER SB 31 28.42 14.95 84.32
CA SER SB 31 29.30 15.85 85.06
C SER SB 31 28.66 17.22 85.24
N THR SB 32 27.96 17.72 84.22
CA THR SB 32 27.34 19.04 84.31
C THR SB 32 25.92 18.99 84.86
N GLY SB 33 25.46 17.80 85.28
CA GLY SB 33 24.11 17.70 85.83
C GLY SB 33 23.89 18.53 87.07
N GLU SB 34 24.90 18.63 87.95
CA GLU SB 34 24.74 19.41 89.16
C GLU SB 34 24.53 20.89 88.86
N ARG SB 35 25.32 21.43 87.92
CA ARG SB 35 25.11 22.82 87.52
C ARG SB 35 23.74 23.00 86.86
N ARG SB 36 23.30 22.03 86.06
CA ARG SB 36 21.99 22.13 85.46
C ARG SB 36 20.90 22.19 86.53
N LEU SB 37 21.02 21.37 87.57
CA LEU SB 37 20.08 21.42 88.67
C LEU SB 37 20.12 22.77 89.38
N ARG SB 38 21.31 23.32 89.57
CA ARG SB 38 21.45 24.62 90.21
C ARG SB 38 20.77 25.71 89.39
N ILE SB 39 20.95 25.68 88.06
CA ILE SB 39 20.31 26.66 87.19
C ILE SB 39 18.79 26.55 87.29
N ALA SB 40 18.26 25.32 87.29
CA ALA SB 40 16.83 25.14 87.43
C ALA SB 40 16.35 25.66 88.79
N GLN SB 41 17.14 25.46 89.84
CA GLN SB 41 16.75 25.90 91.17
C GLN SB 41 16.61 27.41 91.23
N THR SB 42 17.57 28.15 90.68
CA THR SB 42 17.45 29.60 90.73
C THR SB 42 16.32 30.08 89.82
N LEU SB 43 16.07 29.40 88.71
CA LEU SB 43 14.95 29.76 87.85
C LEU SB 43 13.63 29.63 88.57
N THR SB 44 13.42 28.51 89.29
CA THR SB 44 12.17 28.35 90.02
C THR SB 44 12.11 29.28 91.23
N GLU SB 45 13.27 29.64 91.79
CA GLU SB 45 13.28 30.62 92.88
C GLU SB 45 12.72 31.95 92.42
N ASN SB 46 13.15 32.42 91.25
CA ASN SB 46 12.69 33.69 90.70
C ASN SB 46 11.59 33.48 89.66
N ARG SB 47 10.84 32.39 89.78
CA ARG SB 47 9.73 32.08 88.89
C ARG SB 47 8.82 33.27 88.63
N GLU SB 48 8.24 33.83 89.70
CA GLU SB 48 7.23 34.87 89.56
C GLU SB 48 7.82 36.15 88.98
N ARG SB 49 9.00 36.55 89.45
CA ARG SB 49 9.62 37.78 88.99
C ARG SB 49 9.84 37.77 87.49
N ILE SB 50 10.41 36.68 86.98
CA ILE SB 50 10.70 36.57 85.55
C ILE SB 50 9.42 36.72 84.74
N VAL SB 51 8.39 35.95 85.10
CA VAL SB 51 7.14 35.97 84.34
C VAL SB 51 6.52 37.36 84.35
N LYS SB 52 6.44 37.96 85.55
CA LYS SB 52 5.74 39.23 85.68
C LYS SB 52 6.42 40.33 84.87
N GLN SB 53 7.72 40.53 85.09
CA GLN SB 53 8.38 41.66 84.43
C GLN SB 53 8.59 41.40 82.94
N ALA SB 54 8.87 40.16 82.55
CA ALA SB 54 9.01 39.86 81.13
C ALA SB 54 7.69 40.05 80.40
N GLY SB 55 6.58 39.61 81.00
CA GLY SB 55 5.29 39.84 80.38
C GLY SB 55 4.97 41.31 80.25
N ASP SB 56 5.32 42.10 81.26
CA ASP SB 56 5.13 43.54 81.16
C ASP SB 56 5.97 44.13 80.03
N GLN SB 57 7.19 43.63 79.85
CA GLN SB 57 8.02 44.08 78.73
C GLN SB 57 7.38 43.73 77.40
N LEU SB 58 6.81 42.52 77.29
CA LEU SB 58 6.10 42.14 76.06
C LEU SB 58 4.94 43.08 75.79
N PHE SB 59 4.16 43.40 76.82
CA PHE SB 59 3.04 44.32 76.64
C PHE SB 59 3.52 45.71 76.25
N GLN SB 60 4.67 46.13 76.78
CA GLN SB 60 5.21 47.43 76.41
C GLN SB 60 5.58 47.48 74.93
N LYS SB 61 6.22 46.43 74.42
CA LYS SB 61 6.61 46.43 73.02
C LYS SB 61 5.43 46.14 72.10
N ARG SB 62 4.36 45.53 72.61
CA ARG SB 62 3.17 45.21 71.82
C ARG SB 62 1.96 45.88 72.45
N PRO SB 63 1.66 47.13 72.10
CA PRO SB 63 0.40 47.74 72.56
C PRO SB 63 -0.82 47.00 72.08
N ASP SB 64 -0.76 46.41 70.87
CA ASP SB 64 -1.90 45.72 70.30
C ASP SB 64 -2.35 44.54 71.14
N VAL SB 65 -1.41 43.86 71.80
CA VAL SB 65 -1.75 42.68 72.59
C VAL SB 65 -2.69 43.03 73.72
N VAL SB 66 -2.40 44.11 74.45
CA VAL SB 66 -3.20 44.51 75.60
C VAL SB 66 -4.27 45.53 75.21
N SER SB 67 -4.43 45.79 73.92
CA SER SB 67 -5.44 46.69 73.39
C SER SB 67 -6.63 45.90 72.88
N PRO SB 68 -7.77 46.57 72.63
CA PRO SB 68 -8.90 45.87 72.03
C PRO SB 68 -8.53 45.27 70.68
N GLY SB 69 -9.05 44.07 70.42
CA GLY SB 69 -8.61 43.29 69.29
C GLY SB 69 -7.37 42.47 69.53
N GLY SB 70 -6.77 42.57 70.72
CA GLY SB 70 -5.63 41.75 71.09
C GLY SB 70 -6.08 40.57 71.93
N ASN SB 71 -5.33 39.47 71.85
CA ASN SB 71 -5.73 38.25 72.52
C ASN SB 71 -5.75 38.43 74.04
N ALA SB 72 -4.72 39.05 74.59
CA ALA SB 72 -4.65 39.32 76.02
C ALA SB 72 -5.16 40.72 76.32
N TYR SB 73 -6.47 40.89 76.10
CA TYR SB 73 -7.15 42.16 76.32
C TYR SB 73 -8.03 42.03 77.56
N GLY SB 74 -7.84 42.93 78.51
CA GLY SB 74 -8.47 42.82 79.81
C GLY SB 74 -7.55 42.17 80.83
N GLU SB 75 -7.83 42.44 82.10
CA GLU SB 75 -6.98 41.96 83.18
C GLU SB 75 -6.96 40.43 83.22
N GLU SB 76 -8.13 39.80 83.09
CA GLU SB 76 -8.19 38.35 83.17
C GLU SB 76 -7.39 37.70 82.05
N MET SB 77 -7.55 38.21 80.83
CA MET SB 77 -6.84 37.64 79.69
C MET SB 77 -5.34 37.84 79.81
N THR SB 78 -4.90 39.01 80.29
CA THR SB 78 -3.48 39.22 80.52
C THR SB 78 -2.95 38.25 81.57
N ALA SB 79 -3.76 37.92 82.57
CA ALA SB 79 -3.35 36.95 83.57
C ALA SB 79 -3.15 35.56 82.96
N THR SB 80 -4.07 35.14 82.08
CA THR SB 80 -3.90 33.85 81.43
C THR SB 80 -2.67 33.83 80.54
N CYS SB 81 -2.38 34.95 79.85
CA CYS SB 81 -1.17 35.00 79.05
C CYS SB 81 0.06 34.83 79.92
N LEU SB 82 0.08 35.47 81.08
CA LEU SB 82 1.19 35.28 82.01
C LEU SB 82 1.26 33.85 82.50
N ARG SB 83 0.11 33.17 82.62
CA ARG SB 83 0.14 31.76 82.97
C ARG SB 83 0.90 30.94 81.93
N ASP SB 84 0.66 31.22 80.65
CA ASP SB 84 1.39 30.51 79.60
C ASP SB 84 2.88 30.76 79.70
N LEU SB 85 3.27 32.01 79.97
CA LEU SB 85 4.69 32.30 80.15
C LEU SB 85 5.28 31.49 81.30
N ASP SB 86 4.53 31.36 82.39
CA ASP SB 86 4.99 30.55 83.52
C ASP SB 86 5.16 29.10 83.11
N TYR SB 87 4.22 28.56 82.33
CA TYR SB 87 4.34 27.19 81.85
C TYR SB 87 5.62 26.99 81.06
N TYR SB 88 5.94 27.93 80.18
CA TYR SB 88 7.14 27.79 79.36
C TYR SB 88 8.41 27.87 80.22
N LEU SB 89 8.41 28.73 81.23
CA LEU SB 89 9.56 28.77 82.15
C LEU SB 89 9.76 27.42 82.82
N ARG SB 90 8.66 26.80 83.28
CA ARG SB 90 8.74 25.50 83.91
C ARG SB 90 9.33 24.46 82.95
N LEU SB 91 8.91 24.50 81.69
CA LEU SB 91 9.45 23.56 80.71
C LEU SB 91 10.94 23.80 80.50
N VAL SB 92 11.37 25.06 80.48
CA VAL SB 92 12.79 25.36 80.28
C VAL SB 92 13.63 24.79 81.42
N THR SB 93 13.14 24.91 82.66
CA THR SB 93 13.88 24.31 83.78
C THR SB 93 13.99 22.80 83.62
N TYR SB 94 12.89 22.15 83.21
CA TYR SB 94 12.96 20.71 82.94
C TYR SB 94 14.01 20.40 81.90
N GLY SB 95 14.03 21.18 80.81
CA GLY SB 95 14.97 20.90 79.73
C GLY SB 95 16.41 21.08 80.14
N ILE SB 96 16.70 22.12 80.92
CA ILE SB 96 18.05 22.31 81.43
C ILE SB 96 18.48 21.14 82.29
N VAL SB 97 17.60 20.68 83.17
CA VAL SB 97 17.91 19.53 84.02
C VAL SB 97 18.14 18.29 83.16
N ALA SB 98 17.29 18.09 82.15
CA ALA SB 98 17.42 16.90 81.31
C ALA SB 98 18.68 16.93 80.45
N GLY SB 99 19.20 18.12 80.16
CA GLY SB 99 20.35 18.25 79.29
C GLY SB 99 20.05 18.18 77.81
N ASP SB 100 18.78 18.09 77.43
CA ASP SB 100 18.38 18.04 76.03
C ASP SB 100 17.01 18.67 75.89
N VAL SB 101 16.65 19.00 74.65
CA VAL SB 101 15.37 19.67 74.39
C VAL SB 101 14.19 18.72 74.32
N THR SB 102 14.41 17.43 74.55
CA THR SB 102 13.35 16.44 74.40
C THR SB 102 12.13 16.73 75.27
N PRO SB 103 12.25 16.97 76.58
CA PRO SB 103 11.03 17.26 77.36
C PRO SB 103 10.32 18.51 76.92
N ILE SB 104 11.06 19.58 76.59
CA ILE SB 104 10.45 20.82 76.14
C ILE SB 104 9.67 20.58 74.86
N GLU SB 105 10.27 19.87 73.91
CA GLU SB 105 9.63 19.63 72.63
C GLU SB 105 8.34 18.84 72.80
N GLU SB 106 8.39 17.74 73.57
CA GLU SB 106 7.22 16.89 73.71
C GLU SB 106 6.11 17.60 74.49
N ILE SB 107 6.46 18.27 75.60
CA ILE SB 107 5.44 18.83 76.47
C ILE SB 107 4.81 20.06 75.86
N GLY SB 108 5.60 20.95 75.26
CA GLY SB 108 5.05 22.23 74.87
C GLY SB 108 5.48 22.83 73.54
N LEU SB 109 5.88 21.99 72.58
CA LEU SB 109 6.22 22.51 71.26
C LEU SB 109 5.66 21.71 70.10
N VAL SB 110 5.05 20.54 70.32
CA VAL SB 110 4.52 19.72 69.25
C VAL SB 110 3.11 20.23 68.95
N GLY SB 111 2.99 21.00 67.88
CA GLY SB 111 1.71 21.62 67.56
C GLY SB 111 1.45 22.93 68.28
N VAL SB 112 2.50 23.62 68.72
CA VAL SB 112 2.33 24.89 69.42
C VAL SB 112 1.56 25.86 68.54
N ARG SB 113 1.88 25.89 67.24
CA ARG SB 113 1.18 26.77 66.32
C ARG SB 113 -0.28 26.35 66.16
N GLU SB 114 -0.54 25.04 66.09
CA GLU SB 114 -1.92 24.60 65.93
C GLU SB 114 -2.77 25.00 67.13
N MET SB 115 -2.24 24.81 68.35
CA MET SB 115 -2.96 25.21 69.55
C MET SB 115 -3.24 26.71 69.55
N TYR SB 116 -2.22 27.51 69.23
CA TYR SB 116 -2.40 28.95 69.23
C TYR SB 116 -3.29 29.43 68.10
N ASN SB 117 -3.27 28.73 66.96
CA ASN SB 117 -4.19 29.08 65.87
C ASN SB 117 -5.63 28.84 66.29
N SER SB 118 -5.89 27.73 66.97
CA SER SB 118 -7.24 27.47 67.47
C SER SB 118 -7.65 28.54 68.47
N LEU SB 119 -6.72 28.97 69.32
CA LEU SB 119 -7.02 30.01 70.29
C LEU SB 119 -7.16 31.38 69.66
N GLY SB 120 -6.56 31.60 68.49
CA GLY SB 120 -6.53 32.92 67.88
C GLY SB 120 -5.35 33.78 68.28
N THR SB 121 -4.40 33.24 69.05
CA THR SB 121 -3.25 33.94 69.60
C THR SB 121 -2.17 34.15 68.54
N PRO SB 122 -1.47 35.28 68.55
CA PRO SB 122 -0.35 35.50 67.62
C PRO SB 122 0.93 34.86 68.10
N ILE SB 123 1.50 33.98 67.27
CA ILE SB 123 2.71 33.24 67.62
C ILE SB 123 3.96 34.12 67.72
N PRO SB 124 4.19 35.11 66.83
CA PRO SB 124 5.42 35.93 67.03
C PRO SB 124 5.37 36.73 68.32
N ALA SB 125 4.19 37.15 68.76
CA ALA SB 125 4.07 37.85 70.03
C ALA SB 125 4.40 36.92 71.19
N VAL SB 126 3.95 35.67 71.14
CA VAL SB 126 4.35 34.70 72.15
C VAL SB 126 5.86 34.56 72.18
N ALA SB 127 6.48 34.53 71.00
CA ALA SB 127 7.94 34.42 70.92
C ALA SB 127 8.63 35.61 71.57
N GLU SB 128 8.10 36.82 71.35
CA GLU SB 128 8.68 38.00 71.97
C GLU SB 128 8.61 37.93 73.48
N GLY SB 129 7.49 37.45 74.02
CA GLY SB 129 7.39 37.28 75.46
C GLY SB 129 8.42 36.33 76.01
N ILE SB 130 8.65 35.21 75.31
CA ILE SB 130 9.66 34.25 75.76
C ILE SB 130 11.06 34.85 75.66
N ARG SB 131 11.31 35.68 74.64
CA ARG SB 131 12.59 36.38 74.57
C ARG SB 131 12.80 37.27 75.79
N ALA SB 132 11.77 37.99 76.20
CA ALA SB 132 11.88 38.82 77.41
C ALA SB 132 12.16 37.97 78.64
N MET SB 133 11.52 36.80 78.74
CA MET SB 133 11.82 35.89 79.84
C MET SB 133 13.28 35.47 79.82
N LYS SB 134 13.82 35.21 78.63
CA LYS SB 134 15.22 34.85 78.51
C LYS SB 134 16.13 35.96 79.04
N ASN SB 135 15.82 37.21 78.69
CA ASN SB 135 16.66 38.32 79.15
C ASN SB 135 16.65 38.43 80.66
N VAL SB 136 15.46 38.34 81.27
CA VAL SB 136 15.36 38.45 82.72
C VAL SB 136 16.11 37.31 83.40
N ALA SB 137 15.92 36.09 82.90
CA ALA SB 137 16.60 34.94 83.49
C ALA SB 137 18.11 35.08 83.36
N CYS SB 138 18.60 35.58 82.21
CA CYS SB 138 20.03 35.73 82.02
C CYS SB 138 20.61 36.74 83.01
N SER SB 139 19.88 37.82 83.28
CA SER SB 139 20.34 38.79 84.27
C SER SB 139 20.46 38.15 85.65
N LEU SB 140 19.47 37.31 86.01
CA LEU SB 140 19.54 36.62 87.29
C LEU SB 140 20.71 35.64 87.35
N LEU SB 141 20.98 34.94 86.25
CA LEU SB 141 22.01 33.91 86.21
C LEU SB 141 23.39 34.52 86.05
N SER SB 142 24.40 33.71 86.37
CA SER SB 142 25.77 34.08 86.04
C SER SB 142 25.99 33.91 84.53
N ALA SB 143 27.11 34.46 84.05
CA ALA SB 143 27.36 34.48 82.61
C ALA SB 143 27.40 33.07 82.03
N GLU SB 144 28.11 32.16 82.70
CA GLU SB 144 28.15 30.78 82.23
C GLU SB 144 26.78 30.12 82.34
N ASP SB 145 26.08 30.34 83.45
CA ASP SB 145 24.74 29.77 83.62
C ASP SB 145 23.75 30.36 82.63
N ALA SB 146 23.82 31.67 82.39
CA ALA SB 146 22.89 32.30 81.48
C ALA SB 146 23.02 31.72 80.08
N ALA SB 147 24.25 31.40 79.67
CA ALA SB 147 24.46 30.82 78.34
C ALA SB 147 23.74 29.47 78.20
N GLU SB 148 23.84 28.63 79.23
CA GLU SB 148 23.22 27.31 79.15
C GLU SB 148 21.70 27.42 79.08
N ALA SB 149 21.10 28.25 79.94
CA ALA SB 149 19.65 28.42 79.92
C ALA SB 149 19.18 29.14 78.67
N GLY SB 150 19.99 30.07 78.17
CA GLY SB 150 19.61 30.83 76.99
C GLY SB 150 19.43 29.95 75.77
N SER SB 151 20.20 28.87 75.67
CA SER SB 151 20.08 27.98 74.51
C SER SB 151 18.70 27.34 74.45
N TYR SB 152 18.19 26.86 75.59
CA TYR SB 152 16.85 26.28 75.60
C TYR SB 152 15.80 27.33 75.28
N PHE SB 153 15.96 28.55 75.82
CA PHE SB 153 15.06 29.63 75.45
C PHE SB 153 15.12 29.90 73.95
N ASP SB 154 16.32 29.86 73.37
CA ASP SB 154 16.47 30.11 71.94
C ASP SB 154 15.76 29.05 71.12
N PHE SB 155 15.85 27.79 71.53
CA PHE SB 155 15.12 26.75 70.81
C PHE SB 155 13.62 27.01 70.86
N VAL SB 156 13.11 27.42 72.02
CA VAL SB 156 11.68 27.64 72.17
C VAL SB 156 11.22 28.77 71.25
N ILE SB 157 11.96 29.88 71.23
CA ILE SB 157 11.53 31.01 70.40
C ILE SB 157 11.64 30.65 68.92
N GLY SB 158 12.68 29.89 68.55
CA GLY SB 158 12.81 29.46 67.16
C GLY SB 158 11.63 28.60 66.73
N ALA SB 159 11.17 27.71 67.61
CA ALA SB 159 9.98 26.93 67.32
C ALA SB 159 8.74 27.82 67.24
N MET SB 160 8.69 28.87 68.06
CA MET SB 160 7.53 29.76 68.05
C MET SB 160 7.38 30.45 66.70
N GLN SB 161 8.49 30.91 66.12
CA GLN SB 161 8.49 31.64 64.85
C GLN SB 161 7.53 31.08 63.79
N MET TB 1 10.92 5.61 75.47
CA MET TB 1 11.80 5.26 76.58
C MET TB 1 11.91 6.41 77.57
N GLN TB 2 12.02 6.07 78.86
CA GLN TB 2 12.13 7.05 79.92
C GLN TB 2 13.42 6.82 80.70
N ASP TB 3 14.25 7.84 80.78
CA ASP TB 3 15.37 7.86 81.70
C ASP TB 3 14.86 8.03 83.13
N ALA TB 4 15.76 7.86 84.11
CA ALA TB 4 15.40 8.20 85.48
C ALA TB 4 15.07 9.68 85.59
N ILE TB 5 15.88 10.53 84.94
CA ILE TB 5 15.61 11.96 84.92
C ILE TB 5 14.31 12.25 84.19
N THR TB 6 14.07 11.56 83.07
CA THR TB 6 12.84 11.77 82.33
C THR TB 6 11.62 11.43 83.17
N ALA TB 7 11.69 10.31 83.90
CA ALA TB 7 10.55 9.90 84.73
C ALA TB 7 10.29 10.92 85.84
N VAL TB 8 11.35 11.39 86.51
CA VAL TB 8 11.18 12.36 87.59
C VAL TB 8 10.59 13.65 87.04
N ILE TB 9 11.12 14.12 85.92
CA ILE TB 9 10.61 15.35 85.31
C ILE TB 9 9.16 15.16 84.88
N ASN TB 10 8.83 13.96 84.38
CA ASN TB 10 7.46 13.69 83.95
C ASN TB 10 6.49 13.74 85.13
N ALA TB 11 6.88 13.19 86.28
CA ALA TB 11 6.03 13.25 87.44
C ALA TB 11 5.78 14.69 87.87
N SER TB 12 6.85 15.50 87.90
CA SER TB 12 6.69 16.91 88.24
C SER TB 12 5.80 17.62 87.23
N ASP TB 13 5.96 17.30 85.95
CA ASP TB 13 5.16 17.93 84.91
C ASP TB 13 3.68 17.58 85.07
N VAL TB 14 3.37 16.32 85.40
CA VAL TB 14 1.99 15.93 85.62
C VAL TB 14 1.38 16.72 86.77
N GLN TB 15 2.14 16.88 87.85
CA GLN TB 15 1.67 17.74 88.94
C GLN TB 15 1.46 19.17 88.47
N GLY TB 16 2.28 19.64 87.53
CA GLY TB 16 2.25 21.01 87.09
C GLY TB 16 3.10 21.95 87.91
N LYS TB 17 3.62 21.47 89.04
CA LYS TB 17 4.54 22.26 89.86
C LYS TB 17 5.96 22.07 89.37
N TYR TB 18 6.80 23.06 89.64
CA TYR TB 18 8.21 22.97 89.29
C TYR TB 18 8.86 21.81 90.05
N LEU TB 19 10.11 21.52 89.69
CA LEU TB 19 10.84 20.41 90.30
C LEU TB 19 10.87 20.55 91.81
N ASP TB 20 10.36 19.53 92.50
CA ASP TB 20 10.31 19.53 93.96
C ASP TB 20 11.70 19.30 94.53
N THR TB 21 11.85 19.59 95.82
CA THR TB 21 13.13 19.36 96.47
C THR TB 21 13.48 17.87 96.47
N ALA TB 22 12.48 17.00 96.68
CA ALA TB 22 12.72 15.57 96.60
C ALA TB 22 13.05 15.16 95.16
N ALA TB 23 12.42 15.81 94.18
CA ALA TB 23 12.75 15.52 92.79
C ALA TB 23 14.20 15.87 92.49
N MET TB 24 14.68 17.01 92.99
CA MET TB 24 16.08 17.37 92.82
C MET TB 24 16.98 16.31 93.44
N GLU TB 25 16.62 15.80 94.61
CA GLU TB 25 17.44 14.78 95.25
C GLU TB 25 17.50 13.50 94.42
N LYS TB 26 16.37 13.10 93.84
CA LYS TB 26 16.37 11.93 92.95
C LYS TB 26 17.30 12.14 91.76
N LEU TB 27 17.22 13.32 91.15
CA LEU TB 27 18.09 13.63 90.01
C LEU TB 27 19.55 13.60 90.41
N LYS TB 28 19.88 14.15 91.57
CA LYS TB 28 21.25 14.12 92.06
C LYS TB 28 21.75 12.69 92.23
N ALA TB 29 20.90 11.81 92.78
CA ALA TB 29 21.30 10.42 92.97
C ALA TB 29 21.62 9.75 91.64
N TYR TB 30 20.78 9.97 90.62
CA TYR TB 30 21.05 9.37 89.32
C TYR TB 30 22.36 9.89 88.75
N PHE TB 31 22.62 11.19 88.87
CA PHE TB 31 23.89 11.74 88.40
C PHE TB 31 25.06 11.11 89.15
N ALA TB 32 24.88 10.82 90.44
CA ALA TB 32 25.96 10.24 91.23
C ALA TB 32 26.35 8.87 90.69
N THR TB 33 25.37 8.05 90.31
CA THR TB 33 25.64 6.70 89.82
C THR TB 33 25.89 6.64 88.31
N GLY TB 34 25.73 7.77 87.61
CA GLY TB 34 25.82 7.75 86.15
C GLY TB 34 27.16 7.28 85.62
N GLU TB 35 28.26 7.76 86.21
CA GLU TB 35 29.58 7.42 85.70
C GLU TB 35 29.86 5.93 85.83
N LEU TB 36 29.43 5.32 86.94
CA LEU TB 36 29.54 3.88 87.09
C LEU TB 36 28.74 3.16 86.02
N ARG TB 37 27.55 3.69 85.69
CA ARG TB 37 26.75 3.09 84.63
C ARG TB 37 27.48 3.11 83.30
N VAL TB 38 28.15 4.22 82.97
CA VAL TB 38 28.89 4.33 81.72
C VAL TB 38 29.99 3.28 81.67
N ARG TB 39 30.73 3.13 82.77
CA ARG TB 39 31.85 2.20 82.79
C ARG TB 39 31.38 0.77 82.57
N ALA TB 40 30.29 0.37 83.24
CA ALA TB 40 29.78 -0.99 83.09
C ALA TB 40 29.32 -1.25 81.67
N ALA TB 41 28.66 -0.26 81.05
CA ALA TB 41 28.21 -0.43 79.67
C ALA TB 41 29.37 -0.68 78.74
N SER TB 42 30.46 0.07 78.90
CA SER TB 42 31.63 -0.14 78.05
C SER TB 42 32.17 -1.55 78.23
N VAL TB 43 32.20 -2.05 79.47
CA VAL TB 43 32.80 -3.36 79.72
C VAL TB 43 32.02 -4.47 79.03
N ILE TB 44 30.69 -4.50 79.21
CA ILE TB 44 29.95 -5.61 78.63
C ILE TB 44 29.71 -5.43 77.15
N SER TB 45 29.86 -4.21 76.62
CA SER TB 45 29.86 -4.06 75.18
C SER TB 45 31.04 -4.80 74.56
N ALA TB 46 32.21 -4.72 75.20
CA ALA TB 46 33.40 -5.37 74.67
C ALA TB 46 33.29 -6.89 74.76
N ASN TB 47 32.66 -7.40 75.82
CA ASN TB 47 32.60 -8.83 76.07
C ASN TB 47 31.21 -9.42 75.85
N ALA TB 48 30.39 -8.77 75.02
CA ALA TB 48 28.99 -9.20 74.88
C ALA TB 48 28.89 -10.62 74.36
N ALA TB 49 29.61 -10.92 73.27
CA ALA TB 49 29.55 -12.26 72.69
C ALA TB 49 30.09 -13.30 73.66
N ASN TB 50 31.17 -12.97 74.38
CA ASN TB 50 31.73 -13.91 75.35
C ASN TB 50 30.75 -14.20 76.47
N ILE TB 51 30.04 -13.18 76.95
CA ILE TB 51 29.06 -13.39 78.02
C ILE TB 51 27.97 -14.34 77.56
N VAL TB 52 27.46 -14.13 76.34
CA VAL TB 52 26.43 -15.02 75.82
C VAL TB 52 26.98 -16.43 75.66
N LYS TB 53 28.20 -16.56 75.14
CA LYS TB 53 28.79 -17.88 74.94
C LYS TB 53 28.94 -18.63 76.26
N GLU TB 54 29.44 -17.94 77.30
CA GLU TB 54 29.62 -18.58 78.59
C GLU TB 54 28.29 -19.04 79.18
N ALA TB 55 27.27 -18.19 79.12
CA ALA TB 55 25.97 -18.56 79.69
C ALA TB 55 25.35 -19.72 78.94
N VAL TB 56 25.41 -19.71 77.61
CA VAL TB 56 24.88 -20.81 76.82
C VAL TB 56 25.57 -22.11 77.20
N ALA TB 57 26.90 -22.08 77.32
CA ALA TB 57 27.63 -23.28 77.71
C ALA TB 57 27.24 -23.72 79.12
N LYS TB 58 27.04 -22.77 80.03
CA LYS TB 58 26.78 -23.12 81.42
C LYS TB 58 25.47 -23.87 81.58
N SER TB 59 24.41 -23.44 80.93
CA SER TB 59 23.10 -24.05 81.17
C SER TB 59 22.44 -24.66 79.94
N LEU TB 60 22.67 -24.10 78.76
CA LEU TB 60 21.88 -24.50 77.59
C LEU TB 60 22.52 -25.60 76.74
N LEU TB 61 23.76 -26.00 77.03
CA LEU TB 61 24.47 -26.94 76.17
C LEU TB 61 24.61 -28.30 76.84
N TYR TB 62 24.72 -29.34 76.01
CA TYR TB 62 24.87 -30.71 76.47
C TYR TB 62 23.73 -31.08 77.42
N SER TB 63 22.53 -30.63 77.06
CA SER TB 63 21.32 -30.86 77.83
C SER TB 63 20.22 -31.35 76.88
N ASP TB 64 19.11 -31.78 77.47
CA ASP TB 64 18.02 -32.30 76.65
C ASP TB 64 17.47 -31.24 75.70
N ILE TB 65 17.49 -29.97 76.11
CA ILE TB 65 16.90 -28.93 75.28
C ILE TB 65 17.68 -28.76 73.97
N THR TB 66 19.00 -28.89 74.03
CA THR TB 66 19.79 -28.84 72.79
C THR TB 66 19.80 -30.17 72.06
N ARG TB 67 19.58 -31.28 72.77
CA ARG TB 67 19.43 -32.56 72.11
C ARG TB 67 18.11 -32.61 71.35
N PRO TB 68 17.97 -33.53 70.38
CA PRO TB 68 16.81 -33.48 69.47
C PRO TB 68 15.47 -33.44 70.19
N GLY TB 69 14.57 -32.62 69.66
CA GLY TB 69 13.24 -32.46 70.22
C GLY TB 69 13.16 -31.54 71.41
N GLY TB 70 14.22 -30.84 71.75
CA GLY TB 70 14.23 -30.01 72.95
C GLY TB 70 14.08 -28.52 72.74
N MET TB 72 15.88 -26.33 71.22
CA MET TB 72 17.10 -25.62 70.84
C MET TB 72 17.86 -26.42 69.79
N TYR TB 73 17.52 -27.70 69.68
CA TYR TB 73 18.00 -28.48 68.55
C TYR TB 73 17.50 -27.87 67.26
N THR TB 74 18.23 -28.16 66.17
CA THR TB 74 18.08 -27.56 64.84
C THR TB 74 18.87 -26.26 64.77
N THR TB 75 19.57 -26.06 63.66
CA THR TB 75 20.50 -24.94 63.53
C THR TB 75 19.80 -23.60 63.68
N ARG TB 76 18.65 -23.44 63.02
CA ARG TB 76 17.93 -22.17 63.07
C ARG TB 76 17.48 -21.86 64.49
N ARG TB 77 17.01 -22.86 65.22
CA ARG TB 77 16.53 -22.62 66.57
C ARG TB 77 17.69 -22.26 67.51
N TYR TB 78 18.86 -22.89 67.31
CA TYR TB 78 20.01 -22.53 68.12
C TYR TB 78 20.43 -21.09 67.86
N ALA TB 79 20.44 -20.67 66.59
CA ALA TB 79 20.79 -19.29 66.27
C ALA TB 79 19.77 -18.33 66.86
N ALA TB 80 18.49 -18.68 66.82
CA ALA TB 80 17.48 -17.84 67.44
C ALA TB 80 17.70 -17.74 68.94
N CYS TB 81 18.09 -18.84 69.58
CA CYS TB 81 18.28 -18.79 71.03
C CYS TB 81 19.44 -17.87 71.40
N ILE TB 82 20.56 -17.98 70.67
CA ILE TB 82 21.71 -17.15 71.03
C ILE TB 82 21.44 -15.68 70.77
N ARG TB 83 20.72 -15.37 69.69
CA ARG TB 83 20.41 -13.97 69.43
C ARG TB 83 19.38 -13.43 70.40
N ASP TB 84 18.48 -14.27 70.90
CA ASP TB 84 17.58 -13.84 71.96
C ASP TB 84 18.37 -13.48 73.21
N LEU TB 85 19.39 -14.27 73.54
CA LEU TB 85 20.21 -13.97 74.70
C LEU TB 85 20.97 -12.66 74.51
N ASP TB 86 21.49 -12.40 73.32
CA ASP TB 86 22.16 -11.14 73.09
C ASP TB 86 21.17 -9.98 73.11
N TYR TB 87 19.94 -10.21 72.64
CA TYR TB 87 18.89 -9.21 72.78
C TYR TB 87 18.66 -8.87 74.25
N TYR TB 88 18.53 -9.91 75.09
CA TYR TB 88 18.30 -9.69 76.52
C TYR TB 88 19.44 -8.91 77.14
N LEU TB 89 20.68 -9.29 76.81
CA LEU TB 89 21.85 -8.61 77.38
C LEU TB 89 21.93 -7.16 76.91
N ARG TB 90 21.64 -6.90 75.63
CA ARG TB 90 21.73 -5.55 75.11
C ARG TB 90 20.64 -4.66 75.70
N TYR TB 91 19.42 -5.15 75.82
CA TYR TB 91 18.39 -4.35 76.45
C TYR TB 91 18.63 -4.20 77.95
N ALA TB 92 19.27 -5.18 78.57
CA ALA TB 92 19.65 -5.05 79.97
C ALA TB 92 20.65 -3.92 80.15
N THR TB 93 21.62 -3.81 79.24
CA THR TB 93 22.58 -2.71 79.37
C THR TB 93 21.93 -1.36 79.06
N TYR TB 94 20.96 -1.33 78.16
CA TYR TB 94 20.21 -0.10 77.93
C TYR TB 94 19.48 0.33 79.19
N ALA TB 95 18.82 -0.63 79.86
CA ALA TB 95 18.09 -0.31 81.08
C ALA TB 95 19.04 0.11 82.20
N MET TB 96 20.20 -0.55 82.30
CA MET TB 96 21.17 -0.17 83.33
C MET TB 96 21.66 1.25 83.11
N LEU TB 97 22.02 1.59 81.87
CA LEU TB 97 22.44 2.95 81.56
C LEU TB 97 21.32 3.95 81.84
N ALA TB 98 20.10 3.58 81.51
CA ALA TB 98 18.97 4.49 81.70
C ALA TB 98 18.67 4.70 83.18
N GLY TB 99 18.89 3.69 84.00
CA GLY TB 99 18.46 3.78 85.38
C GLY TB 99 16.98 3.56 85.59
N ASP TB 100 16.31 2.92 84.64
CA ASP TB 100 14.89 2.64 84.74
C ASP TB 100 14.57 1.43 83.87
N PRO TB 101 13.53 0.66 84.21
CA PRO TB 101 13.16 -0.51 83.40
C PRO TB 101 12.15 -0.24 82.30
N SER TB 102 11.89 1.02 81.98
CA SER TB 102 10.86 1.35 80.99
C SER TB 102 11.19 0.76 79.63
N ILE TB 103 12.46 0.78 79.24
CA ILE TB 103 12.86 0.22 77.96
C ILE TB 103 12.54 -1.27 77.90
N LEU TB 104 12.84 -2.00 78.97
CA LEU TB 104 12.52 -3.41 79.01
C LEU TB 104 11.02 -3.64 78.83
N ASP TB 105 10.20 -2.87 79.55
CA ASP TB 105 8.75 -3.03 79.44
C ASP TB 105 8.28 -2.80 78.02
N GLU TB 106 8.64 -1.66 77.43
CA GLU TB 106 8.02 -1.24 76.18
C GLU TB 106 8.56 -2.03 74.98
N ARG TB 107 9.86 -2.32 74.95
CA ARG TB 107 10.45 -2.91 73.77
C ARG TB 107 10.74 -4.40 73.90
N VAL TB 108 10.69 -4.97 75.10
CA VAL TB 108 11.09 -6.36 75.26
C VAL TB 108 9.94 -7.23 75.73
N LEU TB 109 9.43 -6.96 76.92
CA LEU TB 109 8.57 -7.92 77.60
C LEU TB 109 7.20 -8.04 76.93
N ASN TB 110 6.71 -6.98 76.30
CA ASN TB 110 5.37 -7.01 75.73
C ASN TB 110 5.24 -8.08 74.67
N GLY TB 111 4.23 -8.93 74.81
CA GLY TB 111 4.01 -10.05 73.92
C GLY TB 111 5.07 -11.14 73.97
N LEU TB 112 6.17 -10.92 74.68
CA LEU TB 112 7.26 -11.87 74.68
C LEU TB 112 6.84 -13.20 75.31
N LYS TB 113 6.17 -13.13 76.46
CA LYS TB 113 5.74 -14.36 77.14
C LYS TB 113 4.73 -15.12 76.30
N GLU TB 114 3.75 -14.43 75.73
CA GLU TB 114 2.73 -15.10 74.94
C GLU TB 114 3.31 -15.72 73.67
N THR TB 115 4.20 -14.99 72.99
CA THR TB 115 4.82 -15.54 71.77
C THR TB 115 5.70 -16.74 72.10
N TYR TB 116 6.45 -16.67 73.20
CA TYR TB 116 7.23 -17.82 73.63
C TYR TB 116 6.33 -19.01 73.91
N ASN TB 117 5.20 -18.78 74.59
CA ASN TB 117 4.28 -19.88 74.87
C ASN TB 117 3.74 -20.49 73.59
N SER TB 118 3.37 -19.64 72.62
CA SER TB 118 2.85 -20.15 71.35
C SER TB 118 3.91 -20.96 70.61
N LEU TB 119 5.16 -20.50 70.64
CA LEU TB 119 6.22 -21.20 69.93
C LEU TB 119 6.61 -22.50 70.63
N GLY TB 120 6.39 -22.59 71.93
CA GLY TB 120 6.88 -23.72 72.69
C GLY TB 120 8.25 -23.51 73.30
N VAL TB 121 8.72 -22.28 73.37
CA VAL TB 121 10.00 -21.99 74.01
C VAL TB 121 9.91 -22.36 75.49
N PRO TB 122 10.90 -23.04 76.06
CA PRO TB 122 10.87 -23.31 77.50
C PRO TB 122 11.24 -22.08 78.32
N ILE TB 123 10.24 -21.43 78.91
CA ILE TB 123 10.47 -20.18 79.62
C ILE TB 123 11.34 -20.40 80.84
N ALA TB 124 11.17 -21.54 81.52
CA ALA TB 124 12.00 -21.85 82.68
C ALA TB 124 13.47 -21.94 82.28
N ALA TB 125 13.75 -22.60 81.15
CA ALA TB 125 15.12 -22.70 80.67
C ALA TB 125 15.69 -21.32 80.32
N THR TB 126 14.91 -20.47 79.66
CA THR TB 126 15.39 -19.14 79.32
C THR TB 126 15.67 -18.33 80.58
N VAL TB 127 14.80 -18.44 81.59
CA VAL TB 127 15.00 -17.69 82.83
C VAL TB 127 16.28 -18.13 83.52
N GLN TB 128 16.51 -19.44 83.59
CA GLN TB 128 17.76 -19.93 84.17
C GLN TB 128 18.96 -19.46 83.36
N ALA TB 129 18.83 -19.44 82.03
CA ALA TB 129 19.95 -19.02 81.19
C ALA TB 129 20.30 -17.55 81.40
N ILE TB 130 19.30 -16.67 81.47
CA ILE TB 130 19.61 -15.26 81.71
C ILE TB 130 20.08 -15.05 83.13
N GLN TB 131 19.70 -15.92 84.07
CA GLN TB 131 20.31 -15.89 85.39
C GLN TB 131 21.81 -16.20 85.30
N ALA TB 132 22.17 -17.17 84.46
CA ALA TB 132 23.59 -17.46 84.23
C ALA TB 132 24.29 -16.28 83.59
N MET TB 133 23.61 -15.60 82.65
CA MET TB 133 24.15 -14.36 82.10
C MET TB 133 24.41 -13.34 83.20
N LYS TB 134 23.46 -13.21 84.13
CA LYS TB 134 23.63 -12.26 85.22
C LYS TB 134 24.87 -12.56 86.03
N GLU TB 135 25.12 -13.84 86.32
CA GLU TB 135 26.32 -14.22 87.07
C GLU TB 135 27.59 -13.83 86.32
N VAL TB 136 27.66 -14.18 85.03
CA VAL TB 136 28.86 -13.92 84.24
C VAL TB 136 29.11 -12.42 84.12
N THR TB 137 28.06 -11.66 83.76
CA THR TB 137 28.24 -10.23 83.57
C THR TB 137 28.56 -9.52 84.88
N ALA TB 138 28.01 -10.02 86.00
CA ALA TB 138 28.35 -9.43 87.29
C ALA TB 138 29.84 -9.62 87.60
N SER TB 139 30.39 -10.79 87.29
CA SER TB 139 31.81 -11.00 87.48
C SER TB 139 32.62 -10.02 86.66
N LEU TB 140 32.22 -9.79 85.41
CA LEU TB 140 33.01 -8.92 84.53
C LEU TB 140 32.96 -7.46 84.99
N VAL TB 141 31.75 -6.94 85.25
CA VAL TB 141 31.64 -5.51 85.54
C VAL TB 141 32.05 -5.18 86.96
N GLY TB 142 31.86 -6.11 87.89
CA GLY TB 142 32.11 -5.82 89.29
C GLY TB 142 30.87 -6.01 90.14
N ALA TB 143 31.04 -6.16 91.45
CA ALA TB 143 29.92 -6.48 92.33
C ALA TB 143 28.95 -5.32 92.44
N ASP TB 144 29.47 -4.11 92.66
CA ASP TB 144 28.60 -2.94 92.84
C ASP TB 144 27.74 -2.70 91.61
N ALA TB 145 28.38 -2.64 90.43
CA ALA TB 145 27.62 -2.45 89.19
C ALA TB 145 26.79 -3.68 88.86
N GLY TB 146 27.27 -4.87 89.21
CA GLY TB 146 26.49 -6.07 88.96
C GLY TB 146 25.22 -6.12 89.77
N LYS TB 147 25.27 -5.66 91.02
CA LYS TB 147 24.07 -5.62 91.85
C LYS TB 147 23.01 -4.72 91.22
N GLU TB 148 23.44 -3.58 90.69
CA GLU TB 148 22.53 -2.72 89.94
C GLU TB 148 22.04 -3.39 88.67
N MET TB 149 22.93 -4.12 87.99
CA MET TB 149 22.54 -4.83 86.77
C MET TB 149 21.49 -5.90 87.06
N GLY TB 150 21.59 -6.54 88.23
CA GLY TB 150 20.72 -7.66 88.52
C GLY TB 150 19.25 -7.31 88.59
N ILE TB 151 18.93 -6.10 89.04
CA ILE TB 151 17.52 -5.73 89.17
C ILE TB 151 16.84 -5.72 87.81
N TYR TB 152 17.55 -5.29 86.77
CA TYR TB 152 16.97 -5.27 85.44
C TYR TB 152 16.94 -6.67 84.81
N PHE TB 153 17.99 -7.47 85.03
CA PHE TB 153 17.93 -8.86 84.56
C PHE TB 153 16.80 -9.62 85.24
N ASP TB 154 16.63 -9.42 86.54
CA ASP TB 154 15.52 -10.05 87.26
C ASP TB 154 14.18 -9.53 86.78
N TYR TB 155 14.11 -8.25 86.40
CA TYR TB 155 12.90 -7.71 85.80
C TYR TB 155 12.53 -8.49 84.53
N ILE TB 156 13.53 -8.78 83.70
CA ILE TB 156 13.29 -9.61 82.52
C ILE TB 156 12.80 -10.99 82.93
N CYS TB 157 13.42 -11.57 83.96
CA CYS TB 157 13.01 -12.90 84.43
C CYS TB 157 11.55 -12.90 84.86
N SER TB 158 11.15 -11.88 85.63
CA SER TB 158 9.78 -11.81 86.13
C SER TB 158 8.79 -11.66 84.99
N GLY TB 159 9.10 -10.82 84.01
CA GLY TB 159 8.22 -10.67 82.86
C GLY TB 159 8.07 -11.97 82.08
N LEU TB 160 9.18 -12.69 81.90
CA LEU TB 160 9.13 -13.98 81.23
C LEU TB 160 8.30 -14.99 82.02
N SER TB 161 8.43 -14.96 83.34
CA SER TB 161 7.70 -15.88 84.21
C SER TB 161 6.31 -15.35 84.52
N SER UB 2 10.65 -32.29 49.80
CA SER UB 2 10.48 -33.27 48.73
C SER UB 2 10.09 -32.60 47.41
N VAL UB 3 10.28 -33.34 46.31
CA VAL UB 3 9.88 -32.83 45.00
C VAL UB 3 8.38 -32.58 44.97
N VAL UB 4 7.60 -33.50 45.56
CA VAL UB 4 6.15 -33.37 45.55
C VAL UB 4 5.73 -32.09 46.27
N THR UB 5 6.29 -31.84 47.45
CA THR UB 5 5.86 -30.67 48.22
C THR UB 5 6.30 -29.37 47.55
N LYS UB 6 7.49 -29.36 46.95
CA LYS UB 6 7.95 -28.14 46.29
C LYS UB 6 7.10 -27.83 45.06
N SER UB 7 6.75 -28.86 44.28
CA SER UB 7 5.86 -28.66 43.14
C SER UB 7 4.51 -28.14 43.59
N ILE UB 8 3.97 -28.71 44.67
CA ILE UB 8 2.69 -28.26 45.19
C ILE UB 8 2.77 -26.81 45.65
N VAL UB 9 3.89 -26.43 46.26
CA VAL UB 9 4.05 -25.07 46.77
C VAL UB 9 4.02 -24.07 45.62
N ASN UB 10 4.76 -24.34 44.54
CA ASN UB 10 4.77 -23.43 43.40
C ASN UB 10 3.41 -23.34 42.75
N ALA UB 11 2.74 -24.49 42.57
CA ALA UB 11 1.40 -24.48 42.00
C ALA UB 11 0.43 -23.73 42.91
N ASP UB 12 0.62 -23.86 44.23
CA ASP UB 12 -0.22 -23.12 45.18
C ASP UB 12 -0.05 -21.62 45.01
N ALA UB 13 1.20 -21.17 44.83
CA ALA UB 13 1.46 -19.75 44.69
C ALA UB 13 0.78 -19.18 43.44
N GLU UB 14 0.87 -19.88 42.32
CA GLU UB 14 0.28 -19.38 41.08
C GLU UB 14 -1.19 -19.79 40.92
N ALA UB 15 -1.75 -20.51 41.90
CA ALA UB 15 -3.17 -20.87 41.91
C ALA UB 15 -3.53 -21.73 40.70
N ARG UB 16 -2.79 -22.81 40.51
CA ARG UB 16 -3.02 -23.73 39.41
C ARG UB 16 -2.97 -25.16 39.92
N TYR UB 17 -3.90 -25.99 39.45
CA TYR UB 17 -3.79 -27.42 39.67
C TYR UB 17 -2.53 -27.93 38.99
N LEU UB 18 -1.98 -29.02 39.53
CA LEU UB 18 -0.69 -29.51 39.07
C LEU UB 18 -0.68 -29.73 37.57
N SER UB 19 0.31 -29.14 36.89
CA SER UB 19 0.41 -29.24 35.45
C SER UB 19 0.74 -30.68 35.06
N PRO UB 20 0.41 -31.08 33.82
CA PRO UB 20 0.69 -32.47 33.42
C PRO UB 20 2.15 -32.85 33.54
N GLY UB 21 3.07 -31.93 33.22
CA GLY UB 21 4.48 -32.23 33.38
C GLY UB 21 4.88 -32.36 34.84
N GLU UB 22 4.34 -31.50 35.70
CA GLU UB 22 4.60 -31.63 37.13
C GLU UB 22 4.08 -32.97 37.65
N LEU UB 23 2.92 -33.41 37.16
CA LEU UB 23 2.39 -34.71 37.54
C LEU UB 23 3.32 -35.82 37.09
N ASP UB 24 3.91 -35.69 35.89
CA ASP UB 24 4.88 -36.68 35.44
C ASP UB 24 6.09 -36.73 36.36
N ARG UB 25 6.60 -35.57 36.77
CA ARG UB 25 7.75 -35.55 37.66
C ARG UB 25 7.44 -36.20 39.00
N ILE UB 26 6.24 -35.92 39.54
CA ILE UB 26 5.83 -36.55 40.79
C ILE UB 26 5.80 -38.07 40.63
N LYS UB 27 5.21 -38.54 39.53
CA LYS UB 27 5.14 -39.97 39.27
C LYS UB 27 6.54 -40.58 39.17
N ASN UB 28 7.44 -39.92 38.45
CA ASN UB 28 8.78 -40.44 38.25
C ASN UB 28 9.53 -40.57 39.57
N PHE UB 29 9.48 -39.53 40.40
CA PHE UB 29 10.18 -39.56 41.68
C PHE UB 29 9.67 -40.71 42.55
N VAL UB 30 8.34 -40.89 42.59
CA VAL UB 30 7.79 -41.97 43.38
C VAL UB 30 8.32 -43.32 42.88
N SER UB 31 8.36 -43.51 41.55
CA SER UB 31 8.78 -44.80 41.01
C SER UB 31 10.25 -45.08 41.30
N THR UB 32 11.13 -44.08 41.15
CA THR UB 32 12.55 -44.30 41.41
C THR UB 32 12.88 -44.23 42.90
N GLY UB 33 11.86 -44.11 43.76
CA GLY UB 33 12.09 -44.14 45.19
C GLY UB 33 12.84 -45.37 45.66
N GLU UB 34 12.73 -46.48 44.94
CA GLU UB 34 13.49 -47.68 45.30
C GLU UB 34 14.98 -47.40 45.29
N ARG UB 35 15.48 -46.84 44.19
CA ARG UB 35 16.90 -46.48 44.11
C ARG UB 35 17.27 -45.48 45.19
N ARG UB 36 16.40 -44.48 45.43
CA ARG UB 36 16.67 -43.50 46.48
C ARG UB 36 16.87 -44.17 47.83
N LEU UB 37 15.94 -45.06 48.21
CA LEU UB 37 16.04 -45.75 49.49
C LEU UB 37 17.30 -46.61 49.55
N ARG UB 38 17.67 -47.24 48.44
CA ARG UB 38 18.86 -48.07 48.41
C ARG UB 38 20.12 -47.26 48.71
N ILE UB 39 20.23 -46.08 48.11
CA ILE UB 39 21.39 -45.22 48.35
C ILE UB 39 21.43 -44.81 49.81
N ALA UB 40 20.29 -44.40 50.35
CA ALA UB 40 20.24 -44.00 51.75
C ALA UB 40 20.59 -45.17 52.67
N GLN UB 41 20.15 -46.37 52.30
CA GLN UB 41 20.46 -47.55 53.10
C GLN UB 41 21.96 -47.82 53.14
N THR UB 42 22.64 -47.63 52.01
CA THR UB 42 24.09 -47.78 52.00
C THR UB 42 24.75 -46.80 52.95
N LEU UB 43 24.33 -45.53 52.90
CA LEU UB 43 24.97 -44.52 53.73
C LEU UB 43 24.75 -44.79 55.21
N THR UB 44 23.53 -45.16 55.61
CA THR UB 44 23.29 -45.44 57.01
C THR UB 44 23.99 -46.72 57.45
N GLU UB 45 24.20 -47.66 56.53
CA GLU UB 45 24.97 -48.86 56.85
C GLU UB 45 26.42 -48.51 57.17
N ASN UB 46 26.98 -47.52 56.49
CA ASN UB 46 28.37 -47.14 56.68
C ASN UB 46 28.53 -45.79 57.37
N ARG UB 47 27.60 -45.43 58.25
CA ARG UB 47 27.72 -44.18 58.99
C ARG UB 47 29.03 -44.11 59.77
N GLU UB 48 29.46 -45.24 60.35
CA GLU UB 48 30.62 -45.22 61.24
C GLU UB 48 31.89 -44.84 60.49
N ARG UB 49 32.17 -45.52 59.37
CA ARG UB 49 33.45 -45.29 58.70
C ARG UB 49 33.46 -43.98 57.94
N ILE UB 50 32.32 -43.58 57.35
CA ILE UB 50 32.29 -42.30 56.64
C ILE UB 50 32.68 -41.17 57.59
N VAL UB 51 32.02 -41.10 58.75
CA VAL UB 51 32.33 -40.05 59.71
C VAL UB 51 33.75 -40.19 60.22
N LYS UB 52 34.13 -41.40 60.62
CA LYS UB 52 35.43 -41.59 61.26
C LYS UB 52 36.57 -41.28 60.30
N GLN UB 53 36.56 -41.90 59.12
CA GLN UB 53 37.63 -41.69 58.15
C GLN UB 53 37.67 -40.25 57.67
N ALA UB 54 36.51 -39.69 57.30
CA ALA UB 54 36.49 -38.33 56.79
C ALA UB 54 36.90 -37.33 57.85
N GLY UB 55 36.48 -37.54 59.10
CA GLY UB 55 36.90 -36.63 60.17
C GLY UB 55 38.39 -36.68 60.41
N ASP UB 56 38.99 -37.87 60.34
CA ASP UB 56 40.44 -37.97 60.45
C ASP UB 56 41.12 -37.25 59.30
N GLN UB 57 40.57 -37.37 58.09
CA GLN UB 57 41.11 -36.63 56.95
C GLN UB 57 40.99 -35.12 57.17
N LEU UB 58 39.87 -34.69 57.77
CA LEU UB 58 39.71 -33.26 58.07
C LEU UB 58 40.75 -32.78 59.06
N PHE UB 59 40.98 -33.56 60.12
CA PHE UB 59 41.96 -33.15 61.12
C PHE UB 59 43.34 -33.05 60.51
N GLN UB 60 43.70 -34.00 59.65
CA GLN UB 60 45.00 -33.96 59.01
C GLN UB 60 45.11 -32.77 58.06
N LYS UB 61 44.04 -32.49 57.31
CA LYS UB 61 44.08 -31.37 56.38
C LYS UB 61 44.11 -30.03 57.09
N ARG UB 62 43.48 -29.93 58.26
CA ARG UB 62 43.43 -28.71 59.05
C ARG UB 62 43.89 -29.04 60.46
N PRO UB 63 45.21 -29.12 60.67
CA PRO UB 63 45.71 -29.42 62.01
C PRO UB 63 45.34 -28.36 63.04
N ASP UB 64 45.09 -27.12 62.61
CA ASP UB 64 44.87 -26.04 63.55
C ASP UB 64 43.59 -26.22 64.36
N VAL UB 65 42.60 -26.95 63.81
CA VAL UB 65 41.34 -27.11 64.52
C VAL UB 65 41.52 -27.97 65.77
N VAL UB 66 42.38 -29.00 65.68
CA VAL UB 66 42.62 -29.89 66.81
C VAL UB 66 43.86 -29.51 67.60
N SER UB 67 44.51 -28.40 67.26
CA SER UB 67 45.68 -27.95 67.99
C SER UB 67 45.28 -27.36 69.33
N PRO UB 68 46.24 -27.23 70.26
CA PRO UB 68 45.94 -26.54 71.51
C PRO UB 68 45.50 -25.11 71.25
N GLY UB 69 44.57 -24.62 72.07
CA GLY UB 69 43.97 -23.34 71.79
C GLY UB 69 43.14 -23.35 70.52
N GLY UB 70 42.58 -24.51 70.17
CA GLY UB 70 41.70 -24.62 69.03
C GLY UB 70 40.34 -25.14 69.46
N ASN UB 71 39.40 -25.15 68.51
CA ASN UB 71 38.03 -25.49 68.84
C ASN UB 71 37.89 -26.97 69.22
N ALA UB 72 38.71 -27.84 68.65
CA ALA UB 72 38.56 -29.28 68.82
C ALA UB 72 39.58 -29.89 69.76
N TYR UB 73 40.35 -29.08 70.48
CA TYR UB 73 41.40 -29.64 71.33
C TYR UB 73 40.80 -30.51 72.42
N GLY UB 74 41.37 -31.69 72.61
CA GLY UB 74 40.85 -32.62 73.60
C GLY UB 74 39.88 -33.62 73.00
N GLU UB 75 39.85 -34.81 73.61
CA GLU UB 75 39.02 -35.87 73.09
C GLU UB 75 37.53 -35.55 73.22
N GLU UB 76 37.14 -34.82 74.28
CA GLU UB 76 35.75 -34.44 74.45
C GLU UB 76 35.28 -33.57 73.30
N MET UB 77 36.05 -32.51 72.98
CA MET UB 77 35.68 -31.62 71.89
C MET UB 77 35.72 -32.33 70.54
N THR UB 78 36.74 -33.17 70.32
CA THR UB 78 36.81 -33.90 69.07
C THR UB 78 35.63 -34.86 68.91
N ALA UB 79 35.16 -35.44 70.02
CA ALA UB 79 33.96 -36.27 69.96
C ALA UB 79 32.76 -35.46 69.51
N THR UB 80 32.60 -34.24 70.03
CA THR UB 80 31.50 -33.39 69.57
C THR UB 80 31.65 -33.02 68.10
N CYS UB 81 32.90 -32.81 67.65
CA CYS UB 81 33.09 -32.47 66.23
C CYS UB 81 32.65 -33.60 65.34
N LEU UB 82 33.05 -34.84 65.66
CA LEU UB 82 32.58 -35.98 64.89
C LEU UB 82 31.06 -36.12 65.00
N ARG UB 83 30.48 -35.71 66.13
CA ARG UB 83 29.03 -35.74 66.27
C ARG UB 83 28.37 -34.82 65.25
N ASP UB 84 28.95 -33.63 65.03
CA ASP UB 84 28.41 -32.72 64.04
C ASP UB 84 28.47 -33.32 62.64
N LEU UB 85 29.60 -33.94 62.29
CA LEU UB 85 29.69 -34.61 60.99
C LEU UB 85 28.65 -35.71 60.87
N ASP UB 86 28.41 -36.42 61.97
CA ASP UB 86 27.37 -37.45 61.98
C ASP UB 86 26.00 -36.84 61.68
N TYR UB 87 25.70 -35.69 62.30
CA TYR UB 87 24.43 -35.02 62.06
C TYR UB 87 24.26 -34.67 60.59
N TYR UB 88 25.32 -34.16 59.96
CA TYR UB 88 25.20 -33.73 58.58
C TYR UB 88 25.04 -34.92 57.63
N LEU UB 89 25.71 -36.04 57.91
CA LEU UB 89 25.49 -37.22 57.11
C LEU UB 89 24.05 -37.70 57.22
N ARG UB 90 23.48 -37.63 58.43
CA ARG UB 90 22.08 -37.99 58.61
C ARG UB 90 21.18 -37.10 57.78
N LEU UB 91 21.43 -35.80 57.77
CA LEU UB 91 20.63 -34.90 56.96
C LEU UB 91 20.76 -35.24 55.49
N VAL UB 92 21.96 -35.63 55.05
CA VAL UB 92 22.15 -35.98 53.64
C VAL UB 92 21.33 -37.21 53.27
N THR UB 93 21.30 -38.23 54.14
CA THR UB 93 20.47 -39.39 53.87
C THR UB 93 18.99 -39.01 53.81
N TYR UB 94 18.55 -38.15 54.74
CA TYR UB 94 17.19 -37.65 54.67
C TYR UB 94 16.92 -36.97 53.34
N GLY UB 95 17.85 -36.14 52.88
CA GLY UB 95 17.66 -35.43 51.63
C GLY UB 95 17.59 -36.35 50.43
N ILE UB 96 18.41 -37.41 50.43
CA ILE UB 96 18.36 -38.38 49.34
C ILE UB 96 17.01 -39.06 49.32
N VAL UB 97 16.50 -39.46 50.49
CA VAL UB 97 15.18 -40.08 50.56
C VAL UB 97 14.11 -39.11 50.07
N ALA UB 98 14.18 -37.85 50.51
CA ALA UB 98 13.17 -36.87 50.13
C ALA UB 98 13.20 -36.55 48.64
N GLY UB 99 14.37 -36.66 48.02
CA GLY UB 99 14.52 -36.21 46.65
C GLY UB 99 14.69 -34.72 46.49
N ASP UB 100 14.79 -33.98 47.59
CA ASP UB 100 14.94 -32.53 47.55
C ASP UB 100 15.80 -32.11 48.73
N VAL UB 101 16.35 -30.90 48.65
CA VAL UB 101 17.23 -30.41 49.70
C VAL UB 101 16.49 -29.57 50.73
N THR UB 102 15.18 -29.40 50.59
CA THR UB 102 14.45 -28.66 51.60
C THR UB 102 14.46 -29.31 52.98
N PRO UB 103 14.51 -30.65 53.15
CA PRO UB 103 14.71 -31.16 54.51
C PRO UB 103 16.07 -30.80 55.08
N ILE UB 104 17.12 -30.91 54.27
CA ILE UB 104 18.46 -30.56 54.74
C ILE UB 104 18.53 -29.10 55.16
N GLU UB 105 18.01 -28.21 54.31
CA GLU UB 105 18.00 -26.79 54.63
C GLU UB 105 17.16 -26.51 55.86
N GLU UB 106 15.97 -27.12 55.92
CA GLU UB 106 15.07 -26.88 57.05
C GLU UB 106 15.71 -27.26 58.37
N ILE UB 107 16.56 -28.28 58.38
CA ILE UB 107 17.12 -28.79 59.63
C ILE UB 107 18.46 -28.15 59.95
N GLY UB 108 19.39 -28.10 58.99
CA GLY UB 108 20.75 -27.79 59.37
C GLY UB 108 21.62 -26.92 58.49
N LEU UB 109 21.03 -26.04 57.68
CA LEU UB 109 21.81 -25.06 56.94
C LEU UB 109 21.28 -23.65 57.09
N VAL UB 110 20.21 -23.44 57.84
CA VAL UB 110 19.64 -22.10 58.06
C VAL UB 110 20.25 -21.56 59.34
N GLY UB 111 21.29 -20.74 59.20
CA GLY UB 111 21.94 -20.13 60.34
C GLY UB 111 23.19 -20.82 60.83
N VAL UB 112 23.79 -21.70 60.02
CA VAL UB 112 24.98 -22.42 60.47
C VAL UB 112 26.10 -21.44 60.82
N ARG UB 113 26.23 -20.37 60.06
CA ARG UB 113 27.25 -19.37 60.35
C ARG UB 113 27.04 -18.78 61.73
N GLU UB 114 25.79 -18.41 62.05
CA GLU UB 114 25.50 -17.85 63.36
C GLU UB 114 25.84 -18.82 64.48
N MET UB 115 25.36 -20.06 64.37
CA MET UB 115 25.59 -21.05 65.42
C MET UB 115 27.07 -21.34 65.59
N TYR UB 116 27.77 -21.61 64.48
CA TYR UB 116 29.16 -22.02 64.57
C TYR UB 116 30.05 -20.87 65.01
N ASN UB 117 29.74 -19.64 64.60
CA ASN UB 117 30.50 -18.50 65.09
C ASN UB 117 30.26 -18.27 66.57
N SER UB 118 29.04 -18.53 67.05
CA SER UB 118 28.78 -18.47 68.48
C SER UB 118 29.60 -19.52 69.22
N LEU UB 119 29.72 -20.71 68.65
CA LEU UB 119 30.53 -21.76 69.26
C LEU UB 119 32.02 -21.50 69.14
N GLY UB 120 32.44 -20.65 68.19
CA GLY UB 120 33.84 -20.47 67.88
C GLY UB 120 34.37 -21.40 66.82
N THR UB 121 33.56 -22.35 66.36
CA THR UB 121 33.99 -23.30 65.35
C THR UB 121 34.25 -22.59 64.02
N PRO UB 122 35.26 -23.04 63.25
CA PRO UB 122 35.49 -22.43 61.93
C PRO UB 122 34.53 -23.00 60.89
N ILE UB 123 33.70 -22.11 60.31
CA ILE UB 123 32.78 -22.55 59.26
C ILE UB 123 33.49 -23.12 58.04
N PRO UB 124 34.59 -22.55 57.53
CA PRO UB 124 35.24 -23.21 56.39
C PRO UB 124 35.76 -24.59 56.74
N ALA UB 125 36.19 -24.79 57.98
CA ALA UB 125 36.68 -26.10 58.40
C ALA UB 125 35.56 -27.13 58.41
N VAL UB 126 34.36 -26.74 58.84
CA VAL UB 126 33.22 -27.65 58.76
C VAL UB 126 32.94 -28.02 57.32
N ALA UB 127 33.03 -27.04 56.41
CA ALA UB 127 32.82 -27.33 55.00
C ALA UB 127 33.84 -28.32 54.48
N GLU UB 128 35.10 -28.18 54.89
CA GLU UB 128 36.14 -29.10 54.43
C GLU UB 128 35.93 -30.50 54.99
N GLY UB 129 35.43 -30.61 56.21
CA GLY UB 129 35.09 -31.93 56.75
C GLY UB 129 33.99 -32.60 55.94
N ILE UB 130 32.96 -31.85 55.56
CA ILE UB 130 31.90 -32.43 54.75
C ILE UB 130 32.41 -32.79 53.36
N ARG UB 131 33.34 -32.00 52.83
CA ARG UB 131 34.01 -32.40 51.58
C ARG UB 131 34.71 -33.74 51.75
N ALA UB 132 35.36 -33.95 52.89
CA ALA UB 132 35.98 -35.25 53.16
C ALA UB 132 34.95 -36.36 53.17
N MET UB 133 33.77 -36.11 53.75
CA MET UB 133 32.72 -37.10 53.74
C MET UB 133 32.28 -37.42 52.32
N LYS UB 134 32.20 -36.40 51.46
CA LYS UB 134 31.84 -36.63 50.07
C LYS UB 134 32.87 -37.50 49.36
N ASN UB 135 34.15 -37.22 49.57
CA ASN UB 135 35.20 -38.01 48.93
C ASN UB 135 35.16 -39.46 49.41
N VAL UB 136 34.94 -39.67 50.71
CA VAL UB 136 34.76 -41.03 51.22
C VAL UB 136 33.54 -41.68 50.58
N ALA UB 137 32.49 -40.91 50.35
CA ALA UB 137 31.27 -41.45 49.77
C ALA UB 137 31.49 -41.97 48.35
N CYS UB 138 32.43 -41.37 47.62
CA CYS UB 138 32.64 -41.78 46.23
C CYS UB 138 33.03 -43.24 46.12
N SER UB 139 33.92 -43.71 47.00
CA SER UB 139 34.30 -45.11 46.97
C SER UB 139 33.13 -46.02 47.34
N LEU UB 140 32.35 -45.62 48.35
CA LEU UB 140 31.29 -46.49 48.84
C LEU UB 140 30.16 -46.64 47.81
N LEU UB 141 29.92 -45.62 47.00
CA LEU UB 141 28.81 -45.62 46.06
C LEU UB 141 29.33 -45.77 44.64
N SER UB 142 28.63 -46.56 43.84
CA SER UB 142 28.96 -46.70 42.43
C SER UB 142 28.90 -45.33 41.75
N ALA UB 143 29.54 -45.24 40.58
CA ALA UB 143 29.70 -43.95 39.91
C ALA UB 143 28.34 -43.29 39.66
N GLU UB 144 27.38 -44.05 39.12
CA GLU UB 144 26.05 -43.49 38.90
C GLU UB 144 25.40 -43.10 40.21
N ASP UB 145 25.51 -43.95 41.24
CA ASP UB 145 24.93 -43.63 42.54
C ASP UB 145 25.64 -42.46 43.20
N ALA UB 146 26.97 -42.38 43.05
CA ALA UB 146 27.74 -41.35 43.74
C ALA UB 146 27.36 -39.95 43.25
N ALA UB 147 27.05 -39.81 41.97
CA ALA UB 147 26.64 -38.51 41.45
C ALA UB 147 25.38 -38.03 42.13
N GLU UB 148 24.44 -38.94 42.40
CA GLU UB 148 23.18 -38.56 43.03
C GLU UB 148 23.40 -38.07 44.46
N ALA UB 149 24.18 -38.81 45.25
CA ALA UB 149 24.46 -38.39 46.62
C ALA UB 149 25.39 -37.18 46.64
N GLY UB 150 26.28 -37.07 45.65
CA GLY UB 150 27.23 -35.98 45.63
C GLY UB 150 26.56 -34.61 45.59
N SER UB 151 25.44 -34.51 44.89
CA SER UB 151 24.76 -33.22 44.76
C SER UB 151 24.28 -32.72 46.11
N TYR UB 152 23.73 -33.60 46.94
CA TYR UB 152 23.32 -33.19 48.28
C TYR UB 152 24.54 -32.76 49.11
N PHE UB 153 25.64 -33.51 49.02
CA PHE UB 153 26.87 -33.07 49.68
C PHE UB 153 27.31 -31.72 49.16
N ASP UB 154 27.15 -31.49 47.85
CA ASP UB 154 27.54 -30.22 47.26
C ASP UB 154 26.75 -29.06 47.84
N PHE UB 155 25.43 -29.26 48.03
CA PHE UB 155 24.64 -28.18 48.61
C PHE UB 155 25.09 -27.87 50.03
N VAL UB 156 25.39 -28.91 50.81
CA VAL UB 156 25.80 -28.67 52.20
C VAL UB 156 27.08 -27.87 52.26
N ILE UB 157 28.09 -28.27 51.48
CA ILE UB 157 29.36 -27.55 51.52
C ILE UB 157 29.20 -26.13 50.98
N GLY UB 158 28.40 -25.98 49.92
CA GLY UB 158 28.21 -24.66 49.33
C GLY UB 158 27.54 -23.69 50.28
N ALA UB 159 26.51 -24.14 50.99
CA ALA UB 159 25.88 -23.29 51.99
C ALA UB 159 26.83 -23.00 53.15
N MET UB 160 27.67 -23.98 53.50
CA MET UB 160 28.58 -23.81 54.64
C MET UB 160 29.57 -22.67 54.42
N GLN UB 161 30.19 -22.64 53.25
CA GLN UB 161 31.29 -21.71 52.99
C GLN UB 161 30.97 -20.26 53.32
N MET VB 1 3.94 -26.40 54.76
CA MET VB 1 3.57 -27.58 53.97
C MET VB 1 4.41 -28.79 54.37
N GLN VB 2 3.74 -29.94 54.48
CA GLN VB 2 4.39 -31.19 54.79
C GLN VB 2 3.76 -32.29 53.95
N ASP VB 3 4.52 -33.37 53.74
CA ASP VB 3 4.02 -34.51 52.97
C ASP VB 3 4.35 -35.80 53.70
N ALA VB 4 4.12 -36.94 53.06
CA ALA VB 4 4.39 -38.22 53.70
C ALA VB 4 5.87 -38.40 53.98
N ILE VB 5 6.71 -38.12 52.98
CA ILE VB 5 8.16 -38.25 53.17
C ILE VB 5 8.64 -37.27 54.23
N THR VB 6 8.18 -36.03 54.16
CA THR VB 6 8.59 -35.02 55.13
C THR VB 6 8.16 -35.42 56.54
N ALA VB 7 6.95 -35.95 56.68
CA ALA VB 7 6.48 -36.39 58.00
C ALA VB 7 7.34 -37.53 58.53
N VAL VB 8 7.68 -38.51 57.68
CA VAL VB 8 8.48 -39.64 58.14
C VAL VB 8 9.87 -39.17 58.58
N ILE VB 9 10.53 -38.38 57.74
CA ILE VB 9 11.88 -37.92 58.07
C ILE VB 9 11.84 -36.95 59.25
N ASN VB 10 10.76 -36.17 59.38
CA ASN VB 10 10.63 -35.28 60.52
C ASN VB 10 10.50 -36.07 61.83
N ALA VB 11 9.72 -37.15 61.81
CA ALA VB 11 9.61 -37.99 62.99
C ALA VB 11 10.96 -38.61 63.34
N SER VB 12 11.69 -39.08 62.33
CA SER VB 12 13.03 -39.60 62.57
C SER VB 12 13.96 -38.52 63.11
N ASP VB 13 13.81 -37.29 62.61
CA ASP VB 13 14.65 -36.19 63.07
C ASP VB 13 14.37 -35.85 64.53
N VAL VB 14 13.11 -35.85 64.94
CA VAL VB 14 12.78 -35.66 66.35
C VAL VB 14 13.37 -36.77 67.18
N GLN VB 15 13.30 -38.01 66.68
CA GLN VB 15 13.95 -39.13 67.34
C GLN VB 15 15.46 -38.98 67.38
N GLY VB 16 16.03 -38.18 66.49
CA GLY VB 16 17.48 -38.08 66.41
C GLY VB 16 18.14 -39.32 65.85
N LYS VB 17 17.40 -40.13 65.10
CA LYS VB 17 17.89 -41.38 64.58
C LYS VB 17 17.87 -41.36 63.05
N TYR VB 18 18.83 -42.06 62.45
CA TYR VB 18 18.80 -42.27 61.02
C TYR VB 18 17.53 -43.02 60.62
N LEU VB 19 17.26 -43.04 59.32
CA LEU VB 19 16.07 -43.72 58.81
C LEU VB 19 16.10 -45.19 59.20
N ASP VB 20 15.13 -45.60 60.02
CA ASP VB 20 14.97 -47.00 60.38
C ASP VB 20 14.31 -47.77 59.24
N THR VB 21 14.39 -49.10 59.31
CA THR VB 21 13.73 -49.90 58.29
C THR VB 21 12.21 -49.75 58.34
N ALA VB 22 11.66 -49.52 59.54
CA ALA VB 22 10.23 -49.24 59.65
C ALA VB 22 9.88 -47.92 58.97
N ALA VB 23 10.73 -46.90 59.16
CA ALA VB 23 10.51 -45.63 58.46
C ALA VB 23 10.61 -45.81 56.96
N MET VB 24 11.57 -46.61 56.50
CA MET VB 24 11.68 -46.92 55.08
C MET VB 24 10.42 -47.62 54.58
N GLU VB 25 9.83 -48.48 55.41
CA GLU VB 25 8.58 -49.14 55.04
C GLU VB 25 7.46 -48.13 54.84
N LYS VB 26 7.35 -47.16 55.75
CA LYS VB 26 6.32 -46.13 55.60
C LYS VB 26 6.53 -45.35 54.30
N LEU VB 27 7.78 -45.02 53.99
CA LEU VB 27 8.07 -44.34 52.73
C LEU VB 27 7.70 -45.22 51.53
N LYS VB 28 7.99 -46.52 51.61
CA LYS VB 28 7.63 -47.42 50.53
C LYS VB 28 6.12 -47.46 50.32
N ALA VB 29 5.36 -47.46 51.41
CA ALA VB 29 3.91 -47.47 51.30
C ALA VB 29 3.39 -46.21 50.61
N TYR VB 30 3.93 -45.04 50.99
CA TYR VB 30 3.52 -43.82 50.31
C TYR VB 30 3.88 -43.87 48.84
N PHE VB 31 5.08 -44.37 48.51
CA PHE VB 31 5.45 -44.54 47.11
C PHE VB 31 4.48 -45.45 46.39
N ALA VB 32 4.04 -46.52 47.07
CA ALA VB 32 3.11 -47.46 46.44
C ALA VB 32 1.82 -46.76 46.03
N THR VB 33 1.29 -45.88 46.88
CA THR VB 33 0.05 -45.19 46.55
C THR VB 33 0.25 -43.91 45.75
N GLY VB 34 1.49 -43.42 45.60
CA GLY VB 34 1.69 -42.19 44.86
C GLY VB 34 1.21 -42.28 43.42
N GLU VB 35 1.30 -43.46 42.81
CA GLU VB 35 0.84 -43.64 41.44
C GLU VB 35 -0.64 -43.30 41.31
N LEU VB 36 -1.48 -43.87 42.17
CA LEU VB 36 -2.91 -43.58 42.09
C LEU VB 36 -3.20 -42.12 42.40
N ARG VB 37 -2.44 -41.53 43.33
CA ARG VB 37 -2.67 -40.13 43.69
C ARG VB 37 -2.47 -39.22 42.50
N VAL VB 38 -1.47 -39.51 41.65
CA VAL VB 38 -1.17 -38.64 40.52
C VAL VB 38 -2.33 -38.61 39.54
N ARG VB 39 -2.86 -39.79 39.17
CA ARG VB 39 -3.92 -39.84 38.17
C ARG VB 39 -5.22 -39.24 38.71
N ALA VB 40 -5.50 -39.41 40.00
CA ALA VB 40 -6.66 -38.75 40.60
C ALA VB 40 -6.53 -37.23 40.49
N ALA VB 41 -5.32 -36.72 40.74
CA ALA VB 41 -5.10 -35.28 40.63
C ALA VB 41 -5.34 -34.80 39.20
N SER VB 42 -4.85 -35.55 38.22
CA SER VB 42 -5.09 -35.17 36.82
C SER VB 42 -6.57 -35.12 36.51
N VAL VB 43 -7.34 -36.11 37.00
CA VAL VB 43 -8.75 -36.19 36.67
C VAL VB 43 -9.50 -34.99 37.21
N ILE VB 44 -9.34 -34.67 38.50
CA ILE VB 44 -10.12 -33.57 39.04
C ILE VB 44 -9.58 -32.22 38.62
N SER VB 45 -8.33 -32.14 38.18
CA SER VB 45 -7.85 -30.89 37.59
C SER VB 45 -8.62 -30.56 36.32
N ALA VB 46 -8.86 -31.57 35.47
CA ALA VB 46 -9.59 -31.33 34.23
C ALA VB 46 -11.06 -31.03 34.50
N ASN VB 47 -11.64 -31.70 35.49
CA ASN VB 47 -13.07 -31.61 35.75
C ASN VB 47 -13.39 -30.67 36.92
N ALA VB 48 -12.44 -29.83 37.34
CA ALA VB 48 -12.66 -29.00 38.51
C ALA VB 48 -13.86 -28.08 38.34
N ALA VB 49 -13.98 -27.45 37.16
CA ALA VB 49 -15.12 -26.58 36.91
C ALA VB 49 -16.43 -27.35 36.99
N ASN VB 50 -16.48 -28.54 36.40
CA ASN VB 50 -17.69 -29.36 36.47
C ASN VB 50 -18.01 -29.75 37.91
N ILE VB 51 -16.99 -30.09 38.69
CA ILE VB 51 -17.21 -30.53 40.07
C ILE VB 51 -17.83 -29.40 40.89
N VAL VB 52 -17.25 -28.20 40.79
CA VAL VB 52 -17.80 -27.06 41.53
C VAL VB 52 -19.21 -26.76 41.06
N LYS VB 53 -19.43 -26.78 39.75
CA LYS VB 53 -20.75 -26.50 39.19
C LYS VB 53 -21.78 -27.48 39.73
N GLU VB 54 -21.45 -28.78 39.72
CA GLU VB 54 -22.39 -29.80 40.16
C GLU VB 54 -22.72 -29.66 41.64
N ALA VB 55 -21.71 -29.42 42.48
CA ALA VB 55 -21.95 -29.28 43.91
C ALA VB 55 -22.80 -28.05 44.20
N VAL VB 56 -22.49 -26.92 43.56
CA VAL VB 56 -23.27 -25.71 43.76
C VAL VB 56 -24.72 -25.95 43.40
N ALA VB 57 -24.95 -26.61 42.26
CA ALA VB 57 -26.32 -26.91 41.84
C ALA VB 57 -27.00 -27.85 42.82
N LYS VB 58 -26.27 -28.85 43.33
CA LYS VB 58 -26.87 -29.85 44.20
C LYS VB 58 -27.40 -29.23 45.49
N SER VB 59 -26.65 -28.34 46.11
CA SER VB 59 -27.07 -27.84 47.41
C SER VB 59 -27.27 -26.33 47.47
N LEU VB 60 -26.43 -25.55 46.77
CA LEU VB 60 -26.45 -24.11 46.98
C LEU VB 60 -27.57 -23.42 46.21
N LEU VB 61 -27.94 -23.92 45.04
CA LEU VB 61 -28.82 -23.19 44.14
C LEU VB 61 -30.29 -23.42 44.46
N TYR VB 62 -31.13 -22.53 43.92
CA TYR VB 62 -32.59 -22.59 44.10
C TYR VB 62 -32.95 -22.65 45.58
N SER VB 63 -32.28 -21.83 46.38
CA SER VB 63 -32.47 -21.77 47.81
C SER VB 63 -32.60 -20.31 48.24
N ASP VB 64 -33.08 -20.11 49.46
CA ASP VB 64 -33.14 -18.76 50.00
C ASP VB 64 -31.77 -18.14 50.15
N ILE VB 65 -30.72 -18.96 50.25
CA ILE VB 65 -29.36 -18.44 50.39
C ILE VB 65 -28.96 -17.64 49.16
N THR VB 66 -29.25 -18.16 47.97
CA THR VB 66 -28.99 -17.43 46.74
C THR VB 66 -30.15 -16.54 46.32
N ARG VB 67 -31.31 -16.68 46.96
CA ARG VB 67 -32.38 -15.73 46.81
C ARG VB 67 -32.04 -14.45 47.57
N PRO VB 68 -32.70 -13.33 47.29
CA PRO VB 68 -32.32 -12.07 47.92
C PRO VB 68 -32.33 -12.14 49.44
N GLY VB 69 -31.33 -11.53 50.05
CA GLY VB 69 -31.18 -11.51 51.50
C GLY VB 69 -30.55 -12.75 52.09
N GLY VB 70 -30.08 -13.69 51.27
CA GLY VB 70 -29.53 -14.93 51.78
C GLY VB 70 -28.02 -15.01 51.85
N MET VB 72 -25.74 -15.26 49.71
CA MET VB 72 -25.15 -15.75 48.47
C MET VB 72 -25.70 -14.94 47.32
N TYR VB 73 -26.84 -14.30 47.56
CA TYR VB 73 -27.41 -13.35 46.61
C TYR VB 73 -26.43 -12.20 46.39
N THR VB 74 -26.52 -11.59 45.20
CA THR VB 74 -25.59 -10.63 44.62
C THR VB 74 -24.51 -11.38 43.84
N THR VB 75 -24.19 -10.89 42.64
CA THR VB 75 -23.24 -11.57 41.77
C THR VB 75 -21.87 -11.66 42.41
N ARG VB 76 -21.45 -10.61 43.11
CA ARG VB 76 -20.17 -10.66 43.81
C ARG VB 76 -20.15 -11.78 44.84
N ARG VB 77 -21.23 -11.91 45.61
CA ARG VB 77 -21.30 -12.96 46.62
C ARG VB 77 -21.26 -14.34 45.98
N TYR VB 78 -21.97 -14.53 44.86
CA TYR VB 78 -21.96 -15.81 44.17
C TYR VB 78 -20.56 -16.14 43.67
N ALA VB 79 -19.86 -15.17 43.09
CA ALA VB 79 -18.51 -15.40 42.62
C ALA VB 79 -17.59 -15.77 43.76
N ALA VB 80 -17.74 -15.09 44.90
CA ALA VB 80 -16.92 -15.43 46.06
C ALA VB 80 -17.22 -16.84 46.56
N CYS VB 81 -18.49 -17.26 46.53
CA CYS VB 81 -18.81 -18.59 47.01
C CYS VB 81 -18.17 -19.66 46.13
N ILE VB 82 -18.31 -19.53 44.81
CA ILE VB 82 -17.70 -20.52 43.94
C ILE VB 82 -16.17 -20.41 44.00
N ARG VB 83 -15.64 -19.21 44.27
CA ARG VB 83 -14.20 -19.08 44.45
C ARG VB 83 -13.72 -19.86 45.66
N ASP VB 84 -14.46 -19.78 46.76
CA ASP VB 84 -14.08 -20.55 47.95
C ASP VB 84 -14.15 -22.04 47.68
N LEU VB 85 -15.17 -22.50 46.95
CA LEU VB 85 -15.25 -23.91 46.61
C LEU VB 85 -14.08 -24.34 45.73
N ASP VB 86 -13.68 -23.48 44.78
CA ASP VB 86 -12.48 -23.76 43.99
C ASP VB 86 -11.25 -23.86 44.89
N TYR VB 87 -11.13 -22.94 45.85
CA TYR VB 87 -10.01 -23.00 46.79
C TYR VB 87 -10.00 -24.32 47.54
N TYR VB 88 -11.15 -24.72 48.08
CA TYR VB 88 -11.21 -25.94 48.87
C TYR VB 88 -10.83 -27.16 48.04
N LEU VB 89 -11.34 -27.25 46.82
CA LEU VB 89 -11.04 -28.40 45.96
C LEU VB 89 -9.57 -28.42 45.56
N ARG VB 90 -8.99 -27.26 45.25
CA ARG VB 90 -7.58 -27.22 44.87
C ARG VB 90 -6.68 -27.59 46.03
N TYR VB 91 -6.97 -27.08 47.23
CA TYR VB 91 -6.18 -27.47 48.38
C TYR VB 91 -6.39 -28.93 48.74
N ALA VB 92 -7.60 -29.45 48.52
CA ALA VB 92 -7.83 -30.87 48.74
C ALA VB 92 -6.99 -31.72 47.82
N THR VB 93 -6.87 -31.34 46.55
CA THR VB 93 -6.05 -32.12 45.63
C THR VB 93 -4.57 -32.00 45.98
N TYR VB 94 -4.14 -30.85 46.49
CA TYR VB 94 -2.76 -30.73 46.97
C TYR VB 94 -2.51 -31.68 48.12
N ALA VB 95 -3.42 -31.72 49.10
CA ALA VB 95 -3.26 -32.60 50.24
C ALA VB 95 -3.32 -34.06 49.81
N MET VB 96 -4.17 -34.39 48.85
CA MET VB 96 -4.26 -35.76 48.37
C MET VB 96 -2.98 -36.19 47.68
N LEU VB 97 -2.39 -35.31 46.86
CA LEU VB 97 -1.11 -35.64 46.23
C LEU VB 97 -0.01 -35.81 47.26
N ALA VB 98 0.02 -34.93 48.27
CA ALA VB 98 1.07 -35.00 49.28
C ALA VB 98 0.92 -36.22 50.17
N GLY VB 99 -0.32 -36.63 50.45
CA GLY VB 99 -0.55 -37.68 51.42
C GLY VB 99 -0.53 -37.22 52.86
N ASP VB 100 -0.68 -35.92 53.09
CA ASP VB 100 -0.60 -35.31 54.41
C ASP VB 100 -1.60 -34.18 54.50
N PRO VB 101 -2.16 -33.92 55.69
CA PRO VB 101 -3.12 -32.83 55.86
C PRO VB 101 -2.53 -31.49 56.26
N SER VB 102 -1.21 -31.35 56.21
CA SER VB 102 -0.56 -30.13 56.71
C SER VB 102 -0.99 -28.90 55.93
N ILE VB 103 -1.10 -29.02 54.60
CA ILE VB 103 -1.41 -27.86 53.78
C ILE VB 103 -2.78 -27.30 54.14
N LEU VB 104 -3.77 -28.19 54.26
CA LEU VB 104 -5.10 -27.75 54.70
C LEU VB 104 -5.01 -27.05 56.05
N ASP VB 105 -4.36 -27.70 57.02
CA ASP VB 105 -4.36 -27.21 58.38
C ASP VB 105 -3.78 -25.80 58.48
N GLU VB 106 -2.68 -25.54 57.76
CA GLU VB 106 -2.01 -24.26 57.91
C GLU VB 106 -2.46 -23.22 56.89
N ARG VB 107 -2.51 -23.59 55.61
CA ARG VB 107 -2.79 -22.58 54.59
C ARG VB 107 -4.26 -22.17 54.56
N VAL VB 108 -5.18 -23.07 54.93
CA VAL VB 108 -6.61 -22.85 54.74
C VAL VB 108 -7.34 -22.63 56.06
N LEU VB 109 -7.28 -23.61 56.96
CA LEU VB 109 -8.28 -23.69 58.03
C LEU VB 109 -8.11 -22.61 59.07
N ASN VB 110 -6.87 -22.25 59.41
CA ASN VB 110 -6.66 -21.23 60.44
C ASN VB 110 -7.19 -19.88 59.98
N GLY VB 111 -7.91 -19.20 60.88
CA GLY VB 111 -8.48 -17.91 60.58
C GLY VB 111 -9.72 -17.93 59.72
N LEU VB 112 -9.99 -19.02 59.02
CA LEU VB 112 -11.15 -19.10 58.14
C LEU VB 112 -12.44 -18.99 58.94
N LYS VB 113 -12.49 -19.62 60.12
CA LYS VB 113 -13.67 -19.51 60.97
C LYS VB 113 -13.91 -18.06 61.40
N GLU VB 114 -12.85 -17.35 61.79
CA GLU VB 114 -13.01 -15.97 62.22
C GLU VB 114 -13.50 -15.08 61.08
N THR VB 115 -12.93 -15.24 59.89
CA THR VB 115 -13.37 -14.43 58.75
C THR VB 115 -14.82 -14.75 58.37
N TYR VB 116 -15.17 -16.03 58.33
CA TYR VB 116 -16.53 -16.41 57.96
C TYR VB 116 -17.54 -15.90 58.98
N ASN VB 117 -17.24 -16.04 60.27
CA ASN VB 117 -18.16 -15.55 61.29
C ASN VB 117 -18.29 -14.04 61.24
N SER VB 118 -17.17 -13.33 61.03
CA SER VB 118 -17.22 -11.88 60.95
C SER VB 118 -18.03 -11.42 59.75
N LEU VB 119 -17.84 -12.06 58.59
CA LEU VB 119 -18.55 -11.65 57.39
C LEU VB 119 -20.01 -12.08 57.40
N GLY VB 120 -20.35 -13.14 58.15
CA GLY VB 120 -21.69 -13.68 58.13
C GLY VB 120 -21.89 -14.83 57.18
N VAL VB 121 -20.84 -15.30 56.53
CA VAL VB 121 -20.94 -16.45 55.61
C VAL VB 121 -21.38 -17.68 56.40
N PRO VB 122 -22.37 -18.45 55.93
CA PRO VB 122 -22.87 -19.60 56.70
C PRO VB 122 -21.94 -20.80 56.60
N ILE VB 123 -21.25 -21.11 57.70
CA ILE VB 123 -20.32 -22.23 57.71
C ILE VB 123 -21.05 -23.55 57.52
N ALA VB 124 -22.27 -23.67 58.04
CA ALA VB 124 -23.04 -24.89 57.84
C ALA VB 124 -23.28 -25.14 56.36
N ALA VB 125 -23.66 -24.09 55.63
CA ALA VB 125 -23.89 -24.24 54.19
C ALA VB 125 -22.60 -24.57 53.45
N THR VB 126 -21.47 -23.96 53.86
CA THR VB 126 -20.20 -24.29 53.21
C THR VB 126 -19.82 -25.75 53.45
N VAL VB 127 -20.02 -26.24 54.68
CA VAL VB 127 -19.72 -27.63 54.98
C VAL VB 127 -20.59 -28.55 54.15
N GLN VB 128 -21.88 -28.24 54.03
CA GLN VB 128 -22.77 -29.02 53.19
C GLN VB 128 -22.29 -29.02 51.74
N ALA VB 129 -21.86 -27.86 51.24
CA ALA VB 129 -21.45 -27.76 49.85
C ALA VB 129 -20.17 -28.56 49.58
N ILE VB 130 -19.18 -28.46 50.46
CA ILE VB 130 -17.94 -29.21 50.22
C ILE VB 130 -18.18 -30.69 50.41
N GLN VB 131 -19.18 -31.05 51.22
CA GLN VB 131 -19.60 -32.45 51.29
C GLN VB 131 -20.12 -32.92 49.94
N ALA VB 132 -20.92 -32.08 49.27
CA ALA VB 132 -21.39 -32.41 47.94
C ALA VB 132 -20.23 -32.51 46.95
N MET VB 133 -19.26 -31.59 47.06
CA MET VB 133 -18.06 -31.69 46.24
C MET VB 133 -17.36 -33.02 46.45
N LYS VB 134 -17.28 -33.46 47.71
CA LYS VB 134 -16.61 -34.73 48.01
C LYS VB 134 -17.29 -35.89 47.30
N GLU VB 135 -18.62 -35.91 47.30
CA GLU VB 135 -19.34 -36.98 46.63
C GLU VB 135 -19.08 -36.96 45.12
N VAL VB 136 -19.14 -35.78 44.51
CA VAL VB 136 -18.94 -35.69 43.06
C VAL VB 136 -17.52 -36.08 42.70
N THR VB 137 -16.53 -35.57 43.43
CA THR VB 137 -15.14 -35.88 43.10
C THR VB 137 -14.83 -37.35 43.31
N ALA VB 138 -15.45 -37.98 44.32
CA ALA VB 138 -15.26 -39.41 44.53
C ALA VB 138 -15.77 -40.19 43.32
N SER VB 139 -16.93 -39.81 42.79
CA SER VB 139 -17.46 -40.49 41.61
C SER VB 139 -16.51 -40.37 40.44
N LEU VB 140 -15.93 -39.19 40.22
CA LEU VB 140 -15.08 -38.98 39.06
C LEU VB 140 -13.75 -39.73 39.20
N VAL VB 141 -13.08 -39.60 40.35
CA VAL VB 141 -11.76 -40.20 40.48
C VAL VB 141 -11.85 -41.72 40.61
N GLY VB 142 -12.89 -42.23 41.23
CA GLY VB 142 -12.98 -43.64 41.56
C GLY VB 142 -13.05 -43.87 43.06
N ALA VB 143 -13.28 -45.13 43.42
CA ALA VB 143 -13.53 -45.47 44.80
C ALA VB 143 -12.27 -45.35 45.65
N ASP VB 144 -11.19 -46.02 45.24
CA ASP VB 144 -9.95 -45.98 46.02
C ASP VB 144 -9.46 -44.55 46.18
N ALA VB 145 -9.42 -43.80 45.08
CA ALA VB 145 -9.00 -42.40 45.14
C ALA VB 145 -9.97 -41.57 45.98
N GLY VB 146 -11.27 -41.87 45.88
CA GLY VB 146 -12.25 -41.15 46.68
C GLY VB 146 -12.01 -41.31 48.17
N LYS VB 147 -11.63 -42.52 48.59
CA LYS VB 147 -11.19 -42.72 49.97
C LYS VB 147 -10.03 -41.79 50.31
N GLU VB 148 -9.06 -41.67 49.39
CA GLU VB 148 -7.90 -40.83 49.63
C GLU VB 148 -8.31 -39.36 49.74
N MET VB 149 -9.22 -38.90 48.88
CA MET VB 149 -9.65 -37.51 48.90
C MET VB 149 -10.60 -37.21 50.05
N GLY VB 150 -11.53 -38.12 50.33
CA GLY VB 150 -12.61 -37.82 51.26
C GLY VB 150 -12.14 -37.46 52.64
N ILE VB 151 -11.02 -38.05 53.09
CA ILE VB 151 -10.50 -37.72 54.41
C ILE VB 151 -10.12 -36.26 54.49
N TYR VB 152 -9.50 -35.73 53.42
CA TYR VB 152 -9.10 -34.33 53.42
C TYR VB 152 -10.31 -33.40 53.33
N PHE VB 153 -11.32 -33.80 52.56
CA PHE VB 153 -12.56 -33.04 52.55
C PHE VB 153 -13.19 -32.99 53.93
N ASP VB 154 -13.23 -34.13 54.63
CA ASP VB 154 -13.79 -34.17 55.97
C ASP VB 154 -12.94 -33.34 56.94
N TYR VB 155 -11.62 -33.35 56.74
CA TYR VB 155 -10.73 -32.52 57.56
C TYR VB 155 -11.10 -31.05 57.43
N ILE VB 156 -11.36 -30.59 56.20
CA ILE VB 156 -11.79 -29.21 55.98
C ILE VB 156 -13.14 -28.97 56.62
N CYS VB 157 -14.06 -29.94 56.52
CA CYS VB 157 -15.37 -29.79 57.13
C CYS VB 157 -15.24 -29.59 58.64
N SER VB 158 -14.40 -30.41 59.28
CA SER VB 158 -14.20 -30.28 60.72
C SER VB 158 -13.60 -28.93 61.08
N GLY VB 159 -12.65 -28.45 60.28
CA GLY VB 159 -12.08 -27.15 60.54
C GLY VB 159 -13.10 -26.04 60.47
N LEU VB 160 -13.97 -26.10 59.45
CA LEU VB 160 -15.06 -25.11 59.36
C LEU VB 160 -16.01 -25.24 60.54
N SER VB 161 -16.30 -26.47 60.97
CA SER VB 161 -17.18 -26.69 62.11
C SER VB 161 -16.42 -26.52 63.42
N SER WB 2 -24.18 6.97 43.95
CA SER WB 2 -24.71 8.30 43.72
C SER WB 2 -23.58 9.32 43.61
N VAL WB 3 -23.85 10.40 42.85
CA VAL WB 3 -22.87 11.46 42.68
C VAL WB 3 -22.58 12.14 44.02
N VAL WB 4 -23.59 12.24 44.88
CA VAL WB 4 -23.37 12.74 46.24
C VAL WB 4 -22.31 11.92 46.94
N THR WB 5 -22.43 10.59 46.86
CA THR WB 5 -21.44 9.70 47.47
C THR WB 5 -20.06 9.95 46.89
N LYS WB 6 -19.96 10.05 45.57
CA LYS WB 6 -18.65 10.22 44.94
C LYS WB 6 -18.01 11.54 45.35
N SER WB 7 -18.81 12.61 45.43
CA SER WB 7 -18.27 13.91 45.84
C SER WB 7 -17.72 13.85 47.26
N ILE WB 8 -18.47 13.22 48.17
CA ILE WB 8 -18.00 13.08 49.55
C ILE WB 8 -16.70 12.29 49.59
N VAL WB 9 -16.62 11.23 48.79
CA VAL WB 9 -15.42 10.39 48.78
C VAL WB 9 -14.21 11.18 48.32
N ASN WB 10 -14.36 11.96 47.25
CA ASN WB 10 -13.24 12.75 46.74
C ASN WB 10 -12.77 13.76 47.79
N ALA WB 11 -13.71 14.47 48.40
CA ALA WB 11 -13.33 15.47 49.39
C ALA WB 11 -12.70 14.82 50.61
N ASP WB 12 -13.22 13.66 51.02
CA ASP WB 12 -12.63 12.95 52.15
C ASP WB 12 -11.21 12.51 51.83
N ALA WB 13 -10.96 12.10 50.58
CA ALA WB 13 -9.61 11.69 50.20
C ALA WB 13 -8.63 12.85 50.33
N GLU WB 14 -9.04 14.06 49.93
CA GLU WB 14 -8.18 15.22 50.08
C GLU WB 14 -8.35 15.92 51.41
N ALA WB 15 -9.17 15.37 52.32
CA ALA WB 15 -9.38 15.92 53.67
C ALA WB 15 -9.82 17.38 53.61
N ARG WB 16 -10.80 17.65 52.75
CA ARG WB 16 -11.33 18.98 52.52
C ARG WB 16 -12.85 18.94 52.62
N TYR WB 17 -13.43 20.04 53.09
CA TYR WB 17 -14.86 20.23 52.91
C TYR WB 17 -15.16 20.39 51.43
N LEU WB 18 -16.40 20.07 51.04
CA LEU WB 18 -16.76 20.12 49.62
C LEU WB 18 -16.49 21.51 49.05
N SER WB 19 -15.80 21.55 47.91
CA SER WB 19 -15.56 22.80 47.22
C SER WB 19 -16.87 23.31 46.64
N PRO WB 20 -16.95 24.62 46.33
CA PRO WB 20 -18.21 25.14 45.81
C PRO WB 20 -18.67 24.47 44.52
N GLY WB 21 -17.74 24.06 43.67
CA GLY WB 21 -18.13 23.34 42.47
C GLY WB 21 -18.76 21.99 42.77
N GLU WB 22 -18.17 21.23 43.69
CA GLU WB 22 -18.74 19.94 44.05
C GLU WB 22 -20.12 20.12 44.70
N LEU WB 23 -20.26 21.15 45.53
CA LEU WB 23 -21.57 21.46 46.10
C LEU WB 23 -22.57 21.80 45.00
N ASP WB 24 -22.13 22.53 43.98
CA ASP WB 24 -23.02 22.85 42.86
C ASP WB 24 -23.43 21.59 42.12
N ARG WB 25 -22.52 20.61 42.01
CA ARG WB 25 -22.87 19.34 41.37
C ARG WB 25 -24.04 18.68 42.08
N ILE WB 26 -23.97 18.57 43.40
CA ILE WB 26 -25.06 17.90 44.11
C ILE WB 26 -26.33 18.73 44.03
N LYS WB 27 -26.21 20.06 43.96
CA LYS WB 27 -27.38 20.90 43.78
C LYS WB 27 -28.09 20.57 42.46
N ASN WB 28 -27.32 20.45 41.38
CA ASN WB 28 -27.89 20.13 40.07
C ASN WB 28 -28.56 18.76 40.09
N PHE WB 29 -27.91 17.77 40.68
CA PHE WB 29 -28.51 16.44 40.75
C PHE WB 29 -29.79 16.46 41.57
N VAL WB 30 -29.83 17.28 42.62
CA VAL WB 30 -31.04 17.39 43.43
C VAL WB 30 -32.21 17.86 42.58
N SER WB 31 -32.00 18.88 41.75
CA SER WB 31 -33.08 19.36 40.89
C SER WB 31 -33.44 18.34 39.81
N THR WB 32 -32.46 17.59 39.32
CA THR WB 32 -32.70 16.56 38.31
C THR WB 32 -33.47 15.37 38.86
N GLY WB 33 -33.58 15.26 40.19
CA GLY WB 33 -34.15 14.06 40.79
C GLY WB 33 -35.56 13.74 40.33
N GLU WB 34 -36.40 14.77 40.15
CA GLU WB 34 -37.78 14.52 39.75
C GLU WB 34 -37.84 13.85 38.38
N ARG WB 35 -37.04 14.34 37.44
CA ARG WB 35 -36.98 13.72 36.11
C ARG WB 35 -36.52 12.27 36.20
N ARG WB 36 -35.46 12.03 36.97
CA ARG WB 36 -34.94 10.66 37.10
C ARG WB 36 -35.98 9.74 37.71
N LEU WB 37 -36.68 10.20 38.75
CA LEU WB 37 -37.72 9.39 39.37
C LEU WB 37 -38.83 9.07 38.37
N ARG WB 38 -39.19 10.03 37.52
CA ARG WB 38 -40.23 9.80 36.54
C ARG WB 38 -39.82 8.68 35.58
N ILE WB 39 -38.58 8.69 35.12
CA ILE WB 39 -38.10 7.65 34.20
C ILE WB 39 -38.16 6.29 34.88
N ALA WB 40 -37.69 6.21 36.13
CA ALA WB 40 -37.72 4.94 36.83
C ALA WB 40 -39.16 4.48 37.07
N GLN WB 41 -40.06 5.44 37.34
CA GLN WB 41 -41.44 5.09 37.62
C GLN WB 41 -42.11 4.43 36.42
N THR WB 42 -41.89 4.96 35.22
CA THR WB 42 -42.49 4.30 34.07
C THR WB 42 -41.88 2.93 33.82
N LEU WB 43 -40.59 2.77 34.12
CA LEU WB 43 -39.98 1.45 33.97
C LEU WB 43 -40.64 0.43 34.89
N THR WB 44 -40.83 0.78 36.16
CA THR WB 44 -41.45 -0.18 37.09
C THR WB 44 -42.92 -0.42 36.76
N GLU WB 45 -43.61 0.60 36.24
CA GLU WB 45 -45.01 0.41 35.87
C GLU WB 45 -45.13 -0.60 34.73
N ASN WB 46 -44.20 -0.57 33.78
CA ASN WB 46 -44.24 -1.46 32.62
C ASN WB 46 -43.23 -2.60 32.73
N ARG WB 47 -42.84 -2.99 33.94
CA ARG WB 47 -41.80 -3.99 34.09
C ARG WB 47 -42.18 -5.32 33.43
N GLU WB 48 -43.42 -5.76 33.59
CA GLU WB 48 -43.84 -7.04 33.03
C GLU WB 48 -43.75 -7.04 31.51
N ARG WB 49 -44.30 -6.00 30.87
CA ARG WB 49 -44.31 -5.93 29.42
C ARG WB 49 -42.90 -5.87 28.85
N ILE WB 50 -42.03 -5.09 29.50
CA ILE WB 50 -40.65 -4.97 29.02
C ILE WB 50 -39.96 -6.33 29.04
N VAL WB 51 -40.12 -7.08 30.12
CA VAL WB 51 -39.43 -8.36 30.26
C VAL WB 51 -39.94 -9.37 29.23
N LYS WB 52 -41.26 -9.44 29.05
CA LYS WB 52 -41.85 -10.56 28.31
C LYS WB 52 -41.43 -10.55 26.85
N GLN WB 53 -41.79 -9.51 26.11
CA GLN WB 53 -41.53 -9.49 24.67
C GLN WB 53 -40.03 -9.46 24.38
N ALA WB 54 -39.23 -8.83 25.25
CA ALA WB 54 -37.80 -8.87 25.09
C ALA WB 54 -37.26 -10.30 25.22
N GLY WB 55 -37.80 -11.06 26.17
CA GLY WB 55 -37.39 -12.44 26.32
C GLY WB 55 -37.73 -13.29 25.11
N ASP WB 56 -38.93 -13.11 24.57
CA ASP WB 56 -39.30 -13.84 23.36
C ASP WB 56 -38.40 -13.44 22.18
N GLN WB 57 -38.07 -12.15 22.08
CA GLN WB 57 -37.15 -11.71 21.04
C GLN WB 57 -35.77 -12.34 21.20
N LEU WB 58 -35.28 -12.44 22.45
CA LEU WB 58 -33.97 -13.04 22.68
C LEU WB 58 -33.97 -14.51 22.26
N PHE WB 59 -34.99 -15.25 22.65
CA PHE WB 59 -35.06 -16.66 22.28
C PHE WB 59 -35.18 -16.82 20.77
N GLN WB 60 -35.91 -15.91 20.12
CA GLN WB 60 -35.97 -15.92 18.65
C GLN WB 60 -34.62 -15.61 18.04
N LYS WB 61 -33.89 -14.64 18.61
CA LYS WB 61 -32.59 -14.25 18.08
C LYS WB 61 -31.64 -15.44 18.02
N ARG WB 62 -31.36 -16.04 19.16
CA ARG WB 62 -30.50 -17.24 19.23
C ARG WB 62 -31.29 -18.38 19.86
N PRO WB 63 -32.00 -19.16 19.05
CA PRO WB 63 -32.84 -20.24 19.61
C PRO WB 63 -32.06 -21.37 20.25
N ASP WB 64 -30.74 -21.44 20.04
CA ASP WB 64 -29.95 -22.50 20.67
C ASP WB 64 -30.10 -22.46 22.19
N VAL WB 65 -30.37 -21.28 22.76
CA VAL WB 65 -30.57 -21.18 24.20
C VAL WB 65 -31.79 -21.98 24.64
N VAL WB 66 -32.89 -21.88 23.88
CA VAL WB 66 -34.11 -22.61 24.23
C VAL WB 66 -34.21 -23.94 23.52
N SER WB 67 -33.28 -24.24 22.61
CA SER WB 67 -33.21 -25.55 22.00
C SER WB 67 -32.63 -26.56 22.99
N PRO WB 68 -32.83 -27.86 22.74
CA PRO WB 68 -32.17 -28.86 23.59
C PRO WB 68 -30.66 -28.70 23.53
N GLY WB 69 -30.02 -28.88 24.68
CA GLY WB 69 -28.61 -28.62 24.83
C GLY WB 69 -28.27 -27.20 25.23
N GLY WB 70 -29.21 -26.26 25.06
CA GLY WB 70 -29.01 -24.92 25.55
C GLY WB 70 -29.18 -24.84 27.05
N ASN WB 71 -28.58 -23.79 27.64
CA ASN WB 71 -28.64 -23.65 29.09
C ASN WB 71 -30.07 -23.48 29.56
N ALA WB 72 -30.86 -22.69 28.85
CA ALA WB 72 -32.28 -22.51 29.17
C ALA WB 72 -33.16 -23.37 28.27
N TYR WB 73 -33.02 -24.68 28.40
CA TYR WB 73 -33.89 -25.63 27.70
C TYR WB 73 -34.89 -26.17 28.70
N GLY WB 74 -36.17 -26.03 28.40
CA GLY WB 74 -37.22 -26.40 29.32
C GLY WB 74 -37.85 -25.19 30.00
N GLU WB 75 -39.10 -25.36 30.42
CA GLU WB 75 -39.88 -24.22 30.91
C GLU WB 75 -39.30 -23.64 32.19
N GLU WB 76 -38.83 -24.50 33.11
CA GLU WB 76 -38.26 -24.01 34.36
C GLU WB 76 -37.00 -23.20 34.12
N MET WB 77 -36.11 -23.70 33.26
CA MET WB 77 -34.87 -22.99 32.96
C MET WB 77 -35.16 -21.67 32.29
N THR WB 78 -36.09 -21.65 31.32
CA THR WB 78 -36.45 -20.39 30.67
C THR WB 78 -37.06 -19.42 31.66
N ALA WB 79 -37.84 -19.92 32.63
CA ALA WB 79 -38.45 -19.04 33.62
C ALA WB 79 -37.39 -18.37 34.48
N THR WB 80 -36.37 -19.12 34.91
CA THR WB 80 -35.33 -18.50 35.73
C THR WB 80 -34.52 -17.49 34.93
N CYS WB 81 -34.26 -17.75 33.65
CA CYS WB 81 -33.54 -16.73 32.88
C CYS WB 81 -34.37 -15.47 32.73
N LEU WB 82 -35.67 -15.61 32.48
CA LEU WB 82 -36.53 -14.43 32.44
C LEU WB 82 -36.48 -13.69 33.76
N ARG WB 83 -36.42 -14.44 34.87
CA ARG WB 83 -36.27 -13.82 36.18
C ARG WB 83 -35.00 -12.99 36.26
N ASP WB 84 -33.90 -13.49 35.69
CA ASP WB 84 -32.67 -12.72 35.65
C ASP WB 84 -32.83 -11.44 34.85
N LEU WB 85 -33.56 -11.49 33.73
CA LEU WB 85 -33.80 -10.29 32.95
C LEU WB 85 -34.54 -9.25 33.80
N ASP WB 86 -35.54 -9.68 34.57
CA ASP WB 86 -36.23 -8.76 35.46
C ASP WB 86 -35.28 -8.20 36.51
N TYR WB 87 -34.40 -9.04 37.05
CA TYR WB 87 -33.39 -8.58 38.01
C TYR WB 87 -32.57 -7.44 37.43
N TYR WB 88 -32.07 -7.61 36.20
CA TYR WB 88 -31.21 -6.60 35.62
C TYR WB 88 -31.97 -5.31 35.30
N LEU WB 89 -33.23 -5.44 34.89
CA LEU WB 89 -34.03 -4.24 34.64
C LEU WB 89 -34.17 -3.40 35.90
N ARG WB 90 -34.48 -4.05 37.04
CA ARG WB 90 -34.64 -3.26 38.26
C ARG WB 90 -33.29 -2.77 38.78
N LEU WB 91 -32.20 -3.45 38.45
CA LEU WB 91 -30.88 -2.88 38.70
C LEU WB 91 -30.73 -1.57 37.95
N VAL WB 92 -31.15 -1.54 36.69
CA VAL WB 92 -31.04 -0.32 35.89
C VAL WB 92 -31.93 0.78 36.46
N THR WB 93 -33.10 0.42 37.00
CA THR WB 93 -33.93 1.42 37.65
C THR WB 93 -33.22 2.03 38.85
N TYR WB 94 -32.54 1.19 39.64
CA TYR WB 94 -31.75 1.70 40.77
C TYR WB 94 -30.66 2.64 40.27
N GLY WB 95 -29.98 2.26 39.18
CA GLY WB 95 -28.96 3.13 38.63
C GLY WB 95 -29.51 4.45 38.14
N ILE WB 96 -30.70 4.42 37.54
CA ILE WB 96 -31.29 5.64 36.99
C ILE WB 96 -31.60 6.62 38.12
N VAL WB 97 -32.21 6.15 39.20
CA VAL WB 97 -32.51 7.07 40.30
C VAL WB 97 -31.23 7.49 41.01
N ALA WB 98 -30.24 6.60 41.09
CA ALA WB 98 -29.00 6.94 41.76
C ALA WB 98 -28.23 8.02 41.02
N GLY WB 99 -28.28 7.99 39.69
CA GLY WB 99 -27.54 8.93 38.89
C GLY WB 99 -26.18 8.46 38.44
N ASP WB 100 -25.66 7.38 39.04
CA ASP WB 100 -24.43 6.75 38.60
C ASP WB 100 -24.63 5.25 38.59
N VAL WB 101 -23.62 4.53 38.10
CA VAL WB 101 -23.73 3.09 37.91
C VAL WB 101 -23.21 2.28 39.10
N THR WB 102 -22.80 2.94 40.18
CA THR WB 102 -22.30 2.24 41.36
C THR WB 102 -23.28 1.20 41.90
N PRO WB 103 -24.58 1.49 42.07
CA PRO WB 103 -25.48 0.42 42.54
C PRO WB 103 -25.58 -0.75 41.57
N ILE WB 104 -25.63 -0.49 40.27
CA ILE WB 104 -25.71 -1.57 39.30
C ILE WB 104 -24.48 -2.47 39.39
N GLU WB 105 -23.29 -1.86 39.43
CA GLU WB 105 -22.06 -2.63 39.51
C GLU WB 105 -22.04 -3.49 40.76
N GLU WB 106 -22.36 -2.91 41.91
CA GLU WB 106 -22.30 -3.66 43.16
C GLU WB 106 -23.27 -4.84 43.16
N ILE WB 107 -24.52 -4.58 42.76
CA ILE WB 107 -25.54 -5.63 42.88
C ILE WB 107 -25.28 -6.76 41.90
N GLY WB 108 -24.97 -6.43 40.64
CA GLY WB 108 -24.94 -7.50 39.66
C GLY WB 108 -23.88 -7.50 38.56
N LEU WB 109 -22.69 -6.93 38.80
CA LEU WB 109 -21.69 -6.93 37.74
C LEU WB 109 -20.37 -7.57 38.14
N VAL WB 110 -19.82 -7.24 39.31
CA VAL WB 110 -18.49 -7.74 39.67
C VAL WB 110 -18.51 -9.26 39.66
N GLY WB 111 -17.67 -9.85 38.83
CA GLY WB 111 -17.67 -11.30 38.66
C GLY WB 111 -18.78 -11.82 37.77
N VAL WB 112 -19.22 -11.02 36.80
CA VAL WB 112 -20.34 -11.43 35.95
C VAL WB 112 -19.99 -12.70 35.18
N ARG WB 113 -18.80 -12.73 34.58
CA ARG WB 113 -18.38 -13.91 33.83
C ARG WB 113 -18.29 -15.13 34.73
N GLU WB 114 -17.73 -14.95 35.93
CA GLU WB 114 -17.54 -16.09 36.83
C GLU WB 114 -18.88 -16.70 37.23
N MET WB 115 -19.86 -15.86 37.55
CA MET WB 115 -21.17 -16.38 37.93
C MET WB 115 -21.81 -17.15 36.79
N TYR WB 116 -21.90 -16.55 35.60
CA TYR WB 116 -22.68 -17.19 34.56
C TYR WB 116 -21.94 -18.33 33.88
N ASN WB 117 -20.61 -18.34 33.88
CA ASN WB 117 -19.91 -19.51 33.38
C ASN WB 117 -19.93 -20.66 34.38
N SER WB 118 -19.96 -20.35 35.68
CA SER WB 118 -20.23 -21.39 36.66
C SER WB 118 -21.60 -22.00 36.43
N LEU WB 119 -22.59 -21.18 36.11
CA LEU WB 119 -23.90 -21.70 35.76
C LEU WB 119 -23.91 -22.37 34.39
N GLY WB 120 -22.92 -22.08 33.54
CA GLY WB 120 -22.88 -22.60 32.19
C GLY WB 120 -23.60 -21.75 31.16
N THR WB 121 -24.11 -20.60 31.55
CA THR WB 121 -24.89 -19.68 30.71
C THR WB 121 -23.96 -18.86 29.81
N PRO WB 122 -24.29 -18.68 28.54
CA PRO WB 122 -23.45 -17.85 27.65
C PRO WB 122 -23.69 -16.37 27.89
N ILE WB 123 -22.62 -15.65 28.21
CA ILE WB 123 -22.68 -14.22 28.46
C ILE WB 123 -23.01 -13.43 27.20
N PRO WB 124 -22.58 -13.82 25.99
CA PRO WB 124 -23.06 -13.07 24.80
C PRO WB 124 -24.57 -13.15 24.63
N ALA WB 125 -25.16 -14.31 24.93
CA ALA WB 125 -26.62 -14.42 24.88
C ALA WB 125 -27.29 -13.53 25.91
N VAL WB 126 -26.69 -13.43 27.11
CA VAL WB 126 -27.18 -12.47 28.09
C VAL WB 126 -27.15 -11.06 27.53
N ALA WB 127 -26.09 -10.73 26.79
CA ALA WB 127 -26.00 -9.40 26.19
C ALA WB 127 -27.15 -9.14 25.23
N GLU WB 128 -27.49 -10.12 24.39
CA GLU WB 128 -28.60 -9.94 23.46
C GLU WB 128 -29.92 -9.77 24.19
N GLY WB 129 -30.11 -10.51 25.30
CA GLY WB 129 -31.33 -10.36 26.07
C GLY WB 129 -31.48 -8.96 26.63
N ILE WB 130 -30.41 -8.41 27.20
CA ILE WB 130 -30.47 -7.05 27.73
C ILE WB 130 -30.65 -6.04 26.61
N ARG WB 131 -30.09 -6.31 25.44
CA ARG WB 131 -30.32 -5.43 24.29
C ARG WB 131 -31.79 -5.37 23.93
N ALA WB 132 -32.47 -6.52 23.93
CA ALA WB 132 -33.90 -6.53 23.68
C ALA WB 132 -34.66 -5.74 24.72
N MET WB 133 -34.27 -5.89 26.00
CA MET WB 133 -34.89 -5.10 27.06
C MET WB 133 -34.71 -3.61 26.80
N LYS WB 134 -33.52 -3.21 26.35
CA LYS WB 134 -33.26 -1.80 26.08
C LYS WB 134 -34.17 -1.27 24.98
N ASN WB 135 -34.36 -2.04 23.92
CA ASN WB 135 -35.20 -1.60 22.81
C ASN WB 135 -36.64 -1.40 23.26
N VAL WB 136 -37.18 -2.36 24.01
CA VAL WB 136 -38.56 -2.25 24.49
C VAL WB 136 -38.68 -1.08 25.47
N ALA WB 137 -37.68 -0.90 26.33
CA ALA WB 137 -37.69 0.22 27.27
C ALA WB 137 -37.66 1.55 26.54
N CYS WB 138 -36.87 1.65 25.47
CA CYS WB 138 -36.81 2.88 24.70
C CYS WB 138 -38.17 3.22 24.10
N SER WB 139 -38.90 2.21 23.62
CA SER WB 139 -40.23 2.47 23.09
C SER WB 139 -41.15 3.05 24.15
N LEU WB 140 -41.06 2.55 25.39
CA LEU WB 140 -41.93 3.07 26.44
C LEU WB 140 -41.43 4.38 27.05
N LEU WB 141 -40.24 4.85 26.68
CA LEU WB 141 -39.73 6.12 27.16
C LEU WB 141 -39.81 7.18 26.05
N SER WB 142 -39.93 8.44 26.47
CA SER WB 142 -39.80 9.53 25.52
C SER WB 142 -38.35 9.61 25.03
N ALA WB 143 -38.18 10.12 23.82
CA ALA WB 143 -36.86 10.12 23.19
C ALA WB 143 -35.83 10.87 24.02
N GLU WB 144 -36.21 12.02 24.57
CA GLU WB 144 -35.31 12.76 25.45
C GLU WB 144 -34.97 11.96 26.70
N ASP WB 145 -35.99 11.36 27.32
CA ASP WB 145 -35.75 10.57 28.51
C ASP WB 145 -34.97 9.29 28.20
N ALA WB 146 -35.26 8.66 27.05
CA ALA WB 146 -34.68 7.37 26.73
C ALA WB 146 -33.17 7.43 26.56
N ALA WB 147 -32.60 8.61 26.34
CA ALA WB 147 -31.15 8.72 26.30
C ALA WB 147 -30.54 8.42 27.66
N GLU WB 148 -31.17 8.91 28.74
CA GLU WB 148 -30.61 8.72 30.07
C GLU WB 148 -30.63 7.26 30.48
N ALA WB 149 -31.78 6.58 30.29
CA ALA WB 149 -31.87 5.16 30.64
C ALA WB 149 -30.99 4.31 29.74
N GLY WB 150 -30.89 4.67 28.46
CA GLY WB 150 -30.09 3.90 27.54
C GLY WB 150 -28.63 3.83 27.93
N SER WB 151 -28.10 4.89 28.54
CA SER WB 151 -26.70 4.91 28.94
C SER WB 151 -26.42 3.83 29.98
N TYR WB 152 -27.31 3.68 30.96
CA TYR WB 152 -27.14 2.62 31.94
C TYR WB 152 -27.26 1.24 31.30
N PHE WB 153 -28.21 1.08 30.36
CA PHE WB 153 -28.30 -0.18 29.63
C PHE WB 153 -27.01 -0.48 28.87
N ASP WB 154 -26.44 0.53 28.23
CA ASP WB 154 -25.20 0.34 27.46
C ASP WB 154 -24.05 -0.09 28.36
N PHE WB 155 -23.93 0.53 29.54
CA PHE WB 155 -22.89 0.12 30.47
C PHE WB 155 -23.09 -1.35 30.86
N VAL WB 156 -24.33 -1.76 31.09
CA VAL WB 156 -24.59 -3.12 31.53
C VAL WB 156 -24.20 -4.12 30.46
N ILE WB 157 -24.54 -3.87 29.19
CA ILE WB 157 -24.20 -4.84 28.16
C ILE WB 157 -22.69 -4.90 27.97
N GLY WB 158 -22.01 -3.75 28.03
CA GLY WB 158 -20.56 -3.76 27.96
C GLY WB 158 -19.95 -4.58 29.09
N ALA WB 159 -20.51 -4.46 30.29
CA ALA WB 159 -20.03 -5.26 31.41
C ALA WB 159 -20.35 -6.73 31.23
N MET WB 160 -21.50 -7.05 30.62
CA MET WB 160 -21.80 -8.44 30.31
C MET WB 160 -20.70 -9.05 29.46
N GLN WB 161 -20.20 -8.31 28.48
CA GLN WB 161 -19.07 -8.77 27.69
C GLN WB 161 -17.78 -8.63 28.49
N MET XB 1 -20.45 4.38 53.64
CA MET XB 1 -20.26 4.95 52.30
C MET XB 1 -21.56 4.87 51.49
N GLN XB 2 -22.63 5.41 52.08
CA GLN XB 2 -23.93 5.44 51.41
C GLN XB 2 -24.59 6.79 51.68
N ASP XB 3 -25.47 7.19 50.77
CA ASP XB 3 -26.30 8.37 50.94
C ASP XB 3 -27.76 7.94 51.04
N ALA XB 4 -28.66 8.92 51.07
CA ALA XB 4 -30.08 8.60 51.20
C ALA XB 4 -30.58 7.77 50.02
N ILE XB 5 -30.18 8.14 48.81
CA ILE XB 5 -30.60 7.40 47.62
C ILE XB 5 -30.05 5.98 47.65
N THR XB 6 -28.76 5.84 47.98
CA THR XB 6 -28.16 4.52 48.07
C THR XB 6 -28.85 3.67 49.12
N ALA XB 7 -29.18 4.28 50.27
CA ALA XB 7 -29.86 3.54 51.33
C ALA XB 7 -31.23 3.07 50.87
N VAL XB 8 -31.98 3.92 50.17
CA VAL XB 8 -33.32 3.54 49.73
C VAL XB 8 -33.24 2.38 48.76
N ILE XB 9 -32.39 2.50 47.74
CA ILE XB 9 -32.32 1.45 46.72
C ILE XB 9 -31.72 0.17 47.32
N ASN XB 10 -30.77 0.30 48.25
CA ASN XB 10 -30.20 -0.89 48.88
C ASN XB 10 -31.22 -1.60 49.77
N ALA XB 11 -32.05 -0.85 50.49
CA ALA XB 11 -33.11 -1.47 51.29
C ALA XB 11 -34.10 -2.21 50.40
N SER XB 12 -34.50 -1.60 49.29
CA SER XB 12 -35.37 -2.29 48.33
C SER XB 12 -34.67 -3.51 47.77
N ASP XB 13 -33.35 -3.42 47.54
CA ASP XB 13 -32.60 -4.56 47.02
C ASP XB 13 -32.55 -5.70 48.03
N VAL XB 14 -32.39 -5.37 49.31
CA VAL XB 14 -32.39 -6.40 50.34
C VAL XB 14 -33.72 -7.13 50.36
N GLN XB 15 -34.82 -6.38 50.25
CA GLN XB 15 -36.12 -7.03 50.08
C GLN XB 15 -36.19 -7.82 48.79
N GLY XB 16 -35.44 -7.40 47.76
CA GLY XB 16 -35.54 -7.97 46.44
C GLY XB 16 -36.64 -7.37 45.59
N LYS XB 17 -37.46 -6.50 46.15
CA LYS XB 17 -38.58 -5.91 45.43
C LYS XB 17 -38.11 -4.73 44.58
N TYR XB 18 -38.91 -4.40 43.58
CA TYR XB 18 -38.63 -3.24 42.76
C TYR XB 18 -38.94 -1.95 43.54
N LEU XB 19 -38.55 -0.82 42.96
CA LEU XB 19 -38.83 0.46 43.58
C LEU XB 19 -40.32 0.63 43.80
N ASP XB 20 -40.69 1.04 45.00
CA ASP XB 20 -42.09 1.22 45.39
C ASP XB 20 -42.41 2.70 45.48
N THR XB 21 -43.71 3.02 45.46
CA THR XB 21 -44.12 4.41 45.54
C THR XB 21 -43.75 5.03 46.88
N ALA XB 22 -43.78 4.25 47.97
CA ALA XB 22 -43.33 4.75 49.25
C ALA XB 22 -41.83 5.04 49.23
N ALA XB 23 -41.04 4.16 48.61
CA ALA XB 23 -39.62 4.40 48.48
C ALA XB 23 -39.35 5.67 47.69
N MET XB 24 -40.07 5.86 46.58
CA MET XB 24 -39.91 7.07 45.80
C MET XB 24 -40.36 8.30 46.58
N GLU XB 25 -41.32 8.14 47.49
CA GLU XB 25 -41.69 9.25 48.36
C GLU XB 25 -40.52 9.67 49.25
N LYS XB 26 -39.80 8.70 49.80
CA LYS XB 26 -38.60 9.02 50.57
C LYS XB 26 -37.58 9.76 49.71
N LEU XB 27 -37.36 9.28 48.49
CA LEU XB 27 -36.42 9.94 47.58
C LEU XB 27 -36.86 11.36 47.28
N LYS XB 28 -38.16 11.56 47.03
CA LYS XB 28 -38.68 12.90 46.76
C LYS XB 28 -38.42 13.83 47.92
N ALA XB 29 -38.64 13.35 49.15
CA ALA XB 29 -38.42 14.18 50.33
C ALA XB 29 -36.96 14.61 50.43
N TYR XB 30 -36.02 13.69 50.20
CA TYR XB 30 -34.61 14.05 50.23
C TYR XB 30 -34.28 15.09 49.17
N PHE XB 31 -34.80 14.91 47.96
CA PHE XB 31 -34.55 15.89 46.90
C PHE XB 31 -35.11 17.26 47.27
N ALA XB 32 -36.31 17.29 47.85
CA ALA XB 32 -36.89 18.57 48.25
C ALA XB 32 -36.02 19.28 49.29
N THR XB 33 -35.35 18.52 50.15
CA THR XB 33 -34.49 19.09 51.19
C THR XB 33 -33.07 19.36 50.70
N GLY XB 34 -32.72 18.93 49.48
CA GLY XB 34 -31.33 18.94 49.06
C GLY XB 34 -30.70 20.32 49.05
N GLU XB 35 -31.39 21.30 48.46
CA GLU XB 35 -30.80 22.63 48.33
C GLU XB 35 -30.52 23.24 49.70
N LEU XB 36 -31.46 23.08 50.62
CA LEU XB 36 -31.26 23.51 52.01
C LEU XB 36 -29.98 22.90 52.59
N ARG XB 37 -29.79 21.59 52.36
CA ARG XB 37 -28.59 20.93 52.86
C ARG XB 37 -27.33 21.56 52.29
N VAL XB 38 -27.34 21.87 50.98
CA VAL XB 38 -26.11 22.33 50.32
C VAL XB 38 -25.64 23.64 50.92
N ARG XB 39 -26.54 24.60 51.08
CA ARG XB 39 -26.12 25.90 51.60
C ARG XB 39 -25.61 25.77 53.02
N ALA XB 40 -26.21 24.89 53.81
CA ALA XB 40 -25.71 24.64 55.16
C ALA XB 40 -24.26 24.17 55.12
N ALA XB 41 -23.94 23.29 54.17
CA ALA XB 41 -22.57 22.77 54.08
C ALA XB 41 -21.58 23.89 53.80
N SER XB 42 -21.93 24.82 52.90
CA SER XB 42 -21.03 25.92 52.59
C SER XB 42 -20.75 26.76 53.83
N VAL XB 43 -21.79 27.08 54.59
CA VAL XB 43 -21.61 27.90 55.80
C VAL XB 43 -20.73 27.17 56.80
N ILE XB 44 -20.99 25.88 57.00
CA ILE XB 44 -20.20 25.08 57.94
C ILE XB 44 -18.73 25.11 57.54
N SER XB 45 -18.45 24.92 56.26
CA SER XB 45 -17.07 24.87 55.79
C SER XB 45 -16.35 26.17 56.05
N ALA XB 46 -16.97 27.30 55.71
CA ALA XB 46 -16.30 28.58 55.84
C ALA XB 46 -15.99 28.90 57.30
N ASN XB 47 -16.91 28.58 58.20
CA ASN XB 47 -16.75 28.92 59.61
C ASN XB 47 -16.30 27.75 60.46
N ALA XB 48 -15.75 26.70 59.84
CA ALA XB 48 -15.44 25.47 60.56
C ALA XB 48 -14.45 25.72 61.70
N ALA XB 49 -13.39 26.47 61.44
CA ALA XB 49 -12.40 26.73 62.48
C ALA XB 49 -13.01 27.53 63.63
N ASN XB 50 -13.83 28.53 63.31
CA ASN XB 50 -14.46 29.34 64.35
C ASN XB 50 -15.45 28.52 65.16
N ILE XB 51 -16.17 27.61 64.51
CA ILE XB 51 -17.08 26.72 65.23
C ILE XB 51 -16.33 25.93 66.28
N VAL XB 52 -15.19 25.37 65.91
CA VAL XB 52 -14.40 24.58 66.85
C VAL XB 52 -13.88 25.45 67.99
N LYS XB 53 -13.37 26.65 67.66
CA LYS XB 53 -12.83 27.51 68.70
C LYS XB 53 -13.90 27.88 69.72
N GLU XB 54 -15.07 28.33 69.24
CA GLU XB 54 -16.12 28.73 70.15
C GLU XB 54 -16.61 27.57 71.01
N ALA XB 55 -16.80 26.40 70.39
CA ALA XB 55 -17.29 25.24 71.14
C ALA XB 55 -16.28 24.79 72.19
N VAL XB 56 -14.99 24.75 71.84
CA VAL XB 56 -13.97 24.37 72.80
C VAL XB 56 -13.92 25.37 73.94
N ALA XB 57 -13.98 26.66 73.63
CA ALA XB 57 -13.96 27.68 74.67
C ALA XB 57 -15.14 27.53 75.61
N LYS XB 58 -16.30 27.16 75.08
CA LYS XB 58 -17.50 27.02 75.91
C LYS XB 58 -17.60 25.66 76.60
N SER XB 59 -16.76 24.70 76.25
CA SER XB 59 -16.89 23.35 76.80
C SER XB 59 -15.67 22.88 77.57
N LEU XB 60 -14.48 23.01 77.00
CA LEU XB 60 -13.29 22.36 77.55
C LEU XB 60 -12.30 23.30 78.21
N LEU XB 61 -12.25 24.57 77.80
CA LEU XB 61 -11.18 25.45 78.23
C LEU XB 61 -11.37 25.91 79.67
N TYR XB 62 -10.25 26.29 80.30
CA TYR XB 62 -10.22 26.76 81.68
C TYR XB 62 -10.88 25.76 82.61
N SER XB 63 -10.58 24.48 82.41
CA SER XB 63 -11.12 23.41 83.23
C SER XB 63 -9.99 22.46 83.59
N ASP XB 64 -10.33 21.43 84.37
CA ASP XB 64 -9.30 20.53 84.87
C ASP XB 64 -8.63 19.72 83.78
N ILE XB 65 -9.35 19.40 82.70
CA ILE XB 65 -8.75 18.58 81.65
C ILE XB 65 -7.65 19.34 80.93
N THR XB 66 -7.82 20.65 80.74
CA THR XB 66 -6.71 21.46 80.23
C THR XB 66 -5.71 21.80 81.31
N ARG XB 67 -6.10 21.73 82.58
CA ARG XB 67 -5.15 21.90 83.67
C ARG XB 67 -4.25 20.67 83.76
N PRO XB 68 -3.08 20.80 84.40
CA PRO XB 68 -2.09 19.72 84.34
C PRO XB 68 -2.64 18.38 84.79
N GLY XB 69 -2.20 17.32 84.11
CA GLY XB 69 -2.68 15.98 84.38
C GLY XB 69 -4.15 15.78 84.04
N GLY XB 70 -4.63 16.39 82.97
CA GLY XB 70 -6.04 16.33 82.63
C GLY XB 70 -6.36 15.75 81.27
N MET XB 72 -5.69 16.74 78.30
CA MET XB 72 -5.53 17.68 77.19
C MET XB 72 -4.38 18.64 77.50
N TYR XB 73 -3.86 18.55 78.73
CA TYR XB 73 -2.63 19.26 79.04
C TYR XB 73 -1.50 18.74 78.17
N THR XB 74 -0.53 19.63 77.90
CA THR XB 74 0.55 19.46 76.92
C THR XB 74 0.06 19.82 75.53
N THR XB 75 0.89 20.58 74.80
CA THR XB 75 0.51 21.11 73.49
C THR XB 75 0.13 20.00 72.52
N ARG XB 76 0.86 18.89 72.56
CA ARG XB 76 0.59 17.79 71.63
C ARG XB 76 -0.82 17.27 71.78
N ARG XB 77 -1.26 17.07 73.02
CA ARG XB 77 -2.61 16.54 73.25
C ARG XB 77 -3.68 17.57 72.91
N TYR XB 78 -3.42 18.85 73.20
CA TYR XB 78 -4.37 19.89 72.82
C TYR XB 78 -4.56 19.93 71.31
N ALA XB 79 -3.45 19.84 70.57
CA ALA XB 79 -3.54 19.85 69.11
C ALA XB 79 -4.32 18.64 68.60
N ALA XB 80 -4.08 17.47 69.18
CA ALA XB 80 -4.82 16.29 68.78
C ALA XB 80 -6.31 16.45 69.08
N CYS XB 81 -6.65 17.05 70.22
CA CYS XB 81 -8.06 17.20 70.57
C CYS XB 81 -8.77 18.12 69.59
N ILE XB 82 -8.17 19.26 69.27
CA ILE XB 82 -8.83 20.18 68.35
C ILE XB 82 -8.90 19.56 66.95
N ARG XB 83 -7.87 18.81 66.56
CA ARG XB 83 -7.92 18.12 65.27
C ARG XB 83 -9.07 17.13 65.22
N ASP XB 84 -9.24 16.36 66.30
CA ASP XB 84 -10.32 15.37 66.33
C ASP XB 84 -11.68 16.04 66.25
N LEU XB 85 -11.84 17.18 66.92
CA LEU XB 85 -13.09 17.92 66.81
C LEU XB 85 -13.29 18.45 65.39
N ASP XB 86 -12.21 18.91 64.74
CA ASP XB 86 -12.31 19.32 63.34
C ASP XB 86 -12.81 18.17 62.48
N TYR XB 87 -12.23 16.98 62.67
CA TYR XB 87 -12.62 15.82 61.88
C TYR XB 87 -14.07 15.43 62.17
N TYR XB 88 -14.50 15.51 63.42
CA TYR XB 88 -15.89 15.25 63.75
C TYR XB 88 -16.81 16.17 62.97
N LEU XB 89 -16.48 17.47 62.94
CA LEU XB 89 -17.31 18.42 62.20
C LEU XB 89 -17.32 18.12 60.71
N ARG XB 90 -16.16 17.81 60.15
CA ARG XB 90 -16.08 17.55 58.70
C ARG XB 90 -16.87 16.30 58.32
N TYR XB 91 -16.72 15.23 59.09
CA TYR XB 91 -17.50 14.03 58.81
C TYR XB 91 -18.98 14.26 59.08
N ALA XB 92 -19.31 15.12 60.04
CA ALA XB 92 -20.71 15.45 60.29
C ALA XB 92 -21.33 16.14 59.08
N THR XB 93 -20.61 17.07 58.47
CA THR XB 93 -21.17 17.75 57.30
C THR XB 93 -21.20 16.84 56.08
N TYR XB 94 -20.26 15.89 55.99
CA TYR XB 94 -20.37 14.86 54.96
C TYR XB 94 -21.66 14.09 55.12
N ALA XB 95 -21.96 13.66 56.34
CA ALA XB 95 -23.17 12.88 56.60
C ALA XB 95 -24.42 13.72 56.33
N MET XB 96 -24.39 15.00 56.70
CA MET XB 96 -25.53 15.87 56.44
C MET XB 96 -25.78 16.00 54.95
N LEU XB 97 -24.72 16.20 54.16
CA LEU XB 97 -24.89 16.31 52.72
C LEU XB 97 -25.43 15.02 52.13
N ALA XB 98 -24.95 13.87 52.63
CA ALA XB 98 -25.45 12.59 52.14
C ALA XB 98 -26.90 12.37 52.54
N GLY XB 99 -27.31 12.85 53.71
CA GLY XB 99 -28.63 12.53 54.22
C GLY XB 99 -28.72 11.14 54.80
N ASP XB 100 -27.60 10.58 55.27
CA ASP XB 100 -27.53 9.21 55.76
C ASP XB 100 -26.50 9.16 56.88
N PRO XB 101 -26.65 8.25 57.84
CA PRO XB 101 -25.63 8.07 58.88
C PRO XB 101 -24.57 7.04 58.55
N SER XB 102 -24.61 6.48 57.34
CA SER XB 102 -23.71 5.39 56.98
C SER XB 102 -22.25 5.84 57.06
N ILE XB 103 -21.97 7.06 56.61
CA ILE XB 103 -20.59 7.55 56.61
C ILE XB 103 -20.07 7.63 58.04
N LEU XB 104 -20.91 8.10 58.97
CA LEU XB 104 -20.47 8.21 60.36
C LEU XB 104 -20.09 6.85 60.92
N ASP XB 105 -20.93 5.83 60.70
CA ASP XB 105 -20.60 4.51 61.20
C ASP XB 105 -19.39 3.92 60.50
N GLU XB 106 -19.31 4.07 59.18
CA GLU XB 106 -18.28 3.38 58.41
C GLU XB 106 -16.92 4.00 58.59
N ARG XB 107 -16.85 5.33 58.72
CA ARG XB 107 -15.57 6.02 58.70
C ARG XB 107 -15.23 6.75 60.00
N VAL XB 108 -16.14 6.84 60.96
CA VAL XB 108 -15.85 7.56 62.19
C VAL XB 108 -15.99 6.64 63.39
N LEU XB 109 -17.22 6.17 63.64
CA LEU XB 109 -17.50 5.47 64.88
C LEU XB 109 -16.84 4.10 64.94
N ASN XB 110 -16.51 3.50 63.81
CA ASN XB 110 -15.84 2.22 63.80
C ASN XB 110 -14.45 2.36 64.42
N GLY XB 111 -14.17 1.56 65.46
CA GLY XB 111 -12.91 1.61 66.16
C GLY XB 111 -12.69 2.82 67.03
N LEU XB 112 -13.53 3.86 66.91
CA LEU XB 112 -13.31 5.08 67.67
C LEU XB 112 -13.46 4.84 69.17
N LYS XB 113 -14.50 4.10 69.58
CA LYS XB 113 -14.66 3.79 70.99
C LYS XB 113 -13.49 2.95 71.51
N GLU XB 114 -13.05 1.97 70.72
CA GLU XB 114 -11.97 1.10 71.15
C GLU XB 114 -10.67 1.89 71.32
N THR XB 115 -10.36 2.77 70.37
CA THR XB 115 -9.15 3.58 70.49
C THR XB 115 -9.23 4.57 71.64
N TYR XB 116 -10.37 5.22 71.81
CA TYR XB 116 -10.51 6.21 72.87
C TYR XB 116 -10.36 5.58 74.25
N ASN XB 117 -10.94 4.40 74.45
CA ASN XB 117 -10.77 3.72 75.73
C ASN XB 117 -9.36 3.19 75.90
N SER XB 118 -8.72 2.76 74.80
CA SER XB 118 -7.34 2.29 74.90
C SER XB 118 -6.42 3.38 75.43
N LEU XB 119 -6.60 4.61 74.94
CA LEU XB 119 -5.83 5.74 75.44
C LEU XB 119 -6.49 6.43 76.63
N GLY XB 120 -7.67 5.97 77.03
CA GLY XB 120 -8.37 6.60 78.15
C GLY XB 120 -8.80 8.03 77.90
N VAL XB 121 -9.12 8.37 76.66
CA VAL XB 121 -9.64 9.70 76.37
C VAL XB 121 -11.00 9.87 77.04
N PRO XB 122 -11.28 11.00 77.71
CA PRO XB 122 -12.57 11.13 78.41
C PRO XB 122 -13.73 11.26 77.45
N ILE XB 123 -14.47 10.16 77.29
CA ILE XB 123 -15.52 10.09 76.29
C ILE XB 123 -16.69 10.98 76.67
N ALA XB 124 -16.98 11.10 77.96
CA ALA XB 124 -18.05 11.99 78.41
C ALA XB 124 -17.75 13.43 78.05
N ALA XB 125 -16.51 13.87 78.28
CA ALA XB 125 -16.13 15.24 77.96
C ALA XB 125 -16.23 15.50 76.46
N THR XB 126 -15.80 14.54 75.64
CA THR XB 126 -15.91 14.72 74.20
C THR XB 126 -17.37 14.85 73.77
N VAL XB 127 -18.26 14.04 74.34
CA VAL XB 127 -19.67 14.11 73.99
C VAL XB 127 -20.24 15.48 74.35
N GLN XB 128 -19.90 15.99 75.53
CA GLN XB 128 -20.35 17.32 75.91
C GLN XB 128 -19.81 18.38 74.95
N ALA XB 129 -18.55 18.25 74.54
CA ALA XB 129 -17.95 19.24 73.65
C ALA XB 129 -18.63 19.25 72.28
N ILE XB 130 -18.93 18.08 71.73
CA ILE XB 130 -19.57 18.07 70.41
C ILE XB 130 -21.02 18.51 70.51
N GLN XB 131 -21.66 18.36 71.68
CA GLN XB 131 -22.96 18.99 71.88
C GLN XB 131 -22.84 20.51 71.81
N ALA XB 132 -21.78 21.06 72.40
CA ALA XB 132 -21.53 22.49 72.26
C ALA XB 132 -21.33 22.89 70.81
N MET XB 133 -20.55 22.10 70.07
CA MET XB 133 -20.44 22.31 68.62
C MET XB 133 -21.80 22.30 67.96
N LYS XB 134 -22.68 21.42 68.43
CA LYS XB 134 -24.00 21.28 67.79
C LYS XB 134 -24.81 22.57 67.89
N GLU XB 135 -24.79 23.22 69.05
CA GLU XB 135 -25.58 24.45 69.18
C GLU XB 135 -24.95 25.61 68.42
N VAL XB 136 -23.62 25.70 68.42
CA VAL XB 136 -22.97 26.72 67.59
C VAL XB 136 -23.34 26.52 66.13
N THR XB 137 -23.28 25.27 65.67
CA THR XB 137 -23.62 24.96 64.29
C THR XB 137 -25.08 25.24 63.99
N ALA XB 138 -25.96 24.96 64.97
CA ALA XB 138 -27.38 25.26 64.78
C ALA XB 138 -27.60 26.74 64.57
N SER XB 139 -26.91 27.58 65.35
CA SER XB 139 -27.05 29.02 65.16
C SER XB 139 -26.59 29.45 63.77
N LEU XB 140 -25.47 28.90 63.30
CA LEU XB 140 -24.93 29.34 62.01
C LEU XB 140 -25.78 28.85 60.85
N VAL XB 141 -26.15 27.57 60.85
CA VAL XB 141 -26.85 27.01 59.70
C VAL XB 141 -28.32 27.40 59.68
N GLY XB 142 -28.91 27.67 60.84
CA GLY XB 142 -30.33 27.90 60.96
C GLY XB 142 -31.05 26.74 61.62
N ALA XB 143 -32.30 27.00 62.00
CA ALA XB 143 -33.08 26.01 62.72
C ALA XB 143 -33.40 24.81 61.83
N ASP XB 144 -33.88 25.06 60.61
CA ASP XB 144 -34.20 23.98 59.68
C ASP XB 144 -33.02 23.04 59.52
N ALA XB 145 -31.89 23.56 59.03
CA ALA XB 145 -30.71 22.75 58.84
C ALA XB 145 -30.12 22.26 60.16
N GLY XB 146 -30.33 23.03 61.23
CA GLY XB 146 -29.78 22.63 62.53
C GLY XB 146 -30.38 21.33 63.02
N LYS XB 147 -31.68 21.12 62.79
CA LYS XB 147 -32.31 19.87 63.20
C LYS XB 147 -31.68 18.68 62.50
N GLU XB 148 -31.42 18.81 61.19
CA GLU XB 148 -30.71 17.76 60.47
C GLU XB 148 -29.28 17.63 60.99
N MET XB 149 -28.60 18.75 61.24
CA MET XB 149 -27.28 18.69 61.85
C MET XB 149 -27.34 18.02 63.22
N GLY XB 150 -28.41 18.28 63.96
CA GLY XB 150 -28.51 17.75 65.30
C GLY XB 150 -28.55 16.22 65.35
N ILE XB 151 -29.28 15.61 64.42
CA ILE XB 151 -29.42 14.16 64.46
C ILE XB 151 -28.07 13.48 64.22
N TYR XB 152 -27.27 14.02 63.31
CA TYR XB 152 -25.97 13.42 63.04
C TYR XB 152 -24.97 13.71 64.15
N PHE XB 153 -25.03 14.90 64.75
CA PHE XB 153 -24.23 15.18 65.93
C PHE XB 153 -24.57 14.21 67.06
N ASP XB 154 -25.87 14.00 67.29
CA ASP XB 154 -26.29 13.06 68.34
C ASP XB 154 -25.92 11.63 68.00
N TYR XB 155 -25.91 11.28 66.70
CA TYR XB 155 -25.46 9.96 66.29
C TYR XB 155 -24.01 9.74 66.67
N ILE XB 156 -23.16 10.74 66.46
CA ILE XB 156 -21.77 10.66 66.88
C ILE XB 156 -21.69 10.56 68.40
N CYS XB 157 -22.51 11.32 69.11
CA CYS XB 157 -22.54 11.23 70.57
C CYS XB 157 -22.89 9.81 71.02
N SER XB 158 -23.86 9.19 70.35
CA SER XB 158 -24.25 7.83 70.69
C SER XB 158 -23.11 6.85 70.47
N GLY XB 159 -22.38 7.01 69.36
CA GLY XB 159 -21.26 6.13 69.10
C GLY XB 159 -20.16 6.26 70.14
N LEU XB 160 -19.84 7.49 70.53
CA LEU XB 160 -18.87 7.69 71.62
C LEU XB 160 -19.39 7.11 72.93
N SER XB 161 -20.69 7.25 73.17
CA SER XB 161 -21.31 6.73 74.39
C SER XB 161 -21.66 5.26 74.21
N ARG YB 2 4.86 4.47 70.63
CA ARG YB 2 3.63 3.97 71.23
C ARG YB 2 2.88 3.07 70.27
N MET YB 3 3.45 1.89 69.99
CA MET YB 3 2.86 0.99 69.00
C MET YB 3 1.48 0.53 69.44
N PHE YB 4 0.51 0.66 68.53
CA PHE YB 4 -0.85 0.19 68.75
C PHE YB 4 -1.00 -1.19 68.12
N LYS YB 5 -1.41 -2.17 68.92
CA LYS YB 5 -1.80 -3.47 68.38
C LYS YB 5 -3.24 -3.37 67.90
N ILE YB 6 -3.48 -3.70 66.63
CA ILE YB 6 -4.81 -3.57 66.05
C ILE YB 6 -5.20 -4.88 65.38
N THR YB 7 -6.50 -5.14 65.34
CA THR YB 7 -7.09 -6.27 64.64
C THR YB 7 -8.15 -5.73 63.70
N ALA YB 8 -8.09 -6.11 62.43
CA ALA YB 8 -8.92 -5.46 61.43
C ALA YB 8 -9.25 -6.42 60.29
N CYS YB 9 -10.29 -6.07 59.54
CA CYS YB 9 -10.72 -6.80 58.36
C CYS YB 9 -10.60 -5.90 57.14
N VAL YB 10 -10.34 -6.49 55.97
CA VAL YB 10 -10.33 -5.74 54.72
C VAL YB 10 -11.11 -6.49 53.64
N PRO YB 11 -12.44 -6.56 53.74
CA PRO YB 11 -13.21 -7.10 52.61
C PRO YB 11 -13.07 -6.17 51.41
N SER YB 12 -12.98 -6.76 50.22
CA SER YB 12 -12.77 -6.00 49.00
C SER YB 12 -13.77 -6.44 47.95
N GLN YB 13 -14.64 -5.52 47.53
CA GLN YB 13 -15.55 -5.76 46.42
C GLN YB 13 -14.95 -5.38 45.08
N THR YB 14 -13.76 -4.78 45.07
CA THR YB 14 -13.18 -4.27 43.83
C THR YB 14 -12.89 -5.39 42.84
N ARG YB 15 -12.38 -6.52 43.32
CA ARG YB 15 -12.10 -7.65 42.45
C ARG YB 15 -12.30 -8.94 43.23
N ILE YB 16 -12.40 -10.04 42.47
CA ILE YB 16 -12.44 -11.39 43.02
C ILE YB 16 -11.08 -12.01 42.77
N ARG YB 17 -10.41 -12.43 43.84
CA ARG YB 17 -8.98 -12.77 43.78
C ARG YB 17 -8.79 -14.28 43.79
N THR YB 18 -8.19 -14.81 42.72
CA THR YB 18 -7.85 -16.22 42.67
C THR YB 18 -6.71 -16.57 43.60
N GLN YB 19 -5.75 -15.66 43.77
CA GLN YB 19 -4.65 -15.88 44.69
C GLN YB 19 -5.10 -15.64 46.13
N ARG YB 20 -4.27 -16.09 47.08
CA ARG YB 20 -4.61 -16.02 48.50
C ARG YB 20 -5.02 -14.61 48.89
N GLU YB 21 -6.10 -14.52 49.66
CA GLU YB 21 -6.58 -13.24 50.18
C GLU YB 21 -6.80 -13.25 51.69
N LEU YB 22 -6.77 -14.42 52.34
CA LEU YB 22 -7.02 -14.49 53.77
C LEU YB 22 -6.01 -13.65 54.54
N GLN YB 23 -4.74 -13.69 54.12
CA GLN YB 23 -3.68 -12.99 54.84
C GLN YB 23 -3.97 -11.50 54.94
N ASN YB 24 -4.28 -10.86 53.81
CA ASN YB 24 -4.61 -9.44 53.86
C ASN YB 24 -5.98 -9.20 54.50
N THR YB 25 -6.92 -10.13 54.31
CA THR YB 25 -8.29 -9.89 54.75
C THR YB 25 -8.36 -9.69 56.26
N TYR YB 26 -7.85 -10.65 57.03
CA TYR YB 26 -7.91 -10.59 58.48
C TYR YB 26 -6.48 -10.57 59.02
N PHE YB 27 -6.16 -9.55 59.83
CA PHE YB 27 -4.80 -9.39 60.28
C PHE YB 27 -4.76 -8.63 61.60
N THR YB 28 -3.66 -8.82 62.31
CA THR YB 28 -3.31 -8.02 63.48
C THR YB 28 -1.93 -7.43 63.24
N LYS YB 29 -1.80 -6.12 63.47
CA LYS YB 29 -0.54 -5.43 63.20
C LYS YB 29 -0.22 -4.48 64.34
N LEU YB 30 1.07 -4.18 64.48
CA LEU YB 30 1.55 -3.19 65.43
C LEU YB 30 1.84 -1.90 64.67
N VAL YB 31 0.99 -0.90 64.87
CA VAL YB 31 1.10 0.38 64.18
C VAL YB 31 1.58 1.42 65.18
N PRO YB 32 2.60 2.21 64.85
CA PRO YB 32 3.07 3.24 65.77
C PRO YB 32 2.07 4.38 65.90
N TYR YB 33 2.24 5.15 66.98
CA TYR YB 33 1.30 6.22 67.30
C TYR YB 33 1.18 7.22 66.16
N GLU YB 34 2.32 7.59 65.56
CA GLU YB 34 2.29 8.52 64.44
C GLU YB 34 1.46 7.96 63.28
N ASN YB 35 1.67 6.68 62.96
CA ASN YB 35 1.01 6.09 61.80
C ASN YB 35 -0.47 5.81 62.03
N TRP YB 36 -0.90 5.65 63.28
CA TRP YB 36 -2.22 5.06 63.53
C TRP YB 36 -3.35 5.90 62.95
N PHE YB 37 -3.29 7.23 63.08
CA PHE YB 37 -4.35 8.05 62.52
C PHE YB 37 -4.42 7.88 61.00
N ARG YB 38 -3.27 7.95 60.33
CA ARG YB 38 -3.24 7.79 58.89
C ARG YB 38 -3.74 6.42 58.47
N GLU YB 39 -3.28 5.37 59.15
CA GLU YB 39 -3.74 4.02 58.83
C GLU YB 39 -5.22 3.83 59.17
N GLN YB 40 -5.65 4.35 60.32
CA GLN YB 40 -7.06 4.26 60.70
C GLN YB 40 -7.94 4.85 59.61
N GLN YB 41 -7.56 6.02 59.10
CA GLN YB 41 -8.33 6.64 58.04
C GLN YB 41 -8.30 5.80 56.77
N ARG YB 42 -7.16 5.22 56.42
CA ARG YB 42 -7.09 4.43 55.20
C ARG YB 42 -7.96 3.17 55.30
N ILE YB 43 -7.86 2.45 56.43
CA ILE YB 43 -8.63 1.22 56.56
C ILE YB 43 -10.12 1.53 56.72
N GLN YB 44 -10.45 2.60 57.45
CA GLN YB 44 -11.84 3.01 57.56
C GLN YB 44 -12.40 3.40 56.20
N LYS YB 45 -11.61 4.10 55.39
CA LYS YB 45 -12.03 4.40 54.03
C LYS YB 45 -12.23 3.13 53.21
N MET YB 46 -11.31 2.17 53.36
CA MET YB 46 -11.48 0.89 52.67
C MET YB 46 -12.71 0.15 53.16
N GLY YB 47 -13.29 0.57 54.29
CA GLY YB 47 -14.53 0.02 54.76
C GLY YB 47 -14.40 -1.23 55.60
N GLY YB 48 -13.18 -1.65 55.91
CA GLY YB 48 -13.00 -2.81 56.76
C GLY YB 48 -13.36 -2.52 58.21
N LYS YB 49 -13.87 -3.55 58.87
CA LYS YB 49 -14.29 -3.42 60.26
C LYS YB 49 -13.07 -3.50 61.17
N ILE YB 50 -12.93 -2.53 62.07
CA ILE YB 50 -11.81 -2.47 63.00
C ILE YB 50 -12.21 -3.25 64.25
N VAL YB 51 -11.78 -4.51 64.31
CA VAL YB 51 -12.28 -5.42 65.35
C VAL YB 51 -11.74 -5.04 66.73
N LYS YB 52 -10.44 -4.75 66.82
CA LYS YB 52 -9.83 -4.60 68.14
C LYS YB 52 -8.67 -3.61 68.09
N VAL YB 53 -8.47 -2.90 69.20
CA VAL YB 53 -7.34 -2.00 69.38
C VAL YB 53 -6.80 -2.15 70.79
N GLU YB 54 -5.47 -2.16 70.93
CA GLU YB 54 -4.77 -2.21 72.20
C GLU YB 54 -3.53 -1.34 72.12
N LEU YB 55 -3.10 -0.79 73.26
CA LEU YB 55 -1.85 -0.03 73.30
C LEU YB 55 -0.73 -0.98 73.71
N PHE YB 56 -0.19 -1.69 72.71
CA PHE YB 56 0.79 -2.74 72.96
C PHE YB 56 2.01 -2.20 73.68
N THR YB 57 2.55 -1.07 73.21
CA THR YB 57 3.67 -0.41 73.85
C THR YB 57 3.25 1.00 74.25
N GLY YB 58 3.95 1.54 75.26
CA GLY YB 58 3.55 2.79 75.86
C GLY YB 58 2.61 2.60 77.02
N LYS YB 59 2.16 3.71 77.57
CA LYS YB 59 1.26 3.75 78.70
C LYS YB 59 0.01 4.53 78.33
N PRO YB 60 -1.13 4.29 79.00
CA PRO YB 60 -2.37 4.95 78.57
C PRO YB 60 -2.27 6.47 78.55
N GLY YB 61 -1.58 7.06 79.51
CA GLY YB 61 -1.32 8.48 79.50
C GLY YB 61 0.03 8.80 80.11
N VAL YB 62 0.88 9.49 79.35
CA VAL YB 62 2.19 9.88 79.84
C VAL YB 62 2.53 11.24 79.25
N ASN YB 63 2.75 12.23 80.12
CA ASN YB 63 2.92 13.60 79.66
C ASN YB 63 4.19 13.75 78.82
N THR YB 64 5.30 13.21 79.31
CA THR YB 64 6.55 13.20 78.56
C THR YB 64 7.28 11.90 78.85
N GLY YB 65 8.29 11.61 78.05
CA GLY YB 65 8.90 10.30 78.06
C GLY YB 65 8.22 9.32 77.13
N LEU YB 66 7.46 9.81 76.17
CA LEU YB 66 6.84 8.93 75.19
C LEU YB 66 7.92 8.19 74.40
N ALA YB 67 7.57 6.99 73.94
CA ALA YB 67 8.50 6.08 73.26
C ALA YB 67 9.30 6.78 72.16
N SER ZB 2 16.29 108.16 7.76
CA SER ZB 2 16.65 109.42 7.13
C SER ZB 2 15.43 110.14 6.56
N VAL ZB 3 15.56 111.46 6.44
CA VAL ZB 3 14.49 112.25 5.82
C VAL ZB 3 14.25 111.79 4.39
N VAL ZB 4 15.31 111.40 3.70
CA VAL ZB 4 15.18 110.85 2.35
C VAL ZB 4 14.35 109.58 2.39
N THR ZB 5 14.55 108.74 3.40
CA THR ZB 5 13.78 107.51 3.52
C THR ZB 5 12.31 107.79 3.71
N LYS ZB 6 11.97 108.77 4.57
CA LYS ZB 6 10.57 109.14 4.75
C LYS ZB 6 9.96 109.67 3.46
N SER ZB 7 10.71 110.51 2.74
CA SER ZB 7 10.22 111.03 1.47
C SER ZB 7 10.01 109.90 0.46
N ILE ZB 8 10.92 108.92 0.45
CA ILE ZB 8 10.79 107.78 -0.46
C ILE ZB 8 9.54 106.98 -0.12
N VAL ZB 9 9.24 106.84 1.17
CA VAL ZB 9 8.04 106.10 1.57
C VAL ZB 9 6.79 106.80 1.03
N ASN ZB 10 6.73 108.14 1.17
CA ASN ZB 10 5.60 108.88 0.65
C ASN ZB 10 5.49 108.73 -0.86
N ALA ZB 11 6.63 108.78 -1.55
CA ALA ZB 11 6.62 108.63 -3.00
C ALA ZB 11 6.15 107.24 -3.41
N ASP ZB 12 6.57 106.21 -2.67
CA ASP ZB 12 6.13 104.85 -2.97
C ASP ZB 12 4.63 104.71 -2.80
N ALA ZB 13 4.06 105.31 -1.76
CA ALA ZB 13 2.61 105.31 -1.61
C ALA ZB 13 1.94 106.03 -2.77
N GLU ZB 14 2.51 107.14 -3.21
CA GLU ZB 14 1.99 107.84 -4.38
C GLU ZB 14 2.21 107.07 -5.67
N ALA ZB 15 3.04 106.02 -5.65
CA ALA ZB 15 3.41 105.27 -6.85
C ALA ZB 15 4.03 106.20 -7.90
N ARG ZB 16 4.83 107.15 -7.45
CA ARG ZB 16 5.50 108.10 -8.32
C ARG ZB 16 6.98 108.18 -7.96
N TYR ZB 17 7.80 108.54 -8.94
CA TYR ZB 17 9.19 108.82 -8.67
C TYR ZB 17 9.30 110.00 -7.71
N LEU ZB 18 10.40 110.03 -6.95
CA LEU ZB 18 10.58 111.03 -5.91
C LEU ZB 18 10.47 112.43 -6.50
N SER ZB 19 9.75 113.31 -5.80
CA SER ZB 19 9.44 114.62 -6.33
C SER ZB 19 10.70 115.49 -6.40
N PRO ZB 20 10.74 116.43 -7.37
CA PRO ZB 20 11.89 117.34 -7.41
C PRO ZB 20 12.05 118.16 -6.15
N GLY ZB 21 10.94 118.59 -5.53
CA GLY ZB 21 11.04 119.31 -4.28
C GLY ZB 21 11.60 118.44 -3.16
N GLU ZB 22 11.20 117.17 -3.12
CA GLU ZB 22 11.74 116.25 -2.13
C GLU ZB 22 13.23 116.05 -2.33
N LEU ZB 23 13.67 115.93 -3.59
CA LEU ZB 23 15.10 115.81 -3.87
C LEU ZB 23 15.85 117.05 -3.41
N ASP ZB 24 15.27 118.23 -3.63
CA ASP ZB 24 15.88 119.47 -3.15
C ASP ZB 24 15.98 119.48 -1.63
N ARG ZB 25 14.96 118.95 -0.95
CA ARG ZB 25 15.02 118.84 0.50
C ARG ZB 25 16.17 117.94 0.94
N ILE ZB 26 16.39 116.83 0.23
CA ILE ZB 26 17.50 115.94 0.53
C ILE ZB 26 18.83 116.68 0.36
N LYS ZB 27 18.95 117.47 -0.71
CA LYS ZB 27 20.16 118.25 -0.90
C LYS ZB 27 20.38 119.25 0.24
N ASN ZB 28 19.28 119.86 0.70
CA ASN ZB 28 19.40 120.82 1.80
C ASN ZB 28 19.89 120.14 3.07
N PHE ZB 29 19.40 118.94 3.37
CA PHE ZB 29 19.90 118.24 4.54
C PHE ZB 29 21.33 117.77 4.36
N VAL ZB 30 21.74 117.48 3.12
CA VAL ZB 30 23.15 117.18 2.86
C VAL ZB 30 24.00 118.38 3.25
N SER ZB 31 23.55 119.58 2.94
CA SER ZB 31 24.25 120.78 3.39
C SER ZB 31 24.22 120.89 4.91
N THR ZB 32 23.08 120.61 5.53
CA THR ZB 32 22.96 120.74 6.98
C THR ZB 32 23.77 119.69 7.73
N GLY ZB 33 24.11 118.58 7.08
CA GLY ZB 33 24.73 117.46 7.77
C GLY ZB 33 26.11 117.78 8.34
N GLU ZB 34 26.86 118.66 7.68
CA GLU ZB 34 28.20 118.99 8.17
C GLU ZB 34 28.13 119.69 9.52
N ARG ZB 35 27.31 120.74 9.62
CA ARG ZB 35 27.13 121.42 10.89
C ARG ZB 35 26.54 120.48 11.92
N ARG ZB 36 25.59 119.64 11.50
CA ARG ZB 36 25.01 118.65 12.40
C ARG ZB 36 26.07 117.69 12.92
N LEU ZB 37 27.03 117.33 12.07
CA LEU ZB 37 28.10 116.42 12.49
C LEU ZB 37 29.00 117.06 13.53
N ARG ZB 38 29.31 118.36 13.37
CA ARG ZB 38 30.06 119.06 14.40
C ARG ZB 38 29.30 119.08 15.72
N ILE ZB 39 28.00 119.34 15.67
CA ILE ZB 39 27.18 119.32 16.89
C ILE ZB 39 27.16 117.93 17.49
N ALA ZB 40 27.06 116.90 16.65
CA ALA ZB 40 27.06 115.53 17.14
C ALA ZB 40 28.39 115.16 17.79
N GLN ZB 41 29.49 115.67 17.25
CA GLN ZB 41 30.79 115.45 17.88
C GLN ZB 41 30.83 116.05 19.27
N THR ZB 42 30.26 117.25 19.43
CA THR ZB 42 30.18 117.84 20.76
C THR ZB 42 29.33 117.00 21.69
N LEU ZB 43 28.22 116.45 21.18
CA LEU ZB 43 27.37 115.59 21.99
C LEU ZB 43 28.12 114.34 22.47
N THR ZB 44 28.87 113.71 21.55
CA THR ZB 44 29.67 112.55 21.93
C THR ZB 44 30.74 112.91 22.94
N GLU ZB 45 31.31 114.11 22.82
CA GLU ZB 45 32.32 114.55 23.78
C GLU ZB 45 31.71 114.68 25.18
N ASN ZB 46 30.49 115.21 25.27
CA ASN ZB 46 29.80 115.37 26.55
C ASN ZB 46 28.85 114.22 26.84
N ARG ZB 47 29.14 113.02 26.34
CA ARG ZB 47 28.27 111.87 26.55
C ARG ZB 47 28.05 111.59 28.02
N GLU ZB 48 29.13 111.59 28.81
CA GLU ZB 48 29.01 111.21 30.22
C GLU ZB 48 28.76 112.40 31.14
N ARG ZB 49 29.46 113.52 30.92
CA ARG ZB 49 29.34 114.66 31.82
C ARG ZB 49 27.93 115.24 31.78
N ILE ZB 50 27.36 115.39 30.59
CA ILE ZB 50 26.00 115.93 30.47
C ILE ZB 50 25.01 114.99 31.14
N VAL ZB 51 25.22 113.68 31.00
CA VAL ZB 51 24.33 112.72 31.63
C VAL ZB 51 24.36 112.87 33.15
N LYS ZB 52 25.56 113.03 33.72
CA LYS ZB 52 25.67 113.17 35.17
C LYS ZB 52 24.98 114.43 35.66
N GLN ZB 53 25.23 115.56 35.00
CA GLN ZB 53 24.62 116.82 35.43
C GLN ZB 53 23.10 116.77 35.33
N ALA ZB 54 22.59 116.30 34.20
CA ALA ZB 54 21.14 116.20 34.03
C ALA ZB 54 20.53 115.22 35.02
N GLY ZB 55 21.23 114.13 35.31
CA GLY ZB 55 20.72 113.17 36.28
C GLY ZB 55 20.60 113.75 37.67
N ASP ZB 56 21.58 114.57 38.07
CA ASP ZB 56 21.46 115.24 39.36
C ASP ZB 56 20.24 116.15 39.40
N GLN ZB 57 20.01 116.90 38.33
CA GLN ZB 57 18.82 117.76 38.27
C GLN ZB 57 17.54 116.94 38.36
N LEU ZB 58 17.47 115.82 37.63
CA LEU ZB 58 16.28 115.00 37.64
C LEU ZB 58 16.04 114.38 39.01
N PHE ZB 59 17.11 113.92 39.66
CA PHE ZB 59 16.96 113.35 40.99
C PHE ZB 59 16.43 114.38 41.97
N GLN ZB 60 16.89 115.63 41.85
CA GLN ZB 60 16.35 116.70 42.69
C GLN ZB 60 14.87 116.91 42.40
N LYS ZB 61 14.47 116.82 41.13
CA LYS ZB 61 13.08 117.05 40.76
C LYS ZB 61 12.16 115.99 41.36
N ARG ZB 62 12.60 114.73 41.38
CA ARG ZB 62 11.78 113.61 41.83
C ARG ZB 62 12.50 112.85 42.93
N PRO ZB 63 12.53 113.38 44.15
CA PRO ZB 63 13.20 112.68 45.25
C PRO ZB 63 12.58 111.34 45.61
N ASP ZB 64 11.27 111.18 45.40
CA ASP ZB 64 10.59 109.96 45.83
C ASP ZB 64 11.13 108.74 45.09
N VAL ZB 65 11.44 108.89 43.80
CA VAL ZB 65 11.97 107.77 43.03
C VAL ZB 65 13.29 107.29 43.63
N VAL ZB 66 14.16 108.22 44.02
CA VAL ZB 66 15.40 107.84 44.69
C VAL ZB 66 15.11 107.25 46.06
N SER ZB 67 14.06 107.71 46.73
CA SER ZB 67 13.74 107.23 48.06
C SER ZB 67 13.34 105.75 47.99
N PRO ZB 68 13.54 105.01 49.08
CA PRO ZB 68 13.17 103.58 49.07
C PRO ZB 68 11.68 103.40 48.80
N GLY ZB 69 11.36 102.38 48.01
CA GLY ZB 69 10.02 102.18 47.52
C GLY ZB 69 9.74 102.87 46.20
N GLY ZB 70 10.62 103.75 45.74
CA GLY ZB 70 10.49 104.32 44.43
C GLY ZB 70 11.01 103.39 43.36
N ASN ZB 71 10.81 103.79 42.10
CA ASN ZB 71 11.23 102.96 40.98
C ASN ZB 71 12.74 102.71 41.03
N ALA ZB 72 13.52 103.77 41.21
CA ALA ZB 72 14.97 103.66 41.29
C ALA ZB 72 15.41 103.64 42.76
N TYR ZB 73 15.00 102.58 43.44
CA TYR ZB 73 15.30 102.38 44.86
C TYR ZB 73 16.54 101.51 44.99
N GLY ZB 74 17.58 102.04 45.64
CA GLY ZB 74 18.83 101.34 45.75
C GLY ZB 74 19.82 101.74 44.68
N GLU ZB 75 21.09 101.41 44.93
CA GLU ZB 75 22.15 101.77 44.00
C GLU ZB 75 21.97 101.10 42.65
N GLU ZB 76 21.61 99.81 42.65
CA GLU ZB 76 21.45 99.09 41.39
C GLU ZB 76 20.30 99.66 40.56
N MET ZB 77 19.16 99.92 41.21
CA MET ZB 77 18.03 100.49 40.48
C MET ZB 77 18.34 101.90 39.99
N THR ZB 78 19.04 102.70 40.80
CA THR ZB 78 19.43 104.03 40.36
C THR ZB 78 20.37 103.96 39.17
N ALA ZB 79 21.31 103.01 39.18
CA ALA ZB 79 22.19 102.83 38.03
C ALA ZB 79 21.41 102.43 36.79
N THR ZB 80 20.41 101.56 36.95
CA THR ZB 80 19.57 101.18 35.82
C THR ZB 80 18.80 102.37 35.28
N CYS ZB 81 18.28 103.22 36.17
CA CYS ZB 81 17.59 104.43 35.72
C CYS ZB 81 18.54 105.34 34.95
N LEU ZB 82 19.76 105.52 35.45
CA LEU ZB 82 20.74 106.32 34.74
C LEU ZB 82 21.10 105.71 33.39
N ARG ZB 83 21.20 104.38 33.34
CA ARG ZB 83 21.52 103.71 32.09
C ARG ZB 83 20.40 103.88 31.06
N ASP ZB 84 19.15 103.83 31.50
CA ASP ZB 84 18.04 104.10 30.60
C ASP ZB 84 18.10 105.52 30.07
N LEU ZB 85 18.41 106.48 30.94
CA LEU ZB 85 18.58 107.86 30.49
C LEU ZB 85 19.73 107.97 29.50
N ASP ZB 86 20.82 107.24 29.74
CA ASP ZB 86 21.95 107.27 28.82
C ASP ZB 86 21.58 106.67 27.47
N TYR ZB 87 20.80 105.59 27.47
CA TYR ZB 87 20.34 105.01 26.21
C TYR ZB 87 19.46 106.00 25.44
N TYR ZB 88 18.60 106.73 26.15
CA TYR ZB 88 17.81 107.76 25.51
C TYR ZB 88 18.70 108.85 24.93
N LEU ZB 89 19.74 109.25 25.66
CA LEU ZB 89 20.66 110.27 25.16
C LEU ZB 89 21.37 109.80 23.90
N ARG ZB 90 21.81 108.55 23.88
CA ARG ZB 90 22.44 108.00 22.69
C ARG ZB 90 21.47 107.95 21.52
N LEU ZB 91 20.22 107.58 21.79
CA LEU ZB 91 19.19 107.61 20.75
C LEU ZB 91 18.97 109.03 20.25
N VAL ZB 92 19.00 110.00 21.14
CA VAL ZB 92 18.83 111.40 20.74
C VAL ZB 92 19.98 111.83 19.82
N THR ZB 93 21.20 111.44 20.16
CA THR ZB 93 22.34 111.78 19.31
C THR ZB 93 22.19 111.12 17.93
N TYR ZB 94 21.80 109.85 17.90
CA TYR ZB 94 21.63 109.16 16.62
C TYR ZB 94 20.52 109.80 15.79
N GLY ZB 95 19.42 110.17 16.43
CA GLY ZB 95 18.34 110.82 15.71
C GLY ZB 95 18.71 112.20 15.20
N ILE ZB 96 19.49 112.94 15.99
CA ILE ZB 96 19.94 114.26 15.55
C ILE ZB 96 20.85 114.13 14.33
N VAL ZB 97 21.73 113.14 14.33
CA VAL ZB 97 22.59 112.91 13.17
C VAL ZB 97 21.75 112.50 11.96
N ALA ZB 98 20.77 111.63 12.17
CA ALA ZB 98 19.95 111.15 11.07
C ALA ZB 98 19.12 112.27 10.46
N GLY ZB 99 18.62 113.18 11.30
CA GLY ZB 99 17.73 114.23 10.86
C GLY ZB 99 16.27 113.85 10.91
N ASP ZB 100 15.96 112.57 11.03
CA ASP ZB 100 14.59 112.08 11.09
C ASP ZB 100 14.32 111.54 12.49
N VAL ZB 101 13.30 112.07 13.15
CA VAL ZB 101 12.93 111.58 14.47
C VAL ZB 101 12.36 110.16 14.40
N THR ZB 102 11.99 109.70 13.20
CA THR ZB 102 11.49 108.34 13.05
C THR ZB 102 12.49 107.29 13.50
N PRO ZB 103 13.79 107.41 13.22
CA PRO ZB 103 14.73 106.43 13.79
C PRO ZB 103 14.70 106.38 15.30
N ILE ZB 104 14.63 107.53 15.95
CA ILE ZB 104 14.53 107.57 17.41
C ILE ZB 104 13.23 106.92 17.85
N GLU ZB 105 12.13 107.21 17.14
CA GLU ZB 105 10.83 106.66 17.52
C GLU ZB 105 10.80 105.15 17.43
N GLU ZB 106 11.42 104.59 16.38
CA GLU ZB 106 11.47 103.14 16.24
C GLU ZB 106 12.32 102.52 17.34
N ILE ZB 107 13.48 103.11 17.65
CA ILE ZB 107 14.35 102.56 18.68
C ILE ZB 107 13.67 102.61 20.04
N GLY ZB 108 13.02 103.73 20.35
CA GLY ZB 108 12.33 103.90 21.61
C GLY ZB 108 11.27 104.97 21.47
N LEU ZB 109 10.44 105.09 22.52
CA LEU ZB 109 9.29 105.98 22.63
C LEU ZB 109 8.08 105.47 21.84
N VAL ZB 110 8.20 104.34 21.15
CA VAL ZB 110 7.05 103.68 20.54
C VAL ZB 110 6.72 102.48 21.43
N GLY ZB 111 5.60 102.56 22.14
CA GLY ZB 111 5.31 101.57 23.15
C GLY ZB 111 6.08 101.74 24.44
N VAL ZB 112 6.84 102.84 24.57
CA VAL ZB 112 7.62 103.06 25.78
C VAL ZB 112 6.70 103.21 26.99
N ARG ZB 113 5.52 103.79 26.79
CA ARG ZB 113 4.57 103.89 27.90
C ARG ZB 113 4.14 102.52 28.38
N GLU ZB 114 3.91 101.58 27.47
CA GLU ZB 114 3.59 100.22 27.86
C GLU ZB 114 4.75 99.58 28.61
N MET ZB 115 5.97 99.78 28.13
CA MET ZB 115 7.13 99.25 28.83
C MET ZB 115 7.25 99.84 30.23
N TYR ZB 116 6.99 101.14 30.35
CA TYR ZB 116 7.05 101.79 31.66
C TYR ZB 116 5.97 101.25 32.59
N ASN ZB 117 4.79 100.97 32.06
CA ASN ZB 117 3.73 100.40 32.90
C ASN ZB 117 4.13 99.04 33.45
N SER ZB 118 4.79 98.22 32.63
CA SER ZB 118 5.27 96.93 33.13
C SER ZB 118 6.40 97.12 34.14
N LEU ZB 119 7.36 97.99 33.84
CA LEU ZB 119 8.55 98.11 34.68
C LEU ZB 119 8.24 98.81 36.00
N GLY ZB 120 7.21 99.65 36.04
CA GLY ZB 120 6.95 100.47 37.20
C GLY ZB 120 7.59 101.84 37.17
N THR ZB 121 8.23 102.21 36.07
CA THR ZB 121 8.90 103.50 35.99
C THR ZB 121 7.89 104.64 35.87
N PRO ZB 122 8.19 105.79 36.46
CA PRO ZB 122 7.28 106.95 36.33
C PRO ZB 122 7.56 107.78 35.09
N ILE ZB 123 6.58 107.83 34.19
CA ILE ZB 123 6.73 108.61 32.96
C ILE ZB 123 6.98 110.08 33.25
N PRO ZB 124 6.27 110.71 34.20
CA PRO ZB 124 6.52 112.14 34.44
C PRO ZB 124 7.95 112.45 34.82
N ALA ZB 125 8.56 111.66 35.70
CA ALA ZB 125 9.93 111.92 36.10
C ALA ZB 125 10.89 111.71 34.94
N VAL ZB 126 10.65 110.68 34.12
CA VAL ZB 126 11.50 110.46 32.95
C VAL ZB 126 11.42 111.65 32.00
N ALA ZB 127 10.21 112.16 31.77
CA ALA ZB 127 10.04 113.31 30.88
C ALA ZB 127 10.75 114.54 31.43
N GLU ZB 128 10.65 114.77 32.74
CA GLU ZB 128 11.34 115.91 33.35
C GLU ZB 128 12.85 115.76 33.21
N GLY ZB 129 13.36 114.54 33.35
CA GLY ZB 129 14.79 114.33 33.17
C GLY ZB 129 15.25 114.63 31.76
N ILE ZB 130 14.44 114.24 30.76
CA ILE ZB 130 14.79 114.55 29.38
C ILE ZB 130 14.80 116.06 29.16
N ARG ZB 131 13.82 116.77 29.73
CA ARG ZB 131 13.80 118.22 29.61
C ARG ZB 131 15.00 118.86 30.27
N ALA ZB 132 15.41 118.35 31.44
CA ALA ZB 132 16.61 118.85 32.09
C ALA ZB 132 17.84 118.59 31.24
N MET ZB 133 17.88 117.44 30.57
CA MET ZB 133 18.97 117.16 29.64
C MET ZB 133 18.99 118.18 28.50
N LYS ZB 134 17.82 118.58 28.02
CA LYS ZB 134 17.76 119.59 26.97
C LYS ZB 134 18.33 120.92 27.45
N ASN ZB 135 18.00 121.33 28.68
CA ASN ZB 135 18.53 122.58 29.21
C ASN ZB 135 20.05 122.50 29.37
N VAL ZB 136 20.53 121.39 29.92
CA VAL ZB 136 21.98 121.20 30.07
C VAL ZB 136 22.65 121.21 28.70
N ALA ZB 137 22.01 120.61 27.71
CA ALA ZB 137 22.56 120.62 26.35
C ALA ZB 137 22.57 122.01 25.76
N CYS ZB 138 21.58 122.84 26.08
CA CYS ZB 138 21.58 124.22 25.60
C CYS ZB 138 22.82 124.96 26.09
N SER ZB 139 23.19 124.76 27.36
CA SER ZB 139 24.44 125.31 27.85
C SER ZB 139 25.63 124.64 27.18
N LEU ZB 140 25.54 123.34 26.92
CA LEU ZB 140 26.70 122.58 26.45
C LEU ZB 140 27.06 122.92 25.01
N LEU ZB 141 26.07 123.20 24.17
CA LEU ZB 141 26.29 123.35 22.73
C LEU ZB 141 25.95 124.77 22.29
N SER ZB 142 26.48 125.13 21.12
CA SER ZB 142 26.22 126.45 20.55
C SER ZB 142 24.75 126.60 20.21
N ALA ZB 143 24.24 127.83 20.38
CA ALA ZB 143 22.80 128.06 20.34
C ALA ZB 143 22.21 127.68 18.98
N GLU ZB 144 22.88 128.04 17.90
CA GLU ZB 144 22.36 127.73 16.57
C GLU ZB 144 22.20 126.23 16.37
N ASP ZB 145 23.23 125.47 16.75
CA ASP ZB 145 23.10 124.01 16.73
C ASP ZB 145 22.14 123.52 17.80
N ALA ZB 146 22.13 124.18 18.96
CA ALA ZB 146 21.33 123.71 20.08
C ALA ZB 146 19.83 123.81 19.80
N ALA ZB 147 19.41 124.81 19.02
CA ALA ZB 147 17.99 124.99 18.78
C ALA ZB 147 17.38 123.78 18.08
N GLU ZB 148 18.06 123.24 17.07
CA GLU ZB 148 17.59 122.01 16.43
C GLU ZB 148 17.67 120.83 17.40
N ALA ZB 149 18.77 120.73 18.15
CA ALA ZB 149 18.92 119.62 19.09
C ALA ZB 149 17.83 119.65 20.16
N GLY ZB 150 17.48 120.85 20.64
CA GLY ZB 150 16.41 120.95 21.60
C GLY ZB 150 15.09 120.46 21.04
N SER ZB 151 14.86 120.68 19.75
CA SER ZB 151 13.62 120.20 19.12
C SER ZB 151 13.59 118.67 19.06
N TYR ZB 152 14.73 118.03 18.75
CA TYR ZB 152 14.78 116.57 18.78
C TYR ZB 152 14.49 116.05 20.18
N PHE ZB 153 15.13 116.63 21.19
CA PHE ZB 153 14.86 116.24 22.57
C PHE ZB 153 13.40 116.49 22.92
N ASP ZB 154 12.83 117.59 22.41
CA ASP ZB 154 11.43 117.90 22.70
C ASP ZB 154 10.49 116.88 22.06
N PHE ZB 155 10.86 116.36 20.88
CA PHE ZB 155 10.04 115.31 20.26
C PHE ZB 155 9.99 114.08 21.15
N VAL ZB 156 11.13 113.69 21.71
CA VAL ZB 156 11.14 112.57 22.66
C VAL ZB 156 10.29 112.90 23.87
N ILE ZB 157 10.40 114.13 24.38
CA ILE ZB 157 9.64 114.53 25.56
C ILE ZB 157 8.15 114.48 25.27
N GLY ZB 158 7.74 114.94 24.09
CA GLY ZB 158 6.33 114.92 23.74
C GLY ZB 158 5.79 113.51 23.61
N ALA ZB 159 6.59 112.60 23.03
CA ALA ZB 159 6.19 111.20 22.96
C ALA ZB 159 6.02 110.61 24.35
N MET ZB 160 6.93 110.96 25.28
CA MET ZB 160 6.78 110.53 26.65
C MET ZB 160 5.49 111.07 27.26
N GLN ZB 161 5.17 112.34 26.98
CA GLN ZB 161 3.94 112.94 27.47
C GLN ZB 161 2.80 112.75 26.46
N MET AC 1 11.94 100.32 4.61
CA MET AC 1 13.19 100.52 3.90
C MET AC 1 14.31 100.91 4.86
N GLN AC 2 15.53 101.02 4.33
CA GLN AC 2 16.68 101.49 5.10
C GLN AC 2 17.52 102.40 4.22
N ASP AC 3 18.19 103.34 4.86
CA ASP AC 3 19.05 104.31 4.18
C ASP AC 3 20.50 104.11 4.61
N ALA AC 4 21.40 104.80 3.92
CA ALA AC 4 22.83 104.65 4.24
C ALA AC 4 23.14 105.18 5.63
N ILE AC 5 22.66 106.39 5.93
CA ILE AC 5 22.84 106.95 7.27
C ILE AC 5 22.17 106.07 8.30
N THR AC 6 20.97 105.57 7.98
CA THR AC 6 20.26 104.68 8.89
C THR AC 6 21.04 103.38 9.11
N ALA AC 7 21.73 102.89 8.08
CA ALA AC 7 22.52 101.66 8.23
C ALA AC 7 23.70 101.87 9.17
N VAL AC 8 24.38 103.02 9.04
CA VAL AC 8 25.45 103.34 9.99
C VAL AC 8 24.87 103.44 11.40
N ILE AC 9 23.70 104.07 11.54
CA ILE AC 9 23.06 104.17 12.84
C ILE AC 9 22.70 102.79 13.36
N ASN AC 10 22.24 101.90 12.47
CA ASN AC 10 21.88 100.55 12.89
C ASN AC 10 23.09 99.77 13.40
N ALA AC 11 24.23 99.91 12.71
CA ALA AC 11 25.45 99.26 13.19
C ALA AC 11 25.86 99.81 14.55
N SER AC 12 25.78 101.12 14.73
CA SER AC 12 26.12 101.72 16.02
C SER AC 12 25.16 101.25 17.11
N ASP AC 13 23.87 101.11 16.77
CA ASP AC 13 22.89 100.64 17.75
C ASP AC 13 23.15 99.19 18.13
N VAL AC 14 23.51 98.35 17.15
CA VAL AC 14 23.82 96.95 17.46
C VAL AC 14 25.03 96.88 18.37
N GLN AC 15 26.05 97.68 18.10
CA GLN AC 15 27.19 97.77 19.02
C GLN AC 15 26.77 98.30 20.37
N GLY AC 16 25.81 99.21 20.41
CA GLY AC 16 25.38 99.87 21.62
C GLY AC 16 26.07 101.18 21.89
N LYS AC 17 27.21 101.44 21.25
CA LYS AC 17 27.99 102.64 21.49
C LYS AC 17 27.56 103.77 20.57
N TYR AC 18 27.89 104.99 20.98
CA TYR AC 18 27.63 106.16 20.17
C TYR AC 18 28.40 106.07 18.86
N LEU AC 19 27.95 106.84 17.87
CA LEU AC 19 28.62 106.83 16.56
C LEU AC 19 30.05 107.30 16.69
N ASP AC 20 30.97 106.52 16.12
CA ASP AC 20 32.38 106.89 16.14
C ASP AC 20 32.66 107.99 15.12
N THR AC 21 33.80 108.66 15.29
CA THR AC 21 34.19 109.68 14.33
C THR AC 21 34.46 109.08 12.96
N ALA AC 22 35.08 107.89 12.92
CA ALA AC 22 35.30 107.22 11.64
C ALA AC 22 33.98 106.82 10.99
N ALA AC 23 33.02 106.34 11.79
CA ALA AC 23 31.70 106.05 11.25
C ALA AC 23 31.04 107.31 10.72
N MET AC 24 31.22 108.43 11.41
CA MET AC 24 30.72 109.71 10.92
C MET AC 24 31.38 110.10 9.60
N GLU AC 25 32.66 109.76 9.45
CA GLU AC 25 33.35 110.02 8.18
C GLU AC 25 32.73 109.19 7.06
N LYS AC 26 32.37 107.94 7.35
CA LYS AC 26 31.66 107.13 6.36
C LYS AC 26 30.33 107.78 5.99
N LEU AC 27 29.60 108.28 6.99
CA LEU AC 27 28.35 108.99 6.72
C LEU AC 27 28.60 110.23 5.87
N LYS AC 28 29.72 110.93 6.13
CA LYS AC 28 30.05 112.11 5.34
C LYS AC 28 30.32 111.74 3.88
N ALA AC 29 30.94 110.59 3.66
CA ALA AC 29 31.13 110.11 2.29
C ALA AC 29 29.79 109.88 1.61
N TYR AC 30 28.83 109.30 2.33
CA TYR AC 30 27.49 109.15 1.78
C TYR AC 30 26.87 110.50 1.45
N PHE AC 31 27.06 111.48 2.33
CA PHE AC 31 26.53 112.82 2.08
C PHE AC 31 27.13 113.43 0.83
N ALA AC 32 28.44 113.25 0.62
CA ALA AC 32 29.09 113.79 -0.56
C ALA AC 32 28.57 113.14 -1.83
N THR AC 33 28.39 111.81 -1.81
CA THR AC 33 27.88 111.12 -2.99
C THR AC 33 26.43 111.49 -3.28
N GLY AC 34 25.69 111.94 -2.26
CA GLY AC 34 24.27 112.18 -2.43
C GLY AC 34 23.95 113.28 -3.42
N GLU AC 35 24.80 114.31 -3.48
CA GLU AC 35 24.52 115.43 -4.38
C GLU AC 35 24.52 115.00 -5.84
N LEU AC 36 25.58 114.30 -6.26
CA LEU AC 36 25.64 113.79 -7.62
C LEU AC 36 24.50 112.80 -7.87
N ARG AC 37 24.21 111.95 -6.89
CA ARG AC 37 23.12 111.00 -7.04
C ARG AC 37 21.79 111.69 -7.26
N VAL AC 38 21.55 112.79 -6.54
CA VAL AC 38 20.27 113.49 -6.63
C VAL AC 38 20.09 114.10 -8.02
N ARG AC 39 21.12 114.78 -8.51
CA ARG AC 39 21.02 115.37 -9.85
C ARG AC 39 20.80 114.30 -10.91
N ALA AC 40 21.54 113.19 -10.80
CA ALA AC 40 21.38 112.10 -11.76
C ALA AC 40 20.00 111.46 -11.64
N ALA AC 41 19.46 111.37 -10.43
CA ALA AC 41 18.14 110.77 -10.24
C ALA AC 41 17.07 111.61 -10.94
N SER AC 42 17.17 112.94 -10.84
CA SER AC 42 16.24 113.79 -11.56
C SER AC 42 16.33 113.55 -13.06
N VAL AC 43 17.55 113.40 -13.58
CA VAL AC 43 17.72 113.10 -15.00
C VAL AC 43 17.11 111.76 -15.34
N ILE AC 44 17.26 110.77 -14.45
CA ILE AC 44 16.75 109.43 -14.72
C ILE AC 44 15.24 109.42 -14.79
N SER AC 45 14.58 110.17 -13.90
CA SER AC 45 13.12 110.24 -13.93
C SER AC 45 12.63 110.88 -15.21
N ALA AC 46 13.33 111.90 -15.71
CA ALA AC 46 12.90 112.60 -16.91
C ALA AC 46 12.93 111.70 -18.13
N ASN AC 47 13.98 110.88 -18.26
CA ASN AC 47 14.15 110.00 -19.41
C ASN AC 47 13.79 108.55 -19.10
N ALA AC 48 13.00 108.31 -18.05
CA ALA AC 48 12.68 106.95 -17.66
C ALA AC 48 11.90 106.22 -18.76
N ALA AC 49 10.91 106.89 -19.35
CA ALA AC 49 10.13 106.26 -20.41
C ALA AC 49 10.99 105.91 -21.60
N ASN AC 50 11.88 106.81 -22.00
CA ASN AC 50 12.78 106.54 -23.12
C ASN AC 50 13.71 105.38 -22.80
N ILE AC 51 14.20 105.30 -21.57
CA ILE AC 51 15.08 104.19 -21.18
C ILE AC 51 14.34 102.87 -21.29
N VAL AC 52 13.09 102.82 -20.81
CA VAL AC 52 12.30 101.60 -20.89
C VAL AC 52 12.09 101.21 -22.36
N LYS AC 53 11.77 102.20 -23.20
CA LYS AC 53 11.55 101.91 -24.62
C LYS AC 53 12.82 101.38 -25.27
N GLU AC 54 13.98 101.96 -24.93
CA GLU AC 54 15.24 101.52 -25.51
C GLU AC 54 15.55 100.07 -25.13
N ALA AC 55 15.37 99.73 -23.85
CA ALA AC 55 15.63 98.36 -23.41
C ALA AC 55 14.66 97.38 -24.05
N VAL AC 56 13.39 97.77 -24.16
CA VAL AC 56 12.39 96.90 -24.79
C VAL AC 56 12.75 96.65 -26.24
N ALA AC 57 13.21 97.70 -26.94
CA ALA AC 57 13.68 97.52 -28.31
C ALA AC 57 14.90 96.61 -28.36
N LYS AC 58 15.80 96.74 -27.37
CA LYS AC 58 17.03 95.96 -27.39
C LYS AC 58 16.74 94.46 -27.27
N SER AC 59 15.78 94.08 -26.43
CA SER AC 59 15.50 92.67 -26.18
C SER AC 59 14.14 92.24 -26.71
N LEU AC 60 13.07 92.90 -26.28
CA LEU AC 60 11.72 92.41 -26.57
C LEU AC 60 11.35 92.59 -28.03
N LEU AC 61 11.77 93.71 -28.65
CA LEU AC 61 11.37 93.98 -30.01
C LEU AC 61 11.97 92.97 -30.98
N TYR AC 62 11.16 92.54 -31.94
CA TYR AC 62 11.56 91.57 -32.96
C TYR AC 62 12.10 90.28 -32.32
N SER AC 63 11.38 89.79 -31.32
CA SER AC 63 11.79 88.63 -30.56
C SER AC 63 10.73 87.55 -30.60
N ASP AC 64 11.16 86.30 -30.40
CA ASP AC 64 10.24 85.17 -30.39
C ASP AC 64 9.24 85.28 -29.24
N ILE AC 65 9.64 85.93 -28.15
CA ILE AC 65 8.70 86.16 -27.05
C ILE AC 65 7.52 86.99 -27.54
N THR AC 66 7.79 88.04 -28.31
CA THR AC 66 6.71 88.81 -28.91
C THR AC 66 5.95 87.99 -29.95
N ARG AC 67 6.62 87.07 -30.63
CA ARG AC 67 5.94 86.25 -31.62
C ARG AC 67 4.91 85.35 -30.94
N PRO AC 68 3.86 84.96 -31.66
CA PRO AC 68 2.74 84.26 -31.01
C PRO AC 68 3.19 83.00 -30.29
N GLY AC 69 2.63 82.78 -29.10
CA GLY AC 69 3.00 81.65 -28.29
C GLY AC 69 4.34 81.76 -27.59
N GLY AC 70 4.90 82.96 -27.51
CA GLY AC 70 6.21 83.14 -26.90
C GLY AC 70 6.18 83.61 -25.46
N MET AC 72 5.23 86.36 -24.32
CA MET AC 72 5.11 87.82 -24.30
C MET AC 72 4.13 88.25 -25.37
N TYR AC 73 3.50 87.27 -26.01
CA TYR AC 73 2.66 87.50 -27.17
C TYR AC 73 1.18 87.56 -26.80
N THR AC 74 0.85 88.59 -26.01
CA THR AC 74 -0.53 88.94 -25.74
C THR AC 74 -0.57 90.43 -25.45
N THR AC 75 -1.75 91.03 -25.62
CA THR AC 75 -1.89 92.43 -25.24
C THR AC 75 -1.70 92.58 -23.73
N ARG AC 76 -2.34 91.70 -22.95
CA ARG AC 76 -2.16 91.71 -21.51
C ARG AC 76 -0.71 91.38 -21.14
N ARG AC 77 -0.11 90.40 -21.83
CA ARG AC 77 1.26 90.02 -21.53
C ARG AC 77 2.24 91.14 -21.85
N TYR AC 78 2.07 91.81 -22.99
CA TYR AC 78 2.94 92.92 -23.34
C TYR AC 78 2.77 94.09 -22.36
N ALA AC 79 1.52 94.39 -21.98
CA ALA AC 79 1.29 95.43 -21.00
C ALA AC 79 1.92 95.06 -19.66
N ALA AC 80 1.82 93.79 -19.27
CA ALA AC 80 2.41 93.34 -18.01
C ALA AC 80 3.93 93.41 -18.06
N CYS AC 81 4.52 93.06 -19.19
CA CYS AC 81 5.97 93.18 -19.33
C CYS AC 81 6.40 94.63 -19.18
N ILE AC 82 5.68 95.55 -19.84
CA ILE AC 82 6.00 96.97 -19.72
C ILE AC 82 5.86 97.44 -18.29
N ARG AC 83 4.78 97.04 -17.61
CA ARG AC 83 4.54 97.46 -16.24
C ARG AC 83 5.61 96.92 -15.29
N ASP AC 84 6.00 95.65 -15.48
CA ASP AC 84 7.01 95.07 -14.61
C ASP AC 84 8.35 95.78 -14.76
N LEU AC 85 8.73 96.07 -16.01
CA LEU AC 85 9.98 96.81 -16.23
C LEU AC 85 9.90 98.20 -15.59
N ASP AC 86 8.76 98.87 -15.71
CA ASP AC 86 8.62 100.19 -15.10
C ASP AC 86 8.72 100.12 -13.59
N TYR AC 87 8.09 99.12 -12.98
CA TYR AC 87 8.16 98.98 -11.53
C TYR AC 87 9.58 98.71 -11.07
N TYR AC 88 10.31 97.85 -11.79
CA TYR AC 88 11.71 97.61 -11.45
C TYR AC 88 12.53 98.90 -11.56
N LEU AC 89 12.28 99.69 -12.60
CA LEU AC 89 13.02 100.94 -12.76
C LEU AC 89 12.72 101.91 -11.63
N ARG AC 90 11.45 102.00 -11.21
CA ARG AC 90 11.09 102.91 -10.12
C ARG AC 90 11.76 102.50 -8.82
N TYR AC 91 11.73 101.21 -8.49
CA TYR AC 91 12.37 100.74 -7.28
C TYR AC 91 13.88 100.96 -7.35
N ALA AC 92 14.48 100.71 -8.52
CA ALA AC 92 15.92 100.92 -8.68
C ALA AC 92 16.29 102.38 -8.52
N THR AC 93 15.48 103.28 -9.07
CA THR AC 93 15.76 104.71 -8.91
C THR AC 93 15.67 105.11 -7.44
N TYR AC 94 14.68 104.59 -6.73
CA TYR AC 94 14.58 104.87 -5.29
C TYR AC 94 15.80 104.35 -4.56
N ALA AC 95 16.26 103.14 -4.90
CA ALA AC 95 17.42 102.56 -4.23
C ALA AC 95 18.68 103.37 -4.51
N MET AC 96 18.88 103.79 -5.77
CA MET AC 96 20.08 104.53 -6.11
C MET AC 96 20.08 105.92 -5.47
N LEU AC 97 18.94 106.60 -5.48
CA LEU AC 97 18.86 107.92 -4.84
C LEU AC 97 19.05 107.80 -3.34
N ALA AC 98 18.47 106.77 -2.72
CA ALA AC 98 18.64 106.57 -1.29
C ALA AC 98 20.10 106.25 -0.95
N GLY AC 99 20.77 105.48 -1.80
CA GLY AC 99 22.12 105.06 -1.55
C GLY AC 99 22.24 103.78 -0.74
N ASP AC 100 21.12 103.13 -0.42
CA ASP AC 100 21.12 101.87 0.29
C ASP AC 100 20.29 100.86 -0.48
N PRO AC 101 20.80 99.64 -0.70
CA PRO AC 101 20.04 98.65 -1.47
C PRO AC 101 19.01 97.88 -0.67
N SER AC 102 18.87 98.19 0.62
CA SER AC 102 17.95 97.46 1.47
C SER AC 102 16.50 97.59 0.99
N ILE AC 103 16.14 98.77 0.48
CA ILE AC 103 14.77 98.99 0.00
C ILE AC 103 14.47 98.06 -1.17
N LEU AC 104 15.41 97.96 -2.11
CA LEU AC 104 15.21 97.08 -3.26
C LEU AC 104 15.00 95.64 -2.82
N ASP AC 105 15.85 95.16 -1.92
CA ASP AC 105 15.69 93.79 -1.41
C ASP AC 105 14.38 93.64 -0.66
N GLU AC 106 14.01 94.64 0.13
CA GLU AC 106 12.83 94.52 0.99
C GLU AC 106 11.55 94.38 0.19
N ARG AC 107 11.39 95.17 -0.87
CA ARG AC 107 10.14 95.19 -1.62
C ARG AC 107 10.20 94.39 -2.92
N VAL AC 108 11.17 94.69 -3.79
CA VAL AC 108 11.18 94.07 -5.11
C VAL AC 108 11.54 92.60 -5.03
N LEU AC 109 12.56 92.26 -4.23
CA LEU AC 109 13.19 90.95 -4.34
C LEU AC 109 12.36 89.83 -3.73
N ASN AC 110 11.67 90.10 -2.62
CA ASN AC 110 11.09 89.02 -1.82
C ASN AC 110 10.04 88.25 -2.61
N GLY AC 111 10.40 87.04 -3.03
CA GLY AC 111 9.47 86.23 -3.79
C GLY AC 111 9.24 86.70 -5.22
N LEU AC 112 10.06 87.62 -5.72
CA LEU AC 112 9.93 87.99 -7.13
C LEU AC 112 10.25 86.81 -8.03
N LYS AC 113 11.28 86.04 -7.70
CA LYS AC 113 11.59 84.84 -8.46
C LYS AC 113 10.46 83.82 -8.33
N GLU AC 114 9.89 83.67 -7.14
CA GLU AC 114 8.79 82.74 -6.95
C GLU AC 114 7.57 83.16 -7.76
N THR AC 115 7.24 84.46 -7.75
CA THR AC 115 6.10 84.94 -8.52
C THR AC 115 6.32 84.76 -10.02
N TYR AC 116 7.53 85.04 -10.49
CA TYR AC 116 7.84 84.82 -11.90
C TYR AC 116 7.74 83.34 -12.25
N ASN AC 117 8.21 82.47 -11.36
CA ASN AC 117 8.12 81.04 -11.61
C ASN AC 117 6.67 80.58 -11.68
N SER AC 118 5.82 81.09 -10.77
CA SER AC 118 4.41 80.73 -10.80
C SER AC 118 3.73 81.26 -12.06
N LEU AC 119 4.05 82.49 -12.46
CA LEU AC 119 3.44 83.06 -13.66
C LEU AC 119 3.92 82.36 -14.92
N GLY AC 120 5.12 81.80 -14.90
CA GLY AC 120 5.73 81.24 -16.09
C GLY AC 120 6.50 82.22 -16.94
N VAL AC 121 6.63 83.47 -16.51
CA VAL AC 121 7.40 84.47 -17.24
C VAL AC 121 8.87 84.06 -17.20
N PRO AC 122 9.64 84.32 -18.27
CA PRO AC 122 11.03 83.86 -18.32
C PRO AC 122 11.94 84.76 -17.51
N ILE AC 123 12.48 84.22 -16.41
CA ILE AC 123 13.36 84.99 -15.54
C ILE AC 123 14.62 85.42 -16.27
N ALA AC 124 15.18 84.53 -17.08
CA ALA AC 124 16.40 84.85 -17.81
C ALA AC 124 16.16 85.97 -18.83
N ALA AC 125 15.02 85.94 -19.51
CA ALA AC 125 14.69 87.01 -20.44
C ALA AC 125 14.55 88.34 -19.70
N THR AC 126 13.89 88.33 -18.54
CA THR AC 126 13.78 89.55 -17.75
C THR AC 126 15.15 90.03 -17.30
N VAL AC 127 16.05 89.10 -16.95
CA VAL AC 127 17.38 89.49 -16.50
C VAL AC 127 18.16 90.15 -17.64
N GLN AC 128 18.07 89.60 -18.85
CA GLN AC 128 18.73 90.23 -19.99
C GLN AC 128 18.17 91.62 -20.24
N ALA AC 129 16.85 91.77 -20.14
CA ALA AC 129 16.24 93.08 -20.28
C ALA AC 129 16.72 94.03 -19.19
N ILE AC 130 16.91 93.51 -17.97
CA ILE AC 130 17.41 94.34 -16.88
C ILE AC 130 18.82 94.84 -17.19
N GLN AC 131 19.66 93.98 -17.77
CA GLN AC 131 21.00 94.42 -18.16
C GLN AC 131 20.93 95.51 -19.22
N ALA AC 132 20.03 95.35 -20.19
CA ALA AC 132 19.86 96.39 -21.21
C ALA AC 132 19.39 97.70 -20.59
N MET AC 133 18.46 97.62 -19.65
CA MET AC 133 18.01 98.83 -18.94
C MET AC 133 19.15 99.45 -18.17
N LYS AC 134 20.02 98.64 -17.57
CA LYS AC 134 21.16 99.17 -16.84
C LYS AC 134 22.10 99.94 -17.77
N GLU AC 135 22.34 99.40 -18.97
CA GLU AC 135 23.21 100.09 -19.92
C GLU AC 135 22.61 101.44 -20.34
N VAL AC 136 21.32 101.45 -20.68
CA VAL AC 136 20.68 102.69 -21.10
C VAL AC 136 20.66 103.70 -19.96
N THR AC 137 20.33 103.22 -18.75
CA THR AC 137 20.28 104.12 -17.59
C THR AC 137 21.66 104.70 -17.29
N ALA AC 138 22.71 103.88 -17.40
CA ALA AC 138 24.06 104.38 -17.17
C ALA AC 138 24.42 105.45 -18.19
N SER AC 139 24.04 105.24 -19.45
CA SER AC 139 24.32 106.24 -20.48
C SER AC 139 23.62 107.57 -20.17
N LEU AC 140 22.34 107.50 -19.81
CA LEU AC 140 21.59 108.73 -19.55
C LEU AC 140 22.07 109.42 -18.28
N VAL AC 141 22.32 108.66 -17.21
CA VAL AC 141 22.68 109.24 -15.92
C VAL AC 141 24.11 109.78 -15.94
N GLY AC 142 25.00 109.12 -16.66
CA GLY AC 142 26.42 109.43 -16.61
C GLY AC 142 27.23 108.28 -16.04
N ALA AC 143 28.55 108.41 -16.18
CA ALA AC 143 29.44 107.33 -15.76
C ALA AC 143 29.42 107.14 -14.25
N ASP AC 144 29.59 108.23 -13.50
CA ASP AC 144 29.61 108.12 -12.04
C ASP AC 144 28.27 107.64 -11.51
N ALA AC 145 27.17 108.19 -12.03
CA ALA AC 145 25.85 107.72 -11.63
C ALA AC 145 25.57 106.31 -12.14
N GLY AC 146 26.08 105.97 -13.33
CA GLY AC 146 25.89 104.63 -13.86
C GLY AC 146 26.51 103.56 -12.98
N LYS AC 147 27.61 103.88 -12.31
CA LYS AC 147 28.23 102.90 -11.42
C LYS AC 147 27.30 102.56 -10.25
N GLU AC 148 26.67 103.56 -9.66
CA GLU AC 148 25.78 103.30 -8.53
C GLU AC 148 24.49 102.64 -8.99
N MET AC 149 23.81 103.25 -9.97
CA MET AC 149 22.57 102.67 -10.50
C MET AC 149 22.84 101.32 -11.13
N GLY AC 150 23.95 101.19 -11.86
CA GLY AC 150 24.31 99.90 -12.43
C GLY AC 150 24.58 98.85 -11.38
N ILE AC 151 25.19 99.25 -10.26
CA ILE AC 151 25.44 98.30 -9.17
C ILE AC 151 24.12 97.83 -8.56
N TYR AC 152 23.17 98.75 -8.35
CA TYR AC 152 21.87 98.36 -7.83
C TYR AC 152 21.14 97.44 -8.81
N PHE AC 153 21.17 97.77 -10.10
CA PHE AC 153 20.56 96.91 -11.11
C PHE AC 153 21.24 95.55 -11.16
N ASP AC 154 22.57 95.54 -11.03
CA ASP AC 154 23.31 94.28 -10.99
C ASP AC 154 22.93 93.46 -9.76
N TYR AC 155 22.67 94.13 -8.63
CA TYR AC 155 22.22 93.43 -7.44
C TYR AC 155 20.86 92.77 -7.66
N ILE AC 156 19.94 93.48 -8.31
CA ILE AC 156 18.64 92.89 -8.62
C ILE AC 156 18.81 91.71 -9.56
N CYS AC 157 19.65 91.86 -10.58
CA CYS AC 157 19.91 90.75 -11.50
C CYS AC 157 20.57 89.58 -10.79
N SER AC 158 21.48 89.87 -9.86
CA SER AC 158 22.14 88.81 -9.10
C SER AC 158 21.15 88.03 -8.25
N GLY AC 159 20.22 88.75 -7.60
CA GLY AC 159 19.17 88.06 -6.87
C GLY AC 159 18.31 87.20 -7.77
N LEU AC 160 17.99 87.69 -8.96
CA LEU AC 160 17.23 86.90 -9.92
C LEU AC 160 18.02 85.67 -10.35
N SER AC 161 19.32 85.81 -10.53
CA SER AC 161 20.18 84.71 -10.96
C SER AC 161 20.24 83.61 -9.91
N SER BC 2 -16.56 82.29 -26.13
CA SER BC 2 -17.88 82.11 -26.73
C SER BC 2 -18.93 82.95 -26.00
N VAL BC 3 -20.02 83.24 -26.71
CA VAL BC 3 -21.13 83.96 -26.07
C VAL BC 3 -21.71 83.13 -24.95
N VAL BC 4 -21.87 81.82 -25.17
CA VAL BC 4 -22.33 80.93 -24.11
C VAL BC 4 -21.35 80.94 -22.94
N THR BC 5 -20.04 81.00 -23.24
CA THR BC 5 -19.04 81.03 -22.17
C THR BC 5 -19.18 82.30 -21.33
N LYS BC 6 -19.39 83.45 -21.98
CA LYS BC 6 -19.56 84.70 -21.24
C LYS BC 6 -20.81 84.65 -20.38
N SER BC 7 -21.90 84.11 -20.92
CA SER BC 7 -23.12 83.97 -20.12
C SER BC 7 -22.89 83.04 -18.93
N ILE BC 8 -22.15 81.96 -19.15
CA ILE BC 8 -21.86 81.03 -18.05
C ILE BC 8 -21.03 81.72 -16.98
N VAL BC 9 -20.09 82.59 -17.38
CA VAL BC 9 -19.29 83.31 -16.40
C VAL BC 9 -20.18 84.19 -15.53
N ASN BC 10 -21.11 84.91 -16.16
CA ASN BC 10 -22.02 85.76 -15.40
C ASN BC 10 -22.89 84.93 -14.46
N ALA BC 11 -23.38 83.79 -14.95
CA ALA BC 11 -24.23 82.93 -14.13
C ALA BC 11 -23.46 82.38 -12.93
N ASP BC 12 -22.21 81.96 -13.14
CA ASP BC 12 -21.42 81.45 -12.03
C ASP BC 12 -21.16 82.53 -10.99
N ALA BC 13 -20.91 83.76 -11.43
CA ALA BC 13 -20.72 84.86 -10.49
C ALA BC 13 -21.99 85.11 -9.68
N GLU BC 14 -23.15 85.03 -10.33
CA GLU BC 14 -24.43 85.18 -9.64
C GLU BC 14 -24.84 83.95 -8.85
N ALA BC 15 -24.08 82.84 -8.97
CA ALA BC 15 -24.34 81.61 -8.22
C ALA BC 15 -25.72 81.04 -8.54
N ARG BC 16 -26.09 81.08 -9.82
CA ARG BC 16 -27.37 80.55 -10.27
C ARG BC 16 -27.15 79.73 -11.53
N TYR BC 17 -27.95 78.68 -11.69
CA TYR BC 17 -27.95 77.93 -12.94
C TYR BC 17 -28.27 78.85 -14.11
N LEU BC 18 -27.92 78.40 -15.30
CA LEU BC 18 -28.07 79.22 -16.49
C LEU BC 18 -29.53 79.62 -16.69
N SER BC 19 -29.75 80.89 -16.99
CA SER BC 19 -31.10 81.41 -17.17
C SER BC 19 -31.72 80.87 -18.46
N PRO BC 20 -33.06 80.80 -18.52
CA PRO BC 20 -33.69 80.37 -19.78
C PRO BC 20 -33.35 81.27 -20.94
N GLY BC 21 -33.22 82.58 -20.71
CA GLY BC 21 -32.80 83.48 -21.77
C GLY BC 21 -31.38 83.20 -22.24
N GLU BC 22 -30.48 82.92 -21.30
CA GLU BC 22 -29.11 82.57 -21.67
C GLU BC 22 -29.07 81.29 -22.49
N LEU BC 23 -29.87 80.29 -22.10
CA LEU BC 23 -29.94 79.06 -22.87
C LEU BC 23 -30.46 79.33 -24.27
N ASP BC 24 -31.45 80.23 -24.39
CA ASP BC 24 -31.95 80.61 -25.71
C ASP BC 24 -30.89 81.30 -26.53
N ARG BC 25 -30.06 82.14 -25.90
CA ARG BC 25 -28.94 82.75 -26.60
C ARG BC 25 -28.01 81.69 -27.16
N ILE BC 26 -27.72 80.66 -26.36
CA ILE BC 26 -26.84 79.59 -26.82
C ILE BC 26 -27.46 78.84 -27.98
N LYS BC 27 -28.77 78.56 -27.90
CA LYS BC 27 -29.44 77.86 -28.98
C LYS BC 27 -29.38 78.66 -30.28
N ASN BC 28 -29.64 79.97 -30.19
CA ASN BC 28 -29.59 80.81 -31.38
C ASN BC 28 -28.18 80.87 -31.95
N PHE BC 29 -27.16 80.97 -31.09
CA PHE BC 29 -25.79 81.01 -31.57
C PHE BC 29 -25.42 79.72 -32.28
N VAL BC 30 -25.83 78.58 -31.74
CA VAL BC 30 -25.54 77.30 -32.39
C VAL BC 30 -26.25 77.22 -33.74
N SER BC 31 -27.50 77.68 -33.79
CA SER BC 31 -28.25 77.65 -35.05
C SER BC 31 -27.60 78.53 -36.10
N THR BC 32 -27.08 79.69 -35.70
CA THR BC 32 -26.41 80.60 -36.62
C THR BC 32 -24.92 80.31 -36.75
N GLY BC 33 -24.42 79.27 -36.08
CA GLY BC 33 -22.99 79.02 -36.08
C GLY BC 33 -22.44 78.65 -37.45
N GLU BC 34 -23.21 77.89 -38.23
CA GLU BC 34 -22.74 77.51 -39.56
C GLU BC 34 -22.53 78.73 -40.44
N ARG BC 35 -23.48 79.66 -40.43
CA ARG BC 35 -23.31 80.90 -41.18
C ARG BC 35 -22.16 81.73 -40.61
N ARG BC 36 -22.03 81.78 -39.29
CA ARG BC 36 -20.96 82.56 -38.68
C ARG BC 36 -19.59 82.04 -39.14
N LEU BC 37 -19.42 80.72 -39.15
CA LEU BC 37 -18.13 80.16 -39.57
C LEU BC 37 -17.93 80.29 -41.07
N ARG BC 38 -19.00 80.22 -41.86
CA ARG BC 38 -18.87 80.44 -43.29
C ARG BC 38 -18.38 81.86 -43.57
N ILE BC 39 -18.94 82.85 -42.89
CA ILE BC 39 -18.48 84.22 -43.02
C ILE BC 39 -17.03 84.35 -42.58
N ALA BC 40 -16.68 83.71 -41.46
CA ALA BC 40 -15.31 83.76 -40.97
C ALA BC 40 -14.34 83.15 -41.96
N GLN BC 41 -14.71 82.02 -42.57
CA GLN BC 41 -13.84 81.40 -43.55
C GLN BC 41 -13.66 82.27 -44.79
N THR BC 42 -14.73 82.95 -45.21
CA THR BC 42 -14.60 83.89 -46.33
C THR BC 42 -13.64 85.02 -45.98
N LEU BC 43 -13.74 85.55 -44.77
CA LEU BC 43 -12.81 86.59 -44.33
C LEU BC 43 -11.38 86.09 -44.33
N THR BC 44 -11.15 84.86 -43.83
CA THR BC 44 -9.81 84.29 -43.84
C THR BC 44 -9.31 84.07 -45.26
N GLU BC 45 -10.19 83.63 -46.17
CA GLU BC 45 -9.78 83.39 -47.54
C GLU BC 45 -9.32 84.67 -48.23
N ASN BC 46 -10.04 85.77 -48.02
CA ASN BC 46 -9.70 87.04 -48.64
C ASN BC 46 -8.87 87.94 -47.74
N ARG BC 47 -8.30 87.38 -46.67
CA ARG BC 47 -7.60 88.19 -45.68
C ARG BC 47 -6.40 88.93 -46.28
N GLU BC 48 -5.60 88.22 -47.07
CA GLU BC 48 -4.36 88.82 -47.58
C GLU BC 48 -4.67 89.98 -48.53
N ARG BC 49 -5.58 89.77 -49.49
CA ARG BC 49 -5.92 90.83 -50.42
C ARG BC 49 -6.56 92.02 -49.70
N ILE BC 50 -7.46 91.75 -48.76
CA ILE BC 50 -8.07 92.82 -47.97
C ILE BC 50 -7.00 93.58 -47.19
N VAL BC 51 -6.01 92.85 -46.65
CA VAL BC 51 -4.94 93.49 -45.89
C VAL BC 51 -4.17 94.46 -46.77
N LYS BC 52 -3.82 94.04 -47.99
CA LYS BC 52 -3.07 94.90 -48.89
C LYS BC 52 -3.86 96.15 -49.24
N GLN BC 53 -5.13 95.99 -49.61
CA GLN BC 53 -5.95 97.14 -49.99
C GLN BC 53 -6.12 98.10 -48.82
N ALA BC 54 -6.40 97.57 -47.63
CA ALA BC 54 -6.58 98.42 -46.46
C ALA BC 54 -5.30 99.14 -46.09
N GLY BC 55 -4.15 98.46 -46.23
CA GLY BC 55 -2.89 99.12 -45.94
C GLY BC 55 -2.62 100.30 -46.85
N ASP BC 56 -2.92 100.15 -48.14
CA ASP BC 56 -2.77 101.27 -49.07
C ASP BC 56 -3.69 102.41 -48.67
N GLN BC 57 -4.94 102.10 -48.33
CA GLN BC 57 -5.88 103.14 -47.93
C GLN BC 57 -5.41 103.85 -46.66
N LEU BC 58 -4.92 103.09 -45.68
CA LEU BC 58 -4.44 103.69 -44.43
C LEU BC 58 -3.25 104.59 -44.66
N PHE BC 59 -2.31 104.16 -45.51
CA PHE BC 59 -1.16 105.00 -45.83
C PHE BC 59 -1.61 106.29 -46.52
N GLN BC 60 -2.60 106.19 -47.41
CA GLN BC 60 -3.13 107.38 -48.07
C GLN BC 60 -3.75 108.34 -47.05
N LYS BC 61 -4.48 107.81 -46.08
CA LYS BC 61 -5.11 108.66 -45.08
C LYS BC 61 -4.09 109.25 -44.11
N ARG BC 62 -3.00 108.54 -43.84
CA ARG BC 62 -1.97 108.98 -42.90
C ARG BC 62 -0.61 108.85 -43.56
N PRO BC 63 -0.32 109.70 -44.55
CA PRO BC 63 1.01 109.65 -45.18
C PRO BC 63 2.17 109.95 -44.23
N ASP BC 64 1.94 110.82 -43.24
CA ASP BC 64 3.02 111.21 -42.33
C ASP BC 64 3.54 110.01 -41.55
N VAL BC 65 2.66 109.10 -41.16
CA VAL BC 65 3.08 107.90 -40.42
C VAL BC 65 4.02 107.06 -41.28
N VAL BC 66 3.68 106.90 -42.57
CA VAL BC 66 4.57 106.17 -43.48
C VAL BC 66 5.86 106.96 -43.71
N SER BC 67 5.77 108.29 -43.73
CA SER BC 67 6.92 109.11 -44.04
C SER BC 67 7.90 109.13 -42.88
N PRO BC 68 9.13 109.57 -43.12
CA PRO BC 68 10.09 109.74 -42.02
C PRO BC 68 9.55 110.73 -40.99
N GLY BC 69 9.87 110.47 -39.73
CA GLY BC 69 9.24 111.19 -38.64
C GLY BC 69 7.93 110.60 -38.17
N GLY BC 70 7.54 109.44 -38.71
CA GLY BC 70 6.38 108.72 -38.23
C GLY BC 70 6.78 107.36 -37.67
N ASN BC 71 5.84 106.72 -37.00
CA ASN BC 71 6.13 105.43 -36.38
C ASN BC 71 6.54 104.39 -37.42
N ALA BC 72 5.85 104.38 -38.56
CA ALA BC 72 6.19 103.48 -39.66
C ALA BC 72 7.10 104.20 -40.67
N TYR BC 73 8.23 104.69 -40.16
CA TYR BC 73 9.22 105.37 -40.98
C TYR BC 73 10.16 104.35 -41.59
N GLY BC 74 10.15 104.23 -42.91
CA GLY BC 74 10.93 103.23 -43.59
C GLY BC 74 10.15 101.96 -43.84
N GLU BC 75 10.67 101.16 -44.78
CA GLU BC 75 9.97 99.94 -45.17
C GLU BC 75 9.87 98.94 -44.01
N GLU BC 76 10.92 98.82 -43.22
CA GLU BC 76 10.92 97.86 -42.12
C GLU BC 76 9.88 98.25 -41.06
N MET BC 77 9.84 99.53 -40.69
CA MET BC 77 8.86 99.98 -39.72
C MET BC 77 7.44 99.82 -40.26
N THR BC 78 7.24 100.13 -41.54
CA THR BC 78 5.92 99.93 -42.14
C THR BC 78 5.53 98.45 -42.13
N ALA BC 79 6.50 97.56 -42.36
CA ALA BC 79 6.21 96.13 -42.37
C ALA BC 79 5.79 95.66 -40.98
N THR BC 80 6.47 96.11 -39.94
CA THR BC 80 6.06 95.74 -38.58
C THR BC 80 4.66 96.24 -38.28
N CYS BC 81 4.35 97.47 -38.72
CA CYS BC 81 3.00 98.00 -38.56
C CYS BC 81 1.97 97.11 -39.23
N LEU BC 82 2.26 96.69 -40.48
CA LEU BC 82 1.32 95.86 -41.21
C LEU BC 82 1.16 94.49 -40.54
N ARG BC 83 2.24 93.96 -39.98
CA ARG BC 83 2.15 92.67 -39.29
C ARG BC 83 1.23 92.74 -38.10
N ASP BC 84 1.33 93.83 -37.31
CA ASP BC 84 0.41 94.00 -36.19
C ASP BC 84 -1.03 94.06 -36.68
N LEU BC 85 -1.27 94.76 -37.80
CA LEU BC 85 -2.62 94.82 -38.36
C LEU BC 85 -3.11 93.44 -38.76
N ASP BC 86 -2.23 92.62 -39.34
CA ASP BC 86 -2.63 91.28 -39.74
C ASP BC 86 -3.02 90.42 -38.54
N TYR BC 87 -2.28 90.52 -37.45
CA TYR BC 87 -2.63 89.78 -36.24
C TYR BC 87 -4.00 90.23 -35.72
N TYR BC 88 -4.25 91.54 -35.75
CA TYR BC 88 -5.56 92.04 -35.32
C TYR BC 88 -6.67 91.51 -36.22
N LEU BC 89 -6.42 91.41 -37.53
CA LEU BC 89 -7.42 90.90 -38.45
C LEU BC 89 -7.77 89.45 -38.14
N ARG BC 90 -6.75 88.63 -37.86
CA ARG BC 90 -7.00 87.24 -37.50
C ARG BC 90 -7.80 87.15 -36.20
N LEU BC 91 -7.49 88.01 -35.23
CA LEU BC 91 -8.25 88.04 -33.99
C LEU BC 91 -9.70 88.43 -34.24
N VAL BC 92 -9.92 89.38 -35.17
CA VAL BC 92 -11.28 89.78 -35.51
C VAL BC 92 -12.06 88.61 -36.12
N THR BC 93 -11.39 87.84 -36.98
CA THR BC 93 -12.03 86.65 -37.54
C THR BC 93 -12.41 85.66 -36.45
N TYR BC 94 -11.51 85.46 -35.48
CA TYR BC 94 -11.82 84.56 -34.37
C TYR BC 94 -13.02 85.04 -33.58
N GLY BC 95 -13.09 86.35 -33.31
CA GLY BC 95 -14.23 86.89 -32.58
C GLY BC 95 -15.54 86.71 -33.33
N ILE BC 96 -15.53 86.96 -34.64
CA ILE BC 96 -16.73 86.78 -35.44
C ILE BC 96 -17.20 85.33 -35.40
N VAL BC 97 -16.26 84.39 -35.51
CA VAL BC 97 -16.61 82.97 -35.44
C VAL BC 97 -17.19 82.64 -34.08
N ALA BC 98 -16.59 83.15 -33.01
CA ALA BC 98 -17.07 82.85 -31.66
C ALA BC 98 -18.46 83.42 -31.40
N GLY BC 99 -18.81 84.53 -32.05
CA GLY BC 99 -20.06 85.20 -31.76
C GLY BC 99 -20.01 86.11 -30.55
N ASP BC 100 -18.86 86.23 -29.89
CA ASP BC 100 -18.67 87.14 -28.79
C ASP BC 100 -17.36 87.89 -28.99
N VAL BC 101 -17.32 89.12 -28.48
CA VAL BC 101 -16.10 89.92 -28.55
C VAL BC 101 -15.06 89.50 -27.53
N THR BC 102 -15.41 88.58 -26.63
CA THR BC 102 -14.48 88.17 -25.59
C THR BC 102 -13.19 87.57 -26.14
N PRO BC 103 -13.21 86.71 -27.16
CA PRO BC 103 -11.93 86.21 -27.69
C PRO BC 103 -11.02 87.31 -28.20
N ILE BC 104 -11.58 88.26 -28.96
CA ILE BC 104 -10.79 89.38 -29.45
C ILE BC 104 -10.29 90.21 -28.29
N GLU BC 105 -11.13 90.41 -27.27
CA GLU BC 105 -10.73 91.23 -26.12
C GLU BC 105 -9.57 90.58 -25.37
N GLU BC 106 -9.60 89.26 -25.22
CA GLU BC 106 -8.48 88.57 -24.58
C GLU BC 106 -7.20 88.69 -25.40
N ILE BC 107 -7.31 88.52 -26.73
CA ILE BC 107 -6.12 88.57 -27.57
C ILE BC 107 -5.53 89.98 -27.59
N GLY BC 108 -6.39 90.98 -27.75
CA GLY BC 108 -5.96 92.36 -27.81
C GLY BC 108 -7.04 93.27 -27.25
N LEU BC 109 -6.69 94.55 -27.11
CA LEU BC 109 -7.47 95.64 -26.52
C LEU BC 109 -7.43 95.60 -24.99
N VAL BC 110 -6.69 94.69 -24.38
CA VAL BC 110 -6.44 94.70 -22.94
C VAL BC 110 -5.02 95.20 -22.75
N GLY BC 111 -4.88 96.45 -22.31
CA GLY BC 111 -3.57 97.06 -22.24
C GLY BC 111 -3.03 97.51 -23.58
N VAL BC 112 -3.84 97.45 -24.64
CA VAL BC 112 -3.37 97.82 -25.97
C VAL BC 112 -2.98 99.30 -26.01
N ARG BC 113 -3.70 100.14 -25.27
CA ARG BC 113 -3.32 101.55 -25.20
C ARG BC 113 -1.92 101.72 -24.62
N GLU BC 114 -1.60 100.95 -23.58
CA GLU BC 114 -0.26 101.01 -23.00
C GLU BC 114 0.79 100.54 -24.01
N MET BC 115 0.49 99.49 -24.76
CA MET BC 115 1.43 99.02 -25.79
C MET BC 115 1.65 100.07 -26.85
N TYR BC 116 0.58 100.72 -27.30
CA TYR BC 116 0.72 101.77 -28.31
C TYR BC 116 1.51 102.95 -27.77
N ASN BC 117 1.28 103.32 -26.50
CA ASN BC 117 2.03 104.42 -25.90
C ASN BC 117 3.51 104.07 -25.79
N SER BC 118 3.83 102.82 -25.45
CA SER BC 118 5.22 102.40 -25.36
C SER BC 118 5.90 102.45 -26.73
N LEU BC 119 5.20 101.98 -27.77
CA LEU BC 119 5.80 101.95 -29.09
C LEU BC 119 5.87 103.32 -29.74
N GLY BC 120 4.93 104.21 -29.42
CA GLY BC 120 4.84 105.50 -30.08
C GLY BC 120 3.95 105.52 -31.31
N THR BC 121 3.41 104.37 -31.71
CA THR BC 121 2.55 104.33 -32.89
C THR BC 121 1.25 105.07 -32.62
N PRO BC 122 0.69 105.73 -33.63
CA PRO BC 122 -0.49 106.60 -33.42
C PRO BC 122 -1.77 105.78 -33.34
N ILE BC 123 -2.43 105.85 -32.18
CA ILE BC 123 -3.70 105.13 -32.00
C ILE BC 123 -4.77 105.60 -32.97
N PRO BC 124 -4.98 106.91 -33.19
CA PRO BC 124 -6.00 107.32 -34.16
C PRO BC 124 -5.75 106.80 -35.56
N ALA BC 125 -4.49 106.78 -36.00
CA ALA BC 125 -4.18 106.26 -37.32
C ALA BC 125 -4.46 104.76 -37.39
N VAL BC 126 -4.12 104.02 -36.33
CA VAL BC 126 -4.44 102.60 -36.28
C VAL BC 126 -5.95 102.39 -36.37
N ALA BC 127 -6.72 103.20 -35.66
CA ALA BC 127 -8.18 103.11 -35.71
C ALA BC 127 -8.69 103.36 -37.12
N GLU BC 128 -8.16 104.38 -37.80
CA GLU BC 128 -8.57 104.67 -39.16
C GLU BC 128 -8.25 103.51 -40.10
N GLY BC 129 -7.10 102.88 -39.91
CA GLY BC 129 -6.76 101.71 -40.71
C GLY BC 129 -7.74 100.58 -40.50
N ILE BC 130 -8.15 100.35 -39.26
CA ILE BC 130 -9.16 99.33 -38.98
C ILE BC 130 -10.46 99.67 -39.68
N ARG BC 131 -10.84 100.94 -39.68
CA ARG BC 131 -12.08 101.36 -40.35
C ARG BC 131 -11.99 101.13 -41.86
N ALA BC 132 -10.84 101.43 -42.46
CA ALA BC 132 -10.66 101.19 -43.88
C ALA BC 132 -10.78 99.70 -44.21
N MET BC 133 -10.17 98.86 -43.37
CA MET BC 133 -10.31 97.42 -43.54
C MET BC 133 -11.77 96.99 -43.41
N LYS BC 134 -12.50 97.60 -42.48
CA LYS BC 134 -13.91 97.27 -42.30
C LYS BC 134 -14.73 97.62 -43.54
N ASN BC 135 -14.48 98.79 -44.14
CA ASN BC 135 -15.20 99.17 -45.35
C ASN BC 135 -14.91 98.21 -46.49
N VAL BC 136 -13.63 97.88 -46.70
CA VAL BC 136 -13.27 96.97 -47.77
C VAL BC 136 -13.88 95.59 -47.51
N ALA BC 137 -13.84 95.13 -46.27
CA ALA BC 137 -14.39 93.82 -45.93
C ALA BC 137 -15.91 93.78 -46.12
N CYS BC 138 -16.59 94.87 -45.77
CA CYS BC 138 -18.04 94.93 -45.98
C CYS BC 138 -18.36 94.82 -47.46
N SER BC 139 -17.60 95.48 -48.32
CA SER BC 139 -17.78 95.32 -49.75
C SER BC 139 -17.48 93.89 -50.19
N LEU BC 140 -16.43 93.29 -49.64
CA LEU BC 140 -16.02 91.96 -50.07
C LEU BC 140 -17.03 90.89 -49.69
N LEU BC 141 -17.62 91.00 -48.51
CA LEU BC 141 -18.48 89.95 -47.99
C LEU BC 141 -19.91 90.11 -48.51
N SER BC 142 -20.69 89.03 -48.36
CA SER BC 142 -22.12 89.10 -48.64
C SER BC 142 -22.81 89.97 -47.60
N ALA BC 143 -24.01 90.42 -47.96
CA ALA BC 143 -24.69 91.43 -47.13
C ALA BC 143 -24.96 90.91 -45.73
N GLU BC 144 -25.47 89.69 -45.60
CA GLU BC 144 -25.73 89.12 -44.28
C GLU BC 144 -24.45 88.95 -43.48
N ASP BC 145 -23.41 88.40 -44.12
CA ASP BC 145 -22.14 88.23 -43.44
C ASP BC 145 -21.49 89.56 -43.12
N ALA BC 146 -21.60 90.53 -44.04
CA ALA BC 146 -21.01 91.85 -43.80
C ALA BC 146 -21.67 92.54 -42.62
N ALA BC 147 -22.96 92.32 -42.40
CA ALA BC 147 -23.65 92.95 -41.28
C ALA BC 147 -23.06 92.51 -39.95
N GLU BC 148 -22.85 91.20 -39.78
CA GLU BC 148 -22.20 90.70 -38.56
C GLU BC 148 -20.75 91.15 -38.50
N ALA BC 149 -20.03 91.03 -39.62
CA ALA BC 149 -18.63 91.46 -39.66
C ALA BC 149 -18.50 92.94 -39.33
N GLY BC 150 -19.46 93.75 -39.78
CA GLY BC 150 -19.42 95.16 -39.47
C GLY BC 150 -19.51 95.42 -37.98
N SER BC 151 -20.36 94.66 -37.28
CA SER BC 151 -20.50 94.84 -35.84
C SER BC 151 -19.23 94.47 -35.10
N TYR BC 152 -18.62 93.34 -35.45
CA TYR BC 152 -17.36 92.95 -34.82
C TYR BC 152 -16.26 93.97 -35.11
N PHE BC 153 -16.17 94.42 -36.36
CA PHE BC 153 -15.17 95.42 -36.71
C PHE BC 153 -15.43 96.73 -36.00
N ASP BC 154 -16.70 97.09 -35.80
CA ASP BC 154 -17.03 98.32 -35.08
C ASP BC 154 -16.59 98.24 -33.62
N PHE BC 155 -16.75 97.07 -33.00
CA PHE BC 155 -16.24 96.88 -31.65
C PHE BC 155 -14.73 97.07 -31.62
N VAL BC 156 -14.03 96.53 -32.62
CA VAL BC 156 -12.58 96.71 -32.71
C VAL BC 156 -12.24 98.19 -32.87
N ILE BC 157 -13.01 98.91 -33.70
CA ILE BC 157 -12.76 100.33 -33.92
C ILE BC 157 -12.96 101.11 -32.63
N GLY BC 158 -14.00 100.78 -31.87
CA GLY BC 158 -14.22 101.44 -30.60
C GLY BC 158 -13.10 101.18 -29.61
N ALA BC 159 -12.59 99.95 -29.58
CA ALA BC 159 -11.43 99.66 -28.74
C ALA BC 159 -10.21 100.46 -29.20
N MET BC 160 -10.04 100.62 -30.50
CA MET BC 160 -8.95 101.44 -31.02
C MET BC 160 -9.11 102.90 -30.58
N GLN BC 161 -10.35 103.39 -30.56
CA GLN BC 161 -10.62 104.74 -30.11
C GLN BC 161 -10.82 104.76 -28.59
N MET CC 1 -9.75 82.26 -19.57
CA MET CC 1 -11.00 81.51 -19.55
C MET CC 1 -11.00 80.47 -20.67
N GLN CC 2 -11.65 79.33 -20.43
CA GLN CC 2 -11.64 78.23 -21.37
C GLN CC 2 -13.06 77.72 -21.61
N ASP CC 3 -13.44 77.63 -22.88
CA ASP CC 3 -14.63 76.92 -23.34
C ASP CC 3 -14.20 76.05 -24.52
N ALA CC 4 -15.11 75.23 -25.03
CA ALA CC 4 -14.73 74.35 -26.14
C ALA CC 4 -14.37 75.15 -27.38
N ILE CC 5 -15.27 76.04 -27.81
CA ILE CC 5 -14.98 76.91 -28.95
C ILE CC 5 -13.84 77.85 -28.63
N THR CC 6 -13.82 78.39 -27.40
CA THR CC 6 -12.77 79.32 -27.02
C THR CC 6 -11.41 78.63 -26.98
N ALA CC 7 -11.36 77.37 -26.59
CA ALA CC 7 -10.10 76.64 -26.54
C ALA CC 7 -9.55 76.38 -27.94
N VAL CC 8 -10.44 76.04 -28.88
CA VAL CC 8 -10.02 75.95 -30.28
C VAL CC 8 -9.44 77.27 -30.74
N ILE CC 9 -10.13 78.38 -30.40
CA ILE CC 9 -9.65 79.70 -30.78
C ILE CC 9 -8.30 79.99 -30.11
N ASN CC 10 -8.15 79.60 -28.85
CA ASN CC 10 -6.91 79.88 -28.12
C ASN CC 10 -5.73 79.12 -28.72
N ALA CC 11 -5.92 77.84 -29.07
CA ALA CC 11 -4.87 77.08 -29.72
C ALA CC 11 -4.48 77.72 -31.04
N SER CC 12 -5.48 78.14 -31.82
CA SER CC 12 -5.20 78.82 -33.08
C SER CC 12 -4.43 80.11 -32.84
N ASP CC 13 -4.78 80.84 -31.78
CA ASP CC 13 -4.08 82.09 -31.48
C ASP CC 13 -2.62 81.84 -31.14
N VAL CC 14 -2.34 80.77 -30.39
CA VAL CC 14 -0.96 80.43 -30.08
C VAL CC 14 -0.17 80.17 -31.36
N GLN CC 15 -0.77 79.43 -32.29
CA GLN CC 15 -0.13 79.25 -33.59
C GLN CC 15 -0.02 80.56 -34.35
N GLY CC 16 -1.00 81.45 -34.17
CA GLY CC 16 -1.11 82.65 -34.99
C GLY CC 16 -1.73 82.40 -36.35
N LYS CC 17 -2.07 81.17 -36.67
CA LYS CC 17 -2.58 80.81 -37.98
C LYS CC 17 -4.05 81.19 -38.12
N TYR CC 18 -4.46 81.40 -39.37
CA TYR CC 18 -5.88 81.55 -39.65
C TYR CC 18 -6.58 80.21 -39.47
N LEU CC 19 -7.91 80.27 -39.32
CA LEU CC 19 -8.70 79.10 -38.95
C LEU CC 19 -8.47 77.95 -39.91
N ASP CC 20 -8.04 76.82 -39.35
CA ASP CC 20 -7.82 75.61 -40.15
C ASP CC 20 -9.13 74.87 -40.38
N THR CC 21 -9.12 73.97 -41.35
CA THR CC 21 -10.28 73.14 -41.61
C THR CC 21 -10.59 72.24 -40.42
N ALA CC 22 -9.55 71.69 -39.78
CA ALA CC 22 -9.76 70.86 -38.60
C ALA CC 22 -10.39 71.68 -37.47
N ALA CC 23 -9.91 72.90 -37.27
CA ALA CC 23 -10.50 73.77 -36.25
C ALA CC 23 -11.96 74.08 -36.58
N MET CC 24 -12.25 74.34 -37.86
CA MET CC 24 -13.62 74.59 -38.27
C MET CC 24 -14.52 73.38 -38.01
N GLU CC 25 -14.01 72.18 -38.28
CA GLU CC 25 -14.80 70.98 -38.05
C GLU CC 25 -15.09 70.78 -36.57
N LYS CC 26 -14.09 70.96 -35.70
CA LYS CC 26 -14.33 70.79 -34.27
C LYS CC 26 -15.33 71.82 -33.76
N LEU CC 27 -15.18 73.09 -34.18
CA LEU CC 27 -16.14 74.11 -33.79
C LEU CC 27 -17.52 73.79 -34.32
N LYS CC 28 -17.61 73.22 -35.53
CA LYS CC 28 -18.90 72.85 -36.09
C LYS CC 28 -19.56 71.76 -35.26
N ALA CC 29 -18.77 70.80 -34.76
CA ALA CC 29 -19.33 69.76 -33.90
C ALA CC 29 -19.90 70.37 -32.62
N TYR CC 30 -19.20 71.34 -32.03
CA TYR CC 30 -19.74 72.01 -30.86
C TYR CC 30 -21.05 72.71 -31.18
N PHE CC 31 -21.08 73.43 -32.31
CA PHE CC 31 -22.32 74.07 -32.75
C PHE CC 31 -23.43 73.05 -32.95
N ALA CC 32 -23.07 71.84 -33.41
CA ALA CC 32 -24.07 70.86 -33.79
C ALA CC 32 -24.74 70.23 -32.58
N THR CC 33 -23.97 69.89 -31.55
CA THR CC 33 -24.51 69.22 -30.37
C THR CC 33 -24.98 70.19 -29.29
N GLY CC 34 -24.85 71.50 -29.52
CA GLY CC 34 -25.31 72.46 -28.54
C GLY CC 34 -26.79 72.34 -28.22
N GLU CC 35 -27.61 71.95 -29.19
CA GLU CC 35 -29.06 71.88 -28.98
C GLU CC 35 -29.41 70.86 -27.92
N LEU CC 36 -28.91 69.62 -28.06
CA LEU CC 36 -29.19 68.59 -27.08
C LEU CC 36 -28.65 68.97 -25.71
N ARG CC 37 -27.43 69.53 -25.68
CA ARG CC 37 -26.85 69.93 -24.41
C ARG CC 37 -27.70 70.99 -23.71
N VAL CC 38 -28.21 71.96 -24.48
CA VAL CC 38 -28.97 73.06 -23.89
C VAL CC 38 -30.27 72.54 -23.28
N ARG CC 39 -31.00 71.71 -24.02
CA ARG CC 39 -32.27 71.19 -23.52
C ARG CC 39 -32.06 70.40 -22.24
N ALA CC 40 -31.04 69.54 -22.22
CA ALA CC 40 -30.76 68.75 -21.02
C ALA CC 40 -30.37 69.62 -19.84
N ALA CC 41 -29.60 70.68 -20.09
CA ALA CC 41 -29.19 71.56 -19.01
C ALA CC 41 -30.39 72.23 -18.35
N SER CC 42 -31.36 72.67 -19.17
CA SER CC 42 -32.57 73.24 -18.61
C SER CC 42 -33.32 72.22 -17.75
N VAL CC 43 -33.40 70.97 -18.22
CA VAL CC 43 -34.07 69.93 -17.44
C VAL CC 43 -33.35 69.71 -16.12
N ILE CC 44 -32.01 69.70 -16.15
CA ILE CC 44 -31.24 69.50 -14.93
C ILE CC 44 -31.55 70.59 -13.92
N SER CC 45 -31.54 71.84 -14.38
CA SER CC 45 -31.81 72.95 -13.46
C SER CC 45 -33.20 72.85 -12.86
N ALA CC 46 -34.18 72.44 -13.66
CA ALA CC 46 -35.55 72.33 -13.16
C ALA CC 46 -35.67 71.26 -12.08
N ASN CC 47 -35.03 70.11 -12.28
CA ASN CC 47 -35.11 69.00 -11.33
C ASN CC 47 -33.85 68.87 -10.47
N ALA CC 48 -33.18 69.99 -10.19
CA ALA CC 48 -31.93 69.93 -9.44
C ALA CC 48 -32.14 69.43 -8.02
N ALA CC 49 -33.16 69.94 -7.33
CA ALA CC 49 -33.40 69.54 -5.94
C ALA CC 49 -33.72 68.05 -5.85
N ASN CC 50 -34.55 67.55 -6.77
CA ASN CC 50 -34.88 66.13 -6.77
C ASN CC 50 -33.65 65.28 -7.00
N ILE CC 51 -32.70 65.76 -7.80
CA ILE CC 51 -31.52 64.96 -8.14
C ILE CC 51 -30.64 64.77 -6.91
N VAL CC 52 -30.37 65.83 -6.17
CA VAL CC 52 -29.54 65.69 -4.98
C VAL CC 52 -30.25 64.89 -3.91
N LYS CC 53 -31.57 65.03 -3.80
CA LYS CC 53 -32.33 64.19 -2.88
C LYS CC 53 -32.18 62.71 -3.26
N GLU CC 54 -32.34 62.40 -4.54
CA GLU CC 54 -32.19 61.02 -4.99
C GLU CC 54 -30.77 60.50 -4.75
N ALA CC 55 -29.78 61.36 -4.97
CA ALA CC 55 -28.39 60.93 -4.83
C ALA CC 55 -28.05 60.57 -3.38
N VAL CC 56 -28.44 61.42 -2.44
CA VAL CC 56 -28.15 61.11 -1.04
C VAL CC 56 -28.93 59.90 -0.58
N ALA CC 57 -30.18 59.75 -1.06
CA ALA CC 57 -30.95 58.56 -0.73
C ALA CC 57 -30.28 57.31 -1.25
N LYS CC 58 -29.78 57.35 -2.48
CA LYS CC 58 -29.18 56.17 -3.08
C LYS CC 58 -27.80 55.87 -2.52
N SER CC 59 -27.03 56.88 -2.12
CA SER CC 59 -25.65 56.66 -1.70
C SER CC 59 -25.38 57.06 -0.26
N LEU CC 60 -25.69 58.30 0.13
CA LEU CC 60 -25.13 58.87 1.35
C LEU CC 60 -26.05 58.78 2.56
N LEU CC 61 -27.28 58.32 2.41
CA LEU CC 61 -28.24 58.30 3.50
C LEU CC 61 -28.51 56.88 3.96
N TYR CC 62 -29.05 56.77 5.18
CA TYR CC 62 -29.31 55.49 5.84
C TYR CC 62 -28.03 54.65 5.94
N SER CC 63 -27.00 55.25 6.50
CA SER CC 63 -25.72 54.58 6.70
C SER CC 63 -25.02 55.20 7.90
N ASP CC 64 -23.76 54.82 8.11
CA ASP CC 64 -23.00 55.37 9.22
C ASP CC 64 -22.63 56.82 9.00
N ILE CC 65 -22.56 57.27 7.74
CA ILE CC 65 -22.21 58.66 7.46
C ILE CC 65 -23.19 59.59 8.16
N THR CC 66 -24.49 59.32 8.01
CA THR CC 66 -25.50 60.13 8.67
C THR CC 66 -25.83 59.66 10.07
N ARG CC 67 -25.39 58.47 10.46
CA ARG CC 67 -25.50 58.03 11.85
C ARG CC 67 -24.39 58.70 12.66
N PRO CC 68 -24.42 58.59 13.99
CA PRO CC 68 -23.53 59.43 14.81
C PRO CC 68 -22.06 59.27 14.47
N GLY CC 69 -21.35 60.40 14.48
CA GLY CC 69 -19.93 60.41 14.23
C GLY CC 69 -19.53 60.15 12.79
N GLY CC 70 -20.42 60.34 11.84
CA GLY CC 70 -20.12 60.00 10.46
C GLY CC 70 -19.82 61.15 9.52
N MET CC 72 -21.69 63.57 9.01
CA MET CC 72 -22.98 64.13 8.64
C MET CC 72 -23.96 64.01 9.78
N TYR CC 73 -23.47 63.57 10.94
CA TYR CC 73 -24.34 63.32 12.08
C TYR CC 73 -25.11 64.56 12.50
N THR CC 74 -24.50 65.74 12.36
CA THR CC 74 -25.14 66.98 12.77
C THR CC 74 -25.79 67.68 11.59
N THR CC 75 -26.77 68.53 11.90
CA THR CC 75 -27.51 69.23 10.85
C THR CC 75 -26.61 70.17 10.06
N ARG CC 76 -25.64 70.79 10.72
CA ARG CC 76 -24.70 71.66 10.01
C ARG CC 76 -23.96 70.88 8.94
N ARG CC 77 -23.42 69.71 9.31
CA ARG CC 77 -22.69 68.89 8.35
C ARG CC 77 -23.61 68.40 7.23
N TYR CC 78 -24.84 68.00 7.57
CA TYR CC 78 -25.78 67.55 6.54
C TYR CC 78 -26.09 68.66 5.56
N ALA CC 79 -26.35 69.86 6.08
CA ALA CC 79 -26.67 70.99 5.22
C ALA CC 79 -25.49 71.30 4.30
N ALA CC 80 -24.27 71.27 4.84
CA ALA CC 80 -23.10 71.47 4.02
C ALA CC 80 -22.93 70.37 2.97
N CYS CC 81 -23.31 69.15 3.32
CA CYS CC 81 -23.15 68.03 2.38
C CYS CC 81 -24.08 68.17 1.20
N ILE CC 82 -25.36 68.45 1.44
CA ILE CC 82 -26.28 68.64 0.32
C ILE CC 82 -25.91 69.91 -0.45
N ARG CC 83 -25.43 70.94 0.24
CA ARG CC 83 -24.95 72.13 -0.45
C ARG CC 83 -23.76 71.81 -1.35
N ASP CC 84 -22.83 70.99 -0.85
CA ASP CC 84 -21.68 70.62 -1.66
C ASP CC 84 -22.09 69.86 -2.90
N LEU CC 85 -23.01 68.91 -2.77
CA LEU CC 85 -23.52 68.21 -3.94
C LEU CC 85 -24.19 69.18 -4.90
N ASP CC 86 -24.93 70.16 -4.36
CA ASP CC 86 -25.60 71.14 -5.22
C ASP CC 86 -24.59 71.96 -6.00
N TYR CC 87 -23.51 72.41 -5.35
CA TYR CC 87 -22.47 73.14 -6.05
C TYR CC 87 -21.80 72.27 -7.10
N TYR CC 88 -21.49 71.02 -6.73
CA TYR CC 88 -20.91 70.08 -7.68
C TYR CC 88 -21.76 70.00 -8.94
N LEU CC 89 -23.07 69.82 -8.77
CA LEU CC 89 -23.96 69.74 -9.91
C LEU CC 89 -24.01 71.06 -10.68
N ARG CC 90 -24.05 72.19 -9.98
CA ARG CC 90 -24.22 73.46 -10.69
C ARG CC 90 -23.01 73.76 -11.57
N TYR CC 91 -21.80 73.66 -11.01
CA TYR CC 91 -20.62 73.92 -11.83
C TYR CC 91 -20.42 72.84 -12.87
N ALA CC 92 -20.84 71.61 -12.59
CA ALA CC 92 -20.77 70.55 -13.59
C ALA CC 92 -21.70 70.85 -14.77
N THR CC 93 -22.90 71.36 -14.49
CA THR CC 93 -23.82 71.68 -15.58
C THR CC 93 -23.35 72.91 -16.35
N TYR CC 94 -22.80 73.91 -15.65
CA TYR CC 94 -22.09 74.98 -16.32
C TYR CC 94 -21.11 74.41 -17.34
N ALA CC 95 -20.23 73.52 -16.88
CA ALA CC 95 -19.19 72.97 -17.73
C ALA CC 95 -19.78 72.11 -18.84
N MET CC 96 -20.87 71.39 -18.56
CA MET CC 96 -21.50 70.56 -19.58
C MET CC 96 -22.07 71.42 -20.71
N LEU CC 97 -22.71 72.54 -20.35
CA LEU CC 97 -23.13 73.50 -21.37
C LEU CC 97 -21.94 74.01 -22.16
N ALA CC 98 -20.88 74.40 -21.46
CA ALA CC 98 -19.68 74.91 -22.13
C ALA CC 98 -19.09 73.87 -23.06
N GLY CC 99 -19.16 72.59 -22.69
CA GLY CC 99 -18.59 71.52 -23.46
C GLY CC 99 -17.15 71.20 -23.13
N ASP CC 100 -16.49 72.01 -22.30
CA ASP CC 100 -15.09 71.83 -21.99
C ASP CC 100 -14.91 71.43 -20.54
N PRO CC 101 -14.13 70.38 -20.25
CA PRO CC 101 -13.89 70.01 -18.85
C PRO CC 101 -12.96 70.96 -18.12
N SER CC 102 -12.38 71.95 -18.82
CA SER CC 102 -11.41 72.83 -18.17
C SER CC 102 -12.05 73.72 -17.11
N ILE CC 103 -13.31 74.11 -17.30
CA ILE CC 103 -13.96 75.06 -16.39
C ILE CC 103 -14.06 74.48 -15.00
N LEU CC 104 -14.49 73.21 -14.90
CA LEU CC 104 -14.65 72.60 -13.58
C LEU CC 104 -13.31 72.52 -12.86
N ASP CC 105 -12.24 72.18 -13.58
CA ASP CC 105 -10.91 72.15 -12.97
C ASP CC 105 -10.51 73.53 -12.47
N GLU CC 106 -10.91 74.57 -13.22
CA GLU CC 106 -10.58 75.93 -12.80
C GLU CC 106 -11.24 76.29 -11.48
N ARG CC 107 -12.52 75.95 -11.31
CA ARG CC 107 -13.26 76.33 -10.12
C ARG CC 107 -13.53 75.16 -9.18
N VAL CC 108 -14.17 74.10 -9.68
CA VAL CC 108 -14.61 73.03 -8.79
C VAL CC 108 -13.42 72.26 -8.22
N LEU CC 109 -12.42 71.98 -9.06
CA LEU CC 109 -11.34 71.07 -8.70
C LEU CC 109 -10.05 71.79 -8.30
N ASN CC 110 -10.10 73.09 -8.03
CA ASN CC 110 -8.92 73.84 -7.62
C ASN CC 110 -8.81 73.79 -6.11
N GLY CC 111 -7.94 72.92 -5.61
CA GLY CC 111 -7.76 72.77 -4.17
C GLY CC 111 -8.86 72.03 -3.46
N LEU CC 112 -9.81 71.45 -4.19
CA LEU CC 112 -10.93 70.77 -3.55
C LEU CC 112 -10.48 69.55 -2.76
N LYS CC 113 -9.57 68.75 -3.34
CA LYS CC 113 -9.09 67.57 -2.64
C LYS CC 113 -8.35 67.95 -1.35
N GLU CC 114 -7.52 68.98 -1.42
CA GLU CC 114 -6.80 69.43 -0.22
C GLU CC 114 -7.77 69.91 0.85
N THR CC 115 -8.77 70.69 0.45
CA THR CC 115 -9.75 71.19 1.42
C THR CC 115 -10.49 70.04 2.09
N TYR CC 116 -10.96 69.08 1.29
CA TYR CC 116 -11.69 67.95 1.85
C TYR CC 116 -10.81 67.12 2.77
N ASN CC 117 -9.56 66.90 2.38
CA ASN CC 117 -8.64 66.16 3.24
C ASN CC 117 -8.46 66.87 4.58
N SER CC 118 -8.29 68.19 4.56
CA SER CC 118 -8.09 68.93 5.79
C SER CC 118 -9.31 68.84 6.70
N LEU CC 119 -10.51 68.98 6.14
CA LEU CC 119 -11.71 68.98 6.96
C LEU CC 119 -12.13 67.59 7.42
N GLY CC 120 -11.60 66.54 6.81
CA GLY CC 120 -11.97 65.19 7.19
C GLY CC 120 -13.13 64.60 6.42
N VAL CC 121 -13.55 65.23 5.34
CA VAL CC 121 -14.61 64.65 4.51
C VAL CC 121 -14.10 63.35 3.88
N PRO CC 122 -14.91 62.30 3.83
CA PRO CC 122 -14.47 61.08 3.13
C PRO CC 122 -14.43 61.27 1.63
N ILE CC 123 -13.23 61.22 1.05
CA ILE CC 123 -13.07 61.40 -0.38
C ILE CC 123 -13.87 60.34 -1.14
N ALA CC 124 -13.78 59.09 -0.69
CA ALA CC 124 -14.49 58.01 -1.37
C ALA CC 124 -16.00 58.22 -1.31
N ALA CC 125 -16.52 58.63 -0.15
CA ALA CC 125 -17.95 58.85 -0.03
C ALA CC 125 -18.41 59.95 -0.97
N THR CC 126 -17.63 61.03 -1.08
CA THR CC 126 -17.96 62.08 -2.02
C THR CC 126 -17.96 61.56 -3.46
N VAL CC 127 -16.99 60.69 -3.79
CA VAL CC 127 -16.92 60.15 -5.14
C VAL CC 127 -18.13 59.29 -5.45
N GLN CC 128 -18.54 58.44 -4.48
CA GLN CC 128 -19.70 57.59 -4.70
C GLN CC 128 -20.99 58.41 -4.78
N ALA CC 129 -21.08 59.49 -3.99
CA ALA CC 129 -22.21 60.39 -4.11
C ALA CC 129 -22.26 61.05 -5.48
N ILE CC 130 -21.09 61.44 -6.00
CA ILE CC 130 -21.04 62.00 -7.34
C ILE CC 130 -21.49 60.98 -8.37
N GLN CC 131 -21.08 59.72 -8.21
CA GLN CC 131 -21.52 58.68 -9.12
C GLN CC 131 -23.02 58.45 -9.04
N ALA CC 132 -23.57 58.49 -7.82
CA ALA CC 132 -25.01 58.36 -7.66
C ALA CC 132 -25.75 59.51 -8.34
N MET CC 133 -25.23 60.73 -8.20
CA MET CC 133 -25.78 61.85 -8.96
C MET CC 133 -25.68 61.59 -10.45
N LYS CC 134 -24.59 60.96 -10.90
CA LYS CC 134 -24.44 60.66 -12.32
C LYS CC 134 -25.55 59.75 -12.81
N GLU CC 135 -25.89 58.73 -12.02
CA GLU CC 135 -26.99 57.84 -12.41
C GLU CC 135 -28.32 58.60 -12.45
N VAL CC 136 -28.61 59.38 -11.42
CA VAL CC 136 -29.88 60.12 -11.38
C VAL CC 136 -29.95 61.12 -12.50
N THR CC 137 -28.85 61.85 -12.74
CA THR CC 137 -28.82 62.84 -13.81
C THR CC 137 -28.97 62.19 -15.17
N ALA CC 138 -28.34 61.02 -15.36
CA ALA CC 138 -28.52 60.30 -16.62
C ALA CC 138 -29.97 59.89 -16.82
N SER CC 139 -30.64 59.45 -15.75
CA SER CC 139 -32.04 59.07 -15.85
C SER CC 139 -32.91 60.25 -16.29
N LEU CC 140 -32.72 61.42 -15.66
CA LEU CC 140 -33.55 62.57 -15.99
C LEU CC 140 -33.19 63.14 -17.36
N VAL CC 141 -31.89 63.26 -17.67
CA VAL CC 141 -31.47 63.91 -18.90
C VAL CC 141 -31.75 63.04 -20.12
N GLY CC 142 -31.67 61.72 -19.97
CA GLY CC 142 -31.72 60.83 -21.11
C GLY CC 142 -30.33 60.37 -21.51
N ALA CC 143 -30.29 59.30 -22.30
CA ALA CC 143 -29.03 58.63 -22.59
C ALA CC 143 -28.08 59.52 -23.39
N ASP CC 144 -28.58 60.13 -24.46
CA ASP CC 144 -27.71 60.91 -25.35
C ASP CC 144 -27.11 62.10 -24.61
N ALA CC 145 -27.94 62.85 -23.90
CA ALA CC 145 -27.45 63.98 -23.14
C ALA CC 145 -26.74 63.52 -21.87
N GLY CC 146 -27.26 62.49 -21.20
CA GLY CC 146 -26.65 62.02 -19.97
C GLY CC 146 -25.25 61.47 -20.17
N LYS CC 147 -24.99 60.85 -21.33
CA LYS CC 147 -23.65 60.39 -21.64
C LYS CC 147 -22.67 61.55 -21.68
N GLU CC 148 -23.07 62.66 -22.31
CA GLU CC 148 -22.23 63.85 -22.32
C GLU CC 148 -22.07 64.40 -20.91
N MET CC 149 -23.15 64.46 -20.14
CA MET CC 149 -23.07 64.93 -18.76
C MET CC 149 -22.22 64.00 -17.91
N GLY CC 150 -22.30 62.69 -18.18
CA GLY CC 150 -21.54 61.73 -17.41
C GLY CC 150 -20.04 61.91 -17.53
N ILE CC 151 -19.56 62.30 -18.71
CA ILE CC 151 -18.12 62.48 -18.92
C ILE CC 151 -17.60 63.59 -18.01
N TYR CC 152 -18.32 64.70 -17.94
CA TYR CC 152 -17.85 65.82 -17.13
C TYR CC 152 -18.07 65.57 -15.64
N PHE CC 153 -19.17 64.87 -15.28
CA PHE CC 153 -19.32 64.40 -13.91
C PHE CC 153 -18.15 63.51 -13.51
N ASP CC 154 -17.79 62.57 -14.38
CA ASP CC 154 -16.69 61.66 -14.09
C ASP CC 154 -15.36 62.40 -13.97
N TYR CC 155 -15.18 63.47 -14.74
CA TYR CC 155 -13.98 64.30 -14.58
C TYR CC 155 -13.92 64.90 -13.19
N ILE CC 156 -15.07 65.34 -12.66
CA ILE CC 156 -15.12 65.85 -11.30
C ILE CC 156 -14.71 64.77 -10.31
N CYS CC 157 -15.23 63.55 -10.49
CA CYS CC 157 -14.86 62.45 -9.60
C CYS CC 157 -13.37 62.14 -9.70
N SER CC 158 -12.81 62.18 -10.92
CA SER CC 158 -11.39 61.91 -11.10
C SER CC 158 -10.54 62.95 -10.38
N GLY CC 159 -10.95 64.21 -10.43
CA GLY CC 159 -10.24 65.23 -9.67
C GLY CC 159 -10.28 64.97 -8.19
N LEU CC 160 -11.44 64.54 -7.67
CA LEU CC 160 -11.55 64.25 -6.24
C LEU CC 160 -10.62 63.11 -5.83
N SER CC 161 -10.56 62.05 -6.63
CA SER CC 161 -9.72 60.91 -6.30
C SER CC 161 -8.41 60.92 -7.11
N SER DC 2 -21.25 74.82 27.01
CA SER DC 2 -21.69 75.16 28.35
C SER DC 2 -21.98 76.65 28.48
N VAL DC 3 -22.61 77.04 29.59
CA VAL DC 3 -22.77 78.45 29.89
C VAL DC 3 -21.40 79.11 30.01
N VAL DC 4 -20.44 78.39 30.60
CA VAL DC 4 -19.07 78.89 30.66
C VAL DC 4 -18.50 79.06 29.26
N THR DC 5 -18.82 78.13 28.34
CA THR DC 5 -18.34 78.25 26.97
C THR DC 5 -18.89 79.50 26.29
N LYS DC 6 -20.18 79.78 26.47
CA LYS DC 6 -20.77 80.98 25.89
C LYS DC 6 -20.12 82.24 26.47
N SER DC 7 -19.91 82.25 27.79
CA SER DC 7 -19.27 83.39 28.43
C SER DC 7 -17.84 83.57 27.91
N ILE DC 8 -17.14 82.46 27.70
CA ILE DC 8 -15.77 82.53 27.20
C ILE DC 8 -15.75 83.12 25.80
N VAL DC 9 -16.72 82.73 24.96
CA VAL DC 9 -16.78 83.28 23.60
C VAL DC 9 -16.99 84.78 23.64
N ASN DC 10 -17.92 85.24 24.49
CA ASN DC 10 -18.15 86.68 24.62
C ASN DC 10 -16.90 87.38 25.11
N ALA DC 11 -16.21 86.80 26.10
CA ALA DC 11 -15.00 87.40 26.63
C ALA DC 11 -13.90 87.47 25.57
N ASP DC 12 -13.76 86.42 24.77
CA ASP DC 12 -12.74 86.42 23.73
C ASP DC 12 -13.01 87.52 22.70
N ALA DC 13 -14.27 87.71 22.32
CA ALA DC 13 -14.61 88.82 21.44
C ALA DC 13 -14.32 90.16 22.10
N GLU DC 14 -14.64 90.28 23.39
CA GLU DC 14 -14.41 91.53 24.11
C GLU DC 14 -12.94 91.79 24.38
N ALA DC 15 -12.08 90.78 24.20
CA ALA DC 15 -10.64 90.89 24.48
C ALA DC 15 -10.40 91.30 25.93
N ARG DC 16 -11.21 90.78 26.84
CA ARG DC 16 -11.07 91.08 28.26
C ARG DC 16 -11.29 89.81 29.06
N TYR DC 17 -10.66 89.75 30.24
CA TYR DC 17 -10.90 88.67 31.16
C TYR DC 17 -12.38 88.57 31.51
N LEU DC 18 -12.79 87.39 31.95
CA LEU DC 18 -14.19 87.15 32.24
C LEU DC 18 -14.73 88.19 33.22
N SER DC 19 -15.90 88.72 32.92
CA SER DC 19 -16.49 89.75 33.77
C SER DC 19 -16.86 89.16 35.12
N PRO DC 20 -16.88 89.98 36.17
CA PRO DC 20 -17.27 89.45 37.49
C PRO DC 20 -18.67 88.86 37.50
N GLY DC 21 -19.62 89.49 36.81
CA GLY DC 21 -20.95 88.93 36.70
C GLY DC 21 -20.98 87.65 35.89
N GLU DC 22 -20.16 87.59 34.83
CA GLU DC 22 -20.07 86.37 34.04
C GLU DC 22 -19.54 85.22 34.89
N LEU DC 23 -18.50 85.48 35.69
CA LEU DC 23 -18.03 84.47 36.63
C LEU DC 23 -19.10 84.08 37.63
N ASP DC 24 -19.93 85.05 38.04
CA ASP DC 24 -21.02 84.74 38.96
C ASP DC 24 -22.00 83.77 38.35
N ARG DC 25 -22.35 83.95 37.07
CA ARG DC 25 -23.24 82.98 36.42
C ARG DC 25 -22.57 81.62 36.31
N ILE DC 26 -21.26 81.60 36.06
CA ILE DC 26 -20.53 80.33 36.05
C ILE DC 26 -20.64 79.66 37.42
N LYS DC 27 -20.55 80.46 38.49
CA LYS DC 27 -20.72 79.93 39.83
C LYS DC 27 -22.11 79.35 40.02
N ASN DC 28 -23.13 80.03 39.49
CA ASN DC 28 -24.49 79.51 39.56
C ASN DC 28 -24.62 78.21 38.79
N PHE DC 29 -23.99 78.11 37.63
CA PHE DC 29 -23.97 76.86 36.88
C PHE DC 29 -23.31 75.74 37.68
N VAL DC 30 -22.23 76.07 38.39
CA VAL DC 30 -21.58 75.08 39.24
C VAL DC 30 -22.53 74.60 40.32
N SER DC 31 -23.26 75.54 40.93
CA SER DC 31 -24.21 75.16 41.98
C SER DC 31 -25.31 74.27 41.44
N THR DC 32 -25.82 74.59 40.25
CA THR DC 32 -26.95 73.87 39.66
C THR DC 32 -26.54 72.64 38.88
N GLY DC 33 -25.24 72.29 38.86
CA GLY DC 33 -24.81 71.10 38.16
C GLY DC 33 -25.50 69.84 38.66
N GLU DC 34 -25.61 69.70 39.99
CA GLU DC 34 -26.23 68.51 40.55
C GLU DC 34 -27.71 68.41 40.19
N ARG DC 35 -28.44 69.52 40.34
CA ARG DC 35 -29.87 69.53 40.01
C ARG DC 35 -30.10 69.27 38.52
N ARG DC 36 -29.29 69.91 37.67
CA ARG DC 36 -29.42 69.69 36.24
C ARG DC 36 -29.14 68.25 35.88
N LEU DC 37 -28.11 67.66 36.49
CA LEU DC 37 -27.78 66.26 36.22
C LEU DC 37 -28.92 65.34 36.64
N ARG DC 38 -29.56 65.63 37.78
CA ARG DC 38 -30.68 64.81 38.22
C ARG DC 38 -31.84 64.89 37.23
N ILE DC 39 -32.15 66.09 36.74
CA ILE DC 39 -33.22 66.24 35.76
C ILE DC 39 -32.90 65.48 34.49
N ALA DC 40 -31.66 65.58 34.03
CA ALA DC 40 -31.24 64.86 32.83
C ALA DC 40 -31.32 63.36 33.03
N GLN DC 41 -30.96 62.89 34.22
CA GLN DC 41 -31.07 61.46 34.51
C GLN DC 41 -32.50 60.99 34.44
N THR DC 42 -33.44 61.80 34.95
CA THR DC 42 -34.86 61.43 34.86
C THR DC 42 -35.30 61.32 33.41
N LEU DC 43 -34.91 62.27 32.57
CA LEU DC 43 -35.29 62.23 31.16
C LEU DC 43 -34.73 60.99 30.48
N THR DC 44 -33.44 60.71 30.72
CA THR DC 44 -32.82 59.53 30.11
C THR DC 44 -33.46 58.24 30.60
N GLU DC 45 -33.85 58.20 31.89
CA GLU DC 45 -34.47 57.01 32.44
C GLU DC 45 -35.82 56.74 31.78
N ASN DC 46 -36.63 57.78 31.58
CA ASN DC 46 -37.95 57.64 30.98
C ASN DC 46 -37.94 57.91 29.49
N ARG DC 47 -36.80 57.70 28.83
CA ARG DC 47 -36.62 58.11 27.44
C ARG DC 47 -37.60 57.43 26.50
N GLU DC 48 -37.70 56.09 26.57
CA GLU DC 48 -38.51 55.36 25.61
C GLU DC 48 -39.98 55.74 25.71
N ARG DC 49 -40.51 55.79 26.93
CA ARG DC 49 -41.92 56.11 27.10
C ARG DC 49 -42.22 57.56 26.74
N ILE DC 50 -41.28 58.47 27.02
CA ILE DC 50 -41.52 59.89 26.75
C ILE DC 50 -41.70 60.13 25.27
N VAL DC 51 -40.76 59.66 24.45
CA VAL DC 51 -40.86 59.90 23.01
C VAL DC 51 -41.91 59.01 22.37
N LYS DC 52 -42.23 57.86 22.96
CA LYS DC 52 -43.34 57.06 22.43
C LYS DC 52 -44.66 57.82 22.54
N GLN DC 53 -44.95 58.36 23.72
CA GLN DC 53 -46.17 59.15 23.89
C GLN DC 53 -46.14 60.39 23.01
N ALA DC 54 -44.97 61.03 22.90
CA ALA DC 54 -44.86 62.21 22.05
C ALA DC 54 -45.14 61.89 20.59
N GLY DC 55 -44.64 60.75 20.12
CA GLY DC 55 -44.91 60.35 18.75
C GLY DC 55 -46.39 60.12 18.50
N ASP DC 56 -47.07 59.46 19.44
CA ASP DC 56 -48.52 59.28 19.30
C ASP DC 56 -49.23 60.62 19.26
N GLN DC 57 -48.84 61.54 20.13
CA GLN DC 57 -49.49 62.86 20.16
C GLN DC 57 -49.24 63.62 18.87
N LEU DC 58 -48.01 63.59 18.34
CA LEU DC 58 -47.71 64.33 17.13
C LEU DC 58 -48.46 63.76 15.93
N PHE DC 59 -48.51 62.43 15.81
CA PHE DC 59 -49.26 61.82 14.72
C PHE DC 59 -50.75 62.10 14.85
N GLN DC 60 -51.26 62.18 16.09
CA GLN DC 60 -52.66 62.56 16.27
C GLN DC 60 -52.90 64.00 15.87
N LYS DC 61 -51.99 64.90 16.22
CA LYS DC 61 -52.17 66.31 15.89
C LYS DC 61 -52.14 66.55 14.39
N ARG DC 62 -51.21 65.91 13.68
CA ARG DC 62 -51.09 66.05 12.23
C ARG DC 62 -51.07 64.65 11.63
N PRO DC 63 -52.24 64.07 11.35
CA PRO DC 63 -52.27 62.70 10.82
C PRO DC 63 -51.67 62.55 9.43
N ASP DC 64 -51.41 63.64 8.70
CA ASP DC 64 -50.86 63.50 7.35
C ASP DC 64 -49.37 63.24 7.34
N VAL DC 65 -48.67 63.46 8.46
CA VAL DC 65 -47.28 63.05 8.55
C VAL DC 65 -47.16 61.55 8.34
N VAL DC 66 -48.07 60.78 8.95
CA VAL DC 66 -47.98 59.33 8.94
C VAL DC 66 -48.97 58.68 7.98
N SER DC 67 -49.80 59.46 7.29
CA SER DC 67 -50.78 58.88 6.39
C SER DC 67 -50.17 58.60 5.03
N PRO DC 68 -50.90 57.89 4.16
CA PRO DC 68 -50.39 57.65 2.81
C PRO DC 68 -50.15 58.97 2.07
N GLY DC 69 -49.04 59.03 1.36
CA GLY DC 69 -48.58 60.27 0.78
C GLY DC 69 -47.85 61.18 1.73
N GLY DC 70 -47.81 60.85 3.02
CA GLY DC 70 -47.07 61.63 3.97
C GLY DC 70 -45.59 61.29 3.95
N ASN DC 71 -44.81 62.17 4.60
CA ASN DC 71 -43.35 61.98 4.61
C ASN DC 71 -42.97 60.68 5.30
N ALA DC 72 -43.61 60.37 6.42
CA ALA DC 72 -43.28 59.19 7.21
C ALA DC 72 -44.24 58.03 6.95
N TYR DC 73 -44.92 58.01 5.82
CA TYR DC 73 -45.82 56.92 5.51
C TYR DC 73 -45.06 55.60 5.49
N GLY DC 74 -45.56 54.63 6.25
CA GLY DC 74 -44.90 53.35 6.34
C GLY DC 74 -44.14 53.19 7.66
N GLU DC 75 -43.95 51.93 8.04
CA GLU DC 75 -43.36 51.63 9.34
C GLU DC 75 -41.92 52.09 9.43
N GLU DC 76 -41.12 51.84 8.39
CA GLU DC 76 -39.70 52.19 8.44
C GLU DC 76 -39.51 53.70 8.54
N MET DC 77 -40.25 54.46 7.74
CA MET DC 77 -40.12 55.91 7.78
C MET DC 77 -40.67 56.47 9.08
N THR DC 78 -41.71 55.84 9.64
CA THR DC 78 -42.21 56.28 10.94
C THR DC 78 -41.16 56.05 12.02
N ALA DC 79 -40.45 54.93 11.96
CA ALA DC 79 -39.35 54.69 12.89
C ALA DC 79 -38.25 55.72 12.72
N THR DC 80 -37.96 56.09 11.47
CA THR DC 80 -36.96 57.13 11.22
C THR DC 80 -37.42 58.46 11.81
N CYS DC 81 -38.71 58.77 11.70
CA CYS DC 81 -39.24 59.98 12.32
C CYS DC 81 -39.06 59.93 13.83
N LEU DC 82 -39.31 58.78 14.44
CA LEU DC 82 -39.07 58.63 15.87
C LEU DC 82 -37.60 58.82 16.21
N ARG DC 83 -36.71 58.34 15.35
CA ARG DC 83 -35.28 58.56 15.57
C ARG DC 83 -34.93 60.04 15.55
N ASP DC 84 -35.48 60.79 14.59
CA ASP DC 84 -35.22 62.22 14.56
C ASP DC 84 -35.69 62.89 15.83
N LEU DC 85 -36.88 62.50 16.33
CA LEU DC 85 -37.35 63.00 17.61
C LEU DC 85 -36.40 62.59 18.73
N ASP DC 86 -35.88 61.36 18.68
CA ASP DC 86 -34.95 60.89 19.71
C ASP DC 86 -33.64 61.66 19.67
N TYR DC 87 -33.16 61.97 18.46
CA TYR DC 87 -31.99 62.83 18.33
C TYR DC 87 -32.23 64.15 19.05
N TYR DC 88 -33.40 64.75 18.83
CA TYR DC 88 -33.72 66.00 19.50
C TYR DC 88 -33.81 65.83 21.01
N LEU DC 89 -34.38 64.72 21.46
CA LEU DC 89 -34.50 64.49 22.91
C LEU DC 89 -33.13 64.36 23.55
N ARG DC 90 -32.22 63.63 22.90
CA ARG DC 90 -30.87 63.50 23.43
C ARG DC 90 -30.15 64.84 23.45
N LEU DC 91 -30.37 65.66 22.42
CA LEU DC 91 -29.78 66.99 22.40
C LEU DC 91 -30.32 67.84 23.54
N VAL DC 92 -31.61 67.71 23.84
CA VAL DC 92 -32.20 68.48 24.94
C VAL DC 92 -31.61 68.04 26.27
N THR DC 93 -31.37 66.74 26.45
CA THR DC 93 -30.73 66.28 27.67
C THR DC 93 -29.31 66.82 27.78
N TYR DC 94 -28.55 66.79 26.68
CA TYR DC 94 -27.23 67.40 26.68
C TYR DC 94 -27.31 68.87 27.06
N GLY DC 95 -28.28 69.59 26.49
CA GLY DC 95 -28.41 71.01 26.78
C GLY DC 95 -28.79 71.30 28.22
N ILE DC 96 -29.64 70.44 28.80
CA ILE DC 96 -30.00 70.60 30.21
C ILE DC 96 -28.77 70.43 31.09
N VAL DC 97 -27.92 69.45 30.77
CA VAL DC 97 -26.66 69.30 31.50
C VAL DC 97 -25.78 70.52 31.28
N ALA DC 98 -25.73 71.02 30.05
CA ALA DC 98 -24.85 72.14 29.73
C ALA DC 98 -25.28 73.42 30.43
N GLY DC 99 -26.58 73.61 30.63
CA GLY DC 99 -27.08 74.87 31.15
C GLY DC 99 -27.15 75.98 30.14
N ASP DC 100 -26.95 75.69 28.86
CA ASP DC 100 -26.94 76.72 27.83
C ASP DC 100 -27.45 76.12 26.53
N VAL DC 101 -27.83 77.01 25.61
CA VAL DC 101 -28.27 76.57 24.28
C VAL DC 101 -27.10 76.21 23.38
N THR DC 102 -25.87 76.38 23.85
CA THR DC 102 -24.70 76.08 23.02
C THR DC 102 -24.68 74.65 22.51
N PRO DC 103 -24.98 73.64 23.33
CA PRO DC 103 -24.94 72.27 22.80
C PRO DC 103 -25.92 72.03 21.66
N ILE DC 104 -27.17 72.49 21.81
CA ILE DC 104 -28.19 72.21 20.80
C ILE DC 104 -27.92 73.00 19.53
N GLU DC 105 -27.51 74.26 19.65
CA GLU DC 105 -27.41 75.12 18.49
C GLU DC 105 -26.46 74.54 17.44
N GLU DC 106 -25.35 73.97 17.88
CA GLU DC 106 -24.40 73.36 16.96
C GLU DC 106 -24.90 72.03 16.39
N ILE DC 107 -25.93 71.43 16.96
CA ILE DC 107 -26.42 70.13 16.52
C ILE DC 107 -27.94 70.18 16.47
N GLY DC 108 -28.49 70.35 15.27
CA GLY DC 108 -29.92 70.33 15.07
C GLY DC 108 -30.60 71.68 15.06
N LEU DC 109 -29.88 72.77 15.28
CA LEU DC 109 -30.45 74.10 15.20
C LEU DC 109 -29.71 75.00 14.23
N VAL DC 110 -28.72 74.49 13.51
CA VAL DC 110 -28.01 75.23 12.48
C VAL DC 110 -28.21 74.50 11.16
N GLY DC 111 -28.90 75.15 10.22
CA GLY DC 111 -29.16 74.54 8.93
C GLY DC 111 -30.19 73.44 8.94
N VAL DC 112 -30.88 73.22 10.07
CA VAL DC 112 -31.84 72.13 10.17
C VAL DC 112 -32.98 72.34 9.17
N ARG DC 113 -33.38 73.59 8.96
CA ARG DC 113 -34.43 73.86 7.99
C ARG DC 113 -34.02 73.40 6.60
N GLU DC 114 -32.77 73.67 6.21
CA GLU DC 114 -32.30 73.24 4.89
C GLU DC 114 -32.30 71.72 4.77
N MET DC 115 -31.82 71.02 5.80
CA MET DC 115 -31.77 69.56 5.75
C MET DC 115 -33.18 68.97 5.64
N TYR DC 116 -34.10 69.46 6.47
CA TYR DC 116 -35.45 68.91 6.45
C TYR DC 116 -36.15 69.22 5.14
N ASN DC 117 -35.92 70.40 4.58
CA ASN DC 117 -36.51 70.73 3.28
C ASN DC 117 -35.99 69.80 2.19
N SER DC 118 -34.70 69.45 2.25
CA SER DC 118 -34.13 68.57 1.24
C SER DC 118 -34.75 67.18 1.31
N LEU DC 119 -34.85 66.62 2.51
CA LEU DC 119 -35.42 65.27 2.64
C LEU DC 119 -36.92 65.27 2.35
N GLY DC 120 -37.62 66.35 2.72
CA GLY DC 120 -39.04 66.46 2.47
C GLY DC 120 -39.91 66.44 3.71
N THR DC 121 -39.33 66.20 4.88
CA THR DC 121 -40.11 66.15 6.10
C THR DC 121 -40.65 67.54 6.46
N PRO DC 122 -41.83 67.61 7.07
CA PRO DC 122 -42.46 68.92 7.35
C PRO DC 122 -41.88 69.55 8.60
N ILE DC 123 -41.28 70.74 8.44
CA ILE DC 123 -40.69 71.44 9.58
C ILE DC 123 -41.73 71.78 10.64
N PRO DC 124 -42.91 72.31 10.29
CA PRO DC 124 -43.90 72.61 11.34
C PRO DC 124 -44.31 71.40 12.14
N ALA DC 125 -44.45 70.25 11.49
CA ALA DC 125 -44.84 69.04 12.21
C ALA DC 125 -43.73 68.59 13.15
N VAL DC 126 -42.47 68.73 12.74
CA VAL DC 126 -41.37 68.43 13.64
C VAL DC 126 -41.44 69.32 14.88
N ALA DC 127 -41.72 70.61 14.68
CA ALA DC 127 -41.83 71.52 15.81
C ALA DC 127 -42.94 71.09 16.77
N GLU DC 128 -44.08 70.68 16.23
CA GLU DC 128 -45.17 70.20 17.08
C GLU DC 128 -44.75 68.96 17.86
N GLY DC 129 -43.98 68.08 17.23
CA GLY DC 129 -43.50 66.91 17.95
C GLY DC 129 -42.66 67.28 19.14
N ILE DC 130 -41.78 68.29 18.99
CA ILE DC 130 -40.99 68.76 20.13
C ILE DC 130 -41.90 69.32 21.21
N ARG DC 131 -42.95 70.03 20.83
CA ARG DC 131 -43.90 70.54 21.82
C ARG DC 131 -44.57 69.41 22.58
N ALA DC 132 -44.94 68.34 21.87
CA ALA DC 132 -45.52 67.18 22.54
C ALA DC 132 -44.54 66.58 23.53
N MET DC 133 -43.25 66.54 23.16
CA MET DC 133 -42.23 66.10 24.09
C MET DC 133 -42.18 66.99 25.33
N LYS DC 134 -42.32 68.30 25.14
CA LYS DC 134 -42.29 69.22 26.27
C LYS DC 134 -43.42 68.92 27.25
N ASN DC 135 -44.62 68.67 26.73
CA ASN DC 135 -45.75 68.33 27.59
C ASN DC 135 -45.48 67.02 28.34
N VAL DC 136 -44.97 66.00 27.65
CA VAL DC 136 -44.69 64.73 28.30
C VAL DC 136 -43.63 64.90 29.38
N ALA DC 137 -42.60 65.70 29.09
CA ALA DC 137 -41.53 65.92 30.06
C ALA DC 137 -42.05 66.64 31.30
N CYS DC 138 -42.91 67.64 31.10
CA CYS DC 138 -43.51 68.32 32.25
C CYS DC 138 -44.31 67.34 33.10
N SER DC 139 -45.02 66.41 32.45
CA SER DC 139 -45.75 65.40 33.20
C SER DC 139 -44.80 64.50 33.99
N LEU DC 140 -43.65 64.17 33.41
CA LEU DC 140 -42.74 63.20 34.01
C LEU DC 140 -41.67 63.84 34.88
N LEU DC 141 -41.71 65.15 35.08
CA LEU DC 141 -40.70 65.83 35.89
C LEU DC 141 -41.36 66.66 36.99
N SER DC 142 -40.54 67.09 37.94
CA SER DC 142 -41.01 67.97 39.00
C SER DC 142 -41.33 69.36 38.44
N ALA DC 143 -42.08 70.13 39.22
CA ALA DC 143 -42.65 71.38 38.72
C ALA DC 143 -41.57 72.36 38.27
N GLU DC 144 -40.59 72.63 39.13
CA GLU DC 144 -39.49 73.51 38.72
C GLU DC 144 -38.55 72.81 37.76
N ASP DC 145 -38.39 71.49 37.90
CA ASP DC 145 -37.67 70.72 36.89
C ASP DC 145 -38.35 70.86 35.53
N ALA DC 146 -39.68 70.86 35.52
CA ALA DC 146 -40.42 71.06 34.28
C ALA DC 146 -40.17 72.46 33.71
N ALA DC 147 -40.04 73.46 34.59
CA ALA DC 147 -39.81 74.83 34.11
C ALA DC 147 -38.48 74.95 33.39
N GLU DC 148 -37.41 74.43 33.99
CA GLU DC 148 -36.09 74.51 33.35
C GLU DC 148 -36.04 73.66 32.09
N ALA DC 149 -36.48 72.39 32.19
CA ALA DC 149 -36.52 71.53 31.02
C ALA DC 149 -37.42 72.12 29.94
N GLY DC 150 -38.55 72.71 30.35
CA GLY DC 150 -39.41 73.37 29.39
C GLY DC 150 -38.73 74.53 28.68
N SER DC 151 -37.86 75.25 29.40
CA SER DC 151 -37.16 76.36 28.78
C SER DC 151 -36.21 75.87 27.69
N TYR DC 152 -35.43 74.83 27.97
CA TYR DC 152 -34.53 74.29 26.96
C TYR DC 152 -35.33 73.72 25.78
N PHE DC 153 -36.40 72.97 26.08
CA PHE DC 153 -37.28 72.48 25.02
C PHE DC 153 -37.82 73.63 24.18
N ASP DC 154 -38.19 74.73 24.84
CA ASP DC 154 -38.79 75.86 24.13
C ASP DC 154 -37.81 76.48 23.15
N PHE DC 155 -36.54 76.56 23.52
CA PHE DC 155 -35.56 77.07 22.56
C PHE DC 155 -35.48 76.16 21.34
N VAL DC 156 -35.54 74.84 21.54
CA VAL DC 156 -35.53 73.92 20.42
C VAL DC 156 -36.74 74.18 19.51
N ILE DC 157 -37.92 74.34 20.12
CA ILE DC 157 -39.13 74.57 19.33
C ILE DC 157 -39.01 75.86 18.54
N GLY DC 158 -38.53 76.93 19.18
CA GLY DC 158 -38.34 78.18 18.47
C GLY DC 158 -37.36 78.06 17.32
N ALA DC 159 -36.29 77.28 17.51
CA ALA DC 159 -35.33 77.07 16.44
C ALA DC 159 -35.98 76.43 15.23
N MET DC 160 -36.88 75.46 15.46
CA MET DC 160 -37.57 74.82 14.35
C MET DC 160 -38.38 75.83 13.55
N GLN DC 161 -39.00 76.80 14.23
CA GLN DC 161 -39.77 77.83 13.54
C GLN DC 161 -38.92 78.59 12.51
N MET EC 1 -14.14 76.38 20.22
CA MET EC 1 -13.69 76.13 21.59
C MET EC 1 -14.50 75.00 22.23
N GLN EC 2 -14.10 74.61 23.44
CA GLN EC 2 -14.78 73.54 24.16
C GLN EC 2 -14.64 73.79 25.66
N ASP EC 3 -15.46 73.09 26.42
CA ASP EC 3 -15.40 73.08 27.88
C ASP EC 3 -15.25 71.63 28.33
N ALA EC 4 -15.09 71.44 29.64
CA ALA EC 4 -15.10 70.08 30.17
C ALA EC 4 -16.47 69.44 29.95
N ILE EC 5 -17.53 70.15 30.32
CA ILE EC 5 -18.88 69.65 30.09
C ILE EC 5 -19.16 69.51 28.60
N THR EC 6 -18.77 70.51 27.81
CA THR EC 6 -19.02 70.47 26.38
C THR EC 6 -18.27 69.33 25.71
N ALA EC 7 -17.03 69.08 26.15
CA ALA EC 7 -16.26 68.00 25.56
C ALA EC 7 -16.86 66.63 25.89
N VAL EC 8 -17.33 66.44 27.12
CA VAL EC 8 -18.01 65.19 27.45
C VAL EC 8 -19.28 65.05 26.62
N ILE EC 9 -19.99 66.16 26.42
CA ILE EC 9 -21.19 66.13 25.58
C ILE EC 9 -20.82 65.76 24.14
N ASN EC 10 -19.71 66.32 23.64
CA ASN EC 10 -19.26 65.96 22.30
C ASN EC 10 -18.95 64.47 22.20
N ALA EC 11 -18.25 63.93 23.20
CA ALA EC 11 -17.92 62.51 23.18
C ALA EC 11 -19.17 61.66 23.22
N SER EC 12 -20.15 62.05 24.04
CA SER EC 12 -21.41 61.32 24.10
C SER EC 12 -22.15 61.39 22.77
N ASP EC 13 -22.11 62.55 22.11
CA ASP EC 13 -22.72 62.68 20.79
C ASP EC 13 -22.04 61.79 19.76
N VAL EC 14 -20.70 61.74 19.81
CA VAL EC 14 -19.97 60.83 18.93
C VAL EC 14 -20.42 59.40 19.16
N GLN EC 15 -20.48 58.99 20.42
CA GLN EC 15 -20.95 57.63 20.74
C GLN EC 15 -22.39 57.42 20.30
N GLY EC 16 -23.21 58.48 20.32
CA GLY EC 16 -24.60 58.34 19.96
C GLY EC 16 -25.48 57.79 21.05
N LYS EC 17 -25.11 57.97 22.31
CA LYS EC 17 -25.86 57.42 23.43
C LYS EC 17 -26.10 58.50 24.48
N TYR EC 18 -27.27 58.42 25.12
CA TYR EC 18 -27.64 59.37 26.16
C TYR EC 18 -26.66 59.27 27.32
N LEU EC 19 -26.75 60.25 28.23
CA LEU EC 19 -25.80 60.39 29.32
C LEU EC 19 -25.64 59.08 30.09
N ASP EC 20 -24.40 58.60 30.17
CA ASP EC 20 -24.07 57.40 30.91
C ASP EC 20 -23.64 57.76 32.33
N THR EC 21 -23.43 56.73 33.15
CA THR EC 21 -22.88 56.95 34.49
C THR EC 21 -21.46 57.50 34.41
N ALA EC 22 -20.66 56.98 33.47
CA ALA EC 22 -19.33 57.52 33.25
C ALA EC 22 -19.40 58.99 32.83
N ALA EC 23 -20.32 59.31 31.93
CA ALA EC 23 -20.54 60.71 31.58
C ALA EC 23 -20.91 61.52 32.80
N MET EC 24 -21.76 60.97 33.66
CA MET EC 24 -22.23 61.70 34.83
C MET EC 24 -21.07 62.06 35.75
N GLU EC 25 -20.16 61.12 36.00
CA GLU EC 25 -19.08 61.40 36.94
C GLU EC 25 -18.00 62.28 36.33
N LYS EC 26 -17.75 62.18 35.02
CA LYS EC 26 -16.84 63.13 34.39
C LYS EC 26 -17.38 64.55 34.49
N LEU EC 27 -18.67 64.73 34.18
CA LEU EC 27 -19.30 66.03 34.34
C LEU EC 27 -19.27 66.48 35.80
N LYS EC 28 -19.53 65.55 36.72
CA LYS EC 28 -19.55 65.89 38.13
C LYS EC 28 -18.19 66.33 38.62
N ALA EC 29 -17.12 65.76 38.06
CA ALA EC 29 -15.78 66.23 38.40
C ALA EC 29 -15.61 67.69 38.00
N TYR EC 30 -16.07 68.07 36.81
CA TYR EC 30 -16.03 69.48 36.44
C TYR EC 30 -16.87 70.32 37.37
N PHE EC 31 -18.06 69.84 37.73
CA PHE EC 31 -18.93 70.59 38.62
C PHE EC 31 -18.28 70.84 39.97
N ALA EC 32 -17.59 69.83 40.51
CA ALA EC 32 -16.89 70.01 41.77
C ALA EC 32 -15.72 71.00 41.64
N THR EC 33 -14.98 70.93 40.53
CA THR EC 33 -13.83 71.81 40.36
C THR EC 33 -14.23 73.26 40.17
N GLY EC 34 -15.50 73.54 39.86
CA GLY EC 34 -15.89 74.89 39.47
C GLY EC 34 -15.56 75.94 40.51
N GLU EC 35 -15.75 75.63 41.79
CA GLU EC 35 -15.48 76.61 42.85
C GLU EC 35 -14.02 77.04 42.83
N LEU EC 36 -13.11 76.06 42.82
CA LEU EC 36 -11.69 76.36 42.74
C LEU EC 36 -11.37 77.19 41.51
N ARG EC 37 -11.95 76.80 40.36
CA ARG EC 37 -11.66 77.49 39.11
C ARG EC 37 -12.02 78.97 39.18
N VAL EC 38 -13.24 79.28 39.62
CA VAL EC 38 -13.71 80.65 39.55
C VAL EC 38 -12.96 81.54 40.54
N ARG EC 39 -12.67 81.03 41.74
CA ARG EC 39 -11.89 81.80 42.69
C ARG EC 39 -10.52 82.13 42.13
N ALA EC 40 -9.86 81.13 41.51
CA ALA EC 40 -8.55 81.36 40.93
C ALA EC 40 -8.63 82.36 39.78
N ALA EC 41 -9.69 82.31 38.99
CA ALA EC 41 -9.82 83.23 37.87
C ALA EC 41 -9.90 84.67 38.35
N SER EC 42 -10.66 84.91 39.42
CA SER EC 42 -10.72 86.26 39.98
C SER EC 42 -9.35 86.72 40.46
N VAL EC 43 -8.60 85.85 41.13
CA VAL EC 43 -7.27 86.20 41.58
C VAL EC 43 -6.36 86.51 40.39
N ILE EC 44 -6.45 85.70 39.34
CA ILE EC 44 -5.60 85.88 38.17
C ILE EC 44 -5.86 87.22 37.51
N SER EC 45 -7.12 87.59 37.36
CA SER EC 45 -7.44 88.89 36.78
C SER EC 45 -6.93 90.03 37.66
N ALA EC 46 -7.07 89.89 38.97
CA ALA EC 46 -6.65 90.96 39.88
C ALA EC 46 -5.15 91.20 39.79
N ASN EC 47 -4.34 90.13 39.74
CA ASN EC 47 -2.89 90.24 39.75
C ASN EC 47 -2.28 89.91 38.39
N ALA EC 48 -3.03 90.13 37.31
CA ALA EC 48 -2.56 89.75 35.98
C ALA EC 48 -1.32 90.55 35.58
N ALA EC 49 -1.39 91.88 35.69
CA ALA EC 49 -0.25 92.71 35.30
C ALA EC 49 0.96 92.42 36.15
N ASN EC 50 0.76 92.28 37.47
CA ASN EC 50 1.86 91.93 38.35
C ASN EC 50 2.47 90.58 37.99
N ILE EC 51 1.64 89.63 37.53
CA ILE EC 51 2.14 88.31 37.16
C ILE EC 51 3.11 88.43 35.99
N VAL EC 52 2.75 89.20 34.97
CA VAL EC 52 3.63 89.41 33.83
C VAL EC 52 4.94 90.04 34.28
N LYS EC 53 4.85 91.09 35.09
CA LYS EC 53 6.05 91.79 35.53
C LYS EC 53 6.97 90.84 36.30
N GLU EC 54 6.40 90.05 37.21
CA GLU EC 54 7.20 89.12 38.00
C GLU EC 54 7.86 88.08 37.12
N ALA EC 55 7.14 87.56 36.12
CA ALA EC 55 7.68 86.50 35.28
C ALA EC 55 8.88 86.97 34.49
N VAL EC 56 8.77 88.13 33.84
CA VAL EC 56 9.89 88.61 33.02
C VAL EC 56 11.07 89.00 33.90
N ALA EC 57 10.79 89.55 35.09
CA ALA EC 57 11.88 89.87 36.02
C ALA EC 57 12.61 88.60 36.43
N LYS EC 58 11.87 87.52 36.68
CA LYS EC 58 12.49 86.27 37.09
C LYS EC 58 13.28 85.62 35.96
N SER EC 59 12.85 85.81 34.71
CA SER EC 59 13.42 85.04 33.60
C SER EC 59 14.27 85.88 32.65
N LEU EC 60 13.70 86.91 32.02
CA LEU EC 60 14.36 87.57 30.90
C LEU EC 60 14.86 88.98 31.20
N LEU EC 61 14.42 89.60 32.29
CA LEU EC 61 14.90 90.92 32.62
C LEU EC 61 16.33 90.87 33.13
N TYR EC 62 17.04 91.98 32.97
CA TYR EC 62 18.45 92.10 33.36
C TYR EC 62 19.29 90.98 32.75
N SER EC 63 19.11 90.78 31.45
CA SER EC 63 19.83 89.75 30.71
C SER EC 63 20.21 90.29 29.35
N ASP EC 64 20.94 89.48 28.59
CA ASP EC 64 21.36 89.90 27.25
C ASP EC 64 20.18 90.13 26.34
N ILE EC 65 19.07 89.42 26.54
CA ILE EC 65 17.87 89.64 25.75
C ILE EC 65 17.38 91.07 25.92
N THR EC 66 17.43 91.58 27.15
CA THR EC 66 17.08 92.98 27.37
C THR EC 66 18.17 93.92 26.88
N ARG EC 67 19.42 93.48 26.92
CA ARG EC 67 20.55 94.29 26.48
C ARG EC 67 20.55 94.40 24.95
N PRO EC 68 21.26 95.39 24.39
CA PRO EC 68 21.09 95.70 22.96
C PRO EC 68 21.30 94.48 22.06
N GLY EC 69 20.43 94.36 21.07
CA GLY EC 69 20.50 93.27 20.13
C GLY EC 69 20.00 91.93 20.65
N GLY EC 70 19.02 91.94 21.55
CA GLY EC 70 18.56 90.71 22.15
C GLY EC 70 17.11 90.35 21.88
N MET EC 72 14.62 92.00 22.53
CA MET EC 72 13.76 92.71 23.46
C MET EC 72 14.36 94.07 23.79
N TYR EC 73 15.42 94.43 23.08
CA TYR EC 73 16.18 95.65 23.36
C TYR EC 73 15.67 96.86 22.57
N THR EC 74 14.38 97.10 22.64
CA THR EC 74 13.76 98.32 22.12
C THR EC 74 12.51 98.55 22.94
N THR EC 75 12.05 99.81 22.96
CA THR EC 75 10.79 100.09 23.63
C THR EC 75 9.64 99.34 22.95
N ARG EC 76 9.61 99.37 21.62
CA ARG EC 76 8.58 98.65 20.87
C ARG EC 76 8.71 97.15 21.07
N ARG EC 77 9.94 96.62 20.97
CA ARG EC 77 10.13 95.18 21.14
C ARG EC 77 9.73 94.74 22.54
N TYR EC 78 10.13 95.50 23.55
CA TYR EC 78 9.79 95.16 24.92
C TYR EC 78 8.28 95.17 25.12
N ALA EC 79 7.60 96.18 24.58
CA ALA EC 79 6.15 96.22 24.67
C ALA EC 79 5.50 95.03 23.98
N ALA EC 80 6.04 94.65 22.81
CA ALA EC 80 5.50 93.50 22.10
C ALA EC 80 5.69 92.22 22.90
N CYS EC 81 6.84 92.05 23.54
CA CYS EC 81 7.08 90.86 24.34
C CYS EC 81 6.10 90.78 25.50
N ILE EC 82 5.89 91.89 26.20
CA ILE EC 82 4.91 91.92 27.28
C ILE EC 82 3.52 91.63 26.74
N ARG EC 83 3.21 92.15 25.56
CA ARG EC 83 1.89 91.93 24.97
C ARG EC 83 1.64 90.46 24.68
N ASP EC 84 2.61 89.80 24.03
CA ASP EC 84 2.43 88.39 23.70
C ASP EC 84 2.31 87.54 24.97
N LEU EC 85 3.09 87.87 26.00
CA LEU EC 85 2.97 87.16 27.27
C LEU EC 85 1.60 87.35 27.87
N ASP EC 86 1.05 88.57 27.80
CA ASP EC 86 -0.29 88.81 28.32
C ASP EC 86 -1.34 88.06 27.51
N TYR EC 87 -1.16 87.99 26.19
CA TYR EC 87 -2.05 87.20 25.34
C TYR EC 87 -2.08 85.75 25.78
N TYR EC 88 -0.91 85.15 25.97
CA TYR EC 88 -0.84 83.77 26.43
C TYR EC 88 -1.49 83.61 27.81
N LEU EC 89 -1.23 84.56 28.71
CA LEU EC 89 -1.79 84.45 30.06
C LEU EC 89 -3.32 84.53 30.03
N ARG EC 90 -3.88 85.46 29.25
CA ARG EC 90 -5.32 85.62 29.22
C ARG EC 90 -6.00 84.39 28.62
N TYR EC 91 -5.49 83.90 27.49
CA TYR EC 91 -6.08 82.70 26.91
C TYR EC 91 -5.90 81.49 27.82
N ALA EC 92 -4.78 81.42 28.54
CA ALA EC 92 -4.58 80.32 29.47
C ALA EC 92 -5.56 80.38 30.63
N THR EC 93 -5.85 81.58 31.13
CA THR EC 93 -6.84 81.72 32.21
C THR EC 93 -8.22 81.30 31.71
N TYR EC 94 -8.60 81.75 30.51
CA TYR EC 94 -9.81 81.25 29.86
C TYR EC 94 -9.82 79.73 29.87
N ALA EC 95 -8.74 79.13 29.35
CA ALA EC 95 -8.70 77.69 29.15
C ALA EC 95 -8.75 76.95 30.48
N MET EC 96 -8.12 77.50 31.51
CA MET EC 96 -8.18 76.87 32.83
C MET EC 96 -9.62 76.80 33.32
N LEU EC 97 -10.37 77.89 33.19
CA LEU EC 97 -11.78 77.86 33.56
C LEU EC 97 -12.55 76.88 32.70
N ALA EC 98 -12.25 76.85 31.39
CA ALA EC 98 -12.99 75.97 30.49
C ALA EC 98 -12.73 74.50 30.79
N GLY EC 99 -11.51 74.17 31.21
CA GLY EC 99 -11.15 72.80 31.49
C GLY EC 99 -10.64 72.01 30.31
N ASP EC 100 -10.64 72.59 29.11
CA ASP EC 100 -10.20 71.89 27.92
C ASP EC 100 -9.17 72.72 27.16
N PRO EC 101 -8.26 72.06 26.45
CA PRO EC 101 -7.23 72.77 25.69
C PRO EC 101 -7.65 73.21 24.29
N SER EC 102 -8.93 73.04 23.94
CA SER EC 102 -9.38 73.40 22.60
C SER EC 102 -9.24 74.89 22.35
N ILE EC 103 -9.51 75.72 23.35
CA ILE EC 103 -9.39 77.17 23.19
C ILE EC 103 -7.95 77.55 22.86
N LEU EC 104 -7.00 76.99 23.62
CA LEU EC 104 -5.60 77.29 23.39
C LEU EC 104 -5.15 76.81 22.02
N ASP EC 105 -5.59 75.62 21.61
CA ASP EC 105 -5.24 75.11 20.29
C ASP EC 105 -5.84 75.98 19.19
N GLU EC 106 -7.09 76.40 19.35
CA GLU EC 106 -7.77 77.11 18.28
C GLU EC 106 -7.21 78.52 18.08
N ARG EC 107 -6.92 79.22 19.17
CA ARG EC 107 -6.51 80.62 19.08
C ARG EC 107 -5.06 80.84 19.46
N VAL EC 108 -4.63 80.35 20.63
CA VAL EC 108 -3.33 80.73 21.16
C VAL EC 108 -2.19 80.11 20.35
N LEU EC 109 -2.32 78.85 19.96
CA LEU EC 109 -1.20 78.09 19.42
C LEU EC 109 -1.33 77.81 17.92
N ASN EC 110 -2.01 78.68 17.18
CA ASN EC 110 -2.24 78.49 15.75
C ASN EC 110 -1.21 79.31 14.98
N GLY EC 111 -0.23 78.63 14.38
CA GLY EC 111 0.80 79.27 13.60
C GLY EC 111 1.78 80.11 14.39
N LEU EC 112 1.67 80.10 15.73
CA LEU EC 112 2.50 80.97 16.55
C LEU EC 112 3.98 80.61 16.42
N LYS EC 113 4.30 79.32 16.41
CA LYS EC 113 5.69 78.91 16.33
C LYS EC 113 6.32 79.35 15.01
N GLU EC 114 5.61 79.16 13.90
CA GLU EC 114 6.15 79.57 12.61
C GLU EC 114 6.36 81.07 12.55
N THR EC 115 5.39 81.85 13.04
CA THR EC 115 5.55 83.31 13.04
C THR EC 115 6.72 83.73 13.90
N TYR EC 116 6.86 83.13 15.09
CA TYR EC 116 7.98 83.44 15.96
C TYR EC 116 9.31 83.11 15.28
N ASN EC 117 9.37 81.96 14.62
CA ASN EC 117 10.60 81.56 13.94
C ASN EC 117 10.99 82.56 12.86
N SER EC 118 10.06 82.90 11.98
CA SER EC 118 10.36 83.80 10.88
C SER EC 118 10.79 85.16 11.40
N LEU EC 119 10.17 85.63 12.48
CA LEU EC 119 10.59 86.88 13.09
C LEU EC 119 12.00 86.76 13.66
N GLY EC 120 12.33 85.60 14.24
CA GLY EC 120 13.59 85.41 14.91
C GLY EC 120 13.51 85.46 16.42
N VAL EC 121 12.31 85.64 16.97
CA VAL EC 121 12.16 85.63 18.43
C VAL EC 121 12.43 84.22 18.95
N PRO EC 122 13.17 84.06 20.05
CA PRO EC 122 13.58 82.73 20.51
C PRO EC 122 12.43 81.96 21.14
N ILE EC 123 12.13 80.79 20.57
CA ILE EC 123 11.11 79.92 21.13
C ILE EC 123 11.51 79.46 22.53
N ALA EC 124 12.79 79.15 22.72
CA ALA EC 124 13.27 78.72 24.03
C ALA EC 124 13.11 79.82 25.07
N ALA EC 125 13.41 81.07 24.69
CA ALA EC 125 13.23 82.18 25.61
C ALA EC 125 11.77 82.33 26.01
N THR EC 126 10.86 82.19 25.05
CA THR EC 126 9.44 82.25 25.37
C THR EC 126 9.04 81.10 26.29
N VAL EC 127 9.57 79.90 26.07
CA VAL EC 127 9.22 78.76 26.90
C VAL EC 127 9.69 78.97 28.33
N GLN EC 128 10.91 79.47 28.50
CA GLN EC 128 11.41 79.76 29.85
C GLN EC 128 10.54 80.81 30.54
N ALA EC 129 10.15 81.85 29.80
CA ALA EC 129 9.29 82.87 30.37
C ALA EC 129 7.94 82.31 30.77
N ILE EC 130 7.39 81.42 29.94
CA ILE EC 130 6.08 80.83 30.25
C ILE EC 130 6.16 79.98 31.52
N GLN EC 131 7.24 79.23 31.69
CA GLN EC 131 7.40 78.45 32.92
C GLN EC 131 7.53 79.36 34.14
N ALA EC 132 8.25 80.47 34.00
CA ALA EC 132 8.35 81.43 35.10
C ALA EC 132 6.98 82.02 35.43
N MET EC 133 6.19 82.35 34.40
CA MET EC 133 4.85 82.84 34.64
C MET EC 133 3.99 81.78 35.31
N LYS EC 134 4.18 80.51 34.96
CA LYS EC 134 3.44 79.43 35.60
C LYS EC 134 3.77 79.36 37.09
N GLU EC 135 5.05 79.52 37.45
CA GLU EC 135 5.43 79.51 38.85
C GLU EC 135 4.78 80.66 39.61
N VAL EC 136 4.84 81.87 39.05
CA VAL EC 136 4.23 83.01 39.71
C VAL EC 136 2.72 82.82 39.84
N THR EC 137 2.09 82.32 38.78
CA THR EC 137 0.64 82.12 38.80
C THR EC 137 0.22 81.08 39.82
N ALA EC 138 0.97 79.98 39.91
CA ALA EC 138 0.65 78.95 40.90
C ALA EC 138 0.73 79.51 42.31
N SER EC 139 1.77 80.29 42.59
CA SER EC 139 1.90 80.91 43.90
C SER EC 139 0.69 81.79 44.21
N LEU EC 140 0.29 82.64 43.26
CA LEU EC 140 -0.81 83.55 43.52
C LEU EC 140 -2.14 82.82 43.65
N VAL EC 141 -2.39 81.85 42.78
CA VAL EC 141 -3.70 81.22 42.73
C VAL EC 141 -3.92 80.27 43.90
N GLY EC 142 -2.88 79.53 44.30
CA GLY EC 142 -3.01 78.49 45.30
C GLY EC 142 -2.62 77.14 44.75
N ALA EC 143 -2.46 76.20 45.69
CA ALA EC 143 -1.89 74.89 45.33
C ALA EC 143 -2.79 74.14 44.37
N ASP EC 144 -4.08 73.98 44.71
CA ASP EC 144 -4.98 73.25 43.83
C ASP EC 144 -5.16 73.97 42.50
N ALA EC 145 -5.32 75.30 42.55
CA ALA EC 145 -5.46 76.07 41.33
C ALA EC 145 -4.18 76.06 40.51
N GLY EC 146 -3.03 76.08 41.18
CA GLY EC 146 -1.76 76.05 40.47
C GLY EC 146 -1.57 74.80 39.65
N LYS EC 147 -2.07 73.65 40.14
CA LYS EC 147 -1.94 72.41 39.40
C LYS EC 147 -2.70 72.48 38.08
N GLU EC 148 -3.91 73.02 38.09
CA GLU EC 148 -4.70 73.13 36.87
C GLU EC 148 -4.09 74.18 35.93
N MET EC 149 -3.75 75.35 36.48
CA MET EC 149 -3.13 76.39 35.67
C MET EC 149 -1.83 75.88 35.06
N GLY EC 150 -1.11 75.02 35.77
CA GLY EC 150 0.09 74.43 35.22
C GLY EC 150 -0.19 73.60 33.97
N ILE EC 151 -1.29 72.83 33.99
CA ILE EC 151 -1.62 72.00 32.84
C ILE EC 151 -1.90 72.85 31.62
N TYR EC 152 -2.73 73.89 31.78
CA TYR EC 152 -3.07 74.74 30.64
C TYR EC 152 -1.85 75.48 30.11
N PHE EC 153 -1.09 76.13 31.00
CA PHE EC 153 0.11 76.82 30.58
C PHE EC 153 1.12 75.85 29.96
N ASP EC 154 1.16 74.61 30.43
CA ASP EC 154 2.04 73.62 29.84
C ASP EC 154 1.67 73.35 28.39
N TYR EC 155 0.37 73.31 28.10
CA TYR EC 155 -0.05 73.15 26.71
C TYR EC 155 0.48 74.28 25.84
N ILE EC 156 0.39 75.52 26.33
CA ILE EC 156 0.86 76.65 25.53
C ILE EC 156 2.36 76.57 25.31
N CYS EC 157 3.12 76.31 26.38
CA CYS EC 157 4.58 76.25 26.24
C CYS EC 157 5.00 75.12 25.32
N SER EC 158 4.41 73.94 25.48
CA SER EC 158 4.77 72.80 24.64
C SER EC 158 4.43 73.06 23.18
N GLY EC 159 3.27 73.65 22.91
CA GLY EC 159 2.91 73.97 21.54
C GLY EC 159 3.85 74.99 20.91
N LEU EC 160 4.28 75.98 21.69
CA LEU EC 160 5.23 76.97 21.20
C LEU EC 160 6.55 76.31 20.85
N SER EC 161 7.02 75.39 21.69
CA SER EC 161 8.26 74.67 21.42
C SER EC 161 7.97 73.26 20.91
N SER FC 2 1.68 125.53 -1.23
CA SER FC 2 3.12 125.71 -1.02
C SER FC 2 3.76 124.45 -0.49
N VAL FC 3 5.10 124.42 -0.50
CA VAL FC 3 5.81 123.29 0.09
C VAL FC 3 5.51 123.17 1.57
N VAL FC 4 5.45 124.32 2.26
CA VAL FC 4 5.07 124.33 3.67
C VAL FC 4 3.66 123.81 3.83
N THR FC 5 2.77 124.15 2.89
CA THR FC 5 1.39 123.68 2.97
C THR FC 5 1.33 122.16 2.82
N LYS FC 6 2.12 121.59 1.90
CA LYS FC 6 2.15 120.14 1.75
C LYS FC 6 2.67 119.47 3.02
N SER FC 7 3.71 120.03 3.62
CA SER FC 7 4.20 119.50 4.89
C SER FC 7 3.13 119.61 5.96
N ILE FC 8 2.37 120.70 5.95
CA ILE FC 8 1.30 120.88 6.93
C ILE FC 8 0.22 119.82 6.75
N VAL FC 9 -0.09 119.48 5.50
CA VAL FC 9 -1.09 118.45 5.23
C VAL FC 9 -0.63 117.11 5.79
N ASN FC 10 0.65 116.76 5.57
CA ASN FC 10 1.18 115.52 6.13
C ASN FC 10 1.13 115.57 7.66
N ALA FC 11 1.48 116.70 8.25
CA ALA FC 11 1.45 116.83 9.71
C ALA FC 11 0.03 116.69 10.24
N ASP FC 12 -0.95 117.25 9.52
CA ASP FC 12 -2.34 117.11 9.95
C ASP FC 12 -2.80 115.66 9.90
N ALA FC 13 -2.40 114.92 8.86
CA ALA FC 13 -2.73 113.51 8.79
C ALA FC 13 -2.12 112.76 9.97
N GLU FC 14 -0.87 113.09 10.32
CA GLU FC 14 -0.27 112.53 11.52
C GLU FC 14 -0.95 113.03 12.80
N ALA FC 15 -1.68 114.15 12.71
CA ALA FC 15 -2.33 114.79 13.86
C ALA FC 15 -1.32 115.20 14.92
N ARG FC 16 -0.11 115.54 14.50
CA ARG FC 16 0.94 116.01 15.40
C ARG FC 16 1.53 117.29 14.85
N TYR FC 17 2.16 118.06 15.74
CA TYR FC 17 2.80 119.30 15.33
C TYR FC 17 3.91 119.02 14.32
N LEU FC 18 4.22 120.05 13.53
CA LEU FC 18 5.12 119.88 12.40
C LEU FC 18 6.47 119.34 12.84
N SER FC 19 7.02 118.42 12.03
CA SER FC 19 8.25 117.74 12.40
C SER FC 19 9.41 118.73 12.49
N PRO FC 20 10.39 118.45 13.34
CA PRO FC 20 11.54 119.38 13.45
C PRO FC 20 12.27 119.60 12.14
N GLY FC 21 12.56 118.51 11.41
CA GLY FC 21 13.21 118.67 10.12
C GLY FC 21 12.32 119.37 9.11
N GLU FC 22 11.01 119.11 9.15
CA GLU FC 22 10.09 119.78 8.25
C GLU FC 22 10.06 121.28 8.51
N LEU FC 23 10.05 121.68 9.77
CA LEU FC 23 10.10 123.10 10.11
C LEU FC 23 11.40 123.73 9.64
N ASP FC 24 12.52 123.01 9.79
CA ASP FC 24 13.79 123.53 9.28
C ASP FC 24 13.75 123.70 7.77
N ARG FC 25 13.13 122.76 7.06
CA ARG FC 25 12.99 122.89 5.61
C ARG FC 25 12.14 124.11 5.26
N ILE FC 26 11.09 124.36 6.04
CA ILE FC 26 10.25 125.54 5.81
C ILE FC 26 11.06 126.81 5.99
N LYS FC 27 11.91 126.85 7.02
CA LYS FC 27 12.77 128.01 7.23
C LYS FC 27 13.71 128.21 6.06
N ASN FC 28 14.27 127.11 5.54
CA ASN FC 28 15.11 127.19 4.34
C ASN FC 28 14.32 127.74 3.16
N PHE FC 29 13.04 127.35 3.04
CA PHE FC 29 12.21 127.88 1.98
C PHE FC 29 11.99 129.38 2.16
N VAL FC 30 11.86 129.83 3.41
CA VAL FC 30 11.71 131.27 3.67
C VAL FC 30 12.93 132.02 3.16
N SER FC 31 14.13 131.48 3.42
CA SER FC 31 15.34 132.10 2.88
C SER FC 31 15.36 132.03 1.36
N THR FC 32 14.94 130.90 0.79
CA THR FC 32 14.97 130.70 -0.66
C THR FC 32 13.92 131.53 -1.40
N GLY FC 33 12.96 132.12 -0.68
CA GLY FC 33 11.91 132.86 -1.35
C GLY FC 33 12.42 134.04 -2.15
N GLU FC 34 13.43 134.74 -1.63
CA GLU FC 34 13.98 135.88 -2.35
C GLU FC 34 14.62 135.46 -3.67
N ARG FC 35 15.42 134.38 -3.65
CA ARG FC 35 16.00 133.88 -4.88
C ARG FC 35 14.92 133.41 -5.84
N ARG FC 36 13.88 132.75 -5.32
CA ARG FC 36 12.77 132.32 -6.17
C ARG FC 36 12.09 133.51 -6.82
N LEU FC 37 11.87 134.58 -6.06
CA LEU FC 37 11.21 135.76 -6.61
C LEU FC 37 12.05 136.43 -7.69
N ARG FC 38 13.35 136.58 -7.44
CA ARG FC 38 14.21 137.23 -8.44
C ARG FC 38 14.28 136.41 -9.71
N ILE FC 39 14.46 135.09 -9.59
CA ILE FC 39 14.50 134.23 -10.76
C ILE FC 39 13.18 134.27 -11.50
N ALA FC 40 12.07 134.25 -10.77
CA ALA FC 40 10.76 134.30 -11.40
C ALA FC 40 10.55 135.62 -12.14
N GLN FC 41 11.04 136.72 -11.57
CA GLN FC 41 10.93 138.02 -12.25
C GLN FC 41 11.69 138.01 -13.56
N THR FC 42 12.91 137.44 -13.56
CA THR FC 42 13.66 137.32 -14.81
C THR FC 42 12.92 136.45 -15.82
N LEU FC 43 12.35 135.34 -15.36
CA LEU FC 43 11.60 134.47 -16.26
C LEU FC 43 10.39 135.18 -16.86
N THR FC 44 9.67 135.94 -16.03
CA THR FC 44 8.52 136.69 -16.53
C THR FC 44 8.95 137.76 -17.54
N GLU FC 45 10.08 138.42 -17.29
CA GLU FC 45 10.56 139.44 -18.20
C GLU FC 45 10.89 138.85 -19.58
N ASN FC 46 11.51 137.67 -19.61
CA ASN FC 46 11.90 137.04 -20.86
C ASN FC 46 10.88 136.00 -21.32
N ARG FC 47 9.68 135.98 -20.73
CA ARG FC 47 8.71 134.94 -21.04
C ARG FC 47 8.28 134.99 -22.50
N GLU FC 48 7.98 136.19 -23.01
CA GLU FC 48 7.47 136.30 -24.38
C GLU FC 48 8.53 135.86 -25.39
N ARG FC 49 9.77 136.33 -25.21
CA ARG FC 49 10.84 135.96 -26.14
C ARG FC 49 11.12 134.47 -26.10
N ILE FC 50 11.14 133.88 -24.90
CA ILE FC 50 11.35 132.45 -24.78
C ILE FC 50 10.22 131.68 -25.45
N VAL FC 51 8.99 132.18 -25.33
CA VAL FC 51 7.86 131.53 -25.97
C VAL FC 51 8.01 131.54 -27.48
N LYS FC 52 8.43 132.67 -28.06
CA LYS FC 52 8.61 132.75 -29.50
C LYS FC 52 9.70 131.80 -29.97
N GLN FC 53 10.84 131.78 -29.28
CA GLN FC 53 11.94 130.91 -29.66
C GLN FC 53 11.54 129.44 -29.56
N ALA FC 54 10.85 129.08 -28.47
CA ALA FC 54 10.40 127.70 -28.30
C ALA FC 54 9.40 127.32 -29.37
N GLY FC 55 8.53 128.24 -29.75
CA GLY FC 55 7.58 127.95 -30.82
C GLY FC 55 8.25 127.67 -32.15
N ASP FC 56 9.29 128.44 -32.48
CA ASP FC 56 10.04 128.18 -33.70
C ASP FC 56 10.72 126.82 -33.63
N GLN FC 57 11.33 126.49 -32.49
CA GLN FC 57 11.97 125.18 -32.34
C GLN FC 57 10.95 124.05 -32.45
N LEU FC 58 9.76 124.23 -31.86
CA LEU FC 58 8.73 123.21 -31.95
C LEU FC 58 8.24 123.03 -33.38
N PHE FC 59 8.09 124.14 -34.12
CA PHE FC 59 7.70 124.03 -35.52
C PHE FC 59 8.74 123.28 -36.33
N GLN FC 60 10.02 123.52 -36.05
CA GLN FC 60 11.07 122.75 -36.71
C GLN FC 60 10.98 121.28 -36.35
N LYS FC 61 10.71 120.98 -35.08
CA LYS FC 61 10.63 119.58 -34.64
C LYS FC 61 9.46 118.85 -35.28
N ARG FC 62 8.32 119.54 -35.43
CA ARG FC 62 7.09 118.92 -35.92
C ARG FC 62 6.52 119.75 -37.07
N PRO FC 63 7.20 119.75 -38.22
CA PRO FC 63 6.63 120.44 -39.39
C PRO FC 63 5.30 119.87 -39.84
N ASP FC 64 5.09 118.57 -39.69
CA ASP FC 64 3.83 117.95 -40.13
C ASP FC 64 2.65 118.47 -39.32
N VAL FC 65 2.85 118.65 -38.02
CA VAL FC 65 1.77 119.19 -37.17
C VAL FC 65 1.40 120.59 -37.63
N VAL FC 66 2.41 121.42 -37.90
CA VAL FC 66 2.14 122.78 -38.39
C VAL FC 66 1.52 122.73 -39.78
N SER FC 67 1.95 121.77 -40.61
CA SER FC 67 1.48 121.66 -41.98
C SER FC 67 0.07 121.10 -42.03
N PRO FC 68 -0.59 121.19 -43.20
CA PRO FC 68 -1.92 120.60 -43.34
C PRO FC 68 -1.88 119.11 -43.08
N GLY FC 69 -2.97 118.59 -42.51
CA GLY FC 69 -2.99 117.24 -42.00
C GLY FC 69 -2.41 117.08 -40.62
N GLY FC 70 -2.19 118.19 -39.90
CA GLY FC 70 -1.69 118.14 -38.54
C GLY FC 70 -2.60 118.91 -37.60
N ASN FC 71 -2.31 118.77 -36.31
CA ASN FC 71 -3.13 119.42 -35.29
C ASN FC 71 -3.05 120.94 -35.41
N ALA FC 72 -1.86 121.48 -35.67
CA ALA FC 72 -1.67 122.91 -35.80
C ALA FC 72 -1.84 123.41 -37.23
N TYR FC 73 -2.39 122.58 -38.12
CA TYR FC 73 -2.62 122.98 -39.50
C TYR FC 73 -3.51 124.21 -39.55
N GLY FC 74 -3.07 125.22 -40.27
CA GLY FC 74 -3.84 126.45 -40.31
C GLY FC 74 -3.42 127.44 -39.25
N GLU FC 75 -3.63 128.72 -39.55
CA GLU FC 75 -3.23 129.77 -38.63
C GLU FC 75 -4.00 129.69 -37.32
N GLU FC 76 -5.30 129.41 -37.40
CA GLU FC 76 -6.13 129.36 -36.19
C GLU FC 76 -5.70 128.22 -35.27
N MET FC 77 -5.49 127.03 -35.84
CA MET FC 77 -5.05 125.90 -35.03
C MET FC 77 -3.67 126.15 -34.44
N THR FC 78 -2.76 126.73 -35.22
CA THR FC 78 -1.43 127.04 -34.69
C THR FC 78 -1.51 128.07 -33.58
N ALA FC 79 -2.40 129.06 -33.72
CA ALA FC 79 -2.56 130.07 -32.69
C ALA FC 79 -3.11 129.47 -31.40
N THR FC 80 -4.07 128.55 -31.51
CA THR FC 80 -4.58 127.86 -30.33
C THR FC 80 -3.48 127.02 -29.68
N CYS FC 81 -2.65 126.38 -30.50
CA CYS FC 81 -1.51 125.63 -29.98
C CYS FC 81 -0.57 126.55 -29.20
N LEU FC 82 -0.27 127.72 -29.77
CA LEU FC 82 0.61 128.66 -29.10
C LEU FC 82 0.00 129.17 -27.80
N ARG FC 83 -1.32 129.41 -27.79
CA ARG FC 83 -1.98 129.87 -26.58
C ARG FC 83 -1.91 128.81 -25.49
N ASP FC 84 -2.10 127.54 -25.84
CA ASP FC 84 -1.96 126.47 -24.87
C ASP FC 84 -0.54 126.40 -24.34
N LEU FC 85 0.46 126.53 -25.23
CA LEU FC 85 1.85 126.51 -24.79
C LEU FC 85 2.14 127.67 -23.84
N ASP FC 86 1.63 128.86 -24.15
CA ASP FC 86 1.86 130.02 -23.30
C ASP FC 86 1.15 129.89 -21.96
N TYR FC 87 -0.06 129.34 -21.96
CA TYR FC 87 -0.77 129.12 -20.71
C TYR FC 87 -0.02 128.13 -19.83
N TYR FC 88 0.52 127.06 -20.41
CA TYR FC 88 1.33 126.13 -19.64
C TYR FC 88 2.59 126.80 -19.12
N LEU FC 89 3.20 127.67 -19.94
CA LEU FC 89 4.39 128.39 -19.48
C LEU FC 89 4.08 129.31 -18.31
N ARG FC 90 2.95 130.02 -18.37
CA ARG FC 90 2.55 130.86 -17.25
C ARG FC 90 2.27 130.04 -16.01
N LEU FC 91 1.63 128.88 -16.17
CA LEU FC 91 1.40 127.99 -15.04
C LEU FC 91 2.72 127.50 -14.47
N VAL FC 92 3.70 127.22 -15.33
CA VAL FC 92 5.01 126.80 -14.86
C VAL FC 92 5.67 127.89 -14.04
N THR FC 93 5.55 129.15 -14.50
CA THR FC 93 6.09 130.26 -13.73
C THR FC 93 5.41 130.38 -12.38
N TYR FC 94 4.09 130.22 -12.34
CA TYR FC 94 3.37 130.27 -11.07
C TYR FC 94 3.82 129.16 -10.14
N GLY FC 95 3.99 127.94 -10.67
CA GLY FC 95 4.44 126.84 -9.83
C GLY FC 95 5.84 127.05 -9.31
N ILE FC 96 6.75 127.56 -10.14
CA ILE FC 96 8.11 127.83 -9.70
C ILE FC 96 8.12 128.88 -8.60
N VAL FC 97 7.31 129.94 -8.77
CA VAL FC 97 7.23 130.99 -7.75
C VAL FC 97 6.70 130.42 -6.45
N ALA FC 98 5.66 129.58 -6.53
CA ALA FC 98 5.12 128.96 -5.32
C ALA FC 98 6.13 128.05 -4.65
N GLY FC 99 6.97 127.38 -5.44
CA GLY FC 99 7.89 126.40 -4.91
C GLY FC 99 7.30 125.03 -4.67
N ASP FC 100 6.03 124.83 -5.01
CA ASP FC 100 5.35 123.55 -4.84
C ASP FC 100 4.96 123.01 -6.20
N VAL FC 101 5.48 121.84 -6.56
CA VAL FC 101 5.07 121.19 -7.80
C VAL FC 101 3.63 120.74 -7.71
N THR FC 102 3.18 120.35 -6.52
CA THR FC 102 1.79 119.94 -6.34
C THR FC 102 0.79 121.01 -6.74
N PRO FC 103 0.98 122.29 -6.39
CA PRO FC 103 0.01 123.30 -6.85
C PRO FC 103 -0.11 123.37 -8.36
N ILE FC 104 1.01 123.29 -9.08
CA ILE FC 104 0.97 123.30 -10.54
C ILE FC 104 0.24 122.07 -11.05
N GLU FC 105 0.51 120.91 -10.46
CA GLU FC 105 -0.15 119.69 -10.89
C GLU FC 105 -1.66 119.76 -10.68
N GLU FC 106 -2.09 120.35 -9.56
CA GLU FC 106 -3.51 120.49 -9.31
C GLU FC 106 -4.16 121.45 -10.31
N ILE FC 107 -3.50 122.57 -10.60
CA ILE FC 107 -4.08 123.55 -11.52
C ILE FC 107 -4.19 122.96 -12.92
N GLY FC 108 -3.13 122.30 -13.39
CA GLY FC 108 -3.11 121.72 -14.72
C GLY FC 108 -2.16 120.55 -14.75
N LEU FC 109 -2.13 119.88 -15.90
CA LEU FC 109 -1.36 118.65 -16.16
C LEU FC 109 -1.96 117.43 -15.46
N VAL FC 110 -3.17 117.55 -14.91
CA VAL FC 110 -3.91 116.42 -14.36
C VAL FC 110 -4.97 116.03 -15.39
N GLY FC 111 -4.84 114.85 -15.95
CA GLY FC 111 -5.68 114.49 -17.09
C GLY FC 111 -5.32 115.24 -18.35
N VAL FC 112 -4.14 115.82 -18.41
CA VAL FC 112 -3.72 116.60 -19.57
C VAL FC 112 -3.65 115.72 -20.81
N ARG FC 113 -3.33 114.44 -20.64
CA ARG FC 113 -3.33 113.52 -21.78
C ARG FC 113 -4.71 113.43 -22.40
N GLU FC 114 -5.76 113.34 -21.58
CA GLU FC 114 -7.12 113.32 -22.09
C GLU FC 114 -7.47 114.64 -22.77
N MET FC 115 -7.04 115.76 -22.20
CA MET FC 115 -7.29 117.06 -22.82
C MET FC 115 -6.62 117.13 -24.19
N TYR FC 116 -5.37 116.66 -24.28
CA TYR FC 116 -4.68 116.65 -25.56
C TYR FC 116 -5.35 115.72 -26.56
N ASN FC 117 -5.89 114.59 -26.07
CA ASN FC 117 -6.63 113.70 -26.96
C ASN FC 117 -7.87 114.37 -27.52
N SER FC 118 -8.60 115.12 -26.69
CA SER FC 118 -9.77 115.85 -27.18
C SER FC 118 -9.36 116.90 -28.20
N LEU FC 119 -8.26 117.61 -27.95
CA LEU FC 119 -7.79 118.59 -28.91
C LEU FC 119 -7.28 117.94 -30.20
N GLY FC 120 -6.80 116.69 -30.11
CA GLY FC 120 -6.21 116.02 -31.24
C GLY FC 120 -4.71 116.19 -31.36
N THR FC 121 -4.10 117.03 -30.54
CA THR FC 121 -2.68 117.30 -30.63
C THR FC 121 -1.87 116.13 -30.06
N PRO FC 122 -0.66 115.91 -30.59
CA PRO FC 122 0.18 114.82 -30.08
C PRO FC 122 0.85 115.21 -28.77
N ILE FC 123 0.70 114.35 -27.76
CA ILE FC 123 1.37 114.57 -26.48
C ILE FC 123 2.88 114.63 -26.67
N PRO FC 124 3.51 113.76 -27.46
CA PRO FC 124 4.97 113.88 -27.65
C PRO FC 124 5.39 115.21 -28.24
N ALA FC 125 4.62 115.74 -29.20
CA ALA FC 125 4.96 117.03 -29.79
C ALA FC 125 4.82 118.16 -28.78
N VAL FC 126 3.78 118.10 -27.94
CA VAL FC 126 3.64 119.07 -26.86
C VAL FC 126 4.83 118.98 -25.92
N ALA FC 127 5.28 117.76 -25.62
CA ALA FC 127 6.44 117.57 -24.75
C ALA FC 127 7.69 118.19 -25.36
N GLU FC 128 7.89 118.01 -26.66
CA GLU FC 128 9.07 118.58 -27.31
C GLU FC 128 9.04 120.10 -27.23
N GLY FC 129 7.87 120.71 -27.43
CA GLY FC 129 7.76 122.14 -27.26
C GLY FC 129 8.11 122.60 -25.85
N ILE FC 130 7.66 121.85 -24.85
CA ILE FC 130 8.01 122.17 -23.47
C ILE FC 130 9.52 122.07 -23.26
N ARG FC 131 10.16 121.08 -23.88
CA ARG FC 131 11.60 120.93 -23.75
C ARG FC 131 12.35 122.11 -24.35
N ALA FC 132 11.88 122.59 -25.52
CA ALA FC 132 12.50 123.77 -26.11
C ALA FC 132 12.35 124.98 -25.20
N MET FC 133 11.16 125.14 -24.61
CA MET FC 133 10.96 126.23 -23.66
C MET FC 133 11.90 126.10 -22.46
N LYS FC 134 12.12 124.87 -22.00
CA LYS FC 134 13.02 124.65 -20.87
C LYS FC 134 14.45 125.07 -21.20
N ASN FC 135 14.92 124.73 -22.40
CA ASN FC 135 16.27 125.14 -22.80
C ASN FC 135 16.38 126.66 -22.86
N VAL FC 136 15.39 127.33 -23.45
CA VAL FC 136 15.41 128.78 -23.52
C VAL FC 136 15.38 129.39 -22.12
N ALA FC 137 14.57 128.81 -21.23
CA ALA FC 137 14.48 129.32 -19.86
C ALA FC 137 15.80 129.15 -19.11
N CYS FC 138 16.48 128.02 -19.32
CA CYS FC 138 17.77 127.81 -18.69
C CYS FC 138 18.78 128.86 -19.15
N SER FC 139 18.79 129.17 -20.44
CA SER FC 139 19.69 130.21 -20.93
C SER FC 139 19.33 131.57 -20.34
N LEU FC 140 18.03 131.89 -20.29
CA LEU FC 140 17.60 133.20 -19.80
C LEU FC 140 17.91 133.38 -18.32
N LEU FC 141 17.73 132.33 -17.53
CA LEU FC 141 17.93 132.41 -16.09
C LEU FC 141 19.40 132.19 -15.73
N SER FC 142 19.73 132.48 -14.47
CA SER FC 142 21.05 132.18 -13.96
C SER FC 142 21.21 130.66 -13.79
N ALA FC 143 22.46 130.25 -13.57
CA ALA FC 143 22.75 128.82 -13.45
C ALA FC 143 22.00 128.21 -12.27
N GLU FC 144 21.99 128.90 -11.13
CA GLU FC 144 21.20 128.44 -10.00
C GLU FC 144 19.71 128.44 -10.32
N ASP FC 145 19.24 129.48 -11.00
CA ASP FC 145 17.84 129.54 -11.40
C ASP FC 145 17.52 128.47 -12.44
N ALA FC 146 18.46 128.21 -13.35
CA ALA FC 146 18.22 127.19 -14.38
C ALA FC 146 18.04 125.81 -13.75
N ALA FC 147 18.78 125.53 -12.67
CA ALA FC 147 18.68 124.22 -12.03
C ALA FC 147 17.26 123.98 -11.48
N GLU FC 148 16.70 124.99 -10.81
CA GLU FC 148 15.32 124.86 -10.33
C GLU FC 148 14.34 124.82 -11.49
N ALA FC 149 14.55 125.68 -12.50
CA ALA FC 149 13.68 125.68 -13.67
C ALA FC 149 13.70 124.34 -14.38
N GLY FC 150 14.87 123.71 -14.44
CA GLY FC 150 14.95 122.40 -15.05
C GLY FC 150 14.13 121.36 -14.30
N SER FC 151 14.10 121.45 -12.97
CA SER FC 151 13.31 120.52 -12.18
C SER FC 151 11.82 120.70 -12.45
N TYR FC 152 11.35 121.95 -12.48
CA TYR FC 152 9.95 122.20 -12.82
C TYR FC 152 9.64 121.72 -14.23
N PHE FC 153 10.57 121.96 -15.16
CA PHE FC 153 10.38 121.50 -16.53
C PHE FC 153 10.36 119.98 -16.60
N ASP FC 154 11.15 119.30 -15.76
CA ASP FC 154 11.14 117.85 -15.73
C ASP FC 154 9.79 117.32 -15.26
N PHE FC 155 9.19 117.96 -14.25
CA PHE FC 155 7.85 117.58 -13.85
C PHE FC 155 6.85 117.78 -14.99
N VAL FC 156 6.98 118.89 -15.72
CA VAL FC 156 6.11 119.13 -16.86
C VAL FC 156 6.34 118.07 -17.94
N ILE FC 157 7.59 117.65 -18.12
CA ILE FC 157 7.90 116.63 -19.11
C ILE FC 157 7.27 115.29 -18.72
N GLY FC 158 7.32 114.95 -17.44
CA GLY FC 158 6.65 113.74 -16.98
C GLY FC 158 5.16 113.80 -17.19
N ALA FC 159 4.56 114.96 -16.93
CA ALA FC 159 3.14 115.13 -17.20
C ALA FC 159 2.83 114.98 -18.68
N MET FC 160 3.70 115.53 -19.54
CA MET FC 160 3.51 115.40 -20.98
C MET FC 160 3.60 113.94 -21.41
N GLN FC 161 4.51 113.18 -20.81
CA GLN FC 161 4.62 111.75 -21.09
C GLN FC 161 3.73 110.95 -20.15
N MET GC 1 -7.91 123.16 0.36
CA MET GC 1 -7.08 123.94 1.27
C MET GC 1 -6.14 124.85 0.49
N GLN GC 2 -5.82 126.00 1.06
CA GLN GC 2 -5.05 127.01 0.35
C GLN GC 2 -3.97 127.59 1.25
N ASP GC 3 -2.73 127.59 0.75
CA ASP GC 3 -1.66 128.35 1.37
C ASP GC 3 -1.83 129.84 1.07
N ALA GC 4 -1.04 130.66 1.77
CA ALA GC 4 -1.05 132.09 1.46
C ALA GC 4 -0.51 132.34 0.05
N ILE GC 5 0.65 131.76 -0.26
CA ILE GC 5 1.20 131.87 -1.61
C ILE GC 5 0.24 131.22 -2.61
N THR GC 6 -0.37 130.10 -2.23
CA THR GC 6 -1.33 129.45 -3.11
C THR GC 6 -2.55 130.32 -3.37
N ALA GC 7 -2.98 131.08 -2.36
CA ALA GC 7 -4.12 131.98 -2.56
C ALA GC 7 -3.78 133.09 -3.54
N VAL GC 8 -2.59 133.67 -3.43
CA VAL GC 8 -2.15 134.66 -4.41
C VAL GC 8 -2.08 134.03 -5.79
N ILE GC 9 -1.57 132.81 -5.87
CA ILE GC 9 -1.48 132.10 -7.14
C ILE GC 9 -2.87 131.83 -7.71
N ASN GC 10 -3.82 131.49 -6.84
CA ASN GC 10 -5.19 131.24 -7.30
C ASN GC 10 -5.81 132.51 -7.86
N ALA GC 11 -5.58 133.65 -7.22
CA ALA GC 11 -6.09 134.91 -7.74
C ALA GC 11 -5.47 135.21 -9.11
N SER GC 12 -4.17 135.00 -9.25
CA SER GC 12 -3.52 135.22 -10.55
C SER GC 12 -4.06 134.25 -11.60
N ASP GC 13 -4.31 132.99 -11.21
CA ASP GC 13 -4.84 132.02 -12.15
C ASP GC 13 -6.22 132.40 -12.62
N VAL GC 14 -7.08 132.86 -11.70
CA VAL GC 14 -8.41 133.32 -12.10
C VAL GC 14 -8.30 134.53 -13.02
N GLN GC 15 -7.36 135.43 -12.73
CA GLN GC 15 -7.15 136.59 -13.58
C GLN GC 15 -6.67 136.20 -14.98
N GLY GC 16 -5.94 135.10 -15.09
CA GLY GC 16 -5.36 134.71 -16.35
C GLY GC 16 -4.07 135.42 -16.69
N LYS GC 17 -3.47 136.10 -15.73
CA LYS GC 17 -2.19 136.78 -15.91
C LYS GC 17 -1.19 136.26 -14.89
N TYR GC 18 0.09 136.48 -15.18
CA TYR GC 18 1.14 136.10 -14.23
C TYR GC 18 1.00 136.92 -12.95
N LEU GC 19 1.52 136.35 -11.87
CA LEU GC 19 1.35 136.97 -10.55
C LEU GC 19 1.90 138.39 -10.54
N ASP GC 20 1.12 139.31 -9.98
CA ASP GC 20 1.47 140.72 -9.99
C ASP GC 20 2.68 140.99 -9.10
N THR GC 21 3.33 142.14 -9.35
CA THR GC 21 4.46 142.55 -8.52
C THR GC 21 4.02 142.83 -7.09
N ALA GC 22 2.84 143.43 -6.92
CA ALA GC 22 2.32 143.66 -5.58
C ALA GC 22 2.06 142.34 -4.86
N ALA GC 23 1.50 141.37 -5.57
CA ALA GC 23 1.30 140.04 -4.98
C ALA GC 23 2.63 139.40 -4.60
N MET GC 24 3.65 139.57 -5.45
CA MET GC 24 4.98 139.07 -5.12
C MET GC 24 5.54 139.75 -3.88
N GLU GC 25 5.29 141.06 -3.74
CA GLU GC 25 5.73 141.77 -2.55
C GLU GC 25 5.05 141.23 -1.30
N LYS GC 26 3.75 140.93 -1.40
CA LYS GC 26 3.04 140.33 -0.27
C LYS GC 26 3.63 138.98 0.09
N LEU GC 27 3.99 138.17 -0.91
CA LEU GC 27 4.60 136.88 -0.65
C LEU GC 27 5.94 137.03 0.06
N LYS GC 28 6.75 138.00 -0.38
CA LYS GC 28 8.05 138.23 0.25
C LYS GC 28 7.88 138.66 1.71
N ALA GC 29 6.92 139.55 1.97
CA ALA GC 29 6.63 139.96 3.35
C ALA GC 29 6.16 138.77 4.17
N TYR GC 30 5.37 137.88 3.56
CA TYR GC 30 4.92 136.69 4.26
C TYR GC 30 6.09 135.79 4.66
N PHE GC 31 7.07 135.64 3.76
CA PHE GC 31 8.25 134.83 4.09
C PHE GC 31 9.02 135.44 5.25
N ALA GC 32 9.22 136.76 5.21
CA ALA GC 32 9.97 137.44 6.26
C ALA GC 32 9.28 137.28 7.62
N THR GC 33 7.96 137.46 7.67
CA THR GC 33 7.23 137.23 8.91
C THR GC 33 7.19 135.76 9.28
N GLY GC 34 7.21 134.88 8.28
CA GLY GC 34 7.11 133.45 8.54
C GLY GC 34 8.27 132.88 9.32
N GLU GC 35 9.47 133.44 9.14
CA GLU GC 35 10.61 132.96 9.91
C GLU GC 35 10.37 133.08 11.40
N LEU GC 36 9.97 134.27 11.85
CA LEU GC 36 9.67 134.49 13.26
C LEU GC 36 8.48 133.64 13.70
N ARG GC 37 7.45 133.54 12.85
CA ARG GC 37 6.28 132.73 13.19
C ARG GC 37 6.67 131.27 13.39
N VAL GC 38 7.59 130.76 12.56
CA VAL GC 38 7.99 129.37 12.64
C VAL GC 38 8.72 129.10 13.96
N ARG GC 39 9.63 129.99 14.35
CA ARG GC 39 10.33 129.80 15.62
C ARG GC 39 9.35 129.78 16.78
N ALA GC 40 8.41 130.73 16.80
CA ALA GC 40 7.42 130.77 17.87
C ALA GC 40 6.51 129.54 17.82
N ALA GC 41 6.20 129.06 16.63
CA ALA GC 41 5.36 127.87 16.50
C ALA GC 41 6.04 126.64 17.09
N SER GC 42 7.35 126.51 16.88
CA SER GC 42 8.09 125.42 17.49
C SER GC 42 8.02 125.51 19.01
N VAL GC 43 8.11 126.72 19.56
CA VAL GC 43 7.95 126.90 21.00
C VAL GC 43 6.54 126.48 21.43
N ILE GC 44 5.53 126.84 20.64
CA ILE GC 44 4.16 126.49 20.99
C ILE GC 44 3.96 124.99 21.02
N SER GC 45 4.55 124.27 20.07
CA SER GC 45 4.41 122.82 20.03
C SER GC 45 5.04 122.17 21.25
N ALA GC 46 6.19 122.70 21.70
CA ALA GC 46 6.88 122.11 22.84
C ALA GC 46 6.06 122.25 24.11
N ASN GC 47 5.38 123.38 24.29
CA ASN GC 47 4.61 123.65 25.51
C ASN GC 47 3.11 123.51 25.29
N ALA GC 48 2.69 122.73 24.29
CA ALA GC 48 1.27 122.61 23.96
C ALA GC 48 0.49 121.99 25.13
N ALA GC 49 1.03 120.92 25.70
CA ALA GC 49 0.34 120.26 26.81
C ALA GC 49 0.21 121.19 28.01
N ASN GC 50 1.28 121.93 28.33
CA ASN GC 50 1.24 122.87 29.44
C ASN GC 50 0.21 123.97 29.19
N ILE GC 51 0.13 124.47 27.95
CA ILE GC 51 -0.85 125.51 27.64
C ILE GC 51 -2.26 124.98 27.85
N VAL GC 52 -2.53 123.76 27.39
CA VAL GC 52 -3.86 123.18 27.58
C VAL GC 52 -4.19 123.06 29.06
N LYS GC 53 -3.24 122.57 29.85
CA LYS GC 53 -3.47 122.41 31.28
C LYS GC 53 -3.74 123.75 31.95
N GLU GC 54 -2.99 124.79 31.56
CA GLU GC 54 -3.19 126.11 32.16
C GLU GC 54 -4.58 126.65 31.88
N ALA GC 55 -5.05 126.52 30.64
CA ALA GC 55 -6.39 127.00 30.31
C ALA GC 55 -7.45 126.24 31.09
N VAL GC 56 -7.32 124.92 31.18
CA VAL GC 56 -8.30 124.11 31.91
C VAL GC 56 -8.32 124.51 33.37
N ALA GC 57 -7.15 124.77 33.95
CA ALA GC 57 -7.10 125.23 35.33
C ALA GC 57 -7.76 126.60 35.48
N LYS GC 58 -7.58 127.47 34.49
CA LYS GC 58 -8.14 128.82 34.57
C LYS GC 58 -9.66 128.80 34.63
N SER GC 59 -10.30 127.95 33.84
CA SER GC 59 -11.76 127.92 33.77
C SER GC 59 -12.35 126.63 34.32
N LEU GC 60 -11.94 125.46 33.79
CA LEU GC 60 -12.63 124.22 34.10
C LEU GC 60 -12.41 123.77 35.54
N LEU GC 61 -11.22 124.02 36.09
CA LEU GC 61 -10.91 123.56 37.43
C LEU GC 61 -11.82 124.21 38.46
N TYR GC 62 -12.36 123.39 39.36
CA TYR GC 62 -13.24 123.86 40.43
C TYR GC 62 -14.42 124.65 39.88
N SER GC 63 -15.11 124.05 38.91
CA SER GC 63 -16.19 124.72 38.21
C SER GC 63 -17.46 123.89 38.25
N ASP GC 64 -18.59 124.56 38.02
CA ASP GC 64 -19.88 123.88 37.96
C ASP GC 64 -19.93 122.88 36.82
N ILE GC 65 -19.21 123.15 35.73
CA ILE GC 65 -19.11 122.18 34.64
C ILE GC 65 -18.47 120.89 35.14
N THR GC 66 -17.45 121.01 35.98
CA THR GC 66 -16.87 119.83 36.62
C THR GC 66 -17.87 119.16 37.56
N ARG GC 67 -18.73 119.94 38.21
CA ARG GC 67 -19.73 119.38 39.09
C ARG GC 67 -20.70 118.51 38.28
N PRO GC 68 -21.34 117.52 38.92
CA PRO GC 68 -22.09 116.52 38.15
C PRO GC 68 -23.19 117.14 37.30
N GLY GC 69 -23.34 116.59 36.10
CA GLY GC 69 -24.33 117.10 35.15
C GLY GC 69 -23.94 118.37 34.44
N GLY GC 70 -22.66 118.74 34.45
CA GLY GC 70 -22.23 119.99 33.85
C GLY GC 70 -21.75 119.87 32.41
N MET GC 72 -19.37 118.21 31.29
CA MET GC 72 -17.98 117.79 31.27
C MET GC 72 -17.72 116.94 32.50
N TYR GC 73 -18.81 116.64 33.21
CA TYR GC 73 -18.75 115.92 34.49
C TYR GC 73 -18.84 114.42 34.30
N THR GC 74 -17.99 113.89 33.43
CA THR GC 74 -17.85 112.46 33.23
C THR GC 74 -16.41 112.20 32.82
N THR GC 75 -15.98 110.95 32.97
CA THR GC 75 -14.64 110.60 32.51
C THR GC 75 -14.54 110.71 31.00
N ARG GC 76 -15.54 110.18 30.28
CA ARG GC 76 -15.58 110.35 28.83
C ARG GC 76 -15.70 111.81 28.44
N ARG GC 77 -16.58 112.55 29.14
CA ARG GC 77 -16.77 113.96 28.83
C ARG GC 77 -15.50 114.75 29.07
N TYR GC 78 -14.79 114.48 30.17
CA TYR GC 78 -13.56 115.19 30.47
C TYR GC 78 -12.48 114.91 29.43
N ALA GC 79 -12.35 113.64 29.03
CA ALA GC 79 -11.38 113.29 28.00
C ALA GC 79 -11.72 114.00 26.70
N ALA GC 80 -13.00 114.04 26.33
CA ALA GC 80 -13.41 114.70 25.10
C ALA GC 80 -13.17 116.20 25.17
N CYS GC 81 -13.44 116.82 26.32
CA CYS GC 81 -13.24 118.27 26.44
C CYS GC 81 -11.78 118.64 26.27
N ILE GC 82 -10.89 117.95 26.97
CA ILE GC 82 -9.47 118.23 26.84
C ILE GC 82 -9.00 117.97 25.42
N ARG GC 83 -9.48 116.87 24.82
CA ARG GC 83 -9.09 116.54 23.46
C ARG GC 83 -9.54 117.61 22.47
N ASP GC 84 -10.75 118.13 22.64
CA ASP GC 84 -11.23 119.17 21.73
C ASP GC 84 -10.39 120.44 21.84
N LEU GC 85 -10.02 120.82 23.06
CA LEU GC 85 -9.16 121.98 23.23
C LEU GC 85 -7.81 121.77 22.56
N ASP GC 86 -7.22 120.58 22.73
CA ASP GC 86 -5.93 120.31 22.12
C ASP GC 86 -6.02 120.30 20.60
N TYR GC 87 -7.09 119.72 20.06
CA TYR GC 87 -7.27 119.70 18.60
C TYR GC 87 -7.42 121.11 18.05
N TYR GC 88 -8.17 121.96 18.75
CA TYR GC 88 -8.27 123.36 18.33
C TYR GC 88 -6.91 124.03 18.33
N LEU GC 89 -6.10 123.76 19.36
CA LEU GC 89 -4.77 124.35 19.42
C LEU GC 89 -3.89 123.89 18.27
N ARG GC 90 -3.94 122.59 17.94
CA ARG GC 90 -3.12 122.08 16.85
C ARG GC 90 -3.53 122.68 15.51
N TYR GC 91 -4.84 122.74 15.24
CA TYR GC 91 -5.31 123.32 14.00
C TYR GC 91 -4.95 124.80 13.93
N ALA GC 92 -5.06 125.51 15.06
CA ALA GC 92 -4.67 126.92 15.08
C ALA GC 92 -3.19 127.09 14.82
N THR GC 93 -2.37 126.18 15.35
CA THR GC 93 -0.93 126.25 15.08
C THR GC 93 -0.64 126.08 13.60
N TYR GC 94 -1.32 125.14 12.95
CA TYR GC 94 -1.17 124.99 11.50
C TYR GC 94 -1.61 126.25 10.76
N ALA GC 95 -2.72 126.85 11.19
CA ALA GC 95 -3.21 128.07 10.55
C ALA GC 95 -2.23 129.21 10.73
N MET GC 96 -1.65 129.35 11.93
CA MET GC 96 -0.68 130.41 12.17
C MET GC 96 0.57 130.23 11.32
N LEU GC 97 1.06 128.98 11.22
CA LEU GC 97 2.22 128.72 10.39
C LEU GC 97 1.95 129.03 8.92
N ALA GC 98 0.75 128.65 8.44
CA ALA GC 98 0.41 128.92 7.05
C ALA GC 98 0.19 130.41 6.80
N GLY GC 99 -0.27 131.15 7.81
CA GLY GC 99 -0.67 132.52 7.63
C GLY GC 99 -2.09 132.71 7.16
N ASP GC 100 -2.82 131.62 6.89
CA ASP GC 100 -4.20 131.67 6.45
C ASP GC 100 -5.04 130.77 7.35
N PRO GC 101 -6.14 131.27 7.90
CA PRO GC 101 -7.03 130.41 8.68
C PRO GC 101 -8.04 129.63 7.86
N SER GC 102 -7.87 129.58 6.54
CA SER GC 102 -8.84 128.92 5.68
C SER GC 102 -8.92 127.43 5.98
N ILE GC 103 -7.78 126.79 6.24
CA ILE GC 103 -7.78 125.36 6.53
C ILE GC 103 -8.53 125.07 7.82
N LEU GC 104 -8.28 125.88 8.86
CA LEU GC 104 -8.97 125.69 10.13
C LEU GC 104 -10.47 125.88 9.98
N ASP GC 105 -10.88 126.91 9.24
CA ASP GC 105 -12.30 127.09 8.98
C ASP GC 105 -12.87 125.95 8.14
N GLU GC 106 -12.08 125.45 7.19
CA GLU GC 106 -12.58 124.45 6.25
C GLU GC 106 -12.88 123.13 6.94
N ARG GC 107 -12.05 122.73 7.91
CA ARG GC 107 -12.23 121.45 8.58
C ARG GC 107 -12.64 121.60 10.03
N VAL GC 108 -11.85 122.33 10.84
CA VAL GC 108 -12.12 122.40 12.27
C VAL GC 108 -13.42 123.15 12.54
N LEU GC 109 -13.69 124.22 11.81
CA LEU GC 109 -14.87 125.03 12.02
C LEU GC 109 -16.04 124.64 11.13
N ASN GC 110 -15.90 123.59 10.32
CA ASN GC 110 -16.96 123.17 9.40
C ASN GC 110 -18.08 122.52 10.19
N GLY GC 111 -19.11 123.28 10.51
CA GLY GC 111 -20.23 122.75 11.26
C GLY GC 111 -19.94 122.39 12.70
N LEU GC 112 -18.77 122.79 13.21
CA LEU GC 112 -18.43 122.47 14.59
C LEU GC 112 -19.37 123.15 15.57
N LYS GC 113 -19.75 124.40 15.30
CA LYS GC 113 -20.70 125.09 16.17
C LYS GC 113 -22.06 124.39 16.17
N GLU GC 114 -22.53 123.97 15.00
CA GLU GC 114 -23.80 123.26 14.93
C GLU GC 114 -23.74 121.93 15.67
N THR GC 115 -22.64 121.19 15.50
CA THR GC 115 -22.49 119.92 16.22
C THR GC 115 -22.45 120.15 17.73
N TYR GC 116 -21.71 121.17 18.18
CA TYR GC 116 -21.64 121.47 19.60
C TYR GC 116 -22.99 121.90 20.14
N ASN GC 117 -23.75 122.67 19.36
CA ASN GC 117 -25.09 123.07 19.78
C ASN GC 117 -26.00 121.86 19.93
N SER GC 118 -25.92 120.92 18.98
CA SER GC 118 -26.69 119.68 19.09
C SER GC 118 -26.27 118.88 20.30
N LEU GC 119 -24.95 118.85 20.59
CA LEU GC 119 -24.47 118.12 21.75
C LEU GC 119 -24.88 118.78 23.05
N GLY GC 120 -25.10 120.09 23.04
CA GLY GC 120 -25.38 120.83 24.25
C GLY GC 120 -24.16 121.39 24.96
N VAL GC 121 -22.97 121.17 24.42
CA VAL GC 121 -21.76 121.76 25.02
C VAL GC 121 -21.84 123.28 24.89
N PRO GC 122 -21.44 124.04 25.91
CA PRO GC 122 -21.59 125.50 25.86
C PRO GC 122 -20.51 126.13 24.99
N ILE GC 123 -20.91 126.56 23.78
CA ILE GC 123 -19.95 127.11 22.83
C ILE GC 123 -19.34 128.40 23.36
N ALA GC 124 -20.17 129.27 23.95
CA ALA GC 124 -19.67 130.55 24.46
C ALA GC 124 -18.71 130.34 25.63
N ALA GC 125 -19.03 129.40 26.54
CA ALA GC 125 -18.14 129.12 27.65
C ALA GC 125 -16.81 128.57 27.16
N THR GC 126 -16.85 127.65 26.19
CA THR GC 126 -15.62 127.15 25.59
C THR GC 126 -14.84 128.25 24.91
N VAL GC 127 -15.55 129.20 24.29
CA VAL GC 127 -14.89 130.31 23.62
C VAL GC 127 -14.19 131.21 24.63
N GLN GC 128 -14.82 131.44 25.78
CA GLN GC 128 -14.19 132.24 26.83
C GLN GC 128 -12.92 131.55 27.33
N ALA GC 129 -12.97 130.24 27.55
CA ALA GC 129 -11.78 129.51 27.94
C ALA GC 129 -10.72 129.56 26.86
N ILE GC 130 -11.14 129.46 25.59
CA ILE GC 130 -10.20 129.51 24.48
C ILE GC 130 -9.54 130.88 24.39
N GLN GC 131 -10.31 131.94 24.68
CA GLN GC 131 -9.74 133.28 24.68
C GLN GC 131 -8.69 133.44 25.78
N ALA GC 132 -8.97 132.88 26.96
CA ALA GC 132 -7.97 132.90 28.04
C ALA GC 132 -6.72 132.14 27.63
N MET GC 133 -6.90 130.97 27.01
CA MET GC 133 -5.76 130.21 26.51
C MET GC 133 -4.99 130.99 25.46
N LYS GC 134 -5.71 131.69 24.58
CA LYS GC 134 -5.05 132.48 23.54
C LYS GC 134 -4.23 133.61 24.16
N GLU GC 135 -4.75 134.25 25.22
CA GLU GC 135 -4.00 135.31 25.87
C GLU GC 135 -2.71 134.78 26.48
N VAL GC 136 -2.79 133.65 27.19
CA VAL GC 136 -1.60 133.06 27.80
C VAL GC 136 -0.62 132.63 26.73
N THR GC 137 -1.11 131.99 25.67
CA THR GC 137 -0.24 131.54 24.59
C THR GC 137 0.44 132.73 23.90
N ALA GC 138 -0.31 133.82 23.69
CA ALA GC 138 0.26 135.01 23.07
C ALA GC 138 1.36 135.60 23.94
N SER GC 139 1.14 135.64 25.26
CA SER GC 139 2.17 136.16 26.16
C SER GC 139 3.44 135.34 26.09
N LEU GC 140 3.30 134.01 26.11
CA LEU GC 140 4.48 133.14 26.04
C LEU GC 140 5.15 133.24 24.68
N VAL GC 141 4.37 133.28 23.61
CA VAL GC 141 4.93 133.24 22.26
C VAL GC 141 5.60 134.57 21.91
N GLY GC 142 5.06 135.69 22.37
CA GLY GC 142 5.57 137.00 22.03
C GLY GC 142 4.51 137.86 21.36
N ALA GC 143 4.84 139.14 21.23
CA ALA GC 143 3.89 140.09 20.66
C ALA GC 143 3.62 139.81 19.19
N ASP GC 144 4.68 139.63 18.40
CA ASP GC 144 4.48 139.32 16.98
C ASP GC 144 3.78 137.99 16.81
N ALA GC 145 4.17 136.98 17.58
CA ALA GC 145 3.47 135.70 17.55
C ALA GC 145 2.07 135.81 18.14
N GLY GC 146 1.88 136.71 19.11
CA GLY GC 146 0.55 136.94 19.64
C GLY GC 146 -0.40 137.50 18.60
N LYS GC 147 0.11 138.29 17.67
CA LYS GC 147 -0.72 138.80 16.59
C LYS GC 147 -1.25 137.66 15.71
N GLU GC 148 -0.38 136.70 15.38
CA GLU GC 148 -0.85 135.52 14.66
C GLU GC 148 -1.79 134.70 15.51
N MET GC 149 -1.45 134.52 16.80
CA MET GC 149 -2.35 133.83 17.72
C MET GC 149 -3.69 134.55 17.81
N GLY GC 150 -3.68 135.88 17.71
CA GLY GC 150 -4.94 136.61 17.70
C GLY GC 150 -5.79 136.31 16.50
N ILE GC 151 -5.17 136.12 15.33
CA ILE GC 151 -5.92 135.75 14.14
C ILE GC 151 -6.53 134.37 14.31
N TYR GC 152 -5.76 133.42 14.84
CA TYR GC 152 -6.30 132.09 15.10
C TYR GC 152 -7.43 132.15 16.13
N PHE GC 153 -7.26 132.96 17.18
CA PHE GC 153 -8.31 133.12 18.18
C PHE GC 153 -9.55 133.80 17.59
N ASP GC 154 -9.35 134.71 16.63
CA ASP GC 154 -10.50 135.29 15.94
C ASP GC 154 -11.26 134.25 15.15
N TYR GC 155 -10.54 133.34 14.50
CA TYR GC 155 -11.19 132.21 13.85
C TYR GC 155 -11.93 131.35 14.88
N ILE GC 156 -11.35 131.21 16.07
CA ILE GC 156 -12.02 130.46 17.14
C ILE GC 156 -13.30 131.17 17.57
N CYS GC 157 -13.27 132.50 17.64
CA CYS GC 157 -14.47 133.26 17.95
C CYS GC 157 -15.53 133.07 16.88
N SER GC 158 -15.13 133.06 15.61
CA SER GC 158 -16.06 132.75 14.54
C SER GC 158 -16.63 131.35 14.70
N GLY GC 159 -15.80 130.39 15.12
CA GLY GC 159 -16.30 129.06 15.39
C GLY GC 159 -17.31 129.04 16.53
N LEU GC 160 -17.09 129.89 17.54
CA LEU GC 160 -18.10 130.04 18.59
C LEU GC 160 -19.41 130.55 18.01
N SER GC 161 -19.33 131.48 17.06
CA SER GC 161 -20.52 131.98 16.39
C SER GC 161 -21.18 130.86 15.59
N SER HC 2 -26.80 97.17 32.88
CA SER HC 2 -27.13 96.07 33.78
C SER HC 2 -26.76 94.74 33.17
N VAL HC 3 -26.90 93.66 33.94
CA VAL HC 3 -26.70 92.32 33.40
C VAL HC 3 -27.71 92.05 32.30
N VAL HC 4 -28.96 92.48 32.50
CA VAL HC 4 -29.96 92.36 31.45
C VAL HC 4 -29.56 93.17 30.23
N THR HC 5 -28.97 94.35 30.45
CA THR HC 5 -28.54 95.18 29.32
C THR HC 5 -27.47 94.48 28.51
N LYS HC 6 -26.48 93.89 29.17
CA LYS HC 6 -25.41 93.20 28.45
C LYS HC 6 -25.94 91.99 27.69
N SER HC 7 -26.77 91.17 28.36
CA SER HC 7 -27.31 89.99 27.69
C SER HC 7 -28.20 90.37 26.52
N ILE HC 8 -29.05 91.39 26.71
CA ILE HC 8 -29.92 91.83 25.62
C ILE HC 8 -29.09 92.42 24.48
N VAL HC 9 -27.98 93.07 24.78
CA VAL HC 9 -27.12 93.62 23.72
C VAL HC 9 -26.58 92.48 22.86
N ASN HC 10 -26.09 91.42 23.50
CA ASN HC 10 -25.60 90.27 22.74
C ASN HC 10 -26.71 89.64 21.92
N ALA HC 11 -27.90 89.47 22.51
CA ALA HC 11 -29.01 88.85 21.79
C ALA HC 11 -29.45 89.72 20.62
N ASP HC 12 -29.47 91.04 20.81
CA ASP HC 12 -29.86 91.94 19.72
C ASP HC 12 -28.86 91.87 18.58
N ALA HC 13 -27.57 91.78 18.89
CA ALA HC 13 -26.57 91.61 17.83
C ALA HC 13 -26.80 90.30 17.08
N GLU HC 14 -27.13 89.23 17.81
CA GLU HC 14 -27.46 87.96 17.17
C GLU HC 14 -28.82 87.96 16.48
N ALA HC 15 -29.65 88.98 16.74
CA ALA HC 15 -31.00 89.07 16.18
C ALA HC 15 -31.84 87.83 16.54
N ARG HC 16 -31.68 87.36 17.76
CA ARG HC 16 -32.43 86.20 18.25
C ARG HC 16 -33.11 86.55 19.57
N TYR HC 17 -34.32 86.01 19.76
CA TYR HC 17 -34.97 86.12 21.06
C TYR HC 17 -34.08 85.51 22.14
N LEU HC 18 -34.24 85.99 23.37
CA LEU HC 18 -33.32 85.63 24.44
C LEU HC 18 -33.26 84.13 24.64
N SER HC 19 -32.04 83.60 24.71
CA SER HC 19 -31.83 82.18 24.86
C SER HC 19 -32.28 81.71 26.25
N PRO HC 20 -32.56 80.41 26.40
CA PRO HC 20 -33.00 79.93 27.71
C PRO HC 20 -31.99 80.20 28.82
N GLY HC 21 -30.70 80.01 28.54
CA GLY HC 21 -29.68 80.27 29.55
C GLY HC 21 -29.57 81.74 29.89
N GLU HC 22 -29.66 82.61 28.89
CA GLU HC 22 -29.62 84.05 29.14
C GLU HC 22 -30.80 84.49 29.99
N LEU HC 23 -31.99 83.96 29.70
CA LEU HC 23 -33.15 84.26 30.51
C LEU HC 23 -32.94 83.78 31.95
N ASP HC 24 -32.31 82.62 32.11
CA ASP HC 24 -32.01 82.11 33.44
C ASP HC 24 -31.07 83.05 34.19
N ARG HC 25 -30.09 83.63 33.49
CA ARG HC 25 -29.20 84.59 34.12
C ARG HC 25 -29.96 85.79 34.64
N ILE HC 26 -30.89 86.31 33.84
CA ILE HC 26 -31.71 87.44 34.29
C ILE HC 26 -32.54 87.05 35.50
N LYS HC 27 -33.09 85.83 35.49
CA LYS HC 27 -33.87 85.36 36.64
C LYS HC 27 -33.01 85.28 37.89
N ASN HC 28 -31.76 84.85 37.75
CA ASN HC 28 -30.85 84.82 38.89
C ASN HC 28 -30.61 86.23 39.43
N PHE HC 29 -30.49 87.21 38.53
CA PHE HC 29 -30.36 88.60 38.97
C PHE HC 29 -31.57 89.02 39.80
N VAL HC 30 -32.77 88.64 39.36
CA VAL HC 30 -33.98 88.98 40.10
C VAL HC 30 -33.95 88.33 41.47
N SER HC 31 -33.49 87.08 41.55
CA SER HC 31 -33.46 86.37 42.83
C SER HC 31 -32.51 87.04 43.82
N THR HC 32 -31.34 87.47 43.36
CA THR HC 32 -30.31 88.03 44.24
C THR HC 32 -30.36 89.56 44.30
N GLY HC 33 -31.37 90.18 43.72
CA GLY HC 33 -31.43 91.64 43.73
C GLY HC 33 -31.50 92.23 45.13
N GLU HC 34 -32.29 91.61 46.01
CA GLU HC 34 -32.41 92.13 47.37
C GLU HC 34 -31.09 92.05 48.13
N ARG HC 35 -30.38 90.93 47.98
CA ARG HC 35 -29.08 90.79 48.65
C ARG HC 35 -28.08 91.81 48.10
N ARG HC 36 -28.06 92.00 46.79
CA ARG HC 36 -27.17 93.01 46.20
C ARG HC 36 -27.51 94.40 46.72
N LEU HC 37 -28.81 94.71 46.82
CA LEU HC 37 -29.22 96.01 47.35
C LEU HC 37 -28.81 96.17 48.80
N ARG HC 38 -28.91 95.09 49.59
CA ARG HC 38 -28.50 95.16 50.99
C ARG HC 38 -27.01 95.47 51.12
N ILE HC 39 -26.19 94.82 50.29
CA ILE HC 39 -24.76 95.10 50.31
C ILE HC 39 -24.48 96.54 49.90
N ALA HC 40 -25.17 97.02 48.87
CA ALA HC 40 -24.99 98.40 48.43
C ALA HC 40 -25.40 99.38 49.52
N GLN HC 41 -26.51 99.09 50.22
CA GLN HC 41 -26.95 99.95 51.30
C GLN HC 41 -25.92 100.00 52.43
N THR HC 42 -25.30 98.87 52.75
CA THR HC 42 -24.24 98.86 53.74
C THR HC 42 -23.07 99.73 53.31
N LEU HC 43 -22.68 99.63 52.03
CA LEU HC 43 -21.59 100.46 51.53
C LEU HC 43 -21.91 101.94 51.65
N THR HC 44 -23.12 102.33 51.27
CA THR HC 44 -23.51 103.74 51.40
C THR HC 44 -23.53 104.17 52.87
N GLU HC 45 -23.99 103.29 53.76
CA GLU HC 45 -24.08 103.65 55.17
C GLU HC 45 -22.69 103.92 55.76
N ASN HC 46 -21.71 103.10 55.43
CA ASN HC 46 -20.36 103.25 55.96
C ASN HC 46 -19.44 103.99 54.99
N ARG HC 47 -20.01 104.74 54.05
CA ARG HC 47 -19.22 105.37 53.00
C ARG HC 47 -18.19 106.34 53.58
N GLU HC 48 -18.61 107.18 54.52
CA GLU HC 48 -17.72 108.21 55.05
C GLU HC 48 -16.56 107.59 55.82
N ARG HC 49 -16.86 106.63 56.71
CA ARG HC 49 -15.81 106.01 57.51
C ARG HC 49 -14.82 105.27 56.63
N ILE HC 50 -15.31 104.54 55.62
CA ILE HC 50 -14.43 103.84 54.70
C ILE HC 50 -13.53 104.82 53.97
N VAL HC 51 -14.07 105.97 53.56
CA VAL HC 51 -13.28 106.96 52.86
C VAL HC 51 -12.12 107.44 53.73
N LYS HC 52 -12.41 107.73 55.00
CA LYS HC 52 -11.36 108.22 55.89
C LYS HC 52 -10.26 107.18 56.09
N GLN HC 53 -10.64 105.95 56.41
CA GLN HC 53 -9.63 104.91 56.67
C GLN HC 53 -8.80 104.63 55.43
N ALA HC 54 -9.45 104.52 54.26
CA ALA HC 54 -8.72 104.24 53.03
C ALA HC 54 -7.80 105.39 52.67
N GLY HC 55 -8.22 106.63 52.94
CA GLY HC 55 -7.35 107.77 52.68
C GLY HC 55 -6.07 107.71 53.47
N ASP HC 56 -6.17 107.34 54.75
CA ASP HC 56 -4.96 107.20 55.56
C ASP HC 56 -4.04 106.13 54.99
N GLN HC 57 -4.60 104.99 54.60
CA GLN HC 57 -3.79 103.91 54.03
C GLN HC 57 -3.13 104.34 52.73
N LEU HC 58 -3.87 105.07 51.88
CA LEU HC 58 -3.31 105.52 50.61
C LEU HC 58 -2.17 106.51 50.82
N PHE HC 59 -2.33 107.43 51.78
CA PHE HC 59 -1.25 108.37 52.07
C PHE HC 59 -0.01 107.65 52.57
N GLN HC 60 -0.20 106.61 53.40
CA GLN HC 60 0.94 105.82 53.84
C GLN HC 60 1.62 105.12 52.68
N LYS HC 61 0.84 104.58 51.74
CA LYS HC 61 1.41 103.86 50.61
C LYS HC 61 2.18 104.79 49.68
N ARG HC 62 1.67 106.00 49.45
CA ARG HC 62 2.27 106.95 48.51
C ARG HC 62 2.50 108.26 49.25
N PRO HC 63 3.52 108.32 50.11
CA PRO HC 63 3.76 109.56 50.87
C PRO HC 63 4.08 110.77 50.01
N ASP HC 64 4.76 110.59 48.88
CA ASP HC 64 5.18 111.74 48.07
C ASP HC 64 3.98 112.48 47.52
N VAL HC 65 2.98 111.75 47.02
CA VAL HC 65 1.76 112.40 46.53
C VAL HC 65 1.06 113.13 47.66
N VAL HC 66 0.98 112.50 48.84
CA VAL HC 66 0.32 113.12 49.98
C VAL HC 66 1.09 114.35 50.45
N SER HC 67 2.41 114.32 50.38
CA SER HC 67 3.24 115.41 50.85
C SER HC 67 3.22 116.57 49.86
N PRO HC 68 3.63 117.77 50.32
CA PRO HC 68 3.84 118.86 49.37
C PRO HC 68 4.90 118.48 48.35
N GLY HC 69 4.73 118.97 47.14
CA GLY HC 69 5.51 118.48 46.01
C GLY HC 69 4.92 117.25 45.35
N GLY HC 70 3.73 116.82 45.77
CA GLY HC 70 2.99 115.78 45.10
C GLY HC 70 1.68 116.33 44.55
N ASN HC 71 0.92 115.44 43.93
CA ASN HC 71 -0.37 115.85 43.37
C ASN HC 71 -1.30 116.37 44.45
N ALA HC 72 -1.35 115.67 45.59
CA ALA HC 72 -2.12 116.13 46.74
C ALA HC 72 -1.24 116.95 47.68
N TYR HC 73 -0.76 118.08 47.17
CA TYR HC 73 0.10 118.98 47.92
C TYR HC 73 -0.77 120.02 48.62
N GLY HC 74 -0.78 119.98 49.95
CA GLY HC 74 -1.63 120.87 50.73
C GLY HC 74 -2.98 120.26 51.02
N GLU HC 75 -3.66 120.86 51.99
CA GLU HC 75 -4.97 120.36 52.41
C GLU HC 75 -5.98 120.46 51.28
N GLU HC 76 -5.97 121.56 50.52
CA GLU HC 76 -6.94 121.74 49.45
C GLU HC 76 -6.75 120.71 48.35
N MET HC 77 -5.51 120.48 47.92
CA MET HC 77 -5.25 119.48 46.88
C MET HC 77 -5.61 118.08 47.38
N THR HC 78 -5.27 117.78 48.63
CA THR HC 78 -5.62 116.48 49.19
C THR HC 78 -7.14 116.31 49.27
N ALA HC 79 -7.85 117.38 49.61
CA ALA HC 79 -9.30 117.32 49.68
C ALA HC 79 -9.91 117.08 48.31
N THR HC 80 -9.39 117.74 47.27
CA THR HC 80 -9.87 117.49 45.92
C THR HC 80 -9.60 116.05 45.49
N CYS HC 81 -8.42 115.53 45.83
CA CYS HC 81 -8.11 114.14 45.55
C CYS HC 81 -9.08 113.21 46.27
N LEU HC 82 -9.37 113.49 47.53
CA LEU HC 82 -10.30 112.66 48.28
C LEU HC 82 -11.71 112.74 47.71
N ARG HC 83 -12.09 113.91 47.21
CA ARG HC 83 -13.41 114.05 46.58
C ARG HC 83 -13.51 113.21 45.32
N ASP HC 84 -12.44 113.20 44.50
CA ASP HC 84 -12.42 112.33 43.34
C ASP HC 84 -12.50 110.87 43.74
N LEU HC 85 -11.78 110.49 44.79
CA LEU HC 85 -11.85 109.12 45.30
C LEU HC 85 -13.27 108.79 45.78
N ASP HC 86 -13.94 109.76 46.40
CA ASP HC 86 -15.31 109.55 46.86
C ASP HC 86 -16.25 109.33 45.69
N TYR HC 87 -16.06 110.07 44.61
CA TYR HC 87 -16.85 109.83 43.40
C TYR HC 87 -16.61 108.42 42.87
N TYR HC 88 -15.36 107.97 42.90
CA TYR HC 88 -15.05 106.58 42.54
C TYR HC 88 -15.83 105.61 43.43
N LEU HC 89 -15.84 105.87 44.74
CA LEU HC 89 -16.50 104.95 45.67
C LEU HC 89 -18.00 104.90 45.40
N ARG HC 90 -18.62 106.04 45.12
CA ARG HC 90 -20.05 106.05 44.80
C ARG HC 90 -20.31 105.28 43.51
N LEU HC 91 -19.45 105.44 42.51
CA LEU HC 91 -19.60 104.68 41.27
C LEU HC 91 -19.44 103.19 41.52
N VAL HC 92 -18.54 102.82 42.42
CA VAL HC 92 -18.35 101.41 42.77
C VAL HC 92 -19.61 100.85 43.42
N THR HC 93 -20.24 101.64 44.30
CA THR HC 93 -21.49 101.22 44.90
C THR HC 93 -22.58 101.03 43.86
N TYR HC 94 -22.66 101.96 42.90
CA TYR HC 94 -23.66 101.83 41.83
C TYR HC 94 -23.41 100.57 41.01
N GLY HC 95 -22.14 100.29 40.69
CA GLY HC 95 -21.83 99.09 39.94
C GLY HC 95 -22.14 97.81 40.70
N ILE HC 96 -21.84 97.80 42.01
CA ILE HC 96 -22.13 96.63 42.82
C ILE HC 96 -23.63 96.36 42.87
N VAL HC 97 -24.43 97.43 43.00
CA VAL HC 97 -25.88 97.27 42.98
C VAL HC 97 -26.35 96.75 41.63
N ALA HC 98 -25.79 97.29 40.55
CA ALA HC 98 -26.21 96.88 39.21
C ALA HC 98 -25.86 95.43 38.92
N GLY HC 99 -24.72 94.95 39.44
CA GLY HC 99 -24.23 93.64 39.14
C GLY HC 99 -23.39 93.56 37.88
N ASP HC 100 -23.32 94.65 37.12
CA ASP HC 100 -22.51 94.72 35.91
C ASP HC 100 -21.57 95.92 36.02
N VAL HC 101 -20.32 95.73 35.63
CA VAL HC 101 -19.32 96.80 35.73
C VAL HC 101 -19.44 97.83 34.61
N THR HC 102 -20.30 97.59 33.62
CA THR HC 102 -20.44 98.53 32.52
C THR HC 102 -20.85 99.93 32.97
N PRO HC 103 -21.81 100.10 33.89
CA PRO HC 103 -22.11 101.46 34.35
C PRO HC 103 -20.92 102.17 34.97
N ILE HC 104 -20.12 101.45 35.77
CA ILE HC 104 -18.93 102.04 36.36
C ILE HC 104 -17.92 102.40 35.28
N GLU HC 105 -17.81 101.56 34.25
CA GLU HC 105 -16.90 101.85 33.16
C GLU HC 105 -17.29 103.12 32.42
N GLU HC 106 -18.59 103.32 32.21
CA GLU HC 106 -19.06 104.57 31.61
C GLU HC 106 -18.76 105.76 32.50
N ILE HC 107 -18.92 105.59 33.81
CA ILE HC 107 -18.72 106.70 34.74
C ILE HC 107 -17.25 107.11 34.79
N GLY HC 108 -16.34 106.14 34.96
CA GLY HC 108 -14.96 106.49 35.19
C GLY HC 108 -13.89 105.90 34.28
N LEU HC 109 -14.15 104.72 33.70
CA LEU HC 109 -13.08 104.02 32.99
C LEU HC 109 -12.75 104.67 31.66
N VAL HC 110 -13.73 105.25 30.97
CA VAL HC 110 -13.50 105.85 29.66
C VAL HC 110 -12.60 107.06 29.82
N GLY HC 111 -11.48 107.06 29.11
CA GLY HC 111 -10.56 108.19 29.18
C GLY HC 111 -9.94 108.41 30.53
N VAL HC 112 -9.86 107.36 31.37
CA VAL HC 112 -9.32 107.52 32.72
C VAL HC 112 -7.85 107.92 32.66
N ARG HC 113 -7.09 107.33 31.74
CA ARG HC 113 -5.69 107.71 31.58
C ARG HC 113 -5.56 109.17 31.20
N GLU HC 114 -6.43 109.65 30.31
CA GLU HC 114 -6.38 111.06 29.92
C GLU HC 114 -6.70 111.97 31.11
N MET HC 115 -7.70 111.60 31.92
CA MET HC 115 -8.05 112.43 33.07
C MET HC 115 -6.91 112.48 34.07
N TYR HC 116 -6.30 111.32 34.37
CA TYR HC 116 -5.19 111.30 35.33
C TYR HC 116 -4.00 112.09 34.80
N ASN HC 117 -3.71 111.98 33.50
CA ASN HC 117 -2.62 112.75 32.93
C ASN HC 117 -2.89 114.24 32.97
N SER HC 118 -4.14 114.64 32.70
CA SER HC 118 -4.49 116.06 32.76
C SER HC 118 -4.34 116.59 34.18
N LEU HC 119 -4.77 115.82 35.18
CA LEU HC 119 -4.59 116.24 36.57
C LEU HC 119 -3.13 116.22 36.98
N GLY HC 120 -2.34 115.33 36.38
CA GLY HC 120 -0.96 115.13 36.78
C GLY HC 120 -0.76 114.11 37.88
N THR HC 121 -1.83 113.57 38.44
CA THR HC 121 -1.76 112.68 39.58
C THR HC 121 -1.31 111.29 39.19
N PRO HC 122 -0.84 110.49 40.16
CA PRO HC 122 -0.33 109.15 39.84
C PRO HC 122 -1.40 108.07 39.82
N ILE HC 123 -1.56 107.44 38.65
CA ILE HC 123 -2.53 106.35 38.51
C ILE HC 123 -2.22 105.20 39.48
N PRO HC 124 -0.96 104.78 39.66
CA PRO HC 124 -0.70 103.69 40.60
C PRO HC 124 -1.17 103.98 42.01
N ALA HC 125 -1.02 105.23 42.46
CA ALA HC 125 -1.49 105.59 43.79
C ALA HC 125 -3.02 105.50 43.87
N VAL HC 126 -3.71 105.88 42.80
CA VAL HC 126 -5.17 105.72 42.78
C VAL HC 126 -5.53 104.24 42.91
N ALA HC 127 -4.79 103.36 42.22
CA ALA HC 127 -5.05 101.93 42.34
C ALA HC 127 -4.81 101.44 43.76
N GLU HC 128 -3.76 101.93 44.42
CA GLU HC 128 -3.50 101.53 45.79
C GLU HC 128 -4.62 101.96 46.72
N GLY HC 129 -5.19 103.15 46.50
CA GLY HC 129 -6.35 103.56 47.26
C GLY HC 129 -7.52 102.64 47.07
N ILE HC 130 -7.73 102.16 45.83
CA ILE HC 130 -8.79 101.19 45.58
C ILE HC 130 -8.55 99.92 46.37
N ARG HC 131 -7.30 99.47 46.46
CA ARG HC 131 -6.99 98.28 47.23
C ARG HC 131 -7.30 98.47 48.71
N ALA HC 132 -6.96 99.64 49.25
CA ALA HC 132 -7.29 99.93 50.64
C ALA HC 132 -8.80 99.90 50.87
N MET HC 133 -9.56 100.45 49.92
CA MET HC 133 -11.01 100.38 50.01
C MET HC 133 -11.50 98.93 50.01
N LYS HC 134 -10.85 98.07 49.21
CA LYS HC 134 -11.24 96.67 49.18
C LYS HC 134 -11.05 96.01 50.53
N ASN HC 135 -9.92 96.30 51.20
CA ASN HC 135 -9.69 95.73 52.52
C ASN HC 135 -10.75 96.20 53.52
N VAL HC 136 -11.06 97.49 53.50
CA VAL HC 136 -12.08 98.02 54.41
C VAL HC 136 -13.43 97.39 54.12
N ALA HC 137 -13.75 97.21 52.84
CA ALA HC 137 -15.02 96.58 52.47
C ALA HC 137 -15.09 95.14 52.95
N CYS HC 138 -13.97 94.42 52.88
CA CYS HC 138 -13.93 93.06 53.41
C CYS HC 138 -14.23 93.06 54.90
N SER HC 139 -13.69 94.03 55.63
CA SER HC 139 -13.97 94.13 57.06
C SER HC 139 -15.45 94.40 57.32
N LEU HC 140 -16.07 95.24 56.49
CA LEU HC 140 -17.44 95.69 56.73
C LEU HC 140 -18.49 94.87 55.98
N LEU HC 141 -18.10 93.78 55.31
CA LEU HC 141 -19.05 92.95 54.59
C LEU HC 141 -18.91 91.49 54.99
N SER HC 142 -19.95 90.72 54.70
CA SER HC 142 -19.89 89.28 54.89
C SER HC 142 -18.97 88.65 53.85
N ALA HC 143 -18.55 87.41 54.12
CA ALA HC 143 -17.56 86.76 53.27
C ALA HC 143 -18.07 86.61 51.84
N GLU HC 144 -19.32 86.18 51.68
CA GLU HC 144 -19.91 86.12 50.34
C GLU HC 144 -20.04 87.51 49.73
N ASP HC 145 -20.46 88.48 50.53
CA ASP HC 145 -20.57 89.85 50.04
C ASP HC 145 -19.20 90.42 49.69
N ALA HC 146 -18.18 90.12 50.49
CA ALA HC 146 -16.85 90.65 50.23
C ALA HC 146 -16.29 90.14 48.91
N ALA HC 147 -16.57 88.89 48.57
CA ALA HC 147 -16.06 88.32 47.32
C ALA HC 147 -16.62 89.05 46.11
N GLU HC 148 -17.93 89.29 46.08
CA GLU HC 148 -18.54 90.01 44.97
C GLU HC 148 -18.07 91.46 44.94
N ALA HC 149 -18.07 92.12 46.09
CA ALA HC 149 -17.56 93.49 46.17
C ALA HC 149 -16.10 93.54 45.75
N GLY HC 150 -15.32 92.53 46.15
CA GLY HC 150 -13.93 92.47 45.74
C GLY HC 150 -13.77 92.34 44.23
N SER HC 151 -14.68 91.60 43.59
CA SER HC 151 -14.60 91.44 42.14
C SER HC 151 -14.88 92.77 41.43
N TYR HC 152 -15.93 93.48 41.84
CA TYR HC 152 -16.18 94.80 41.28
C TYR HC 152 -15.02 95.75 41.54
N PHE HC 153 -14.47 95.71 42.75
CA PHE HC 153 -13.31 96.54 43.07
C PHE HC 153 -12.10 96.14 42.25
N ASP HC 154 -11.98 94.86 41.90
CA ASP HC 154 -10.86 94.42 41.07
C ASP HC 154 -10.98 94.99 39.66
N PHE HC 155 -12.19 95.04 39.12
CA PHE HC 155 -12.41 95.74 37.86
C PHE HC 155 -12.02 97.21 38.00
N VAL HC 156 -12.30 97.80 39.16
CA VAL HC 156 -11.91 99.19 39.41
C VAL HC 156 -10.39 99.32 39.43
N ILE HC 157 -9.71 98.32 39.99
CA ILE HC 157 -8.25 98.34 40.03
C ILE HC 157 -7.67 98.29 38.62
N GLY HC 158 -8.23 97.42 37.77
CA GLY HC 158 -7.81 97.40 36.39
C GLY HC 158 -8.08 98.70 35.67
N ALA HC 159 -9.21 99.35 36.01
CA ALA HC 159 -9.50 100.67 35.45
C ALA HC 159 -8.46 101.69 35.88
N MET HC 160 -8.02 101.61 37.14
CA MET HC 160 -6.98 102.51 37.61
C MET HC 160 -5.69 102.31 36.84
N GLN HC 161 -5.35 101.06 36.53
CA GLN HC 161 -4.19 100.77 35.70
C GLN HC 161 -4.44 101.19 34.26
N MET IC 1 -28.34 101.71 24.16
CA MET IC 1 -29.55 101.22 24.81
C MET IC 1 -29.63 101.68 26.26
N GLN IC 2 -30.74 101.35 26.92
CA GLN IC 2 -30.91 101.62 28.34
C GLN IC 2 -31.87 100.59 28.92
N ASP IC 3 -31.74 100.36 30.23
CA ASP IC 3 -32.61 99.45 30.96
C ASP IC 3 -33.18 100.20 32.15
N ALA IC 4 -34.07 99.52 32.89
CA ALA IC 4 -34.67 100.15 34.06
C ALA IC 4 -33.63 100.46 35.12
N ILE IC 5 -32.76 99.48 35.42
CA ILE IC 5 -31.68 99.71 36.37
C ILE IC 5 -30.74 100.79 35.85
N THR IC 6 -30.45 100.75 34.55
CA THR IC 6 -29.57 101.76 33.96
C THR IC 6 -30.18 103.15 34.06
N ALA IC 7 -31.50 103.25 33.89
CA ALA IC 7 -32.18 104.55 34.01
C ALA IC 7 -32.08 105.09 35.43
N VAL IC 8 -32.26 104.22 36.43
CA VAL IC 8 -32.08 104.64 37.81
C VAL IC 8 -30.64 105.10 38.04
N ILE IC 9 -29.69 104.37 37.47
CA ILE IC 9 -28.27 104.74 37.61
C ILE IC 9 -28.01 106.08 36.93
N ASN IC 10 -28.62 106.32 35.78
CA ASN IC 10 -28.45 107.60 35.08
C ASN IC 10 -28.99 108.76 35.91
N ALA IC 11 -30.16 108.56 36.53
CA ALA IC 11 -30.71 109.60 37.40
C ALA IC 11 -29.79 109.88 38.58
N SER IC 12 -29.26 108.82 39.20
CA SER IC 12 -28.35 109.00 40.32
C SER IC 12 -27.06 109.68 39.88
N ASP IC 13 -26.56 109.34 38.70
CA ASP IC 13 -25.35 109.98 38.19
C ASP IC 13 -25.57 111.47 37.93
N VAL IC 14 -26.72 111.82 37.33
CA VAL IC 14 -27.03 113.23 37.10
C VAL IC 14 -27.11 113.96 38.44
N GLN IC 15 -27.72 113.33 39.44
CA GLN IC 15 -27.75 113.91 40.77
C GLN IC 15 -26.36 114.02 41.37
N GLY IC 16 -25.46 113.11 40.99
CA GLY IC 16 -24.16 113.05 41.62
C GLY IC 16 -24.19 112.54 43.04
N LYS IC 17 -25.23 111.79 43.41
CA LYS IC 17 -25.45 111.35 44.77
C LYS IC 17 -25.68 109.85 44.80
N TYR IC 18 -25.42 109.26 45.96
CA TYR IC 18 -25.69 107.83 46.15
C TYR IC 18 -27.19 107.57 46.06
N LEU IC 19 -27.53 106.33 45.73
CA LEU IC 19 -28.92 105.97 45.49
C LEU IC 19 -29.78 106.23 46.72
N ASP IC 20 -30.92 106.91 46.51
CA ASP IC 20 -31.85 107.16 47.59
C ASP IC 20 -32.62 105.88 47.94
N THR IC 21 -33.22 105.90 49.13
CA THR IC 21 -34.05 104.76 49.54
C THR IC 21 -35.27 104.62 48.65
N ALA IC 22 -35.89 105.74 48.26
CA ALA IC 22 -37.03 105.67 47.35
C ALA IC 22 -36.62 105.15 45.99
N ALA IC 23 -35.46 105.59 45.48
CA ALA IC 23 -34.94 105.05 44.23
C ALA IC 23 -34.66 103.56 44.35
N MET IC 24 -34.13 103.14 45.50
CA MET IC 24 -33.91 101.71 45.75
C MET IC 24 -35.22 100.95 45.76
N GLU IC 25 -36.29 101.56 46.29
CA GLU IC 25 -37.61 100.93 46.26
C GLU IC 25 -38.09 100.75 44.83
N LYS IC 26 -37.84 101.75 43.97
CA LYS IC 26 -38.17 101.60 42.56
C LYS IC 26 -37.40 100.43 41.95
N LEU IC 27 -36.12 100.31 42.27
CA LEU IC 27 -35.33 99.18 41.79
C LEU IC 27 -35.88 97.86 42.31
N LYS IC 28 -36.32 97.84 43.58
CA LYS IC 28 -36.89 96.62 44.14
C LYS IC 28 -38.16 96.22 43.41
N ALA IC 29 -38.98 97.20 43.03
CA ALA IC 29 -40.18 96.89 42.26
C ALA IC 29 -39.82 96.27 40.91
N TYR IC 30 -38.78 96.80 40.26
CA TYR IC 30 -38.31 96.20 39.01
C TYR IC 30 -37.86 94.77 39.24
N PHE IC 31 -37.14 94.52 40.32
CA PHE IC 31 -36.71 93.16 40.64
C PHE IC 31 -37.90 92.24 40.85
N ALA IC 32 -38.94 92.74 41.52
CA ALA IC 32 -40.13 91.93 41.75
C ALA IC 32 -40.83 91.55 40.45
N THR IC 33 -40.97 92.50 39.54
CA THR IC 33 -41.65 92.24 38.27
C THR IC 33 -40.81 91.42 37.30
N GLY IC 34 -39.51 91.27 37.56
CA GLY IC 34 -38.63 90.62 36.60
C GLY IC 34 -39.02 89.18 36.30
N GLU IC 35 -39.45 88.43 37.32
CA GLU IC 35 -39.74 87.01 37.12
C GLU IC 35 -40.87 86.82 36.12
N LEU IC 36 -41.98 87.55 36.31
CA LEU IC 36 -43.09 87.46 35.37
C LEU IC 36 -42.68 87.92 33.98
N ARG IC 37 -41.90 89.01 33.92
CA ARG IC 37 -41.46 89.51 32.62
C ARG IC 37 -40.61 88.48 31.89
N VAL IC 38 -39.72 87.80 32.60
CA VAL IC 38 -38.82 86.83 31.97
C VAL IC 38 -39.61 85.64 31.44
N ARG IC 39 -40.54 85.11 32.25
CA ARG IC 39 -41.36 84.00 31.78
C ARG IC 39 -42.19 84.40 30.57
N ALA IC 40 -42.72 85.63 30.59
CA ALA IC 40 -43.50 86.12 29.45
C ALA IC 40 -42.65 86.21 28.19
N ALA IC 41 -41.41 86.67 28.32
CA ALA IC 41 -40.53 86.75 27.16
C ALA IC 41 -40.28 85.37 26.57
N SER IC 42 -40.05 84.37 27.44
CA SER IC 42 -39.87 83.01 26.95
C SER IC 42 -41.12 82.52 26.24
N VAL IC 43 -42.30 82.83 26.77
CA VAL IC 43 -43.55 82.45 26.11
C VAL IC 43 -43.66 83.14 24.75
N ILE IC 44 -43.26 84.41 24.68
CA ILE IC 44 -43.36 85.16 23.43
C ILE IC 44 -42.48 84.54 22.35
N SER IC 45 -41.26 84.12 22.73
CA SER IC 45 -40.37 83.51 21.75
C SER IC 45 -40.94 82.19 21.23
N ALA IC 46 -41.55 81.39 22.12
CA ALA IC 46 -42.07 80.10 21.71
C ALA IC 46 -43.22 80.24 20.72
N ASN IC 47 -44.10 81.21 20.94
CA ASN IC 47 -45.28 81.41 20.09
C ASN IC 47 -45.12 82.60 19.16
N ALA IC 48 -43.88 82.98 18.83
CA ALA IC 48 -43.66 84.17 18.00
C ALA IC 48 -44.25 83.98 16.61
N ALA IC 49 -44.04 82.81 16.01
CA ALA IC 49 -44.58 82.57 14.66
C ALA IC 49 -46.09 82.61 14.66
N ASN IC 50 -46.72 82.01 15.68
CA ASN IC 50 -48.18 82.03 15.77
C ASN IC 50 -48.69 83.45 15.95
N ILE IC 51 -48.02 84.26 16.77
CA ILE IC 51 -48.43 85.63 16.98
C ILE IC 51 -48.37 86.41 15.67
N VAL IC 52 -47.28 86.25 14.92
CA VAL IC 52 -47.13 86.95 13.66
C VAL IC 52 -48.22 86.53 12.68
N LYS IC 53 -48.50 85.22 12.60
CA LYS IC 53 -49.49 84.73 11.65
C LYS IC 53 -50.87 85.31 11.96
N GLU IC 54 -51.29 85.24 13.23
CA GLU IC 54 -52.62 85.73 13.59
C GLU IC 54 -52.75 87.22 13.35
N ALA IC 55 -51.73 87.99 13.75
CA ALA IC 55 -51.79 89.45 13.57
C ALA IC 55 -51.82 89.83 12.11
N VAL IC 56 -51.01 89.18 11.28
CA VAL IC 56 -51.00 89.49 9.84
C VAL IC 56 -52.34 89.17 9.23
N ALA IC 57 -52.94 88.02 9.58
CA ALA IC 57 -54.23 87.65 9.03
C ALA IC 57 -55.31 88.67 9.42
N LYS IC 58 -55.33 89.09 10.68
CA LYS IC 58 -56.32 90.06 11.11
C LYS IC 58 -56.12 91.40 10.40
N SER IC 59 -54.87 91.80 10.19
CA SER IC 59 -54.59 93.13 9.69
C SER IC 59 -54.87 93.26 8.20
N LEU IC 60 -54.32 92.35 7.38
CA LEU IC 60 -54.31 92.57 5.95
C LEU IC 60 -54.74 91.37 5.10
N LEU IC 61 -55.14 90.27 5.70
CA LEU IC 61 -55.56 89.12 4.91
C LEU IC 61 -56.86 89.42 4.17
N TYR IC 62 -56.93 89.01 2.91
CA TYR IC 62 -58.09 89.24 2.05
C TYR IC 62 -58.45 90.72 1.98
N SER IC 63 -57.43 91.55 1.75
CA SER IC 63 -57.60 93.00 1.75
C SER IC 63 -57.01 93.59 0.47
N ASP IC 64 -57.25 94.89 0.29
CA ASP IC 64 -56.75 95.58 -0.89
C ASP IC 64 -55.23 95.63 -0.92
N ILE IC 65 -54.59 95.68 0.25
CA ILE IC 65 -53.13 95.65 0.30
C ILE IC 65 -52.60 94.38 -0.35
N THR IC 66 -53.24 93.24 -0.06
CA THR IC 66 -52.89 92.00 -0.73
C THR IC 66 -53.28 92.03 -2.21
N ARG IC 67 -54.40 92.67 -2.52
CA ARG IC 67 -54.88 92.74 -3.89
C ARG IC 67 -53.92 93.56 -4.75
N PRO IC 68 -53.93 93.34 -6.07
CA PRO IC 68 -52.95 93.99 -6.93
C PRO IC 68 -52.97 95.51 -6.80
N GLY IC 69 -51.79 96.11 -6.75
CA GLY IC 69 -51.66 97.53 -6.55
C GLY IC 69 -51.80 98.00 -5.11
N GLY IC 70 -51.88 97.08 -4.16
CA GLY IC 70 -52.09 97.46 -2.77
C GLY IC 70 -50.83 97.64 -1.95
N MET IC 72 -48.75 95.57 -0.98
CA MET IC 72 -48.35 94.29 -0.41
C MET IC 72 -48.72 93.18 -1.39
N TYR IC 73 -48.90 93.58 -2.65
CA TYR IC 73 -49.35 92.70 -3.71
C TYR IC 73 -48.22 92.02 -4.45
N THR IC 74 -46.98 92.20 -4.01
CA THR IC 74 -45.85 91.46 -4.52
C THR IC 74 -45.37 90.50 -3.45
N THR IC 75 -44.84 89.35 -3.89
CA THR IC 75 -44.32 88.38 -2.95
C THR IC 75 -43.19 88.96 -2.11
N ARG IC 76 -42.30 89.74 -2.75
CA ARG IC 76 -41.23 90.39 -2.02
C ARG IC 76 -41.77 91.36 -0.97
N ARG IC 77 -42.79 92.14 -1.34
CA ARG IC 77 -43.40 93.07 -0.39
C ARG IC 77 -44.08 92.33 0.76
N TYR IC 78 -44.75 91.22 0.46
CA TYR IC 78 -45.37 90.41 1.50
C TYR IC 78 -44.33 89.91 2.49
N ALA IC 79 -43.23 89.34 1.98
CA ALA IC 79 -42.17 88.87 2.86
C ALA IC 79 -41.54 90.00 3.65
N ALA IC 80 -41.31 91.14 2.99
CA ALA IC 80 -40.72 92.28 3.68
C ALA IC 80 -41.65 92.82 4.77
N CYS IC 81 -42.95 92.82 4.50
CA CYS IC 81 -43.91 93.23 5.52
C CYS IC 81 -43.84 92.33 6.74
N ILE IC 82 -43.77 91.02 6.51
CA ILE IC 82 -43.62 90.09 7.62
C ILE IC 82 -42.30 90.32 8.35
N ARG IC 83 -41.23 90.62 7.61
CA ARG IC 83 -39.93 90.85 8.23
C ARG IC 83 -39.96 92.08 9.13
N ASP IC 84 -40.56 93.17 8.65
CA ASP IC 84 -40.65 94.38 9.46
C ASP IC 84 -41.51 94.14 10.69
N LEU IC 85 -42.63 93.42 10.53
CA LEU IC 85 -43.49 93.14 11.67
C LEU IC 85 -42.78 92.26 12.70
N ASP IC 86 -42.06 91.24 12.24
CA ASP IC 86 -41.33 90.39 13.18
C ASP IC 86 -40.24 91.16 13.90
N TYR IC 87 -39.55 92.06 13.20
CA TYR IC 87 -38.54 92.89 13.85
C TYR IC 87 -39.18 93.78 14.92
N TYR IC 88 -40.34 94.37 14.61
CA TYR IC 88 -41.04 95.17 15.61
C TYR IC 88 -41.37 94.34 16.84
N LEU IC 89 -41.93 93.15 16.63
CA LEU IC 89 -42.30 92.29 17.76
C LEU IC 89 -41.09 91.92 18.59
N ARG IC 90 -39.98 91.57 17.93
CA ARG IC 90 -38.80 91.07 18.66
C ARG IC 90 -38.13 92.18 19.45
N TYR IC 91 -37.89 93.33 18.82
CA TYR IC 91 -37.24 94.44 19.52
C TYR IC 91 -38.10 94.89 20.69
N ALA IC 92 -39.41 94.99 20.50
CA ALA IC 92 -40.28 95.38 21.60
C ALA IC 92 -40.27 94.34 22.71
N THR IC 93 -40.14 93.05 22.34
CA THR IC 93 -40.06 92.00 23.35
C THR IC 93 -38.81 92.16 24.21
N TYR IC 94 -37.67 92.47 23.58
CA TYR IC 94 -36.45 92.71 24.33
C TYR IC 94 -36.60 93.91 25.25
N ALA IC 95 -37.24 94.98 24.75
CA ALA IC 95 -37.48 96.15 25.59
C ALA IC 95 -38.40 95.80 26.76
N MET IC 96 -39.39 94.93 26.52
CA MET IC 96 -40.26 94.49 27.60
C MET IC 96 -39.48 93.76 28.68
N LEU IC 97 -38.52 92.92 28.27
CA LEU IC 97 -37.65 92.26 29.24
C LEU IC 97 -36.85 93.28 30.03
N ALA IC 98 -36.34 94.31 29.37
CA ALA IC 98 -35.60 95.35 30.06
C ALA IC 98 -36.48 96.12 31.03
N GLY IC 99 -37.74 96.34 30.67
CA GLY IC 99 -38.63 97.19 31.43
C GLY IC 99 -38.53 98.66 31.09
N ASP IC 100 -37.63 99.04 30.18
CA ASP IC 100 -37.45 100.42 29.77
C ASP IC 100 -37.61 100.52 28.26
N PRO IC 101 -38.40 101.47 27.76
CA PRO IC 101 -38.60 101.59 26.31
C PRO IC 101 -37.57 102.44 25.58
N SER IC 102 -36.57 102.96 26.30
CA SER IC 102 -35.56 103.81 25.67
C SER IC 102 -34.77 103.03 24.62
N ILE IC 103 -34.44 101.78 24.91
CA ILE IC 103 -33.68 100.97 23.96
C ILE IC 103 -34.49 100.77 22.68
N LEU IC 104 -35.78 100.45 22.82
CA LEU IC 104 -36.61 100.27 21.64
C LEU IC 104 -36.73 101.56 20.83
N ASP IC 105 -36.93 102.69 21.52
CA ASP IC 105 -37.07 103.96 20.82
C ASP IC 105 -35.79 104.34 20.10
N GLU IC 106 -34.64 104.15 20.74
CA GLU IC 106 -33.38 104.53 20.11
C GLU IC 106 -33.04 103.58 18.96
N ARG IC 107 -33.20 102.27 19.17
CA ARG IC 107 -32.76 101.31 18.17
C ARG IC 107 -33.69 101.24 16.97
N VAL IC 108 -35.00 101.28 17.20
CA VAL IC 108 -35.96 101.03 16.15
C VAL IC 108 -36.72 102.28 15.70
N LEU IC 109 -36.90 103.26 16.59
CA LEU IC 109 -37.73 104.42 16.28
C LEU IC 109 -36.94 105.61 15.77
N ASN IC 110 -35.64 105.45 15.52
CA ASN IC 110 -34.81 106.53 15.00
C ASN IC 110 -34.81 106.46 13.48
N GLY IC 111 -35.42 107.47 12.84
CA GLY IC 111 -35.47 107.53 11.39
C GLY IC 111 -36.46 106.60 10.75
N LEU IC 112 -37.24 105.85 11.55
CA LEU IC 112 -38.19 104.90 10.98
C LEU IC 112 -39.25 105.61 10.15
N LYS IC 113 -39.75 106.75 10.64
CA LYS IC 113 -40.78 107.48 9.90
C LYS IC 113 -40.26 107.96 8.56
N GLU IC 114 -39.02 108.48 8.53
CA GLU IC 114 -38.45 108.93 7.26
C GLU IC 114 -38.25 107.77 6.30
N THR IC 115 -37.75 106.64 6.81
CA THR IC 115 -37.56 105.47 5.96
C THR IC 115 -38.89 104.96 5.42
N TYR IC 116 -39.92 104.92 6.26
CA TYR IC 116 -41.24 104.49 5.80
C TYR IC 116 -41.84 105.48 4.81
N ASN IC 117 -41.57 106.77 4.99
CA ASN IC 117 -42.02 107.76 4.01
C ASN IC 117 -41.38 107.52 2.66
N SER IC 118 -40.08 107.23 2.64
CA SER IC 118 -39.42 106.89 1.39
C SER IC 118 -39.99 105.60 0.81
N LEU IC 119 -40.29 104.63 1.66
CA LEU IC 119 -40.82 103.36 1.18
C LEU IC 119 -42.23 103.49 0.65
N GLY IC 120 -43.02 104.41 1.18
CA GLY IC 120 -44.42 104.54 0.81
C GLY IC 120 -45.36 103.64 1.59
N VAL IC 121 -44.86 102.93 2.59
CA VAL IC 121 -45.69 102.04 3.40
C VAL IC 121 -46.66 102.87 4.23
N PRO IC 122 -47.88 102.40 4.48
CA PRO IC 122 -48.82 103.14 5.33
C PRO IC 122 -48.49 102.93 6.79
N ILE IC 123 -47.95 103.97 7.43
CA ILE IC 123 -47.57 103.87 8.84
C ILE IC 123 -48.80 103.65 9.71
N ALA IC 124 -49.92 104.30 9.36
CA ALA IC 124 -51.15 104.12 10.13
C ALA IC 124 -51.67 102.69 10.02
N ALA IC 125 -51.64 102.11 8.81
CA ALA IC 125 -52.04 100.72 8.65
C ALA IC 125 -51.12 99.79 9.44
N THR IC 126 -49.82 100.08 9.43
CA THR IC 126 -48.89 99.32 10.25
C THR IC 126 -49.20 99.46 11.73
N VAL IC 127 -49.62 100.66 12.14
CA VAL IC 127 -49.95 100.89 13.55
C VAL IC 127 -51.19 100.09 13.94
N GLN IC 128 -52.19 100.02 13.05
CA GLN IC 128 -53.35 99.19 13.32
C GLN IC 128 -52.96 97.73 13.42
N ALA IC 129 -52.07 97.26 12.55
CA ALA IC 129 -51.59 95.89 12.61
C ALA IC 129 -50.84 95.64 13.91
N ILE IC 130 -50.02 96.60 14.34
CA ILE IC 130 -49.26 96.43 15.58
C ILE IC 130 -50.19 96.40 16.78
N GLN IC 131 -51.26 97.21 16.75
CA GLN IC 131 -52.24 97.16 17.83
C GLN IC 131 -52.95 95.81 17.87
N ALA IC 132 -53.29 95.26 16.70
CA ALA IC 132 -53.88 93.93 16.65
C ALA IC 132 -52.91 92.89 17.20
N MET IC 133 -51.62 93.02 16.85
CA MET IC 133 -50.61 92.12 17.39
C MET IC 133 -50.50 92.28 18.90
N LYS IC 134 -50.68 93.50 19.40
CA LYS IC 134 -50.67 93.71 20.84
C LYS IC 134 -51.83 92.97 21.50
N GLU IC 135 -53.01 93.00 20.88
CA GLU IC 135 -54.16 92.28 21.41
C GLU IC 135 -53.89 90.78 21.44
N VAL IC 136 -53.37 90.24 20.33
CA VAL IC 136 -53.10 88.81 20.27
C VAL IC 136 -52.01 88.42 21.26
N THR IC 137 -50.96 89.23 21.36
CA THR IC 137 -49.87 88.95 22.30
C THR IC 137 -50.36 88.99 23.74
N ALA IC 138 -51.22 89.96 24.06
CA ALA IC 138 -51.80 90.01 25.41
C ALA IC 138 -52.62 88.77 25.69
N SER IC 139 -53.39 88.31 24.70
CA SER IC 139 -54.19 87.10 24.88
C SER IC 139 -53.32 85.89 25.16
N LEU IC 140 -52.24 85.72 24.39
CA LEU IC 140 -51.39 84.54 24.57
C LEU IC 140 -50.59 84.62 25.87
N VAL IC 141 -50.02 85.79 26.16
CA VAL IC 141 -49.12 85.92 27.31
C VAL IC 141 -49.91 85.91 28.62
N GLY IC 142 -51.04 86.59 28.65
CA GLY IC 142 -51.79 86.81 29.89
C GLY IC 142 -51.96 88.29 30.19
N ALA IC 143 -52.76 88.55 31.22
CA ALA IC 143 -53.12 89.92 31.54
C ALA IC 143 -51.92 90.73 32.02
N ASP IC 144 -51.16 90.18 32.97
CA ASP IC 144 -50.03 90.91 33.54
C ASP IC 144 -48.98 91.22 32.48
N ALA IC 145 -48.64 90.22 31.66
CA ALA IC 145 -47.69 90.45 30.58
C ALA IC 145 -48.29 91.34 29.50
N GLY IC 146 -49.60 91.25 29.28
CA GLY IC 146 -50.23 92.06 28.25
C GLY IC 146 -50.16 93.55 28.55
N LYS IC 147 -50.29 93.91 29.83
CA LYS IC 147 -50.27 95.32 30.21
C LYS IC 147 -48.94 95.97 29.87
N GLU IC 148 -47.83 95.31 30.24
CA GLU IC 148 -46.52 95.83 29.89
C GLU IC 148 -46.30 95.81 28.38
N MET IC 149 -46.70 94.72 27.72
CA MET IC 149 -46.56 94.63 26.27
C MET IC 149 -47.38 95.72 25.58
N GLY IC 150 -48.56 96.02 26.12
CA GLY IC 150 -49.36 97.10 25.55
C GLY IC 150 -48.70 98.45 25.68
N ILE IC 151 -48.03 98.70 26.81
CA ILE IC 151 -47.32 99.97 26.99
C ILE IC 151 -46.18 100.09 25.98
N TYR IC 152 -45.41 99.01 25.82
CA TYR IC 152 -44.33 99.02 24.84
C TYR IC 152 -44.88 99.19 23.42
N PHE IC 153 -45.99 98.51 23.11
CA PHE IC 153 -46.61 98.67 21.80
C PHE IC 153 -47.14 100.07 21.59
N ASP IC 154 -47.63 100.71 22.67
CA ASP IC 154 -48.05 102.11 22.56
C ASP IC 154 -46.87 103.02 22.27
N TYR IC 155 -45.70 102.73 22.88
CA TYR IC 155 -44.50 103.48 22.53
C TYR IC 155 -44.14 103.28 21.07
N ILE IC 156 -44.31 102.06 20.56
CA ILE IC 156 -44.09 101.79 19.14
C ILE IC 156 -45.07 102.59 18.30
N CYS IC 157 -46.32 102.67 18.74
CA CYS IC 157 -47.32 103.46 18.01
C CYS IC 157 -46.93 104.93 17.98
N SER IC 158 -46.42 105.45 19.08
CA SER IC 158 -45.94 106.83 19.11
C SER IC 158 -44.77 107.01 18.15
N GLY IC 159 -43.87 106.03 18.10
CA GLY IC 159 -42.76 106.08 17.17
C GLY IC 159 -43.18 105.97 15.71
N LEU IC 160 -44.37 105.43 15.45
CA LEU IC 160 -44.85 105.31 14.07
C LEU IC 160 -44.94 106.67 13.40
N SER IC 161 -45.17 107.73 14.17
CA SER IC 161 -45.29 109.08 13.65
C SER IC 161 -44.15 109.46 12.70
N SER JC 2 -36.46 91.69 -18.72
CA SER JC 2 -36.38 91.50 -20.15
C SER JC 2 -34.95 91.23 -20.59
N VAL JC 3 -34.78 90.73 -21.81
CA VAL JC 3 -33.45 90.56 -22.38
C VAL JC 3 -32.76 91.91 -22.49
N VAL JC 4 -33.49 92.93 -22.94
CA VAL JC 4 -32.94 94.27 -23.01
C VAL JC 4 -32.58 94.77 -21.62
N THR JC 5 -33.41 94.44 -20.62
CA THR JC 5 -33.13 94.90 -19.26
C THR JC 5 -31.85 94.29 -18.71
N LYS JC 6 -31.65 92.98 -18.90
CA LYS JC 6 -30.42 92.36 -18.44
C LYS JC 6 -29.21 92.93 -19.16
N SER JC 7 -29.33 93.13 -20.48
CA SER JC 7 -28.24 93.75 -21.23
C SER JC 7 -27.95 95.14 -20.69
N ILE JC 8 -29.00 95.88 -20.32
CA ILE JC 8 -28.82 97.23 -19.79
C ILE JC 8 -28.06 97.18 -18.46
N VAL JC 9 -28.32 96.17 -17.64
CA VAL JC 9 -27.61 96.06 -16.36
C VAL JC 9 -26.11 95.85 -16.60
N ASN JC 10 -25.78 94.92 -17.48
CA ASN JC 10 -24.36 94.68 -17.80
C ASN JC 10 -23.73 95.93 -18.38
N ALA JC 11 -24.44 96.61 -19.29
CA ALA JC 11 -23.91 97.84 -19.88
C ALA JC 11 -23.74 98.94 -18.84
N ASP JC 12 -24.63 99.00 -17.84
CA ASP JC 12 -24.51 100.02 -16.81
C ASP JC 12 -23.21 99.86 -16.03
N ALA JC 13 -22.88 98.63 -15.64
CA ALA JC 13 -21.62 98.40 -14.94
C ALA JC 13 -20.42 98.71 -15.85
N GLU JC 14 -20.49 98.29 -17.11
CA GLU JC 14 -19.37 98.48 -18.02
C GLU JC 14 -19.20 99.94 -18.42
N ALA JC 15 -20.29 100.71 -18.42
CA ALA JC 15 -20.31 102.07 -18.99
C ALA JC 15 -19.85 102.04 -20.45
N ARG JC 16 -20.12 100.93 -21.13
CA ARG JC 16 -19.68 100.72 -22.50
C ARG JC 16 -20.84 100.23 -23.34
N TYR JC 17 -20.78 100.53 -24.64
CA TYR JC 17 -21.82 100.11 -25.55
C TYR JC 17 -21.86 98.59 -25.66
N LEU JC 18 -23.06 98.06 -25.89
CA LEU JC 18 -23.25 96.62 -25.99
C LEU JC 18 -22.43 96.05 -27.14
N SER JC 19 -21.78 94.91 -26.88
CA SER JC 19 -20.94 94.27 -27.87
C SER JC 19 -21.80 93.67 -28.99
N PRO JC 20 -21.18 93.24 -30.09
CA PRO JC 20 -21.98 92.67 -31.19
C PRO JC 20 -22.82 91.48 -30.77
N GLY JC 21 -22.29 90.63 -29.88
CA GLY JC 21 -23.09 89.51 -29.39
C GLY JC 21 -24.29 89.97 -28.57
N GLU JC 22 -24.08 90.97 -27.72
CA GLU JC 22 -25.20 91.51 -26.94
C GLU JC 22 -26.25 92.13 -27.86
N LEU JC 23 -25.82 92.87 -28.88
CA LEU JC 23 -26.75 93.41 -29.85
C LEU JC 23 -27.47 92.30 -30.60
N ASP JC 24 -26.78 91.19 -30.88
CA ASP JC 24 -27.42 90.05 -31.52
C ASP JC 24 -28.50 89.46 -30.63
N ARG JC 25 -28.27 89.41 -29.32
CA ARG JC 25 -29.31 88.95 -28.40
C ARG JC 25 -30.53 89.85 -28.45
N ILE JC 26 -30.31 91.17 -28.48
CA ILE JC 26 -31.42 92.11 -28.60
C ILE JC 26 -32.15 91.89 -29.92
N LYS JC 27 -31.41 91.64 -31.00
CA LYS JC 27 -32.03 91.41 -32.30
C LYS JC 27 -32.86 90.14 -32.30
N ASN JC 28 -32.38 89.09 -31.62
CA ASN JC 28 -33.14 87.85 -31.53
C ASN JC 28 -34.46 88.05 -30.78
N PHE JC 29 -34.42 88.81 -29.69
CA PHE JC 29 -35.66 89.12 -28.97
C PHE JC 29 -36.61 89.92 -29.85
N VAL JC 30 -36.08 90.87 -30.61
CA VAL JC 30 -36.91 91.65 -31.54
C VAL JC 30 -37.52 90.74 -32.58
N SER JC 31 -36.74 89.79 -33.10
CA SER JC 31 -37.24 88.89 -34.13
C SER JC 31 -38.37 88.02 -33.61
N THR JC 32 -38.28 87.56 -32.36
CA THR JC 32 -39.26 86.65 -31.80
C THR JC 32 -40.33 87.36 -30.98
N GLY JC 33 -40.40 88.69 -31.04
CA GLY JC 33 -41.43 89.41 -30.33
C GLY JC 33 -42.84 89.00 -30.76
N GLU JC 34 -43.04 88.83 -32.07
CA GLU JC 34 -44.35 88.38 -32.55
C GLU JC 34 -44.69 87.00 -32.03
N ARG JC 35 -43.71 86.10 -32.00
CA ARG JC 35 -43.94 84.76 -31.46
C ARG JC 35 -44.33 84.82 -29.99
N ARG JC 36 -43.65 85.66 -29.21
CA ARG JC 36 -43.99 85.79 -27.79
C ARG JC 36 -45.41 86.30 -27.62
N LEU JC 37 -45.80 87.30 -28.42
CA LEU JC 37 -47.15 87.85 -28.30
C LEU JC 37 -48.20 86.81 -28.67
N ARG JC 38 -47.94 86.00 -29.70
CA ARG JC 38 -48.90 84.97 -30.09
C ARG JC 38 -49.07 83.93 -28.98
N ILE JC 39 -47.97 83.49 -28.38
CA ILE JC 39 -48.05 82.52 -27.28
C ILE JC 39 -48.83 83.11 -26.11
N ALA JC 40 -48.58 84.40 -25.81
CA ALA JC 40 -49.32 85.06 -24.74
C ALA JC 40 -50.80 85.14 -25.06
N GLN JC 41 -51.14 85.37 -26.34
CA GLN JC 41 -52.54 85.41 -26.75
C GLN JC 41 -53.23 84.09 -26.43
N THR JC 42 -52.59 82.97 -26.77
CA THR JC 42 -53.17 81.67 -26.47
C THR JC 42 -53.33 81.47 -24.97
N LEU JC 43 -52.28 81.76 -24.21
CA LEU JC 43 -52.32 81.51 -22.76
C LEU JC 43 -53.40 82.33 -22.09
N THR JC 44 -53.47 83.63 -22.41
CA THR JC 44 -54.48 84.49 -21.80
C THR JC 44 -55.88 84.07 -22.21
N GLU JC 45 -56.07 83.67 -23.47
CA GLU JC 45 -57.40 83.28 -23.93
C GLU JC 45 -57.94 82.08 -23.17
N ASN JC 46 -57.10 81.07 -22.95
CA ASN JC 46 -57.52 79.86 -22.27
C ASN JC 46 -57.12 79.84 -20.79
N ARG JC 47 -56.82 81.01 -20.22
CA ARG JC 47 -56.25 81.07 -18.88
C ARG JC 47 -57.17 80.44 -17.84
N GLU JC 48 -58.45 80.83 -17.83
CA GLU JC 48 -59.36 80.34 -16.80
C GLU JC 48 -59.52 78.84 -16.86
N ARG JC 49 -59.68 78.29 -18.07
CA ARG JC 49 -59.82 76.84 -18.21
C ARG JC 49 -58.58 76.11 -17.70
N ILE JC 50 -57.40 76.65 -18.01
CA ILE JC 50 -56.15 76.04 -17.53
C ILE JC 50 -56.12 76.05 -16.01
N VAL JC 51 -56.57 77.14 -15.39
CA VAL JC 51 -56.53 77.25 -13.93
C VAL JC 51 -57.40 76.18 -13.30
N LYS JC 52 -58.61 75.98 -13.82
CA LYS JC 52 -59.52 75.01 -13.23
C LYS JC 52 -59.01 73.58 -13.44
N GLN JC 53 -58.50 73.28 -14.64
CA GLN JC 53 -57.95 71.96 -14.90
C GLN JC 53 -56.74 71.68 -14.00
N ALA JC 54 -55.85 72.66 -13.86
CA ALA JC 54 -54.66 72.47 -13.03
C ALA JC 54 -55.04 72.30 -11.56
N GLY JC 55 -56.09 72.99 -11.11
CA GLY JC 55 -56.56 72.78 -9.76
C GLY JC 55 -57.00 71.34 -9.52
N ASP JC 56 -57.73 70.77 -10.47
CA ASP JC 56 -58.13 69.37 -10.35
C ASP JC 56 -56.91 68.46 -10.29
N GLN JC 57 -55.93 68.69 -11.15
CA GLN JC 57 -54.73 67.86 -11.17
C GLN JC 57 -53.96 67.97 -9.86
N LEU JC 58 -53.80 69.20 -9.34
CA LEU JC 58 -53.05 69.38 -8.11
C LEU JC 58 -53.75 68.72 -6.94
N PHE JC 59 -55.08 68.82 -6.88
CA PHE JC 59 -55.81 68.19 -5.79
C PHE JC 59 -55.70 66.67 -5.85
N GLN JC 60 -55.70 66.10 -7.05
CA GLN JC 60 -55.52 64.66 -7.18
C GLN JC 60 -54.12 64.24 -6.72
N LYS JC 61 -53.09 64.97 -7.13
CA LYS JC 61 -51.72 64.58 -6.82
C LYS JC 61 -51.40 64.77 -5.34
N ARG JC 62 -51.89 65.85 -4.75
CA ARG JC 62 -51.64 66.17 -3.34
C ARG JC 62 -52.97 66.42 -2.65
N PRO JC 63 -53.74 65.35 -2.39
CA PRO JC 63 -55.05 65.53 -1.73
C PRO JC 63 -54.96 66.04 -0.30
N ASP JC 64 -53.77 65.99 0.31
CA ASP JC 64 -53.62 66.49 1.68
C ASP JC 64 -53.96 67.97 1.76
N VAL JC 65 -53.63 68.73 0.71
CA VAL JC 65 -53.92 70.16 0.70
C VAL JC 65 -55.41 70.40 0.76
N VAL JC 66 -56.20 69.62 0.02
CA VAL JC 66 -57.65 69.74 0.05
C VAL JC 66 -58.29 68.88 1.13
N SER JC 67 -57.51 68.09 1.86
CA SER JC 67 -58.02 67.27 2.94
C SER JC 67 -58.33 68.12 4.16
N PRO JC 68 -59.12 67.58 5.09
CA PRO JC 68 -59.33 68.29 6.36
C PRO JC 68 -58.00 68.51 7.07
N GLY JC 69 -57.82 69.71 7.62
CA GLY JC 69 -56.55 70.10 8.18
C GLY JC 69 -55.58 70.69 7.18
N GLY JC 70 -55.84 70.56 5.89
CA GLY JC 70 -55.01 71.21 4.90
C GLY JC 70 -55.33 72.68 4.76
N ASN JC 71 -54.40 73.40 4.14
CA ASN JC 71 -54.57 74.85 4.00
C ASN JC 71 -55.81 75.20 3.20
N ALA JC 72 -56.05 74.47 2.10
CA ALA JC 72 -57.21 74.72 1.24
C ALA JC 72 -58.36 73.78 1.60
N TYR JC 73 -58.79 73.85 2.85
CA TYR JC 73 -59.95 73.11 3.32
C TYR JC 73 -61.13 74.06 3.37
N GLY JC 74 -62.18 73.75 2.62
CA GLY JC 74 -63.33 74.63 2.51
C GLY JC 74 -63.32 75.44 1.22
N GLU JC 75 -64.49 75.93 0.85
CA GLU JC 75 -64.65 76.62 -0.43
C GLU JC 75 -63.84 77.91 -0.48
N GLU JC 76 -63.86 78.70 0.60
CA GLU JC 76 -63.15 79.97 0.60
C GLU JC 76 -61.65 79.76 0.46
N MET JC 77 -61.09 78.83 1.24
CA MET JC 77 -59.66 78.57 1.15
C MET JC 77 -59.28 78.01 -0.21
N THR JC 78 -60.10 77.12 -0.76
CA THR JC 78 -59.82 76.57 -2.08
C THR JC 78 -59.86 77.65 -3.15
N ALA JC 79 -60.81 78.59 -3.04
CA ALA JC 79 -60.87 79.71 -3.97
C ALA JC 79 -59.62 80.56 -3.86
N THR JC 80 -59.13 80.77 -2.63
CA THR JC 80 -57.88 81.50 -2.45
C THR JC 80 -56.72 80.77 -3.11
N CYS JC 81 -56.72 79.43 -3.03
CA CYS JC 81 -55.68 78.65 -3.71
C CYS JC 81 -55.75 78.86 -5.22
N LEU JC 82 -56.96 78.85 -5.78
CA LEU JC 82 -57.11 79.09 -7.21
C LEU JC 82 -56.64 80.48 -7.59
N ARG JC 83 -56.96 81.48 -6.77
CA ARG JC 83 -56.51 82.85 -7.05
C ARG JC 83 -55.00 82.96 -7.01
N ASP JC 84 -54.37 82.30 -6.04
CA ASP JC 84 -52.91 82.30 -5.97
C ASP JC 84 -52.30 81.63 -7.19
N LEU JC 85 -52.86 80.50 -7.62
CA LEU JC 85 -52.38 79.85 -8.82
C LEU JC 85 -52.58 80.73 -10.05
N ASP JC 86 -53.70 81.46 -10.10
CA ASP JC 86 -53.95 82.38 -11.21
C ASP JC 86 -52.93 83.51 -11.22
N TYR JC 87 -52.58 84.03 -10.05
CA TYR JC 87 -51.55 85.06 -9.98
C TYR JC 87 -50.23 84.54 -10.51
N TYR JC 88 -49.87 83.31 -10.15
CA TYR JC 88 -48.65 82.71 -10.67
C TYR JC 88 -48.71 82.54 -12.19
N LEU JC 89 -49.85 82.08 -12.71
CA LEU JC 89 -49.98 81.87 -14.15
C LEU JC 89 -49.90 83.19 -14.91
N ARG JC 90 -50.55 84.23 -14.41
CA ARG JC 90 -50.47 85.54 -15.05
C ARG JC 90 -49.04 86.07 -15.00
N LEU JC 91 -48.35 85.85 -13.88
CA LEU JC 91 -46.95 86.24 -13.78
C LEU JC 91 -46.11 85.48 -14.81
N VAL JC 92 -46.41 84.20 -15.03
CA VAL JC 92 -45.69 83.43 -16.03
C VAL JC 92 -45.94 84.00 -17.42
N THR JC 93 -47.18 84.42 -17.70
CA THR JC 93 -47.48 85.04 -18.98
C THR JC 93 -46.70 86.34 -19.17
N TYR JC 94 -46.61 87.15 -18.11
CA TYR JC 94 -45.82 88.37 -18.19
C TYR JC 94 -44.36 88.07 -18.45
N GLY JC 95 -43.81 87.07 -17.77
CA GLY JC 95 -42.42 86.69 -18.01
C GLY JC 95 -42.20 86.17 -19.41
N ILE JC 96 -43.14 85.39 -19.94
CA ILE JC 96 -43.01 84.86 -21.29
C ILE JC 96 -42.99 86.00 -22.30
N VAL JC 97 -43.87 86.99 -22.12
CA VAL JC 97 -43.86 88.16 -22.99
C VAL JC 97 -42.53 88.89 -22.89
N ALA JC 98 -41.99 89.01 -21.68
CA ALA JC 98 -40.70 89.66 -21.49
C ALA JC 98 -39.58 88.89 -22.17
N GLY JC 99 -39.68 87.57 -22.23
CA GLY JC 99 -38.63 86.73 -22.78
C GLY JC 99 -37.56 86.32 -21.78
N ASP JC 100 -37.61 86.85 -20.56
CA ASP JC 100 -36.66 86.50 -19.52
C ASP JC 100 -37.42 86.26 -18.22
N VAL JC 101 -36.84 85.43 -17.35
CA VAL JC 101 -37.44 85.15 -16.06
C VAL JC 101 -37.28 86.31 -15.08
N THR JC 102 -36.49 87.32 -15.44
CA THR JC 102 -36.29 88.46 -14.55
C THR JC 102 -37.58 89.19 -14.20
N PRO JC 103 -38.48 89.48 -15.14
CA PRO JC 103 -39.74 90.14 -14.75
C PRO JC 103 -40.55 89.32 -13.76
N ILE JC 104 -40.65 88.01 -13.97
CA ILE JC 104 -41.38 87.16 -13.04
C ILE JC 104 -40.71 87.16 -11.68
N GLU JC 105 -39.37 87.09 -11.66
CA GLU JC 105 -38.64 87.07 -10.40
C GLU JC 105 -38.84 88.36 -9.62
N GLU JC 106 -38.86 89.50 -10.31
CA GLU JC 106 -39.13 90.76 -9.63
C GLU JC 106 -40.55 90.81 -9.07
N ILE JC 107 -41.53 90.35 -9.84
CA ILE JC 107 -42.92 90.40 -9.40
C ILE JC 107 -43.13 89.49 -8.20
N GLY JC 108 -42.60 88.28 -8.26
CA GLY JC 108 -42.74 87.32 -7.19
C GLY JC 108 -41.62 86.29 -7.27
N LEU JC 109 -41.69 85.31 -6.37
CA LEU JC 109 -40.72 84.23 -6.17
C LEU JC 109 -39.48 84.72 -5.43
N VAL JC 110 -39.39 86.01 -5.09
CA VAL JC 110 -38.36 86.53 -4.21
C VAL JC 110 -39.00 86.67 -2.83
N GLY JC 111 -38.56 85.87 -1.87
CA GLY JC 111 -39.23 85.80 -0.60
C GLY JC 111 -40.51 85.01 -0.61
N VAL JC 112 -40.82 84.33 -1.71
CA VAL JC 112 -42.05 83.55 -1.80
C VAL JC 112 -42.04 82.42 -0.78
N ARG JC 113 -40.88 81.82 -0.55
CA ARG JC 113 -40.77 80.80 0.48
C ARG JC 113 -41.17 81.36 1.84
N GLU JC 114 -40.64 82.54 2.18
CA GLU JC 114 -40.99 83.18 3.45
C GLU JC 114 -42.49 83.41 3.53
N MET JC 115 -43.08 84.00 2.49
CA MET JC 115 -44.49 84.38 2.55
C MET JC 115 -45.40 83.17 2.63
N TYR JC 116 -45.22 82.19 1.72
CA TYR JC 116 -46.09 81.03 1.71
C TYR JC 116 -45.95 80.20 2.97
N ASN JC 117 -44.70 80.01 3.44
CA ASN JC 117 -44.51 79.26 4.67
C ASN JC 117 -45.17 79.95 5.86
N SER JC 118 -45.09 81.27 5.92
CA SER JC 118 -45.78 82.01 6.97
C SER JC 118 -47.29 81.83 6.85
N LEU JC 119 -47.81 81.85 5.62
CA LEU JC 119 -49.25 81.68 5.43
C LEU JC 119 -49.71 80.29 5.88
N GLY JC 120 -48.84 79.29 5.79
CA GLY JC 120 -49.17 77.95 6.23
C GLY JC 120 -49.53 76.98 5.15
N THR JC 121 -49.40 77.37 3.88
CA THR JC 121 -49.62 76.45 2.76
C THR JC 121 -48.31 75.74 2.40
N PRO JC 122 -48.37 74.47 2.03
CA PRO JC 122 -47.12 73.73 1.76
C PRO JC 122 -46.45 74.19 0.48
N ILE JC 123 -45.17 74.55 0.59
CA ILE JC 123 -44.42 74.96 -0.60
C ILE JC 123 -44.36 73.85 -1.62
N PRO JC 124 -44.10 72.58 -1.27
CA PRO JC 124 -44.10 71.53 -2.28
C PRO JC 124 -45.42 71.39 -3.02
N ALA JC 125 -46.54 71.55 -2.30
CA ALA JC 125 -47.84 71.45 -2.96
C ALA JC 125 -48.06 72.59 -3.94
N VAL JC 126 -47.64 73.80 -3.57
CA VAL JC 126 -47.72 74.94 -4.50
C VAL JC 126 -46.89 74.65 -5.74
N ALA JC 127 -45.68 74.10 -5.56
CA ALA JC 127 -44.85 73.75 -6.69
C ALA JC 127 -45.51 72.70 -7.58
N GLU JC 128 -46.19 71.72 -6.96
CA GLU JC 128 -46.90 70.72 -7.74
C GLU JC 128 -48.00 71.34 -8.58
N GLY JC 129 -48.71 72.33 -8.02
CA GLY JC 129 -49.70 73.06 -8.81
C GLY JC 129 -49.08 73.76 -10.00
N ILE JC 130 -47.91 74.36 -9.82
CA ILE JC 130 -47.21 74.99 -10.94
C ILE JC 130 -46.88 73.96 -12.01
N ARG JC 131 -46.45 72.77 -11.59
CA ARG JC 131 -46.15 71.70 -12.55
C ARG JC 131 -47.39 71.29 -13.33
N ALA JC 132 -48.53 71.19 -12.64
CA ALA JC 132 -49.78 70.86 -13.34
C ALA JC 132 -50.13 71.93 -14.36
N MET JC 133 -49.92 73.20 -14.01
CA MET JC 133 -50.16 74.27 -14.98
C MET JC 133 -49.27 74.13 -16.20
N LYS JC 134 -48.00 73.77 -15.99
CA LYS JC 134 -47.09 73.58 -17.12
C LYS JC 134 -47.56 72.45 -18.02
N ASN JC 135 -48.03 71.34 -17.42
CA ASN JC 135 -48.54 70.23 -18.22
C ASN JC 135 -49.76 70.64 -19.02
N VAL JC 136 -50.68 71.38 -18.41
CA VAL JC 136 -51.87 71.84 -19.12
C VAL JC 136 -51.48 72.76 -20.27
N ALA JC 137 -50.51 73.65 -20.04
CA ALA JC 137 -50.05 74.53 -21.10
C ALA JC 137 -49.43 73.74 -22.25
N CYS JC 138 -48.69 72.67 -21.93
CA CYS JC 138 -48.14 71.83 -22.98
C CYS JC 138 -49.24 71.21 -23.82
N SER JC 139 -50.32 70.77 -23.18
CA SER JC 139 -51.44 70.20 -23.92
C SER JC 139 -52.11 71.26 -24.80
N LEU JC 140 -52.24 72.48 -24.30
CA LEU JC 140 -53.02 73.51 -24.96
C LEU JC 140 -52.21 74.39 -25.92
N LEU JC 141 -50.91 74.17 -26.04
CA LEU JC 141 -50.06 75.03 -26.87
C LEU JC 141 -49.22 74.18 -27.82
N SER JC 142 -48.73 74.84 -28.87
CA SER JC 142 -47.85 74.18 -29.83
C SER JC 142 -46.50 73.89 -29.19
N ALA JC 143 -45.81 72.89 -29.75
CA ALA JC 143 -44.58 72.39 -29.13
C ALA JC 143 -43.50 73.46 -29.07
N GLU JC 144 -43.33 74.23 -30.16
CA GLU JC 144 -42.29 75.26 -30.17
C GLU JC 144 -42.58 76.34 -29.14
N ASP JC 145 -43.84 76.80 -29.07
CA ASP JC 145 -44.21 77.74 -28.03
C ASP JC 145 -44.16 77.08 -26.65
N ALA JC 146 -44.52 75.80 -26.57
CA ALA JC 146 -44.45 75.10 -25.30
C ALA JC 146 -43.02 74.97 -24.79
N ALA JC 147 -42.05 74.95 -25.70
CA ALA JC 147 -40.65 74.88 -25.29
C ALA JC 147 -40.26 76.12 -24.49
N GLU JC 148 -40.57 77.30 -25.01
CA GLU JC 148 -40.28 78.53 -24.29
C GLU JC 148 -41.13 78.65 -23.03
N ALA JC 149 -42.43 78.39 -23.16
CA ALA JC 149 -43.33 78.46 -22.02
C ALA JC 149 -42.92 77.47 -20.93
N GLY JC 150 -42.53 76.27 -21.34
CA GLY JC 150 -42.07 75.29 -20.37
C GLY JC 150 -40.80 75.75 -19.66
N SER JC 151 -39.92 76.45 -20.37
CA SER JC 151 -38.69 76.93 -19.75
C SER JC 151 -38.99 77.96 -18.67
N TYR JC 152 -39.87 78.92 -18.96
CA TYR JC 152 -40.22 79.92 -17.96
C TYR JC 152 -40.99 79.28 -16.79
N PHE JC 153 -41.90 78.36 -17.09
CA PHE JC 153 -42.56 77.59 -16.05
C PHE JC 153 -41.54 76.88 -15.16
N ASP JC 154 -40.54 76.25 -15.78
CA ASP JC 154 -39.56 75.50 -15.02
C ASP JC 154 -38.73 76.41 -14.12
N PHE JC 155 -38.45 77.64 -14.58
CA PHE JC 155 -37.78 78.59 -13.72
C PHE JC 155 -38.62 78.89 -12.48
N VAL JC 156 -39.94 79.02 -12.67
CA VAL JC 156 -40.83 79.23 -11.52
C VAL JC 156 -40.78 78.02 -10.60
N ILE JC 157 -40.76 76.82 -11.17
CA ILE JC 157 -40.71 75.61 -10.35
C ILE JC 157 -39.44 75.56 -9.54
N GLY JC 158 -38.30 75.90 -10.16
CA GLY JC 158 -37.04 75.91 -9.43
C GLY JC 158 -37.01 76.93 -8.32
N ALA JC 159 -37.57 78.12 -8.58
CA ALA JC 159 -37.65 79.14 -7.52
C ALA JC 159 -38.53 78.65 -6.37
N MET JC 160 -39.63 77.97 -6.70
CA MET JC 160 -40.49 77.42 -5.65
C MET JC 160 -39.75 76.39 -4.81
N GLN JC 161 -38.91 75.57 -5.45
CA GLN JC 161 -38.11 74.57 -4.73
C GLN JC 161 -37.20 75.23 -3.71
N MET KC 1 -34.47 100.00 -12.96
CA MET KC 1 -34.49 100.21 -14.41
C MET KC 1 -35.80 99.74 -15.02
N GLN KC 2 -35.99 100.03 -16.30
CA GLN KC 2 -37.18 99.59 -17.01
C GLN KC 2 -36.85 99.50 -18.50
N ASP KC 3 -37.65 98.73 -19.20
CA ASP KC 3 -37.65 98.66 -20.65
C ASP KC 3 -39.05 98.97 -21.16
N ALA KC 4 -39.22 98.98 -22.48
CA ALA KC 4 -40.56 99.19 -23.03
C ALA KC 4 -41.49 98.06 -22.61
N ILE KC 5 -41.06 96.82 -22.83
CA ILE KC 5 -41.86 95.66 -22.41
C ILE KC 5 -42.02 95.64 -20.90
N THR KC 6 -40.94 95.93 -20.17
CA THR KC 6 -41.00 95.90 -18.71
C THR KC 6 -41.96 96.95 -18.17
N ALA KC 7 -41.98 98.14 -18.78
CA ALA KC 7 -42.89 99.18 -18.35
C ALA KC 7 -44.34 98.80 -18.61
N VAL KC 8 -44.62 98.21 -19.77
CA VAL KC 8 -45.96 97.72 -20.04
C VAL KC 8 -46.33 96.64 -19.02
N ILE KC 9 -45.38 95.77 -18.69
CA ILE KC 9 -45.64 94.71 -17.72
C ILE KC 9 -45.90 95.31 -16.33
N ASN KC 10 -45.18 96.37 -15.97
CA ASN KC 10 -45.39 97.00 -14.67
C ASN KC 10 -46.78 97.61 -14.58
N ALA KC 11 -47.23 98.29 -15.65
CA ALA KC 11 -48.58 98.82 -15.67
C ALA KC 11 -49.61 97.70 -15.57
N SER KC 12 -49.39 96.61 -16.29
CA SER KC 12 -50.31 95.48 -16.23
C SER KC 12 -50.32 94.84 -14.85
N ASP KC 13 -49.16 94.80 -14.19
CA ASP KC 13 -49.08 94.22 -12.86
C ASP KC 13 -49.83 95.07 -11.84
N VAL KC 14 -49.70 96.40 -11.94
CA VAL KC 14 -50.47 97.29 -11.06
C VAL KC 14 -51.95 97.08 -11.29
N GLN KC 15 -52.37 96.97 -12.56
CA GLN KC 15 -53.77 96.69 -12.86
C GLN KC 15 -54.20 95.32 -12.35
N GLY KC 16 -53.30 94.35 -12.38
CA GLY KC 16 -53.63 92.98 -12.03
C GLY KC 16 -54.27 92.18 -13.14
N LYS KC 17 -54.45 92.78 -14.32
CA LYS KC 17 -55.21 92.17 -15.39
C LYS KC 17 -54.30 91.33 -16.30
N TYR KC 18 -54.94 90.45 -17.07
CA TYR KC 18 -54.24 89.67 -18.06
C TYR KC 18 -53.77 90.57 -19.21
N LEU KC 19 -52.91 90.02 -20.06
CA LEU KC 19 -52.32 90.80 -21.14
C LEU KC 19 -53.40 91.37 -22.05
N ASP KC 20 -53.28 92.66 -22.35
CA ASP KC 20 -54.28 93.38 -23.13
C ASP KC 20 -53.84 93.51 -24.57
N THR KC 21 -54.82 93.61 -25.48
CA THR KC 21 -54.51 93.78 -26.89
C THR KC 21 -53.84 95.12 -27.16
N ALA KC 22 -54.28 96.17 -26.48
CA ALA KC 22 -53.65 97.48 -26.64
C ALA KC 22 -52.21 97.45 -26.13
N ALA KC 23 -51.98 96.79 -25.00
CA ALA KC 23 -50.60 96.60 -24.52
C ALA KC 23 -49.78 95.81 -25.52
N MET KC 24 -50.41 94.80 -26.15
CA MET KC 24 -49.72 94.04 -27.18
C MET KC 24 -49.35 94.93 -28.36
N GLU KC 25 -50.23 95.85 -28.74
CA GLU KC 25 -49.91 96.78 -29.82
C GLU KC 25 -48.73 97.66 -29.47
N LYS KC 26 -48.69 98.18 -28.24
CA LYS KC 26 -47.56 98.98 -27.81
C LYS KC 26 -46.26 98.17 -27.84
N LEU KC 27 -46.31 96.93 -27.33
CA LEU KC 27 -45.14 96.07 -27.36
C LEU KC 27 -44.74 95.75 -28.79
N LYS KC 28 -45.73 95.59 -29.68
CA LYS KC 28 -45.43 95.33 -31.09
C LYS KC 28 -44.71 96.52 -31.72
N ALA KC 29 -45.09 97.74 -31.34
CA ALA KC 29 -44.37 98.91 -31.82
C ALA KC 29 -42.92 98.89 -31.35
N TYR KC 30 -42.68 98.52 -30.10
CA TYR KC 30 -41.32 98.39 -29.61
C TYR KC 30 -40.55 97.34 -30.40
N PHE KC 31 -41.18 96.19 -30.67
CA PHE KC 31 -40.52 95.14 -31.43
C PHE KC 31 -40.24 95.59 -32.87
N ALA KC 32 -41.19 96.32 -33.48
CA ALA KC 32 -41.01 96.75 -34.86
C ALA KC 32 -39.89 97.77 -35.00
N THR KC 33 -39.81 98.72 -34.07
CA THR KC 33 -38.74 99.72 -34.11
C THR KC 33 -37.43 99.19 -33.56
N GLY KC 34 -37.43 98.02 -32.92
CA GLY KC 34 -36.23 97.53 -32.28
C GLY KC 34 -35.09 97.24 -33.25
N GLU KC 35 -35.42 96.65 -34.40
CA GLU KC 35 -34.38 96.30 -35.37
C GLU KC 35 -33.65 97.53 -35.87
N LEU KC 36 -34.41 98.55 -36.32
CA LEU KC 36 -33.79 99.79 -36.76
C LEU KC 36 -33.03 100.47 -35.61
N ARG KC 37 -33.61 100.43 -34.41
CA ARG KC 37 -32.93 101.03 -33.26
C ARG KC 37 -31.62 100.34 -32.97
N VAL KC 38 -31.58 99.01 -33.12
CA VAL KC 38 -30.35 98.28 -32.83
C VAL KC 38 -29.25 98.64 -33.83
N ARG KC 39 -29.59 98.68 -35.12
CA ARG KC 39 -28.60 99.07 -36.12
C ARG KC 39 -28.08 100.47 -35.85
N ALA KC 40 -28.99 101.40 -35.54
CA ALA KC 40 -28.60 102.78 -35.26
C ALA KC 40 -27.74 102.87 -34.00
N ALA KC 41 -28.08 102.09 -32.98
CA ALA KC 41 -27.30 102.10 -31.75
C ALA KC 41 -25.89 101.59 -32.00
N SER KC 42 -25.73 100.59 -32.87
CA SER KC 42 -24.40 100.14 -33.25
C SER KC 42 -23.61 101.27 -33.91
N VAL KC 43 -24.26 102.04 -34.78
CA VAL KC 43 -23.59 103.17 -35.42
C VAL KC 43 -23.18 104.20 -34.37
N ILE KC 44 -24.05 104.48 -33.41
CA ILE KC 44 -23.74 105.43 -32.36
C ILE KC 44 -22.54 104.96 -31.55
N SER KC 45 -22.48 103.66 -31.25
CA SER KC 45 -21.34 103.11 -30.53
C SER KC 45 -20.06 103.28 -31.33
N ALA KC 46 -20.10 103.03 -32.64
CA ALA KC 46 -18.90 103.09 -33.45
C ALA KC 46 -18.34 104.51 -33.49
N ASN KC 47 -19.20 105.52 -33.60
CA ASN KC 47 -18.77 106.90 -33.73
C ASN KC 47 -18.98 107.70 -32.44
N ALA KC 48 -19.00 107.02 -31.29
CA ALA KC 48 -19.29 107.70 -30.03
C ALA KC 48 -18.22 108.72 -29.69
N ALA KC 49 -16.94 108.37 -29.85
CA ALA KC 49 -15.86 109.30 -29.51
C ALA KC 49 -15.90 110.54 -30.40
N ASN KC 50 -16.11 110.36 -31.70
CA ASN KC 50 -16.17 111.50 -32.61
C ASN KC 50 -17.34 112.40 -32.28
N ILE KC 51 -18.49 111.82 -31.93
CA ILE KC 51 -19.65 112.62 -31.57
C ILE KC 51 -19.37 113.47 -30.34
N VAL KC 52 -18.72 112.88 -29.34
CA VAL KC 52 -18.38 113.64 -28.14
C VAL KC 52 -17.44 114.78 -28.47
N LYS KC 53 -16.44 114.53 -29.31
CA LYS KC 53 -15.49 115.58 -29.67
C LYS KC 53 -16.19 116.72 -30.40
N GLU KC 54 -17.06 116.40 -31.35
CA GLU KC 54 -17.75 117.43 -32.11
C GLU KC 54 -18.64 118.28 -31.22
N ALA KC 55 -19.40 117.64 -30.33
CA ALA KC 55 -20.26 118.39 -29.42
C ALA KC 55 -19.45 119.25 -28.47
N VAL KC 56 -18.34 118.71 -27.96
CA VAL KC 56 -17.50 119.48 -27.04
C VAL KC 56 -16.95 120.72 -27.73
N ALA KC 57 -16.53 120.57 -29.00
CA ALA KC 57 -16.08 121.73 -29.74
C ALA KC 57 -17.20 122.74 -29.96
N LYS KC 58 -18.40 122.24 -30.33
CA LYS KC 58 -19.50 123.15 -30.63
C LYS KC 58 -19.85 124.02 -29.42
N SER KC 59 -20.01 123.41 -28.26
CA SER KC 59 -20.33 124.18 -27.06
C SER KC 59 -19.13 124.95 -26.53
N LEU KC 60 -17.95 124.34 -26.58
CA LEU KC 60 -16.73 124.92 -26.01
C LEU KC 60 -15.60 124.85 -27.04
N LEU KC 61 -15.52 125.86 -27.90
CA LEU KC 61 -14.38 126.08 -28.79
C LEU KC 61 -13.85 127.47 -28.50
N TYR KC 62 -12.66 127.55 -27.90
CA TYR KC 62 -12.10 128.82 -27.43
C TYR KC 62 -13.09 129.54 -26.54
N SER KC 63 -13.77 128.78 -25.68
CA SER KC 63 -14.86 129.30 -24.89
C SER KC 63 -14.34 130.09 -23.69
N ASP KC 64 -15.18 131.00 -23.19
CA ASP KC 64 -14.87 131.69 -21.95
C ASP KC 64 -14.81 130.72 -20.78
N ILE KC 65 -15.59 129.64 -20.84
CA ILE KC 65 -15.49 128.59 -19.82
C ILE KC 65 -14.10 127.98 -19.83
N THR KC 66 -13.53 127.79 -21.01
CA THR KC 66 -12.14 127.33 -21.09
C THR KC 66 -11.17 128.40 -20.61
N ARG KC 67 -11.50 129.67 -20.81
CA ARG KC 67 -10.62 130.75 -20.37
C ARG KC 67 -10.57 130.78 -18.84
N PRO KC 68 -9.48 131.31 -18.28
CA PRO KC 68 -9.28 131.21 -16.82
C PRO KC 68 -10.43 131.82 -16.04
N GLY KC 69 -10.81 131.13 -14.96
CA GLY KC 69 -11.92 131.55 -14.14
C GLY KC 69 -13.29 131.20 -14.70
N GLY KC 70 -13.36 130.36 -15.73
CA GLY KC 70 -14.62 130.03 -16.36
C GLY KC 70 -15.27 128.74 -15.87
N MET KC 72 -14.38 125.78 -16.16
CA MET KC 72 -13.86 124.64 -16.91
C MET KC 72 -12.40 124.88 -17.24
N TYR KC 73 -11.82 125.88 -16.57
CA TYR KC 73 -10.48 126.38 -16.90
C TYR KC 73 -9.41 125.68 -16.07
N THR KC 74 -9.35 124.36 -16.22
CA THR KC 74 -8.29 123.56 -15.64
C THR KC 74 -8.17 122.29 -16.46
N THR KC 75 -7.01 121.64 -16.35
CA THR KC 75 -6.88 120.33 -16.98
C THR KC 75 -7.85 119.34 -16.36
N ARG KC 76 -7.94 119.33 -15.03
CA ARG KC 76 -8.92 118.49 -14.35
C ARG KC 76 -10.34 118.90 -14.70
N ARG KC 77 -10.61 120.20 -14.74
CA ARG KC 77 -11.96 120.68 -15.04
C ARG KC 77 -12.37 120.32 -16.46
N TYR KC 78 -11.46 120.49 -17.43
CA TYR KC 78 -11.77 120.14 -18.81
C TYR KC 78 -12.00 118.64 -18.96
N ALA KC 79 -11.17 117.82 -18.31
CA ALA KC 79 -11.35 116.38 -18.37
C ALA KC 79 -12.67 115.97 -17.74
N ALA KC 80 -13.02 116.57 -16.61
CA ALA KC 80 -14.30 116.26 -15.97
C ALA KC 80 -15.47 116.66 -16.87
N CYS KC 81 -15.35 117.81 -17.53
CA CYS KC 81 -16.39 118.26 -18.45
C CYS KC 81 -16.59 117.26 -19.58
N ILE KC 82 -15.49 116.74 -20.13
CA ILE KC 82 -15.59 115.73 -21.18
C ILE KC 82 -16.22 114.46 -20.63
N ARG KC 83 -15.82 114.05 -19.42
CA ARG KC 83 -16.25 112.77 -18.87
C ARG KC 83 -17.75 112.73 -18.64
N ASP KC 84 -18.31 113.80 -18.06
CA ASP KC 84 -19.74 113.80 -17.76
C ASP KC 84 -20.57 113.68 -19.02
N LEU KC 85 -20.20 114.41 -20.07
CA LEU KC 85 -20.94 114.34 -21.32
C LEU KC 85 -20.84 112.96 -21.95
N ASP KC 86 -19.67 112.34 -21.89
CA ASP KC 86 -19.51 111.00 -22.45
C ASP KC 86 -20.41 110.00 -21.73
N TYR KC 87 -20.45 110.06 -20.39
CA TYR KC 87 -21.30 109.15 -19.64
C TYR KC 87 -22.78 109.38 -19.97
N TYR KC 88 -23.19 110.64 -20.09
CA TYR KC 88 -24.57 110.93 -20.45
C TYR KC 88 -24.90 110.37 -21.82
N LEU KC 89 -23.97 110.49 -22.78
CA LEU KC 89 -24.21 109.98 -24.12
C LEU KC 89 -24.38 108.46 -24.12
N ARG KC 90 -23.53 107.75 -23.37
CA ARG KC 90 -23.63 106.29 -23.34
C ARG KC 90 -24.94 105.84 -22.74
N TYR KC 91 -25.31 106.41 -21.59
CA TYR KC 91 -26.58 106.03 -20.95
C TYR KC 91 -27.76 106.38 -21.84
N ALA KC 92 -27.70 107.53 -22.52
CA ALA KC 92 -28.77 107.93 -23.41
C ALA KC 92 -28.90 106.97 -24.59
N THR KC 93 -27.77 106.50 -25.12
CA THR KC 93 -27.81 105.54 -26.22
C THR KC 93 -28.50 104.25 -25.78
N TYR KC 94 -28.17 103.77 -24.58
CA TYR KC 94 -28.84 102.58 -24.06
C TYR KC 94 -30.33 102.83 -23.87
N ALA KC 95 -30.70 103.99 -23.35
CA ALA KC 95 -32.11 104.30 -23.14
C ALA KC 95 -32.86 104.39 -24.46
N MET KC 96 -32.25 105.00 -25.48
CA MET KC 96 -32.90 105.12 -26.78
C MET KC 96 -33.12 103.75 -27.41
N LEU KC 97 -32.12 102.87 -27.32
CA LEU KC 97 -32.29 101.51 -27.82
C LEU KC 97 -33.39 100.77 -27.05
N ALA KC 98 -33.44 100.96 -25.73
CA ALA KC 98 -34.44 100.29 -24.93
C ALA KC 98 -35.84 100.81 -25.24
N GLY KC 99 -35.97 102.09 -25.55
CA GLY KC 99 -37.26 102.70 -25.77
C GLY KC 99 -37.94 103.23 -24.53
N ASP KC 100 -37.32 103.10 -23.36
CA ASP KC 100 -37.86 103.62 -22.12
C ASP KC 100 -36.84 104.54 -21.46
N PRO KC 101 -37.25 105.72 -20.99
CA PRO KC 101 -36.30 106.68 -20.40
C PRO KC 101 -36.19 106.62 -18.87
N SER KC 102 -36.99 105.78 -18.20
CA SER KC 102 -36.98 105.77 -16.74
C SER KC 102 -35.62 105.34 -16.19
N ILE KC 103 -34.99 104.35 -16.83
CA ILE KC 103 -33.68 103.90 -16.36
C ILE KC 103 -32.66 105.02 -16.44
N LEU KC 104 -32.68 105.79 -17.53
CA LEU KC 104 -31.76 106.91 -17.66
C LEU KC 104 -32.00 107.95 -16.57
N ASP KC 105 -33.27 108.24 -16.27
CA ASP KC 105 -33.58 109.20 -15.21
C ASP KC 105 -33.07 108.73 -13.86
N GLU KC 106 -33.27 107.44 -13.55
CA GLU KC 106 -32.87 106.94 -12.24
C GLU KC 106 -31.36 106.88 -12.10
N ARG KC 107 -30.67 106.34 -13.11
CA ARG KC 107 -29.23 106.14 -12.98
C ARG KC 107 -28.47 107.45 -13.07
N VAL KC 108 -28.85 108.33 -13.99
CA VAL KC 108 -28.08 109.54 -14.29
C VAL KC 108 -28.71 110.76 -13.65
N LEU KC 109 -30.02 110.98 -13.86
CA LEU KC 109 -30.63 112.23 -13.44
C LEU KC 109 -30.75 112.33 -11.91
N ASN KC 110 -30.92 111.21 -11.22
CA ASN KC 110 -31.08 111.24 -9.78
C ASN KC 110 -29.79 111.71 -9.11
N GLY KC 111 -29.88 112.84 -8.40
CA GLY KC 111 -28.73 113.40 -7.70
C GLY KC 111 -27.83 114.26 -8.57
N LEU KC 112 -27.96 114.18 -9.89
CA LEU KC 112 -27.10 114.97 -10.77
C LEU KC 112 -27.34 116.47 -10.59
N LYS KC 113 -28.61 116.87 -10.48
CA LYS KC 113 -28.92 118.29 -10.29
C LYS KC 113 -28.36 118.81 -8.99
N GLU KC 114 -28.48 118.04 -7.91
CA GLU KC 114 -27.94 118.47 -6.62
C GLU KC 114 -26.41 118.58 -6.67
N THR KC 115 -25.75 117.61 -7.29
CA THR KC 115 -24.30 117.66 -7.41
C THR KC 115 -23.86 118.85 -8.26
N TYR KC 116 -24.56 119.10 -9.36
CA TYR KC 116 -24.22 120.24 -10.22
C TYR KC 116 -24.44 121.55 -9.48
N ASN KC 117 -25.52 121.63 -8.69
CA ASN KC 117 -25.76 122.84 -7.90
C ASN KC 117 -24.65 123.06 -6.88
N SER KC 118 -24.21 121.99 -6.21
CA SER KC 118 -23.12 122.13 -5.23
C SER KC 118 -21.83 122.55 -5.92
N LEU KC 119 -21.53 121.96 -7.07
CA LEU KC 119 -20.32 122.33 -7.80
C LEU KC 119 -20.40 123.75 -8.34
N GLY KC 120 -21.61 124.21 -8.67
CA GLY KC 120 -21.78 125.50 -9.31
C GLY KC 120 -21.66 125.49 -10.81
N VAL KC 121 -21.50 124.31 -11.43
CA VAL KC 121 -21.36 124.20 -12.87
C VAL KC 121 -22.65 124.64 -13.54
N PRO KC 122 -22.59 125.26 -14.71
CA PRO KC 122 -23.81 125.81 -15.34
C PRO KC 122 -24.62 124.72 -16.02
N ILE KC 123 -25.81 124.46 -15.47
CA ILE KC 123 -26.69 123.45 -16.04
C ILE KC 123 -27.11 123.84 -17.45
N ALA KC 124 -27.37 125.13 -17.67
CA ALA KC 124 -27.77 125.59 -19.00
C ALA KC 124 -26.65 125.41 -20.02
N ALA KC 125 -25.40 125.68 -19.62
CA ALA KC 125 -24.28 125.45 -20.53
C ALA KC 125 -24.15 123.97 -20.86
N THR KC 126 -24.30 123.11 -19.87
CA THR KC 126 -24.30 121.67 -20.13
C THR KC 126 -25.46 121.28 -21.04
N VAL KC 127 -26.61 121.94 -20.89
CA VAL KC 127 -27.76 121.63 -21.73
C VAL KC 127 -27.50 122.03 -23.18
N GLN KC 128 -26.84 123.17 -23.38
CA GLN KC 128 -26.45 123.57 -24.73
C GLN KC 128 -25.50 122.56 -25.35
N ALA KC 129 -24.53 122.09 -24.56
CA ALA KC 129 -23.64 121.04 -25.04
C ALA KC 129 -24.40 119.77 -25.36
N ILE KC 130 -25.39 119.42 -24.53
CA ILE KC 130 -26.19 118.23 -24.78
C ILE KC 130 -26.99 118.38 -26.06
N GLN KC 131 -27.54 119.58 -26.30
CA GLN KC 131 -28.26 119.81 -27.55
C GLN KC 131 -27.33 119.69 -28.75
N ALA KC 132 -26.11 120.19 -28.64
CA ALA KC 132 -25.13 120.03 -29.71
C ALA KC 132 -24.81 118.57 -29.94
N MET KC 133 -24.68 117.79 -28.85
CA MET KC 133 -24.46 116.35 -28.98
C MET KC 133 -25.64 115.68 -29.67
N LYS KC 134 -26.86 116.10 -29.32
CA LYS KC 134 -28.04 115.54 -29.97
C LYS KC 134 -28.03 115.82 -31.47
N GLU KC 135 -27.66 117.05 -31.86
CA GLU KC 135 -27.62 117.40 -33.28
C GLU KC 135 -26.57 116.58 -34.01
N VAL KC 136 -25.38 116.46 -33.43
CA VAL KC 136 -24.31 115.71 -34.08
C VAL KC 136 -24.68 114.23 -34.16
N THR KC 137 -25.23 113.69 -33.08
CA THR KC 137 -25.63 112.28 -33.08
C THR KC 137 -26.73 112.02 -34.10
N ALA KC 138 -27.69 112.95 -34.20
CA ALA KC 138 -28.75 112.80 -35.21
C ALA KC 138 -28.17 112.83 -36.62
N SER KC 139 -27.20 113.72 -36.87
CA SER KC 139 -26.58 113.79 -38.18
C SER KC 139 -25.88 112.48 -38.53
N LEU KC 140 -25.09 111.95 -37.60
CA LEU KC 140 -24.33 110.73 -37.88
C LEU KC 140 -25.24 109.51 -38.00
N VAL KC 141 -26.19 109.37 -37.07
CA VAL KC 141 -27.01 108.16 -37.03
C VAL KC 141 -28.09 108.17 -38.08
N GLY KC 142 -28.63 109.35 -38.42
CA GLY KC 142 -29.74 109.47 -39.33
C GLY KC 142 -30.94 110.13 -38.67
N ALA KC 143 -31.90 110.51 -39.53
CA ALA KC 143 -33.07 111.23 -39.05
C ALA KC 143 -33.94 110.33 -38.17
N ASP KC 144 -34.22 109.10 -38.62
CA ASP KC 144 -35.03 108.19 -37.83
C ASP KC 144 -34.35 107.88 -36.50
N ALA KC 145 -33.05 107.61 -36.53
CA ALA KC 145 -32.30 107.41 -35.29
C ALA KC 145 -32.22 108.69 -34.47
N GLY KC 146 -32.15 109.85 -35.15
CA GLY KC 146 -32.11 111.11 -34.42
C GLY KC 146 -33.35 111.37 -33.61
N LYS KC 147 -34.50 110.88 -34.08
CA LYS KC 147 -35.74 111.06 -33.34
C LYS KC 147 -35.67 110.37 -31.98
N GLU KC 148 -35.18 109.13 -31.95
CA GLU KC 148 -35.01 108.43 -30.68
C GLU KC 148 -33.93 109.10 -29.83
N MET KC 149 -32.79 109.44 -30.45
CA MET KC 149 -31.75 110.16 -29.73
C MET KC 149 -32.27 111.49 -29.22
N GLY KC 150 -33.14 112.15 -29.99
CA GLY KC 150 -33.72 113.41 -29.54
C GLY KC 150 -34.58 113.24 -28.30
N ILE KC 151 -35.33 112.14 -28.23
CA ILE KC 151 -36.14 111.88 -27.05
C ILE KC 151 -35.26 111.68 -25.82
N TYR KC 152 -34.19 110.89 -25.97
CA TYR KC 152 -33.27 110.68 -24.86
C TYR KC 152 -32.60 112.00 -24.45
N PHE KC 153 -32.19 112.81 -25.44
CA PHE KC 153 -31.57 114.09 -25.13
C PHE KC 153 -32.57 115.04 -24.47
N ASP KC 154 -33.84 114.97 -24.86
CA ASP KC 154 -34.85 115.78 -24.19
C ASP KC 154 -35.01 115.39 -22.73
N TYR KC 155 -34.95 114.09 -22.45
CA TYR KC 155 -34.95 113.65 -21.06
C TYR KC 155 -33.73 114.18 -20.32
N ILE KC 156 -32.57 114.22 -20.99
CA ILE KC 156 -31.37 114.77 -20.38
C ILE KC 156 -31.56 116.26 -20.10
N CYS KC 157 -32.19 116.98 -21.03
CA CYS KC 157 -32.46 118.39 -20.80
C CYS KC 157 -33.40 118.60 -19.61
N SER KC 158 -34.42 117.74 -19.49
CA SER KC 158 -35.29 117.80 -18.34
C SER KC 158 -34.52 117.55 -17.05
N GLY KC 159 -33.59 116.60 -17.08
CA GLY KC 159 -32.74 116.37 -15.92
C GLY KC 159 -31.89 117.57 -15.57
N LEU KC 160 -31.40 118.28 -16.59
CA LEU KC 160 -30.69 119.53 -16.34
C LEU KC 160 -31.62 120.55 -15.67
N SER KC 161 -32.87 120.59 -16.08
CA SER KC 161 -33.87 121.43 -15.43
C SER KC 161 -34.11 120.96 -13.99
N ARG LC 2 -11.29 118.79 0.45
CA ARG LC 2 -12.68 119.13 0.13
C ARG LC 2 -13.54 117.88 0.06
N MET LC 3 -14.65 117.87 0.80
CA MET LC 3 -15.52 116.72 0.86
C MET LC 3 -16.97 117.18 0.88
N PHE LC 4 -17.87 116.25 0.57
CA PHE LC 4 -19.28 116.52 0.44
C PHE LC 4 -20.08 115.65 1.40
N LYS LC 5 -21.07 116.26 2.06
CA LYS LC 5 -21.99 115.54 2.93
C LYS LC 5 -23.21 115.14 2.10
N ILE LC 6 -23.35 113.84 1.86
CA ILE LC 6 -24.42 113.30 1.02
C ILE LC 6 -25.20 112.28 1.82
N THR LC 7 -26.53 112.35 1.74
CA THR LC 7 -27.41 111.39 2.39
C THR LC 7 -28.29 110.74 1.33
N ALA LC 8 -28.31 109.41 1.32
CA ALA LC 8 -29.07 108.65 0.34
C ALA LC 8 -29.66 107.42 1.00
N CYS LC 9 -30.78 106.95 0.44
CA CYS LC 9 -31.48 105.78 0.96
C CYS LC 9 -31.57 104.74 -0.14
N VAL LC 10 -31.09 103.53 0.14
CA VAL LC 10 -31.05 102.45 -0.83
C VAL LC 10 -31.96 101.32 -0.32
N PRO LC 11 -32.97 100.92 -1.08
CA PRO LC 11 -33.80 99.79 -0.65
C PRO LC 11 -33.07 98.47 -0.86
N SER LC 12 -33.06 97.63 0.17
CA SER LC 12 -32.39 96.32 0.11
C SER LC 12 -33.33 95.26 -0.46
N GLN LC 13 -33.71 95.47 -1.72
CA GLN LC 13 -34.68 94.58 -2.36
C GLN LC 13 -34.10 93.19 -2.57
N THR LC 14 -32.83 93.10 -2.99
CA THR LC 14 -32.25 91.80 -3.34
C THR LC 14 -32.13 90.89 -2.12
N ARG LC 15 -31.72 91.44 -0.98
CA ARG LC 15 -31.51 90.66 0.24
C ARG LC 15 -32.46 91.18 1.33
N ILE LC 16 -33.40 90.33 1.75
CA ILE LC 16 -34.33 90.70 2.82
C ILE LC 16 -33.64 90.34 4.12
N ARG LC 17 -32.77 91.24 4.58
CA ARG LC 17 -31.82 90.91 5.62
C ARG LC 17 -32.51 90.75 6.97
N THR LC 18 -32.23 89.62 7.63
CA THR LC 18 -32.76 89.39 8.97
C THR LC 18 -32.15 90.35 9.98
N GLN LC 19 -30.83 90.54 9.92
CA GLN LC 19 -30.17 91.47 10.82
C GLN LC 19 -30.63 92.90 10.54
N ARG LC 20 -30.64 93.72 11.59
CA ARG LC 20 -31.11 95.10 11.49
C ARG LC 20 -30.39 95.84 10.37
N GLU LC 21 -31.15 96.29 9.38
CA GLU LC 21 -30.58 96.95 8.21
C GLU LC 21 -31.20 98.33 7.96
N LEU LC 22 -31.92 98.89 8.92
CA LEU LC 22 -32.51 100.22 8.73
C LEU LC 22 -31.42 101.28 8.59
N GLN LC 23 -30.34 101.15 9.37
CA GLN LC 23 -29.25 102.11 9.27
C GLN LC 23 -28.63 102.11 7.87
N ASN LC 24 -28.44 100.92 7.29
CA ASN LC 24 -27.97 100.86 5.92
C ASN LC 24 -29.02 101.34 4.93
N THR LC 25 -30.30 101.10 5.23
CA THR LC 25 -31.36 101.49 4.32
C THR LC 25 -31.43 103.01 4.15
N TYR LC 26 -31.27 103.76 5.24
CA TYR LC 26 -31.23 105.21 5.20
C TYR LC 26 -30.02 105.69 5.98
N PHE LC 27 -29.10 106.38 5.30
CA PHE LC 27 -27.84 106.78 5.91
C PHE LC 27 -27.43 108.16 5.44
N THR LC 28 -26.64 108.84 6.27
CA THR LC 28 -26.05 110.13 5.94
C THR LC 28 -24.54 110.02 6.16
N LYS LC 29 -23.76 110.31 5.12
CA LYS LC 29 -22.32 110.09 5.17
C LYS LC 29 -21.60 111.28 4.51
N LEU LC 30 -20.29 111.31 4.70
CA LEU LC 30 -19.43 112.33 4.10
C LEU LC 30 -18.39 111.64 3.24
N VAL LC 31 -18.29 112.05 1.98
CA VAL LC 31 -17.38 111.41 1.03
C VAL LC 31 -16.46 112.47 0.43
N PRO LC 32 -15.20 112.13 0.14
CA PRO LC 32 -14.32 113.10 -0.53
C PRO LC 32 -14.82 113.41 -1.93
N TYR LC 33 -14.41 114.58 -2.43
CA TYR LC 33 -14.90 115.05 -3.73
C TYR LC 33 -14.62 114.02 -4.82
N GLU LC 34 -13.40 113.50 -4.87
CA GLU LC 34 -13.09 112.42 -5.80
C GLU LC 34 -13.90 111.17 -5.49
N ASN LC 35 -14.04 110.86 -4.20
CA ASN LC 35 -14.82 109.68 -3.80
C ASN LC 35 -16.28 109.82 -4.20
N TRP LC 36 -16.79 111.06 -4.29
CA TRP LC 36 -18.20 111.28 -4.56
C TRP LC 36 -18.61 110.76 -5.93
N PHE LC 37 -17.70 110.83 -6.92
CA PHE LC 37 -18.03 110.32 -8.25
C PHE LC 37 -18.34 108.84 -8.20
N ARG LC 38 -17.42 108.05 -7.64
CA ARG LC 38 -17.62 106.60 -7.55
C ARG LC 38 -18.79 106.28 -6.62
N GLU LC 39 -18.93 107.01 -5.52
CA GLU LC 39 -19.99 106.70 -4.56
C GLU LC 39 -21.37 107.01 -5.14
N GLN LC 40 -21.50 108.13 -5.85
CA GLN LC 40 -22.77 108.45 -6.49
C GLN LC 40 -23.12 107.42 -7.55
N GLN LC 41 -22.13 107.01 -8.35
CA GLN LC 41 -22.37 105.97 -9.34
C GLN LC 41 -22.76 104.66 -8.67
N ARG LC 42 -22.10 104.32 -7.56
CA ARG LC 42 -22.41 103.08 -6.86
C ARG LC 42 -23.81 103.10 -6.25
N ILE LC 43 -24.20 104.24 -5.66
CA ILE LC 43 -25.55 104.36 -5.12
C ILE LC 43 -26.57 104.30 -6.24
N GLN LC 44 -26.26 104.91 -7.40
CA GLN LC 44 -27.15 104.79 -8.55
C GLN LC 44 -27.25 103.35 -9.02
N LYS LC 45 -26.13 102.63 -9.03
CA LYS LC 45 -26.15 101.22 -9.41
C LYS LC 45 -27.01 100.40 -8.44
N MET LC 46 -26.90 100.70 -7.15
CA MET LC 46 -27.78 100.06 -6.18
C MET LC 46 -29.24 100.47 -6.40
N GLY LC 47 -29.47 101.65 -6.96
CA GLY LC 47 -30.79 102.15 -7.18
C GLY LC 47 -31.35 103.02 -6.08
N GLY LC 48 -30.55 103.33 -5.06
CA GLY LC 48 -31.02 104.16 -3.98
C GLY LC 48 -31.17 105.62 -4.41
N LYS LC 49 -32.17 106.28 -3.85
CA LYS LC 49 -32.40 107.68 -4.14
C LYS LC 49 -31.46 108.56 -3.31
N ILE LC 50 -30.90 109.58 -3.94
CA ILE LC 50 -29.99 110.51 -3.29
C ILE LC 50 -30.84 111.62 -2.68
N VAL LC 51 -31.02 111.56 -1.36
CA VAL LC 51 -31.86 112.55 -0.68
C VAL LC 51 -31.24 113.93 -0.75
N LYS LC 52 -29.93 114.03 -0.53
CA LYS LC 52 -29.30 115.34 -0.48
C LYS LC 52 -27.82 115.26 -0.84
N VAL LC 53 -27.34 116.29 -1.53
CA VAL LC 53 -25.93 116.50 -1.78
C VAL LC 53 -25.57 117.88 -1.26
N GLU LC 54 -24.56 117.94 -0.38
CA GLU LC 54 -24.09 119.19 0.19
C GLU LC 54 -22.58 119.17 0.21
N LEU LC 55 -21.97 120.36 0.29
CA LEU LC 55 -20.51 120.49 0.25
C LEU LC 55 -20.03 121.02 1.60
N PHE LC 56 -19.28 120.19 2.32
CA PHE LC 56 -18.70 120.65 3.58
C PHE LC 56 -17.61 121.68 3.33
N THR LC 57 -16.85 121.54 2.25
CA THR LC 57 -15.80 122.50 1.91
C THR LC 57 -16.41 123.86 1.59
N GLY LC 58 -15.66 124.91 1.92
CA GLY LC 58 -16.18 126.26 1.78
C GLY LC 58 -16.29 126.73 0.35
N LYS LC 59 -15.31 126.39 -0.49
CA LYS LC 59 -15.22 126.95 -1.82
C LYS LC 59 -15.62 125.93 -2.87
N PRO LC 60 -16.51 126.30 -3.81
CA PRO LC 60 -16.92 125.41 -4.91
C PRO LC 60 -15.91 125.42 -6.05
#